data_6X80
#
_entry.id   6X80
#
_cell.length_a   1.00
_cell.length_b   1.00
_cell.length_c   1.00
_cell.angle_alpha   90.00
_cell.angle_beta   90.00
_cell.angle_gamma   90.00
#
_symmetry.space_group_name_H-M   'P 1'
#
loop_
_entity.id
_entity.type
_entity.pdbx_description
1 polymer 'Flagellin A'
2 non-polymer '5,7-diamino-3,5,7,9-tetradeoxy-L-glycero-alpha-L-manno-non-2-ulopyranosonic acid'
#
_entity_poly.entity_id   1
_entity_poly.type   'polypeptide(L)'
_entity_poly.pdbx_seq_one_letter_code
;MGFRINTNVAALNAKANSDLNAKSLDASLSRLSSGLRINSAADDASGMAIADSLRSQANTLGQAISNGNDALGILQTADK
AMDEQLKILDTIKTKATQAAQDGQSLKTRTMLQADINKLMEELDNIANTTSFNGKQLLSGNFTNQEFQIGASSNQTVKAT
IGATQSSKIGVTRFETGAQSFTSGVVGLTIKNYNGIEDFKFDNVVISTSVGTGLGALAEEINKSADKTGVRATYDVKTTG
VYAIKEGTTSQDFAINGVTIGKIEYKDGDGNGSLISAINAVKDTTGVQASKDENGKLVLTSADGRGIKITGDIGVGSGIL
ANQKENYGRLSLVKNDGRDINISGTNLSAIGMGTTDMISQSSVSLRESKGQISATNADAMGFNSYKGGGKFVFTQNVSSI
SAFMSAQGSGFSRGSGFSVGSGKNLSVGLSQGIQIISSAASMSNTYVVSAGSGFSSGSGNSQFAALKTTAANTTDETAGV
TTLKGAMAVMDIAETAITNLDQIRADIASIQNQVTSTINNITVTQVNVKAAESQIRDVDFASESANYSKANILAQSGSYA
MAQANSSQQNVLRLLQ
;
_entity_poly.pdbx_strand_id   A,B,C,D,E,F,G,H,I,J,K,L,M,N,O,P,Q,R,S,T,U,V
#
loop_
_chem_comp.id
_chem_comp.type
_chem_comp.name
_chem_comp.formula
P8E L-saccharide, alpha linking '5,7-diamino-3,5,7,9-tetradeoxy-L-glycero-alpha-L-manno-non-2-ulopyranosonic acid' 'C9 H18 N2 O6'
#
# COMPACT_ATOMS: atom_id res chain seq x y z
N PHE A 3 -43.26 30.48 -92.31
CA PHE A 3 -44.28 29.46 -92.50
C PHE A 3 -43.88 28.60 -93.70
N ARG A 4 -42.72 28.93 -94.26
CA ARG A 4 -42.15 28.19 -95.37
C ARG A 4 -41.27 27.07 -94.83
N ILE A 5 -41.50 25.87 -95.31
CA ILE A 5 -40.79 24.70 -94.84
C ILE A 5 -39.65 24.40 -95.80
N ASN A 6 -38.80 23.45 -95.41
CA ASN A 6 -37.51 23.03 -95.97
C ASN A 6 -36.37 23.92 -95.50
N THR A 7 -36.64 24.97 -94.72
CA THR A 7 -35.58 25.76 -94.11
C THR A 7 -35.95 26.12 -92.68
N ASN A 8 -36.34 25.13 -91.88
CA ASN A 8 -36.72 25.37 -90.49
C ASN A 8 -35.64 26.15 -89.78
N VAL A 9 -35.96 27.38 -89.35
CA VAL A 9 -34.98 28.26 -88.74
C VAL A 9 -35.00 28.17 -87.23
N ALA A 10 -36.19 28.01 -86.63
CA ALA A 10 -36.26 27.81 -85.20
C ALA A 10 -35.49 26.57 -84.77
N ALA A 11 -35.48 25.54 -85.61
CA ALA A 11 -34.71 24.35 -85.28
C ALA A 11 -33.23 24.65 -85.21
N LEU A 12 -32.70 25.38 -86.20
CA LEU A 12 -31.28 25.72 -86.18
C LEU A 12 -30.94 26.60 -85.00
N ASN A 13 -31.79 27.58 -84.69
CA ASN A 13 -31.54 28.43 -83.55
C ASN A 13 -31.51 27.63 -82.25
N ALA A 14 -32.50 26.77 -82.05
CA ALA A 14 -32.53 25.96 -80.85
C ALA A 14 -31.34 25.02 -80.78
N LYS A 15 -30.91 24.47 -81.90
CA LYS A 15 -29.75 23.58 -81.90
C LYS A 15 -28.49 24.34 -81.51
N ALA A 16 -28.31 25.55 -82.05
CA ALA A 16 -27.15 26.35 -81.68
C ALA A 16 -27.14 26.62 -80.18
N ASN A 17 -28.27 27.05 -79.63
CA ASN A 17 -28.33 27.35 -78.21
C ASN A 17 -28.05 26.11 -77.36
N SER A 18 -28.66 24.99 -77.71
CA SER A 18 -28.49 23.78 -76.91
C SER A 18 -27.06 23.27 -76.98
N ASP A 19 -26.40 23.42 -78.13
CA ASP A 19 -25.01 23.00 -78.22
C ASP A 19 -24.12 23.90 -77.38
N LEU A 20 -24.34 25.21 -77.44
CA LEU A 20 -23.62 26.12 -76.56
C LEU A 20 -23.82 25.73 -75.10
N ASN A 21 -24.99 25.22 -74.76
CA ASN A 21 -25.24 24.76 -73.40
C ASN A 21 -24.46 23.49 -73.08
N ALA A 22 -24.53 22.50 -73.97
CA ALA A 22 -23.85 21.24 -73.73
C ALA A 22 -22.36 21.44 -73.54
N LYS A 23 -21.79 22.45 -74.21
CA LYS A 23 -20.37 22.75 -74.00
C LYS A 23 -20.09 23.08 -72.54
N SER A 24 -20.85 24.01 -71.97
CA SER A 24 -20.62 24.41 -70.59
C SER A 24 -20.97 23.29 -69.61
N LEU A 25 -21.97 22.49 -69.95
CA LEU A 25 -22.29 21.35 -69.10
C LEU A 25 -21.12 20.37 -69.04
N ASP A 26 -20.55 20.05 -70.19
CA ASP A 26 -19.39 19.18 -70.23
C ASP A 26 -18.23 19.78 -69.44
N ALA A 27 -18.02 21.09 -69.60
CA ALA A 27 -16.92 21.73 -68.87
C ALA A 27 -17.11 21.60 -67.36
N SER A 28 -18.32 21.91 -66.88
CA SER A 28 -18.59 21.81 -65.45
C SER A 28 -18.45 20.39 -64.96
N LEU A 29 -18.86 19.41 -65.76
CA LEU A 29 -18.72 18.03 -65.35
C LEU A 29 -17.26 17.62 -65.27
N SER A 30 -16.44 18.08 -66.21
CA SER A 30 -15.02 17.76 -66.16
C SER A 30 -14.36 18.37 -64.94
N ARG A 31 -14.75 19.59 -64.61
CA ARG A 31 -14.24 20.21 -63.39
C ARG A 31 -14.66 19.43 -62.15
N LEU A 32 -15.94 19.06 -62.09
CA LEU A 32 -16.44 18.28 -60.96
C LEU A 32 -15.72 16.95 -60.83
N SER A 33 -15.31 16.36 -61.95
CA SER A 33 -14.60 15.09 -61.91
C SER A 33 -13.17 15.27 -61.43
N SER A 34 -12.39 16.10 -62.13
CA SER A 34 -10.97 16.20 -61.83
C SER A 34 -10.70 16.90 -60.50
N GLY A 35 -11.64 17.72 -60.03
CA GLY A 35 -11.42 18.46 -58.81
C GLY A 35 -10.54 19.67 -58.95
N LEU A 36 -10.23 20.08 -60.17
CA LEU A 36 -9.40 21.25 -60.42
C LEU A 36 -10.19 22.28 -61.22
N ARG A 37 -9.97 23.56 -60.90
CA ARG A 37 -10.67 24.62 -61.62
C ARG A 37 -10.01 24.95 -62.95
N ILE A 38 -8.75 24.57 -63.14
CA ILE A 38 -8.03 24.81 -64.39
C ILE A 38 -7.44 23.49 -64.83
N ASN A 39 -8.06 22.84 -65.81
CA ASN A 39 -7.59 21.57 -66.33
C ASN A 39 -6.76 21.75 -67.59
N SER A 40 -7.32 22.38 -68.61
CA SER A 40 -6.67 22.48 -69.91
C SER A 40 -5.81 23.73 -70.03
N ALA A 41 -5.69 24.53 -68.98
CA ALA A 41 -4.92 25.76 -68.98
C ALA A 41 -5.34 26.72 -70.09
N ALA A 42 -6.51 26.49 -70.69
CA ALA A 42 -7.08 27.42 -71.65
C ALA A 42 -8.14 28.31 -71.02
N ASP A 43 -8.60 27.97 -69.83
CA ASP A 43 -9.54 28.81 -69.10
C ASP A 43 -8.84 29.84 -68.23
N ASP A 44 -7.55 29.65 -67.92
CA ASP A 44 -6.79 30.65 -67.17
C ASP A 44 -5.31 30.41 -67.43
N ALA A 45 -4.67 31.35 -68.12
CA ALA A 45 -3.26 31.20 -68.45
C ALA A 45 -2.36 31.64 -67.31
N SER A 46 -2.47 32.89 -66.88
CA SER A 46 -1.64 33.36 -65.78
C SER A 46 -1.99 32.66 -64.49
N GLY A 47 -3.25 32.27 -64.30
CA GLY A 47 -3.58 31.43 -63.17
C GLY A 47 -2.78 30.15 -63.16
N MET A 48 -2.70 29.49 -64.31
CA MET A 48 -1.91 28.27 -64.42
C MET A 48 -0.44 28.57 -64.13
N ALA A 49 0.07 29.70 -64.65
CA ALA A 49 1.48 30.03 -64.44
C ALA A 49 1.80 30.24 -62.97
N ILE A 50 0.99 31.05 -62.29
CA ILE A 50 1.21 31.30 -60.88
C ILE A 50 1.04 30.03 -60.07
N ALA A 51 0.04 29.21 -60.42
CA ALA A 51 -0.17 27.98 -59.67
C ALA A 51 0.98 27.02 -59.86
N ASP A 52 1.58 26.98 -61.05
CA ASP A 52 2.72 26.11 -61.26
C ASP A 52 3.95 26.62 -60.53
N SER A 53 4.16 27.93 -60.51
CA SER A 53 5.26 28.48 -59.71
C SER A 53 5.07 28.14 -58.25
N LEU A 54 3.85 28.26 -57.73
CA LEU A 54 3.60 28.00 -56.33
C LEU A 54 3.74 26.52 -56.02
N ARG A 55 3.33 25.64 -56.93
CA ARG A 55 3.51 24.21 -56.73
C ARG A 55 4.98 23.83 -56.73
N SER A 56 5.76 24.43 -57.63
CA SER A 56 7.20 24.22 -57.60
C SER A 56 7.80 24.67 -56.28
N GLN A 57 7.40 25.84 -55.79
CA GLN A 57 7.93 26.30 -54.51
C GLN A 57 7.51 25.40 -53.36
N ALA A 58 6.28 24.90 -53.38
CA ALA A 58 5.82 24.02 -52.31
C ALA A 58 6.60 22.71 -52.30
N ASN A 59 6.82 22.12 -53.47
CA ASN A 59 7.59 20.88 -53.52
C ASN A 59 9.04 21.11 -53.12
N THR A 60 9.61 22.25 -53.54
CA THR A 60 10.98 22.54 -53.15
C THR A 60 11.10 22.69 -51.64
N LEU A 61 10.15 23.38 -51.02
CA LEU A 61 10.19 23.52 -49.57
C LEU A 61 9.95 22.18 -48.88
N GLY A 62 9.09 21.34 -49.46
CA GLY A 62 8.87 20.03 -48.88
C GLY A 62 10.12 19.17 -48.89
N GLN A 63 10.92 19.28 -49.95
CA GLN A 63 12.18 18.57 -49.98
C GLN A 63 13.21 19.22 -49.06
N ALA A 64 13.16 20.55 -48.94
CA ALA A 64 14.08 21.24 -48.06
C ALA A 64 13.85 20.85 -46.61
N ILE A 65 12.60 20.54 -46.23
CA ILE A 65 12.34 20.08 -44.88
C ILE A 65 13.09 18.78 -44.61
N SER A 66 13.10 17.87 -45.58
CA SER A 66 13.84 16.63 -45.40
C SER A 66 15.34 16.87 -45.36
N ASN A 67 15.82 17.82 -46.17
CA ASN A 67 17.23 18.18 -46.07
C ASN A 67 17.57 18.68 -44.68
N GLY A 68 16.72 19.52 -44.10
CA GLY A 68 16.98 20.02 -42.76
C GLY A 68 16.92 18.93 -41.71
N ASN A 69 15.99 17.98 -41.86
CA ASN A 69 15.94 16.87 -40.92
C ASN A 69 17.18 16.01 -41.01
N ASP A 70 17.71 15.79 -42.22
CA ASP A 70 18.95 15.04 -42.35
C ASP A 70 20.11 15.80 -41.71
N ALA A 71 20.14 17.12 -41.87
CA ALA A 71 21.19 17.90 -41.22
C ALA A 71 21.09 17.79 -39.70
N LEU A 72 19.87 17.84 -39.16
CA LEU A 72 19.71 17.63 -37.72
C LEU A 72 20.22 16.27 -37.31
N GLY A 73 19.90 15.23 -38.07
CA GLY A 73 20.38 13.90 -37.74
C GLY A 73 21.89 13.83 -37.68
N ILE A 74 22.55 14.37 -38.71
CA ILE A 74 24.01 14.31 -38.74
C ILE A 74 24.61 15.08 -37.57
N LEU A 75 24.12 16.30 -37.32
CA LEU A 75 24.69 17.11 -36.27
C LEU A 75 24.44 16.51 -34.89
N GLN A 76 23.26 15.93 -34.68
CA GLN A 76 22.99 15.26 -33.41
C GLN A 76 23.91 14.08 -33.21
N THR A 77 24.15 13.30 -34.27
CA THR A 77 25.09 12.20 -34.17
C THR A 77 26.46 12.69 -33.71
N ALA A 78 26.99 13.70 -34.39
CA ALA A 78 28.30 14.22 -34.02
C ALA A 78 28.32 14.71 -32.58
N ASP A 79 27.30 15.48 -32.19
CA ASP A 79 27.29 16.07 -30.86
C ASP A 79 27.24 14.99 -29.79
N LYS A 80 26.27 14.10 -29.87
CA LYS A 80 26.17 13.02 -28.90
C LYS A 80 27.40 12.12 -28.91
N ALA A 81 28.15 12.10 -30.01
CA ALA A 81 29.38 11.31 -30.01
C ALA A 81 30.51 12.03 -29.29
N MET A 82 30.53 13.35 -29.28
CA MET A 82 31.60 14.08 -28.59
C MET A 82 31.58 13.86 -27.09
N ASP A 83 30.47 13.39 -26.53
CA ASP A 83 30.34 13.30 -25.08
C ASP A 83 31.33 12.30 -24.49
N GLU A 84 31.49 11.16 -25.16
CA GLU A 84 32.43 10.18 -24.63
C GLU A 84 33.86 10.68 -24.70
N GLN A 85 34.21 11.46 -25.72
CA GLN A 85 35.53 12.06 -25.74
C GLN A 85 35.70 13.01 -24.57
N LEU A 86 34.67 13.80 -24.25
CA LEU A 86 34.77 14.69 -23.10
C LEU A 86 35.02 13.90 -21.82
N LYS A 87 34.25 12.83 -21.61
CA LYS A 87 34.44 12.05 -20.39
C LYS A 87 35.81 11.38 -20.35
N ILE A 88 36.31 10.91 -21.49
CA ILE A 88 37.64 10.31 -21.52
C ILE A 88 38.69 11.32 -21.15
N LEU A 89 38.59 12.54 -21.68
CA LEU A 89 39.56 13.56 -21.32
C LEU A 89 39.50 13.87 -19.84
N ASP A 90 38.29 13.93 -19.28
CA ASP A 90 38.16 14.13 -17.85
C ASP A 90 38.91 13.04 -17.08
N THR A 91 38.71 11.78 -17.50
CA THR A 91 39.37 10.68 -16.80
C THR A 91 40.87 10.76 -16.94
N ILE A 92 41.36 11.19 -18.11
CA ILE A 92 42.79 11.33 -18.31
C ILE A 92 43.36 12.37 -17.35
N LYS A 93 42.67 13.51 -17.23
CA LYS A 93 43.14 14.53 -16.31
C LYS A 93 43.13 14.04 -14.87
N THR A 94 42.09 13.27 -14.51
CA THR A 94 42.03 12.72 -13.17
C THR A 94 43.18 11.77 -12.90
N LYS A 95 43.53 10.94 -13.88
CA LYS A 95 44.63 10.00 -13.69
C LYS A 95 45.95 10.74 -13.59
N ALA A 96 46.13 11.78 -14.40
CA ALA A 96 47.34 12.58 -14.27
C ALA A 96 47.44 13.18 -12.88
N THR A 97 46.32 13.67 -12.34
CA THR A 97 46.34 14.18 -10.97
C THR A 97 46.69 13.06 -9.99
N GLN A 98 46.17 11.86 -10.21
CA GLN A 98 46.44 10.75 -9.32
C GLN A 98 47.91 10.38 -9.31
N ALA A 99 48.59 10.52 -10.45
CA ALA A 99 49.99 10.17 -10.54
C ALA A 99 50.90 11.35 -10.25
N ALA A 100 50.35 12.54 -10.10
CA ALA A 100 51.13 13.72 -9.75
C ALA A 100 51.57 13.74 -8.30
N GLN A 101 51.33 12.68 -7.54
CA GLN A 101 51.77 12.61 -6.17
C GLN A 101 53.07 11.83 -6.09
N ASP A 102 53.78 11.98 -4.97
CA ASP A 102 55.05 11.29 -4.79
C ASP A 102 54.95 10.11 -3.83
N GLY A 103 53.74 9.60 -3.59
CA GLY A 103 53.58 8.32 -2.95
C GLY A 103 53.54 7.16 -3.92
N GLN A 104 53.87 7.40 -5.19
CA GLN A 104 53.72 6.42 -6.25
C GLN A 104 55.05 6.24 -6.96
N SER A 105 55.51 5.01 -7.04
CA SER A 105 56.78 4.73 -7.68
C SER A 105 56.64 4.75 -9.20
N LEU A 106 57.78 4.62 -9.88
CA LEU A 106 57.79 4.65 -11.33
C LEU A 106 56.93 3.55 -11.92
N LYS A 107 56.83 2.42 -11.24
CA LYS A 107 56.01 1.31 -11.74
C LYS A 107 54.54 1.68 -11.77
N THR A 108 54.04 2.25 -10.66
CA THR A 108 52.64 2.64 -10.64
C THR A 108 52.37 3.78 -11.61
N ARG A 109 53.30 4.74 -11.71
CA ARG A 109 53.14 5.76 -12.73
C ARG A 109 53.08 5.14 -14.12
N THR A 110 53.85 4.08 -14.33
CA THR A 110 53.83 3.39 -15.61
C THR A 110 52.50 2.73 -15.87
N MET A 111 51.87 2.20 -14.82
CA MET A 111 50.51 1.68 -14.97
C MET A 111 49.55 2.80 -15.38
N LEU A 112 49.67 3.96 -14.73
CA LEU A 112 48.85 5.10 -15.13
C LEU A 112 49.04 5.42 -16.61
N GLN A 113 50.29 5.51 -17.05
CA GLN A 113 50.55 5.87 -18.44
C GLN A 113 50.03 4.82 -19.40
N ALA A 114 50.18 3.54 -19.04
CA ALA A 114 49.65 2.48 -19.88
C ALA A 114 48.14 2.59 -20.01
N ASP A 115 47.46 3.01 -18.94
CA ASP A 115 46.02 3.17 -19.03
C ASP A 115 45.66 4.37 -19.90
N ILE A 116 46.38 5.47 -19.72
CA ILE A 116 46.12 6.68 -20.50
C ILE A 116 46.32 6.40 -21.98
N ASN A 117 47.28 5.54 -22.31
CA ASN A 117 47.49 5.17 -23.71
C ASN A 117 46.24 4.54 -24.31
N LYS A 118 45.64 3.60 -23.60
CA LYS A 118 44.43 2.95 -24.12
C LYS A 118 43.28 3.93 -24.20
N LEU A 119 43.16 4.82 -23.22
CA LEU A 119 42.08 5.80 -23.26
C LEU A 119 42.22 6.72 -24.47
N MET A 120 43.44 7.18 -24.73
CA MET A 120 43.67 8.03 -25.89
C MET A 120 43.45 7.26 -27.19
N GLU A 121 43.82 5.97 -27.21
CA GLU A 121 43.51 5.13 -28.34
C GLU A 121 42.01 5.09 -28.59
N GLU A 122 41.22 4.99 -27.52
CA GLU A 122 39.77 5.03 -27.68
C GLU A 122 39.31 6.37 -28.24
N LEU A 123 39.90 7.46 -27.77
CA LEU A 123 39.53 8.77 -28.29
C LEU A 123 39.77 8.84 -29.80
N ASP A 124 40.96 8.44 -30.24
CA ASP A 124 41.23 8.39 -31.67
C ASP A 124 40.25 7.47 -32.39
N ASN A 125 39.86 6.38 -31.75
CA ASN A 125 38.92 5.46 -32.39
C ASN A 125 37.58 6.12 -32.62
N ILE A 126 37.07 6.83 -31.61
CA ILE A 126 35.81 7.56 -31.77
C ILE A 126 35.93 8.56 -32.90
N ALA A 127 37.03 9.33 -32.91
CA ALA A 127 37.22 10.36 -33.92
C ALA A 127 37.19 9.76 -35.32
N ASN A 128 38.02 8.76 -35.57
CA ASN A 128 38.12 8.15 -36.89
C ASN A 128 37.00 7.17 -37.17
N THR A 129 36.10 6.95 -36.24
CA THR A 129 35.04 5.99 -36.46
C THR A 129 33.70 6.63 -36.75
N THR A 130 33.31 7.67 -36.03
CA THR A 130 32.00 8.26 -36.23
C THR A 130 31.83 8.69 -37.68
N SER A 131 30.81 8.15 -38.35
CA SER A 131 30.57 8.43 -39.75
C SER A 131 29.10 8.18 -40.05
N PHE A 132 28.54 8.98 -40.96
CA PHE A 132 27.12 8.88 -41.26
C PHE A 132 26.83 7.77 -42.27
N ASN A 133 27.31 7.92 -43.50
CA ASN A 133 27.20 6.89 -44.51
C ASN A 133 28.49 6.84 -45.30
N GLY A 134 29.62 6.88 -44.59
CA GLY A 134 30.93 7.03 -45.17
C GLY A 134 31.54 8.39 -44.89
N LYS A 135 30.72 9.43 -44.79
CA LYS A 135 31.19 10.76 -44.46
C LYS A 135 31.69 10.76 -43.02
N GLN A 136 33.00 10.79 -42.85
CA GLN A 136 33.58 10.86 -41.52
C GLN A 136 33.29 12.23 -40.92
N LEU A 137 32.59 12.26 -39.78
CA LEU A 137 32.16 13.52 -39.20
C LEU A 137 33.26 14.17 -38.39
N LEU A 138 33.73 13.48 -37.35
CA LEU A 138 34.66 14.07 -36.39
C LEU A 138 36.11 13.71 -36.74
N SER A 139 36.54 14.12 -37.92
CA SER A 139 37.90 13.83 -38.33
C SER A 139 38.60 15.08 -38.88
N GLY A 140 37.83 16.00 -39.42
CA GLY A 140 38.37 17.21 -40.02
C GLY A 140 38.03 17.39 -41.49
N ASN A 141 37.54 16.35 -42.16
CA ASN A 141 37.13 16.46 -43.55
C ASN A 141 35.64 16.73 -43.70
N PHE A 142 35.01 17.34 -42.69
CA PHE A 142 33.61 17.69 -42.78
C PHE A 142 33.46 19.19 -42.74
N THR A 143 34.29 19.90 -43.49
CA THR A 143 34.33 21.35 -43.48
C THR A 143 33.66 21.91 -44.73
N ASN A 144 32.93 23.00 -44.55
CA ASN A 144 32.28 23.72 -45.65
C ASN A 144 31.31 22.82 -46.41
N GLN A 145 30.39 22.21 -45.67
CA GLN A 145 29.33 21.42 -46.25
C GLN A 145 28.03 22.21 -46.21
N GLU A 146 27.16 21.95 -47.19
CA GLU A 146 25.95 22.72 -47.36
C GLU A 146 24.73 21.83 -47.23
N PHE A 147 23.57 22.47 -47.06
CA PHE A 147 22.28 21.78 -47.03
C PHE A 147 21.27 22.75 -47.63
N GLN A 148 21.02 22.63 -48.93
CA GLN A 148 20.09 23.53 -49.60
C GLN A 148 18.72 23.42 -48.96
N ILE A 149 18.26 24.49 -48.31
CA ILE A 149 17.01 24.49 -47.57
C ILE A 149 16.12 25.66 -47.97
N GLY A 150 16.23 26.12 -49.22
CA GLY A 150 15.48 27.27 -49.66
C GLY A 150 14.70 26.98 -50.92
N ALA A 151 13.68 27.82 -51.16
CA ALA A 151 12.88 27.69 -52.36
C ALA A 151 13.69 27.98 -53.62
N SER A 152 14.60 28.92 -53.55
CA SER A 152 15.44 29.28 -54.68
C SER A 152 16.73 28.45 -54.61
N SER A 153 17.75 28.82 -55.38
CA SER A 153 18.86 27.91 -55.63
C SER A 153 19.93 27.93 -54.54
N ASN A 154 20.16 29.06 -53.86
CA ASN A 154 21.33 29.14 -53.01
C ASN A 154 21.02 29.62 -51.61
N GLN A 155 19.90 29.18 -51.03
CA GLN A 155 19.69 29.31 -49.60
C GLN A 155 20.17 28.04 -48.93
N THR A 156 21.11 28.16 -48.00
CA THR A 156 21.70 26.96 -47.41
C THR A 156 22.41 27.32 -46.12
N VAL A 157 22.54 26.32 -45.25
CA VAL A 157 23.34 26.43 -44.05
C VAL A 157 24.68 25.75 -44.32
N LYS A 158 25.66 26.06 -43.48
CA LYS A 158 27.02 25.54 -43.67
C LYS A 158 27.56 25.03 -42.35
N ALA A 159 28.05 23.79 -42.36
CA ALA A 159 28.57 23.14 -41.16
C ALA A 159 30.02 22.74 -41.41
N THR A 160 30.90 23.14 -40.49
CA THR A 160 32.35 22.98 -40.65
C THR A 160 32.96 22.39 -39.40
N ILE A 161 32.40 21.27 -38.91
CA ILE A 161 32.88 20.62 -37.70
C ILE A 161 34.38 20.49 -37.73
N GLY A 162 35.04 20.99 -36.69
CA GLY A 162 36.48 20.94 -36.60
C GLY A 162 37.00 19.52 -36.46
N ALA A 163 38.32 19.41 -36.35
CA ALA A 163 38.99 18.14 -36.23
C ALA A 163 39.28 17.85 -34.77
N THR A 164 38.88 16.67 -34.31
CA THR A 164 38.90 16.32 -32.89
C THR A 164 39.77 15.11 -32.60
N GLN A 165 40.73 14.81 -33.45
CA GLN A 165 41.62 13.69 -33.22
C GLN A 165 42.52 13.98 -32.03
N SER A 166 43.18 12.94 -31.53
CA SER A 166 43.99 13.11 -30.33
C SER A 166 45.35 13.74 -30.61
N SER A 167 45.65 14.04 -31.86
CA SER A 167 46.90 14.69 -32.21
C SER A 167 46.74 16.16 -32.49
N LYS A 168 45.52 16.69 -32.39
CA LYS A 168 45.25 18.06 -32.77
C LYS A 168 44.48 18.87 -31.74
N ILE A 169 44.04 18.25 -30.63
CA ILE A 169 43.14 18.98 -29.74
C ILE A 169 43.91 19.71 -28.65
N GLY A 170 44.63 19.00 -27.81
CA GLY A 170 45.25 19.65 -26.67
C GLY A 170 46.66 20.10 -26.97
N VAL A 171 46.82 21.36 -27.33
CA VAL A 171 48.11 21.89 -27.75
C VAL A 171 48.42 23.07 -26.84
N THR A 172 49.12 22.80 -25.74
CA THR A 172 49.54 23.87 -24.84
C THR A 172 50.87 24.45 -25.31
N ARG A 173 51.28 25.54 -24.66
CA ARG A 173 52.52 26.22 -25.00
C ARG A 173 53.28 26.50 -23.71
N PHE A 174 54.50 25.98 -23.62
CA PHE A 174 55.35 26.19 -22.47
C PHE A 174 56.49 27.13 -22.83
N GLU A 175 56.91 27.93 -21.85
CA GLU A 175 58.10 28.75 -21.97
C GLU A 175 58.86 28.66 -20.66
N THR A 176 60.17 28.88 -20.73
CA THR A 176 60.99 28.86 -19.53
C THR A 176 62.22 29.72 -19.76
N GLY A 177 62.52 30.59 -18.80
CA GLY A 177 63.65 31.47 -18.92
C GLY A 177 64.93 30.87 -18.39
N ALA A 178 66.05 31.44 -18.81
CA ALA A 178 67.34 30.99 -18.33
C ALA A 178 67.46 31.26 -16.84
N GLN A 179 68.37 30.54 -16.19
CA GLN A 179 68.57 30.72 -14.76
C GLN A 179 69.09 32.13 -14.49
N SER A 180 68.34 32.88 -13.68
CA SER A 180 68.62 34.29 -13.48
C SER A 180 69.57 34.49 -12.31
N PHE A 181 70.74 35.07 -12.59
CA PHE A 181 71.73 35.35 -11.57
C PHE A 181 71.71 36.80 -11.11
N THR A 182 70.87 37.64 -11.69
CA THR A 182 70.82 39.06 -11.38
C THR A 182 69.50 39.42 -10.69
N SER A 183 69.54 40.45 -9.88
CA SER A 183 68.39 40.93 -9.14
C SER A 183 67.88 42.22 -9.76
N GLY A 184 66.88 42.82 -9.10
CA GLY A 184 66.34 44.08 -9.57
C GLY A 184 64.83 44.06 -9.70
N VAL A 185 64.22 45.25 -9.71
CA VAL A 185 62.78 45.33 -9.87
C VAL A 185 62.43 45.04 -11.33
N VAL A 186 61.35 44.30 -11.53
CA VAL A 186 60.94 43.88 -12.86
C VAL A 186 59.47 44.23 -13.07
N GLY A 187 59.15 44.76 -14.23
CA GLY A 187 57.76 44.94 -14.63
C GLY A 187 57.49 44.22 -15.93
N LEU A 188 56.68 43.17 -15.88
CA LEU A 188 56.39 42.41 -17.08
C LEU A 188 55.46 43.19 -18.00
N THR A 189 55.33 42.69 -19.22
CA THR A 189 54.32 43.21 -20.15
C THR A 189 54.10 42.13 -21.20
N ILE A 190 52.96 41.45 -21.13
CA ILE A 190 52.56 40.56 -22.21
C ILE A 190 51.95 41.41 -23.30
N LYS A 191 52.34 41.16 -24.55
CA LYS A 191 51.87 41.94 -25.67
C LYS A 191 50.81 41.16 -26.43
N ASN A 192 49.82 41.88 -26.94
CA ASN A 192 48.68 41.30 -27.63
C ASN A 192 48.07 40.17 -26.80
N TYR A 193 47.75 40.50 -25.55
CA TYR A 193 47.22 39.48 -24.64
C TYR A 193 45.83 39.04 -25.03
N ASN A 194 45.09 39.83 -25.79
CA ASN A 194 43.75 39.44 -26.19
C ASN A 194 43.43 39.76 -27.65
N GLY A 195 44.39 40.23 -28.43
CA GLY A 195 44.17 40.55 -29.83
C GLY A 195 44.10 42.03 -30.13
N ILE A 196 44.02 42.89 -29.12
CA ILE A 196 43.90 44.33 -29.36
C ILE A 196 45.04 45.08 -28.67
N GLU A 197 45.12 44.95 -27.35
CA GLU A 197 46.03 45.77 -26.56
C GLU A 197 46.95 44.88 -25.74
N ASP A 198 47.92 45.52 -25.09
CA ASP A 198 48.90 44.83 -24.28
C ASP A 198 48.33 44.58 -22.88
N PHE A 199 49.16 44.09 -21.97
CA PHE A 199 48.73 43.83 -20.60
C PHE A 199 49.92 44.05 -19.68
N LYS A 200 49.94 45.19 -18.98
CA LYS A 200 51.08 45.56 -18.17
C LYS A 200 50.87 45.11 -16.73
N PHE A 201 51.80 44.30 -16.23
CA PHE A 201 51.74 43.87 -14.85
C PHE A 201 52.27 44.97 -13.92
N ASP A 202 52.49 44.61 -12.67
CA ASP A 202 53.05 45.54 -11.71
C ASP A 202 54.56 45.32 -11.57
N ASN A 203 55.22 46.31 -10.99
CA ASN A 203 56.62 46.13 -10.65
C ASN A 203 56.74 45.15 -9.50
N VAL A 204 57.77 44.32 -9.55
CA VAL A 204 57.96 43.25 -8.56
C VAL A 204 59.43 43.19 -8.18
N VAL A 205 59.71 43.20 -6.88
CA VAL A 205 61.08 43.12 -6.39
C VAL A 205 61.51 41.66 -6.47
N ILE A 206 62.83 41.41 -6.37
CA ILE A 206 63.33 40.07 -6.61
C ILE A 206 64.17 39.55 -5.45
N SER A 207 65.04 40.40 -4.89
CA SER A 207 66.31 39.90 -4.40
C SER A 207 66.24 38.80 -3.34
N THR A 208 65.96 39.12 -2.08
CA THR A 208 66.10 38.09 -1.06
C THR A 208 65.09 38.17 0.08
N SER A 209 64.15 39.11 0.08
CA SER A 209 63.32 39.31 1.25
C SER A 209 62.10 38.40 1.18
N VAL A 210 61.19 38.56 2.15
CA VAL A 210 60.05 37.67 2.24
C VAL A 210 59.09 37.89 1.07
N GLY A 211 58.75 39.14 0.79
CA GLY A 211 57.84 39.42 -0.29
C GLY A 211 58.54 39.70 -1.59
N THR A 212 59.58 38.92 -1.89
CA THR A 212 60.34 39.12 -3.11
C THR A 212 60.61 37.80 -3.81
N GLY A 213 61.06 37.85 -5.05
CA GLY A 213 61.49 36.66 -5.75
C GLY A 213 60.48 36.16 -6.76
N LEU A 214 60.87 35.05 -7.38
CA LEU A 214 60.03 34.45 -8.40
C LEU A 214 58.71 33.96 -7.84
N GLY A 215 58.64 33.65 -6.55
CA GLY A 215 57.36 33.38 -5.94
C GLY A 215 56.47 34.61 -5.92
N ALA A 216 57.03 35.76 -5.57
CA ALA A 216 56.27 37.00 -5.62
C ALA A 216 55.82 37.31 -7.03
N LEU A 217 56.63 36.97 -8.03
CA LEU A 217 56.21 37.23 -9.41
C LEU A 217 55.11 36.27 -9.84
N ALA A 218 55.27 34.98 -9.53
CA ALA A 218 54.26 34.00 -9.89
C ALA A 218 52.93 34.31 -9.21
N GLU A 219 52.96 34.89 -8.02
CA GLU A 219 51.72 35.33 -7.39
C GLU A 219 50.95 36.26 -8.29
N GLU A 220 51.60 37.31 -8.81
CA GLU A 220 50.91 38.26 -9.67
C GLU A 220 50.45 37.59 -10.97
N ILE A 221 51.34 36.81 -11.58
CA ILE A 221 50.99 36.24 -12.88
C ILE A 221 49.81 35.29 -12.75
N ASN A 222 49.75 34.52 -11.67
CA ASN A 222 48.62 33.62 -11.50
C ASN A 222 47.38 34.34 -11.02
N LYS A 223 47.55 35.45 -10.30
CA LYS A 223 46.40 36.26 -9.94
C LYS A 223 45.69 36.77 -11.19
N SER A 224 46.46 37.28 -12.14
CA SER A 224 45.88 37.76 -13.40
C SER A 224 45.92 36.66 -14.46
N ALA A 225 45.36 35.51 -14.12
CA ALA A 225 45.39 34.36 -15.02
C ALA A 225 44.18 34.26 -15.92
N ASP A 226 42.99 34.59 -15.42
CA ASP A 226 41.78 34.36 -16.20
C ASP A 226 41.66 35.26 -17.41
N LYS A 227 42.45 36.33 -17.49
CA LYS A 227 42.37 37.23 -18.62
C LYS A 227 43.48 37.02 -19.63
N THR A 228 44.66 36.59 -19.19
CA THR A 228 45.78 36.36 -20.09
C THR A 228 45.91 34.91 -20.53
N GLY A 229 45.41 33.97 -19.74
CA GLY A 229 45.64 32.57 -20.03
C GLY A 229 47.08 32.15 -19.83
N VAL A 230 47.80 32.81 -18.93
CA VAL A 230 49.22 32.59 -18.73
C VAL A 230 49.44 32.33 -17.24
N ARG A 231 49.46 31.07 -16.86
CA ARG A 231 49.83 30.70 -15.50
C ARG A 231 51.34 30.54 -15.40
N ALA A 232 51.86 30.61 -14.19
CA ALA A 232 53.29 30.57 -14.00
C ALA A 232 53.64 29.82 -12.72
N THR A 233 54.85 29.29 -12.69
CA THR A 233 55.41 28.62 -11.53
C THR A 233 56.89 28.98 -11.46
N TYR A 234 57.64 28.28 -10.63
CA TYR A 234 59.05 28.59 -10.46
C TYR A 234 59.79 27.35 -9.99
N ASP A 235 61.12 27.46 -9.97
CA ASP A 235 61.97 26.39 -9.47
C ASP A 235 63.30 27.03 -9.08
N VAL A 236 63.56 27.13 -7.78
CA VAL A 236 64.71 27.85 -7.26
C VAL A 236 65.60 26.84 -6.55
N LYS A 237 66.65 26.39 -7.24
CA LYS A 237 67.62 25.48 -6.66
C LYS A 237 69.02 25.92 -7.06
N THR A 238 70.00 25.42 -6.33
CA THR A 238 71.42 25.64 -6.64
C THR A 238 72.13 24.32 -6.41
N THR A 239 72.29 23.54 -7.47
CA THR A 239 72.86 22.19 -7.38
C THR A 239 74.32 22.24 -7.79
N GLY A 240 75.18 21.71 -6.94
CA GLY A 240 76.60 21.67 -7.24
C GLY A 240 76.93 20.70 -8.36
N VAL A 241 78.22 20.66 -8.68
CA VAL A 241 78.79 19.70 -9.61
C VAL A 241 79.91 18.96 -8.89
N TYR A 242 80.43 17.92 -9.53
CA TYR A 242 81.49 17.10 -8.95
C TYR A 242 81.17 16.75 -7.49
N ALA A 243 80.18 15.87 -7.37
CA ALA A 243 79.18 15.88 -6.31
C ALA A 243 79.63 16.49 -4.99
N ILE A 244 80.70 15.97 -4.38
CA ILE A 244 81.17 16.59 -3.15
C ILE A 244 82.55 16.07 -2.77
N LYS A 245 83.33 16.90 -2.08
CA LYS A 245 84.65 16.53 -1.60
C LYS A 245 84.80 17.08 -0.20
N GLU A 246 86.01 17.01 0.34
CA GLU A 246 86.29 17.46 1.70
C GLU A 246 86.85 18.87 1.67
N GLY A 247 86.24 19.76 2.46
CA GLY A 247 86.68 21.14 2.53
C GLY A 247 85.99 21.83 3.68
N THR A 248 86.26 23.13 3.79
CA THR A 248 85.71 23.95 4.85
C THR A 248 85.15 25.24 4.28
N THR A 249 84.16 25.80 4.96
CA THR A 249 83.60 27.09 4.59
C THR A 249 84.41 28.20 5.23
N SER A 250 84.37 29.38 4.61
CA SER A 250 85.11 30.51 5.14
C SER A 250 84.54 30.94 6.49
N GLN A 251 85.36 31.66 7.25
CA GLN A 251 84.95 32.10 8.58
C GLN A 251 83.72 33.00 8.54
N ASP A 252 83.41 33.57 7.38
CA ASP A 252 82.30 34.48 7.20
C ASP A 252 81.32 33.96 6.16
N PHE A 253 81.10 32.65 6.16
CA PHE A 253 80.15 32.06 5.23
C PHE A 253 78.74 32.44 5.66
N ALA A 254 78.02 33.14 4.79
CA ALA A 254 76.67 33.59 5.09
C ALA A 254 75.77 33.35 3.89
N ILE A 255 74.51 33.06 4.16
CA ILE A 255 73.53 32.76 3.12
C ILE A 255 72.30 33.62 3.35
N ASN A 256 71.82 34.26 2.29
CA ASN A 256 70.63 35.10 2.33
C ASN A 256 70.72 36.20 3.38
N GLY A 257 71.93 36.54 3.82
CA GLY A 257 72.13 37.65 4.72
C GLY A 257 72.41 37.29 6.16
N VAL A 258 72.42 36.00 6.51
CA VAL A 258 72.68 35.57 7.89
C VAL A 258 73.97 34.75 7.91
N THR A 259 74.85 35.06 8.85
CA THR A 259 76.16 34.43 8.92
C THR A 259 76.06 33.08 9.62
N ILE A 260 76.68 32.06 9.01
CA ILE A 260 76.68 30.73 9.61
C ILE A 260 78.04 30.43 10.24
N GLY A 261 79.10 30.59 9.47
CA GLY A 261 80.44 30.41 10.00
C GLY A 261 81.14 29.22 9.39
N LYS A 262 82.32 28.93 9.93
CA LYS A 262 83.16 27.87 9.38
C LYS A 262 82.58 26.50 9.71
N ILE A 263 82.52 25.63 8.71
CA ILE A 263 81.99 24.28 8.88
C ILE A 263 82.90 23.28 8.19
N GLU A 264 83.75 22.60 8.96
CA GLU A 264 84.60 21.56 8.39
C GLU A 264 83.74 20.34 8.08
N TYR A 265 83.66 19.98 6.81
CA TYR A 265 82.85 18.84 6.41
C TYR A 265 83.75 17.76 5.81
N LYS A 266 83.26 16.52 5.88
CA LYS A 266 84.04 15.36 5.50
C LYS A 266 84.08 15.21 3.99
N ASP A 267 84.59 14.07 3.53
CA ASP A 267 84.75 13.81 2.11
C ASP A 267 83.41 13.79 1.38
N GLY A 268 82.57 12.81 1.72
CA GLY A 268 81.26 12.73 1.11
C GLY A 268 80.20 13.37 1.96
N ASP A 269 80.64 14.30 2.81
CA ASP A 269 79.78 14.89 3.84
C ASP A 269 79.19 13.80 4.73
N GLY A 270 80.06 12.88 5.16
CA GLY A 270 79.63 11.80 6.03
C GLY A 270 79.04 12.31 7.34
N ASN A 271 79.57 13.42 7.85
CA ASN A 271 79.03 13.99 9.08
C ASN A 271 77.61 14.50 8.89
N GLY A 272 77.26 14.89 7.67
CA GLY A 272 76.03 15.63 7.48
C GLY A 272 76.05 16.98 8.15
N SER A 273 77.22 17.44 8.59
CA SER A 273 77.31 18.72 9.28
C SER A 273 77.06 19.88 8.34
N LEU A 274 77.60 19.81 7.12
CA LEU A 274 77.37 20.88 6.16
C LEU A 274 75.89 21.04 5.86
N ILE A 275 75.11 19.97 5.98
CA ILE A 275 73.68 20.06 5.74
C ILE A 275 72.94 20.54 6.98
N SER A 276 73.27 19.95 8.14
CA SER A 276 72.55 20.30 9.35
C SER A 276 72.81 21.73 9.79
N ALA A 277 74.04 22.22 9.59
CA ALA A 277 74.34 23.59 9.96
C ALA A 277 73.54 24.58 9.12
N ILE A 278 73.44 24.33 7.82
CA ILE A 278 72.64 25.20 6.97
C ILE A 278 71.16 25.10 7.36
N ASN A 279 70.67 23.88 7.55
CA ASN A 279 69.26 23.71 7.89
C ASN A 279 68.91 24.25 9.26
N ALA A 280 69.89 24.49 10.13
CA ALA A 280 69.60 25.09 11.41
C ALA A 280 68.97 26.47 11.29
N VAL A 281 69.04 27.10 10.12
CA VAL A 281 68.48 28.42 9.91
C VAL A 281 67.56 28.42 8.70
N LYS A 282 66.96 27.25 8.41
CA LYS A 282 66.15 27.13 7.21
C LYS A 282 64.95 28.04 7.24
N ASP A 283 64.30 28.17 8.39
CA ASP A 283 63.11 28.99 8.48
C ASP A 283 63.42 30.47 8.71
N THR A 284 64.69 30.84 8.76
CA THR A 284 65.05 32.25 8.77
C THR A 284 65.58 32.71 7.41
N THR A 285 66.24 31.83 6.68
CA THR A 285 66.73 32.20 5.36
C THR A 285 65.74 31.88 4.25
N GLY A 286 65.01 30.79 4.37
CA GLY A 286 64.19 30.30 3.28
C GLY A 286 64.88 29.29 2.41
N VAL A 287 66.01 28.75 2.85
CA VAL A 287 66.83 27.83 2.06
C VAL A 287 66.93 26.51 2.81
N GLN A 288 66.40 25.46 2.21
CA GLN A 288 66.41 24.13 2.81
C GLN A 288 67.47 23.31 2.09
N ALA A 289 68.62 23.13 2.73
CA ALA A 289 69.70 22.37 2.13
C ALA A 289 69.39 20.88 2.20
N SER A 290 70.00 20.12 1.29
CA SER A 290 69.79 18.69 1.22
C SER A 290 70.95 18.06 0.46
N LYS A 291 70.91 16.75 0.34
CA LYS A 291 71.94 15.98 -0.35
C LYS A 291 71.30 15.15 -1.45
N ASP A 292 71.81 15.30 -2.66
CA ASP A 292 71.23 14.62 -3.81
C ASP A 292 71.47 13.12 -3.72
N GLU A 293 70.88 12.39 -4.66
CA GLU A 293 71.12 10.95 -4.73
C GLU A 293 72.56 10.66 -5.15
N ASN A 294 73.08 11.43 -6.11
CA ASN A 294 74.44 11.25 -6.60
C ASN A 294 75.48 11.86 -5.69
N GLY A 295 75.12 12.26 -4.47
CA GLY A 295 76.04 12.87 -3.56
C GLY A 295 76.22 14.36 -3.72
N LYS A 296 75.55 14.97 -4.69
CA LYS A 296 75.69 16.40 -4.91
C LYS A 296 75.04 17.17 -3.77
N LEU A 297 75.29 18.47 -3.75
CA LEU A 297 74.72 19.37 -2.75
C LEU A 297 73.63 20.21 -3.39
N VAL A 298 72.47 20.27 -2.73
CA VAL A 298 71.31 20.94 -3.28
C VAL A 298 70.78 21.94 -2.26
N LEU A 299 70.63 23.19 -2.68
CA LEU A 299 70.08 24.25 -1.86
C LEU A 299 68.79 24.73 -2.53
N THR A 300 67.65 24.26 -2.04
CA THR A 300 66.38 24.67 -2.61
C THR A 300 65.77 25.79 -1.77
N SER A 301 64.82 26.49 -2.38
CA SER A 301 64.07 27.55 -1.71
C SER A 301 62.59 27.28 -1.90
N ALA A 302 61.86 27.20 -0.80
CA ALA A 302 60.45 26.83 -0.88
C ALA A 302 59.63 27.91 -1.57
N ASP A 303 59.60 29.10 -1.00
CA ASP A 303 58.77 30.19 -1.51
C ASP A 303 59.49 31.06 -2.52
N GLY A 304 60.54 30.55 -3.16
CA GLY A 304 61.24 31.28 -4.19
C GLY A 304 61.77 32.63 -3.74
N ARG A 305 62.75 32.61 -2.85
CA ARG A 305 63.34 33.85 -2.37
C ARG A 305 64.69 34.16 -3.02
N GLY A 306 65.32 33.19 -3.64
CA GLY A 306 66.61 33.43 -4.25
C GLY A 306 67.75 33.22 -3.29
N ILE A 307 68.67 32.33 -3.63
CA ILE A 307 69.79 32.01 -2.77
C ILE A 307 70.95 32.93 -3.12
N LYS A 308 71.52 33.56 -2.10
CA LYS A 308 72.68 34.44 -2.29
C LYS A 308 73.64 34.18 -1.14
N ILE A 309 74.69 33.43 -1.41
CA ILE A 309 75.72 33.13 -0.43
C ILE A 309 76.86 34.13 -0.61
N THR A 310 77.36 34.65 0.51
CA THR A 310 78.34 35.73 0.47
C THR A 310 79.76 35.22 0.69
N GLY A 311 80.01 34.57 1.80
CA GLY A 311 81.33 34.03 2.09
C GLY A 311 81.68 32.89 1.14
N ASP A 312 82.88 32.35 1.36
CA ASP A 312 83.32 31.20 0.58
C ASP A 312 82.64 29.95 1.10
N ILE A 313 81.67 29.43 0.36
CA ILE A 313 81.05 28.17 0.74
C ILE A 313 82.05 27.05 0.75
N GLY A 314 83.19 27.23 0.09
CA GLY A 314 84.22 26.22 0.09
C GLY A 314 84.14 25.34 -1.13
N VAL A 315 85.06 25.53 -2.07
CA VAL A 315 85.11 24.65 -3.22
C VAL A 315 85.41 23.25 -2.75
N GLY A 316 84.54 22.31 -3.12
CA GLY A 316 84.55 20.99 -2.52
C GLY A 316 83.12 20.63 -2.20
N SER A 317 82.30 21.65 -1.99
CA SER A 317 80.86 21.47 -1.99
C SER A 317 80.30 21.45 -3.39
N GLY A 318 81.06 21.88 -4.38
CA GLY A 318 80.64 21.82 -5.76
C GLY A 318 79.89 23.03 -6.25
N ILE A 319 79.78 24.09 -5.46
CA ILE A 319 79.04 25.28 -5.84
C ILE A 319 80.07 26.34 -6.24
N LEU A 320 80.31 26.45 -7.53
CA LEU A 320 81.30 27.38 -8.04
C LEU A 320 80.85 28.82 -7.81
N ALA A 321 81.78 29.75 -7.98
CA ALA A 321 81.51 31.16 -7.73
C ALA A 321 80.47 31.76 -8.65
N ASN A 322 80.14 31.09 -9.75
CA ASN A 322 79.14 31.62 -10.67
C ASN A 322 77.72 31.36 -10.21
N GLN A 323 77.53 30.55 -9.18
CA GLN A 323 76.20 30.19 -8.70
C GLN A 323 75.86 30.85 -7.38
N LYS A 324 76.74 31.67 -6.83
CA LYS A 324 76.47 32.25 -5.52
C LYS A 324 75.26 33.17 -5.54
N GLU A 325 74.97 33.80 -6.67
CA GLU A 325 73.82 34.69 -6.81
C GLU A 325 72.80 33.97 -7.68
N ASN A 326 71.85 33.30 -7.03
CA ASN A 326 70.86 32.50 -7.74
C ASN A 326 69.45 32.97 -7.38
N TYR A 327 68.58 33.03 -8.40
CA TYR A 327 67.19 33.37 -8.19
C TYR A 327 66.23 32.40 -8.88
N GLY A 328 66.72 31.32 -9.46
CA GLY A 328 65.85 30.33 -10.05
C GLY A 328 65.19 30.82 -11.32
N ARG A 329 64.33 29.98 -11.86
CA ARG A 329 63.74 30.20 -13.17
C ARG A 329 62.23 30.39 -13.07
N LEU A 330 61.69 31.03 -14.10
CA LEU A 330 60.25 31.16 -14.29
C LEU A 330 59.79 30.16 -15.33
N SER A 331 58.55 29.71 -15.20
CA SER A 331 57.99 28.74 -16.14
C SER A 331 56.57 29.16 -16.48
N LEU A 332 56.42 29.95 -17.53
CA LEU A 332 55.11 30.36 -18.00
C LEU A 332 54.46 29.20 -18.75
N VAL A 333 53.14 29.14 -18.70
CA VAL A 333 52.38 28.10 -19.38
C VAL A 333 51.11 28.72 -19.93
N LYS A 334 51.07 28.93 -21.25
CA LYS A 334 49.82 29.28 -21.91
C LYS A 334 49.05 28.01 -22.21
N ASN A 335 47.86 28.15 -22.79
CA ASN A 335 47.06 26.98 -23.13
C ASN A 335 46.39 27.14 -24.48
N ASP A 336 47.12 27.67 -25.47
CA ASP A 336 46.58 27.70 -26.82
C ASP A 336 47.57 27.32 -27.91
N GLY A 337 48.87 27.31 -27.65
CA GLY A 337 49.84 26.94 -28.66
C GLY A 337 50.47 28.09 -29.42
N ARG A 338 50.30 29.32 -28.97
CA ARG A 338 50.92 30.48 -29.59
C ARG A 338 51.98 31.06 -28.66
N ASP A 339 53.07 31.53 -29.26
CA ASP A 339 54.20 32.02 -28.47
C ASP A 339 53.77 33.15 -27.56
N ILE A 340 54.09 33.02 -26.28
CA ILE A 340 53.91 34.13 -25.36
C ILE A 340 54.90 35.22 -25.73
N ASN A 341 54.39 36.39 -26.12
CA ASN A 341 55.23 37.46 -26.62
C ASN A 341 55.53 38.44 -25.48
N ILE A 342 56.36 37.99 -24.56
CA ILE A 342 56.73 38.78 -23.40
C ILE A 342 57.72 39.86 -23.81
N SER A 343 57.44 41.10 -23.42
CA SER A 343 58.38 42.21 -23.63
C SER A 343 58.18 43.19 -22.46
N GLY A 344 58.98 43.00 -21.42
CA GLY A 344 58.86 43.79 -20.21
C GLY A 344 59.73 45.02 -20.23
N THR A 345 60.19 45.41 -19.05
CA THR A 345 61.07 46.56 -18.89
C THR A 345 62.44 46.20 -18.36
N ASN A 346 62.52 45.33 -17.35
CA ASN A 346 63.79 44.89 -16.78
C ASN A 346 63.72 43.38 -16.70
N LEU A 347 64.09 42.71 -17.79
CA LEU A 347 63.88 41.28 -17.91
C LEU A 347 65.12 40.45 -17.60
N SER A 348 66.27 41.08 -17.39
CA SER A 348 67.44 40.31 -16.99
C SER A 348 67.27 39.72 -15.60
N ALA A 349 66.33 40.24 -14.82
CA ALA A 349 66.16 39.77 -13.45
C ALA A 349 65.45 38.43 -13.40
N ILE A 350 64.56 38.16 -14.36
CA ILE A 350 63.86 36.89 -14.43
C ILE A 350 64.48 35.97 -15.48
N GLY A 351 65.64 36.32 -16.00
CA GLY A 351 66.30 35.46 -16.96
C GLY A 351 65.65 35.41 -18.32
N MET A 352 64.98 36.49 -18.73
CA MET A 352 64.36 36.55 -20.05
C MET A 352 64.76 37.83 -20.77
N GLY A 353 65.98 38.31 -20.51
CA GLY A 353 66.45 39.51 -21.15
C GLY A 353 66.83 39.29 -22.59
N THR A 354 67.39 40.34 -23.19
CA THR A 354 67.82 40.27 -24.58
C THR A 354 68.93 39.27 -24.79
N THR A 355 69.72 38.98 -23.75
CA THR A 355 70.85 38.08 -23.86
C THR A 355 70.62 36.78 -23.09
N ASP A 356 69.37 36.40 -22.85
CA ASP A 356 69.05 35.21 -22.08
C ASP A 356 68.58 34.13 -23.03
N MET A 357 69.22 32.96 -22.96
CA MET A 357 68.91 31.84 -23.84
C MET A 357 67.75 31.06 -23.25
N ILE A 358 66.54 31.34 -23.71
CA ILE A 358 65.35 30.70 -23.19
C ILE A 358 64.92 29.60 -24.14
N SER A 359 64.01 28.75 -23.67
CA SER A 359 63.48 27.65 -24.46
C SER A 359 61.96 27.67 -24.42
N GLN A 360 61.35 27.24 -25.52
CA GLN A 360 59.89 27.29 -25.63
C GLN A 360 59.45 26.27 -26.68
N SER A 361 58.24 25.77 -26.50
CA SER A 361 57.71 24.73 -27.38
C SER A 361 56.24 24.51 -27.07
N SER A 362 55.55 23.85 -27.99
CA SER A 362 54.13 23.53 -27.84
C SER A 362 53.93 22.03 -28.02
N VAL A 363 53.16 21.42 -27.13
CA VAL A 363 53.04 19.98 -27.04
C VAL A 363 51.59 19.57 -27.19
N SER A 364 51.36 18.45 -27.88
CA SER A 364 50.03 17.89 -28.07
C SER A 364 49.86 16.67 -27.19
N LEU A 365 48.66 16.09 -27.21
CA LEU A 365 48.41 14.88 -26.41
C LEU A 365 49.33 13.74 -26.83
N ARG A 366 49.42 13.47 -28.13
CA ARG A 366 50.28 12.38 -28.57
C ARG A 366 51.74 12.65 -28.24
N GLU A 367 52.19 13.89 -28.43
CA GLU A 367 53.56 14.21 -28.08
C GLU A 367 53.80 14.05 -26.59
N SER A 368 52.77 14.26 -25.76
CA SER A 368 52.90 13.98 -24.35
C SER A 368 52.96 12.48 -24.07
N LYS A 369 52.11 11.70 -24.74
CA LYS A 369 52.11 10.26 -24.59
C LYS A 369 53.44 9.64 -24.99
N GLY A 370 54.17 10.28 -25.90
CA GLY A 370 55.47 9.80 -26.32
C GLY A 370 56.56 10.13 -25.32
N GLN A 371 57.79 9.84 -25.73
CA GLN A 371 58.95 10.12 -24.89
C GLN A 371 59.29 11.60 -24.95
N ILE A 372 59.41 12.22 -23.77
CA ILE A 372 59.64 13.66 -23.71
C ILE A 372 61.04 13.97 -24.18
N SER A 373 61.16 14.68 -25.30
CA SER A 373 62.47 15.03 -25.84
C SER A 373 63.22 15.93 -24.87
N ALA A 374 64.54 15.98 -25.06
CA ALA A 374 65.39 16.75 -24.15
C ALA A 374 65.11 18.23 -24.24
N THR A 375 64.77 18.73 -25.43
CA THR A 375 64.44 20.15 -25.57
C THR A 375 63.09 20.45 -24.96
N ASN A 376 62.08 19.64 -25.28
CA ASN A 376 60.75 19.88 -24.75
C ASN A 376 60.73 19.78 -23.23
N ALA A 377 61.60 18.95 -22.65
CA ALA A 377 61.61 18.80 -21.20
C ALA A 377 61.99 20.09 -20.51
N ASP A 378 62.90 20.86 -21.11
CA ASP A 378 63.29 22.13 -20.52
C ASP A 378 62.10 23.08 -20.43
N ALA A 379 61.37 23.23 -21.54
CA ALA A 379 60.17 24.06 -21.52
C ALA A 379 59.13 23.50 -20.56
N MET A 380 59.07 22.18 -20.43
CA MET A 380 58.16 21.59 -19.45
C MET A 380 58.47 22.11 -18.05
N GLY A 381 59.73 21.99 -17.63
CA GLY A 381 60.08 22.48 -16.32
C GLY A 381 60.97 21.55 -15.53
N PHE A 382 61.42 20.45 -16.13
CA PHE A 382 62.41 19.62 -15.49
C PHE A 382 63.74 20.36 -15.41
N ASN A 383 64.73 19.71 -14.81
CA ASN A 383 66.14 20.08 -14.91
C ASN A 383 66.34 21.59 -14.77
N SER A 384 66.12 22.12 -13.56
CA SER A 384 66.19 23.56 -13.34
C SER A 384 67.37 24.21 -14.05
N TYR A 385 68.59 23.81 -13.73
CA TYR A 385 69.77 24.52 -14.23
C TYR A 385 70.05 24.21 -15.70
N LYS A 386 69.08 24.57 -16.55
CA LYS A 386 69.26 24.61 -18.01
C LYS A 386 69.69 23.25 -18.56
N GLY A 387 68.79 22.29 -18.44
CA GLY A 387 69.06 20.94 -18.88
C GLY A 387 69.89 20.17 -17.87
N GLY A 388 69.53 18.90 -17.71
CA GLY A 388 70.13 18.09 -16.67
C GLY A 388 71.58 17.75 -16.85
N GLY A 389 72.22 18.26 -17.90
CA GLY A 389 73.61 17.91 -18.15
C GLY A 389 74.55 18.79 -17.36
N LYS A 390 75.54 19.33 -18.04
CA LYS A 390 76.55 20.16 -17.38
C LYS A 390 76.00 21.57 -17.15
N PHE A 391 76.63 22.26 -16.21
CA PHE A 391 76.35 23.67 -16.01
C PHE A 391 77.08 24.49 -17.07
N VAL A 392 76.45 25.57 -17.53
CA VAL A 392 76.94 26.34 -18.67
C VAL A 392 77.23 27.76 -18.21
N PHE A 393 78.47 28.20 -18.41
CA PHE A 393 78.87 29.57 -18.13
C PHE A 393 78.71 30.41 -19.40
N THR A 394 79.23 31.64 -19.35
CA THR A 394 79.47 32.46 -20.53
C THR A 394 80.83 33.14 -20.40
N GLN A 395 81.77 32.47 -19.74
CA GLN A 395 83.03 33.10 -19.35
C GLN A 395 83.92 33.30 -20.58
N ASN A 396 85.16 33.73 -20.35
CA ASN A 396 86.07 34.02 -21.44
C ASN A 396 87.39 33.28 -21.28
N VAL A 397 87.32 31.98 -21.01
CA VAL A 397 88.50 31.17 -20.72
C VAL A 397 88.68 30.14 -21.82
N SER A 398 89.94 29.90 -22.20
CA SER A 398 90.24 28.91 -23.24
C SER A 398 89.86 27.51 -22.80
N SER A 399 90.30 27.11 -21.61
CA SER A 399 90.03 25.76 -21.13
C SER A 399 90.03 25.73 -19.61
N ILE A 400 89.62 24.57 -19.08
CA ILE A 400 89.52 24.38 -17.63
C ILE A 400 90.84 24.70 -16.93
N SER A 401 91.96 24.48 -17.62
CA SER A 401 93.26 24.81 -17.05
C SER A 401 93.31 26.28 -16.66
N ALA A 402 93.08 27.16 -17.63
CA ALA A 402 93.09 28.59 -17.34
C ALA A 402 91.92 29.00 -16.46
N PHE A 403 90.81 28.26 -16.50
CA PHE A 403 89.69 28.60 -15.63
C PHE A 403 90.03 28.35 -14.18
N MET A 404 90.83 27.32 -13.90
CA MET A 404 91.30 27.11 -12.53
C MET A 404 92.44 28.05 -12.18
N SER A 405 93.30 28.36 -13.14
CA SER A 405 94.39 29.31 -12.88
C SER A 405 93.86 30.70 -12.57
N ALA A 406 92.72 31.07 -13.16
CA ALA A 406 92.25 32.44 -13.08
C ALA A 406 91.83 32.81 -11.66
N GLN A 407 91.66 34.11 -11.45
CA GLN A 407 91.29 34.66 -10.16
C GLN A 407 89.81 34.40 -9.90
N GLY A 408 89.36 34.72 -8.69
CA GLY A 408 87.95 34.56 -8.34
C GLY A 408 87.51 33.16 -7.95
N SER A 409 87.88 32.16 -8.73
CA SER A 409 87.52 30.79 -8.40
C SER A 409 88.29 30.34 -7.16
N GLY A 410 87.99 29.13 -6.70
CA GLY A 410 88.63 28.60 -5.52
C GLY A 410 89.82 27.72 -5.85
N PHE A 411 90.38 27.89 -7.05
CA PHE A 411 91.43 27.01 -7.53
C PHE A 411 92.74 27.75 -7.78
N SER A 412 92.88 28.96 -7.25
CA SER A 412 94.11 29.71 -7.45
C SER A 412 95.27 28.99 -6.78
N ARG A 413 96.49 29.48 -7.06
CA ARG A 413 97.69 28.84 -6.54
C ARG A 413 97.72 28.85 -5.02
N GLY A 414 97.11 29.86 -4.40
CA GLY A 414 97.08 29.88 -2.95
C GLY A 414 96.16 28.82 -2.37
N SER A 415 94.98 28.65 -2.96
CA SER A 415 94.02 27.67 -2.47
C SER A 415 94.59 26.26 -2.60
N GLY A 416 94.04 25.35 -1.80
CA GLY A 416 94.55 23.99 -1.77
C GLY A 416 94.16 23.15 -2.96
N PHE A 417 93.06 23.47 -3.61
CA PHE A 417 92.57 22.65 -4.72
C PHE A 417 93.09 23.15 -6.07
N SER A 418 94.39 23.33 -6.19
CA SER A 418 94.96 23.72 -7.47
C SER A 418 95.20 22.48 -8.32
N VAL A 419 95.37 22.70 -9.62
CA VAL A 419 95.61 21.59 -10.53
C VAL A 419 96.92 20.90 -10.13
N GLY A 420 96.86 19.58 -9.97
CA GLY A 420 98.02 18.85 -9.52
C GLY A 420 98.23 18.86 -8.03
N SER A 421 97.17 18.83 -7.24
CA SER A 421 97.27 18.87 -5.78
C SER A 421 96.58 17.68 -5.12
N GLY A 422 96.41 16.59 -5.85
CA GLY A 422 95.82 15.38 -5.30
C GLY A 422 94.32 15.40 -5.13
N LYS A 423 93.70 16.58 -5.03
CA LYS A 423 92.25 16.63 -4.94
C LYS A 423 91.59 16.12 -6.21
N ASN A 424 92.22 16.34 -7.36
CA ASN A 424 91.75 15.83 -8.64
C ASN A 424 90.34 16.33 -8.95
N LEU A 425 90.16 17.65 -8.85
CA LEU A 425 88.87 18.25 -9.15
C LEU A 425 88.70 18.57 -10.62
N SER A 426 89.79 18.57 -11.39
CA SER A 426 89.66 18.79 -12.83
C SER A 426 88.79 17.71 -13.47
N VAL A 427 88.84 16.50 -12.95
CA VAL A 427 87.98 15.43 -13.45
C VAL A 427 86.51 15.82 -13.28
N GLY A 428 86.14 16.20 -12.06
CA GLY A 428 84.76 16.58 -11.80
C GLY A 428 84.33 17.77 -12.63
N LEU A 429 85.23 18.74 -12.78
CA LEU A 429 84.89 19.90 -13.62
C LEU A 429 84.66 19.49 -15.06
N SER A 430 85.55 18.67 -15.62
CA SER A 430 85.34 18.18 -16.98
C SER A 430 84.03 17.43 -17.11
N GLN A 431 83.63 16.72 -16.06
CA GLN A 431 82.35 16.02 -16.02
C GLN A 431 81.33 16.92 -15.33
N GLY A 432 80.88 17.95 -16.02
CA GLY A 432 79.84 18.78 -15.44
C GLY A 432 79.97 20.28 -15.63
N ILE A 433 80.97 20.74 -16.38
CA ILE A 433 81.10 22.16 -16.68
C ILE A 433 81.37 22.32 -18.17
N GLN A 434 80.56 23.13 -18.85
CA GLN A 434 80.75 23.44 -20.25
C GLN A 434 80.89 24.96 -20.38
N ILE A 435 82.11 25.42 -20.58
CA ILE A 435 82.41 26.85 -20.64
C ILE A 435 82.28 27.33 -22.07
N ILE A 436 81.34 28.24 -22.31
CA ILE A 436 81.23 28.91 -23.60
C ILE A 436 82.29 30.00 -23.67
N SER A 437 82.99 30.08 -24.80
CA SER A 437 84.09 31.02 -24.93
C SER A 437 83.61 32.46 -24.97
N SER A 438 82.56 32.73 -25.75
CA SER A 438 82.07 34.09 -25.91
C SER A 438 80.66 34.04 -26.47
N ALA A 439 79.75 34.80 -25.85
CA ALA A 439 78.35 34.78 -26.27
C ALA A 439 78.17 35.25 -27.70
N ALA A 440 79.18 35.89 -28.29
CA ALA A 440 79.04 36.37 -29.66
C ALA A 440 78.99 35.20 -30.64
N SER A 441 79.91 34.25 -30.52
CA SER A 441 79.99 33.11 -31.43
C SER A 441 80.05 31.84 -30.59
N MET A 442 78.91 31.16 -30.46
CA MET A 442 78.86 29.88 -29.75
C MET A 442 78.03 28.91 -30.60
N SER A 443 78.71 28.24 -31.52
CA SER A 443 78.09 27.17 -32.30
C SER A 443 78.47 25.80 -31.77
N ASN A 444 79.29 25.73 -30.74
CA ASN A 444 79.76 24.47 -30.19
C ASN A 444 78.90 23.97 -29.04
N THR A 445 77.89 24.73 -28.63
CA THR A 445 77.04 24.31 -27.51
C THR A 445 75.56 24.40 -27.87
N TYR A 446 75.22 25.25 -28.81
CA TYR A 446 73.83 25.40 -29.26
C TYR A 446 73.76 25.12 -30.75
N VAL A 447 72.59 24.64 -31.18
CA VAL A 447 72.36 24.44 -32.60
C VAL A 447 72.00 25.79 -33.22
N VAL A 448 73.02 26.50 -33.70
CA VAL A 448 72.87 27.89 -34.10
C VAL A 448 73.55 28.09 -35.44
N SER A 449 73.83 26.99 -36.14
CA SER A 449 74.58 27.07 -37.39
C SER A 449 73.76 27.77 -38.46
N ALA A 450 74.38 27.94 -39.64
CA ALA A 450 73.77 28.73 -40.70
C ALA A 450 72.48 28.11 -41.20
N GLY A 451 72.50 26.81 -41.47
CA GLY A 451 71.32 26.15 -41.99
C GLY A 451 70.12 26.23 -41.07
N SER A 452 70.37 26.26 -39.76
CA SER A 452 69.29 26.38 -38.80
C SER A 452 68.58 27.72 -38.98
N GLY A 453 67.40 27.83 -38.37
CA GLY A 453 66.66 29.07 -38.41
C GLY A 453 67.01 29.98 -37.26
N PHE A 454 68.12 29.68 -36.60
CA PHE A 454 68.53 30.41 -35.40
C PHE A 454 69.86 31.12 -35.57
N SER A 455 70.28 31.36 -36.81
CA SER A 455 71.52 32.08 -37.08
C SER A 455 71.56 33.40 -36.33
N SER A 456 72.70 33.68 -35.71
CA SER A 456 72.88 34.93 -34.99
C SER A 456 72.66 36.11 -35.93
N GLY A 457 71.99 37.13 -35.42
CA GLY A 457 71.65 38.28 -36.23
C GLY A 457 70.47 38.08 -37.15
N SER A 458 69.72 36.98 -37.00
CA SER A 458 68.56 36.70 -37.83
C SER A 458 67.32 36.43 -36.98
N GLY A 459 67.25 37.02 -35.80
CA GLY A 459 66.14 36.78 -34.91
C GLY A 459 66.13 35.36 -34.39
N ASN A 460 65.30 35.10 -33.38
CA ASN A 460 65.13 33.79 -32.77
C ASN A 460 66.44 33.23 -32.20
N SER A 461 67.48 34.06 -32.12
CA SER A 461 68.78 33.57 -31.65
C SER A 461 68.73 33.15 -30.19
N GLN A 462 67.78 33.66 -29.42
CA GLN A 462 67.68 33.33 -28.00
C GLN A 462 66.76 32.16 -27.75
N PHE A 463 66.42 31.39 -28.79
CA PHE A 463 65.62 30.20 -28.65
C PHE A 463 66.34 28.95 -29.12
N ALA A 464 67.60 29.05 -29.51
CA ALA A 464 68.34 27.91 -30.04
C ALA A 464 68.40 26.80 -29.01
N ALA A 465 68.42 25.57 -29.49
CA ALA A 465 68.40 24.40 -28.63
C ALA A 465 69.81 23.98 -28.24
N LEU A 466 69.94 23.49 -27.02
CA LEU A 466 71.22 23.01 -26.52
C LEU A 466 71.68 21.80 -27.32
N LYS A 467 73.00 21.60 -27.37
CA LYS A 467 73.58 20.51 -28.13
C LYS A 467 73.81 19.31 -27.22
N THR A 468 73.39 18.13 -27.69
CA THR A 468 73.42 16.95 -26.86
C THR A 468 74.84 16.47 -26.57
N THR A 469 75.77 16.70 -27.50
CA THR A 469 77.14 16.30 -27.22
C THR A 469 77.86 17.31 -26.36
N ALA A 470 77.56 18.60 -26.53
CA ALA A 470 78.12 19.64 -25.69
C ALA A 470 77.70 19.44 -24.25
N ALA A 471 76.40 19.52 -24.00
CA ALA A 471 75.86 19.19 -22.68
C ALA A 471 75.74 17.67 -22.58
N ASN A 472 75.03 17.18 -21.58
CA ASN A 472 74.72 15.77 -21.47
C ASN A 472 73.22 15.57 -21.35
N THR A 473 72.47 16.33 -22.12
CA THR A 473 71.01 16.27 -22.04
C THR A 473 70.51 14.92 -22.52
N THR A 474 69.63 14.31 -21.73
CA THR A 474 68.98 13.07 -22.10
C THR A 474 67.47 13.26 -22.01
N ASP A 475 66.75 12.39 -22.72
CA ASP A 475 65.30 12.47 -22.69
C ASP A 475 64.77 12.07 -21.32
N GLU A 476 63.47 12.18 -21.17
CA GLU A 476 62.79 11.82 -19.93
C GLU A 476 61.80 10.70 -20.21
N THR A 477 61.45 9.98 -19.15
CA THR A 477 60.50 8.90 -19.28
C THR A 477 59.15 9.43 -19.77
N ALA A 478 58.49 8.64 -20.60
CA ALA A 478 57.41 9.13 -21.45
C ALA A 478 56.20 9.54 -20.60
N GLY A 479 55.83 10.81 -20.68
CA GLY A 479 54.58 11.29 -20.14
C GLY A 479 54.43 11.23 -18.64
N VAL A 480 53.27 10.78 -18.18
CA VAL A 480 52.90 10.79 -16.78
C VAL A 480 53.92 10.08 -15.89
N THR A 481 54.75 9.21 -16.45
CA THR A 481 55.65 8.39 -15.65
C THR A 481 56.65 9.20 -14.83
N THR A 482 56.62 10.53 -14.92
CA THR A 482 57.44 11.39 -14.09
C THR A 482 56.59 12.52 -13.54
N LEU A 483 57.07 13.12 -12.45
CA LEU A 483 56.26 14.08 -11.70
C LEU A 483 55.90 15.29 -12.56
N LYS A 484 56.92 16.06 -12.98
CA LYS A 484 56.65 17.22 -13.81
C LYS A 484 55.95 16.83 -15.10
N GLY A 485 56.24 15.64 -15.61
CA GLY A 485 55.49 15.15 -16.76
C GLY A 485 54.01 15.03 -16.46
N ALA A 486 53.68 14.52 -15.28
CA ALA A 486 52.27 14.42 -14.89
C ALA A 486 51.64 15.80 -14.79
N MET A 487 52.35 16.73 -14.14
CA MET A 487 51.77 18.07 -13.97
C MET A 487 51.61 18.77 -15.30
N ALA A 488 52.41 18.41 -16.30
CA ALA A 488 52.23 19.01 -17.62
C ALA A 488 51.10 18.34 -18.39
N VAL A 489 50.99 17.02 -18.26
CA VAL A 489 49.86 16.32 -18.88
C VAL A 489 48.55 16.84 -18.31
N MET A 490 48.57 17.32 -17.07
CA MET A 490 47.38 17.93 -16.50
C MET A 490 46.94 19.15 -17.31
N ASP A 491 47.87 20.06 -17.60
CA ASP A 491 47.56 21.21 -18.44
C ASP A 491 47.10 20.78 -19.82
N ILE A 492 47.77 19.78 -20.38
CA ILE A 492 47.40 19.35 -21.73
C ILE A 492 45.98 18.81 -21.75
N ALA A 493 45.58 18.09 -20.71
CA ALA A 493 44.21 17.58 -20.65
C ALA A 493 43.21 18.72 -20.48
N GLU A 494 43.54 19.71 -19.64
CA GLU A 494 42.65 20.84 -19.49
C GLU A 494 42.45 21.57 -20.82
N THR A 495 43.54 21.79 -21.54
CA THR A 495 43.45 22.46 -22.83
C THR A 495 42.65 21.63 -23.83
N ALA A 496 42.82 20.31 -23.81
CA ALA A 496 42.03 19.47 -24.70
C ALA A 496 40.55 19.57 -24.40
N ILE A 497 40.19 19.57 -23.11
CA ILE A 497 38.81 19.76 -22.72
C ILE A 497 38.27 21.06 -23.28
N THR A 498 39.04 22.13 -23.13
CA THR A 498 38.62 23.43 -23.65
C THR A 498 38.39 23.37 -25.16
N ASN A 499 39.31 22.75 -25.90
CA ASN A 499 39.15 22.65 -27.35
C ASN A 499 37.89 21.90 -27.73
N LEU A 500 37.63 20.78 -27.06
CA LEU A 500 36.45 19.98 -27.42
C LEU A 500 35.18 20.75 -27.10
N ASP A 501 35.17 21.48 -25.99
CA ASP A 501 34.01 22.32 -25.68
C ASP A 501 33.80 23.37 -26.76
N GLN A 502 34.89 23.97 -27.23
CA GLN A 502 34.79 25.00 -28.26
C GLN A 502 34.22 24.43 -29.54
N ILE A 503 34.56 23.19 -29.86
CA ILE A 503 34.04 22.58 -31.09
C ILE A 503 32.57 22.20 -30.92
N ARG A 504 32.22 21.61 -29.78
CA ARG A 504 30.85 21.20 -29.55
C ARG A 504 29.91 22.40 -29.52
N ALA A 505 30.38 23.55 -29.04
CA ALA A 505 29.54 24.75 -29.10
C ALA A 505 29.21 25.13 -30.52
N ASP A 506 30.16 24.99 -31.44
CA ASP A 506 29.88 25.30 -32.84
C ASP A 506 28.86 24.34 -33.42
N ILE A 507 29.01 23.04 -33.13
CA ILE A 507 28.00 22.08 -33.56
C ILE A 507 26.63 22.49 -33.05
N ALA A 508 26.54 22.87 -31.78
CA ALA A 508 25.25 23.21 -31.20
C ALA A 508 24.64 24.45 -31.86
N SER A 509 25.47 25.47 -32.13
CA SER A 509 24.96 26.66 -32.79
C SER A 509 24.39 26.34 -34.15
N ILE A 510 25.12 25.55 -34.94
CA ILE A 510 24.60 25.15 -36.25
C ILE A 510 23.27 24.42 -36.10
N GLN A 511 23.17 23.55 -35.09
CA GLN A 511 21.95 22.78 -34.91
C GLN A 511 20.76 23.67 -34.58
N ASN A 512 20.96 24.65 -33.70
CA ASN A 512 19.86 25.57 -33.38
C ASN A 512 19.44 26.37 -34.61
N GLN A 513 20.40 26.83 -35.40
CA GLN A 513 20.05 27.54 -36.62
C GLN A 513 19.20 26.67 -37.54
N VAL A 514 19.61 25.42 -37.72
CA VAL A 514 18.86 24.52 -38.58
C VAL A 514 17.44 24.32 -38.06
N THR A 515 17.30 24.21 -36.73
CA THR A 515 15.96 24.03 -36.16
C THR A 515 15.06 25.22 -36.47
N SER A 516 15.57 26.43 -36.31
CA SER A 516 14.76 27.61 -36.63
C SER A 516 14.39 27.63 -38.10
N THR A 517 15.35 27.34 -38.98
CA THR A 517 15.04 27.26 -40.41
C THR A 517 13.91 26.28 -40.67
N ILE A 518 13.95 25.12 -40.01
CA ILE A 518 12.96 24.09 -40.27
C ILE A 518 11.58 24.53 -39.83
N ASN A 519 11.48 25.17 -38.66
CA ASN A 519 10.18 25.68 -38.23
C ASN A 519 9.62 26.67 -39.24
N ASN A 520 10.44 27.64 -39.65
CA ASN A 520 9.95 28.65 -40.57
C ASN A 520 9.53 28.04 -41.90
N ILE A 521 10.31 27.10 -42.40
CA ILE A 521 9.99 26.47 -43.68
C ILE A 521 8.71 25.65 -43.55
N THR A 522 8.51 24.98 -42.42
CA THR A 522 7.31 24.19 -42.22
C THR A 522 6.07 25.06 -42.28
N VAL A 523 6.15 26.26 -41.68
CA VAL A 523 4.97 27.15 -41.73
C VAL A 523 4.78 27.70 -43.14
N THR A 524 5.87 28.15 -43.77
CA THR A 524 5.76 28.75 -45.08
C THR A 524 5.24 27.78 -46.12
N GLN A 525 5.57 26.49 -45.98
CA GLN A 525 5.08 25.52 -46.95
C GLN A 525 3.56 25.40 -46.89
N VAL A 526 3.01 25.37 -45.68
CA VAL A 526 1.55 25.30 -45.54
C VAL A 526 0.91 26.53 -46.14
N ASN A 527 1.47 27.70 -45.87
CA ASN A 527 0.87 28.91 -46.45
C ASN A 527 0.94 28.92 -47.96
N VAL A 528 2.07 28.48 -48.53
CA VAL A 528 2.20 28.41 -49.98
C VAL A 528 1.20 27.42 -50.56
N LYS A 529 1.04 26.28 -49.90
CA LYS A 529 0.11 25.28 -50.41
C LYS A 529 -1.32 25.81 -50.41
N ALA A 530 -1.72 26.52 -49.35
CA ALA A 530 -3.06 27.09 -49.34
C ALA A 530 -3.22 28.17 -50.41
N ALA A 531 -2.19 29.00 -50.61
CA ALA A 531 -2.27 30.03 -51.64
C ALA A 531 -2.38 29.42 -53.03
N GLU A 532 -1.70 28.30 -53.27
CA GLU A 532 -1.85 27.60 -54.54
C GLU A 532 -3.24 27.01 -54.68
N SER A 533 -3.74 26.41 -53.60
CA SER A 533 -5.09 25.87 -53.62
C SER A 533 -6.12 26.91 -54.01
N GLN A 534 -5.96 28.13 -53.52
CA GLN A 534 -6.92 29.18 -53.87
C GLN A 534 -7.00 29.39 -55.37
N ILE A 535 -5.90 29.16 -56.08
CA ILE A 535 -5.86 29.45 -57.51
C ILE A 535 -6.25 28.24 -58.34
N ARG A 536 -5.86 27.03 -57.92
CA ARG A 536 -5.97 25.87 -58.77
C ARG A 536 -7.26 25.08 -58.58
N ASP A 537 -7.63 24.78 -57.34
CA ASP A 537 -8.72 23.84 -57.12
C ASP A 537 -10.07 24.52 -57.25
N VAL A 538 -11.10 23.70 -57.43
CA VAL A 538 -12.47 24.16 -57.61
C VAL A 538 -13.22 23.95 -56.31
N ASP A 539 -14.20 24.83 -56.06
CA ASP A 539 -15.05 24.75 -54.89
C ASP A 539 -16.35 24.05 -55.25
N PHE A 540 -16.54 22.85 -54.71
CA PHE A 540 -17.72 22.07 -55.05
C PHE A 540 -19.02 22.78 -54.71
N ALA A 541 -19.00 23.68 -53.74
CA ALA A 541 -20.18 24.50 -53.45
C ALA A 541 -20.73 25.13 -54.72
N SER A 542 -19.92 25.96 -55.38
CA SER A 542 -20.34 26.60 -56.61
C SER A 542 -20.36 25.64 -57.79
N GLU A 543 -19.51 24.62 -57.78
CA GLU A 543 -19.45 23.74 -58.94
C GLU A 543 -20.72 22.92 -59.09
N SER A 544 -21.24 22.37 -58.00
CA SER A 544 -22.48 21.62 -58.09
C SER A 544 -23.65 22.50 -58.47
N ALA A 545 -23.65 23.77 -58.04
CA ALA A 545 -24.68 24.69 -58.48
C ALA A 545 -24.61 24.90 -59.99
N ASN A 546 -23.42 25.20 -60.50
CA ASN A 546 -23.24 25.35 -61.95
C ASN A 546 -23.72 24.10 -62.68
N TYR A 547 -23.37 22.93 -62.17
CA TYR A 547 -23.70 21.69 -62.87
C TYR A 547 -25.20 21.46 -62.89
N SER A 548 -25.86 21.60 -61.75
CA SER A 548 -27.30 21.38 -61.72
C SER A 548 -28.03 22.40 -62.60
N LYS A 549 -27.60 23.65 -62.56
CA LYS A 549 -28.20 24.66 -63.40
C LYS A 549 -28.05 24.31 -64.87
N ALA A 550 -26.84 23.95 -65.29
CA ALA A 550 -26.61 23.57 -66.67
C ALA A 550 -27.41 22.34 -67.07
N ASN A 551 -27.62 21.41 -66.15
CA ASN A 551 -28.39 20.21 -66.47
C ASN A 551 -29.86 20.54 -66.70
N ILE A 552 -30.44 21.35 -65.83
CA ILE A 552 -31.83 21.76 -66.05
C ILE A 552 -31.95 22.55 -67.34
N LEU A 553 -30.97 23.40 -67.64
CA LEU A 553 -30.97 24.12 -68.90
C LEU A 553 -30.90 23.16 -70.08
N ALA A 554 -30.13 22.07 -69.94
CA ALA A 554 -30.05 21.10 -71.03
C ALA A 554 -31.38 20.42 -71.27
N GLN A 555 -32.09 20.08 -70.20
CA GLN A 555 -33.42 19.50 -70.37
C GLN A 555 -34.35 20.47 -71.08
N SER A 556 -34.34 21.73 -70.65
CA SER A 556 -35.19 22.73 -71.30
C SER A 556 -34.83 22.91 -72.77
N GLY A 557 -33.53 22.94 -73.07
CA GLY A 557 -33.12 23.11 -74.45
C GLY A 557 -33.51 21.93 -75.33
N SER A 558 -33.41 20.72 -74.79
CA SER A 558 -33.87 19.56 -75.52
C SER A 558 -35.37 19.61 -75.79
N TYR A 559 -36.15 20.06 -74.81
CA TYR A 559 -37.58 20.23 -75.06
C TYR A 559 -37.82 21.26 -76.15
N ALA A 560 -37.07 22.36 -76.12
CA ALA A 560 -37.25 23.39 -77.13
C ALA A 560 -36.92 22.86 -78.52
N MET A 561 -35.85 22.08 -78.65
CA MET A 561 -35.54 21.50 -79.95
C MET A 561 -36.62 20.52 -80.40
N ALA A 562 -37.10 19.69 -79.48
CA ALA A 562 -38.14 18.73 -79.85
C ALA A 562 -39.40 19.45 -80.32
N GLN A 563 -39.69 20.61 -79.75
CA GLN A 563 -40.85 21.36 -80.21
C GLN A 563 -40.57 22.09 -81.51
N ALA A 564 -39.36 22.59 -81.70
CA ALA A 564 -39.05 23.31 -82.93
C ALA A 564 -39.11 22.38 -84.13
N ASN A 565 -38.64 21.14 -83.98
CA ASN A 565 -38.71 20.20 -85.08
C ASN A 565 -40.15 19.96 -85.52
N SER A 566 -41.07 19.90 -84.57
CA SER A 566 -42.47 19.61 -84.85
C SER A 566 -43.29 20.84 -85.17
N SER A 567 -42.74 22.03 -84.99
CA SER A 567 -43.50 23.26 -85.20
C SER A 567 -44.06 23.41 -86.61
N GLN A 568 -43.70 22.55 -87.55
CA GLN A 568 -44.13 22.69 -88.93
C GLN A 568 -45.21 21.71 -89.34
N GLN A 569 -45.74 20.92 -88.41
CA GLN A 569 -46.76 19.95 -88.79
C GLN A 569 -48.05 20.62 -89.25
N ASN A 570 -48.27 21.89 -88.88
CA ASN A 570 -49.52 22.54 -89.21
C ASN A 570 -49.66 22.85 -90.69
N VAL A 571 -48.57 22.75 -91.45
CA VAL A 571 -48.67 23.05 -92.87
C VAL A 571 -49.45 21.96 -93.58
N LEU A 572 -49.40 20.72 -93.09
CA LEU A 572 -50.10 19.63 -93.75
C LEU A 572 -51.60 19.84 -93.78
N ARG A 573 -52.15 20.60 -92.82
CA ARG A 573 -53.58 20.84 -92.82
C ARG A 573 -53.99 21.70 -93.99
N LEU A 574 -53.09 22.53 -94.51
CA LEU A 574 -53.36 23.27 -95.73
C LEU A 574 -53.47 22.33 -96.91
N LEU A 575 -52.50 21.41 -97.03
CA LEU A 575 -52.39 20.60 -98.24
C LEU A 575 -53.49 19.55 -98.28
N GLN A 576 -53.74 18.87 -97.17
CA GLN A 576 -54.71 17.77 -97.14
C GLN A 576 -56.09 18.21 -97.63
N PHE B 3 -63.91 31.27 -72.61
CA PHE B 3 -63.80 30.24 -73.63
C PHE B 3 -63.17 30.86 -74.86
N ARG B 4 -62.93 32.16 -74.77
CA ARG B 4 -62.20 32.89 -75.80
C ARG B 4 -60.71 32.71 -75.58
N ILE B 5 -60.01 32.27 -76.62
CA ILE B 5 -58.60 32.00 -76.53
C ILE B 5 -57.84 33.23 -77.03
N ASN B 6 -56.51 33.18 -76.85
CA ASN B 6 -55.48 34.21 -77.04
C ASN B 6 -55.38 35.17 -75.87
N THR B 7 -56.21 35.06 -74.85
CA THR B 7 -56.05 35.86 -73.64
C THR B 7 -56.30 35.00 -72.40
N ASN B 8 -55.66 33.83 -72.34
CA ASN B 8 -55.80 32.93 -71.21
C ASN B 8 -55.63 33.66 -69.88
N VAL B 9 -56.69 33.69 -69.08
CA VAL B 9 -56.67 34.45 -67.83
C VAL B 9 -56.32 33.57 -66.65
N ALA B 10 -56.79 32.32 -66.65
CA ALA B 10 -56.39 31.39 -65.60
C ALA B 10 -54.88 31.21 -65.55
N ALA B 11 -54.22 31.26 -66.71
CA ALA B 11 -52.77 31.16 -66.74
C ALA B 11 -52.13 32.33 -66.00
N LEU B 12 -52.59 33.55 -66.29
CA LEU B 12 -52.02 34.72 -65.63
C LEU B 12 -52.26 34.69 -64.13
N ASN B 13 -53.48 34.29 -63.74
CA ASN B 13 -53.80 34.23 -62.31
C ASN B 13 -52.92 33.22 -61.59
N ALA B 14 -52.84 32.00 -62.13
CA ALA B 14 -51.99 30.98 -61.52
C ALA B 14 -50.53 31.41 -61.50
N LYS B 15 -50.08 32.12 -62.54
CA LYS B 15 -48.69 32.57 -62.56
C LYS B 15 -48.44 33.58 -61.45
N ALA B 16 -49.36 34.52 -61.24
CA ALA B 16 -49.18 35.48 -60.16
C ALA B 16 -49.12 34.78 -58.81
N ASN B 17 -50.04 33.85 -58.56
CA ASN B 17 -50.04 33.15 -57.28
C ASN B 17 -48.75 32.37 -57.08
N SER B 18 -48.32 31.62 -58.09
CA SER B 18 -47.11 30.82 -57.97
C SER B 18 -45.89 31.70 -57.80
N ASP B 19 -45.88 32.89 -58.41
CA ASP B 19 -44.74 33.78 -58.25
C ASP B 19 -44.65 34.31 -56.82
N LEU B 20 -45.80 34.70 -56.26
CA LEU B 20 -45.81 35.09 -54.85
C LEU B 20 -45.28 33.97 -53.97
N ASN B 21 -45.73 32.73 -54.25
CA ASN B 21 -45.28 31.62 -53.43
C ASN B 21 -43.79 31.36 -53.59
N ALA B 22 -43.27 31.51 -54.80
CA ALA B 22 -41.84 31.33 -55.00
C ALA B 22 -41.04 32.38 -54.25
N LYS B 23 -41.55 33.62 -54.21
CA LYS B 23 -40.92 34.65 -53.39
C LYS B 23 -40.85 34.22 -51.94
N SER B 24 -41.96 33.72 -51.41
CA SER B 24 -41.98 33.29 -50.01
C SER B 24 -41.01 32.12 -49.77
N LEU B 25 -40.98 31.17 -50.69
CA LEU B 25 -40.07 30.02 -50.55
C LEU B 25 -38.63 30.48 -50.56
N ASP B 26 -38.29 31.42 -51.44
CA ASP B 26 -36.93 31.93 -51.51
C ASP B 26 -36.55 32.61 -50.20
N ALA B 27 -37.44 33.43 -49.66
CA ALA B 27 -37.15 34.08 -48.38
C ALA B 27 -36.91 33.06 -47.29
N SER B 28 -37.79 32.05 -47.20
CA SER B 28 -37.63 31.02 -46.17
C SER B 28 -36.32 30.28 -46.34
N LEU B 29 -35.93 29.98 -47.57
CA LEU B 29 -34.68 29.26 -47.79
C LEU B 29 -33.48 30.12 -47.40
N SER B 30 -33.53 31.42 -47.70
CA SER B 30 -32.43 32.29 -47.30
C SER B 30 -32.30 32.34 -45.78
N ARG B 31 -33.44 32.40 -45.08
CA ARG B 31 -33.37 32.35 -43.62
C ARG B 31 -32.78 31.03 -43.14
N LEU B 32 -33.25 29.91 -43.70
CA LEU B 32 -32.75 28.61 -43.31
C LEU B 32 -31.25 28.48 -43.55
N SER B 33 -30.74 29.13 -44.59
CA SER B 33 -29.31 29.08 -44.88
C SER B 33 -28.52 29.95 -43.92
N SER B 34 -28.81 31.25 -43.88
CA SER B 34 -27.98 32.15 -43.09
C SER B 34 -28.09 31.88 -41.61
N GLY B 35 -29.23 31.35 -41.15
CA GLY B 35 -29.42 31.11 -39.75
C GLY B 35 -29.96 32.28 -38.96
N LEU B 36 -30.20 33.42 -39.61
CA LEU B 36 -30.71 34.60 -38.95
C LEU B 36 -32.10 34.92 -39.46
N ARG B 37 -32.96 35.42 -38.56
CA ARG B 37 -34.31 35.77 -38.94
C ARG B 37 -34.38 37.10 -39.67
N ILE B 38 -33.38 37.96 -39.52
CA ILE B 38 -33.36 39.26 -40.17
C ILE B 38 -32.03 39.37 -40.92
N ASN B 39 -32.06 39.10 -42.22
CA ASN B 39 -30.89 39.23 -43.06
C ASN B 39 -30.82 40.60 -43.73
N SER B 40 -31.84 40.93 -44.51
CA SER B 40 -31.84 42.15 -45.31
C SER B 40 -32.22 43.38 -44.51
N ALA B 41 -32.58 43.22 -43.23
CA ALA B 41 -33.03 44.33 -42.39
C ALA B 41 -34.21 45.07 -42.99
N ALA B 42 -34.88 44.47 -43.97
CA ALA B 42 -36.09 45.02 -44.55
C ALA B 42 -37.33 44.33 -44.04
N ASP B 43 -37.18 43.34 -43.17
CA ASP B 43 -38.31 42.66 -42.55
C ASP B 43 -38.49 43.04 -41.09
N ASP B 44 -37.51 43.69 -40.47
CA ASP B 44 -37.70 44.23 -39.12
C ASP B 44 -36.73 45.37 -38.90
N ALA B 45 -37.21 46.60 -39.07
CA ALA B 45 -36.33 47.76 -38.92
C ALA B 45 -35.91 47.97 -37.47
N SER B 46 -36.89 48.17 -36.58
CA SER B 46 -36.56 48.34 -35.18
C SER B 46 -36.00 47.07 -34.58
N GLY B 47 -36.41 45.91 -35.09
CA GLY B 47 -35.76 44.67 -34.69
C GLY B 47 -34.28 44.71 -34.95
N MET B 48 -33.88 45.12 -36.16
CA MET B 48 -32.47 45.25 -36.46
C MET B 48 -31.81 46.32 -35.59
N ALA B 49 -32.51 47.40 -35.30
CA ALA B 49 -31.92 48.45 -34.46
C ALA B 49 -31.59 47.92 -33.07
N ILE B 50 -32.55 47.26 -32.43
CA ILE B 50 -32.31 46.71 -31.10
C ILE B 50 -31.27 45.62 -31.15
N ALA B 51 -31.31 44.78 -32.19
CA ALA B 51 -30.33 43.71 -32.29
C ALA B 51 -28.92 44.25 -32.42
N ASP B 52 -28.74 45.31 -33.19
CA ASP B 52 -27.41 45.91 -33.32
C ASP B 52 -26.98 46.61 -32.04
N SER B 53 -27.89 47.29 -31.35
CA SER B 53 -27.52 47.87 -30.06
C SER B 53 -27.07 46.79 -29.09
N LEU B 54 -27.78 45.67 -29.05
CA LEU B 54 -27.44 44.60 -28.11
C LEU B 54 -26.16 43.89 -28.53
N ARG B 55 -25.91 43.76 -29.82
CA ARG B 55 -24.64 43.17 -30.26
C ARG B 55 -23.48 44.07 -29.89
N SER B 56 -23.63 45.38 -30.07
CA SER B 56 -22.60 46.32 -29.64
C SER B 56 -22.37 46.23 -28.15
N GLN B 57 -23.43 46.14 -27.36
CA GLN B 57 -23.26 46.05 -25.92
C GLN B 57 -22.60 44.74 -25.52
N ALA B 58 -22.94 43.63 -26.18
CA ALA B 58 -22.31 42.36 -25.87
C ALA B 58 -20.83 42.40 -26.19
N ASN B 59 -20.45 42.97 -27.32
CA ASN B 59 -19.03 43.05 -27.66
C ASN B 59 -18.28 43.96 -26.71
N THR B 60 -18.88 45.09 -26.34
CA THR B 60 -18.21 45.99 -25.41
C THR B 60 -18.02 45.33 -24.06
N LEU B 61 -19.02 44.58 -23.59
CA LEU B 61 -18.87 43.89 -22.32
C LEU B 61 -17.84 42.77 -22.42
N GLY B 62 -17.80 42.08 -23.56
CA GLY B 62 -16.82 41.03 -23.74
C GLY B 62 -15.40 41.56 -23.74
N GLN B 63 -15.21 42.79 -24.22
CA GLN B 63 -13.88 43.39 -24.14
C GLN B 63 -13.61 43.96 -22.75
N ALA B 64 -14.65 44.43 -22.07
CA ALA B 64 -14.47 44.92 -20.71
C ALA B 64 -14.03 43.81 -19.77
N ILE B 65 -14.48 42.57 -20.02
CA ILE B 65 -14.01 41.45 -19.22
C ILE B 65 -12.50 41.32 -19.33
N SER B 66 -11.97 41.43 -20.55
CA SER B 66 -10.53 41.32 -20.72
C SER B 66 -9.80 42.49 -20.09
N ASN B 67 -10.36 43.70 -20.17
CA ASN B 67 -9.76 44.83 -19.48
C ASN B 67 -9.69 44.58 -17.98
N GLY B 68 -10.76 44.02 -17.40
CA GLY B 68 -10.74 43.70 -15.99
C GLY B 68 -9.70 42.66 -15.65
N ASN B 69 -9.56 41.64 -16.50
CA ASN B 69 -8.56 40.62 -16.25
C ASN B 69 -7.15 41.21 -16.29
N ASP B 70 -6.92 42.15 -17.21
CA ASP B 70 -5.61 42.80 -17.26
C ASP B 70 -5.36 43.61 -15.99
N ALA B 71 -6.37 44.34 -15.52
CA ALA B 71 -6.22 45.04 -14.25
C ALA B 71 -5.93 44.08 -13.11
N LEU B 72 -6.58 42.91 -13.11
CA LEU B 72 -6.31 41.91 -12.08
C LEU B 72 -4.87 41.45 -12.13
N GLY B 73 -4.36 41.17 -13.32
CA GLY B 73 -2.96 40.78 -13.44
C GLY B 73 -2.02 41.82 -12.90
N ILE B 74 -2.26 43.09 -13.26
CA ILE B 74 -1.40 44.17 -12.79
C ILE B 74 -1.41 44.25 -11.27
N LEU B 75 -2.59 44.21 -10.66
CA LEU B 75 -2.67 44.37 -9.22
C LEU B 75 -2.05 43.18 -8.49
N GLN B 76 -2.27 41.97 -9.00
CA GLN B 76 -1.64 40.80 -8.38
C GLN B 76 -0.13 40.91 -8.43
N THR B 77 0.41 41.32 -9.58
CA THR B 77 1.85 41.52 -9.69
C THR B 77 2.34 42.48 -8.63
N ALA B 78 1.67 43.63 -8.52
CA ALA B 78 2.10 44.65 -7.56
C ALA B 78 2.09 44.10 -6.13
N ASP B 79 1.05 43.37 -5.76
CA ASP B 79 0.94 42.91 -4.38
C ASP B 79 1.99 41.86 -4.06
N LYS B 80 2.09 40.83 -4.90
CA LYS B 80 3.10 39.81 -4.68
C LYS B 80 4.51 40.37 -4.75
N ALA B 81 4.69 41.53 -5.39
CA ALA B 81 5.98 42.20 -5.30
C ALA B 81 6.17 42.89 -3.96
N MET B 82 5.11 43.51 -3.43
CA MET B 82 5.23 44.19 -2.14
C MET B 82 5.55 43.22 -1.01
N ASP B 83 5.18 41.94 -1.20
CA ASP B 83 5.41 40.96 -0.14
C ASP B 83 6.88 40.92 0.29
N GLU B 84 7.79 40.90 -0.69
CA GLU B 84 9.20 40.80 -0.35
C GLU B 84 9.71 42.06 0.34
N GLN B 85 9.19 43.22 -0.04
CA GLN B 85 9.55 44.43 0.69
C GLN B 85 9.13 44.33 2.15
N LEU B 86 7.95 43.77 2.40
CA LEU B 86 7.53 43.58 3.78
C LEU B 86 8.51 42.70 4.54
N LYS B 87 8.90 41.58 3.95
CA LYS B 87 9.84 40.69 4.64
C LYS B 87 11.19 41.37 4.87
N ILE B 88 11.66 42.16 3.91
CA ILE B 88 12.92 42.86 4.07
C ILE B 88 12.84 43.85 5.22
N LEU B 89 11.74 44.60 5.30
CA LEU B 89 11.58 45.53 6.42
C LEU B 89 11.61 44.79 7.74
N ASP B 90 10.95 43.64 7.81
CA ASP B 90 11.03 42.82 9.01
C ASP B 90 12.48 42.52 9.36
N THR B 91 13.26 42.06 8.38
CA THR B 91 14.66 41.72 8.65
C THR B 91 15.44 42.93 9.14
N ILE B 92 15.16 44.10 8.57
CA ILE B 92 15.87 45.31 8.97
C ILE B 92 15.56 45.64 10.42
N LYS B 93 14.30 45.56 10.80
CA LYS B 93 13.94 45.82 12.20
C LYS B 93 14.61 44.82 13.13
N THR B 94 14.67 43.56 12.71
CA THR B 94 15.34 42.56 13.54
C THR B 94 16.81 42.88 13.71
N LYS B 95 17.47 43.34 12.66
CA LYS B 95 18.90 43.67 12.77
C LYS B 95 19.11 44.88 13.65
N ALA B 96 18.24 45.88 13.54
CA ALA B 96 18.33 47.02 14.43
C ALA B 96 18.18 46.59 15.88
N THR B 97 17.25 45.67 16.14
CA THR B 97 17.12 45.13 17.50
C THR B 97 18.39 44.41 17.93
N GLN B 98 19.00 43.65 17.02
CA GLN B 98 20.21 42.92 17.35
C GLN B 98 21.37 43.87 17.65
N ALA B 99 21.40 45.03 17.03
CA ALA B 99 22.47 45.99 17.27
C ALA B 99 22.18 46.90 18.45
N ALA B 100 20.94 47.00 18.88
CA ALA B 100 20.59 47.85 20.01
C ALA B 100 21.06 47.29 21.35
N GLN B 101 21.85 46.24 21.35
CA GLN B 101 22.46 45.75 22.58
C GLN B 101 23.85 46.34 22.73
N ASP B 102 24.38 46.29 23.95
CA ASP B 102 25.67 46.89 24.25
C ASP B 102 26.75 45.85 24.52
N GLY B 103 26.49 44.59 24.18
CA GLY B 103 27.54 43.61 24.14
C GLY B 103 28.28 43.58 22.82
N GLN B 104 27.97 44.50 21.92
CA GLN B 104 28.56 44.57 20.59
C GLN B 104 29.40 45.82 20.47
N SER B 105 30.44 45.76 19.66
CA SER B 105 31.33 46.91 19.48
C SER B 105 30.97 47.65 18.21
N LEU B 106 31.71 48.74 17.95
CA LEU B 106 31.42 49.57 16.78
C LEU B 106 31.62 48.79 15.49
N LYS B 107 32.59 47.87 15.46
CA LYS B 107 32.84 47.11 14.24
C LYS B 107 31.68 46.18 13.92
N THR B 108 31.16 45.49 14.93
CA THR B 108 30.01 44.62 14.68
C THR B 108 28.78 45.43 14.31
N ARG B 109 28.55 46.56 15.00
CA ARG B 109 27.46 47.44 14.59
C ARG B 109 27.64 47.88 13.15
N THR B 110 28.89 48.10 12.73
CA THR B 110 29.15 48.52 11.36
C THR B 110 28.83 47.40 10.38
N MET B 111 29.07 46.15 10.78
CA MET B 111 28.62 45.03 9.95
C MET B 111 27.11 45.04 9.82
N LEU B 112 26.40 45.27 10.92
CA LEU B 112 24.94 45.39 10.85
C LEU B 112 24.52 46.48 9.87
N GLN B 113 25.17 47.64 9.95
CA GLN B 113 24.78 48.75 9.09
C GLN B 113 25.09 48.45 7.64
N ALA B 114 26.23 47.82 7.38
CA ALA B 114 26.56 47.45 6.01
C ALA B 114 25.54 46.46 5.45
N ASP B 115 25.02 45.57 6.29
CA ASP B 115 24.02 44.63 5.81
C ASP B 115 22.70 45.34 5.54
N ILE B 116 22.29 46.22 6.45
CA ILE B 116 21.07 46.98 6.27
C ILE B 116 21.15 47.81 5.00
N ASN B 117 22.34 48.28 4.65
CA ASN B 117 22.50 49.04 3.42
C ASN B 117 22.14 48.21 2.21
N LYS B 118 22.66 46.98 2.13
CA LYS B 118 22.35 46.12 0.99
C LYS B 118 20.87 45.76 0.97
N LEU B 119 20.28 45.50 2.14
CA LEU B 119 18.88 45.14 2.18
C LEU B 119 18.01 46.29 1.68
N MET B 120 18.30 47.51 2.13
CA MET B 120 17.53 48.66 1.68
C MET B 120 17.76 48.93 0.20
N GLU B 121 18.98 48.71 -0.28
CA GLU B 121 19.24 48.78 -1.71
C GLU B 121 18.34 47.82 -2.47
N GLU B 122 18.19 46.60 -1.95
CA GLU B 122 17.33 45.63 -2.61
C GLU B 122 15.87 46.08 -2.60
N LEU B 123 15.42 46.63 -1.48
CA LEU B 123 14.05 47.14 -1.41
C LEU B 123 13.82 48.19 -2.49
N ASP B 124 14.70 49.18 -2.54
CA ASP B 124 14.61 50.21 -3.57
C ASP B 124 14.67 49.61 -4.96
N ASN B 125 15.43 48.53 -5.13
CA ASN B 125 15.52 47.90 -6.45
C ASN B 125 14.22 47.24 -6.84
N ILE B 126 13.57 46.55 -5.91
CA ILE B 126 12.25 46.01 -6.18
C ILE B 126 11.30 47.11 -6.59
N ALA B 127 11.32 48.22 -5.85
CA ALA B 127 10.44 49.34 -6.15
C ALA B 127 10.68 49.86 -7.57
N ASN B 128 11.91 50.20 -7.90
CA ASN B 128 12.24 50.76 -9.20
C ASN B 128 12.25 49.71 -10.31
N THR B 129 12.04 48.44 -9.99
CA THR B 129 12.11 47.39 -10.99
C THR B 129 10.75 46.86 -11.41
N THR B 130 9.87 46.56 -10.47
CA THR B 130 8.60 45.92 -10.83
C THR B 130 7.84 46.75 -11.85
N SER B 131 7.62 46.17 -13.03
CA SER B 131 6.94 46.88 -14.11
C SER B 131 6.17 45.89 -14.95
N PHE B 132 5.05 46.35 -15.52
CA PHE B 132 4.23 45.45 -16.34
C PHE B 132 4.76 45.33 -17.75
N ASN B 133 4.68 46.41 -18.53
CA ASN B 133 5.34 46.47 -19.84
C ASN B 133 5.93 47.85 -20.04
N GLY B 134 6.57 48.36 -18.99
CA GLY B 134 7.09 49.72 -18.95
C GLY B 134 6.45 50.56 -17.86
N LYS B 135 5.15 50.38 -17.62
CA LYS B 135 4.48 51.06 -16.54
C LYS B 135 5.05 50.58 -15.22
N GLN B 136 5.82 51.44 -14.56
CA GLN B 136 6.37 51.08 -13.27
C GLN B 136 5.25 51.10 -12.22
N LEU B 137 5.03 49.96 -11.58
CA LEU B 137 3.91 49.86 -10.64
C LEU B 137 4.27 50.46 -9.29
N LEU B 138 5.26 49.89 -8.63
CA LEU B 138 5.61 50.29 -7.26
C LEU B 138 6.64 51.40 -7.24
N SER B 139 6.39 52.49 -7.96
CA SER B 139 7.38 53.55 -8.03
C SER B 139 6.80 54.90 -7.65
N GLY B 140 5.55 55.15 -8.04
CA GLY B 140 4.91 56.40 -7.70
C GLY B 140 4.14 56.98 -8.86
N ASN B 141 4.48 56.56 -10.09
CA ASN B 141 3.84 57.08 -11.29
C ASN B 141 2.74 56.16 -11.81
N PHE B 142 2.04 55.48 -10.92
CA PHE B 142 0.87 54.69 -11.28
C PHE B 142 -0.38 55.27 -10.64
N THR B 143 -0.51 56.59 -10.69
CA THR B 143 -1.61 57.29 -10.07
C THR B 143 -2.69 57.61 -11.09
N ASN B 144 -3.95 57.44 -10.68
CA ASN B 144 -5.11 57.80 -11.48
C ASN B 144 -5.10 57.08 -12.83
N GLN B 145 -5.06 55.76 -12.76
CA GLN B 145 -5.17 54.92 -13.95
C GLN B 145 -6.54 54.25 -13.99
N GLU B 146 -7.18 54.30 -15.15
CA GLU B 146 -8.52 53.77 -15.31
C GLU B 146 -8.50 52.49 -16.12
N PHE B 147 -9.59 51.73 -16.01
CA PHE B 147 -9.76 50.47 -16.72
C PHE B 147 -11.22 50.37 -17.12
N GLN B 148 -11.52 50.74 -18.35
CA GLN B 148 -12.88 50.70 -18.87
C GLN B 148 -13.50 49.33 -18.68
N ILE B 149 -14.58 49.26 -17.91
CA ILE B 149 -15.25 47.99 -17.63
C ILE B 149 -16.76 48.09 -17.85
N GLY B 150 -17.21 49.04 -18.67
CA GLY B 150 -18.62 49.26 -18.84
C GLY B 150 -19.01 49.33 -20.30
N ALA B 151 -20.30 49.10 -20.54
CA ALA B 151 -20.80 49.13 -21.91
C ALA B 151 -20.79 50.54 -22.49
N SER B 152 -21.01 51.56 -21.65
CA SER B 152 -21.04 52.93 -22.10
C SER B 152 -19.63 53.53 -21.96
N SER B 153 -19.53 54.85 -22.04
CA SER B 153 -18.23 55.49 -22.23
C SER B 153 -17.36 55.42 -20.98
N ASN B 154 -17.83 55.99 -19.88
CA ASN B 154 -16.95 56.33 -18.76
C ASN B 154 -17.26 55.56 -17.50
N GLN B 155 -17.49 54.25 -17.62
CA GLN B 155 -17.56 53.38 -16.46
C GLN B 155 -16.20 52.72 -16.28
N THR B 156 -15.55 52.98 -15.15
CA THR B 156 -14.20 52.48 -14.97
C THR B 156 -13.84 52.49 -13.49
N VAL B 157 -12.88 51.65 -13.14
CA VAL B 157 -12.26 51.66 -11.84
C VAL B 157 -10.98 52.49 -11.93
N LYS B 158 -10.44 52.87 -10.78
CA LYS B 158 -9.25 53.72 -10.75
C LYS B 158 -8.27 53.19 -9.73
N ALA B 159 -7.04 52.93 -10.16
CA ALA B 159 -5.99 52.39 -9.31
C ALA B 159 -4.89 53.43 -9.18
N THR B 160 -4.47 53.70 -7.93
CA THR B 160 -3.52 54.76 -7.62
C THR B 160 -2.46 54.26 -6.65
N ILE B 161 -1.83 53.13 -6.96
CA ILE B 161 -0.80 52.55 -6.11
C ILE B 161 0.20 53.61 -5.71
N GLY B 162 0.42 53.76 -4.40
CA GLY B 162 1.31 54.77 -3.89
C GLY B 162 2.77 54.43 -4.13
N ALA B 163 3.64 55.35 -3.73
CA ALA B 163 5.07 55.19 -3.90
C ALA B 163 5.66 54.45 -2.72
N THR B 164 6.57 53.52 -2.99
CA THR B 164 7.08 52.62 -1.98
C THR B 164 8.60 52.54 -2.00
N GLN B 165 9.26 53.59 -2.45
CA GLN B 165 10.71 53.58 -2.49
C GLN B 165 11.27 53.82 -1.10
N SER B 166 12.52 53.41 -0.91
CA SER B 166 13.14 53.47 0.40
C SER B 166 13.41 54.89 0.88
N SER B 167 13.08 55.90 0.10
CA SER B 167 13.24 57.29 0.51
C SER B 167 11.93 57.93 0.89
N LYS B 168 10.81 57.21 0.79
CA LYS B 168 9.51 57.79 1.05
C LYS B 168 8.65 57.01 2.02
N ILE B 169 9.11 55.86 2.50
CA ILE B 169 8.23 55.04 3.33
C ILE B 169 8.41 55.36 4.80
N GLY B 170 9.59 55.13 5.34
CA GLY B 170 9.74 55.21 6.78
C GLY B 170 10.06 56.62 7.24
N VAL B 171 9.05 57.36 7.66
CA VAL B 171 9.22 58.77 8.05
C VAL B 171 8.64 58.91 9.45
N THR B 172 9.48 58.75 10.47
CA THR B 172 9.06 59.00 11.84
C THR B 172 9.21 60.48 12.15
N ARG B 173 8.60 60.89 13.26
CA ARG B 173 8.70 62.25 13.74
C ARG B 173 9.29 62.23 15.14
N PHE B 174 10.38 62.93 15.34
CA PHE B 174 11.04 63.02 16.62
C PHE B 174 10.90 64.42 17.19
N GLU B 175 10.79 64.50 18.52
CA GLU B 175 10.81 65.77 19.21
C GLU B 175 11.64 65.58 20.48
N THR B 176 12.03 66.71 21.07
CA THR B 176 12.77 66.67 22.32
C THR B 176 12.85 68.06 22.95
N GLY B 177 12.52 68.17 24.23
CA GLY B 177 12.54 69.46 24.88
C GLY B 177 13.87 69.79 25.52
N ALA B 178 14.08 71.06 25.79
CA ALA B 178 15.30 71.50 26.45
C ALA B 178 15.38 70.92 27.85
N GLN B 179 16.59 70.88 28.38
CA GLN B 179 16.81 70.31 29.71
C GLN B 179 16.04 71.11 30.75
N SER B 180 15.14 70.45 31.45
CA SER B 180 14.25 71.12 32.38
C SER B 180 14.88 71.22 33.75
N PHE B 181 14.89 72.43 34.31
CA PHE B 181 15.43 72.67 35.64
C PHE B 181 14.37 72.95 36.69
N THR B 182 13.13 73.19 36.30
CA THR B 182 12.07 73.55 37.22
C THR B 182 11.15 72.36 37.47
N SER B 183 10.51 72.37 38.64
CA SER B 183 9.58 71.34 39.04
C SER B 183 8.16 71.88 38.93
N GLY B 184 7.19 71.09 39.37
CA GLY B 184 5.80 71.51 39.37
C GLY B 184 4.89 70.52 38.69
N VAL B 185 3.63 70.48 39.15
CA VAL B 185 2.65 69.57 38.58
C VAL B 185 2.36 69.98 37.15
N VAL B 186 2.47 69.02 36.22
CA VAL B 186 2.34 69.28 34.80
C VAL B 186 1.16 68.52 34.24
N GLY B 187 0.34 69.21 33.46
CA GLY B 187 -0.72 68.56 32.71
C GLY B 187 -0.46 68.65 31.23
N LEU B 188 -0.11 67.51 30.62
CA LEU B 188 0.18 67.50 29.20
C LEU B 188 -1.12 67.50 28.40
N THR B 189 -1.02 67.89 27.13
CA THR B 189 -2.19 67.91 26.26
C THR B 189 -1.71 67.92 24.82
N ILE B 190 -2.04 66.87 24.09
CA ILE B 190 -1.78 66.85 22.66
C ILE B 190 -3.01 67.37 21.93
N LYS B 191 -2.79 68.34 21.04
CA LYS B 191 -3.88 68.96 20.31
C LYS B 191 -4.08 68.25 18.98
N ASN B 192 -5.34 68.03 18.63
CA ASN B 192 -5.71 67.36 17.38
C ASN B 192 -5.01 66.02 17.25
N TYR B 193 -5.31 65.13 18.19
CA TYR B 193 -4.68 63.82 18.21
C TYR B 193 -5.32 62.85 17.24
N ASN B 194 -6.52 63.13 16.76
CA ASN B 194 -7.21 62.24 15.84
C ASN B 194 -7.90 62.97 14.71
N GLY B 195 -7.63 64.24 14.49
CA GLY B 195 -8.26 65.00 13.43
C GLY B 195 -9.52 65.70 13.84
N ILE B 196 -10.04 65.44 15.04
CA ILE B 196 -11.30 66.05 15.46
C ILE B 196 -11.12 66.82 16.76
N GLU B 197 -10.74 66.13 17.82
CA GLU B 197 -10.69 66.70 19.16
C GLU B 197 -9.29 66.62 19.72
N ASP B 198 -9.14 67.10 20.95
CA ASP B 198 -7.84 67.15 21.62
C ASP B 198 -7.64 65.87 22.45
N PHE B 199 -6.61 65.88 23.29
CA PHE B 199 -6.31 64.73 24.13
C PHE B 199 -5.52 65.26 25.33
N LYS B 200 -6.11 65.18 26.51
CA LYS B 200 -5.49 65.68 27.73
C LYS B 200 -5.12 64.52 28.63
N PHE B 201 -3.84 64.47 29.01
CA PHE B 201 -3.40 63.49 29.99
C PHE B 201 -3.77 63.97 31.39
N ASP B 202 -3.23 63.29 32.38
CA ASP B 202 -3.49 63.65 33.77
C ASP B 202 -2.37 64.53 34.31
N ASN B 203 -2.67 65.26 35.37
CA ASN B 203 -1.65 66.02 36.05
C ASN B 203 -0.64 65.07 36.68
N VAL B 204 0.64 65.31 36.42
CA VAL B 204 1.72 64.46 36.92
C VAL B 204 2.66 65.31 37.75
N VAL B 205 3.10 64.78 38.88
CA VAL B 205 4.07 65.46 39.73
C VAL B 205 5.45 65.22 39.15
N ILE B 206 6.44 66.00 39.59
CA ILE B 206 7.75 65.93 38.97
C ILE B 206 8.89 65.69 39.96
N SER B 207 8.89 66.40 41.09
CA SER B 207 10.15 66.88 41.64
C SER B 207 11.19 65.81 41.95
N THR B 208 11.06 65.07 43.04
CA THR B 208 12.15 64.18 43.42
C THR B 208 11.73 62.87 44.06
N SER B 209 10.45 62.59 44.20
CA SER B 209 10.02 61.45 44.98
C SER B 209 9.93 60.21 44.10
N VAL B 210 9.44 59.12 44.67
CA VAL B 210 9.43 57.84 43.97
C VAL B 210 8.48 57.90 42.77
N GLY B 211 7.21 58.17 43.02
CA GLY B 211 6.24 58.20 41.95
C GLY B 211 6.16 59.54 41.27
N THR B 212 7.32 60.13 40.99
CA THR B 212 7.35 61.44 40.35
C THR B 212 8.40 61.45 39.24
N GLY B 213 8.45 62.53 38.48
CA GLY B 213 9.53 62.72 37.53
C GLY B 213 9.18 62.34 36.11
N LEU B 214 10.18 62.53 35.26
CA LEU B 214 10.02 62.22 33.85
C LEU B 214 9.72 60.74 33.63
N GLY B 215 10.15 59.88 34.55
CA GLY B 215 9.74 58.49 34.47
C GLY B 215 8.24 58.31 34.62
N ALA B 216 7.64 59.00 35.59
CA ALA B 216 6.20 58.96 35.75
C ALA B 216 5.50 59.54 34.54
N LEU B 217 6.01 60.66 34.01
CA LEU B 217 5.36 61.25 32.84
C LEU B 217 5.46 60.32 31.64
N ALA B 218 6.60 59.64 31.46
CA ALA B 218 6.74 58.72 30.35
C ALA B 218 5.83 57.51 30.52
N GLU B 219 5.67 57.02 31.74
CA GLU B 219 4.68 55.97 31.97
C GLU B 219 3.29 56.43 31.55
N GLU B 220 2.89 57.61 32.01
CA GLU B 220 1.55 58.11 31.70
C GLU B 220 1.36 58.32 30.21
N ILE B 221 2.42 58.70 29.50
CA ILE B 221 2.29 58.93 28.06
C ILE B 221 2.23 57.62 27.30
N ASN B 222 3.10 56.67 27.66
CA ASN B 222 3.12 55.40 26.94
C ASN B 222 1.89 54.56 27.24
N LYS B 223 1.26 54.78 28.39
CA LYS B 223 0.05 54.02 28.71
C LYS B 223 -1.01 54.21 27.64
N SER B 224 -1.24 55.46 27.24
CA SER B 224 -2.19 55.78 26.18
C SER B 224 -1.47 55.96 24.84
N ALA B 225 -0.76 54.92 24.43
CA ALA B 225 0.03 55.00 23.21
C ALA B 225 -0.77 54.67 21.96
N ASP B 226 -1.66 53.69 22.01
CA ASP B 226 -2.36 53.25 20.81
C ASP B 226 -3.32 54.29 20.26
N LYS B 227 -3.82 55.20 21.10
CA LYS B 227 -4.81 56.16 20.64
C LYS B 227 -4.19 57.44 20.10
N THR B 228 -2.99 57.80 20.57
CA THR B 228 -2.34 59.02 20.11
C THR B 228 -1.23 58.75 19.10
N GLY B 229 -0.51 57.65 19.23
CA GLY B 229 0.61 57.39 18.36
C GLY B 229 1.86 58.13 18.76
N VAL B 230 2.01 58.44 20.05
CA VAL B 230 3.12 59.25 20.54
C VAL B 230 3.73 58.49 21.72
N ARG B 231 4.80 57.75 21.46
CA ARG B 231 5.54 57.08 22.51
C ARG B 231 6.66 57.99 23.00
N ALA B 232 6.99 57.86 24.27
CA ALA B 232 7.92 58.78 24.90
C ALA B 232 8.96 58.01 25.70
N THR B 233 10.10 58.67 25.90
CA THR B 233 11.18 58.16 26.73
C THR B 233 11.80 59.34 27.47
N TYR B 234 12.87 59.10 28.20
CA TYR B 234 13.49 60.15 28.99
C TYR B 234 14.98 59.92 29.08
N ASP B 235 15.69 60.90 29.65
CA ASP B 235 17.11 60.79 29.88
C ASP B 235 17.46 61.83 30.94
N VAL B 236 17.88 61.38 32.11
CA VAL B 236 18.11 62.26 33.26
C VAL B 236 19.57 62.11 33.67
N LYS B 237 20.40 63.06 33.26
CA LYS B 237 21.81 63.05 33.63
C LYS B 237 22.23 64.48 33.94
N THR B 238 23.15 64.60 34.90
CA THR B 238 23.76 65.88 35.25
C THR B 238 25.26 65.68 35.12
N THR B 239 25.79 65.87 33.92
CA THR B 239 27.20 65.65 33.63
C THR B 239 27.95 66.96 33.72
N GLY B 240 29.17 66.91 34.26
CA GLY B 240 29.96 68.09 34.44
C GLY B 240 30.70 68.50 33.18
N VAL B 241 31.54 69.52 33.33
CA VAL B 241 32.44 69.99 32.29
C VAL B 241 33.82 70.17 32.92
N TYR B 242 34.81 70.47 32.08
CA TYR B 242 36.19 70.66 32.53
C TYR B 242 36.58 69.52 33.49
N ALA B 243 36.79 68.36 32.86
CA ALA B 243 36.42 67.06 33.42
C ALA B 243 36.45 66.96 34.93
N ILE B 244 37.58 67.21 35.58
CA ILE B 244 37.59 67.18 37.05
C ILE B 244 38.86 67.77 37.61
N LYS B 245 38.75 68.42 38.77
CA LYS B 245 39.90 68.94 39.49
C LYS B 245 39.82 68.53 40.95
N GLU B 246 40.74 69.01 41.77
CA GLU B 246 40.78 68.64 43.18
C GLU B 246 40.00 69.66 44.00
N GLY B 247 39.21 69.16 44.95
CA GLY B 247 38.42 70.02 45.81
C GLY B 247 37.63 69.19 46.78
N THR B 248 36.86 69.87 47.61
CA THR B 248 36.04 69.22 48.63
C THR B 248 34.60 69.68 48.52
N THR B 249 33.71 68.89 49.08
CA THR B 249 32.29 69.21 49.12
C THR B 249 31.95 69.92 50.42
N SER B 250 30.83 70.64 50.41
CA SER B 250 30.40 71.33 51.60
C SER B 250 30.07 70.36 52.71
N GLN B 251 30.05 70.86 53.95
CA GLN B 251 29.79 70.02 55.09
C GLN B 251 28.36 69.48 55.08
N ASP B 252 27.47 70.10 54.33
CA ASP B 252 26.08 69.68 54.22
C ASP B 252 25.73 69.36 52.78
N PHE B 253 26.66 68.74 52.06
CA PHE B 253 26.40 68.32 50.69
C PHE B 253 25.34 67.24 50.68
N ALA B 254 24.19 67.55 50.11
CA ALA B 254 23.05 66.64 50.09
C ALA B 254 22.52 66.51 48.68
N ILE B 255 21.80 65.41 48.44
CA ILE B 255 21.28 65.12 47.10
C ILE B 255 19.93 64.42 47.25
N ASN B 256 18.92 64.94 46.56
CA ASN B 256 17.56 64.42 46.60
C ASN B 256 17.02 64.30 48.02
N GLY B 257 17.53 65.11 48.94
CA GLY B 257 16.99 65.17 50.28
C GLY B 257 17.77 64.43 51.33
N VAL B 258 18.70 63.57 50.94
CA VAL B 258 19.55 62.84 51.88
C VAL B 258 20.90 63.54 51.94
N THR B 259 21.45 63.65 53.14
CA THR B 259 22.70 64.38 53.36
C THR B 259 23.87 63.41 53.27
N ILE B 260 24.89 63.79 52.50
CA ILE B 260 26.04 62.93 52.29
C ILE B 260 27.18 63.33 53.20
N GLY B 261 27.63 64.57 53.10
CA GLY B 261 28.68 65.08 53.95
C GLY B 261 29.88 65.55 53.15
N LYS B 262 30.97 65.80 53.86
CA LYS B 262 32.18 66.33 53.23
C LYS B 262 33.03 65.21 52.68
N ILE B 263 33.37 65.31 51.40
CA ILE B 263 34.22 64.34 50.71
C ILE B 263 35.35 65.11 50.06
N GLU B 264 36.59 64.80 50.43
CA GLU B 264 37.75 65.38 49.76
C GLU B 264 38.15 64.49 48.60
N TYR B 265 37.98 64.98 47.38
CA TYR B 265 38.31 64.22 46.18
C TYR B 265 39.63 64.72 45.60
N LYS B 266 40.36 63.82 44.97
CA LYS B 266 41.70 64.10 44.48
C LYS B 266 41.63 64.90 43.18
N ASP B 267 42.78 65.04 42.52
CA ASP B 267 42.85 65.85 41.30
C ASP B 267 41.97 65.26 40.20
N GLY B 268 42.32 64.07 39.74
CA GLY B 268 41.52 63.42 38.72
C GLY B 268 40.54 62.44 39.33
N ASP B 269 40.29 62.61 40.63
CA ASP B 269 39.50 61.65 41.42
C ASP B 269 40.15 60.27 41.38
N GLY B 270 41.46 60.24 41.60
CA GLY B 270 42.15 58.96 41.67
C GLY B 270 41.63 58.07 42.79
N ASN B 271 41.20 58.68 43.89
CA ASN B 271 40.67 57.89 44.99
C ASN B 271 39.35 57.21 44.63
N GLY B 272 38.60 57.78 43.69
CA GLY B 272 37.25 57.31 43.48
C GLY B 272 36.36 57.48 44.68
N SER B 273 36.81 58.25 45.67
CA SER B 273 36.04 58.41 46.90
C SER B 273 34.74 59.15 46.65
N LEU B 274 34.75 60.13 45.75
CA LEU B 274 33.52 60.86 45.45
C LEU B 274 32.45 59.92 44.89
N ILE B 275 32.82 59.14 43.86
CA ILE B 275 31.86 58.22 43.27
C ILE B 275 31.42 57.18 44.27
N SER B 276 32.36 56.67 45.08
CA SER B 276 31.99 55.67 46.08
C SER B 276 31.00 56.24 47.08
N ALA B 277 31.26 57.44 47.59
CA ALA B 277 30.37 58.03 48.58
C ALA B 277 28.99 58.31 48.00
N ILE B 278 28.93 58.87 46.79
CA ILE B 278 27.63 59.16 46.20
C ILE B 278 26.87 57.88 45.93
N ASN B 279 27.57 56.84 45.46
CA ASN B 279 26.91 55.57 45.18
C ASN B 279 26.53 54.81 46.43
N ALA B 280 27.10 55.14 47.58
CA ALA B 280 26.71 54.48 48.82
C ALA B 280 25.24 54.63 49.14
N VAL B 281 24.54 55.56 48.51
CA VAL B 281 23.12 55.79 48.78
C VAL B 281 22.34 55.77 47.48
N LYS B 282 22.81 54.99 46.50
CA LYS B 282 22.17 54.97 45.19
C LYS B 282 20.73 54.47 45.30
N ASP B 283 20.50 53.47 46.13
CA ASP B 283 19.17 52.88 46.24
C ASP B 283 18.26 53.65 47.19
N THR B 284 18.77 54.66 47.89
CA THR B 284 17.92 55.53 48.68
C THR B 284 17.56 56.80 47.93
N THR B 285 18.51 57.35 47.16
CA THR B 285 18.20 58.53 46.37
C THR B 285 17.58 58.18 45.03
N GLY B 286 18.29 57.39 44.23
CA GLY B 286 17.95 57.18 42.84
C GLY B 286 18.98 57.72 41.89
N VAL B 287 20.17 58.08 42.37
CA VAL B 287 21.22 58.65 41.56
C VAL B 287 22.41 57.71 41.61
N GLN B 288 22.94 57.37 40.45
CA GLN B 288 24.07 56.44 40.32
C GLN B 288 25.22 57.22 39.72
N ALA B 289 26.21 57.55 40.55
CA ALA B 289 27.35 58.32 40.08
C ALA B 289 28.27 57.47 39.24
N SER B 290 29.00 58.12 38.35
CA SER B 290 29.90 57.42 37.44
C SER B 290 30.93 58.42 36.92
N LYS B 291 32.05 57.88 36.46
CA LYS B 291 33.13 58.68 35.90
C LYS B 291 33.18 58.46 34.40
N ASP B 292 33.08 59.54 33.64
CA ASP B 292 33.04 59.44 32.19
C ASP B 292 34.41 59.00 31.66
N GLU B 293 34.49 58.86 30.33
CA GLU B 293 35.76 58.46 29.72
C GLU B 293 36.76 59.60 29.77
N ASN B 294 36.35 60.80 29.37
CA ASN B 294 37.23 61.96 29.37
C ASN B 294 37.51 62.48 30.77
N GLY B 295 37.04 61.81 31.81
CA GLY B 295 37.28 62.22 33.17
C GLY B 295 36.17 63.04 33.80
N LYS B 296 35.15 63.41 33.03
CA LYS B 296 34.06 64.19 33.59
C LYS B 296 33.24 63.33 34.56
N LEU B 297 32.50 64.00 35.42
CA LEU B 297 31.65 63.35 36.41
C LEU B 297 30.24 63.26 35.88
N VAL B 298 29.62 62.10 35.99
CA VAL B 298 28.29 61.84 35.47
C VAL B 298 27.40 61.38 36.60
N LEU B 299 26.26 62.06 36.77
CA LEU B 299 25.25 61.70 37.76
C LEU B 299 23.98 61.32 37.01
N THR B 300 23.76 60.03 36.83
CA THR B 300 22.60 59.54 36.12
C THR B 300 21.54 59.08 37.10
N SER B 301 20.31 58.97 36.59
CA SER B 301 19.18 58.47 37.37
C SER B 301 18.40 57.50 36.52
N ALA B 302 18.25 56.27 37.01
CA ALA B 302 17.67 55.22 36.18
C ALA B 302 16.18 55.42 36.00
N ASP B 303 15.42 55.47 37.09
CA ASP B 303 13.97 55.55 37.02
C ASP B 303 13.46 56.96 36.75
N GLY B 304 14.32 57.88 36.31
CA GLY B 304 13.91 59.21 35.92
C GLY B 304 13.15 59.98 36.98
N ARG B 305 13.79 60.24 38.12
CA ARG B 305 13.15 61.00 39.18
C ARG B 305 13.70 62.41 39.33
N GLY B 306 14.82 62.73 38.68
CA GLY B 306 15.36 64.07 38.76
C GLY B 306 16.40 64.23 39.86
N ILE B 307 17.53 64.83 39.51
CA ILE B 307 18.61 65.06 40.47
C ILE B 307 18.51 66.48 40.98
N LYS B 308 18.57 66.64 42.30
CA LYS B 308 18.59 67.95 42.93
C LYS B 308 19.54 67.90 44.12
N ILE B 309 20.62 68.67 44.05
CA ILE B 309 21.57 68.74 45.15
C ILE B 309 21.39 70.08 45.86
N THR B 310 21.56 70.08 47.17
CA THR B 310 21.32 71.27 47.98
C THR B 310 22.61 71.93 48.43
N GLY B 311 23.49 71.19 49.09
CA GLY B 311 24.73 71.75 49.56
C GLY B 311 25.68 72.08 48.42
N ASP B 312 26.80 72.67 48.79
CA ASP B 312 27.83 73.01 47.81
C ASP B 312 28.58 71.74 47.45
N ILE B 313 28.32 71.22 46.24
CA ILE B 313 29.04 70.05 45.76
C ILE B 313 30.52 70.33 45.65
N GLY B 314 30.90 71.59 45.49
CA GLY B 314 32.30 71.93 45.37
C GLY B 314 32.69 72.09 43.93
N VAL B 315 32.82 73.33 43.47
CA VAL B 315 33.30 73.58 42.11
C VAL B 315 34.68 72.98 41.98
N GLY B 316 34.93 72.32 40.87
CA GLY B 316 36.13 71.52 40.73
C GLY B 316 35.70 70.11 40.41
N SER B 317 34.49 69.76 40.84
CA SER B 317 33.83 68.56 40.37
C SER B 317 33.25 68.74 38.98
N GLY B 318 33.20 69.97 38.48
CA GLY B 318 32.73 70.24 37.15
C GLY B 318 31.25 70.51 37.01
N ILE B 319 30.50 70.49 38.11
CA ILE B 319 29.06 70.70 38.08
C ILE B 319 28.81 72.15 38.47
N LEU B 320 28.43 72.97 37.50
CA LEU B 320 28.17 74.38 37.76
C LEU B 320 26.96 74.54 38.68
N ALA B 321 26.83 75.73 39.26
CA ALA B 321 25.69 76.02 40.11
C ALA B 321 24.39 76.17 39.32
N ASN B 322 24.44 76.10 38.00
CA ASN B 322 23.24 76.15 37.18
C ASN B 322 22.65 74.77 36.90
N GLN B 323 23.28 73.71 37.42
CA GLN B 323 22.83 72.35 37.19
C GLN B 323 22.35 71.66 38.45
N LYS B 324 22.33 72.36 39.59
CA LYS B 324 21.98 71.71 40.84
C LYS B 324 20.53 71.21 40.83
N GLU B 325 19.68 71.78 39.99
CA GLU B 325 18.29 71.37 39.86
C GLU B 325 18.08 70.84 38.46
N ASN B 326 18.10 69.51 38.30
CA ASN B 326 17.95 68.88 37.01
C ASN B 326 16.81 67.88 37.03
N TYR B 327 16.06 67.82 35.93
CA TYR B 327 15.01 66.82 35.79
C TYR B 327 15.02 66.16 34.42
N GLY B 328 16.15 66.13 33.74
CA GLY B 328 16.24 65.41 32.50
C GLY B 328 15.40 66.03 31.39
N ARG B 329 15.21 65.24 30.34
CA ARG B 329 14.53 65.70 29.14
C ARG B 329 13.52 64.67 28.66
N LEU B 330 12.37 65.14 28.22
CA LEU B 330 11.38 64.29 27.59
C LEU B 330 11.72 64.16 26.11
N SER B 331 11.31 63.02 25.52
CA SER B 331 11.64 62.74 24.12
C SER B 331 10.45 62.00 23.50
N LEU B 332 9.58 62.75 22.83
CA LEU B 332 8.46 62.14 22.14
C LEU B 332 8.91 61.62 20.79
N VAL B 333 8.27 60.54 20.35
CA VAL B 333 8.56 59.91 19.07
C VAL B 333 7.23 59.46 18.46
N LYS B 334 6.76 60.19 17.46
CA LYS B 334 5.57 59.77 16.75
C LYS B 334 5.95 58.69 15.75
N ASN B 335 5.01 58.30 14.89
CA ASN B 335 5.34 57.38 13.81
C ASN B 335 4.61 57.79 12.55
N ASP B 336 4.38 59.08 12.37
CA ASP B 336 3.58 59.57 11.26
C ASP B 336 4.23 60.67 10.44
N GLY B 337 5.05 61.52 11.02
CA GLY B 337 5.70 62.57 10.26
C GLY B 337 5.09 63.95 10.37
N ARG B 338 3.99 64.10 11.12
CA ARG B 338 3.42 65.41 11.40
C ARG B 338 3.99 65.96 12.69
N ASP B 339 4.06 67.28 12.79
CA ASP B 339 4.54 67.90 14.00
C ASP B 339 3.61 67.60 15.16
N ILE B 340 4.16 67.03 16.23
CA ILE B 340 3.39 66.81 17.44
C ILE B 340 3.03 68.18 18.01
N ASN B 341 1.74 68.51 18.00
CA ASN B 341 1.29 69.82 18.46
C ASN B 341 0.91 69.71 19.92
N ILE B 342 1.85 70.10 20.77
CA ILE B 342 1.67 69.98 22.21
C ILE B 342 1.31 71.35 22.79
N SER B 343 0.27 71.38 23.63
CA SER B 343 -0.09 72.61 24.34
C SER B 343 -0.71 72.21 25.68
N GLY B 344 0.11 72.16 26.70
CA GLY B 344 -0.33 71.76 28.03
C GLY B 344 -0.80 72.93 28.86
N THR B 345 -0.64 72.78 30.18
CA THR B 345 -1.00 73.83 31.12
C THR B 345 0.18 74.39 31.87
N ASN B 346 1.10 73.55 32.33
CA ASN B 346 2.29 73.98 33.07
C ASN B 346 3.47 73.25 32.41
N LEU B 347 3.99 73.83 31.33
CA LEU B 347 4.91 73.12 30.45
C LEU B 347 6.37 73.40 30.73
N SER B 348 6.72 74.51 31.38
CA SER B 348 8.12 74.78 31.66
C SER B 348 8.75 73.74 32.57
N ALA B 349 7.96 72.82 33.13
CA ALA B 349 8.51 71.79 34.00
C ALA B 349 9.10 70.65 33.20
N ILE B 350 8.52 70.32 32.03
CA ILE B 350 9.07 69.29 31.18
C ILE B 350 10.04 69.84 30.15
N GLY B 351 10.28 71.14 30.16
CA GLY B 351 11.18 71.73 29.19
C GLY B 351 10.56 72.01 27.85
N MET B 352 9.24 72.19 27.79
CA MET B 352 8.57 72.51 26.54
C MET B 352 7.66 73.72 26.69
N GLY B 353 8.00 74.61 27.61
CA GLY B 353 7.26 75.85 27.76
C GLY B 353 7.55 76.80 26.61
N THR B 354 6.85 77.94 26.65
CA THR B 354 6.97 78.92 25.58
C THR B 354 8.33 79.61 25.56
N THR B 355 9.21 79.33 26.51
CA THR B 355 10.53 79.94 26.57
C THR B 355 11.64 78.92 26.44
N ASP B 356 11.31 77.68 26.08
CA ASP B 356 12.27 76.59 26.03
C ASP B 356 12.57 76.24 24.58
N MET B 357 13.85 76.09 24.27
CA MET B 357 14.28 75.79 22.91
C MET B 357 14.26 74.29 22.72
N ILE B 358 13.25 73.79 22.03
CA ILE B 358 13.13 72.37 21.74
C ILE B 358 13.62 72.12 20.32
N SER B 359 13.83 70.85 19.99
CA SER B 359 14.30 70.47 18.66
C SER B 359 13.43 69.34 18.14
N GLN B 360 13.04 69.44 16.88
CA GLN B 360 12.16 68.46 16.27
C GLN B 360 12.54 68.29 14.81
N SER B 361 12.40 67.07 14.32
CA SER B 361 12.72 66.76 12.92
C SER B 361 12.16 65.39 12.59
N SER B 362 11.85 65.20 11.31
CA SER B 362 11.34 63.95 10.80
C SER B 362 12.40 63.31 9.91
N VAL B 363 12.62 62.02 10.09
CA VAL B 363 13.72 61.30 9.45
C VAL B 363 13.15 60.26 8.51
N SER B 364 13.68 60.21 7.29
CA SER B 364 13.27 59.20 6.33
C SER B 364 14.08 57.93 6.54
N LEU B 365 13.57 56.82 6.01
CA LEU B 365 14.28 55.56 6.13
C LEU B 365 15.65 55.64 5.47
N ARG B 366 15.70 56.15 4.24
CA ARG B 366 16.98 56.33 3.58
C ARG B 366 17.86 57.31 4.34
N GLU B 367 17.27 58.40 4.82
CA GLU B 367 18.02 59.35 5.63
C GLU B 367 18.65 58.70 6.84
N SER B 368 18.05 57.64 7.37
CA SER B 368 18.64 56.94 8.50
C SER B 368 19.89 56.16 8.11
N LYS B 369 20.19 56.08 6.81
CA LYS B 369 21.31 55.27 6.35
C LYS B 369 22.62 56.03 6.30
N GLY B 370 22.57 57.36 6.30
CA GLY B 370 23.76 58.17 6.23
C GLY B 370 24.25 58.61 7.59
N GLN B 371 25.07 59.66 7.59
CA GLN B 371 25.59 60.21 8.83
C GLN B 371 24.56 61.13 9.46
N ILE B 372 24.23 60.86 10.73
CA ILE B 372 23.18 61.62 11.41
C ILE B 372 23.69 63.02 11.69
N SER B 373 22.96 64.02 11.21
CA SER B 373 23.30 65.41 11.47
C SER B 373 23.25 65.70 12.96
N ALA B 374 23.76 66.87 13.34
CA ALA B 374 23.78 67.23 14.75
C ALA B 374 22.38 67.55 15.26
N THR B 375 21.61 68.34 14.50
CA THR B 375 20.26 68.66 14.90
C THR B 375 19.39 67.40 14.91
N ASN B 376 19.49 66.59 13.85
CA ASN B 376 18.72 65.36 13.82
C ASN B 376 19.11 64.45 14.97
N ALA B 377 20.39 64.42 15.34
CA ALA B 377 20.81 63.61 16.48
C ALA B 377 20.19 64.11 17.77
N ASP B 378 20.27 65.41 18.02
CA ASP B 378 19.69 65.96 19.24
C ASP B 378 18.20 65.64 19.32
N ALA B 379 17.48 65.80 18.20
CA ALA B 379 16.07 65.43 18.21
C ALA B 379 15.87 63.95 18.42
N MET B 380 16.75 63.11 17.87
CA MET B 380 16.60 61.68 18.01
C MET B 380 16.73 61.25 19.46
N GLY B 381 17.67 61.82 20.20
CA GLY B 381 17.78 61.46 21.59
C GLY B 381 19.19 61.24 22.11
N PHE B 382 20.19 61.53 21.28
CA PHE B 382 21.56 61.51 21.75
C PHE B 382 21.79 62.71 22.68
N ASN B 383 23.03 62.85 23.12
CA ASN B 383 23.55 64.08 23.70
C ASN B 383 22.57 64.74 24.66
N SER B 384 22.34 64.10 25.81
CA SER B 384 21.31 64.53 26.75
C SER B 384 21.27 66.04 26.92
N TYR B 385 22.36 66.65 27.37
CA TYR B 385 22.32 68.05 27.80
C TYR B 385 22.38 69.02 26.62
N LYS B 386 21.34 68.98 25.79
CA LYS B 386 21.08 69.98 24.75
C LYS B 386 22.28 70.14 23.81
N GLY B 387 22.52 69.07 23.06
CA GLY B 387 23.63 69.07 22.14
C GLY B 387 24.92 68.69 22.84
N GLY B 388 25.69 67.78 22.26
CA GLY B 388 26.85 67.24 22.93
C GLY B 388 28.03 68.18 23.01
N GLY B 389 27.85 69.46 22.76
CA GLY B 389 28.96 70.38 22.81
C GLY B 389 29.15 70.99 24.18
N LYS B 390 29.06 72.30 24.26
CA LYS B 390 29.18 73.00 25.53
C LYS B 390 27.81 73.17 26.16
N PHE B 391 27.81 73.33 27.48
CA PHE B 391 26.57 73.64 28.18
C PHE B 391 26.21 75.10 27.94
N VAL B 392 24.91 75.36 27.77
CA VAL B 392 24.42 76.65 27.31
C VAL B 392 23.50 77.24 28.36
N PHE B 393 23.89 78.37 28.93
CA PHE B 393 23.06 79.10 29.87
C PHE B 393 22.23 80.15 29.14
N THR B 394 21.52 80.97 29.91
CA THR B 394 20.93 82.21 29.43
C THR B 394 21.23 83.35 30.39
N GLN B 395 22.34 83.24 31.12
CA GLN B 395 22.67 84.19 32.16
C GLN B 395 23.01 85.54 31.54
N ASN B 396 23.29 86.53 32.39
CA ASN B 396 23.39 87.91 31.93
C ASN B 396 24.77 88.49 32.13
N VAL B 397 25.80 87.75 31.73
CA VAL B 397 27.19 88.13 31.99
C VAL B 397 27.89 88.38 30.67
N SER B 398 28.80 89.35 30.66
CA SER B 398 29.56 89.67 29.45
C SER B 398 30.44 88.50 29.04
N SER B 399 31.24 87.97 29.96
CA SER B 399 32.20 86.94 29.64
C SER B 399 32.55 86.14 30.89
N ILE B 400 33.36 85.10 30.68
CA ILE B 400 33.77 84.20 31.75
C ILE B 400 34.38 84.96 32.92
N SER B 401 35.08 86.06 32.63
CA SER B 401 35.69 86.85 33.70
C SER B 401 34.65 87.30 34.71
N ALA B 402 33.65 88.05 34.25
CA ALA B 402 32.59 88.51 35.14
C ALA B 402 31.71 87.35 35.63
N PHE B 403 31.61 86.27 34.87
CA PHE B 403 30.83 85.13 35.32
C PHE B 403 31.47 84.51 36.56
N MET B 404 32.79 84.37 36.56
CA MET B 404 33.48 83.86 37.73
C MET B 404 33.47 84.89 38.85
N SER B 405 33.64 86.17 38.53
CA SER B 405 33.64 87.20 39.57
C SER B 405 32.28 87.30 40.26
N ALA B 406 31.21 86.99 39.55
CA ALA B 406 29.87 87.22 40.07
C ALA B 406 29.58 86.36 41.29
N GLN B 407 28.47 86.66 41.94
CA GLN B 407 28.04 85.94 43.13
C GLN B 407 27.47 84.58 42.72
N GLY B 408 27.18 83.74 43.71
CA GLY B 408 26.58 82.44 43.44
C GLY B 408 27.51 81.34 42.99
N SER B 409 28.32 81.59 41.96
CA SER B 409 29.24 80.57 41.49
C SER B 409 30.32 80.31 42.54
N GLY B 410 31.07 79.23 42.33
CA GLY B 410 32.11 78.88 43.26
C GLY B 410 33.45 79.53 42.95
N PHE B 411 33.43 80.59 42.16
CA PHE B 411 34.64 81.27 41.75
C PHE B 411 34.79 82.66 42.37
N SER B 412 34.04 82.94 43.44
CA SER B 412 34.11 84.25 44.05
C SER B 412 35.48 84.48 44.65
N ARG B 413 35.70 85.71 45.12
CA ARG B 413 37.01 86.06 45.68
C ARG B 413 37.35 85.22 46.89
N GLY B 414 36.36 84.88 47.72
CA GLY B 414 36.64 84.07 48.88
C GLY B 414 37.06 82.65 48.53
N SER B 415 36.35 82.04 47.59
CA SER B 415 36.67 80.67 47.20
C SER B 415 38.07 80.60 46.62
N GLY B 416 38.67 79.40 46.71
CA GLY B 416 40.02 79.21 46.21
C GLY B 416 40.13 79.27 44.71
N PHE B 417 39.10 78.85 43.99
CA PHE B 417 39.15 78.77 42.53
C PHE B 417 38.79 80.09 41.88
N SER B 418 39.45 81.16 42.28
CA SER B 418 39.27 82.44 41.62
C SER B 418 40.18 82.52 40.40
N VAL B 419 39.91 83.50 39.54
CA VAL B 419 40.73 83.67 38.35
C VAL B 419 42.14 84.07 38.78
N GLY B 420 43.14 83.39 38.22
CA GLY B 420 44.51 83.64 38.60
C GLY B 420 44.92 83.05 39.93
N SER B 421 44.47 81.84 40.24
CA SER B 421 44.78 81.20 41.51
C SER B 421 45.45 79.85 41.32
N GLY B 422 46.05 79.60 40.16
CA GLY B 422 46.70 78.35 39.89
C GLY B 422 45.76 77.19 39.58
N LYS B 423 44.47 77.31 39.89
CA LYS B 423 43.54 76.25 39.54
C LYS B 423 43.32 76.17 38.04
N ASN B 424 43.41 77.31 37.34
CA ASN B 424 43.30 77.36 35.88
C ASN B 424 41.96 76.80 35.40
N LEU B 425 40.88 77.10 36.10
CA LEU B 425 39.57 76.66 35.65
C LEU B 425 39.02 77.54 34.54
N SER B 426 39.67 78.68 34.25
CA SER B 426 39.21 79.52 33.16
C SER B 426 39.28 78.79 31.84
N VAL B 427 40.42 78.14 31.55
CA VAL B 427 40.55 77.40 30.31
C VAL B 427 39.58 76.22 30.29
N GLY B 428 39.31 75.63 31.46
CA GLY B 428 38.33 74.57 31.51
C GLY B 428 36.95 75.03 31.12
N LEU B 429 36.52 76.17 31.67
CA LEU B 429 35.22 76.72 31.29
C LEU B 429 35.19 77.10 29.82
N SER B 430 36.29 77.66 29.31
CA SER B 430 36.36 78.06 27.91
C SER B 430 36.07 76.91 26.97
N GLN B 431 36.30 75.67 27.40
CA GLN B 431 35.92 74.47 26.65
C GLN B 431 34.81 73.79 27.43
N GLY B 432 33.58 74.23 27.19
CA GLY B 432 32.45 73.59 27.84
C GLY B 432 31.43 74.55 28.42
N ILE B 433 31.62 75.86 28.18
CA ILE B 433 30.67 76.85 28.63
C ILE B 433 30.37 77.79 27.47
N GLN B 434 29.09 77.97 27.17
CA GLN B 434 28.64 78.95 26.19
C GLN B 434 27.49 79.74 26.81
N ILE B 435 27.75 81.00 27.13
CA ILE B 435 26.77 81.84 27.81
C ILE B 435 26.02 82.66 26.79
N ILE B 436 24.69 82.61 26.84
CA ILE B 436 23.84 83.46 26.02
C ILE B 436 23.48 84.69 26.83
N SER B 437 23.85 85.87 26.33
CA SER B 437 23.75 87.09 27.11
C SER B 437 22.30 87.45 27.40
N SER B 438 21.52 87.71 26.35
CA SER B 438 20.15 88.18 26.51
C SER B 438 19.22 87.24 25.77
N ALA B 439 18.29 86.62 26.50
CA ALA B 439 17.36 85.67 25.90
C ALA B 439 16.52 86.29 24.78
N ALA B 440 16.46 87.63 24.71
CA ALA B 440 15.69 88.26 23.65
C ALA B 440 16.49 88.31 22.36
N SER B 441 17.80 88.47 22.45
CA SER B 441 18.67 88.61 21.28
C SER B 441 19.75 87.55 21.36
N MET B 442 19.49 86.37 20.78
CA MET B 442 20.46 85.30 20.71
C MET B 442 20.62 84.91 19.23
N SER B 443 21.51 85.62 18.54
CA SER B 443 21.84 85.30 17.17
C SER B 443 23.27 84.78 17.02
N ASN B 444 24.01 84.68 18.12
CA ASN B 444 25.39 84.21 18.08
C ASN B 444 25.51 82.74 18.44
N THR B 445 24.43 82.09 18.86
CA THR B 445 24.49 80.68 19.23
C THR B 445 23.45 79.87 18.46
N TYR B 446 22.33 80.49 18.13
CA TYR B 446 21.30 79.84 17.34
C TYR B 446 21.22 80.50 15.97
N VAL B 447 20.56 79.82 15.04
CA VAL B 447 20.36 80.35 13.70
C VAL B 447 19.05 81.12 13.64
N VAL B 448 19.10 82.40 14.01
CA VAL B 448 17.90 83.22 14.12
C VAL B 448 18.06 84.45 13.24
N SER B 449 18.89 84.35 12.20
CA SER B 449 19.08 85.49 11.32
C SER B 449 17.79 85.78 10.55
N ALA B 450 17.81 86.91 9.83
CA ALA B 450 16.61 87.36 9.14
C ALA B 450 16.20 86.38 8.05
N GLY B 451 17.16 85.91 7.26
CA GLY B 451 16.83 85.04 6.15
C GLY B 451 16.20 83.73 6.58
N SER B 452 16.59 83.21 7.74
CA SER B 452 16.02 81.96 8.23
C SER B 452 14.54 82.13 8.52
N GLY B 453 13.84 81.00 8.63
CA GLY B 453 12.43 81.03 8.96
C GLY B 453 12.22 81.05 10.46
N PHE B 454 13.28 81.34 11.21
CA PHE B 454 13.24 81.28 12.66
C PHE B 454 13.47 82.64 13.31
N SER B 455 13.24 83.72 12.56
CA SER B 455 13.37 85.07 13.12
C SER B 455 12.52 85.21 14.37
N SER B 456 13.07 85.89 15.37
CA SER B 456 12.33 86.16 16.59
C SER B 456 11.08 86.97 16.26
N GLY B 457 9.97 86.63 16.94
CA GLY B 457 8.72 87.29 16.67
C GLY B 457 8.04 86.87 15.39
N SER B 458 8.52 85.82 14.73
CA SER B 458 7.92 85.30 13.51
C SER B 458 7.41 83.88 13.67
N GLY B 459 7.20 83.43 14.90
CA GLY B 459 6.89 82.05 15.14
C GLY B 459 8.10 81.16 14.90
N ASN B 460 8.03 79.92 15.37
CA ASN B 460 9.11 78.95 15.23
C ASN B 460 10.41 79.41 15.87
N SER B 461 10.37 80.47 16.68
CA SER B 461 11.58 80.98 17.31
C SER B 461 12.18 79.98 18.28
N GLN B 462 11.42 79.01 18.75
CA GLN B 462 11.90 78.04 19.72
C GLN B 462 12.30 76.73 19.09
N PHE B 463 12.50 76.70 17.77
CA PHE B 463 12.95 75.50 17.08
C PHE B 463 14.26 75.71 16.35
N ALA B 464 14.94 76.83 16.57
CA ALA B 464 16.12 77.16 15.80
C ALA B 464 17.26 76.20 16.11
N ALA B 465 18.05 75.90 15.09
CA ALA B 465 19.17 74.99 15.22
C ALA B 465 20.34 75.67 15.90
N LEU B 466 21.09 74.90 16.68
CA LEU B 466 22.26 75.41 17.36
C LEU B 466 23.38 75.63 16.34
N LYS B 467 24.26 76.59 16.65
CA LYS B 467 25.34 76.93 15.73
C LYS B 467 26.60 76.15 16.10
N THR B 468 27.25 75.58 15.09
CA THR B 468 28.36 74.66 15.33
C THR B 468 29.66 75.36 15.66
N THR B 469 29.77 76.66 15.40
CA THR B 469 30.95 77.37 15.88
C THR B 469 30.76 77.82 17.33
N ALA B 470 29.53 78.20 17.69
CA ALA B 470 29.23 78.53 19.07
C ALA B 470 29.39 77.29 19.97
N ALA B 471 28.58 76.27 19.72
CA ALA B 471 28.73 75.02 20.43
C ALA B 471 29.77 74.17 19.71
N ASN B 472 29.85 72.89 20.04
CA ASN B 472 30.73 71.96 19.35
C ASN B 472 29.96 70.75 18.84
N THR B 473 28.74 70.99 18.36
CA THR B 473 27.90 69.89 17.89
C THR B 473 28.52 69.23 16.67
N THR B 474 28.93 67.98 16.84
CA THR B 474 29.45 67.18 15.75
C THR B 474 28.46 66.08 15.41
N ASP B 475 28.46 65.69 14.14
CA ASP B 475 27.57 64.63 13.70
C ASP B 475 27.89 63.32 14.41
N GLU B 476 26.87 62.54 14.66
CA GLU B 476 27.05 61.23 15.25
C GLU B 476 27.39 60.22 14.17
N THR B 477 27.81 59.03 14.60
CA THR B 477 28.20 58.01 13.65
C THR B 477 26.98 57.59 12.82
N ALA B 478 27.25 57.03 11.65
CA ALA B 478 26.22 56.88 10.62
C ALA B 478 25.32 55.70 10.94
N GLY B 479 24.10 56.00 11.39
CA GLY B 479 23.03 55.03 11.47
C GLY B 479 23.06 54.10 12.66
N VAL B 480 22.80 52.81 12.40
CA VAL B 480 22.70 51.80 13.44
C VAL B 480 23.99 51.65 14.25
N THR B 481 25.09 52.22 13.78
CA THR B 481 26.39 52.04 14.41
C THR B 481 26.46 52.64 15.82
N THR B 482 25.36 53.18 16.31
CA THR B 482 25.28 53.70 17.67
C THR B 482 23.98 53.24 18.30
N LEU B 483 23.94 53.29 19.64
CA LEU B 483 22.82 52.73 20.38
C LEU B 483 21.53 53.48 20.07
N LYS B 484 21.47 54.76 20.43
CA LYS B 484 20.27 55.55 20.16
C LYS B 484 19.92 55.57 18.68
N GLY B 485 20.93 55.57 17.81
CA GLY B 485 20.66 55.42 16.39
C GLY B 485 20.00 54.11 16.08
N ALA B 486 20.41 53.04 16.76
CA ALA B 486 19.79 51.74 16.54
C ALA B 486 18.33 51.76 16.92
N MET B 487 18.01 52.35 18.06
CA MET B 487 16.60 52.40 18.47
C MET B 487 15.78 53.27 17.54
N ALA B 488 16.34 54.40 17.10
CA ALA B 488 15.62 55.22 16.13
C ALA B 488 15.38 54.46 14.84
N VAL B 489 16.36 53.67 14.39
CA VAL B 489 16.17 52.88 13.18
C VAL B 489 15.09 51.84 13.41
N MET B 490 15.01 51.28 14.61
CA MET B 490 13.93 50.36 14.94
C MET B 490 12.58 51.03 14.74
N ASP B 491 12.43 52.25 15.26
CA ASP B 491 11.18 52.97 15.11
C ASP B 491 10.87 53.25 13.65
N ILE B 492 11.88 53.66 12.87
CA ILE B 492 11.65 53.96 11.47
C ILE B 492 11.25 52.71 10.71
N ALA B 493 11.82 51.56 11.06
CA ALA B 493 11.43 50.32 10.41
C ALA B 493 9.99 49.96 10.75
N GLU B 494 9.58 50.17 12.00
CA GLU B 494 8.18 49.92 12.35
C GLU B 494 7.24 50.81 11.53
N THR B 495 7.57 52.08 11.41
CA THR B 495 6.75 52.99 10.62
C THR B 495 6.70 52.57 9.16
N ALA B 496 7.83 52.11 8.61
CA ALA B 496 7.85 51.68 7.23
C ALA B 496 6.97 50.46 7.02
N ILE B 497 7.01 49.52 7.97
CA ILE B 497 6.12 48.37 7.91
C ILE B 497 4.67 48.83 7.87
N THR B 498 4.33 49.78 8.74
CA THR B 498 2.97 50.31 8.75
C THR B 498 2.59 50.87 7.39
N ASN B 499 3.45 51.70 6.82
CA ASN B 499 3.13 52.34 5.54
C ASN B 499 2.93 51.31 4.44
N LEU B 500 3.79 50.30 4.38
CA LEU B 500 3.65 49.30 3.33
C LEU B 500 2.38 48.48 3.52
N ASP B 501 2.01 48.18 4.76
CA ASP B 501 0.74 47.51 4.98
C ASP B 501 -0.42 48.36 4.48
N GLN B 502 -0.37 49.66 4.72
CA GLN B 502 -1.44 50.53 4.23
C GLN B 502 -1.54 50.49 2.72
N ILE B 503 -0.40 50.58 2.03
CA ILE B 503 -0.44 50.59 0.57
C ILE B 503 -0.95 49.25 0.04
N ARG B 504 -0.49 48.15 0.62
CA ARG B 504 -0.93 46.83 0.18
C ARG B 504 -2.43 46.66 0.42
N ALA B 505 -2.94 47.17 1.53
CA ALA B 505 -4.38 47.09 1.77
C ALA B 505 -5.15 47.89 0.74
N ASP B 506 -4.62 49.04 0.32
CA ASP B 506 -5.29 49.78 -0.75
C ASP B 506 -5.33 48.97 -2.04
N ILE B 507 -4.23 48.31 -2.38
CA ILE B 507 -4.21 47.48 -3.58
C ILE B 507 -5.27 46.39 -3.49
N ALA B 508 -5.34 45.72 -2.34
CA ALA B 508 -6.34 44.67 -2.16
C ALA B 508 -7.76 45.22 -2.27
N SER B 509 -7.99 46.41 -1.71
CA SER B 509 -9.32 47.00 -1.78
C SER B 509 -9.72 47.27 -3.22
N ILE B 510 -8.77 47.66 -4.06
CA ILE B 510 -9.10 47.82 -5.48
C ILE B 510 -9.36 46.47 -6.12
N GLN B 511 -8.56 45.46 -5.76
CA GLN B 511 -8.64 44.18 -6.42
C GLN B 511 -9.98 43.49 -6.21
N ASN B 512 -10.51 43.58 -4.98
CA ASN B 512 -11.81 42.95 -4.72
C ASN B 512 -12.91 43.61 -5.53
N GLN B 513 -12.89 44.94 -5.65
CA GLN B 513 -13.85 45.63 -6.49
C GLN B 513 -13.75 45.15 -7.93
N VAL B 514 -12.54 45.01 -8.44
CA VAL B 514 -12.39 44.55 -9.82
C VAL B 514 -12.97 43.15 -9.98
N THR B 515 -12.73 42.28 -9.00
CA THR B 515 -13.27 40.93 -9.09
C THR B 515 -14.79 40.93 -9.15
N SER B 516 -15.43 41.73 -8.29
CA SER B 516 -16.89 41.78 -8.31
C SER B 516 -17.41 42.32 -9.63
N THR B 517 -16.77 43.38 -10.15
CA THR B 517 -17.16 43.89 -11.45
C THR B 517 -17.09 42.80 -12.51
N ILE B 518 -16.02 42.01 -12.49
CA ILE B 518 -15.83 41.00 -13.52
C ILE B 518 -16.92 39.94 -13.42
N ASN B 519 -17.29 39.53 -12.21
CA ASN B 519 -18.36 38.56 -12.08
C ASN B 519 -19.67 39.11 -12.63
N ASN B 520 -20.03 40.33 -12.24
CA ASN B 520 -21.30 40.88 -12.70
C ASN B 520 -21.31 41.05 -14.21
N ILE B 521 -20.19 41.46 -14.80
CA ILE B 521 -20.15 41.64 -16.24
C ILE B 521 -20.25 40.29 -16.94
N THR B 522 -19.59 39.27 -16.38
CA THR B 522 -19.64 37.94 -16.98
C THR B 522 -21.07 37.43 -17.04
N VAL B 523 -21.88 37.76 -16.03
CA VAL B 523 -23.27 37.33 -16.06
C VAL B 523 -24.08 38.18 -17.03
N THR B 524 -23.93 39.50 -16.94
CA THR B 524 -24.74 40.39 -17.77
C THR B 524 -24.47 40.17 -19.25
N GLN B 525 -23.24 39.81 -19.61
CA GLN B 525 -22.94 39.57 -21.01
C GLN B 525 -23.72 38.38 -21.55
N VAL B 526 -23.81 37.31 -20.76
CA VAL B 526 -24.58 36.15 -21.18
C VAL B 526 -26.03 36.51 -21.35
N ASN B 527 -26.58 37.27 -20.39
CA ASN B 527 -27.99 37.64 -20.51
C ASN B 527 -28.24 38.51 -21.73
N VAL B 528 -27.34 39.46 -22.01
CA VAL B 528 -27.51 40.33 -23.17
C VAL B 528 -27.39 39.53 -24.45
N LYS B 529 -26.46 38.58 -24.50
CA LYS B 529 -26.30 37.76 -25.69
C LYS B 529 -27.54 36.93 -25.96
N ALA B 530 -28.13 36.36 -24.90
CA ALA B 530 -29.36 35.61 -25.09
C ALA B 530 -30.50 36.50 -25.55
N ALA B 531 -30.63 37.69 -24.98
CA ALA B 531 -31.70 38.59 -25.38
C ALA B 531 -31.53 39.06 -26.82
N GLU B 532 -30.29 39.18 -27.29
CA GLU B 532 -30.06 39.53 -28.68
C GLU B 532 -30.40 38.36 -29.59
N SER B 533 -30.01 37.15 -29.20
CA SER B 533 -30.37 35.96 -29.95
C SER B 533 -31.87 35.84 -30.11
N GLN B 534 -32.63 36.19 -29.06
CA GLN B 534 -34.08 36.11 -29.16
C GLN B 534 -34.63 36.97 -30.28
N ILE B 535 -33.96 38.08 -30.58
CA ILE B 535 -34.46 38.99 -31.60
C ILE B 535 -33.90 38.68 -32.98
N ARG B 536 -32.67 38.19 -33.07
CA ARG B 536 -31.98 38.09 -34.35
C ARG B 536 -32.15 36.73 -35.01
N ASP B 537 -31.81 35.65 -34.31
CA ASP B 537 -31.73 34.36 -34.97
C ASP B 537 -33.11 33.78 -35.23
N VAL B 538 -33.13 32.77 -36.09
CA VAL B 538 -34.36 32.07 -36.47
C VAL B 538 -34.39 30.72 -35.77
N ASP B 539 -35.58 30.25 -35.45
CA ASP B 539 -35.78 28.96 -34.82
C ASP B 539 -36.08 27.92 -35.89
N PHE B 540 -35.14 26.98 -36.07
CA PHE B 540 -35.28 25.98 -37.11
C PHE B 540 -36.55 25.15 -36.96
N ALA B 541 -37.09 25.03 -35.75
CA ALA B 541 -38.36 24.36 -35.57
C ALA B 541 -39.42 24.89 -36.52
N SER B 542 -39.73 26.19 -36.40
CA SER B 542 -40.73 26.79 -37.27
C SER B 542 -40.21 27.04 -38.67
N GLU B 543 -38.90 27.24 -38.81
CA GLU B 543 -38.37 27.55 -40.14
C GLU B 543 -38.48 26.36 -41.07
N SER B 544 -38.17 25.15 -40.60
CA SER B 544 -38.32 23.98 -41.44
C SER B 544 -39.78 23.72 -41.78
N ALA B 545 -40.70 24.00 -40.85
CA ALA B 545 -42.11 23.88 -41.16
C ALA B 545 -42.51 24.84 -42.28
N ASN B 546 -42.12 26.11 -42.16
CA ASN B 546 -42.42 27.06 -43.22
C ASN B 546 -41.84 26.62 -44.55
N TYR B 547 -40.60 26.14 -44.54
CA TYR B 547 -39.97 25.77 -45.80
C TYR B 547 -40.67 24.60 -46.45
N SER B 548 -40.96 23.55 -45.68
CA SER B 548 -41.63 22.40 -46.26
C SER B 548 -43.02 22.77 -46.77
N LYS B 549 -43.74 23.58 -46.01
CA LYS B 549 -45.07 24.02 -46.44
C LYS B 549 -44.97 24.78 -47.76
N ALA B 550 -44.04 25.72 -47.86
CA ALA B 550 -43.87 26.47 -49.09
C ALA B 550 -43.44 25.60 -50.25
N ASN B 551 -42.66 24.55 -49.99
CA ASN B 551 -42.25 23.66 -51.07
C ASN B 551 -43.43 22.85 -51.60
N ILE B 552 -44.27 22.33 -50.70
CA ILE B 552 -45.46 21.62 -51.15
C ILE B 552 -46.37 22.56 -51.93
N LEU B 553 -46.52 23.79 -51.44
CA LEU B 553 -47.32 24.77 -52.17
C LEU B 553 -46.73 25.05 -53.54
N ALA B 554 -45.40 25.05 -53.65
CA ALA B 554 -44.77 25.28 -54.95
C ALA B 554 -45.10 24.17 -55.92
N GLN B 555 -45.03 22.92 -55.46
CA GLN B 555 -45.42 21.81 -56.32
C GLN B 555 -46.87 21.94 -56.76
N SER B 556 -47.77 22.26 -55.82
CA SER B 556 -49.18 22.41 -56.15
C SER B 556 -49.40 23.51 -57.18
N GLY B 557 -48.79 24.68 -56.96
CA GLY B 557 -48.95 25.77 -57.88
C GLY B 557 -48.38 25.48 -59.25
N SER B 558 -47.27 24.73 -59.31
CA SER B 558 -46.74 24.34 -60.61
C SER B 558 -47.71 23.43 -61.35
N TYR B 559 -48.32 22.48 -60.65
CA TYR B 559 -49.35 21.67 -61.28
C TYR B 559 -50.52 22.53 -61.75
N ALA B 560 -50.90 23.52 -60.96
CA ALA B 560 -52.00 24.39 -61.33
C ALA B 560 -51.70 25.16 -62.61
N MET B 561 -50.48 25.68 -62.73
CA MET B 561 -50.11 26.38 -63.96
C MET B 561 -50.07 25.43 -65.14
N ALA B 562 -49.53 24.22 -64.94
CA ALA B 562 -49.48 23.24 -66.02
C ALA B 562 -50.88 22.93 -66.53
N GLN B 563 -51.86 22.84 -65.64
CA GLN B 563 -53.22 22.57 -66.07
C GLN B 563 -53.86 23.80 -66.68
N ALA B 564 -53.54 24.98 -66.17
CA ALA B 564 -54.14 26.20 -66.69
C ALA B 564 -53.72 26.45 -68.12
N ASN B 565 -52.47 26.14 -68.46
CA ASN B 565 -52.02 26.29 -69.84
C ASN B 565 -52.81 25.38 -70.78
N SER B 566 -53.07 24.16 -70.34
CA SER B 566 -53.73 23.17 -71.18
C SER B 566 -55.25 23.28 -71.17
N SER B 567 -55.82 24.08 -70.27
CA SER B 567 -57.28 24.15 -70.15
C SER B 567 -57.99 24.63 -71.41
N GLN B 568 -57.26 25.05 -72.44
CA GLN B 568 -57.90 25.57 -73.65
C GLN B 568 -57.77 24.63 -74.83
N GLN B 569 -57.31 23.40 -74.62
CA GLN B 569 -57.20 22.47 -75.74
C GLN B 569 -58.54 22.10 -76.32
N ASN B 570 -59.61 22.20 -75.54
CA ASN B 570 -60.91 21.71 -75.99
C ASN B 570 -61.47 22.52 -77.14
N VAL B 571 -61.02 23.76 -77.33
CA VAL B 571 -61.57 24.57 -78.40
C VAL B 571 -61.32 23.93 -79.75
N LEU B 572 -60.19 23.24 -79.90
CA LEU B 572 -59.89 22.59 -81.17
C LEU B 572 -60.95 21.58 -81.58
N ARG B 573 -61.67 21.01 -80.63
CA ARG B 573 -62.67 20.01 -80.99
C ARG B 573 -63.82 20.63 -81.76
N LEU B 574 -64.08 21.92 -81.57
CA LEU B 574 -65.08 22.59 -82.38
C LEU B 574 -64.57 22.85 -83.79
N LEU B 575 -63.35 23.33 -83.91
CA LEU B 575 -62.82 23.71 -85.21
C LEU B 575 -62.60 22.50 -86.11
N GLN B 576 -62.09 21.41 -85.54
CA GLN B 576 -61.78 20.22 -86.32
C GLN B 576 -62.99 19.72 -87.12
N PHE C 3 -38.53 5.03 -104.09
CA PHE C 3 -39.98 5.21 -104.03
C PHE C 3 -40.69 3.93 -104.44
N ARG C 4 -39.91 2.94 -104.85
CA ARG C 4 -40.45 1.65 -105.22
C ARG C 4 -40.58 0.79 -103.98
N ILE C 5 -41.75 0.21 -103.78
CA ILE C 5 -42.03 -0.58 -102.61
C ILE C 5 -41.83 -2.05 -102.96
N ASN C 6 -41.89 -2.90 -101.94
CA ASN C 6 -41.66 -4.35 -101.88
C ASN C 6 -40.19 -4.72 -101.77
N THR C 7 -39.28 -3.75 -101.79
CA THR C 7 -37.88 -4.04 -101.49
C THR C 7 -37.29 -2.94 -100.63
N ASN C 8 -37.97 -2.62 -99.52
CA ASN C 8 -37.50 -1.59 -98.61
C ASN C 8 -36.04 -1.78 -98.26
N VAL C 9 -35.20 -0.81 -98.63
CA VAL C 9 -33.76 -0.92 -98.43
C VAL C 9 -33.33 -0.28 -97.12
N ALA C 10 -33.97 0.84 -96.76
CA ALA C 10 -33.68 1.45 -95.47
C ALA C 10 -33.95 0.49 -94.33
N ALA C 11 -34.98 -0.35 -94.48
CA ALA C 11 -35.27 -1.32 -93.44
C ALA C 11 -34.12 -2.29 -93.26
N LEU C 12 -33.59 -2.82 -94.37
CA LEU C 12 -32.49 -3.78 -94.27
C LEU C 12 -31.25 -3.12 -93.69
N ASN C 13 -30.96 -1.90 -94.12
CA ASN C 13 -29.80 -1.19 -93.60
C ASN C 13 -29.91 -0.98 -92.10
N ALA C 14 -31.06 -0.45 -91.66
CA ALA C 14 -31.26 -0.24 -90.23
C ALA C 14 -31.20 -1.54 -89.46
N LYS C 15 -31.73 -2.62 -90.02
CA LYS C 15 -31.69 -3.90 -89.32
C LYS C 15 -30.26 -4.38 -89.15
N ALA C 16 -29.44 -4.24 -90.19
CA ALA C 16 -28.04 -4.65 -90.10
C ALA C 16 -27.32 -3.86 -89.02
N ASN C 17 -27.48 -2.54 -89.03
CA ASN C 17 -26.80 -1.70 -88.04
C ASN C 17 -27.25 -2.05 -86.63
N SER C 18 -28.56 -2.20 -86.42
CA SER C 18 -29.06 -2.49 -85.09
C SER C 18 -28.63 -3.88 -84.63
N ASP C 19 -28.51 -4.84 -85.54
CA ASP C 19 -28.08 -6.16 -85.15
C ASP C 19 -26.62 -6.13 -84.71
N LEU C 20 -25.77 -5.41 -85.44
CA LEU C 20 -24.40 -5.25 -85.00
C LEU C 20 -24.33 -4.62 -83.61
N ASN C 21 -25.13 -3.57 -83.39
CA ASN C 21 -25.10 -2.92 -82.09
C ASN C 21 -25.60 -3.84 -80.99
N ALA C 22 -26.59 -4.69 -81.30
CA ALA C 22 -27.07 -5.64 -80.31
C ALA C 22 -25.99 -6.66 -79.97
N LYS C 23 -25.23 -7.09 -80.96
CA LYS C 23 -24.07 -7.95 -80.68
C LYS C 23 -23.13 -7.28 -79.70
N SER C 24 -22.81 -6.00 -79.95
CA SER C 24 -21.91 -5.28 -79.04
C SER C 24 -22.50 -5.16 -77.64
N LEU C 25 -23.79 -4.87 -77.54
CA LEU C 25 -24.45 -4.77 -76.24
C LEU C 25 -24.39 -6.09 -75.49
N ASP C 26 -24.65 -7.19 -76.18
CA ASP C 26 -24.60 -8.50 -75.55
C ASP C 26 -23.20 -8.79 -75.03
N ALA C 27 -22.18 -8.50 -75.83
CA ALA C 27 -20.81 -8.71 -75.37
C ALA C 27 -20.53 -7.91 -74.11
N SER C 28 -20.87 -6.62 -74.13
CA SER C 28 -20.62 -5.78 -72.96
C SER C 28 -21.37 -6.27 -71.73
N LEU C 29 -22.60 -6.74 -71.91
CA LEU C 29 -23.36 -7.24 -70.78
C LEU C 29 -22.77 -8.53 -70.22
N SER C 30 -22.30 -9.42 -71.09
CA SER C 30 -21.66 -10.63 -70.61
C SER C 30 -20.41 -10.30 -69.81
N ARG C 31 -19.63 -9.32 -70.26
CA ARG C 31 -18.47 -8.91 -69.48
C ARG C 31 -18.88 -8.33 -68.14
N LEU C 32 -19.87 -7.43 -68.15
CA LEU C 32 -20.38 -6.85 -66.91
C LEU C 32 -20.85 -7.91 -65.93
N SER C 33 -21.41 -9.01 -66.44
CA SER C 33 -21.89 -10.07 -65.56
C SER C 33 -20.75 -10.91 -65.01
N SER C 34 -19.97 -11.53 -65.90
CA SER C 34 -18.93 -12.46 -65.46
C SER C 34 -17.86 -11.76 -64.64
N GLY C 35 -17.55 -10.51 -64.95
CA GLY C 35 -16.50 -9.81 -64.26
C GLY C 35 -15.13 -9.97 -64.87
N LEU C 36 -15.03 -10.62 -66.02
CA LEU C 36 -13.75 -10.85 -66.69
C LEU C 36 -13.77 -10.17 -68.05
N ARG C 37 -12.61 -9.63 -68.45
CA ARG C 37 -12.50 -9.00 -69.75
C ARG C 37 -12.33 -10.02 -70.88
N ILE C 38 -11.85 -11.21 -70.57
CA ILE C 38 -11.69 -12.27 -71.56
C ILE C 38 -12.52 -13.46 -71.09
N ASN C 39 -13.72 -13.61 -71.66
CA ASN C 39 -14.60 -14.71 -71.31
C ASN C 39 -14.44 -15.89 -72.26
N SER C 40 -14.67 -15.66 -73.54
CA SER C 40 -14.67 -16.74 -74.52
C SER C 40 -13.29 -17.03 -75.08
N ALA C 41 -12.25 -16.32 -74.64
CA ALA C 41 -10.90 -16.48 -75.15
C ALA C 41 -10.83 -16.30 -76.66
N ALA C 42 -11.85 -15.69 -77.25
CA ALA C 42 -11.84 -15.33 -78.65
C ALA C 42 -11.69 -13.83 -78.85
N ASP C 43 -11.81 -13.05 -77.78
CA ASP C 43 -11.56 -11.62 -77.82
C ASP C 43 -10.11 -11.28 -77.50
N ASP C 44 -9.32 -12.24 -77.04
CA ASP C 44 -7.88 -12.03 -76.89
C ASP C 44 -7.20 -13.40 -76.84
N ALA C 45 -6.45 -13.71 -77.90
CA ALA C 45 -5.81 -15.02 -77.99
C ALA C 45 -4.65 -15.15 -77.00
N SER C 46 -3.63 -14.30 -77.16
CA SER C 46 -2.43 -14.45 -76.35
C SER C 46 -2.60 -13.87 -74.96
N GLY C 47 -3.48 -12.88 -74.81
CA GLY C 47 -3.82 -12.43 -73.47
C GLY C 47 -4.30 -13.56 -72.60
N MET C 48 -5.13 -14.44 -73.18
CA MET C 48 -5.58 -15.62 -72.43
C MET C 48 -4.42 -16.51 -72.06
N ALA C 49 -3.46 -16.70 -72.96
CA ALA C 49 -2.33 -17.57 -72.67
C ALA C 49 -1.49 -17.02 -71.53
N ILE C 50 -1.18 -15.72 -71.58
CA ILE C 50 -0.40 -15.11 -70.52
C ILE C 50 -1.17 -15.15 -69.21
N ALA C 51 -2.47 -14.87 -69.25
CA ALA C 51 -3.26 -14.88 -68.03
C ALA C 51 -3.33 -16.27 -67.43
N ASP C 52 -3.41 -17.31 -68.26
CA ASP C 52 -3.42 -18.66 -67.75
C ASP C 52 -2.08 -19.08 -67.18
N SER C 53 -0.98 -18.69 -67.83
CA SER C 53 0.33 -18.96 -67.23
C SER C 53 0.48 -18.27 -65.89
N LEU C 54 0.01 -17.03 -65.79
CA LEU C 54 0.14 -16.29 -64.53
C LEU C 54 -0.75 -16.89 -63.46
N ARG C 55 -1.95 -17.34 -63.83
CA ARG C 55 -2.84 -17.98 -62.86
C ARG C 55 -2.24 -19.28 -62.36
N SER C 56 -1.68 -20.08 -63.27
CA SER C 56 -1.00 -21.30 -62.86
C SER C 56 0.14 -20.99 -61.91
N GLN C 57 0.95 -19.98 -62.23
CA GLN C 57 2.06 -19.63 -61.36
C GLN C 57 1.59 -19.15 -60.00
N ALA C 58 0.50 -18.38 -59.96
CA ALA C 58 0.00 -17.89 -58.68
C ALA C 58 -0.51 -19.03 -57.83
N ASN C 59 -1.25 -19.96 -58.41
CA ASN C 59 -1.70 -21.12 -57.65
C ASN C 59 -0.53 -21.96 -57.16
N THR C 60 0.48 -22.14 -58.01
CA THR C 60 1.63 -22.94 -57.60
C THR C 60 2.37 -22.29 -56.45
N LEU C 61 2.53 -20.96 -56.50
CA LEU C 61 3.20 -20.28 -55.40
C LEU C 61 2.35 -20.34 -54.13
N GLY C 62 1.02 -20.23 -54.27
CA GLY C 62 0.16 -20.34 -53.12
C GLY C 62 0.26 -21.70 -52.46
N GLN C 63 0.51 -22.75 -53.25
CA GLN C 63 0.73 -24.05 -52.65
C GLN C 63 2.14 -24.19 -52.08
N ALA C 64 3.12 -23.56 -52.72
CA ALA C 64 4.48 -23.61 -52.19
C ALA C 64 4.56 -22.92 -50.84
N ILE C 65 3.72 -21.92 -50.59
CA ILE C 65 3.71 -21.29 -49.28
C ILE C 65 3.29 -22.29 -48.21
N SER C 66 2.28 -23.10 -48.52
CA SER C 66 1.87 -24.13 -47.55
C SER C 66 2.95 -25.18 -47.38
N ASN C 67 3.63 -25.54 -48.46
CA ASN C 67 4.78 -26.44 -48.33
C ASN C 67 5.83 -25.87 -47.37
N GLY C 68 6.15 -24.60 -47.54
CA GLY C 68 7.13 -23.97 -46.66
C GLY C 68 6.68 -23.92 -45.22
N ASN C 69 5.40 -23.67 -45.00
CA ASN C 69 4.91 -23.65 -43.63
C ASN C 69 4.95 -25.03 -43.00
N ASP C 70 4.68 -26.08 -43.78
CA ASP C 70 4.80 -27.43 -43.24
C ASP C 70 6.25 -27.76 -42.89
N ALA C 71 7.18 -27.36 -43.76
CA ALA C 71 8.60 -27.55 -43.44
C ALA C 71 9.00 -26.79 -42.17
N LEU C 72 8.47 -25.57 -42.00
CA LEU C 72 8.73 -24.82 -40.79
C LEU C 72 8.22 -25.57 -39.57
N GLY C 73 7.00 -26.12 -39.64
CA GLY C 73 6.48 -26.87 -38.53
C GLY C 73 7.35 -28.06 -38.16
N ILE C 74 7.77 -28.82 -39.16
CA ILE C 74 8.61 -29.98 -38.91
C ILE C 74 9.92 -29.56 -38.24
N LEU C 75 10.57 -28.53 -38.78
CA LEU C 75 11.86 -28.14 -38.22
C LEU C 75 11.73 -27.61 -36.81
N GLN C 76 10.68 -26.83 -36.54
CA GLN C 76 10.48 -26.33 -35.18
C GLN C 76 10.25 -27.50 -34.21
N THR C 77 9.45 -28.48 -34.62
CA THR C 77 9.26 -29.65 -33.79
C THR C 77 10.58 -30.30 -33.45
N ALA C 78 11.41 -30.53 -34.47
CA ALA C 78 12.69 -31.19 -34.25
C ALA C 78 13.56 -30.41 -33.28
N ASP C 79 13.62 -29.09 -33.44
CA ASP C 79 14.52 -28.29 -32.60
C ASP C 79 14.04 -28.28 -31.15
N LYS C 80 12.76 -27.94 -30.94
CA LYS C 80 12.23 -27.95 -29.58
C LYS C 80 12.31 -29.32 -28.95
N ALA C 81 12.40 -30.38 -29.75
CA ALA C 81 12.64 -31.70 -29.16
C ALA C 81 14.11 -31.90 -28.80
N MET C 82 15.03 -31.34 -29.59
CA MET C 82 16.45 -31.47 -29.25
C MET C 82 16.79 -30.75 -27.96
N ASP C 83 16.01 -29.72 -27.62
CA ASP C 83 16.30 -28.95 -26.40
C ASP C 83 16.38 -29.84 -25.16
N GLU C 84 15.42 -30.76 -25.02
CA GLU C 84 15.41 -31.61 -23.84
C GLU C 84 16.60 -32.56 -23.82
N GLN C 85 17.03 -33.04 -24.98
CA GLN C 85 18.22 -33.87 -25.02
C GLN C 85 19.44 -33.09 -24.55
N LEU C 86 19.52 -31.81 -24.93
CA LEU C 86 20.62 -30.99 -24.44
C LEU C 86 20.59 -30.91 -22.92
N LYS C 87 19.43 -30.63 -22.34
CA LYS C 87 19.36 -30.53 -20.89
C LYS C 87 19.72 -31.86 -20.21
N ILE C 88 19.28 -32.98 -20.79
CA ILE C 88 19.58 -34.27 -20.19
C ILE C 88 21.08 -34.55 -20.23
N LEU C 89 21.73 -34.23 -21.34
CA LEU C 89 23.17 -34.44 -21.41
C LEU C 89 23.90 -33.57 -20.40
N ASP C 90 23.43 -32.33 -20.21
CA ASP C 90 23.99 -31.49 -19.15
C ASP C 90 23.89 -32.20 -17.81
N THR C 91 22.71 -32.74 -17.50
CA THR C 91 22.54 -33.41 -16.22
C THR C 91 23.46 -34.60 -16.08
N ILE C 92 23.65 -35.35 -17.18
CA ILE C 92 24.54 -36.51 -17.15
C ILE C 92 25.96 -36.07 -16.82
N LYS C 93 26.43 -35.01 -17.45
CA LYS C 93 27.78 -34.53 -17.18
C LYS C 93 27.92 -34.08 -15.74
N THR C 94 26.90 -33.40 -15.22
CA THR C 94 26.97 -32.94 -13.83
C THR C 94 27.01 -34.13 -12.87
N LYS C 95 26.26 -35.18 -13.17
CA LYS C 95 26.27 -36.35 -12.30
C LYS C 95 27.61 -37.07 -12.36
N ALA C 96 28.22 -37.13 -13.55
CA ALA C 96 29.55 -37.72 -13.64
C ALA C 96 30.54 -36.91 -12.81
N THR C 97 30.44 -35.58 -12.87
CA THR C 97 31.30 -34.75 -12.04
C THR C 97 31.07 -35.03 -10.56
N GLN C 98 29.81 -35.20 -10.17
CA GLN C 98 29.50 -35.50 -8.78
C GLN C 98 30.09 -36.82 -8.34
N ALA C 99 30.10 -37.81 -9.22
CA ALA C 99 30.66 -39.11 -8.88
C ALA C 99 32.17 -39.14 -8.97
N ALA C 100 32.78 -38.16 -9.64
CA ALA C 100 34.23 -38.13 -9.78
C ALA C 100 34.96 -37.84 -8.48
N GLN C 101 34.27 -37.45 -7.42
CA GLN C 101 34.93 -37.26 -6.14
C GLN C 101 35.17 -38.58 -5.46
N ASP C 102 36.11 -38.60 -4.51
CA ASP C 102 36.46 -39.82 -3.80
C ASP C 102 36.00 -39.80 -2.35
N GLY C 103 34.93 -39.08 -2.04
CA GLY C 103 34.29 -39.22 -0.76
C GLY C 103 33.09 -40.13 -0.91
N GLN C 104 33.08 -40.88 -2.00
CA GLN C 104 31.94 -41.70 -2.39
C GLN C 104 32.37 -43.14 -2.55
N SER C 105 31.51 -44.05 -2.15
CA SER C 105 31.83 -45.47 -2.26
C SER C 105 31.22 -46.05 -3.53
N LEU C 106 31.51 -47.33 -3.75
CA LEU C 106 31.01 -48.00 -4.95
C LEU C 106 29.49 -48.01 -4.98
N LYS C 107 28.84 -48.08 -3.82
CA LYS C 107 27.39 -48.07 -3.79
C LYS C 107 26.83 -46.75 -4.31
N THR C 108 27.38 -45.63 -3.85
CA THR C 108 26.89 -44.34 -4.30
C THR C 108 27.20 -44.12 -5.77
N ARG C 109 28.40 -44.53 -6.20
CA ARG C 109 28.69 -44.45 -7.64
C ARG C 109 27.70 -45.31 -8.42
N THR C 110 27.29 -46.43 -7.86
CA THR C 110 26.34 -47.30 -8.54
C THR C 110 24.98 -46.62 -8.64
N MET C 111 24.60 -45.87 -7.62
CA MET C 111 23.38 -45.08 -7.72
C MET C 111 23.49 -44.04 -8.84
N LEU C 112 24.62 -43.34 -8.91
CA LEU C 112 24.85 -42.41 -10.01
C LEU C 112 24.69 -43.10 -11.35
N GLN C 113 25.29 -44.29 -11.50
CA GLN C 113 25.23 -44.98 -12.78
C GLN C 113 23.82 -45.43 -13.10
N ALA C 114 23.08 -45.91 -12.10
CA ALA C 114 21.70 -46.30 -12.33
C ALA C 114 20.86 -45.11 -12.77
N ASP C 115 21.18 -43.92 -12.27
CA ASP C 115 20.42 -42.75 -12.71
C ASP C 115 20.80 -42.36 -14.14
N ILE C 116 22.10 -42.38 -14.44
CA ILE C 116 22.56 -42.07 -15.78
C ILE C 116 21.93 -43.02 -16.79
N ASN C 117 21.75 -44.28 -16.41
CA ASN C 117 21.13 -45.25 -17.30
C ASN C 117 19.72 -44.83 -17.68
N LYS C 118 18.91 -44.47 -16.70
CA LYS C 118 17.55 -44.06 -16.97
C LYS C 118 17.52 -42.79 -17.82
N LEU C 119 18.39 -41.84 -17.52
CA LEU C 119 18.41 -40.61 -18.29
C LEU C 119 18.76 -40.89 -19.75
N MET C 120 19.77 -41.73 -19.98
CA MET C 120 20.15 -42.05 -21.34
C MET C 120 19.05 -42.82 -22.06
N GLU C 121 18.36 -43.71 -21.35
CA GLU C 121 17.21 -44.39 -21.92
C GLU C 121 16.16 -43.38 -22.34
N GLU C 122 15.96 -42.34 -21.55
CA GLU C 122 15.01 -41.29 -21.93
C GLU C 122 15.48 -40.56 -23.17
N LEU C 123 16.78 -40.31 -23.29
CA LEU C 123 17.30 -39.66 -24.48
C LEU C 123 16.99 -40.50 -25.73
N ASP C 124 17.28 -41.79 -25.66
CA ASP C 124 16.90 -42.68 -26.77
C ASP C 124 15.41 -42.65 -27.01
N ASN C 125 14.61 -42.54 -25.95
CA ASN C 125 13.16 -42.51 -26.12
C ASN C 125 12.74 -41.29 -26.91
N ILE C 126 13.29 -40.12 -26.60
CA ILE C 126 12.99 -38.93 -27.39
C ILE C 126 13.42 -39.13 -28.83
N ALA C 127 14.63 -39.64 -29.05
CA ALA C 127 15.15 -39.79 -30.40
C ALA C 127 14.25 -40.69 -31.23
N ASN C 128 13.86 -41.85 -30.69
CA ASN C 128 13.02 -42.79 -31.40
C ASN C 128 11.54 -42.45 -31.35
N THR C 129 11.16 -41.41 -30.60
CA THR C 129 9.76 -41.07 -30.47
C THR C 129 9.33 -39.88 -31.31
N THR C 130 10.12 -38.81 -31.34
CA THR C 130 9.69 -37.62 -32.08
C THR C 130 9.43 -37.95 -33.53
N SER C 131 8.24 -37.61 -34.02
CA SER C 131 7.85 -37.94 -35.39
C SER C 131 6.67 -37.06 -35.79
N PHE C 132 6.59 -36.77 -37.09
CA PHE C 132 5.53 -35.90 -37.58
C PHE C 132 4.23 -36.66 -37.82
N ASN C 133 4.22 -37.55 -38.80
CA ASN C 133 3.11 -38.47 -39.02
C ASN C 133 3.66 -39.83 -39.42
N GLY C 134 4.68 -40.28 -38.69
CA GLY C 134 5.43 -41.48 -39.01
C GLY C 134 6.85 -41.19 -39.42
N LYS C 135 7.10 -40.04 -40.02
CA LYS C 135 8.44 -39.64 -40.39
C LYS C 135 9.23 -39.37 -39.11
N GLN C 136 10.08 -40.30 -38.72
CA GLN C 136 10.93 -40.10 -37.56
C GLN C 136 11.95 -39.03 -37.85
N LEU C 137 11.93 -37.96 -37.07
CA LEU C 137 12.82 -36.84 -37.32
C LEU C 137 14.21 -37.09 -36.78
N LEU C 138 14.33 -37.27 -35.48
CA LEU C 138 15.63 -37.35 -34.81
C LEU C 138 16.07 -38.79 -34.63
N SER C 139 16.14 -39.52 -35.74
CA SER C 139 16.56 -40.91 -35.68
C SER C 139 17.63 -41.24 -36.71
N GLY C 140 17.61 -40.52 -37.83
CA GLY C 140 18.57 -40.74 -38.89
C GLY C 140 17.98 -41.10 -40.24
N ASN C 141 16.67 -41.16 -40.39
CA ASN C 141 16.03 -41.35 -41.69
C ASN C 141 15.32 -40.11 -42.18
N PHE C 142 15.85 -38.93 -41.87
CA PHE C 142 15.36 -37.67 -42.42
C PHE C 142 16.43 -37.03 -43.28
N THR C 143 17.12 -37.82 -44.08
CA THR C 143 18.22 -37.36 -44.90
C THR C 143 17.73 -37.09 -46.32
N ASN C 144 18.12 -35.93 -46.87
CA ASN C 144 17.80 -35.55 -48.25
C ASN C 144 16.29 -35.53 -48.48
N GLN C 145 15.62 -34.64 -47.78
CA GLN C 145 14.19 -34.43 -47.94
C GLN C 145 13.94 -33.06 -48.55
N GLU C 146 13.12 -33.02 -49.59
CA GLU C 146 12.84 -31.80 -50.33
C GLU C 146 11.52 -31.18 -49.91
N PHE C 147 11.33 -29.93 -50.32
CA PHE C 147 10.09 -29.20 -50.06
C PHE C 147 9.93 -28.22 -51.21
N GLN C 148 9.06 -28.56 -52.16
CA GLN C 148 8.86 -27.70 -53.32
C GLN C 148 8.44 -26.30 -52.89
N ILE C 149 9.24 -25.31 -53.24
CA ILE C 149 8.95 -23.92 -52.90
C ILE C 149 9.05 -23.02 -54.13
N GLY C 150 8.82 -23.57 -55.32
CA GLY C 150 9.04 -22.82 -56.53
C GLY C 150 7.87 -22.95 -57.49
N ALA C 151 7.83 -22.00 -58.44
CA ALA C 151 6.82 -22.04 -59.48
C ALA C 151 7.10 -23.13 -60.49
N SER C 152 8.36 -23.37 -60.82
CA SER C 152 8.73 -24.40 -61.76
C SER C 152 9.01 -25.71 -61.03
N SER C 153 9.63 -26.67 -61.71
CA SER C 153 9.65 -28.03 -61.22
C SER C 153 10.54 -28.22 -60.00
N ASN C 154 11.83 -27.94 -60.10
CA ASN C 154 12.79 -28.43 -59.13
C ASN C 154 13.42 -27.30 -58.33
N GLN C 155 12.63 -26.31 -57.93
CA GLN C 155 13.07 -25.40 -56.89
C GLN C 155 12.69 -25.97 -55.54
N THR C 156 13.66 -26.09 -54.64
CA THR C 156 13.37 -26.78 -53.38
C THR C 156 14.44 -26.48 -52.35
N VAL C 157 14.13 -26.84 -51.11
CA VAL C 157 15.10 -26.87 -50.05
C VAL C 157 15.46 -28.32 -49.76
N LYS C 158 16.43 -28.54 -48.89
CA LYS C 158 16.85 -29.91 -48.55
C LYS C 158 17.18 -29.99 -47.07
N ALA C 159 16.44 -30.82 -46.34
CA ALA C 159 16.60 -30.95 -44.90
C ALA C 159 17.18 -32.32 -44.58
N THR C 160 18.28 -32.32 -43.83
CA THR C 160 19.07 -33.53 -43.60
C THR C 160 19.47 -33.62 -42.13
N ILE C 161 18.48 -33.54 -41.24
CA ILE C 161 18.74 -33.68 -39.81
C ILE C 161 19.55 -34.95 -39.56
N GLY C 162 20.55 -34.85 -38.71
CA GLY C 162 21.42 -35.96 -38.42
C GLY C 162 20.74 -37.00 -37.56
N ALA C 163 21.56 -37.85 -36.94
CA ALA C 163 21.09 -38.88 -36.03
C ALA C 163 21.55 -38.55 -34.62
N THR C 164 20.65 -38.70 -33.65
CA THR C 164 20.89 -38.22 -32.29
C THR C 164 20.72 -39.32 -31.25
N GLN C 165 20.61 -40.57 -31.68
CA GLN C 165 20.47 -41.68 -30.76
C GLN C 165 21.70 -41.78 -29.87
N SER C 166 21.49 -42.19 -28.63
CA SER C 166 22.58 -42.15 -27.66
C SER C 166 23.73 -43.08 -27.99
N SER C 167 23.57 -43.93 -29.00
CA SER C 167 24.66 -44.78 -29.47
C SER C 167 25.44 -44.14 -30.61
N LYS C 168 25.16 -42.87 -30.91
CA LYS C 168 25.76 -42.22 -32.07
C LYS C 168 26.21 -40.79 -31.83
N ILE C 169 26.13 -40.27 -30.62
CA ILE C 169 26.47 -38.86 -30.43
C ILE C 169 27.82 -38.71 -29.77
N GLY C 170 27.98 -39.22 -28.55
CA GLY C 170 29.20 -38.97 -27.82
C GLY C 170 30.27 -39.97 -28.14
N VAL C 171 31.17 -39.62 -29.05
CA VAL C 171 32.24 -40.51 -29.49
C VAL C 171 33.55 -39.76 -29.30
N THR C 172 34.26 -40.06 -28.23
CA THR C 172 35.59 -39.51 -28.01
C THR C 172 36.64 -40.54 -28.39
N ARG C 173 37.86 -40.06 -28.58
CA ARG C 173 39.00 -40.90 -28.93
C ARG C 173 39.99 -40.87 -27.77
N PHE C 174 40.53 -42.03 -27.42
CA PHE C 174 41.54 -42.15 -26.40
C PHE C 174 42.79 -42.77 -26.98
N GLU C 175 43.94 -42.35 -26.48
CA GLU C 175 45.21 -42.98 -26.79
C GLU C 175 46.04 -43.01 -25.53
N THR C 176 47.05 -43.88 -25.51
CA THR C 176 47.93 -43.97 -24.34
C THR C 176 49.19 -44.71 -24.73
N GLY C 177 50.34 -44.09 -24.50
CA GLY C 177 51.59 -44.71 -24.81
C GLY C 177 51.97 -45.78 -23.80
N ALA C 178 53.10 -46.42 -24.07
CA ALA C 178 53.63 -47.39 -23.12
C ALA C 178 54.21 -46.67 -21.91
N GLN C 179 54.74 -47.46 -20.99
CA GLN C 179 55.40 -46.90 -19.81
C GLN C 179 56.82 -46.53 -20.18
N SER C 180 57.07 -45.23 -20.35
CA SER C 180 58.36 -44.77 -20.86
C SER C 180 59.45 -44.93 -19.81
N PHE C 181 60.54 -45.59 -20.18
CA PHE C 181 61.69 -45.75 -19.31
C PHE C 181 62.89 -44.93 -19.74
N THR C 182 62.77 -44.13 -20.78
CA THR C 182 63.89 -43.36 -21.31
C THR C 182 63.60 -41.87 -21.25
N SER C 183 64.66 -41.10 -21.05
CA SER C 183 64.58 -39.65 -20.99
C SER C 183 64.91 -39.06 -22.36
N GLY C 184 64.95 -37.73 -22.42
CA GLY C 184 65.29 -37.07 -23.66
C GLY C 184 64.39 -35.89 -23.97
N VAL C 185 64.90 -34.96 -24.77
CA VAL C 185 64.12 -33.77 -25.11
C VAL C 185 63.16 -34.12 -26.24
N VAL C 186 61.87 -34.18 -25.93
CA VAL C 186 60.84 -34.65 -26.83
C VAL C 186 60.08 -33.46 -27.39
N GLY C 187 59.78 -33.51 -28.68
CA GLY C 187 58.90 -32.52 -29.30
C GLY C 187 57.87 -33.19 -30.17
N LEU C 188 56.59 -33.03 -29.84
CA LEU C 188 55.55 -33.71 -30.59
C LEU C 188 55.24 -32.96 -31.88
N THR C 189 54.40 -33.58 -32.71
CA THR C 189 53.86 -32.91 -33.88
C THR C 189 52.57 -33.63 -34.24
N ILE C 190 51.44 -33.05 -33.88
CA ILE C 190 50.15 -33.59 -34.28
C ILE C 190 49.89 -33.20 -35.72
N LYS C 191 49.84 -34.19 -36.60
CA LYS C 191 49.67 -33.94 -38.02
C LYS C 191 48.20 -33.79 -38.36
N ASN C 192 47.93 -32.97 -39.37
CA ASN C 192 46.58 -32.73 -39.86
C ASN C 192 45.65 -32.29 -38.72
N TYR C 193 46.14 -31.36 -37.90
CA TYR C 193 45.39 -30.98 -36.72
C TYR C 193 44.10 -30.26 -37.09
N ASN C 194 44.00 -29.69 -38.28
CA ASN C 194 42.81 -28.98 -38.68
C ASN C 194 42.31 -29.31 -40.06
N GLY C 195 43.07 -30.03 -40.88
CA GLY C 195 42.67 -30.34 -42.24
C GLY C 195 43.63 -29.88 -43.31
N ILE C 196 44.60 -29.04 -42.97
CA ILE C 196 45.53 -28.52 -43.97
C ILE C 196 46.97 -28.84 -43.58
N GLU C 197 47.40 -28.33 -42.42
CA GLU C 197 48.80 -28.38 -42.03
C GLU C 197 48.96 -29.19 -40.75
N ASP C 198 50.19 -29.22 -40.25
CA ASP C 198 50.54 -29.95 -39.04
C ASP C 198 50.54 -29.00 -37.85
N PHE C 199 50.95 -29.49 -36.68
CA PHE C 199 51.03 -28.67 -35.48
C PHE C 199 52.24 -29.11 -34.68
N LYS C 200 53.30 -28.30 -34.72
CA LYS C 200 54.53 -28.60 -34.00
C LYS C 200 54.49 -27.97 -32.62
N PHE C 201 54.78 -28.77 -31.60
CA PHE C 201 54.86 -28.27 -30.24
C PHE C 201 56.28 -27.77 -29.96
N ASP C 202 56.55 -27.49 -28.69
CA ASP C 202 57.88 -27.10 -28.28
C ASP C 202 58.65 -28.31 -27.78
N ASN C 203 59.98 -28.24 -27.88
CA ASN C 203 60.80 -29.29 -27.31
C ASN C 203 60.72 -29.22 -25.79
N VAL C 204 60.36 -30.33 -25.16
CA VAL C 204 60.17 -30.39 -23.72
C VAL C 204 61.14 -31.38 -23.12
N VAL C 205 61.79 -30.99 -22.02
CA VAL C 205 62.73 -31.86 -21.32
C VAL C 205 61.89 -32.85 -20.52
N ILE C 206 62.52 -33.92 -20.04
CA ILE C 206 61.78 -34.97 -19.35
C ILE C 206 62.34 -35.29 -17.98
N SER C 207 63.66 -35.41 -17.85
CA SER C 207 64.22 -36.41 -16.96
C SER C 207 63.75 -36.37 -15.51
N THR C 208 64.27 -35.47 -14.68
CA THR C 208 63.92 -35.54 -13.27
C THR C 208 63.80 -34.18 -12.58
N SER C 209 63.98 -33.06 -13.27
CA SER C 209 64.04 -31.78 -12.59
C SER C 209 62.63 -31.27 -12.34
N VAL C 210 62.55 -30.08 -11.73
CA VAL C 210 61.26 -29.54 -11.35
C VAL C 210 60.44 -29.16 -12.58
N GLY C 211 61.07 -28.49 -13.54
CA GLY C 211 60.36 -28.08 -14.72
C GLY C 211 60.47 -29.07 -15.85
N THR C 212 60.43 -30.36 -15.52
CA THR C 212 60.57 -31.41 -16.51
C THR C 212 59.51 -32.48 -16.33
N GLY C 213 59.44 -33.43 -17.26
CA GLY C 213 58.60 -34.59 -17.08
C GLY C 213 57.28 -34.52 -17.79
N LEU C 214 56.53 -35.61 -17.64
CA LEU C 214 55.22 -35.71 -18.25
C LEU C 214 54.27 -34.62 -17.74
N GLY C 215 54.53 -34.07 -16.55
CA GLY C 215 53.75 -32.92 -16.12
C GLY C 215 53.98 -31.71 -17.00
N ALA C 216 55.25 -31.43 -17.31
CA ALA C 216 55.56 -30.33 -18.23
C ALA C 216 54.98 -30.61 -19.61
N LEU C 217 55.07 -31.86 -20.07
CA LEU C 217 54.50 -32.18 -21.37
C LEU C 217 52.99 -31.98 -21.39
N ALA C 218 52.30 -32.39 -20.33
CA ALA C 218 50.85 -32.23 -20.28
C ALA C 218 50.46 -30.76 -20.20
N GLU C 219 51.23 -29.96 -19.47
CA GLU C 219 50.99 -28.51 -19.48
C GLU C 219 51.11 -27.96 -20.89
N GLU C 220 52.22 -28.27 -21.56
CA GLU C 220 52.46 -27.72 -22.88
C GLU C 220 51.40 -28.17 -23.87
N ILE C 221 50.88 -29.38 -23.72
CA ILE C 221 49.84 -29.85 -24.62
C ILE C 221 48.51 -29.20 -24.32
N ASN C 222 48.10 -29.21 -23.04
CA ASN C 222 46.80 -28.68 -22.68
C ASN C 222 46.71 -27.19 -22.94
N LYS C 223 47.84 -26.48 -22.94
CA LYS C 223 47.81 -25.06 -23.28
C LYS C 223 47.16 -24.84 -24.63
N SER C 224 47.59 -25.60 -25.64
CA SER C 224 47.06 -25.47 -27.00
C SER C 224 45.91 -26.44 -27.25
N ALA C 225 44.91 -26.43 -26.38
CA ALA C 225 43.77 -27.32 -26.54
C ALA C 225 42.70 -26.76 -27.45
N ASP C 226 42.46 -25.45 -27.43
CA ASP C 226 41.40 -24.87 -28.24
C ASP C 226 41.60 -25.10 -29.72
N LYS C 227 42.85 -25.18 -30.18
CA LYS C 227 43.10 -25.32 -31.61
C LYS C 227 43.26 -26.76 -32.06
N THR C 228 43.86 -27.61 -31.23
CA THR C 228 44.10 -28.99 -31.62
C THR C 228 42.98 -29.94 -31.22
N GLY C 229 42.27 -29.65 -30.14
CA GLY C 229 41.24 -30.55 -29.67
C GLY C 229 41.78 -31.77 -28.97
N VAL C 230 43.03 -31.73 -28.51
CA VAL C 230 43.70 -32.89 -27.94
C VAL C 230 44.18 -32.48 -26.55
N ARG C 231 43.42 -32.84 -25.52
CA ARG C 231 43.86 -32.63 -24.16
C ARG C 231 44.78 -33.76 -23.75
N ALA C 232 45.38 -33.64 -22.57
CA ALA C 232 46.33 -34.64 -22.13
C ALA C 232 46.42 -34.65 -20.62
N THR C 233 46.83 -35.80 -20.09
CA THR C 233 47.06 -35.99 -18.67
C THR C 233 48.26 -36.90 -18.52
N TYR C 234 48.47 -37.41 -17.32
CA TYR C 234 49.63 -38.27 -17.06
C TYR C 234 49.33 -39.13 -15.85
N ASP C 235 50.19 -40.13 -15.65
CA ASP C 235 50.10 -40.97 -14.46
C ASP C 235 51.48 -41.59 -14.25
N VAL C 236 52.19 -41.14 -13.23
CA VAL C 236 53.57 -41.54 -12.99
C VAL C 236 53.59 -42.32 -11.69
N LYS C 237 53.49 -43.65 -11.79
CA LYS C 237 53.60 -44.53 -10.64
C LYS C 237 54.65 -45.59 -10.92
N THR C 238 54.99 -46.35 -9.89
CA THR C 238 55.92 -47.47 -10.01
C THR C 238 55.51 -48.50 -8.96
N THR C 239 54.74 -49.50 -9.39
CA THR C 239 54.15 -50.47 -8.48
C THR C 239 54.91 -51.78 -8.58
N GLY C 240 55.33 -52.31 -7.43
CA GLY C 240 56.03 -53.57 -7.41
C GLY C 240 55.10 -54.75 -7.68
N VAL C 241 55.70 -55.94 -7.70
CA VAL C 241 54.98 -57.19 -7.81
C VAL C 241 55.39 -58.06 -6.63
N TYR C 242 54.74 -59.22 -6.51
CA TYR C 242 54.99 -60.14 -5.40
C TYR C 242 55.03 -59.36 -4.10
N ALA C 243 53.88 -58.89 -3.65
CA ALA C 243 53.71 -57.61 -2.98
C ALA C 243 54.90 -57.12 -2.18
N ILE C 244 55.37 -57.87 -1.18
CA ILE C 244 56.50 -57.40 -0.40
C ILE C 244 57.09 -58.52 0.44
N LYS C 245 58.40 -58.45 0.70
CA LYS C 245 59.10 -59.43 1.51
C LYS C 245 60.07 -58.68 2.42
N GLU C 246 60.90 -59.43 3.12
CA GLU C 246 61.89 -58.84 4.03
C GLU C 246 63.22 -58.69 3.31
N GLY C 247 63.81 -57.51 3.44
CA GLY C 247 65.10 -57.24 2.80
C GLY C 247 65.58 -55.87 3.19
N THR C 248 66.72 -55.49 2.63
CA THR C 248 67.36 -54.22 2.96
C THR C 248 67.79 -53.52 1.68
N THR C 249 67.83 -52.20 1.74
CA THR C 249 68.33 -51.39 0.64
C THR C 249 69.84 -51.25 0.75
N SER C 250 70.48 -50.97 -0.37
CA SER C 250 71.93 -50.78 -0.36
C SER C 250 72.29 -49.50 0.36
N GLN C 251 73.55 -49.42 0.79
CA GLN C 251 74.01 -48.27 1.54
C GLN C 251 73.90 -46.97 0.76
N ASP C 252 73.83 -47.04 -0.56
CA ASP C 252 73.76 -45.86 -1.42
C ASP C 252 72.43 -45.80 -2.16
N PHE C 253 71.37 -46.30 -1.55
CA PHE C 253 70.06 -46.27 -2.19
C PHE C 253 69.57 -44.83 -2.25
N ALA C 254 69.40 -44.31 -3.47
CA ALA C 254 68.99 -42.94 -3.69
C ALA C 254 67.84 -42.91 -4.69
N ILE C 255 67.16 -41.77 -4.73
CA ILE C 255 66.00 -41.60 -5.59
C ILE C 255 65.98 -40.17 -6.10
N ASN C 256 65.85 -40.00 -7.42
CA ASN C 256 65.85 -38.69 -8.07
C ASN C 256 67.06 -37.85 -7.70
N GLY C 257 68.13 -38.46 -7.22
CA GLY C 257 69.36 -37.77 -6.96
C GLY C 257 69.68 -37.52 -5.50
N VAL C 258 68.75 -37.77 -4.59
CA VAL C 258 68.98 -37.59 -3.15
C VAL C 258 69.20 -38.96 -2.51
N THR C 259 70.28 -39.09 -1.75
CA THR C 259 70.64 -40.36 -1.15
C THR C 259 69.87 -40.58 0.14
N ILE C 260 69.33 -41.79 0.30
CA ILE C 260 68.51 -42.12 1.45
C ILE C 260 69.26 -43.01 2.43
N GLY C 261 69.96 -44.02 1.92
CA GLY C 261 70.77 -44.89 2.76
C GLY C 261 70.13 -46.25 2.95
N LYS C 262 70.69 -46.98 3.91
CA LYS C 262 70.25 -48.34 4.18
C LYS C 262 69.00 -48.36 5.05
N ILE C 263 68.06 -49.22 4.69
CA ILE C 263 66.80 -49.36 5.41
C ILE C 263 66.49 -50.85 5.50
N GLU C 264 66.31 -51.35 6.72
CA GLU C 264 65.90 -52.74 6.92
C GLU C 264 64.39 -52.78 7.14
N TYR C 265 63.69 -53.43 6.23
CA TYR C 265 62.24 -53.51 6.30
C TYR C 265 61.80 -54.95 6.57
N LYS C 266 60.69 -55.09 7.28
CA LYS C 266 60.19 -56.39 7.69
C LYS C 266 59.47 -57.06 6.52
N ASP C 267 58.76 -58.15 6.81
CA ASP C 267 58.10 -58.93 5.77
C ASP C 267 57.04 -58.11 5.03
N GLY C 268 56.00 -57.72 5.74
CA GLY C 268 54.95 -56.92 5.12
C GLY C 268 55.20 -55.45 5.32
N ASP C 269 56.45 -55.10 5.62
CA ASP C 269 56.81 -53.76 6.05
C ASP C 269 56.01 -53.37 7.30
N GLY C 270 55.96 -54.30 8.26
CA GLY C 270 55.25 -54.04 9.50
C GLY C 270 55.75 -52.83 10.23
N ASN C 271 57.01 -52.45 10.00
CA ASN C 271 57.55 -51.24 10.62
C ASN C 271 57.01 -49.98 9.95
N GLY C 272 56.67 -50.06 8.66
CA GLY C 272 56.45 -48.85 7.91
C GLY C 272 57.69 -48.01 7.74
N SER C 273 58.85 -48.57 8.12
CA SER C 273 60.10 -47.83 8.04
C SER C 273 60.45 -47.46 6.61
N LEU C 274 60.21 -48.36 5.67
CA LEU C 274 60.51 -48.06 4.28
C LEU C 274 59.69 -46.89 3.78
N ILE C 275 58.37 -46.94 3.99
CA ILE C 275 57.50 -45.86 3.52
C ILE C 275 57.88 -44.55 4.19
N SER C 276 58.13 -44.58 5.50
CA SER C 276 58.46 -43.36 6.20
C SER C 276 59.78 -42.78 5.73
N ALA C 277 60.79 -43.64 5.51
CA ALA C 277 62.08 -43.14 5.09
C ALA C 277 62.05 -42.59 3.68
N ILE C 278 61.25 -43.18 2.80
CA ILE C 278 61.14 -42.64 1.46
C ILE C 278 60.33 -41.34 1.47
N ASN C 279 59.33 -41.25 2.35
CA ASN C 279 58.52 -40.05 2.44
C ASN C 279 59.23 -38.90 3.14
N ALA C 280 60.26 -39.19 3.93
CA ALA C 280 60.97 -38.11 4.62
C ALA C 280 61.57 -37.08 3.68
N VAL C 281 61.64 -37.37 2.38
CA VAL C 281 62.18 -36.43 1.41
C VAL C 281 61.19 -36.27 0.27
N LYS C 282 59.90 -36.42 0.57
CA LYS C 282 58.90 -36.38 -0.49
C LYS C 282 58.87 -35.03 -1.19
N ASP C 283 59.08 -33.95 -0.44
CA ASP C 283 59.01 -32.62 -1.01
C ASP C 283 60.35 -32.14 -1.56
N THR C 284 61.39 -32.97 -1.51
CA THR C 284 62.60 -32.70 -2.26
C THR C 284 62.66 -33.53 -3.53
N THR C 285 62.28 -34.80 -3.47
CA THR C 285 62.27 -35.64 -4.66
C THR C 285 61.09 -35.32 -5.57
N GLY C 286 59.90 -35.29 -5.00
CA GLY C 286 58.69 -35.32 -5.79
C GLY C 286 58.03 -36.68 -5.82
N VAL C 287 58.48 -37.61 -4.99
CA VAL C 287 57.98 -38.98 -4.97
C VAL C 287 57.37 -39.25 -3.61
N GLN C 288 56.09 -39.62 -3.60
CA GLN C 288 55.36 -39.92 -2.38
C GLN C 288 55.18 -41.43 -2.32
N ALA C 289 55.80 -42.07 -1.34
CA ALA C 289 55.70 -43.51 -1.20
C ALA C 289 54.47 -43.90 -0.40
N SER C 290 53.95 -45.08 -0.68
CA SER C 290 52.76 -45.56 0.00
C SER C 290 52.61 -47.05 -0.25
N LYS C 291 51.92 -47.71 0.67
CA LYS C 291 51.73 -49.16 0.62
C LYS C 291 50.35 -49.45 0.04
N ASP C 292 50.31 -50.35 -0.93
CA ASP C 292 49.07 -50.70 -1.59
C ASP C 292 48.19 -51.53 -0.66
N GLU C 293 46.97 -51.82 -1.10
CA GLU C 293 46.07 -52.62 -0.28
C GLU C 293 46.46 -54.09 -0.30
N ASN C 294 46.96 -54.57 -1.43
CA ASN C 294 47.43 -55.95 -1.49
C ASN C 294 48.82 -56.13 -0.89
N GLY C 295 49.35 -55.12 -0.21
CA GLY C 295 50.67 -55.20 0.36
C GLY C 295 51.79 -54.78 -0.56
N LYS C 296 51.49 -54.35 -1.77
CA LYS C 296 52.53 -53.94 -2.70
C LYS C 296 53.13 -52.60 -2.27
N LEU C 297 54.16 -52.18 -2.99
CA LEU C 297 54.83 -50.91 -2.74
C LEU C 297 54.58 -49.99 -3.93
N VAL C 298 54.16 -48.76 -3.64
CA VAL C 298 53.79 -47.80 -4.68
C VAL C 298 54.60 -46.54 -4.49
N LEU C 299 55.25 -46.09 -5.56
CA LEU C 299 56.01 -44.84 -5.58
C LEU C 299 55.37 -43.94 -6.62
N THR C 300 54.50 -43.04 -6.18
CA THR C 300 53.80 -42.15 -7.09
C THR C 300 54.43 -40.77 -7.06
N SER C 301 54.33 -40.07 -8.18
CA SER C 301 54.84 -38.71 -8.33
C SER C 301 53.69 -37.81 -8.72
N ALA C 302 53.42 -36.79 -7.90
CA ALA C 302 52.25 -35.96 -8.12
C ALA C 302 52.37 -35.15 -9.41
N ASP C 303 53.39 -34.29 -9.48
CA ASP C 303 53.56 -33.39 -10.61
C ASP C 303 54.35 -33.98 -11.76
N GLY C 304 54.42 -35.32 -11.84
CA GLY C 304 55.03 -35.98 -12.99
C GLY C 304 56.46 -35.59 -13.27
N ARG C 305 57.38 -35.97 -12.39
CA ARG C 305 58.79 -35.74 -12.64
C ARG C 305 59.55 -36.99 -13.03
N GLY C 306 58.94 -38.16 -12.92
CA GLY C 306 59.65 -39.38 -13.25
C GLY C 306 60.44 -39.90 -12.07
N ILE C 307 60.22 -41.16 -11.71
CA ILE C 307 60.93 -41.77 -10.61
C ILE C 307 62.17 -42.45 -11.17
N LYS C 308 63.31 -42.24 -10.52
CA LYS C 308 64.56 -42.86 -10.96
C LYS C 308 65.39 -43.14 -9.72
N ILE C 309 65.41 -44.39 -9.30
CA ILE C 309 66.21 -44.82 -8.17
C ILE C 309 67.54 -45.34 -8.68
N THR C 310 68.62 -44.98 -7.99
CA THR C 310 69.97 -45.31 -8.45
C THR C 310 70.54 -46.52 -7.72
N GLY C 311 70.60 -46.46 -6.40
CA GLY C 311 71.14 -47.57 -5.63
C GLY C 311 70.27 -48.80 -5.69
N ASP C 312 70.74 -49.85 -5.05
CA ASP C 312 69.98 -51.10 -4.97
C ASP C 312 68.85 -50.92 -3.97
N ILE C 313 67.62 -50.80 -4.46
CA ILE C 313 66.49 -50.67 -3.56
C ILE C 313 66.28 -51.92 -2.75
N GLY C 314 66.81 -53.05 -3.21
CA GLY C 314 66.65 -54.29 -2.49
C GLY C 314 65.51 -55.11 -3.05
N VAL C 315 65.84 -56.13 -3.83
CA VAL C 315 64.82 -57.05 -4.30
C VAL C 315 64.18 -57.72 -3.09
N GLY C 316 62.85 -57.76 -3.08
CA GLY C 316 62.15 -58.13 -1.87
C GLY C 316 61.14 -57.06 -1.56
N SER C 317 61.40 -55.85 -2.07
CA SER C 317 60.39 -54.82 -2.10
C SER C 317 59.46 -54.97 -3.29
N GLY C 318 59.89 -55.69 -4.32
CA GLY C 318 59.05 -55.95 -5.46
C GLY C 318 59.32 -55.11 -6.68
N ILE C 319 60.28 -54.20 -6.62
CA ILE C 319 60.60 -53.31 -7.72
C ILE C 319 61.73 -53.96 -8.51
N LEU C 320 61.40 -54.51 -9.66
CA LEU C 320 62.40 -55.15 -10.51
C LEU C 320 63.41 -54.13 -11.01
N ALA C 321 64.58 -54.63 -11.41
CA ALA C 321 65.63 -53.76 -11.92
C ALA C 321 65.26 -53.11 -13.25
N ASN C 322 64.19 -53.56 -13.90
CA ASN C 322 63.71 -52.95 -15.13
C ASN C 322 62.78 -51.78 -14.88
N GLN C 323 62.51 -51.44 -13.62
CA GLN C 323 61.62 -50.36 -13.26
C GLN C 323 62.33 -49.20 -12.61
N LYS C 324 63.64 -49.30 -12.40
CA LYS C 324 64.35 -48.27 -11.65
C LYS C 324 64.30 -46.93 -12.34
N GLU C 325 64.07 -46.90 -13.64
CA GLU C 325 64.04 -45.67 -14.43
C GLU C 325 62.66 -45.54 -15.07
N ASN C 326 61.76 -44.86 -14.37
CA ASN C 326 60.37 -44.73 -14.80
C ASN C 326 60.03 -43.27 -15.03
N TYR C 327 59.23 -43.01 -16.07
CA TYR C 327 58.77 -41.66 -16.36
C TYR C 327 57.27 -41.59 -16.61
N GLY C 328 56.50 -42.61 -16.25
CA GLY C 328 55.06 -42.55 -16.38
C GLY C 328 54.59 -42.59 -17.83
N ARG C 329 53.28 -42.46 -17.99
CA ARG C 329 52.66 -42.55 -19.30
C ARG C 329 51.91 -41.28 -19.64
N LEU C 330 51.77 -41.02 -20.93
CA LEU C 330 50.92 -39.96 -21.45
C LEU C 330 49.57 -40.54 -21.81
N SER C 331 48.55 -39.68 -21.83
CA SER C 331 47.20 -40.10 -22.18
C SER C 331 46.50 -38.95 -22.88
N LEU C 332 46.53 -38.98 -24.22
CA LEU C 332 45.83 -37.96 -24.99
C LEU C 332 44.35 -38.31 -25.09
N VAL C 333 43.52 -37.28 -25.21
CA VAL C 333 42.08 -37.45 -25.34
C VAL C 333 41.58 -36.42 -26.35
N LYS C 334 41.18 -36.87 -27.53
CA LYS C 334 40.51 -36.02 -28.48
C LYS C 334 39.02 -36.03 -28.18
N ASN C 335 38.24 -35.32 -28.97
CA ASN C 335 36.79 -35.33 -28.78
C ASN C 335 36.06 -35.37 -30.11
N ASP C 336 36.58 -36.12 -31.08
CA ASP C 336 35.84 -36.28 -32.33
C ASP C 336 35.82 -37.69 -32.90
N GLY C 337 36.67 -38.61 -32.45
CA GLY C 337 36.61 -39.97 -32.93
C GLY C 337 37.57 -40.35 -34.02
N ARG C 338 38.39 -39.42 -34.50
CA ARG C 338 39.47 -39.74 -35.42
C ARG C 338 40.72 -40.07 -34.63
N ASP C 339 41.66 -40.76 -35.28
CA ASP C 339 42.88 -41.14 -34.60
C ASP C 339 43.81 -39.95 -34.48
N ILE C 340 44.32 -39.73 -33.28
CA ILE C 340 45.35 -38.71 -33.09
C ILE C 340 46.63 -39.21 -33.74
N ASN C 341 47.05 -38.54 -34.81
CA ASN C 341 48.17 -38.99 -35.62
C ASN C 341 49.44 -38.27 -35.22
N ILE C 342 50.03 -38.74 -34.12
CA ILE C 342 51.22 -38.11 -33.56
C ILE C 342 52.45 -38.59 -34.31
N SER C 343 53.33 -37.64 -34.66
CA SER C 343 54.63 -37.98 -35.27
C SER C 343 55.62 -36.91 -34.84
N GLY C 344 56.32 -37.17 -33.75
CA GLY C 344 57.23 -36.21 -33.16
C GLY C 344 58.63 -36.30 -33.72
N THR C 345 59.60 -35.92 -32.89
CA THR C 345 61.00 -35.98 -33.23
C THR C 345 61.80 -36.96 -32.38
N ASN C 346 61.58 -36.98 -31.07
CA ASN C 346 62.25 -37.91 -30.17
C ASN C 346 61.14 -38.52 -29.32
N LEU C 347 60.49 -39.56 -29.85
CA LEU C 347 59.24 -40.04 -29.30
C LEU C 347 59.39 -41.19 -28.32
N SER C 348 60.53 -41.86 -28.29
CA SER C 348 60.69 -42.93 -27.31
C SER C 348 60.72 -42.42 -25.89
N ALA C 349 60.80 -41.12 -25.68
CA ALA C 349 60.83 -40.57 -24.33
C ALA C 349 59.45 -40.57 -23.68
N ILE C 350 58.38 -40.47 -24.48
CA ILE C 350 57.03 -40.50 -23.94
C ILE C 350 56.39 -41.87 -24.12
N GLY C 351 57.13 -42.84 -24.64
CA GLY C 351 56.58 -44.17 -24.84
C GLY C 351 55.64 -44.29 -26.00
N MET C 352 55.77 -43.41 -26.99
CA MET C 352 54.98 -43.50 -28.22
C MET C 352 55.89 -43.59 -29.44
N GLY C 353 57.08 -44.15 -29.26
CA GLY C 353 58.04 -44.25 -30.33
C GLY C 353 57.66 -45.29 -31.36
N THR C 354 58.54 -45.44 -32.36
CA THR C 354 58.30 -46.40 -33.43
C THR C 354 58.52 -47.84 -33.00
N THR C 355 58.74 -48.08 -31.70
CA THR C 355 58.89 -49.44 -31.17
C THR C 355 58.13 -49.61 -29.86
N ASP C 356 57.28 -48.66 -29.50
CA ASP C 356 56.56 -48.69 -28.25
C ASP C 356 55.13 -49.15 -28.51
N MET C 357 54.70 -50.13 -27.73
CA MET C 357 53.40 -50.77 -27.94
C MET C 357 52.34 -49.95 -27.22
N ILE C 358 51.55 -49.20 -27.98
CA ILE C 358 50.57 -48.30 -27.39
C ILE C 358 49.17 -48.87 -27.61
N SER C 359 48.17 -48.25 -26.98
CA SER C 359 46.79 -48.66 -27.10
C SER C 359 45.91 -47.45 -27.36
N GLN C 360 44.87 -47.65 -28.15
CA GLN C 360 43.98 -46.57 -28.54
C GLN C 360 42.63 -47.13 -28.95
N SER C 361 41.56 -46.44 -28.59
CA SER C 361 40.22 -46.90 -28.94
C SER C 361 39.23 -45.77 -28.71
N SER C 362 38.23 -45.69 -29.58
CA SER C 362 37.22 -44.66 -29.50
C SER C 362 35.96 -45.25 -28.86
N VAL C 363 35.38 -44.50 -27.94
CA VAL C 363 34.28 -44.99 -27.10
C VAL C 363 33.04 -44.16 -27.38
N SER C 364 31.88 -44.80 -27.34
CA SER C 364 30.61 -44.13 -27.55
C SER C 364 29.90 -43.89 -26.23
N LEU C 365 28.90 -43.00 -26.26
CA LEU C 365 28.15 -42.70 -25.04
C LEU C 365 27.46 -43.94 -24.51
N ARG C 366 26.70 -44.62 -25.37
CA ARG C 366 26.05 -45.86 -24.94
C ARG C 366 27.08 -46.92 -24.56
N GLU C 367 28.19 -46.97 -25.30
CA GLU C 367 29.23 -47.93 -24.96
C GLU C 367 29.77 -47.70 -23.55
N SER C 368 29.77 -46.46 -23.10
CA SER C 368 30.21 -46.18 -21.73
C SER C 368 29.27 -46.75 -20.70
N LYS C 369 28.02 -47.02 -21.07
CA LYS C 369 27.02 -47.49 -20.13
C LYS C 369 27.29 -48.92 -19.65
N GLY C 370 28.05 -49.69 -20.42
CA GLY C 370 28.30 -51.09 -20.09
C GLY C 370 29.59 -51.30 -19.35
N GLN C 371 30.02 -52.55 -19.29
CA GLN C 371 31.26 -52.91 -18.63
C GLN C 371 32.43 -52.52 -19.51
N ILE C 372 33.38 -51.78 -18.93
CA ILE C 372 34.51 -51.27 -19.70
C ILE C 372 35.44 -52.43 -20.05
N SER C 373 35.67 -52.62 -21.35
CA SER C 373 36.51 -53.71 -21.80
C SER C 373 37.92 -53.59 -21.25
N ALA C 374 38.69 -54.66 -21.38
CA ALA C 374 40.03 -54.68 -20.80
C ALA C 374 40.99 -53.81 -21.59
N THR C 375 40.74 -53.61 -22.88
CA THR C 375 41.58 -52.71 -23.68
C THR C 375 41.04 -51.30 -23.64
N ASN C 376 39.71 -51.15 -23.71
CA ASN C 376 39.11 -49.84 -23.57
C ASN C 376 39.50 -49.20 -22.26
N ALA C 377 39.62 -49.99 -21.19
CA ALA C 377 40.05 -49.43 -19.91
C ALA C 377 41.46 -48.87 -19.99
N ASP C 378 42.39 -49.63 -20.55
CA ASP C 378 43.74 -49.13 -20.74
C ASP C 378 43.73 -47.82 -21.53
N ALA C 379 42.90 -47.77 -22.57
CA ALA C 379 42.79 -46.53 -23.34
C ALA C 379 42.26 -45.39 -22.48
N MET C 380 41.26 -45.65 -21.65
CA MET C 380 40.72 -44.61 -20.77
C MET C 380 41.81 -44.07 -19.86
N GLY C 381 42.63 -44.94 -19.29
CA GLY C 381 43.73 -44.48 -18.47
C GLY C 381 43.86 -45.15 -17.12
N PHE C 382 43.13 -46.24 -16.91
CA PHE C 382 43.34 -47.04 -15.72
C PHE C 382 44.72 -47.71 -15.78
N ASN C 383 45.06 -48.44 -14.72
CA ASN C 383 46.12 -49.44 -14.71
C ASN C 383 47.38 -48.97 -15.43
N SER C 384 48.08 -48.01 -14.84
CA SER C 384 49.27 -47.42 -15.46
C SER C 384 50.17 -48.47 -16.13
N TYR C 385 50.65 -49.45 -15.38
CA TYR C 385 51.71 -50.30 -15.92
C TYR C 385 51.21 -51.27 -16.97
N LYS C 386 50.66 -50.75 -18.07
CA LYS C 386 50.32 -51.52 -19.26
C LYS C 386 49.38 -52.69 -18.92
N GLY C 387 48.20 -52.32 -18.47
CA GLY C 387 47.22 -53.28 -17.99
C GLY C 387 47.33 -53.50 -16.50
N GLY C 388 46.35 -54.20 -15.96
CA GLY C 388 46.31 -54.41 -14.52
C GLY C 388 46.99 -55.70 -14.13
N GLY C 389 47.30 -56.53 -15.11
CA GLY C 389 47.81 -57.85 -14.83
C GLY C 389 49.29 -57.89 -14.56
N LYS C 390 49.98 -58.81 -15.22
CA LYS C 390 51.40 -58.99 -15.00
C LYS C 390 52.18 -57.86 -15.66
N PHE C 391 53.34 -57.55 -15.09
CA PHE C 391 54.26 -56.63 -15.73
C PHE C 391 54.88 -57.30 -16.96
N VAL C 392 55.00 -56.56 -18.04
CA VAL C 392 55.41 -57.10 -19.34
C VAL C 392 56.83 -56.64 -19.65
N PHE C 393 57.72 -57.59 -19.90
CA PHE C 393 59.10 -57.31 -20.26
C PHE C 393 59.32 -57.52 -21.74
N THR C 394 60.57 -57.31 -22.18
CA THR C 394 61.03 -57.73 -23.50
C THR C 394 62.43 -58.32 -23.40
N GLN C 395 62.75 -58.99 -22.30
CA GLN C 395 64.11 -59.41 -22.02
C GLN C 395 64.51 -60.57 -22.94
N ASN C 396 65.70 -61.10 -22.72
CA ASN C 396 66.29 -62.11 -23.59
C ASN C 396 66.43 -63.43 -22.86
N VAL C 397 65.39 -63.83 -22.14
CA VAL C 397 65.46 -64.98 -21.25
C VAL C 397 64.43 -66.01 -21.68
N SER C 398 64.79 -67.29 -21.55
CA SER C 398 63.86 -68.37 -21.88
C SER C 398 62.80 -68.52 -20.80
N SER C 399 63.19 -68.43 -19.53
CA SER C 399 62.25 -68.65 -18.45
C SER C 399 62.74 -67.95 -17.18
N ILE C 400 61.83 -67.81 -16.22
CA ILE C 400 62.14 -67.17 -14.94
C ILE C 400 63.33 -67.85 -14.27
N SER C 401 63.49 -69.15 -14.49
CA SER C 401 64.64 -69.86 -13.95
C SER C 401 65.94 -69.18 -14.34
N ALA C 402 66.08 -68.83 -15.62
CA ALA C 402 67.27 -68.13 -16.08
C ALA C 402 67.21 -66.63 -15.81
N PHE C 403 66.00 -66.06 -15.74
CA PHE C 403 65.89 -64.63 -15.45
C PHE C 403 66.38 -64.31 -14.06
N MET C 404 66.22 -65.25 -13.12
CA MET C 404 66.76 -65.03 -11.79
C MET C 404 68.27 -65.24 -11.76
N SER C 405 68.77 -66.22 -12.50
CA SER C 405 70.21 -66.50 -12.48
C SER C 405 71.01 -65.42 -13.20
N ALA C 406 70.40 -64.75 -14.17
CA ALA C 406 71.14 -63.81 -15.00
C ALA C 406 71.70 -62.66 -14.18
N GLN C 407 72.67 -61.96 -14.77
CA GLN C 407 73.33 -60.84 -14.13
C GLN C 407 72.37 -59.66 -14.05
N GLY C 408 72.68 -58.72 -13.16
CA GLY C 408 71.87 -57.52 -13.02
C GLY C 408 70.72 -57.65 -12.05
N SER C 409 69.91 -58.70 -12.21
CA SER C 409 68.80 -58.92 -11.30
C SER C 409 69.32 -59.23 -9.90
N GLY C 410 68.44 -59.09 -8.93
CA GLY C 410 68.83 -59.30 -7.54
C GLY C 410 68.75 -60.74 -7.09
N PHE C 411 68.74 -61.67 -8.03
CA PHE C 411 68.60 -63.09 -7.71
C PHE C 411 69.85 -63.89 -8.06
N SER C 412 70.98 -63.23 -8.26
CA SER C 412 72.19 -63.94 -8.61
C SER C 412 72.61 -64.87 -7.47
N ARG C 413 73.59 -65.72 -7.75
CA ARG C 413 74.07 -66.67 -6.76
C ARG C 413 74.60 -65.96 -5.53
N GLY C 414 75.29 -64.83 -5.73
CA GLY C 414 75.80 -64.09 -4.59
C GLY C 414 74.70 -63.53 -3.70
N SER C 415 73.63 -63.03 -4.31
CA SER C 415 72.51 -62.50 -3.54
C SER C 415 71.84 -63.62 -2.76
N GLY C 416 71.13 -63.22 -1.70
CA GLY C 416 70.45 -64.20 -0.87
C GLY C 416 69.16 -64.73 -1.44
N PHE C 417 68.57 -64.02 -2.40
CA PHE C 417 67.28 -64.40 -2.96
C PHE C 417 67.43 -65.26 -4.21
N SER C 418 68.20 -66.34 -4.11
CA SER C 418 68.35 -67.22 -5.26
C SER C 418 67.30 -68.31 -5.23
N VAL C 419 67.09 -68.94 -6.37
CA VAL C 419 66.17 -70.07 -6.45
C VAL C 419 66.66 -71.17 -5.51
N GLY C 420 65.81 -71.58 -4.60
CA GLY C 420 66.18 -72.60 -3.63
C GLY C 420 66.87 -72.00 -2.42
N SER C 421 66.35 -70.88 -1.92
CA SER C 421 66.94 -70.20 -0.76
C SER C 421 65.92 -69.89 0.31
N GLY C 422 64.74 -70.50 0.27
CA GLY C 422 63.72 -70.26 1.26
C GLY C 422 62.90 -69.02 1.06
N LYS C 423 63.46 -67.98 0.42
CA LYS C 423 62.70 -66.77 0.18
C LYS C 423 61.48 -67.04 -0.70
N ASN C 424 61.61 -67.97 -1.66
CA ASN C 424 60.50 -68.40 -2.49
C ASN C 424 59.87 -67.23 -3.26
N LEU C 425 60.71 -66.54 -4.03
CA LEU C 425 60.22 -65.48 -4.89
C LEU C 425 59.89 -65.95 -6.29
N SER C 426 60.21 -67.20 -6.63
CA SER C 426 59.80 -67.72 -7.93
C SER C 426 58.28 -67.72 -8.05
N VAL C 427 57.58 -68.16 -7.01
CA VAL C 427 56.12 -68.17 -7.03
C VAL C 427 55.59 -66.75 -7.13
N GLY C 428 56.28 -65.79 -6.51
CA GLY C 428 55.85 -64.42 -6.60
C GLY C 428 56.01 -63.85 -7.99
N LEU C 429 57.16 -64.08 -8.62
CA LEU C 429 57.38 -63.60 -9.98
C LEU C 429 56.40 -64.25 -10.94
N SER C 430 56.12 -65.54 -10.74
CA SER C 430 55.18 -66.24 -11.63
C SER C 430 53.84 -65.54 -11.69
N GLN C 431 53.45 -64.84 -10.62
CA GLN C 431 52.25 -64.03 -10.59
C GLN C 431 52.68 -62.56 -10.60
N GLY C 432 52.93 -62.04 -11.79
CA GLY C 432 53.28 -60.64 -11.91
C GLY C 432 54.35 -60.34 -12.93
N ILE C 433 54.94 -61.38 -13.53
CA ILE C 433 55.97 -61.19 -14.54
C ILE C 433 55.55 -61.95 -15.80
N GLN C 434 55.70 -61.30 -16.95
CA GLN C 434 55.45 -61.93 -18.24
C GLN C 434 56.58 -61.51 -19.17
N ILE C 435 57.64 -62.31 -19.24
CA ILE C 435 58.79 -61.99 -20.06
C ILE C 435 58.47 -62.32 -21.51
N ILE C 436 58.74 -61.38 -22.40
CA ILE C 436 58.63 -61.62 -23.83
C ILE C 436 60.02 -61.94 -24.38
N SER C 437 60.12 -63.08 -25.08
CA SER C 437 61.43 -63.53 -25.55
C SER C 437 62.05 -62.54 -26.52
N SER C 438 61.38 -62.29 -27.64
CA SER C 438 61.95 -61.45 -28.68
C SER C 438 60.90 -60.47 -29.16
N ALA C 439 61.24 -59.18 -29.12
CA ALA C 439 60.29 -58.15 -29.52
C ALA C 439 59.86 -58.27 -30.97
N ALA C 440 60.51 -59.11 -31.76
CA ALA C 440 60.12 -59.27 -33.16
C ALA C 440 58.93 -60.21 -33.29
N SER C 441 58.98 -61.36 -32.61
CA SER C 441 57.92 -62.37 -32.69
C SER C 441 57.32 -62.54 -31.30
N MET C 442 56.18 -61.90 -31.06
CA MET C 442 55.45 -62.08 -29.81
C MET C 442 53.98 -62.29 -30.17
N SER C 443 53.62 -63.54 -30.43
CA SER C 443 52.23 -63.91 -30.61
C SER C 443 51.63 -64.54 -29.37
N ASN C 444 52.44 -64.91 -28.40
CA ASN C 444 51.98 -65.50 -27.15
C ASN C 444 51.56 -64.46 -26.12
N THR C 445 51.75 -63.17 -26.42
CA THR C 445 51.46 -62.14 -25.44
C THR C 445 50.47 -61.12 -26.01
N TYR C 446 50.56 -60.85 -27.30
CA TYR C 446 49.66 -59.92 -27.96
C TYR C 446 48.92 -60.64 -29.08
N VAL C 447 47.79 -60.08 -29.49
CA VAL C 447 47.04 -60.65 -30.59
C VAL C 447 47.66 -60.18 -31.91
N VAL C 448 48.59 -60.97 -32.43
CA VAL C 448 49.34 -60.59 -33.62
C VAL C 448 49.21 -61.72 -34.64
N SER C 449 48.22 -62.59 -34.45
CA SER C 449 48.04 -63.70 -35.37
C SER C 449 47.76 -63.21 -36.79
N ALA C 450 48.03 -64.09 -37.75
CA ALA C 450 47.99 -63.68 -39.16
C ALA C 450 46.63 -63.13 -39.55
N GLY C 451 45.55 -63.70 -39.02
CA GLY C 451 44.23 -63.25 -39.40
C GLY C 451 43.90 -61.85 -38.93
N SER C 452 44.42 -61.47 -37.76
CA SER C 452 44.14 -60.16 -37.22
C SER C 452 44.70 -59.06 -38.11
N GLY C 453 44.15 -57.87 -37.97
CA GLY C 453 44.66 -56.72 -38.69
C GLY C 453 45.95 -56.16 -38.13
N PHE C 454 46.56 -56.85 -37.15
CA PHE C 454 47.74 -56.34 -36.47
C PHE C 454 48.95 -57.22 -36.72
N SER C 455 49.02 -57.86 -37.89
CA SER C 455 50.16 -58.68 -38.23
C SER C 455 51.44 -57.86 -38.29
N SER C 456 52.52 -58.42 -37.77
CA SER C 456 53.82 -57.76 -37.84
C SER C 456 54.21 -57.50 -39.28
N GLY C 457 54.61 -56.26 -39.56
CA GLY C 457 54.97 -55.88 -40.91
C GLY C 457 53.81 -55.50 -41.80
N SER C 458 52.58 -55.49 -41.27
CA SER C 458 51.41 -55.06 -42.01
C SER C 458 50.92 -53.70 -41.55
N GLY C 459 51.75 -52.94 -40.84
CA GLY C 459 51.28 -51.73 -40.21
C GLY C 459 50.39 -52.04 -39.03
N ASN C 460 50.11 -51.05 -38.20
CA ASN C 460 49.28 -51.20 -37.01
C ASN C 460 49.83 -52.22 -36.02
N SER C 461 51.06 -52.68 -36.23
CA SER C 461 51.64 -53.69 -35.35
C SER C 461 51.90 -53.15 -33.94
N GLN C 462 51.83 -51.84 -33.75
CA GLN C 462 52.07 -51.25 -32.44
C GLN C 462 50.78 -50.91 -31.71
N PHE C 463 49.63 -51.38 -32.20
CA PHE C 463 48.36 -51.16 -31.53
C PHE C 463 47.71 -52.48 -31.13
N ALA C 464 48.40 -53.60 -31.27
CA ALA C 464 47.80 -54.89 -30.98
C ALA C 464 47.36 -54.97 -29.53
N ALA C 465 46.31 -55.74 -29.28
CA ALA C 465 45.74 -55.85 -27.95
C ALA C 465 46.48 -56.91 -27.14
N LEU C 466 46.61 -56.65 -25.86
CA LEU C 466 47.27 -57.58 -24.96
C LEU C 466 46.36 -58.78 -24.73
N LYS C 467 46.95 -59.94 -24.43
CA LYS C 467 46.21 -61.18 -24.35
C LYS C 467 45.83 -61.50 -22.91
N THR C 468 44.58 -61.93 -22.73
CA THR C 468 44.01 -62.10 -21.40
C THR C 468 44.61 -63.29 -20.66
N THR C 469 45.07 -64.32 -21.39
CA THR C 469 45.70 -65.43 -20.70
C THR C 469 47.17 -65.13 -20.41
N ALA C 470 47.84 -64.42 -21.31
CA ALA C 470 49.22 -64.02 -21.09
C ALA C 470 49.33 -63.12 -19.88
N ALA C 471 48.71 -61.95 -19.95
CA ALA C 471 48.58 -61.09 -18.78
C ALA C 471 47.41 -61.59 -17.95
N ASN C 472 46.95 -60.81 -17.00
CA ASN C 472 45.74 -61.10 -16.26
C ASN C 472 44.75 -59.95 -16.33
N THR C 473 44.68 -59.32 -17.51
CA THR C 473 43.83 -58.16 -17.67
C THR C 473 42.36 -58.55 -17.50
N THR C 474 41.70 -57.87 -16.57
CA THR C 474 40.26 -58.04 -16.35
C THR C 474 39.56 -56.73 -16.64
N ASP C 475 38.24 -56.81 -16.76
CA ASP C 475 37.45 -55.62 -17.03
C ASP C 475 37.37 -54.75 -15.77
N GLU C 476 36.64 -53.66 -15.89
CA GLU C 476 36.37 -52.75 -14.80
C GLU C 476 34.87 -52.61 -14.60
N THR C 477 34.48 -52.11 -13.43
CA THR C 477 33.07 -51.89 -13.18
C THR C 477 32.50 -50.88 -14.17
N ALA C 478 31.20 -50.98 -14.42
CA ALA C 478 30.58 -50.36 -15.59
C ALA C 478 30.51 -48.85 -15.41
N GLY C 479 31.20 -48.13 -16.28
CA GLY C 479 30.93 -46.71 -16.45
C GLY C 479 31.40 -45.88 -15.27
N VAL C 480 30.54 -45.00 -14.82
CA VAL C 480 30.86 -43.98 -13.81
C VAL C 480 31.08 -44.63 -12.45
N THR C 481 30.88 -45.95 -12.36
CA THR C 481 31.06 -46.64 -11.08
C THR C 481 32.51 -46.68 -10.63
N THR C 482 33.42 -46.08 -11.38
CA THR C 482 34.82 -45.96 -10.98
C THR C 482 35.33 -44.57 -11.34
N LEU C 483 36.44 -44.19 -10.73
CA LEU C 483 36.93 -42.82 -10.83
C LEU C 483 37.28 -42.45 -12.26
N LYS C 484 38.29 -43.11 -12.83
CA LYS C 484 38.68 -42.80 -14.20
C LYS C 484 37.54 -43.02 -15.17
N GLY C 485 36.68 -43.99 -14.89
CA GLY C 485 35.46 -44.11 -15.65
C GLY C 485 34.58 -42.89 -15.55
N ALA C 486 34.51 -42.29 -14.36
CA ALA C 486 33.72 -41.08 -14.20
C ALA C 486 34.28 -39.95 -15.05
N MET C 487 35.60 -39.78 -15.04
CA MET C 487 36.18 -38.71 -15.83
C MET C 487 36.01 -38.96 -17.33
N ALA C 488 36.14 -40.21 -17.75
CA ALA C 488 35.87 -40.54 -19.15
C ALA C 488 34.44 -40.20 -19.52
N VAL C 489 33.49 -40.50 -18.64
CA VAL C 489 32.09 -40.16 -18.91
C VAL C 489 31.92 -38.65 -18.99
N MET C 490 32.67 -37.90 -18.17
CA MET C 490 32.64 -36.45 -18.28
C MET C 490 33.04 -36.00 -19.69
N ASP C 491 34.14 -36.53 -20.20
CA ASP C 491 34.58 -36.16 -21.54
C ASP C 491 33.56 -36.56 -22.60
N ILE C 492 32.97 -37.75 -22.46
CA ILE C 492 32.01 -38.20 -23.46
C ILE C 492 30.77 -37.32 -23.44
N ALA C 493 30.36 -36.87 -22.26
CA ALA C 493 29.22 -35.98 -22.18
C ALA C 493 29.52 -34.64 -22.85
N GLU C 494 30.72 -34.12 -22.62
CA GLU C 494 31.11 -32.88 -23.30
C GLU C 494 31.04 -33.05 -24.82
N THR C 495 31.58 -34.17 -25.32
CA THR C 495 31.52 -34.43 -26.75
C THR C 495 30.09 -34.51 -27.25
N ALA C 496 29.22 -35.19 -26.50
CA ALA C 496 27.83 -35.32 -26.93
C ALA C 496 27.15 -33.97 -27.00
N ILE C 497 27.43 -33.11 -26.02
CA ILE C 497 26.87 -31.76 -26.06
C ILE C 497 27.31 -31.04 -27.31
N THR C 498 28.60 -31.14 -27.65
CA THR C 498 29.08 -30.50 -28.87
C THR C 498 28.36 -31.04 -30.10
N ASN C 499 28.17 -32.35 -30.16
CA ASN C 499 27.51 -32.96 -31.32
C ASN C 499 26.09 -32.44 -31.47
N LEU C 500 25.34 -32.42 -30.37
CA LEU C 500 23.96 -31.96 -30.46
C LEU C 500 23.89 -30.48 -30.80
N ASP C 501 24.85 -29.68 -30.33
CA ASP C 501 24.89 -28.29 -30.75
C ASP C 501 25.07 -28.18 -32.25
N GLN C 502 25.97 -28.99 -32.82
CA GLN C 502 26.16 -28.93 -34.27
C GLN C 502 24.89 -29.30 -35.02
N ILE C 503 24.21 -30.36 -34.60
CA ILE C 503 23.01 -30.78 -35.31
C ILE C 503 21.92 -29.71 -35.20
N ARG C 504 21.73 -29.17 -33.99
CA ARG C 504 20.73 -28.13 -33.81
C ARG C 504 21.04 -26.89 -34.63
N ALA C 505 22.32 -26.55 -34.78
CA ALA C 505 22.68 -25.43 -35.63
C ALA C 505 22.36 -25.70 -37.09
N ASP C 506 22.56 -26.93 -37.55
CA ASP C 506 22.14 -27.26 -38.91
C ASP C 506 20.64 -27.04 -39.09
N ILE C 507 19.85 -27.53 -38.13
CA ILE C 507 18.40 -27.33 -38.19
C ILE C 507 18.08 -25.85 -38.25
N ALA C 508 18.75 -25.04 -37.43
CA ALA C 508 18.45 -23.62 -37.37
C ALA C 508 18.76 -22.93 -38.71
N SER C 509 19.89 -23.27 -39.32
CA SER C 509 20.22 -22.69 -40.61
C SER C 509 19.17 -23.03 -41.66
N ILE C 510 18.75 -24.29 -41.72
CA ILE C 510 17.71 -24.66 -42.68
C ILE C 510 16.44 -23.86 -42.41
N GLN C 511 16.09 -23.68 -41.14
CA GLN C 511 14.87 -22.97 -40.80
C GLN C 511 14.92 -21.52 -41.25
N ASN C 512 16.05 -20.85 -41.04
CA ASN C 512 16.16 -19.47 -41.48
C ASN C 512 16.06 -19.36 -43.00
N GLN C 513 16.69 -20.27 -43.72
CA GLN C 513 16.56 -20.25 -45.17
C GLN C 513 15.11 -20.40 -45.60
N VAL C 514 14.39 -21.34 -44.99
CA VAL C 514 12.99 -21.55 -45.34
C VAL C 514 12.18 -20.30 -45.06
N THR C 515 12.45 -19.64 -43.93
CA THR C 515 11.72 -18.40 -43.61
C THR C 515 11.91 -17.34 -44.68
N SER C 516 13.16 -17.13 -45.10
CA SER C 516 13.40 -16.14 -46.15
C SER C 516 12.66 -16.52 -47.44
N THR C 517 12.70 -17.80 -47.81
CA THR C 517 11.99 -18.24 -49.00
C THR C 517 10.50 -17.91 -48.88
N ILE C 518 9.92 -18.15 -47.71
CA ILE C 518 8.49 -17.95 -47.54
C ILE C 518 8.13 -16.48 -47.67
N ASN C 519 8.95 -15.60 -47.08
CA ASN C 519 8.70 -14.17 -47.26
C ASN C 519 8.72 -13.78 -48.73
N ASN C 520 9.76 -14.19 -49.45
CA ASN C 520 9.87 -13.78 -50.84
C ASN C 520 8.72 -14.33 -51.68
N ILE C 521 8.30 -15.57 -51.41
CA ILE C 521 7.20 -16.14 -52.18
C ILE C 521 5.90 -15.43 -51.86
N THR C 522 5.70 -15.06 -50.59
CA THR C 522 4.49 -14.34 -50.22
C THR C 522 4.39 -13.02 -50.97
N VAL C 523 5.52 -12.33 -51.14
CA VAL C 523 5.48 -11.08 -51.90
C VAL C 523 5.25 -11.35 -53.39
N THR C 524 6.01 -12.29 -53.95
CA THR C 524 5.93 -12.54 -55.39
C THR C 524 4.54 -13.03 -55.79
N GLN C 525 3.85 -13.75 -54.91
CA GLN C 525 2.51 -14.22 -55.25
C GLN C 525 1.56 -13.05 -55.42
N VAL C 526 1.62 -12.07 -54.53
CA VAL C 526 0.77 -10.90 -54.64
C VAL C 526 1.07 -10.17 -55.94
N ASN C 527 2.36 -9.99 -56.24
CA ASN C 527 2.70 -9.28 -57.47
C ASN C 527 2.20 -10.01 -58.71
N VAL C 528 2.34 -11.34 -58.73
CA VAL C 528 1.88 -12.12 -59.88
C VAL C 528 0.36 -12.05 -60.00
N LYS C 529 -0.34 -12.12 -58.87
CA LYS C 529 -1.78 -12.03 -58.91
C LYS C 529 -2.25 -10.69 -59.44
N ALA C 530 -1.59 -9.60 -59.06
CA ALA C 530 -1.97 -8.30 -59.60
C ALA C 530 -1.67 -8.20 -61.08
N ALA C 531 -0.52 -8.72 -61.51
CA ALA C 531 -0.20 -8.70 -62.93
C ALA C 531 -1.19 -9.51 -63.74
N GLU C 532 -1.70 -10.60 -63.18
CA GLU C 532 -2.74 -11.37 -63.85
C GLU C 532 -4.05 -10.60 -63.91
N SER C 533 -4.43 -9.98 -62.81
CA SER C 533 -5.63 -9.16 -62.80
C SER C 533 -5.60 -8.08 -63.85
N GLN C 534 -4.41 -7.50 -64.08
CA GLN C 534 -4.30 -6.47 -65.11
C GLN C 534 -4.70 -6.99 -66.48
N ILE C 535 -4.50 -8.28 -66.74
CA ILE C 535 -4.75 -8.82 -68.06
C ILE C 535 -6.15 -9.41 -68.16
N ARG C 536 -6.65 -10.02 -67.10
CA ARG C 536 -7.86 -10.82 -67.18
C ARG C 536 -9.13 -10.05 -66.87
N ASP C 537 -9.18 -9.37 -65.74
CA ASP C 537 -10.45 -8.82 -65.29
C ASP C 537 -10.81 -7.55 -66.06
N VAL C 538 -12.04 -7.10 -65.85
CA VAL C 538 -12.58 -5.92 -66.50
C VAL C 538 -12.75 -4.83 -65.45
N ASP C 539 -12.61 -3.58 -65.88
CA ASP C 539 -12.78 -2.43 -65.01
C ASP C 539 -14.18 -1.89 -65.20
N PHE C 540 -15.00 -2.01 -64.15
CA PHE C 540 -16.38 -1.57 -64.23
C PHE C 540 -16.50 -0.10 -64.59
N ALA C 541 -15.49 0.71 -64.27
CA ALA C 541 -15.47 2.10 -64.70
C ALA C 541 -15.79 2.21 -66.19
N SER C 542 -14.96 1.62 -67.02
CA SER C 542 -15.17 1.69 -68.46
C SER C 542 -16.27 0.76 -68.93
N GLU C 543 -16.50 -0.34 -68.23
CA GLU C 543 -17.50 -1.30 -68.70
C GLU C 543 -18.91 -0.73 -68.58
N SER C 544 -19.21 -0.05 -67.49
CA SER C 544 -20.52 0.56 -67.36
C SER C 544 -20.75 1.66 -68.39
N ALA C 545 -19.70 2.41 -68.71
CA ALA C 545 -19.83 3.41 -69.78
C ALA C 545 -20.13 2.74 -71.11
N ASN C 546 -19.37 1.71 -71.47
CA ASN C 546 -19.65 0.98 -72.70
C ASN C 546 -21.06 0.45 -72.73
N TYR C 547 -21.52 -0.11 -71.62
CA TYR C 547 -22.86 -0.70 -71.60
C TYR C 547 -23.93 0.34 -71.77
N SER C 548 -23.84 1.45 -71.03
CA SER C 548 -24.86 2.48 -71.15
C SER C 548 -24.86 3.08 -72.54
N LYS C 549 -23.69 3.30 -73.12
CA LYS C 549 -23.61 3.84 -74.47
C LYS C 549 -24.28 2.89 -75.46
N ALA C 550 -23.96 1.60 -75.38
CA ALA C 550 -24.59 0.63 -76.26
C ALA C 550 -26.09 0.57 -76.05
N ASN C 551 -26.57 0.77 -74.82
CA ASN C 551 -28.00 0.73 -74.57
C ASN C 551 -28.71 1.90 -75.24
N ILE C 552 -28.15 3.10 -75.10
CA ILE C 552 -28.75 4.26 -75.76
C ILE C 552 -28.72 4.08 -77.27
N LEU C 553 -27.61 3.55 -77.80
CA LEU C 553 -27.54 3.28 -79.22
C LEU C 553 -28.59 2.28 -79.64
N ALA C 554 -28.88 1.28 -78.80
CA ALA C 554 -29.91 0.31 -79.12
C ALA C 554 -31.28 0.97 -79.21
N GLN C 555 -31.57 1.87 -78.28
CA GLN C 555 -32.84 2.58 -78.34
C GLN C 555 -32.96 3.40 -79.62
N SER C 556 -31.90 4.14 -79.96
CA SER C 556 -31.95 4.95 -81.18
C SER C 556 -32.09 4.07 -82.41
N GLY C 557 -31.38 2.94 -82.46
CA GLY C 557 -31.48 2.06 -83.60
C GLY C 557 -32.85 1.45 -83.74
N SER C 558 -33.49 1.13 -82.62
CA SER C 558 -34.86 0.62 -82.69
C SER C 558 -35.81 1.67 -83.23
N TYR C 559 -35.67 2.93 -82.77
CA TYR C 559 -36.50 3.98 -83.35
C TYR C 559 -36.24 4.14 -84.85
N ALA C 560 -34.99 4.02 -85.26
CA ALA C 560 -34.68 4.15 -86.68
C ALA C 560 -35.30 3.02 -87.49
N MET C 561 -35.30 1.79 -86.94
CA MET C 561 -35.94 0.69 -87.64
C MET C 561 -37.44 0.91 -87.76
N ALA C 562 -38.07 1.38 -86.69
CA ALA C 562 -39.50 1.64 -86.76
C ALA C 562 -39.81 2.68 -87.84
N GLN C 563 -39.07 3.78 -87.85
CA GLN C 563 -39.29 4.79 -88.87
C GLN C 563 -39.00 4.26 -90.27
N ALA C 564 -38.00 3.39 -90.40
CA ALA C 564 -37.71 2.82 -91.71
C ALA C 564 -38.87 1.99 -92.23
N ASN C 565 -39.42 1.13 -91.36
CA ASN C 565 -40.59 0.35 -91.76
C ASN C 565 -41.75 1.25 -92.13
N SER C 566 -41.94 2.34 -91.40
CA SER C 566 -43.08 3.22 -91.64
C SER C 566 -42.88 4.18 -92.81
N SER C 567 -41.66 4.30 -93.32
CA SER C 567 -41.35 5.32 -94.32
C SER C 567 -41.97 5.05 -95.69
N GLN C 568 -42.82 4.05 -95.84
CA GLN C 568 -43.41 3.75 -97.13
C GLN C 568 -44.92 4.01 -97.19
N GLN C 569 -45.52 4.48 -96.10
CA GLN C 569 -46.94 4.74 -96.12
C GLN C 569 -47.33 5.81 -97.13
N ASN C 570 -46.40 6.67 -97.52
CA ASN C 570 -46.74 7.79 -98.38
C ASN C 570 -47.10 7.38 -99.79
N VAL C 571 -46.79 6.14 -100.19
CA VAL C 571 -47.16 5.70 -101.53
C VAL C 571 -48.67 5.58 -101.66
N LEU C 572 -49.35 5.17 -100.59
CA LEU C 572 -50.79 4.95 -100.66
C LEU C 572 -51.53 6.21 -101.07
N ARG C 573 -50.98 7.39 -100.78
CA ARG C 573 -51.65 8.62 -101.19
C ARG C 573 -51.71 8.74 -102.70
N LEU C 574 -50.75 8.15 -103.41
CA LEU C 574 -50.83 8.12 -104.86
C LEU C 574 -51.97 7.25 -105.33
N LEU C 575 -52.05 6.02 -104.80
CA LEU C 575 -53.00 5.04 -105.30
C LEU C 575 -54.43 5.43 -104.96
N GLN C 576 -54.67 5.91 -103.74
CA GLN C 576 -56.02 6.23 -103.30
C GLN C 576 -56.72 7.23 -104.22
N PHE D 3 -73.34 5.96 -63.30
CA PHE D 3 -72.62 6.14 -64.55
C PHE D 3 -72.88 7.55 -65.06
N ARG D 4 -73.72 8.27 -64.31
CA ARG D 4 -74.01 9.67 -64.58
C ARG D 4 -72.93 10.53 -63.96
N ILE D 5 -72.38 11.43 -64.75
CA ILE D 5 -71.33 12.31 -64.30
C ILE D 5 -71.93 13.64 -63.89
N ASN D 6 -71.09 14.50 -63.31
CA ASN D 6 -71.33 15.78 -62.65
C ASN D 6 -71.80 15.64 -61.21
N THR D 7 -72.01 14.43 -60.71
CA THR D 7 -72.31 14.23 -59.29
C THR D 7 -71.59 13.00 -58.77
N ASN D 8 -70.29 12.90 -59.04
CA ASN D 8 -69.48 11.78 -58.57
C ASN D 8 -69.73 11.48 -57.10
N VAL D 9 -70.20 10.28 -56.81
CA VAL D 9 -70.55 9.91 -55.44
C VAL D 9 -69.43 9.14 -54.76
N ALA D 10 -68.72 8.30 -55.51
CA ALA D 10 -67.57 7.64 -54.95
C ALA D 10 -66.53 8.63 -54.47
N ALA D 11 -66.39 9.77 -55.15
CA ALA D 11 -65.45 10.78 -54.70
C ALA D 11 -65.86 11.34 -53.34
N LEU D 12 -67.14 11.66 -53.17
CA LEU D 12 -67.59 12.20 -51.90
C LEU D 12 -67.43 11.17 -50.78
N ASN D 13 -67.76 9.91 -51.06
CA ASN D 13 -67.61 8.88 -50.05
C ASN D 13 -66.15 8.72 -49.64
N ALA D 14 -65.25 8.62 -50.61
CA ALA D 14 -63.84 8.49 -50.30
C ALA D 14 -63.31 9.69 -49.56
N LYS D 15 -63.76 10.89 -49.91
CA LYS D 15 -63.31 12.09 -49.22
C LYS D 15 -63.78 12.08 -47.77
N ALA D 16 -65.03 11.67 -47.53
CA ALA D 16 -65.52 11.59 -46.16
C ALA D 16 -64.67 10.63 -45.34
N ASN D 17 -64.42 9.43 -45.87
CA ASN D 17 -63.64 8.46 -45.11
C ASN D 17 -62.22 8.95 -44.87
N SER D 18 -61.58 9.52 -45.89
CA SER D 18 -60.21 9.97 -45.73
C SER D 18 -60.11 11.10 -44.73
N ASP D 19 -61.09 12.01 -44.71
CA ASP D 19 -61.05 13.09 -43.73
C ASP D 19 -61.26 12.55 -42.32
N LEU D 20 -62.20 11.61 -42.16
CA LEU D 20 -62.40 10.98 -40.86
C LEU D 20 -61.12 10.31 -40.38
N ASN D 21 -60.31 9.79 -41.30
CA ASN D 21 -59.07 9.17 -40.88
C ASN D 21 -57.99 10.19 -40.58
N ALA D 22 -57.90 11.26 -41.38
CA ALA D 22 -56.91 12.29 -41.12
C ALA D 22 -57.13 12.94 -39.76
N LYS D 23 -58.39 13.01 -39.32
CA LYS D 23 -58.64 13.50 -37.97
C LYS D 23 -57.92 12.67 -36.92
N SER D 24 -58.05 11.35 -37.00
CA SER D 24 -57.40 10.48 -36.02
C SER D 24 -55.89 10.48 -36.18
N LEU D 25 -55.40 10.60 -37.41
CA LEU D 25 -53.96 10.72 -37.60
C LEU D 25 -53.42 11.96 -36.90
N ASP D 26 -54.11 13.10 -37.06
CA ASP D 26 -53.70 14.33 -36.40
C ASP D 26 -53.74 14.17 -34.89
N ALA D 27 -54.80 13.55 -34.37
CA ALA D 27 -54.89 13.36 -32.92
C ALA D 27 -53.74 12.51 -32.40
N SER D 28 -53.46 11.40 -33.08
CA SER D 28 -52.35 10.53 -32.65
C SER D 28 -51.03 11.26 -32.72
N LEU D 29 -50.81 12.08 -33.74
CA LEU D 29 -49.58 12.84 -33.83
C LEU D 29 -49.46 13.84 -32.70
N SER D 30 -50.56 14.50 -32.34
CA SER D 30 -50.52 15.45 -31.22
C SER D 30 -50.19 14.74 -29.92
N ARG D 31 -50.75 13.56 -29.71
CA ARG D 31 -50.40 12.79 -28.51
C ARG D 31 -48.93 12.41 -28.53
N LEU D 32 -48.45 11.91 -29.66
CA LEU D 32 -47.05 11.54 -29.77
C LEU D 32 -46.12 12.72 -29.50
N SER D 33 -46.54 13.93 -29.89
CA SER D 33 -45.72 15.11 -29.67
C SER D 33 -45.72 15.52 -28.20
N SER D 34 -46.91 15.78 -27.65
CA SER D 34 -46.97 16.33 -26.31
C SER D 34 -46.52 15.33 -25.26
N GLY D 35 -46.78 14.05 -25.47
CA GLY D 35 -46.44 13.04 -24.51
C GLY D 35 -47.53 12.72 -23.51
N LEU D 36 -48.71 13.31 -23.65
CA LEU D 36 -49.82 13.08 -22.75
C LEU D 36 -50.98 12.43 -23.50
N ARG D 37 -51.78 11.65 -22.79
CA ARG D 37 -52.92 11.00 -23.41
C ARG D 37 -54.15 11.90 -23.41
N ILE D 38 -54.25 12.84 -22.49
CA ILE D 38 -55.36 13.78 -22.43
C ILE D 38 -54.78 15.18 -22.61
N ASN D 39 -54.77 15.66 -23.85
CA ASN D 39 -54.27 17.00 -24.13
C ASN D 39 -55.37 18.05 -23.99
N SER D 40 -56.43 17.91 -24.77
CA SER D 40 -57.47 18.93 -24.83
C SER D 40 -58.55 18.74 -23.79
N ALA D 41 -58.44 17.74 -22.92
CA ALA D 41 -59.43 17.45 -21.89
C ALA D 41 -60.82 17.23 -22.47
N ALA D 42 -60.91 16.99 -23.78
CA ALA D 42 -62.16 16.67 -24.42
C ALA D 42 -62.29 15.18 -24.71
N ASP D 43 -61.25 14.40 -24.44
CA ASP D 43 -61.28 12.96 -24.64
C ASP D 43 -61.49 12.18 -23.36
N ASP D 44 -61.26 12.80 -22.19
CA ASP D 44 -61.59 12.14 -20.92
C ASP D 44 -61.81 13.20 -19.86
N ALA D 45 -63.07 13.51 -19.58
CA ALA D 45 -63.39 14.55 -18.61
C ALA D 45 -63.02 14.12 -17.20
N SER D 46 -63.56 12.99 -16.74
CA SER D 46 -63.23 12.50 -15.41
C SER D 46 -61.77 12.13 -15.30
N GLY D 47 -61.18 11.63 -16.39
CA GLY D 47 -59.76 11.41 -16.38
C GLY D 47 -58.99 12.67 -16.08
N MET D 48 -59.35 13.77 -16.75
CA MET D 48 -58.71 15.04 -16.46
C MET D 48 -58.94 15.48 -15.03
N ALA D 49 -60.15 15.26 -14.52
CA ALA D 49 -60.45 15.69 -13.16
C ALA D 49 -59.62 14.95 -12.14
N ILE D 50 -59.61 13.61 -12.22
CA ILE D 50 -58.82 12.81 -11.28
C ILE D 50 -57.34 13.12 -11.44
N ALA D 51 -56.88 13.32 -12.68
CA ALA D 51 -55.47 13.59 -12.89
C ALA D 51 -55.07 14.92 -12.30
N ASP D 52 -55.92 15.93 -12.42
CA ASP D 52 -55.62 17.22 -11.82
C ASP D 52 -55.66 17.16 -10.31
N SER D 53 -56.60 16.41 -9.73
CA SER D 53 -56.58 16.24 -8.29
C SER D 53 -55.32 15.53 -7.81
N LEU D 54 -54.89 14.49 -8.51
CA LEU D 54 -53.68 13.78 -8.12
C LEU D 54 -52.45 14.63 -8.31
N ARG D 55 -52.42 15.45 -9.36
CA ARG D 55 -51.29 16.36 -9.55
C ARG D 55 -51.22 17.40 -8.45
N SER D 56 -52.36 17.96 -8.07
CA SER D 56 -52.38 18.88 -6.94
C SER D 56 -51.90 18.21 -5.67
N GLN D 57 -52.33 16.97 -5.42
CA GLN D 57 -51.90 16.28 -4.21
C GLN D 57 -50.40 15.97 -4.25
N ALA D 58 -49.88 15.60 -5.42
CA ALA D 58 -48.45 15.33 -5.52
C ALA D 58 -47.62 16.58 -5.28
N ASN D 59 -48.04 17.72 -5.85
CA ASN D 59 -47.31 18.96 -5.60
C ASN D 59 -47.41 19.38 -4.14
N THR D 60 -48.58 19.20 -3.53
CA THR D 60 -48.73 19.55 -2.13
C THR D 60 -47.82 18.70 -1.25
N LEU D 61 -47.76 17.40 -1.53
CA LEU D 61 -46.88 16.54 -0.73
C LEU D 61 -45.42 16.87 -0.98
N GLY D 62 -45.07 17.21 -2.22
CA GLY D 62 -43.70 17.61 -2.50
C GLY D 62 -43.30 18.86 -1.76
N GLN D 63 -44.24 19.78 -1.56
CA GLN D 63 -43.93 20.97 -0.77
C GLN D 63 -43.91 20.65 0.73
N ALA D 64 -44.78 19.75 1.17
CA ALA D 64 -44.80 19.37 2.56
C ALA D 64 -43.52 18.67 2.97
N ILE D 65 -42.88 17.96 2.04
CA ILE D 65 -41.59 17.37 2.33
C ILE D 65 -40.59 18.45 2.72
N SER D 66 -40.55 19.54 1.96
CA SER D 66 -39.64 20.63 2.29
C SER D 66 -40.03 21.31 3.58
N ASN D 67 -41.33 21.42 3.87
CA ASN D 67 -41.75 21.97 5.16
C ASN D 67 -41.22 21.13 6.31
N GLY D 68 -41.36 19.81 6.20
CA GLY D 68 -40.83 18.93 7.23
C GLY D 68 -39.33 19.02 7.35
N ASN D 69 -38.64 19.19 6.22
CA ASN D 69 -37.19 19.34 6.27
C ASN D 69 -36.78 20.61 7.00
N ASP D 70 -37.49 21.72 6.76
CA ASP D 70 -37.19 22.93 7.50
C ASP D 70 -37.47 22.76 8.98
N ALA D 71 -38.55 22.05 9.32
CA ALA D 71 -38.80 21.77 10.72
C ALA D 71 -37.68 20.96 11.35
N LEU D 72 -37.17 19.95 10.64
CA LEU D 72 -36.01 19.20 11.13
C LEU D 72 -34.82 20.12 11.36
N GLY D 73 -34.55 21.02 10.42
CA GLY D 73 -33.43 21.92 10.59
C GLY D 73 -33.56 22.76 11.84
N ILE D 74 -34.74 23.36 12.04
CA ILE D 74 -34.96 24.19 13.22
C ILE D 74 -34.78 23.39 14.49
N LEU D 75 -35.37 22.20 14.56
CA LEU D 75 -35.30 21.43 15.79
C LEU D 75 -33.87 20.97 16.08
N GLN D 76 -33.13 20.58 15.04
CA GLN D 76 -31.75 20.17 15.24
C GLN D 76 -30.91 21.34 15.75
N THR D 77 -31.11 22.53 15.18
CA THR D 77 -30.41 23.70 15.67
C THR D 77 -30.68 23.91 17.15
N ALA D 78 -31.96 23.85 17.54
CA ALA D 78 -32.33 24.08 18.93
C ALA D 78 -31.65 23.06 19.85
N ASP D 79 -31.67 21.79 19.48
CA ASP D 79 -31.12 20.76 20.36
C ASP D 79 -29.61 20.91 20.50
N LYS D 80 -28.91 21.02 19.37
CA LYS D 80 -27.46 21.19 19.41
C LYS D 80 -27.08 22.46 20.14
N ALA D 81 -27.97 23.45 20.22
CA ALA D 81 -27.70 24.59 21.09
C ALA D 81 -27.89 24.22 22.56
N MET D 82 -28.93 23.43 22.87
CA MET D 82 -29.17 23.02 24.25
C MET D 82 -27.97 22.29 24.83
N ASP D 83 -27.20 21.62 23.97
CA ASP D 83 -26.06 20.83 24.45
C ASP D 83 -25.10 21.66 25.29
N GLU D 84 -24.71 22.83 24.80
CA GLU D 84 -23.73 23.63 25.51
C GLU D 84 -24.29 24.16 26.82
N GLN D 85 -25.57 24.46 26.88
CA GLN D 85 -26.17 24.84 28.15
C GLN D 85 -26.09 23.72 29.16
N LEU D 86 -26.30 22.48 28.71
CA LEU D 86 -26.15 21.35 29.63
C LEU D 86 -24.74 21.28 30.17
N LYS D 87 -23.74 21.40 29.30
CA LYS D 87 -22.36 21.33 29.78
C LYS D 87 -22.03 22.47 30.73
N ILE D 88 -22.57 23.66 30.47
CA ILE D 88 -22.30 24.81 31.34
C ILE D 88 -22.91 24.59 32.71
N LEU D 89 -24.13 24.05 32.75
CA LEU D 89 -24.74 23.78 34.06
C LEU D 89 -23.94 22.74 34.82
N ASP D 90 -23.44 21.73 34.12
CA ASP D 90 -22.55 20.78 34.77
C ASP D 90 -21.37 21.49 35.40
N THR D 91 -20.73 22.40 34.66
CA THR D 91 -19.58 23.11 35.20
C THR D 91 -19.96 23.94 36.42
N ILE D 92 -21.13 24.59 36.37
CA ILE D 92 -21.56 25.40 37.50
C ILE D 92 -21.73 24.54 38.74
N LYS D 93 -22.35 23.38 38.60
CA LYS D 93 -22.53 22.51 39.75
C LYS D 93 -21.19 22.03 40.30
N THR D 94 -20.25 21.70 39.41
CA THR D 94 -18.95 21.26 39.87
C THR D 94 -18.23 22.38 40.62
N LYS D 95 -18.37 23.62 40.17
CA LYS D 95 -17.73 24.73 40.86
C LYS D 95 -18.36 24.97 42.23
N ALA D 96 -19.69 24.88 42.31
CA ALA D 96 -20.33 24.99 43.61
C ALA D 96 -19.83 23.91 44.55
N THR D 97 -19.67 22.69 44.05
CA THR D 97 -19.10 21.63 44.88
C THR D 97 -17.68 21.97 45.32
N GLN D 98 -16.90 22.56 44.42
CA GLN D 98 -15.53 22.92 44.75
C GLN D 98 -15.49 23.98 45.84
N ALA D 99 -16.47 24.88 45.86
CA ALA D 99 -16.51 25.93 46.87
C ALA D 99 -17.21 25.49 48.15
N ALA D 100 -17.90 24.36 48.13
CA ALA D 100 -18.60 23.86 49.30
C ALA D 100 -17.68 23.22 50.32
N GLN D 101 -16.37 23.33 50.16
CA GLN D 101 -15.43 22.90 51.17
C GLN D 101 -15.02 24.08 52.02
N ASP D 102 -14.42 23.79 53.17
CA ASP D 102 -14.01 24.84 54.08
C ASP D 102 -12.50 24.96 54.21
N GLY D 103 -11.77 24.49 53.21
CA GLY D 103 -10.36 24.82 53.11
C GLY D 103 -10.17 26.03 52.23
N GLN D 104 -11.25 26.79 52.05
CA GLN D 104 -11.28 27.92 51.13
C GLN D 104 -11.83 29.13 51.87
N SER D 105 -11.21 30.28 51.64
CA SER D 105 -11.64 31.49 52.31
C SER D 105 -12.68 32.22 51.47
N LEU D 106 -13.19 33.33 52.02
CA LEU D 106 -14.21 34.09 51.34
C LEU D 106 -13.72 34.65 50.01
N LYS D 107 -12.43 34.95 49.89
CA LYS D 107 -11.92 35.51 48.64
C LYS D 107 -11.93 34.46 47.53
N THR D 108 -11.51 33.23 47.85
CA THR D 108 -11.55 32.19 46.83
C THR D 108 -12.99 31.82 46.48
N ARG D 109 -13.86 31.74 47.49
CA ARG D 109 -15.28 31.55 47.18
C ARG D 109 -15.78 32.66 46.27
N THR D 110 -15.31 33.89 46.50
CA THR D 110 -15.72 35.01 45.66
C THR D 110 -15.23 34.86 44.24
N MET D 111 -14.04 34.31 44.06
CA MET D 111 -13.59 33.98 42.70
C MET D 111 -14.51 32.96 42.06
N LEU D 112 -14.88 31.91 42.80
CA LEU D 112 -15.85 30.94 42.28
C LEU D 112 -17.12 31.64 41.82
N GLN D 113 -17.66 32.51 42.65
CA GLN D 113 -18.94 33.14 42.32
C GLN D 113 -18.79 34.09 41.14
N ALA D 114 -17.67 34.83 41.08
CA ALA D 114 -17.47 35.73 39.95
C ALA D 114 -17.31 34.97 38.66
N ASP D 115 -16.86 33.71 38.73
CA ASP D 115 -16.77 32.91 37.53
C ASP D 115 -18.14 32.35 37.15
N ILE D 116 -18.87 31.86 38.14
CA ILE D 116 -20.23 31.36 37.90
C ILE D 116 -21.09 32.45 37.28
N ASN D 117 -20.86 33.70 37.67
CA ASN D 117 -21.60 34.80 37.09
C ASN D 117 -21.40 34.86 35.58
N LYS D 118 -20.14 34.81 35.14
CA LYS D 118 -19.87 34.87 33.71
C LYS D 118 -20.44 33.65 32.99
N LEU D 119 -20.35 32.48 33.62
CA LEU D 119 -20.86 31.28 32.96
C LEU D 119 -22.37 31.36 32.78
N MET D 120 -23.09 31.79 33.82
CA MET D 120 -24.53 31.93 33.71
C MET D 120 -24.90 33.03 32.72
N GLU D 121 -24.11 34.09 32.67
CA GLU D 121 -24.27 35.10 31.63
C GLU D 121 -24.19 34.48 30.26
N GLU D 122 -23.22 33.58 30.05
CA GLU D 122 -23.08 32.94 28.76
C GLU D 122 -24.29 32.05 28.45
N LEU D 123 -24.76 31.31 29.45
CA LEU D 123 -25.94 30.46 29.23
C LEU D 123 -27.12 31.31 28.80
N ASP D 124 -27.38 32.40 29.52
CA ASP D 124 -28.46 33.31 29.14
C ASP D 124 -28.23 33.87 27.75
N ASN D 125 -26.98 34.11 27.38
CA ASN D 125 -26.68 34.64 26.06
C ASN D 125 -27.04 33.63 24.98
N ILE D 126 -26.68 32.36 25.19
CA ILE D 126 -27.08 31.31 24.25
C ILE D 126 -28.58 31.29 24.10
N ALA D 127 -29.30 31.34 25.22
CA ALA D 127 -30.76 31.31 25.19
C ALA D 127 -31.32 32.45 24.36
N ASN D 128 -30.94 33.68 24.68
CA ASN D 128 -31.45 34.86 23.99
C ASN D 128 -30.82 35.06 22.61
N THR D 129 -29.88 34.20 22.22
CA THR D 129 -29.19 34.35 20.96
C THR D 129 -29.64 33.40 19.87
N THR D 130 -29.74 32.10 20.17
CA THR D 130 -30.05 31.13 19.13
C THR D 130 -31.35 31.49 18.43
N SER D 131 -31.30 31.60 17.10
CA SER D 131 -32.46 31.99 16.31
C SER D 131 -32.29 31.53 14.88
N PHE D 132 -33.41 31.27 14.21
CA PHE D 132 -33.33 30.76 12.84
C PHE D 132 -33.17 31.89 11.83
N ASN D 133 -34.20 32.72 11.67
CA ASN D 133 -34.13 33.91 10.82
C ASN D 133 -34.87 35.04 11.50
N GLY D 134 -34.61 35.22 12.79
CA GLY D 134 -35.36 36.13 13.63
C GLY D 134 -36.21 35.41 14.66
N LYS D 135 -36.77 34.26 14.30
CA LYS D 135 -37.55 33.47 15.24
C LYS D 135 -36.62 32.95 16.31
N GLN D 136 -36.69 33.54 17.50
CA GLN D 136 -35.90 33.08 18.62
C GLN D 136 -36.42 31.72 19.09
N LEU D 137 -35.56 30.71 19.06
CA LEU D 137 -35.98 29.36 19.43
C LEU D 137 -35.96 29.18 20.94
N LEU D 138 -34.79 29.35 21.54
CA LEU D 138 -34.57 28.98 22.93
C LEU D 138 -34.75 30.18 23.87
N SER D 139 -35.90 30.84 23.79
CA SER D 139 -36.13 31.98 24.66
C SER D 139 -37.50 31.90 25.32
N GLY D 140 -38.43 31.21 24.68
CA GLY D 140 -39.77 31.03 25.21
C GLY D 140 -40.87 31.51 24.30
N ASN D 141 -40.57 32.13 23.16
CA ASN D 141 -41.58 32.61 22.23
C ASN D 141 -41.73 31.70 21.02
N PHE D 142 -41.45 30.41 21.19
CA PHE D 142 -41.60 29.46 20.10
C PHE D 142 -42.67 28.43 20.45
N THR D 143 -43.79 28.90 20.99
CA THR D 143 -44.86 28.03 21.45
C THR D 143 -45.96 27.94 20.42
N ASN D 144 -46.48 26.72 20.22
CA ASN D 144 -47.62 26.48 19.35
C ASN D 144 -47.34 26.89 17.92
N GLN D 145 -46.25 26.38 17.37
CA GLN D 145 -45.87 26.65 15.99
C GLN D 145 -46.16 25.42 15.13
N GLU D 146 -46.75 25.64 13.97
CA GLU D 146 -47.22 24.56 13.10
C GLU D 146 -46.29 24.38 11.91
N PHE D 147 -46.46 23.25 11.23
CA PHE D 147 -45.72 22.95 10.01
C PHE D 147 -46.65 22.08 9.16
N GLN D 148 -47.28 22.70 8.16
CA GLN D 148 -48.18 21.96 7.28
C GLN D 148 -47.45 20.84 6.56
N ILE D 149 -47.82 19.60 6.85
CA ILE D 149 -47.15 18.44 6.27
C ILE D 149 -48.15 17.46 5.66
N GLY D 150 -49.30 17.96 5.20
CA GLY D 150 -50.34 17.09 4.69
C GLY D 150 -50.87 17.56 3.36
N ALA D 151 -51.45 16.61 2.62
CA ALA D 151 -52.01 16.94 1.31
C ALA D 151 -53.20 17.88 1.43
N SER D 152 -54.00 17.71 2.48
CA SER D 152 -55.17 18.55 2.70
C SER D 152 -54.77 19.73 3.59
N SER D 153 -55.75 20.42 4.16
CA SER D 153 -55.50 21.70 4.79
C SER D 153 -54.70 21.59 6.08
N ASN D 154 -55.23 20.89 7.08
CA ASN D 154 -54.78 21.07 8.46
C ASN D 154 -54.14 19.82 9.04
N GLN D 155 -53.27 19.17 8.27
CA GLN D 155 -52.38 18.15 8.84
C GLN D 155 -51.05 18.81 9.16
N THR D 156 -50.61 18.68 10.42
CA THR D 156 -49.46 19.46 10.83
C THR D 156 -48.85 18.87 12.10
N VAL D 157 -47.61 19.26 12.37
CA VAL D 157 -46.95 19.00 13.62
C VAL D 157 -46.84 20.31 14.39
N LYS D 158 -46.82 20.21 15.72
CA LYS D 158 -46.82 21.39 16.58
C LYS D 158 -45.66 21.31 17.55
N ALA D 159 -44.80 22.32 17.53
CA ALA D 159 -43.61 22.38 18.37
C ALA D 159 -43.73 23.56 19.32
N THR D 160 -43.48 23.32 20.60
CA THR D 160 -43.63 24.31 21.67
C THR D 160 -42.43 24.30 22.59
N ILE D 161 -41.22 24.39 22.01
CA ILE D 161 -40.00 24.44 22.81
C ILE D 161 -40.15 25.40 23.98
N GLY D 162 -39.84 24.91 25.17
CA GLY D 162 -39.99 25.71 26.37
C GLY D 162 -38.98 26.84 26.44
N ALA D 163 -38.95 27.49 27.59
CA ALA D 163 -38.02 28.58 27.85
C ALA D 163 -36.83 28.07 28.63
N THR D 164 -35.64 28.47 28.21
CA THR D 164 -34.40 27.93 28.76
C THR D 164 -33.45 29.01 29.27
N GLN D 165 -33.97 30.19 29.59
CA GLN D 165 -33.12 31.25 30.07
C GLN D 165 -32.58 30.91 31.45
N SER D 166 -31.74 31.81 31.99
CA SER D 166 -31.13 31.53 33.27
C SER D 166 -32.00 31.93 34.45
N SER D 167 -33.13 32.58 34.20
CA SER D 167 -34.03 33.00 35.25
C SER D 167 -35.28 32.15 35.32
N LYS D 168 -35.33 31.05 34.59
CA LYS D 168 -36.53 30.24 34.51
C LYS D 168 -36.27 28.74 34.57
N ILE D 169 -35.03 28.30 34.75
CA ILE D 169 -34.77 26.87 34.67
C ILE D 169 -34.73 26.24 36.05
N GLY D 170 -33.78 26.65 36.88
CA GLY D 170 -33.60 25.96 38.14
C GLY D 170 -34.34 26.62 39.28
N VAL D 171 -35.53 26.13 39.59
CA VAL D 171 -36.38 26.73 40.62
C VAL D 171 -36.60 25.66 41.67
N THR D 172 -35.74 25.62 42.68
CA THR D 172 -35.91 24.67 43.76
C THR D 172 -36.91 25.22 44.77
N ARG D 173 -37.33 24.35 45.68
CA ARG D 173 -38.27 24.71 46.74
C ARG D 173 -37.65 24.34 48.08
N PHE D 174 -37.31 25.35 48.86
CA PHE D 174 -36.78 25.13 50.20
C PHE D 174 -37.87 25.29 51.24
N GLU D 175 -37.73 24.56 52.34
CA GLU D 175 -38.57 24.74 53.51
C GLU D 175 -37.71 24.57 54.74
N THR D 176 -38.20 25.10 55.86
CA THR D 176 -37.47 24.96 57.13
C THR D 176 -38.44 25.21 58.27
N GLY D 177 -38.44 24.32 59.26
CA GLY D 177 -39.32 24.47 60.38
C GLY D 177 -38.71 25.26 61.51
N ALA D 178 -39.56 25.60 62.47
CA ALA D 178 -39.08 26.30 63.65
C ALA D 178 -38.23 25.35 64.50
N GLN D 179 -37.48 25.95 65.42
CA GLN D 179 -36.64 25.15 66.30
C GLN D 179 -37.52 24.48 67.35
N SER D 180 -37.60 23.16 67.30
CA SER D 180 -38.53 22.41 68.14
C SER D 180 -37.89 22.12 69.48
N PHE D 181 -38.55 22.56 70.55
CA PHE D 181 -38.11 22.28 71.91
C PHE D 181 -38.90 21.16 72.55
N THR D 182 -39.70 20.43 71.78
CA THR D 182 -40.52 19.34 72.28
C THR D 182 -40.03 18.02 71.71
N SER D 183 -40.56 16.93 72.27
CA SER D 183 -40.18 15.60 71.81
C SER D 183 -41.43 14.78 71.50
N GLY D 184 -41.24 13.50 71.19
CA GLY D 184 -42.38 12.63 70.90
C GLY D 184 -42.21 11.84 69.63
N VAL D 185 -43.00 10.78 69.49
CA VAL D 185 -42.92 9.92 68.31
C VAL D 185 -43.67 10.60 67.17
N VAL D 186 -42.96 10.84 66.07
CA VAL D 186 -43.48 11.60 64.94
C VAL D 186 -43.65 10.69 63.74
N GLY D 187 -44.71 10.91 62.97
CA GLY D 187 -44.88 10.26 61.70
C GLY D 187 -45.32 11.24 60.64
N LEU D 188 -44.53 11.38 59.58
CA LEU D 188 -44.83 12.37 58.56
C LEU D 188 -45.87 11.83 57.58
N THR D 189 -46.39 12.73 56.75
CA THR D 189 -47.24 12.34 55.63
C THR D 189 -47.15 13.46 54.59
N ILE D 190 -46.34 13.25 53.56
CA ILE D 190 -46.32 14.17 52.43
C ILE D 190 -47.56 13.92 51.60
N LYS D 191 -48.36 14.95 51.38
CA LYS D 191 -49.60 14.81 50.66
C LYS D 191 -49.38 15.09 49.19
N ASN D 192 -50.02 14.28 48.34
CA ASN D 192 -49.93 14.42 46.89
C ASN D 192 -48.48 14.32 46.42
N TYR D 193 -47.79 13.28 46.88
CA TYR D 193 -46.39 13.13 46.51
C TYR D 193 -46.20 12.86 45.04
N ASN D 194 -47.23 12.35 44.35
CA ASN D 194 -47.12 12.05 42.94
C ASN D 194 -48.33 12.47 42.13
N GLY D 195 -49.21 13.28 42.68
CA GLY D 195 -50.37 13.75 41.96
C GLY D 195 -51.60 12.89 42.12
N ILE D 196 -51.50 11.76 42.83
CA ILE D 196 -52.64 10.87 42.97
C ILE D 196 -52.95 10.61 44.44
N GLU D 197 -51.98 10.06 45.17
CA GLU D 197 -52.20 9.60 46.53
C GLU D 197 -51.15 10.21 47.44
N ASP D 198 -51.30 9.96 48.74
CA ASP D 198 -50.40 10.48 49.75
C ASP D 198 -49.14 9.61 49.82
N PHE D 199 -48.30 9.86 50.82
CA PHE D 199 -47.11 9.04 51.04
C PHE D 199 -46.72 9.15 52.50
N LYS D 200 -46.92 8.09 53.27
CA LYS D 200 -46.67 8.12 54.70
C LYS D 200 -45.37 7.43 55.03
N PHE D 201 -44.55 8.10 55.82
CA PHE D 201 -43.37 7.49 56.41
C PHE D 201 -43.78 6.72 57.66
N ASP D 202 -42.88 5.87 58.14
CA ASP D 202 -43.13 5.20 59.41
C ASP D 202 -42.75 6.12 60.57
N ASN D 203 -43.25 5.78 61.75
CA ASN D 203 -43.01 6.62 62.92
C ASN D 203 -41.53 6.65 63.26
N VAL D 204 -41.08 7.78 63.79
CA VAL D 204 -39.68 7.97 64.18
C VAL D 204 -39.63 8.51 65.60
N VAL D 205 -38.73 7.97 66.41
CA VAL D 205 -38.54 8.45 67.77
C VAL D 205 -37.70 9.71 67.69
N ILE D 206 -37.63 10.48 68.78
CA ILE D 206 -36.98 11.78 68.73
C ILE D 206 -35.92 11.96 69.83
N SER D 207 -36.26 11.61 71.06
CA SER D 207 -35.75 12.40 72.18
C SER D 207 -34.24 12.48 72.32
N THR D 208 -33.57 11.46 72.84
CA THR D 208 -32.16 11.62 73.14
C THR D 208 -31.30 10.38 72.91
N SER D 209 -31.87 9.28 72.45
CA SER D 209 -31.09 8.06 72.33
C SER D 209 -30.28 8.08 71.05
N VAL D 210 -29.51 7.02 70.82
CA VAL D 210 -28.64 6.95 69.66
C VAL D 210 -29.46 6.96 68.37
N GLY D 211 -30.31 5.96 68.20
CA GLY D 211 -31.09 5.85 66.98
C GLY D 211 -32.33 6.73 67.01
N THR D 212 -32.22 7.91 67.58
CA THR D 212 -33.35 8.83 67.66
C THR D 212 -32.95 10.21 67.16
N GLY D 213 -33.93 11.09 66.98
CA GLY D 213 -33.64 12.47 66.69
C GLY D 213 -33.80 12.83 65.24
N LEU D 214 -33.50 14.10 64.97
CA LEU D 214 -33.59 14.62 63.61
C LEU D 214 -32.66 13.89 62.66
N GLY D 215 -31.57 13.30 63.17
CA GLY D 215 -30.76 12.45 62.32
C GLY D 215 -31.52 11.25 61.81
N ALA D 216 -32.25 10.57 62.70
CA ALA D 216 -33.07 9.44 62.28
C ALA D 216 -34.18 9.89 61.34
N LEU D 217 -34.80 11.03 61.63
CA LEU D 217 -35.84 11.52 60.73
C LEU D 217 -35.28 11.85 59.35
N ALA D 218 -34.09 12.44 59.29
CA ALA D 218 -33.48 12.75 58.01
C ALA D 218 -33.11 11.48 57.24
N GLU D 219 -32.59 10.47 57.95
CA GLU D 219 -32.32 9.19 57.30
C GLU D 219 -33.59 8.62 56.70
N GLU D 220 -34.68 8.61 57.48
CA GLU D 220 -35.91 8.01 56.99
C GLU D 220 -36.49 8.78 55.82
N ILE D 221 -36.33 10.11 55.81
CA ILE D 221 -36.85 10.88 54.70
C ILE D 221 -36.00 10.69 53.45
N ASN D 222 -34.67 10.63 53.61
CA ASN D 222 -33.79 10.52 52.46
C ASN D 222 -33.77 9.12 51.88
N LYS D 223 -34.12 8.10 52.67
CA LYS D 223 -34.13 6.73 52.15
C LYS D 223 -35.01 6.64 50.91
N SER D 224 -36.26 7.04 51.03
CA SER D 224 -37.18 7.08 49.88
C SER D 224 -37.22 8.49 49.29
N ALA D 225 -36.06 8.97 48.87
CA ALA D 225 -35.97 10.30 48.28
C ALA D 225 -36.32 10.33 46.81
N ASP D 226 -36.13 9.24 46.08
CA ASP D 226 -36.34 9.24 44.65
C ASP D 226 -37.81 9.29 44.27
N LYS D 227 -38.70 8.80 45.12
CA LYS D 227 -40.12 8.80 44.80
C LYS D 227 -40.82 10.08 45.22
N THR D 228 -40.31 10.77 46.25
CA THR D 228 -40.91 12.01 46.68
C THR D 228 -40.23 13.25 46.13
N GLY D 229 -38.96 13.14 45.73
CA GLY D 229 -38.22 14.32 45.33
C GLY D 229 -37.95 15.28 46.45
N VAL D 230 -38.01 14.80 47.70
CA VAL D 230 -37.93 15.66 48.88
C VAL D 230 -36.82 15.11 49.76
N ARG D 231 -35.60 15.61 49.59
CA ARG D 231 -34.51 15.28 50.49
C ARG D 231 -34.58 16.15 51.72
N ALA D 232 -33.70 15.88 52.68
CA ALA D 232 -33.74 16.61 53.93
C ALA D 232 -32.40 16.52 54.63
N THR D 233 -32.15 17.51 55.49
CA THR D 233 -30.96 17.54 56.34
C THR D 233 -31.41 18.05 57.70
N TYR D 234 -30.46 18.40 58.55
CA TYR D 234 -30.79 18.86 59.89
C TYR D 234 -29.71 19.80 60.38
N ASP D 235 -29.98 20.43 61.53
CA ASP D 235 -29.02 21.30 62.17
C ASP D 235 -29.42 21.42 63.63
N VAL D 236 -28.61 20.88 64.53
CA VAL D 236 -28.94 20.81 65.95
C VAL D 236 -27.88 21.62 66.70
N LYS D 237 -28.23 22.84 67.09
CA LYS D 237 -27.33 23.69 67.86
C LYS D 237 -28.13 24.41 68.93
N THR D 238 -27.49 24.67 70.06
CA THR D 238 -28.04 25.52 71.11
C THR D 238 -27.01 26.61 71.39
N THR D 239 -27.25 27.81 70.84
CA THR D 239 -26.33 28.92 70.96
C THR D 239 -26.84 29.90 72.01
N GLY D 240 -25.95 30.30 72.91
CA GLY D 240 -26.31 31.30 73.89
C GLY D 240 -26.41 32.68 73.28
N VAL D 241 -26.62 33.66 74.16
CA VAL D 241 -26.63 35.07 73.82
C VAL D 241 -25.78 35.80 74.85
N TYR D 242 -25.59 37.10 74.64
CA TYR D 242 -24.81 37.94 75.57
C TYR D 242 -23.50 37.23 75.95
N ALA D 243 -22.61 37.22 74.97
CA ALA D 243 -21.72 36.09 74.68
C ALA D 243 -21.36 35.21 75.86
N ILE D 244 -20.76 35.75 76.92
CA ILE D 244 -20.48 34.92 78.08
C ILE D 244 -20.09 35.78 79.27
N LYS D 245 -20.39 35.30 80.48
CA LYS D 245 -20.04 35.99 81.71
C LYS D 245 -19.41 35.03 82.71
N GLU D 246 -19.23 35.48 83.94
CA GLU D 246 -18.63 34.66 84.98
C GLU D 246 -19.72 34.04 85.85
N GLY D 247 -19.69 32.72 85.98
CA GLY D 247 -20.66 32.04 86.81
C GLY D 247 -20.26 30.60 87.01
N THR D 248 -21.14 29.86 87.68
CA THR D 248 -20.93 28.45 87.95
C THR D 248 -22.17 27.66 87.55
N THR D 249 -21.99 26.35 87.42
CA THR D 249 -23.11 25.47 87.12
C THR D 249 -23.62 24.80 88.39
N SER D 250 -24.82 24.26 88.30
CA SER D 250 -25.39 23.54 89.42
C SER D 250 -24.61 22.25 89.67
N GLN D 251 -24.71 21.76 90.90
CA GLN D 251 -24.00 20.52 91.25
C GLN D 251 -24.49 19.35 90.43
N ASP D 252 -25.79 19.31 90.14
CA ASP D 252 -26.39 18.22 89.38
C ASP D 252 -26.60 18.62 87.92
N PHE D 253 -25.68 19.42 87.39
CA PHE D 253 -25.75 19.83 85.99
C PHE D 253 -25.45 18.64 85.09
N ALA D 254 -26.44 18.24 84.31
CA ALA D 254 -26.31 17.08 83.44
C ALA D 254 -26.81 17.44 82.04
N ILE D 255 -26.32 16.71 81.06
CA ILE D 255 -26.66 16.95 79.65
C ILE D 255 -26.87 15.61 78.96
N ASN D 256 -28.02 15.47 78.30
CA ASN D 256 -28.43 14.23 77.65
C ASN D 256 -28.49 13.04 78.58
N GLY D 257 -28.50 13.27 79.89
CA GLY D 257 -28.66 12.19 80.85
C GLY D 257 -27.41 11.77 81.58
N VAL D 258 -26.27 12.40 81.33
CA VAL D 258 -25.04 12.13 82.06
C VAL D 258 -24.66 13.37 82.85
N THR D 259 -24.33 13.18 84.13
CA THR D 259 -24.06 14.29 85.02
C THR D 259 -22.61 14.73 84.89
N ILE D 260 -22.40 16.03 84.68
CA ILE D 260 -21.06 16.59 84.56
C ILE D 260 -20.55 17.12 85.89
N GLY D 261 -21.34 17.94 86.55
CA GLY D 261 -20.99 18.45 87.87
C GLY D 261 -20.78 19.95 87.85
N LYS D 262 -20.35 20.47 89.00
CA LYS D 262 -20.16 21.90 89.16
C LYS D 262 -18.89 22.35 88.47
N ILE D 263 -18.96 23.50 87.80
CA ILE D 263 -17.84 24.05 87.05
C ILE D 263 -17.86 25.57 87.23
N GLU D 264 -16.77 26.12 87.76
CA GLU D 264 -16.64 27.56 87.89
C GLU D 264 -15.93 28.11 86.65
N TYR D 265 -16.70 28.72 85.75
CA TYR D 265 -16.14 29.27 84.52
C TYR D 265 -15.89 30.76 84.69
N LYS D 266 -14.79 31.22 84.12
CA LYS D 266 -14.33 32.59 84.34
C LYS D 266 -15.14 33.55 83.50
N ASP D 267 -14.69 34.80 83.43
CA ASP D 267 -15.48 35.86 82.81
C ASP D 267 -15.74 35.57 81.34
N GLY D 268 -14.69 35.53 80.53
CA GLY D 268 -14.86 35.24 79.12
C GLY D 268 -14.60 33.78 78.83
N ASP D 269 -14.69 32.95 79.87
CA ASP D 269 -14.26 31.56 79.81
C ASP D 269 -12.78 31.46 79.45
N GLY D 270 -11.97 32.30 80.08
CA GLY D 270 -10.54 32.28 79.81
C GLY D 270 -9.91 30.94 80.12
N ASN D 271 -10.45 30.21 81.10
CA ASN D 271 -9.92 28.90 81.42
C ASN D 271 -10.24 27.89 80.33
N GLY D 272 -11.33 28.08 79.60
CA GLY D 272 -11.80 27.03 78.72
C GLY D 272 -12.24 25.79 79.47
N SER D 273 -12.38 25.90 80.79
CA SER D 273 -12.74 24.73 81.60
C SER D 273 -14.14 24.26 81.27
N LEU D 274 -15.07 25.20 81.04
CA LEU D 274 -16.43 24.80 80.69
C LEU D 274 -16.45 23.97 79.41
N ILE D 275 -15.77 24.46 78.37
CA ILE D 275 -15.76 23.74 77.10
C ILE D 275 -15.07 22.40 77.25
N SER D 276 -13.91 22.37 77.91
CA SER D 276 -13.20 21.12 78.07
C SER D 276 -13.99 20.11 78.89
N ALA D 277 -14.70 20.56 79.92
CA ALA D 277 -15.49 19.64 80.73
C ALA D 277 -16.66 19.08 79.94
N ILE D 278 -17.37 19.94 79.20
CA ILE D 278 -18.49 19.43 78.42
C ILE D 278 -18.01 18.50 77.31
N ASN D 279 -16.81 18.76 76.79
CA ASN D 279 -16.28 17.90 75.74
C ASN D 279 -15.71 16.60 76.28
N ALA D 280 -15.36 16.54 77.56
CA ALA D 280 -14.85 15.30 78.13
C ALA D 280 -15.87 14.17 78.13
N VAL D 281 -17.12 14.42 77.74
CA VAL D 281 -18.14 13.39 77.74
C VAL D 281 -18.86 13.33 76.40
N LYS D 282 -18.27 13.96 75.37
CA LYS D 282 -18.91 14.03 74.07
C LYS D 282 -19.16 12.64 73.49
N ASP D 283 -18.30 11.68 73.79
CA ASP D 283 -18.45 10.33 73.23
C ASP D 283 -19.65 9.59 73.80
N THR D 284 -20.21 10.06 74.91
CA THR D 284 -21.44 9.49 75.45
C THR D 284 -22.65 10.37 75.20
N THR D 285 -22.50 11.68 75.30
CA THR D 285 -23.64 12.56 75.06
C THR D 285 -23.99 12.65 73.59
N GLY D 286 -23.00 12.89 72.74
CA GLY D 286 -23.26 13.33 71.39
C GLY D 286 -23.27 14.83 71.24
N VAL D 287 -22.74 15.56 72.21
CA VAL D 287 -22.75 17.02 72.22
C VAL D 287 -21.31 17.50 72.22
N GLN D 288 -20.97 18.34 71.26
CA GLN D 288 -19.63 18.89 71.12
C GLN D 288 -19.70 20.38 71.45
N ALA D 289 -19.18 20.75 72.61
CA ALA D 289 -19.17 22.15 73.00
C ALA D 289 -18.05 22.89 72.30
N SER D 290 -18.21 24.20 72.17
CA SER D 290 -17.20 25.04 71.54
C SER D 290 -17.49 26.49 71.90
N LYS D 291 -16.66 27.38 71.40
CA LYS D 291 -16.76 28.81 71.70
C LYS D 291 -16.84 29.57 70.39
N ASP D 292 -17.98 30.23 70.16
CA ASP D 292 -18.17 31.00 68.95
C ASP D 292 -17.18 32.16 68.91
N GLU D 293 -17.03 32.75 67.71
CA GLU D 293 -16.06 33.83 67.53
C GLU D 293 -16.39 35.02 68.42
N ASN D 294 -17.66 35.41 68.47
CA ASN D 294 -18.06 36.56 69.27
C ASN D 294 -18.04 36.27 70.76
N GLY D 295 -17.55 35.11 71.19
CA GLY D 295 -17.50 34.76 72.58
C GLY D 295 -18.69 33.97 73.09
N LYS D 296 -19.72 33.78 72.26
CA LYS D 296 -20.89 33.03 72.69
C LYS D 296 -20.54 31.56 72.89
N LEU D 297 -21.43 30.85 73.57
CA LEU D 297 -21.27 29.42 73.82
C LEU D 297 -22.18 28.64 72.88
N VAL D 298 -21.61 27.64 72.22
CA VAL D 298 -22.32 26.86 71.22
C VAL D 298 -22.23 25.39 71.59
N LEU D 299 -23.38 24.73 71.67
CA LEU D 299 -23.47 23.29 71.92
C LEU D 299 -24.06 22.66 70.67
N THR D 300 -23.24 21.95 69.91
CA THR D 300 -23.70 21.32 68.68
C THR D 300 -23.73 19.81 68.84
N SER D 301 -24.63 19.17 68.09
CA SER D 301 -24.77 17.73 68.08
C SER D 301 -24.61 17.26 66.65
N ALA D 302 -23.58 16.44 66.40
CA ALA D 302 -23.26 16.06 65.04
C ALA D 302 -24.34 15.20 64.42
N ASP D 303 -24.61 14.04 65.01
CA ASP D 303 -25.57 13.10 64.47
C ASP D 303 -27.01 13.43 64.82
N GLY D 304 -27.28 14.64 65.29
CA GLY D 304 -28.64 15.09 65.54
C GLY D 304 -29.38 14.31 66.61
N ARG D 305 -28.82 14.25 67.82
CA ARG D 305 -29.46 13.54 68.91
C ARG D 305 -30.35 14.44 69.77
N GLY D 306 -30.20 15.75 69.67
CA GLY D 306 -31.02 16.64 70.47
C GLY D 306 -30.40 16.91 71.83
N ILE D 307 -30.14 18.17 72.12
CA ILE D 307 -29.51 18.55 73.38
C ILE D 307 -30.59 18.76 74.42
N LYS D 308 -30.42 18.13 75.59
CA LYS D 308 -31.31 18.35 76.71
C LYS D 308 -30.46 18.43 77.97
N ILE D 309 -30.26 19.63 78.47
CA ILE D 309 -29.54 19.82 79.73
C ILE D 309 -30.54 19.87 80.86
N THR D 310 -30.22 19.18 81.96
CA THR D 310 -31.18 18.97 83.03
C THR D 310 -30.98 19.93 84.19
N GLY D 311 -29.80 19.93 84.78
CA GLY D 311 -29.52 20.81 85.90
C GLY D 311 -29.45 22.26 85.46
N ASP D 312 -29.03 23.10 86.39
CA ASP D 312 -28.83 24.52 86.10
C ASP D 312 -27.45 24.71 85.50
N ILE D 313 -27.40 25.00 84.20
CA ILE D 313 -26.12 25.28 83.57
C ILE D 313 -25.49 26.53 84.14
N GLY D 314 -26.29 27.40 84.73
CA GLY D 314 -25.77 28.64 85.27
C GLY D 314 -25.93 29.76 84.26
N VAL D 315 -26.88 30.65 84.50
CA VAL D 315 -27.06 31.77 83.59
C VAL D 315 -25.81 32.63 83.65
N GLY D 316 -25.53 33.32 82.56
CA GLY D 316 -24.23 33.95 82.42
C GLY D 316 -23.43 33.18 81.40
N SER D 317 -23.69 31.88 81.31
CA SER D 317 -23.23 31.09 80.19
C SER D 317 -24.02 31.38 78.93
N GLY D 318 -25.14 32.07 79.03
CA GLY D 318 -25.88 32.53 77.88
C GLY D 318 -27.02 31.64 77.45
N ILE D 319 -27.18 30.46 78.05
CA ILE D 319 -28.22 29.53 77.65
C ILE D 319 -29.37 29.69 78.64
N LEU D 320 -30.45 30.30 78.18
CA LEU D 320 -31.59 30.57 79.04
C LEU D 320 -32.40 29.30 79.29
N ALA D 321 -33.34 29.39 80.22
CA ALA D 321 -34.19 28.25 80.55
C ALA D 321 -35.06 27.83 79.37
N ASN D 322 -35.31 28.73 78.42
CA ASN D 322 -36.12 28.40 77.27
C ASN D 322 -35.35 27.67 76.18
N GLN D 323 -34.16 27.18 76.49
CA GLN D 323 -33.33 26.47 75.53
C GLN D 323 -32.83 25.13 76.05
N LYS D 324 -33.13 24.77 77.29
CA LYS D 324 -32.59 23.54 77.86
C LYS D 324 -33.07 22.30 77.14
N GLU D 325 -34.23 22.39 76.49
CA GLU D 325 -34.75 21.29 75.67
C GLU D 325 -34.64 21.72 74.22
N ASN D 326 -33.73 21.10 73.49
CA ASN D 326 -33.50 21.46 72.09
C ASN D 326 -33.45 20.21 71.23
N TYR D 327 -33.99 20.32 70.01
CA TYR D 327 -33.94 19.21 69.07
C TYR D 327 -33.69 19.68 67.65
N GLY D 328 -32.98 20.79 67.47
CA GLY D 328 -32.64 21.24 66.13
C GLY D 328 -33.86 21.57 65.28
N ARG D 329 -33.60 21.66 63.98
CA ARG D 329 -34.64 21.92 63.00
C ARG D 329 -34.48 21.00 61.81
N LEU D 330 -35.61 20.61 61.24
CA LEU D 330 -35.63 19.92 59.97
C LEU D 330 -35.42 20.91 58.84
N SER D 331 -35.02 20.39 57.68
CA SER D 331 -34.78 21.23 56.50
C SER D 331 -35.05 20.40 55.25
N LEU D 332 -36.25 20.54 54.70
CA LEU D 332 -36.60 19.83 53.48
C LEU D 332 -36.18 20.64 52.26
N VAL D 333 -35.92 19.93 51.16
CA VAL D 333 -35.55 20.55 49.89
C VAL D 333 -36.20 19.74 48.78
N LYS D 334 -37.20 20.31 48.12
CA LYS D 334 -37.73 19.70 46.91
C LYS D 334 -36.88 20.13 45.73
N ASN D 335 -37.30 19.76 44.52
CA ASN D 335 -36.55 20.17 43.35
C ASN D 335 -37.49 20.52 42.20
N ASP D 336 -38.69 21.02 42.50
CA ASP D 336 -39.56 21.49 41.43
C ASP D 336 -40.25 22.82 41.68
N GLY D 337 -40.32 23.30 42.92
CA GLY D 337 -40.89 24.61 43.18
C GLY D 337 -42.35 24.65 43.57
N ARG D 338 -42.86 23.63 44.23
CA ARG D 338 -44.22 23.62 44.75
C ARG D 338 -44.19 23.27 46.23
N ASP D 339 -45.07 23.91 47.00
CA ASP D 339 -45.01 23.80 48.44
C ASP D 339 -45.12 22.34 48.87
N ILE D 340 -44.09 21.86 49.55
CA ILE D 340 -44.19 20.57 50.22
C ILE D 340 -45.36 20.62 51.18
N ASN D 341 -46.35 19.75 50.94
CA ASN D 341 -47.59 19.81 51.69
C ASN D 341 -47.57 18.80 52.83
N ILE D 342 -46.65 19.04 53.77
CA ILE D 342 -46.47 18.14 54.89
C ILE D 342 -47.66 18.23 55.83
N SER D 343 -48.23 17.07 56.17
CA SER D 343 -49.31 17.00 57.16
C SER D 343 -49.20 15.64 57.86
N GLY D 344 -48.49 15.62 58.96
CA GLY D 344 -48.20 14.38 59.66
C GLY D 344 -49.22 14.04 60.72
N THR D 345 -48.76 13.40 61.78
CA THR D 345 -49.60 13.05 62.92
C THR D 345 -49.22 13.76 64.20
N ASN D 346 -47.93 13.90 64.48
CA ASN D 346 -47.45 14.59 65.68
C ASN D 346 -46.29 15.49 65.24
N LEU D 347 -46.62 16.71 64.82
CA LEU D 347 -45.65 17.57 64.15
C LEU D 347 -45.03 18.62 65.05
N SER D 348 -45.58 18.88 66.23
CA SER D 348 -44.94 19.84 67.12
C SER D 348 -43.62 19.32 67.67
N ALA D 349 -43.20 18.12 67.27
CA ALA D 349 -41.91 17.60 67.71
C ALA D 349 -40.80 17.95 66.72
N ILE D 350 -41.11 18.04 65.44
CA ILE D 350 -40.12 18.42 64.43
C ILE D 350 -40.14 19.93 64.16
N GLY D 351 -41.01 20.67 64.83
CA GLY D 351 -41.06 22.09 64.63
C GLY D 351 -41.84 22.53 63.41
N MET D 352 -42.86 21.77 63.03
CA MET D 352 -43.72 22.12 61.90
C MET D 352 -45.17 21.88 62.25
N GLY D 353 -45.52 22.06 63.51
CA GLY D 353 -46.87 21.83 63.97
C GLY D 353 -47.84 22.89 63.47
N THR D 354 -49.07 22.79 63.95
CA THR D 354 -50.07 23.80 63.61
C THR D 354 -49.89 25.10 64.36
N THR D 355 -48.77 25.26 65.07
CA THR D 355 -48.48 26.49 65.80
C THR D 355 -47.03 26.90 65.66
N ASP D 356 -46.35 26.47 64.61
CA ASP D 356 -44.93 26.74 64.41
C ASP D 356 -44.74 27.65 63.21
N MET D 357 -43.91 28.67 63.37
CA MET D 357 -43.65 29.66 62.33
C MET D 357 -42.54 29.13 61.44
N ILE D 358 -42.91 28.35 60.43
CA ILE D 358 -41.94 27.80 59.50
C ILE D 358 -41.76 28.80 58.37
N SER D 359 -40.66 28.66 57.65
CA SER D 359 -40.36 29.49 56.50
C SER D 359 -40.25 28.63 55.26
N GLN D 360 -40.44 29.26 54.10
CA GLN D 360 -40.38 28.53 52.84
C GLN D 360 -40.31 29.54 51.70
N SER D 361 -39.64 29.15 50.62
CA SER D 361 -39.51 29.99 49.45
C SER D 361 -39.04 29.14 48.29
N SER D 362 -38.83 29.79 47.15
CA SER D 362 -38.37 29.12 45.95
C SER D 362 -37.49 30.08 45.18
N VAL D 363 -36.28 29.66 44.85
CA VAL D 363 -35.26 30.53 44.27
C VAL D 363 -34.85 30.00 42.92
N SER D 364 -34.48 30.90 42.02
CA SER D 364 -34.04 30.53 40.69
C SER D 364 -32.52 30.68 40.60
N LEU D 365 -31.95 30.31 39.46
CA LEU D 365 -30.52 30.48 39.25
C LEU D 365 -30.14 31.96 39.33
N ARG D 366 -30.82 32.80 38.55
CA ARG D 366 -30.50 34.21 38.55
C ARG D 366 -30.75 34.82 39.93
N GLU D 367 -31.73 34.29 40.67
CA GLU D 367 -31.93 34.78 42.02
C GLU D 367 -30.77 34.40 42.93
N SER D 368 -30.27 33.17 42.81
CA SER D 368 -29.11 32.76 43.60
C SER D 368 -27.87 33.56 43.23
N LYS D 369 -27.80 34.06 42.00
CA LYS D 369 -26.64 34.85 41.59
C LYS D 369 -26.45 36.09 42.45
N GLY D 370 -27.49 36.60 43.09
CA GLY D 370 -27.43 37.83 43.83
C GLY D 370 -27.25 37.64 45.32
N GLN D 371 -27.55 38.70 46.05
CA GLN D 371 -27.44 38.67 47.51
C GLN D 371 -28.65 37.97 48.11
N ILE D 372 -28.40 37.01 48.99
CA ILE D 372 -29.47 36.20 49.55
C ILE D 372 -30.27 37.02 50.54
N SER D 373 -31.56 37.18 50.29
CA SER D 373 -32.42 37.91 51.20
C SER D 373 -32.47 37.23 52.56
N ALA D 374 -32.83 38.01 53.58
CA ALA D 374 -32.85 37.48 54.94
C ALA D 374 -33.96 36.45 55.12
N THR D 375 -35.01 36.52 54.31
CA THR D 375 -36.09 35.55 54.43
C THR D 375 -35.73 34.25 53.73
N ASN D 376 -35.15 34.36 52.53
CA ASN D 376 -34.69 33.16 51.84
C ASN D 376 -33.58 32.47 52.61
N ALA D 377 -32.74 33.25 53.29
CA ALA D 377 -31.60 32.66 53.99
C ALA D 377 -32.05 31.72 55.10
N ASP D 378 -33.25 31.93 55.64
CA ASP D 378 -33.76 31.03 56.66
C ASP D 378 -34.17 29.69 56.04
N ALA D 379 -34.99 29.74 54.99
CA ALA D 379 -35.43 28.51 54.34
C ALA D 379 -34.26 27.75 53.74
N MET D 380 -33.18 28.43 53.40
CA MET D 380 -32.03 27.72 52.82
C MET D 380 -31.40 26.77 53.83
N GLY D 381 -31.23 27.22 55.06
CA GLY D 381 -30.60 26.38 56.06
C GLY D 381 -29.57 27.12 56.90
N PHE D 382 -29.39 28.41 56.64
CA PHE D 382 -28.55 29.23 57.48
C PHE D 382 -29.17 29.39 58.86
N ASN D 383 -28.47 30.13 59.73
CA ASN D 383 -29.03 30.75 60.92
C ASN D 383 -30.01 29.85 61.67
N SER D 384 -29.49 28.78 62.28
CA SER D 384 -30.34 27.80 62.95
C SER D 384 -31.47 28.43 63.77
N TYR D 385 -31.13 29.22 64.77
CA TYR D 385 -32.13 29.66 65.76
C TYR D 385 -33.06 30.74 65.19
N LYS D 386 -33.77 30.37 64.13
CA LYS D 386 -34.89 31.16 63.59
C LYS D 386 -34.44 32.60 63.28
N GLY D 387 -33.56 32.70 62.30
CA GLY D 387 -32.96 33.96 61.94
C GLY D 387 -31.66 34.20 62.69
N GLY D 388 -30.88 35.14 62.18
CA GLY D 388 -29.56 35.38 62.70
C GLY D 388 -29.48 36.39 63.82
N GLY D 389 -30.56 37.09 64.11
CA GLY D 389 -30.49 38.18 65.06
C GLY D 389 -30.79 37.75 66.47
N LYS D 390 -31.84 38.29 67.05
CA LYS D 390 -32.20 37.98 68.42
C LYS D 390 -32.93 36.65 68.49
N PHE D 391 -32.88 36.03 69.66
CA PHE D 391 -33.69 34.86 69.93
C PHE D 391 -35.13 35.28 70.18
N VAL D 392 -36.07 34.43 69.78
CA VAL D 392 -37.49 34.77 69.75
C VAL D 392 -38.24 33.92 70.75
N PHE D 393 -39.04 34.56 71.60
CA PHE D 393 -39.80 33.90 72.64
C PHE D 393 -41.29 33.92 72.33
N THR D 394 -42.07 33.28 73.21
CA THR D 394 -43.52 33.41 73.21
C THR D 394 -44.05 33.52 74.64
N GLN D 395 -43.26 34.09 75.54
CA GLN D 395 -43.57 34.05 76.96
C GLN D 395 -44.68 35.05 77.29
N ASN D 396 -44.95 35.24 78.59
CA ASN D 396 -46.08 36.03 79.04
C ASN D 396 -45.62 37.22 79.85
N VAL D 397 -44.65 37.96 79.34
CA VAL D 397 -43.97 39.01 80.09
C VAL D 397 -44.07 40.31 79.33
N SER D 398 -44.38 41.41 80.05
CA SER D 398 -44.44 42.73 79.43
C SER D 398 -43.06 43.19 78.99
N SER D 399 -42.08 43.17 79.90
CA SER D 399 -40.77 43.71 79.61
C SER D 399 -39.69 42.88 80.30
N ILE D 400 -38.48 42.97 79.75
CA ILE D 400 -37.30 42.26 80.24
C ILE D 400 -37.17 42.40 81.74
N SER D 401 -37.58 43.55 82.29
CA SER D 401 -37.60 43.72 83.73
C SER D 401 -38.42 42.61 84.40
N ALA D 402 -39.66 42.42 83.96
CA ALA D 402 -40.49 41.36 84.51
C ALA D 402 -39.96 39.98 84.13
N PHE D 403 -39.36 39.86 82.96
CA PHE D 403 -38.80 38.57 82.55
C PHE D 403 -37.69 38.13 83.48
N MET D 404 -36.91 39.08 83.98
CA MET D 404 -35.86 38.75 84.94
C MET D 404 -36.43 38.55 86.33
N SER D 405 -37.39 39.39 86.72
CA SER D 405 -37.99 39.24 88.06
C SER D 405 -38.75 37.93 88.19
N ALA D 406 -39.24 37.38 87.09
CA ALA D 406 -40.16 36.26 87.16
C ALA D 406 -39.46 35.00 87.65
N GLN D 407 -40.27 34.04 88.07
CA GLN D 407 -39.78 32.75 88.53
C GLN D 407 -39.25 31.93 87.35
N GLY D 408 -38.44 30.93 87.65
CA GLY D 408 -37.93 30.04 86.63
C GLY D 408 -36.61 30.42 85.98
N SER D 409 -36.45 31.69 85.62
CA SER D 409 -35.20 32.14 85.04
C SER D 409 -34.10 32.14 86.10
N GLY D 410 -32.89 32.47 85.67
CA GLY D 410 -31.78 32.52 86.60
C GLY D 410 -31.54 33.91 87.15
N PHE D 411 -32.52 34.79 87.00
CA PHE D 411 -32.37 36.19 87.36
C PHE D 411 -33.22 36.58 88.57
N SER D 412 -33.76 35.61 89.30
CA SER D 412 -34.64 35.93 90.42
C SER D 412 -33.87 36.70 91.48
N ARG D 413 -34.63 37.23 92.45
CA ARG D 413 -34.03 38.00 93.52
C ARG D 413 -33.01 37.18 94.31
N GLY D 414 -33.23 35.88 94.42
CA GLY D 414 -32.27 35.04 95.14
C GLY D 414 -30.94 34.92 94.41
N SER D 415 -30.99 34.64 93.11
CA SER D 415 -29.78 34.48 92.33
C SER D 415 -28.98 35.78 92.29
N GLY D 416 -27.67 35.65 92.06
CA GLY D 416 -26.81 36.81 92.05
C GLY D 416 -26.98 37.71 90.85
N PHE D 417 -27.51 37.18 89.75
CA PHE D 417 -27.64 37.95 88.52
C PHE D 417 -28.96 38.68 88.44
N SER D 418 -29.31 39.43 89.48
CA SER D 418 -30.54 40.21 89.46
C SER D 418 -30.29 41.55 88.80
N VAL D 419 -31.37 42.22 88.43
CA VAL D 419 -31.25 43.55 87.84
C VAL D 419 -30.70 44.50 88.89
N GLY D 420 -29.69 45.28 88.50
CA GLY D 420 -29.03 46.16 89.44
C GLY D 420 -28.06 45.49 90.38
N SER D 421 -27.49 44.35 89.97
CA SER D 421 -26.57 43.59 90.82
C SER D 421 -25.16 43.57 90.24
N GLY D 422 -24.80 44.59 89.46
CA GLY D 422 -23.46 44.73 88.96
C GLY D 422 -23.12 43.85 87.77
N LYS D 423 -23.81 42.73 87.58
CA LYS D 423 -23.50 41.86 86.45
C LYS D 423 -23.91 42.51 85.12
N ASN D 424 -24.94 43.36 85.15
CA ASN D 424 -25.37 44.12 83.97
C ASN D 424 -25.72 43.20 82.81
N LEU D 425 -26.48 42.15 83.11
CA LEU D 425 -26.94 41.26 82.05
C LEU D 425 -28.15 41.80 81.32
N SER D 426 -28.74 42.90 81.81
CA SER D 426 -29.91 43.45 81.15
C SER D 426 -29.58 43.96 79.76
N VAL D 427 -28.40 44.58 79.59
CA VAL D 427 -28.00 45.04 78.26
C VAL D 427 -27.78 43.86 77.33
N GLY D 428 -27.19 42.78 77.85
CA GLY D 428 -27.00 41.60 77.04
C GLY D 428 -28.30 41.00 76.59
N LEU D 429 -29.29 40.97 77.49
CA LEU D 429 -30.61 40.46 77.09
C LEU D 429 -31.27 41.38 76.07
N SER D 430 -31.18 42.69 76.28
CA SER D 430 -31.75 43.63 75.33
C SER D 430 -31.12 43.47 73.95
N GLN D 431 -29.85 43.10 73.90
CA GLN D 431 -29.17 42.79 72.64
C GLN D 431 -29.17 41.27 72.45
N GLY D 432 -30.30 40.73 72.02
CA GLY D 432 -30.35 39.32 71.71
C GLY D 432 -31.56 38.57 72.23
N ILE D 433 -32.55 39.27 72.75
CA ILE D 433 -33.81 38.65 73.15
C ILE D 433 -34.96 39.47 72.58
N GLN D 434 -35.96 38.78 72.04
CA GLN D 434 -37.19 39.41 71.56
C GLN D 434 -38.36 38.57 72.07
N ILE D 435 -39.02 39.05 73.11
CA ILE D 435 -40.13 38.32 73.72
C ILE D 435 -41.42 38.74 73.06
N ILE D 436 -42.12 37.78 72.47
CA ILE D 436 -43.44 38.02 71.92
C ILE D 436 -44.47 37.88 73.04
N SER D 437 -45.25 38.94 73.26
CA SER D 437 -46.19 38.96 74.38
C SER D 437 -47.22 37.86 74.26
N SER D 438 -48.03 37.89 73.22
CA SER D 438 -49.11 36.93 73.05
C SER D 438 -49.05 36.35 71.65
N ALA D 439 -49.00 35.03 71.54
CA ALA D 439 -48.89 34.39 70.24
C ALA D 439 -50.11 34.62 69.38
N ALA D 440 -51.22 35.06 69.97
CA ALA D 440 -52.41 35.32 69.18
C ALA D 440 -52.27 36.60 68.38
N SER D 441 -51.68 37.64 68.97
CA SER D 441 -51.54 38.95 68.35
C SER D 441 -50.07 39.35 68.41
N MET D 442 -49.33 39.04 67.34
CA MET D 442 -47.93 39.42 67.23
C MET D 442 -47.72 40.03 65.85
N SER D 443 -47.94 41.34 65.75
CA SER D 443 -47.61 42.09 64.56
C SER D 443 -46.36 42.91 64.73
N ASN D 444 -45.77 42.91 65.92
CA ASN D 444 -44.56 43.67 66.19
C ASN D 444 -43.28 42.91 65.88
N THR D 445 -43.38 41.65 65.51
CA THR D 445 -42.19 40.87 65.17
C THR D 445 -42.30 40.21 63.81
N TYR D 446 -43.46 39.71 63.44
CA TYR D 446 -43.67 39.10 62.13
C TYR D 446 -44.52 40.03 61.28
N VAL D 447 -44.20 40.11 59.99
CA VAL D 447 -45.01 40.91 59.09
C VAL D 447 -46.32 40.16 58.85
N VAL D 448 -47.34 40.54 59.60
CA VAL D 448 -48.61 39.81 59.61
C VAL D 448 -49.76 40.80 59.52
N SER D 449 -49.46 42.04 59.15
CA SER D 449 -50.48 43.08 59.14
C SER D 449 -51.57 42.77 58.12
N ALA D 450 -52.64 43.58 58.17
CA ALA D 450 -53.82 43.30 57.37
C ALA D 450 -53.53 43.36 55.88
N GLY D 451 -52.61 44.23 55.47
CA GLY D 451 -52.31 44.36 54.06
C GLY D 451 -51.70 43.11 53.45
N SER D 452 -50.77 42.48 54.18
CA SER D 452 -50.14 41.26 53.69
C SER D 452 -51.17 40.13 53.58
N GLY D 453 -50.77 39.08 52.90
CA GLY D 453 -51.65 37.94 52.74
C GLY D 453 -51.49 36.93 53.87
N PHE D 454 -51.02 37.39 55.02
CA PHE D 454 -50.74 36.51 56.14
C PHE D 454 -51.58 36.84 57.37
N SER D 455 -52.61 37.66 57.23
CA SER D 455 -53.46 38.04 58.36
C SER D 455 -53.92 36.81 59.12
N SER D 456 -53.80 36.87 60.45
CA SER D 456 -54.21 35.76 61.29
C SER D 456 -55.67 35.39 61.03
N GLY D 457 -55.95 34.09 61.04
CA GLY D 457 -57.27 33.61 60.72
C GLY D 457 -57.65 33.68 59.26
N SER D 458 -56.68 33.91 58.37
CA SER D 458 -56.92 33.96 56.94
C SER D 458 -55.92 33.09 56.19
N GLY D 459 -55.55 31.95 56.76
CA GLY D 459 -54.59 31.07 56.15
C GLY D 459 -53.20 31.67 56.08
N ASN D 460 -52.20 30.84 55.80
CA ASN D 460 -50.82 31.27 55.62
C ASN D 460 -50.24 31.94 56.84
N SER D 461 -50.93 31.91 57.98
CA SER D 461 -50.49 32.67 59.14
C SER D 461 -49.21 32.14 59.75
N GLN D 462 -48.77 30.94 59.36
CA GLN D 462 -47.55 30.36 59.91
C GLN D 462 -46.40 30.44 58.92
N PHE D 463 -46.50 31.28 57.90
CA PHE D 463 -45.40 31.46 56.95
C PHE D 463 -44.88 32.89 56.92
N ALA D 464 -45.44 33.78 57.74
CA ALA D 464 -45.04 35.18 57.70
C ALA D 464 -43.58 35.35 58.08
N ALA D 465 -42.95 36.37 57.52
CA ALA D 465 -41.55 36.64 57.74
C ALA D 465 -41.35 37.55 58.95
N LEU D 466 -40.12 37.54 59.47
CA LEU D 466 -39.81 38.41 60.60
C LEU D 466 -39.64 39.85 60.14
N LYS D 467 -39.66 40.75 61.12
CA LYS D 467 -39.41 42.16 60.85
C LYS D 467 -37.95 42.47 61.14
N THR D 468 -37.30 43.13 60.18
CA THR D 468 -35.87 43.36 60.29
C THR D 468 -35.53 44.29 61.44
N THR D 469 -36.45 45.16 61.83
CA THR D 469 -36.19 46.01 62.99
C THR D 469 -36.48 45.28 64.30
N ALA D 470 -37.50 44.42 64.31
CA ALA D 470 -37.80 43.63 65.50
C ALA D 470 -36.65 42.69 65.81
N ALA D 471 -36.37 41.76 64.91
CA ALA D 471 -35.17 40.94 65.00
C ALA D 471 -34.00 41.74 64.46
N ASN D 472 -32.88 41.08 64.19
CA ASN D 472 -31.74 41.73 63.55
C ASN D 472 -31.29 40.92 62.34
N THR D 473 -32.25 40.36 61.61
CA THR D 473 -31.93 39.52 60.47
C THR D 473 -31.26 40.34 59.38
N THR D 474 -30.03 39.98 59.03
CA THR D 474 -29.30 40.61 57.95
C THR D 474 -29.06 39.61 56.84
N ASP D 475 -28.90 40.12 55.63
CA ASP D 475 -28.70 39.26 54.47
C ASP D 475 -27.33 38.60 54.54
N GLU D 476 -27.17 37.56 53.74
CA GLU D 476 -25.91 36.85 53.63
C GLU D 476 -25.19 37.24 52.35
N THR D 477 -23.91 36.90 52.28
CA THR D 477 -23.13 37.21 51.09
C THR D 477 -23.73 36.50 49.88
N ALA D 478 -23.37 36.97 48.69
CA ALA D 478 -24.09 36.65 47.48
C ALA D 478 -23.69 35.27 46.98
N GLY D 479 -24.59 34.32 47.09
CA GLY D 479 -24.44 33.06 46.35
C GLY D 479 -23.45 32.13 46.98
N VAL D 480 -22.60 31.55 46.14
CA VAL D 480 -21.68 30.49 46.56
C VAL D 480 -20.67 30.98 47.59
N THR D 481 -20.62 32.28 47.84
CA THR D 481 -19.60 32.86 48.70
C THR D 481 -19.78 32.47 50.17
N THR D 482 -20.72 31.58 50.44
CA THR D 482 -20.91 31.03 51.77
C THR D 482 -21.20 29.55 51.66
N LEU D 483 -20.95 28.82 52.76
CA LEU D 483 -21.03 27.37 52.72
C LEU D 483 -22.43 26.88 52.36
N LYS D 484 -23.40 27.19 53.21
CA LYS D 484 -24.77 26.77 52.93
C LYS D 484 -25.28 27.33 51.62
N GLY D 485 -24.83 28.53 51.24
CA GLY D 485 -25.14 29.03 49.92
C GLY D 485 -24.64 28.12 48.83
N ALA D 486 -23.44 27.58 49.00
CA ALA D 486 -22.90 26.65 48.00
C ALA D 486 -23.71 25.37 47.96
N MET D 487 -24.03 24.83 49.12
CA MET D 487 -24.79 23.59 49.16
C MET D 487 -26.21 23.78 48.67
N ALA D 488 -26.70 25.01 48.59
CA ALA D 488 -28.00 25.25 47.96
C ALA D 488 -27.85 25.46 46.46
N VAL D 489 -26.79 26.15 46.04
CA VAL D 489 -26.53 26.32 44.61
C VAL D 489 -26.33 24.98 43.94
N MET D 490 -25.80 24.01 44.67
CA MET D 490 -25.66 22.67 44.12
C MET D 490 -27.01 22.11 43.69
N ASP D 491 -28.00 22.18 44.57
CA ASP D 491 -29.33 21.66 44.24
C ASP D 491 -29.99 22.50 43.16
N ILE D 492 -29.78 23.82 43.18
CA ILE D 492 -30.36 24.64 42.12
C ILE D 492 -29.80 24.24 40.76
N ALA D 493 -28.50 23.95 40.70
CA ALA D 493 -27.90 23.52 39.45
C ALA D 493 -28.42 22.15 39.04
N GLU D 494 -28.61 21.25 40.01
CA GLU D 494 -29.16 19.93 39.69
C GLU D 494 -30.56 20.06 39.10
N THR D 495 -31.39 20.90 39.71
CA THR D 495 -32.73 21.11 39.19
C THR D 495 -32.70 21.72 37.80
N ALA D 496 -31.79 22.66 37.56
CA ALA D 496 -31.66 23.24 36.23
C ALA D 496 -31.29 22.17 35.21
N ILE D 497 -30.36 21.29 35.57
CA ILE D 497 -30.00 20.19 34.69
C ILE D 497 -31.22 19.35 34.34
N THR D 498 -32.00 18.99 35.36
CA THR D 498 -33.21 18.21 35.12
C THR D 498 -34.15 18.91 34.16
N ASN D 499 -34.39 20.20 34.37
CA ASN D 499 -35.32 20.92 33.51
C ASN D 499 -34.84 20.96 32.08
N LEU D 500 -33.54 21.20 31.88
CA LEU D 500 -33.04 21.26 30.50
C LEU D 500 -33.12 19.89 29.84
N ASP D 501 -32.86 18.82 30.59
CA ASP D 501 -33.03 17.49 30.02
C ASP D 501 -34.48 17.27 29.59
N GLN D 502 -35.43 17.73 30.40
CA GLN D 502 -36.83 17.58 30.03
C GLN D 502 -37.14 18.31 28.73
N ILE D 503 -36.67 19.55 28.61
CA ILE D 503 -36.96 20.33 27.41
C ILE D 503 -36.32 19.68 26.18
N ARG D 504 -35.08 19.23 26.32
CA ARG D 504 -34.41 18.59 25.20
C ARG D 504 -35.10 17.30 24.80
N ALA D 505 -35.63 16.57 25.78
CA ALA D 505 -36.39 15.37 25.46
C ALA D 505 -37.66 15.71 24.70
N ASP D 506 -38.30 16.83 25.04
CA ASP D 506 -39.46 17.26 24.25
C ASP D 506 -39.08 17.56 22.81
N ILE D 507 -37.97 18.27 22.62
CA ILE D 507 -37.51 18.56 21.26
C ILE D 507 -37.29 17.27 20.49
N ALA D 508 -36.61 16.29 21.10
CA ALA D 508 -36.36 15.02 20.43
C ALA D 508 -37.66 14.29 20.12
N SER D 509 -38.62 14.36 21.03
CA SER D 509 -39.92 13.73 20.79
C SER D 509 -40.57 14.29 19.54
N ILE D 510 -40.51 15.60 19.36
CA ILE D 510 -41.10 16.17 18.15
C ILE D 510 -40.29 15.78 16.92
N GLN D 511 -38.97 15.71 17.06
CA GLN D 511 -38.11 15.48 15.91
C GLN D 511 -38.33 14.08 15.33
N ASN D 512 -38.46 13.08 16.20
CA ASN D 512 -38.71 11.73 15.69
C ASN D 512 -40.03 11.64 14.93
N GLN D 513 -41.06 12.31 15.42
CA GLN D 513 -42.33 12.32 14.71
C GLN D 513 -42.20 12.97 13.34
N VAL D 514 -41.48 14.09 13.27
CA VAL D 514 -41.28 14.74 11.98
C VAL D 514 -40.56 13.80 11.03
N THR D 515 -39.56 13.06 11.52
CA THR D 515 -38.83 12.15 10.65
C THR D 515 -39.73 11.06 10.10
N SER D 516 -40.52 10.44 10.96
CA SER D 516 -41.43 9.40 10.48
C SER D 516 -42.40 9.95 9.45
N THR D 517 -42.95 11.15 9.70
CA THR D 517 -43.88 11.72 8.74
C THR D 517 -43.21 11.99 7.41
N ILE D 518 -41.95 12.44 7.44
CA ILE D 518 -41.25 12.72 6.20
C ILE D 518 -41.06 11.45 5.39
N ASN D 519 -40.70 10.35 6.06
CA ASN D 519 -40.58 9.08 5.35
C ASN D 519 -41.90 8.68 4.70
N ASN D 520 -43.00 8.74 5.46
CA ASN D 520 -44.27 8.32 4.92
C ASN D 520 -44.68 9.20 3.74
N ILE D 521 -44.48 10.50 3.84
CA ILE D 521 -44.84 11.40 2.75
C ILE D 521 -43.99 11.14 1.53
N THR D 522 -42.70 10.85 1.74
CA THR D 522 -41.82 10.58 0.61
C THR D 522 -42.28 9.36 -0.17
N VAL D 523 -42.76 8.34 0.54
CA VAL D 523 -43.25 7.17 -0.20
C VAL D 523 -44.59 7.47 -0.87
N THR D 524 -45.50 8.12 -0.15
CA THR D 524 -46.82 8.39 -0.70
C THR D 524 -46.75 9.29 -1.92
N GLN D 525 -45.79 10.21 -1.95
CA GLN D 525 -45.67 11.08 -3.12
C GLN D 525 -45.33 10.29 -4.37
N VAL D 526 -44.41 9.33 -4.25
CA VAL D 526 -44.08 8.48 -5.39
C VAL D 526 -45.30 7.70 -5.83
N ASN D 527 -46.03 7.14 -4.88
CA ASN D 527 -47.20 6.35 -5.26
C ASN D 527 -48.25 7.19 -5.97
N VAL D 528 -48.49 8.41 -5.48
CA VAL D 528 -49.46 9.29 -6.12
C VAL D 528 -48.98 9.71 -7.50
N LYS D 529 -47.69 10.03 -7.63
CA LYS D 529 -47.16 10.46 -8.90
C LYS D 529 -47.17 9.36 -9.94
N ALA D 530 -47.15 8.10 -9.51
CA ALA D 530 -47.30 7.02 -10.47
C ALA D 530 -48.77 6.78 -10.81
N ALA D 531 -49.65 6.85 -9.81
CA ALA D 531 -51.07 6.66 -10.08
C ALA D 531 -51.62 7.75 -10.99
N GLU D 532 -51.04 8.95 -10.94
CA GLU D 532 -51.47 10.00 -11.86
C GLU D 532 -50.93 9.76 -13.26
N SER D 533 -49.67 9.31 -13.36
CA SER D 533 -49.12 8.96 -14.65
C SER D 533 -49.93 7.89 -15.35
N GLN D 534 -50.49 6.95 -14.59
CA GLN D 534 -51.33 5.94 -15.19
C GLN D 534 -52.52 6.56 -15.91
N ILE D 535 -53.05 7.66 -15.40
CA ILE D 535 -54.24 8.25 -15.97
C ILE D 535 -53.92 9.25 -17.07
N ARG D 536 -52.79 9.96 -16.96
CA ARG D 536 -52.52 11.10 -17.83
C ARG D 536 -51.63 10.78 -19.01
N ASP D 537 -50.46 10.18 -18.79
CA ASP D 537 -49.49 10.07 -19.86
C ASP D 537 -49.83 8.92 -20.81
N VAL D 538 -49.30 9.01 -22.02
CA VAL D 538 -49.54 8.04 -23.08
C VAL D 538 -48.37 7.08 -23.15
N ASP D 539 -48.64 5.85 -23.57
CA ASP D 539 -47.63 4.81 -23.72
C ASP D 539 -47.20 4.76 -25.17
N PHE D 540 -45.96 5.14 -25.43
CA PHE D 540 -45.46 5.19 -26.79
C PHE D 540 -45.53 3.85 -27.49
N ALA D 541 -45.50 2.74 -26.74
CA ALA D 541 -45.68 1.43 -27.34
C ALA D 541 -46.93 1.39 -28.22
N SER D 542 -48.09 1.64 -27.61
CA SER D 542 -49.34 1.64 -28.36
C SER D 542 -49.49 2.88 -29.22
N GLU D 543 -48.90 4.01 -28.82
CA GLU D 543 -49.11 5.23 -29.59
C GLU D 543 -48.42 5.15 -30.95
N SER D 544 -47.21 4.59 -31.00
CA SER D 544 -46.55 4.45 -32.29
C SER D 544 -47.29 3.47 -33.20
N ALA D 545 -47.88 2.42 -32.62
CA ALA D 545 -48.69 1.51 -33.42
C ALA D 545 -49.91 2.24 -34.00
N ASN D 546 -50.62 2.98 -33.16
CA ASN D 546 -51.75 3.77 -33.66
C ASN D 546 -51.32 4.70 -34.77
N TYR D 547 -50.18 5.38 -34.60
CA TYR D 547 -49.75 6.34 -35.60
C TYR D 547 -49.39 5.67 -36.91
N SER D 548 -48.65 4.55 -36.85
CA SER D 548 -48.29 3.87 -38.08
C SER D 548 -49.52 3.33 -38.79
N LYS D 549 -50.45 2.76 -38.04
CA LYS D 549 -51.69 2.27 -38.64
C LYS D 549 -52.43 3.39 -39.34
N ALA D 550 -52.59 4.53 -38.66
CA ALA D 550 -53.28 5.67 -39.26
C ALA D 550 -52.54 6.21 -40.48
N ASN D 551 -51.21 6.15 -40.48
CA ASN D 551 -50.47 6.65 -41.63
C ASN D 551 -50.67 5.77 -42.85
N ILE D 552 -50.59 4.45 -42.67
CA ILE D 552 -50.84 3.55 -43.80
C ILE D 552 -52.27 3.71 -44.29
N LEU D 553 -53.22 3.87 -43.36
CA LEU D 553 -54.59 4.12 -43.77
C LEU D 553 -54.71 5.41 -44.56
N ALA D 554 -53.95 6.45 -44.18
CA ALA D 554 -54.00 7.70 -44.92
C ALA D 554 -53.50 7.51 -46.35
N GLN D 555 -52.42 6.75 -46.52
CA GLN D 555 -51.93 6.47 -47.87
C GLN D 555 -52.96 5.73 -48.69
N SER D 556 -53.58 4.70 -48.10
CA SER D 556 -54.59 3.95 -48.81
C SER D 556 -55.78 4.83 -49.18
N GLY D 557 -56.23 5.67 -48.26
CA GLY D 557 -57.33 6.56 -48.55
C GLY D 557 -57.02 7.55 -49.64
N SER D 558 -55.79 8.07 -49.67
CA SER D 558 -55.40 8.95 -50.76
C SER D 558 -55.44 8.25 -52.11
N TYR D 559 -54.92 7.02 -52.17
CA TYR D 559 -55.02 6.27 -53.41
C TYR D 559 -56.46 6.03 -53.82
N ALA D 560 -57.32 5.74 -52.84
CA ALA D 560 -58.73 5.51 -53.15
C ALA D 560 -59.39 6.77 -53.69
N MET D 561 -59.05 7.92 -53.12
CA MET D 561 -59.61 9.17 -53.63
C MET D 561 -59.14 9.45 -55.05
N ALA D 562 -57.86 9.22 -55.32
CA ALA D 562 -57.37 9.41 -56.68
C ALA D 562 -58.13 8.53 -57.67
N GLN D 563 -58.27 7.24 -57.35
CA GLN D 563 -58.98 6.35 -58.25
C GLN D 563 -60.45 6.73 -58.37
N ALA D 564 -61.06 7.21 -57.30
CA ALA D 564 -62.45 7.64 -57.38
C ALA D 564 -62.60 8.83 -58.32
N ASN D 565 -61.70 9.81 -58.22
CA ASN D 565 -61.73 10.94 -59.12
C ASN D 565 -61.57 10.48 -60.56
N SER D 566 -60.67 9.53 -60.80
CA SER D 566 -60.39 9.08 -62.16
C SER D 566 -61.42 8.10 -62.70
N SER D 567 -62.32 7.58 -61.87
CA SER D 567 -63.22 6.52 -62.29
C SER D 567 -64.20 6.92 -63.40
N GLN D 568 -64.35 8.21 -63.69
CA GLN D 568 -65.35 8.64 -64.65
C GLN D 568 -64.77 8.97 -66.02
N GLN D 569 -63.51 8.61 -66.27
CA GLN D 569 -62.93 8.86 -67.58
C GLN D 569 -63.59 8.02 -68.67
N ASN D 570 -64.15 6.87 -68.32
CA ASN D 570 -64.63 5.95 -69.34
C ASN D 570 -65.84 6.48 -70.09
N VAL D 571 -66.53 7.48 -69.54
CA VAL D 571 -67.70 8.02 -70.24
C VAL D 571 -67.30 8.64 -71.56
N LEU D 572 -66.09 9.22 -71.63
CA LEU D 572 -65.66 9.89 -72.85
C LEU D 572 -65.61 8.95 -74.05
N ARG D 573 -65.43 7.65 -73.81
CA ARG D 573 -65.39 6.72 -74.94
C ARG D 573 -66.75 6.62 -75.61
N LEU D 574 -67.83 6.77 -74.85
CA LEU D 574 -69.16 6.85 -75.46
C LEU D 574 -69.27 8.07 -76.36
N LEU D 575 -68.81 9.22 -75.87
CA LEU D 575 -69.06 10.47 -76.57
C LEU D 575 -68.21 10.57 -77.83
N GLN D 576 -66.94 10.20 -77.73
CA GLN D 576 -66.03 10.31 -78.88
C GLN D 576 -66.54 9.55 -80.09
N PHE E 3 -58.04 -15.15 -98.72
CA PHE E 3 -58.63 -13.86 -99.04
C PHE E 3 -60.14 -13.99 -98.92
N ARG E 4 -60.59 -15.21 -98.67
CA ARG E 4 -61.99 -15.51 -98.40
C ARG E 4 -62.28 -15.22 -96.95
N ILE E 5 -63.29 -14.40 -96.70
CA ILE E 5 -63.63 -13.99 -95.35
C ILE E 5 -64.74 -14.88 -94.84
N ASN E 6 -65.06 -14.75 -93.56
CA ASN E 6 -65.96 -15.52 -92.69
C ASN E 6 -65.31 -16.78 -92.13
N THR E 7 -64.08 -17.10 -92.49
CA THR E 7 -63.35 -18.17 -91.82
C THR E 7 -61.90 -17.77 -91.64
N ASN E 8 -61.67 -16.59 -91.07
CA ASN E 8 -60.33 -16.10 -90.79
C ASN E 8 -59.48 -17.17 -90.12
N VAL E 9 -58.39 -17.58 -90.78
CA VAL E 9 -57.55 -18.66 -90.26
C VAL E 9 -56.37 -18.11 -89.47
N ALA E 10 -55.81 -16.99 -89.90
CA ALA E 10 -54.75 -16.36 -89.13
C ALA E 10 -55.21 -15.99 -87.73
N ALA E 11 -56.48 -15.61 -87.59
CA ALA E 11 -57.02 -15.32 -86.27
C ALA E 11 -56.97 -16.54 -85.37
N LEU E 12 -57.44 -17.68 -85.87
CA LEU E 12 -57.45 -18.90 -85.06
C LEU E 12 -56.04 -19.34 -84.73
N ASN E 13 -55.13 -19.25 -85.69
CA ASN E 13 -53.75 -19.64 -85.43
C ASN E 13 -53.12 -18.77 -84.36
N ALA E 14 -53.27 -17.45 -84.48
CA ALA E 14 -52.74 -16.55 -83.47
C ALA E 14 -53.37 -16.79 -82.12
N LYS E 15 -54.67 -17.09 -82.09
CA LYS E 15 -55.33 -17.36 -80.82
C LYS E 15 -54.77 -18.60 -80.16
N ALA E 16 -54.55 -19.66 -80.93
CA ALA E 16 -53.97 -20.87 -80.36
C ALA E 16 -52.58 -20.59 -79.77
N ASN E 17 -51.72 -19.91 -80.54
CA ASN E 17 -50.39 -19.63 -80.05
C ASN E 17 -50.42 -18.78 -78.79
N SER E 18 -51.23 -17.72 -78.80
CA SER E 18 -51.28 -16.84 -77.65
C SER E 18 -51.87 -17.53 -76.42
N ASP E 19 -52.81 -18.45 -76.63
CA ASP E 19 -53.38 -19.17 -75.50
C ASP E 19 -52.34 -20.08 -74.88
N LEU E 20 -51.57 -20.79 -75.70
CA LEU E 20 -50.48 -21.60 -75.17
C LEU E 20 -49.51 -20.74 -74.37
N ASN E 21 -49.16 -19.57 -74.90
CA ASN E 21 -48.22 -18.72 -74.19
C ASN E 21 -48.80 -18.19 -72.89
N ALA E 22 -50.09 -17.89 -72.88
CA ALA E 22 -50.73 -17.44 -71.65
C ALA E 22 -50.72 -18.53 -70.60
N LYS E 23 -50.92 -19.78 -71.03
CA LYS E 23 -50.78 -20.90 -70.09
C LYS E 23 -49.39 -20.95 -69.49
N SER E 24 -48.36 -20.80 -70.33
CA SER E 24 -46.99 -20.81 -69.81
C SER E 24 -46.74 -19.66 -68.84
N LEU E 25 -47.23 -18.47 -69.18
CA LEU E 25 -47.06 -17.31 -68.30
C LEU E 25 -47.75 -17.52 -66.96
N ASP E 26 -48.96 -18.07 -66.99
CA ASP E 26 -49.68 -18.33 -65.75
C ASP E 26 -48.92 -19.32 -64.88
N ALA E 27 -48.39 -20.39 -65.49
CA ALA E 27 -47.63 -21.35 -64.71
C ALA E 27 -46.41 -20.71 -64.08
N SER E 28 -45.67 -19.91 -64.86
CA SER E 28 -44.50 -19.24 -64.32
C SER E 28 -44.86 -18.30 -63.18
N LEU E 29 -45.99 -17.59 -63.31
CA LEU E 29 -46.39 -16.68 -62.25
C LEU E 29 -46.78 -17.41 -60.99
N SER E 30 -47.45 -18.56 -61.13
CA SER E 30 -47.80 -19.34 -59.96
C SER E 30 -46.56 -19.86 -59.25
N ARG E 31 -45.57 -20.30 -60.02
CA ARG E 31 -44.31 -20.69 -59.41
C ARG E 31 -43.65 -19.53 -58.69
N LEU E 32 -43.63 -18.36 -59.31
CA LEU E 32 -43.05 -17.19 -58.69
C LEU E 32 -43.75 -16.82 -57.39
N SER E 33 -45.07 -16.99 -57.33
CA SER E 33 -45.81 -16.66 -56.13
C SER E 33 -45.55 -17.67 -55.02
N SER E 34 -45.84 -18.95 -55.29
CA SER E 34 -45.75 -19.95 -54.24
C SER E 34 -44.31 -20.16 -53.77
N GLY E 35 -43.34 -19.95 -54.65
CA GLY E 35 -41.96 -20.17 -54.28
C GLY E 35 -41.45 -21.57 -54.46
N LEU E 36 -42.26 -22.47 -54.98
CA LEU E 36 -41.88 -23.86 -55.19
C LEU E 36 -41.89 -24.18 -56.67
N ARG E 37 -40.97 -25.05 -57.10
CA ARG E 37 -40.94 -25.47 -58.49
C ARG E 37 -41.98 -26.52 -58.81
N ILE E 38 -42.37 -27.34 -57.84
CA ILE E 38 -43.41 -28.35 -58.01
C ILE E 38 -44.56 -27.95 -57.11
N ASN E 39 -45.61 -27.37 -57.68
CA ASN E 39 -46.79 -26.98 -56.93
C ASN E 39 -47.90 -28.02 -57.03
N SER E 40 -48.31 -28.35 -58.25
CA SER E 40 -49.42 -29.26 -58.46
C SER E 40 -49.00 -30.72 -58.49
N ALA E 41 -47.70 -31.01 -58.38
CA ALA E 41 -47.18 -32.37 -58.48
C ALA E 41 -47.56 -33.04 -59.79
N ALA E 42 -48.00 -32.25 -60.76
CA ALA E 42 -48.29 -32.74 -62.10
C ALA E 42 -47.17 -32.46 -63.08
N ASP E 43 -46.21 -31.63 -62.70
CA ASP E 43 -45.05 -31.35 -63.53
C ASP E 43 -43.86 -32.23 -63.18
N ASP E 44 -43.90 -32.93 -62.05
CA ASP E 44 -42.83 -33.86 -61.69
C ASP E 44 -43.37 -34.85 -60.66
N ALA E 45 -43.39 -36.13 -61.03
CA ALA E 45 -43.91 -37.17 -60.15
C ALA E 45 -42.84 -37.69 -59.20
N SER E 46 -41.74 -38.20 -59.76
CA SER E 46 -40.67 -38.70 -58.91
C SER E 46 -40.00 -37.58 -58.13
N GLY E 47 -39.92 -36.39 -58.70
CA GLY E 47 -39.44 -35.25 -57.94
C GLY E 47 -40.28 -35.03 -56.70
N MET E 48 -41.60 -35.03 -56.84
CA MET E 48 -42.47 -34.87 -55.69
C MET E 48 -42.31 -36.01 -54.70
N ALA E 49 -42.15 -37.23 -55.20
CA ALA E 49 -42.00 -38.38 -54.31
C ALA E 49 -40.74 -38.26 -53.48
N ILE E 50 -39.60 -38.00 -54.12
CA ILE E 50 -38.35 -37.86 -53.40
C ILE E 50 -38.40 -36.67 -52.45
N ALA E 51 -39.02 -35.58 -52.89
CA ALA E 51 -39.10 -34.40 -52.04
C ALA E 51 -39.93 -34.68 -50.80
N ASP E 52 -41.03 -35.42 -50.94
CA ASP E 52 -41.83 -35.78 -49.79
C ASP E 52 -41.11 -36.73 -48.87
N SER E 53 -40.38 -37.70 -49.41
CA SER E 53 -39.60 -38.58 -48.54
C SER E 53 -38.54 -37.79 -47.77
N LEU E 54 -37.85 -36.87 -48.45
CA LEU E 54 -36.83 -36.09 -47.77
C LEU E 54 -37.43 -35.14 -46.75
N ARG E 55 -38.61 -34.59 -47.04
CA ARG E 55 -39.28 -33.75 -46.06
C ARG E 55 -39.67 -34.53 -44.83
N SER E 56 -40.22 -35.73 -45.01
CA SER E 56 -40.52 -36.58 -43.88
C SER E 56 -39.27 -36.91 -43.08
N GLN E 57 -38.17 -37.21 -43.76
CA GLN E 57 -36.93 -37.51 -43.04
C GLN E 57 -36.39 -36.30 -42.30
N ALA E 58 -36.48 -35.10 -42.88
CA ALA E 58 -36.01 -33.91 -42.19
C ALA E 58 -36.85 -33.63 -40.96
N ASN E 59 -38.18 -33.75 -41.06
CA ASN E 59 -39.02 -33.56 -39.90
C ASN E 59 -38.74 -34.59 -38.83
N THR E 60 -38.53 -35.84 -39.23
CA THR E 60 -38.24 -36.89 -38.25
C THR E 60 -36.93 -36.63 -37.53
N LEU E 61 -35.90 -36.21 -38.27
CA LEU E 61 -34.64 -35.91 -37.61
C LEU E 61 -34.77 -34.68 -36.71
N GLY E 62 -35.58 -33.71 -37.13
CA GLY E 62 -35.80 -32.54 -36.29
C GLY E 62 -36.45 -32.90 -34.97
N GLN E 63 -37.36 -33.87 -35.00
CA GLN E 63 -37.96 -34.32 -33.74
C GLN E 63 -36.99 -35.20 -32.95
N ALA E 64 -36.16 -35.97 -33.64
CA ALA E 64 -35.19 -36.80 -32.96
C ALA E 64 -34.16 -35.97 -32.21
N ILE E 65 -33.84 -34.78 -32.72
CA ILE E 65 -32.94 -33.89 -31.99
C ILE E 65 -33.55 -33.53 -30.64
N SER E 66 -34.85 -33.23 -30.61
CA SER E 66 -35.49 -32.92 -29.34
C SER E 66 -35.53 -34.13 -28.43
N ASN E 67 -35.75 -35.32 -29.00
CA ASN E 67 -35.70 -36.53 -28.19
C ASN E 67 -34.32 -36.69 -27.54
N GLY E 68 -33.26 -36.46 -28.32
CA GLY E 68 -31.93 -36.54 -27.75
C GLY E 68 -31.67 -35.52 -26.67
N ASN E 69 -32.17 -34.29 -26.86
CA ASN E 69 -31.99 -33.27 -25.83
C ASN E 69 -32.75 -33.64 -24.56
N ASP E 70 -33.92 -34.25 -24.68
CA ASP E 70 -34.62 -34.71 -23.49
C ASP E 70 -33.86 -35.83 -22.78
N ALA E 71 -33.28 -36.75 -23.56
CA ALA E 71 -32.45 -37.77 -22.94
C ALA E 71 -31.28 -37.17 -22.20
N LEU E 72 -30.63 -36.16 -22.79
CA LEU E 72 -29.56 -35.47 -22.08
C LEU E 72 -30.06 -34.86 -20.79
N GLY E 73 -31.21 -34.20 -20.83
CA GLY E 73 -31.74 -33.59 -19.61
C GLY E 73 -31.94 -34.62 -18.51
N ILE E 74 -32.58 -35.74 -18.84
CA ILE E 74 -32.83 -36.77 -17.83
C ILE E 74 -31.53 -37.30 -17.27
N LEU E 75 -30.57 -37.63 -18.14
CA LEU E 75 -29.33 -38.22 -17.66
C LEU E 75 -28.52 -37.25 -16.81
N GLN E 76 -28.48 -35.98 -17.20
CA GLN E 76 -27.77 -34.99 -16.40
C GLN E 76 -28.42 -34.82 -15.04
N THR E 77 -29.75 -34.79 -14.99
CA THR E 77 -30.44 -34.75 -13.71
C THR E 77 -30.01 -35.91 -12.83
N ALA E 78 -30.03 -37.12 -13.38
CA ALA E 78 -29.67 -38.30 -12.60
C ALA E 78 -28.25 -38.20 -12.06
N ASP E 79 -27.31 -37.79 -12.91
CA ASP E 79 -25.90 -37.75 -12.48
C ASP E 79 -25.68 -36.71 -11.39
N LYS E 80 -26.14 -35.49 -11.64
CA LYS E 80 -25.98 -34.44 -10.64
C LYS E 80 -26.71 -34.77 -9.36
N ALA E 81 -27.71 -35.65 -9.41
CA ALA E 81 -28.30 -36.13 -8.18
C ALA E 81 -27.40 -37.16 -7.49
N MET E 82 -26.76 -38.04 -8.25
CA MET E 82 -25.88 -39.05 -7.65
C MET E 82 -24.71 -38.41 -6.92
N ASP E 83 -24.31 -37.21 -7.34
CA ASP E 83 -23.17 -36.54 -6.70
C ASP E 83 -23.35 -36.44 -5.18
N GLU E 84 -24.54 -36.03 -4.74
CA GLU E 84 -24.74 -35.86 -3.31
C GLU E 84 -24.71 -37.18 -2.55
N GLN E 85 -25.20 -38.26 -3.16
CA GLN E 85 -25.07 -39.56 -2.51
C GLN E 85 -23.61 -39.94 -2.36
N LEU E 86 -22.79 -39.62 -3.36
CA LEU E 86 -21.36 -39.87 -3.22
C LEU E 86 -20.79 -39.14 -2.01
N LYS E 87 -21.09 -37.85 -1.90
CA LYS E 87 -20.55 -37.09 -0.77
C LYS E 87 -21.06 -37.63 0.57
N ILE E 88 -22.33 -38.03 0.62
CA ILE E 88 -22.89 -38.55 1.87
C ILE E 88 -22.20 -39.85 2.27
N LEU E 89 -21.94 -40.73 1.29
CA LEU E 89 -21.23 -41.96 1.61
C LEU E 89 -19.82 -41.67 2.10
N ASP E 90 -19.15 -40.71 1.49
CA ASP E 90 -17.84 -40.30 2.01
C ASP E 90 -17.95 -39.90 3.48
N THR E 91 -18.96 -39.10 3.81
CA THR E 91 -19.13 -38.67 5.20
C THR E 91 -19.39 -39.86 6.12
N ILE E 92 -20.20 -40.82 5.68
CA ILE E 92 -20.49 -42.00 6.50
C ILE E 92 -19.20 -42.75 6.79
N LYS E 93 -18.36 -42.92 5.77
CA LYS E 93 -17.10 -43.63 5.99
C LYS E 93 -16.21 -42.86 6.96
N THR E 94 -16.17 -41.54 6.83
CA THR E 94 -15.38 -40.74 7.77
C THR E 94 -15.88 -40.90 9.19
N LYS E 95 -17.19 -40.92 9.39
CA LYS E 95 -17.73 -41.05 10.74
C LYS E 95 -17.46 -42.43 11.31
N ALA E 96 -17.58 -43.47 10.48
CA ALA E 96 -17.24 -44.81 10.96
C ALA E 96 -15.79 -44.88 11.37
N THR E 97 -14.90 -44.28 10.58
CA THR E 97 -13.49 -44.22 10.97
C THR E 97 -13.32 -43.48 12.29
N GLN E 98 -14.05 -42.38 12.47
CA GLN E 98 -13.95 -41.62 13.71
C GLN E 98 -14.40 -42.44 14.90
N ALA E 99 -15.40 -43.29 14.73
CA ALA E 99 -15.89 -44.12 15.82
C ALA E 99 -15.06 -45.36 16.02
N ALA E 100 -14.22 -45.71 15.06
CA ALA E 100 -13.37 -46.90 15.16
C ALA E 100 -12.22 -46.74 16.13
N GLN E 101 -12.14 -45.64 16.87
CA GLN E 101 -11.12 -45.51 17.90
C GLN E 101 -11.69 -45.94 19.23
N ASP E 102 -10.81 -46.25 20.17
CA ASP E 102 -11.25 -46.67 21.49
C ASP E 102 -10.95 -45.63 22.57
N GLY E 103 -11.07 -44.36 22.24
CA GLY E 103 -11.11 -43.32 23.25
C GLY E 103 -12.50 -42.76 23.36
N GLN E 104 -13.46 -43.52 22.83
CA GLN E 104 -14.86 -43.08 22.75
C GLN E 104 -15.72 -44.10 23.48
N SER E 105 -16.66 -43.61 24.28
CA SER E 105 -17.53 -44.49 25.02
C SER E 105 -18.73 -44.91 24.17
N LEU E 106 -19.56 -45.77 24.75
CA LEU E 106 -20.73 -46.26 24.03
C LEU E 106 -21.68 -45.13 23.69
N LYS E 107 -21.79 -44.13 24.54
CA LYS E 107 -22.68 -43.01 24.26
C LYS E 107 -22.17 -42.19 23.07
N THR E 108 -20.87 -42.01 22.98
CA THR E 108 -20.30 -41.30 21.85
C THR E 108 -20.48 -42.08 20.56
N ARG E 109 -20.16 -43.38 20.58
CA ARG E 109 -20.47 -44.23 19.44
C ARG E 109 -21.93 -44.13 19.05
N THR E 110 -22.81 -44.04 20.06
CA THR E 110 -24.24 -43.94 19.79
C THR E 110 -24.59 -42.64 19.09
N MET E 111 -23.94 -41.55 19.47
CA MET E 111 -24.12 -40.30 18.73
C MET E 111 -23.70 -40.48 17.27
N LEU E 112 -22.56 -41.13 17.05
CA LEU E 112 -22.13 -41.42 15.68
C LEU E 112 -23.20 -42.17 14.92
N GLN E 113 -23.74 -43.22 15.52
CA GLN E 113 -24.70 -44.05 14.82
C GLN E 113 -26.00 -43.29 14.56
N ALA E 114 -26.42 -42.47 15.51
CA ALA E 114 -27.62 -41.68 15.31
C ALA E 114 -27.43 -40.66 14.19
N ASP E 115 -26.20 -40.20 13.99
CA ASP E 115 -25.95 -39.30 12.87
C ASP E 115 -25.97 -40.05 11.55
N ILE E 116 -25.30 -41.21 11.51
CA ILE E 116 -25.26 -42.02 10.31
C ILE E 116 -26.67 -42.42 9.90
N ASN E 117 -27.56 -42.64 10.87
CA ASN E 117 -28.93 -42.98 10.56
C ASN E 117 -29.59 -41.89 9.73
N LYS E 118 -29.48 -40.64 10.17
CA LYS E 118 -30.09 -39.54 9.43
C LYS E 118 -29.44 -39.38 8.06
N LEU E 119 -28.13 -39.53 7.99
CA LEU E 119 -27.45 -39.39 6.70
C LEU E 119 -27.95 -40.45 5.71
N MET E 120 -28.06 -41.69 6.17
CA MET E 120 -28.55 -42.76 5.30
C MET E 120 -30.00 -42.53 4.91
N GLU E 121 -30.80 -42.02 5.85
CA GLU E 121 -32.17 -41.63 5.53
C GLU E 121 -32.18 -40.62 4.39
N GLU E 122 -31.28 -39.65 4.43
CA GLU E 122 -31.21 -38.67 3.35
C GLU E 122 -30.81 -39.32 2.04
N LEU E 123 -29.82 -40.23 2.07
CA LEU E 123 -29.43 -40.93 0.86
C LEU E 123 -30.64 -41.62 0.22
N ASP E 124 -31.35 -42.41 1.01
CA ASP E 124 -32.52 -43.10 0.51
C ASP E 124 -33.58 -42.11 0.02
N ASN E 125 -33.68 -40.95 0.67
CA ASN E 125 -34.64 -39.94 0.23
C ASN E 125 -34.29 -39.42 -1.15
N ILE E 126 -33.01 -39.12 -1.38
CA ILE E 126 -32.58 -38.70 -2.71
C ILE E 126 -32.93 -39.76 -3.73
N ALA E 127 -32.63 -41.03 -3.40
CA ALA E 127 -32.89 -42.11 -4.34
C ALA E 127 -34.37 -42.18 -4.72
N ASN E 128 -35.26 -42.19 -3.73
CA ASN E 128 -36.69 -42.28 -4.01
C ASN E 128 -37.30 -40.95 -4.44
N THR E 129 -36.53 -39.89 -4.45
CA THR E 129 -37.12 -38.60 -4.76
C THR E 129 -36.79 -38.10 -6.16
N THR E 130 -35.54 -38.22 -6.60
CA THR E 130 -35.19 -37.66 -7.90
C THR E 130 -36.07 -38.24 -9.00
N SER E 131 -36.88 -37.41 -9.65
CA SER E 131 -37.81 -37.86 -10.67
C SER E 131 -38.01 -36.75 -11.69
N PHE E 132 -38.24 -37.15 -12.94
CA PHE E 132 -38.36 -36.17 -14.02
C PHE E 132 -39.76 -35.57 -14.09
N ASN E 133 -40.75 -36.37 -14.46
CA ASN E 133 -42.15 -35.95 -14.42
C ASN E 133 -43.01 -37.09 -13.90
N GLY E 134 -42.54 -37.71 -12.82
CA GLY E 134 -43.13 -38.91 -12.28
C GLY E 134 -42.24 -40.13 -12.45
N LYS E 135 -41.48 -40.18 -13.55
CA LYS E 135 -40.57 -41.28 -13.79
C LYS E 135 -39.43 -41.18 -12.78
N GLN E 136 -39.46 -42.04 -11.76
CA GLN E 136 -38.37 -42.09 -10.82
C GLN E 136 -37.11 -42.59 -11.50
N LEU E 137 -36.00 -41.87 -11.33
CA LEU E 137 -34.77 -42.23 -12.01
C LEU E 137 -33.88 -43.10 -11.14
N LEU E 138 -33.48 -42.60 -9.99
CA LEU E 138 -32.52 -43.29 -9.12
C LEU E 138 -33.21 -44.21 -8.13
N SER E 139 -34.09 -45.08 -8.62
CA SER E 139 -34.82 -45.95 -7.72
C SER E 139 -34.73 -47.41 -8.15
N GLY E 140 -34.62 -47.63 -9.45
CA GLY E 140 -34.53 -48.97 -9.99
C GLY E 140 -35.55 -49.29 -11.06
N ASN E 141 -36.57 -48.45 -11.26
CA ASN E 141 -37.58 -48.68 -12.27
C ASN E 141 -37.31 -47.90 -13.55
N PHE E 142 -36.05 -47.62 -13.84
CA PHE E 142 -35.70 -46.91 -15.06
C PHE E 142 -34.87 -47.82 -15.95
N THR E 143 -35.29 -49.06 -16.10
CA THR E 143 -34.54 -50.05 -16.85
C THR E 143 -35.13 -50.21 -18.25
N ASN E 144 -34.25 -50.32 -19.24
CA ASN E 144 -34.63 -50.57 -20.62
C ASN E 144 -35.60 -49.51 -21.14
N GLN E 145 -35.14 -48.28 -21.14
CA GLN E 145 -35.90 -47.16 -21.69
C GLN E 145 -35.27 -46.71 -23.00
N GLU E 146 -36.08 -46.60 -24.04
CA GLU E 146 -35.61 -46.23 -25.36
C GLU E 146 -35.79 -44.74 -25.60
N PHE E 147 -35.13 -44.25 -26.64
CA PHE E 147 -35.21 -42.84 -27.02
C PHE E 147 -35.05 -42.78 -28.53
N GLN E 148 -36.17 -42.74 -29.24
CA GLN E 148 -36.13 -42.74 -30.70
C GLN E 148 -35.34 -41.55 -31.22
N ILE E 149 -34.19 -41.84 -31.85
CA ILE E 149 -33.31 -40.80 -32.37
C ILE E 149 -32.93 -41.06 -33.82
N GLY E 150 -33.81 -41.72 -34.58
CA GLY E 150 -33.48 -42.10 -35.94
C GLY E 150 -34.58 -41.73 -36.90
N ALA E 151 -34.20 -41.68 -38.19
CA ALA E 151 -35.16 -41.37 -39.22
C ALA E 151 -36.19 -42.47 -39.39
N SER E 152 -35.76 -43.72 -39.33
CA SER E 152 -36.65 -44.85 -39.50
C SER E 152 -37.17 -45.30 -38.14
N SER E 153 -37.76 -46.50 -38.09
CA SER E 153 -38.57 -46.90 -36.94
C SER E 153 -37.75 -47.09 -35.67
N ASN E 154 -36.76 -47.98 -35.69
CA ASN E 154 -36.23 -48.51 -34.44
C ASN E 154 -34.77 -48.13 -34.20
N GLN E 155 -34.34 -46.96 -34.65
CA GLN E 155 -33.06 -46.44 -34.19
C GLN E 155 -33.27 -45.78 -32.84
N THR E 156 -32.52 -46.22 -31.83
CA THR E 156 -32.75 -45.69 -30.50
C THR E 156 -31.59 -46.04 -29.59
N VAL E 157 -31.42 -45.22 -28.56
CA VAL E 157 -30.49 -45.49 -27.48
C VAL E 157 -31.28 -46.05 -26.32
N LYS E 158 -30.57 -46.66 -25.37
CA LYS E 158 -31.21 -47.32 -24.24
C LYS E 158 -30.50 -46.96 -22.95
N ALA E 159 -31.26 -46.49 -21.97
CA ALA E 159 -30.73 -46.09 -20.68
C ALA E 159 -31.28 -46.99 -19.60
N THR E 160 -30.40 -47.51 -18.74
CA THR E 160 -30.77 -48.53 -17.77
C THR E 160 -30.13 -48.20 -16.42
N ILE E 161 -30.35 -46.97 -15.94
CA ILE E 161 -29.81 -46.54 -14.66
C ILE E 161 -30.17 -47.54 -13.56
N GLY E 162 -29.15 -48.07 -12.90
CA GLY E 162 -29.37 -49.07 -11.87
C GLY E 162 -30.00 -48.49 -10.63
N ALA E 163 -30.36 -49.38 -9.70
CA ALA E 163 -31.01 -49.01 -8.45
C ALA E 163 -29.97 -48.55 -7.45
N THR E 164 -30.33 -47.54 -6.65
CA THR E 164 -29.35 -46.92 -5.76
C THR E 164 -29.94 -46.56 -4.41
N GLN E 165 -30.90 -47.33 -3.91
CA GLN E 165 -31.39 -47.14 -2.55
C GLN E 165 -30.28 -47.44 -1.55
N SER E 166 -30.55 -47.25 -0.27
CA SER E 166 -29.57 -47.60 0.75
C SER E 166 -29.64 -49.07 1.13
N SER E 167 -30.58 -49.82 0.58
CA SER E 167 -30.72 -51.23 0.87
C SER E 167 -30.19 -52.12 -0.23
N LYS E 168 -29.58 -51.55 -1.26
CA LYS E 168 -29.11 -52.32 -2.39
C LYS E 168 -27.72 -51.95 -2.87
N ILE E 169 -27.05 -50.98 -2.23
CA ILE E 169 -25.76 -50.56 -2.77
C ILE E 169 -24.60 -51.23 -2.04
N GLY E 170 -24.45 -50.98 -0.75
CA GLY E 170 -23.24 -51.43 -0.09
C GLY E 170 -23.34 -52.83 0.43
N VAL E 171 -22.87 -53.81 -0.32
CA VAL E 171 -23.01 -55.21 0.03
C VAL E 171 -21.60 -55.81 0.07
N THR E 172 -21.06 -55.99 1.27
CA THR E 172 -19.82 -56.71 1.43
C THR E 172 -20.09 -58.18 1.68
N ARG E 173 -19.02 -58.98 1.71
CA ARG E 173 -19.12 -60.42 1.92
C ARG E 173 -18.09 -60.84 2.96
N PHE E 174 -18.53 -61.09 4.18
CA PHE E 174 -17.64 -61.52 5.24
C PHE E 174 -17.60 -63.04 5.30
N GLU E 175 -16.43 -63.58 5.60
CA GLU E 175 -16.25 -64.98 5.91
C GLU E 175 -15.35 -65.08 7.12
N THR E 176 -15.45 -66.19 7.86
CA THR E 176 -14.63 -66.37 9.04
C THR E 176 -14.50 -67.85 9.33
N GLY E 177 -13.26 -68.30 9.49
CA GLY E 177 -13.01 -69.71 9.72
C GLY E 177 -13.16 -70.11 11.16
N ALA E 178 -13.17 -71.43 11.38
CA ALA E 178 -13.24 -71.94 12.73
C ALA E 178 -11.91 -71.71 13.44
N GLN E 179 -11.95 -71.81 14.77
CA GLN E 179 -10.74 -71.63 15.55
C GLN E 179 -9.80 -72.80 15.31
N SER E 180 -8.62 -72.51 14.78
CA SER E 180 -7.71 -73.55 14.32
C SER E 180 -6.82 -74.01 15.46
N PHE E 181 -6.83 -75.31 15.73
CA PHE E 181 -5.99 -75.90 16.75
C PHE E 181 -4.85 -76.72 16.16
N THR E 182 -4.71 -76.76 14.85
CA THR E 182 -3.67 -77.54 14.20
C THR E 182 -2.73 -76.63 13.43
N SER E 183 -1.49 -77.07 13.31
CA SER E 183 -0.46 -76.33 12.60
C SER E 183 -0.18 -77.01 11.26
N GLY E 184 0.80 -76.49 10.54
CA GLY E 184 1.21 -77.07 9.27
C GLY E 184 1.24 -76.06 8.14
N VAL E 185 2.11 -76.31 7.18
CA VAL E 185 2.26 -75.42 6.04
C VAL E 185 0.97 -75.44 5.22
N VAL E 186 0.52 -74.26 4.79
CA VAL E 186 -0.76 -74.09 4.12
C VAL E 186 -0.57 -73.28 2.86
N GLY E 187 -1.28 -73.67 1.80
CA GLY E 187 -1.33 -72.89 0.58
C GLY E 187 -2.76 -72.67 0.12
N LEU E 188 -3.21 -71.43 0.07
CA LEU E 188 -4.58 -71.16 -0.34
C LEU E 188 -4.71 -71.23 -1.85
N THR E 189 -5.96 -71.23 -2.31
CA THR E 189 -6.25 -71.08 -3.74
C THR E 189 -7.68 -70.55 -3.84
N ILE E 190 -7.81 -69.25 -4.09
CA ILE E 190 -9.12 -68.66 -4.31
C ILE E 190 -9.57 -68.99 -5.73
N LYS E 191 -10.53 -69.90 -5.85
CA LYS E 191 -10.96 -70.40 -7.13
C LYS E 191 -11.81 -69.34 -7.83
N ASN E 192 -11.54 -69.15 -9.12
CA ASN E 192 -12.28 -68.20 -9.95
C ASN E 192 -12.23 -66.79 -9.33
N TYR E 193 -11.03 -66.24 -9.26
CA TYR E 193 -10.87 -64.91 -8.69
C TYR E 193 -11.30 -63.82 -9.67
N ASN E 194 -11.11 -64.06 -10.97
CA ASN E 194 -11.42 -63.05 -11.97
C ASN E 194 -12.36 -63.52 -13.05
N GLY E 195 -13.20 -64.51 -12.77
CA GLY E 195 -14.17 -64.99 -13.73
C GLY E 195 -13.63 -65.99 -14.73
N ILE E 196 -12.32 -66.19 -14.79
CA ILE E 196 -11.74 -67.10 -15.76
C ILE E 196 -10.94 -68.19 -15.08
N GLU E 197 -9.88 -67.80 -14.38
CA GLU E 197 -8.91 -68.75 -13.84
C GLU E 197 -8.84 -68.64 -12.32
N ASP E 198 -8.05 -69.52 -11.73
CA ASP E 198 -7.88 -69.57 -10.29
C ASP E 198 -6.86 -68.52 -9.85
N PHE E 199 -6.48 -68.56 -8.58
CA PHE E 199 -5.44 -67.67 -8.07
C PHE E 199 -4.86 -68.31 -6.83
N LYS E 200 -3.60 -68.74 -6.91
CA LYS E 200 -2.96 -69.45 -5.82
C LYS E 200 -1.95 -68.56 -5.10
N PHE E 201 -1.84 -68.74 -3.80
CA PHE E 201 -0.85 -68.05 -3.01
C PHE E 201 0.36 -68.94 -2.80
N ASP E 202 1.29 -68.48 -1.97
CA ASP E 202 2.45 -69.27 -1.63
C ASP E 202 2.18 -70.09 -0.38
N ASN E 203 2.93 -71.16 -0.22
CA ASN E 203 2.88 -71.91 1.03
C ASN E 203 3.34 -71.02 2.17
N VAL E 204 2.65 -71.12 3.31
CA VAL E 204 2.90 -70.25 4.45
C VAL E 204 2.99 -71.10 5.71
N VAL E 205 4.11 -71.00 6.41
CA VAL E 205 4.31 -71.75 7.64
C VAL E 205 3.39 -71.16 8.70
N ILE E 206 3.19 -71.87 9.81
CA ILE E 206 2.19 -71.45 10.79
C ILE E 206 2.75 -71.36 12.20
N SER E 207 3.52 -72.35 12.63
CA SER E 207 3.42 -72.82 14.01
C SER E 207 3.60 -71.75 15.08
N THR E 208 4.83 -71.33 15.37
CA THR E 208 5.01 -70.39 16.47
C THR E 208 6.13 -69.38 16.27
N SER E 209 6.83 -69.37 15.16
CA SER E 209 8.01 -68.52 15.03
C SER E 209 7.59 -67.11 14.64
N VAL E 210 8.56 -66.21 14.62
CA VAL E 210 8.27 -64.80 14.34
C VAL E 210 7.66 -64.64 12.96
N GLY E 211 8.28 -65.24 11.95
CA GLY E 211 7.78 -65.11 10.60
C GLY E 211 6.80 -66.17 10.21
N THR E 212 5.86 -66.49 11.09
CA THR E 212 4.89 -67.54 10.84
C THR E 212 3.54 -67.08 11.37
N GLY E 213 2.54 -67.93 11.22
CA GLY E 213 1.25 -67.70 11.85
C GLY E 213 0.24 -67.00 10.96
N LEU E 214 -0.94 -66.82 11.54
CA LEU E 214 -2.01 -66.15 10.83
C LEU E 214 -1.64 -64.71 10.48
N GLY E 215 -0.69 -64.13 11.22
CA GLY E 215 -0.20 -62.82 10.82
C GLY E 215 0.52 -62.85 9.50
N ALA E 216 1.39 -63.84 9.30
CA ALA E 216 2.05 -64.01 8.02
C ALA E 216 1.03 -64.32 6.92
N LEU E 217 0.02 -65.15 7.24
CA LEU E 217 -1.00 -65.43 6.25
C LEU E 217 -1.77 -64.18 5.86
N ALA E 218 -2.11 -63.33 6.84
CA ALA E 218 -2.84 -62.10 6.54
C ALA E 218 -1.98 -61.15 5.71
N GLU E 219 -0.69 -61.05 6.03
CA GLU E 219 0.21 -60.27 5.19
C GLU E 219 0.17 -60.77 3.75
N GLU E 220 0.38 -62.07 3.57
CA GLU E 220 0.47 -62.62 2.22
C GLU E 220 -0.85 -62.47 1.46
N ILE E 221 -1.97 -62.48 2.16
CA ILE E 221 -3.26 -62.35 1.49
C ILE E 221 -3.54 -60.89 1.14
N ASN E 222 -3.35 -59.99 2.10
CA ASN E 222 -3.59 -58.58 1.86
C ASN E 222 -2.65 -58.02 0.81
N LYS E 223 -1.48 -58.61 0.63
CA LYS E 223 -0.56 -58.13 -0.40
C LYS E 223 -1.22 -58.16 -1.77
N SER E 224 -1.89 -59.26 -2.11
CA SER E 224 -2.56 -59.40 -3.39
C SER E 224 -4.03 -59.01 -3.31
N ALA E 225 -4.30 -57.82 -2.78
CA ALA E 225 -5.67 -57.37 -2.63
C ALA E 225 -6.23 -56.72 -3.89
N ASP E 226 -5.40 -56.03 -4.67
CA ASP E 226 -5.89 -55.32 -5.84
C ASP E 226 -6.42 -56.24 -6.92
N LYS E 227 -5.93 -57.48 -6.99
CA LYS E 227 -6.37 -58.40 -8.04
C LYS E 227 -7.48 -59.33 -7.59
N THR E 228 -7.60 -59.59 -6.29
CA THR E 228 -8.62 -60.50 -5.78
C THR E 228 -9.83 -59.77 -5.21
N GLY E 229 -9.62 -58.70 -4.47
CA GLY E 229 -10.71 -58.05 -3.77
C GLY E 229 -11.05 -58.77 -2.47
N VAL E 230 -10.06 -59.40 -1.85
CA VAL E 230 -10.26 -60.18 -0.64
C VAL E 230 -9.18 -59.77 0.35
N ARG E 231 -9.49 -58.83 1.23
CA ARG E 231 -8.59 -58.51 2.31
C ARG E 231 -8.76 -59.51 3.44
N ALA E 232 -7.77 -59.55 4.33
CA ALA E 232 -7.80 -60.51 5.42
C ALA E 232 -7.24 -59.90 6.68
N THR E 233 -7.77 -60.34 7.82
CA THR E 233 -7.28 -59.96 9.12
C THR E 233 -7.22 -61.21 9.98
N TYR E 234 -6.99 -61.06 11.27
CA TYR E 234 -6.86 -62.22 12.14
C TYR E 234 -7.26 -61.84 13.55
N ASP E 235 -7.34 -62.85 14.41
CA ASP E 235 -7.64 -62.65 15.82
C ASP E 235 -7.15 -63.88 16.57
N VAL E 236 -6.10 -63.72 17.35
CA VAL E 236 -5.44 -64.84 18.02
C VAL E 236 -5.56 -64.61 19.52
N LYS E 237 -6.54 -65.25 20.13
CA LYS E 237 -6.72 -65.21 21.58
C LYS E 237 -6.97 -66.61 22.08
N THR E 238 -6.66 -66.84 23.36
CA THR E 238 -7.04 -68.05 24.06
C THR E 238 -7.61 -67.60 25.40
N THR E 239 -8.93 -67.52 25.48
CA THR E 239 -9.61 -67.01 26.66
C THR E 239 -10.30 -68.16 27.40
N GLY E 240 -10.15 -68.16 28.71
CA GLY E 240 -10.69 -69.23 29.51
C GLY E 240 -12.19 -69.14 29.70
N VAL E 241 -12.71 -70.05 30.51
CA VAL E 241 -14.08 -70.05 30.96
C VAL E 241 -14.08 -70.17 32.47
N TYR E 242 -15.26 -70.11 33.08
CA TYR E 242 -15.41 -70.24 34.53
C TYR E 242 -14.36 -69.38 35.26
N ALA E 243 -14.63 -68.07 35.20
CA ALA E 243 -13.62 -67.04 35.06
C ALA E 243 -12.26 -67.35 35.66
N ILE E 244 -12.17 -67.65 36.95
CA ILE E 244 -10.89 -68.02 37.53
C ILE E 244 -11.06 -68.60 38.93
N LYS E 245 -10.21 -69.56 39.29
CA LYS E 245 -10.18 -70.10 40.63
C LYS E 245 -8.75 -70.15 41.13
N GLU E 246 -8.53 -70.79 42.28
CA GLU E 246 -7.19 -70.89 42.85
C GLU E 246 -6.53 -72.19 42.42
N GLY E 247 -5.31 -72.09 41.93
CA GLY E 247 -4.59 -73.27 41.48
C GLY E 247 -3.11 -72.96 41.39
N THR E 248 -2.41 -73.85 40.68
CA THR E 248 -0.98 -73.69 40.48
C THR E 248 -0.57 -74.39 39.19
N THR E 249 0.49 -73.88 38.58
CA THR E 249 0.98 -74.44 37.32
C THR E 249 2.04 -75.49 37.60
N SER E 250 2.24 -76.37 36.63
CA SER E 250 3.26 -77.39 36.77
C SER E 250 4.64 -76.76 36.74
N GLN E 251 5.63 -77.52 37.23
CA GLN E 251 7.00 -77.03 37.27
C GLN E 251 7.53 -76.71 35.89
N ASP E 252 6.95 -77.27 34.85
CA ASP E 252 7.41 -77.11 33.48
C ASP E 252 6.37 -76.40 32.62
N PHE E 253 5.65 -75.45 33.23
CA PHE E 253 4.66 -74.68 32.48
C PHE E 253 5.39 -73.77 31.51
N ALA E 254 5.29 -74.08 30.22
CA ALA E 254 6.00 -73.34 29.19
C ALA E 254 5.02 -72.88 28.13
N ILE E 255 5.34 -71.77 27.48
CA ILE E 255 4.49 -71.16 26.47
C ILE E 255 5.35 -70.78 25.27
N ASN E 256 5.00 -71.32 24.10
CA ASN E 256 5.73 -71.06 22.86
C ASN E 256 7.20 -71.42 22.97
N GLY E 257 7.53 -72.43 23.77
CA GLY E 257 8.88 -72.94 23.83
C GLY E 257 9.74 -72.39 24.94
N VAL E 258 9.29 -71.36 25.65
CA VAL E 258 10.04 -70.80 26.79
C VAL E 258 9.35 -71.26 28.07
N THR E 259 10.15 -71.74 29.02
CA THR E 259 9.63 -72.29 30.27
C THR E 259 9.42 -71.19 31.29
N ILE E 260 8.31 -71.26 32.01
CA ILE E 260 7.96 -70.21 32.97
C ILE E 260 8.14 -70.73 34.39
N GLY E 261 7.44 -71.79 34.73
CA GLY E 261 7.62 -72.46 36.01
C GLY E 261 6.38 -72.42 36.86
N LYS E 262 6.53 -72.88 38.10
CA LYS E 262 5.40 -72.98 39.01
C LYS E 262 5.00 -71.62 39.51
N ILE E 263 3.70 -71.33 39.45
CA ILE E 263 3.14 -70.05 39.90
C ILE E 263 1.91 -70.37 40.72
N GLU E 264 1.90 -69.95 41.99
CA GLU E 264 0.74 -70.11 42.84
C GLU E 264 -0.14 -68.87 42.76
N TYR E 265 -1.28 -69.00 42.09
CA TYR E 265 -2.18 -67.88 41.87
C TYR E 265 -3.46 -68.06 42.66
N LYS E 266 -3.95 -66.97 43.23
CA LYS E 266 -5.05 -66.99 44.19
C LYS E 266 -6.38 -67.13 43.47
N ASP E 267 -7.47 -66.90 44.20
CA ASP E 267 -8.82 -67.14 43.69
C ASP E 267 -9.13 -66.29 42.47
N GLY E 268 -9.22 -64.98 42.66
CA GLY E 268 -9.51 -64.10 41.55
C GLY E 268 -8.23 -63.57 40.94
N ASP E 269 -7.14 -64.29 41.18
CA ASP E 269 -5.80 -63.81 40.87
C ASP E 269 -5.58 -62.44 41.52
N GLY E 270 -5.88 -62.38 42.81
CA GLY E 270 -5.71 -61.14 43.54
C GLY E 270 -4.28 -60.65 43.55
N ASN E 271 -3.33 -61.57 43.37
CA ASN E 271 -1.93 -61.17 43.35
C ASN E 271 -1.53 -60.56 42.02
N GLY E 272 -2.21 -60.92 40.93
CA GLY E 272 -1.71 -60.55 39.63
C GLY E 272 -0.42 -61.26 39.27
N SER E 273 0.00 -62.23 40.10
CA SER E 273 1.24 -62.93 39.86
C SER E 273 1.20 -63.71 38.56
N LEU E 274 0.07 -64.35 38.26
CA LEU E 274 -0.04 -65.09 37.02
C LEU E 274 0.16 -64.20 35.80
N ILE E 275 -0.56 -63.09 35.76
CA ILE E 275 -0.46 -62.18 34.62
C ILE E 275 0.95 -61.62 34.51
N SER E 276 1.51 -61.16 35.63
CA SER E 276 2.84 -60.58 35.58
C SER E 276 3.89 -61.61 35.16
N ALA E 277 3.75 -62.86 35.59
CA ALA E 277 4.74 -63.87 35.24
C ALA E 277 4.62 -64.27 33.78
N ILE E 278 3.39 -64.37 33.25
CA ILE E 278 3.26 -64.68 31.84
C ILE E 278 3.71 -63.51 30.99
N ASN E 279 3.62 -62.29 31.52
CA ASN E 279 4.00 -61.12 30.76
C ASN E 279 5.50 -60.81 30.83
N ALA E 280 6.20 -61.32 31.84
CA ALA E 280 7.63 -61.08 31.94
C ALA E 280 8.40 -61.58 30.73
N VAL E 281 7.77 -62.35 29.85
CA VAL E 281 8.42 -62.84 28.64
C VAL E 281 7.56 -62.50 27.42
N LYS E 282 6.80 -61.40 27.53
CA LYS E 282 5.86 -61.06 26.46
C LYS E 282 6.58 -60.78 25.15
N ASP E 283 7.76 -60.18 25.21
CA ASP E 283 8.49 -59.84 24.00
C ASP E 283 9.20 -61.03 23.39
N THR E 284 9.53 -62.05 24.19
CA THR E 284 10.11 -63.26 23.63
C THR E 284 9.06 -64.19 23.05
N THR E 285 7.93 -64.37 23.74
CA THR E 285 6.90 -65.26 23.23
C THR E 285 6.11 -64.60 22.11
N GLY E 286 5.78 -63.32 22.26
CA GLY E 286 4.78 -62.70 21.43
C GLY E 286 3.39 -62.80 22.00
N VAL E 287 3.27 -63.22 23.26
CA VAL E 287 1.98 -63.45 23.91
C VAL E 287 1.85 -62.46 25.06
N GLN E 288 0.78 -61.66 25.02
CA GLN E 288 0.52 -60.65 26.03
C GLN E 288 -0.68 -61.10 26.84
N ALA E 289 -0.45 -61.51 28.08
CA ALA E 289 -1.53 -62.01 28.92
C ALA E 289 -2.25 -60.87 29.61
N SER E 290 -3.53 -61.08 29.88
CA SER E 290 -4.35 -60.07 30.53
C SER E 290 -5.49 -60.76 31.27
N LYS E 291 -6.17 -59.99 32.10
CA LYS E 291 -7.30 -60.48 32.89
C LYS E 291 -8.57 -59.83 32.37
N ASP E 292 -9.52 -60.65 31.93
CA ASP E 292 -10.75 -60.15 31.36
C ASP E 292 -11.56 -59.40 32.41
N GLU E 293 -12.63 -58.76 31.95
CA GLU E 293 -13.47 -57.98 32.86
C GLU E 293 -14.26 -58.90 33.79
N ASN E 294 -14.81 -59.98 33.25
CA ASN E 294 -15.56 -60.94 34.07
C ASN E 294 -14.67 -61.79 34.94
N GLY E 295 -13.37 -61.57 34.95
CA GLY E 295 -12.45 -62.37 35.73
C GLY E 295 -11.78 -63.48 34.96
N LYS E 296 -12.18 -63.72 33.71
CA LYS E 296 -11.56 -64.77 32.92
C LYS E 296 -10.14 -64.38 32.55
N LEU E 297 -9.38 -65.36 32.10
CA LEU E 297 -7.98 -65.18 31.72
C LEU E 297 -7.87 -65.12 30.22
N VAL E 298 -7.25 -64.06 29.70
CA VAL E 298 -7.11 -63.85 28.27
C VAL E 298 -5.63 -63.80 27.92
N LEU E 299 -5.22 -64.61 26.94
CA LEU E 299 -3.88 -64.58 26.39
C LEU E 299 -4.00 -64.24 24.91
N THR E 300 -3.50 -63.07 24.54
CA THR E 300 -3.59 -62.61 23.16
C THR E 300 -2.22 -62.48 22.55
N SER E 301 -2.16 -62.60 21.23
CA SER E 301 -0.93 -62.45 20.48
C SER E 301 -1.13 -61.35 19.45
N ALA E 302 -0.29 -60.32 19.52
CA ALA E 302 -0.47 -59.16 18.64
C ALA E 302 -0.27 -59.53 17.18
N ASP E 303 0.92 -60.03 16.84
CA ASP E 303 1.27 -60.33 15.46
C ASP E 303 0.88 -61.74 15.03
N GLY E 304 -0.05 -62.38 15.74
CA GLY E 304 -0.57 -63.66 15.32
C GLY E 304 0.45 -64.76 15.17
N ARG E 305 1.08 -65.17 16.27
CA ARG E 305 2.02 -66.28 16.23
C ARG E 305 1.41 -67.60 16.66
N GLY E 306 0.33 -67.58 17.42
CA GLY E 306 -0.27 -68.83 17.87
C GLY E 306 0.17 -69.21 19.26
N ILE E 307 -0.74 -69.11 20.21
CA ILE E 307 -0.45 -69.48 21.59
C ILE E 307 -0.38 -71.00 21.68
N LYS E 308 0.68 -71.51 22.28
CA LYS E 308 0.84 -72.96 22.48
C LYS E 308 1.51 -73.17 23.83
N ILE E 309 0.72 -73.48 24.84
CA ILE E 309 1.27 -73.81 26.15
C ILE E 309 1.55 -75.32 26.18
N THR E 310 2.64 -75.69 26.82
CA THR E 310 3.08 -77.08 26.82
C THR E 310 2.85 -77.78 28.15
N GLY E 311 3.37 -77.22 29.23
CA GLY E 311 3.22 -77.83 30.53
C GLY E 311 1.79 -77.77 31.02
N ASP E 312 1.61 -78.26 32.24
CA ASP E 312 0.30 -78.21 32.90
C ASP E 312 0.12 -76.82 33.47
N ILE E 313 -0.64 -75.98 32.77
CA ILE E 313 -0.96 -74.65 33.30
C ILE E 313 -1.74 -74.77 34.60
N GLY E 314 -2.46 -75.87 34.79
CA GLY E 314 -3.25 -76.04 35.99
C GLY E 314 -4.67 -75.61 35.76
N VAL E 315 -5.58 -76.57 35.65
CA VAL E 315 -6.98 -76.23 35.51
C VAL E 315 -7.41 -75.47 36.77
N GLY E 316 -8.38 -74.58 36.62
CA GLY E 316 -8.67 -73.55 37.61
C GLY E 316 -8.28 -72.17 37.14
N SER E 317 -7.29 -72.08 36.27
CA SER E 317 -7.04 -70.85 35.53
C SER E 317 -8.02 -70.66 34.40
N GLY E 318 -8.94 -71.59 34.19
CA GLY E 318 -9.97 -71.44 33.20
C GLY E 318 -9.63 -71.97 31.82
N ILE E 319 -8.40 -72.37 31.58
CA ILE E 319 -7.96 -72.79 30.26
C ILE E 319 -8.02 -74.31 30.20
N LEU E 320 -8.94 -74.82 29.39
CA LEU E 320 -9.10 -76.26 29.23
C LEU E 320 -7.90 -76.85 28.50
N ALA E 321 -7.83 -78.18 28.51
CA ALA E 321 -6.76 -78.87 27.81
C ALA E 321 -6.98 -78.90 26.30
N ASN E 322 -8.20 -78.62 25.84
CA ASN E 322 -8.48 -78.58 24.42
C ASN E 322 -8.04 -77.28 23.77
N GLN E 323 -7.52 -76.33 24.54
CA GLN E 323 -7.14 -75.02 24.01
C GLN E 323 -5.64 -74.78 24.03
N LYS E 324 -4.85 -75.75 24.48
CA LYS E 324 -3.42 -75.51 24.64
C LYS E 324 -2.73 -75.23 23.31
N GLU E 325 -3.26 -75.74 22.21
CA GLU E 325 -2.71 -75.50 20.88
C GLU E 325 -3.70 -74.62 20.12
N ASN E 326 -3.42 -73.32 20.09
CA ASN E 326 -4.32 -72.36 19.47
C ASN E 326 -3.58 -71.51 18.46
N TYR E 327 -4.24 -71.26 17.32
CA TYR E 327 -3.66 -70.38 16.30
C TYR E 327 -4.67 -69.36 15.79
N GLY E 328 -5.71 -69.06 16.56
CA GLY E 328 -6.61 -67.99 16.19
C GLY E 328 -7.47 -68.33 14.99
N ARG E 329 -8.00 -67.27 14.37
CA ARG E 329 -8.90 -67.41 13.24
C ARG E 329 -8.55 -66.42 12.15
N LEU E 330 -8.95 -66.77 10.93
CA LEU E 330 -8.86 -65.89 9.78
C LEU E 330 -10.18 -65.16 9.59
N SER E 331 -10.13 -64.06 8.85
CA SER E 331 -11.36 -63.31 8.55
C SER E 331 -11.17 -62.65 7.19
N LEU E 332 -11.66 -63.32 6.16
CA LEU E 332 -11.64 -62.74 4.83
C LEU E 332 -12.80 -61.76 4.67
N VAL E 333 -12.60 -60.75 3.83
CA VAL E 333 -13.64 -59.76 3.53
C VAL E 333 -13.55 -59.42 2.05
N LYS E 334 -14.47 -59.94 1.26
CA LYS E 334 -14.61 -59.49 -0.11
C LYS E 334 -15.36 -58.17 -0.13
N ASN E 335 -15.62 -57.62 -1.32
CA ASN E 335 -16.41 -56.41 -1.40
C ASN E 335 -17.37 -56.44 -2.59
N ASP E 336 -17.98 -57.60 -2.84
CA ASP E 336 -19.10 -57.61 -3.79
C ASP E 336 -20.28 -58.47 -3.39
N GLY E 337 -20.15 -59.37 -2.42
CA GLY E 337 -21.27 -60.15 -1.96
C GLY E 337 -21.42 -61.54 -2.55
N ARG E 338 -20.38 -62.08 -3.18
CA ARG E 338 -20.39 -63.45 -3.66
C ARG E 338 -19.47 -64.31 -2.81
N ASP E 339 -19.85 -65.57 -2.66
CA ASP E 339 -19.11 -66.46 -1.77
C ASP E 339 -17.67 -66.61 -2.22
N ILE E 340 -16.75 -66.29 -1.31
CA ILE E 340 -15.34 -66.60 -1.56
C ILE E 340 -15.19 -68.11 -1.64
N ASN E 341 -14.76 -68.59 -2.79
CA ASN E 341 -14.70 -70.03 -3.06
C ASN E 341 -13.29 -70.54 -2.82
N ILE E 342 -12.87 -70.47 -1.56
CA ILE E 342 -11.53 -70.86 -1.18
C ILE E 342 -11.41 -72.38 -1.23
N SER E 343 -10.37 -72.88 -1.90
CA SER E 343 -10.08 -74.32 -1.94
C SER E 343 -8.55 -74.47 -2.04
N GLY E 344 -7.91 -74.62 -0.90
CA GLY E 344 -6.47 -74.68 -0.82
C GLY E 344 -5.93 -76.09 -0.93
N THR E 345 -4.78 -76.31 -0.30
CA THR E 345 -4.15 -77.63 -0.28
C THR E 345 -4.10 -78.26 1.10
N ASN E 346 -3.75 -77.49 2.13
CA ASN E 346 -3.68 -77.99 3.51
C ASN E 346 -4.45 -76.99 4.36
N LEU E 347 -5.77 -77.17 4.44
CA LEU E 347 -6.66 -76.15 4.95
C LEU E 347 -7.07 -76.35 6.40
N SER E 348 -6.85 -77.52 6.98
CA SER E 348 -7.22 -77.71 8.38
C SER E 348 -6.39 -76.87 9.33
N ALA E 349 -5.40 -76.14 8.83
CA ALA E 349 -4.53 -75.38 9.71
C ALA E 349 -5.03 -73.96 9.92
N ILE E 350 -5.74 -73.39 8.95
CA ILE E 350 -6.31 -72.06 9.10
C ILE E 350 -7.75 -72.11 9.59
N GLY E 351 -8.28 -73.30 9.85
CA GLY E 351 -9.63 -73.42 10.34
C GLY E 351 -10.69 -73.31 9.28
N MET E 352 -10.36 -73.69 8.04
CA MET E 352 -11.34 -73.72 6.96
C MET E 352 -11.29 -75.05 6.22
N GLY E 353 -10.85 -76.10 6.90
CA GLY E 353 -10.75 -77.41 6.29
C GLY E 353 -12.11 -77.99 5.96
N THR E 354 -12.09 -79.23 5.45
CA THR E 354 -13.32 -79.90 5.07
C THR E 354 -14.18 -80.27 6.27
N THR E 355 -13.61 -80.26 7.47
CA THR E 355 -14.33 -80.59 8.69
C THR E 355 -14.49 -79.39 9.61
N ASP E 356 -14.26 -78.19 9.10
CA ASP E 356 -14.32 -76.98 9.90
C ASP E 356 -15.64 -76.28 9.66
N MET E 357 -16.17 -75.66 10.72
CA MET E 357 -17.45 -74.96 10.66
C MET E 357 -17.16 -73.47 10.51
N ILE E 358 -17.31 -72.95 9.30
CA ILE E 358 -17.08 -71.55 9.05
C ILE E 358 -18.41 -70.84 8.86
N SER E 359 -18.39 -69.52 8.91
CA SER E 359 -19.59 -68.71 8.79
C SER E 359 -19.38 -67.63 7.75
N GLN E 360 -20.45 -67.30 7.04
CA GLN E 360 -20.36 -66.30 5.98
C GLN E 360 -21.70 -65.61 5.83
N SER E 361 -21.68 -64.39 5.30
CA SER E 361 -22.88 -63.59 5.15
C SER E 361 -22.55 -62.35 4.34
N SER E 362 -23.59 -61.69 3.84
CA SER E 362 -23.47 -60.44 3.11
C SER E 362 -24.36 -59.40 3.77
N VAL E 363 -23.79 -58.24 4.06
CA VAL E 363 -24.46 -57.21 4.86
C VAL E 363 -24.59 -55.95 4.03
N SER E 364 -25.81 -55.42 3.95
CA SER E 364 -26.06 -54.18 3.25
C SER E 364 -25.98 -53.01 4.23
N LEU E 365 -26.18 -51.79 3.72
CA LEU E 365 -26.12 -50.62 4.59
C LEU E 365 -27.21 -50.65 5.64
N ARG E 366 -28.45 -50.93 5.25
CA ARG E 366 -29.53 -50.99 6.23
C ARG E 366 -29.30 -52.13 7.22
N GLU E 367 -28.85 -53.27 6.73
CA GLU E 367 -28.55 -54.38 7.62
C GLU E 367 -27.45 -54.04 8.60
N SER E 368 -26.54 -53.14 8.23
CA SER E 368 -25.54 -52.66 9.19
C SER E 368 -26.12 -51.63 10.15
N LYS E 369 -26.99 -50.76 9.66
CA LYS E 369 -27.66 -49.78 10.51
C LYS E 369 -28.51 -50.43 11.58
N GLY E 370 -29.00 -51.63 11.32
CA GLY E 370 -29.80 -52.36 12.29
C GLY E 370 -28.95 -53.00 13.37
N GLN E 371 -29.59 -53.88 14.13
CA GLN E 371 -28.89 -54.62 15.18
C GLN E 371 -28.27 -55.87 14.59
N ILE E 372 -26.99 -56.09 14.90
CA ILE E 372 -26.25 -57.19 14.29
C ILE E 372 -26.69 -58.51 14.90
N SER E 373 -27.24 -59.39 14.08
CA SER E 373 -27.65 -60.70 14.55
C SER E 373 -26.43 -61.50 15.02
N ALA E 374 -26.69 -62.67 15.60
CA ALA E 374 -25.60 -63.47 16.16
C ALA E 374 -24.71 -64.02 15.06
N THR E 375 -25.30 -64.58 14.01
CA THR E 375 -24.50 -65.17 12.93
C THR E 375 -23.71 -64.10 12.19
N ASN E 376 -24.37 -63.02 11.79
CA ASN E 376 -23.67 -61.91 11.18
C ASN E 376 -22.57 -61.39 12.10
N ALA E 377 -22.84 -61.35 13.40
CA ALA E 377 -21.83 -60.87 14.34
C ALA E 377 -20.61 -61.77 14.32
N ASP E 378 -20.81 -63.08 14.31
CA ASP E 378 -19.68 -63.98 14.27
C ASP E 378 -18.92 -63.84 12.96
N ALA E 379 -19.63 -63.64 11.86
CA ALA E 379 -18.96 -63.51 10.57
C ALA E 379 -18.16 -62.21 10.48
N MET E 380 -18.65 -61.14 11.11
CA MET E 380 -17.96 -59.85 11.02
C MET E 380 -16.55 -59.93 11.60
N GLY E 381 -16.39 -60.59 12.73
CA GLY E 381 -15.09 -60.67 13.36
C GLY E 381 -15.13 -60.52 14.86
N PHE E 382 -16.33 -60.39 15.42
CA PHE E 382 -16.48 -60.41 16.87
C PHE E 382 -16.15 -61.79 17.40
N ASN E 383 -16.23 -61.92 18.73
CA ASN E 383 -16.34 -63.20 19.43
C ASN E 383 -15.40 -64.26 18.86
N SER E 384 -14.09 -64.10 19.06
CA SER E 384 -13.11 -65.03 18.53
C SER E 384 -13.52 -66.49 18.67
N TYR E 385 -13.73 -66.95 19.90
CA TYR E 385 -13.93 -68.39 20.09
C TYR E 385 -15.30 -68.87 19.64
N LYS E 386 -15.59 -68.72 18.34
CA LYS E 386 -16.75 -69.35 17.69
C LYS E 386 -18.05 -68.97 18.42
N GLY E 387 -18.36 -67.69 18.34
CA GLY E 387 -19.50 -67.14 19.04
C GLY E 387 -19.16 -66.75 20.46
N GLY E 388 -19.93 -65.79 20.97
CA GLY E 388 -19.62 -65.22 22.27
C GLY E 388 -20.05 -66.03 23.46
N GLY E 389 -20.73 -67.15 23.25
CA GLY E 389 -21.28 -67.89 24.36
C GLY E 389 -20.33 -68.93 24.91
N LYS E 390 -20.75 -70.19 24.89
CA LYS E 390 -19.95 -71.26 25.43
C LYS E 390 -18.89 -71.71 24.44
N PHE E 391 -17.86 -72.38 24.96
CA PHE E 391 -16.89 -73.04 24.12
C PHE E 391 -17.46 -74.38 23.64
N VAL E 392 -16.98 -74.83 22.49
CA VAL E 392 -17.56 -75.98 21.80
C VAL E 392 -16.46 -76.96 21.42
N PHE E 393 -16.56 -78.20 21.92
CA PHE E 393 -15.68 -79.27 21.50
C PHE E 393 -16.41 -80.19 20.52
N THR E 394 -15.75 -81.30 20.17
CA THR E 394 -16.37 -82.43 19.50
C THR E 394 -15.96 -83.74 20.15
N GLN E 395 -15.80 -83.75 21.46
CA GLN E 395 -15.19 -84.86 22.17
C GLN E 395 -16.18 -86.03 22.22
N ASN E 396 -15.80 -87.10 22.93
CA ASN E 396 -16.53 -88.36 22.89
C ASN E 396 -17.10 -88.70 24.25
N VAL E 397 -17.75 -87.74 24.89
CA VAL E 397 -18.24 -87.91 26.27
C VAL E 397 -19.75 -87.67 26.29
N SER E 398 -20.43 -88.46 27.12
CA SER E 398 -21.87 -88.26 27.32
C SER E 398 -22.15 -86.95 28.05
N SER E 399 -21.58 -86.79 29.24
CA SER E 399 -21.89 -85.64 30.07
C SER E 399 -20.62 -85.12 30.74
N ILE E 400 -20.75 -83.90 31.28
CA ILE E 400 -19.62 -83.22 31.92
C ILE E 400 -19.04 -84.07 33.04
N SER E 401 -19.88 -84.86 33.70
CA SER E 401 -19.41 -85.75 34.75
C SER E 401 -18.34 -86.70 34.22
N ALA E 402 -18.68 -87.45 33.17
CA ALA E 402 -17.71 -88.35 32.56
C ALA E 402 -16.57 -87.59 31.89
N PHE E 403 -16.82 -86.37 31.44
CA PHE E 403 -15.75 -85.55 30.89
C PHE E 403 -14.67 -85.29 31.93
N MET E 404 -15.08 -84.83 33.10
CA MET E 404 -14.14 -84.64 34.19
C MET E 404 -13.50 -85.97 34.61
N SER E 405 -14.29 -87.04 34.67
CA SER E 405 -13.74 -88.33 35.07
C SER E 405 -12.67 -88.82 34.11
N ALA E 406 -12.80 -88.50 32.83
CA ALA E 406 -11.90 -89.05 31.83
C ALA E 406 -10.48 -88.51 32.01
N GLN E 407 -9.56 -89.07 31.23
CA GLN E 407 -8.17 -88.68 31.30
C GLN E 407 -7.95 -87.34 30.62
N GLY E 408 -6.69 -86.91 30.55
CA GLY E 408 -6.35 -85.70 29.85
C GLY E 408 -6.67 -84.43 30.57
N SER E 409 -7.92 -84.30 31.04
CA SER E 409 -8.34 -83.09 31.72
C SER E 409 -7.65 -82.97 33.08
N GLY E 410 -7.93 -81.88 33.78
CA GLY E 410 -7.33 -81.65 35.07
C GLY E 410 -8.21 -82.08 36.21
N PHE E 411 -9.31 -82.76 35.90
CA PHE E 411 -10.28 -83.18 36.90
C PHE E 411 -10.23 -84.68 37.16
N SER E 412 -9.11 -85.34 36.86
CA SER E 412 -9.01 -86.75 37.14
C SER E 412 -9.10 -87.01 38.64
N ARG E 413 -9.29 -88.27 39.00
CA ARG E 413 -9.45 -88.63 40.40
C ARG E 413 -8.24 -88.21 41.23
N GLY E 414 -7.04 -88.43 40.70
CA GLY E 414 -5.84 -88.05 41.44
C GLY E 414 -5.76 -86.56 41.67
N SER E 415 -6.03 -85.76 40.64
CA SER E 415 -5.97 -84.32 40.76
C SER E 415 -6.99 -83.82 41.79
N GLY E 416 -6.78 -82.60 42.26
CA GLY E 416 -7.59 -82.06 43.34
C GLY E 416 -8.97 -81.62 42.92
N PHE E 417 -9.15 -81.23 41.66
CA PHE E 417 -10.42 -80.67 41.21
C PHE E 417 -11.35 -81.73 40.65
N SER E 418 -11.62 -82.78 41.41
CA SER E 418 -12.61 -83.76 40.99
C SER E 418 -13.99 -83.35 41.46
N VAL E 419 -15.01 -83.96 40.84
CA VAL E 419 -16.38 -83.67 41.23
C VAL E 419 -16.59 -84.08 42.67
N GLY E 420 -17.14 -83.17 43.47
CA GLY E 420 -17.31 -83.40 44.89
C GLY E 420 -16.08 -83.11 45.70
N SER E 421 -15.36 -82.04 45.41
CA SER E 421 -14.12 -81.71 46.12
C SER E 421 -14.10 -80.26 46.60
N GLY E 422 -15.27 -79.63 46.73
CA GLY E 422 -15.35 -78.27 47.22
C GLY E 422 -14.99 -77.19 46.22
N LYS E 423 -14.21 -77.51 45.19
CA LYS E 423 -13.86 -76.51 44.19
C LYS E 423 -15.07 -76.06 43.39
N ASN E 424 -16.01 -76.98 43.14
CA ASN E 424 -17.27 -76.66 42.47
C ASN E 424 -17.05 -76.08 41.07
N LEU E 425 -16.09 -76.64 40.35
CA LEU E 425 -15.88 -76.26 38.96
C LEU E 425 -16.90 -76.89 38.03
N SER E 426 -17.71 -77.83 38.52
CA SER E 426 -18.78 -78.36 37.67
C SER E 426 -19.77 -77.28 37.29
N VAL E 427 -20.00 -76.30 38.17
CA VAL E 427 -20.87 -75.19 37.84
C VAL E 427 -20.29 -74.39 36.68
N GLY E 428 -19.02 -74.04 36.77
CA GLY E 428 -18.38 -73.29 35.70
C GLY E 428 -18.39 -74.06 34.39
N LEU E 429 -18.18 -75.38 34.45
CA LEU E 429 -18.21 -76.17 33.24
C LEU E 429 -19.62 -76.24 32.66
N SER E 430 -20.64 -76.30 33.50
CA SER E 430 -22.01 -76.23 33.00
C SER E 430 -22.32 -74.88 32.38
N GLN E 431 -21.68 -73.82 32.86
CA GLN E 431 -21.84 -72.47 32.33
C GLN E 431 -20.64 -72.13 31.46
N GLY E 432 -20.67 -72.58 30.21
CA GLY E 432 -19.60 -72.20 29.30
C GLY E 432 -18.96 -73.32 28.52
N ILE E 433 -19.58 -74.50 28.51
CA ILE E 433 -19.05 -75.65 27.80
C ILE E 433 -20.20 -76.38 27.13
N GLN E 434 -20.12 -76.58 25.83
CA GLN E 434 -21.12 -77.34 25.08
C GLN E 434 -20.38 -78.45 24.33
N ILE E 435 -20.41 -79.65 24.90
CA ILE E 435 -19.71 -80.78 24.29
C ILE E 435 -20.62 -81.41 23.24
N ILE E 436 -20.11 -81.54 22.03
CA ILE E 436 -20.81 -82.26 20.96
C ILE E 436 -20.41 -83.72 21.03
N SER E 437 -21.40 -84.60 21.04
CA SER E 437 -21.13 -86.03 21.19
C SER E 437 -20.37 -86.58 19.99
N SER E 438 -20.98 -86.50 18.81
CA SER E 438 -20.38 -87.04 17.59
C SER E 438 -20.49 -86.02 16.48
N ALA E 439 -19.38 -85.77 15.79
CA ALA E 439 -19.36 -84.77 14.74
C ALA E 439 -20.24 -85.14 13.55
N ALA E 440 -20.73 -86.38 13.49
CA ALA E 440 -21.61 -86.76 12.38
C ALA E 440 -23.05 -86.34 12.65
N SER E 441 -23.53 -86.54 13.88
CA SER E 441 -24.90 -86.23 14.24
C SER E 441 -24.87 -85.15 15.32
N MET E 442 -24.96 -83.88 14.89
CA MET E 442 -25.03 -82.75 15.81
C MET E 442 -26.13 -81.82 15.33
N SER E 443 -27.36 -82.08 15.77
CA SER E 443 -28.48 -81.19 15.55
C SER E 443 -28.90 -80.46 16.80
N ASN E 444 -28.18 -80.65 17.90
CA ASN E 444 -28.48 -79.99 19.16
C ASN E 444 -27.62 -78.78 19.42
N THR E 445 -26.64 -78.49 18.56
CA THR E 445 -25.83 -77.30 18.71
C THR E 445 -25.88 -76.44 17.46
N TYR E 446 -26.00 -77.08 16.30
CA TYR E 446 -26.17 -76.37 15.04
C TYR E 446 -27.54 -76.67 14.46
N VAL E 447 -28.01 -75.77 13.60
CA VAL E 447 -29.25 -75.97 12.87
C VAL E 447 -28.94 -76.82 11.64
N VAL E 448 -29.18 -78.12 11.75
CA VAL E 448 -28.86 -79.06 10.68
C VAL E 448 -30.09 -79.89 10.37
N SER E 449 -31.25 -79.48 10.87
CA SER E 449 -32.45 -80.27 10.67
C SER E 449 -32.79 -80.36 9.18
N ALA E 450 -33.64 -81.34 8.86
CA ALA E 450 -33.92 -81.65 7.46
C ALA E 450 -34.58 -80.48 6.73
N GLY E 451 -35.32 -79.64 7.46
CA GLY E 451 -36.00 -78.53 6.81
C GLY E 451 -35.05 -77.52 6.19
N SER E 452 -33.98 -77.17 6.90
CA SER E 452 -33.02 -76.22 6.39
C SER E 452 -32.26 -76.81 5.21
N GLY E 453 -31.49 -75.96 4.55
CA GLY E 453 -30.63 -76.40 3.48
C GLY E 453 -29.25 -76.83 3.91
N PHE E 454 -29.03 -77.00 5.22
CA PHE E 454 -27.73 -77.33 5.75
C PHE E 454 -27.67 -78.77 6.27
N SER E 455 -28.59 -79.62 5.83
CA SER E 455 -28.61 -81.01 6.26
C SER E 455 -27.31 -81.71 5.88
N SER E 456 -26.85 -82.61 6.74
CA SER E 456 -25.63 -83.34 6.49
C SER E 456 -25.74 -84.15 5.20
N GLY E 457 -24.70 -84.07 4.38
CA GLY E 457 -24.70 -84.78 3.11
C GLY E 457 -25.46 -84.09 2.01
N SER E 458 -25.73 -82.79 2.14
CA SER E 458 -26.41 -82.01 1.11
C SER E 458 -25.55 -80.87 0.60
N GLY E 459 -24.28 -80.83 0.98
CA GLY E 459 -23.49 -79.64 0.77
C GLY E 459 -23.91 -78.58 1.76
N ASN E 460 -23.09 -77.55 1.92
CA ASN E 460 -23.33 -76.47 2.87
C ASN E 460 -23.40 -76.96 4.31
N SER E 461 -23.09 -78.23 4.56
CA SER E 461 -23.17 -78.77 5.91
C SER E 461 -22.13 -78.21 6.84
N GLN E 462 -21.24 -77.33 6.36
CA GLN E 462 -20.22 -76.72 7.19
C GLN E 462 -20.44 -75.22 7.34
N PHE E 463 -21.61 -74.72 6.96
CA PHE E 463 -21.96 -73.32 7.16
C PHE E 463 -23.14 -73.15 8.10
N ALA E 464 -23.55 -74.21 8.79
CA ALA E 464 -24.76 -74.16 9.60
C ALA E 464 -24.61 -73.18 10.75
N ALA E 465 -25.70 -72.51 11.09
CA ALA E 465 -25.67 -71.50 12.13
C ALA E 465 -25.74 -72.15 13.51
N LEU E 466 -25.06 -71.54 14.47
CA LEU E 466 -25.08 -72.02 15.84
C LEU E 466 -26.48 -71.85 16.43
N LYS E 467 -26.77 -72.63 17.46
CA LYS E 467 -28.10 -72.59 18.09
C LYS E 467 -28.07 -71.75 19.35
N THR E 468 -29.05 -70.87 19.48
CA THR E 468 -29.06 -69.88 20.55
C THR E 468 -29.31 -70.52 21.91
N THR E 469 -30.09 -71.61 21.97
CA THR E 469 -30.30 -72.24 23.25
C THR E 469 -29.12 -73.12 23.64
N ALA E 470 -28.50 -73.79 22.67
CA ALA E 470 -27.30 -74.57 22.94
C ALA E 470 -26.17 -73.68 23.44
N ALA E 471 -25.72 -72.76 22.59
CA ALA E 471 -24.73 -71.77 23.00
C ALA E 471 -25.44 -70.64 23.74
N ASN E 472 -24.76 -69.52 23.94
CA ASN E 472 -25.38 -68.34 24.52
C ASN E 472 -25.16 -67.14 23.63
N THR E 473 -25.38 -67.33 22.34
CA THR E 473 -25.15 -66.28 21.37
C THR E 473 -26.14 -65.15 21.56
N THR E 474 -25.63 -63.94 21.82
CA THR E 474 -26.46 -62.76 21.97
C THR E 474 -26.02 -61.72 20.94
N ASP E 475 -26.98 -60.93 20.48
CA ASP E 475 -26.68 -59.94 19.45
C ASP E 475 -25.70 -58.90 19.97
N GLU E 476 -25.19 -58.10 19.04
CA GLU E 476 -24.31 -57.00 19.37
C GLU E 476 -25.03 -55.68 19.16
N THR E 477 -24.50 -54.64 19.80
CA THR E 477 -25.12 -53.32 19.72
C THR E 477 -25.15 -52.85 18.27
N ALA E 478 -26.23 -52.17 17.92
CA ALA E 478 -26.59 -51.92 16.52
C ALA E 478 -25.56 -51.00 15.87
N GLY E 479 -24.88 -51.52 14.85
CA GLY E 479 -24.10 -50.69 13.96
C GLY E 479 -22.73 -50.30 14.45
N VAL E 480 -22.38 -49.03 14.26
CA VAL E 480 -21.05 -48.51 14.54
C VAL E 480 -20.87 -48.36 16.05
N THR E 481 -21.89 -48.73 16.81
CA THR E 481 -21.84 -48.59 18.26
C THR E 481 -20.82 -49.51 18.92
N THR E 482 -20.05 -50.27 18.16
CA THR E 482 -18.99 -51.09 18.69
C THR E 482 -17.80 -51.05 17.75
N LEU E 483 -16.64 -51.42 18.26
CA LEU E 483 -15.39 -51.26 17.52
C LEU E 483 -15.41 -52.06 16.22
N LYS E 484 -15.54 -53.38 16.33
CA LYS E 484 -15.58 -54.21 15.14
C LYS E 484 -16.73 -53.82 14.22
N GLY E 485 -17.85 -53.40 14.79
CA GLY E 485 -18.92 -52.88 13.97
C GLY E 485 -18.50 -51.67 13.17
N ALA E 486 -17.71 -50.78 13.77
CA ALA E 486 -17.19 -49.64 13.04
C ALA E 486 -16.28 -50.08 11.91
N MET E 487 -15.37 -51.01 12.19
CA MET E 487 -14.43 -51.43 11.15
C MET E 487 -15.14 -52.21 10.05
N ALA E 488 -16.34 -52.74 10.32
CA ALA E 488 -17.10 -53.37 9.26
C ALA E 488 -17.88 -52.33 8.45
N VAL E 489 -18.47 -51.34 9.13
CA VAL E 489 -19.17 -50.29 8.43
C VAL E 489 -18.22 -49.54 7.52
N MET E 490 -16.94 -49.47 7.88
CA MET E 490 -15.95 -48.89 6.97
C MET E 490 -15.93 -49.60 5.63
N ASP E 491 -15.82 -50.93 5.64
CA ASP E 491 -15.83 -51.70 4.40
C ASP E 491 -17.15 -51.55 3.66
N ILE E 492 -18.26 -51.52 4.39
CA ILE E 492 -19.55 -51.42 3.72
C ILE E 492 -19.67 -50.08 3.01
N ALA E 493 -19.18 -49.01 3.63
CA ALA E 493 -19.21 -47.71 2.98
C ALA E 493 -18.27 -47.68 1.77
N GLU E 494 -17.11 -48.31 1.88
CA GLU E 494 -16.21 -48.37 0.73
C GLU E 494 -16.86 -49.09 -0.44
N THR E 495 -17.50 -50.22 -0.18
CA THR E 495 -18.22 -50.95 -1.22
C THR E 495 -19.33 -50.11 -1.81
N ALA E 496 -20.04 -49.35 -0.97
CA ALA E 496 -21.11 -48.50 -1.48
C ALA E 496 -20.57 -47.45 -2.43
N ILE E 497 -19.44 -46.82 -2.06
CA ILE E 497 -18.83 -45.84 -2.95
C ILE E 497 -18.46 -46.48 -4.27
N THR E 498 -17.87 -47.68 -4.22
CA THR E 498 -17.53 -48.40 -5.44
C THR E 498 -18.76 -48.61 -6.33
N ASN E 499 -19.87 -49.04 -5.73
CA ASN E 499 -21.06 -49.31 -6.54
C ASN E 499 -21.62 -48.05 -7.16
N LEU E 500 -21.67 -46.96 -6.39
CA LEU E 500 -22.21 -45.72 -6.94
C LEU E 500 -21.33 -45.20 -8.06
N ASP E 501 -20.01 -45.35 -7.94
CA ASP E 501 -19.13 -44.99 -9.04
C ASP E 501 -19.43 -45.82 -10.26
N GLN E 502 -19.62 -47.13 -10.07
CA GLN E 502 -19.90 -48.00 -11.20
C GLN E 502 -21.18 -47.60 -11.92
N ILE E 503 -22.17 -47.12 -11.18
CA ILE E 503 -23.44 -46.73 -11.81
C ILE E 503 -23.30 -45.39 -12.51
N ARG E 504 -22.64 -44.44 -11.87
CA ARG E 504 -22.44 -43.14 -12.48
C ARG E 504 -21.64 -43.26 -13.78
N ALA E 505 -20.71 -44.21 -13.85
CA ALA E 505 -20.00 -44.43 -15.09
C ALA E 505 -20.92 -44.85 -16.22
N ASP E 506 -21.95 -45.66 -15.92
CA ASP E 506 -22.89 -46.05 -16.97
C ASP E 506 -23.73 -44.88 -17.42
N ILE E 507 -24.17 -44.04 -16.47
CA ILE E 507 -24.87 -42.82 -16.86
C ILE E 507 -24.00 -41.99 -17.80
N ALA E 508 -22.72 -41.84 -17.47
CA ALA E 508 -21.83 -41.04 -18.30
C ALA E 508 -21.66 -41.65 -19.69
N SER E 509 -21.53 -42.97 -19.76
CA SER E 509 -21.42 -43.64 -21.06
C SER E 509 -22.62 -43.32 -21.94
N ILE E 510 -23.82 -43.51 -21.41
CA ILE E 510 -25.01 -43.23 -22.21
C ILE E 510 -25.04 -41.76 -22.63
N GLN E 511 -24.62 -40.87 -21.73
CA GLN E 511 -24.68 -39.44 -22.06
C GLN E 511 -23.74 -39.10 -23.21
N ASN E 512 -22.52 -39.62 -23.18
CA ASN E 512 -21.60 -39.36 -24.28
C ASN E 512 -22.12 -39.92 -25.60
N GLN E 513 -22.67 -41.14 -25.57
CA GLN E 513 -23.24 -41.70 -26.78
C GLN E 513 -24.33 -40.81 -27.34
N VAL E 514 -25.21 -40.31 -26.46
CA VAL E 514 -26.32 -39.48 -26.92
C VAL E 514 -25.79 -38.18 -27.52
N THR E 515 -24.76 -37.59 -26.90
CA THR E 515 -24.19 -36.35 -27.44
C THR E 515 -23.66 -36.57 -28.86
N SER E 516 -22.93 -37.67 -29.06
CA SER E 516 -22.43 -37.93 -30.41
C SER E 516 -23.57 -38.11 -31.41
N THR E 517 -24.60 -38.86 -31.02
CA THR E 517 -25.76 -39.02 -31.89
C THR E 517 -26.34 -37.67 -32.26
N ILE E 518 -26.46 -36.77 -31.28
CA ILE E 518 -27.10 -35.48 -31.53
C ILE E 518 -26.30 -34.66 -32.51
N ASN E 519 -24.97 -34.66 -32.36
CA ASN E 519 -24.14 -33.94 -33.31
C ASN E 519 -24.32 -34.47 -34.73
N ASN E 520 -24.23 -35.78 -34.89
CA ASN E 520 -24.35 -36.34 -36.22
C ASN E 520 -25.72 -36.06 -36.83
N ILE E 521 -26.78 -36.13 -36.01
CA ILE E 521 -28.12 -35.87 -36.51
C ILE E 521 -28.27 -34.41 -36.90
N THR E 522 -27.70 -33.50 -36.11
CA THR E 522 -27.80 -32.09 -36.42
C THR E 522 -27.15 -31.78 -37.76
N VAL E 523 -26.07 -32.49 -38.10
CA VAL E 523 -25.47 -32.25 -39.40
C VAL E 523 -26.29 -32.89 -40.52
N THR E 524 -26.72 -34.14 -40.30
CA THR E 524 -27.46 -34.85 -41.34
C THR E 524 -28.76 -34.15 -41.68
N GLN E 525 -29.40 -33.52 -40.69
CA GLN E 525 -30.67 -32.83 -40.98
C GLN E 525 -30.43 -31.66 -41.92
N VAL E 526 -29.37 -30.89 -41.69
CA VAL E 526 -29.07 -29.77 -42.58
C VAL E 526 -28.82 -30.28 -43.98
N ASN E 527 -28.02 -31.34 -44.11
CA ASN E 527 -27.74 -31.85 -45.45
C ASN E 527 -28.99 -32.36 -46.14
N VAL E 528 -29.86 -33.05 -45.40
CA VAL E 528 -31.11 -33.55 -45.98
C VAL E 528 -31.99 -32.39 -46.42
N LYS E 529 -32.08 -31.35 -45.60
CA LYS E 529 -32.91 -30.21 -45.95
C LYS E 529 -32.40 -29.51 -47.19
N ALA E 530 -31.08 -29.37 -47.32
CA ALA E 530 -30.53 -28.76 -48.53
C ALA E 530 -30.79 -29.62 -49.76
N ALA E 531 -30.63 -30.94 -49.62
CA ALA E 531 -30.90 -31.81 -50.75
C ALA E 531 -32.37 -31.77 -51.16
N GLU E 532 -33.27 -31.58 -50.19
CA GLU E 532 -34.68 -31.41 -50.51
C GLU E 532 -34.92 -30.10 -51.25
N SER E 533 -34.35 -29.02 -50.73
CA SER E 533 -34.51 -27.72 -51.39
C SER E 533 -34.04 -27.76 -52.83
N GLN E 534 -32.96 -28.50 -53.09
CA GLN E 534 -32.48 -28.62 -54.46
C GLN E 534 -33.52 -29.23 -55.39
N ILE E 535 -34.49 -29.97 -54.86
CA ILE E 535 -35.46 -30.67 -55.70
C ILE E 535 -36.76 -29.90 -55.75
N ARG E 536 -37.15 -29.28 -54.65
CA ARG E 536 -38.49 -28.71 -54.51
C ARG E 536 -38.55 -27.24 -54.92
N ASP E 537 -37.73 -26.40 -54.31
CA ASP E 537 -37.92 -24.96 -54.48
C ASP E 537 -37.39 -24.48 -55.82
N VAL E 538 -37.85 -23.30 -56.22
CA VAL E 538 -37.51 -22.70 -57.49
C VAL E 538 -36.46 -21.62 -57.26
N ASP E 539 -35.60 -21.43 -58.25
CA ASP E 539 -34.57 -20.40 -58.21
C ASP E 539 -35.07 -19.16 -58.93
N PHE E 540 -35.29 -18.09 -58.17
CA PHE E 540 -35.81 -16.85 -58.74
C PHE E 540 -34.92 -16.31 -59.85
N ALA E 541 -33.64 -16.63 -59.83
CA ALA E 541 -32.74 -16.24 -60.92
C ALA E 541 -33.33 -16.63 -62.27
N SER E 542 -33.57 -17.92 -62.48
CA SER E 542 -34.15 -18.37 -63.73
C SER E 542 -35.64 -18.09 -63.81
N GLU E 543 -36.32 -18.04 -62.66
CA GLU E 543 -37.77 -17.89 -62.69
C GLU E 543 -38.18 -16.52 -63.20
N SER E 544 -37.50 -15.47 -62.74
CA SER E 544 -37.85 -14.13 -63.23
C SER E 544 -37.51 -13.97 -64.69
N ALA E 545 -36.46 -14.63 -65.17
CA ALA E 545 -36.17 -14.61 -66.60
C ALA E 545 -37.30 -15.25 -67.39
N ASN E 546 -37.75 -16.44 -66.96
CA ASN E 546 -38.89 -17.08 -67.60
C ASN E 546 -40.10 -16.17 -67.60
N TYR E 547 -40.36 -15.51 -66.48
CA TYR E 547 -41.56 -14.68 -66.38
C TYR E 547 -41.49 -13.49 -67.32
N SER E 548 -40.37 -12.78 -67.33
CA SER E 548 -40.25 -11.62 -68.20
C SER E 548 -40.33 -12.03 -69.66
N LYS E 549 -39.69 -13.14 -70.02
CA LYS E 549 -39.76 -13.63 -71.40
C LYS E 549 -41.19 -13.93 -71.79
N ALA E 550 -41.91 -14.67 -70.95
CA ALA E 550 -43.30 -14.98 -71.26
C ALA E 550 -44.18 -13.74 -71.32
N ASN E 551 -43.90 -12.73 -70.51
CA ASN E 551 -44.70 -11.52 -70.54
C ASN E 551 -44.49 -10.75 -71.85
N ILE E 552 -43.25 -10.59 -72.27
CA ILE E 552 -42.99 -9.94 -73.55
C ILE E 552 -43.63 -10.73 -74.69
N LEU E 553 -43.53 -12.06 -74.63
CA LEU E 553 -44.19 -12.88 -75.63
C LEU E 553 -45.69 -12.67 -75.62
N ALA E 554 -46.28 -12.45 -74.44
CA ALA E 554 -47.72 -12.21 -74.37
C ALA E 554 -48.08 -10.91 -75.06
N GLN E 555 -47.30 -9.87 -74.84
CA GLN E 555 -47.56 -8.60 -75.53
C GLN E 555 -47.46 -8.77 -77.04
N SER E 556 -46.41 -9.47 -77.50
CA SER E 556 -46.25 -9.70 -78.93
C SER E 556 -47.43 -10.49 -79.50
N GLY E 557 -47.85 -11.53 -78.79
CA GLY E 557 -48.96 -12.34 -79.27
C GLY E 557 -50.25 -11.55 -79.33
N SER E 558 -50.47 -10.67 -78.35
CA SER E 558 -51.66 -9.82 -78.40
C SER E 558 -51.63 -8.89 -79.60
N TYR E 559 -50.49 -8.29 -79.89
CA TYR E 559 -50.39 -7.48 -81.10
C TYR E 559 -50.66 -8.30 -82.35
N ALA E 560 -50.14 -9.53 -82.39
CA ALA E 560 -50.36 -10.38 -83.55
C ALA E 560 -51.83 -10.72 -83.71
N MET E 561 -52.53 -10.97 -82.61
CA MET E 561 -53.95 -11.28 -82.70
C MET E 561 -54.74 -10.08 -83.19
N ALA E 562 -54.43 -8.89 -82.68
CA ALA E 562 -55.11 -7.70 -83.16
C ALA E 562 -54.92 -7.53 -84.65
N GLN E 563 -53.68 -7.65 -85.13
CA GLN E 563 -53.43 -7.51 -86.56
C GLN E 563 -54.12 -8.61 -87.35
N ALA E 564 -54.21 -9.82 -86.81
CA ALA E 564 -54.88 -10.89 -87.52
C ALA E 564 -56.36 -10.59 -87.68
N ASN E 565 -57.01 -10.12 -86.61
CA ASN E 565 -58.41 -9.73 -86.72
C ASN E 565 -58.59 -8.61 -87.74
N SER E 566 -57.67 -7.66 -87.77
CA SER E 566 -57.81 -6.52 -88.66
C SER E 566 -57.40 -6.82 -90.11
N SER E 567 -56.75 -7.95 -90.37
CA SER E 567 -56.16 -8.20 -91.68
C SER E 567 -57.15 -8.42 -92.80
N GLN E 568 -58.46 -8.27 -92.56
CA GLN E 568 -59.45 -8.51 -93.60
C GLN E 568 -60.22 -7.26 -93.99
N GLN E 569 -59.78 -6.09 -93.55
CA GLN E 569 -60.47 -4.87 -93.94
C GLN E 569 -60.30 -4.56 -95.42
N ASN E 570 -59.25 -5.08 -96.06
CA ASN E 570 -58.96 -4.70 -97.42
C ASN E 570 -59.99 -5.24 -98.40
N VAL E 571 -60.79 -6.22 -98.00
CA VAL E 571 -61.79 -6.77 -98.91
C VAL E 571 -62.83 -5.72 -99.24
N LEU E 572 -63.16 -4.85 -98.29
CA LEU E 572 -64.21 -3.87 -98.51
C LEU E 572 -63.90 -2.95 -99.67
N ARG E 573 -62.62 -2.73 -99.96
CA ARG E 573 -62.26 -1.87 -101.09
C ARG E 573 -62.69 -2.49 -102.40
N LEU E 574 -62.76 -3.82 -102.47
CA LEU E 574 -63.32 -4.47 -103.65
C LEU E 574 -64.79 -4.19 -103.79
N LEU E 575 -65.54 -4.36 -102.69
CA LEU E 575 -66.99 -4.31 -102.75
C LEU E 575 -67.47 -2.88 -103.01
N GLN E 576 -66.96 -1.93 -102.25
CA GLN E 576 -67.43 -0.54 -102.34
C GLN E 576 -67.36 0.01 -103.76
N PHE F 3 -57.32 -16.67 -70.60
CA PHE F 3 -57.27 -15.38 -71.26
C PHE F 3 -58.63 -14.71 -71.11
N ARG F 4 -59.54 -15.45 -70.49
CA ARG F 4 -60.87 -14.94 -70.18
C ARG F 4 -60.81 -14.15 -68.89
N ILE F 5 -61.34 -12.93 -68.93
CA ILE F 5 -61.29 -12.04 -67.79
C ILE F 5 -62.61 -12.13 -67.05
N ASN F 6 -62.66 -11.50 -65.88
CA ASN F 6 -63.68 -11.49 -64.82
C ASN F 6 -63.56 -12.69 -63.89
N THR F 7 -62.64 -13.61 -64.12
CA THR F 7 -62.38 -14.69 -63.18
C THR F 7 -60.88 -14.93 -63.05
N ASN F 8 -60.12 -13.86 -62.84
CA ASN F 8 -58.68 -13.96 -62.68
C ASN F 8 -58.30 -15.06 -61.71
N VAL F 9 -57.60 -16.07 -62.19
CA VAL F 9 -57.28 -17.24 -61.37
C VAL F 9 -55.88 -17.14 -60.77
N ALA F 10 -54.93 -16.59 -61.54
CA ALA F 10 -53.61 -16.36 -60.97
C ALA F 10 -53.66 -15.43 -59.77
N ALA F 11 -54.59 -14.48 -59.77
CA ALA F 11 -54.74 -13.60 -58.62
C ALA F 11 -55.18 -14.38 -57.39
N LEU F 12 -56.17 -15.26 -57.53
CA LEU F 12 -56.63 -16.04 -56.39
C LEU F 12 -55.53 -16.96 -55.89
N ASN F 13 -54.80 -17.59 -56.81
CA ASN F 13 -53.73 -18.49 -56.41
C ASN F 13 -52.64 -17.74 -55.65
N ALA F 14 -52.19 -16.60 -56.19
CA ALA F 14 -51.18 -15.81 -55.51
C ALA F 14 -51.68 -15.31 -54.16
N LYS F 15 -52.95 -14.94 -54.07
CA LYS F 15 -53.49 -14.48 -52.79
C LYS F 15 -53.49 -15.59 -51.77
N ALA F 16 -53.88 -16.80 -52.16
CA ALA F 16 -53.86 -17.92 -51.24
C ALA F 16 -52.46 -18.17 -50.72
N ASN F 17 -51.48 -18.22 -51.64
CA ASN F 17 -50.10 -18.48 -51.20
C ASN F 17 -49.61 -17.37 -50.28
N SER F 18 -49.86 -16.11 -50.63
CA SER F 18 -49.36 -15.01 -49.83
C SER F 18 -49.99 -15.00 -48.45
N ASP F 19 -51.28 -15.34 -48.35
CA ASP F 19 -51.92 -15.38 -47.05
C ASP F 19 -51.36 -16.52 -46.20
N LEU F 20 -51.17 -17.69 -46.82
CA LEU F 20 -50.54 -18.80 -46.11
C LEU F 20 -49.17 -18.41 -45.60
N ASN F 21 -48.46 -17.54 -46.31
CA ASN F 21 -47.15 -17.12 -45.84
C ASN F 21 -47.25 -16.07 -44.74
N ALA F 22 -48.20 -15.15 -44.87
CA ALA F 22 -48.37 -14.13 -43.84
C ALA F 22 -48.74 -14.75 -42.50
N LYS F 23 -49.47 -15.86 -42.53
CA LYS F 23 -49.74 -16.59 -41.29
C LYS F 23 -48.45 -16.98 -40.59
N SER F 24 -47.51 -17.57 -41.33
CA SER F 24 -46.24 -17.99 -40.75
C SER F 24 -45.39 -16.80 -40.32
N LEU F 25 -45.43 -15.71 -41.08
CA LEU F 25 -44.73 -14.50 -40.66
C LEU F 25 -45.25 -14.02 -39.31
N ASP F 26 -46.57 -13.96 -39.16
CA ASP F 26 -47.15 -13.53 -37.89
C ASP F 26 -46.75 -14.46 -36.76
N ALA F 27 -46.79 -15.78 -37.01
CA ALA F 27 -46.43 -16.73 -35.97
C ALA F 27 -44.99 -16.54 -35.52
N SER F 28 -44.06 -16.46 -36.48
CA SER F 28 -42.67 -16.27 -36.13
C SER F 28 -42.43 -14.97 -35.40
N LEU F 29 -43.14 -13.91 -35.79
CA LEU F 29 -43.00 -12.63 -35.11
C LEU F 29 -43.52 -12.72 -33.68
N SER F 30 -44.63 -13.41 -33.46
CA SER F 30 -45.15 -13.55 -32.10
C SER F 30 -44.18 -14.34 -31.23
N ARG F 31 -43.56 -15.37 -31.78
CA ARG F 31 -42.55 -16.10 -31.04
C ARG F 31 -41.36 -15.21 -30.71
N LEU F 32 -40.88 -14.46 -31.70
CA LEU F 32 -39.78 -13.54 -31.49
C LEU F 32 -40.09 -12.52 -30.40
N SER F 33 -41.34 -12.08 -30.31
CA SER F 33 -41.72 -11.13 -29.28
C SER F 33 -41.78 -11.78 -27.91
N SER F 34 -42.63 -12.79 -27.76
CA SER F 34 -42.88 -13.36 -26.44
C SER F 34 -41.65 -14.03 -25.86
N GLY F 35 -40.81 -14.64 -26.71
CA GLY F 35 -39.67 -15.37 -26.22
C GLY F 35 -39.94 -16.82 -25.89
N LEU F 36 -41.10 -17.35 -26.29
CA LEU F 36 -41.47 -18.72 -26.01
C LEU F 36 -41.75 -19.45 -27.32
N ARG F 37 -41.37 -20.72 -27.38
CA ARG F 37 -41.65 -21.52 -28.56
C ARG F 37 -43.09 -22.03 -28.58
N ILE F 38 -43.76 -22.03 -27.44
CA ILE F 38 -45.16 -22.46 -27.35
C ILE F 38 -45.91 -21.38 -26.58
N ASN F 39 -46.54 -20.46 -27.31
CA ASN F 39 -47.32 -19.40 -26.67
C ASN F 39 -48.74 -19.86 -26.39
N SER F 40 -49.44 -20.29 -27.43
CA SER F 40 -50.84 -20.68 -27.29
C SER F 40 -51.02 -22.13 -26.90
N ALA F 41 -49.96 -22.95 -26.95
CA ALA F 41 -50.05 -24.39 -26.73
C ALA F 41 -50.99 -25.06 -27.72
N ALA F 42 -51.26 -24.41 -28.84
CA ALA F 42 -51.94 -25.03 -29.96
C ALA F 42 -50.98 -25.64 -30.95
N ASP F 43 -49.68 -25.55 -30.70
CA ASP F 43 -48.67 -26.11 -31.57
C ASP F 43 -47.91 -27.28 -30.95
N ASP F 44 -47.94 -27.41 -29.62
CA ASP F 44 -47.32 -28.58 -28.99
C ASP F 44 -48.06 -28.86 -27.68
N ALA F 45 -49.03 -29.77 -27.73
CA ALA F 45 -49.86 -30.04 -26.57
C ALA F 45 -49.07 -30.77 -25.49
N SER F 46 -48.46 -31.90 -25.84
CA SER F 46 -47.68 -32.63 -24.85
C SER F 46 -46.43 -31.87 -24.44
N GLY F 47 -45.85 -31.10 -25.37
CA GLY F 47 -44.79 -30.19 -24.98
C GLY F 47 -45.23 -29.26 -23.87
N MET F 48 -46.42 -28.67 -24.03
CA MET F 48 -46.92 -27.78 -22.98
C MET F 48 -47.18 -28.54 -21.69
N ALA F 49 -47.70 -29.77 -21.79
CA ALA F 49 -47.96 -30.55 -20.59
C ALA F 49 -46.69 -30.82 -19.81
N ILE F 50 -45.64 -31.29 -20.50
CA ILE F 50 -44.37 -31.55 -19.83
C ILE F 50 -43.78 -30.27 -19.30
N ALA F 51 -43.86 -29.18 -20.06
CA ALA F 51 -43.28 -27.93 -19.63
C ALA F 51 -43.98 -27.40 -18.39
N ASP F 52 -45.28 -27.58 -18.30
CA ASP F 52 -46.00 -27.14 -17.11
C ASP F 52 -45.70 -28.02 -15.91
N SER F 53 -45.59 -29.33 -16.11
CA SER F 53 -45.16 -30.18 -15.01
C SER F 53 -43.79 -29.77 -14.49
N LEU F 54 -42.86 -29.49 -15.40
CA LEU F 54 -41.52 -29.12 -14.99
C LEU F 54 -41.49 -27.74 -14.35
N ARG F 55 -42.32 -26.82 -14.82
CA ARG F 55 -42.38 -25.50 -14.22
C ARG F 55 -42.93 -25.56 -12.81
N SER F 56 -44.00 -26.34 -12.59
CA SER F 56 -44.52 -26.50 -11.24
C SER F 56 -43.49 -27.17 -10.35
N GLN F 57 -42.77 -28.17 -10.87
CA GLN F 57 -41.74 -28.81 -10.07
C GLN F 57 -40.61 -27.86 -9.73
N ALA F 58 -40.21 -27.00 -10.66
CA ALA F 58 -39.17 -26.02 -10.37
C ALA F 58 -39.62 -25.03 -9.31
N ASN F 59 -40.86 -24.56 -9.39
CA ASN F 59 -41.36 -23.66 -8.36
C ASN F 59 -41.42 -24.34 -7.01
N THR F 60 -41.90 -25.59 -6.98
CA THR F 60 -41.99 -26.32 -5.71
C THR F 60 -40.62 -26.53 -5.11
N LEU F 61 -39.63 -26.86 -5.93
CA LEU F 61 -38.28 -27.04 -5.40
C LEU F 61 -37.69 -25.72 -4.93
N GLY F 62 -37.99 -24.62 -5.64
CA GLY F 62 -37.53 -23.32 -5.19
C GLY F 62 -38.12 -22.92 -3.86
N GLN F 63 -39.35 -23.34 -3.59
CA GLN F 63 -39.93 -23.09 -2.27
C GLN F 63 -39.39 -24.07 -1.22
N ALA F 64 -39.07 -25.28 -1.64
CA ALA F 64 -38.48 -26.25 -0.73
C ALA F 64 -37.12 -25.78 -0.24
N ILE F 65 -36.36 -25.10 -1.10
CA ILE F 65 -35.09 -24.53 -0.64
C ILE F 65 -35.31 -23.57 0.50
N SER F 66 -36.34 -22.72 0.40
CA SER F 66 -36.61 -21.77 1.46
C SER F 66 -37.08 -22.46 2.73
N ASN F 67 -37.90 -23.50 2.58
CA ASN F 67 -38.28 -24.29 3.75
C ASN F 67 -37.06 -24.87 4.45
N GLY F 68 -36.11 -25.39 3.67
CA GLY F 68 -34.91 -25.93 4.25
C GLY F 68 -34.09 -24.87 4.95
N ASN F 69 -33.99 -23.67 4.37
CA ASN F 69 -33.26 -22.60 5.02
C ASN F 69 -33.91 -22.19 6.32
N ASP F 70 -35.25 -22.19 6.37
CA ASP F 70 -35.93 -21.88 7.62
C ASP F 70 -35.66 -22.94 8.68
N ALA F 71 -35.68 -24.22 8.29
CA ALA F 71 -35.33 -25.27 9.25
C ALA F 71 -33.91 -25.11 9.74
N LEU F 72 -32.99 -24.75 8.85
CA LEU F 72 -31.62 -24.50 9.27
C LEU F 72 -31.54 -23.39 10.29
N GLY F 73 -32.26 -22.29 10.05
CA GLY F 73 -32.25 -21.19 11.01
C GLY F 73 -32.75 -21.61 12.37
N ILE F 74 -33.89 -22.31 12.39
CA ILE F 74 -34.47 -22.73 13.67
C ILE F 74 -33.50 -23.63 14.42
N LEU F 75 -32.90 -24.60 13.73
CA LEU F 75 -32.03 -25.54 14.41
C LEU F 75 -30.76 -24.86 14.92
N GLN F 76 -30.19 -23.94 14.14
CA GLN F 76 -29.02 -23.22 14.61
C GLN F 76 -29.34 -22.40 15.84
N THR F 77 -30.51 -21.74 15.85
CA THR F 77 -30.95 -21.00 17.02
C THR F 77 -30.98 -21.91 18.24
N ALA F 78 -31.63 -23.07 18.11
CA ALA F 78 -31.73 -23.98 19.24
C ALA F 78 -30.37 -24.43 19.74
N ASP F 79 -29.44 -24.74 18.84
CA ASP F 79 -28.14 -25.25 19.26
C ASP F 79 -27.33 -24.17 19.99
N LYS F 80 -27.20 -23.01 19.34
CA LYS F 80 -26.48 -21.91 19.98
C LYS F 80 -27.13 -21.50 21.29
N ALA F 81 -28.42 -21.78 21.48
CA ALA F 81 -29.01 -21.56 22.79
C ALA F 81 -28.62 -22.63 23.79
N MET F 82 -28.54 -23.90 23.36
CA MET F 82 -28.15 -24.97 24.29
C MET F 82 -26.74 -24.78 24.80
N ASP F 83 -25.90 -24.08 24.03
CA ASP F 83 -24.51 -23.88 24.45
C ASP F 83 -24.41 -23.27 25.85
N GLU F 84 -25.20 -22.23 26.11
CA GLU F 84 -25.09 -21.56 27.40
C GLU F 84 -25.57 -22.45 28.53
N GLN F 85 -26.57 -23.29 28.28
CA GLN F 85 -26.99 -24.26 29.30
C GLN F 85 -25.86 -25.21 29.63
N LEU F 86 -25.13 -25.66 28.61
CA LEU F 86 -23.97 -26.51 28.88
C LEU F 86 -22.98 -25.81 29.79
N LYS F 87 -22.65 -24.55 29.49
CA LYS F 87 -21.70 -23.84 30.33
C LYS F 87 -22.21 -23.66 31.75
N ILE F 88 -23.50 -23.37 31.91
CA ILE F 88 -24.07 -23.18 33.24
C ILE F 88 -23.98 -24.46 34.04
N LEU F 89 -24.31 -25.59 33.42
CA LEU F 89 -24.20 -26.86 34.13
C LEU F 89 -22.77 -27.13 34.56
N ASP F 90 -21.82 -26.81 33.68
CA ASP F 90 -20.42 -26.92 34.07
C ASP F 90 -20.14 -26.11 35.34
N THR F 91 -20.61 -24.86 35.36
CA THR F 91 -20.37 -24.01 36.52
C THR F 91 -21.01 -24.61 37.78
N ILE F 92 -22.20 -25.18 37.63
CA ILE F 92 -22.88 -25.78 38.78
C ILE F 92 -22.07 -26.93 39.34
N LYS F 93 -21.56 -27.79 38.45
CA LYS F 93 -20.75 -28.90 38.91
C LYS F 93 -19.48 -28.41 39.59
N THR F 94 -18.87 -27.36 39.06
CA THR F 94 -17.68 -26.80 39.71
C THR F 94 -18.01 -26.28 41.10
N LYS F 95 -19.15 -25.61 41.25
CA LYS F 95 -19.51 -25.08 42.56
C LYS F 95 -19.81 -26.20 43.54
N ALA F 96 -20.43 -27.28 43.08
CA ALA F 96 -20.64 -28.42 43.95
C ALA F 96 -19.32 -29.03 44.39
N THR F 97 -18.38 -29.17 43.46
CA THR F 97 -17.06 -29.66 43.83
C THR F 97 -16.40 -28.74 44.85
N GLN F 98 -16.61 -27.43 44.71
CA GLN F 98 -16.01 -26.49 45.65
C GLN F 98 -16.62 -26.61 47.04
N ALA F 99 -17.92 -26.81 47.11
CA ALA F 99 -18.59 -26.92 48.40
C ALA F 99 -18.46 -28.31 49.01
N ALA F 100 -17.98 -29.28 48.25
CA ALA F 100 -17.80 -30.63 48.76
C ALA F 100 -16.61 -30.78 49.70
N GLN F 101 -15.85 -29.72 49.93
CA GLN F 101 -14.75 -29.80 50.88
C GLN F 101 -15.28 -29.63 52.30
N ASP F 102 -14.36 -29.63 53.26
CA ASP F 102 -14.73 -29.44 54.66
C ASP F 102 -14.04 -28.25 55.30
N GLY F 103 -13.37 -27.42 54.51
CA GLY F 103 -12.95 -26.14 55.04
C GLY F 103 -14.04 -25.11 55.03
N GLN F 104 -15.25 -25.48 54.63
CA GLN F 104 -16.35 -24.55 54.42
C GLN F 104 -17.46 -24.90 55.38
N SER F 105 -17.96 -23.89 56.10
CA SER F 105 -19.03 -24.10 57.05
C SER F 105 -20.39 -24.06 56.35
N LEU F 106 -21.43 -24.26 57.16
CA LEU F 106 -22.78 -24.27 56.61
C LEU F 106 -23.14 -22.94 55.96
N LYS F 107 -22.59 -21.84 56.48
CA LYS F 107 -22.89 -20.53 55.90
C LYS F 107 -22.39 -20.44 54.47
N THR F 108 -21.12 -20.75 54.24
CA THR F 108 -20.58 -20.66 52.89
C THR F 108 -21.21 -21.71 51.98
N ARG F 109 -21.50 -22.90 52.51
CA ARG F 109 -22.25 -23.87 51.72
C ARG F 109 -23.60 -23.29 51.30
N THR F 110 -24.23 -22.53 52.20
CA THR F 110 -25.51 -21.92 51.87
C THR F 110 -25.35 -20.85 50.80
N MET F 111 -24.23 -20.14 50.81
CA MET F 111 -23.95 -19.20 49.72
C MET F 111 -23.84 -19.94 48.40
N LEU F 112 -23.11 -21.06 48.39
CA LEU F 112 -23.03 -21.88 47.19
C LEU F 112 -24.42 -22.27 46.71
N GLN F 113 -25.28 -22.73 47.63
CA GLN F 113 -26.60 -23.17 47.23
C GLN F 113 -27.42 -22.02 46.68
N ALA F 114 -27.35 -20.86 47.33
CA ALA F 114 -28.07 -19.69 46.82
C ALA F 114 -27.60 -19.31 45.43
N ASP F 115 -26.32 -19.51 45.13
CA ASP F 115 -25.82 -19.19 43.80
C ASP F 115 -26.32 -20.22 42.79
N ILE F 116 -26.26 -21.49 43.14
CA ILE F 116 -26.74 -22.54 42.26
C ILE F 116 -28.22 -22.33 41.96
N ASN F 117 -28.98 -21.82 42.93
CA ASN F 117 -30.38 -21.55 42.70
C ASN F 117 -30.56 -20.55 41.56
N LYS F 118 -29.84 -19.44 41.60
CA LYS F 118 -29.96 -18.45 40.54
C LYS F 118 -29.51 -19.00 39.21
N LEU F 119 -28.43 -19.78 39.21
CA LEU F 119 -27.93 -20.32 37.95
C LEU F 119 -28.95 -21.27 37.32
N MET F 120 -29.53 -22.15 38.13
CA MET F 120 -30.54 -23.08 37.62
C MET F 120 -31.79 -22.33 37.19
N GLU F 121 -32.15 -21.27 37.90
CA GLU F 121 -33.25 -20.41 37.45
C GLU F 121 -32.96 -19.87 36.07
N GLU F 122 -31.72 -19.44 35.83
CA GLU F 122 -31.36 -18.93 34.52
C GLU F 122 -31.44 -20.02 33.46
N LEU F 123 -30.99 -21.23 33.79
CA LEU F 123 -31.09 -22.34 32.86
C LEU F 123 -32.54 -22.57 32.44
N ASP F 124 -33.43 -22.69 33.43
CA ASP F 124 -34.85 -22.86 33.14
C ASP F 124 -35.38 -21.68 32.34
N ASN F 125 -34.86 -20.48 32.58
CA ASN F 125 -35.31 -19.32 31.84
C ASN F 125 -34.95 -19.42 30.37
N ILE F 126 -33.71 -19.81 30.07
CA ILE F 126 -33.32 -20.04 28.68
C ILE F 126 -34.22 -21.07 28.04
N ALA F 127 -34.48 -22.18 28.75
CA ALA F 127 -35.33 -23.22 28.22
C ALA F 127 -36.70 -22.68 27.84
N ASN F 128 -37.39 -22.05 28.78
CA ASN F 128 -38.72 -21.53 28.53
C ASN F 128 -38.73 -20.26 27.69
N THR F 129 -37.58 -19.74 27.33
CA THR F 129 -37.54 -18.49 26.60
C THR F 129 -37.23 -18.64 25.12
N THR F 130 -36.27 -19.49 24.76
CA THR F 130 -35.88 -19.60 23.35
C THR F 130 -37.09 -19.97 22.51
N SER F 131 -37.30 -19.23 21.43
CA SER F 131 -38.50 -19.40 20.62
C SER F 131 -38.30 -18.69 19.28
N PHE F 132 -38.89 -19.26 18.22
CA PHE F 132 -38.72 -18.68 16.90
C PHE F 132 -39.71 -17.53 16.65
N ASN F 133 -40.99 -17.84 16.58
CA ASN F 133 -42.03 -16.82 16.50
C ASN F 133 -43.22 -17.25 17.35
N GLY F 134 -42.93 -17.74 18.55
CA GLY F 134 -43.92 -18.35 19.42
C GLY F 134 -43.68 -19.82 19.63
N LYS F 135 -43.19 -20.51 18.61
CA LYS F 135 -42.86 -21.93 18.74
C LYS F 135 -41.69 -22.05 19.71
N GLN F 136 -41.98 -22.49 20.93
CA GLN F 136 -40.93 -22.70 21.91
C GLN F 136 -40.07 -23.88 21.49
N LEU F 137 -38.78 -23.65 21.29
CA LEU F 137 -37.90 -24.71 20.80
C LEU F 137 -37.46 -25.63 21.93
N LEU F 138 -36.76 -25.08 22.92
CA LEU F 138 -36.14 -25.89 23.96
C LEU F 138 -37.06 -26.01 25.18
N SER F 139 -38.27 -26.50 24.93
CA SER F 139 -39.24 -26.62 26.01
C SER F 139 -39.78 -28.04 26.12
N GLY F 140 -39.92 -28.71 24.99
CA GLY F 140 -40.53 -30.03 24.95
C GLY F 140 -41.78 -30.10 24.11
N ASN F 141 -42.17 -29.03 23.42
CA ASN F 141 -43.33 -29.05 22.54
C ASN F 141 -42.92 -28.82 21.09
N PHE F 142 -41.72 -29.25 20.73
CA PHE F 142 -41.25 -29.17 19.36
C PHE F 142 -41.07 -30.57 18.81
N THR F 143 -42.04 -31.43 19.09
CA THR F 143 -41.96 -32.84 18.71
C THR F 143 -42.67 -33.08 17.39
N ASN F 144 -42.03 -33.87 16.52
CA ASN F 144 -42.61 -34.30 15.25
C ASN F 144 -43.02 -33.10 14.39
N GLN F 145 -42.04 -32.27 14.07
CA GLN F 145 -42.27 -31.13 13.21
C GLN F 145 -41.66 -31.39 11.83
N GLU F 146 -42.45 -31.17 10.80
CA GLU F 146 -42.05 -31.47 9.43
C GLU F 146 -41.57 -30.21 8.73
N PHE F 147 -40.89 -30.41 7.60
CA PHE F 147 -40.43 -29.31 6.77
C PHE F 147 -40.44 -29.81 5.33
N GLN F 148 -41.51 -29.50 4.60
CA GLN F 148 -41.64 -29.99 3.24
C GLN F 148 -40.47 -29.53 2.39
N ILE F 149 -39.67 -30.49 1.91
CA ILE F 149 -38.50 -30.19 1.10
C ILE F 149 -38.48 -31.01 -0.18
N GLY F 150 -39.65 -31.35 -0.71
CA GLY F 150 -39.71 -32.20 -1.88
C GLY F 150 -40.64 -31.63 -2.94
N ALA F 151 -40.48 -32.16 -4.15
CA ALA F 151 -41.34 -31.74 -5.25
C ALA F 151 -42.74 -32.30 -5.09
N SER F 152 -42.85 -33.55 -4.67
CA SER F 152 -44.14 -34.19 -4.48
C SER F 152 -44.61 -33.95 -3.05
N SER F 153 -45.62 -34.69 -2.60
CA SER F 153 -46.38 -34.28 -1.43
C SER F 153 -45.60 -34.42 -0.14
N ASN F 154 -45.20 -35.64 0.22
CA ASN F 154 -44.78 -35.93 1.58
C ASN F 154 -43.29 -36.20 1.71
N GLN F 155 -42.44 -35.51 0.95
CA GLN F 155 -41.01 -35.52 1.24
C GLN F 155 -40.73 -34.48 2.30
N THR F 156 -40.18 -34.89 3.44
CA THR F 156 -40.00 -33.95 4.52
C THR F 156 -39.04 -34.52 5.55
N VAL F 157 -38.33 -33.64 6.23
CA VAL F 157 -37.49 -33.99 7.37
C VAL F 157 -38.24 -33.65 8.64
N LYS F 158 -37.97 -34.41 9.69
CA LYS F 158 -38.72 -34.30 10.94
C LYS F 158 -37.77 -34.03 12.10
N ALA F 159 -38.10 -33.04 12.92
CA ALA F 159 -37.27 -32.63 14.04
C ALA F 159 -38.08 -32.71 15.33
N THR F 160 -37.50 -33.33 16.35
CA THR F 160 -38.16 -33.58 17.62
C THR F 160 -37.26 -33.19 18.78
N ILE F 161 -36.73 -31.98 18.75
CA ILE F 161 -35.87 -31.48 19.83
C ILE F 161 -36.47 -31.82 21.18
N GLY F 162 -35.68 -32.47 22.02
CA GLY F 162 -36.16 -32.93 23.30
C GLY F 162 -36.47 -31.80 24.26
N ALA F 163 -36.85 -32.18 25.48
CA ALA F 163 -37.14 -31.23 26.52
C ALA F 163 -35.90 -30.99 27.38
N THR F 164 -35.69 -29.73 27.76
CA THR F 164 -34.46 -29.37 28.45
C THR F 164 -34.70 -28.39 29.59
N GLN F 165 -35.84 -28.50 30.26
CA GLN F 165 -36.04 -27.70 31.46
C GLN F 165 -35.12 -28.19 32.57
N SER F 166 -35.25 -27.56 33.73
CA SER F 166 -34.41 -27.94 34.86
C SER F 166 -35.00 -29.09 35.66
N SER F 167 -36.25 -29.46 35.40
CA SER F 167 -36.88 -30.57 36.09
C SER F 167 -36.84 -31.86 35.29
N LYS F 168 -36.13 -31.87 34.16
CA LYS F 168 -36.19 -32.99 33.25
C LYS F 168 -34.84 -33.43 32.70
N ILE F 169 -33.73 -32.87 33.18
CA ILE F 169 -32.46 -33.25 32.60
C ILE F 169 -31.66 -34.16 33.52
N GLY F 170 -31.26 -33.67 34.69
CA GLY F 170 -30.37 -34.46 35.51
C GLY F 170 -31.11 -35.40 36.42
N VAL F 171 -31.28 -36.65 36.02
CA VAL F 171 -32.06 -37.62 36.76
C VAL F 171 -31.16 -38.84 36.98
N THR F 172 -30.48 -38.88 38.12
CA THR F 172 -29.67 -40.02 38.47
C THR F 172 -30.45 -40.99 39.35
N ARG F 173 -29.98 -42.23 39.38
CA ARG F 173 -30.61 -43.29 40.16
C ARG F 173 -29.71 -43.64 41.33
N PHE F 174 -30.23 -43.48 42.54
CA PHE F 174 -29.50 -43.81 43.76
C PHE F 174 -30.06 -45.10 44.33
N GLU F 175 -29.17 -45.94 44.87
CA GLU F 175 -29.58 -47.12 45.60
C GLU F 175 -28.68 -47.25 46.82
N THR F 176 -29.15 -48.01 47.81
CA THR F 176 -28.38 -48.21 49.03
C THR F 176 -28.95 -49.41 49.78
N GLY F 177 -28.11 -50.37 50.10
CA GLY F 177 -28.55 -51.55 50.79
C GLY F 177 -28.53 -51.40 52.29
N ALA F 178 -29.02 -52.43 52.98
CA ALA F 178 -29.07 -52.41 54.42
C ALA F 178 -27.65 -52.50 54.99
N GLN F 179 -27.58 -52.47 56.32
CA GLN F 179 -26.30 -52.57 57.00
C GLN F 179 -25.94 -54.04 57.16
N SER F 180 -24.97 -54.51 56.39
CA SER F 180 -24.67 -55.94 56.34
C SER F 180 -23.95 -56.37 57.62
N PHE F 181 -24.52 -57.35 58.30
CA PHE F 181 -23.91 -57.91 59.49
C PHE F 181 -23.27 -59.27 59.25
N THR F 182 -23.33 -59.78 58.03
CA THR F 182 -22.84 -61.11 57.72
C THR F 182 -21.72 -61.04 56.68
N SER F 183 -20.75 -61.92 56.83
CA SER F 183 -19.62 -62.02 55.92
C SER F 183 -19.93 -63.04 54.83
N GLY F 184 -18.91 -63.35 54.04
CA GLY F 184 -19.05 -64.36 53.01
C GLY F 184 -18.65 -63.87 51.62
N VAL F 185 -18.20 -64.80 50.79
CA VAL F 185 -17.83 -64.48 49.43
C VAL F 185 -19.08 -64.09 48.65
N VAL F 186 -18.96 -63.05 47.83
CA VAL F 186 -20.11 -62.47 47.13
C VAL F 186 -19.76 -62.27 45.67
N GLY F 187 -20.71 -62.58 44.80
CA GLY F 187 -20.58 -62.29 43.39
C GLY F 187 -21.79 -61.56 42.86
N LEU F 188 -21.59 -60.36 42.34
CA LEU F 188 -22.70 -59.57 41.86
C LEU F 188 -23.11 -60.00 40.46
N THR F 189 -24.26 -59.49 40.03
CA THR F 189 -24.68 -59.64 38.64
C THR F 189 -25.67 -58.51 38.34
N ILE F 190 -25.21 -57.46 37.69
CA ILE F 190 -26.11 -56.40 37.24
C ILE F 190 -26.82 -56.88 35.99
N LYS F 191 -28.10 -57.14 36.10
CA LYS F 191 -28.86 -57.72 35.00
C LYS F 191 -29.22 -56.64 33.98
N ASN F 192 -29.19 -57.02 32.71
CA ASN F 192 -29.52 -56.12 31.61
C ASN F 192 -28.70 -54.83 31.68
N TYR F 193 -27.39 -54.98 31.71
CA TYR F 193 -26.53 -53.81 31.85
C TYR F 193 -26.48 -52.96 30.59
N ASN F 194 -26.86 -53.53 29.43
CA ASN F 194 -26.85 -52.76 28.20
C ASN F 194 -28.09 -52.97 27.35
N GLY F 195 -28.94 -53.94 27.64
CA GLY F 195 -30.12 -54.20 26.85
C GLY F 195 -30.16 -55.58 26.23
N ILE F 196 -29.08 -56.35 26.30
CA ILE F 196 -29.06 -57.68 25.71
C ILE F 196 -28.69 -58.72 26.76
N GLU F 197 -27.51 -58.59 27.34
CA GLU F 197 -26.95 -59.61 28.22
C GLU F 197 -26.70 -59.04 29.61
N ASP F 198 -26.23 -59.89 30.51
CA ASP F 198 -26.02 -59.53 31.89
C ASP F 198 -24.58 -59.05 32.10
N PHE F 199 -24.18 -58.90 33.35
CA PHE F 199 -22.80 -58.51 33.68
C PHE F 199 -22.45 -59.13 35.02
N LYS F 200 -21.62 -60.16 35.01
CA LYS F 200 -21.23 -60.85 36.22
C LYS F 200 -19.85 -60.38 36.66
N PHE F 201 -19.75 -59.93 37.91
CA PHE F 201 -18.48 -59.50 38.46
C PHE F 201 -17.69 -60.71 38.95
N ASP F 202 -16.59 -60.46 39.63
CA ASP F 202 -15.80 -61.53 40.22
C ASP F 202 -16.23 -61.73 41.66
N ASN F 203 -16.03 -62.96 42.15
CA ASN F 203 -16.26 -63.23 43.55
C ASN F 203 -15.30 -62.41 44.40
N VAL F 204 -15.82 -61.79 45.45
CA VAL F 204 -15.04 -60.90 46.30
C VAL F 204 -15.25 -61.31 47.75
N VAL F 205 -14.14 -61.50 48.47
CA VAL F 205 -14.20 -61.85 49.89
C VAL F 205 -14.68 -60.63 50.65
N ILE F 206 -15.08 -60.83 51.91
CA ILE F 206 -15.70 -59.74 52.66
C ILE F 206 -15.03 -59.47 54.01
N SER F 207 -14.71 -60.52 54.76
CA SER F 207 -14.79 -60.41 56.21
C SER F 207 -13.97 -59.31 56.87
N THR F 208 -12.68 -59.49 57.05
CA THR F 208 -11.92 -58.50 57.82
C THR F 208 -10.49 -58.30 57.35
N SER F 209 -10.02 -58.98 56.31
CA SER F 209 -8.61 -58.93 55.98
C SER F 209 -8.29 -57.64 55.24
N VAL F 210 -7.05 -57.52 54.77
CA VAL F 210 -6.63 -56.28 54.14
C VAL F 210 -7.33 -56.09 52.81
N GLY F 211 -7.21 -57.05 51.90
CA GLY F 211 -7.83 -56.93 50.60
C GLY F 211 -9.25 -57.44 50.56
N THR F 212 -10.01 -57.17 51.62
CA THR F 212 -11.39 -57.64 51.69
C THR F 212 -12.33 -56.51 52.08
N GLY F 213 -13.62 -56.78 52.06
CA GLY F 213 -14.58 -55.82 52.56
C GLY F 213 -15.29 -55.03 51.50
N LEU F 214 -16.18 -54.16 51.98
CA LEU F 214 -16.92 -53.30 51.08
C LEU F 214 -15.99 -52.40 50.29
N GLY F 215 -14.81 -52.08 50.81
CA GLY F 215 -13.85 -51.32 50.04
C GLY F 215 -13.36 -52.07 48.82
N ALA F 216 -13.01 -53.34 48.99
CA ALA F 216 -12.61 -54.16 47.85
C ALA F 216 -13.76 -54.30 46.87
N LEU F 217 -14.98 -54.52 47.37
CA LEU F 217 -16.12 -54.64 46.46
C LEU F 217 -16.34 -53.33 45.69
N ALA F 218 -16.16 -52.19 46.35
CA ALA F 218 -16.33 -50.92 45.67
C ALA F 218 -15.26 -50.70 44.62
N GLU F 219 -14.02 -51.09 44.91
CA GLU F 219 -12.98 -51.07 43.88
C GLU F 219 -13.40 -51.89 42.67
N GLU F 220 -13.87 -53.12 42.92
CA GLU F 220 -14.25 -54.00 41.82
C GLU F 220 -15.37 -53.38 40.99
N ILE F 221 -16.38 -52.83 41.65
CA ILE F 221 -17.51 -52.26 40.92
C ILE F 221 -17.09 -51.02 40.14
N ASN F 222 -16.31 -50.14 40.78
CA ASN F 222 -15.91 -48.90 40.13
C ASN F 222 -14.98 -49.15 38.96
N LYS F 223 -14.23 -50.25 38.99
CA LYS F 223 -13.33 -50.55 37.88
C LYS F 223 -14.11 -50.62 36.56
N SER F 224 -15.23 -51.32 36.56
CA SER F 224 -16.06 -51.46 35.36
C SER F 224 -17.18 -50.43 35.36
N ALA F 225 -16.78 -49.16 35.46
CA ALA F 225 -17.77 -48.09 35.54
C ALA F 225 -18.30 -47.72 34.16
N ASP F 226 -17.42 -47.55 33.18
CA ASP F 226 -17.84 -47.03 31.89
C ASP F 226 -18.76 -47.96 31.14
N LYS F 227 -18.75 -49.26 31.45
CA LYS F 227 -19.56 -50.20 30.71
C LYS F 227 -20.93 -50.43 31.32
N THR F 228 -21.05 -50.36 32.65
CA THR F 228 -22.32 -50.59 33.30
C THR F 228 -23.04 -49.32 33.70
N GLY F 229 -22.31 -48.25 34.00
CA GLY F 229 -22.92 -47.03 34.45
C GLY F 229 -23.29 -47.04 35.92
N VAL F 230 -22.69 -47.94 36.70
CA VAL F 230 -23.05 -48.13 38.10
C VAL F 230 -21.76 -48.00 38.92
N ARG F 231 -21.48 -46.80 39.39
CA ARG F 231 -20.37 -46.59 40.32
C ARG F 231 -20.85 -46.82 41.73
N ALA F 232 -19.91 -47.14 42.62
CA ALA F 232 -20.27 -47.46 43.99
C ALA F 232 -19.32 -46.81 44.97
N THR F 233 -19.81 -46.59 46.18
CA THR F 233 -19.02 -46.12 47.31
C THR F 233 -19.40 -46.93 48.52
N TYR F 234 -18.97 -46.52 49.70
CA TYR F 234 -19.26 -47.28 50.90
C TYR F 234 -19.22 -46.36 52.11
N ASP F 235 -19.70 -46.87 53.24
CA ASP F 235 -19.68 -46.14 54.49
C ASP F 235 -19.73 -47.17 55.62
N VAL F 236 -18.61 -47.37 56.30
CA VAL F 236 -18.46 -48.44 57.26
C VAL F 236 -18.28 -47.81 58.63
N LYS F 237 -19.35 -47.72 59.41
CA LYS F 237 -19.30 -47.20 60.76
C LYS F 237 -20.09 -48.10 61.68
N THR F 238 -19.79 -48.02 62.97
CA THR F 238 -20.55 -48.70 64.02
C THR F 238 -20.69 -47.71 65.16
N THR F 239 -21.81 -47.01 65.19
CA THR F 239 -22.05 -45.94 66.15
C THR F 239 -23.08 -46.39 67.19
N GLY F 240 -22.82 -46.08 68.45
CA GLY F 240 -23.70 -46.50 69.52
C GLY F 240 -24.93 -45.64 69.61
N VAL F 241 -25.71 -45.91 70.66
CA VAL F 241 -26.87 -45.11 71.03
C VAL F 241 -26.75 -44.82 72.52
N TYR F 242 -27.67 -43.99 73.02
CA TYR F 242 -27.68 -43.58 74.43
C TYR F 242 -26.26 -43.18 74.87
N ALA F 243 -25.86 -42.02 74.35
CA ALA F 243 -24.50 -41.75 73.93
C ALA F 243 -23.40 -42.49 74.70
N ILE F 244 -23.33 -42.34 76.03
CA ILE F 244 -22.30 -43.05 76.76
C ILE F 244 -22.55 -43.04 78.25
N LYS F 245 -22.13 -44.09 78.94
CA LYS F 245 -22.18 -44.15 80.39
C LYS F 245 -20.87 -44.72 80.92
N GLU F 246 -20.76 -44.93 82.23
CA GLU F 246 -19.55 -45.43 82.83
C GLU F 246 -19.59 -46.95 82.86
N GLY F 247 -18.50 -47.57 82.41
CA GLY F 247 -18.44 -49.03 82.37
C GLY F 247 -17.05 -49.47 81.99
N THR F 248 -16.87 -50.79 81.95
CA THR F 248 -15.58 -51.39 81.66
C THR F 248 -15.72 -52.44 80.58
N THR F 249 -14.63 -52.67 79.85
CA THR F 249 -14.60 -53.70 78.83
C THR F 249 -14.13 -55.02 79.43
N SER F 250 -14.51 -56.12 78.77
CA SER F 250 -14.12 -57.44 79.25
C SER F 250 -12.61 -57.61 79.16
N GLN F 251 -12.10 -58.59 79.89
CA GLN F 251 -10.67 -58.85 79.92
C GLN F 251 -10.13 -59.31 78.57
N ASP F 252 -11.00 -59.63 77.62
CA ASP F 252 -10.59 -60.15 76.32
C ASP F 252 -11.23 -59.36 75.20
N PHE F 253 -11.54 -58.09 75.44
CA PHE F 253 -12.14 -57.23 74.43
C PHE F 253 -11.19 -57.10 73.26
N ALA F 254 -11.57 -57.68 72.12
CA ALA F 254 -10.73 -57.68 70.93
C ALA F 254 -11.54 -57.20 69.75
N ILE F 255 -10.86 -56.53 68.82
CA ILE F 255 -11.52 -55.94 67.66
C ILE F 255 -10.73 -56.31 66.41
N ASN F 256 -11.43 -56.79 65.38
CA ASN F 256 -10.83 -57.21 64.12
C ASN F 256 -9.74 -58.25 64.31
N GLY F 257 -9.73 -58.95 65.44
CA GLY F 257 -8.79 -60.04 65.66
C GLY F 257 -7.57 -59.69 66.47
N VAL F 258 -7.46 -58.48 67.00
CA VAL F 258 -6.38 -58.10 67.89
C VAL F 258 -6.97 -57.79 69.26
N THR F 259 -6.35 -58.32 70.30
CA THR F 259 -6.88 -58.17 71.65
C THR F 259 -6.42 -56.86 72.27
N ILE F 260 -7.37 -56.11 72.84
CA ILE F 260 -7.07 -54.83 73.44
C ILE F 260 -6.92 -55.01 74.95
N GLY F 261 -7.97 -55.50 75.60
CA GLY F 261 -7.93 -55.77 77.02
C GLY F 261 -8.90 -54.90 77.79
N LYS F 262 -8.84 -55.02 79.10
CA LYS F 262 -9.78 -54.31 79.97
C LYS F 262 -9.47 -52.83 79.98
N ILE F 263 -10.52 -52.02 79.88
CA ILE F 263 -10.40 -50.56 79.88
C ILE F 263 -11.51 -50.02 80.76
N GLU F 264 -11.15 -49.35 81.85
CA GLU F 264 -12.13 -48.68 82.69
C GLU F 264 -12.25 -47.24 82.25
N TYR F 265 -13.45 -46.85 81.82
CA TYR F 265 -13.68 -45.52 81.29
C TYR F 265 -14.79 -44.82 82.06
N LYS F 266 -14.70 -43.49 82.09
CA LYS F 266 -15.53 -42.67 82.96
C LYS F 266 -16.94 -42.57 82.39
N ASP F 267 -17.77 -41.74 83.03
CA ASP F 267 -19.17 -41.60 82.67
C ASP F 267 -19.34 -41.07 81.26
N GLY F 268 -18.90 -39.84 81.01
CA GLY F 268 -19.00 -39.27 79.69
C GLY F 268 -17.76 -39.54 78.88
N ASP F 269 -16.94 -40.48 79.36
CA ASP F 269 -15.61 -40.76 78.81
C ASP F 269 -14.72 -39.54 78.91
N GLY F 270 -14.69 -38.95 80.12
CA GLY F 270 -13.81 -37.81 80.35
C GLY F 270 -12.34 -38.16 80.14
N ASN F 271 -11.95 -39.39 80.46
CA ASN F 271 -10.56 -39.77 80.29
C ASN F 271 -10.16 -39.81 78.83
N GLY F 272 -11.09 -40.10 77.93
CA GLY F 272 -10.72 -40.38 76.57
C GLY F 272 -9.90 -41.65 76.42
N SER F 273 -9.84 -42.46 77.48
CA SER F 273 -9.08 -43.70 77.43
C SER F 273 -9.72 -44.71 76.49
N LEU F 274 -11.05 -44.84 76.53
CA LEU F 274 -11.73 -45.76 75.64
C LEU F 274 -11.43 -45.46 74.19
N ILE F 275 -11.18 -44.18 73.86
CA ILE F 275 -10.88 -43.81 72.49
C ILE F 275 -9.41 -44.03 72.18
N SER F 276 -8.54 -43.55 73.07
CA SER F 276 -7.11 -43.62 72.80
C SER F 276 -6.59 -45.05 72.78
N ALA F 277 -7.13 -45.91 73.64
CA ALA F 277 -6.67 -47.29 73.67
C ALA F 277 -7.07 -48.03 72.41
N ILE F 278 -8.25 -47.75 71.86
CA ILE F 278 -8.62 -48.35 70.58
C ILE F 278 -7.77 -47.79 69.47
N ASN F 279 -7.54 -46.47 69.48
CA ASN F 279 -6.77 -45.86 68.41
C ASN F 279 -5.31 -46.27 68.44
N ALA F 280 -4.82 -46.75 69.59
CA ALA F 280 -3.42 -47.18 69.66
C ALA F 280 -3.11 -48.32 68.70
N VAL F 281 -4.11 -48.97 68.12
CA VAL F 281 -3.88 -50.10 67.23
C VAL F 281 -4.62 -49.88 65.92
N LYS F 282 -4.89 -48.61 65.59
CA LYS F 282 -5.73 -48.30 64.43
C LYS F 282 -5.09 -48.78 63.14
N ASP F 283 -3.78 -48.60 63.00
CA ASP F 283 -3.13 -48.96 61.75
C ASP F 283 -2.90 -50.46 61.61
N THR F 284 -3.26 -51.25 62.62
CA THR F 284 -3.26 -52.70 62.48
C THR F 284 -4.67 -53.24 62.29
N THR F 285 -5.65 -52.67 63.00
CA THR F 285 -7.02 -53.13 62.82
C THR F 285 -7.62 -52.60 61.54
N GLY F 286 -7.62 -51.29 61.36
CA GLY F 286 -8.39 -50.65 60.32
C GLY F 286 -9.56 -49.87 60.83
N VAL F 287 -9.69 -49.71 62.14
CA VAL F 287 -10.79 -48.96 62.75
C VAL F 287 -10.18 -47.73 63.41
N GLN F 288 -10.93 -46.63 63.39
CA GLN F 288 -10.50 -45.38 63.99
C GLN F 288 -11.59 -44.91 64.94
N ALA F 289 -11.32 -44.99 66.24
CA ALA F 289 -12.31 -44.63 67.23
C ALA F 289 -12.36 -43.11 67.39
N SER F 290 -13.54 -42.62 67.74
CA SER F 290 -13.74 -41.18 67.93
C SER F 290 -15.05 -40.97 68.68
N LYS F 291 -15.17 -39.80 69.28
CA LYS F 291 -16.32 -39.44 70.10
C LYS F 291 -17.15 -38.41 69.36
N ASP F 292 -18.44 -38.69 69.20
CA ASP F 292 -19.31 -37.84 68.40
C ASP F 292 -19.61 -36.54 69.12
N GLU F 293 -20.37 -35.67 68.46
CA GLU F 293 -20.76 -34.41 69.08
C GLU F 293 -21.71 -34.65 70.24
N ASN F 294 -22.73 -35.48 70.04
CA ASN F 294 -23.69 -35.79 71.08
C ASN F 294 -23.14 -36.73 72.13
N GLY F 295 -21.85 -37.00 72.13
CA GLY F 295 -21.24 -37.90 73.09
C GLY F 295 -21.28 -39.36 72.72
N LYS F 296 -21.86 -39.71 71.58
CA LYS F 296 -21.93 -41.10 71.17
C LYS F 296 -20.55 -41.61 70.78
N LEU F 297 -20.43 -42.93 70.74
CA LEU F 297 -19.19 -43.59 70.36
C LEU F 297 -19.27 -43.98 68.89
N VAL F 298 -18.18 -43.75 68.15
CA VAL F 298 -18.15 -43.98 66.72
C VAL F 298 -16.91 -44.79 66.38
N LEU F 299 -17.11 -45.92 65.72
CA LEU F 299 -16.02 -46.77 65.23
C LEU F 299 -16.13 -46.81 63.70
N THR F 300 -15.19 -46.17 63.03
CA THR F 300 -15.21 -46.08 61.58
C THR F 300 -13.99 -46.75 60.98
N SER F 301 -14.21 -47.40 59.84
CA SER F 301 -13.14 -48.05 59.08
C SER F 301 -12.93 -47.28 57.80
N ALA F 302 -11.75 -46.70 57.64
CA ALA F 302 -11.50 -45.82 56.49
C ALA F 302 -11.56 -46.60 55.18
N ASP F 303 -10.74 -47.63 55.04
CA ASP F 303 -10.65 -48.41 53.83
C ASP F 303 -11.68 -49.54 53.76
N GLY F 304 -12.75 -49.45 54.55
CA GLY F 304 -13.83 -50.41 54.49
C GLY F 304 -13.42 -51.85 54.68
N ARG F 305 -12.97 -52.21 55.89
CA ARG F 305 -12.62 -53.58 56.18
C ARG F 305 -13.69 -54.33 56.95
N GLY F 306 -14.64 -53.63 57.58
CA GLY F 306 -15.64 -54.31 58.37
C GLY F 306 -15.20 -54.48 59.80
N ILE F 307 -15.99 -53.96 60.73
CA ILE F 307 -15.64 -53.94 62.15
C ILE F 307 -16.27 -55.14 62.81
N LYS F 308 -15.47 -55.89 63.56
CA LYS F 308 -15.96 -57.04 64.31
C LYS F 308 -15.25 -57.08 65.65
N ILE F 309 -16.01 -56.91 66.73
CA ILE F 309 -15.47 -57.00 68.08
C ILE F 309 -15.91 -58.32 68.68
N THR F 310 -15.00 -58.97 69.42
CA THR F 310 -15.27 -60.29 69.97
C THR F 310 -15.66 -60.23 71.44
N GLY F 311 -14.79 -59.69 72.28
CA GLY F 311 -15.06 -59.63 73.69
C GLY F 311 -16.20 -58.67 74.00
N ASP F 312 -16.56 -58.64 75.28
CA ASP F 312 -17.58 -57.71 75.75
C ASP F 312 -17.00 -56.31 75.78
N ILE F 313 -17.41 -55.46 74.84
CA ILE F 313 -16.98 -54.07 74.85
C ILE F 313 -17.51 -53.37 76.10
N GLY F 314 -18.51 -53.94 76.75
CA GLY F 314 -19.07 -53.33 77.93
C GLY F 314 -20.27 -52.50 77.54
N VAL F 315 -21.46 -52.99 77.83
CA VAL F 315 -22.65 -52.20 77.55
C VAL F 315 -22.61 -50.96 78.43
N GLY F 316 -23.32 -49.93 78.01
CA GLY F 316 -23.13 -48.59 78.54
C GLY F 316 -22.12 -47.79 77.74
N SER F 317 -21.37 -48.45 76.87
CA SER F 317 -20.57 -47.74 75.88
C SER F 317 -21.37 -47.39 74.64
N GLY F 318 -22.58 -47.90 74.51
CA GLY F 318 -23.47 -47.54 73.43
C GLY F 318 -23.65 -48.61 72.38
N ILE F 319 -22.72 -49.54 72.25
CA ILE F 319 -22.73 -50.52 71.17
C ILE F 319 -23.47 -51.75 71.68
N LEU F 320 -24.64 -52.01 71.12
CA LEU F 320 -25.42 -53.17 71.51
C LEU F 320 -24.75 -54.45 71.01
N ALA F 321 -25.20 -55.58 71.56
CA ALA F 321 -24.65 -56.86 71.16
C ALA F 321 -25.05 -57.25 69.75
N ASN F 322 -25.96 -56.50 69.12
CA ASN F 322 -26.36 -56.80 67.75
C ASN F 322 -25.50 -56.09 66.72
N GLN F 323 -24.62 -55.18 67.14
CA GLN F 323 -23.79 -54.42 66.22
C GLN F 323 -22.34 -54.87 66.23
N LYS F 324 -22.00 -55.93 66.96
CA LYS F 324 -20.61 -56.34 67.07
C LYS F 324 -20.05 -56.74 65.72
N GLU F 325 -20.84 -57.44 64.91
CA GLU F 325 -20.41 -57.91 63.59
C GLU F 325 -20.99 -56.97 62.55
N ASN F 326 -20.18 -56.02 62.09
CA ASN F 326 -20.62 -55.01 61.15
C ASN F 326 -19.66 -54.94 59.96
N TYR F 327 -20.23 -54.81 58.76
CA TYR F 327 -19.44 -54.67 57.54
C TYR F 327 -19.89 -53.47 56.72
N GLY F 328 -20.62 -52.54 57.31
CA GLY F 328 -21.00 -51.34 56.60
C GLY F 328 -22.04 -51.59 55.54
N ARG F 329 -22.18 -50.61 54.65
CA ARG F 329 -23.16 -50.65 53.58
C ARG F 329 -22.50 -50.47 52.23
N LEU F 330 -23.30 -50.65 51.19
CA LEU F 330 -22.90 -50.37 49.82
C LEU F 330 -23.86 -49.34 49.24
N SER F 331 -23.32 -48.39 48.48
CA SER F 331 -24.11 -47.31 47.93
C SER F 331 -23.81 -47.21 46.44
N LEU F 332 -24.72 -47.73 45.62
CA LEU F 332 -24.58 -47.63 44.19
C LEU F 332 -25.15 -46.31 43.69
N VAL F 333 -24.67 -45.87 42.53
CA VAL F 333 -25.17 -44.67 41.86
C VAL F 333 -25.13 -44.94 40.37
N LYS F 334 -26.29 -45.08 39.75
CA LYS F 334 -26.39 -45.06 38.30
C LYS F 334 -26.53 -43.61 37.85
N ASN F 335 -26.58 -43.39 36.54
CA ASN F 335 -26.75 -42.03 36.04
C ASN F 335 -27.71 -42.00 34.86
N ASP F 336 -28.80 -42.76 34.93
CA ASP F 336 -29.84 -42.63 33.92
C ASP F 336 -31.27 -42.56 34.46
N GLY F 337 -31.55 -43.10 35.63
CA GLY F 337 -32.89 -43.06 36.17
C GLY F 337 -33.64 -44.39 36.18
N ARG F 338 -33.08 -45.44 35.58
CA ARG F 338 -33.68 -46.76 35.65
C ARG F 338 -33.21 -47.47 36.90
N ASP F 339 -34.06 -48.34 37.44
CA ASP F 339 -33.70 -49.09 38.62
C ASP F 339 -32.54 -50.03 38.33
N ILE F 340 -31.47 -49.91 39.11
CA ILE F 340 -30.39 -50.88 39.06
C ILE F 340 -30.97 -52.23 39.44
N ASN F 341 -30.94 -53.17 38.50
CA ASN F 341 -31.53 -54.49 38.71
C ASN F 341 -30.40 -55.45 39.07
N ILE F 342 -30.09 -55.51 40.35
CA ILE F 342 -29.01 -56.34 40.85
C ILE F 342 -29.57 -57.68 41.30
N SER F 343 -28.91 -58.76 40.89
CA SER F 343 -29.27 -60.10 41.36
C SER F 343 -28.00 -60.94 41.37
N GLY F 344 -27.34 -60.98 42.51
CA GLY F 344 -26.08 -61.68 42.66
C GLY F 344 -26.27 -63.13 43.02
N THR F 345 -25.24 -63.70 43.64
CA THR F 345 -25.27 -65.08 44.11
C THR F 345 -25.35 -65.21 45.62
N ASN F 346 -24.58 -64.42 46.36
CA ASN F 346 -24.62 -64.43 47.82
C ASN F 346 -24.73 -62.97 48.25
N LEU F 347 -25.95 -62.45 48.29
CA LEU F 347 -26.17 -61.02 48.48
C LEU F 347 -26.41 -60.63 49.93
N SER F 348 -26.69 -61.59 50.82
CA SER F 348 -26.92 -61.24 52.20
C SER F 348 -25.68 -60.69 52.88
N ALA F 349 -24.53 -60.72 52.20
CA ALA F 349 -23.31 -60.24 52.81
C ALA F 349 -23.04 -58.77 52.51
N ILE F 350 -23.69 -58.21 51.50
CA ILE F 350 -23.58 -56.80 51.18
C ILE F 350 -24.82 -56.03 51.60
N GLY F 351 -25.76 -56.68 52.27
CA GLY F 351 -26.99 -56.02 52.64
C GLY F 351 -27.91 -55.76 51.47
N MET F 352 -28.00 -56.71 50.54
CA MET F 352 -28.93 -56.59 49.44
C MET F 352 -29.58 -57.93 49.13
N GLY F 353 -29.67 -58.81 50.13
CA GLY F 353 -30.29 -60.10 49.95
C GLY F 353 -31.79 -59.99 49.77
N THR F 354 -32.43 -61.15 49.72
CA THR F 354 -33.88 -61.20 49.57
C THR F 354 -34.61 -60.80 50.84
N THR F 355 -33.89 -60.50 51.93
CA THR F 355 -34.50 -60.12 53.19
C THR F 355 -33.92 -58.82 53.73
N ASP F 356 -33.36 -57.99 52.86
CA ASP F 356 -32.74 -56.74 53.26
C ASP F 356 -33.57 -55.58 52.75
N MET F 357 -33.84 -54.62 53.63
CA MET F 357 -34.61 -53.43 53.27
C MET F 357 -33.66 -52.42 52.64
N ILE F 358 -33.66 -52.34 51.32
CA ILE F 358 -32.84 -51.37 50.63
C ILE F 358 -33.70 -50.17 50.28
N SER F 359 -33.05 -49.08 49.92
CA SER F 359 -33.74 -47.86 49.52
C SER F 359 -33.23 -47.41 48.17
N GLN F 360 -34.09 -46.74 47.42
CA GLN F 360 -33.73 -46.31 46.08
C GLN F 360 -34.66 -45.18 45.66
N SER F 361 -34.16 -44.31 44.78
CA SER F 361 -34.96 -43.19 44.29
C SER F 361 -34.23 -42.54 43.12
N SER F 362 -34.94 -41.65 42.44
CA SER F 362 -34.41 -40.90 41.32
C SER F 362 -34.56 -39.42 41.62
N VAL F 363 -33.46 -38.67 41.49
CA VAL F 363 -33.42 -37.28 41.90
C VAL F 363 -33.13 -36.41 40.69
N SER F 364 -33.82 -35.28 40.59
CA SER F 364 -33.61 -34.32 39.52
C SER F 364 -32.90 -33.08 40.07
N LEU F 365 -32.53 -32.16 39.17
CA LEU F 365 -31.91 -30.91 39.62
C LEU F 365 -32.83 -30.15 40.55
N ARG F 366 -34.07 -29.94 40.14
CA ARG F 366 -35.03 -29.28 41.01
C ARG F 366 -35.17 -30.02 42.33
N GLU F 367 -35.42 -31.33 42.25
CA GLU F 367 -35.56 -32.13 43.46
C GLU F 367 -34.35 -32.01 44.38
N SER F 368 -33.17 -31.70 43.84
CA SER F 368 -32.01 -31.44 44.67
C SER F 368 -31.98 -30.02 45.19
N LYS F 369 -32.57 -29.08 44.46
CA LYS F 369 -32.53 -27.68 44.84
C LYS F 369 -33.27 -27.39 46.14
N GLY F 370 -34.12 -28.31 46.59
CA GLY F 370 -34.92 -28.11 47.77
C GLY F 370 -34.45 -28.92 48.96
N GLN F 371 -35.33 -29.06 49.93
CA GLN F 371 -35.00 -29.79 51.16
C GLN F 371 -35.11 -31.28 50.90
N ILE F 372 -34.02 -32.01 51.18
CA ILE F 372 -33.96 -33.43 50.86
C ILE F 372 -34.83 -34.21 51.83
N SER F 373 -35.79 -34.94 51.30
CA SER F 373 -36.63 -35.79 52.15
C SER F 373 -35.80 -36.88 52.81
N ALA F 374 -36.40 -37.53 53.81
CA ALA F 374 -35.65 -38.50 54.60
C ALA F 374 -35.32 -39.75 53.78
N THR F 375 -36.30 -40.26 53.04
CA THR F 375 -36.06 -41.44 52.22
C THR F 375 -35.03 -41.14 51.14
N ASN F 376 -35.19 -40.01 50.46
CA ASN F 376 -34.22 -39.62 49.44
C ASN F 376 -32.83 -39.49 50.05
N ALA F 377 -32.73 -38.91 51.24
CA ALA F 377 -31.43 -38.78 51.88
C ALA F 377 -30.81 -40.14 52.16
N ASP F 378 -31.58 -41.03 52.78
CA ASP F 378 -31.07 -42.37 53.06
C ASP F 378 -30.58 -43.04 51.80
N ALA F 379 -31.32 -42.90 50.70
CA ALA F 379 -30.87 -43.46 49.44
C ALA F 379 -29.61 -42.78 48.93
N MET F 380 -29.48 -41.47 49.17
CA MET F 380 -28.30 -40.75 48.72
C MET F 380 -27.06 -41.30 49.39
N GLY F 381 -27.10 -41.47 50.71
CA GLY F 381 -25.94 -42.00 51.39
C GLY F 381 -25.59 -41.38 52.72
N PHE F 382 -26.43 -40.46 53.20
CA PHE F 382 -26.27 -39.99 54.57
C PHE F 382 -26.60 -41.13 55.53
N ASN F 383 -26.46 -40.84 56.83
CA ASN F 383 -27.01 -41.66 57.91
C ASN F 383 -26.78 -43.16 57.70
N SER F 384 -25.52 -43.59 57.78
CA SER F 384 -25.18 -45.00 57.56
C SER F 384 -26.19 -45.97 58.17
N TYR F 385 -26.42 -45.89 59.47
CA TYR F 385 -27.18 -46.96 60.13
C TYR F 385 -28.67 -46.89 59.83
N LYS F 386 -29.05 -46.97 58.55
CA LYS F 386 -30.42 -47.18 58.11
C LYS F 386 -31.36 -46.09 58.65
N GLY F 387 -31.08 -44.88 58.21
CA GLY F 387 -31.81 -43.72 58.66
C GLY F 387 -31.29 -43.22 59.99
N GLY F 388 -31.05 -41.92 60.05
CA GLY F 388 -30.36 -41.31 61.17
C GLY F 388 -31.11 -41.30 62.47
N GLY F 389 -32.24 -41.98 62.57
CA GLY F 389 -33.01 -41.97 63.79
C GLY F 389 -32.60 -43.05 64.75
N LYS F 390 -33.54 -43.89 65.14
CA LYS F 390 -33.25 -44.98 66.05
C LYS F 390 -32.68 -46.17 65.28
N PHE F 391 -32.01 -47.06 66.01
CA PHE F 391 -31.55 -48.30 65.43
C PHE F 391 -32.70 -49.29 65.33
N VAL F 392 -32.63 -50.20 64.36
CA VAL F 392 -33.75 -51.05 63.99
C VAL F 392 -33.29 -52.50 64.00
N PHE F 393 -33.86 -53.30 64.91
CA PHE F 393 -33.60 -54.73 64.97
C PHE F 393 -34.67 -55.50 64.21
N THR F 394 -34.63 -56.84 64.33
CA THR F 394 -35.71 -57.72 63.93
C THR F 394 -35.92 -58.80 64.97
N GLN F 395 -35.70 -58.49 66.25
CA GLN F 395 -35.59 -59.51 67.28
C GLN F 395 -36.96 -60.08 67.64
N ASN F 396 -37.01 -60.89 68.70
CA ASN F 396 -38.21 -61.63 69.07
C ASN F 396 -38.70 -61.21 70.44
N VAL F 397 -38.78 -59.92 70.68
CA VAL F 397 -39.03 -59.38 72.01
C VAL F 397 -40.27 -58.49 71.98
N SER F 398 -41.11 -58.62 73.02
CA SER F 398 -42.30 -57.78 73.11
C SER F 398 -41.93 -56.33 73.43
N SER F 399 -41.06 -56.12 74.41
CA SER F 399 -40.76 -54.76 74.85
C SER F 399 -39.34 -54.70 75.42
N ILE F 400 -38.84 -53.46 75.51
CA ILE F 400 -37.47 -53.22 75.96
C ILE F 400 -37.20 -53.90 77.29
N SER F 401 -38.23 -54.01 78.14
CA SER F 401 -38.05 -54.72 79.39
C SER F 401 -37.61 -56.15 79.16
N ALA F 402 -38.32 -56.87 78.30
CA ALA F 402 -37.92 -58.24 77.97
C ALA F 402 -36.63 -58.29 77.18
N PHE F 403 -36.33 -57.26 76.39
CA PHE F 403 -35.09 -57.25 75.63
C PHE F 403 -33.89 -57.11 76.55
N MET F 404 -34.05 -56.38 77.65
CA MET F 404 -32.99 -56.29 78.64
C MET F 404 -32.93 -57.55 79.49
N SER F 405 -34.08 -58.09 79.87
CA SER F 405 -34.10 -59.31 80.69
C SER F 405 -33.54 -60.50 79.93
N ALA F 406 -33.61 -60.48 78.61
CA ALA F 406 -33.24 -61.65 77.82
C ALA F 406 -31.75 -61.91 77.89
N GLN F 407 -31.37 -63.10 77.43
CA GLN F 407 -29.98 -63.53 77.43
C GLN F 407 -29.21 -62.81 76.31
N GLY F 408 -27.89 -62.91 76.36
CA GLY F 408 -27.06 -62.33 75.31
C GLY F 408 -26.66 -60.89 75.45
N SER F 409 -27.59 -60.03 75.87
CA SER F 409 -27.28 -58.62 76.04
C SER F 409 -26.44 -58.43 77.30
N GLY F 410 -26.16 -57.18 77.62
CA GLY F 410 -25.41 -56.86 78.82
C GLY F 410 -26.30 -56.41 79.95
N PHE F 411 -27.59 -56.67 79.82
CA PHE F 411 -28.57 -56.19 80.79
C PHE F 411 -29.17 -57.29 81.65
N SER F 412 -28.61 -58.51 81.59
CA SER F 412 -29.19 -59.60 82.34
C SER F 412 -29.11 -59.35 83.84
N ARG F 413 -29.82 -60.17 84.60
CA ARG F 413 -29.84 -60.01 86.05
C ARG F 413 -28.45 -60.14 86.65
N GLY F 414 -27.60 -60.97 86.06
CA GLY F 414 -26.24 -61.10 86.56
C GLY F 414 -25.44 -59.82 86.43
N SER F 415 -25.52 -59.17 85.26
CA SER F 415 -24.75 -57.95 85.03
C SER F 415 -25.25 -56.83 85.94
N GLY F 416 -24.54 -55.69 85.87
CA GLY F 416 -24.88 -54.58 86.72
C GLY F 416 -25.97 -53.70 86.20
N PHE F 417 -26.14 -53.62 84.88
CA PHE F 417 -27.07 -52.69 84.27
C PHE F 417 -28.46 -53.29 84.08
N SER F 418 -29.03 -53.86 85.13
CA SER F 418 -30.40 -54.33 85.03
C SER F 418 -31.35 -53.16 85.23
N VAL F 419 -32.64 -53.40 84.98
CA VAL F 419 -33.63 -52.35 85.16
C VAL F 419 -33.72 -52.00 86.64
N GLY F 420 -33.80 -50.70 86.93
CA GLY F 420 -33.84 -50.26 88.30
C GLY F 420 -32.54 -50.39 89.05
N SER F 421 -31.41 -50.32 88.35
CA SER F 421 -30.10 -50.44 88.98
C SER F 421 -29.35 -49.11 88.98
N GLY F 422 -30.08 -48.00 88.96
CA GLY F 422 -29.49 -46.68 89.02
C GLY F 422 -28.83 -46.20 87.76
N LYS F 423 -28.41 -47.10 86.87
CA LYS F 423 -27.80 -46.66 85.62
C LYS F 423 -28.81 -46.00 84.71
N ASN F 424 -30.08 -46.41 84.78
CA ASN F 424 -31.16 -45.79 84.03
C ASN F 424 -30.89 -45.83 82.53
N LEU F 425 -30.58 -47.03 82.03
CA LEU F 425 -30.38 -47.20 80.59
C LEU F 425 -31.67 -47.50 79.86
N SER F 426 -32.77 -47.73 80.58
CA SER F 426 -34.04 -47.93 79.91
C SER F 426 -34.46 -46.69 79.12
N VAL F 427 -34.31 -45.50 79.72
CA VAL F 427 -34.62 -44.27 79.00
C VAL F 427 -33.68 -44.11 77.82
N GLY F 428 -32.42 -44.49 77.99
CA GLY F 428 -31.48 -44.39 76.88
C GLY F 428 -31.88 -45.27 75.71
N LEU F 429 -32.32 -46.49 76.00
CA LEU F 429 -32.76 -47.37 74.91
C LEU F 429 -34.05 -46.87 74.28
N SER F 430 -35.01 -46.42 75.09
CA SER F 430 -36.27 -45.91 74.56
C SER F 430 -36.05 -44.79 73.56
N GLN F 431 -34.93 -44.07 73.66
CA GLN F 431 -34.54 -43.06 72.67
C GLN F 431 -33.34 -43.62 71.91
N GLY F 432 -33.62 -44.42 70.88
CA GLY F 432 -32.54 -44.92 70.06
C GLY F 432 -32.62 -46.39 69.72
N ILE F 433 -33.66 -47.08 70.17
CA ILE F 433 -33.86 -48.49 69.85
C ILE F 433 -35.32 -48.68 69.45
N GLN F 434 -35.54 -49.23 68.27
CA GLN F 434 -36.88 -49.62 67.82
C GLN F 434 -36.81 -51.06 67.34
N ILE F 435 -37.38 -51.96 68.12
CA ILE F 435 -37.30 -53.40 67.84
C ILE F 435 -38.51 -53.82 67.03
N ILE F 436 -38.26 -54.54 65.95
CA ILE F 436 -39.33 -55.10 65.13
C ILE F 436 -39.64 -56.49 65.67
N SER F 437 -40.91 -56.72 66.02
CA SER F 437 -41.29 -57.95 66.70
C SER F 437 -41.12 -59.16 65.79
N SER F 438 -41.51 -59.04 64.53
CA SER F 438 -41.47 -60.18 63.61
C SER F 438 -41.41 -59.65 62.18
N ALA F 439 -40.35 -60.01 61.46
CA ALA F 439 -40.17 -59.50 60.11
C ALA F 439 -41.26 -59.94 59.16
N ALA F 440 -42.05 -60.95 59.53
CA ALA F 440 -43.15 -61.38 58.68
C ALA F 440 -44.23 -60.31 58.60
N SER F 441 -44.51 -59.64 59.71
CA SER F 441 -45.53 -58.59 59.78
C SER F 441 -44.93 -57.40 60.51
N MET F 442 -44.47 -56.41 59.75
CA MET F 442 -43.94 -55.17 60.33
C MET F 442 -44.54 -53.99 59.58
N SER F 443 -45.70 -53.53 60.05
CA SER F 443 -46.30 -52.32 59.54
C SER F 443 -46.10 -51.13 60.46
N ASN F 444 -45.71 -51.37 61.71
CA ASN F 444 -45.53 -50.29 62.66
C ASN F 444 -44.22 -49.55 62.48
N THR F 445 -43.36 -49.97 61.57
CA THR F 445 -42.08 -49.31 61.36
C THR F 445 -41.85 -48.94 59.91
N TYR F 446 -42.46 -49.67 58.99
CA TYR F 446 -42.38 -49.37 57.58
C TYR F 446 -43.77 -49.12 57.01
N VAL F 447 -43.85 -48.26 56.01
CA VAL F 447 -45.11 -48.05 55.31
C VAL F 447 -45.34 -49.23 54.38
N VAL F 448 -46.10 -50.21 54.85
CA VAL F 448 -46.28 -51.46 54.13
C VAL F 448 -47.76 -51.81 54.11
N SER F 449 -48.61 -50.83 54.40
CA SER F 449 -50.05 -51.06 54.47
C SER F 449 -50.63 -51.48 53.13
N ALA F 450 -51.92 -51.82 53.11
CA ALA F 450 -52.52 -52.38 51.91
C ALA F 450 -52.58 -51.38 50.77
N GLY F 451 -52.90 -50.12 51.07
CA GLY F 451 -53.04 -49.14 50.01
C GLY F 451 -51.76 -48.89 49.24
N SER F 452 -50.63 -48.82 49.94
CA SER F 452 -49.35 -48.61 49.30
C SER F 452 -49.02 -49.79 48.38
N GLY F 453 -48.20 -49.52 47.38
CA GLY F 453 -47.75 -50.55 46.48
C GLY F 453 -46.67 -51.46 47.04
N PHE F 454 -46.42 -51.38 48.35
CA PHE F 454 -45.34 -52.13 48.98
C PHE F 454 -45.86 -53.25 49.88
N SER F 455 -47.07 -53.73 49.62
CA SER F 455 -47.66 -54.76 50.47
C SER F 455 -46.83 -56.03 50.45
N SER F 456 -46.76 -56.70 51.58
CA SER F 456 -46.00 -57.93 51.68
C SER F 456 -46.56 -58.99 50.74
N GLY F 457 -45.68 -59.69 50.05
CA GLY F 457 -46.11 -60.71 49.12
C GLY F 457 -46.65 -60.19 47.81
N SER F 458 -46.48 -58.90 47.52
CA SER F 458 -46.92 -58.30 46.27
C SER F 458 -45.75 -57.74 45.47
N GLY F 459 -44.55 -58.24 45.72
CA GLY F 459 -43.37 -57.61 45.14
C GLY F 459 -43.10 -56.28 45.79
N ASN F 460 -41.91 -55.72 45.56
CA ASN F 460 -41.49 -54.44 46.12
C ASN F 460 -41.58 -54.39 47.63
N SER F 461 -41.73 -55.55 48.29
CA SER F 461 -41.91 -55.57 49.73
C SER F 461 -40.65 -55.19 50.49
N GLN F 462 -39.52 -55.01 49.80
CA GLN F 462 -38.26 -54.68 50.45
C GLN F 462 -37.77 -53.29 50.10
N PHE F 463 -38.65 -52.42 49.61
CA PHE F 463 -38.31 -51.04 49.33
C PHE F 463 -39.16 -50.06 50.12
N ALA F 464 -39.92 -50.55 51.09
CA ALA F 464 -40.86 -49.68 51.80
C ALA F 464 -40.10 -48.62 52.60
N ALA F 465 -40.74 -47.47 52.73
CA ALA F 465 -40.12 -46.34 53.42
C ALA F 465 -40.25 -46.49 54.93
N LEU F 466 -39.19 -46.16 55.64
CA LEU F 466 -39.25 -46.12 57.09
C LEU F 466 -40.31 -45.13 57.55
N LYS F 467 -40.82 -45.33 58.75
CA LYS F 467 -41.90 -44.49 59.27
C LYS F 467 -41.33 -43.41 60.18
N THR F 468 -41.77 -42.17 59.95
CA THR F 468 -41.19 -41.03 60.64
C THR F 468 -41.56 -41.01 62.12
N THR F 469 -42.72 -41.55 62.49
CA THR F 469 -43.06 -41.58 63.90
C THR F 469 -42.37 -42.73 64.61
N ALA F 470 -42.26 -43.88 63.94
CA ALA F 470 -41.55 -45.02 64.52
C ALA F 470 -40.09 -44.68 64.74
N ALA F 471 -39.36 -44.41 63.67
CA ALA F 471 -37.99 -43.92 63.77
C ALA F 471 -38.02 -42.43 64.08
N ASN F 472 -36.88 -41.76 63.93
CA ASN F 472 -36.82 -40.31 64.07
C ASN F 472 -36.21 -39.69 62.82
N THR F 473 -36.57 -40.23 61.66
CA THR F 473 -36.00 -39.75 60.41
C THR F 473 -36.44 -38.32 60.14
N THR F 474 -35.48 -37.40 60.19
CA THR F 474 -35.71 -36.01 59.84
C THR F 474 -35.04 -35.71 58.52
N ASP F 475 -35.52 -34.66 57.86
CA ASP F 475 -34.97 -34.28 56.58
C ASP F 475 -33.55 -33.75 56.74
N GLU F 476 -32.94 -33.40 55.62
CA GLU F 476 -31.59 -32.85 55.59
C GLU F 476 -31.62 -31.43 55.05
N THR F 477 -30.50 -30.74 55.21
CA THR F 477 -30.42 -29.38 54.70
C THR F 477 -30.49 -29.41 53.17
N ALA F 478 -30.88 -28.28 52.59
CA ALA F 478 -31.28 -28.24 51.18
C ALA F 478 -30.04 -28.33 50.29
N GLY F 479 -29.95 -29.40 49.53
CA GLY F 479 -29.00 -29.48 48.43
C GLY F 479 -27.56 -29.48 48.90
N VAL F 480 -26.74 -28.64 48.27
CA VAL F 480 -25.30 -28.61 48.52
C VAL F 480 -24.95 -28.15 49.92
N THR F 481 -25.93 -27.75 50.72
CA THR F 481 -25.64 -27.24 52.05
C THR F 481 -25.09 -28.30 53.00
N THR F 482 -24.89 -29.53 52.53
CA THR F 482 -24.27 -30.58 53.32
C THR F 482 -23.27 -31.32 52.44
N LEU F 483 -22.38 -32.06 53.10
CA LEU F 483 -21.28 -32.70 52.39
C LEU F 483 -21.78 -33.74 51.39
N LYS F 484 -22.43 -34.80 51.89
CA LYS F 484 -22.94 -35.83 51.00
C LYS F 484 -23.95 -35.26 50.02
N GLY F 485 -24.69 -34.22 50.43
CA GLY F 485 -25.55 -33.53 49.47
C GLY F 485 -24.76 -32.92 48.32
N ALA F 486 -23.61 -32.33 48.63
CA ALA F 486 -22.77 -31.78 47.58
C ALA F 486 -22.27 -32.87 46.66
N MET F 487 -21.77 -33.96 47.23
CA MET F 487 -21.25 -35.04 46.41
C MET F 487 -22.35 -35.67 45.57
N ALA F 488 -23.59 -35.61 46.04
CA ALA F 488 -24.69 -36.12 45.24
C ALA F 488 -25.10 -35.14 44.15
N VAL F 489 -25.01 -33.84 44.42
CA VAL F 489 -25.30 -32.85 43.38
C VAL F 489 -24.27 -32.94 42.26
N MET F 490 -23.05 -33.37 42.59
CA MET F 490 -22.03 -33.52 41.56
C MET F 490 -22.48 -34.49 40.47
N ASP F 491 -23.03 -35.65 40.86
CA ASP F 491 -23.47 -36.62 39.88
C ASP F 491 -24.70 -36.14 39.12
N ILE F 492 -25.58 -35.40 39.78
CA ILE F 492 -26.74 -34.85 39.06
C ILE F 492 -26.28 -33.89 37.99
N ALA F 493 -25.28 -33.07 38.29
CA ALA F 493 -24.73 -32.16 37.29
C ALA F 493 -24.08 -32.92 36.15
N GLU F 494 -23.32 -33.98 36.47
CA GLU F 494 -22.70 -34.77 35.42
C GLU F 494 -23.74 -35.40 34.50
N THR F 495 -24.79 -35.99 35.08
CA THR F 495 -25.85 -36.58 34.28
C THR F 495 -26.57 -35.54 33.44
N ALA F 496 -26.80 -34.35 33.99
CA ALA F 496 -27.43 -33.29 33.23
C ALA F 496 -26.58 -32.90 32.03
N ILE F 497 -25.26 -32.79 32.24
CA ILE F 497 -24.36 -32.49 31.14
C ILE F 497 -24.48 -33.55 30.05
N THR F 498 -24.48 -34.82 30.47
CA THR F 498 -24.62 -35.91 29.51
C THR F 498 -25.90 -35.78 28.70
N ASN F 499 -27.02 -35.52 29.38
CA ASN F 499 -28.30 -35.44 28.68
C ASN F 499 -28.34 -34.28 27.71
N LEU F 500 -27.78 -33.14 28.11
CA LEU F 500 -27.81 -31.99 27.20
C LEU F 500 -26.92 -32.22 25.99
N ASP F 501 -25.77 -32.88 26.18
CA ASP F 501 -24.97 -33.25 25.03
C ASP F 501 -25.72 -34.19 24.10
N GLN F 502 -26.48 -35.12 24.68
CA GLN F 502 -27.28 -36.02 23.85
C GLN F 502 -28.28 -35.25 23.01
N ILE F 503 -29.00 -34.31 23.63
CA ILE F 503 -30.00 -33.55 22.90
C ILE F 503 -29.35 -32.70 21.82
N ARG F 504 -28.21 -32.08 22.14
CA ARG F 504 -27.54 -31.24 21.15
C ARG F 504 -27.04 -32.07 19.98
N ALA F 505 -26.55 -33.28 20.23
CA ALA F 505 -26.18 -34.15 19.12
C ALA F 505 -27.39 -34.53 18.29
N ASP F 506 -28.54 -34.73 18.95
CA ASP F 506 -29.77 -35.01 18.21
C ASP F 506 -30.14 -33.85 17.30
N ILE F 507 -29.82 -32.63 17.71
CA ILE F 507 -30.09 -31.47 16.86
C ILE F 507 -29.12 -31.44 15.68
N ALA F 508 -27.84 -31.67 15.95
CA ALA F 508 -26.84 -31.60 14.90
C ALA F 508 -27.06 -32.67 13.84
N SER F 509 -27.52 -33.85 14.26
CA SER F 509 -27.77 -34.92 13.30
C SER F 509 -28.89 -34.56 12.34
N ILE F 510 -29.78 -33.66 12.73
CA ILE F 510 -30.79 -33.17 11.80
C ILE F 510 -30.23 -32.06 10.93
N GLN F 511 -29.40 -31.20 11.52
CA GLN F 511 -28.81 -30.11 10.75
C GLN F 511 -28.05 -30.63 9.54
N ASN F 512 -27.23 -31.66 9.74
CA ASN F 512 -26.43 -32.17 8.62
C ASN F 512 -27.31 -32.71 7.51
N GLN F 513 -28.36 -33.45 7.86
CA GLN F 513 -29.26 -33.99 6.86
C GLN F 513 -29.97 -32.88 6.10
N VAL F 514 -30.39 -31.84 6.81
CA VAL F 514 -31.04 -30.72 6.15
C VAL F 514 -30.08 -30.05 5.17
N THR F 515 -28.82 -29.91 5.55
CA THR F 515 -27.84 -29.29 4.65
C THR F 515 -27.65 -30.12 3.39
N SER F 516 -27.54 -31.44 3.54
CA SER F 516 -27.39 -32.29 2.36
C SER F 516 -28.61 -32.20 1.44
N THR F 517 -29.81 -32.23 2.03
CA THR F 517 -31.01 -32.07 1.24
C THR F 517 -30.98 -30.75 0.48
N ILE F 518 -30.55 -29.67 1.13
CA ILE F 518 -30.58 -28.37 0.50
C ILE F 518 -29.62 -28.33 -0.68
N ASN F 519 -28.44 -28.92 -0.53
CA ASN F 519 -27.50 -28.96 -1.65
C ASN F 519 -28.08 -29.72 -2.83
N ASN F 520 -28.58 -30.94 -2.58
CA ASN F 520 -29.12 -31.73 -3.67
C ASN F 520 -30.29 -31.04 -4.34
N ILE F 521 -31.15 -30.38 -3.57
CA ILE F 521 -32.30 -29.69 -4.15
C ILE F 521 -31.84 -28.50 -4.98
N THR F 522 -30.84 -27.77 -4.49
CA THR F 522 -30.33 -26.64 -5.24
C THR F 522 -29.81 -27.07 -6.60
N VAL F 523 -29.16 -28.22 -6.67
CA VAL F 523 -28.67 -28.69 -7.97
C VAL F 523 -29.83 -29.17 -8.84
N THR F 524 -30.72 -29.97 -8.27
CA THR F 524 -31.84 -30.52 -9.04
C THR F 524 -32.71 -29.41 -9.62
N GLN F 525 -32.87 -28.31 -8.88
CA GLN F 525 -33.69 -27.23 -9.40
C GLN F 525 -33.09 -26.63 -10.65
N VAL F 526 -31.76 -26.45 -10.67
CA VAL F 526 -31.12 -25.92 -11.86
C VAL F 526 -31.31 -26.88 -13.03
N ASN F 527 -31.12 -28.17 -12.78
CA ASN F 527 -31.27 -29.12 -13.89
C ASN F 527 -32.69 -29.13 -14.43
N VAL F 528 -33.69 -29.05 -13.55
CA VAL F 528 -35.08 -29.02 -13.99
C VAL F 528 -35.36 -27.73 -14.75
N LYS F 529 -34.84 -26.61 -14.27
CA LYS F 529 -35.11 -25.34 -14.91
C LYS F 529 -34.46 -25.26 -16.28
N ALA F 530 -33.40 -26.02 -16.51
CA ALA F 530 -32.81 -26.07 -17.84
C ALA F 530 -33.57 -27.04 -18.74
N ALA F 531 -34.00 -28.17 -18.19
CA ALA F 531 -34.75 -29.13 -18.98
C ALA F 531 -36.10 -28.56 -19.41
N GLU F 532 -36.67 -27.67 -18.61
CA GLU F 532 -37.90 -27.00 -19.01
C GLU F 532 -37.64 -26.01 -20.14
N SER F 533 -36.55 -25.26 -20.04
CA SER F 533 -36.21 -24.31 -21.10
C SER F 533 -35.99 -25.02 -22.42
N GLN F 534 -35.38 -26.20 -22.38
CA GLN F 534 -35.17 -26.94 -23.62
C GLN F 534 -36.48 -27.20 -24.35
N ILE F 535 -37.59 -27.23 -23.62
CA ILE F 535 -38.87 -27.54 -24.24
C ILE F 535 -39.65 -26.27 -24.58
N ARG F 536 -39.63 -25.29 -23.69
CA ARG F 536 -40.55 -24.16 -23.78
C ARG F 536 -40.00 -22.98 -24.57
N ASP F 537 -38.75 -22.59 -24.31
CA ASP F 537 -38.28 -21.34 -24.88
C ASP F 537 -37.83 -21.51 -26.31
N VAL F 538 -37.61 -20.38 -26.97
CA VAL F 538 -37.25 -20.34 -28.38
C VAL F 538 -35.81 -19.88 -28.51
N ASP F 539 -35.11 -20.45 -29.49
CA ASP F 539 -33.74 -20.09 -29.78
C ASP F 539 -33.71 -18.99 -30.84
N PHE F 540 -33.33 -17.79 -30.43
CA PHE F 540 -33.34 -16.67 -31.36
C PHE F 540 -32.47 -16.91 -32.58
N ALA F 541 -31.47 -17.78 -32.47
CA ALA F 541 -30.66 -18.16 -33.62
C ALA F 541 -31.54 -18.59 -34.78
N SER F 542 -32.29 -19.67 -34.59
CA SER F 542 -33.17 -20.17 -35.65
C SER F 542 -34.37 -19.26 -35.84
N GLU F 543 -34.81 -18.58 -34.79
CA GLU F 543 -36.03 -17.79 -34.91
C GLU F 543 -35.84 -16.58 -35.83
N SER F 544 -34.72 -15.88 -35.70
CA SER F 544 -34.48 -14.74 -36.57
C SER F 544 -34.29 -15.17 -38.01
N ALA F 545 -33.72 -16.35 -38.24
CA ALA F 545 -33.62 -16.89 -39.59
C ALA F 545 -35.00 -17.16 -40.17
N ASN F 546 -35.87 -17.83 -39.41
CA ASN F 546 -37.24 -18.04 -39.86
C ASN F 546 -37.92 -16.72 -40.18
N TYR F 547 -37.73 -15.71 -39.32
CA TYR F 547 -38.41 -14.44 -39.53
C TYR F 547 -37.92 -13.75 -40.79
N SER F 548 -36.60 -13.70 -41.00
CA SER F 548 -36.08 -13.05 -42.20
C SER F 548 -36.53 -13.78 -43.46
N LYS F 549 -36.49 -15.11 -43.42
CA LYS F 549 -36.96 -15.89 -44.56
C LYS F 549 -38.41 -15.58 -44.88
N ALA F 550 -39.27 -15.60 -43.87
CA ALA F 550 -40.68 -15.31 -44.08
C ALA F 550 -40.91 -13.89 -44.56
N ASN F 551 -40.08 -12.94 -44.13
CA ASN F 551 -40.26 -11.57 -44.58
C ASN F 551 -39.89 -11.39 -46.05
N ILE F 552 -38.77 -11.98 -46.47
CA ILE F 552 -38.42 -11.93 -47.89
C ILE F 552 -39.48 -12.64 -48.71
N LEU F 553 -40.00 -13.76 -48.21
CA LEU F 553 -41.07 -14.43 -48.92
C LEU F 553 -42.32 -13.56 -49.01
N ALA F 554 -42.60 -12.77 -47.97
CA ALA F 554 -43.74 -11.87 -48.03
C ALA F 554 -43.56 -10.82 -49.10
N GLN F 555 -42.36 -10.25 -49.20
CA GLN F 555 -42.11 -9.27 -50.26
C GLN F 555 -42.28 -9.89 -51.64
N SER F 556 -41.73 -11.09 -51.83
CA SER F 556 -41.87 -11.76 -53.12
C SER F 556 -43.34 -12.05 -53.45
N GLY F 557 -44.08 -12.55 -52.47
CA GLY F 557 -45.49 -12.84 -52.71
C GLY F 557 -46.29 -11.59 -53.02
N SER F 558 -45.96 -10.48 -52.38
CA SER F 558 -46.64 -9.23 -52.70
C SER F 558 -46.35 -8.79 -54.12
N TYR F 559 -45.09 -8.92 -54.56
CA TYR F 559 -44.79 -8.63 -55.96
C TYR F 559 -45.58 -9.54 -56.88
N ALA F 560 -45.68 -10.82 -56.53
CA ALA F 560 -46.40 -11.77 -57.38
C ALA F 560 -47.87 -11.40 -57.50
N MET F 561 -48.50 -11.02 -56.39
CA MET F 561 -49.89 -10.59 -56.45
C MET F 561 -50.04 -9.33 -57.28
N ALA F 562 -49.14 -8.36 -57.10
CA ALA F 562 -49.22 -7.13 -57.87
C ALA F 562 -49.13 -7.40 -59.36
N GLN F 563 -48.28 -8.37 -59.75
CA GLN F 563 -48.18 -8.69 -61.16
C GLN F 563 -49.37 -9.50 -61.64
N ALA F 564 -49.92 -10.37 -60.79
CA ALA F 564 -51.05 -11.18 -61.18
C ALA F 564 -52.27 -10.32 -61.46
N ASN F 565 -52.52 -9.32 -60.61
CA ASN F 565 -53.66 -8.45 -60.83
C ASN F 565 -53.54 -7.72 -62.17
N SER F 566 -52.33 -7.39 -62.58
CA SER F 566 -52.09 -6.64 -63.80
C SER F 566 -51.97 -7.52 -65.03
N SER F 567 -51.80 -8.83 -64.87
CA SER F 567 -51.56 -9.71 -66.00
C SER F 567 -52.71 -9.74 -67.01
N GLN F 568 -53.80 -9.03 -66.78
CA GLN F 568 -54.93 -9.05 -67.69
C GLN F 568 -55.03 -7.79 -68.54
N GLN F 569 -54.11 -6.84 -68.40
CA GLN F 569 -54.21 -5.59 -69.15
C GLN F 569 -54.13 -5.81 -70.65
N ASN F 570 -53.46 -6.88 -71.10
CA ASN F 570 -53.21 -7.05 -72.52
C ASN F 570 -54.48 -7.29 -73.32
N VAL F 571 -55.58 -7.63 -72.66
CA VAL F 571 -56.81 -7.89 -73.40
C VAL F 571 -57.31 -6.62 -74.07
N LEU F 572 -57.08 -5.46 -73.44
CA LEU F 572 -57.57 -4.22 -73.98
C LEU F 572 -57.02 -3.93 -75.37
N ARG F 573 -55.84 -4.45 -75.69
CA ARG F 573 -55.28 -4.23 -77.03
C ARG F 573 -56.12 -4.92 -78.09
N LEU F 574 -56.81 -6.01 -77.73
CA LEU F 574 -57.73 -6.62 -78.69
C LEU F 574 -58.93 -5.74 -78.94
N LEU F 575 -59.49 -5.17 -77.88
CA LEU F 575 -60.74 -4.44 -77.99
C LEU F 575 -60.54 -3.09 -78.68
N GLN F 576 -59.51 -2.36 -78.27
CA GLN F 576 -59.29 -1.01 -78.81
C GLN F 576 -59.19 -1.00 -80.33
N PHE G 3 -82.49 -5.81 -87.57
CA PHE G 3 -82.14 -4.87 -88.62
C PHE G 3 -83.08 -3.68 -88.61
N ARG G 4 -84.04 -3.71 -87.70
CA ARG G 4 -84.98 -2.61 -87.54
C ARG G 4 -84.40 -1.60 -86.58
N ILE G 5 -84.34 -0.35 -87.01
CA ILE G 5 -83.77 0.72 -86.23
C ILE G 5 -84.91 1.42 -85.49
N ASN G 6 -84.54 2.32 -84.57
CA ASN G 6 -85.33 3.07 -83.60
C ASN G 6 -85.65 2.27 -82.34
N THR G 7 -85.25 1.01 -82.25
CA THR G 7 -85.38 0.27 -81.00
C THR G 7 -84.16 -0.60 -80.76
N ASN G 8 -82.96 0.01 -80.87
CA ASN G 8 -81.72 -0.71 -80.67
C ASN G 8 -81.76 -1.53 -79.39
N VAL G 9 -81.66 -2.85 -79.52
CA VAL G 9 -81.78 -3.75 -78.37
C VAL G 9 -80.41 -4.08 -77.78
N ALA G 10 -79.40 -4.25 -78.64
CA ALA G 10 -78.06 -4.47 -78.15
C ALA G 10 -77.58 -3.31 -77.30
N ALA G 11 -78.01 -2.08 -77.62
CA ALA G 11 -77.64 -0.94 -76.80
C ALA G 11 -78.21 -1.09 -75.39
N LEU G 12 -79.49 -1.44 -75.28
CA LEU G 12 -80.10 -1.59 -73.97
C LEU G 12 -79.45 -2.72 -73.18
N ASN G 13 -79.17 -3.83 -73.85
CA ASN G 13 -78.54 -4.95 -73.17
C ASN G 13 -77.17 -4.58 -72.64
N ALA G 14 -76.33 -3.97 -73.49
CA ALA G 14 -75.01 -3.56 -73.07
C ALA G 14 -75.08 -2.54 -71.95
N LYS G 15 -76.04 -1.62 -72.00
CA LYS G 15 -76.16 -0.63 -70.94
C LYS G 15 -76.52 -1.29 -69.62
N ALA G 16 -77.46 -2.24 -69.65
CA ALA G 16 -77.83 -2.95 -68.44
C ALA G 16 -76.61 -3.64 -67.83
N ASN G 17 -75.86 -4.38 -68.65
CA ASN G 17 -74.70 -5.11 -68.13
C ASN G 17 -73.66 -4.15 -67.58
N SER G 18 -73.36 -3.07 -68.30
CA SER G 18 -72.33 -2.15 -67.85
C SER G 18 -72.74 -1.45 -66.56
N ASP G 19 -74.02 -1.14 -66.40
CA ASP G 19 -74.47 -0.53 -65.15
C ASP G 19 -74.37 -1.51 -64.00
N LEU G 20 -74.77 -2.76 -64.23
CA LEU G 20 -74.64 -3.77 -63.19
C LEU G 20 -73.17 -3.95 -62.79
N ASN G 21 -72.25 -3.72 -63.71
CA ASN G 21 -70.84 -3.82 -63.36
C ASN G 21 -70.35 -2.58 -62.64
N ALA G 22 -70.82 -1.40 -63.05
CA ALA G 22 -70.41 -0.17 -62.39
C ALA G 22 -70.85 -0.16 -60.94
N LYS G 23 -72.00 -0.77 -60.64
CA LYS G 23 -72.41 -0.92 -59.25
C LYS G 23 -71.34 -1.63 -58.43
N SER G 24 -70.83 -2.75 -58.95
CA SER G 24 -69.82 -3.52 -58.23
C SER G 24 -68.49 -2.78 -58.16
N LEU G 25 -68.13 -2.07 -59.22
CA LEU G 25 -66.92 -1.26 -59.16
C LEU G 25 -67.02 -0.21 -58.06
N ASP G 26 -68.17 0.46 -57.97
CA ASP G 26 -68.37 1.45 -56.92
C ASP G 26 -68.28 0.82 -55.54
N ALA G 27 -68.92 -0.34 -55.37
CA ALA G 27 -68.86 -1.01 -54.07
C ALA G 27 -67.44 -1.36 -53.68
N SER G 28 -66.69 -1.96 -54.59
CA SER G 28 -65.31 -2.32 -54.28
C SER G 28 -64.46 -1.09 -53.99
N LEU G 29 -64.70 0.01 -54.70
CA LEU G 29 -63.96 1.23 -54.43
C LEU G 29 -64.27 1.77 -53.04
N SER G 30 -65.54 1.72 -52.64
CA SER G 30 -65.90 2.19 -51.31
C SER G 30 -65.25 1.34 -50.23
N ARG G 31 -65.20 0.02 -50.45
CA ARG G 31 -64.51 -0.84 -49.51
C ARG G 31 -63.04 -0.51 -49.44
N LEU G 32 -62.40 -0.34 -50.60
CA LEU G 32 -60.99 0.03 -50.64
C LEU G 32 -60.72 1.32 -49.89
N SER G 33 -61.63 2.29 -50.00
CA SER G 33 -61.45 3.57 -49.32
C SER G 33 -61.61 3.43 -47.81
N SER G 34 -62.78 2.97 -47.37
CA SER G 34 -63.07 2.98 -45.95
C SER G 34 -62.23 1.96 -45.19
N GLY G 35 -61.79 0.90 -45.85
CA GLY G 35 -61.02 -0.11 -45.17
C GLY G 35 -61.85 -1.11 -44.40
N LEU G 36 -63.16 -1.17 -44.64
CA LEU G 36 -64.05 -2.08 -43.94
C LEU G 36 -64.81 -2.92 -44.95
N ARG G 37 -64.99 -4.21 -44.63
CA ARG G 37 -65.71 -5.09 -45.53
C ARG G 37 -67.22 -4.89 -45.45
N ILE G 38 -67.71 -4.39 -44.34
CA ILE G 38 -69.14 -4.14 -44.16
C ILE G 38 -69.29 -2.67 -43.79
N ASN G 39 -69.70 -1.86 -44.77
CA ASN G 39 -69.86 -0.43 -44.58
C ASN G 39 -71.31 -0.06 -44.26
N SER G 40 -72.22 -0.37 -45.17
CA SER G 40 -73.61 0.01 -45.03
C SER G 40 -74.42 -0.99 -44.24
N ALA G 41 -73.81 -2.07 -43.76
CA ALA G 41 -74.49 -3.14 -43.04
C ALA G 41 -75.62 -3.76 -43.83
N ALA G 42 -75.71 -3.48 -45.12
CA ALA G 42 -76.65 -4.14 -46.01
C ALA G 42 -76.00 -5.29 -46.77
N ASP G 43 -74.68 -5.40 -46.72
CA ASP G 43 -73.97 -6.51 -47.31
C ASP G 43 -73.73 -7.65 -46.34
N ASP G 44 -74.04 -7.46 -45.05
CA ASP G 44 -74.01 -8.56 -44.09
C ASP G 44 -74.87 -8.18 -42.89
N ALA G 45 -75.95 -8.91 -42.68
CA ALA G 45 -76.87 -8.59 -41.59
C ALA G 45 -76.27 -8.99 -40.25
N SER G 46 -76.00 -10.28 -40.05
CA SER G 46 -75.55 -10.76 -38.75
C SER G 46 -74.06 -10.55 -38.54
N GLY G 47 -73.29 -10.46 -39.61
CA GLY G 47 -71.90 -10.05 -39.45
C GLY G 47 -71.79 -8.73 -38.73
N MET G 48 -72.67 -7.77 -39.06
CA MET G 48 -72.67 -6.50 -38.36
C MET G 48 -73.04 -6.68 -36.89
N ALA G 49 -74.00 -7.54 -36.60
CA ALA G 49 -74.38 -7.76 -35.20
C ALA G 49 -73.23 -8.32 -34.39
N ILE G 50 -72.57 -9.34 -34.92
CA ILE G 50 -71.45 -9.93 -34.18
C ILE G 50 -70.30 -8.93 -34.08
N ALA G 51 -70.05 -8.18 -35.14
CA ALA G 51 -68.96 -7.22 -35.11
C ALA G 51 -69.23 -6.13 -34.08
N ASP G 52 -70.47 -5.67 -33.97
CA ASP G 52 -70.80 -4.67 -32.97
C ASP G 52 -70.74 -5.23 -31.56
N SER G 53 -71.20 -6.46 -31.35
CA SER G 53 -71.05 -7.06 -30.04
C SER G 53 -69.58 -7.20 -29.65
N LEU G 54 -68.73 -7.61 -30.58
CA LEU G 54 -67.32 -7.77 -30.26
C LEU G 54 -66.63 -6.44 -30.07
N ARG G 55 -67.02 -5.42 -30.83
CA ARG G 55 -66.47 -4.09 -30.61
C ARG G 55 -66.84 -3.57 -29.23
N SER G 56 -68.11 -3.73 -28.85
CA SER G 56 -68.53 -3.34 -27.51
C SER G 56 -67.75 -4.09 -26.44
N GLN G 57 -67.55 -5.39 -26.64
CA GLN G 57 -66.82 -6.17 -25.63
C GLN G 57 -65.36 -5.75 -25.56
N ALA G 58 -64.73 -5.48 -26.70
CA ALA G 58 -63.34 -5.04 -26.68
C ALA G 58 -63.19 -3.69 -26.00
N ASN G 59 -64.11 -2.76 -26.27
CA ASN G 59 -64.05 -1.46 -25.59
C ASN G 59 -64.27 -1.63 -24.09
N THR G 60 -65.23 -2.46 -23.70
CA THR G 60 -65.50 -2.65 -22.28
C THR G 60 -64.30 -3.25 -21.57
N LEU G 61 -63.62 -4.20 -22.22
CA LEU G 61 -62.44 -4.77 -21.61
C LEU G 61 -61.29 -3.77 -21.57
N GLY G 62 -61.15 -2.93 -22.60
CA GLY G 62 -60.13 -1.91 -22.58
C GLY G 62 -60.34 -0.90 -21.48
N GLN G 63 -61.59 -0.67 -21.09
CA GLN G 63 -61.85 0.19 -19.94
C GLN G 63 -61.69 -0.56 -18.63
N ALA G 64 -62.01 -1.86 -18.62
CA ALA G 64 -61.79 -2.67 -17.42
C ALA G 64 -60.32 -2.72 -17.07
N ILE G 65 -59.43 -2.69 -18.07
CA ILE G 65 -58.00 -2.67 -17.78
C ILE G 65 -57.63 -1.41 -17.00
N SER G 66 -58.20 -0.26 -17.38
CA SER G 66 -57.91 0.97 -16.66
C SER G 66 -58.49 0.92 -15.25
N ASN G 67 -59.68 0.33 -15.10
CA ASN G 67 -60.22 0.15 -13.76
C ASN G 67 -59.30 -0.70 -12.90
N GLY G 68 -58.77 -1.77 -13.47
CA GLY G 68 -57.83 -2.61 -12.72
C GLY G 68 -56.58 -1.86 -12.35
N ASN G 69 -56.04 -1.05 -13.27
CA ASN G 69 -54.84 -0.29 -12.95
C ASN G 69 -55.10 0.73 -11.84
N ASP G 70 -56.29 1.33 -11.83
CA ASP G 70 -56.61 2.26 -10.74
C ASP G 70 -56.72 1.52 -9.41
N ALA G 71 -57.34 0.35 -9.41
CA ALA G 71 -57.37 -0.45 -8.18
C ALA G 71 -55.97 -0.80 -7.72
N LEU G 72 -55.08 -1.13 -8.66
CA LEU G 72 -53.70 -1.43 -8.30
C LEU G 72 -53.04 -0.23 -7.65
N GLY G 73 -53.22 0.96 -8.23
CA GLY G 73 -52.64 2.15 -7.63
C GLY G 73 -53.14 2.39 -6.22
N ILE G 74 -54.45 2.27 -6.02
CA ILE G 74 -55.01 2.49 -4.69
C ILE G 74 -54.43 1.51 -3.69
N LEU G 75 -54.39 0.22 -4.04
CA LEU G 75 -53.92 -0.78 -3.09
C LEU G 75 -52.44 -0.62 -2.79
N GLN G 76 -51.63 -0.31 -3.80
CA GLN G 76 -50.21 -0.09 -3.55
C GLN G 76 -50.00 1.10 -2.63
N THR G 77 -50.75 2.19 -2.86
CA THR G 77 -50.66 3.34 -1.96
C THR G 77 -50.96 2.93 -0.53
N ALA G 78 -52.06 2.21 -0.33
CA ALA G 78 -52.44 1.81 1.03
C ALA G 78 -51.37 0.95 1.68
N ASP G 79 -50.78 0.01 0.95
CA ASP G 79 -49.81 -0.88 1.57
C ASP G 79 -48.53 -0.13 1.92
N LYS G 80 -47.99 0.62 0.96
CA LYS G 80 -46.79 1.39 1.23
C LYS G 80 -47.01 2.40 2.35
N ALA G 81 -48.26 2.80 2.60
CA ALA G 81 -48.53 3.61 3.78
C ALA G 81 -48.52 2.78 5.05
N MET G 82 -49.09 1.57 5.02
CA MET G 82 -49.10 0.72 6.21
C MET G 82 -47.68 0.40 6.68
N ASP G 83 -46.71 0.41 5.76
CA ASP G 83 -45.34 0.07 6.14
C ASP G 83 -44.83 0.95 7.28
N GLU G 84 -45.05 2.26 7.18
CA GLU G 84 -44.52 3.15 8.20
C GLU G 84 -45.21 2.95 9.54
N GLN G 85 -46.50 2.61 9.53
CA GLN G 85 -47.16 2.28 10.78
C GLN G 85 -46.54 1.06 11.42
N LEU G 86 -46.19 0.06 10.61
CA LEU G 86 -45.51 -1.10 11.16
C LEU G 86 -44.20 -0.70 11.84
N LYS G 87 -43.41 0.13 11.18
CA LYS G 87 -42.14 0.53 11.79
C LYS G 87 -42.35 1.35 13.06
N ILE G 88 -43.36 2.21 13.08
CA ILE G 88 -43.63 3.01 14.27
C ILE G 88 -44.03 2.11 15.43
N LEU G 89 -44.82 1.08 15.15
CA LEU G 89 -45.19 0.14 16.21
C LEU G 89 -43.97 -0.60 16.73
N ASP G 90 -43.08 -0.99 15.83
CA ASP G 90 -41.82 -1.59 16.28
C ASP G 90 -41.11 -0.67 17.26
N THR G 91 -40.99 0.61 16.90
CA THR G 91 -40.30 1.55 17.78
C THR G 91 -41.01 1.69 19.11
N ILE G 92 -42.34 1.69 19.11
CA ILE G 92 -43.09 1.78 20.36
C ILE G 92 -42.75 0.59 21.26
N LYS G 93 -42.77 -0.61 20.69
CA LYS G 93 -42.46 -1.79 21.50
C LYS G 93 -41.05 -1.73 22.05
N THR G 94 -40.11 -1.25 21.24
CA THR G 94 -38.73 -1.13 21.72
C THR G 94 -38.65 -0.15 22.88
N LYS G 95 -39.36 0.97 22.80
CA LYS G 95 -39.31 1.95 23.88
C LYS G 95 -39.96 1.41 25.14
N ALA G 96 -41.06 0.69 24.99
CA ALA G 96 -41.67 0.06 26.16
C ALA G 96 -40.71 -0.92 26.82
N THR G 97 -40.01 -1.71 26.00
CA THR G 97 -38.99 -2.61 26.56
C THR G 97 -37.92 -1.82 27.29
N GLN G 98 -37.50 -0.69 26.73
CA GLN G 98 -36.48 0.13 27.36
C GLN G 98 -36.94 0.66 28.71
N ALA G 99 -38.20 1.07 28.80
CA ALA G 99 -38.74 1.57 30.05
C ALA G 99 -39.05 0.47 31.05
N ALA G 100 -39.17 -0.77 30.58
CA ALA G 100 -39.49 -1.89 31.46
C ALA G 100 -38.35 -2.28 32.37
N GLN G 101 -37.22 -1.59 32.32
CA GLN G 101 -36.14 -1.83 33.27
C GLN G 101 -36.36 -0.97 34.49
N ASP G 102 -35.54 -1.21 35.51
CA ASP G 102 -35.68 -0.48 36.77
C ASP G 102 -34.38 0.20 37.20
N GLY G 103 -33.55 0.58 36.24
CA GLY G 103 -32.48 1.51 36.51
C GLY G 103 -32.92 2.90 36.11
N GLN G 104 -34.21 3.03 35.81
CA GLN G 104 -34.79 4.25 35.29
C GLN G 104 -35.80 4.79 36.29
N SER G 105 -35.80 6.10 36.48
CA SER G 105 -36.74 6.71 37.40
C SER G 105 -38.02 7.13 36.66
N LEU G 106 -39.01 7.54 37.45
CA LEU G 106 -40.26 8.00 36.87
C LEU G 106 -40.04 9.19 35.94
N LYS G 107 -39.04 10.02 36.22
CA LYS G 107 -38.78 11.17 35.36
C LYS G 107 -38.37 10.73 33.96
N THR G 108 -37.61 9.64 33.85
CA THR G 108 -37.20 9.18 32.53
C THR G 108 -38.27 8.35 31.86
N ARG G 109 -38.99 7.53 32.63
CA ARG G 109 -40.15 6.86 32.07
C ARG G 109 -41.13 7.88 31.52
N THR G 110 -41.18 9.06 32.13
CA THR G 110 -42.05 10.12 31.62
C THR G 110 -41.61 10.57 30.24
N MET G 111 -40.30 10.66 30.00
CA MET G 111 -39.84 10.98 28.66
C MET G 111 -40.19 9.86 27.68
N LEU G 112 -40.04 8.61 28.11
CA LEU G 112 -40.48 7.49 27.27
C LEU G 112 -41.94 7.67 26.86
N GLN G 113 -42.81 7.94 27.83
CA GLN G 113 -44.22 8.04 27.54
C GLN G 113 -44.53 9.26 26.68
N ALA G 114 -43.84 10.37 26.92
CA ALA G 114 -44.04 11.55 26.09
C ALA G 114 -43.63 11.29 24.66
N ASP G 115 -42.63 10.43 24.44
CA ASP G 115 -42.23 10.13 23.08
C ASP G 115 -43.22 9.18 22.42
N ILE G 116 -43.66 8.15 23.16
CA ILE G 116 -44.66 7.23 22.63
C ILE G 116 -45.94 7.99 22.27
N ASN G 117 -46.26 9.04 23.03
CA ASN G 117 -47.42 9.86 22.71
C ASN G 117 -47.32 10.43 21.30
N LYS G 118 -46.20 11.09 21.00
CA LYS G 118 -46.03 11.69 19.69
C LYS G 118 -46.00 10.64 18.59
N LEU G 119 -45.36 9.50 18.87
CA LEU G 119 -45.30 8.46 17.85
C LEU G 119 -46.69 7.93 17.52
N MET G 120 -47.49 7.66 18.54
CA MET G 120 -48.86 7.19 18.32
C MET G 120 -49.69 8.25 17.63
N GLU G 121 -49.49 9.52 18.01
CA GLU G 121 -50.15 10.62 17.31
C GLU G 121 -49.84 10.58 15.83
N GLU G 122 -48.58 10.35 15.48
CA GLU G 122 -48.23 10.36 14.06
C GLU G 122 -48.79 9.13 13.35
N LEU G 123 -48.84 7.99 14.03
CA LEU G 123 -49.48 6.81 13.47
C LEU G 123 -50.93 7.11 13.12
N ASP G 124 -51.67 7.66 14.07
CA ASP G 124 -53.05 8.03 13.83
C ASP G 124 -53.15 9.06 12.72
N ASN G 125 -52.16 9.94 12.60
CA ASN G 125 -52.16 10.92 11.53
C ASN G 125 -52.02 10.26 10.17
N ILE G 126 -51.11 9.29 10.05
CA ILE G 126 -50.98 8.53 8.82
C ILE G 126 -52.30 7.88 8.46
N ALA G 127 -52.93 7.23 9.44
CA ALA G 127 -54.21 6.58 9.20
C ALA G 127 -55.25 7.55 8.67
N ASN G 128 -55.49 8.63 9.39
CA ASN G 128 -56.51 9.61 9.00
C ASN G 128 -56.06 10.51 7.86
N THR G 129 -54.86 10.34 7.34
CA THR G 129 -54.39 11.21 6.28
C THR G 129 -54.32 10.54 4.92
N THR G 130 -53.86 9.30 4.86
CA THR G 130 -53.71 8.63 3.57
C THR G 130 -55.05 8.60 2.82
N SER G 131 -55.07 9.15 1.62
CA SER G 131 -56.31 9.23 0.84
C SER G 131 -55.98 9.34 -0.63
N PHE G 132 -56.84 8.76 -1.47
CA PHE G 132 -56.58 8.74 -2.91
C PHE G 132 -57.01 10.04 -3.58
N ASN G 133 -58.31 10.32 -3.59
CA ASN G 133 -58.80 11.60 -4.08
C ASN G 133 -59.97 12.07 -3.22
N GLY G 134 -59.83 11.93 -1.90
CA GLY G 134 -60.90 12.15 -0.96
C GLY G 134 -61.32 10.89 -0.24
N LYS G 135 -61.28 9.75 -0.92
CA LYS G 135 -61.54 8.46 -0.27
C LYS G 135 -60.43 8.17 0.71
N GLN G 136 -60.76 8.16 2.00
CA GLN G 136 -59.79 7.77 3.01
C GLN G 136 -59.58 6.26 2.95
N LEU G 137 -58.34 5.84 2.74
CA LEU G 137 -58.04 4.42 2.59
C LEU G 137 -57.91 3.73 3.94
N LEU G 138 -56.95 4.16 4.75
CA LEU G 138 -56.63 3.49 6.01
C LEU G 138 -57.35 4.16 7.17
N SER G 139 -58.67 4.18 7.09
CA SER G 139 -59.45 4.83 8.14
C SER G 139 -60.54 3.90 8.65
N GLY G 140 -61.10 3.09 7.76
CA GLY G 140 -62.21 2.21 8.11
C GLY G 140 -63.46 2.41 7.30
N ASN G 141 -63.46 3.37 6.37
CA ASN G 141 -64.61 3.59 5.49
C ASN G 141 -64.30 3.22 4.05
N PHE G 142 -63.48 2.18 3.87
CA PHE G 142 -63.18 1.64 2.55
C PHE G 142 -63.66 0.21 2.45
N THR G 143 -64.85 -0.05 2.95
CA THR G 143 -65.41 -1.39 3.01
C THR G 143 -66.37 -1.62 1.85
N ASN G 144 -66.26 -2.79 1.23
CA ASN G 144 -67.16 -3.23 0.17
C ASN G 144 -67.12 -2.25 -1.01
N GLN G 145 -65.94 -2.11 -1.59
CA GLN G 145 -65.75 -1.24 -2.74
C GLN G 145 -65.44 -2.09 -3.97
N GLU G 146 -66.18 -1.85 -5.04
CA GLU G 146 -66.11 -2.68 -6.23
C GLU G 146 -65.26 -2.02 -7.31
N PHE G 147 -64.83 -2.84 -8.26
CA PHE G 147 -64.07 -2.36 -9.42
C PHE G 147 -64.50 -3.22 -10.60
N GLN G 148 -65.43 -2.72 -11.40
CA GLN G 148 -65.92 -3.48 -12.54
C GLN G 148 -64.76 -3.82 -13.48
N ILE G 149 -64.51 -5.11 -13.68
CA ILE G 149 -63.42 -5.56 -14.53
C ILE G 149 -63.89 -6.59 -15.54
N GLY G 150 -65.16 -6.56 -15.93
CA GLY G 150 -65.70 -7.57 -16.79
C GLY G 150 -66.38 -6.97 -18.02
N ALA G 151 -66.58 -7.82 -19.02
CA ALA G 151 -67.29 -7.39 -20.22
C ALA G 151 -68.78 -7.20 -19.94
N SER G 152 -69.35 -8.03 -19.07
CA SER G 152 -70.76 -7.94 -18.73
C SER G 152 -70.91 -7.06 -17.50
N SER G 153 -72.10 -7.08 -16.89
CA SER G 153 -72.43 -6.08 -15.89
C SER G 153 -71.61 -6.22 -14.63
N ASN G 154 -71.71 -7.36 -13.94
CA ASN G 154 -71.32 -7.41 -12.54
C ASN G 154 -70.12 -8.30 -12.28
N GLN G 155 -69.12 -8.28 -13.16
CA GLN G 155 -67.84 -8.88 -12.82
C GLN G 155 -66.99 -7.83 -12.11
N THR G 156 -66.57 -8.14 -10.89
CA THR G 156 -65.89 -7.12 -10.10
C THR G 156 -65.11 -7.76 -8.97
N VAL G 157 -64.11 -7.03 -8.49
CA VAL G 157 -63.40 -7.38 -7.29
C VAL G 157 -63.92 -6.53 -6.15
N LYS G 158 -63.55 -6.88 -4.92
CA LYS G 158 -64.06 -6.18 -3.74
C LYS G 158 -62.92 -5.97 -2.75
N ALA G 159 -62.58 -4.71 -2.49
CA ALA G 159 -61.54 -4.35 -1.54
C ALA G 159 -62.17 -3.77 -0.29
N THR G 160 -61.81 -4.30 0.87
CA THR G 160 -62.40 -3.95 2.15
C THR G 160 -61.35 -3.71 3.21
N ILE G 161 -60.35 -2.88 2.89
CA ILE G 161 -59.31 -2.53 3.84
C ILE G 161 -59.91 -2.17 5.19
N GLY G 162 -59.46 -2.83 6.24
CA GLY G 162 -59.97 -2.57 7.57
C GLY G 162 -59.43 -1.28 8.15
N ALA G 163 -59.86 -0.98 9.36
CA ALA G 163 -59.45 0.24 10.05
C ALA G 163 -58.12 0.01 10.75
N THR G 164 -57.27 1.03 10.75
CA THR G 164 -55.91 0.93 11.25
C THR G 164 -55.59 2.02 12.27
N GLN G 165 -56.60 2.61 12.89
CA GLN G 165 -56.36 3.72 13.79
C GLN G 165 -55.79 3.23 15.11
N SER G 166 -55.14 4.14 15.82
CA SER G 166 -54.52 3.79 17.09
C SER G 166 -55.54 3.49 18.17
N SER G 167 -56.79 3.90 17.99
CA SER G 167 -57.86 3.57 18.92
C SER G 167 -58.52 2.25 18.58
N LYS G 168 -58.10 1.59 17.51
CA LYS G 168 -58.75 0.38 17.06
C LYS G 168 -57.81 -0.76 16.72
N ILE G 169 -56.49 -0.56 16.77
CA ILE G 169 -55.64 -1.66 16.35
C ILE G 169 -55.29 -2.57 17.52
N GLY G 170 -54.57 -2.06 18.50
CA GLY G 170 -53.98 -2.96 19.49
C GLY G 170 -54.87 -3.22 20.68
N VAL G 171 -55.62 -4.31 20.64
CA VAL G 171 -56.54 -4.67 21.71
C VAL G 171 -56.08 -6.01 22.26
N THR G 172 -55.59 -6.00 23.50
CA THR G 172 -55.27 -7.22 24.21
C THR G 172 -56.33 -7.52 25.26
N ARG G 173 -56.21 -8.69 25.88
CA ARG G 173 -57.17 -9.12 26.88
C ARG G 173 -56.42 -9.57 28.11
N PHE G 174 -56.76 -8.99 29.26
CA PHE G 174 -56.16 -9.36 30.52
C PHE G 174 -57.20 -10.03 31.42
N GLU G 175 -56.73 -10.98 32.22
CA GLU G 175 -57.52 -11.55 33.29
C GLU G 175 -56.61 -11.73 34.50
N THR G 176 -57.22 -11.82 35.68
CA THR G 176 -56.44 -12.02 36.90
C THR G 176 -57.35 -12.52 38.00
N GLY G 177 -57.01 -13.66 38.56
CA GLY G 177 -57.84 -14.26 39.58
C GLY G 177 -57.54 -13.72 40.96
N ALA G 178 -58.50 -13.89 41.86
CA ALA G 178 -58.34 -13.44 43.22
C ALA G 178 -57.18 -14.18 43.89
N GLN G 179 -56.64 -13.56 44.94
CA GLN G 179 -55.56 -14.17 45.69
C GLN G 179 -56.01 -15.49 46.28
N SER G 180 -55.23 -16.53 46.08
CA SER G 180 -55.64 -17.89 46.43
C SER G 180 -54.99 -18.33 47.74
N PHE G 181 -55.81 -18.69 48.71
CA PHE G 181 -55.33 -19.16 50.00
C PHE G 181 -55.36 -20.68 50.12
N THR G 182 -56.00 -21.37 49.18
CA THR G 182 -56.14 -22.82 49.24
C THR G 182 -55.08 -23.49 48.40
N SER G 183 -55.03 -24.82 48.48
CA SER G 183 -54.09 -25.60 47.70
C SER G 183 -54.80 -26.74 46.99
N GLY G 184 -54.05 -27.64 46.38
CA GLY G 184 -54.64 -28.78 45.71
C GLY G 184 -54.27 -28.88 44.25
N VAL G 185 -54.31 -30.11 43.72
CA VAL G 185 -53.96 -30.32 42.33
C VAL G 185 -55.02 -29.69 41.43
N VAL G 186 -54.57 -28.98 40.40
CA VAL G 186 -55.44 -28.21 39.52
C VAL G 186 -55.13 -28.56 38.08
N GLY G 187 -56.17 -28.63 37.26
CA GLY G 187 -56.00 -28.77 35.83
C GLY G 187 -56.88 -27.79 35.07
N LEU G 188 -56.28 -26.90 34.31
CA LEU G 188 -57.06 -25.90 33.59
C LEU G 188 -57.69 -26.50 32.35
N THR G 189 -58.57 -25.71 31.72
CA THR G 189 -59.15 -26.09 30.44
C THR G 189 -59.61 -24.79 29.77
N ILE G 190 -58.83 -24.32 28.80
CA ILE G 190 -59.22 -23.16 28.01
C ILE G 190 -60.25 -23.61 27.00
N LYS G 191 -61.51 -23.30 27.27
CA LYS G 191 -62.61 -23.78 26.43
C LYS G 191 -62.64 -23.01 25.12
N ASN G 192 -62.94 -23.73 24.04
CA ASN G 192 -63.00 -23.16 22.70
C ASN G 192 -61.73 -22.38 22.39
N TYR G 193 -60.59 -23.06 22.52
CA TYR G 193 -59.31 -22.38 22.32
C TYR G 193 -59.07 -22.05 20.86
N ASN G 194 -59.61 -22.85 19.94
CA ASN G 194 -59.36 -22.64 18.52
C ASN G 194 -60.65 -22.51 17.71
N GLY G 195 -61.78 -22.29 18.37
CA GLY G 195 -63.05 -22.15 17.68
C GLY G 195 -63.76 -23.46 17.41
N ILE G 196 -63.15 -24.59 17.75
CA ILE G 196 -63.78 -25.88 17.51
C ILE G 196 -63.84 -26.70 18.79
N GLU G 197 -62.70 -26.92 19.42
CA GLU G 197 -62.60 -27.83 20.56
C GLU G 197 -61.88 -27.14 21.70
N ASP G 198 -61.78 -27.84 22.82
CA ASP G 198 -61.23 -27.30 24.05
C ASP G 198 -59.72 -27.50 24.09
N PHE G 199 -59.10 -27.18 25.22
CA PHE G 199 -57.67 -27.38 25.40
C PHE G 199 -57.41 -27.63 26.88
N LYS G 200 -57.19 -28.88 27.25
CA LYS G 200 -56.98 -29.27 28.64
C LYS G 200 -55.50 -29.34 28.93
N PHE G 201 -55.06 -28.65 29.97
CA PHE G 201 -53.68 -28.71 30.41
C PHE G 201 -53.47 -29.96 31.27
N ASP G 202 -52.32 -30.03 31.92
CA ASP G 202 -52.03 -31.15 32.79
C ASP G 202 -52.32 -30.78 34.24
N ASN G 203 -52.47 -31.81 35.06
CA ASN G 203 -52.64 -31.59 36.49
C ASN G 203 -51.35 -31.01 37.07
N VAL G 204 -51.49 -30.00 37.90
CA VAL G 204 -50.35 -29.26 38.44
C VAL G 204 -50.49 -29.16 39.95
N VAL G 205 -49.48 -29.63 40.67
CA VAL G 205 -49.45 -29.56 42.13
C VAL G 205 -49.27 -28.11 42.53
N ILE G 206 -49.55 -27.78 43.78
CA ILE G 206 -49.56 -26.38 44.19
C ILE G 206 -48.68 -26.10 45.41
N SER G 207 -48.76 -26.93 46.44
CA SER G 207 -48.66 -26.41 47.80
C SER G 207 -47.40 -25.62 48.13
N THR G 208 -46.28 -26.27 48.37
CA THR G 208 -45.10 -25.51 48.77
C THR G 208 -43.78 -26.08 48.27
N SER G 209 -43.76 -27.18 47.53
CA SER G 209 -42.51 -27.82 47.19
C SER G 209 -41.87 -27.11 46.01
N VAL G 210 -40.66 -27.55 45.65
CA VAL G 210 -39.88 -26.86 44.62
C VAL G 210 -40.63 -26.86 43.30
N GLY G 211 -40.92 -28.03 42.76
CA GLY G 211 -41.62 -28.12 41.51
C GLY G 211 -43.12 -27.97 41.63
N THR G 212 -43.56 -27.08 42.53
CA THR G 212 -44.98 -26.84 42.70
C THR G 212 -45.28 -25.35 42.66
N GLY G 213 -46.56 -24.99 42.68
CA GLY G 213 -46.94 -23.61 42.84
C GLY G 213 -47.30 -22.91 41.54
N LEU G 214 -47.63 -21.63 41.70
CA LEU G 214 -48.01 -20.81 40.56
C LEU G 214 -46.88 -20.72 39.55
N GLY G 215 -45.63 -20.88 39.99
CA GLY G 215 -44.54 -20.96 39.04
C GLY G 215 -44.65 -22.16 38.12
N ALA G 216 -44.92 -23.33 38.69
CA ALA G 216 -45.14 -24.52 37.88
C ALA G 216 -46.33 -24.35 36.95
N LEU G 217 -47.42 -23.76 37.45
CA LEU G 217 -48.57 -23.56 36.59
C LEU G 217 -48.29 -22.58 35.46
N ALA G 218 -47.55 -21.51 35.74
CA ALA G 218 -47.22 -20.55 34.70
C ALA G 218 -46.30 -21.18 33.66
N GLU G 219 -45.37 -22.03 34.09
CA GLU G 219 -44.58 -22.78 33.13
C GLU G 219 -45.46 -23.63 32.23
N GLU G 220 -46.36 -24.40 32.84
CA GLU G 220 -47.22 -25.29 32.06
C GLU G 220 -48.11 -24.52 31.10
N ILE G 221 -48.50 -23.30 31.46
CA ILE G 221 -49.36 -22.53 30.59
C ILE G 221 -48.56 -21.87 29.47
N ASN G 222 -47.41 -21.28 29.82
CA ASN G 222 -46.60 -20.59 28.83
C ASN G 222 -45.97 -21.54 27.83
N LYS G 223 -45.78 -22.81 28.20
CA LYS G 223 -45.22 -23.77 27.26
C LYS G 223 -46.06 -23.86 26.00
N SER G 224 -47.37 -24.09 26.16
CA SER G 224 -48.27 -24.19 25.02
C SER G 224 -48.91 -22.86 24.70
N ALA G 225 -48.09 -21.83 24.51
CA ALA G 225 -48.61 -20.50 24.23
C ALA G 225 -48.93 -20.28 22.76
N ASP G 226 -48.16 -20.88 21.85
CA ASP G 226 -48.35 -20.61 20.43
C ASP G 226 -49.71 -21.06 19.93
N LYS G 227 -50.30 -22.08 20.54
CA LYS G 227 -51.57 -22.60 20.07
C LYS G 227 -52.77 -21.97 20.77
N THR G 228 -52.62 -21.62 22.04
CA THR G 228 -53.73 -21.07 22.80
C THR G 228 -53.80 -19.56 22.77
N GLY G 229 -52.68 -18.88 22.58
CA GLY G 229 -52.67 -17.44 22.64
C GLY G 229 -52.78 -16.90 24.04
N VAL G 230 -52.57 -17.72 25.05
CA VAL G 230 -52.75 -17.35 26.44
C VAL G 230 -51.41 -17.54 27.14
N ARG G 231 -50.74 -16.44 27.45
CA ARG G 231 -49.55 -16.49 28.27
C ARG G 231 -49.91 -16.10 29.70
N ALA G 232 -49.02 -16.40 30.63
CA ALA G 232 -49.35 -16.18 32.03
C ALA G 232 -48.10 -15.79 32.81
N THR G 233 -48.34 -15.14 33.94
CA THR G 233 -47.31 -14.77 34.90
C THR G 233 -47.87 -15.00 36.29
N TYR G 234 -47.21 -14.47 37.30
CA TYR G 234 -47.67 -14.67 38.66
C TYR G 234 -47.10 -13.58 39.55
N ASP G 235 -47.63 -13.49 40.76
CA ASP G 235 -47.16 -12.51 41.74
C ASP G 235 -47.52 -13.07 43.11
N VAL G 236 -46.52 -13.53 43.85
CA VAL G 236 -46.74 -14.25 45.10
C VAL G 236 -46.08 -13.43 46.21
N LYS G 237 -46.87 -12.55 46.84
CA LYS G 237 -46.41 -11.78 47.98
C LYS G 237 -47.41 -11.93 49.11
N THR G 238 -46.97 -11.60 50.31
CA THR G 238 -47.83 -11.56 51.49
C THR G 238 -47.44 -10.31 52.27
N THR G 239 -48.09 -9.20 51.97
CA THR G 239 -47.78 -7.91 52.58
C THR G 239 -48.81 -7.59 53.65
N GLY G 240 -48.34 -7.11 54.79
CA GLY G 240 -49.21 -6.80 55.90
C GLY G 240 -49.89 -5.46 55.76
N VAL G 241 -50.61 -5.08 56.81
CA VAL G 241 -51.23 -3.77 56.94
C VAL G 241 -50.78 -3.18 58.25
N TYR G 242 -51.19 -1.94 58.51
CA TYR G 242 -50.84 -1.23 59.74
C TYR G 242 -49.34 -1.38 60.03
N ALA G 243 -48.56 -0.69 59.20
CA ALA G 243 -47.28 -1.15 58.70
C ALA G 243 -46.50 -2.06 59.64
N ILE G 244 -46.19 -1.61 60.85
CA ILE G 244 -45.50 -2.50 61.80
C ILE G 244 -45.51 -1.92 63.20
N LYS G 245 -45.56 -2.80 64.20
CA LYS G 245 -45.44 -2.40 65.60
C LYS G 245 -44.45 -3.33 66.29
N GLU G 246 -44.29 -3.19 67.60
CA GLU G 246 -43.36 -4.01 68.35
C GLU G 246 -44.05 -5.25 68.88
N GLY G 247 -43.48 -6.42 68.61
CA GLY G 247 -44.05 -7.67 69.06
C GLY G 247 -43.04 -8.78 68.90
N THR G 248 -43.49 -10.00 69.12
CA THR G 248 -42.63 -11.17 69.04
C THR G 248 -43.36 -12.34 68.41
N THR G 249 -42.59 -13.26 67.85
CA THR G 249 -43.13 -14.45 67.21
C THR G 249 -43.15 -15.62 68.17
N SER G 250 -44.05 -16.57 67.92
CA SER G 250 -44.17 -17.73 68.78
C SER G 250 -42.90 -18.58 68.71
N GLN G 251 -42.70 -19.38 69.76
CA GLN G 251 -41.50 -20.20 69.85
C GLN G 251 -41.40 -21.20 68.73
N ASP G 252 -42.52 -21.50 68.05
CA ASP G 252 -42.55 -22.46 66.97
C ASP G 252 -42.95 -21.81 65.65
N PHE G 253 -42.53 -20.56 65.45
CA PHE G 253 -42.86 -19.85 64.22
C PHE G 253 -42.06 -20.43 63.07
N ALA G 254 -42.75 -21.00 62.09
CA ALA G 254 -42.09 -21.65 60.97
C ALA G 254 -42.72 -21.17 59.68
N ILE G 255 -41.96 -21.24 58.60
CA ILE G 255 -42.39 -20.78 57.30
C ILE G 255 -42.06 -21.84 56.26
N ASN G 256 -43.04 -22.19 55.43
CA ASN G 256 -42.89 -23.19 54.38
C ASN G 256 -42.31 -24.50 54.91
N GLY G 257 -42.52 -24.80 56.19
CA GLY G 257 -42.14 -26.09 56.74
C GLY G 257 -40.91 -26.08 57.62
N VAL G 258 -40.05 -25.09 57.50
CA VAL G 258 -38.81 -25.01 58.28
C VAL G 258 -39.03 -24.06 59.45
N THR G 259 -38.64 -24.48 60.64
CA THR G 259 -38.88 -23.72 61.86
C THR G 259 -37.81 -22.65 62.04
N ILE G 260 -38.26 -21.44 62.41
CA ILE G 260 -37.35 -20.32 62.58
C ILE G 260 -37.11 -20.06 64.06
N GLY G 261 -38.18 -19.88 64.82
CA GLY G 261 -38.08 -19.68 66.25
C GLY G 261 -38.58 -18.30 66.65
N LYS G 262 -38.38 -17.99 67.92
CA LYS G 262 -38.89 -16.75 68.50
C LYS G 262 -37.99 -15.58 68.15
N ILE G 263 -38.59 -14.47 67.74
CA ILE G 263 -37.87 -13.27 67.35
C ILE G 263 -38.58 -12.07 67.96
N GLU G 264 -37.85 -11.23 68.68
CA GLU G 264 -38.40 -10.02 69.25
C GLU G 264 -37.98 -8.83 68.40
N TYR G 265 -38.94 -8.14 67.82
CA TYR G 265 -38.67 -7.02 66.93
C TYR G 265 -39.19 -5.72 67.54
N LYS G 266 -38.63 -4.61 67.07
CA LYS G 266 -38.92 -3.30 67.62
C LYS G 266 -40.12 -2.67 66.92
N ASP G 267 -40.35 -1.38 67.15
CA ASP G 267 -41.51 -0.68 66.59
C ASP G 267 -41.50 -0.67 65.08
N GLY G 268 -40.52 -0.01 64.48
CA GLY G 268 -40.43 0.04 63.04
C GLY G 268 -39.53 -1.05 62.52
N ASP G 269 -39.27 -2.04 63.36
CA ASP G 269 -38.23 -3.05 63.11
C ASP G 269 -36.87 -2.37 62.94
N GLY G 270 -36.55 -1.47 63.86
CA GLY G 270 -35.27 -0.79 63.82
C GLY G 270 -34.10 -1.75 63.88
N ASN G 271 -34.29 -2.92 64.49
CA ASN G 271 -33.23 -3.91 64.52
C ASN G 271 -33.03 -4.55 63.16
N GLY G 272 -34.07 -4.64 62.36
CA GLY G 272 -34.00 -5.47 61.17
C GLY G 272 -33.84 -6.94 61.50
N SER G 273 -34.06 -7.31 62.76
CA SER G 273 -33.88 -8.69 63.19
C SER G 273 -34.89 -9.61 62.54
N LEU G 274 -36.15 -9.18 62.45
CA LEU G 274 -37.16 -10.00 61.80
C LEU G 274 -36.79 -10.29 60.35
N ILE G 275 -36.44 -9.25 59.59
CA ILE G 275 -36.10 -9.43 58.19
C ILE G 275 -34.87 -10.31 58.04
N SER G 276 -33.84 -10.04 58.83
CA SER G 276 -32.61 -10.82 58.70
C SER G 276 -32.82 -12.27 59.09
N ALA G 277 -33.63 -12.53 60.12
CA ALA G 277 -33.85 -13.89 60.56
C ALA G 277 -34.73 -14.66 59.59
N ILE G 278 -35.64 -13.99 58.89
CA ILE G 278 -36.39 -14.68 57.86
C ILE G 278 -35.50 -14.94 56.66
N ASN G 279 -34.65 -13.98 56.29
CA ASN G 279 -33.79 -14.15 55.15
C ASN G 279 -32.66 -15.15 55.38
N ALA G 280 -32.33 -15.44 56.63
CA ALA G 280 -31.31 -16.45 56.90
C ALA G 280 -31.65 -17.81 56.30
N VAL G 281 -32.89 -18.04 55.91
CA VAL G 281 -33.30 -19.31 55.32
C VAL G 281 -33.99 -19.05 53.99
N LYS G 282 -33.61 -17.97 53.31
CA LYS G 282 -34.30 -17.58 52.08
C LYS G 282 -34.20 -18.65 51.01
N ASP G 283 -33.02 -19.25 50.85
CA ASP G 283 -32.83 -20.21 49.76
C ASP G 283 -33.27 -21.62 50.14
N THR G 284 -33.65 -21.85 51.39
CA THR G 284 -34.27 -23.11 51.76
C THR G 284 -35.79 -23.02 51.71
N THR G 285 -36.36 -21.91 52.16
CA THR G 285 -37.81 -21.74 52.08
C THR G 285 -38.25 -21.40 50.68
N GLY G 286 -37.69 -20.35 50.10
CA GLY G 286 -38.18 -19.78 48.87
C GLY G 286 -38.82 -18.43 49.03
N VAL G 287 -38.78 -17.85 50.23
CA VAL G 287 -39.41 -16.57 50.51
C VAL G 287 -38.30 -15.55 50.78
N GLN G 288 -38.49 -14.35 50.27
CA GLN G 288 -37.56 -13.25 50.45
C GLN G 288 -38.25 -12.18 51.28
N ALA G 289 -37.78 -11.97 52.50
CA ALA G 289 -38.39 -10.95 53.33
C ALA G 289 -37.77 -9.60 53.07
N SER G 290 -38.58 -8.55 53.21
CA SER G 290 -38.12 -7.20 52.97
C SER G 290 -39.14 -6.23 53.56
N LYS G 291 -38.67 -5.03 53.84
CA LYS G 291 -39.47 -4.01 54.51
C LYS G 291 -39.90 -2.97 53.48
N ASP G 292 -41.20 -2.81 53.31
CA ASP G 292 -41.75 -1.89 52.33
C ASP G 292 -41.37 -0.46 52.68
N GLU G 293 -41.68 0.46 51.75
CA GLU G 293 -41.33 1.86 51.96
C GLU G 293 -42.10 2.46 53.13
N ASN G 294 -43.40 2.19 53.20
CA ASN G 294 -44.23 2.73 54.27
C ASN G 294 -44.08 1.98 55.58
N GLY G 295 -43.11 1.09 55.70
CA GLY G 295 -42.88 0.36 56.93
C GLY G 295 -43.55 -0.99 57.02
N LYS G 296 -44.35 -1.36 56.04
CA LYS G 296 -45.02 -2.65 56.08
C LYS G 296 -44.03 -3.78 55.90
N LEU G 297 -44.50 -5.00 56.11
CA LEU G 297 -43.70 -6.21 55.97
C LEU G 297 -44.10 -6.93 54.70
N VAL G 298 -43.10 -7.33 53.91
CA VAL G 298 -43.34 -7.96 52.61
C VAL G 298 -42.60 -9.29 52.60
N LEU G 299 -43.34 -10.37 52.32
CA LEU G 299 -42.78 -11.71 52.18
C LEU G 299 -43.03 -12.15 50.74
N THR G 300 -42.09 -11.87 49.86
CA THR G 300 -42.23 -12.24 48.46
C THR G 300 -41.52 -13.55 48.19
N SER G 301 -42.00 -14.25 47.17
CA SER G 301 -41.40 -15.50 46.71
C SER G 301 -41.05 -15.37 45.25
N ALA G 302 -39.81 -15.71 44.91
CA ALA G 302 -39.32 -15.51 43.55
C ALA G 302 -40.05 -16.41 42.57
N ASP G 303 -39.93 -17.72 42.74
CA ASP G 303 -40.48 -18.69 41.81
C ASP G 303 -41.87 -19.18 42.19
N GLY G 304 -42.61 -18.42 42.99
CA GLY G 304 -43.99 -18.74 43.30
C GLY G 304 -44.23 -20.10 43.90
N ARG G 305 -43.59 -20.38 45.04
CA ARG G 305 -43.83 -21.63 45.75
C ARG G 305 -44.97 -21.55 46.74
N GLY G 306 -45.47 -20.36 47.03
CA GLY G 306 -46.53 -20.22 48.00
C GLY G 306 -46.00 -20.06 49.40
N ILE G 307 -46.36 -18.97 50.07
CA ILE G 307 -45.93 -18.73 51.44
C ILE G 307 -46.96 -19.32 52.38
N LYS G 308 -46.51 -20.13 53.33
CA LYS G 308 -47.39 -20.76 54.30
C LYS G 308 -46.68 -20.78 55.64
N ILE G 309 -47.00 -19.85 56.51
CA ILE G 309 -46.43 -19.81 57.85
C ILE G 309 -47.32 -20.63 58.77
N THR G 310 -46.69 -21.39 59.66
CA THR G 310 -47.42 -22.28 60.56
C THR G 310 -47.57 -21.70 61.95
N GLY G 311 -46.45 -21.37 62.59
CA GLY G 311 -46.51 -20.78 63.91
C GLY G 311 -47.12 -19.39 63.88
N ASP G 312 -47.23 -18.82 65.07
CA ASP G 312 -47.76 -17.46 65.21
C ASP G 312 -46.64 -16.48 64.89
N ILE G 313 -46.75 -15.79 63.75
CA ILE G 313 -45.77 -14.78 63.40
C ILE G 313 -45.80 -13.63 64.39
N GLY G 314 -46.88 -13.49 65.13
CA GLY G 314 -46.98 -12.41 66.08
C GLY G 314 -47.70 -11.24 65.48
N VAL G 315 -48.96 -11.04 65.88
CA VAL G 315 -49.69 -9.87 65.43
C VAL G 315 -48.93 -8.63 65.90
N GLY G 316 -49.02 -7.55 65.13
CA GLY G 316 -48.11 -6.43 65.25
C GLY G 316 -47.04 -6.45 64.17
N SER G 317 -46.72 -7.62 63.63
CA SER G 317 -45.95 -7.70 62.41
C SER G 317 -46.77 -7.36 61.19
N GLY G 318 -48.07 -7.09 61.35
CA GLY G 318 -48.91 -6.65 60.27
C GLY G 318 -49.60 -7.74 59.49
N ILE G 319 -49.21 -8.99 59.66
CA ILE G 319 -49.72 -10.09 58.85
C ILE G 319 -50.89 -10.71 59.60
N LEU G 320 -52.09 -10.45 59.13
CA LEU G 320 -53.29 -11.02 59.72
C LEU G 320 -53.30 -12.53 59.55
N ALA G 321 -54.07 -13.19 60.41
CA ALA G 321 -54.16 -14.65 60.36
C ALA G 321 -54.72 -15.15 59.03
N ASN G 322 -55.56 -14.36 58.38
CA ASN G 322 -56.16 -14.76 57.11
C ASN G 322 -55.16 -14.79 55.96
N GLN G 323 -53.89 -14.51 56.20
CA GLN G 323 -52.88 -14.53 55.15
C GLN G 323 -51.82 -15.59 55.36
N LYS G 324 -51.93 -16.39 56.42
CA LYS G 324 -50.90 -17.36 56.72
C LYS G 324 -50.77 -18.41 55.62
N GLU G 325 -51.83 -18.63 54.85
CA GLU G 325 -51.79 -19.56 53.71
C GLU G 325 -51.95 -18.73 52.45
N ASN G 326 -50.85 -18.45 51.78
CA ASN G 326 -50.85 -17.60 50.59
C ASN G 326 -50.24 -18.33 49.42
N TYR G 327 -50.79 -18.11 48.22
CA TYR G 327 -50.25 -18.69 47.01
C TYR G 327 -50.25 -17.70 45.85
N GLY G 328 -50.40 -16.41 46.11
CA GLY G 328 -50.32 -15.43 45.04
C GLY G 328 -51.51 -15.52 44.10
N ARG G 329 -51.35 -14.85 42.95
CA ARG G 329 -52.37 -14.82 41.93
C ARG G 329 -51.80 -15.31 40.60
N LEU G 330 -52.72 -15.68 39.71
CA LEU G 330 -52.38 -15.92 38.32
C LEU G 330 -52.78 -14.71 37.49
N SER G 331 -52.17 -14.57 36.32
CA SER G 331 -52.46 -13.43 35.46
C SER G 331 -52.28 -13.87 34.01
N LEU G 332 -53.39 -14.21 33.36
CA LEU G 332 -53.33 -14.56 31.94
C LEU G 332 -53.38 -13.29 31.10
N VAL G 333 -52.74 -13.35 29.93
CA VAL G 333 -52.73 -12.23 28.99
C VAL G 333 -52.87 -12.79 27.59
N LYS G 334 -54.05 -12.66 27.00
CA LYS G 334 -54.25 -13.06 25.63
C LYS G 334 -53.71 -11.98 24.70
N ASN G 335 -53.92 -12.13 23.40
CA ASN G 335 -53.60 -11.07 22.45
C ASN G 335 -54.70 -10.96 21.41
N ASP G 336 -55.95 -11.12 21.82
CA ASP G 336 -57.08 -11.10 20.90
C ASP G 336 -58.21 -10.18 21.31
N GLY G 337 -58.47 -10.00 22.60
CA GLY G 337 -59.57 -9.15 23.02
C GLY G 337 -60.87 -9.86 23.30
N ARG G 338 -60.87 -11.19 23.36
CA ARG G 338 -62.05 -11.96 23.71
C ARG G 338 -61.84 -12.62 25.07
N ASP G 339 -62.94 -12.87 25.77
CA ASP G 339 -62.85 -13.40 27.13
C ASP G 339 -62.21 -14.78 27.12
N ILE G 340 -61.17 -14.95 27.93
CA ILE G 340 -60.65 -16.28 28.19
C ILE G 340 -61.70 -17.05 28.97
N ASN G 341 -62.20 -18.12 28.38
CA ASN G 341 -63.30 -18.89 28.97
C ASN G 341 -62.73 -20.11 29.70
N ILE G 342 -62.01 -19.82 30.78
CA ILE G 342 -61.36 -20.87 31.54
C ILE G 342 -62.38 -21.64 32.36
N SER G 343 -62.33 -22.96 32.29
CA SER G 343 -63.21 -23.83 33.10
C SER G 343 -62.44 -25.11 33.39
N GLY G 344 -61.78 -25.13 34.54
CA GLY G 344 -60.94 -26.25 34.92
C GLY G 344 -61.67 -27.28 35.74
N THR G 345 -60.91 -28.03 36.54
CA THR G 345 -61.45 -29.06 37.42
C THR G 345 -61.43 -28.66 38.88
N ASN G 346 -60.31 -28.13 39.38
CA ASN G 346 -60.18 -27.69 40.76
C ASN G 346 -59.60 -26.28 40.73
N LEU G 347 -60.45 -25.29 40.57
CA LEU G 347 -60.02 -23.93 40.31
C LEU G 347 -59.91 -23.07 41.56
N SER G 348 -60.46 -23.51 42.68
CA SER G 348 -60.33 -22.73 43.91
C SER G 348 -58.87 -22.57 44.33
N ALA G 349 -57.97 -23.37 43.76
CA ALA G 349 -56.57 -23.30 44.13
C ALA G 349 -55.82 -22.20 43.39
N ILE G 350 -56.18 -21.92 42.14
CA ILE G 350 -55.54 -20.84 41.40
C ILE G 350 -56.35 -19.57 41.60
N GLY G 351 -57.33 -19.62 42.49
CA GLY G 351 -58.13 -18.44 42.78
C GLY G 351 -59.04 -18.00 41.67
N MET G 352 -59.55 -18.93 40.88
CA MET G 352 -60.52 -18.62 39.83
C MET G 352 -61.70 -19.55 39.89
N GLY G 353 -62.06 -20.00 41.09
CA GLY G 353 -63.18 -20.91 41.26
C GLY G 353 -64.51 -20.22 41.03
N THR G 354 -65.57 -20.97 41.29
CA THR G 354 -66.93 -20.46 41.15
C THR G 354 -67.36 -19.61 42.33
N THR G 355 -66.42 -19.19 43.17
CA THR G 355 -66.73 -18.33 44.31
C THR G 355 -65.68 -17.24 44.49
N ASP G 356 -64.84 -17.02 43.49
CA ASP G 356 -63.76 -16.04 43.57
C ASP G 356 -64.09 -14.84 42.69
N MET G 357 -63.65 -13.66 43.13
CA MET G 357 -63.85 -12.43 42.38
C MET G 357 -62.62 -12.15 41.55
N ILE G 358 -62.76 -12.18 40.23
CA ILE G 358 -61.64 -11.93 39.33
C ILE G 358 -61.92 -10.67 38.54
N SER G 359 -60.86 -10.07 38.02
CA SER G 359 -60.94 -8.85 37.24
C SER G 359 -60.41 -9.11 35.84
N GLN G 360 -61.15 -8.64 34.85
CA GLN G 360 -60.79 -8.86 33.45
C GLN G 360 -61.20 -7.65 32.64
N SER G 361 -60.39 -7.30 31.65
CA SER G 361 -60.66 -6.15 30.81
C SER G 361 -59.86 -6.29 29.53
N SER G 362 -60.15 -5.39 28.58
CA SER G 362 -59.45 -5.36 27.30
C SER G 362 -59.05 -3.92 27.02
N VAL G 363 -57.80 -3.71 26.62
CA VAL G 363 -57.20 -2.39 26.55
C VAL G 363 -56.70 -2.14 25.14
N SER G 364 -56.88 -0.91 24.67
CA SER G 364 -56.40 -0.49 23.36
C SER G 364 -55.14 0.36 23.53
N LEU G 365 -54.55 0.77 22.41
CA LEU G 365 -53.36 1.61 22.47
C LEU G 365 -53.67 2.95 23.11
N ARG G 366 -54.69 3.65 22.59
CA ARG G 366 -55.10 4.90 23.22
C ARG G 366 -55.50 4.68 24.66
N GLU G 367 -56.20 3.58 24.94
CA GLU G 367 -56.59 3.30 26.32
C GLU G 367 -55.38 3.15 27.22
N SER G 368 -54.26 2.69 26.68
CA SER G 368 -53.03 2.64 27.45
C SER G 368 -52.33 3.98 27.53
N LYS G 369 -52.54 4.84 26.55
CA LYS G 369 -51.87 6.13 26.50
C LYS G 369 -52.26 7.06 27.64
N GLY G 370 -53.36 6.79 28.33
CA GLY G 370 -53.84 7.65 29.38
C GLY G 370 -53.62 7.07 30.76
N GLN G 371 -54.33 7.64 31.74
CA GLN G 371 -54.22 7.19 33.11
C GLN G 371 -54.89 5.83 33.26
N ILE G 372 -54.16 4.86 33.79
CA ILE G 372 -54.66 3.50 33.93
C ILE G 372 -55.70 3.50 35.04
N SER G 373 -56.96 3.21 34.69
CA SER G 373 -58.03 3.22 35.66
C SER G 373 -57.77 2.20 36.77
N ALA G 374 -58.55 2.30 37.84
CA ALA G 374 -58.30 1.48 39.01
C ALA G 374 -58.63 0.01 38.76
N THR G 375 -59.57 -0.28 37.86
CA THR G 375 -59.93 -1.66 37.59
C THR G 375 -58.96 -2.28 36.58
N ASN G 376 -58.71 -1.58 35.47
CA ASN G 376 -57.70 -2.04 34.53
C ASN G 376 -56.36 -2.22 35.22
N ALA G 377 -56.06 -1.40 36.23
CA ALA G 377 -54.82 -1.58 36.98
C ALA G 377 -54.76 -2.97 37.60
N ASP G 378 -55.82 -3.37 38.31
CA ASP G 378 -55.83 -4.70 38.90
C ASP G 378 -55.76 -5.77 37.83
N ALA G 379 -56.46 -5.56 36.71
CA ALA G 379 -56.46 -6.56 35.65
C ALA G 379 -55.07 -6.76 35.04
N MET G 380 -54.27 -5.69 34.96
CA MET G 380 -52.94 -5.82 34.36
C MET G 380 -52.08 -6.78 35.16
N GLY G 381 -52.02 -6.61 36.47
CA GLY G 381 -51.07 -7.35 37.28
C GLY G 381 -50.44 -6.51 38.35
N PHE G 382 -50.87 -5.26 38.50
CA PHE G 382 -50.48 -4.47 39.64
C PHE G 382 -51.08 -5.05 40.92
N ASN G 383 -50.72 -4.45 42.05
CA ASN G 383 -51.45 -4.56 43.31
C ASN G 383 -51.93 -5.97 43.62
N SER G 384 -50.98 -6.88 43.91
CA SER G 384 -51.31 -8.27 44.18
C SER G 384 -52.56 -8.45 45.05
N TYR G 385 -52.57 -7.87 46.24
CA TYR G 385 -53.64 -8.17 47.19
C TYR G 385 -54.95 -7.47 46.82
N LYS G 386 -55.44 -7.79 45.62
CA LYS G 386 -56.79 -7.42 45.17
C LYS G 386 -57.02 -5.92 45.27
N GLY G 387 -56.25 -5.19 44.47
CA GLY G 387 -56.28 -3.75 44.49
C GLY G 387 -55.46 -3.18 45.64
N GLY G 388 -54.74 -2.12 45.34
CA GLY G 388 -53.78 -1.56 46.27
C GLY G 388 -54.35 -0.98 47.53
N GLY G 389 -55.65 -1.08 47.74
CA GLY G 389 -56.26 -0.42 48.88
C GLY G 389 -56.21 -1.26 50.13
N LYS G 390 -57.35 -1.46 50.77
CA LYS G 390 -57.42 -2.26 51.98
C LYS G 390 -57.51 -3.74 51.62
N PHE G 391 -57.16 -4.58 52.58
CA PHE G 391 -57.33 -6.01 52.42
C PHE G 391 -58.80 -6.36 52.62
N VAL G 392 -59.25 -7.42 51.95
CA VAL G 392 -60.66 -7.73 51.84
C VAL G 392 -60.91 -9.12 52.40
N PHE G 393 -61.77 -9.21 53.42
CA PHE G 393 -62.16 -10.47 54.03
C PHE G 393 -63.53 -10.89 53.54
N THR G 394 -63.98 -12.05 54.04
CA THR G 394 -65.38 -12.47 53.92
C THR G 394 -65.87 -13.06 55.24
N GLN G 395 -65.37 -12.56 56.35
CA GLN G 395 -65.61 -13.18 57.66
C GLN G 395 -67.04 -12.90 58.12
N ASN G 396 -67.33 -13.27 59.37
CA ASN G 396 -68.69 -13.26 59.89
C ASN G 396 -68.82 -12.30 61.05
N VAL G 397 -68.29 -11.09 60.91
CA VAL G 397 -68.22 -10.14 62.01
C VAL G 397 -68.94 -8.85 61.62
N SER G 398 -69.66 -8.28 62.58
CA SER G 398 -70.31 -7.00 62.37
C SER G 398 -69.28 -5.89 62.15
N SER G 399 -68.28 -5.81 63.02
CA SER G 399 -67.29 -4.75 62.94
C SER G 399 -66.00 -5.17 63.62
N ILE G 400 -64.95 -4.38 63.40
CA ILE G 400 -63.64 -4.63 64.00
C ILE G 400 -63.74 -4.81 65.50
N SER G 401 -64.66 -4.09 66.14
CA SER G 401 -64.85 -4.20 67.59
C SER G 401 -65.04 -5.65 68.00
N ALA G 402 -65.76 -6.43 67.18
CA ALA G 402 -65.95 -7.84 67.46
C ALA G 402 -64.94 -8.71 66.75
N PHE G 403 -64.38 -8.25 65.62
CA PHE G 403 -63.37 -9.04 64.93
C PHE G 403 -62.14 -9.22 65.77
N MET G 404 -61.79 -8.21 66.58
CA MET G 404 -60.65 -8.35 67.47
C MET G 404 -60.99 -9.25 68.66
N SER G 405 -62.20 -9.12 69.21
CA SER G 405 -62.60 -9.95 70.34
C SER G 405 -62.74 -11.41 69.95
N ALA G 406 -62.96 -11.69 68.66
CA ALA G 406 -63.25 -13.04 68.23
C ALA G 406 -62.05 -13.96 68.45
N GLN G 407 -62.33 -15.26 68.48
CA GLN G 407 -61.33 -16.28 68.69
C GLN G 407 -60.54 -16.51 67.41
N GLY G 408 -59.30 -16.96 67.55
CA GLY G 408 -58.46 -17.22 66.39
C GLY G 408 -57.53 -16.11 65.98
N SER G 409 -58.01 -14.87 65.96
CA SER G 409 -57.15 -13.75 65.65
C SER G 409 -56.16 -13.52 66.79
N GLY G 410 -55.21 -12.61 66.57
CA GLY G 410 -54.22 -12.34 67.58
C GLY G 410 -54.61 -11.22 68.52
N PHE G 411 -55.90 -10.91 68.57
CA PHE G 411 -56.39 -9.77 69.36
C PHE G 411 -57.26 -10.20 70.53
N SER G 412 -57.25 -11.48 70.90
CA SER G 412 -58.10 -11.94 71.98
C SER G 412 -57.73 -11.26 73.29
N ARG G 413 -58.57 -11.47 74.31
CA ARG G 413 -58.34 -10.83 75.59
C ARG G 413 -57.03 -11.30 76.22
N GLY G 414 -56.69 -12.57 76.03
CA GLY G 414 -55.44 -13.06 76.58
C GLY G 414 -54.22 -12.42 75.93
N SER G 415 -54.30 -12.18 74.63
CA SER G 415 -53.20 -11.55 73.92
C SER G 415 -52.98 -10.13 74.44
N GLY G 416 -51.78 -9.61 74.19
CA GLY G 416 -51.45 -8.28 74.63
C GLY G 416 -52.10 -7.18 73.82
N PHE G 417 -52.40 -7.46 72.55
CA PHE G 417 -52.87 -6.44 71.62
C PHE G 417 -54.39 -6.32 71.61
N SER G 418 -55.00 -6.21 72.78
CA SER G 418 -56.45 -6.08 72.81
C SER G 418 -56.84 -4.62 72.68
N VAL G 419 -58.12 -4.38 72.39
CA VAL G 419 -58.61 -3.03 72.28
C VAL G 419 -58.54 -2.36 73.64
N GLY G 420 -57.87 -1.21 73.70
CA GLY G 420 -57.67 -0.54 74.97
C GLY G 420 -56.40 -0.90 75.68
N SER G 421 -55.29 -1.06 74.96
CA SER G 421 -54.02 -1.45 75.56
C SER G 421 -52.86 -0.60 75.06
N GLY G 422 -53.13 0.60 74.56
CA GLY G 422 -52.10 1.49 74.10
C GLY G 422 -51.54 1.17 72.73
N LYS G 423 -51.62 -0.09 72.30
CA LYS G 423 -51.11 -0.44 70.97
C LYS G 423 -51.94 0.23 69.87
N ASN G 424 -53.24 0.37 70.09
CA ASN G 424 -54.13 1.10 69.19
C ASN G 424 -54.13 0.48 67.78
N LEU G 425 -54.16 -0.85 67.73
CA LEU G 425 -54.18 -1.53 66.45
C LEU G 425 -55.52 -1.39 65.75
N SER G 426 -56.55 -0.93 66.45
CA SER G 426 -57.80 -0.60 65.78
C SER G 426 -57.58 0.52 64.77
N VAL G 427 -56.74 1.50 65.11
CA VAL G 427 -56.44 2.59 64.19
C VAL G 427 -55.81 2.03 62.92
N GLY G 428 -54.98 1.00 63.06
CA GLY G 428 -54.36 0.41 61.89
C GLY G 428 -55.35 -0.40 61.07
N LEU G 429 -56.14 -1.24 61.73
CA LEU G 429 -57.10 -2.08 61.00
C LEU G 429 -58.12 -1.23 60.26
N SER G 430 -58.56 -0.12 60.87
CA SER G 430 -59.50 0.77 60.20
C SER G 430 -58.94 1.34 58.91
N GLN G 431 -57.62 1.36 58.77
CA GLN G 431 -56.96 1.78 57.54
C GLN G 431 -56.22 0.55 56.99
N GLY G 432 -56.95 -0.30 56.29
CA GLY G 432 -56.32 -1.47 55.72
C GLY G 432 -57.12 -2.76 55.81
N ILE G 433 -58.29 -2.70 56.44
CA ILE G 433 -59.16 -3.87 56.55
C ILE G 433 -60.54 -3.50 56.05
N GLN G 434 -61.13 -4.36 55.23
CA GLN G 434 -62.51 -4.18 54.76
C GLN G 434 -63.22 -5.53 54.89
N ILE G 435 -63.86 -5.75 56.02
CA ILE G 435 -64.52 -7.02 56.28
C ILE G 435 -65.87 -7.03 55.58
N ILE G 436 -66.10 -8.04 54.75
CA ILE G 436 -67.41 -8.25 54.15
C ILE G 436 -68.25 -9.10 55.09
N SER G 437 -69.49 -8.68 55.32
CA SER G 437 -70.34 -9.38 56.28
C SER G 437 -70.66 -10.79 55.80
N SER G 438 -71.17 -10.92 54.58
CA SER G 438 -71.58 -12.22 54.06
C SER G 438 -71.43 -12.22 52.55
N ALA G 439 -70.84 -13.27 52.01
CA ALA G 439 -70.60 -13.34 50.58
C ALA G 439 -71.89 -13.40 49.78
N ALA G 440 -73.02 -13.70 50.42
CA ALA G 440 -74.28 -13.75 49.70
C ALA G 440 -74.72 -12.38 49.24
N SER G 441 -74.52 -11.36 50.07
CA SER G 441 -74.94 -9.99 49.75
C SER G 441 -73.79 -9.06 50.11
N MET G 442 -73.08 -8.56 49.10
CA MET G 442 -72.00 -7.60 49.31
C MET G 442 -72.10 -6.55 48.21
N SER G 443 -72.84 -5.48 48.49
CA SER G 443 -72.88 -4.32 47.61
C SER G 443 -72.13 -3.13 48.18
N ASN G 444 -71.75 -3.18 49.46
CA ASN G 444 -70.98 -2.10 50.07
C ASN G 444 -69.51 -2.16 49.69
N THR G 445 -69.08 -3.18 48.94
CA THR G 445 -67.67 -3.31 48.59
C THR G 445 -67.50 -3.43 47.08
N TYR G 446 -68.45 -4.09 46.41
CA TYR G 446 -68.41 -4.25 44.97
C TYR G 446 -69.63 -3.59 44.36
N VAL G 447 -69.48 -3.12 43.13
CA VAL G 447 -70.60 -2.53 42.40
C VAL G 447 -71.44 -3.67 41.84
N VAL G 448 -72.45 -4.09 42.61
CA VAL G 448 -73.18 -5.30 42.30
C VAL G 448 -74.68 -5.01 42.37
N SER G 449 -75.04 -3.72 42.38
CA SER G 449 -76.43 -3.33 42.57
C SER G 449 -77.28 -3.76 41.39
N ALA G 450 -78.59 -3.52 41.50
CA ALA G 450 -79.54 -4.05 40.53
C ALA G 450 -79.33 -3.44 39.15
N GLY G 451 -79.09 -2.13 39.09
CA GLY G 451 -78.92 -1.49 37.79
C GLY G 451 -77.72 -1.99 37.01
N SER G 452 -76.65 -2.34 37.72
CA SER G 452 -75.46 -2.85 37.07
C SER G 452 -75.74 -4.19 36.40
N GLY G 453 -74.90 -4.53 35.43
CA GLY G 453 -74.99 -5.83 34.79
C GLY G 453 -74.37 -6.95 35.58
N PHE G 454 -74.02 -6.71 36.85
CA PHE G 454 -73.36 -7.70 37.67
C PHE G 454 -74.23 -8.18 38.83
N SER G 455 -75.54 -7.95 38.74
CA SER G 455 -76.47 -8.36 39.77
C SER G 455 -76.25 -9.82 40.17
N SER G 456 -76.21 -10.07 41.48
CA SER G 456 -76.07 -11.43 41.97
C SER G 456 -77.20 -12.31 41.48
N GLY G 457 -76.85 -13.41 40.82
CA GLY G 457 -77.83 -14.29 40.23
C GLY G 457 -78.16 -13.98 38.79
N SER G 458 -77.44 -13.04 38.16
CA SER G 458 -77.63 -12.71 36.76
C SER G 458 -76.40 -13.06 35.93
N GLY G 459 -75.51 -13.89 36.46
CA GLY G 459 -74.25 -14.15 35.81
C GLY G 459 -73.32 -12.97 35.98
N ASN G 460 -72.04 -13.17 35.66
CA ASN G 460 -71.02 -12.13 35.73
C ASN G 460 -70.77 -11.63 37.14
N SER G 461 -71.44 -12.21 38.15
CA SER G 461 -71.31 -11.71 39.51
C SER G 461 -69.90 -11.82 40.05
N GLN G 462 -69.04 -12.63 39.43
CA GLN G 462 -67.66 -12.77 39.88
C GLN G 462 -66.72 -11.83 39.14
N PHE G 463 -67.26 -10.84 38.45
CA PHE G 463 -66.44 -9.85 37.75
C PHE G 463 -66.73 -8.43 38.18
N ALA G 464 -67.57 -8.23 39.19
CA ALA G 464 -67.96 -6.89 39.59
C ALA G 464 -66.74 -6.08 40.05
N ALA G 465 -66.76 -4.80 39.74
CA ALA G 465 -65.64 -3.93 40.06
C ALA G 465 -65.65 -3.57 41.54
N LEU G 466 -64.47 -3.30 42.08
CA LEU G 466 -64.35 -2.91 43.47
C LEU G 466 -64.81 -1.47 43.64
N LYS G 467 -65.17 -1.10 44.87
CA LYS G 467 -65.69 0.23 45.13
C LYS G 467 -64.59 1.13 45.68
N THR G 468 -64.43 2.29 45.05
CA THR G 468 -63.33 3.19 45.37
C THR G 468 -63.47 3.77 46.78
N THR G 469 -64.68 3.78 47.34
CA THR G 469 -64.84 4.26 48.71
C THR G 469 -64.71 3.14 49.72
N ALA G 470 -65.16 1.94 49.38
CA ALA G 470 -64.95 0.78 50.23
C ALA G 470 -63.46 0.50 50.40
N ALA G 471 -62.77 0.25 49.29
CA ALA G 471 -61.32 0.16 49.32
C ALA G 471 -60.75 1.56 49.13
N ASN G 472 -59.46 1.65 48.87
CA ASN G 472 -58.82 2.91 48.52
C ASN G 472 -58.15 2.81 47.16
N THR G 473 -58.83 2.17 46.21
CA THR G 473 -58.26 1.93 44.90
C THR G 473 -58.06 3.24 44.15
N THR G 474 -56.81 3.67 44.04
CA THR G 474 -56.46 4.85 43.27
C THR G 474 -55.80 4.41 41.97
N ASP G 475 -55.90 5.26 40.96
CA ASP G 475 -55.35 4.93 39.65
C ASP G 475 -53.83 4.86 39.72
N GLU G 476 -53.25 4.26 38.70
CA GLU G 476 -51.81 4.24 38.52
C GLU G 476 -51.41 5.29 37.48
N THR G 477 -50.14 5.65 37.50
CA THR G 477 -49.64 6.65 36.58
C THR G 477 -49.82 6.19 35.14
N ALA G 478 -49.85 7.15 34.23
CA ALA G 478 -50.37 6.93 32.89
C ALA G 478 -49.36 6.17 32.05
N GLY G 479 -49.70 4.95 31.67
CA GLY G 479 -49.01 4.25 30.61
C GLY G 479 -47.67 3.67 31.05
N VAL G 480 -46.65 3.87 30.22
CA VAL G 480 -45.37 3.20 30.35
C VAL G 480 -44.58 3.78 31.52
N THR G 481 -45.13 4.78 32.19
CA THR G 481 -44.41 5.41 33.29
C THR G 481 -44.35 4.54 34.53
N THR G 482 -44.83 3.30 34.48
CA THR G 482 -44.71 2.36 35.58
C THR G 482 -44.27 1.02 35.03
N LEU G 483 -43.67 0.20 35.90
CA LEU G 483 -43.05 -1.04 35.46
C LEU G 483 -44.06 -1.98 34.82
N LYS G 484 -45.05 -2.42 35.60
CA LYS G 484 -46.08 -3.30 35.05
C LYS G 484 -46.80 -2.66 33.89
N GLY G 485 -47.01 -1.35 33.95
CA GLY G 485 -47.57 -0.65 32.80
C GLY G 485 -46.71 -0.80 31.57
N ALA G 486 -45.39 -0.74 31.75
CA ALA G 486 -44.48 -0.90 30.62
C ALA G 486 -44.60 -2.30 30.04
N MET G 487 -44.58 -3.30 30.90
CA MET G 487 -44.68 -4.68 30.41
C MET G 487 -46.05 -4.97 29.82
N ALA G 488 -47.06 -4.16 30.13
CA ALA G 488 -48.35 -4.33 29.46
C ALA G 488 -48.35 -3.64 28.10
N VAL G 489 -47.80 -2.44 28.02
CA VAL G 489 -47.67 -1.75 26.74
C VAL G 489 -46.87 -2.60 25.78
N MET G 490 -45.92 -3.38 26.29
CA MET G 490 -45.18 -4.31 25.43
C MET G 490 -46.12 -5.24 24.70
N ASP G 491 -47.05 -5.88 25.42
CA ASP G 491 -47.98 -6.81 24.78
C ASP G 491 -48.95 -6.07 23.88
N ILE G 492 -49.37 -4.87 24.27
CA ILE G 492 -50.29 -4.13 23.42
C ILE G 492 -49.63 -3.82 22.07
N ALA G 493 -48.35 -3.45 22.08
CA ALA G 493 -47.65 -3.23 20.82
C ALA G 493 -47.45 -4.53 20.05
N GLU G 494 -47.13 -5.61 20.76
CA GLU G 494 -46.97 -6.91 20.10
C GLU G 494 -48.26 -7.35 19.43
N THR G 495 -49.40 -6.95 19.97
CA THR G 495 -50.67 -7.29 19.35
C THR G 495 -50.98 -6.36 18.18
N ALA G 496 -50.67 -5.07 18.33
CA ALA G 496 -50.89 -4.13 17.24
C ALA G 496 -50.11 -4.54 16.00
N ILE G 497 -48.87 -5.00 16.20
CA ILE G 497 -48.08 -5.46 15.07
C ILE G 497 -48.80 -6.58 14.32
N THR G 498 -49.33 -7.55 15.06
CA THR G 498 -50.04 -8.66 14.44
C THR G 498 -51.26 -8.17 13.67
N ASN G 499 -52.03 -7.26 14.27
CA ASN G 499 -53.22 -6.76 13.61
C ASN G 499 -52.87 -6.09 12.29
N LEU G 500 -51.85 -5.24 12.29
CA LEU G 500 -51.49 -4.55 11.06
C LEU G 500 -50.92 -5.51 10.03
N ASP G 501 -50.19 -6.53 10.47
CA ASP G 501 -49.74 -7.54 9.53
C ASP G 501 -50.91 -8.23 8.86
N GLN G 502 -51.95 -8.55 9.63
CA GLN G 502 -53.12 -9.20 9.04
C GLN G 502 -53.79 -8.29 8.01
N ILE G 503 -53.94 -7.01 8.35
CA ILE G 503 -54.59 -6.10 7.40
C ILE G 503 -53.76 -5.95 6.13
N ARG G 504 -52.45 -5.81 6.28
CA ARG G 504 -51.58 -5.69 5.12
C ARG G 504 -51.61 -6.95 4.27
N ALA G 505 -51.68 -8.12 4.90
CA ALA G 505 -51.83 -9.36 4.16
C ALA G 505 -53.13 -9.41 3.38
N ASP G 506 -54.22 -8.87 3.95
CA ASP G 506 -55.46 -8.79 3.19
C ASP G 506 -55.29 -7.92 1.95
N ILE G 507 -54.65 -6.76 2.12
CA ILE G 507 -54.42 -5.89 0.97
C ILE G 507 -53.62 -6.61 -0.11
N ALA G 508 -52.56 -7.31 0.29
CA ALA G 508 -51.75 -8.03 -0.68
C ALA G 508 -52.55 -9.12 -1.37
N SER G 509 -53.39 -9.83 -0.61
CA SER G 509 -54.19 -10.90 -1.20
C SER G 509 -55.14 -10.36 -2.25
N ILE G 510 -55.67 -9.15 -2.04
CA ILE G 510 -56.51 -8.55 -3.07
C ILE G 510 -55.68 -8.14 -4.27
N GLN G 511 -54.50 -7.57 -4.01
CA GLN G 511 -53.68 -7.02 -5.09
C GLN G 511 -53.22 -8.10 -6.07
N ASN G 512 -52.84 -9.27 -5.55
CA ASN G 512 -52.41 -10.33 -6.46
C ASN G 512 -53.54 -10.79 -7.37
N GLN G 513 -54.74 -10.94 -6.83
CA GLN G 513 -55.88 -11.32 -7.66
C GLN G 513 -56.15 -10.27 -8.72
N VAL G 514 -56.05 -9.00 -8.36
CA VAL G 514 -56.25 -7.94 -9.35
C VAL G 514 -55.22 -8.07 -10.46
N THR G 515 -53.97 -8.35 -10.11
CA THR G 515 -52.94 -8.49 -11.12
C THR G 515 -53.25 -9.64 -12.08
N SER G 516 -53.70 -10.77 -11.55
CA SER G 516 -54.03 -11.89 -12.42
C SER G 516 -55.20 -11.53 -13.34
N THR G 517 -56.23 -10.87 -12.80
CA THR G 517 -57.33 -10.41 -13.65
C THR G 517 -56.82 -9.53 -14.77
N ILE G 518 -55.90 -8.62 -14.46
CA ILE G 518 -55.41 -7.69 -15.47
C ILE G 518 -54.69 -8.44 -16.58
N ASN G 519 -53.86 -9.43 -16.22
CA ASN G 519 -53.18 -10.20 -17.24
C ASN G 519 -54.18 -10.93 -18.14
N ASN G 520 -55.16 -11.60 -17.54
CA ASN G 520 -56.11 -12.35 -18.34
C ASN G 520 -56.92 -11.44 -19.25
N ILE G 521 -57.30 -10.27 -18.75
CA ILE G 521 -58.07 -9.34 -19.58
C ILE G 521 -57.22 -8.79 -20.70
N THR G 522 -55.94 -8.52 -20.43
CA THR G 522 -55.06 -8.01 -21.47
C THR G 522 -54.92 -9.01 -22.61
N VAL G 523 -54.90 -10.30 -22.30
CA VAL G 523 -54.84 -11.28 -23.37
C VAL G 523 -56.18 -11.41 -24.08
N THR G 524 -57.26 -11.49 -23.31
CA THR G 524 -58.58 -11.69 -23.90
C THR G 524 -58.98 -10.52 -24.81
N GLN G 525 -58.57 -9.30 -24.47
CA GLN G 525 -58.93 -8.17 -25.30
C GLN G 525 -58.27 -8.28 -26.67
N VAL G 526 -57.02 -8.69 -26.71
CA VAL G 526 -56.34 -8.87 -27.99
C VAL G 526 -57.04 -9.94 -28.81
N ASN G 527 -57.39 -11.06 -28.17
CA ASN G 527 -58.06 -12.11 -28.91
C ASN G 527 -59.41 -11.64 -29.46
N VAL G 528 -60.17 -10.90 -28.66
CA VAL G 528 -61.46 -10.41 -29.10
C VAL G 528 -61.29 -9.42 -30.24
N LYS G 529 -60.29 -8.55 -30.15
CA LYS G 529 -60.06 -7.58 -31.20
C LYS G 529 -59.69 -8.27 -32.51
N ALA G 530 -58.84 -9.29 -32.46
CA ALA G 530 -58.52 -10.02 -33.68
C ALA G 530 -59.75 -10.72 -34.25
N ALA G 531 -60.58 -11.30 -33.38
CA ALA G 531 -61.79 -11.96 -33.86
C ALA G 531 -62.75 -10.97 -34.50
N GLU G 532 -62.80 -9.74 -33.99
CA GLU G 532 -63.62 -8.71 -34.62
C GLU G 532 -63.06 -8.31 -35.96
N SER G 533 -61.74 -8.12 -36.04
CA SER G 533 -61.11 -7.77 -37.29
C SER G 533 -61.38 -8.81 -38.35
N GLN G 534 -61.40 -10.09 -37.97
CA GLN G 534 -61.65 -11.14 -38.94
C GLN G 534 -63.01 -11.01 -39.60
N ILE G 535 -63.97 -10.38 -38.93
CA ILE G 535 -65.32 -10.26 -39.45
C ILE G 535 -65.54 -8.92 -40.15
N ARG G 536 -64.96 -7.84 -39.63
CA ARG G 536 -65.31 -6.51 -40.09
C ARG G 536 -64.43 -6.00 -41.22
N ASP G 537 -63.11 -6.05 -41.07
CA ASP G 537 -62.25 -5.37 -42.02
C ASP G 537 -62.10 -6.17 -43.30
N VAL G 538 -61.67 -5.48 -44.35
CA VAL G 538 -61.45 -6.08 -45.66
C VAL G 538 -59.96 -6.34 -45.80
N ASP G 539 -59.63 -7.36 -46.58
CA ASP G 539 -58.25 -7.70 -46.88
C ASP G 539 -57.87 -7.14 -48.25
N PHE G 540 -56.98 -6.15 -48.25
CA PHE G 540 -56.61 -5.48 -49.48
C PHE G 540 -56.06 -6.44 -50.53
N ALA G 541 -55.51 -7.58 -50.11
CA ALA G 541 -55.09 -8.60 -51.07
C ALA G 541 -56.19 -8.90 -52.07
N SER G 542 -57.32 -9.39 -51.57
CA SER G 542 -58.44 -9.71 -52.45
C SER G 542 -59.16 -8.47 -52.94
N GLU G 543 -59.13 -7.39 -52.14
CA GLU G 543 -59.89 -6.22 -52.52
C GLU G 543 -59.33 -5.55 -53.76
N SER G 544 -58.00 -5.41 -53.83
CA SER G 544 -57.39 -4.82 -55.00
C SER G 544 -57.58 -5.68 -56.24
N ALA G 545 -57.57 -7.00 -56.08
CA ALA G 545 -57.89 -7.88 -57.20
C ALA G 545 -59.29 -7.65 -57.71
N ASN G 546 -60.27 -7.64 -56.80
CA ASN G 546 -61.65 -7.35 -57.20
C ASN G 546 -61.75 -6.01 -57.91
N TYR G 547 -61.08 -4.99 -57.38
CA TYR G 547 -61.19 -3.66 -57.95
C TYR G 547 -60.61 -3.60 -59.35
N SER G 548 -59.41 -4.13 -59.54
CA SER G 548 -58.79 -4.09 -60.85
C SER G 548 -59.59 -4.90 -61.86
N LYS G 549 -60.10 -6.07 -61.43
CA LYS G 549 -60.92 -6.87 -62.32
C LYS G 549 -62.17 -6.11 -62.76
N ALA G 550 -62.85 -5.47 -61.79
CA ALA G 550 -64.03 -4.68 -62.13
C ALA G 550 -63.69 -3.50 -63.03
N ASN G 551 -62.51 -2.92 -62.87
CA ASN G 551 -62.12 -1.80 -63.71
C ASN G 551 -61.90 -2.24 -65.15
N ILE G 552 -61.20 -3.35 -65.35
CA ILE G 552 -61.02 -3.86 -66.71
C ILE G 552 -62.37 -4.23 -67.32
N LEU G 553 -63.25 -4.84 -66.52
CA LEU G 553 -64.59 -5.13 -67.01
C LEU G 553 -65.33 -3.86 -67.41
N ALA G 554 -65.14 -2.78 -66.65
CA ALA G 554 -65.78 -1.52 -66.99
C ALA G 554 -65.30 -1.00 -68.34
N GLN G 555 -63.99 -1.06 -68.58
CA GLN G 555 -63.48 -0.63 -69.88
C GLN G 555 -64.05 -1.48 -71.01
N SER G 556 -64.07 -2.80 -70.82
CA SER G 556 -64.63 -3.67 -71.84
C SER G 556 -66.10 -3.36 -72.11
N GLY G 557 -66.88 -3.16 -71.04
CA GLY G 557 -68.29 -2.86 -71.22
C GLY G 557 -68.52 -1.54 -71.91
N SER G 558 -67.66 -0.56 -71.64
CA SER G 558 -67.77 0.72 -72.34
C SER G 558 -67.50 0.56 -73.83
N TYR G 559 -66.47 -0.21 -74.18
CA TYR G 559 -66.24 -0.50 -75.60
C TYR G 559 -67.44 -1.21 -76.21
N ALA G 560 -68.05 -2.13 -75.49
CA ALA G 560 -69.20 -2.84 -76.01
C ALA G 560 -70.38 -1.90 -76.24
N MET G 561 -70.58 -0.95 -75.32
CA MET G 561 -71.67 0.01 -75.51
C MET G 561 -71.41 0.89 -76.72
N ALA G 562 -70.18 1.37 -76.89
CA ALA G 562 -69.88 2.19 -78.06
C ALA G 562 -70.15 1.42 -79.34
N GLN G 563 -69.69 0.18 -79.42
CA GLN G 563 -69.92 -0.61 -80.62
C GLN G 563 -71.40 -0.90 -80.83
N ALA G 564 -72.15 -1.11 -79.75
CA ALA G 564 -73.58 -1.35 -79.89
C ALA G 564 -74.27 -0.14 -80.48
N ASN G 565 -73.95 1.05 -79.99
CA ASN G 565 -74.53 2.26 -80.56
C ASN G 565 -74.16 2.41 -82.02
N SER G 566 -72.93 2.07 -82.38
CA SER G 566 -72.49 2.22 -83.76
C SER G 566 -73.01 1.12 -84.68
N SER G 567 -73.54 0.03 -84.14
CA SER G 567 -73.87 -1.14 -84.95
C SER G 567 -74.99 -0.93 -85.96
N GLN G 568 -75.60 0.25 -86.01
CA GLN G 568 -76.70 0.48 -86.93
C GLN G 568 -76.37 1.42 -88.08
N GLN G 569 -75.13 1.87 -88.19
CA GLN G 569 -74.77 2.74 -89.29
C GLN G 569 -74.93 2.06 -90.65
N ASN G 570 -74.91 0.72 -90.68
CA ASN G 570 -74.92 0.01 -91.94
C ASN G 570 -76.24 0.15 -92.69
N VAL G 571 -77.31 0.54 -92.01
CA VAL G 571 -78.60 0.64 -92.68
C VAL G 571 -78.58 1.73 -93.74
N LEU G 572 -77.88 2.83 -93.47
CA LEU G 572 -77.87 3.95 -94.40
C LEU G 572 -77.37 3.55 -95.79
N ARG G 573 -76.57 2.50 -95.88
CA ARG G 573 -76.10 2.07 -97.19
C ARG G 573 -77.24 1.59 -98.07
N LEU G 574 -78.31 1.07 -97.47
CA LEU G 574 -79.48 0.69 -98.26
C LEU G 574 -80.24 1.93 -98.70
N LEU G 575 -80.45 2.87 -97.79
CA LEU G 575 -81.27 4.04 -98.09
C LEU G 575 -80.62 4.91 -99.14
N GLN G 576 -79.33 5.17 -99.01
CA GLN G 576 -78.63 6.06 -99.93
C GLN G 576 -78.75 5.60 -101.38
N PHE H 3 -31.55 -10.37 -81.39
CA PHE H 3 -32.76 -9.55 -81.42
C PHE H 3 -33.99 -10.44 -81.42
N ARG H 4 -33.76 -11.75 -81.50
CA ARG H 4 -34.85 -12.71 -81.46
C ARG H 4 -35.21 -13.00 -80.02
N ILE H 5 -36.48 -12.83 -79.69
CA ILE H 5 -36.95 -13.01 -78.35
C ILE H 5 -37.52 -14.42 -78.22
N ASN H 6 -37.84 -14.80 -76.99
CA ASN H 6 -38.27 -16.11 -76.47
C ASN H 6 -37.11 -17.04 -76.19
N THR H 7 -35.87 -16.66 -76.48
CA THR H 7 -34.72 -17.45 -76.06
C THR H 7 -33.59 -16.55 -75.60
N ASN H 8 -33.90 -15.61 -74.70
CA ASN H 8 -32.91 -14.69 -74.16
C ASN H 8 -31.66 -15.43 -73.71
N VAL H 9 -30.53 -15.14 -74.35
CA VAL H 9 -29.29 -15.87 -74.07
C VAL H 9 -28.46 -15.14 -73.03
N ALA H 10 -28.44 -13.81 -73.06
CA ALA H 10 -27.73 -13.06 -72.05
C ALA H 10 -28.27 -13.35 -70.66
N ALA H 11 -29.57 -13.60 -70.54
CA ALA H 11 -30.13 -13.96 -69.24
C ALA H 11 -29.56 -15.26 -68.73
N LEU H 12 -29.49 -16.28 -69.60
CA LEU H 12 -28.93 -17.56 -69.18
C LEU H 12 -27.46 -17.44 -68.82
N ASN H 13 -26.72 -16.66 -69.60
CA ASN H 13 -25.29 -16.49 -69.30
C ASN H 13 -25.10 -15.81 -67.95
N ALA H 14 -25.82 -14.71 -67.72
CA ALA H 14 -25.72 -14.02 -66.44
C ALA H 14 -26.16 -14.91 -65.29
N LYS H 15 -27.18 -15.74 -65.51
CA LYS H 15 -27.62 -16.64 -64.46
C LYS H 15 -26.55 -17.66 -64.12
N ALA H 16 -25.89 -18.22 -65.13
CA ALA H 16 -24.82 -19.17 -64.89
C ALA H 16 -23.71 -18.54 -64.05
N ASN H 17 -23.25 -17.35 -64.47
CA ASN H 17 -22.16 -16.70 -63.75
C ASN H 17 -22.58 -16.37 -62.32
N SER H 18 -23.79 -15.82 -62.14
CA SER H 18 -24.23 -15.45 -60.82
C SER H 18 -24.40 -16.66 -59.92
N ASP H 19 -24.82 -17.80 -60.48
CA ASP H 19 -24.96 -18.99 -59.67
C ASP H 19 -23.61 -19.52 -59.23
N LEU H 20 -22.63 -19.51 -60.12
CA LEU H 20 -21.28 -19.87 -59.71
C LEU H 20 -20.78 -18.98 -58.58
N ASN H 21 -21.02 -17.68 -58.70
CA ASN H 21 -20.55 -16.78 -57.66
C ASN H 21 -21.30 -17.00 -56.35
N ALA H 22 -22.60 -17.30 -56.42
CA ALA H 22 -23.34 -17.59 -55.20
C ALA H 22 -22.80 -18.83 -54.52
N LYS H 23 -22.42 -19.84 -55.30
CA LYS H 23 -21.76 -21.01 -54.73
C LYS H 23 -20.50 -20.62 -53.99
N SER H 24 -19.66 -19.79 -54.62
CA SER H 24 -18.43 -19.35 -53.97
C SER H 24 -18.71 -18.57 -52.69
N LEU H 25 -19.69 -17.68 -52.71
CA LEU H 25 -20.03 -16.90 -51.53
C LEU H 25 -20.52 -17.80 -50.40
N ASP H 26 -21.36 -18.78 -50.73
CA ASP H 26 -21.85 -19.71 -49.72
C ASP H 26 -20.69 -20.47 -49.08
N ALA H 27 -19.75 -20.94 -49.89
CA ALA H 27 -18.61 -21.66 -49.34
C ALA H 27 -17.79 -20.76 -48.41
N SER H 28 -17.51 -19.54 -48.86
CA SER H 28 -16.76 -18.61 -48.02
C SER H 28 -17.47 -18.32 -46.70
N LEU H 29 -18.79 -18.18 -46.75
CA LEU H 29 -19.55 -17.90 -45.53
C LEU H 29 -19.51 -19.09 -44.58
N SER H 30 -19.59 -20.31 -45.12
CA SER H 30 -19.50 -21.48 -44.25
C SER H 30 -18.14 -21.55 -43.59
N ARG H 31 -17.07 -21.25 -44.34
CA ARG H 31 -15.76 -21.21 -43.71
C ARG H 31 -15.69 -20.16 -42.62
N LEU H 32 -16.20 -18.97 -42.89
CA LEU H 32 -16.21 -17.90 -41.89
C LEU H 32 -16.97 -18.30 -40.64
N SER H 33 -18.07 -19.02 -40.80
CA SER H 33 -18.86 -19.42 -39.65
C SER H 33 -18.17 -20.51 -38.84
N SER H 34 -17.84 -21.64 -39.49
CA SER H 34 -17.29 -22.76 -38.76
C SER H 34 -15.94 -22.43 -38.15
N GLY H 35 -15.14 -21.62 -38.85
CA GLY H 35 -13.82 -21.28 -38.37
C GLY H 35 -12.72 -22.22 -38.83
N LEU H 36 -13.03 -23.15 -39.73
CA LEU H 36 -12.05 -24.08 -40.25
C LEU H 36 -11.93 -23.91 -41.76
N ARG H 37 -10.76 -24.24 -42.30
CA ARG H 37 -10.55 -24.15 -43.73
C ARG H 37 -11.04 -25.38 -44.47
N ILE H 38 -11.10 -26.53 -43.80
CA ILE H 38 -11.58 -27.76 -44.38
C ILE H 38 -12.76 -28.25 -43.55
N ASN H 39 -13.97 -28.01 -44.06
CA ASN H 39 -15.19 -28.41 -43.37
C ASN H 39 -15.71 -29.75 -43.86
N SER H 40 -15.93 -29.88 -45.16
CA SER H 40 -16.53 -31.08 -45.73
C SER H 40 -15.51 -32.07 -46.24
N ALA H 41 -14.22 -31.82 -46.02
CA ALA H 41 -13.14 -32.70 -46.46
C ALA H 41 -13.18 -32.98 -47.96
N ALA H 42 -13.93 -32.18 -48.71
CA ALA H 42 -13.97 -32.29 -50.16
C ALA H 42 -13.11 -31.25 -50.85
N ASP H 43 -12.52 -30.33 -50.09
CA ASP H 43 -11.63 -29.34 -50.66
C ASP H 43 -10.16 -29.68 -50.45
N ASP H 44 -9.83 -30.53 -49.47
CA ASP H 44 -8.45 -30.96 -49.29
C ASP H 44 -8.47 -32.33 -48.61
N ALA H 45 -8.35 -33.39 -49.42
CA ALA H 45 -8.39 -34.75 -48.89
C ALA H 45 -7.15 -35.04 -48.07
N SER H 46 -5.97 -34.85 -48.65
CA SER H 46 -4.74 -35.11 -47.92
C SER H 46 -4.57 -34.13 -46.77
N GLY H 47 -5.05 -32.91 -46.94
CA GLY H 47 -5.08 -31.99 -45.81
C GLY H 47 -5.88 -32.56 -44.65
N MET H 48 -7.07 -33.09 -44.95
CA MET H 48 -7.87 -33.71 -43.90
C MET H 48 -7.14 -34.88 -43.28
N ALA H 49 -6.45 -35.68 -44.10
CA ALA H 49 -5.77 -36.86 -43.57
C ALA H 49 -4.65 -36.46 -42.62
N ILE H 50 -3.78 -35.54 -43.04
CA ILE H 50 -2.68 -35.11 -42.20
C ILE H 50 -3.21 -34.42 -40.95
N ALA H 51 -4.25 -33.60 -41.09
CA ALA H 51 -4.79 -32.90 -39.94
C ALA H 51 -5.39 -33.87 -38.95
N ASP H 52 -6.04 -34.93 -39.43
CA ASP H 52 -6.61 -35.91 -38.51
C ASP H 52 -5.53 -36.71 -37.82
N SER H 53 -4.46 -37.07 -38.53
CA SER H 53 -3.36 -37.75 -37.87
C SER H 53 -2.72 -36.86 -36.81
N LEU H 54 -2.53 -35.57 -37.12
CA LEU H 54 -1.92 -34.67 -36.16
C LEU H 54 -2.83 -34.43 -34.97
N ARG H 55 -4.15 -34.37 -35.20
CA ARG H 55 -5.07 -34.21 -34.08
C ARG H 55 -5.08 -35.43 -33.18
N SER H 56 -5.04 -36.62 -33.78
CA SER H 56 -4.88 -37.84 -32.99
C SER H 56 -3.61 -37.79 -32.17
N GLN H 57 -2.50 -37.39 -32.77
CA GLN H 57 -1.24 -37.33 -32.04
C GLN H 57 -1.29 -36.31 -30.91
N ALA H 58 -1.92 -35.15 -31.15
CA ALA H 58 -2.01 -34.13 -30.12
C ALA H 58 -2.86 -34.61 -28.95
N ASN H 59 -4.01 -35.24 -29.23
CA ASN H 59 -4.83 -35.74 -28.15
C ASN H 59 -4.12 -36.85 -27.38
N THR H 60 -3.40 -37.73 -28.08
CA THR H 60 -2.69 -38.79 -27.40
C THR H 60 -1.59 -38.24 -26.52
N LEU H 61 -0.86 -37.22 -26.98
CA LEU H 61 0.15 -36.62 -26.13
C LEU H 61 -0.47 -35.89 -24.95
N GLY H 62 -1.61 -35.25 -25.16
CA GLY H 62 -2.29 -34.60 -24.06
C GLY H 62 -2.73 -35.58 -22.99
N GLN H 63 -3.11 -36.78 -23.39
CA GLN H 63 -3.44 -37.81 -22.39
C GLN H 63 -2.19 -38.42 -21.77
N ALA H 64 -1.12 -38.52 -22.55
CA ALA H 64 0.13 -39.05 -22.01
C ALA H 64 0.69 -38.13 -20.93
N ILE H 65 0.46 -36.83 -21.06
CA ILE H 65 0.88 -35.91 -20.02
C ILE H 65 0.20 -36.26 -18.70
N SER H 66 -1.09 -36.54 -18.73
CA SER H 66 -1.80 -36.94 -17.52
C SER H 66 -1.31 -38.27 -16.99
N ASN H 67 -0.99 -39.21 -17.89
CA ASN H 67 -0.40 -40.47 -17.44
C ASN H 67 0.90 -40.24 -16.69
N GLY H 68 1.76 -39.38 -17.25
CA GLY H 68 3.02 -39.08 -16.58
C GLY H 68 2.81 -38.39 -15.25
N ASN H 69 1.83 -37.50 -15.17
CA ASN H 69 1.57 -36.83 -13.90
C ASN H 69 1.07 -37.82 -12.85
N ASP H 70 0.25 -38.79 -13.25
CA ASP H 70 -0.17 -39.82 -12.31
C ASP H 70 1.01 -40.66 -11.84
N ALA H 71 1.91 -41.00 -12.76
CA ALA H 71 3.11 -41.73 -12.36
C ALA H 71 3.94 -40.92 -11.37
N LEU H 72 4.05 -39.62 -11.59
CA LEU H 72 4.77 -38.77 -10.64
C LEU H 72 4.12 -38.79 -9.27
N GLY H 73 2.79 -38.68 -9.23
CA GLY H 73 2.10 -38.76 -7.96
C GLY H 73 2.39 -40.05 -7.23
N ILE H 74 2.30 -41.17 -7.94
CA ILE H 74 2.56 -42.48 -7.31
C ILE H 74 3.98 -42.52 -6.75
N LEU H 75 4.96 -42.14 -7.55
CA LEU H 75 6.34 -42.27 -7.11
C LEU H 75 6.67 -41.33 -5.96
N GLN H 76 6.13 -40.11 -5.97
CA GLN H 76 6.34 -39.21 -4.85
C GLN H 76 5.74 -39.77 -3.58
N THR H 77 4.53 -40.32 -3.68
CA THR H 77 3.92 -40.96 -2.51
C THR H 77 4.84 -42.03 -1.94
N ALA H 78 5.34 -42.90 -2.82
CA ALA H 78 6.20 -43.99 -2.35
C ALA H 78 7.45 -43.47 -1.66
N ASP H 79 8.10 -42.46 -2.25
CA ASP H 79 9.35 -41.96 -1.69
C ASP H 79 9.12 -41.31 -0.33
N LYS H 80 8.18 -40.35 -0.28
CA LYS H 80 7.90 -39.69 0.98
C LYS H 80 7.39 -40.67 2.04
N ALA H 81 6.87 -41.83 1.62
CA ALA H 81 6.56 -42.85 2.61
C ALA H 81 7.83 -43.53 3.12
N MET H 82 8.73 -43.90 2.22
CA MET H 82 9.95 -44.59 2.64
C MET H 82 10.80 -43.76 3.59
N ASP H 83 10.68 -42.44 3.52
CA ASP H 83 11.46 -41.59 4.43
C ASP H 83 11.28 -42.00 5.89
N GLU H 84 10.05 -42.30 6.29
CA GLU H 84 9.81 -42.65 7.70
C GLU H 84 10.42 -43.99 8.06
N GLN H 85 10.39 -44.96 7.15
CA GLN H 85 11.09 -46.21 7.40
C GLN H 85 12.58 -45.98 7.61
N LEU H 86 13.16 -45.06 6.83
CA LEU H 86 14.56 -44.73 7.05
C LEU H 86 14.80 -44.22 8.46
N LYS H 87 13.98 -43.26 8.90
CA LYS H 87 14.14 -42.72 10.25
C LYS H 87 13.96 -43.80 11.31
N ILE H 88 13.01 -44.70 11.11
CA ILE H 88 12.76 -45.76 12.08
C ILE H 88 13.97 -46.70 12.18
N LEU H 89 14.55 -47.04 11.04
CA LEU H 89 15.74 -47.89 11.08
C LEU H 89 16.88 -47.19 11.81
N ASP H 90 17.03 -45.90 11.58
CA ASP H 90 18.03 -45.15 12.34
C ASP H 90 17.78 -45.30 13.84
N THR H 91 16.54 -45.10 14.28
CA THR H 91 16.24 -45.22 15.69
C THR H 91 16.54 -46.62 16.22
N ILE H 92 16.23 -47.64 15.42
CA ILE H 92 16.51 -49.02 15.83
C ILE H 92 17.99 -49.21 16.06
N LYS H 93 18.82 -48.73 15.12
CA LYS H 93 20.26 -48.87 15.29
C LYS H 93 20.75 -48.14 16.53
N THR H 94 20.21 -46.95 16.78
CA THR H 94 20.61 -46.21 17.97
C THR H 94 20.25 -46.97 19.24
N LYS H 95 19.08 -47.60 19.25
CA LYS H 95 18.67 -48.35 20.45
C LYS H 95 19.56 -49.57 20.64
N ALA H 96 19.90 -50.26 19.56
CA ALA H 96 20.83 -51.38 19.68
C ALA H 96 22.15 -50.91 20.23
N THR H 97 22.64 -49.76 19.78
CA THR H 97 23.88 -49.23 20.33
C THR H 97 23.74 -48.89 21.80
N GLN H 98 22.58 -48.39 22.21
CA GLN H 98 22.36 -48.07 23.62
C GLN H 98 22.33 -49.32 24.47
N ALA H 99 21.84 -50.42 23.93
CA ALA H 99 21.80 -51.67 24.67
C ALA H 99 23.12 -52.42 24.61
N ALA H 100 23.99 -52.07 23.67
CA ALA H 100 25.27 -52.75 23.53
C ALA H 100 26.24 -52.47 24.67
N GLN H 101 25.94 -51.53 25.56
CA GLN H 101 26.79 -51.30 26.71
C GLN H 101 26.56 -52.40 27.73
N ASP H 102 27.34 -52.36 28.82
CA ASP H 102 27.23 -53.37 29.86
C ASP H 102 26.91 -52.75 31.22
N GLY H 103 26.43 -51.52 31.24
CA GLY H 103 25.90 -50.97 32.47
C GLY H 103 24.41 -51.22 32.57
N GLN H 104 23.93 -52.18 31.77
CA GLN H 104 22.51 -52.41 31.61
C GLN H 104 22.20 -53.87 31.90
N SER H 105 21.14 -54.11 32.65
CA SER H 105 20.76 -55.46 32.99
C SER H 105 19.81 -56.04 31.94
N LEU H 106 19.52 -57.34 32.10
CA LEU H 106 18.66 -58.01 31.15
C LEU H 106 17.29 -57.34 31.07
N LYS H 107 16.84 -56.74 32.16
CA LYS H 107 15.53 -56.11 32.17
C LYS H 107 15.53 -54.86 31.29
N THR H 108 16.54 -54.01 31.43
CA THR H 108 16.61 -52.83 30.58
C THR H 108 16.81 -53.23 29.12
N ARG H 109 17.66 -54.23 28.87
CA ARG H 109 17.79 -54.71 27.50
C ARG H 109 16.45 -55.20 26.97
N THR H 110 15.64 -55.80 27.85
CA THR H 110 14.34 -56.28 27.42
C THR H 110 13.40 -55.14 27.08
N MET H 111 13.48 -54.04 27.83
CA MET H 111 12.75 -52.84 27.45
C MET H 111 13.18 -52.36 26.07
N LEU H 112 14.49 -52.33 25.82
CA LEU H 112 14.97 -51.98 24.48
C LEU H 112 14.35 -52.90 23.43
N GLN H 113 14.33 -54.20 23.70
CA GLN H 113 13.85 -55.15 22.71
C GLN H 113 12.36 -54.95 22.45
N ALA H 114 11.58 -54.68 23.49
CA ALA H 114 10.16 -54.42 23.27
C ALA H 114 9.95 -53.16 22.44
N ASP H 115 10.73 -52.13 22.72
CA ASP H 115 10.61 -50.90 21.93
C ASP H 115 10.96 -51.18 20.47
N ILE H 116 12.02 -51.93 20.24
CA ILE H 116 12.41 -52.26 18.87
C ILE H 116 11.33 -53.09 18.19
N ASN H 117 10.70 -54.00 18.94
CA ASN H 117 9.60 -54.78 18.40
C ASN H 117 8.50 -53.89 17.90
N LYS H 118 8.07 -52.94 18.73
CA LYS H 118 7.00 -52.03 18.33
C LYS H 118 7.40 -51.22 17.11
N LEU H 119 8.63 -50.72 17.09
CA LEU H 119 9.05 -49.87 15.98
C LEU H 119 9.09 -50.66 14.67
N MET H 120 9.64 -51.87 14.72
CA MET H 120 9.69 -52.69 13.52
C MET H 120 8.30 -53.11 13.06
N GLU H 121 7.40 -53.39 14.01
CA GLU H 121 6.01 -53.63 13.66
C GLU H 121 5.44 -52.45 12.91
N GLU H 122 5.78 -51.24 13.33
CA GLU H 122 5.26 -50.05 12.66
C GLU H 122 5.85 -49.93 11.26
N LEU H 123 7.14 -50.20 11.12
CA LEU H 123 7.76 -50.18 9.79
C LEU H 123 7.04 -51.14 8.85
N ASP H 124 6.80 -52.36 9.32
CA ASP H 124 6.04 -53.32 8.53
C ASP H 124 4.65 -52.80 8.20
N ASN H 125 4.00 -52.12 9.15
CA ASN H 125 2.69 -51.55 8.89
C ASN H 125 2.74 -50.51 7.79
N ILE H 126 3.78 -49.67 7.78
CA ILE H 126 3.94 -48.70 6.70
C ILE H 126 4.08 -49.40 5.37
N ALA H 127 4.95 -50.41 5.32
CA ALA H 127 5.18 -51.13 4.07
C ALA H 127 3.92 -51.78 3.54
N ASN H 128 3.13 -52.39 4.42
CA ASN H 128 1.89 -53.05 4.03
C ASN H 128 0.73 -52.09 3.89
N THR H 129 0.90 -50.84 4.25
CA THR H 129 -0.21 -49.90 4.22
C THR H 129 -0.17 -48.95 3.04
N THR H 130 1.00 -48.39 2.71
CA THR H 130 1.06 -47.41 1.63
C THR H 130 0.51 -47.99 0.34
N SER H 131 -0.41 -47.26 -0.29
CA SER H 131 -1.10 -47.74 -1.48
C SER H 131 -1.78 -46.59 -2.18
N PHE H 132 -1.92 -46.69 -3.50
CA PHE H 132 -2.52 -45.60 -4.26
C PHE H 132 -4.04 -45.69 -4.26
N ASN H 133 -4.59 -46.71 -4.89
CA ASN H 133 -6.04 -46.94 -4.86
C ASN H 133 -6.30 -48.44 -4.76
N GLY H 134 -5.54 -49.10 -3.89
CA GLY H 134 -5.51 -50.55 -3.80
C GLY H 134 -4.18 -51.14 -4.24
N LYS H 135 -3.52 -50.50 -5.19
CA LYS H 135 -2.20 -50.92 -5.62
C LYS H 135 -1.22 -50.67 -4.50
N GLN H 136 -0.83 -51.73 -3.78
CA GLN H 136 0.14 -51.58 -2.71
C GLN H 136 1.51 -51.27 -3.30
N LEU H 137 2.09 -50.14 -2.92
CA LEU H 137 3.34 -49.70 -3.51
C LEU H 137 4.54 -50.36 -2.86
N LEU H 138 4.73 -50.14 -1.57
CA LEU H 138 5.94 -50.56 -0.88
C LEU H 138 5.80 -51.94 -0.25
N SER H 139 5.40 -52.93 -1.04
CA SER H 139 5.21 -54.26 -0.47
C SER H 139 5.94 -55.32 -1.29
N GLY H 140 6.08 -55.07 -2.59
CA GLY H 140 6.75 -56.00 -3.47
C GLY H 140 5.93 -56.44 -4.66
N ASN H 141 4.66 -56.04 -4.76
CA ASN H 141 3.82 -56.40 -5.90
C ASN H 141 3.62 -55.23 -6.84
N PHE H 142 4.60 -54.34 -6.92
CA PHE H 142 4.55 -53.22 -7.86
C PHE H 142 5.68 -53.34 -8.86
N THR H 143 5.89 -54.54 -9.38
CA THR H 143 6.99 -54.81 -10.29
C THR H 143 6.51 -54.84 -11.73
N ASN H 144 7.29 -54.23 -12.62
CA ASN H 144 7.02 -54.22 -14.05
C ASN H 144 5.68 -53.57 -14.37
N GLN H 145 5.55 -52.32 -13.95
CA GLN H 145 4.38 -51.52 -14.26
C GLN H 145 4.74 -50.44 -15.27
N GLU H 146 3.87 -50.23 -16.24
CA GLU H 146 4.13 -49.30 -17.33
C GLU H 146 3.23 -48.07 -17.23
N PHE H 147 3.62 -47.04 -17.97
CA PHE H 147 2.86 -45.79 -18.03
C PHE H 147 3.04 -45.24 -19.44
N GLN H 148 2.08 -45.55 -20.31
CA GLN H 148 2.18 -45.13 -21.70
C GLN H 148 2.29 -43.61 -21.80
N ILE H 149 3.41 -43.13 -22.33
CA ILE H 149 3.67 -41.71 -22.44
C ILE H 149 4.06 -41.33 -23.86
N GLY H 150 3.60 -42.07 -24.85
CA GLY H 150 4.00 -41.84 -26.22
C GLY H 150 2.81 -41.79 -27.15
N ALA H 151 2.99 -41.06 -28.25
CA ALA H 151 1.93 -40.93 -29.24
C ALA H 151 1.58 -42.26 -29.87
N SER H 152 2.55 -43.14 -30.06
CA SER H 152 2.33 -44.43 -30.68
C SER H 152 2.03 -45.46 -29.59
N SER H 153 2.10 -46.74 -29.93
CA SER H 153 1.55 -47.78 -29.07
C SER H 153 2.37 -47.98 -27.80
N ASN H 154 3.62 -48.39 -27.94
CA ASN H 154 4.38 -48.99 -26.85
C ASN H 154 5.54 -48.12 -26.38
N GLN H 155 5.34 -46.82 -26.27
CA GLN H 155 6.32 -45.96 -25.62
C GLN H 155 5.93 -45.79 -24.17
N THR H 156 6.76 -46.28 -23.25
CA THR H 156 6.36 -46.29 -21.85
C THR H 156 7.58 -46.38 -20.96
N VAL H 157 7.39 -45.99 -19.71
CA VAL H 157 8.40 -46.12 -18.67
C VAL H 157 7.95 -47.19 -17.69
N LYS H 158 8.93 -47.87 -17.10
CA LYS H 158 8.65 -49.04 -16.26
C LYS H 158 9.18 -48.80 -14.86
N ALA H 159 8.32 -49.01 -13.87
CA ALA H 159 8.66 -48.82 -12.47
C ALA H 159 8.52 -50.13 -11.73
N THR H 160 9.55 -50.52 -10.99
CA THR H 160 9.62 -51.83 -10.34
C THR H 160 10.09 -51.70 -8.90
N ILE H 161 9.46 -50.82 -8.14
CA ILE H 161 9.78 -50.61 -6.73
C ILE H 161 9.95 -51.94 -6.00
N GLY H 162 11.07 -52.11 -5.31
CA GLY H 162 11.35 -53.34 -4.60
C GLY H 162 10.48 -53.49 -3.36
N ALA H 163 10.69 -54.60 -2.65
CA ALA H 163 9.93 -54.91 -1.47
C ALA H 163 10.67 -54.42 -0.23
N THR H 164 9.94 -53.75 0.66
CA THR H 164 10.55 -53.08 1.80
C THR H 164 9.92 -53.50 3.12
N GLN H 165 9.48 -54.74 3.24
CA GLN H 165 8.95 -55.21 4.50
C GLN H 165 10.09 -55.50 5.47
N SER H 166 9.73 -55.84 6.70
CA SER H 166 10.73 -56.07 7.73
C SER H 166 11.37 -57.45 7.63
N SER H 167 10.85 -58.32 6.78
CA SER H 167 11.40 -59.65 6.60
C SER H 167 12.29 -59.75 5.37
N LYS H 168 12.59 -58.62 4.71
CA LYS H 168 13.34 -58.66 3.48
C LYS H 168 14.40 -57.58 3.34
N ILE H 169 14.54 -56.67 4.29
CA ILE H 169 15.49 -55.58 4.06
C ILE H 169 16.86 -55.92 4.63
N GLY H 170 16.96 -56.09 5.94
CA GLY H 170 18.27 -56.25 6.54
C GLY H 170 18.70 -57.70 6.63
N VAL H 171 19.50 -58.17 5.67
CA VAL H 171 19.89 -59.57 5.59
C VAL H 171 21.41 -59.60 5.55
N THR H 172 22.04 -59.77 6.71
CA THR H 172 23.48 -59.83 6.80
C THR H 172 23.98 -61.26 6.62
N ARG H 173 25.29 -61.46 6.68
CA ARG H 173 25.91 -62.76 6.52
C ARG H 173 26.98 -62.92 7.58
N PHE H 174 26.81 -63.90 8.46
CA PHE H 174 27.77 -64.18 9.51
C PHE H 174 28.49 -65.48 9.23
N GLU H 175 29.81 -65.49 9.46
CA GLU H 175 30.59 -66.71 9.43
C GLU H 175 31.51 -66.72 10.64
N THR H 176 31.94 -67.91 11.03
CA THR H 176 32.83 -68.05 12.17
C THR H 176 33.60 -69.35 12.04
N GLY H 177 34.91 -69.29 12.16
CA GLY H 177 35.74 -70.46 12.04
C GLY H 177 35.86 -71.22 13.35
N ALA H 178 36.25 -72.48 13.22
CA ALA H 178 36.45 -73.31 14.40
C ALA H 178 37.62 -72.78 15.22
N GLN H 179 37.66 -73.20 16.49
CA GLN H 179 38.72 -72.76 17.37
C GLN H 179 40.06 -73.29 16.87
N SER H 180 40.98 -72.37 16.62
CA SER H 180 42.24 -72.71 15.95
C SER H 180 43.31 -73.03 16.99
N PHE H 181 43.84 -74.26 16.93
CA PHE H 181 44.91 -74.68 17.81
C PHE H 181 46.27 -74.72 17.11
N THR H 182 46.37 -74.20 15.90
CA THR H 182 47.61 -74.24 15.13
C THR H 182 48.02 -72.83 14.74
N SER H 183 49.33 -72.64 14.60
CA SER H 183 49.91 -71.36 14.23
C SER H 183 50.42 -71.43 12.79
N GLY H 184 51.00 -70.33 12.34
CA GLY H 184 51.59 -70.28 11.01
C GLY H 184 51.18 -69.06 10.22
N VAL H 185 52.05 -68.62 9.34
CA VAL H 185 51.78 -67.43 8.53
C VAL H 185 50.64 -67.72 7.58
N VAL H 186 49.66 -66.81 7.54
CA VAL H 186 48.42 -67.03 6.80
C VAL H 186 48.23 -65.90 5.81
N GLY H 187 47.73 -66.25 4.62
CA GLY H 187 47.31 -65.26 3.65
C GLY H 187 45.91 -65.55 3.13
N LEU H 188 44.97 -64.65 3.39
CA LEU H 188 43.60 -64.88 2.96
C LEU H 188 43.42 -64.50 1.50
N THR H 189 42.27 -64.90 0.94
CA THR H 189 41.91 -64.48 -0.40
C THR H 189 40.39 -64.61 -0.51
N ILE H 190 39.68 -63.48 -0.44
CA ILE H 190 38.25 -63.49 -0.67
C ILE H 190 37.97 -63.58 -2.16
N LYS H 191 37.47 -64.73 -2.59
CA LYS H 191 37.18 -64.97 -3.99
C LYS H 191 35.96 -64.18 -4.40
N ASN H 192 36.01 -63.62 -5.61
CA ASN H 192 34.89 -62.88 -6.20
C ASN H 192 34.44 -61.74 -5.29
N TYR H 193 35.40 -60.91 -4.87
CA TYR H 193 35.10 -59.85 -3.93
C TYR H 193 34.24 -58.75 -4.55
N ASN H 194 34.26 -58.60 -5.86
CA ASN H 194 33.50 -57.55 -6.51
C ASN H 194 32.79 -57.99 -7.79
N GLY H 195 32.68 -59.29 -8.03
CA GLY H 195 32.01 -59.79 -9.21
C GLY H 195 32.91 -60.04 -10.39
N ILE H 196 34.17 -59.64 -10.32
CA ILE H 196 35.09 -59.83 -11.44
C ILE H 196 36.32 -60.58 -11.02
N GLU H 197 37.03 -60.10 -10.01
CA GLU H 197 38.33 -60.64 -9.64
C GLU H 197 38.38 -60.90 -8.15
N ASP H 198 39.50 -61.45 -7.70
CA ASP H 198 39.69 -61.87 -6.33
C ASP H 198 40.17 -60.70 -5.47
N PHE H 199 40.59 -61.00 -4.25
CA PHE H 199 41.12 -59.99 -3.34
C PHE H 199 42.08 -60.71 -2.39
N LYS H 200 43.37 -60.45 -2.54
CA LYS H 200 44.39 -61.10 -1.73
C LYS H 200 44.88 -60.16 -0.66
N PHE H 201 44.81 -60.60 0.59
CA PHE H 201 45.36 -59.84 1.70
C PHE H 201 46.85 -60.10 1.80
N ASP H 202 47.45 -59.64 2.89
CA ASP H 202 48.87 -59.87 3.13
C ASP H 202 49.06 -61.03 4.08
N ASN H 203 50.25 -61.61 4.03
CA ASN H 203 50.60 -62.66 4.98
C ASN H 203 50.63 -62.06 6.39
N VAL H 204 50.09 -62.80 7.35
CA VAL H 204 49.93 -62.31 8.71
C VAL H 204 50.44 -63.37 9.68
N VAL H 205 51.43 -63.01 10.50
CA VAL H 205 51.93 -63.93 11.50
C VAL H 205 50.87 -64.11 12.59
N ILE H 206 51.01 -65.19 13.36
CA ILE H 206 49.96 -65.56 14.29
C ILE H 206 50.44 -65.72 15.74
N SER H 207 51.56 -66.40 15.93
CA SER H 207 51.70 -67.26 17.11
C SER H 207 51.45 -66.59 18.46
N THR H 208 52.42 -65.84 18.98
CA THR H 208 52.23 -65.28 20.32
C THR H 208 52.84 -63.90 20.53
N SER H 209 53.44 -63.28 19.52
CA SER H 209 54.15 -62.02 19.74
C SER H 209 53.13 -60.90 19.86
N VAL H 210 53.61 -59.66 19.90
CA VAL H 210 52.72 -58.54 20.16
C VAL H 210 51.93 -58.19 18.90
N GLY H 211 52.63 -57.97 17.79
CA GLY H 211 51.97 -57.62 16.56
C GLY H 211 51.54 -58.83 15.76
N THR H 212 51.17 -59.90 16.47
CA THR H 212 50.75 -61.12 15.82
C THR H 212 49.39 -61.56 16.35
N GLY H 213 48.80 -62.59 15.74
CA GLY H 213 47.58 -63.15 16.26
C GLY H 213 46.34 -62.72 15.51
N LEU H 214 45.21 -63.22 16.01
CA LEU H 214 43.93 -62.93 15.38
C LEU H 214 43.61 -61.45 15.41
N GLY H 215 44.14 -60.71 16.39
CA GLY H 215 43.96 -59.27 16.37
C GLY H 215 44.73 -58.61 15.25
N ALA H 216 45.98 -59.04 15.04
CA ALA H 216 46.75 -58.55 13.91
C ALA H 216 46.08 -58.90 12.60
N LEU H 217 45.36 -60.01 12.54
CA LEU H 217 44.63 -60.34 11.32
C LEU H 217 43.38 -59.48 11.17
N ALA H 218 42.64 -59.28 12.26
CA ALA H 218 41.43 -58.47 12.19
C ALA H 218 41.76 -57.04 11.78
N GLU H 219 42.89 -56.52 12.21
CA GLU H 219 43.31 -55.19 11.76
C GLU H 219 43.39 -55.15 10.24
N GLU H 220 44.08 -56.11 9.64
CA GLU H 220 44.25 -56.13 8.19
C GLU H 220 42.92 -56.31 7.49
N ILE H 221 42.04 -57.15 8.04
CA ILE H 221 40.78 -57.42 7.37
C ILE H 221 39.86 -56.22 7.46
N ASN H 222 39.92 -55.47 8.55
CA ASN H 222 39.07 -54.28 8.69
C ASN H 222 39.64 -53.09 7.94
N LYS H 223 40.94 -53.05 7.69
CA LYS H 223 41.52 -51.93 6.97
C LYS H 223 40.88 -51.77 5.59
N SER H 224 40.79 -52.86 4.84
CA SER H 224 40.16 -52.82 3.51
C SER H 224 38.69 -53.24 3.60
N ALA H 225 37.96 -52.57 4.50
CA ALA H 225 36.56 -52.92 4.68
C ALA H 225 35.65 -52.32 3.62
N ASP H 226 35.96 -51.12 3.13
CA ASP H 226 35.05 -50.47 2.19
C ASP H 226 35.03 -51.16 0.83
N LYS H 227 36.10 -51.87 0.48
CA LYS H 227 36.13 -52.52 -0.82
C LYS H 227 35.59 -53.94 -0.79
N THR H 228 35.74 -54.65 0.32
CA THR H 228 35.29 -56.02 0.40
C THR H 228 33.92 -56.17 1.04
N GLY H 229 33.56 -55.30 1.97
CA GLY H 229 32.32 -55.46 2.70
C GLY H 229 32.37 -56.48 3.80
N VAL H 230 33.56 -56.92 4.20
CA VAL H 230 33.74 -58.02 5.13
C VAL H 230 34.51 -57.47 6.33
N ARG H 231 33.79 -57.08 7.37
CA ARG H 231 34.42 -56.68 8.62
C ARG H 231 34.65 -57.91 9.49
N ALA H 232 35.65 -57.81 10.37
CA ALA H 232 36.05 -58.97 11.15
C ALA H 232 36.29 -58.58 12.60
N THR H 233 36.17 -59.57 13.47
CA THR H 233 36.47 -59.43 14.88
C THR H 233 37.03 -60.77 15.37
N TYR H 234 37.15 -60.93 16.69
CA TYR H 234 37.75 -62.13 17.22
C TYR H 234 37.23 -62.39 18.63
N ASP H 235 37.60 -63.56 19.16
CA ASP H 235 37.25 -63.93 20.53
C ASP H 235 38.26 -64.99 20.97
N VAL H 236 39.17 -64.63 21.86
CA VAL H 236 40.28 -65.49 22.22
C VAL H 236 40.15 -65.81 23.69
N LYS H 237 39.54 -66.95 24.01
CA LYS H 237 39.41 -67.40 25.38
C LYS H 237 39.76 -68.88 25.44
N THR H 238 40.30 -69.29 26.58
CA THR H 238 40.59 -70.70 26.84
C THR H 238 39.92 -71.01 28.17
N THR H 239 38.68 -71.48 28.11
CA THR H 239 37.88 -71.76 29.30
C THR H 239 37.82 -73.26 29.53
N GLY H 240 38.10 -73.67 30.77
CA GLY H 240 38.08 -75.08 31.09
C GLY H 240 36.67 -75.63 31.16
N VAL H 241 36.59 -76.87 31.63
CA VAL H 241 35.34 -77.54 31.92
C VAL H 241 35.42 -78.09 33.34
N TYR H 242 34.34 -78.72 33.80
CA TYR H 242 34.30 -79.37 35.11
C TYR H 242 34.90 -78.44 36.17
N ALA H 243 34.11 -77.41 36.48
CA ALA H 243 34.61 -76.07 36.75
C ALA H 243 35.99 -76.00 37.38
N ILE H 244 36.18 -76.55 38.59
CA ILE H 244 37.49 -76.47 39.20
C ILE H 244 37.61 -77.42 40.38
N LYS H 245 38.81 -77.98 40.58
CA LYS H 245 39.09 -78.81 41.75
C LYS H 245 40.40 -78.38 42.37
N GLU H 246 40.90 -79.14 43.33
CA GLU H 246 42.16 -78.83 43.99
C GLU H 246 43.32 -79.51 43.26
N GLY H 247 44.36 -78.74 42.96
CA GLY H 247 45.52 -79.28 42.28
C GLY H 247 46.63 -78.25 42.29
N THR H 248 47.76 -78.65 41.70
CA THR H 248 48.94 -77.81 41.63
C THR H 248 49.48 -77.77 40.20
N THR H 249 50.23 -76.73 39.90
CA THR H 249 50.88 -76.61 38.61
C THR H 249 52.30 -77.16 38.69
N SER H 250 52.85 -77.48 37.52
CA SER H 250 54.22 -77.98 37.48
C SER H 250 55.19 -76.85 37.75
N GLN H 251 56.43 -77.23 38.10
CA GLN H 251 57.43 -76.24 38.46
C GLN H 251 57.74 -75.31 37.31
N ASP H 252 57.60 -75.78 36.07
CA ASP H 252 57.92 -75.00 34.89
C ASP H 252 56.67 -74.56 34.15
N PHE H 253 55.58 -74.33 34.88
CA PHE H 253 54.36 -73.82 34.29
C PHE H 253 54.61 -72.43 33.72
N ALA H 254 54.63 -72.32 32.40
CA ALA H 254 54.80 -71.05 31.72
C ALA H 254 53.57 -70.77 30.87
N ILE H 255 53.44 -69.53 30.41
CA ILE H 255 52.32 -69.14 29.57
C ILE H 255 52.79 -68.06 28.61
N ASN H 256 52.54 -68.26 27.32
CA ASN H 256 52.94 -67.33 26.27
C ASN H 256 54.43 -67.05 26.29
N GLY H 257 55.22 -67.92 26.91
CA GLY H 257 56.67 -67.80 26.89
C GLY H 257 57.32 -67.19 28.11
N VAL H 258 56.62 -67.10 29.24
CA VAL H 258 57.19 -66.61 30.48
C VAL H 258 56.86 -67.60 31.59
N THR H 259 57.87 -68.02 32.34
CA THR H 259 57.70 -69.01 33.39
C THR H 259 57.03 -68.39 34.60
N ILE H 260 56.10 -69.13 35.20
CA ILE H 260 55.37 -68.66 36.37
C ILE H 260 55.75 -69.45 37.62
N GLY H 261 55.68 -70.76 37.55
CA GLY H 261 56.12 -71.62 38.65
C GLY H 261 54.97 -72.42 39.23
N LYS H 262 55.27 -73.08 40.34
CA LYS H 262 54.30 -73.94 40.98
C LYS H 262 53.32 -73.13 41.82
N ILE H 263 52.04 -73.45 41.71
CA ILE H 263 50.97 -72.77 42.42
C ILE H 263 50.04 -73.84 42.97
N GLU H 264 49.83 -73.84 44.28
CA GLU H 264 48.88 -74.74 44.91
C GLU H 264 47.56 -74.01 45.09
N TYR H 265 46.52 -74.46 44.40
CA TYR H 265 45.22 -73.82 44.41
C TYR H 265 44.16 -74.75 44.97
N LYS H 266 43.22 -74.17 45.70
CA LYS H 266 42.25 -74.92 46.50
C LYS H 266 41.12 -75.43 45.62
N ASP H 267 40.05 -75.93 46.25
CA ASP H 267 38.97 -76.57 45.51
C ASP H 267 38.31 -75.61 44.54
N GLY H 268 37.64 -74.59 45.07
CA GLY H 268 36.98 -73.63 44.21
C GLY H 268 37.86 -72.43 43.97
N ASP H 269 39.17 -72.64 44.10
CA ASP H 269 40.14 -71.54 44.11
C ASP H 269 39.81 -70.55 45.23
N GLY H 270 39.56 -71.09 46.42
CA GLY H 270 39.19 -70.25 47.55
C GLY H 270 40.23 -69.20 47.88
N ASN H 271 41.48 -69.42 47.47
CA ASN H 271 42.51 -68.41 47.70
C ASN H 271 42.52 -67.37 46.60
N GLY H 272 42.05 -67.71 45.41
CA GLY H 272 42.31 -66.85 44.27
C GLY H 272 43.77 -66.75 43.92
N SER H 273 44.59 -67.65 44.48
CA SER H 273 46.02 -67.60 44.24
C SER H 273 46.33 -67.91 42.78
N LEU H 274 45.61 -68.84 42.18
CA LEU H 274 45.82 -69.15 40.77
C LEU H 274 45.55 -67.93 39.89
N ILE H 275 44.41 -67.28 40.09
CA ILE H 275 44.08 -66.10 39.29
C ILE H 275 45.08 -65.00 39.53
N SER H 276 45.46 -64.78 40.79
CA SER H 276 46.39 -63.70 41.09
C SER H 276 47.77 -63.96 40.50
N ALA H 277 48.24 -65.19 40.54
CA ALA H 277 49.56 -65.49 40.00
C ALA H 277 49.56 -65.43 38.48
N ILE H 278 48.45 -65.83 37.85
CA ILE H 278 48.42 -65.71 36.39
C ILE H 278 48.25 -64.25 35.98
N ASN H 279 47.64 -63.44 36.83
CA ASN H 279 47.46 -62.04 36.50
C ASN H 279 48.69 -61.19 36.82
N ALA H 280 49.57 -61.66 37.69
CA ALA H 280 50.78 -60.89 38.00
C ALA H 280 51.65 -60.62 36.76
N VAL H 281 51.39 -61.30 35.66
CA VAL H 281 52.15 -61.08 34.42
C VAL H 281 51.18 -60.79 33.29
N LYS H 282 50.05 -60.16 33.62
CA LYS H 282 49.02 -59.91 32.61
C LYS H 282 49.53 -58.98 31.52
N ASP H 283 50.28 -57.94 31.88
CA ASP H 283 50.75 -56.97 30.91
C ASP H 283 52.05 -57.38 30.24
N THR H 284 52.55 -58.58 30.53
CA THR H 284 53.65 -59.18 29.78
C THR H 284 53.17 -60.28 28.85
N THR H 285 52.24 -61.11 29.31
CA THR H 285 51.72 -62.18 28.46
C THR H 285 50.65 -61.69 27.52
N GLY H 286 49.73 -60.86 28.01
CA GLY H 286 48.51 -60.56 27.31
C GLY H 286 47.34 -61.41 27.74
N VAL H 287 47.48 -62.18 28.81
CA VAL H 287 46.46 -63.11 29.25
C VAL H 287 45.85 -62.58 30.55
N GLN H 288 44.55 -62.31 30.50
CA GLN H 288 43.80 -61.83 31.65
C GLN H 288 43.06 -63.04 32.24
N ALA H 289 43.58 -63.57 33.34
CA ALA H 289 42.91 -64.70 33.95
C ALA H 289 41.69 -64.24 34.71
N SER H 290 40.76 -65.15 34.92
CA SER H 290 39.51 -64.82 35.59
C SER H 290 38.87 -66.12 36.06
N LYS H 291 37.82 -65.98 36.86
CA LYS H 291 37.04 -67.11 37.33
C LYS H 291 35.60 -66.93 36.90
N ASP H 292 35.09 -67.88 36.12
CA ASP H 292 33.74 -67.76 35.58
C ASP H 292 32.72 -67.80 36.72
N GLU H 293 31.47 -67.52 36.36
CA GLU H 293 30.41 -67.49 37.36
C GLU H 293 30.15 -68.88 37.93
N ASN H 294 30.13 -69.91 37.06
CA ASN H 294 29.91 -71.27 37.51
C ASN H 294 31.13 -71.89 38.16
N GLY H 295 32.22 -71.15 38.31
CA GLY H 295 33.41 -71.67 38.95
C GLY H 295 34.50 -72.13 38.00
N LYS H 296 34.29 -72.04 36.69
CA LYS H 296 35.30 -72.46 35.74
C LYS H 296 36.44 -71.46 35.69
N LEU H 297 37.53 -71.85 35.04
CA LEU H 297 38.70 -71.00 34.87
C LEU H 297 38.71 -70.45 33.45
N VAL H 298 38.88 -69.15 33.32
CA VAL H 298 38.81 -68.46 32.04
C VAL H 298 40.09 -67.68 31.82
N LEU H 299 40.76 -67.94 30.71
CA LEU H 299 41.96 -67.23 30.31
C LEU H 299 41.66 -66.51 29.00
N THR H 300 41.50 -65.20 29.06
CA THR H 300 41.21 -64.42 27.87
C THR H 300 42.39 -63.52 27.52
N SER H 301 42.56 -63.31 26.22
CA SER H 301 43.59 -62.41 25.70
C SER H 301 42.89 -61.26 25.00
N ALA H 302 43.06 -60.05 25.52
CA ALA H 302 42.29 -58.91 25.04
C ALA H 302 42.62 -58.60 23.59
N ASP H 303 43.89 -58.34 23.30
CA ASP H 303 44.30 -57.92 21.97
C ASP H 303 44.52 -59.06 21.00
N GLY H 304 44.09 -60.27 21.33
CA GLY H 304 44.16 -61.38 20.40
C GLY H 304 45.58 -61.84 20.07
N ARG H 305 46.27 -62.40 21.06
CA ARG H 305 47.64 -62.86 20.89
C ARG H 305 47.77 -64.37 20.92
N GLY H 306 46.74 -65.10 21.35
CA GLY H 306 46.84 -66.54 21.39
C GLY H 306 47.45 -67.02 22.68
N ILE H 307 46.77 -67.90 23.38
CA ILE H 307 47.25 -68.42 24.65
C ILE H 307 47.96 -69.74 24.40
N LYS H 308 49.16 -69.87 24.95
CA LYS H 308 49.95 -71.09 24.79
C LYS H 308 50.66 -71.35 26.11
N ILE H 309 50.13 -72.27 26.89
CA ILE H 309 50.78 -72.69 28.12
C ILE H 309 51.68 -73.87 27.81
N THR H 310 52.88 -73.86 28.39
CA THR H 310 53.87 -74.89 28.10
C THR H 310 53.92 -75.97 29.17
N GLY H 311 54.16 -75.59 30.41
CA GLY H 311 54.24 -76.54 31.49
C GLY H 311 52.90 -77.17 31.79
N ASP H 312 52.90 -78.03 32.79
CA ASP H 312 51.67 -78.66 33.25
C ASP H 312 50.90 -77.66 34.09
N ILE H 313 49.83 -77.10 33.54
CA ILE H 313 48.97 -76.23 34.34
C ILE H 313 48.33 -77.01 35.48
N GLY H 314 48.26 -78.33 35.36
CA GLY H 314 47.70 -79.14 36.40
C GLY H 314 46.25 -79.43 36.14
N VAL H 315 45.95 -80.66 35.71
CA VAL H 315 44.57 -81.03 35.53
C VAL H 315 43.88 -80.99 36.87
N GLY H 316 42.59 -80.70 36.86
CA GLY H 316 41.87 -80.27 38.04
C GLY H 316 41.62 -78.79 38.08
N SER H 317 42.31 -78.03 37.22
CA SER H 317 41.97 -76.65 36.95
C SER H 317 40.95 -76.52 35.84
N GLY H 318 40.67 -77.59 35.11
CA GLY H 318 39.67 -77.58 34.08
C GLY H 318 40.21 -77.52 32.67
N ILE H 319 41.47 -77.17 32.48
CA ILE H 319 42.04 -76.95 31.15
C ILE H 319 42.68 -78.27 30.70
N LEU H 320 42.07 -78.88 29.69
CA LEU H 320 42.55 -80.16 29.20
C LEU H 320 43.84 -79.97 28.39
N ALA H 321 44.57 -81.07 28.21
CA ALA H 321 45.81 -81.05 27.45
C ALA H 321 45.58 -80.77 25.97
N ASN H 322 44.33 -80.68 25.53
CA ASN H 322 44.03 -80.35 24.14
C ASN H 322 43.70 -78.87 23.95
N GLN H 323 43.80 -78.07 24.99
CA GLN H 323 43.55 -76.64 24.90
C GLN H 323 44.78 -75.80 25.20
N LYS H 324 45.93 -76.42 25.46
CA LYS H 324 47.11 -75.67 25.82
C LYS H 324 47.55 -74.73 24.70
N GLU H 325 47.22 -75.06 23.46
CA GLU H 325 47.60 -74.26 22.30
C GLU H 325 46.33 -73.67 21.70
N ASN H 326 46.04 -72.41 22.02
CA ASN H 326 44.80 -71.78 21.59
C ASN H 326 45.10 -70.46 20.90
N TYR H 327 44.33 -70.18 19.83
CA TYR H 327 44.46 -68.91 19.13
C TYR H 327 43.10 -68.31 18.80
N GLY H 328 42.08 -68.61 19.59
CA GLY H 328 40.79 -67.97 19.40
C GLY H 328 40.13 -68.30 18.08
N ARG H 329 39.13 -67.50 17.74
CA ARG H 329 38.34 -67.69 16.54
C ARG H 329 38.18 -66.36 15.80
N LEU H 330 38.03 -66.48 14.49
CA LEU H 330 37.72 -65.34 13.64
C LEU H 330 36.22 -65.28 13.41
N SER H 331 35.71 -64.06 13.20
CA SER H 331 34.29 -63.84 13.00
C SER H 331 34.11 -62.81 11.90
N LEU H 332 33.89 -63.29 10.69
CA LEU H 332 33.60 -62.39 9.57
C LEU H 332 32.13 -62.03 9.55
N VAL H 333 31.83 -60.83 9.07
CA VAL H 333 30.45 -60.35 8.96
C VAL H 333 30.31 -59.51 7.70
N LYS H 334 29.56 -60.01 6.73
CA LYS H 334 29.31 -59.25 5.51
C LYS H 334 28.10 -58.36 5.73
N ASN H 335 27.62 -57.72 4.67
CA ASN H 335 26.40 -56.94 4.78
C ASN H 335 25.52 -57.05 3.55
N ASP H 336 25.55 -58.20 2.87
CA ASP H 336 24.63 -58.40 1.75
C ASP H 336 23.95 -59.75 1.69
N GLY H 337 24.43 -60.77 2.40
CA GLY H 337 23.74 -62.03 2.45
C GLY H 337 24.20 -63.10 1.49
N ARG H 338 25.38 -62.94 0.89
CA ARG H 338 25.99 -63.97 0.08
C ARG H 338 27.09 -64.65 0.87
N ASP H 339 27.36 -65.92 0.54
CA ASP H 339 28.39 -66.65 1.25
C ASP H 339 29.76 -66.05 0.98
N ILE H 340 30.46 -65.68 2.05
CA ILE H 340 31.84 -65.24 1.93
C ILE H 340 32.67 -66.41 1.43
N ASN H 341 33.24 -66.27 0.24
CA ASN H 341 33.98 -67.36 -0.39
C ASN H 341 35.48 -67.19 -0.11
N ILE H 342 35.85 -67.47 1.13
CA ILE H 342 37.25 -67.36 1.54
C ILE H 342 38.01 -68.59 1.06
N SER H 343 39.16 -68.36 0.43
CA SER H 343 40.05 -69.45 0.00
C SER H 343 41.47 -68.91 0.03
N GLY H 344 42.14 -69.10 1.16
CA GLY H 344 43.47 -68.56 1.38
C GLY H 344 44.57 -69.48 0.93
N THR H 345 45.68 -69.44 1.65
CA THR H 345 46.83 -70.29 1.36
C THR H 345 47.23 -71.18 2.52
N ASN H 346 47.18 -70.67 3.75
CA ASN H 346 47.51 -71.44 4.94
C ASN H 346 46.40 -71.20 5.94
N LEU H 347 45.33 -71.97 5.83
CA LEU H 347 44.08 -71.66 6.52
C LEU H 347 43.86 -72.44 7.80
N SER H 348 44.58 -73.53 8.02
CA SER H 348 44.37 -74.30 9.24
C SER H 348 44.81 -73.52 10.47
N ALA H 349 45.28 -72.29 10.27
CA ALA H 349 45.72 -71.45 11.36
C ALA H 349 44.63 -70.53 11.88
N ILE H 350 43.71 -70.11 11.02
CA ILE H 350 42.57 -69.30 11.46
C ILE H 350 41.33 -70.17 11.65
N GLY H 351 41.50 -71.48 11.74
CA GLY H 351 40.36 -72.36 11.97
C GLY H 351 39.37 -72.40 10.84
N MET H 352 39.82 -72.20 9.61
CA MET H 352 38.94 -72.28 8.45
C MET H 352 39.58 -73.12 7.34
N GLY H 353 40.42 -74.07 7.72
CA GLY H 353 41.06 -74.93 6.75
C GLY H 353 40.09 -75.88 6.09
N THR H 354 40.64 -76.79 5.30
CA THR H 354 39.81 -77.77 4.62
C THR H 354 39.33 -78.89 5.53
N THR H 355 39.66 -78.84 6.83
CA THR H 355 39.25 -79.84 7.78
C THR H 355 38.59 -79.23 9.02
N ASP H 356 38.25 -77.95 8.96
CA ASP H 356 37.68 -77.23 10.09
C ASP H 356 36.19 -77.05 9.88
N MET H 357 35.41 -77.31 10.93
CA MET H 357 33.95 -77.24 10.87
C MET H 357 33.52 -75.83 11.26
N ILE H 358 33.27 -74.99 10.26
CA ILE H 358 32.86 -73.62 10.50
C ILE H 358 31.33 -73.55 10.43
N SER H 359 30.78 -72.46 10.94
CA SER H 359 29.36 -72.20 10.85
C SER H 359 29.12 -70.90 10.09
N GLN H 360 27.99 -70.82 9.42
CA GLN H 360 27.67 -69.63 8.64
C GLN H 360 26.16 -69.56 8.46
N SER H 361 25.63 -68.34 8.42
CA SER H 361 24.20 -68.14 8.33
C SER H 361 23.92 -66.69 7.96
N SER H 362 22.70 -66.45 7.48
CA SER H 362 22.24 -65.13 7.12
C SER H 362 20.96 -64.83 7.89
N VAL H 363 20.87 -63.62 8.44
CA VAL H 363 19.83 -63.27 9.39
C VAL H 363 19.11 -62.01 8.93
N SER H 364 17.79 -62.01 9.05
CA SER H 364 16.97 -60.86 8.71
C SER H 364 16.54 -60.11 9.98
N LEU H 365 15.91 -58.96 9.81
CA LEU H 365 15.39 -58.23 10.97
C LEU H 365 14.40 -59.07 11.75
N ARG H 366 13.41 -59.63 11.08
CA ARG H 366 12.44 -60.46 11.78
C ARG H 366 13.12 -61.66 12.43
N GLU H 367 14.04 -62.31 11.71
CA GLU H 367 14.75 -63.43 12.29
C GLU H 367 15.56 -63.04 13.52
N SER H 368 15.96 -61.77 13.61
CA SER H 368 16.61 -61.29 14.83
C SER H 368 15.61 -60.95 15.91
N LYS H 369 14.39 -60.56 15.52
CA LYS H 369 13.38 -60.14 16.49
C LYS H 369 12.98 -61.25 17.44
N GLY H 370 13.27 -62.51 17.11
CA GLY H 370 12.87 -63.64 17.90
C GLY H 370 14.00 -64.24 18.69
N GLN H 371 13.81 -65.50 19.10
CA GLN H 371 14.80 -66.21 19.90
C GLN H 371 15.87 -66.78 18.98
N ILE H 372 17.13 -66.45 19.24
CA ILE H 372 18.21 -66.84 18.35
C ILE H 372 18.47 -68.33 18.51
N SER H 373 18.37 -69.07 17.41
CA SER H 373 18.65 -70.49 17.43
C SER H 373 20.11 -70.73 17.79
N ALA H 374 20.45 -72.00 18.03
CA ALA H 374 21.81 -72.33 18.45
C ALA H 374 22.81 -72.12 17.32
N THR H 375 22.47 -72.54 16.11
CA THR H 375 23.38 -72.38 14.98
C THR H 375 23.58 -70.91 14.66
N ASN H 376 22.50 -70.15 14.57
CA ASN H 376 22.63 -68.72 14.36
C ASN H 376 23.41 -68.06 15.47
N ALA H 377 23.21 -68.51 16.72
CA ALA H 377 23.94 -67.92 17.83
C ALA H 377 25.43 -68.17 17.70
N ASP H 378 25.81 -69.38 17.29
CA ASP H 378 27.22 -69.66 17.11
C ASP H 378 27.80 -68.85 15.96
N ALA H 379 27.04 -68.69 14.88
CA ALA H 379 27.53 -67.90 13.76
C ALA H 379 27.65 -66.43 14.11
N MET H 380 26.82 -65.93 15.03
CA MET H 380 26.88 -64.52 15.40
C MET H 380 28.21 -64.19 16.04
N GLY H 381 28.68 -65.03 16.94
CA GLY H 381 29.90 -64.75 17.67
C GLY H 381 29.80 -65.07 19.15
N PHE H 382 28.65 -65.60 19.57
CA PHE H 382 28.51 -66.09 20.93
C PHE H 382 29.40 -67.31 21.14
N ASN H 383 29.43 -67.80 22.39
CA ASN H 383 29.91 -69.13 22.75
C ASN H 383 31.19 -69.48 22.01
N SER H 384 32.28 -68.80 22.35
CA SER H 384 33.55 -68.97 21.65
C SER H 384 33.87 -70.43 21.33
N TYR H 385 33.96 -71.28 22.35
CA TYR H 385 34.48 -72.63 22.16
C TYR H 385 33.45 -73.55 21.50
N LYS H 386 33.07 -73.19 20.27
CA LYS H 386 32.31 -74.04 19.36
C LYS H 386 30.99 -74.50 20.01
N GLY H 387 30.14 -73.53 20.28
CA GLY H 387 28.88 -73.80 20.93
C GLY H 387 29.03 -73.96 22.43
N GLY H 388 28.12 -73.32 23.16
CA GLY H 388 28.27 -73.22 24.60
C GLY H 388 28.18 -74.51 25.37
N GLY H 389 27.98 -75.64 24.71
CA GLY H 389 27.82 -76.88 25.43
C GLY H 389 29.13 -77.54 25.78
N LYS H 390 29.22 -78.83 25.56
CA LYS H 390 30.42 -79.59 25.85
C LYS H 390 31.52 -79.22 24.85
N PHE H 391 32.77 -79.35 25.30
CA PHE H 391 33.90 -79.19 24.41
C PHE H 391 34.00 -80.40 23.49
N VAL H 392 34.44 -80.18 22.26
CA VAL H 392 34.41 -81.19 21.22
C VAL H 392 35.83 -81.54 20.80
N PHE H 393 36.13 -82.83 20.74
CA PHE H 393 37.43 -83.35 20.36
C PHE H 393 37.37 -84.00 18.99
N THR H 394 38.53 -84.52 18.56
CA THR H 394 38.60 -85.46 17.44
C THR H 394 39.56 -86.60 17.77
N GLN H 395 39.66 -86.97 19.03
CA GLN H 395 40.69 -87.91 19.48
C GLN H 395 40.37 -89.33 19.01
N ASN H 396 41.19 -90.28 19.42
CA ASN H 396 41.12 -91.65 18.92
C ASN H 396 40.80 -92.64 20.02
N VAL H 397 39.79 -92.34 20.83
CA VAL H 397 39.49 -93.12 22.02
C VAL H 397 38.02 -93.57 21.98
N SER H 398 37.77 -94.79 22.46
CA SER H 398 36.42 -95.31 22.53
C SER H 398 35.57 -94.51 23.51
N SER H 399 36.09 -94.28 24.71
CA SER H 399 35.31 -93.59 25.74
C SER H 399 36.24 -92.94 26.75
N ILE H 400 35.67 -92.04 27.55
CA ILE H 400 36.36 -91.31 28.59
C ILE H 400 37.21 -92.25 29.45
N SER H 401 36.69 -93.46 29.69
CA SER H 401 37.41 -94.42 30.50
C SER H 401 38.80 -94.69 29.94
N ALA H 402 38.91 -94.74 28.62
CA ALA H 402 40.22 -94.96 28.01
C ALA H 402 40.94 -93.65 27.71
N PHE H 403 40.20 -92.58 27.50
CA PHE H 403 40.83 -91.28 27.26
C PHE H 403 41.62 -90.83 28.48
N MET H 404 41.10 -91.13 29.67
CA MET H 404 41.87 -90.83 30.88
C MET H 404 43.08 -91.73 30.99
N SER H 405 42.94 -93.01 30.67
CA SER H 405 44.05 -93.96 30.79
C SER H 405 45.18 -93.63 29.81
N ALA H 406 44.84 -93.05 28.67
CA ALA H 406 45.83 -92.83 27.63
C ALA H 406 46.90 -91.84 28.10
N GLN H 407 48.00 -91.81 27.35
CA GLN H 407 49.11 -90.93 27.67
C GLN H 407 48.72 -89.47 27.39
N GLY H 408 49.64 -88.57 27.71
CA GLY H 408 49.43 -87.16 27.40
C GLY H 408 48.55 -86.39 28.35
N SER H 409 47.41 -86.98 28.73
CA SER H 409 46.49 -86.31 29.65
C SER H 409 47.07 -86.30 31.06
N GLY H 410 46.30 -85.76 32.00
CA GLY H 410 46.74 -85.70 33.37
C GLY H 410 46.10 -86.76 34.24
N PHE H 411 45.52 -87.79 33.61
CA PHE H 411 44.81 -88.83 34.33
C PHE H 411 45.52 -90.17 34.26
N SER H 412 46.80 -90.20 33.91
CA SER H 412 47.51 -91.46 33.79
C SER H 412 47.57 -92.17 35.14
N ARG H 413 48.00 -93.44 35.10
CA ARG H 413 48.07 -94.24 36.31
C ARG H 413 48.99 -93.59 37.34
N GLY H 414 50.05 -92.94 36.88
CA GLY H 414 50.95 -92.29 37.82
C GLY H 414 50.33 -91.09 38.50
N SER H 415 49.60 -90.28 37.74
CA SER H 415 48.99 -89.07 38.29
C SER H 415 47.98 -89.43 39.37
N GLY H 416 47.68 -88.45 40.23
CA GLY H 416 46.73 -88.68 41.29
C GLY H 416 45.29 -88.73 40.83
N PHE H 417 44.98 -88.12 39.70
CA PHE H 417 43.61 -88.04 39.21
C PHE H 417 43.25 -89.20 38.29
N SER H 418 43.44 -90.43 38.75
CA SER H 418 43.04 -91.58 37.96
C SER H 418 41.59 -91.94 38.27
N VAL H 419 40.99 -92.70 37.35
CA VAL H 419 39.62 -93.15 37.57
C VAL H 419 39.58 -94.04 38.80
N GLY H 420 38.63 -93.76 39.69
CA GLY H 420 38.54 -94.47 40.94
C GLY H 420 39.57 -94.06 41.97
N SER H 421 39.96 -92.78 41.98
CA SER H 421 40.96 -92.29 42.93
C SER H 421 40.38 -91.25 43.88
N GLY H 422 39.06 -91.16 43.97
CA GLY H 422 38.42 -90.26 44.91
C GLY H 422 38.25 -88.84 44.42
N LYS H 423 39.01 -88.40 43.42
CA LYS H 423 38.82 -87.05 42.90
C LYS H 423 37.50 -86.92 42.16
N ASN H 424 37.03 -88.00 41.54
CA ASN H 424 35.75 -88.02 40.83
C ASN H 424 35.72 -86.98 39.72
N LEU H 425 36.69 -87.05 38.82
CA LEU H 425 36.69 -86.17 37.67
C LEU H 425 36.01 -86.78 36.45
N SER H 426 35.71 -88.08 36.49
CA SER H 426 35.00 -88.67 35.37
C SER H 426 33.60 -88.08 35.21
N VAL H 427 32.93 -87.81 36.33
CA VAL H 427 31.62 -87.19 36.27
C VAL H 427 31.73 -85.78 35.70
N GLY H 428 32.82 -85.09 36.02
CA GLY H 428 33.02 -83.75 35.47
C GLY H 428 33.26 -83.79 33.98
N LEU H 429 34.10 -84.71 33.52
CA LEU H 429 34.36 -84.83 32.09
C LEU H 429 33.10 -85.23 31.33
N SER H 430 32.29 -86.12 31.91
CA SER H 430 31.03 -86.50 31.28
C SER H 430 30.13 -85.32 31.02
N GLN H 431 30.31 -84.23 31.75
CA GLN H 431 29.61 -82.97 31.52
C GLN H 431 30.62 -81.97 30.96
N GLY H 432 30.84 -82.03 29.66
CA GLY H 432 31.73 -81.06 29.04
C GLY H 432 32.72 -81.64 28.06
N ILE H 433 32.73 -82.95 27.87
CA ILE H 433 33.64 -83.57 26.91
C ILE H 433 32.84 -84.45 25.98
N GLN H 434 32.89 -84.17 24.68
CA GLN H 434 32.29 -85.01 23.65
C GLN H 434 33.39 -85.38 22.66
N ILE H 435 33.80 -86.64 22.66
CA ILE H 435 34.94 -87.09 21.89
C ILE H 435 34.44 -87.74 20.61
N ILE H 436 34.74 -87.12 19.47
CA ILE H 436 34.44 -87.72 18.17
C ILE H 436 35.50 -88.77 17.86
N SER H 437 35.06 -89.99 17.59
CA SER H 437 35.99 -91.10 17.42
C SER H 437 36.85 -90.94 16.17
N SER H 438 36.21 -90.91 15.00
CA SER H 438 36.93 -90.85 13.74
C SER H 438 36.48 -89.62 12.97
N ALA H 439 37.44 -88.81 12.53
CA ALA H 439 37.10 -87.58 11.82
C ALA H 439 36.42 -87.84 10.50
N ALA H 440 36.49 -89.06 9.97
CA ALA H 440 35.82 -89.36 8.71
C ALA H 440 34.34 -89.66 8.91
N SER H 441 33.98 -90.24 10.06
CA SER H 441 32.60 -90.63 10.33
C SER H 441 32.17 -89.97 11.64
N MET H 442 31.50 -88.82 11.53
CA MET H 442 31.00 -88.08 12.69
C MET H 442 29.54 -87.75 12.44
N SER H 443 28.65 -88.68 12.77
CA SER H 443 27.22 -88.48 12.62
C SER H 443 26.48 -88.50 13.94
N ASN H 444 27.17 -88.76 15.05
CA ASN H 444 26.56 -88.71 16.36
C ASN H 444 26.74 -87.35 17.03
N THR H 445 27.50 -86.45 16.42
CA THR H 445 27.69 -85.12 16.96
C THR H 445 27.27 -83.99 16.02
N TYR H 446 27.43 -84.18 14.71
CA TYR H 446 26.97 -83.20 13.74
C TYR H 446 25.86 -83.82 12.90
N VAL H 447 24.91 -83.00 12.49
CA VAL H 447 23.85 -83.47 11.61
C VAL H 447 24.41 -83.59 10.21
N VAL H 448 24.82 -84.81 9.85
CA VAL H 448 25.56 -85.03 8.61
C VAL H 448 24.97 -86.22 7.88
N SER H 449 23.76 -86.63 8.26
CA SER H 449 23.15 -87.83 7.73
C SER H 449 22.87 -87.67 6.24
N ALA H 450 22.36 -88.75 5.64
CA ALA H 450 22.21 -88.80 4.18
C ALA H 450 21.26 -87.72 3.68
N GLY H 451 20.05 -87.64 4.24
CA GLY H 451 19.07 -86.70 3.75
C GLY H 451 19.51 -85.26 3.85
N SER H 452 20.31 -84.94 4.87
CA SER H 452 20.82 -83.59 5.01
C SER H 452 21.70 -83.22 3.82
N GLY H 453 21.75 -81.93 3.52
CA GLY H 453 22.54 -81.46 2.40
C GLY H 453 24.01 -81.32 2.74
N PHE H 454 24.45 -82.01 3.78
CA PHE H 454 25.82 -81.93 4.25
C PHE H 454 26.51 -83.28 4.28
N SER H 455 26.02 -84.25 3.50
CA SER H 455 26.59 -85.58 3.48
C SER H 455 28.08 -85.54 3.15
N SER H 456 28.86 -86.36 3.85
CA SER H 456 30.28 -86.43 3.59
C SER H 456 30.55 -86.81 2.14
N GLY H 457 31.54 -86.15 1.54
CA GLY H 457 31.86 -86.38 0.16
C GLY H 457 30.91 -85.72 -0.83
N SER H 458 29.94 -84.94 -0.35
CA SER H 458 29.01 -84.23 -1.21
C SER H 458 29.17 -82.72 -1.13
N GLY H 459 30.34 -82.26 -0.68
CA GLY H 459 30.51 -80.85 -0.42
C GLY H 459 29.70 -80.40 0.78
N ASN H 460 29.96 -79.18 1.25
CA ASN H 460 29.24 -78.58 2.37
C ASN H 460 29.41 -79.35 3.67
N SER H 461 30.28 -80.36 3.71
CA SER H 461 30.44 -81.15 4.92
C SER H 461 31.04 -80.37 6.07
N GLN H 462 31.65 -79.21 5.81
CA GLN H 462 32.26 -78.41 6.85
C GLN H 462 31.34 -77.34 7.38
N PHE H 463 30.03 -77.45 7.10
CA PHE H 463 29.06 -76.49 7.59
C PHE H 463 27.93 -77.15 8.36
N ALA H 464 27.95 -78.46 8.53
CA ALA H 464 26.86 -79.15 9.19
C ALA H 464 26.69 -78.67 10.62
N ALA H 465 25.44 -78.55 11.04
CA ALA H 465 25.13 -78.02 12.37
C ALA H 465 25.50 -79.03 13.45
N LEU H 466 25.57 -78.54 14.68
CA LEU H 466 25.86 -79.39 15.82
C LEU H 466 24.58 -80.04 16.33
N LYS H 467 24.72 -81.19 16.97
CA LYS H 467 23.56 -81.93 17.45
C LYS H 467 23.30 -81.60 18.91
N THR H 468 22.04 -81.30 19.22
CA THR H 468 21.69 -80.82 20.56
C THR H 468 21.71 -81.95 21.58
N THR H 469 21.53 -83.20 21.16
CA THR H 469 21.67 -84.30 22.11
C THR H 469 23.13 -84.57 22.42
N ALA H 470 24.02 -84.40 21.44
CA ALA H 470 25.44 -84.59 21.67
C ALA H 470 26.00 -83.47 22.53
N ALA H 471 25.94 -82.24 22.04
CA ALA H 471 26.36 -81.09 22.82
C ALA H 471 25.22 -80.67 23.74
N ASN H 472 25.34 -79.49 24.33
CA ASN H 472 24.25 -78.92 25.11
C ASN H 472 23.92 -77.53 24.58
N THR H 473 23.92 -77.39 23.26
CA THR H 473 23.64 -76.10 22.65
C THR H 473 22.22 -75.65 22.96
N THR H 474 22.10 -74.53 23.67
CA THR H 474 20.80 -73.94 23.97
C THR H 474 20.71 -72.58 23.29
N ASP H 475 19.48 -72.17 23.00
CA ASP H 475 19.25 -70.89 22.35
C ASP H 475 19.62 -69.75 23.30
N GLU H 476 19.71 -68.56 22.73
CA GLU H 476 20.01 -67.36 23.48
C GLU H 476 18.76 -66.50 23.57
N THR H 477 18.81 -65.51 24.48
CA THR H 477 17.68 -64.62 24.66
C THR H 477 17.44 -63.82 23.37
N ALA H 478 16.23 -63.28 23.26
CA ALA H 478 15.73 -62.77 21.98
C ALA H 478 16.43 -61.47 21.62
N GLY H 479 17.20 -61.51 20.53
CA GLY H 479 17.66 -60.29 19.91
C GLY H 479 18.58 -59.47 20.80
N VAL H 480 18.28 -58.18 20.88
CA VAL H 480 19.13 -57.21 21.56
C VAL H 480 19.24 -57.46 23.06
N THR H 481 18.52 -58.45 23.59
CA THR H 481 18.55 -58.70 25.02
C THR H 481 19.86 -59.31 25.49
N THR H 482 20.87 -59.36 24.65
CA THR H 482 22.19 -59.83 25.04
C THR H 482 23.25 -59.02 24.29
N LEU H 483 24.45 -58.99 24.85
CA LEU H 483 25.49 -58.11 24.35
C LEU H 483 25.82 -58.42 22.89
N LYS H 484 26.30 -59.63 22.63
CA LYS H 484 26.61 -60.00 21.26
C LYS H 484 25.38 -59.92 20.37
N GLY H 485 24.20 -60.16 20.94
CA GLY H 485 22.98 -59.96 20.17
C GLY H 485 22.80 -58.50 19.77
N ALA H 486 23.11 -57.59 20.67
CA ALA H 486 22.98 -56.17 20.34
C ALA H 486 23.97 -55.79 19.26
N MET H 487 25.22 -56.23 19.39
CA MET H 487 26.21 -55.88 18.38
C MET H 487 25.90 -56.54 17.04
N ALA H 488 25.17 -57.66 17.05
CA ALA H 488 24.76 -58.25 15.79
C ALA H 488 23.55 -57.56 15.21
N VAL H 489 22.70 -56.98 16.05
CA VAL H 489 21.56 -56.22 15.54
C VAL H 489 22.03 -54.91 14.93
N MET H 490 23.14 -54.36 15.44
CA MET H 490 23.70 -53.17 14.84
C MET H 490 24.01 -53.38 13.36
N ASP H 491 24.59 -54.52 13.02
CA ASP H 491 24.92 -54.80 11.61
C ASP H 491 23.66 -54.93 10.77
N ILE H 492 22.64 -55.59 11.31
CA ILE H 492 21.41 -55.77 10.55
C ILE H 492 20.74 -54.43 10.28
N ALA H 493 20.77 -53.54 11.26
CA ALA H 493 20.24 -52.20 11.02
C ALA H 493 21.06 -51.44 9.99
N GLU H 494 22.40 -51.53 10.09
CA GLU H 494 23.26 -50.85 9.13
C GLU H 494 23.06 -51.38 7.73
N THR H 495 22.66 -52.64 7.59
CA THR H 495 22.42 -53.20 6.27
C THR H 495 21.05 -52.82 5.75
N ALA H 496 20.04 -52.82 6.63
CA ALA H 496 18.70 -52.42 6.22
C ALA H 496 18.69 -50.98 5.74
N ILE H 497 19.46 -50.11 6.40
CA ILE H 497 19.55 -48.73 5.96
C ILE H 497 20.05 -48.65 4.52
N THR H 498 21.13 -49.38 4.23
CA THR H 498 21.68 -49.40 2.87
C THR H 498 20.65 -49.91 1.88
N ASN H 499 19.91 -50.96 2.24
CA ASN H 499 18.93 -51.51 1.31
C ASN H 499 17.84 -50.49 0.99
N LEU H 500 17.31 -49.84 2.01
CA LEU H 500 16.27 -48.85 1.76
C LEU H 500 16.81 -47.67 0.96
N ASP H 501 18.05 -47.28 1.22
CA ASP H 501 18.66 -46.21 0.43
C ASP H 501 18.73 -46.61 -1.04
N GLN H 502 19.10 -47.85 -1.31
CA GLN H 502 19.18 -48.31 -2.70
C GLN H 502 17.81 -48.27 -3.37
N ILE H 503 16.78 -48.76 -2.67
CA ILE H 503 15.43 -48.76 -3.26
C ILE H 503 14.98 -47.33 -3.53
N ARG H 504 15.19 -46.43 -2.56
CA ARG H 504 14.80 -45.05 -2.74
C ARG H 504 15.54 -44.40 -3.89
N ALA H 505 16.81 -44.75 -4.09
CA ALA H 505 17.54 -44.22 -5.23
C ALA H 505 16.94 -44.70 -6.54
N ASP H 506 16.49 -45.95 -6.60
CA ASP H 506 15.82 -46.42 -7.80
C ASP H 506 14.56 -45.63 -8.09
N ILE H 507 13.75 -45.40 -7.05
CA ILE H 507 12.54 -44.59 -7.22
C ILE H 507 12.90 -43.20 -7.74
N ALA H 508 13.95 -42.61 -7.19
CA ALA H 508 14.34 -41.25 -7.59
C ALA H 508 14.76 -41.22 -9.05
N SER H 509 15.52 -42.22 -9.50
CA SER H 509 15.91 -42.27 -10.91
C SER H 509 14.69 -42.33 -11.80
N ILE H 510 13.74 -43.21 -11.49
CA ILE H 510 12.52 -43.28 -12.31
C ILE H 510 11.82 -41.93 -12.33
N GLN H 511 11.77 -41.26 -11.18
CA GLN H 511 11.07 -39.99 -11.09
C GLN H 511 11.71 -38.94 -11.99
N ASN H 512 13.04 -38.84 -11.97
CA ASN H 512 13.69 -37.87 -12.83
C ASN H 512 13.47 -38.19 -14.30
N GLN H 513 13.52 -39.46 -14.67
CA GLN H 513 13.23 -39.83 -16.05
C GLN H 513 11.84 -39.37 -16.46
N VAL H 514 10.84 -39.61 -15.61
CA VAL H 514 9.48 -39.23 -15.95
C VAL H 514 9.36 -37.72 -16.06
N THR H 515 10.03 -36.99 -15.18
CA THR H 515 9.99 -35.53 -15.26
C THR H 515 10.53 -35.04 -16.59
N SER H 516 11.64 -35.61 -17.05
CA SER H 516 12.16 -35.20 -18.36
C SER H 516 11.21 -35.55 -19.48
N THR H 517 10.61 -36.74 -19.43
CA THR H 517 9.64 -37.12 -20.46
C THR H 517 8.51 -36.10 -20.53
N ILE H 518 8.00 -35.68 -19.38
CA ILE H 518 6.88 -34.75 -19.35
C ILE H 518 7.32 -33.40 -19.89
N ASN H 519 8.51 -32.93 -19.50
CA ASN H 519 8.99 -31.65 -19.98
C ASN H 519 9.15 -31.66 -21.49
N ASN H 520 9.43 -32.81 -22.09
CA ASN H 520 9.56 -32.84 -23.54
C ASN H 520 8.19 -32.96 -24.22
N ILE H 521 7.30 -33.78 -23.66
CA ILE H 521 5.99 -33.97 -24.27
C ILE H 521 5.20 -32.68 -24.25
N THR H 522 5.34 -31.90 -23.18
CA THR H 522 4.59 -30.65 -23.08
C THR H 522 4.91 -29.72 -24.25
N VAL H 523 6.17 -29.72 -24.71
CA VAL H 523 6.55 -28.87 -25.82
C VAL H 523 6.15 -29.50 -27.14
N THR H 524 6.39 -30.80 -27.29
CA THR H 524 6.05 -31.46 -28.54
C THR H 524 4.56 -31.37 -28.83
N GLN H 525 3.73 -31.39 -27.80
CA GLN H 525 2.29 -31.26 -28.02
C GLN H 525 1.94 -29.89 -28.57
N VAL H 526 2.55 -28.84 -28.03
CA VAL H 526 2.28 -27.49 -28.53
C VAL H 526 2.69 -27.39 -29.99
N ASN H 527 3.86 -27.93 -30.33
CA ASN H 527 4.30 -27.84 -31.71
C ASN H 527 3.39 -28.60 -32.64
N VAL H 528 2.94 -29.79 -32.24
CA VAL H 528 2.00 -30.56 -33.05
C VAL H 528 0.69 -29.81 -33.22
N LYS H 529 0.21 -29.19 -32.14
CA LYS H 529 -1.06 -28.48 -32.21
C LYS H 529 -0.97 -27.29 -33.16
N ALA H 530 0.13 -26.56 -33.11
CA ALA H 530 0.29 -25.45 -34.04
C ALA H 530 0.42 -25.92 -35.48
N ALA H 531 1.15 -27.02 -35.70
CA ALA H 531 1.29 -27.55 -37.06
C ALA H 531 -0.05 -28.01 -37.60
N GLU H 532 -0.90 -28.58 -36.74
CA GLU H 532 -2.25 -28.96 -37.17
C GLU H 532 -3.08 -27.72 -37.49
N SER H 533 -3.05 -26.73 -36.61
CA SER H 533 -3.77 -25.48 -36.88
C SER H 533 -3.39 -24.89 -38.22
N GLN H 534 -2.11 -24.98 -38.58
CA GLN H 534 -1.68 -24.43 -39.86
C GLN H 534 -2.41 -25.08 -41.02
N ILE H 535 -2.76 -26.36 -40.90
CA ILE H 535 -3.40 -27.06 -42.01
C ILE H 535 -4.91 -26.95 -41.95
N ARG H 536 -5.51 -26.91 -40.77
CA ARG H 536 -6.96 -27.04 -40.64
C ARG H 536 -7.69 -25.72 -40.60
N ASP H 537 -7.24 -24.77 -39.78
CA ASP H 537 -8.05 -23.58 -39.56
C ASP H 537 -7.86 -22.56 -40.67
N VAL H 538 -8.79 -21.61 -40.71
CA VAL H 538 -8.79 -20.54 -41.70
C VAL H 538 -8.36 -19.25 -41.04
N ASP H 539 -7.67 -18.41 -41.79
CA ASP H 539 -7.22 -17.11 -41.33
C ASP H 539 -8.23 -16.04 -41.74
N PHE H 540 -8.87 -15.42 -40.74
CA PHE H 540 -9.91 -14.45 -41.03
C PHE H 540 -9.39 -13.27 -41.83
N ALA H 541 -8.08 -12.99 -41.77
CA ALA H 541 -7.50 -11.95 -42.60
C ALA H 541 -7.89 -12.14 -44.07
N SER H 542 -7.51 -13.27 -44.65
CA SER H 542 -7.87 -13.57 -46.03
C SER H 542 -9.32 -13.95 -46.17
N GLU H 543 -9.93 -14.53 -45.14
CA GLU H 543 -11.31 -14.99 -45.28
C GLU H 543 -12.28 -13.84 -45.43
N SER H 544 -12.15 -12.80 -44.62
CA SER H 544 -13.03 -11.65 -44.76
C SER H 544 -12.83 -10.95 -46.09
N ALA H 545 -11.61 -10.94 -46.61
CA ALA H 545 -11.37 -10.38 -47.94
C ALA H 545 -12.12 -11.16 -49.00
N ASN H 546 -11.97 -12.48 -48.98
CA ASN H 546 -12.71 -13.32 -49.93
C ASN H 546 -14.20 -13.10 -49.82
N TYR H 547 -14.71 -12.99 -48.59
CA TYR H 547 -16.15 -12.85 -48.40
C TYR H 547 -16.64 -11.52 -48.94
N SER H 548 -15.96 -10.42 -48.62
CA SER H 548 -16.40 -9.13 -49.11
C SER H 548 -16.31 -9.05 -50.63
N LYS H 549 -15.24 -9.60 -51.19
CA LYS H 549 -15.11 -9.65 -52.64
C LYS H 549 -16.28 -10.39 -53.27
N ALA H 550 -16.59 -11.58 -52.74
CA ALA H 550 -17.71 -12.35 -53.28
C ALA H 550 -19.03 -11.64 -53.09
N ASN H 551 -19.22 -10.89 -52.01
CA ASN H 551 -20.47 -10.18 -51.80
C ASN H 551 -20.65 -9.05 -52.80
N ILE H 552 -19.59 -8.27 -53.05
CA ILE H 552 -19.69 -7.23 -54.06
C ILE H 552 -19.94 -7.85 -55.43
N LEU H 553 -19.28 -8.96 -55.72
CA LEU H 553 -19.53 -9.65 -56.97
C LEU H 553 -20.98 -10.12 -57.06
N ALA H 554 -21.56 -10.53 -55.95
CA ALA H 554 -22.96 -10.97 -55.96
C ALA H 554 -23.88 -9.81 -56.30
N GLN H 555 -23.64 -8.64 -55.70
CA GLN H 555 -24.44 -7.47 -56.04
C GLN H 555 -24.32 -7.13 -57.52
N SER H 556 -23.09 -7.12 -58.04
CA SER H 556 -22.89 -6.81 -59.45
C SER H 556 -23.60 -7.83 -60.34
N GLY H 557 -23.47 -9.11 -60.02
CA GLY H 557 -24.11 -10.13 -60.84
C GLY H 557 -25.62 -10.02 -60.81
N SER H 558 -26.19 -9.66 -59.66
CA SER H 558 -27.62 -9.46 -59.60
C SER H 558 -28.06 -8.30 -60.48
N TYR H 559 -27.33 -7.20 -60.45
CA TYR H 559 -27.64 -6.10 -61.36
C TYR H 559 -27.52 -6.53 -62.82
N ALA H 560 -26.53 -7.36 -63.12
CA ALA H 560 -26.36 -7.83 -64.49
C ALA H 560 -27.54 -8.69 -64.92
N MET H 561 -28.02 -9.57 -64.04
CA MET H 561 -29.19 -10.37 -64.37
C MET H 561 -30.41 -9.50 -64.60
N ALA H 562 -30.63 -8.50 -63.73
CA ALA H 562 -31.77 -7.62 -63.94
C ALA H 562 -31.69 -6.92 -65.29
N GLN H 563 -30.53 -6.38 -65.64
CA GLN H 563 -30.40 -5.71 -66.93
C GLN H 563 -30.56 -6.69 -68.08
N ALA H 564 -30.08 -7.92 -67.93
CA ALA H 564 -30.24 -8.90 -69.00
C ALA H 564 -31.70 -9.20 -69.25
N ASN H 565 -32.47 -9.40 -68.17
CA ASN H 565 -33.90 -9.62 -68.34
C ASN H 565 -34.58 -8.42 -68.99
N SER H 566 -34.19 -7.21 -68.60
CA SER H 566 -34.82 -6.02 -69.16
C SER H 566 -34.36 -5.71 -70.57
N SER H 567 -33.31 -6.34 -71.07
CA SER H 567 -32.69 -5.95 -72.33
C SER H 567 -33.53 -6.24 -73.56
N GLN H 568 -34.76 -6.73 -73.42
CA GLN H 568 -35.59 -7.06 -74.57
C GLN H 568 -36.82 -6.18 -74.72
N GLN H 569 -36.98 -5.18 -73.86
CA GLN H 569 -38.15 -4.30 -73.98
C GLN H 569 -38.14 -3.52 -75.29
N ASN H 570 -36.98 -3.35 -75.92
CA ASN H 570 -36.89 -2.50 -77.09
C ASN H 570 -37.61 -3.09 -78.29
N VAL H 571 -37.90 -4.39 -78.28
CA VAL H 571 -38.56 -4.99 -79.42
C VAL H 571 -39.99 -4.46 -79.57
N LEU H 572 -40.64 -4.13 -78.46
CA LEU H 572 -42.02 -3.68 -78.51
C LEU H 572 -42.16 -2.40 -79.33
N ARG H 573 -41.10 -1.60 -79.42
CA ARG H 573 -41.17 -0.39 -80.24
C ARG H 573 -41.31 -0.72 -81.71
N LEU H 574 -40.83 -1.89 -82.13
CA LEU H 574 -41.07 -2.32 -83.50
C LEU H 574 -42.53 -2.67 -83.71
N LEU H 575 -43.10 -3.43 -82.79
CA LEU H 575 -44.43 -3.98 -82.99
C LEU H 575 -45.50 -2.90 -82.87
N GLN H 576 -45.41 -2.06 -81.84
CA GLN H 576 -46.43 -1.05 -81.59
C GLN H 576 -46.66 -0.13 -82.79
N PHE I 3 -86.35 22.57 -87.59
CA PHE I 3 -85.76 22.07 -88.82
C PHE I 3 -85.47 23.26 -89.72
N ARG I 4 -85.87 24.43 -89.25
CA ARG I 4 -85.57 25.69 -89.93
C ARG I 4 -84.16 26.12 -89.56
N ILE I 5 -83.35 26.37 -90.58
CA ILE I 5 -81.97 26.74 -90.39
C ILE I 5 -81.85 28.25 -90.43
N ASN I 6 -80.66 28.74 -90.11
CA ASN I 6 -80.20 30.12 -89.89
C ASN I 6 -80.51 30.64 -88.49
N THR I 7 -81.18 29.85 -87.65
CA THR I 7 -81.36 30.24 -86.25
C THR I 7 -81.19 29.01 -85.35
N ASN I 8 -80.10 28.28 -85.55
CA ASN I 8 -79.80 27.09 -84.75
C ASN I 8 -79.98 27.36 -83.27
N VAL I 9 -80.94 26.67 -82.64
CA VAL I 9 -81.24 26.91 -81.23
C VAL I 9 -80.46 25.97 -80.33
N ALA I 10 -80.28 24.72 -80.77
CA ALA I 10 -79.46 23.81 -80.00
C ALA I 10 -78.03 24.31 -79.84
N ALA I 11 -77.52 25.03 -80.83
CA ALA I 11 -76.19 25.61 -80.72
C ALA I 11 -76.13 26.64 -79.60
N LEU I 12 -77.11 27.55 -79.56
CA LEU I 12 -77.12 28.55 -78.52
C LEU I 12 -77.30 27.93 -77.14
N ASN I 13 -78.17 26.94 -77.03
CA ASN I 13 -78.38 26.29 -75.74
C ASN I 13 -77.10 25.59 -75.27
N ALA I 14 -76.45 24.83 -76.16
CA ALA I 14 -75.22 24.16 -75.80
C ALA I 14 -74.12 25.15 -75.44
N LYS I 15 -74.05 26.27 -76.15
CA LYS I 15 -73.05 27.27 -75.83
C LYS I 15 -73.29 27.87 -74.46
N ALA I 16 -74.55 28.17 -74.13
CA ALA I 16 -74.87 28.70 -72.81
C ALA I 16 -74.44 27.73 -71.72
N ASN I 17 -74.81 26.45 -71.87
CA ASN I 17 -74.46 25.46 -70.85
C ASN I 17 -72.95 25.33 -70.71
N SER I 18 -72.24 25.26 -71.84
CA SER I 18 -70.80 25.04 -71.78
C SER I 18 -70.09 26.25 -71.18
N ASP I 19 -70.57 27.46 -71.45
CA ASP I 19 -69.94 28.63 -70.85
C ASP I 19 -70.20 28.68 -69.36
N LEU I 20 -71.43 28.38 -68.95
CA LEU I 20 -71.72 28.29 -67.53
C LEU I 20 -70.81 27.28 -66.85
N ASN I 21 -70.45 26.20 -67.55
CA ASN I 21 -69.53 25.23 -66.99
C ASN I 21 -68.11 25.78 -66.91
N ALA I 22 -67.62 26.36 -68.00
CA ALA I 22 -66.26 26.90 -68.02
C ALA I 22 -66.06 27.91 -66.91
N LYS I 23 -67.12 28.65 -66.54
CA LYS I 23 -67.00 29.56 -65.40
C LYS I 23 -66.58 28.82 -64.14
N SER I 24 -67.29 27.74 -63.81
CA SER I 24 -66.96 27.00 -62.59
C SER I 24 -65.63 26.26 -62.71
N LEU I 25 -65.28 25.82 -63.92
CA LEU I 25 -63.97 25.22 -64.11
C LEU I 25 -62.87 26.23 -63.78
N ASP I 26 -62.99 27.45 -64.31
CA ASP I 26 -62.02 28.49 -64.02
C ASP I 26 -61.97 28.78 -62.53
N ALA I 27 -63.13 28.86 -61.88
CA ALA I 27 -63.14 29.13 -60.44
C ALA I 27 -62.40 28.06 -59.67
N SER I 28 -62.70 26.79 -59.96
CA SER I 28 -62.04 25.70 -59.25
C SER I 28 -60.55 25.70 -59.52
N LEU I 29 -60.13 26.04 -60.74
CA LEU I 29 -58.70 26.09 -61.03
C LEU I 29 -58.02 27.21 -60.27
N SER I 30 -58.66 28.36 -60.16
CA SER I 30 -58.07 29.45 -59.38
C SER I 30 -57.96 29.08 -57.92
N ARG I 31 -58.97 28.39 -57.38
CA ARG I 31 -58.86 27.91 -56.01
C ARG I 31 -57.70 26.95 -55.86
N LEU I 32 -57.60 25.98 -56.76
CA LEU I 32 -56.52 25.00 -56.73
C LEU I 32 -55.16 25.67 -56.79
N SER I 33 -55.04 26.76 -57.55
CA SER I 33 -53.77 27.47 -57.65
C SER I 33 -53.46 28.23 -56.38
N SER I 34 -54.31 29.18 -56.01
CA SER I 34 -54.00 30.08 -54.90
C SER I 34 -53.96 29.35 -53.57
N GLY I 35 -54.68 28.24 -53.44
CA GLY I 35 -54.73 27.53 -52.18
C GLY I 35 -55.68 28.12 -51.16
N LEU I 36 -56.68 28.86 -51.60
CA LEU I 36 -57.63 29.52 -50.71
C LEU I 36 -59.05 29.29 -51.21
N ARG I 37 -59.97 29.08 -50.27
CA ARG I 37 -61.36 28.90 -50.64
C ARG I 37 -62.06 30.21 -50.95
N ILE I 38 -61.55 31.32 -50.46
CA ILE I 38 -62.11 32.64 -50.72
C ILE I 38 -60.98 33.53 -51.21
N ASN I 39 -60.92 33.73 -52.52
CA ASN I 39 -59.91 34.58 -53.14
C ASN I 39 -60.45 35.98 -53.39
N SER I 40 -61.57 36.08 -54.09
CA SER I 40 -62.12 37.36 -54.51
C SER I 40 -63.05 37.96 -53.48
N ALA I 41 -63.28 37.29 -52.35
CA ALA I 41 -64.21 37.74 -51.32
C ALA I 41 -65.59 38.01 -51.87
N ALA I 42 -65.91 37.46 -53.04
CA ALA I 42 -67.22 37.56 -53.64
C ALA I 42 -68.03 36.28 -53.49
N ASP I 43 -67.39 35.19 -53.09
CA ASP I 43 -68.08 33.94 -52.84
C ASP I 43 -68.50 33.79 -51.38
N ASP I 44 -67.89 34.55 -50.47
CA ASP I 44 -68.32 34.53 -49.07
C ASP I 44 -67.85 35.84 -48.43
N ALA I 45 -68.80 36.69 -48.06
CA ALA I 45 -68.47 37.98 -47.49
C ALA I 45 -68.18 37.88 -45.99
N SER I 46 -69.13 37.32 -45.24
CA SER I 46 -68.92 37.19 -43.81
C SER I 46 -67.80 36.22 -43.49
N GLY I 47 -67.63 35.19 -44.31
CA GLY I 47 -66.46 34.34 -44.16
C GLY I 47 -65.18 35.13 -44.25
N MET I 48 -65.08 36.00 -45.24
CA MET I 48 -63.91 36.86 -45.35
C MET I 48 -63.76 37.79 -44.16
N ALA I 49 -64.88 38.30 -43.65
CA ALA I 49 -64.80 39.20 -42.51
C ALA I 49 -64.27 38.48 -41.27
N ILE I 50 -64.84 37.33 -40.95
CA ILE I 50 -64.38 36.57 -39.79
C ILE I 50 -62.94 36.13 -39.99
N ALA I 51 -62.59 35.72 -41.21
CA ALA I 51 -61.23 35.27 -41.45
C ALA I 51 -60.22 36.39 -41.30
N ASP I 52 -60.60 37.61 -41.73
CA ASP I 52 -59.68 38.73 -41.55
C ASP I 52 -59.58 39.14 -40.10
N SER I 53 -60.67 39.07 -39.35
CA SER I 53 -60.57 39.32 -37.91
C SER I 53 -59.66 38.30 -37.24
N LEU I 54 -59.78 37.03 -37.61
CA LEU I 54 -58.95 36.00 -37.00
C LEU I 54 -57.49 36.12 -37.41
N ARG I 55 -57.24 36.52 -38.66
CA ARG I 55 -55.86 36.75 -39.08
C ARG I 55 -55.24 37.91 -38.34
N SER I 56 -55.99 39.01 -38.17
CA SER I 56 -55.51 40.12 -37.37
C SER I 56 -55.20 39.68 -35.94
N GLN I 57 -56.09 38.89 -35.35
CA GLN I 57 -55.86 38.43 -33.98
C GLN I 57 -54.66 37.50 -33.88
N ALA I 58 -54.48 36.62 -34.87
CA ALA I 58 -53.33 35.72 -34.84
C ALA I 58 -52.02 36.49 -34.99
N ASN I 59 -51.99 37.49 -35.87
CA ASN I 59 -50.78 38.29 -36.00
C ASN I 59 -50.51 39.10 -34.74
N THR I 60 -51.55 39.68 -34.14
CA THR I 60 -51.35 40.44 -32.92
C THR I 60 -50.82 39.55 -31.80
N LEU I 61 -51.33 38.33 -31.70
CA LEU I 61 -50.83 37.43 -30.68
C LEU I 61 -49.42 36.97 -30.99
N GLY I 62 -49.09 36.79 -32.26
CA GLY I 62 -47.73 36.43 -32.63
C GLY I 62 -46.75 37.51 -32.26
N GLN I 63 -47.17 38.77 -32.32
CA GLN I 63 -46.32 39.85 -31.85
C GLN I 63 -46.31 39.96 -30.34
N ALA I 64 -47.43 39.63 -29.69
CA ALA I 64 -47.48 39.64 -28.25
C ALA I 64 -46.51 38.63 -27.65
N ILE I 65 -46.32 37.49 -28.32
CA ILE I 65 -45.34 36.52 -27.83
C ILE I 65 -43.96 37.12 -27.79
N SER I 66 -43.61 37.89 -28.83
CA SER I 66 -42.29 38.50 -28.85
C SER I 66 -42.16 39.59 -27.80
N ASN I 67 -43.23 40.36 -27.57
CA ASN I 67 -43.20 41.32 -26.47
C ASN I 67 -42.99 40.63 -25.13
N GLY I 68 -43.65 39.50 -24.92
CA GLY I 68 -43.45 38.76 -23.69
C GLY I 68 -42.03 38.26 -23.54
N ASN I 69 -41.44 37.76 -24.63
CA ASN I 69 -40.07 37.30 -24.55
C ASN I 69 -39.10 38.44 -24.27
N ASP I 70 -39.36 39.63 -24.81
CA ASP I 70 -38.50 40.77 -24.49
C ASP I 70 -38.64 41.17 -23.03
N ALA I 71 -39.86 41.16 -22.50
CA ALA I 71 -40.02 41.41 -21.07
C ALA I 71 -39.27 40.38 -20.23
N LEU I 72 -39.31 39.11 -20.64
CA LEU I 72 -38.57 38.08 -19.92
C LEU I 72 -37.07 38.39 -19.94
N GLY I 73 -36.55 38.76 -21.09
CA GLY I 73 -35.13 39.10 -21.17
C GLY I 73 -34.76 40.23 -20.24
N ILE I 74 -35.56 41.30 -20.24
CA ILE I 74 -35.26 42.44 -19.38
C ILE I 74 -35.29 42.04 -17.92
N LEU I 75 -36.31 41.30 -17.51
CA LEU I 75 -36.42 40.92 -16.10
C LEU I 75 -35.30 40.00 -15.67
N GLN I 76 -34.93 39.04 -16.51
CA GLN I 76 -33.83 38.15 -16.16
C GLN I 76 -32.53 38.92 -16.02
N THR I 77 -32.28 39.87 -16.93
CA THR I 77 -31.10 40.71 -16.80
C THR I 77 -31.10 41.43 -15.46
N ALA I 78 -32.22 42.06 -15.12
CA ALA I 78 -32.29 42.81 -13.86
C ALA I 78 -31.99 41.91 -12.67
N ASP I 79 -32.56 40.70 -12.65
CA ASP I 79 -32.41 39.84 -11.48
C ASP I 79 -30.98 39.32 -11.36
N LYS I 80 -30.45 38.76 -12.45
CA LYS I 80 -29.07 38.30 -12.42
C LYS I 80 -28.10 39.41 -12.10
N ALA I 81 -28.47 40.67 -12.36
CA ALA I 81 -27.66 41.77 -11.88
C ALA I 81 -27.81 41.98 -10.38
N MET I 82 -29.03 41.87 -9.86
CA MET I 82 -29.25 42.03 -8.42
C MET I 82 -28.43 41.04 -7.60
N ASP I 83 -28.16 39.86 -8.17
CA ASP I 83 -27.45 38.83 -7.41
C ASP I 83 -26.11 39.33 -6.86
N GLU I 84 -25.33 40.02 -7.70
CA GLU I 84 -24.01 40.46 -7.25
C GLU I 84 -24.11 41.50 -6.16
N GLN I 85 -25.10 42.39 -6.22
CA GLN I 85 -25.30 43.34 -5.13
C GLN I 85 -25.61 42.60 -3.84
N LEU I 86 -26.40 41.53 -3.92
CA LEU I 86 -26.63 40.74 -2.71
C LEU I 86 -25.33 40.20 -2.13
N LYS I 87 -24.48 39.62 -2.97
CA LYS I 87 -23.23 39.08 -2.47
C LYS I 87 -22.34 40.18 -1.88
N ILE I 88 -22.32 41.35 -2.51
CA ILE I 88 -21.49 42.44 -2.01
C ILE I 88 -21.98 42.91 -0.65
N LEU I 89 -23.29 43.02 -0.47
CA LEU I 89 -23.81 43.41 0.83
C LEU I 89 -23.45 42.38 1.88
N ASP I 90 -23.52 41.09 1.53
CA ASP I 90 -23.06 40.07 2.44
C ASP I 90 -21.63 40.32 2.87
N THR I 91 -20.75 40.60 1.91
CA THR I 91 -19.34 40.84 2.23
C THR I 91 -19.19 42.05 3.13
N ILE I 92 -19.97 43.10 2.88
CA ILE I 92 -19.89 44.30 3.71
C ILE I 92 -20.25 43.97 5.15
N LYS I 93 -21.33 43.21 5.34
CA LYS I 93 -21.73 42.85 6.71
C LYS I 93 -20.66 42.00 7.38
N THR I 94 -20.07 41.07 6.63
CA THR I 94 -19.02 40.25 7.22
C THR I 94 -17.84 41.10 7.64
N LYS I 95 -17.47 42.09 6.83
CA LYS I 95 -16.36 42.96 7.19
C LYS I 95 -16.68 43.80 8.41
N ALA I 96 -17.91 44.31 8.49
CA ALA I 96 -18.30 45.07 9.67
C ALA I 96 -18.20 44.20 10.92
N THR I 97 -18.64 42.95 10.82
CA THR I 97 -18.48 42.04 11.95
C THR I 97 -17.02 41.81 12.28
N GLN I 98 -16.16 41.76 11.27
CA GLN I 98 -14.74 41.55 11.50
C GLN I 98 -14.12 42.74 12.21
N ALA I 99 -14.62 43.94 11.97
CA ALA I 99 -14.06 45.13 12.59
C ALA I 99 -14.74 45.48 13.90
N ALA I 100 -15.87 44.86 14.21
CA ALA I 100 -16.55 45.13 15.47
C ALA I 100 -15.93 44.43 16.65
N GLN I 101 -14.73 43.88 16.52
CA GLN I 101 -14.05 43.25 17.64
C GLN I 101 -12.85 44.09 18.05
N ASP I 102 -12.64 44.22 19.35
CA ASP I 102 -11.68 45.19 19.87
C ASP I 102 -10.28 44.64 19.98
N GLY I 103 -9.92 43.65 19.20
CA GLY I 103 -8.53 43.25 19.10
C GLY I 103 -7.87 43.94 17.93
N GLN I 104 -8.48 45.02 17.46
CA GLN I 104 -8.05 45.74 16.28
C GLN I 104 -7.85 47.19 16.61
N SER I 105 -6.97 47.85 15.87
CA SER I 105 -6.71 49.26 16.09
C SER I 105 -7.40 50.11 15.03
N LEU I 106 -7.31 51.43 15.19
CA LEU I 106 -7.97 52.33 14.26
C LEU I 106 -7.39 52.18 12.85
N LYS I 107 -6.12 51.81 12.74
CA LYS I 107 -5.51 51.63 11.43
C LYS I 107 -6.17 50.48 10.68
N THR I 108 -6.30 49.32 11.33
CA THR I 108 -6.92 48.20 10.67
C THR I 108 -8.40 48.45 10.42
N ARG I 109 -9.08 49.10 11.36
CA ARG I 109 -10.46 49.51 11.09
C ARG I 109 -10.53 50.42 9.88
N THR I 110 -9.51 51.25 9.67
CA THR I 110 -9.51 52.15 8.53
C THR I 110 -9.31 51.39 7.23
N MET I 111 -8.46 50.36 7.26
CA MET I 111 -8.37 49.47 6.09
C MET I 111 -9.71 48.83 5.79
N LEU I 112 -10.41 48.36 6.82
CA LEU I 112 -11.76 47.84 6.67
C LEU I 112 -12.66 48.85 5.97
N GLN I 113 -12.64 50.08 6.47
CA GLN I 113 -13.52 51.11 5.92
C GLN I 113 -13.17 51.43 4.48
N ALA I 114 -11.88 51.41 4.13
CA ALA I 114 -11.50 51.58 2.74
C ALA I 114 -12.10 50.50 1.87
N ASP I 115 -11.96 49.25 2.29
CA ASP I 115 -12.48 48.15 1.49
C ASP I 115 -13.99 48.25 1.34
N ILE I 116 -14.67 48.66 2.41
CA ILE I 116 -16.12 48.80 2.34
C ILE I 116 -16.49 49.94 1.39
N ASN I 117 -15.72 51.03 1.42
CA ASN I 117 -15.96 52.13 0.49
C ASN I 117 -15.89 51.65 -0.94
N LYS I 118 -14.85 50.88 -1.25
CA LYS I 118 -14.70 50.38 -2.62
C LYS I 118 -15.86 49.47 -3.00
N LEU I 119 -16.23 48.56 -2.10
CA LEU I 119 -17.33 47.64 -2.40
C LEU I 119 -18.62 48.40 -2.63
N MET I 120 -18.89 49.43 -1.83
CA MET I 120 -20.12 50.19 -1.99
C MET I 120 -20.09 51.00 -3.29
N GLU I 121 -18.92 51.52 -3.65
CA GLU I 121 -18.78 52.18 -4.94
C GLU I 121 -19.10 51.22 -6.07
N GLU I 122 -18.67 49.97 -5.94
CA GLU I 122 -19.00 48.98 -6.96
C GLU I 122 -20.49 48.69 -7.01
N LEU I 123 -21.13 48.57 -5.85
CA LEU I 123 -22.57 48.36 -5.80
C LEU I 123 -23.28 49.47 -6.56
N ASP I 124 -22.95 50.71 -6.24
CA ASP I 124 -23.54 51.84 -6.93
C ASP I 124 -23.25 51.81 -8.42
N ASN I 125 -22.06 51.33 -8.79
CA ASN I 125 -21.72 51.23 -10.21
C ASN I 125 -22.63 50.23 -10.91
N ILE I 126 -22.84 49.06 -10.31
CA ILE I 126 -23.75 48.09 -10.91
C ILE I 126 -25.13 48.68 -11.06
N ALA I 127 -25.63 49.36 -10.02
CA ALA I 127 -26.96 49.94 -10.08
C ALA I 127 -27.08 50.96 -11.21
N ASN I 128 -26.18 51.93 -11.26
CA ASN I 128 -26.21 52.95 -12.28
C ASN I 128 -25.71 52.46 -13.64
N THR I 129 -25.29 51.21 -13.74
CA THR I 129 -24.77 50.69 -15.00
C THR I 129 -25.73 49.78 -15.73
N THR I 130 -26.34 48.80 -15.06
CA THR I 130 -27.14 47.81 -15.77
C THR I 130 -28.26 48.48 -16.56
N SER I 131 -28.32 48.21 -17.86
CA SER I 131 -29.28 48.84 -18.74
C SER I 131 -29.48 47.97 -19.97
N PHE I 132 -30.68 48.04 -20.55
CA PHE I 132 -30.99 47.19 -21.71
C PHE I 132 -30.49 47.81 -23.02
N ASN I 133 -31.07 48.93 -23.43
CA ASN I 133 -30.58 49.67 -24.59
C ASN I 133 -30.70 51.16 -24.30
N GLY I 134 -30.30 51.55 -23.09
CA GLY I 134 -30.49 52.90 -22.57
C GLY I 134 -31.40 52.95 -21.37
N LYS I 135 -32.41 52.09 -21.33
CA LYS I 135 -33.33 52.03 -20.20
C LYS I 135 -32.57 51.50 -18.99
N GLN I 136 -32.20 52.39 -18.09
CA GLN I 136 -31.53 51.97 -16.86
C GLN I 136 -32.53 51.21 -15.99
N LEU I 137 -32.25 49.92 -15.77
CA LEU I 137 -33.18 49.09 -15.04
C LEU I 137 -33.09 49.35 -13.54
N LEU I 138 -31.91 49.14 -12.95
CA LEU I 138 -31.76 49.16 -11.50
C LEU I 138 -31.31 50.53 -11.02
N SER I 139 -32.09 51.56 -11.36
CA SER I 139 -31.74 52.91 -10.96
C SER I 139 -32.91 53.65 -10.35
N GLY I 140 -34.12 53.31 -10.79
CA GLY I 140 -35.33 53.95 -10.29
C GLY I 140 -36.22 54.56 -11.35
N ASN I 141 -35.77 54.67 -12.60
CA ASN I 141 -36.63 55.14 -13.68
C ASN I 141 -37.20 53.99 -14.49
N PHE I 142 -37.49 52.87 -13.86
CA PHE I 142 -38.17 51.76 -14.52
C PHE I 142 -39.52 51.53 -13.87
N THR I 143 -40.24 52.60 -13.60
CA THR I 143 -41.53 52.54 -12.95
C THR I 143 -42.65 52.61 -13.96
N ASN I 144 -43.65 51.73 -13.80
CA ASN I 144 -44.86 51.72 -14.61
C ASN I 144 -44.53 51.59 -16.09
N GLN I 145 -43.87 50.48 -16.43
CA GLN I 145 -43.60 50.14 -17.82
C GLN I 145 -44.54 49.02 -18.25
N GLU I 146 -45.12 49.17 -19.44
CA GLU I 146 -46.11 48.24 -19.94
C GLU I 146 -45.51 47.33 -21.01
N PHE I 147 -46.22 46.24 -21.29
CA PHE I 147 -45.81 45.29 -22.31
C PHE I 147 -47.09 44.72 -22.91
N GLN I 148 -47.52 45.28 -24.03
CA GLN I 148 -48.75 44.82 -24.68
C GLN I 148 -48.64 43.34 -25.03
N ILE I 149 -49.45 42.50 -24.39
CA ILE I 149 -49.40 41.06 -24.60
C ILE I 149 -50.78 40.50 -24.90
N GLY I 150 -51.65 41.30 -25.52
CA GLY I 150 -53.00 40.88 -25.76
C GLY I 150 -53.43 41.19 -27.19
N ALA I 151 -54.56 40.59 -27.57
CA ALA I 151 -55.09 40.79 -28.90
C ALA I 151 -55.77 42.15 -29.05
N SER I 152 -56.44 42.62 -28.01
CA SER I 152 -57.14 43.89 -28.04
C SER I 152 -56.20 44.98 -27.55
N SER I 153 -56.74 46.16 -27.23
CA SER I 153 -55.91 47.35 -27.07
C SER I 153 -55.02 47.28 -25.83
N ASN I 154 -55.61 47.21 -24.65
CA ASN I 154 -54.89 47.52 -23.42
C ASN I 154 -54.71 46.33 -22.51
N GLN I 155 -54.42 45.16 -23.07
CA GLN I 155 -53.94 44.05 -22.26
C GLN I 155 -52.44 44.19 -22.09
N THR I 156 -51.97 44.20 -20.84
CA THR I 156 -50.56 44.45 -20.62
C THR I 156 -50.17 44.07 -19.20
N VAL I 157 -48.89 43.78 -19.02
CA VAL I 157 -48.30 43.61 -17.71
C VAL I 157 -47.60 44.90 -17.34
N LYS I 158 -47.20 45.03 -16.08
CA LYS I 158 -46.59 46.25 -15.60
C LYS I 158 -45.43 45.91 -14.68
N ALA I 159 -44.28 46.54 -14.93
CA ALA I 159 -43.07 46.31 -14.17
C ALA I 159 -42.58 47.62 -13.58
N THR I 160 -42.32 47.62 -12.27
CA THR I 160 -41.94 48.81 -11.53
C THR I 160 -40.76 48.53 -10.62
N ILE I 161 -39.69 47.94 -11.17
CA ILE I 161 -38.49 47.63 -10.41
C ILE I 161 -38.04 48.83 -9.60
N GLY I 162 -37.93 48.67 -8.29
CA GLY I 162 -37.57 49.76 -7.41
C GLY I 162 -36.14 50.21 -7.61
N ALA I 163 -35.78 51.27 -6.89
CA ALA I 163 -34.45 51.84 -6.95
C ALA I 163 -33.54 51.13 -5.97
N THR I 164 -32.34 50.79 -6.42
CA THR I 164 -31.44 49.93 -5.65
C THR I 164 -30.04 50.53 -5.53
N GLN I 165 -29.93 51.85 -5.58
CA GLN I 165 -28.62 52.46 -5.41
C GLN I 165 -28.16 52.31 -3.96
N SER I 166 -26.93 52.72 -3.71
CA SER I 166 -26.37 52.58 -2.38
C SER I 166 -26.76 53.70 -1.45
N SER I 167 -27.55 54.65 -1.92
CA SER I 167 -28.03 55.76 -1.10
C SER I 167 -29.49 55.61 -0.71
N LYS I 168 -30.13 54.49 -1.08
CA LYS I 168 -31.55 54.32 -0.84
C LYS I 168 -31.94 52.95 -0.30
N ILE I 169 -30.99 52.04 -0.10
CA ILE I 169 -31.39 50.69 0.29
C ILE I 169 -31.38 50.55 1.81
N GLY I 170 -30.22 50.66 2.43
CA GLY I 170 -30.15 50.36 3.84
C GLY I 170 -30.47 51.56 4.70
N VAL I 171 -31.71 51.68 5.15
CA VAL I 171 -32.16 52.84 5.93
C VAL I 171 -32.79 52.28 7.21
N THR I 172 -31.99 52.19 8.26
CA THR I 172 -32.52 51.77 9.55
C THR I 172 -32.94 52.98 10.37
N ARG I 173 -33.64 52.73 11.47
CA ARG I 173 -34.14 53.77 12.35
C ARG I 173 -33.51 53.56 13.72
N PHE I 174 -32.85 54.60 14.23
CA PHE I 174 -32.23 54.56 15.54
C PHE I 174 -33.00 55.44 16.51
N GLU I 175 -32.96 55.07 17.78
CA GLU I 175 -33.53 55.88 18.85
C GLU I 175 -32.69 55.67 20.10
N THR I 176 -32.80 56.62 21.03
CA THR I 176 -32.09 56.53 22.29
C THR I 176 -32.71 57.52 23.27
N GLY I 177 -32.97 57.07 24.48
CA GLY I 177 -33.58 57.94 25.47
C GLY I 177 -32.55 58.61 26.36
N ALA I 178 -33.03 59.59 27.12
CA ALA I 178 -32.16 60.31 28.02
C ALA I 178 -31.68 59.40 29.14
N GLN I 179 -30.64 59.84 29.84
CA GLN I 179 -30.09 59.06 30.93
C GLN I 179 -31.09 59.02 32.08
N SER I 180 -31.58 57.83 32.40
CA SER I 180 -32.67 57.68 33.36
C SER I 180 -32.13 57.70 34.77
N PHE I 181 -32.59 58.65 35.58
CA PHE I 181 -32.21 58.73 36.98
C PHE I 181 -33.31 58.25 37.92
N THR I 182 -34.46 57.83 37.40
CA THR I 182 -35.57 57.38 38.21
C THR I 182 -35.84 55.90 37.98
N SER I 183 -36.45 55.28 38.97
CA SER I 183 -36.77 53.85 38.92
C SER I 183 -38.28 53.66 38.84
N GLY I 184 -38.71 52.41 38.90
CA GLY I 184 -40.13 52.11 38.88
C GLY I 184 -40.51 51.04 37.88
N VAL I 185 -41.64 50.38 38.12
CA VAL I 185 -42.10 49.35 37.21
C VAL I 185 -42.59 50.01 35.92
N VAL I 186 -42.03 49.56 34.79
CA VAL I 186 -42.29 50.18 33.50
C VAL I 186 -42.98 49.17 32.60
N GLY I 187 -43.99 49.63 31.86
CA GLY I 187 -44.59 48.82 30.83
C GLY I 187 -44.60 49.53 29.49
N LEU I 188 -43.83 49.02 28.54
CA LEU I 188 -43.74 49.65 27.23
C LEU I 188 -44.99 49.38 26.41
N THR I 189 -45.07 50.04 25.26
CA THR I 189 -46.08 49.73 24.26
C THR I 189 -45.63 50.36 22.95
N ILE I 190 -45.35 49.54 21.96
CA ILE I 190 -44.99 50.04 20.63
C ILE I 190 -46.27 50.13 19.81
N LYS I 191 -46.82 51.32 19.70
CA LYS I 191 -48.07 51.53 18.98
C LYS I 191 -47.88 51.23 17.51
N ASN I 192 -48.94 50.70 16.90
CA ASN I 192 -48.98 50.42 15.46
C ASN I 192 -47.76 49.63 15.02
N TYR I 193 -47.59 48.44 15.60
CA TYR I 193 -46.42 47.65 15.28
C TYR I 193 -46.56 46.93 13.95
N ASN I 194 -47.78 46.80 13.43
CA ASN I 194 -47.97 46.12 12.16
C ASN I 194 -48.97 46.79 11.25
N GLY I 195 -49.45 47.98 11.57
CA GLY I 195 -50.41 48.67 10.75
C GLY I 195 -51.84 48.51 11.18
N ILE I 196 -52.10 47.70 12.21
CA ILE I 196 -53.47 47.46 12.65
C ILE I 196 -53.64 47.81 14.12
N GLU I 197 -52.87 47.16 14.98
CA GLU I 197 -53.06 47.24 16.42
C GLU I 197 -51.76 47.63 17.11
N ASP I 198 -51.77 47.57 18.43
CA ASP I 198 -50.62 47.91 19.24
C ASP I 198 -49.85 46.65 19.59
N PHE I 199 -48.80 46.79 20.40
CA PHE I 199 -48.03 45.63 20.88
C PHE I 199 -47.58 45.96 22.30
N LYS I 200 -48.34 45.51 23.29
CA LYS I 200 -48.05 45.79 24.68
C LYS I 200 -47.03 44.78 25.21
N PHE I 201 -45.91 45.28 25.70
CA PHE I 201 -44.94 44.43 26.36
C PHE I 201 -45.40 44.13 27.79
N ASP I 202 -44.64 43.29 28.47
CA ASP I 202 -44.92 43.01 29.86
C ASP I 202 -44.23 44.04 30.75
N ASN I 203 -44.77 44.21 31.95
CA ASN I 203 -44.16 45.12 32.91
C ASN I 203 -42.81 44.59 33.36
N VAL I 204 -41.88 45.52 33.61
CA VAL I 204 -40.52 45.17 33.99
C VAL I 204 -40.10 46.04 35.17
N VAL I 205 -39.48 45.43 36.16
CA VAL I 205 -38.94 46.17 37.30
C VAL I 205 -37.61 46.76 36.85
N ILE I 206 -37.08 47.72 37.62
CA ILE I 206 -35.91 48.46 37.17
C ILE I 206 -34.76 48.45 38.19
N SER I 207 -35.08 48.67 39.46
CA SER I 207 -34.16 49.40 40.31
C SER I 207 -32.75 48.83 40.45
N THR I 208 -32.56 47.77 41.22
CA THR I 208 -31.19 47.38 41.53
C THR I 208 -30.98 45.88 41.65
N SER I 209 -32.02 45.06 41.60
CA SER I 209 -31.84 43.65 41.86
C SER I 209 -31.24 42.96 40.65
N VAL I 210 -31.04 41.64 40.76
CA VAL I 210 -30.39 40.91 39.69
C VAL I 210 -31.26 40.87 38.44
N GLY I 211 -32.48 40.37 38.57
CA GLY I 211 -33.37 40.30 37.44
C GLY I 211 -34.13 41.59 37.20
N THR I 212 -33.45 42.72 37.33
CA THR I 212 -34.08 44.01 37.07
C THR I 212 -33.19 44.88 36.20
N GLY I 213 -33.69 46.04 35.81
CA GLY I 213 -32.87 46.99 35.10
C GLY I 213 -33.05 46.98 33.59
N LEU I 214 -32.27 47.83 32.95
CA LEU I 214 -32.34 47.94 31.50
C LEU I 214 -31.89 46.64 30.83
N GLY I 215 -31.09 45.83 31.51
CA GLY I 215 -30.79 44.51 30.98
C GLY I 215 -32.02 43.63 30.90
N ALA I 216 -32.84 43.62 31.95
CA ALA I 216 -34.09 42.88 31.90
C ALA I 216 -35.01 43.43 30.83
N LEU I 217 -35.11 44.76 30.74
CA LEU I 217 -35.96 45.33 29.70
C LEU I 217 -35.46 44.97 28.30
N ALA I 218 -34.15 44.95 28.09
CA ALA I 218 -33.62 44.59 26.78
C ALA I 218 -33.90 43.13 26.47
N GLU I 219 -33.79 42.26 27.48
CA GLU I 219 -34.22 40.87 27.29
C GLU I 219 -35.66 40.83 26.80
N GLU I 220 -36.56 41.52 27.51
CA GLU I 220 -37.97 41.45 27.18
C GLU I 220 -38.25 42.01 25.79
N ILE I 221 -37.49 43.01 25.36
CA ILE I 221 -37.74 43.62 24.07
C ILE I 221 -37.18 42.76 22.95
N ASN I 222 -35.94 42.27 23.11
CA ASN I 222 -35.34 41.43 22.09
C ASN I 222 -36.03 40.08 21.96
N LYS I 223 -36.75 39.64 22.99
CA LYS I 223 -37.48 38.38 22.88
C LYS I 223 -38.48 38.45 21.73
N SER I 224 -39.24 39.53 21.65
CA SER I 224 -40.21 39.72 20.57
C SER I 224 -39.62 40.57 19.46
N ALA I 225 -38.48 40.11 18.93
CA ALA I 225 -37.76 40.88 17.93
C ALA I 225 -38.36 40.77 16.54
N ASP I 226 -38.88 39.60 16.18
CA ASP I 226 -39.31 39.37 14.80
C ASP I 226 -40.70 39.89 14.49
N LYS I 227 -41.56 40.03 15.50
CA LYS I 227 -42.90 40.55 15.22
C LYS I 227 -42.91 42.07 15.20
N THR I 228 -41.96 42.71 15.88
CA THR I 228 -41.94 44.16 15.96
C THR I 228 -40.83 44.79 15.13
N GLY I 229 -39.81 44.04 14.76
CA GLY I 229 -38.69 44.61 14.05
C GLY I 229 -37.85 45.54 14.89
N VAL I 230 -38.05 45.55 16.20
CA VAL I 230 -37.42 46.53 17.08
C VAL I 230 -36.56 45.76 18.08
N ARG I 231 -35.26 45.76 17.87
CA ARG I 231 -34.33 45.23 18.86
C ARG I 231 -33.96 46.32 19.85
N ALA I 232 -33.17 45.96 20.85
CA ALA I 232 -32.79 46.94 21.86
C ALA I 232 -31.51 46.51 22.55
N THR I 233 -30.77 47.51 23.03
CA THR I 233 -29.57 47.29 23.82
C THR I 233 -29.47 48.44 24.83
N TYR I 234 -28.51 48.35 25.74
CA TYR I 234 -28.43 49.30 26.83
C TYR I 234 -27.01 49.78 27.00
N ASP I 235 -26.84 50.75 27.89
CA ASP I 235 -25.52 51.26 28.25
C ASP I 235 -25.63 51.92 29.62
N VAL I 236 -25.03 51.32 30.63
CA VAL I 236 -25.16 51.77 32.01
C VAL I 236 -23.77 52.17 32.49
N LYS I 237 -23.49 53.46 32.51
CA LYS I 237 -22.22 53.97 33.00
C LYS I 237 -22.45 55.25 33.78
N THR I 238 -21.50 55.55 34.67
CA THR I 238 -21.47 56.82 35.38
C THR I 238 -20.04 57.34 35.33
N THR I 239 -19.83 58.42 34.59
CA THR I 239 -18.49 58.97 34.38
C THR I 239 -18.45 60.40 34.91
N GLY I 240 -17.54 60.66 35.84
CA GLY I 240 -17.41 61.98 36.41
C GLY I 240 -16.86 62.98 35.41
N VAL I 241 -16.63 64.19 35.91
CA VAL I 241 -15.97 65.25 35.17
C VAL I 241 -14.81 65.76 36.04
N TYR I 242 -14.10 66.77 35.54
CA TYR I 242 -12.95 67.33 36.24
C TYR I 242 -12.05 66.20 36.77
N ALA I 243 -11.41 65.53 35.81
CA ALA I 243 -11.19 64.10 35.83
C ALA I 243 -11.06 63.47 37.21
N ILE I 244 -10.14 63.94 38.04
CA ILE I 244 -10.07 63.42 39.41
C ILE I 244 -9.17 64.28 40.28
N LYS I 245 -9.53 64.42 41.55
CA LYS I 245 -8.71 65.15 42.51
C LYS I 245 -8.57 64.33 43.79
N GLU I 246 -7.99 64.91 44.83
CA GLU I 246 -7.78 64.22 46.09
C GLU I 246 -8.99 64.40 47.00
N GLY I 247 -9.42 63.33 47.63
CA GLY I 247 -10.56 63.39 48.54
C GLY I 247 -10.79 62.04 49.17
N THR I 248 -11.80 61.98 50.02
CA THR I 248 -12.15 60.77 50.76
C THR I 248 -13.64 60.51 50.62
N THR I 249 -14.01 59.25 50.73
CA THR I 249 -15.41 58.85 50.73
C THR I 249 -15.98 58.92 52.13
N SER I 250 -17.31 58.94 52.22
CA SER I 250 -17.96 58.97 53.51
C SER I 250 -17.69 57.68 54.28
N GLN I 251 -17.92 57.74 55.58
CA GLN I 251 -17.74 56.56 56.41
C GLN I 251 -18.72 55.46 56.05
N ASP I 252 -19.84 55.81 55.43
CA ASP I 252 -20.88 54.86 55.07
C ASP I 252 -21.13 54.87 53.56
N PHE I 253 -20.10 55.17 52.78
CA PHE I 253 -20.22 55.18 51.33
C PHE I 253 -20.56 53.78 50.85
N ALA I 254 -21.77 53.61 50.34
CA ALA I 254 -22.25 52.32 49.88
C ALA I 254 -22.75 52.44 48.46
N ILE I 255 -22.66 51.34 47.71
CA ILE I 255 -23.09 51.29 46.33
C ILE I 255 -24.03 50.10 46.16
N ASN I 256 -25.16 50.32 45.49
CA ASN I 256 -26.14 49.30 45.18
C ASN I 256 -26.68 48.59 46.43
N GLY I 257 -26.44 49.14 47.61
CA GLY I 257 -26.94 48.55 48.83
C GLY I 257 -25.94 47.74 49.62
N VAL I 258 -24.66 47.83 49.31
CA VAL I 258 -23.62 47.18 50.09
C VAL I 258 -22.61 48.23 50.53
N THR I 259 -22.35 48.30 51.84
CA THR I 259 -21.48 49.32 52.39
C THR I 259 -20.03 49.02 52.08
N ILE I 260 -19.28 50.04 51.69
CA ILE I 260 -17.88 49.87 51.32
C ILE I 260 -16.99 50.44 52.41
N GLY I 261 -17.14 51.73 52.70
CA GLY I 261 -16.41 52.37 53.78
C GLY I 261 -15.64 53.58 53.30
N LYS I 262 -14.80 54.09 54.20
CA LYS I 262 -14.05 55.31 53.93
C LYS I 262 -12.76 54.99 53.19
N ILE I 263 -12.54 55.67 52.07
CA ILE I 263 -11.43 55.40 51.16
C ILE I 263 -10.74 56.73 50.89
N GLU I 264 -9.52 56.89 51.39
CA GLU I 264 -8.75 58.09 51.10
C GLU I 264 -7.96 57.88 49.81
N TYR I 265 -8.35 58.57 48.75
CA TYR I 265 -7.68 58.45 47.46
C TYR I 265 -6.84 59.68 47.19
N LYS I 266 -5.83 59.49 46.33
CA LYS I 266 -4.86 60.53 46.02
C LYS I 266 -5.36 61.37 44.85
N ASP I 267 -4.49 62.21 44.30
CA ASP I 267 -4.88 63.13 43.23
C ASP I 267 -5.38 62.40 42.00
N GLY I 268 -4.50 61.65 41.34
CA GLY I 268 -4.89 60.95 40.14
C GLY I 268 -5.30 59.53 40.45
N ASP I 269 -5.69 59.29 41.70
CA ASP I 269 -5.90 57.94 42.22
C ASP I 269 -4.65 57.10 42.04
N GLY I 270 -3.49 57.70 42.35
CA GLY I 270 -2.23 56.99 42.22
C GLY I 270 -2.20 55.70 43.00
N ASN I 271 -2.84 55.66 44.16
CA ASN I 271 -2.91 54.43 44.92
C ASN I 271 -3.74 53.38 44.19
N GLY I 272 -4.67 53.80 43.34
CA GLY I 272 -5.61 52.86 42.78
C GLY I 272 -6.53 52.25 43.80
N SER I 273 -6.55 52.80 45.01
CA SER I 273 -7.40 52.25 46.07
C SER I 273 -8.87 52.51 45.79
N LEU I 274 -9.20 53.69 45.29
CA LEU I 274 -10.60 54.00 44.98
C LEU I 274 -11.16 53.02 43.96
N ILE I 275 -10.32 52.46 43.10
CA ILE I 275 -10.79 51.48 42.14
C ILE I 275 -10.78 50.08 42.74
N SER I 276 -9.69 49.73 43.43
CA SER I 276 -9.56 48.40 44.00
C SER I 276 -10.67 48.10 45.00
N ALA I 277 -11.02 49.06 45.85
CA ALA I 277 -12.05 48.82 46.85
C ALA I 277 -13.40 48.58 46.19
N ILE I 278 -13.79 49.46 45.27
CA ILE I 278 -15.08 49.28 44.59
C ILE I 278 -15.11 47.96 43.83
N ASN I 279 -13.97 47.57 43.26
CA ASN I 279 -13.93 46.31 42.53
C ASN I 279 -13.96 45.10 43.44
N ALA I 280 -13.54 45.25 44.70
CA ALA I 280 -13.58 44.13 45.63
C ALA I 280 -14.96 43.56 45.81
N VAL I 281 -16.01 44.26 45.39
CA VAL I 281 -17.38 43.79 45.53
C VAL I 281 -18.06 43.83 44.16
N LYS I 282 -17.28 43.65 43.10
CA LYS I 282 -17.83 43.82 41.76
C LYS I 282 -18.88 42.77 41.45
N ASP I 283 -18.70 41.55 41.94
CA ASP I 283 -19.63 40.48 41.62
C ASP I 283 -20.80 40.42 42.59
N THR I 284 -20.81 41.27 43.62
CA THR I 284 -22.00 41.42 44.45
C THR I 284 -22.84 42.63 44.02
N THR I 285 -22.18 43.73 43.63
CA THR I 285 -22.95 44.90 43.19
C THR I 285 -23.36 44.79 41.74
N GLY I 286 -22.49 44.27 40.89
CA GLY I 286 -22.68 44.37 39.46
C GLY I 286 -22.10 45.62 38.87
N VAL I 287 -21.15 46.25 39.57
CA VAL I 287 -20.56 47.51 39.15
C VAL I 287 -19.05 47.32 39.08
N GLN I 288 -18.47 47.57 37.93
CA GLN I 288 -17.04 47.41 37.69
C GLN I 288 -16.43 48.79 37.55
N ALA I 289 -15.71 49.23 38.57
CA ALA I 289 -15.08 50.55 38.53
C ALA I 289 -13.81 50.51 37.69
N SER I 290 -13.58 51.60 36.97
CA SER I 290 -12.44 51.68 36.08
C SER I 290 -11.98 53.13 36.02
N LYS I 291 -10.83 53.35 35.39
CA LYS I 291 -10.25 54.67 35.26
C LYS I 291 -10.07 54.98 33.78
N ASP I 292 -10.77 56.01 33.31
CA ASP I 292 -10.66 56.42 31.91
C ASP I 292 -9.24 56.85 31.59
N GLU I 293 -8.98 57.04 30.30
CA GLU I 293 -7.64 57.49 29.89
C GLU I 293 -7.39 58.92 30.31
N ASN I 294 -8.41 59.77 30.25
CA ASN I 294 -8.25 61.17 30.65
C ASN I 294 -8.20 61.35 32.15
N GLY I 295 -8.14 60.27 32.93
CA GLY I 295 -8.12 60.38 34.37
C GLY I 295 -9.48 60.38 35.03
N LYS I 296 -10.55 60.40 34.25
CA LYS I 296 -11.89 60.38 34.83
C LYS I 296 -12.16 59.04 35.50
N LEU I 297 -13.28 58.98 36.20
CA LEU I 297 -13.69 57.78 36.93
C LEU I 297 -14.92 57.19 36.26
N VAL I 298 -14.89 55.89 36.00
CA VAL I 298 -15.97 55.22 35.28
C VAL I 298 -16.50 54.09 36.15
N LEU I 299 -17.81 54.07 36.36
CA LEU I 299 -18.50 52.98 37.03
C LEU I 299 -19.45 52.38 36.01
N THR I 300 -19.10 51.22 35.47
CA THR I 300 -19.92 50.55 34.48
C THR I 300 -20.63 49.37 35.12
N SER I 301 -21.69 48.92 34.45
CA SER I 301 -22.46 47.77 34.89
C SER I 301 -22.64 46.84 33.69
N ALA I 302 -22.18 45.61 33.83
CA ALA I 302 -22.22 44.68 32.70
C ALA I 302 -23.65 44.32 32.34
N ASP I 303 -24.40 43.77 33.28
CA ASP I 303 -25.74 43.25 33.02
C ASP I 303 -26.82 44.30 33.20
N GLY I 304 -26.49 45.58 33.10
CA GLY I 304 -27.47 46.64 33.17
C GLY I 304 -28.33 46.65 34.42
N ARG I 305 -27.72 46.83 35.58
CA ARG I 305 -28.45 46.81 36.83
C ARG I 305 -28.70 48.19 37.42
N GLY I 306 -27.96 49.20 37.00
CA GLY I 306 -28.20 50.54 37.51
C GLY I 306 -27.41 50.82 38.77
N ILE I 307 -26.60 51.87 38.73
CA ILE I 307 -25.75 52.22 39.84
C ILE I 307 -26.50 53.19 40.75
N LYS I 308 -26.42 52.97 42.06
CA LYS I 308 -27.08 53.83 43.03
C LYS I 308 -26.15 54.00 44.23
N ILE I 309 -25.39 55.08 44.22
CA ILE I 309 -24.54 55.41 45.36
C ILE I 309 -25.42 56.01 46.45
N THR I 310 -25.26 55.51 47.68
CA THR I 310 -26.07 55.96 48.80
C THR I 310 -25.34 56.98 49.66
N GLY I 311 -24.18 56.62 50.18
CA GLY I 311 -23.41 57.51 51.00
C GLY I 311 -22.81 58.65 50.19
N ASP I 312 -21.83 59.31 50.81
CA ASP I 312 -21.12 60.40 50.15
C ASP I 312 -19.85 59.83 49.52
N ILE I 313 -19.84 59.68 48.20
CA ILE I 313 -18.64 59.22 47.52
C ILE I 313 -17.52 60.21 47.67
N GLY I 314 -17.83 61.47 47.92
CA GLY I 314 -16.82 62.47 48.07
C GLY I 314 -16.56 63.21 46.77
N VAL I 315 -17.05 64.45 46.69
CA VAL I 315 -16.71 65.30 45.58
C VAL I 315 -15.20 65.39 45.46
N GLY I 316 -14.69 65.28 44.24
CA GLY I 316 -13.26 65.16 44.04
C GLY I 316 -13.01 63.90 43.24
N SER I 317 -13.88 62.92 43.42
CA SER I 317 -13.89 61.76 42.53
C SER I 317 -14.51 62.07 41.19
N GLY I 318 -15.09 63.24 41.03
CA GLY I 318 -15.67 63.64 39.76
C GLY I 318 -17.15 63.43 39.64
N ILE I 319 -17.74 62.60 40.49
CA ILE I 319 -19.15 62.25 40.38
C ILE I 319 -19.97 63.29 41.12
N LEU I 320 -20.77 64.05 40.39
CA LEU I 320 -21.64 65.03 41.03
C LEU I 320 -22.77 64.33 41.78
N ALA I 321 -23.41 65.09 42.66
CA ALA I 321 -24.53 64.56 43.42
C ALA I 321 -25.74 64.25 42.55
N ASN I 322 -25.77 64.74 41.31
CA ASN I 322 -26.89 64.45 40.42
C ASN I 322 -26.77 63.11 39.72
N GLN I 323 -25.61 62.46 39.80
CA GLN I 323 -25.39 61.17 39.15
C GLN I 323 -25.43 60.01 40.12
N LYS I 324 -25.73 60.26 41.40
CA LYS I 324 -25.70 59.19 42.38
C LYS I 324 -26.71 58.10 42.07
N GLU I 325 -27.82 58.47 41.44
CA GLU I 325 -28.90 57.53 41.13
C GLU I 325 -29.00 57.41 39.62
N ASN I 326 -28.31 56.42 39.05
CA ASN I 326 -28.25 56.24 37.61
C ASN I 326 -28.81 54.87 37.24
N TYR I 327 -29.47 54.82 36.08
CA TYR I 327 -29.96 53.56 35.52
C TYR I 327 -29.62 53.41 34.04
N GLY I 328 -28.73 54.23 33.51
CA GLY I 328 -28.30 54.06 32.14
C GLY I 328 -29.35 54.47 31.13
N ARG I 329 -29.09 54.10 29.88
CA ARG I 329 -29.96 54.45 28.76
C ARG I 329 -30.43 53.21 28.02
N LEU I 330 -31.50 53.39 27.27
CA LEU I 330 -31.98 52.40 26.31
C LEU I 330 -31.63 52.85 24.90
N SER I 331 -31.51 51.89 24.01
CA SER I 331 -31.17 52.18 22.61
C SER I 331 -31.96 51.23 21.71
N LEU I 332 -33.13 51.68 21.27
CA LEU I 332 -33.90 50.91 20.32
C LEU I 332 -33.31 51.07 18.93
N VAL I 333 -33.43 50.01 18.13
CA VAL I 333 -32.97 50.03 16.75
C VAL I 333 -33.99 49.25 15.92
N LYS I 334 -34.75 49.96 15.10
CA LYS I 334 -35.61 49.32 14.13
C LYS I 334 -34.80 49.06 12.86
N ASN I 335 -35.46 48.53 11.83
CA ASN I 335 -34.80 48.32 10.55
C ASN I 335 -35.73 48.70 9.42
N ASP I 336 -36.47 49.80 9.57
CA ASP I 336 -37.44 50.19 8.56
C ASP I 336 -37.44 51.68 8.24
N GLY I 337 -36.85 52.54 9.05
CA GLY I 337 -36.81 53.94 8.73
C GLY I 337 -38.02 54.75 9.16
N ARG I 338 -38.98 54.14 9.86
CA ARG I 338 -40.14 54.85 10.38
C ARG I 338 -40.01 54.99 11.89
N ASP I 339 -40.60 56.06 12.42
CA ASP I 339 -40.45 56.37 13.83
C ASP I 339 -41.01 55.26 14.69
N ILE I 340 -40.21 54.82 15.66
CA ILE I 340 -40.70 53.92 16.69
C ILE I 340 -41.58 54.74 17.63
N ASN I 341 -42.88 54.50 17.59
CA ASN I 341 -43.85 55.34 18.31
C ASN I 341 -44.27 54.62 19.59
N ILE I 342 -43.47 54.80 20.63
CA ILE I 342 -43.75 54.13 21.90
C ILE I 342 -44.68 55.00 22.73
N SER I 343 -45.59 54.35 23.46
CA SER I 343 -46.44 55.05 24.43
C SER I 343 -46.76 54.05 25.54
N GLY I 344 -45.94 54.06 26.57
CA GLY I 344 -46.07 53.12 27.67
C GLY I 344 -46.99 53.61 28.77
N THR I 345 -46.74 53.12 29.98
CA THR I 345 -47.50 53.52 31.15
C THR I 345 -46.67 54.30 32.16
N ASN I 346 -45.44 53.85 32.44
CA ASN I 346 -44.55 54.53 33.37
C ASN I 346 -43.21 54.66 32.64
N LEU I 347 -43.07 55.72 31.86
CA LEU I 347 -41.95 55.84 30.93
C LEU I 347 -40.81 56.69 31.46
N SER I 348 -41.03 57.50 32.49
CA SER I 348 -39.94 58.33 32.99
C SER I 348 -38.81 57.51 33.59
N ALA I 349 -38.96 56.19 33.67
CA ALA I 349 -37.94 55.35 34.26
C ALA I 349 -36.93 54.85 33.26
N ILE I 350 -37.27 54.82 31.97
CA ILE I 350 -36.33 54.42 30.94
C ILE I 350 -35.83 55.61 30.14
N GLY I 351 -36.06 56.83 30.63
CA GLY I 351 -35.56 58.00 29.95
C GLY I 351 -36.29 58.36 28.68
N MET I 352 -37.54 57.92 28.54
CA MET I 352 -38.36 58.27 27.39
C MET I 352 -39.71 58.78 27.84
N GLY I 353 -39.72 59.53 28.94
CA GLY I 353 -40.95 60.09 29.45
C GLY I 353 -41.47 61.21 28.58
N THR I 354 -42.48 61.90 29.11
CA THR I 354 -43.00 63.08 28.42
C THR I 354 -42.15 64.30 28.66
N THR I 355 -41.01 64.16 29.33
CA THR I 355 -40.13 65.29 29.61
C THR I 355 -38.66 64.96 29.35
N ASP I 356 -38.40 63.83 28.70
CA ASP I 356 -37.04 63.40 28.44
C ASP I 356 -36.65 63.74 27.01
N MET I 357 -35.50 64.40 26.86
CA MET I 357 -35.00 64.81 25.55
C MET I 357 -34.33 63.62 24.89
N ILE I 358 -35.04 62.95 24.00
CA ILE I 358 -34.51 61.77 23.33
C ILE I 358 -34.05 62.18 21.94
N SER I 359 -33.24 61.31 21.33
CA SER I 359 -32.70 61.55 20.01
C SER I 359 -33.08 60.39 19.09
N GLN I 360 -33.27 60.70 17.81
CA GLN I 360 -33.68 59.70 16.84
C GLN I 360 -33.29 60.18 15.45
N SER I 361 -32.92 59.25 14.59
CA SER I 361 -32.57 59.56 13.21
C SER I 361 -32.52 58.27 12.41
N SER I 362 -32.40 58.41 11.10
CA SER I 362 -32.33 57.28 10.18
C SER I 362 -31.12 57.44 9.27
N VAL I 363 -30.36 56.37 9.10
CA VAL I 363 -29.07 56.42 8.43
C VAL I 363 -29.09 55.50 7.23
N SER I 364 -28.65 56.01 6.08
CA SER I 364 -28.50 55.21 4.88
C SER I 364 -27.08 54.66 4.81
N LEU I 365 -26.84 53.76 3.84
CA LEU I 365 -25.48 53.26 3.65
C LEU I 365 -24.51 54.39 3.34
N ARG I 366 -24.83 55.22 2.35
CA ARG I 366 -23.92 56.31 2.00
C ARG I 366 -23.69 57.23 3.20
N GLU I 367 -24.76 57.54 3.93
CA GLU I 367 -24.59 58.31 5.16
C GLU I 367 -23.67 57.63 6.15
N SER I 368 -23.68 56.30 6.18
CA SER I 368 -22.77 55.57 7.07
C SER I 368 -21.35 55.58 6.54
N LYS I 369 -21.16 55.86 5.26
CA LYS I 369 -19.83 55.82 4.66
C LYS I 369 -18.98 57.02 5.06
N GLY I 370 -19.62 58.13 5.43
CA GLY I 370 -18.92 59.34 5.78
C GLY I 370 -18.80 59.54 7.28
N GLN I 371 -18.37 60.75 7.65
CA GLN I 371 -18.16 61.08 9.05
C GLN I 371 -19.50 61.22 9.76
N ILE I 372 -19.65 60.49 10.87
CA ILE I 372 -20.91 60.48 11.60
C ILE I 372 -21.10 61.81 12.30
N SER I 373 -22.21 62.50 12.00
CA SER I 373 -22.49 63.78 12.61
C SER I 373 -22.66 63.63 14.12
N ALA I 374 -22.72 64.78 14.80
CA ALA I 374 -22.74 64.76 16.26
C ALA I 374 -24.05 64.20 16.79
N THR I 375 -25.17 64.49 16.14
CA THR I 375 -26.46 64.02 16.61
C THR I 375 -26.69 62.56 16.22
N ASN I 376 -26.34 62.21 14.98
CA ASN I 376 -26.39 60.82 14.58
C ASN I 376 -25.51 59.95 15.46
N ALA I 377 -24.38 60.48 15.92
CA ALA I 377 -23.50 59.70 16.78
C ALA I 377 -24.20 59.38 18.09
N ASP I 378 -24.93 60.32 18.65
CA ASP I 378 -25.67 60.06 19.87
C ASP I 378 -26.80 59.08 19.62
N ALA I 379 -27.52 59.23 18.51
CA ALA I 379 -28.61 58.33 18.22
C ALA I 379 -28.13 56.90 18.01
N MET I 380 -26.95 56.72 17.41
CA MET I 380 -26.45 55.37 17.15
C MET I 380 -26.31 54.58 18.45
N GLY I 381 -25.94 55.25 19.53
CA GLY I 381 -25.74 54.57 20.79
C GLY I 381 -24.37 54.84 21.38
N PHE I 382 -23.73 55.91 20.93
CA PHE I 382 -22.44 56.28 21.47
C PHE I 382 -22.63 57.02 22.79
N ASN I 383 -21.54 57.57 23.32
CA ASN I 383 -21.55 58.69 24.25
C ASN I 383 -22.69 58.64 25.27
N SER I 384 -22.66 57.65 26.16
CA SER I 384 -23.74 57.43 27.11
C SER I 384 -24.31 58.72 27.70
N TYR I 385 -23.48 59.52 28.35
CA TYR I 385 -24.01 60.64 29.14
C TYR I 385 -24.43 61.81 28.24
N LYS I 386 -25.37 61.52 27.34
CA LYS I 386 -26.09 62.53 26.54
C LYS I 386 -25.11 63.39 25.73
N GLY I 387 -24.42 62.74 24.81
CA GLY I 387 -23.41 63.41 24.03
C GLY I 387 -22.11 63.49 24.80
N GLY I 388 -21.00 63.21 24.13
CA GLY I 388 -19.73 63.14 24.80
C GLY I 388 -19.17 64.46 25.31
N GLY I 389 -19.98 65.51 25.29
CA GLY I 389 -19.48 66.81 25.73
C GLY I 389 -19.62 66.98 27.22
N LYS I 390 -20.25 68.06 27.65
CA LYS I 390 -20.46 68.31 29.06
C LYS I 390 -21.69 67.55 29.56
N PHE I 391 -21.80 67.45 30.88
CA PHE I 391 -23.00 66.89 31.48
C PHE I 391 -24.05 67.96 31.63
N VAL I 392 -25.31 67.59 31.42
CA VAL I 392 -26.41 68.53 31.28
C VAL I 392 -27.37 68.33 32.45
N PHE I 393 -27.63 69.40 33.20
CA PHE I 393 -28.58 69.40 34.30
C PHE I 393 -29.89 70.01 33.87
N THR I 394 -30.82 70.13 34.83
CA THR I 394 -31.99 70.98 34.72
C THR I 394 -32.24 71.73 36.02
N GLN I 395 -31.17 72.15 36.68
CA GLN I 395 -31.27 72.65 38.05
C GLN I 395 -31.83 74.07 38.06
N ASN I 396 -31.78 74.73 39.22
CA ASN I 396 -32.44 76.01 39.41
C ASN I 396 -31.46 77.06 39.88
N VAL I 397 -30.31 77.18 39.20
CA VAL I 397 -29.23 78.05 39.64
C VAL I 397 -28.81 78.94 38.49
N SER I 398 -28.43 80.17 38.81
CA SER I 398 -27.96 81.11 37.80
C SER I 398 -26.64 80.63 37.19
N SER I 399 -25.66 80.29 38.03
CA SER I 399 -24.35 79.92 37.53
C SER I 399 -23.64 79.01 38.54
N ILE I 400 -22.50 78.47 38.11
CA ILE I 400 -21.70 77.58 38.94
C ILE I 400 -21.39 78.20 40.29
N SER I 401 -21.20 79.52 40.32
CA SER I 401 -20.85 80.19 41.57
C SER I 401 -21.90 79.90 42.65
N ALA I 402 -23.17 79.98 42.30
CA ALA I 402 -24.23 79.66 43.25
C ALA I 402 -24.54 78.18 43.29
N PHE I 403 -24.25 77.45 42.21
CA PHE I 403 -24.47 76.01 42.21
C PHE I 403 -23.57 75.31 43.21
N MET I 404 -22.41 75.90 43.49
CA MET I 404 -21.56 75.37 44.53
C MET I 404 -22.03 75.78 45.93
N SER I 405 -22.42 77.05 46.09
CA SER I 405 -22.94 77.50 47.38
C SER I 405 -24.22 76.79 47.77
N ALA I 406 -24.93 76.21 46.81
CA ALA I 406 -26.23 75.63 47.09
C ALA I 406 -26.10 74.42 48.01
N GLN I 407 -27.19 74.12 48.71
CA GLN I 407 -27.25 72.99 49.62
C GLN I 407 -27.31 71.68 48.84
N GLY I 408 -26.83 70.62 49.45
CA GLY I 408 -26.85 69.30 48.81
C GLY I 408 -25.61 68.92 48.05
N SER I 409 -25.01 69.85 47.33
CA SER I 409 -23.76 69.56 46.63
C SER I 409 -22.63 69.39 47.65
N GLY I 410 -21.50 68.90 47.16
CA GLY I 410 -20.36 68.70 48.03
C GLY I 410 -19.48 69.93 48.12
N PHE I 411 -20.00 71.07 47.65
CA PHE I 411 -19.21 72.29 47.58
C PHE I 411 -19.65 73.34 48.58
N SER I 412 -20.45 72.98 49.58
CA SER I 412 -20.94 73.96 50.53
C SER I 412 -19.79 74.58 51.30
N ARG I 413 -20.10 75.65 52.03
CA ARG I 413 -19.07 76.36 52.80
C ARG I 413 -18.38 75.43 53.78
N GLY I 414 -19.16 74.62 54.50
CA GLY I 414 -18.56 73.70 55.46
C GLY I 414 -17.61 72.72 54.81
N SER I 415 -17.97 72.20 53.65
CA SER I 415 -17.12 71.25 52.95
C SER I 415 -15.78 71.90 52.60
N GLY I 416 -14.77 71.06 52.45
CA GLY I 416 -13.45 71.57 52.13
C GLY I 416 -13.33 72.13 50.72
N PHE I 417 -14.18 71.68 49.80
CA PHE I 417 -14.05 72.05 48.39
C PHE I 417 -14.88 73.28 48.06
N SER I 418 -14.75 74.34 48.85
CA SER I 418 -15.50 75.55 48.56
C SER I 418 -14.76 76.40 47.53
N VAL I 419 -15.51 77.30 46.90
CA VAL I 419 -14.89 78.22 45.95
C VAL I 419 -13.88 79.09 46.70
N GLY I 420 -12.66 79.13 46.20
CA GLY I 420 -11.59 79.84 46.87
C GLY I 420 -10.90 79.04 47.96
N SER I 421 -10.70 77.74 47.75
CA SER I 421 -10.05 76.89 48.74
C SER I 421 -8.85 76.17 48.17
N GLY I 422 -8.28 76.67 47.07
CA GLY I 422 -7.11 76.07 46.47
C GLY I 422 -7.34 74.82 45.67
N LYS I 423 -8.43 74.09 45.92
CA LYS I 423 -8.71 72.89 45.13
C LYS I 423 -8.99 73.23 43.68
N ASN I 424 -9.60 74.40 43.43
CA ASN I 424 -9.87 74.86 42.08
C ASN I 424 -10.75 73.88 41.30
N LEU I 425 -11.86 73.48 41.90
CA LEU I 425 -12.81 72.64 41.18
C LEU I 425 -13.71 73.46 40.28
N SER I 426 -13.69 74.79 40.40
CA SER I 426 -14.53 75.60 39.54
C SER I 426 -14.08 75.53 38.09
N VAL I 427 -12.76 75.54 37.85
CA VAL I 427 -12.27 75.43 36.48
C VAL I 427 -12.61 74.07 35.91
N GLY I 428 -12.63 73.03 36.75
CA GLY I 428 -13.03 71.73 36.27
C GLY I 428 -14.50 71.67 35.92
N LEU I 429 -15.36 72.21 36.79
CA LEU I 429 -16.78 72.22 36.50
C LEU I 429 -17.10 73.02 35.25
N SER I 430 -16.40 74.13 35.03
CA SER I 430 -16.61 74.95 33.84
C SER I 430 -16.39 74.14 32.58
N GLN I 431 -15.61 73.06 32.65
CA GLN I 431 -15.42 72.13 31.55
C GLN I 431 -16.11 70.82 31.94
N GLY I 432 -17.40 70.75 31.70
CA GLY I 432 -18.11 69.51 31.96
C GLY I 432 -19.47 69.66 32.61
N ILE I 433 -19.85 70.89 32.98
CA ILE I 433 -21.16 71.13 33.55
C ILE I 433 -21.88 72.15 32.70
N GLN I 434 -23.09 71.83 32.26
CA GLN I 434 -23.94 72.77 31.52
C GLN I 434 -25.31 72.78 32.18
N ILE I 435 -25.53 73.75 33.06
CA ILE I 435 -26.77 73.83 33.82
C ILE I 435 -27.83 74.48 32.96
N ILE I 436 -28.97 73.81 32.82
CA ILE I 436 -30.14 74.41 32.18
C ILE I 436 -30.94 75.12 33.26
N SER I 437 -31.14 76.42 33.10
CA SER I 437 -31.78 77.22 34.14
C SER I 437 -33.22 76.78 34.35
N SER I 438 -34.04 76.87 33.32
CA SER I 438 -35.45 76.54 33.43
C SER I 438 -35.84 75.60 32.30
N ALA I 439 -36.39 74.45 32.67
CA ALA I 439 -36.76 73.45 31.68
C ALA I 439 -37.85 73.94 30.73
N ALA I 440 -38.51 75.05 31.05
CA ALA I 440 -39.53 75.58 30.15
C ALA I 440 -38.91 76.29 28.96
N SER I 441 -37.93 77.17 29.21
CA SER I 441 -37.31 77.97 28.17
C SER I 441 -35.81 77.69 28.18
N MET I 442 -35.37 76.78 27.32
CA MET I 442 -33.95 76.44 27.17
C MET I 442 -33.60 76.51 25.68
N SER I 443 -33.27 77.70 25.21
CA SER I 443 -32.82 77.89 23.85
C SER I 443 -31.30 77.93 23.72
N ASN I 444 -30.59 78.07 24.84
CA ASN I 444 -29.14 78.20 24.83
C ASN I 444 -28.43 76.85 24.87
N THR I 445 -29.15 75.74 24.86
CA THR I 445 -28.51 74.44 24.94
C THR I 445 -28.99 73.52 23.81
N TYR I 446 -30.22 73.72 23.37
CA TYR I 446 -30.79 72.92 22.30
C TYR I 446 -31.22 73.83 21.16
N VAL I 447 -31.19 73.30 19.95
CA VAL I 447 -31.68 74.05 18.80
C VAL I 447 -33.20 73.97 18.80
N VAL I 448 -33.84 74.93 19.46
CA VAL I 448 -35.26 74.85 19.74
C VAL I 448 -35.91 76.18 19.38
N SER I 449 -35.20 76.99 18.60
CA SER I 449 -35.68 78.32 18.24
C SER I 449 -36.94 78.23 17.39
N ALA I 450 -37.49 79.42 17.09
CA ALA I 450 -38.79 79.47 16.41
C ALA I 450 -38.72 78.88 15.01
N GLY I 451 -37.72 79.29 14.23
CA GLY I 451 -37.61 78.79 12.87
C GLY I 451 -37.44 77.29 12.79
N SER I 452 -36.78 76.70 13.78
CA SER I 452 -36.65 75.26 13.82
C SER I 452 -38.01 74.59 13.98
N GLY I 453 -38.09 73.36 13.50
CA GLY I 453 -39.32 72.61 13.62
C GLY I 453 -39.57 72.02 14.98
N PHE I 454 -38.78 72.38 15.99
CA PHE I 454 -38.89 71.80 17.31
C PHE I 454 -39.25 72.83 18.36
N SER I 455 -39.94 73.90 17.97
CA SER I 455 -40.34 74.94 18.92
C SER I 455 -41.19 74.34 20.02
N SER I 456 -40.98 74.82 21.25
CA SER I 456 -41.78 74.37 22.37
C SER I 456 -43.26 74.70 22.13
N GLY I 457 -44.12 73.74 22.44
CA GLY I 457 -45.54 73.91 22.22
C GLY I 457 -46.03 73.52 20.85
N SER I 458 -45.15 73.02 19.98
CA SER I 458 -45.52 72.59 18.64
C SER I 458 -45.26 71.12 18.41
N GLY I 459 -45.21 70.32 19.47
CA GLY I 459 -44.76 68.96 19.35
C GLY I 459 -43.31 68.90 18.96
N ASN I 460 -42.77 67.68 18.95
CA ASN I 460 -41.38 67.42 18.60
C ASN I 460 -40.38 68.13 19.51
N SER I 461 -40.86 68.75 20.60
CA SER I 461 -39.99 69.53 21.46
C SER I 461 -38.93 68.66 22.13
N GLN I 462 -39.21 67.37 22.31
CA GLN I 462 -38.29 66.48 23.02
C GLN I 462 -37.32 65.79 22.07
N PHE I 463 -37.22 66.24 20.83
CA PHE I 463 -36.27 65.68 19.87
C PHE I 463 -35.25 66.71 19.40
N ALA I 464 -35.24 67.90 20.01
CA ALA I 464 -34.34 68.95 19.54
C ALA I 464 -32.90 68.53 19.73
N ALA I 465 -32.06 68.92 18.77
CA ALA I 465 -30.66 68.53 18.79
C ALA I 465 -29.86 69.40 19.74
N LEU I 466 -28.86 68.80 20.38
CA LEU I 466 -28.00 69.53 21.28
C LEU I 466 -27.18 70.56 20.51
N LYS I 467 -26.70 71.58 21.21
CA LYS I 467 -25.97 72.65 20.57
C LYS I 467 -24.47 72.47 20.76
N THR I 468 -23.73 72.64 19.66
CA THR I 468 -22.30 72.35 19.66
C THR I 468 -21.51 73.36 20.47
N THR I 469 -22.00 74.60 20.58
CA THR I 469 -21.28 75.56 21.42
C THR I 469 -21.63 75.39 22.89
N ALA I 470 -22.89 75.04 23.19
CA ALA I 470 -23.31 74.78 24.56
C ALA I 470 -22.56 73.59 25.12
N ALA I 471 -22.77 72.42 24.53
CA ALA I 471 -22.00 71.24 24.88
C ALA I 471 -20.69 71.27 24.11
N ASN I 472 -19.97 70.16 24.07
CA ASN I 472 -18.79 70.03 23.24
C ASN I 472 -18.90 68.82 22.34
N THR I 473 -20.08 68.64 21.75
CA THR I 473 -20.31 67.50 20.88
C THR I 473 -19.46 67.60 19.62
N THR I 474 -18.61 66.60 19.43
CA THR I 474 -17.78 66.52 18.24
C THR I 474 -18.15 65.24 17.49
N ASP I 475 -17.95 65.28 16.17
CA ASP I 475 -18.29 64.14 15.34
C ASP I 475 -17.40 62.94 15.69
N GLU I 476 -17.74 61.80 15.10
CA GLU I 476 -16.99 60.58 15.32
C GLU I 476 -16.42 60.08 14.00
N THR I 477 -15.33 59.34 14.11
CA THR I 477 -14.63 58.85 12.93
C THR I 477 -15.57 58.04 12.05
N ALA I 478 -15.35 58.12 10.75
CA ALA I 478 -16.34 57.75 9.75
C ALA I 478 -16.62 56.25 9.79
N GLY I 479 -17.86 55.89 10.04
CA GLY I 479 -18.32 54.55 9.75
C GLY I 479 -17.69 53.50 10.64
N VAL I 480 -17.19 52.44 10.00
CA VAL I 480 -16.74 51.24 10.70
C VAL I 480 -15.54 51.49 11.59
N THR I 481 -14.84 52.60 11.40
CA THR I 481 -13.58 52.83 12.12
C THR I 481 -13.76 52.96 13.62
N THR I 482 -14.97 52.81 14.14
CA THR I 482 -15.19 52.75 15.58
C THR I 482 -16.13 51.60 15.88
N LEU I 483 -16.03 51.08 17.10
CA LEU I 483 -16.71 49.85 17.49
C LEU I 483 -18.23 49.97 17.32
N LYS I 484 -18.84 50.87 18.09
CA LYS I 484 -20.29 51.04 17.99
C LYS I 484 -20.69 51.44 16.58
N GLY I 485 -19.85 52.22 15.90
CA GLY I 485 -20.08 52.48 14.48
C GLY I 485 -20.07 51.21 13.65
N ALA I 486 -19.16 50.28 13.97
CA ALA I 486 -19.12 49.02 13.24
C ALA I 486 -20.41 48.24 13.42
N MET I 487 -20.93 48.22 14.64
CA MET I 487 -22.19 47.50 14.85
C MET I 487 -23.35 48.19 14.15
N ALA I 488 -23.36 49.52 14.14
CA ALA I 488 -24.38 50.23 13.38
C ALA I 488 -24.30 49.87 11.90
N VAL I 489 -23.09 49.80 11.35
CA VAL I 489 -22.94 49.42 9.95
C VAL I 489 -23.43 47.99 9.73
N MET I 490 -23.22 47.11 10.71
CA MET I 490 -23.75 45.77 10.62
C MET I 490 -25.26 45.78 10.48
N ASP I 491 -25.94 46.56 11.31
CA ASP I 491 -27.40 46.66 11.21
C ASP I 491 -27.83 47.23 9.87
N ILE I 492 -27.12 48.26 9.39
CA ILE I 492 -27.49 48.85 8.11
C ILE I 492 -27.34 47.85 6.98
N ALA I 493 -26.29 47.02 7.04
CA ALA I 493 -26.11 46.01 6.00
C ALA I 493 -27.20 44.96 6.06
N GLU I 494 -27.61 44.56 7.27
CA GLU I 494 -28.71 43.62 7.39
C GLU I 494 -29.99 44.18 6.75
N THR I 495 -30.30 45.43 7.06
CA THR I 495 -31.48 46.06 6.47
C THR I 495 -31.37 46.14 4.96
N ALA I 496 -30.18 46.45 4.45
CA ALA I 496 -30.00 46.53 3.00
C ALA I 496 -30.23 45.18 2.34
N ILE I 497 -29.74 44.10 2.96
CA ILE I 497 -29.99 42.77 2.43
C ILE I 497 -31.48 42.51 2.36
N THR I 498 -32.20 42.83 3.44
CA THR I 498 -33.65 42.69 3.43
C THR I 498 -34.29 43.43 2.27
N ASN I 499 -33.92 44.70 2.09
CA ASN I 499 -34.54 45.51 1.04
C ASN I 499 -34.28 44.93 -0.34
N LEU I 500 -33.05 44.47 -0.58
CA LEU I 500 -32.74 43.94 -1.90
C LEU I 500 -33.48 42.63 -2.14
N ASP I 501 -33.63 41.80 -1.11
CA ASP I 501 -34.44 40.59 -1.27
C ASP I 501 -35.87 40.94 -1.67
N GLN I 502 -36.45 41.96 -1.03
CA GLN I 502 -37.80 42.36 -1.41
C GLN I 502 -37.87 42.82 -2.86
N ILE I 503 -36.93 43.69 -3.25
CA ILE I 503 -36.96 44.24 -4.61
C ILE I 503 -36.74 43.14 -5.64
N ARG I 504 -35.98 42.11 -5.28
CA ARG I 504 -35.76 41.00 -6.21
C ARG I 504 -36.98 40.09 -6.28
N ALA I 505 -37.66 39.88 -5.16
CA ALA I 505 -38.88 39.08 -5.18
C ALA I 505 -39.94 39.72 -6.06
N ASP I 506 -39.98 41.05 -6.11
CA ASP I 506 -40.94 41.69 -7.02
C ASP I 506 -40.66 41.32 -8.47
N ILE I 507 -39.38 41.35 -8.87
CA ILE I 507 -39.03 40.97 -10.23
C ILE I 507 -39.41 39.52 -10.49
N ALA I 508 -39.17 38.65 -9.51
CA ALA I 508 -39.56 37.25 -9.68
C ALA I 508 -41.05 37.11 -9.91
N SER I 509 -41.86 37.87 -9.15
CA SER I 509 -43.30 37.83 -9.35
C SER I 509 -43.68 38.21 -10.78
N ILE I 510 -43.16 39.35 -11.25
CA ILE I 510 -43.50 39.79 -12.60
C ILE I 510 -43.06 38.75 -13.62
N GLN I 511 -41.91 38.13 -13.41
CA GLN I 511 -41.39 37.17 -14.37
C GLN I 511 -42.29 35.94 -14.46
N ASN I 512 -42.72 35.42 -13.33
CA ASN I 512 -43.63 34.27 -13.37
C ASN I 512 -44.94 34.62 -14.06
N GLN I 513 -45.47 35.82 -13.78
CA GLN I 513 -46.70 36.22 -14.46
C GLN I 513 -46.50 36.25 -15.97
N VAL I 514 -45.38 36.82 -16.42
CA VAL I 514 -45.12 36.90 -17.85
C VAL I 514 -45.00 35.50 -18.46
N THR I 515 -44.35 34.58 -17.74
CA THR I 515 -44.19 33.23 -18.27
C THR I 515 -45.54 32.56 -18.48
N SER I 516 -46.43 32.68 -17.50
CA SER I 516 -47.76 32.09 -17.67
C SER I 516 -48.50 32.71 -18.83
N THR I 517 -48.45 34.05 -18.94
CA THR I 517 -49.08 34.69 -20.09
C THR I 517 -48.54 34.16 -21.40
N ILE I 518 -47.22 33.95 -21.47
CA ILE I 518 -46.60 33.51 -22.71
C ILE I 518 -47.08 32.13 -23.10
N ASN I 519 -47.16 31.22 -22.12
CA ASN I 519 -47.66 29.88 -22.42
C ASN I 519 -49.09 29.96 -22.94
N ASN I 520 -49.96 30.71 -22.26
CA ASN I 520 -51.34 30.75 -22.70
C ASN I 520 -51.48 31.38 -24.08
N ILE I 521 -50.72 32.44 -24.35
CA ILE I 521 -50.79 33.08 -25.67
C ILE I 521 -50.28 32.14 -26.74
N THR I 522 -49.23 31.38 -26.45
CA THR I 522 -48.70 30.43 -27.42
C THR I 522 -49.76 29.41 -27.81
N VAL I 523 -50.52 28.92 -26.84
CA VAL I 523 -51.58 27.96 -27.18
C VAL I 523 -52.70 28.64 -27.96
N THR I 524 -53.15 29.79 -27.48
CA THR I 524 -54.27 30.47 -28.12
C THR I 524 -53.97 30.84 -29.55
N GLN I 525 -52.72 31.20 -29.86
CA GLN I 525 -52.39 31.56 -31.23
C GLN I 525 -52.57 30.37 -32.16
N VAL I 526 -52.15 29.18 -31.72
CA VAL I 526 -52.31 28.01 -32.56
C VAL I 526 -53.79 27.71 -32.78
N ASN I 527 -54.57 27.79 -31.72
CA ASN I 527 -56.00 27.52 -31.88
C ASN I 527 -56.66 28.52 -32.82
N VAL I 528 -56.28 29.80 -32.70
CA VAL I 528 -56.85 30.82 -33.58
C VAL I 528 -56.45 30.58 -35.02
N LYS I 529 -55.18 30.21 -35.24
CA LYS I 529 -54.72 29.95 -36.59
C LYS I 529 -55.45 28.78 -37.21
N ALA I 530 -55.70 27.72 -36.44
CA ALA I 530 -56.47 26.60 -36.96
C ALA I 530 -57.90 27.02 -37.28
N ALA I 531 -58.53 27.79 -36.39
CA ALA I 531 -59.90 28.22 -36.65
C ALA I 531 -59.98 29.12 -37.87
N GLU I 532 -58.94 29.90 -38.15
CA GLU I 532 -58.91 30.70 -39.36
C GLU I 532 -58.74 29.84 -40.59
N SER I 533 -57.83 28.87 -40.53
CA SER I 533 -57.64 27.97 -41.65
C SER I 533 -58.91 27.22 -42.00
N GLN I 534 -59.72 26.89 -40.99
CA GLN I 534 -60.98 26.23 -41.27
C GLN I 534 -61.89 27.07 -42.15
N ILE I 535 -61.77 28.39 -42.07
CA ILE I 535 -62.65 29.27 -42.84
C ILE I 535 -62.05 29.69 -44.17
N ARG I 536 -60.73 29.87 -44.23
CA ARG I 536 -60.12 30.50 -45.39
C ARG I 536 -59.61 29.50 -46.43
N ASP I 537 -58.85 28.50 -46.02
CA ASP I 537 -58.17 27.66 -46.98
C ASP I 537 -59.09 26.59 -47.54
N VAL I 538 -58.69 26.05 -48.69
CA VAL I 538 -59.44 25.03 -49.41
C VAL I 538 -58.82 23.67 -49.14
N ASP I 539 -59.66 22.65 -49.13
CA ASP I 539 -59.22 21.27 -48.95
C ASP I 539 -59.02 20.64 -50.32
N PHE I 540 -57.76 20.36 -50.66
CA PHE I 540 -57.45 19.79 -51.96
C PHE I 540 -58.20 18.49 -52.20
N ALA I 541 -58.63 17.79 -51.15
CA ALA I 541 -59.42 16.58 -51.32
C ALA I 541 -60.64 16.85 -52.18
N SER I 542 -61.55 17.70 -51.70
CA SER I 542 -62.74 18.03 -52.47
C SER I 542 -62.42 18.92 -53.65
N GLU I 543 -61.34 19.71 -53.58
CA GLU I 543 -61.06 20.62 -54.67
C GLU I 543 -60.65 19.88 -55.94
N SER I 544 -59.81 18.86 -55.81
CA SER I 544 -59.43 18.09 -56.98
C SER I 544 -60.61 17.32 -57.56
N ALA I 545 -61.53 16.86 -56.71
CA ALA I 545 -62.74 16.23 -57.22
C ALA I 545 -63.56 17.22 -58.04
N ASN I 546 -63.80 18.41 -57.48
CA ASN I 546 -64.51 19.43 -58.22
C ASN I 546 -63.83 19.73 -59.55
N TYR I 547 -62.50 19.85 -59.54
CA TYR I 547 -61.79 20.22 -60.76
C TYR I 547 -61.91 19.14 -61.82
N SER I 548 -61.65 17.89 -61.46
CA SER I 548 -61.72 16.80 -62.44
C SER I 548 -63.13 16.65 -62.97
N LYS I 549 -64.13 16.77 -62.10
CA LYS I 549 -65.52 16.68 -62.54
C LYS I 549 -65.84 17.77 -63.55
N ALA I 550 -65.48 19.02 -63.22
CA ALA I 550 -65.71 20.12 -64.15
C ALA I 550 -64.96 19.93 -65.46
N ASN I 551 -63.79 19.31 -65.42
CA ASN I 551 -63.04 19.10 -66.66
C ASN I 551 -63.71 18.08 -67.56
N ILE I 552 -64.16 16.96 -67.00
CA ILE I 552 -64.90 15.99 -67.79
C ILE I 552 -66.18 16.62 -68.34
N LEU I 553 -66.85 17.43 -67.53
CA LEU I 553 -68.03 18.12 -68.03
C LEU I 553 -67.69 19.06 -69.16
N ALA I 554 -66.53 19.71 -69.10
CA ALA I 554 -66.12 20.59 -70.19
C ALA I 554 -65.92 19.81 -71.48
N GLN I 555 -65.30 18.64 -71.39
CA GLN I 555 -65.13 17.82 -72.58
C GLN I 555 -66.48 17.39 -73.16
N SER I 556 -67.40 16.97 -72.29
CA SER I 556 -68.72 16.57 -72.76
C SER I 556 -69.45 17.73 -73.42
N GLY I 557 -69.40 18.91 -72.80
CA GLY I 557 -70.07 20.06 -73.38
C GLY I 557 -69.46 20.49 -74.69
N SER I 558 -68.15 20.35 -74.84
CA SER I 558 -67.52 20.64 -76.12
C SER I 558 -67.99 19.68 -77.19
N TYR I 559 -68.08 18.39 -76.87
CA TYR I 559 -68.64 17.46 -77.83
C TYR I 559 -70.07 17.81 -78.19
N ALA I 560 -70.86 18.25 -77.21
CA ALA I 560 -72.24 18.61 -77.47
C ALA I 560 -72.34 19.81 -78.40
N MET I 561 -71.50 20.82 -78.20
CA MET I 561 -71.49 21.95 -79.12
C MET I 561 -71.06 21.53 -80.51
N ALA I 562 -70.03 20.69 -80.61
CA ALA I 562 -69.58 20.23 -81.92
C ALA I 562 -70.69 19.51 -82.65
N GLN I 563 -71.49 18.73 -81.94
CA GLN I 563 -72.58 18.02 -82.60
C GLN I 563 -73.74 18.95 -82.91
N ALA I 564 -73.99 19.94 -82.06
CA ALA I 564 -75.09 20.86 -82.31
C ALA I 564 -74.85 21.69 -83.56
N ASN I 565 -73.61 22.13 -83.76
CA ASN I 565 -73.31 22.91 -84.96
C ASN I 565 -73.53 22.10 -86.23
N SER I 566 -73.31 20.79 -86.15
CA SER I 566 -73.43 19.92 -87.31
C SER I 566 -74.82 19.34 -87.48
N SER I 567 -75.70 19.47 -86.49
CA SER I 567 -77.01 18.84 -86.55
C SER I 567 -77.87 19.31 -87.71
N GLN I 568 -77.45 20.31 -88.46
CA GLN I 568 -78.27 20.87 -89.53
C GLN I 568 -77.83 20.44 -90.93
N GLN I 569 -76.79 19.63 -91.05
CA GLN I 569 -76.33 19.21 -92.36
C GLN I 569 -77.40 18.46 -93.14
N ASN I 570 -78.31 17.79 -92.45
CA ASN I 570 -79.27 16.92 -93.13
C ASN I 570 -80.23 17.70 -94.03
N VAL I 571 -80.30 19.02 -93.89
CA VAL I 571 -81.20 19.79 -94.74
C VAL I 571 -80.72 19.76 -96.18
N LEU I 572 -79.41 19.69 -96.39
CA LEU I 572 -78.87 19.74 -97.75
C LEU I 572 -79.37 18.59 -98.60
N ARG I 573 -79.72 17.46 -97.99
CA ARG I 573 -80.23 16.35 -98.76
C ARG I 573 -81.58 16.68 -99.39
N LEU I 574 -82.38 17.51 -98.73
CA LEU I 574 -83.62 17.99 -99.35
C LEU I 574 -83.31 18.81 -100.59
N LEU I 575 -82.36 19.74 -100.48
CA LEU I 575 -82.14 20.71 -101.54
C LEU I 575 -81.47 20.07 -102.75
N GLN I 576 -80.46 19.25 -102.54
CA GLN I 576 -79.71 18.65 -103.63
C GLN I 576 -80.60 17.89 -104.61
N PHE J 3 -22.90 16.58 -78.34
CA PHE J 3 -24.29 16.14 -78.27
C PHE J 3 -24.42 14.90 -79.14
N ARG J 4 -23.34 14.55 -79.82
CA ARG J 4 -23.26 13.34 -80.62
C ARG J 4 -22.96 12.17 -79.70
N ILE J 5 -23.78 11.13 -79.78
CA ILE J 5 -23.65 9.98 -78.93
C ILE J 5 -22.90 8.90 -79.68
N ASN J 6 -22.56 7.83 -78.96
CA ASN J 6 -21.72 6.67 -79.29
C ASN J 6 -20.23 6.94 -79.12
N THR J 7 -19.84 8.15 -78.76
CA THR J 7 -18.45 8.41 -78.40
C THR J 7 -18.39 9.34 -77.19
N ASN J 8 -19.12 9.01 -76.14
CA ASN J 8 -19.14 9.80 -74.91
C ASN J 8 -17.73 10.17 -74.47
N VAL J 9 -17.44 11.46 -74.44
CA VAL J 9 -16.09 11.93 -74.11
C VAL J 9 -15.97 12.28 -72.63
N ALA J 10 -17.04 12.82 -72.04
CA ALA J 10 -17.02 13.11 -70.62
C ALA J 10 -16.81 11.83 -69.81
N ALA J 11 -17.35 10.71 -70.30
CA ALA J 11 -17.13 9.44 -69.61
C ALA J 11 -15.67 9.06 -69.62
N LEU J 12 -15.01 9.17 -70.78
CA LEU J 12 -13.60 8.83 -70.85
C LEU J 12 -12.76 9.74 -69.97
N ASN J 13 -13.05 11.03 -69.99
CA ASN J 13 -12.28 11.96 -69.18
C ASN J 13 -12.45 11.68 -67.69
N ALA J 14 -13.70 11.48 -67.26
CA ALA J 14 -13.94 11.16 -65.86
C ALA J 14 -13.30 9.85 -65.47
N LYS J 15 -13.31 8.86 -66.35
CA LYS J 15 -12.67 7.59 -66.04
C LYS J 15 -11.16 7.77 -65.87
N ALA J 16 -10.53 8.55 -66.76
CA ALA J 16 -9.11 8.81 -66.62
C ALA J 16 -8.80 9.45 -65.27
N ASN J 17 -9.55 10.49 -64.92
CA ASN J 17 -9.30 11.17 -63.65
C ASN J 17 -9.51 10.24 -62.46
N SER J 18 -10.59 9.48 -62.47
CA SER J 18 -10.89 8.60 -61.34
C SER J 18 -9.85 7.51 -61.19
N ASP J 19 -9.36 6.97 -62.31
CA ASP J 19 -8.32 5.96 -62.21
C ASP J 19 -7.02 6.55 -61.69
N LEU J 20 -6.65 7.74 -62.18
CA LEU J 20 -5.47 8.40 -61.66
C LEU J 20 -5.58 8.66 -60.17
N ASN J 21 -6.80 8.87 -59.67
CA ASN J 21 -6.97 9.07 -58.23
C ASN J 21 -6.91 7.76 -57.47
N ALA J 22 -7.55 6.72 -58.00
CA ALA J 22 -7.52 5.42 -57.34
C ALA J 22 -6.10 4.90 -57.19
N LYS J 23 -5.23 5.23 -58.15
CA LYS J 23 -3.82 4.87 -58.00
C LYS J 23 -3.23 5.44 -56.72
N SER J 24 -3.45 6.73 -56.47
CA SER J 24 -2.90 7.37 -55.27
C SER J 24 -3.58 6.86 -54.02
N LEU J 25 -4.87 6.57 -54.09
CA LEU J 25 -5.55 5.99 -52.94
C LEU J 25 -4.93 4.65 -52.57
N ASP J 26 -4.69 3.79 -53.56
CA ASP J 26 -4.06 2.50 -53.31
C ASP J 26 -2.67 2.68 -52.71
N ALA J 27 -1.88 3.59 -53.28
CA ALA J 27 -0.54 3.81 -52.75
C ALA J 27 -0.59 4.25 -51.29
N SER J 28 -1.45 5.22 -50.98
CA SER J 28 -1.56 5.69 -49.61
C SER J 28 -2.01 4.59 -48.67
N LEU J 29 -2.94 3.74 -49.11
CA LEU J 29 -3.38 2.65 -48.26
C LEU J 29 -2.28 1.63 -48.02
N SER J 30 -1.47 1.36 -49.04
CA SER J 30 -0.35 0.44 -48.86
C SER J 30 0.67 1.00 -47.87
N ARG J 31 0.92 2.31 -47.95
CA ARG J 31 1.81 2.93 -46.96
C ARG J 31 1.22 2.85 -45.57
N LEU J 32 -0.07 3.13 -45.44
CA LEU J 32 -0.74 3.04 -44.14
C LEU J 32 -0.67 1.63 -43.56
N SER J 33 -0.72 0.62 -44.42
CA SER J 33 -0.63 -0.76 -43.95
C SER J 33 0.79 -1.12 -43.52
N SER J 34 1.75 -0.96 -44.43
CA SER J 34 3.10 -1.42 -44.15
C SER J 34 3.78 -0.60 -43.07
N GLY J 35 3.39 0.66 -42.90
CA GLY J 35 4.06 1.52 -41.95
C GLY J 35 5.37 2.08 -42.45
N LEU J 36 5.58 2.11 -43.76
CA LEU J 36 6.82 2.60 -44.35
C LEU J 36 6.50 3.59 -45.46
N ARG J 37 7.35 4.60 -45.60
CA ARG J 37 7.15 5.58 -46.66
C ARG J 37 7.71 5.12 -47.99
N ILE J 38 8.68 4.21 -47.99
CA ILE J 38 9.26 3.67 -49.21
C ILE J 38 9.09 2.17 -49.15
N ASN J 39 8.01 1.67 -49.75
CA ASN J 39 7.76 0.23 -49.80
C ASN J 39 8.46 -0.40 -51.00
N SER J 40 8.14 0.06 -52.19
CA SER J 40 8.60 -0.57 -53.41
C SER J 40 9.94 -0.04 -53.89
N ALA J 41 10.51 0.94 -53.20
CA ALA J 41 11.77 1.57 -53.59
C ALA J 41 11.72 2.14 -55.00
N ALA J 42 10.52 2.32 -55.53
CA ALA J 42 10.31 2.98 -56.80
C ALA J 42 9.92 4.44 -56.63
N ASP J 43 9.77 4.90 -55.39
CA ASP J 43 9.40 6.27 -55.11
C ASP J 43 10.53 7.08 -54.51
N ASP J 44 11.61 6.44 -54.04
CA ASP J 44 12.78 7.18 -53.60
C ASP J 44 14.01 6.28 -53.71
N ALA J 45 14.76 6.44 -54.79
CA ALA J 45 15.93 5.60 -55.02
C ALA J 45 17.02 5.88 -53.99
N SER J 46 17.51 7.12 -53.95
CA SER J 46 18.56 7.46 -53.00
C SER J 46 18.07 7.38 -51.57
N GLY J 47 16.78 7.66 -51.35
CA GLY J 47 16.22 7.43 -50.03
C GLY J 47 16.38 5.99 -49.61
N MET J 48 16.02 5.05 -50.48
CA MET J 48 16.19 3.64 -50.15
C MET J 48 17.65 3.30 -49.96
N ALA J 49 18.54 3.88 -50.76
CA ALA J 49 19.96 3.56 -50.65
C ALA J 49 20.51 4.00 -49.30
N ILE J 50 20.27 5.27 -48.93
CA ILE J 50 20.74 5.77 -47.65
C ILE J 50 20.10 5.00 -46.50
N ALA J 51 18.82 4.68 -46.63
CA ALA J 51 18.14 3.97 -45.56
C ALA J 51 18.73 2.58 -45.37
N ASP J 52 19.07 1.90 -46.47
CA ASP J 52 19.69 0.58 -46.34
C ASP J 52 21.09 0.67 -45.79
N SER J 53 21.86 1.69 -46.16
CA SER J 53 23.17 1.87 -45.55
C SER J 53 23.05 2.10 -44.05
N LEU J 54 22.10 2.93 -43.65
CA LEU J 54 21.93 3.21 -42.22
C LEU J 54 21.42 1.98 -41.48
N ARG J 55 20.58 1.18 -42.11
CA ARG J 55 20.11 -0.04 -41.48
C ARG J 55 21.25 -1.03 -41.29
N SER J 56 22.09 -1.18 -42.31
CA SER J 56 23.29 -2.01 -42.15
C SER J 56 24.18 -1.51 -41.03
N GLN J 57 24.37 -0.19 -40.93
CA GLN J 57 25.21 0.34 -39.87
C GLN J 57 24.59 0.14 -38.50
N ALA J 58 23.27 0.28 -38.37
CA ALA J 58 22.62 0.07 -37.10
C ALA J 58 22.71 -1.38 -36.66
N ASN J 59 22.52 -2.32 -37.60
CA ASN J 59 22.64 -3.73 -37.24
C ASN J 59 24.08 -4.08 -36.87
N THR J 60 25.05 -3.54 -37.60
CA THR J 60 26.44 -3.83 -37.28
C THR J 60 26.81 -3.26 -35.91
N LEU J 61 26.31 -2.08 -35.59
CA LEU J 61 26.59 -1.54 -34.26
C LEU J 61 25.88 -2.34 -33.17
N GLY J 62 24.67 -2.81 -33.45
CA GLY J 62 23.97 -3.64 -32.49
C GLY J 62 24.68 -4.94 -32.23
N GLN J 63 25.39 -5.47 -33.22
CA GLN J 63 26.21 -6.65 -32.99
C GLN J 63 27.52 -6.30 -32.32
N ALA J 64 28.06 -5.11 -32.60
CA ALA J 64 29.28 -4.67 -31.94
C ALA J 64 29.08 -4.51 -30.45
N ILE J 65 27.88 -4.11 -30.03
CA ILE J 65 27.60 -4.01 -28.60
C ILE J 65 27.72 -5.39 -27.95
N SER J 66 27.21 -6.42 -28.60
CA SER J 66 27.31 -7.76 -28.04
C SER J 66 28.76 -8.23 -28.02
N ASN J 67 29.52 -7.91 -29.07
CA ASN J 67 30.94 -8.23 -29.05
C ASN J 67 31.64 -7.57 -27.86
N GLY J 68 31.33 -6.30 -27.61
CA GLY J 68 31.93 -5.63 -26.47
C GLY J 68 31.53 -6.25 -25.15
N ASN J 69 30.27 -6.65 -25.02
CA ASN J 69 29.83 -7.30 -23.79
C ASN J 69 30.56 -8.62 -23.58
N ASP J 70 30.78 -9.38 -24.65
CA ASP J 70 31.53 -10.62 -24.51
C ASP J 70 32.97 -10.35 -24.09
N ALA J 71 33.59 -9.33 -24.67
CA ALA J 71 34.94 -8.98 -24.25
C ALA J 71 34.98 -8.59 -22.78
N LEU J 72 33.98 -7.84 -22.32
CA LEU J 72 33.92 -7.48 -20.91
C LEU J 72 33.80 -8.72 -20.04
N GLY J 73 32.96 -9.67 -20.44
CA GLY J 73 32.85 -10.89 -19.67
C GLY J 73 34.17 -11.63 -19.56
N ILE J 74 34.87 -11.77 -20.68
CA ILE J 74 36.15 -12.48 -20.66
C ILE J 74 37.15 -11.78 -19.75
N LEU J 75 37.27 -10.47 -19.90
CA LEU J 75 38.28 -9.75 -19.11
C LEU J 75 37.95 -9.77 -17.63
N GLN J 76 36.67 -9.62 -17.28
CA GLN J 76 36.28 -9.68 -15.88
C GLN J 76 36.60 -11.05 -15.29
N THR J 77 36.31 -12.11 -16.04
CA THR J 77 36.65 -13.45 -15.58
C THR J 77 38.13 -13.56 -15.29
N ALA J 78 38.96 -13.11 -16.23
CA ALA J 78 40.40 -13.21 -16.04
C ALA J 78 40.86 -12.46 -14.81
N ASP J 79 40.35 -11.24 -14.60
CA ASP J 79 40.80 -10.44 -13.46
C ASP J 79 40.40 -11.06 -12.14
N LYS J 80 39.10 -11.34 -11.98
CA LYS J 80 38.64 -11.96 -10.75
C LYS J 80 39.29 -13.32 -10.51
N ALA J 81 39.82 -13.96 -11.57
CA ALA J 81 40.63 -15.14 -11.34
C ALA J 81 41.99 -14.77 -10.76
N MET J 82 42.68 -13.82 -11.37
CA MET J 82 44.04 -13.47 -10.91
C MET J 82 44.06 -13.00 -9.47
N ASP J 83 42.92 -12.52 -8.96
CA ASP J 83 42.88 -12.09 -7.56
C ASP J 83 43.37 -13.18 -6.61
N GLU J 84 42.92 -14.42 -6.83
CA GLU J 84 43.31 -15.49 -5.93
C GLU J 84 44.79 -15.81 -6.03
N GLN J 85 45.37 -15.70 -7.22
CA GLN J 85 46.81 -15.87 -7.34
C GLN J 85 47.55 -14.81 -6.54
N LEU J 86 47.06 -13.58 -6.54
CA LEU J 86 47.68 -12.55 -5.72
C LEU J 86 47.66 -12.95 -4.24
N LYS J 87 46.50 -13.39 -3.76
CA LYS J 87 46.42 -13.79 -2.36
C LYS J 87 47.35 -14.95 -2.04
N ILE J 88 47.45 -15.92 -2.95
CA ILE J 88 48.31 -17.08 -2.72
C ILE J 88 49.77 -16.64 -2.65
N LEU J 89 50.18 -15.74 -3.53
CA LEU J 89 51.56 -15.29 -3.50
C LEU J 89 51.85 -14.54 -2.21
N ASP J 90 50.88 -13.75 -1.74
CA ASP J 90 51.04 -13.12 -0.43
C ASP J 90 51.29 -14.15 0.65
N THR J 91 50.48 -15.22 0.65
CA THR J 91 50.66 -16.26 1.67
C THR J 91 52.03 -16.92 1.55
N ILE J 92 52.49 -17.14 0.33
CA ILE J 92 53.80 -17.75 0.13
C ILE J 92 54.89 -16.88 0.74
N LYS J 93 54.83 -15.58 0.47
CA LYS J 93 55.85 -14.68 1.02
C LYS J 93 55.79 -14.66 2.54
N THR J 94 54.58 -14.67 3.11
CA THR J 94 54.45 -14.73 4.55
C THR J 94 55.09 -15.98 5.13
N LYS J 95 54.88 -17.12 4.47
CA LYS J 95 55.45 -18.36 4.97
C LYS J 95 56.97 -18.35 4.85
N ALA J 96 57.49 -17.81 3.77
CA ALA J 96 58.95 -17.69 3.64
C ALA J 96 59.51 -16.83 4.75
N THR J 97 58.82 -15.72 5.07
CA THR J 97 59.26 -14.90 6.19
C THR J 97 59.23 -15.69 7.49
N GLN J 98 58.19 -16.49 7.69
CA GLN J 98 58.09 -17.31 8.90
C GLN J 98 59.21 -18.32 9.00
N ALA J 99 59.69 -18.83 7.86
CA ALA J 99 60.77 -19.80 7.86
C ALA J 99 62.15 -19.15 7.91
N ALA J 100 62.24 -17.86 7.61
CA ALA J 100 63.52 -17.16 7.59
C ALA J 100 64.05 -16.84 8.97
N GLN J 101 63.49 -17.41 10.02
CA GLN J 101 64.03 -17.28 11.35
C GLN J 101 64.80 -18.54 11.73
N ASP J 102 65.70 -18.40 12.70
CA ASP J 102 66.49 -19.54 13.17
C ASP J 102 66.00 -20.08 14.49
N GLY J 103 64.70 -20.06 14.73
CA GLY J 103 64.14 -20.77 15.86
C GLY J 103 63.45 -22.03 15.39
N GLN J 104 63.65 -22.35 14.11
CA GLN J 104 62.96 -23.47 13.46
C GLN J 104 64.00 -24.42 12.90
N SER J 105 63.80 -25.71 13.15
CA SER J 105 64.73 -26.70 12.64
C SER J 105 64.37 -27.07 11.20
N LEU J 106 65.23 -27.91 10.61
CA LEU J 106 64.99 -28.34 9.23
C LEU J 106 63.67 -29.08 9.12
N LYS J 107 63.25 -29.78 10.17
CA LYS J 107 62.02 -30.55 10.08
C LYS J 107 60.80 -29.64 9.94
N THR J 108 60.82 -28.46 10.56
CA THR J 108 59.70 -27.55 10.41
C THR J 108 59.82 -26.72 9.14
N ARG J 109 61.05 -26.33 8.78
CA ARG J 109 61.23 -25.69 7.48
C ARG J 109 60.75 -26.60 6.37
N THR J 110 60.85 -27.91 6.56
CA THR J 110 60.37 -28.85 5.56
C THR J 110 58.86 -28.80 5.45
N MET J 111 58.15 -28.63 6.57
CA MET J 111 56.71 -28.45 6.49
C MET J 111 56.35 -27.15 5.79
N LEU J 112 57.12 -26.08 6.04
CA LEU J 112 56.93 -24.85 5.28
C LEU J 112 57.05 -25.09 3.79
N GLN J 113 58.12 -25.78 3.38
CA GLN J 113 58.33 -26.00 1.95
C GLN J 113 57.27 -26.90 1.37
N ALA J 114 56.82 -27.90 2.13
CA ALA J 114 55.73 -28.75 1.65
C ALA J 114 54.47 -27.96 1.44
N ASP J 115 54.18 -27.00 2.33
CA ASP J 115 53.01 -26.16 2.14
C ASP J 115 53.14 -25.27 0.91
N ILE J 116 54.33 -24.68 0.74
CA ILE J 116 54.55 -23.80 -0.41
C ILE J 116 54.40 -24.58 -1.71
N ASN J 117 54.85 -25.83 -1.72
CA ASN J 117 54.73 -26.66 -2.92
C ASN J 117 53.27 -26.78 -3.34
N LYS J 118 52.40 -27.12 -2.39
CA LYS J 118 50.99 -27.28 -2.70
C LYS J 118 50.37 -25.95 -3.13
N LEU J 119 50.73 -24.87 -2.45
CA LEU J 119 50.16 -23.57 -2.82
C LEU J 119 50.55 -23.19 -4.24
N MET J 120 51.80 -23.42 -4.61
CA MET J 120 52.25 -23.10 -5.96
C MET J 120 51.61 -24.02 -6.99
N GLU J 121 51.44 -25.29 -6.64
CA GLU J 121 50.65 -26.20 -7.47
C GLU J 121 49.28 -25.61 -7.75
N GLU J 122 48.63 -25.09 -6.71
CA GLU J 122 47.32 -24.49 -6.89
C GLU J 122 47.38 -23.26 -7.79
N LEU J 123 48.40 -22.44 -7.61
CA LEU J 123 48.56 -21.25 -8.44
C LEU J 123 48.61 -21.62 -9.91
N ASP J 124 49.55 -22.50 -10.27
CA ASP J 124 49.66 -22.89 -11.67
C ASP J 124 48.42 -23.63 -12.13
N ASN J 125 47.70 -24.29 -11.22
CA ASN J 125 46.45 -24.92 -11.60
C ASN J 125 45.40 -23.89 -12.00
N ILE J 126 45.28 -22.81 -11.23
CA ILE J 126 44.38 -21.72 -11.61
C ILE J 126 44.78 -21.18 -12.96
N ALA J 127 46.08 -21.00 -13.18
CA ALA J 127 46.56 -20.46 -14.45
C ALA J 127 46.16 -21.35 -15.62
N ASN J 128 46.50 -22.63 -15.56
CA ASN J 128 46.16 -23.56 -16.63
C ASN J 128 44.70 -23.95 -16.66
N THR J 129 43.89 -23.50 -15.71
CA THR J 129 42.50 -23.89 -15.65
C THR J 129 41.54 -22.84 -16.14
N THR J 130 41.71 -21.58 -15.74
CA THR J 130 40.74 -20.55 -16.12
C THR J 130 40.61 -20.47 -17.63
N SER J 131 39.39 -20.65 -18.13
CA SER J 131 39.14 -20.68 -19.56
C SER J 131 37.68 -20.32 -19.82
N PHE J 132 37.44 -19.69 -20.98
CA PHE J 132 36.08 -19.24 -21.28
C PHE J 132 35.24 -20.36 -21.89
N ASN J 133 35.59 -20.82 -23.09
CA ASN J 133 34.93 -21.96 -23.71
C ASN J 133 35.97 -22.80 -24.42
N GLY J 134 37.10 -23.03 -23.76
CA GLY J 134 38.25 -23.66 -24.34
C GLY J 134 39.43 -22.72 -24.48
N LYS J 135 39.17 -21.45 -24.77
CA LYS J 135 40.20 -20.43 -24.85
C LYS J 135 40.81 -20.27 -23.47
N GLN J 136 42.04 -20.75 -23.29
CA GLN J 136 42.72 -20.60 -22.03
C GLN J 136 43.19 -19.16 -21.88
N LEU J 137 42.67 -18.47 -20.85
CA LEU J 137 43.00 -17.06 -20.67
C LEU J 137 44.37 -16.89 -20.04
N LEU J 138 44.54 -17.40 -18.83
CA LEU J 138 45.72 -17.12 -18.02
C LEU J 138 46.81 -18.17 -18.20
N SER J 139 47.22 -18.43 -19.43
CA SER J 139 48.27 -19.41 -19.64
C SER J 139 49.37 -18.86 -20.53
N GLY J 140 49.01 -17.95 -21.44
CA GLY J 140 49.96 -17.36 -22.36
C GLY J 140 49.56 -17.44 -23.81
N ASN J 141 48.45 -18.11 -24.14
CA ASN J 141 47.98 -18.21 -25.51
C ASN J 141 46.81 -17.29 -25.79
N PHE J 142 46.75 -16.14 -25.11
CA PHE J 142 45.70 -15.16 -25.36
C PHE J 142 46.32 -13.88 -25.89
N THR J 143 47.25 -14.01 -26.83
CA THR J 143 48.00 -12.88 -27.35
C THR J 143 47.38 -12.41 -28.66
N ASN J 144 47.16 -11.10 -28.76
CA ASN J 144 46.69 -10.46 -29.99
C ASN J 144 45.33 -10.99 -30.42
N GLN J 145 44.35 -10.81 -29.54
CA GLN J 145 42.98 -11.22 -29.82
C GLN J 145 42.11 -9.99 -30.03
N GLU J 146 41.38 -9.97 -31.14
CA GLU J 146 40.58 -8.83 -31.55
C GLU J 146 39.12 -9.01 -31.14
N PHE J 147 38.39 -7.90 -31.16
CA PHE J 147 36.97 -7.89 -30.85
C PHE J 147 36.34 -6.80 -31.70
N GLN J 148 35.76 -7.18 -32.84
CA GLN J 148 35.19 -6.20 -33.76
C GLN J 148 34.10 -5.39 -33.07
N ILE J 149 34.33 -4.09 -32.92
CA ILE J 149 33.39 -3.20 -32.25
C ILE J 149 33.07 -1.96 -33.09
N GLY J 150 33.13 -2.10 -34.41
CA GLY J 150 32.94 -0.96 -35.28
C GLY J 150 31.95 -1.26 -36.40
N ALA J 151 31.37 -0.18 -36.92
CA ALA J 151 30.43 -0.33 -38.03
C ALA J 151 31.14 -0.76 -39.30
N SER J 152 32.36 -0.29 -39.52
CA SER J 152 33.13 -0.64 -40.69
C SER J 152 34.01 -1.85 -40.36
N SER J 153 35.00 -2.14 -41.20
CA SER J 153 35.62 -3.46 -41.22
C SER J 153 36.55 -3.69 -40.04
N ASN J 154 37.61 -2.91 -39.90
CA ASN J 154 38.71 -3.28 -39.02
C ASN J 154 38.83 -2.37 -37.80
N GLN J 155 37.70 -1.95 -37.22
CA GLN J 155 37.75 -1.29 -35.93
C GLN J 155 37.60 -2.33 -34.83
N THR J 156 38.54 -2.33 -33.89
CA THR J 156 38.54 -3.38 -32.88
C THR J 156 39.47 -3.00 -31.75
N VAL J 157 39.28 -3.68 -30.62
CA VAL J 157 40.20 -3.62 -29.51
C VAL J 157 41.07 -4.88 -29.56
N LYS J 158 42.14 -4.87 -28.76
CA LYS J 158 43.09 -5.98 -28.78
C LYS J 158 43.45 -6.36 -27.35
N ALA J 159 43.53 -7.65 -27.08
CA ALA J 159 43.85 -8.17 -25.77
C ALA J 159 45.04 -9.10 -25.86
N THR J 160 46.03 -8.90 -24.99
CA THR J 160 47.26 -9.68 -24.99
C THR J 160 47.63 -10.09 -23.58
N ILE J 161 46.67 -10.67 -22.86
CA ILE J 161 46.87 -11.11 -21.48
C ILE J 161 48.13 -11.96 -21.37
N GLY J 162 49.08 -11.52 -20.56
CA GLY J 162 50.35 -12.20 -20.43
C GLY J 162 50.21 -13.57 -19.78
N ALA J 163 51.34 -14.23 -19.63
CA ALA J 163 51.39 -15.55 -19.02
C ALA J 163 51.61 -15.42 -17.52
N THR J 164 50.84 -16.18 -16.74
CA THR J 164 50.83 -16.05 -15.30
C THR J 164 51.19 -17.35 -14.59
N GLN J 165 51.97 -18.22 -15.22
CA GLN J 165 52.30 -19.48 -14.61
C GLN J 165 53.48 -19.33 -13.66
N SER J 166 53.58 -20.28 -12.73
CA SER J 166 54.61 -20.24 -11.71
C SER J 166 55.99 -20.50 -12.27
N SER J 167 56.10 -21.05 -13.48
CA SER J 167 57.38 -21.20 -14.13
C SER J 167 57.82 -19.94 -14.84
N LYS J 168 56.98 -18.92 -14.87
CA LYS J 168 57.28 -17.72 -15.66
C LYS J 168 57.05 -16.42 -14.93
N ILE J 169 56.47 -16.41 -13.74
CA ILE J 169 56.14 -15.12 -13.13
C ILE J 169 57.34 -14.52 -12.40
N GLY J 170 57.81 -15.16 -11.33
CA GLY J 170 58.75 -14.49 -10.47
C GLY J 170 60.19 -14.79 -10.77
N VAL J 171 60.87 -13.89 -11.48
CA VAL J 171 62.23 -14.11 -11.96
C VAL J 171 63.09 -12.98 -11.42
N THR J 172 63.76 -13.21 -10.30
CA THR J 172 64.72 -12.25 -9.79
C THR J 172 66.11 -12.57 -10.32
N ARG J 173 67.02 -11.61 -10.14
CA ARG J 173 68.37 -11.70 -10.70
C ARG J 173 69.38 -11.45 -9.59
N PHE J 174 70.13 -12.49 -9.22
CA PHE J 174 71.15 -12.39 -8.20
C PHE J 174 72.52 -12.20 -8.84
N GLU J 175 73.44 -11.62 -8.07
CA GLU J 175 74.84 -11.52 -8.43
C GLU J 175 75.65 -11.60 -7.14
N THR J 176 76.94 -11.89 -7.29
CA THR J 176 77.84 -11.92 -6.14
C THR J 176 79.29 -11.97 -6.60
N GLY J 177 80.13 -11.10 -6.03
CA GLY J 177 81.51 -11.01 -6.44
C GLY J 177 82.43 -11.85 -5.57
N ALA J 178 83.63 -12.06 -6.09
CA ALA J 178 84.62 -12.87 -5.39
C ALA J 178 85.03 -12.19 -4.09
N GLN J 179 85.53 -13.01 -3.16
CA GLN J 179 85.91 -12.51 -1.85
C GLN J 179 87.00 -11.47 -1.98
N SER J 180 86.68 -10.24 -1.58
CA SER J 180 87.58 -9.11 -1.80
C SER J 180 88.66 -9.06 -0.74
N PHE J 181 89.92 -9.07 -1.16
CA PHE J 181 91.04 -9.00 -0.25
C PHE J 181 91.73 -7.64 -0.26
N THR J 182 91.29 -6.71 -1.10
CA THR J 182 91.93 -5.42 -1.26
C THR J 182 91.00 -4.31 -0.80
N SER J 183 91.61 -3.23 -0.32
CA SER J 183 90.89 -2.06 0.17
C SER J 183 90.96 -0.96 -0.88
N GLY J 184 90.40 0.21 -0.54
CA GLY J 184 90.46 1.36 -1.43
C GLY J 184 89.13 2.03 -1.61
N VAL J 185 89.17 3.33 -1.90
CA VAL J 185 87.94 4.10 -2.09
C VAL J 185 87.29 3.68 -3.39
N VAL J 186 86.03 3.24 -3.30
CA VAL J 186 85.31 2.66 -4.42
C VAL J 186 84.14 3.54 -4.79
N GLY J 187 83.90 3.70 -6.09
CA GLY J 187 82.70 4.35 -6.57
C GLY J 187 82.01 3.51 -7.62
N LEU J 188 80.79 3.07 -7.34
CA LEU J 188 80.09 2.20 -8.26
C LEU J 188 79.46 3.01 -9.39
N THR J 189 78.88 2.29 -10.34
CA THR J 189 78.03 2.89 -11.37
C THR J 189 77.21 1.78 -11.97
N ILE J 190 75.90 1.83 -11.80
CA ILE J 190 75.01 0.87 -12.44
C ILE J 190 74.56 1.45 -13.77
N LYS J 191 75.12 0.96 -14.86
CA LYS J 191 74.85 1.51 -16.17
C LYS J 191 73.43 1.14 -16.61
N ASN J 192 72.78 2.08 -17.28
CA ASN J 192 71.44 1.90 -17.81
C ASN J 192 70.47 1.48 -16.69
N TYR J 193 70.38 2.32 -15.66
CA TYR J 193 69.53 1.94 -14.54
C TYR J 193 68.05 2.07 -14.90
N ASN J 194 67.71 2.89 -15.89
CA ASN J 194 66.32 3.10 -16.24
C ASN J 194 66.08 3.13 -17.75
N GLY J 195 67.06 2.79 -18.57
CA GLY J 195 66.87 2.75 -20.01
C GLY J 195 67.38 3.95 -20.75
N ILE J 196 67.88 4.98 -20.05
CA ILE J 196 68.34 6.18 -20.73
C ILE J 196 69.77 6.52 -20.33
N GLU J 197 70.02 6.64 -19.02
CA GLU J 197 71.31 7.12 -18.54
C GLU J 197 71.87 6.16 -17.51
N ASP J 198 73.01 6.54 -16.94
CA ASP J 198 73.72 5.74 -15.95
C ASP J 198 73.24 6.12 -14.55
N PHE J 199 73.93 5.62 -13.52
CA PHE J 199 73.60 5.97 -12.14
C PHE J 199 74.86 5.80 -11.30
N LYS J 200 75.52 6.91 -11.00
CA LYS J 200 76.75 6.89 -10.23
C LYS J 200 76.44 7.07 -8.75
N PHE J 201 76.98 6.17 -7.92
CA PHE J 201 76.88 6.31 -6.48
C PHE J 201 77.97 7.26 -5.99
N ASP J 202 78.19 7.30 -4.69
CA ASP J 202 79.25 8.09 -4.12
C ASP J 202 80.48 7.23 -3.86
N ASN J 203 81.62 7.88 -3.74
CA ASN J 203 82.83 7.18 -3.33
C ASN J 203 82.68 6.72 -1.89
N VAL J 204 83.03 5.46 -1.64
CA VAL J 204 82.91 4.86 -0.32
C VAL J 204 84.26 4.32 0.11
N VAL J 205 84.59 4.50 1.38
CA VAL J 205 85.82 3.96 1.94
C VAL J 205 85.57 2.50 2.28
N ILE J 206 86.63 1.74 2.53
CA ILE J 206 86.47 0.29 2.73
C ILE J 206 87.10 -0.19 4.04
N SER J 207 88.33 0.24 4.32
CA SER J 207 89.28 -0.65 4.97
C SER J 207 88.82 -1.27 6.29
N THR J 208 88.87 -0.54 7.40
CA THR J 208 88.56 -1.17 8.69
C THR J 208 87.86 -0.27 9.68
N SER J 209 87.55 0.98 9.35
CA SER J 209 87.03 1.89 10.36
C SER J 209 85.53 1.70 10.53
N VAL J 210 84.96 2.45 11.47
CA VAL J 210 83.56 2.24 11.83
C VAL J 210 82.64 2.58 10.66
N GLY J 211 82.84 3.74 10.06
CA GLY J 211 81.98 4.14 8.96
C GLY J 211 82.51 3.71 7.62
N THR J 212 83.14 2.53 7.58
CA THR J 212 83.69 2.04 6.33
C THR J 212 83.28 0.59 6.10
N GLY J 213 83.61 0.04 4.95
CA GLY J 213 83.41 -1.37 4.71
C GLY J 213 82.23 -1.71 3.83
N LEU J 214 82.07 -3.01 3.61
CA LEU J 214 80.97 -3.50 2.81
C LEU J 214 79.63 -3.14 3.44
N GLY J 215 79.57 -2.98 4.76
CA GLY J 215 78.35 -2.49 5.37
C GLY J 215 78.02 -1.08 4.96
N ALA J 216 79.02 -0.21 4.90
CA ALA J 216 78.80 1.14 4.40
C ALA J 216 78.35 1.12 2.95
N LEU J 217 78.98 0.29 2.12
CA LEU J 217 78.55 0.21 0.72
C LEU J 217 77.13 -0.31 0.62
N ALA J 218 76.76 -1.28 1.44
CA ALA J 218 75.41 -1.83 1.39
C ALA J 218 74.38 -0.79 1.81
N GLU J 219 74.71 0.00 2.84
CA GLU J 219 73.83 1.11 3.20
C GLU J 219 73.66 2.06 2.02
N GLU J 220 74.77 2.46 1.39
CA GLU J 220 74.69 3.43 0.30
C GLU J 220 73.91 2.88 -0.88
N ILE J 221 73.95 1.58 -1.10
CA ILE J 221 73.24 1.01 -2.24
C ILE J 221 71.76 0.86 -1.91
N ASN J 222 71.44 0.35 -0.72
CA ASN J 222 70.05 0.19 -0.34
C ASN J 222 69.33 1.52 -0.20
N LYS J 223 70.07 2.60 0.06
CA LYS J 223 69.42 3.91 0.14
C LYS J 223 68.68 4.23 -1.14
N SER J 224 69.35 4.12 -2.29
CA SER J 224 68.72 4.38 -3.58
C SER J 224 68.14 3.10 -4.18
N ALA J 225 67.31 2.41 -3.41
CA ALA J 225 66.78 1.14 -3.88
C ALA J 225 65.60 1.33 -4.83
N ASP J 226 64.72 2.28 -4.54
CA ASP J 226 63.50 2.42 -5.31
C ASP J 226 63.74 2.90 -6.74
N LYS J 227 64.90 3.49 -7.03
CA LYS J 227 65.16 4.00 -8.36
C LYS J 227 65.91 2.99 -9.23
N THR J 228 66.84 2.23 -8.66
CA THR J 228 67.59 1.25 -9.43
C THR J 228 66.97 -0.14 -9.41
N GLY J 229 66.16 -0.45 -8.41
CA GLY J 229 65.69 -1.80 -8.25
C GLY J 229 66.77 -2.77 -7.84
N VAL J 230 67.81 -2.29 -7.17
CA VAL J 230 68.99 -3.09 -6.84
C VAL J 230 69.23 -2.97 -5.35
N ARG J 231 68.89 -4.00 -4.60
CA ARG J 231 69.18 -4.05 -3.18
C ARG J 231 70.46 -4.84 -2.93
N ALA J 232 71.18 -4.50 -1.88
CA ALA J 232 72.46 -5.11 -1.59
C ALA J 232 72.53 -5.57 -0.14
N THR J 233 73.34 -6.60 0.08
CA THR J 233 73.65 -7.11 1.41
C THR J 233 75.14 -7.44 1.43
N TYR J 234 75.58 -8.15 2.46
CA TYR J 234 76.99 -8.48 2.56
C TYR J 234 77.17 -9.74 3.39
N ASP J 235 78.41 -10.23 3.44
CA ASP J 235 78.77 -11.39 4.23
C ASP J 235 80.27 -11.35 4.44
N VAL J 236 80.70 -11.13 5.67
CA VAL J 236 82.10 -10.89 5.98
C VAL J 236 82.53 -11.97 6.98
N LYS J 237 83.21 -13.00 6.48
CA LYS J 237 83.70 -14.07 7.33
C LYS J 237 85.06 -14.52 6.82
N THR J 238 85.92 -14.92 7.75
CA THR J 238 87.23 -15.49 7.42
C THR J 238 87.30 -16.83 8.16
N THR J 239 86.86 -17.89 7.50
CA THR J 239 86.84 -19.22 8.08
C THR J 239 87.99 -20.06 7.52
N GLY J 240 88.62 -20.83 8.39
CA GLY J 240 89.79 -21.59 8.01
C GLY J 240 89.45 -22.91 7.36
N VAL J 241 90.49 -23.73 7.18
CA VAL J 241 90.34 -25.10 6.70
C VAL J 241 91.10 -25.98 7.67
N TYR J 242 91.13 -27.30 7.42
CA TYR J 242 91.85 -28.25 8.26
C TYR J 242 91.57 -27.95 9.73
N ALA J 243 90.35 -28.26 10.16
CA ALA J 243 89.61 -27.49 11.16
C ALA J 243 90.44 -26.78 12.22
N ILE J 244 91.28 -27.51 12.96
CA ILE J 244 92.15 -26.83 13.93
C ILE J 244 93.22 -27.77 14.43
N LYS J 245 94.36 -27.21 14.81
CA LYS J 245 95.46 -27.97 15.41
C LYS J 245 95.99 -27.20 16.61
N GLU J 246 97.08 -27.68 17.20
CA GLU J 246 97.69 -27.03 18.35
C GLU J 246 98.80 -26.11 17.88
N GLY J 247 98.80 -24.88 18.37
CA GLY J 247 99.81 -23.90 18.01
C GLY J 247 99.61 -22.65 18.82
N THR J 248 100.48 -21.67 18.57
CA THR J 248 100.46 -20.41 19.30
C THR J 248 100.47 -19.24 18.33
N THR J 249 99.88 -18.14 18.76
CA THR J 249 99.91 -16.91 17.99
C THR J 249 101.19 -16.15 18.28
N SER J 250 101.53 -15.23 17.39
CA SER J 250 102.74 -14.43 17.57
C SER J 250 102.59 -13.49 18.74
N GLN J 251 103.73 -12.97 19.21
CA GLN J 251 103.74 -12.06 20.34
C GLN J 251 103.05 -10.74 20.01
N ASP J 252 102.76 -10.49 18.74
CA ASP J 252 102.18 -9.25 18.29
C ASP J 252 101.00 -9.51 17.37
N PHE J 253 100.28 -10.59 17.61
CA PHE J 253 99.10 -10.91 16.83
C PHE J 253 98.02 -9.86 17.08
N ALA J 254 97.68 -9.10 16.05
CA ALA J 254 96.74 -8.01 16.17
C ALA J 254 95.70 -8.09 15.06
N ILE J 255 94.48 -7.69 15.37
CA ILE J 255 93.36 -7.78 14.45
C ILE J 255 92.68 -6.43 14.37
N ASN J 256 92.47 -5.94 13.15
CA ASN J 256 91.89 -4.62 12.88
C ASN J 256 92.63 -3.49 13.60
N GLY J 257 93.89 -3.70 13.96
CA GLY J 257 94.70 -2.63 14.50
C GLY J 257 94.87 -2.62 16.01
N VAL J 258 94.26 -3.58 16.72
CA VAL J 258 94.43 -3.70 18.16
C VAL J 258 95.19 -4.99 18.45
N THR J 259 96.21 -4.90 19.30
CA THR J 259 97.11 -6.02 19.55
C THR J 259 96.53 -6.92 20.63
N ILE J 260 96.55 -8.23 20.37
CA ILE J 260 96.00 -9.19 21.32
C ILE J 260 97.15 -9.83 22.10
N GLY J 261 98.09 -10.45 21.41
CA GLY J 261 99.24 -11.05 22.04
C GLY J 261 99.31 -12.55 21.80
N LYS J 262 100.23 -13.18 22.52
CA LYS J 262 100.49 -14.60 22.33
C LYS J 262 99.44 -15.43 23.07
N ILE J 263 98.82 -16.37 22.36
CA ILE J 263 97.75 -17.21 22.91
C ILE J 263 98.12 -18.65 22.60
N GLU J 264 98.40 -19.43 23.65
CA GLU J 264 98.66 -20.85 23.47
C GLU J 264 97.34 -21.61 23.45
N TYR J 265 96.91 -22.03 22.27
CA TYR J 265 95.68 -22.78 22.14
C TYR J 265 96.01 -24.25 21.91
N LYS J 266 95.12 -25.11 22.40
CA LYS J 266 95.38 -26.54 22.44
C LYS J 266 95.08 -27.17 21.09
N ASP J 267 95.06 -28.50 21.04
CA ASP J 267 94.90 -29.24 19.81
C ASP J 267 93.58 -28.96 19.13
N GLY J 268 92.48 -29.31 19.78
CA GLY J 268 91.17 -29.06 19.20
C GLY J 268 90.58 -27.77 19.74
N ASP J 269 91.43 -26.96 20.36
CA ASP J 269 91.00 -25.76 21.09
C ASP J 269 90.06 -26.13 22.23
N GLY J 270 90.47 -27.13 23.02
CA GLY J 270 89.68 -27.52 24.17
C GLY J 270 89.54 -26.40 25.19
N ASN J 271 90.54 -25.54 25.29
CA ASN J 271 90.46 -24.44 26.24
C ASN J 271 89.43 -23.41 25.83
N GLY J 272 89.21 -23.23 24.54
CA GLY J 272 88.48 -22.05 24.10
C GLY J 272 89.20 -20.77 24.39
N SER J 273 90.49 -20.85 24.71
CA SER J 273 91.27 -19.68 25.04
C SER J 273 91.40 -18.74 23.85
N LEU J 274 91.67 -19.30 22.67
CA LEU J 274 91.76 -18.47 21.47
C LEU J 274 90.45 -17.74 21.21
N ILE J 275 89.33 -18.45 21.25
CA ILE J 275 88.04 -17.84 20.99
C ILE J 275 87.75 -16.74 22.00
N SER J 276 87.92 -17.05 23.28
CA SER J 276 87.62 -16.06 24.31
C SER J 276 88.56 -14.87 24.25
N ALA J 277 89.82 -15.08 23.90
CA ALA J 277 90.75 -13.97 23.82
C ALA J 277 90.43 -13.06 22.65
N ILE J 278 90.09 -13.63 21.49
CA ILE J 278 89.69 -12.78 20.37
C ILE J 278 88.39 -12.07 20.69
N ASN J 279 87.47 -12.74 21.36
CA ASN J 279 86.18 -12.13 21.67
C ASN J 279 86.27 -11.07 22.75
N ALA J 280 87.31 -11.10 23.59
CA ALA J 280 87.43 -10.11 24.65
C ALA J 280 87.55 -8.68 24.12
N VAL J 281 87.78 -8.49 22.83
CA VAL J 281 87.95 -7.15 22.27
C VAL J 281 87.02 -6.93 21.10
N LYS J 282 85.92 -7.70 21.05
CA LYS J 282 84.98 -7.57 19.95
C LYS J 282 84.40 -6.17 19.88
N ASP J 283 84.22 -5.51 21.03
CA ASP J 283 83.61 -4.20 21.05
C ASP J 283 84.50 -3.13 20.45
N THR J 284 85.79 -3.41 20.27
CA THR J 284 86.71 -2.50 19.62
C THR J 284 87.03 -2.93 18.19
N THR J 285 87.19 -4.22 17.95
CA THR J 285 87.49 -4.68 16.59
C THR J 285 86.26 -4.68 15.71
N GLY J 286 85.21 -5.38 16.14
CA GLY J 286 84.08 -5.64 15.28
C GLY J 286 84.00 -7.05 14.78
N VAL J 287 84.81 -7.96 15.29
CA VAL J 287 84.85 -9.35 14.86
C VAL J 287 84.36 -10.21 16.02
N GLN J 288 83.68 -11.30 15.69
CA GLN J 288 83.14 -12.23 16.68
C GLN J 288 83.73 -13.60 16.38
N ALA J 289 84.77 -13.97 17.11
CA ALA J 289 85.39 -15.27 16.88
C ALA J 289 84.48 -16.38 17.37
N SER J 290 84.38 -17.44 16.59
CA SER J 290 83.49 -18.54 16.91
C SER J 290 84.11 -19.83 16.39
N LYS J 291 83.60 -20.94 16.88
CA LYS J 291 84.06 -22.26 16.49
C LYS J 291 82.99 -22.95 15.67
N ASP J 292 83.35 -23.39 14.47
CA ASP J 292 82.39 -24.03 13.59
C ASP J 292 81.99 -25.39 14.15
N GLU J 293 81.04 -26.04 13.47
CA GLU J 293 80.63 -27.37 13.89
C GLU J 293 81.74 -28.39 13.65
N ASN J 294 82.31 -28.36 12.45
CA ASN J 294 83.39 -29.28 12.11
C ASN J 294 84.70 -28.97 12.81
N GLY J 295 84.73 -27.96 13.68
CA GLY J 295 85.93 -27.60 14.39
C GLY J 295 86.73 -26.48 13.77
N LYS J 296 86.32 -25.97 12.62
CA LYS J 296 87.04 -24.88 11.99
C LYS J 296 86.88 -23.60 12.81
N LEU J 297 87.75 -22.64 12.54
CA LEU J 297 87.71 -21.34 13.20
C LEU J 297 86.97 -20.36 12.30
N VAL J 298 86.10 -19.57 12.89
CA VAL J 298 85.27 -18.61 12.16
C VAL J 298 85.45 -17.24 12.78
N LEU J 299 85.79 -16.25 11.97
CA LEU J 299 85.91 -14.86 12.38
C LEU J 299 84.90 -14.06 11.57
N THR J 300 83.72 -13.85 12.14
CA THR J 300 82.67 -13.10 11.47
C THR J 300 82.66 -11.66 11.94
N SER J 301 82.23 -10.78 11.06
CA SER J 301 82.10 -9.35 11.35
C SER J 301 80.66 -8.95 11.13
N ALA J 302 80.00 -8.48 12.18
CA ALA J 302 78.56 -8.22 12.09
C ALA J 302 78.26 -7.08 11.13
N ASP J 303 78.77 -5.89 11.42
CA ASP J 303 78.47 -4.70 10.64
C ASP J 303 79.39 -4.54 9.44
N GLY J 304 80.06 -5.61 9.01
CA GLY J 304 80.88 -5.57 7.82
C GLY J 304 81.97 -4.52 7.79
N ARG J 305 82.98 -4.66 8.66
CA ARG J 305 84.12 -3.76 8.63
C ARG J 305 85.33 -4.34 7.93
N GLY J 306 85.37 -5.66 7.73
CA GLY J 306 86.52 -6.25 7.10
C GLY J 306 87.57 -6.66 8.11
N ILE J 307 87.92 -7.93 8.13
CA ILE J 307 88.88 -8.45 9.10
C ILE J 307 90.28 -8.32 8.53
N LYS J 308 91.20 -7.80 9.33
CA LYS J 308 92.60 -7.68 8.94
C LYS J 308 93.45 -8.06 10.14
N ILE J 309 94.06 -9.22 10.09
CA ILE J 309 95.01 -9.63 11.10
C ILE J 309 96.41 -9.26 10.62
N THR J 310 97.21 -8.68 11.53
CA THR J 310 98.53 -8.18 11.17
C THR J 310 99.63 -9.13 11.58
N GLY J 311 99.70 -9.48 12.86
CA GLY J 311 100.71 -10.39 13.33
C GLY J 311 100.52 -11.79 12.79
N ASP J 312 101.41 -12.68 13.21
CA ASP J 312 101.31 -14.08 12.84
C ASP J 312 100.27 -14.75 13.74
N ILE J 313 99.12 -15.12 13.17
CA ILE J 313 98.11 -15.82 13.95
C ILE J 313 98.61 -17.19 14.36
N GLY J 314 99.55 -17.76 13.62
CA GLY J 314 100.00 -19.09 13.92
C GLY J 314 99.26 -20.10 13.08
N VAL J 315 99.92 -20.64 12.07
CA VAL J 315 99.28 -21.67 11.26
C VAL J 315 99.03 -22.88 12.14
N GLY J 316 97.95 -23.60 11.87
CA GLY J 316 97.49 -24.61 12.79
C GLY J 316 96.15 -24.19 13.35
N SER J 317 95.83 -22.91 13.18
CA SER J 317 94.50 -22.42 13.48
C SER J 317 93.55 -22.56 12.30
N GLY J 318 94.07 -22.78 11.11
CA GLY J 318 93.26 -22.95 9.94
C GLY J 318 93.29 -21.80 8.96
N ILE J 319 93.78 -20.64 9.39
CA ILE J 319 93.75 -19.44 8.57
C ILE J 319 95.07 -19.37 7.81
N LEU J 320 94.98 -19.48 6.48
CA LEU J 320 96.17 -19.39 5.65
C LEU J 320 96.66 -17.95 5.61
N ALA J 321 97.86 -17.76 5.03
CA ALA J 321 98.41 -16.43 4.91
C ALA J 321 97.70 -15.57 3.87
N ASN J 322 96.84 -16.17 3.05
CA ASN J 322 96.14 -15.42 2.01
C ASN J 322 94.83 -14.82 2.49
N GLN J 323 94.38 -15.17 3.69
CA GLN J 323 93.11 -14.68 4.21
C GLN J 323 93.27 -13.60 5.25
N LYS J 324 94.50 -13.13 5.47
CA LYS J 324 94.72 -12.14 6.50
C LYS J 324 94.05 -10.81 6.16
N GLU J 325 94.03 -10.44 4.89
CA GLU J 325 93.36 -9.23 4.41
C GLU J 325 92.03 -9.65 3.83
N ASN J 326 90.96 -9.48 4.59
CA ASN J 326 89.63 -9.90 4.16
C ASN J 326 88.62 -8.78 4.36
N TYR J 327 87.80 -8.57 3.33
CA TYR J 327 86.72 -7.58 3.40
C TYR J 327 85.38 -8.18 2.97
N GLY J 328 85.24 -9.49 3.04
CA GLY J 328 83.96 -10.08 2.70
C GLY J 328 83.65 -9.98 1.22
N ARG J 329 82.36 -10.05 0.90
CA ARG J 329 81.92 -10.02 -0.48
C ARG J 329 80.52 -9.43 -0.55
N LEU J 330 80.23 -8.78 -1.67
CA LEU J 330 78.96 -8.11 -1.88
C LEU J 330 77.97 -9.05 -2.55
N SER J 331 76.69 -8.77 -2.38
CA SER J 331 75.62 -9.61 -2.93
C SER J 331 74.48 -8.71 -3.38
N LEU J 332 74.40 -8.46 -4.67
CA LEU J 332 73.32 -7.67 -5.23
C LEU J 332 72.11 -8.56 -5.54
N VAL J 333 70.93 -7.95 -5.53
CA VAL J 333 69.68 -8.63 -5.84
C VAL J 333 68.79 -7.66 -6.60
N LYS J 334 68.59 -7.90 -7.88
CA LYS J 334 67.61 -7.15 -8.65
C LYS J 334 66.26 -7.84 -8.52
N ASN J 335 65.24 -7.34 -9.22
CA ASN J 335 63.95 -8.02 -9.23
C ASN J 335 63.33 -7.99 -10.62
N ASP J 336 64.13 -8.15 -11.66
CA ASP J 336 63.55 -8.27 -13.00
C ASP J 336 64.16 -9.36 -13.87
N GLY J 337 65.34 -9.88 -13.55
CA GLY J 337 65.91 -10.95 -14.36
C GLY J 337 66.86 -10.53 -15.44
N ARG J 338 67.30 -9.27 -15.46
CA ARG J 338 68.31 -8.81 -16.40
C ARG J 338 69.62 -8.55 -15.68
N ASP J 339 70.72 -8.72 -16.40
CA ASP J 339 72.03 -8.60 -15.78
C ASP J 339 72.25 -7.20 -15.24
N ILE J 340 72.67 -7.12 -13.99
CA ILE J 340 73.13 -5.86 -13.43
C ILE J 340 74.47 -5.52 -14.08
N ASN J 341 74.51 -4.42 -14.81
CA ASN J 341 75.69 -4.05 -15.58
C ASN J 341 76.54 -3.06 -14.79
N ILE J 342 77.13 -3.57 -13.71
CA ILE J 342 77.94 -2.72 -12.84
C ILE J 342 79.26 -2.40 -13.52
N SER J 343 79.64 -1.13 -13.55
CA SER J 343 80.95 -0.71 -14.06
C SER J 343 81.32 0.60 -13.36
N GLY J 344 82.10 0.48 -12.30
CA GLY J 344 82.50 1.62 -11.49
C GLY J 344 83.87 2.14 -11.85
N THR J 345 84.53 2.72 -10.85
CA THR J 345 85.87 3.28 -11.03
C THR J 345 86.97 2.46 -10.39
N ASN J 346 86.79 2.01 -9.15
CA ASN J 346 87.79 1.23 -8.44
C ASN J 346 87.06 0.00 -7.91
N LEU J 347 86.96 -1.03 -8.74
CA LEU J 347 86.07 -2.14 -8.47
C LEU J 347 86.74 -3.34 -7.83
N SER J 348 88.06 -3.42 -7.85
CA SER J 348 88.72 -4.56 -7.24
C SER J 348 88.55 -4.60 -5.73
N ALA J 349 87.99 -3.56 -5.14
CA ALA J 349 87.86 -3.52 -3.69
C ALA J 349 86.58 -4.19 -3.21
N ILE J 350 85.52 -4.16 -4.01
CA ILE J 350 84.27 -4.81 -3.63
C ILE J 350 84.28 -6.23 -4.16
N GLY J 351 85.34 -6.60 -4.86
CA GLY J 351 85.44 -7.94 -5.39
C GLY J 351 84.71 -8.14 -6.70
N MET J 352 84.55 -7.06 -7.48
CA MET J 352 83.94 -7.17 -8.80
C MET J 352 84.79 -6.47 -9.84
N GLY J 353 86.10 -6.54 -9.71
CA GLY J 353 87.00 -5.92 -10.66
C GLY J 353 87.05 -6.69 -11.96
N THR J 354 87.95 -6.23 -12.84
CA THR J 354 88.12 -6.87 -14.14
C THR J 354 88.86 -8.19 -14.05
N THR J 355 89.12 -8.71 -12.86
CA THR J 355 89.82 -9.97 -12.67
C THR J 355 89.18 -10.82 -11.58
N ASP J 356 87.95 -10.52 -11.19
CA ASP J 356 87.27 -11.22 -10.12
C ASP J 356 86.18 -12.11 -10.69
N MET J 357 86.21 -13.39 -10.33
CA MET J 357 85.22 -14.35 -10.80
C MET J 357 83.93 -14.15 -10.03
N ILE J 358 82.94 -13.55 -10.67
CA ILE J 358 81.66 -13.32 -10.02
C ILE J 358 80.66 -14.31 -10.58
N SER J 359 79.60 -14.56 -9.81
CA SER J 359 78.54 -15.46 -10.22
C SER J 359 77.23 -14.69 -10.29
N GLN J 360 76.41 -15.04 -11.28
CA GLN J 360 75.14 -14.39 -11.49
C GLN J 360 74.17 -15.37 -12.10
N SER J 361 72.89 -15.22 -11.77
CA SER J 361 71.86 -16.14 -12.27
C SER J 361 70.49 -15.56 -11.94
N SER J 362 69.48 -16.12 -12.60
CA SER J 362 68.10 -15.73 -12.38
C SER J 362 67.26 -16.98 -12.19
N VAL J 363 66.36 -16.96 -11.21
CA VAL J 363 65.58 -18.13 -10.83
C VAL J 363 64.11 -17.77 -10.75
N SER J 364 63.26 -18.73 -11.11
CA SER J 364 61.81 -18.58 -11.04
C SER J 364 61.28 -19.24 -9.76
N LEU J 365 59.98 -19.07 -9.53
CA LEU J 365 59.34 -19.77 -8.42
C LEU J 365 59.50 -21.28 -8.55
N ARG J 366 59.12 -21.81 -9.71
CA ARG J 366 59.25 -23.25 -9.91
C ARG J 366 60.71 -23.69 -9.78
N GLU J 367 61.63 -22.87 -10.27
CA GLU J 367 63.04 -23.21 -10.12
C GLU J 367 63.48 -23.22 -8.67
N SER J 368 62.90 -22.37 -7.83
CA SER J 368 63.21 -22.38 -6.41
C SER J 368 62.54 -23.53 -5.69
N LYS J 369 61.44 -24.03 -6.22
CA LYS J 369 60.69 -25.10 -5.56
C LYS J 369 61.51 -26.37 -5.39
N GLY J 370 62.60 -26.51 -6.13
CA GLY J 370 63.40 -27.71 -6.11
C GLY J 370 64.73 -27.52 -5.40
N GLN J 371 65.69 -28.36 -5.74
CA GLN J 371 66.99 -28.35 -5.10
C GLN J 371 67.85 -27.26 -5.70
N ILE J 372 68.38 -26.37 -4.86
CA ILE J 372 69.18 -25.26 -5.33
C ILE J 372 70.53 -25.79 -5.81
N SER J 373 70.85 -25.54 -7.07
CA SER J 373 72.10 -26.03 -7.62
C SER J 373 73.28 -25.32 -6.97
N ALA J 374 74.47 -25.87 -7.22
CA ALA J 374 75.67 -25.39 -6.53
C ALA J 374 76.05 -23.99 -6.98
N THR J 375 75.90 -23.67 -8.26
CA THR J 375 76.21 -22.33 -8.73
C THR J 375 75.12 -21.34 -8.35
N ASN J 376 73.86 -21.77 -8.50
CA ASN J 376 72.74 -20.91 -8.12
C ASN J 376 72.84 -20.52 -6.65
N ALA J 377 73.28 -21.44 -5.80
CA ALA J 377 73.39 -21.12 -4.38
C ALA J 377 74.46 -20.07 -4.12
N ASP J 378 75.62 -20.21 -4.76
CA ASP J 378 76.67 -19.22 -4.61
C ASP J 378 76.17 -17.85 -5.08
N ALA J 379 75.37 -17.83 -6.14
CA ALA J 379 74.76 -16.57 -6.53
C ALA J 379 73.78 -16.07 -5.48
N MET J 380 73.00 -16.97 -4.87
CA MET J 380 72.03 -16.55 -3.87
C MET J 380 72.72 -15.86 -2.70
N GLY J 381 73.81 -16.43 -2.21
CA GLY J 381 74.49 -15.82 -1.09
C GLY J 381 74.92 -16.78 -0.01
N PHE J 382 74.75 -18.07 -0.23
CA PHE J 382 75.34 -19.05 0.68
C PHE J 382 76.85 -19.02 0.56
N ASN J 383 77.52 -19.83 1.39
CA ASN J 383 78.93 -20.19 1.21
C ASN J 383 79.81 -18.99 0.87
N SER J 384 80.02 -18.10 1.84
CA SER J 384 80.81 -16.89 1.62
C SER J 384 82.05 -17.11 0.75
N TYR J 385 82.96 -17.99 1.17
CA TYR J 385 84.26 -18.08 0.51
C TYR J 385 84.18 -18.83 -0.83
N LYS J 386 83.43 -18.24 -1.75
CA LYS J 386 83.42 -18.63 -3.16
C LYS J 386 83.14 -20.13 -3.32
N GLY J 387 81.94 -20.52 -2.92
CA GLY J 387 81.55 -21.92 -2.99
C GLY J 387 82.04 -22.66 -1.78
N GLY J 388 81.16 -23.40 -1.13
CA GLY J 388 81.46 -23.99 0.15
C GLY J 388 82.45 -25.13 0.14
N GLY J 389 83.15 -25.33 -0.97
CA GLY J 389 84.09 -26.43 -1.04
C GLY J 389 85.45 -26.02 -0.51
N LYS J 390 86.49 -26.22 -1.31
CA LYS J 390 87.82 -25.83 -0.91
C LYS J 390 88.03 -24.36 -1.17
N PHE J 391 89.04 -23.79 -0.51
CA PHE J 391 89.39 -22.40 -0.74
C PHE J 391 90.34 -22.31 -1.92
N VAL J 392 90.26 -21.21 -2.67
CA VAL J 392 90.86 -21.11 -4.00
C VAL J 392 91.82 -19.95 -4.05
N PHE J 393 93.06 -20.22 -4.45
CA PHE J 393 94.09 -19.21 -4.63
C PHE J 393 94.23 -18.86 -6.11
N THR J 394 95.24 -18.05 -6.42
CA THR J 394 95.76 -17.89 -7.78
C THR J 394 97.27 -17.89 -7.78
N GLN J 395 97.89 -18.64 -6.87
CA GLN J 395 99.31 -18.51 -6.59
C GLN J 395 100.15 -19.12 -7.71
N ASN J 396 101.45 -19.23 -7.47
CA ASN J 396 102.41 -19.59 -8.51
C ASN J 396 103.20 -20.84 -8.13
N VAL J 397 102.48 -21.87 -7.70
CA VAL J 397 103.10 -23.07 -7.13
C VAL J 397 102.58 -24.30 -7.84
N SER J 398 103.48 -25.25 -8.12
CA SER J 398 103.10 -26.50 -8.76
C SER J 398 102.17 -27.32 -7.87
N SER J 399 102.58 -27.55 -6.62
CA SER J 399 101.81 -28.40 -5.73
C SER J 399 102.04 -28.00 -4.28
N ILE J 400 101.17 -28.50 -3.41
CA ILE J 400 101.23 -28.18 -1.98
C ILE J 400 102.62 -28.41 -1.41
N SER J 401 103.33 -29.43 -1.91
CA SER J 401 104.68 -29.69 -1.45
C SER J 401 105.56 -28.45 -1.61
N ALA J 402 105.36 -27.69 -2.69
CA ALA J 402 106.12 -26.47 -2.89
C ALA J 402 105.45 -25.27 -2.25
N PHE J 403 104.11 -25.28 -2.16
CA PHE J 403 103.41 -24.19 -1.50
C PHE J 403 103.81 -24.09 -0.04
N MET J 404 104.18 -25.21 0.57
CA MET J 404 104.66 -25.17 1.94
C MET J 404 106.12 -24.74 2.00
N SER J 405 106.97 -25.27 1.12
CA SER J 405 108.37 -24.90 1.12
C SER J 405 108.56 -23.41 0.87
N ALA J 406 107.66 -22.80 0.11
CA ALA J 406 107.81 -21.39 -0.26
C ALA J 406 107.75 -20.50 0.97
N GLN J 407 108.10 -19.23 0.76
CA GLN J 407 108.15 -18.26 1.84
C GLN J 407 106.73 -17.83 2.21
N GLY J 408 106.65 -16.91 3.16
CA GLY J 408 105.36 -16.34 3.56
C GLY J 408 104.46 -17.21 4.41
N SER J 409 104.20 -18.44 3.98
CA SER J 409 103.34 -19.32 4.76
C SER J 409 104.07 -19.75 6.03
N GLY J 410 103.29 -20.33 6.94
CA GLY J 410 103.85 -20.78 8.19
C GLY J 410 104.38 -22.19 8.12
N PHE J 411 104.76 -22.63 6.93
CA PHE J 411 105.22 -23.99 6.71
C PHE J 411 106.68 -24.07 6.32
N SER J 412 107.43 -22.98 6.45
CA SER J 412 108.82 -22.98 6.05
C SER J 412 109.63 -23.96 6.89
N ARG J 413 110.84 -24.23 6.44
CA ARG J 413 111.71 -25.18 7.14
C ARG J 413 111.95 -24.76 8.57
N GLY J 414 112.03 -23.46 8.84
CA GLY J 414 112.23 -23.01 10.21
C GLY J 414 111.05 -23.29 11.11
N SER J 415 109.83 -23.05 10.61
CA SER J 415 108.64 -23.31 11.40
C SER J 415 108.53 -24.80 11.73
N GLY J 416 107.79 -25.09 12.79
CA GLY J 416 107.60 -26.47 13.19
C GLY J 416 106.67 -27.26 12.31
N PHE J 417 105.82 -26.57 11.55
CA PHE J 417 104.80 -27.22 10.75
C PHE J 417 105.30 -27.54 9.34
N SER J 418 106.47 -28.17 9.25
CA SER J 418 107.03 -28.51 7.95
C SER J 418 106.52 -29.87 7.50
N VAL J 419 106.69 -30.15 6.20
CA VAL J 419 106.23 -31.42 5.65
C VAL J 419 106.98 -32.55 6.34
N GLY J 420 106.23 -33.53 6.84
CA GLY J 420 106.83 -34.63 7.56
C GLY J 420 107.29 -34.28 8.96
N SER J 421 106.39 -33.78 9.81
CA SER J 421 106.76 -33.32 11.15
C SER J 421 105.72 -33.72 12.18
N GLY J 422 104.95 -34.77 11.90
CA GLY J 422 103.97 -35.26 12.87
C GLY J 422 102.69 -34.46 12.89
N LYS J 423 102.78 -33.16 12.55
CA LYS J 423 101.57 -32.35 12.52
C LYS J 423 100.61 -32.80 11.43
N ASN J 424 101.15 -33.32 10.32
CA ASN J 424 100.33 -33.88 9.24
C ASN J 424 99.33 -32.85 8.71
N LEU J 425 99.82 -31.64 8.42
CA LEU J 425 98.95 -30.64 7.83
C LEU J 425 98.85 -30.78 6.32
N SER J 426 99.66 -31.65 5.71
CA SER J 426 99.56 -31.85 4.28
C SER J 426 98.20 -32.43 3.89
N VAL J 427 97.67 -33.37 4.68
CA VAL J 427 96.36 -33.92 4.39
C VAL J 427 95.29 -32.85 4.56
N GLY J 428 95.43 -32.02 5.61
CA GLY J 428 94.48 -30.96 5.81
C GLY J 428 94.45 -29.98 4.66
N LEU J 429 95.63 -29.61 4.15
CA LEU J 429 95.68 -28.72 3.00
C LEU J 429 95.10 -29.39 1.76
N SER J 430 95.42 -30.67 1.54
CA SER J 430 94.85 -31.40 0.41
C SER J 430 93.33 -31.46 0.49
N GLN J 431 92.77 -31.43 1.70
CA GLN J 431 91.33 -31.34 1.90
C GLN J 431 90.98 -29.90 2.26
N GLY J 432 90.90 -29.03 1.26
CA GLY J 432 90.48 -27.66 1.51
C GLY J 432 91.31 -26.58 0.87
N ILE J 433 92.27 -26.95 0.03
CA ILE J 433 93.08 -25.97 -0.70
C ILE J 433 93.10 -26.37 -2.16
N GLN J 434 92.70 -25.45 -3.03
CA GLN J 434 92.75 -25.65 -4.47
C GLN J 434 93.55 -24.49 -5.06
N ILE J 435 94.78 -24.76 -5.45
CA ILE J 435 95.68 -23.72 -5.94
C ILE J 435 95.58 -23.67 -7.46
N ILE J 436 95.21 -22.50 -7.99
CA ILE J 436 95.23 -22.29 -9.42
C ILE J 436 96.64 -21.87 -9.83
N SER J 437 97.19 -22.55 -10.83
CA SER J 437 98.57 -22.30 -11.22
C SER J 437 98.75 -20.91 -11.81
N SER J 438 97.94 -20.56 -12.80
CA SER J 438 98.05 -19.26 -13.46
C SER J 438 96.67 -18.84 -13.95
N ALA J 439 96.29 -17.61 -13.61
CA ALA J 439 94.95 -17.14 -13.96
C ALA J 439 94.73 -17.07 -15.46
N ALA J 440 95.81 -17.00 -16.25
CA ALA J 440 95.65 -16.95 -17.69
C ALA J 440 95.08 -18.25 -18.23
N SER J 441 95.50 -19.38 -17.66
CA SER J 441 95.07 -20.70 -18.11
C SER J 441 94.59 -21.48 -16.89
N MET J 442 93.27 -21.45 -16.64
CA MET J 442 92.67 -22.25 -15.57
C MET J 442 91.42 -22.92 -16.14
N SER J 443 91.62 -24.09 -16.72
CA SER J 443 90.52 -24.93 -17.18
C SER J 443 90.29 -26.12 -16.26
N ASN J 444 91.08 -26.26 -15.20
CA ASN J 444 90.95 -27.35 -14.26
C ASN J 444 90.19 -26.97 -13.01
N THR J 445 89.80 -25.72 -12.88
CA THR J 445 89.00 -25.30 -11.73
C THR J 445 87.66 -24.72 -12.13
N TYR J 446 87.60 -23.94 -13.20
CA TYR J 446 86.35 -23.45 -13.74
C TYR J 446 86.07 -24.13 -15.07
N VAL J 447 84.83 -24.01 -15.52
CA VAL J 447 84.43 -24.60 -16.79
C VAL J 447 84.66 -23.59 -17.91
N VAL J 448 85.87 -23.56 -18.44
CA VAL J 448 86.27 -22.56 -19.42
C VAL J 448 86.65 -23.21 -20.75
N SER J 449 86.18 -24.43 -21.00
CA SER J 449 86.54 -25.11 -22.23
C SER J 449 85.95 -24.38 -23.44
N ALA J 450 86.45 -24.76 -24.61
CA ALA J 450 86.09 -24.04 -25.84
C ALA J 450 84.60 -24.14 -26.13
N GLY J 451 83.97 -25.25 -25.76
CA GLY J 451 82.56 -25.41 -26.03
C GLY J 451 81.70 -24.44 -25.22
N SER J 452 82.08 -24.22 -23.96
CA SER J 452 81.36 -23.28 -23.12
C SER J 452 81.43 -21.88 -23.71
N GLY J 453 80.41 -21.08 -23.42
CA GLY J 453 80.41 -19.70 -23.84
C GLY J 453 81.30 -18.80 -23.03
N PHE J 454 82.13 -19.37 -22.16
CA PHE J 454 82.96 -18.60 -21.24
C PHE J 454 84.44 -18.70 -21.56
N SER J 455 84.78 -19.06 -22.79
CA SER J 455 86.17 -19.11 -23.24
C SER J 455 86.85 -17.77 -22.98
N SER J 456 88.07 -17.83 -22.46
CA SER J 456 88.83 -16.61 -22.21
C SER J 456 89.08 -15.86 -23.51
N GLY J 457 89.06 -14.54 -23.43
CA GLY J 457 89.21 -13.72 -24.62
C GLY J 457 87.98 -13.65 -25.49
N SER J 458 86.83 -14.12 -25.00
CA SER J 458 85.57 -14.05 -25.74
C SER J 458 84.47 -13.41 -24.93
N GLY J 459 84.82 -12.57 -23.96
CA GLY J 459 83.84 -12.06 -23.03
C GLY J 459 83.32 -13.16 -22.13
N ASN J 460 82.59 -12.78 -21.08
CA ASN J 460 81.98 -13.71 -20.14
C ASN J 460 82.99 -14.60 -19.44
N SER J 461 84.29 -14.34 -19.61
CA SER J 461 85.30 -15.21 -19.04
C SER J 461 85.39 -15.10 -17.53
N GLN J 462 84.68 -14.16 -16.92
CA GLN J 462 84.72 -13.97 -15.48
C GLN J 462 83.43 -14.42 -14.80
N PHE J 463 82.54 -15.10 -15.53
CA PHE J 463 81.33 -15.63 -14.94
C PHE J 463 81.31 -17.16 -14.96
N ALA J 464 82.43 -17.80 -15.29
CA ALA J 464 82.44 -19.24 -15.45
C ALA J 464 82.16 -19.94 -14.12
N ALA J 465 81.49 -21.07 -14.20
CA ALA J 465 81.11 -21.84 -13.02
C ALA J 465 82.28 -22.68 -12.54
N LEU J 466 82.28 -22.99 -11.25
CA LEU J 466 83.31 -23.86 -10.70
C LEU J 466 83.12 -25.29 -11.20
N LYS J 467 84.13 -26.11 -10.96
CA LYS J 467 84.08 -27.53 -11.31
C LYS J 467 83.88 -28.36 -10.06
N THR J 468 82.88 -29.23 -10.10
CA THR J 468 82.48 -29.98 -8.91
C THR J 468 83.57 -30.94 -8.47
N THR J 469 84.39 -31.43 -9.39
CA THR J 469 85.48 -32.31 -8.98
C THR J 469 86.67 -31.51 -8.47
N ALA J 470 86.96 -30.36 -9.08
CA ALA J 470 88.04 -29.50 -8.65
C ALA J 470 87.79 -29.00 -7.23
N ALA J 471 86.72 -28.22 -7.06
CA ALA J 471 86.28 -27.84 -5.73
C ALA J 471 85.48 -29.00 -5.15
N ASN J 472 84.76 -28.75 -4.07
CA ASN J 472 83.85 -29.73 -3.52
C ASN J 472 82.44 -29.16 -3.41
N THR J 473 82.09 -28.28 -4.35
CA THR J 473 80.78 -27.65 -4.32
C THR J 473 79.67 -28.69 -4.40
N THR J 474 78.78 -28.66 -3.42
CA THR J 474 77.62 -29.52 -3.41
C THR J 474 76.37 -28.66 -3.45
N ASP J 475 75.24 -29.30 -3.80
CA ASP J 475 73.99 -28.59 -3.81
C ASP J 475 73.57 -28.24 -2.39
N GLU J 476 72.50 -27.47 -2.28
CA GLU J 476 71.93 -27.11 -0.99
C GLU J 476 70.56 -27.75 -0.85
N THR J 477 70.00 -27.64 0.35
CA THR J 477 68.68 -28.18 0.57
C THR J 477 67.67 -27.40 -0.28
N ALA J 478 66.49 -27.97 -0.47
CA ALA J 478 65.58 -27.50 -1.51
C ALA J 478 64.74 -26.35 -0.99
N GLY J 479 64.98 -25.16 -1.52
CA GLY J 479 64.04 -24.06 -1.36
C GLY J 479 64.15 -23.38 -0.01
N VAL J 480 63.01 -23.17 0.62
CA VAL J 480 62.89 -22.39 1.84
C VAL J 480 63.41 -23.20 3.03
N THR J 481 63.81 -24.44 2.76
CA THR J 481 64.29 -25.33 3.81
C THR J 481 65.58 -24.87 4.46
N THR J 482 66.15 -23.75 4.01
CA THR J 482 67.34 -23.20 4.61
C THR J 482 67.19 -21.69 4.73
N LEU J 483 68.04 -21.10 5.56
CA LEU J 483 67.90 -19.69 5.91
C LEU J 483 68.02 -18.79 4.69
N LYS J 484 69.19 -18.79 4.05
CA LYS J 484 69.37 -17.98 2.85
C LYS J 484 68.40 -18.38 1.75
N GLY J 485 68.02 -19.65 1.69
CA GLY J 485 66.96 -20.04 0.79
C GLY J 485 65.66 -19.33 1.08
N ALA J 486 65.32 -19.17 2.36
CA ALA J 486 64.10 -18.45 2.71
C ALA J 486 64.20 -16.99 2.33
N MET J 487 65.34 -16.37 2.63
CA MET J 487 65.49 -14.95 2.31
C MET J 487 65.61 -14.71 0.81
N ALA J 488 65.85 -15.77 0.01
CA ALA J 488 65.78 -15.60 -1.43
C ALA J 488 64.37 -15.82 -1.95
N VAL J 489 63.66 -16.80 -1.38
CA VAL J 489 62.27 -17.02 -1.77
C VAL J 489 61.43 -15.80 -1.44
N MET J 490 61.80 -15.05 -0.40
CA MET J 490 61.09 -13.82 -0.11
C MET J 490 61.12 -12.85 -1.28
N ASP J 491 62.31 -12.60 -1.84
CA ASP J 491 62.40 -11.71 -3.00
C ASP J 491 61.74 -12.31 -4.23
N ILE J 492 61.81 -13.62 -4.39
CA ILE J 492 61.15 -14.23 -5.55
C ILE J 492 59.65 -14.01 -5.47
N ALA J 493 59.08 -14.14 -4.28
CA ALA J 493 57.65 -13.90 -4.11
C ALA J 493 57.31 -12.42 -4.31
N GLU J 494 58.18 -11.53 -3.84
CA GLU J 494 57.94 -10.10 -4.06
C GLU J 494 57.91 -9.77 -5.54
N THR J 495 58.87 -10.30 -6.29
CA THR J 495 58.88 -10.08 -7.73
C THR J 495 57.66 -10.70 -8.39
N ALA J 496 57.20 -11.84 -7.90
CA ALA J 496 56.00 -12.45 -8.46
C ALA J 496 54.79 -11.56 -8.26
N ILE J 497 54.63 -11.01 -7.05
CA ILE J 497 53.54 -10.08 -6.80
C ILE J 497 53.63 -8.90 -7.75
N THR J 498 54.83 -8.35 -7.92
CA THR J 498 55.04 -7.25 -8.85
C THR J 498 54.54 -7.62 -10.25
N ASN J 499 54.95 -8.79 -10.75
CA ASN J 499 54.58 -9.16 -12.12
C ASN J 499 53.09 -9.34 -12.26
N LEU J 500 52.45 -9.98 -11.28
CA LEU J 500 51.01 -10.18 -11.38
C LEU J 500 50.27 -8.85 -11.35
N ASP J 501 50.72 -7.91 -10.53
CA ASP J 501 50.11 -6.58 -10.55
C ASP J 501 50.28 -5.93 -11.90
N GLN J 502 51.47 -6.05 -12.49
CA GLN J 502 51.72 -5.46 -13.80
C GLN J 502 50.79 -6.03 -14.86
N ILE J 503 50.47 -7.32 -14.77
CA ILE J 503 49.58 -7.93 -15.76
C ILE J 503 48.14 -7.50 -15.52
N ARG J 504 47.73 -7.49 -14.25
CA ARG J 504 46.36 -7.13 -13.93
C ARG J 504 46.08 -5.68 -14.32
N ALA J 505 47.07 -4.80 -14.24
CA ALA J 505 46.87 -3.43 -14.70
C ALA J 505 46.57 -3.38 -16.18
N ASP J 506 47.22 -4.23 -16.98
CA ASP J 506 46.94 -4.26 -18.41
C ASP J 506 45.53 -4.74 -18.67
N ILE J 507 45.12 -5.80 -17.96
CA ILE J 507 43.74 -6.26 -18.11
C ILE J 507 42.77 -5.13 -17.79
N ALA J 508 43.03 -4.39 -16.71
CA ALA J 508 42.12 -3.33 -16.31
C ALA J 508 42.06 -2.22 -17.34
N SER J 509 43.21 -1.86 -17.92
CA SER J 509 43.21 -0.81 -18.95
C SER J 509 42.38 -1.23 -20.16
N ILE J 510 42.58 -2.46 -20.62
CA ILE J 510 41.77 -2.94 -21.75
C ILE J 510 40.28 -2.89 -21.40
N GLN J 511 39.94 -3.25 -20.16
CA GLN J 511 38.54 -3.27 -19.76
C GLN J 511 37.93 -1.88 -19.79
N ASN J 512 38.65 -0.88 -19.26
CA ASN J 512 38.13 0.48 -19.31
C ASN J 512 37.96 0.97 -20.73
N GLN J 513 38.91 0.65 -21.61
CA GLN J 513 38.76 1.04 -23.01
C GLN J 513 37.52 0.43 -23.61
N VAL J 514 37.28 -0.86 -23.34
CA VAL J 514 36.10 -1.52 -23.89
C VAL J 514 34.82 -0.87 -23.37
N THR J 515 34.80 -0.52 -22.09
CA THR J 515 33.61 0.12 -21.53
C THR J 515 33.32 1.44 -22.22
N SER J 516 34.34 2.26 -22.44
CA SER J 516 34.12 3.53 -23.12
C SER J 516 33.61 3.30 -24.54
N THR J 517 34.20 2.35 -25.27
CA THR J 517 33.72 2.04 -26.61
C THR J 517 32.25 1.66 -26.58
N ILE J 518 31.86 0.86 -25.58
CA ILE J 518 30.48 0.37 -25.54
C ILE J 518 29.51 1.50 -25.29
N ASN J 519 29.86 2.44 -24.40
CA ASN J 519 28.98 3.58 -24.18
C ASN J 519 28.82 4.40 -25.46
N ASN J 520 29.93 4.69 -26.13
CA ASN J 520 29.83 5.49 -27.35
C ASN J 520 29.00 4.79 -28.41
N ILE J 521 29.19 3.47 -28.56
CA ILE J 521 28.41 2.73 -29.55
C ILE J 521 26.94 2.72 -29.19
N THR J 522 26.64 2.61 -27.90
CA THR J 522 25.24 2.59 -27.49
C THR J 522 24.54 3.88 -27.84
N VAL J 523 25.23 5.01 -27.72
CA VAL J 523 24.60 6.27 -28.11
C VAL J 523 24.50 6.38 -29.63
N THR J 524 25.59 6.04 -30.33
CA THR J 524 25.59 6.19 -31.79
C THR J 524 24.55 5.31 -32.45
N GLN J 525 24.26 4.14 -31.87
CA GLN J 525 23.25 3.28 -32.47
C GLN J 525 21.87 3.90 -32.40
N VAL J 526 21.55 4.53 -31.28
CA VAL J 526 20.26 5.21 -31.16
C VAL J 526 20.17 6.34 -32.18
N ASN J 527 21.24 7.12 -32.30
CA ASN J 527 21.19 8.22 -33.25
C ASN J 527 21.05 7.72 -34.68
N VAL J 528 21.73 6.63 -35.02
CA VAL J 528 21.63 6.08 -36.37
C VAL J 528 20.23 5.52 -36.62
N LYS J 529 19.68 4.82 -35.64
CA LYS J 529 18.35 4.24 -35.79
C LYS J 529 17.28 5.31 -35.90
N ALA J 530 17.52 6.50 -35.35
CA ALA J 530 16.56 7.57 -35.53
C ALA J 530 16.73 8.25 -36.89
N ALA J 531 17.98 8.46 -37.31
CA ALA J 531 18.21 9.06 -38.61
C ALA J 531 17.70 8.17 -39.74
N GLU J 532 17.70 6.85 -39.53
CA GLU J 532 17.12 5.95 -40.51
C GLU J 532 15.60 6.06 -40.53
N SER J 533 14.99 6.14 -39.34
CA SER J 533 13.54 6.27 -39.27
C SER J 533 13.07 7.54 -39.95
N GLN J 534 13.83 8.62 -39.84
CA GLN J 534 13.45 9.86 -40.51
C GLN J 534 13.30 9.66 -42.01
N ILE J 535 14.08 8.75 -42.58
CA ILE J 535 14.06 8.56 -44.03
C ILE J 535 13.04 7.50 -44.44
N ARG J 536 12.95 6.41 -43.70
CA ARG J 536 12.22 5.24 -44.16
C ARG J 536 10.75 5.26 -43.76
N ASP J 537 10.44 5.41 -42.47
CA ASP J 537 9.08 5.22 -42.02
C ASP J 537 8.22 6.43 -42.37
N VAL J 538 6.91 6.23 -42.34
CA VAL J 538 5.94 7.25 -42.67
C VAL J 538 5.29 7.73 -41.38
N ASP J 539 4.84 8.97 -41.38
CA ASP J 539 4.16 9.57 -40.25
C ASP J 539 2.65 9.48 -40.45
N PHE J 540 1.99 8.71 -39.58
CA PHE J 540 0.56 8.52 -39.71
C PHE J 540 -0.21 9.84 -39.64
N ALA J 541 0.38 10.87 -39.07
CA ALA J 541 -0.25 12.19 -39.04
C ALA J 541 -0.63 12.63 -40.45
N SER J 542 0.35 12.79 -41.32
CA SER J 542 0.07 13.16 -42.69
C SER J 542 -0.51 12.01 -43.50
N GLU J 543 -0.19 10.76 -43.14
CA GLU J 543 -0.65 9.65 -43.95
C GLU J 543 -2.17 9.50 -43.88
N SER J 544 -2.75 9.61 -42.69
CA SER J 544 -4.19 9.50 -42.58
C SER J 544 -4.90 10.66 -43.26
N ALA J 545 -4.30 11.85 -43.23
CA ALA J 545 -4.85 12.97 -43.98
C ALA J 545 -4.89 12.65 -45.47
N ASN J 546 -3.76 12.19 -46.01
CA ASN J 546 -3.73 11.81 -47.42
C ASN J 546 -4.77 10.76 -47.75
N TYR J 547 -4.91 9.76 -46.88
CA TYR J 547 -5.84 8.67 -47.16
C TYR J 547 -7.28 9.16 -47.16
N SER J 548 -7.66 9.94 -46.15
CA SER J 548 -9.03 10.43 -46.09
C SER J 548 -9.32 11.35 -47.27
N LYS J 549 -8.37 12.21 -47.62
CA LYS J 549 -8.56 13.10 -48.76
C LYS J 549 -8.76 12.30 -50.04
N ALA J 550 -7.90 11.32 -50.28
CA ALA J 550 -8.04 10.48 -51.47
C ALA J 550 -9.35 9.72 -51.48
N ASN J 551 -9.85 9.30 -50.31
CA ASN J 551 -11.11 8.57 -50.26
C ASN J 551 -12.29 9.47 -50.62
N ILE J 552 -12.34 10.68 -50.06
CA ILE J 552 -13.39 11.61 -50.44
C ILE J 552 -13.31 11.94 -51.92
N LEU J 553 -12.09 12.11 -52.44
CA LEU J 553 -11.93 12.34 -53.87
C LEU J 553 -12.45 11.16 -54.68
N ALA J 554 -12.25 9.95 -54.19
CA ALA J 554 -12.75 8.77 -54.90
C ALA J 554 -14.28 8.78 -54.95
N GLN J 555 -14.91 9.13 -53.84
CA GLN J 555 -16.37 9.22 -53.85
C GLN J 555 -16.85 10.27 -54.86
N SER J 556 -16.21 11.44 -54.86
CA SER J 556 -16.61 12.49 -55.79
C SER J 556 -16.40 12.06 -57.23
N GLY J 557 -15.26 11.43 -57.53
CA GLY J 557 -15.01 10.97 -58.88
C GLY J 557 -15.98 9.91 -59.32
N SER J 558 -16.38 9.02 -58.41
CA SER J 558 -17.39 8.03 -58.76
C SER J 558 -18.72 8.67 -59.09
N TYR J 559 -19.13 9.68 -58.30
CA TYR J 559 -20.33 10.41 -58.65
C TYR J 559 -20.21 11.07 -60.01
N ALA J 560 -19.03 11.63 -60.31
CA ALA J 560 -18.85 12.30 -61.60
C ALA J 560 -18.96 11.31 -62.75
N MET J 561 -18.38 10.12 -62.59
CA MET J 561 -18.54 9.10 -63.64
C MET J 561 -19.99 8.67 -63.79
N ALA J 562 -20.69 8.47 -62.67
CA ALA J 562 -22.08 8.07 -62.74
C ALA J 562 -22.92 9.11 -63.47
N GLN J 563 -22.60 10.39 -63.28
CA GLN J 563 -23.34 11.41 -64.00
C GLN J 563 -22.92 11.51 -65.46
N ALA J 564 -21.63 11.28 -65.74
CA ALA J 564 -21.16 11.38 -67.12
C ALA J 564 -21.78 10.30 -67.98
N ASN J 565 -21.92 9.09 -67.44
CA ASN J 565 -22.54 8.02 -68.21
C ASN J 565 -23.98 8.35 -68.56
N SER J 566 -24.68 9.03 -67.66
CA SER J 566 -26.10 9.33 -67.83
C SER J 566 -26.34 10.65 -68.55
N SER J 567 -25.31 11.44 -68.78
CA SER J 567 -25.51 12.75 -69.40
C SER J 567 -26.01 12.70 -70.83
N GLN J 568 -26.28 11.53 -71.38
CA GLN J 568 -26.73 11.41 -72.76
C GLN J 568 -28.19 11.01 -72.89
N GLN J 569 -28.90 10.82 -71.78
CA GLN J 569 -30.29 10.42 -71.85
C GLN J 569 -31.16 11.43 -72.57
N ASN J 570 -30.75 12.69 -72.60
CA ASN J 570 -31.62 13.73 -73.14
C ASN J 570 -31.80 13.61 -74.64
N VAL J 571 -30.95 12.84 -75.32
CA VAL J 571 -31.11 12.71 -76.76
C VAL J 571 -32.39 11.98 -77.10
N LEU J 572 -32.83 11.07 -76.23
CA LEU J 572 -34.02 10.28 -76.52
C LEU J 572 -35.26 11.17 -76.65
N ARG J 573 -35.26 12.32 -75.98
CA ARG J 573 -36.41 13.22 -76.11
C ARG J 573 -36.52 13.77 -77.52
N LEU J 574 -35.40 13.86 -78.24
CA LEU J 574 -35.46 14.25 -79.63
C LEU J 574 -36.11 13.17 -80.49
N LEU J 575 -35.70 11.93 -80.28
CA LEU J 575 -36.11 10.85 -81.17
C LEU J 575 -37.56 10.44 -80.92
N GLN J 576 -37.96 10.34 -79.67
CA GLN J 576 -39.30 9.87 -79.33
C GLN J 576 -40.40 10.72 -79.99
N PHE K 3 -68.01 37.29 -103.94
CA PHE K 3 -68.46 36.07 -104.59
C PHE K 3 -67.77 35.97 -105.94
N ARG K 4 -66.95 36.97 -106.22
CA ARG K 4 -66.13 37.00 -107.43
C ARG K 4 -64.84 36.25 -107.15
N ILE K 5 -64.52 35.27 -107.99
CA ILE K 5 -63.37 34.43 -107.80
C ILE K 5 -62.22 34.98 -108.63
N ASN K 6 -61.03 34.42 -108.41
CA ASN K 6 -59.70 34.78 -108.90
C ASN K 6 -59.05 35.90 -108.12
N THR K 7 -59.72 36.48 -107.13
CA THR K 7 -59.07 37.41 -106.21
C THR K 7 -59.54 37.15 -104.79
N ASN K 8 -59.51 35.89 -104.36
CA ASN K 8 -59.92 35.51 -103.01
C ASN K 8 -59.31 36.42 -101.96
N VAL K 9 -60.14 37.11 -101.20
CA VAL K 9 -59.66 38.08 -100.22
C VAL K 9 -59.55 37.47 -98.83
N ALA K 10 -60.49 36.59 -98.48
CA ALA K 10 -60.41 35.93 -97.19
C ALA K 10 -59.12 35.12 -97.07
N ALA K 11 -58.65 34.55 -98.18
CA ALA K 11 -57.39 33.84 -98.15
C ALA K 11 -56.23 34.75 -97.77
N LEU K 12 -56.14 35.91 -98.42
CA LEU K 12 -55.05 36.84 -98.11
C LEU K 12 -55.14 37.33 -96.68
N ASN K 13 -56.35 37.62 -96.21
CA ASN K 13 -56.51 38.11 -94.84
C ASN K 13 -56.09 37.05 -93.83
N ALA K 14 -56.57 35.82 -94.00
CA ALA K 14 -56.18 34.74 -93.11
C ALA K 14 -54.68 34.49 -93.16
N LYS K 15 -54.07 34.58 -94.34
CA LYS K 15 -52.63 34.36 -94.43
C LYS K 15 -51.88 35.45 -93.67
N ALA K 16 -52.29 36.70 -93.82
CA ALA K 16 -51.63 37.78 -93.09
C ALA K 16 -51.71 37.54 -91.59
N ASN K 17 -52.90 37.20 -91.09
CA ASN K 17 -53.05 36.99 -89.65
C ASN K 17 -52.20 35.81 -89.18
N SER K 18 -52.23 34.71 -89.92
CA SER K 18 -51.51 33.52 -89.49
C SER K 18 -50.00 33.76 -89.52
N ASP K 19 -49.52 34.56 -90.47
CA ASP K 19 -48.09 34.85 -90.51
C ASP K 19 -47.69 35.75 -89.34
N LEU K 20 -48.52 36.76 -89.06
CA LEU K 20 -48.27 37.58 -87.88
C LEU K 20 -48.26 36.74 -86.62
N ASN K 21 -49.00 35.64 -86.60
CA ASN K 21 -48.96 34.74 -85.46
C ASN K 21 -47.68 33.92 -85.43
N ALA K 22 -47.32 33.32 -86.57
CA ALA K 22 -46.13 32.49 -86.62
C ALA K 22 -44.89 33.27 -86.22
N LYS K 23 -44.86 34.57 -86.51
CA LYS K 23 -43.75 35.39 -86.04
C LYS K 23 -43.60 35.33 -84.53
N SER K 24 -44.69 35.56 -83.81
CA SER K 24 -44.64 35.56 -82.35
C SER K 24 -44.39 34.16 -81.80
N LEU K 25 -44.93 33.14 -82.47
CA LEU K 25 -44.65 31.78 -82.03
C LEU K 25 -43.17 31.47 -82.14
N ASP K 26 -42.55 31.87 -83.25
CA ASP K 26 -41.12 31.65 -83.41
C ASP K 26 -40.33 32.41 -82.36
N ALA K 27 -40.70 33.67 -82.10
CA ALA K 27 -40.00 34.44 -81.07
C ALA K 27 -40.10 33.75 -79.72
N SER K 28 -41.29 33.31 -79.34
CA SER K 28 -41.48 32.65 -78.06
C SER K 28 -40.67 31.37 -77.98
N LEU K 29 -40.63 30.60 -79.06
CA LEU K 29 -39.85 29.38 -79.06
C LEU K 29 -38.37 29.65 -78.92
N SER K 30 -37.88 30.72 -79.56
CA SER K 30 -36.47 31.08 -79.41
C SER K 30 -36.15 31.48 -77.99
N ARG K 31 -37.05 32.22 -77.35
CA ARG K 31 -36.85 32.56 -75.95
C ARG K 31 -36.82 31.31 -75.08
N LEU K 32 -37.76 30.39 -75.31
CA LEU K 32 -37.79 29.15 -74.55
C LEU K 32 -36.52 28.36 -74.73
N SER K 33 -35.95 28.35 -75.92
CA SER K 33 -34.70 27.64 -76.17
C SER K 33 -33.54 28.29 -75.44
N SER K 34 -33.27 29.56 -75.75
CA SER K 34 -32.07 30.20 -75.24
C SER K 34 -32.12 30.38 -73.74
N GLY K 35 -33.27 30.76 -73.20
CA GLY K 35 -33.38 31.05 -71.79
C GLY K 35 -33.23 32.50 -71.42
N LEU K 36 -33.06 33.38 -72.41
CA LEU K 36 -32.91 34.81 -72.16
C LEU K 36 -34.11 35.55 -72.75
N ARG K 37 -34.59 36.55 -72.02
CA ARG K 37 -35.72 37.34 -72.50
C ARG K 37 -35.32 38.30 -73.60
N ILE K 38 -34.04 38.64 -73.73
CA ILE K 38 -33.56 39.52 -74.78
C ILE K 38 -32.41 38.80 -75.48
N ASN K 39 -32.70 38.28 -76.67
CA ASN K 39 -31.69 37.57 -77.46
C ASN K 39 -31.06 38.46 -78.51
N SER K 40 -31.86 39.04 -79.39
CA SER K 40 -31.36 39.82 -80.50
C SER K 40 -31.16 41.28 -80.15
N ALA K 41 -31.42 41.68 -78.92
CA ALA K 41 -31.30 43.06 -78.46
C ALA K 41 -32.12 44.03 -79.28
N ALA K 42 -33.04 43.53 -80.11
CA ALA K 42 -33.96 44.37 -80.84
C ALA K 42 -35.29 44.52 -80.13
N ASP K 43 -35.48 43.83 -79.02
CA ASP K 43 -36.71 43.94 -78.25
C ASP K 43 -36.56 44.83 -77.02
N ASP K 44 -35.34 45.04 -76.52
CA ASP K 44 -35.15 45.99 -75.43
C ASP K 44 -33.73 46.52 -75.50
N ALA K 45 -33.56 47.69 -76.10
CA ALA K 45 -32.23 48.28 -76.25
C ALA K 45 -31.71 48.81 -74.92
N SER K 46 -32.53 49.61 -74.23
CA SER K 46 -32.11 50.14 -72.94
C SER K 46 -31.92 49.03 -71.91
N GLY K 47 -32.81 48.04 -71.93
CA GLY K 47 -32.62 46.89 -71.07
C GLY K 47 -31.34 46.14 -71.37
N MET K 48 -31.01 46.00 -72.66
CA MET K 48 -29.76 45.37 -73.02
C MET K 48 -28.57 46.16 -72.51
N ALA K 49 -28.63 47.48 -72.59
CA ALA K 49 -27.53 48.30 -72.11
C ALA K 49 -27.35 48.16 -70.61
N ILE K 50 -28.44 48.24 -69.85
CA ILE K 50 -28.33 48.08 -68.40
C ILE K 50 -27.83 46.69 -68.05
N ALA K 51 -28.32 45.67 -68.76
CA ALA K 51 -27.91 44.31 -68.45
C ALA K 51 -26.44 44.09 -68.75
N ASP K 52 -25.93 44.68 -69.83
CA ASP K 52 -24.53 44.55 -70.13
C ASP K 52 -23.66 45.30 -69.14
N SER K 53 -24.09 46.49 -68.69
CA SER K 53 -23.35 47.16 -67.64
C SER K 53 -23.30 46.32 -66.37
N LEU K 54 -24.43 45.72 -66.00
CA LEU K 54 -24.47 44.93 -64.77
C LEU K 54 -23.66 43.64 -64.92
N ARG K 55 -23.65 43.05 -66.11
CA ARG K 55 -22.82 41.87 -66.32
C ARG K 55 -21.35 42.21 -66.23
N SER K 56 -20.94 43.33 -66.83
CA SER K 56 -19.57 43.80 -66.67
C SER K 56 -19.22 44.00 -65.21
N GLN K 57 -20.10 44.63 -64.44
CA GLN K 57 -19.82 44.85 -63.03
C GLN K 57 -19.76 43.56 -62.24
N ALA K 58 -20.64 42.61 -62.53
CA ALA K 58 -20.61 41.33 -61.83
C ALA K 58 -19.32 40.58 -62.12
N ASN K 59 -18.88 40.55 -63.38
CA ASN K 59 -17.63 39.88 -63.71
C ASN K 59 -16.44 40.57 -63.05
N THR K 60 -16.44 41.90 -63.05
CA THR K 60 -15.34 42.62 -62.42
C THR K 60 -15.28 42.33 -60.93
N LEU K 61 -16.44 42.27 -60.27
CA LEU K 61 -16.44 41.96 -58.85
C LEU K 61 -16.03 40.52 -58.60
N GLY K 62 -16.43 39.60 -59.48
CA GLY K 62 -16.01 38.23 -59.34
C GLY K 62 -14.52 38.07 -59.46
N GLN K 63 -13.88 38.91 -60.28
CA GLN K 63 -12.42 38.88 -60.35
C GLN K 63 -11.79 39.59 -59.16
N ALA K 64 -12.43 40.65 -58.68
CA ALA K 64 -11.90 41.36 -57.52
C ALA K 64 -11.89 40.51 -56.28
N ILE K 65 -12.85 39.59 -56.16
CA ILE K 65 -12.83 38.65 -55.04
C ILE K 65 -11.56 37.83 -55.07
N SER K 66 -11.18 37.34 -56.25
CA SER K 66 -9.94 36.57 -56.35
C SER K 66 -8.72 37.42 -56.07
N ASN K 67 -8.76 38.68 -56.50
CA ASN K 67 -7.65 39.59 -56.17
C ASN K 67 -7.52 39.75 -54.66
N GLY K 68 -8.64 39.93 -53.97
CA GLY K 68 -8.59 40.01 -52.52
C GLY K 68 -8.07 38.73 -51.88
N ASN K 69 -8.46 37.58 -52.43
CA ASN K 69 -7.96 36.33 -51.88
C ASN K 69 -6.46 36.19 -52.07
N ASP K 70 -5.92 36.62 -53.21
CA ASP K 70 -4.48 36.59 -53.40
C ASP K 70 -3.77 37.53 -52.44
N ALA K 71 -4.32 38.73 -52.22
CA ALA K 71 -3.74 39.62 -51.23
C ALA K 71 -3.75 39.00 -49.85
N LEU K 72 -4.84 38.32 -49.49
CA LEU K 72 -4.91 37.64 -48.21
C LEU K 72 -3.82 36.58 -48.09
N GLY K 73 -3.64 35.77 -49.13
CA GLY K 73 -2.60 34.77 -49.09
C GLY K 73 -1.23 35.36 -48.88
N ILE K 74 -0.92 36.43 -49.63
CA ILE K 74 0.39 37.06 -49.50
C ILE K 74 0.60 37.58 -48.09
N LEU K 75 -0.39 38.29 -47.55
CA LEU K 75 -0.21 38.90 -46.23
C LEU K 75 -0.10 37.84 -45.14
N GLN K 76 -0.88 36.77 -45.24
CA GLN K 76 -0.77 35.69 -44.26
C GLN K 76 0.61 35.05 -44.30
N THR K 77 1.12 34.79 -45.51
CA THR K 77 2.47 34.27 -45.65
C THR K 77 3.46 35.16 -44.93
N ALA K 78 3.37 36.47 -45.18
CA ALA K 78 4.32 37.40 -44.58
C ALA K 78 4.26 37.36 -43.06
N ASP K 79 3.05 37.37 -42.50
CA ASP K 79 2.93 37.43 -41.05
C ASP K 79 3.44 36.15 -40.40
N LYS K 80 2.97 35.00 -40.89
CA LYS K 80 3.44 33.74 -40.36
C LYS K 80 4.95 33.56 -40.52
N ALA K 81 5.55 34.27 -41.48
CA ALA K 81 7.01 34.27 -41.53
C ALA K 81 7.62 35.18 -40.47
N MET K 82 7.01 36.33 -40.21
CA MET K 82 7.54 37.23 -39.18
C MET K 82 7.56 36.57 -37.81
N ASP K 83 6.65 35.62 -37.59
CA ASP K 83 6.57 34.97 -36.28
C ASP K 83 7.92 34.40 -35.84
N GLU K 84 8.60 33.69 -36.74
CA GLU K 84 9.85 33.05 -36.36
C GLU K 84 10.94 34.08 -36.06
N GLN K 85 10.94 35.21 -36.78
CA GLN K 85 11.89 36.27 -36.43
C GLN K 85 11.63 36.78 -35.03
N LEU K 86 10.35 36.91 -34.66
CA LEU K 86 10.05 37.34 -33.29
C LEU K 86 10.63 36.36 -32.27
N LYS K 87 10.42 35.06 -32.51
CA LYS K 87 10.96 34.08 -31.57
C LYS K 87 12.48 34.12 -31.50
N ILE K 88 13.14 34.30 -32.66
CA ILE K 88 14.60 34.37 -32.67
C ILE K 88 15.08 35.56 -31.89
N LEU K 89 14.41 36.71 -32.04
CA LEU K 89 14.83 37.88 -31.29
C LEU K 89 14.66 37.67 -29.79
N ASP K 90 13.58 37.00 -29.39
CA ASP K 90 13.44 36.62 -28.00
C ASP K 90 14.65 35.81 -27.54
N THR K 91 15.03 34.80 -28.33
CA THR K 91 16.16 33.96 -27.94
C THR K 91 17.45 34.78 -27.83
N ILE K 92 17.64 35.72 -28.74
CA ILE K 92 18.86 36.55 -28.71
C ILE K 92 18.89 37.35 -27.42
N LYS K 93 17.77 37.96 -27.05
CA LYS K 93 17.74 38.75 -25.83
C LYS K 93 18.02 37.87 -24.61
N THR K 94 17.44 36.67 -24.59
CA THR K 94 17.69 35.77 -23.47
C THR K 94 19.16 35.39 -23.39
N LYS K 95 19.80 35.16 -24.54
CA LYS K 95 21.21 34.79 -24.53
C LYS K 95 22.08 35.94 -24.06
N ALA K 96 21.76 37.16 -24.49
CA ALA K 96 22.50 38.32 -23.99
C ALA K 96 22.34 38.45 -22.48
N THR K 97 21.13 38.22 -21.97
CA THR K 97 20.95 38.22 -20.52
C THR K 97 21.81 37.16 -19.87
N GLN K 98 21.87 35.96 -20.46
CA GLN K 98 22.69 34.89 -19.90
C GLN K 98 24.16 35.27 -19.87
N ALA K 99 24.62 35.99 -20.87
CA ALA K 99 26.02 36.39 -20.93
C ALA K 99 26.31 37.60 -20.05
N ALA K 100 25.30 38.36 -19.66
CA ALA K 100 25.50 39.53 -18.82
C ALA K 100 25.86 39.18 -17.39
N GLN K 101 25.81 37.91 -17.00
CA GLN K 101 26.31 37.53 -15.69
C GLN K 101 27.82 37.50 -15.73
N ASP K 102 28.44 37.69 -14.58
CA ASP K 102 29.89 37.72 -14.51
C ASP K 102 30.47 36.50 -13.80
N GLY K 103 29.73 35.39 -13.77
CA GLY K 103 30.29 34.09 -13.48
C GLY K 103 30.83 33.39 -14.71
N GLN K 104 30.84 34.05 -15.85
CA GLN K 104 31.25 33.46 -17.12
C GLN K 104 32.52 34.14 -17.60
N SER K 105 33.37 33.38 -18.28
CA SER K 105 34.62 33.92 -18.77
C SER K 105 34.47 34.36 -20.23
N LEU K 106 35.54 34.95 -20.76
CA LEU K 106 35.51 35.42 -22.14
C LEU K 106 35.25 34.28 -23.11
N LYS K 107 35.69 33.07 -22.79
CA LYS K 107 35.48 31.94 -23.68
C LYS K 107 34.00 31.61 -23.80
N THR K 108 33.31 31.50 -22.67
CA THR K 108 31.89 31.20 -22.73
C THR K 108 31.10 32.36 -23.34
N ARG K 109 31.49 33.60 -23.05
CA ARG K 109 30.86 34.71 -23.74
C ARG K 109 31.05 34.60 -25.24
N THR K 110 32.23 34.13 -25.66
CA THR K 110 32.50 33.97 -27.08
C THR K 110 31.63 32.90 -27.69
N MET K 111 31.35 31.83 -26.93
CA MET K 111 30.38 30.85 -27.40
C MET K 111 29.00 31.46 -27.56
N LEU K 112 28.58 32.27 -26.58
CA LEU K 112 27.32 33.00 -26.70
C LEU K 112 27.28 33.82 -27.98
N GLN K 113 28.34 34.57 -28.25
CA GLN K 113 28.35 35.43 -29.42
C GLN K 113 28.36 34.63 -30.70
N ALA K 114 29.10 33.52 -30.73
CA ALA K 114 29.12 32.68 -31.91
C ALA K 114 27.75 32.08 -32.17
N ASP K 115 26.96 31.86 -31.13
CA ASP K 115 25.60 31.36 -31.34
C ASP K 115 24.69 32.47 -31.86
N ILE K 116 24.80 33.66 -31.26
CA ILE K 116 23.99 34.78 -31.70
C ILE K 116 24.27 35.11 -33.15
N ASN K 117 25.51 34.93 -33.59
CA ASN K 117 25.84 35.17 -34.99
C ASN K 117 25.03 34.28 -35.90
N LYS K 118 24.98 32.97 -35.61
CA LYS K 118 24.20 32.07 -36.45
C LYS K 118 22.72 32.40 -36.39
N LEU K 119 22.22 32.76 -35.21
CA LEU K 119 20.80 33.07 -35.10
C LEU K 119 20.43 34.30 -35.93
N MET K 120 21.26 35.34 -35.87
CA MET K 120 21.01 36.53 -36.66
C MET K 120 21.17 36.25 -38.15
N GLU K 121 22.14 35.40 -38.50
CA GLU K 121 22.24 34.95 -39.89
C GLU K 121 20.94 34.31 -40.34
N GLU K 122 20.32 33.50 -39.48
CA GLU K 122 19.08 32.84 -39.87
C GLU K 122 17.95 33.85 -40.01
N LEU K 123 17.88 34.82 -39.10
CA LEU K 123 16.89 35.88 -39.23
C LEU K 123 17.01 36.58 -40.57
N ASP K 124 18.23 36.97 -40.93
CA ASP K 124 18.46 37.60 -42.21
C ASP K 124 18.10 36.68 -43.36
N ASN K 125 18.32 35.37 -43.19
CA ASN K 125 17.94 34.43 -44.23
C ASN K 125 16.42 34.38 -44.41
N ILE K 126 15.68 34.38 -43.31
CA ILE K 126 14.23 34.42 -43.41
C ILE K 126 13.78 35.67 -44.17
N ALA K 127 14.35 36.82 -43.79
CA ALA K 127 13.99 38.08 -44.44
C ALA K 127 14.25 38.02 -45.93
N ASN K 128 15.46 37.64 -46.33
CA ASN K 128 15.83 37.58 -47.74
C ASN K 128 15.26 36.37 -48.45
N THR K 129 14.56 35.49 -47.77
CA THR K 129 14.05 34.27 -48.39
C THR K 129 12.56 34.30 -48.66
N THR K 130 11.74 34.76 -47.71
CA THR K 130 10.29 34.71 -47.92
C THR K 130 9.91 35.46 -49.17
N SER K 131 9.19 34.79 -50.08
CA SER K 131 8.80 35.38 -51.35
C SER K 131 7.62 34.62 -51.92
N PHE K 132 6.77 35.33 -52.67
CA PHE K 132 5.58 34.71 -53.23
C PHE K 132 5.88 33.96 -54.52
N ASN K 133 6.25 34.69 -55.57
CA ASN K 133 6.68 34.08 -56.83
C ASN K 133 7.85 34.88 -57.39
N GLY K 134 8.79 35.22 -56.52
CA GLY K 134 9.87 36.12 -56.83
C GLY K 134 9.76 37.45 -56.12
N LYS K 135 8.53 37.87 -55.85
CA LYS K 135 8.29 39.11 -55.11
C LYS K 135 8.74 38.90 -53.67
N GLN K 136 9.89 39.45 -53.32
CA GLN K 136 10.37 39.39 -51.95
C GLN K 136 9.44 40.18 -51.05
N LEU K 137 8.93 39.54 -50.00
CA LEU K 137 7.98 40.21 -49.13
C LEU K 137 8.69 41.00 -48.03
N LEU K 138 9.47 40.31 -47.22
CA LEU K 138 10.05 40.91 -46.02
C LEU K 138 11.48 41.37 -46.30
N SER K 139 11.64 42.25 -47.29
CA SER K 139 12.97 42.76 -47.59
C SER K 139 12.97 44.28 -47.65
N GLY K 140 11.87 44.88 -48.06
CA GLY K 140 11.81 46.32 -48.16
C GLY K 140 11.34 46.79 -49.52
N ASN K 141 11.28 45.88 -50.48
CA ASN K 141 10.85 46.21 -51.84
C ASN K 141 9.40 45.81 -52.10
N PHE K 142 8.58 45.80 -51.06
CA PHE K 142 7.15 45.55 -51.19
C PHE K 142 6.35 46.78 -50.78
N THR K 143 6.79 47.95 -51.23
CA THR K 143 6.21 49.22 -50.83
C THR K 143 5.26 49.74 -51.89
N ASN K 144 4.08 50.18 -51.46
CA ASN K 144 3.07 50.77 -52.32
C ASN K 144 2.66 49.79 -53.43
N GLN K 145 2.07 48.68 -53.00
CA GLN K 145 1.56 47.67 -53.92
C GLN K 145 0.04 47.62 -53.83
N GLU K 146 -0.61 47.68 -54.98
CA GLU K 146 -2.06 47.83 -55.06
C GLU K 146 -2.72 46.49 -55.34
N PHE K 147 -4.03 46.46 -55.11
CA PHE K 147 -4.84 45.27 -55.37
C PHE K 147 -6.23 45.74 -55.75
N GLN K 148 -6.51 45.77 -57.04
CA GLN K 148 -7.82 46.19 -57.51
C GLN K 148 -8.91 45.34 -56.89
N ILE K 149 -9.80 45.96 -56.13
CA ILE K 149 -10.89 45.26 -55.48
C ILE K 149 -12.24 45.94 -55.76
N GLY K 150 -12.36 46.61 -56.90
CA GLY K 150 -13.55 47.39 -57.17
C GLY K 150 -14.03 47.21 -58.59
N ALA K 151 -15.31 47.55 -58.79
CA ALA K 151 -15.89 47.43 -60.11
C ALA K 151 -15.36 48.48 -61.08
N SER K 152 -15.07 49.67 -60.58
CA SER K 152 -14.55 50.74 -61.42
C SER K 152 -13.03 50.69 -61.41
N SER K 153 -12.39 51.76 -61.88
CA SER K 153 -10.99 51.69 -62.26
C SER K 153 -10.04 51.66 -61.07
N ASN K 154 -10.15 52.61 -60.16
CA ASN K 154 -9.08 52.79 -59.17
C ASN K 154 -9.60 52.61 -57.74
N GLN K 155 -10.40 51.58 -57.49
CA GLN K 155 -10.57 51.10 -56.14
C GLN K 155 -9.48 50.09 -55.84
N THR K 156 -8.79 50.26 -54.72
CA THR K 156 -7.66 49.39 -54.43
C THR K 156 -7.25 49.55 -52.98
N VAL K 157 -6.53 48.54 -52.49
CA VAL K 157 -5.89 48.58 -51.19
C VAL K 157 -4.39 48.52 -51.41
N LYS K 158 -3.65 49.12 -50.48
CA LYS K 158 -2.22 49.31 -50.66
C LYS K 158 -1.45 48.65 -49.52
N ALA K 159 -0.62 47.67 -49.86
CA ALA K 159 0.19 46.95 -48.90
C ALA K 159 1.62 47.48 -48.98
N THR K 160 2.19 47.81 -47.84
CA THR K 160 3.46 48.52 -47.77
C THR K 160 4.36 47.96 -46.68
N ILE K 161 4.49 46.64 -46.62
CA ILE K 161 5.31 45.99 -45.60
C ILE K 161 6.70 46.60 -45.57
N GLY K 162 7.17 46.92 -44.37
CA GLY K 162 8.48 47.51 -44.20
C GLY K 162 9.60 46.50 -44.37
N ALA K 163 10.82 46.99 -44.19
CA ALA K 163 12.02 46.15 -44.31
C ALA K 163 12.37 45.56 -42.96
N THR K 164 12.91 44.34 -42.98
CA THR K 164 13.11 43.61 -41.73
C THR K 164 14.40 42.81 -41.72
N GLN K 165 15.43 43.24 -42.42
CA GLN K 165 16.71 42.56 -42.29
C GLN K 165 17.26 42.79 -40.89
N SER K 166 18.46 42.24 -40.65
CA SER K 166 19.11 42.44 -39.37
C SER K 166 19.95 43.70 -39.35
N SER K 167 20.14 44.35 -40.49
CA SER K 167 20.86 45.61 -40.56
C SER K 167 19.93 46.81 -40.43
N LYS K 168 18.63 46.58 -40.24
CA LYS K 168 17.67 47.67 -40.29
C LYS K 168 16.65 47.68 -39.17
N ILE K 169 16.57 46.65 -38.34
CA ILE K 169 15.47 46.62 -37.37
C ILE K 169 15.87 47.23 -36.04
N GLY K 170 16.82 46.62 -35.35
CA GLY K 170 17.09 47.07 -34.00
C GLY K 170 18.15 48.13 -33.96
N VAL K 171 17.75 49.40 -33.90
CA VAL K 171 18.66 50.54 -33.97
C VAL K 171 18.36 51.44 -32.78
N THR K 172 19.13 51.30 -31.70
CA THR K 172 18.95 52.11 -30.53
C THR K 172 19.89 53.32 -30.57
N ARG K 173 19.68 54.23 -29.63
CA ARG K 173 20.44 55.47 -29.56
C ARG K 173 21.06 55.58 -28.17
N PHE K 174 22.38 55.60 -28.13
CA PHE K 174 23.11 55.76 -26.88
C PHE K 174 23.70 57.16 -26.80
N GLU K 175 23.84 57.67 -25.58
CA GLU K 175 24.55 58.91 -25.31
C GLU K 175 25.33 58.73 -24.03
N THR K 176 26.26 59.64 -23.78
CA THR K 176 27.02 59.61 -22.54
C THR K 176 27.69 60.96 -22.33
N GLY K 177 27.39 61.60 -21.22
CA GLY K 177 28.02 62.88 -20.91
C GLY K 177 29.45 62.72 -20.46
N ALA K 178 30.18 63.82 -20.46
CA ALA K 178 31.54 63.80 -19.98
C ALA K 178 31.54 63.68 -18.45
N GLN K 179 32.69 63.32 -17.91
CA GLN K 179 32.82 63.19 -16.46
C GLN K 179 32.70 64.57 -15.83
N SER K 180 31.78 64.71 -14.88
CA SER K 180 31.44 66.02 -14.33
C SER K 180 32.01 66.18 -12.93
N PHE K 181 32.76 67.25 -12.73
CA PHE K 181 33.43 67.52 -11.47
C PHE K 181 32.74 68.60 -10.64
N THR K 182 31.60 69.10 -11.08
CA THR K 182 30.90 70.16 -10.38
C THR K 182 29.60 69.63 -9.79
N SER K 183 29.18 70.26 -8.70
CA SER K 183 27.94 69.92 -8.02
C SER K 183 26.87 70.93 -8.42
N GLY K 184 25.72 70.85 -7.77
CA GLY K 184 24.67 71.82 -7.99
C GLY K 184 23.33 71.20 -8.28
N VAL K 185 22.26 71.90 -7.92
CA VAL K 185 20.92 71.42 -8.20
C VAL K 185 20.65 71.51 -9.70
N VAL K 186 20.22 70.40 -10.28
CA VAL K 186 20.05 70.29 -11.72
C VAL K 186 18.61 69.92 -12.03
N GLY K 187 18.04 70.59 -13.02
CA GLY K 187 16.74 70.23 -13.54
C GLY K 187 16.82 69.95 -15.02
N LEU K 188 16.57 68.70 -15.41
CA LEU K 188 16.63 68.34 -16.81
C LEU K 188 15.42 68.89 -17.55
N THR K 189 15.47 68.76 -18.88
CA THR K 189 14.29 69.01 -19.71
C THR K 189 14.54 68.33 -21.04
N ILE K 190 13.79 67.28 -21.32
CA ILE K 190 13.82 66.66 -22.64
C ILE K 190 12.85 67.39 -23.54
N LYS K 191 13.28 67.72 -24.75
CA LYS K 191 12.47 68.48 -25.68
C LYS K 191 11.86 67.53 -26.70
N ASN K 192 10.59 67.79 -27.03
CA ASN K 192 9.88 67.02 -28.04
C ASN K 192 9.83 65.54 -27.69
N TYR K 193 9.49 65.24 -26.43
CA TYR K 193 9.50 63.84 -26.01
C TYR K 193 8.41 63.04 -26.71
N ASN K 194 7.36 63.69 -27.18
CA ASN K 194 6.27 63.01 -27.84
C ASN K 194 5.77 63.72 -29.08
N GLY K 195 6.56 64.61 -29.67
CA GLY K 195 6.19 65.26 -30.91
C GLY K 195 5.43 66.55 -30.75
N ILE K 196 5.01 66.91 -29.54
CA ILE K 196 4.24 68.12 -29.34
C ILE K 196 4.91 69.03 -28.33
N GLU K 197 5.05 68.56 -27.10
CA GLU K 197 5.55 69.38 -26.00
C GLU K 197 6.80 68.75 -25.41
N ASP K 198 7.41 69.46 -24.46
CA ASP K 198 8.64 69.04 -23.82
C ASP K 198 8.32 68.15 -22.63
N PHE K 199 9.33 67.83 -21.83
CA PHE K 199 9.15 66.99 -20.65
C PHE K 199 10.15 67.45 -19.59
N LYS K 200 9.68 68.24 -18.64
CA LYS K 200 10.52 68.75 -17.58
C LYS K 200 10.51 67.81 -16.39
N PHE K 201 11.69 67.45 -15.91
CA PHE K 201 11.82 66.70 -14.68
C PHE K 201 11.82 67.67 -13.51
N ASP K 202 11.90 67.13 -12.30
CA ASP K 202 12.04 67.96 -11.11
C ASP K 202 13.52 68.11 -10.76
N ASN K 203 13.83 69.17 -10.04
CA ASN K 203 15.22 69.44 -9.69
C ASN K 203 15.75 68.37 -8.76
N VAL K 204 17.01 68.00 -8.95
CA VAL K 204 17.66 66.94 -8.19
C VAL K 204 18.97 67.46 -7.64
N VAL K 205 19.23 67.18 -6.36
CA VAL K 205 20.48 67.55 -5.73
C VAL K 205 21.54 66.56 -6.19
N ILE K 206 22.82 66.89 -5.98
CA ILE K 206 23.88 66.03 -6.50
C ILE K 206 24.89 65.61 -5.43
N SER K 207 25.35 66.56 -4.62
CA SER K 207 26.76 66.54 -4.23
C SER K 207 27.25 65.24 -3.58
N THR K 208 26.97 65.01 -2.31
CA THR K 208 27.57 63.85 -1.66
C THR K 208 26.71 63.17 -0.63
N SER K 209 25.47 63.61 -0.40
CA SER K 209 24.66 63.03 0.67
C SER K 209 24.04 61.73 0.17
N VAL K 210 23.16 61.14 0.99
CA VAL K 210 22.59 59.84 0.64
C VAL K 210 21.65 59.98 -0.56
N GLY K 211 20.59 60.76 -0.39
CA GLY K 211 19.62 60.92 -1.45
C GLY K 211 20.04 61.92 -2.50
N THR K 212 21.30 61.87 -2.91
CA THR K 212 21.85 62.77 -3.90
C THR K 212 22.70 61.98 -4.89
N GLY K 213 23.09 62.64 -5.97
CA GLY K 213 24.02 62.07 -6.91
C GLY K 213 23.38 61.54 -8.17
N LEU K 214 24.26 61.08 -9.06
CA LEU K 214 23.81 60.50 -10.32
C LEU K 214 22.89 59.30 -10.09
N GLY K 215 23.03 58.63 -8.95
CA GLY K 215 22.09 57.58 -8.61
C GLY K 215 20.67 58.11 -8.44
N ALA K 216 20.53 59.20 -7.68
CA ALA K 216 19.21 59.82 -7.54
C ALA K 216 18.69 60.32 -8.87
N LEU K 217 19.57 60.91 -9.69
CA LEU K 217 19.11 61.38 -10.99
C LEU K 217 18.65 60.23 -11.88
N ALA K 218 19.35 59.10 -11.83
CA ALA K 218 18.97 57.95 -12.64
C ALA K 218 17.65 57.37 -12.15
N GLU K 219 17.45 57.32 -10.82
CA GLU K 219 16.14 56.93 -10.31
C GLU K 219 15.05 57.83 -10.88
N GLU K 220 15.25 59.15 -10.78
CA GLU K 220 14.23 60.09 -11.22
C GLU K 220 13.95 59.93 -12.72
N ILE K 221 14.98 59.67 -13.51
CA ILE K 221 14.76 59.51 -14.94
C ILE K 221 14.04 58.21 -15.24
N ASN K 222 14.58 57.09 -14.76
CA ASN K 222 14.00 55.79 -15.05
C ASN K 222 12.58 55.66 -14.53
N LYS K 223 12.19 56.47 -13.53
CA LYS K 223 10.82 56.46 -13.09
C LYS K 223 9.86 56.76 -14.24
N SER K 224 10.14 57.82 -14.99
CA SER K 224 9.32 58.21 -16.13
C SER K 224 9.91 57.67 -17.43
N ALA K 225 10.08 56.36 -17.48
CA ALA K 225 10.61 55.73 -18.67
C ALA K 225 9.55 55.40 -19.70
N ASP K 226 8.34 55.07 -19.27
CA ASP K 226 7.29 54.66 -20.19
C ASP K 226 6.88 55.76 -21.15
N LYS K 227 7.05 57.03 -20.77
CA LYS K 227 6.62 58.12 -21.62
C LYS K 227 7.74 58.76 -22.42
N THR K 228 8.96 58.83 -21.87
CA THR K 228 10.07 59.41 -22.60
C THR K 228 10.84 58.40 -23.42
N GLY K 229 10.84 57.13 -23.04
CA GLY K 229 11.65 56.15 -23.73
C GLY K 229 13.13 56.32 -23.49
N VAL K 230 13.50 56.98 -22.40
CA VAL K 230 14.90 57.35 -22.14
C VAL K 230 15.25 56.76 -20.77
N ARG K 231 15.82 55.56 -20.77
CA ARG K 231 16.33 55.01 -19.53
C ARG K 231 17.67 55.67 -19.20
N ALA K 232 18.24 55.29 -18.06
CA ALA K 232 19.48 55.92 -17.63
C ALA K 232 20.19 55.05 -16.62
N THR K 233 21.51 55.07 -16.69
CA THR K 233 22.38 54.40 -15.72
C THR K 233 23.49 55.38 -15.36
N TYR K 234 24.50 54.89 -14.64
CA TYR K 234 25.58 55.75 -14.21
C TYR K 234 26.83 54.93 -14.00
N ASP K 235 27.94 55.64 -13.78
CA ASP K 235 29.23 54.99 -13.50
C ASP K 235 30.08 56.00 -12.74
N VAL K 236 30.26 55.78 -11.45
CA VAL K 236 30.97 56.73 -10.61
C VAL K 236 32.26 56.11 -10.10
N LYS K 237 33.34 56.32 -10.83
CA LYS K 237 34.65 55.83 -10.42
C LYS K 237 35.67 56.94 -10.54
N THR K 238 36.68 56.89 -9.67
CA THR K 238 37.83 57.78 -9.75
C THR K 238 39.07 56.89 -9.76
N THR K 239 39.60 56.63 -10.94
CA THR K 239 40.75 55.74 -11.11
C THR K 239 41.97 56.56 -11.48
N GLY K 240 43.09 56.26 -10.83
CA GLY K 240 44.30 57.00 -11.07
C GLY K 240 44.97 56.59 -12.36
N VAL K 241 46.21 57.06 -12.51
CA VAL K 241 47.09 56.69 -13.61
C VAL K 241 48.45 56.34 -13.01
N TYR K 242 49.38 55.92 -13.86
CA TYR K 242 50.74 55.58 -13.45
C TYR K 242 50.70 54.70 -12.20
N ALA K 243 50.28 53.46 -12.42
CA ALA K 243 49.42 52.71 -11.49
C ALA K 243 49.59 53.07 -10.02
N ILE K 244 50.80 52.97 -9.46
CA ILE K 244 50.97 53.34 -8.06
C ILE K 244 52.43 53.47 -7.70
N LYS K 245 52.74 54.33 -6.73
CA LYS K 245 54.07 54.45 -6.18
C LYS K 245 53.98 54.54 -4.66
N GLU K 246 55.09 54.86 -4.00
CA GLU K 246 55.13 54.95 -2.55
C GLU K 246 54.89 56.39 -2.12
N GLY K 247 54.02 56.57 -1.14
CA GLY K 247 53.71 57.90 -0.65
C GLY K 247 52.83 57.83 0.57
N THR K 248 52.54 58.99 1.13
CA THR K 248 51.72 59.09 2.33
C THR K 248 50.63 60.14 2.13
N THR K 249 49.46 59.85 2.68
CA THR K 249 48.36 60.81 2.65
C THR K 249 48.56 61.85 3.74
N SER K 250 48.00 63.03 3.51
CA SER K 250 48.15 64.11 4.47
C SER K 250 47.46 63.76 5.79
N GLN K 251 47.87 64.47 6.84
CA GLN K 251 47.33 64.20 8.17
C GLN K 251 45.82 64.40 8.23
N ASP K 252 45.23 65.08 7.26
CA ASP K 252 43.81 65.38 7.24
C ASP K 252 43.18 64.88 5.96
N PHE K 253 43.65 63.75 5.45
CA PHE K 253 43.07 63.17 4.24
C PHE K 253 41.68 62.64 4.56
N ALA K 254 40.67 63.25 3.95
CA ALA K 254 39.29 62.85 4.17
C ALA K 254 38.60 62.61 2.84
N ILE K 255 37.56 61.79 2.87
CA ILE K 255 36.78 61.47 1.67
C ILE K 255 35.30 61.60 2.02
N ASN K 256 34.57 62.32 1.19
CA ASN K 256 33.13 62.54 1.33
C ASN K 256 32.75 63.28 2.60
N GLY K 257 33.71 63.69 3.40
CA GLY K 257 33.42 64.43 4.63
C GLY K 257 33.78 63.72 5.90
N VAL K 258 34.41 62.56 5.85
CA VAL K 258 34.89 61.86 7.04
C VAL K 258 36.41 61.74 6.96
N THR K 259 37.08 62.17 8.01
CA THR K 259 38.54 62.23 8.00
C THR K 259 39.12 60.85 8.25
N ILE K 260 40.10 60.47 7.44
CA ILE K 260 40.69 59.13 7.53
C ILE K 260 42.03 59.21 8.24
N GLY K 261 42.95 60.02 7.73
CA GLY K 261 44.22 60.27 8.39
C GLY K 261 45.40 59.85 7.54
N LYS K 262 46.58 60.01 8.13
CA LYS K 262 47.81 59.69 7.42
C LYS K 262 47.96 58.19 7.24
N ILE K 263 48.39 57.80 6.05
CA ILE K 263 48.53 56.39 5.69
C ILE K 263 49.81 56.25 4.87
N GLU K 264 50.78 55.51 5.40
CA GLU K 264 52.01 55.23 4.67
C GLU K 264 51.81 53.97 3.85
N TYR K 265 51.67 54.12 2.54
CA TYR K 265 51.49 52.99 1.64
C TYR K 265 52.75 52.76 0.83
N LYS K 266 53.06 51.49 0.58
CA LYS K 266 54.29 51.10 -0.07
C LYS K 266 54.16 51.28 -1.58
N ASP K 267 55.12 50.73 -2.34
CA ASP K 267 55.18 50.96 -3.78
C ASP K 267 53.94 50.46 -4.50
N GLY K 268 53.73 49.15 -4.49
CA GLY K 268 52.58 48.59 -5.17
C GLY K 268 51.43 48.39 -4.23
N ASP K 269 51.41 49.19 -3.15
CA ASP K 269 50.47 48.97 -2.05
C ASP K 269 50.60 47.55 -1.53
N GLY K 270 51.84 47.08 -1.39
CA GLY K 270 52.07 45.72 -0.92
C GLY K 270 51.43 45.44 0.42
N ASN K 271 51.31 46.46 1.26
CA ASN K 271 50.62 46.28 2.54
C ASN K 271 49.12 46.17 2.37
N GLY K 272 48.56 46.69 1.28
CA GLY K 272 47.12 46.82 1.19
C GLY K 272 46.54 47.74 2.24
N SER K 273 47.40 48.51 2.92
CA SER K 273 46.94 49.37 4.01
C SER K 273 46.09 50.52 3.49
N LEU K 274 46.47 51.08 2.35
CA LEU K 274 45.66 52.15 1.77
C LEU K 274 44.24 51.68 1.48
N ILE K 275 44.11 50.55 0.79
CA ILE K 275 42.80 50.02 0.47
C ILE K 275 42.03 49.68 1.74
N SER K 276 42.70 49.03 2.69
CA SER K 276 42.03 48.65 3.92
C SER K 276 41.53 49.86 4.70
N ALA K 277 42.33 50.91 4.77
CA ALA K 277 41.93 52.08 5.54
C ALA K 277 40.85 52.88 4.84
N ILE K 278 40.85 52.91 3.51
CA ILE K 278 39.76 53.57 2.81
C ILE K 278 38.47 52.77 2.95
N ASN K 279 38.57 51.44 2.93
CA ASN K 279 37.38 50.60 3.01
C ASN K 279 36.85 50.48 4.43
N ALA K 280 37.65 50.77 5.44
CA ALA K 280 37.16 50.70 6.82
C ALA K 280 35.98 51.64 7.06
N VAL K 281 35.70 52.56 6.14
CA VAL K 281 34.58 53.48 6.30
C VAL K 281 33.71 53.44 5.04
N LYS K 282 33.68 52.29 4.37
CA LYS K 282 32.97 52.20 3.09
C LYS K 282 31.47 52.43 3.27
N ASP K 283 30.88 51.88 4.32
CA ASP K 283 29.44 51.99 4.51
C ASP K 283 29.04 53.31 5.16
N THR K 284 30.00 54.19 5.45
CA THR K 284 29.68 55.54 5.85
C THR K 284 29.91 56.54 4.72
N THR K 285 30.98 56.35 3.95
CA THR K 285 31.24 57.25 2.84
C THR K 285 30.36 56.96 1.63
N GLY K 286 30.23 55.68 1.29
CA GLY K 286 29.66 55.31 0.01
C GLY K 286 30.70 54.99 -1.03
N VAL K 287 31.97 54.95 -0.66
CA VAL K 287 33.08 54.76 -1.59
C VAL K 287 33.79 53.47 -1.24
N GLN K 288 33.94 52.59 -2.21
CA GLN K 288 34.56 51.29 -2.03
C GLN K 288 35.88 51.30 -2.77
N ALA K 289 36.98 51.21 -2.02
CA ALA K 289 38.30 51.22 -2.63
C ALA K 289 38.68 49.82 -3.09
N SER K 290 39.51 49.77 -4.13
CA SER K 290 39.96 48.49 -4.67
C SER K 290 41.13 48.75 -5.60
N LYS K 291 41.97 47.74 -5.75
CA LYS K 291 43.16 47.80 -6.57
C LYS K 291 42.88 47.14 -7.91
N ASP K 292 43.22 47.82 -9.00
CA ASP K 292 42.93 47.34 -10.33
C ASP K 292 43.85 46.16 -10.67
N GLU K 293 43.70 45.65 -11.89
CA GLU K 293 44.59 44.60 -12.36
C GLU K 293 45.98 45.17 -12.62
N ASN K 294 46.05 46.29 -13.33
CA ASN K 294 47.33 46.89 -13.69
C ASN K 294 47.99 47.61 -12.52
N GLY K 295 47.44 47.51 -11.31
CA GLY K 295 48.00 48.16 -10.15
C GLY K 295 47.44 49.53 -9.85
N LYS K 296 46.61 50.09 -10.72
CA LYS K 296 46.06 51.41 -10.49
C LYS K 296 45.12 51.38 -9.29
N LEU K 297 44.84 52.57 -8.76
CA LEU K 297 43.94 52.73 -7.64
C LEU K 297 42.55 53.08 -8.14
N VAL K 298 41.55 52.35 -7.67
CA VAL K 298 40.17 52.52 -8.10
C VAL K 298 39.31 52.89 -6.90
N LEU K 299 38.57 53.98 -7.02
CA LEU K 299 37.64 54.42 -5.99
C LEU K 299 36.26 54.48 -6.62
N THR K 300 35.43 53.48 -6.36
CA THR K 300 34.11 53.40 -6.95
C THR K 300 33.04 53.61 -5.88
N SER K 301 31.94 54.21 -6.30
CA SER K 301 30.79 54.44 -5.44
C SER K 301 29.60 53.68 -6.02
N ALA K 302 29.04 52.77 -5.24
CA ALA K 302 28.01 51.88 -5.76
C ALA K 302 26.74 52.66 -6.10
N ASP K 303 26.17 53.35 -5.11
CA ASP K 303 24.89 54.02 -5.29
C ASP K 303 25.02 55.41 -5.90
N GLY K 304 26.13 55.72 -6.56
CA GLY K 304 26.27 56.97 -7.26
C GLY K 304 26.17 58.19 -6.38
N ARG K 305 27.14 58.37 -5.48
CA ARG K 305 27.15 59.52 -4.59
C ARG K 305 28.23 60.54 -4.93
N GLY K 306 29.22 60.17 -5.72
CA GLY K 306 30.25 61.11 -6.10
C GLY K 306 31.38 61.14 -5.09
N ILE K 307 32.58 60.83 -5.55
CA ILE K 307 33.74 60.82 -4.68
C ILE K 307 34.29 62.23 -4.58
N LYS K 308 34.55 62.68 -3.37
CA LYS K 308 35.16 63.99 -3.14
C LYS K 308 36.15 63.83 -1.99
N ILE K 309 37.43 63.81 -2.32
CA ILE K 309 38.48 63.77 -1.31
C ILE K 309 38.95 65.19 -1.05
N THR K 310 39.07 65.54 0.23
CA THR K 310 39.32 66.92 0.63
C THR K 310 40.79 67.17 0.92
N GLY K 311 41.37 66.42 1.84
CA GLY K 311 42.78 66.55 2.13
C GLY K 311 43.63 66.08 0.97
N ASP K 312 44.93 66.07 1.21
CA ASP K 312 45.89 65.58 0.22
C ASP K 312 45.91 64.06 0.28
N ILE K 313 45.41 63.41 -0.77
CA ILE K 313 45.51 61.96 -0.84
C ILE K 313 46.94 61.52 -0.98
N GLY K 314 47.81 62.40 -1.48
CA GLY K 314 49.19 62.05 -1.66
C GLY K 314 49.44 61.59 -3.09
N VAL K 315 50.09 62.43 -3.88
CA VAL K 315 50.47 62.03 -5.22
C VAL K 315 51.38 60.82 -5.12
N GLY K 316 51.22 59.88 -6.04
CA GLY K 316 51.87 58.60 -5.90
C GLY K 316 50.82 57.53 -5.77
N SER K 317 49.63 57.92 -5.30
CA SER K 317 48.47 57.08 -5.41
C SER K 317 47.89 57.09 -6.82
N GLY K 318 48.26 58.07 -7.63
CA GLY K 318 47.77 58.17 -8.98
C GLY K 318 46.61 59.10 -9.18
N ILE K 319 46.01 59.61 -8.12
CA ILE K 319 44.83 60.45 -8.20
C ILE K 319 45.30 61.90 -8.15
N LEU K 320 45.24 62.58 -9.29
CA LEU K 320 45.70 63.96 -9.38
C LEU K 320 44.68 64.93 -8.82
N ALA K 321 45.13 66.15 -8.56
CA ALA K 321 44.26 67.18 -8.01
C ALA K 321 43.12 67.55 -8.95
N ASN K 322 43.15 67.11 -10.20
CA ASN K 322 42.06 67.36 -11.12
C ASN K 322 40.92 66.37 -10.98
N GLN K 323 41.08 65.34 -10.14
CA GLN K 323 40.07 64.30 -9.98
C GLN K 323 39.44 64.28 -8.60
N LYS K 324 39.91 65.13 -7.68
CA LYS K 324 39.44 65.05 -6.30
C LYS K 324 37.93 65.26 -6.20
N GLU K 325 37.38 66.14 -7.03
CA GLU K 325 35.94 66.39 -7.06
C GLU K 325 35.37 65.60 -8.23
N ASN K 326 34.75 64.46 -7.94
CA ASN K 326 34.24 63.59 -9.00
C ASN K 326 32.79 63.24 -8.72
N TYR K 327 31.98 63.19 -9.78
CA TYR K 327 30.59 62.78 -9.66
C TYR K 327 30.16 61.79 -10.72
N GLY K 328 31.09 61.17 -11.44
CA GLY K 328 30.72 60.14 -12.37
C GLY K 328 30.05 60.70 -13.62
N ARG K 329 29.44 59.79 -14.37
CA ARG K 329 28.86 60.09 -15.66
C ARG K 329 27.42 59.59 -15.74
N LEU K 330 26.66 60.20 -16.62
CA LEU K 330 25.31 59.76 -16.93
C LEU K 330 25.27 59.16 -18.33
N SER K 331 24.57 58.04 -18.47
CA SER K 331 24.51 57.31 -19.73
C SER K 331 23.04 57.08 -20.09
N LEU K 332 22.51 57.94 -20.94
CA LEU K 332 21.14 57.77 -21.40
C LEU K 332 21.10 56.73 -22.52
N VAL K 333 19.96 56.07 -22.64
CA VAL K 333 19.72 55.08 -23.69
C VAL K 333 18.28 55.20 -24.12
N LYS K 334 18.05 55.72 -25.33
CA LYS K 334 16.72 55.72 -25.90
C LYS K 334 16.49 54.37 -26.58
N ASN K 335 15.39 54.22 -27.31
CA ASN K 335 15.18 52.98 -28.02
C ASN K 335 14.56 53.21 -29.40
N ASP K 336 14.87 54.33 -30.05
CA ASP K 336 14.36 54.55 -31.40
C ASP K 336 15.38 55.09 -32.38
N GLY K 337 16.52 55.62 -31.96
CA GLY K 337 17.53 56.04 -32.89
C GLY K 337 17.50 57.50 -33.29
N ARG K 338 16.85 58.36 -32.52
CA ARG K 338 16.86 59.79 -32.75
C ARG K 338 17.60 60.48 -31.60
N ASP K 339 18.28 61.57 -31.92
CA ASP K 339 19.13 62.23 -30.94
C ASP K 339 18.29 62.72 -29.77
N ILE K 340 18.68 62.30 -28.58
CA ILE K 340 18.06 62.83 -27.37
C ILE K 340 18.42 64.31 -27.27
N ASN K 341 17.41 65.17 -27.33
CA ASN K 341 17.64 66.61 -27.33
C ASN K 341 17.45 67.15 -25.92
N ILE K 342 18.37 66.78 -25.05
CA ILE K 342 18.32 67.21 -23.66
C ILE K 342 18.79 68.65 -23.55
N SER K 343 18.00 69.48 -22.89
CA SER K 343 18.36 70.88 -22.65
C SER K 343 17.73 71.30 -21.32
N GLY K 344 18.49 71.18 -20.25
CA GLY K 344 17.97 71.47 -18.93
C GLY K 344 18.18 72.90 -18.49
N THR K 345 18.50 73.08 -17.21
CA THR K 345 18.75 74.39 -16.65
C THR K 345 20.16 74.57 -16.11
N ASN K 346 20.68 73.58 -15.39
CA ASN K 346 22.01 73.63 -14.82
C ASN K 346 22.68 72.30 -15.16
N LEU K 347 23.28 72.22 -16.34
CA LEU K 347 23.75 70.95 -16.89
C LEU K 347 25.24 70.72 -16.72
N SER K 348 26.01 71.72 -16.28
CA SER K 348 27.43 71.48 -16.06
C SER K 348 27.69 70.47 -14.95
N ALA K 349 26.67 70.11 -14.18
CA ALA K 349 26.83 69.18 -13.08
C ALA K 349 26.72 67.73 -13.52
N ILE K 350 26.01 67.46 -14.62
CA ILE K 350 25.92 66.11 -15.15
C ILE K 350 26.83 65.92 -16.36
N GLY K 351 27.73 66.86 -16.60
CA GLY K 351 28.65 66.72 -17.72
C GLY K 351 28.02 66.84 -19.08
N MET K 352 26.85 67.47 -19.16
CA MET K 352 26.21 67.70 -20.45
C MET K 352 25.93 69.18 -20.66
N GLY K 353 26.77 70.04 -20.10
CA GLY K 353 26.60 71.46 -20.23
C GLY K 353 26.97 71.97 -21.60
N THR K 354 26.91 73.30 -21.75
CA THR K 354 27.26 73.91 -23.02
C THR K 354 28.76 73.99 -23.25
N THR K 355 29.57 73.32 -22.42
CA THR K 355 31.01 73.31 -22.58
C THR K 355 31.60 71.93 -22.32
N ASP K 356 30.78 70.89 -22.33
CA ASP K 356 31.22 69.55 -22.02
C ASP K 356 31.11 68.66 -23.25
N MET K 357 32.10 67.80 -23.43
CA MET K 357 32.17 66.94 -24.61
C MET K 357 31.42 65.64 -24.33
N ILE K 358 30.25 65.50 -24.93
CA ILE K 358 29.47 64.29 -24.80
C ILE K 358 29.68 63.44 -26.06
N SER K 359 29.26 62.19 -25.99
CA SER K 359 29.32 61.30 -27.15
C SER K 359 27.96 60.66 -27.34
N GLN K 360 27.57 60.49 -28.60
CA GLN K 360 26.27 59.91 -28.93
C GLN K 360 26.39 59.18 -30.26
N SER K 361 25.62 58.12 -30.42
CA SER K 361 25.66 57.31 -31.63
C SER K 361 24.54 56.28 -31.59
N SER K 362 24.22 55.74 -32.76
CA SER K 362 23.17 54.74 -32.91
C SER K 362 23.78 53.44 -33.42
N VAL K 363 23.29 52.32 -32.92
CA VAL K 363 23.86 51.00 -33.18
C VAL K 363 22.75 50.06 -33.64
N SER K 364 23.05 49.25 -34.65
CA SER K 364 22.12 48.26 -35.15
C SER K 364 22.54 46.86 -34.68
N LEU K 365 21.72 45.86 -34.99
CA LEU K 365 22.10 44.48 -34.68
C LEU K 365 23.38 44.09 -35.39
N ARG K 366 23.45 44.34 -36.70
CA ARG K 366 24.67 44.01 -37.43
C ARG K 366 25.86 44.79 -36.89
N GLU K 367 25.68 46.09 -36.66
CA GLU K 367 26.76 46.90 -36.11
C GLU K 367 27.22 46.39 -34.75
N SER K 368 26.33 45.75 -34.00
CA SER K 368 26.73 45.16 -32.72
C SER K 368 27.41 43.82 -32.89
N LYS K 369 27.05 43.09 -33.95
CA LYS K 369 27.65 41.77 -34.19
C LYS K 369 29.15 41.84 -34.41
N GLY K 370 29.67 42.99 -34.82
CA GLY K 370 31.08 43.15 -35.10
C GLY K 370 31.84 43.68 -33.90
N GLN K 371 33.03 44.21 -34.18
CA GLN K 371 33.90 44.74 -33.15
C GLN K 371 33.42 46.13 -32.75
N ILE K 372 33.10 46.31 -31.47
CA ILE K 372 32.58 47.57 -31.00
C ILE K 372 33.65 48.64 -31.17
N SER K 373 33.34 49.65 -31.99
CA SER K 373 34.30 50.70 -32.26
C SER K 373 34.65 51.47 -30.99
N ALA K 374 35.78 52.17 -31.04
CA ALA K 374 36.24 52.93 -29.88
C ALA K 374 35.38 54.15 -29.62
N THR K 375 34.87 54.78 -30.68
CA THR K 375 33.97 55.91 -30.48
C THR K 375 32.60 55.43 -30.01
N ASN K 376 32.17 54.28 -30.50
CA ASN K 376 30.86 53.76 -30.10
C ASN K 376 30.87 53.26 -28.67
N ALA K 377 32.01 52.71 -28.22
CA ALA K 377 32.05 52.13 -26.88
C ALA K 377 31.82 53.19 -25.81
N ASP K 378 32.37 54.39 -26.01
CA ASP K 378 32.18 55.44 -25.03
C ASP K 378 30.71 55.77 -24.86
N ALA K 379 30.00 55.97 -25.97
CA ALA K 379 28.57 56.20 -25.89
C ALA K 379 27.82 54.99 -25.35
N MET K 380 28.34 53.78 -25.57
CA MET K 380 27.75 52.60 -24.97
C MET K 380 27.75 52.69 -23.46
N GLY K 381 28.90 53.01 -22.88
CA GLY K 381 28.98 53.13 -21.44
C GLY K 381 30.20 52.48 -20.82
N PHE K 382 31.13 52.01 -21.64
CA PHE K 382 32.39 51.52 -21.12
C PHE K 382 33.22 52.68 -20.57
N ASN K 383 34.41 52.34 -20.08
CA ASN K 383 35.53 53.28 -19.94
C ASN K 383 35.12 54.64 -19.41
N SER K 384 34.71 54.71 -18.15
CA SER K 384 34.18 55.94 -17.57
C SER K 384 34.97 57.19 -17.98
N TYR K 385 36.25 57.27 -17.63
CA TYR K 385 36.94 58.54 -17.78
C TYR K 385 37.23 58.87 -19.25
N LYS K 386 36.18 59.07 -20.04
CA LYS K 386 36.28 59.62 -21.39
C LYS K 386 37.26 58.82 -22.26
N GLY K 387 36.89 57.57 -22.50
CA GLY K 387 37.74 56.68 -23.27
C GLY K 387 38.80 56.06 -22.39
N GLY K 388 38.98 54.75 -22.48
CA GLY K 388 39.84 54.06 -21.56
C GLY K 388 41.31 54.37 -21.65
N GLY K 389 41.70 55.34 -22.46
CA GLY K 389 43.10 55.63 -22.63
C GLY K 389 43.63 56.60 -21.59
N LYS K 390 44.27 57.68 -22.04
CA LYS K 390 44.79 58.66 -21.12
C LYS K 390 43.67 59.52 -20.55
N PHE K 391 43.91 60.10 -19.39
CA PHE K 391 43.02 61.10 -18.85
C PHE K 391 43.29 62.44 -19.52
N VAL K 392 42.24 63.25 -19.66
CA VAL K 392 42.29 64.48 -20.46
C VAL K 392 41.83 65.65 -19.62
N PHE K 393 42.71 66.63 -19.42
CA PHE K 393 42.34 67.87 -18.77
C PHE K 393 41.93 68.90 -19.81
N THR K 394 41.79 70.15 -19.38
CA THR K 394 41.75 71.31 -20.26
C THR K 394 42.65 72.40 -19.70
N GLN K 395 43.70 72.00 -19.01
CA GLN K 395 44.58 72.95 -18.32
C GLN K 395 45.30 73.83 -19.35
N ASN K 396 45.98 74.86 -18.87
CA ASN K 396 46.58 75.86 -19.75
C ASN K 396 48.09 75.83 -19.67
N VAL K 397 48.67 74.64 -19.76
CA VAL K 397 50.10 74.45 -19.56
C VAL K 397 50.73 73.97 -20.86
N SER K 398 51.95 74.44 -21.14
CA SER K 398 52.63 74.07 -22.37
C SER K 398 52.98 72.59 -22.38
N SER K 399 53.49 72.08 -21.27
CA SER K 399 53.96 70.69 -21.23
C SER K 399 53.91 70.16 -19.82
N ILE K 400 54.13 68.85 -19.70
CA ILE K 400 54.14 68.19 -18.39
C ILE K 400 55.19 68.81 -17.48
N SER K 401 56.29 69.29 -18.05
CA SER K 401 57.32 69.94 -17.27
C SER K 401 56.73 71.09 -16.44
N ALA K 402 56.07 72.02 -17.09
CA ALA K 402 55.45 73.13 -16.37
C ALA K 402 54.20 72.70 -15.61
N PHE K 403 53.51 71.65 -16.06
CA PHE K 403 52.36 71.15 -15.31
C PHE K 403 52.79 70.64 -13.95
N MET K 404 54.01 70.12 -13.86
CA MET K 404 54.54 69.70 -12.57
C MET K 404 55.13 70.88 -11.80
N SER K 405 55.88 71.75 -12.50
CA SER K 405 56.46 72.91 -11.83
C SER K 405 55.38 73.81 -11.24
N ALA K 406 54.17 73.78 -11.78
CA ALA K 406 53.14 74.72 -11.39
C ALA K 406 52.67 74.45 -9.97
N GLN K 407 51.82 75.35 -9.48
CA GLN K 407 51.26 75.26 -8.14
C GLN K 407 50.04 74.34 -8.17
N GLY K 408 49.53 74.00 -7.00
CA GLY K 408 48.34 73.15 -6.91
C GLY K 408 48.57 71.66 -7.02
N SER K 409 49.41 71.22 -7.95
CA SER K 409 49.70 69.80 -8.09
C SER K 409 50.57 69.33 -6.92
N GLY K 410 50.95 68.06 -6.97
CA GLY K 410 51.77 67.52 -5.91
C GLY K 410 53.21 67.32 -6.33
N PHE K 411 53.65 68.04 -7.37
CA PHE K 411 54.97 67.87 -7.93
C PHE K 411 55.84 69.11 -7.77
N SER K 412 55.44 70.05 -6.92
CA SER K 412 56.19 71.29 -6.80
C SER K 412 57.55 71.02 -6.18
N ARG K 413 58.36 72.08 -6.11
CA ARG K 413 59.72 71.96 -5.58
C ARG K 413 59.70 71.53 -4.12
N GLY K 414 58.68 71.90 -3.36
CA GLY K 414 58.60 71.46 -1.98
C GLY K 414 58.36 69.97 -1.85
N SER K 415 57.40 69.44 -2.59
CA SER K 415 57.12 68.02 -2.57
C SER K 415 58.31 67.24 -3.08
N GLY K 416 58.43 65.99 -2.63
CA GLY K 416 59.55 65.16 -3.03
C GLY K 416 59.44 64.61 -4.43
N PHE K 417 58.26 64.65 -5.04
CA PHE K 417 58.05 64.06 -6.35
C PHE K 417 58.24 65.08 -7.47
N SER K 418 59.37 65.77 -7.48
CA SER K 418 59.63 66.75 -8.52
C SER K 418 60.41 66.11 -9.66
N VAL K 419 60.40 66.79 -10.80
CA VAL K 419 61.14 66.29 -11.96
C VAL K 419 62.61 66.19 -11.60
N GLY K 420 63.18 65.00 -11.78
CA GLY K 420 64.55 64.76 -11.39
C GLY K 420 64.74 64.53 -9.92
N SER K 421 63.84 63.80 -9.27
CA SER K 421 63.92 63.53 -7.85
C SER K 421 63.90 62.03 -7.55
N GLY K 422 64.29 61.22 -8.53
CA GLY K 422 64.38 59.79 -8.33
C GLY K 422 63.09 59.03 -8.41
N LYS K 423 61.96 59.65 -8.08
CA LYS K 423 60.68 58.95 -8.18
C LYS K 423 60.32 58.67 -9.64
N ASN K 424 60.70 59.56 -10.55
CA ASN K 424 60.48 59.37 -11.99
C ASN K 424 59.01 59.17 -12.31
N LEU K 425 58.21 60.21 -12.07
CA LEU K 425 56.80 60.17 -12.44
C LEU K 425 56.52 60.86 -13.76
N SER K 426 57.53 61.49 -14.37
CA SER K 426 57.31 62.03 -15.71
C SER K 426 56.98 60.93 -16.70
N VAL K 427 57.66 59.79 -16.59
CA VAL K 427 57.35 58.65 -17.45
C VAL K 427 55.95 58.14 -17.18
N GLY K 428 55.51 58.21 -15.93
CA GLY K 428 54.17 57.76 -15.61
C GLY K 428 53.11 58.67 -16.21
N LEU K 429 53.29 59.98 -16.06
CA LEU K 429 52.32 60.92 -16.60
C LEU K 429 52.30 60.89 -18.12
N SER K 430 53.47 60.77 -18.75
CA SER K 430 53.53 60.70 -20.21
C SER K 430 52.70 59.54 -20.75
N GLN K 431 52.45 58.53 -19.92
CA GLN K 431 51.57 57.42 -20.27
C GLN K 431 50.33 57.54 -19.40
N GLY K 432 49.38 58.35 -19.84
CA GLY K 432 48.13 58.46 -19.10
C GLY K 432 47.65 59.87 -18.87
N ILE K 433 48.35 60.86 -19.42
CA ILE K 433 47.92 62.25 -19.31
C ILE K 433 47.97 62.88 -20.69
N GLN K 434 46.89 63.58 -21.05
CA GLN K 434 46.85 64.37 -22.29
C GLN K 434 46.22 65.71 -21.96
N ILE K 435 47.02 66.76 -21.93
CA ILE K 435 46.58 68.08 -21.51
C ILE K 435 46.17 68.89 -22.75
N ILE K 436 44.92 69.33 -22.77
CA ILE K 436 44.44 70.19 -23.84
C ILE K 436 44.73 71.64 -23.47
N SER K 437 45.63 72.27 -24.21
CA SER K 437 46.15 73.59 -23.83
C SER K 437 45.03 74.63 -23.79
N SER K 438 44.43 74.92 -24.93
CA SER K 438 43.42 75.96 -25.04
C SER K 438 42.11 75.30 -25.45
N ALA K 439 41.11 75.36 -24.57
CA ALA K 439 39.83 74.74 -24.85
C ALA K 439 39.16 75.31 -26.08
N ALA K 440 39.56 76.51 -26.51
CA ALA K 440 38.97 77.07 -27.72
C ALA K 440 39.50 76.38 -28.98
N SER K 441 40.76 75.99 -28.97
CA SER K 441 41.42 75.39 -30.13
C SER K 441 42.05 74.07 -29.70
N MET K 442 41.30 72.98 -29.86
CA MET K 442 41.81 71.64 -29.57
C MET K 442 41.54 70.76 -30.79
N SER K 443 42.46 70.79 -31.75
CA SER K 443 42.42 69.89 -32.89
C SER K 443 43.39 68.74 -32.76
N ASN K 444 44.33 68.81 -31.83
CA ASN K 444 45.31 67.75 -31.61
C ASN K 444 44.76 66.62 -30.77
N THR K 445 43.52 66.71 -30.30
CA THR K 445 42.93 65.64 -29.48
C THR K 445 41.54 65.22 -29.92
N TYR K 446 40.82 66.03 -30.69
CA TYR K 446 39.53 65.64 -31.22
C TYR K 446 39.52 65.89 -32.72
N VAL K 447 38.73 65.10 -33.43
CA VAL K 447 38.58 65.30 -34.87
C VAL K 447 37.63 66.47 -35.09
N VAL K 448 38.19 67.66 -35.20
CA VAL K 448 37.41 68.88 -35.18
C VAL K 448 37.87 69.79 -36.32
N SER K 449 38.63 69.23 -37.26
CA SER K 449 39.15 70.01 -38.36
C SER K 449 38.04 70.48 -39.28
N ALA K 450 38.40 71.31 -40.25
CA ALA K 450 37.41 71.93 -41.12
C ALA K 450 36.65 70.91 -41.94
N GLY K 451 37.34 69.87 -42.44
CA GLY K 451 36.67 68.87 -43.24
C GLY K 451 35.58 68.14 -42.50
N SER K 452 35.80 67.84 -41.23
CA SER K 452 34.78 67.20 -40.41
C SER K 452 33.58 68.13 -40.25
N GLY K 453 32.45 67.55 -39.85
CA GLY K 453 31.25 68.33 -39.65
C GLY K 453 31.16 68.88 -38.23
N PHE K 454 32.29 68.98 -37.55
CA PHE K 454 32.34 69.41 -36.17
C PHE K 454 33.17 70.67 -35.97
N SER K 455 33.37 71.45 -37.04
CA SER K 455 34.15 72.67 -36.94
C SER K 455 33.64 73.56 -35.82
N SER K 456 34.56 74.16 -35.08
CA SER K 456 34.20 75.04 -33.98
C SER K 456 33.32 76.18 -34.49
N GLY K 457 32.27 76.50 -33.74
CA GLY K 457 31.34 77.51 -34.15
C GLY K 457 30.36 77.09 -35.22
N SER K 458 30.47 75.86 -35.73
CA SER K 458 29.56 75.34 -36.73
C SER K 458 28.55 74.36 -36.15
N GLY K 459 28.21 74.52 -34.88
CA GLY K 459 27.35 73.58 -34.21
C GLY K 459 28.01 72.23 -34.05
N ASN K 460 27.43 71.35 -33.24
CA ASN K 460 27.91 69.99 -33.03
C ASN K 460 29.32 69.95 -32.49
N SER K 461 29.89 71.08 -32.08
CA SER K 461 31.27 71.11 -31.63
C SER K 461 31.51 70.36 -30.34
N GLN K 462 30.47 69.79 -29.73
CA GLN K 462 30.61 69.04 -28.48
C GLN K 462 30.36 67.56 -28.68
N PHE K 463 30.39 67.08 -29.92
CA PHE K 463 30.25 65.66 -30.20
C PHE K 463 31.44 65.11 -30.97
N ALA K 464 32.48 65.90 -31.19
CA ALA K 464 33.60 65.46 -32.00
C ALA K 464 34.28 64.26 -31.37
N ALA K 465 34.61 63.28 -32.20
CA ALA K 465 35.20 62.04 -31.73
C ALA K 465 36.63 62.27 -31.26
N LEU K 466 37.02 61.51 -30.25
CA LEU K 466 38.37 61.60 -29.71
C LEU K 466 39.38 61.14 -30.76
N LYS K 467 40.62 61.58 -30.60
CA LYS K 467 41.68 61.22 -31.54
C LYS K 467 42.46 60.02 -31.01
N THR K 468 42.61 59.00 -31.87
CA THR K 468 43.17 57.73 -31.42
C THR K 468 44.66 57.83 -31.15
N THR K 469 45.39 58.65 -31.91
CA THR K 469 46.80 58.85 -31.60
C THR K 469 46.99 59.73 -30.38
N ALA K 470 46.06 60.65 -30.13
CA ALA K 470 46.14 61.49 -28.94
C ALA K 470 45.91 60.65 -27.68
N ALA K 471 44.74 60.04 -27.57
CA ALA K 471 44.47 59.10 -26.49
C ALA K 471 45.05 57.74 -26.85
N ASN K 472 44.65 56.70 -26.12
CA ASN K 472 44.96 55.33 -26.49
C ASN K 472 43.68 54.53 -26.64
N THR K 473 42.68 55.12 -27.28
CA THR K 473 41.39 54.47 -27.40
C THR K 473 41.50 53.24 -28.29
N THR K 474 41.33 52.06 -27.69
CA THR K 474 41.29 50.81 -28.41
C THR K 474 39.87 50.28 -28.40
N ASP K 475 39.56 49.46 -29.42
CA ASP K 475 38.22 48.91 -29.54
C ASP K 475 37.97 47.89 -28.43
N GLU K 476 36.72 47.44 -28.36
CA GLU K 476 36.33 46.42 -27.41
C GLU K 476 36.05 45.11 -28.15
N THR K 477 36.05 44.01 -27.39
CA THR K 477 35.79 42.73 -28.01
C THR K 477 34.37 42.70 -28.58
N ALA K 478 34.21 41.95 -29.66
CA ALA K 478 33.05 42.07 -30.54
C ALA K 478 31.79 41.63 -29.81
N GLY K 479 30.87 42.57 -29.63
CA GLY K 479 29.51 42.23 -29.25
C GLY K 479 29.40 41.78 -27.81
N VAL K 480 28.57 40.75 -27.59
CA VAL K 480 28.23 40.30 -26.25
C VAL K 480 29.39 39.72 -25.49
N THR K 481 30.57 39.61 -26.11
CA THR K 481 31.72 39.02 -25.43
C THR K 481 32.25 39.88 -24.29
N THR K 482 31.64 41.02 -24.02
CA THR K 482 31.99 41.85 -22.87
C THR K 482 30.72 42.23 -22.12
N LEU K 483 30.89 42.56 -20.84
CA LEU K 483 29.75 42.76 -19.96
C LEU K 483 28.85 43.89 -20.46
N LYS K 484 29.40 45.10 -20.52
CA LYS K 484 28.62 46.23 -21.03
C LYS K 484 28.14 45.97 -22.45
N GLY K 485 28.92 45.24 -23.25
CA GLY K 485 28.44 44.82 -24.54
C GLY K 485 27.19 43.97 -24.44
N ALA K 486 27.15 43.07 -23.46
CA ALA K 486 25.96 42.26 -23.26
C ALA K 486 24.77 43.13 -22.89
N MET K 487 24.97 44.06 -21.96
CA MET K 487 23.85 44.90 -21.54
C MET K 487 23.41 45.86 -22.62
N ALA K 488 24.26 46.10 -23.63
CA ALA K 488 23.83 46.93 -24.75
C ALA K 488 23.10 46.10 -25.80
N VAL K 489 23.58 44.88 -26.07
CA VAL K 489 22.85 44.00 -26.97
C VAL K 489 21.47 43.70 -26.40
N MET K 490 21.34 43.71 -25.08
CA MET K 490 20.03 43.51 -24.47
C MET K 490 19.04 44.59 -24.93
N ASP K 491 19.46 45.86 -24.88
CA ASP K 491 18.60 46.93 -25.35
C ASP K 491 18.36 46.83 -26.84
N ILE K 492 19.39 46.48 -27.60
CA ILE K 492 19.21 46.38 -29.05
C ILE K 492 18.17 45.32 -29.39
N ALA K 493 18.15 44.22 -28.64
CA ALA K 493 17.14 43.20 -28.89
C ALA K 493 15.76 43.67 -28.43
N GLU K 494 15.70 44.34 -27.28
CA GLU K 494 14.42 44.87 -26.80
C GLU K 494 13.84 45.88 -27.78
N THR K 495 14.70 46.50 -28.59
CA THR K 495 14.23 47.44 -29.60
C THR K 495 13.82 46.73 -30.88
N ALA K 496 14.62 45.74 -31.30
CA ALA K 496 14.27 44.99 -32.50
C ALA K 496 12.92 44.30 -32.34
N ILE K 497 12.64 43.79 -31.15
CA ILE K 497 11.35 43.16 -30.91
C ILE K 497 10.22 44.15 -31.16
N THR K 498 10.36 45.36 -30.64
CA THR K 498 9.35 46.39 -30.85
C THR K 498 9.17 46.71 -32.33
N ASN K 499 10.28 46.85 -33.05
CA ASN K 499 10.19 47.19 -34.47
C ASN K 499 9.44 46.11 -35.24
N LEU K 500 9.77 44.85 -34.99
CA LEU K 500 9.08 43.77 -35.69
C LEU K 500 7.62 43.71 -35.29
N ASP K 501 7.30 43.99 -34.02
CA ASP K 501 5.91 44.03 -33.60
C ASP K 501 5.15 45.09 -34.38
N GLN K 502 5.75 46.25 -34.56
CA GLN K 502 5.08 47.32 -35.30
C GLN K 502 4.82 46.90 -36.74
N ILE K 503 5.83 46.32 -37.39
CA ILE K 503 5.66 45.90 -38.78
C ILE K 503 4.55 44.86 -38.89
N ARG K 504 4.55 43.89 -37.99
CA ARG K 504 3.53 42.85 -38.02
C ARG K 504 2.14 43.41 -37.77
N ALA K 505 2.03 44.40 -36.87
CA ALA K 505 0.74 45.02 -36.66
C ALA K 505 0.24 45.74 -37.90
N ASP K 506 1.15 46.36 -38.66
CA ASP K 506 0.74 46.97 -39.93
C ASP K 506 0.20 45.93 -40.89
N ILE K 507 0.91 44.81 -41.03
CA ILE K 507 0.43 43.73 -41.87
C ILE K 507 -0.97 43.30 -41.43
N ALA K 508 -1.18 43.16 -40.13
CA ALA K 508 -2.46 42.72 -39.61
C ALA K 508 -3.57 43.70 -39.95
N SER K 509 -3.31 45.00 -39.82
CA SER K 509 -4.32 45.99 -40.16
C SER K 509 -4.72 45.87 -41.63
N ILE K 510 -3.74 45.78 -42.52
CA ILE K 510 -4.07 45.62 -43.94
C ILE K 510 -4.89 44.37 -44.16
N GLN K 511 -4.57 43.30 -43.44
CA GLN K 511 -5.27 42.04 -43.63
C GLN K 511 -6.74 42.16 -43.23
N ASN K 512 -7.01 42.78 -42.08
CA ASN K 512 -8.40 42.96 -41.66
C ASN K 512 -9.17 43.82 -42.65
N GLN K 513 -8.55 44.88 -43.17
CA GLN K 513 -9.23 45.70 -44.16
C GLN K 513 -9.59 44.88 -45.39
N VAL K 514 -8.65 44.07 -45.88
CA VAL K 514 -8.91 43.25 -47.05
C VAL K 514 -10.06 42.28 -46.78
N THR K 515 -10.11 41.71 -45.58
CA THR K 515 -11.18 40.78 -45.26
C THR K 515 -12.54 41.46 -45.30
N SER K 516 -12.65 42.65 -44.73
CA SER K 516 -13.93 43.35 -44.79
C SER K 516 -14.32 43.68 -46.23
N THR K 517 -13.36 44.14 -47.04
CA THR K 517 -13.65 44.39 -48.45
C THR K 517 -14.21 43.13 -49.10
N ILE K 518 -13.59 41.98 -48.83
CA ILE K 518 -13.98 40.75 -49.49
C ILE K 518 -15.40 40.37 -49.11
N ASN K 519 -15.74 40.49 -47.83
CA ASN K 519 -17.12 40.19 -47.43
C ASN K 519 -18.12 41.08 -48.16
N ASN K 520 -17.86 42.39 -48.16
CA ASN K 520 -18.81 43.30 -48.80
C ASN K 520 -18.95 43.01 -50.28
N ILE K 521 -17.84 42.69 -50.95
CA ILE K 521 -17.91 42.42 -52.38
C ILE K 521 -18.65 41.12 -52.63
N THR K 522 -18.43 40.11 -51.79
CA THR K 522 -19.12 38.84 -51.98
C THR K 522 -20.62 39.01 -51.88
N VAL K 523 -21.08 39.93 -51.03
CA VAL K 523 -22.53 40.17 -50.97
C VAL K 523 -22.99 40.99 -52.17
N THR K 524 -22.29 42.08 -52.46
CA THR K 524 -22.72 42.97 -53.52
C THR K 524 -22.72 42.27 -54.87
N GLN K 525 -21.84 41.29 -55.08
CA GLN K 525 -21.83 40.58 -56.35
C GLN K 525 -23.08 39.74 -56.52
N VAL K 526 -23.51 39.06 -55.46
CA VAL K 526 -24.76 38.30 -55.52
C VAL K 526 -25.91 39.23 -55.86
N ASN K 527 -25.96 40.38 -55.20
CA ASN K 527 -27.08 41.29 -55.47
C ASN K 527 -27.05 41.80 -56.91
N VAL K 528 -25.86 42.14 -57.41
CA VAL K 528 -25.74 42.62 -58.79
C VAL K 528 -26.17 41.54 -59.76
N LYS K 529 -25.73 40.30 -59.52
CA LYS K 529 -26.10 39.21 -60.41
C LYS K 529 -27.60 38.96 -60.41
N ALA K 530 -28.25 39.05 -59.25
CA ALA K 530 -29.70 38.88 -59.23
C ALA K 530 -30.40 40.01 -59.96
N ALA K 531 -29.91 41.24 -59.79
CA ALA K 531 -30.51 42.37 -60.50
C ALA K 531 -30.34 42.25 -62.00
N GLU K 532 -29.21 41.71 -62.45
CA GLU K 532 -29.02 41.48 -63.88
C GLU K 532 -29.95 40.40 -64.39
N SER K 533 -30.08 39.31 -63.62
CA SER K 533 -31.03 38.28 -63.99
C SER K 533 -32.43 38.81 -64.14
N GLN K 534 -32.85 39.69 -63.23
CA GLN K 534 -34.19 40.23 -63.28
C GLN K 534 -34.47 40.96 -64.58
N ILE K 535 -33.43 41.46 -65.25
CA ILE K 535 -33.59 42.20 -66.50
C ILE K 535 -33.45 41.29 -67.70
N ARG K 536 -32.51 40.35 -67.66
CA ARG K 536 -32.11 39.62 -68.86
C ARG K 536 -32.89 38.33 -69.07
N ASP K 537 -33.00 37.49 -68.05
CA ASP K 537 -33.53 36.16 -68.29
C ASP K 537 -35.05 36.16 -68.37
N VAL K 538 -35.59 35.06 -68.87
CA VAL K 538 -37.02 34.87 -69.04
C VAL K 538 -37.53 33.94 -67.96
N ASP K 539 -38.80 34.11 -67.59
CA ASP K 539 -39.45 33.26 -66.61
C ASP K 539 -40.30 32.23 -67.35
N PHE K 540 -39.89 30.97 -67.26
CA PHE K 540 -40.61 29.92 -67.97
C PHE K 540 -42.06 29.84 -67.57
N ALA K 541 -42.41 30.31 -66.37
CA ALA K 541 -43.80 30.39 -65.95
C ALA K 541 -44.64 31.08 -67.02
N SER K 542 -44.31 32.33 -67.33
CA SER K 542 -45.07 33.06 -68.35
C SER K 542 -44.69 32.65 -69.76
N GLU K 543 -43.46 32.18 -69.96
CA GLU K 543 -43.04 31.86 -71.32
C GLU K 543 -43.78 30.65 -71.86
N SER K 544 -43.96 29.61 -71.04
CA SER K 544 -44.73 28.46 -71.50
C SER K 544 -46.18 28.80 -71.76
N ALA K 545 -46.75 29.74 -71.00
CA ALA K 545 -48.09 30.20 -71.29
C ALA K 545 -48.16 30.89 -72.64
N ASN K 546 -47.25 31.83 -72.88
CA ASN K 546 -47.20 32.48 -74.19
C ASN K 546 -47.05 31.46 -75.31
N TYR K 547 -46.20 30.46 -75.11
CA TYR K 547 -45.94 29.49 -76.17
C TYR K 547 -47.17 28.63 -76.45
N SER K 548 -47.82 28.14 -75.40
CA SER K 548 -49.00 27.31 -75.62
C SER K 548 -50.12 28.11 -76.27
N LYS K 549 -50.30 29.36 -75.82
CA LYS K 549 -51.31 30.22 -76.43
C LYS K 549 -51.02 30.42 -77.92
N ALA K 550 -49.77 30.74 -78.25
CA ALA K 550 -49.41 30.92 -79.66
C ALA K 550 -49.58 29.64 -80.46
N ASN K 551 -49.35 28.49 -79.86
CA ASN K 551 -49.48 27.24 -80.61
C ASN K 551 -50.94 26.94 -80.92
N ILE K 552 -51.82 27.10 -79.93
CA ILE K 552 -53.24 26.90 -80.20
C ILE K 552 -53.74 27.90 -81.22
N LEU K 553 -53.27 29.15 -81.11
CA LEU K 553 -53.63 30.15 -82.12
C LEU K 553 -53.16 29.76 -83.50
N ALA K 554 -51.97 29.14 -83.59
CA ALA K 554 -51.48 28.71 -84.89
C ALA K 554 -52.35 27.62 -85.48
N GLN K 555 -52.78 26.67 -84.65
CA GLN K 555 -53.69 25.64 -85.15
C GLN K 555 -54.99 26.26 -85.67
N SER K 556 -55.56 27.18 -84.89
CA SER K 556 -56.80 27.83 -85.32
C SER K 556 -56.60 28.61 -86.61
N GLY K 557 -55.50 29.35 -86.72
CA GLY K 557 -55.23 30.10 -87.93
C GLY K 557 -55.05 29.22 -89.15
N SER K 558 -54.40 28.06 -88.97
CA SER K 558 -54.27 27.13 -90.08
C SER K 558 -55.62 26.59 -90.52
N TYR K 559 -56.48 26.24 -89.57
CA TYR K 559 -57.83 25.81 -89.95
C TYR K 559 -58.58 26.92 -90.67
N ALA K 560 -58.41 28.16 -90.23
CA ALA K 560 -59.10 29.27 -90.89
C ALA K 560 -58.58 29.47 -92.30
N MET K 561 -57.28 29.33 -92.51
CA MET K 561 -56.75 29.43 -93.87
C MET K 561 -57.28 28.33 -94.76
N ALA K 562 -57.35 27.10 -94.24
CA ALA K 562 -57.91 26.01 -95.03
C ALA K 562 -59.34 26.30 -95.44
N GLN K 563 -60.16 26.72 -94.49
CA GLN K 563 -61.56 27.03 -94.82
C GLN K 563 -61.65 28.21 -95.77
N ALA K 564 -60.76 29.20 -95.65
CA ALA K 564 -60.80 30.33 -96.56
C ALA K 564 -60.48 29.89 -97.98
N ASN K 565 -59.50 29.01 -98.15
CA ASN K 565 -59.20 28.50 -99.47
C ASN K 565 -60.38 27.71 -100.03
N SER K 566 -61.04 26.92 -99.19
CA SER K 566 -62.13 26.09 -99.66
C SER K 566 -63.44 26.84 -99.83
N SER K 567 -63.53 28.08 -99.36
CA SER K 567 -64.81 28.79 -99.35
C SER K 567 -65.37 29.10 -100.73
N GLN K 568 -64.61 28.94 -101.79
CA GLN K 568 -65.06 29.32 -103.12
C GLN K 568 -65.56 28.16 -103.96
N GLN K 569 -65.69 26.97 -103.37
CA GLN K 569 -66.18 25.83 -104.14
C GLN K 569 -67.61 26.01 -104.58
N ASN K 570 -68.41 26.77 -103.84
CA ASN K 570 -69.84 26.84 -104.11
C ASN K 570 -70.16 27.51 -105.43
N VAL K 571 -69.21 28.23 -106.02
CA VAL K 571 -69.49 28.88 -107.30
C VAL K 571 -69.73 27.85 -108.38
N LEU K 572 -69.07 26.70 -108.30
CA LEU K 572 -69.20 25.69 -109.35
C LEU K 572 -70.62 25.21 -109.51
N ARG K 573 -71.42 25.27 -108.44
CA ARG K 573 -72.81 24.85 -108.56
C ARG K 573 -73.59 25.76 -109.50
N LEU K 574 -73.22 27.04 -109.55
CA LEU K 574 -73.82 27.94 -110.53
C LEU K 574 -73.51 27.49 -111.94
N LEU K 575 -72.26 27.12 -112.20
CA LEU K 575 -71.81 26.89 -113.56
C LEU K 575 -72.30 25.55 -114.09
N GLN K 576 -72.17 24.50 -113.28
CA GLN K 576 -72.53 23.15 -113.72
C GLN K 576 -73.95 23.06 -114.26
N PHE L 3 -38.64 32.39 -60.50
CA PHE L 3 -39.08 31.25 -61.28
C PHE L 3 -38.30 31.14 -62.58
N ARG L 4 -37.41 32.11 -62.80
CA ARG L 4 -36.56 32.11 -63.98
C ARG L 4 -35.28 31.36 -63.67
N ILE L 5 -34.96 30.39 -64.51
CA ILE L 5 -33.83 29.54 -64.31
C ILE L 5 -32.66 30.09 -65.12
N ASN L 6 -31.49 29.49 -64.92
CA ASN L 6 -30.14 29.81 -65.43
C ASN L 6 -29.45 30.91 -64.64
N THR L 7 -30.10 31.50 -63.64
CA THR L 7 -29.41 32.42 -62.73
C THR L 7 -29.88 32.18 -61.31
N ASN L 8 -29.85 30.92 -60.87
CA ASN L 8 -30.25 30.55 -59.51
C ASN L 8 -29.62 31.48 -58.49
N VAL L 9 -30.45 32.23 -57.77
CA VAL L 9 -29.95 33.22 -56.82
C VAL L 9 -29.89 32.66 -55.41
N ALA L 10 -30.84 31.80 -55.05
CA ALA L 10 -30.76 31.15 -53.74
C ALA L 10 -29.50 30.33 -53.61
N ALA L 11 -29.05 29.74 -54.71
CA ALA L 11 -27.79 29.00 -54.69
C ALA L 11 -26.63 29.91 -54.32
N LEU L 12 -26.52 31.06 -54.97
CA LEU L 12 -25.42 31.97 -54.69
C LEU L 12 -25.49 32.49 -53.27
N ASN L 13 -26.68 32.82 -52.80
CA ASN L 13 -26.82 33.32 -51.44
C ASN L 13 -26.41 32.27 -50.42
N ALA L 14 -26.90 31.03 -50.59
CA ALA L 14 -26.54 29.96 -49.67
C ALA L 14 -25.05 29.67 -49.72
N LYS L 15 -24.44 29.74 -50.90
CA LYS L 15 -23.01 29.51 -50.99
C LYS L 15 -22.22 30.59 -50.26
N ALA L 16 -22.63 31.84 -50.42
CA ALA L 16 -21.97 32.92 -49.70
C ALA L 16 -22.03 32.69 -48.20
N ASN L 17 -23.23 32.38 -47.69
CA ASN L 17 -23.38 32.17 -46.25
C ASN L 17 -22.55 30.99 -45.77
N SER L 18 -22.59 29.88 -46.51
CA SER L 18 -21.88 28.68 -46.08
C SER L 18 -20.38 28.89 -46.10
N ASP L 19 -19.87 29.65 -47.07
CA ASP L 19 -18.43 29.91 -47.09
C ASP L 19 -18.04 30.83 -45.94
N LEU L 20 -18.85 31.86 -45.69
CA LEU L 20 -18.60 32.72 -44.54
C LEU L 20 -18.56 31.91 -43.25
N ASN L 21 -19.35 30.84 -43.17
CA ASN L 21 -19.32 30.01 -41.97
C ASN L 21 -18.11 29.10 -41.93
N ALA L 22 -17.77 28.49 -43.08
CA ALA L 22 -16.61 27.62 -43.14
C ALA L 22 -15.34 28.37 -42.74
N LYS L 23 -15.27 29.66 -43.04
CA LYS L 23 -14.13 30.45 -42.60
C LYS L 23 -13.98 30.41 -41.08
N SER L 24 -15.06 30.67 -40.36
CA SER L 24 -15.00 30.67 -38.90
C SER L 24 -14.78 29.26 -38.36
N LEU L 25 -15.33 28.26 -39.02
CA LEU L 25 -15.07 26.88 -38.61
C LEU L 25 -13.59 26.58 -38.67
N ASP L 26 -12.95 26.92 -39.80
CA ASP L 26 -11.53 26.69 -39.95
C ASP L 26 -10.73 27.45 -38.90
N ALA L 27 -11.11 28.71 -38.64
CA ALA L 27 -10.39 29.49 -37.65
C ALA L 27 -10.48 28.85 -36.27
N SER L 28 -11.68 28.45 -35.86
CA SER L 28 -11.86 27.82 -34.56
C SER L 28 -11.10 26.51 -34.48
N LEU L 29 -11.07 25.74 -35.56
CA LEU L 29 -10.31 24.50 -35.55
C LEU L 29 -8.83 24.74 -35.41
N SER L 30 -8.30 25.79 -36.05
CA SER L 30 -6.89 26.09 -35.91
C SER L 30 -6.56 26.53 -34.49
N ARG L 31 -7.44 27.31 -33.88
CA ARG L 31 -7.22 27.68 -32.48
C ARG L 31 -7.24 26.46 -31.59
N LEU L 32 -8.21 25.57 -31.79
CA LEU L 32 -8.29 24.35 -31.01
C LEU L 32 -7.05 23.49 -31.18
N SER L 33 -6.46 23.47 -32.37
CA SER L 33 -5.26 22.70 -32.62
C SER L 33 -4.05 23.31 -31.92
N SER L 34 -3.71 24.55 -32.27
CA SER L 34 -2.48 25.15 -31.77
C SER L 34 -2.53 25.40 -30.27
N GLY L 35 -3.69 25.72 -29.73
CA GLY L 35 -3.80 26.05 -28.34
C GLY L 35 -3.56 27.50 -28.02
N LEU L 36 -3.57 28.38 -29.00
CA LEU L 36 -3.33 29.80 -28.82
C LEU L 36 -4.48 30.59 -29.40
N ARG L 37 -4.92 31.62 -28.67
CA ARG L 37 -6.04 32.44 -29.15
C ARG L 37 -5.63 33.37 -30.27
N ILE L 38 -4.35 33.69 -30.39
CA ILE L 38 -3.85 34.54 -31.47
C ILE L 38 -2.70 33.80 -32.14
N ASN L 39 -2.98 33.20 -33.29
CA ASN L 39 -1.95 32.52 -34.07
C ASN L 39 -1.34 33.44 -35.11
N SER L 40 -2.18 33.99 -35.99
CA SER L 40 -1.70 34.75 -37.13
C SER L 40 -1.46 36.22 -36.81
N ALA L 41 -1.68 36.64 -35.57
CA ALA L 41 -1.51 38.03 -35.13
C ALA L 41 -2.33 39.01 -35.97
N ALA L 42 -3.28 38.52 -36.75
CA ALA L 42 -4.20 39.37 -37.48
C ALA L 42 -5.56 39.47 -36.80
N ASP L 43 -5.79 38.68 -35.75
CA ASP L 43 -6.99 38.77 -34.95
C ASP L 43 -6.81 39.65 -33.72
N ASP L 44 -5.58 40.00 -33.38
CA ASP L 44 -5.34 40.96 -32.30
C ASP L 44 -3.92 41.49 -32.45
N ALA L 45 -3.79 42.80 -32.65
CA ALA L 45 -2.48 43.41 -32.86
C ALA L 45 -1.85 43.83 -31.53
N SER L 46 -2.53 44.68 -30.78
CA SER L 46 -2.00 45.08 -29.49
C SER L 46 -1.93 43.92 -28.52
N GLY L 47 -2.87 42.98 -28.62
CA GLY L 47 -2.75 41.77 -27.83
C GLY L 47 -1.46 41.04 -28.12
N MET L 48 -1.10 40.91 -29.40
CA MET L 48 0.15 40.26 -29.74
C MET L 48 1.34 41.06 -29.25
N ALA L 49 1.27 42.38 -29.32
CA ALA L 49 2.38 43.21 -28.86
C ALA L 49 2.60 43.03 -27.37
N ILE L 50 1.54 43.12 -26.58
CA ILE L 50 1.67 42.95 -25.14
C ILE L 50 2.11 41.53 -24.80
N ALA L 51 1.59 40.54 -25.52
CA ALA L 51 1.97 39.16 -25.26
C ALA L 51 3.44 38.93 -25.54
N ASP L 52 3.96 39.53 -26.62
CA ASP L 52 5.38 39.39 -26.91
C ASP L 52 6.25 40.13 -25.90
N SER L 53 5.84 41.32 -25.47
CA SER L 53 6.59 41.99 -24.41
C SER L 53 6.61 41.16 -23.15
N LEU L 54 5.48 40.56 -22.77
CA LEU L 54 5.43 39.78 -21.54
C LEU L 54 6.22 38.49 -21.68
N ARG L 55 6.20 37.87 -22.86
CA ARG L 55 7.00 36.67 -23.07
C ARG L 55 8.49 37.00 -22.99
N SER L 56 8.91 38.10 -23.60
CA SER L 56 10.29 38.53 -23.46
C SER L 56 10.65 38.77 -22.00
N GLN L 57 9.79 39.43 -21.25
CA GLN L 57 10.08 39.68 -19.84
C GLN L 57 10.14 38.39 -19.03
N ALA L 58 9.25 37.44 -19.30
CA ALA L 58 9.26 36.18 -18.57
C ALA L 58 10.53 35.40 -18.87
N ASN L 59 10.95 35.36 -20.12
CA ASN L 59 12.18 34.65 -20.45
C ASN L 59 13.39 35.33 -19.81
N THR L 60 13.42 36.66 -19.85
CA THR L 60 14.54 37.38 -19.24
C THR L 60 14.59 37.13 -17.74
N LEU L 61 13.45 37.10 -17.08
CA LEU L 61 13.44 36.82 -15.65
C LEU L 61 13.85 35.37 -15.37
N GLY L 62 13.44 34.44 -16.22
CA GLY L 62 13.85 33.06 -16.05
C GLY L 62 15.35 32.90 -16.18
N GLN L 63 15.98 33.68 -17.04
CA GLN L 63 17.43 33.65 -17.11
C GLN L 63 18.07 34.39 -15.93
N ALA L 64 17.42 35.45 -15.46
CA ALA L 64 17.95 36.17 -14.31
C ALA L 64 17.98 35.30 -13.07
N ILE L 65 17.02 34.38 -12.94
CA ILE L 65 17.04 33.47 -11.80
C ILE L 65 18.30 32.61 -11.84
N SER L 66 18.68 32.14 -13.02
CA SER L 66 19.91 31.36 -13.13
C SER L 66 21.13 32.21 -12.84
N ASN L 67 21.13 33.46 -13.29
CA ASN L 67 22.23 34.36 -12.94
C ASN L 67 22.35 34.50 -11.43
N GLY L 68 21.21 34.67 -10.75
CA GLY L 68 21.24 34.79 -9.30
C GLY L 68 21.75 33.53 -8.63
N ASN L 69 21.33 32.37 -9.12
CA ASN L 69 21.81 31.13 -8.53
C ASN L 69 23.31 30.94 -8.73
N ASP L 70 23.83 31.38 -9.88
CA ASP L 70 25.27 31.29 -10.10
C ASP L 70 26.02 32.22 -9.14
N ALA L 71 25.52 33.45 -8.97
CA ALA L 71 26.13 34.34 -7.99
C ALA L 71 26.09 33.73 -6.59
N LEU L 72 24.99 33.07 -6.26
CA LEU L 72 24.89 32.41 -4.96
C LEU L 72 25.96 31.35 -4.79
N GLY L 73 26.12 30.51 -5.81
CA GLY L 73 27.16 29.49 -5.74
C GLY L 73 28.53 30.08 -5.54
N ILE L 74 28.85 31.13 -6.29
CA ILE L 74 30.17 31.75 -6.19
C ILE L 74 30.40 32.30 -4.79
N LEU L 75 29.40 33.01 -4.24
CA LEU L 75 29.60 33.62 -2.94
C LEU L 75 29.69 32.57 -1.83
N GLN L 76 28.89 31.50 -1.93
CA GLN L 76 28.99 30.44 -0.94
C GLN L 76 30.36 29.77 -0.98
N THR L 77 30.87 29.52 -2.19
CA THR L 77 32.21 28.97 -2.32
C THR L 77 33.24 29.86 -1.63
N ALA L 78 33.17 31.16 -1.91
CA ALA L 78 34.13 32.09 -1.30
C ALA L 78 34.05 32.04 0.23
N ASP L 79 32.84 32.05 0.78
CA ASP L 79 32.71 32.10 2.24
C ASP L 79 33.23 30.81 2.88
N LYS L 80 32.75 29.68 2.40
CA LYS L 80 33.22 28.40 2.93
C LYS L 80 34.71 28.23 2.75
N ALA L 81 35.32 28.91 1.79
CA ALA L 81 36.77 28.91 1.71
C ALA L 81 37.40 29.79 2.78
N MET L 82 36.82 30.96 3.04
CA MET L 82 37.38 31.83 4.08
C MET L 82 37.35 31.20 5.46
N ASP L 83 36.43 30.26 5.68
CA ASP L 83 36.32 29.62 7.00
C ASP L 83 37.67 29.04 7.45
N GLU L 84 38.33 28.28 6.57
CA GLU L 84 39.59 27.66 6.96
C GLU L 84 40.68 28.69 7.22
N GLN L 85 40.69 29.80 6.49
CA GLN L 85 41.64 30.86 6.79
C GLN L 85 41.41 31.39 8.19
N LEU L 86 40.15 31.55 8.59
CA LEU L 86 39.88 32.01 9.95
C LEU L 86 40.43 31.03 10.97
N LYS L 87 40.19 29.74 10.78
CA LYS L 87 40.71 28.76 11.73
C LYS L 87 42.23 28.76 11.77
N ILE L 88 42.87 28.91 10.62
CA ILE L 88 44.33 28.94 10.57
C ILE L 88 44.87 30.14 11.34
N LEU L 89 44.24 31.30 11.15
CA LEU L 89 44.69 32.47 11.89
C LEU L 89 44.55 32.28 13.38
N ASP L 90 43.44 31.66 13.80
CA ASP L 90 43.29 31.34 15.22
C ASP L 90 44.47 30.49 15.70
N THR L 91 44.81 29.45 14.95
CA THR L 91 45.92 28.59 15.34
C THR L 91 47.23 29.36 15.44
N ILE L 92 47.45 30.28 14.49
CA ILE L 92 48.68 31.07 14.51
C ILE L 92 48.74 31.90 15.79
N LYS L 93 47.62 32.54 16.15
CA LYS L 93 47.62 33.35 17.36
C LYS L 93 47.89 32.49 18.59
N THR L 94 47.29 31.30 18.63
CA THR L 94 47.52 30.42 19.77
C THR L 94 48.99 30.01 19.87
N LYS L 95 49.62 29.74 18.73
CA LYS L 95 51.02 29.35 18.77
C LYS L 95 51.92 30.50 19.19
N ALA L 96 51.61 31.70 18.71
CA ALA L 96 52.35 32.88 19.19
C ALA L 96 52.21 33.03 20.69
N THR L 97 51.00 32.82 21.21
CA THR L 97 50.82 32.87 22.66
C THR L 97 51.66 31.81 23.36
N GLN L 98 51.70 30.60 22.79
CA GLN L 98 52.50 29.54 23.39
C GLN L 98 53.99 29.89 23.40
N ALA L 99 54.47 30.58 22.39
CA ALA L 99 55.86 30.97 22.33
C ALA L 99 56.16 32.23 23.11
N ALA L 100 55.13 32.95 23.54
CA ALA L 100 55.31 34.20 24.28
C ALA L 100 55.68 33.98 25.74
N GLN L 101 56.10 32.78 26.11
CA GLN L 101 56.53 32.51 27.48
C GLN L 101 58.04 32.32 27.51
N ASP L 102 58.62 32.41 28.70
CA ASP L 102 60.06 32.25 28.86
C ASP L 102 60.43 30.91 29.49
N GLY L 103 59.61 29.89 29.29
CA GLY L 103 60.02 28.55 29.66
C GLY L 103 60.52 27.81 28.45
N GLN L 104 60.74 28.55 27.36
CA GLN L 104 61.07 27.99 26.06
C GLN L 104 62.34 28.63 25.54
N SER L 105 63.23 27.81 24.99
CA SER L 105 64.45 28.34 24.43
C SER L 105 64.25 28.71 22.97
N LEU L 106 65.30 29.31 22.39
CA LEU L 106 65.23 29.71 20.99
C LEU L 106 65.02 28.51 20.08
N LYS L 107 65.53 27.34 20.48
CA LYS L 107 65.40 26.16 19.63
C LYS L 107 63.94 25.71 19.53
N THR L 108 63.14 25.95 20.56
CA THR L 108 61.73 25.60 20.48
C THR L 108 60.91 26.72 19.85
N ARG L 109 61.24 27.97 20.17
CA ARG L 109 60.60 29.08 19.47
C ARG L 109 60.80 28.94 17.97
N THR L 110 61.93 28.38 17.56
CA THR L 110 62.18 28.18 16.14
C THR L 110 61.23 27.16 15.53
N MET L 111 60.92 26.09 16.26
CA MET L 111 59.90 25.16 15.79
C MET L 111 58.56 25.85 15.66
N LEU L 112 58.21 26.67 16.66
CA LEU L 112 56.98 27.46 16.55
C LEU L 112 56.98 28.28 15.27
N GLN L 113 58.09 28.96 14.99
CA GLN L 113 58.14 29.86 13.85
C GLN L 113 58.05 29.08 12.54
N ALA L 114 58.71 27.92 12.48
CA ALA L 114 58.62 27.11 11.27
C ALA L 114 57.20 26.65 11.02
N ASP L 115 56.51 26.23 12.08
CA ASP L 115 55.13 25.77 11.92
C ASP L 115 54.24 26.93 11.49
N ILE L 116 54.45 28.11 12.05
CA ILE L 116 53.70 29.28 11.63
C ILE L 116 53.97 29.58 10.15
N ASN L 117 55.22 29.42 9.72
CA ASN L 117 55.56 29.60 8.32
C ASN L 117 54.74 28.68 7.44
N LYS L 118 54.70 27.39 7.79
CA LYS L 118 53.94 26.44 6.98
C LYS L 118 52.46 26.79 6.96
N LEU L 119 51.90 27.16 8.11
CA LEU L 119 50.48 27.48 8.17
C LEU L 119 50.16 28.69 7.31
N MET L 120 51.01 29.72 7.39
CA MET L 120 50.79 30.92 6.58
C MET L 120 50.95 30.61 5.10
N GLU L 121 51.89 29.72 4.75
CA GLU L 121 51.98 29.23 3.38
C GLU L 121 50.65 28.63 2.94
N GLU L 122 50.04 27.82 3.80
CA GLU L 122 48.75 27.25 3.46
C GLU L 122 47.69 28.33 3.29
N LEU L 123 47.74 29.36 4.11
CA LEU L 123 46.78 30.47 3.98
C LEU L 123 46.89 31.12 2.62
N ASP L 124 48.12 31.48 2.23
CA ASP L 124 48.34 32.00 0.88
C ASP L 124 47.86 31.03 -0.19
N ASN L 125 48.05 29.73 0.05
CA ASN L 125 47.62 28.74 -0.93
C ASN L 125 46.11 28.78 -1.12
N ILE L 126 45.37 28.80 -0.02
CA ILE L 126 43.91 28.92 -0.11
C ILE L 126 43.54 30.18 -0.87
N ALA L 127 44.15 31.31 -0.51
CA ALA L 127 43.81 32.57 -1.14
C ALA L 127 44.02 32.51 -2.64
N ASN L 128 45.23 32.15 -3.07
CA ASN L 128 45.56 32.08 -4.49
C ASN L 128 44.98 30.86 -5.18
N THR L 129 44.28 30.01 -4.48
CA THR L 129 43.73 28.82 -5.12
C THR L 129 42.24 28.89 -5.37
N THR L 130 41.45 29.29 -4.38
CA THR L 130 40.00 29.24 -4.53
C THR L 130 39.55 29.99 -5.77
N SER L 131 38.96 29.29 -6.73
CA SER L 131 38.55 29.88 -8.00
C SER L 131 37.35 29.14 -8.56
N PHE L 132 36.51 29.87 -9.30
CA PHE L 132 35.30 29.27 -9.83
C PHE L 132 35.56 28.49 -11.11
N ASN L 133 35.92 29.19 -12.19
CA ASN L 133 36.36 28.55 -13.41
C ASN L 133 37.51 29.36 -14.02
N GLY L 134 38.43 29.78 -13.15
CA GLY L 134 39.50 30.70 -13.52
C GLY L 134 39.42 32.01 -12.78
N LYS L 135 38.21 32.51 -12.56
CA LYS L 135 38.02 33.73 -11.78
C LYS L 135 38.47 33.47 -10.35
N GLN L 136 39.58 34.07 -9.96
CA GLN L 136 40.08 33.89 -8.61
C GLN L 136 39.24 34.71 -7.64
N LEU L 137 38.59 34.04 -6.68
CA LEU L 137 37.68 34.72 -5.78
C LEU L 137 38.44 35.46 -4.68
N LEU L 138 39.20 34.71 -3.88
CA LEU L 138 39.85 35.27 -2.70
C LEU L 138 41.27 35.73 -3.03
N SER L 139 41.38 36.60 -4.02
CA SER L 139 42.69 37.06 -4.45
C SER L 139 42.76 38.58 -4.49
N GLY L 140 41.65 39.23 -4.80
CA GLY L 140 41.60 40.67 -4.94
C GLY L 140 41.31 41.14 -6.34
N ASN L 141 41.26 40.25 -7.33
CA ASN L 141 40.87 40.60 -8.68
C ASN L 141 39.41 40.27 -8.95
N PHE L 142 38.59 40.22 -7.92
CA PHE L 142 37.16 39.98 -8.04
C PHE L 142 36.37 41.20 -7.62
N THR L 143 36.83 42.37 -8.06
CA THR L 143 36.22 43.64 -7.67
C THR L 143 35.28 44.13 -8.76
N ASN L 144 34.17 44.74 -8.34
CA ASN L 144 33.21 45.38 -9.24
C ASN L 144 32.70 44.42 -10.30
N GLN L 145 32.25 43.26 -9.86
CA GLN L 145 31.62 42.29 -10.75
C GLN L 145 30.11 42.44 -10.66
N GLU L 146 29.44 42.20 -11.78
CA GLU L 146 28.01 42.42 -11.87
C GLU L 146 27.28 41.12 -12.16
N PHE L 147 25.97 41.13 -11.95
CA PHE L 147 25.14 39.96 -12.24
C PHE L 147 23.76 40.49 -12.65
N GLN L 148 23.53 40.60 -13.95
CA GLN L 148 22.24 41.08 -14.43
C GLN L 148 21.14 40.18 -13.92
N ILE L 149 20.26 40.74 -13.09
CA ILE L 149 19.18 39.99 -12.46
C ILE L 149 17.84 40.69 -12.65
N GLY L 150 17.69 41.41 -13.76
CA GLY L 150 16.47 42.16 -13.98
C GLY L 150 15.96 41.99 -15.40
N ALA L 151 14.69 42.34 -15.59
CA ALA L 151 14.06 42.21 -16.90
C ALA L 151 14.60 43.25 -17.88
N SER L 152 14.93 44.43 -17.40
CA SER L 152 15.43 45.50 -18.24
C SER L 152 16.96 45.45 -18.27
N SER L 153 17.59 46.53 -18.74
CA SER L 153 18.99 46.49 -19.12
C SER L 153 19.92 46.37 -17.92
N ASN L 154 19.90 47.33 -17.01
CA ASN L 154 20.98 47.46 -16.05
C ASN L 154 20.50 47.30 -14.61
N GLN L 155 19.61 46.34 -14.36
CA GLN L 155 19.38 45.89 -13.00
C GLN L 155 20.42 44.85 -12.64
N THR L 156 21.12 45.04 -11.53
CA THR L 156 22.24 44.17 -11.24
C THR L 156 22.65 44.29 -9.79
N VAL L 157 23.41 43.30 -9.34
CA VAL L 157 24.07 43.35 -8.06
C VAL L 157 25.55 43.59 -8.31
N LYS L 158 26.31 43.81 -7.24
CA LYS L 158 27.73 44.08 -7.37
C LYS L 158 28.49 43.40 -6.24
N ALA L 159 29.53 42.66 -6.59
CA ALA L 159 30.34 41.92 -5.63
C ALA L 159 31.79 42.38 -5.75
N THR L 160 32.40 42.73 -4.64
CA THR L 160 33.75 43.28 -4.60
C THR L 160 34.57 42.63 -3.50
N ILE L 161 34.57 41.29 -3.46
CA ILE L 161 35.30 40.55 -2.44
C ILE L 161 36.75 41.03 -2.36
N GLY L 162 37.15 41.50 -1.18
CA GLY L 162 38.48 42.04 -1.01
C GLY L 162 39.56 40.97 -1.06
N ALA L 163 40.80 41.42 -1.10
CA ALA L 163 41.95 40.55 -1.17
C ALA L 163 42.27 39.98 0.21
N THR L 164 42.72 38.74 0.25
CA THR L 164 42.93 38.04 1.52
C THR L 164 44.22 37.25 1.53
N GLN L 165 45.21 37.64 0.74
CA GLN L 165 46.51 37.01 0.86
C GLN L 165 47.11 37.30 2.22
N SER L 166 48.22 36.62 2.53
CA SER L 166 48.87 36.87 3.81
C SER L 166 49.63 38.17 3.84
N SER L 167 49.93 38.76 2.69
CA SER L 167 50.69 40.00 2.64
C SER L 167 49.80 41.22 2.68
N LYS L 168 48.50 41.05 2.89
CA LYS L 168 47.58 42.17 2.82
C LYS L 168 46.55 42.21 3.93
N ILE L 169 46.57 41.28 4.88
CA ILE L 169 45.49 41.24 5.86
C ILE L 169 45.91 41.84 7.20
N GLY L 170 46.90 41.26 7.86
CA GLY L 170 47.19 41.70 9.20
C GLY L 170 48.18 42.84 9.23
N VAL L 171 47.68 44.06 9.32
CA VAL L 171 48.53 45.26 9.22
C VAL L 171 48.25 46.09 10.46
N THR L 172 49.06 45.92 11.49
CA THR L 172 48.97 46.75 12.67
C THR L 172 49.92 47.93 12.55
N ARG L 173 49.77 48.89 13.47
CA ARG L 173 50.60 50.08 13.49
C ARG L 173 51.24 50.20 14.86
N PHE L 174 52.56 50.26 14.90
CA PHE L 174 53.30 50.43 16.13
C PHE L 174 53.86 51.84 16.21
N GLU L 175 54.01 52.33 17.44
CA GLU L 175 54.70 53.58 17.71
C GLU L 175 55.46 53.43 19.00
N THR L 176 56.44 54.30 19.22
CA THR L 176 57.24 54.24 20.44
C THR L 176 57.97 55.57 20.62
N GLY L 177 57.78 56.21 21.76
CA GLY L 177 58.43 57.46 22.02
C GLY L 177 59.85 57.29 22.50
N ALA L 178 60.60 58.39 22.44
CA ALA L 178 61.95 58.39 22.98
C ALA L 178 61.90 58.24 24.51
N GLN L 179 63.00 57.76 25.06
CA GLN L 179 63.09 57.57 26.50
C GLN L 179 63.11 58.93 27.19
N SER L 180 62.07 59.24 27.94
CA SER L 180 61.89 60.57 28.50
C SER L 180 62.54 60.66 29.87
N PHE L 181 63.34 61.70 30.08
CA PHE L 181 63.99 61.96 31.35
C PHE L 181 63.35 63.11 32.10
N THR L 182 62.14 63.52 31.73
CA THR L 182 61.46 64.63 32.37
C THR L 182 60.12 64.16 32.92
N SER L 183 59.65 64.85 33.95
CA SER L 183 58.39 64.55 34.61
C SER L 183 57.38 65.64 34.31
N GLY L 184 56.20 65.52 34.90
CA GLY L 184 55.17 66.52 34.73
C GLY L 184 53.81 65.95 34.38
N VAL L 185 52.75 66.70 34.67
CA VAL L 185 51.40 66.23 34.42
C VAL L 185 51.17 66.15 32.91
N VAL L 186 50.92 64.95 32.42
CA VAL L 186 50.75 64.70 30.99
C VAL L 186 49.27 64.43 30.71
N GLY L 187 48.77 65.02 29.64
CA GLY L 187 47.44 64.69 29.16
C GLY L 187 47.44 64.48 27.67
N LEU L 188 47.08 63.28 27.23
CA LEU L 188 47.10 62.98 25.82
C LEU L 188 45.84 63.51 25.14
N THR L 189 45.86 63.47 23.81
CA THR L 189 44.65 63.72 23.03
C THR L 189 44.87 63.06 21.68
N ILE L 190 44.29 61.87 21.49
CA ILE L 190 44.30 61.24 20.19
C ILE L 190 43.35 62.00 19.27
N LYS L 191 43.81 62.32 18.07
CA LYS L 191 43.03 63.10 17.13
C LYS L 191 42.34 62.17 16.14
N ASN L 192 41.12 62.53 15.76
CA ASN L 192 40.36 61.80 14.75
C ASN L 192 40.23 60.32 15.12
N TYR L 193 39.96 60.04 16.40
CA TYR L 193 39.92 58.65 16.82
C TYR L 193 38.77 57.90 16.16
N ASN L 194 37.76 58.60 15.69
CA ASN L 194 36.59 57.96 15.11
C ASN L 194 36.15 58.59 13.79
N GLY L 195 36.95 59.47 13.20
CA GLY L 195 36.62 60.09 11.95
C GLY L 195 35.80 61.35 12.06
N ILE L 196 35.43 61.75 13.28
CA ILE L 196 34.58 62.92 13.47
C ILE L 196 35.24 63.90 14.44
N GLU L 197 35.61 63.42 15.61
CA GLU L 197 36.12 64.28 16.67
C GLU L 197 37.39 63.69 17.27
N ASP L 198 37.89 64.34 18.30
CA ASP L 198 39.12 63.94 18.98
C ASP L 198 38.79 63.09 20.19
N PHE L 199 39.80 62.75 20.99
CA PHE L 199 39.57 61.95 22.21
C PHE L 199 40.59 62.39 23.25
N LYS L 200 40.18 63.28 24.15
CA LYS L 200 41.06 63.77 25.19
C LYS L 200 41.05 62.83 26.38
N PHE L 201 42.24 62.47 26.84
CA PHE L 201 42.39 61.60 27.99
C PHE L 201 42.35 62.45 29.27
N ASP L 202 42.72 61.84 30.39
CA ASP L 202 42.79 62.56 31.65
C ASP L 202 44.23 62.96 31.96
N ASN L 203 44.37 63.92 32.84
CA ASN L 203 45.70 64.33 33.28
C ASN L 203 46.29 63.25 34.19
N VAL L 204 47.53 62.87 33.91
CA VAL L 204 48.20 61.81 34.64
C VAL L 204 49.53 62.33 35.18
N VAL L 205 49.81 62.01 36.44
CA VAL L 205 51.07 62.38 37.07
C VAL L 205 52.13 61.41 36.57
N ILE L 206 53.39 61.72 36.78
CA ILE L 206 54.47 60.89 36.25
C ILE L 206 55.47 60.43 37.30
N SER L 207 55.89 61.34 38.18
CA SER L 207 57.28 61.30 38.63
C SER L 207 57.74 59.99 39.28
N THR L 208 57.41 59.74 40.54
CA THR L 208 57.99 58.57 41.20
C THR L 208 57.07 57.88 42.20
N SER L 209 55.84 58.33 42.39
CA SER L 209 55.03 57.77 43.45
C SER L 209 54.30 56.52 42.96
N VAL L 210 53.53 55.90 43.85
CA VAL L 210 52.89 54.63 43.53
C VAL L 210 51.89 54.79 42.40
N GLY L 211 50.95 55.73 42.56
CA GLY L 211 49.93 55.92 41.56
C GLY L 211 50.35 56.81 40.42
N THR L 212 51.65 56.87 40.15
CA THR L 212 52.16 57.72 39.10
C THR L 212 52.99 56.91 38.11
N GLY L 213 53.36 57.52 37.00
CA GLY L 213 54.29 56.90 36.08
C GLY L 213 53.65 56.35 34.83
N LEU L 214 54.52 55.79 33.99
CA LEU L 214 54.07 55.20 32.75
C LEU L 214 53.10 54.05 33.00
N GLY L 215 53.16 53.43 34.18
CA GLY L 215 52.15 52.45 34.52
C GLY L 215 50.76 53.05 34.64
N ALA L 216 50.66 54.19 35.33
CA ALA L 216 49.39 54.89 35.41
C ALA L 216 48.92 55.32 34.01
N LEU L 217 49.83 55.84 33.20
CA LEU L 217 49.44 56.24 31.86
C LEU L 217 48.98 55.05 31.03
N ALA L 218 49.64 53.90 31.18
CA ALA L 218 49.25 52.72 30.42
C ALA L 218 47.88 52.23 30.85
N GLU L 219 47.59 52.26 32.15
CA GLU L 219 46.24 51.93 32.60
C GLU L 219 45.22 52.87 31.97
N GLU L 220 45.50 54.18 32.04
CA GLU L 220 44.54 55.16 31.54
C GLU L 220 44.33 55.04 30.04
N ILE L 221 45.34 54.55 29.31
CA ILE L 221 45.18 54.41 27.87
C ILE L 221 44.47 53.11 27.54
N ASN L 222 44.86 52.01 28.20
CA ASN L 222 44.23 50.72 27.93
C ASN L 222 42.79 50.66 28.40
N LYS L 223 42.37 51.56 29.29
CA LYS L 223 40.98 51.55 29.72
C LYS L 223 40.04 51.77 28.54
N SER L 224 40.30 52.79 27.73
CA SER L 224 39.44 53.09 26.58
C SER L 224 39.95 52.43 25.31
N ALA L 225 40.26 51.13 25.41
CA ALA L 225 40.80 50.41 24.26
C ALA L 225 39.75 50.13 23.20
N ASP L 226 38.54 49.73 23.60
CA ASP L 226 37.50 49.44 22.63
C ASP L 226 37.10 50.67 21.84
N LYS L 227 37.28 51.87 22.42
CA LYS L 227 36.88 53.08 21.72
C LYS L 227 38.01 53.71 20.92
N THR L 228 39.23 53.74 21.46
CA THR L 228 40.32 54.35 20.71
C THR L 228 40.98 53.40 19.72
N GLY L 229 40.96 52.10 20.00
CA GLY L 229 41.73 51.17 19.20
C GLY L 229 43.20 51.17 19.50
N VAL L 230 43.63 51.94 20.50
CA VAL L 230 45.04 52.18 20.78
C VAL L 230 45.33 51.58 22.15
N ARG L 231 46.03 50.45 22.17
CA ARG L 231 46.50 49.85 23.41
C ARG L 231 47.95 50.22 23.64
N ALA L 232 48.34 50.31 24.91
CA ALA L 232 49.67 50.78 25.24
C ALA L 232 50.29 49.88 26.29
N THR L 233 51.62 49.77 26.21
CA THR L 233 52.42 49.11 27.24
C THR L 233 53.59 50.03 27.57
N TYR L 234 54.44 49.60 28.49
CA TYR L 234 55.51 50.46 28.96
C TYR L 234 56.77 49.63 29.15
N ASP L 235 57.89 50.32 29.37
CA ASP L 235 59.16 49.66 29.60
C ASP L 235 60.07 50.66 30.30
N VAL L 236 60.40 50.41 31.56
CA VAL L 236 61.14 51.35 32.39
C VAL L 236 62.41 50.65 32.85
N LYS L 237 63.52 50.92 32.18
CA LYS L 237 64.82 50.42 32.60
C LYS L 237 65.83 51.55 32.53
N THR L 238 66.92 51.40 33.28
CA THR L 238 68.06 52.29 33.22
C THR L 238 69.29 51.39 33.22
N THR L 239 69.78 51.06 32.04
CA THR L 239 70.90 50.14 31.90
C THR L 239 72.17 50.90 31.56
N GLY L 240 73.26 50.52 32.21
CA GLY L 240 74.53 51.17 31.99
C GLY L 240 75.18 50.73 30.70
N VAL L 241 76.30 51.39 30.39
CA VAL L 241 77.16 51.01 29.28
C VAL L 241 78.51 50.65 29.87
N TYR L 242 79.46 50.22 29.04
CA TYR L 242 80.81 49.89 29.49
C TYR L 242 80.75 49.03 30.76
N ALA L 243 80.33 47.79 30.53
CA ALA L 243 79.50 47.03 31.44
C ALA L 243 79.68 47.33 32.92
N ILE L 244 80.90 47.20 33.45
CA ILE L 244 81.09 47.51 34.86
C ILE L 244 82.58 47.61 35.20
N LYS L 245 82.90 48.39 36.23
CA LYS L 245 84.27 48.51 36.73
C LYS L 245 84.19 48.57 38.24
N GLU L 246 85.33 48.84 38.88
CA GLU L 246 85.40 48.96 40.33
C GLU L 246 85.22 50.41 40.72
N GLY L 247 84.39 50.66 41.72
CA GLY L 247 84.14 52.02 42.17
C GLY L 247 83.28 52.01 43.41
N THR L 248 82.90 53.21 43.84
CA THR L 248 82.12 53.39 45.05
C THR L 248 81.04 54.45 44.83
N THR L 249 79.98 54.36 45.61
CA THR L 249 78.89 55.31 45.54
C THR L 249 79.06 56.39 46.60
N SER L 250 78.46 57.55 46.36
CA SER L 250 78.56 58.65 47.29
C SER L 250 77.86 58.30 48.60
N GLN L 251 78.28 58.97 49.66
CA GLN L 251 77.76 58.69 51.00
C GLN L 251 76.25 58.92 51.09
N ASP L 252 75.64 59.54 50.09
CA ASP L 252 74.22 59.86 50.10
C ASP L 252 73.55 59.36 48.83
N PHE L 253 74.02 58.22 48.31
CA PHE L 253 73.41 57.63 47.15
C PHE L 253 71.98 57.21 47.47
N ALA L 254 71.01 57.84 46.82
CA ALA L 254 69.61 57.54 47.05
C ALA L 254 68.94 57.24 45.72
N ILE L 255 67.84 56.51 45.79
CA ILE L 255 67.07 56.15 44.60
C ILE L 255 65.59 56.28 44.91
N ASN L 256 64.87 57.03 44.08
CA ASN L 256 63.44 57.26 44.20
C ASN L 256 63.06 57.95 45.51
N GLY L 257 64.03 58.44 46.28
CA GLY L 257 63.73 59.17 47.50
C GLY L 257 64.11 58.46 48.78
N VAL L 258 64.76 57.30 48.71
CA VAL L 258 65.25 56.60 49.89
C VAL L 258 66.77 56.49 49.78
N THR L 259 67.46 56.91 50.84
CA THR L 259 68.92 56.93 50.83
C THR L 259 69.45 55.53 51.11
N ILE L 260 70.43 55.11 50.31
CA ILE L 260 70.99 53.77 50.43
C ILE L 260 72.32 53.82 51.17
N GLY L 261 73.25 54.61 50.66
CA GLY L 261 74.52 54.84 51.32
C GLY L 261 75.69 54.40 50.47
N LYS L 262 76.87 54.53 51.06
CA LYS L 262 78.11 54.20 50.35
C LYS L 262 78.23 52.70 50.16
N ILE L 263 78.65 52.29 48.97
CA ILE L 263 78.80 50.89 48.62
C ILE L 263 80.08 50.74 47.82
N GLU L 264 80.99 49.90 48.29
CA GLU L 264 82.21 49.59 47.56
C GLU L 264 82.02 48.28 46.83
N TYR L 265 82.16 48.32 45.51
CA TYR L 265 81.92 47.15 44.67
C TYR L 265 83.14 46.89 43.79
N LYS L 266 83.42 45.62 43.56
CA LYS L 266 84.64 45.20 42.87
C LYS L 266 84.48 45.38 41.37
N ASP L 267 85.43 44.84 40.59
CA ASP L 267 85.49 45.06 39.16
C ASP L 267 84.21 44.60 38.46
N GLY L 268 83.95 43.30 38.48
CA GLY L 268 82.77 42.79 37.81
C GLY L 268 81.62 42.64 38.77
N ASP L 269 81.68 43.36 39.89
CA ASP L 269 80.73 43.19 40.99
C ASP L 269 80.72 41.76 41.49
N GLY L 270 81.92 41.18 41.65
CA GLY L 270 82.02 39.84 42.19
C GLY L 270 81.40 39.71 43.56
N ASN L 271 81.37 40.79 44.32
CA ASN L 271 80.71 40.76 45.63
C ASN L 271 79.21 40.65 45.49
N GLY L 272 78.64 41.17 44.40
CA GLY L 272 77.20 41.30 44.32
C GLY L 272 76.63 42.24 45.35
N SER L 273 77.49 43.01 46.02
CA SER L 273 77.03 43.90 47.09
C SER L 273 76.19 45.04 46.52
N LEU L 274 76.58 45.58 45.37
CA LEU L 274 75.79 46.63 44.76
C LEU L 274 74.36 46.16 44.49
N ILE L 275 74.23 45.02 43.82
CA ILE L 275 72.92 44.49 43.51
C ILE L 275 72.13 44.19 44.77
N SER L 276 72.77 43.55 45.76
CA SER L 276 72.07 43.19 46.97
C SER L 276 71.59 44.43 47.72
N ALA L 277 72.43 45.47 47.78
CA ALA L 277 72.05 46.67 48.53
C ALA L 277 70.93 47.41 47.82
N ILE L 278 71.00 47.55 46.50
CA ILE L 278 69.90 48.21 45.81
C ILE L 278 68.63 47.39 45.89
N ASN L 279 68.75 46.06 45.97
CA ASN L 279 67.56 45.23 46.00
C ASN L 279 66.96 45.11 47.38
N ALA L 280 67.73 45.38 48.44
CA ALA L 280 67.17 45.32 49.79
C ALA L 280 66.06 46.33 50.02
N VAL L 281 65.79 47.22 49.06
CA VAL L 281 64.74 48.21 49.18
C VAL L 281 63.85 48.15 47.94
N LYS L 282 63.82 46.99 47.29
CA LYS L 282 63.07 46.87 46.04
C LYS L 282 61.59 47.13 46.25
N ASP L 283 61.04 46.69 47.37
CA ASP L 283 59.61 46.82 47.61
C ASP L 283 59.23 48.19 48.15
N THR L 284 60.20 49.01 48.51
CA THR L 284 59.90 50.40 48.87
C THR L 284 60.12 51.34 47.69
N THR L 285 61.12 51.06 46.84
CA THR L 285 61.38 51.92 45.70
C THR L 285 60.50 51.58 44.52
N GLY L 286 60.45 50.31 44.15
CA GLY L 286 59.91 49.91 42.87
C GLY L 286 60.98 49.58 41.85
N VAL L 287 62.24 49.60 42.25
CA VAL L 287 63.37 49.37 41.36
C VAL L 287 64.03 48.05 41.73
N GLN L 288 64.16 47.16 40.77
CA GLN L 288 64.73 45.84 40.97
C GLN L 288 66.08 45.80 40.26
N ALA L 289 67.16 45.94 41.03
CA ALA L 289 68.49 45.91 40.44
C ALA L 289 68.85 44.49 40.05
N SER L 290 69.56 44.36 38.94
CA SER L 290 69.98 43.05 38.46
C SER L 290 71.13 43.25 37.50
N LYS L 291 71.94 42.20 37.36
CA LYS L 291 73.14 42.23 36.53
C LYS L 291 72.84 41.58 35.20
N ASP L 292 73.21 42.25 34.11
CA ASP L 292 73.00 41.71 32.79
C ASP L 292 73.91 40.50 32.57
N GLU L 293 73.79 39.88 31.39
CA GLU L 293 74.67 38.77 31.07
C GLU L 293 76.03 39.28 30.58
N ASN L 294 76.03 40.40 29.88
CA ASN L 294 77.28 41.02 29.43
C ASN L 294 77.97 41.78 30.52
N GLY L 295 77.51 41.70 31.77
CA GLY L 295 78.14 42.38 32.87
C GLY L 295 77.63 43.77 33.14
N LYS L 296 76.72 44.28 32.33
CA LYS L 296 76.20 45.62 32.55
C LYS L 296 75.32 45.65 33.79
N LEU L 297 74.98 46.86 34.22
CA LEU L 297 74.09 47.07 35.36
C LEU L 297 72.72 47.48 34.88
N VAL L 298 71.70 46.74 35.28
CA VAL L 298 70.34 46.95 34.81
C VAL L 298 69.47 47.28 36.00
N LEU L 299 68.87 48.47 35.99
CA LEU L 299 67.91 48.89 36.99
C LEU L 299 66.54 48.95 36.30
N THR L 300 65.66 48.02 36.65
CA THR L 300 64.35 47.95 36.05
C THR L 300 63.28 48.25 37.08
N SER L 301 62.15 48.77 36.61
CA SER L 301 61.00 49.06 37.45
C SER L 301 59.82 48.25 36.93
N ALA L 302 59.24 47.43 37.82
CA ALA L 302 58.19 46.52 37.39
C ALA L 302 56.93 47.28 36.97
N ASP L 303 56.35 48.03 37.90
CA ASP L 303 55.09 48.71 37.66
C ASP L 303 55.26 50.11 37.06
N GLY L 304 56.40 50.39 36.45
CA GLY L 304 56.60 51.65 35.76
C GLY L 304 56.46 52.89 36.64
N ARG L 305 57.40 53.08 37.57
CA ARG L 305 57.40 54.28 38.39
C ARG L 305 58.49 55.27 38.01
N GLY L 306 59.46 54.87 37.21
CA GLY L 306 60.51 55.79 36.82
C GLY L 306 61.63 55.82 37.84
N ILE L 307 62.85 55.59 37.39
CA ILE L 307 64.00 55.57 38.27
C ILE L 307 64.59 56.97 38.34
N LYS L 308 64.82 57.45 39.56
CA LYS L 308 65.47 58.73 39.78
C LYS L 308 66.46 58.55 40.92
N ILE L 309 67.73 58.49 40.60
CA ILE L 309 68.78 58.39 41.60
C ILE L 309 69.37 59.78 41.83
N THR L 310 69.58 60.13 43.09
CA THR L 310 69.97 61.48 43.46
C THR L 310 71.47 61.60 43.71
N GLY L 311 71.99 60.82 44.64
CA GLY L 311 73.40 60.88 44.95
C GLY L 311 74.24 60.39 43.80
N ASP L 312 75.56 60.49 43.98
CA ASP L 312 76.50 60.01 42.98
C ASP L 312 76.56 58.50 43.06
N ILE L 313 75.97 57.82 42.08
CA ILE L 313 76.05 56.36 42.04
C ILE L 313 77.49 55.92 41.85
N GLY L 314 78.34 56.79 41.33
CA GLY L 314 79.73 56.44 41.12
C GLY L 314 79.95 55.97 39.71
N VAL L 315 80.56 56.81 38.89
CA VAL L 315 80.92 56.38 37.54
C VAL L 315 81.90 55.23 37.65
N GLY L 316 81.80 54.27 36.74
CA GLY L 316 82.40 52.98 36.91
C GLY L 316 81.39 51.89 37.17
N SER L 317 80.14 52.25 37.38
CA SER L 317 79.04 51.31 37.38
C SER L 317 78.31 51.25 36.05
N GLY L 318 78.52 52.24 35.20
CA GLY L 318 77.93 52.25 33.88
C GLY L 318 76.84 53.27 33.66
N ILE L 319 76.28 53.83 34.72
CA ILE L 319 75.13 54.72 34.62
C ILE L 319 75.66 56.15 34.55
N LEU L 320 75.63 56.72 33.35
CA LEU L 320 76.11 58.08 33.16
C LEU L 320 75.20 59.08 33.88
N ALA L 321 75.71 60.30 34.03
CA ALA L 321 74.92 61.36 34.66
C ALA L 321 73.75 61.80 33.81
N ASN L 322 73.69 61.38 32.55
CA ASN L 322 72.55 61.68 31.69
C ASN L 322 71.42 60.67 31.84
N GLN L 323 71.52 59.75 32.79
CA GLN L 323 70.50 58.73 33.00
C GLN L 323 69.94 58.74 34.41
N LYS L 324 70.47 59.59 35.30
CA LYS L 324 70.04 59.56 36.69
C LYS L 324 68.55 59.84 36.84
N GLU L 325 67.96 60.51 35.86
CA GLU L 325 66.52 60.79 35.85
C GLU L 325 65.94 60.01 34.67
N ASN L 326 65.10 59.03 34.96
CA ASN L 326 64.55 58.16 33.93
C ASN L 326 63.09 57.87 34.21
N TYR L 327 62.30 57.77 33.13
CA TYR L 327 60.90 57.36 33.26
C TYR L 327 60.49 56.37 32.18
N GLY L 328 61.42 55.72 31.51
CA GLY L 328 61.06 54.70 30.56
C GLY L 328 60.37 55.26 29.33
N ARG L 329 59.78 54.36 28.57
CA ARG L 329 59.15 54.69 27.30
C ARG L 329 57.71 54.22 27.27
N LEU L 330 56.93 54.85 26.42
CA LEU L 330 55.59 54.39 26.09
C LEU L 330 55.66 53.54 24.82
N SER L 331 54.58 52.80 24.57
CA SER L 331 54.53 51.97 23.36
C SER L 331 53.06 51.81 22.99
N LEU L 332 52.63 52.62 22.02
CA LEU L 332 51.28 52.49 21.51
C LEU L 332 51.23 51.41 20.44
N VAL L 333 50.08 50.79 20.29
CA VAL L 333 49.85 49.75 19.30
C VAL L 333 48.42 49.89 18.80
N LYS L 334 48.26 50.33 17.56
CA LYS L 334 46.95 50.32 16.94
C LYS L 334 46.73 48.97 16.28
N ASN L 335 45.63 48.83 15.55
CA ASN L 335 45.36 47.57 14.87
C ASN L 335 44.74 47.81 13.50
N ASP L 336 45.08 48.92 12.85
CA ASP L 336 44.59 49.13 11.50
C ASP L 336 45.61 49.67 10.51
N GLY L 337 46.74 50.19 10.95
CA GLY L 337 47.75 50.66 10.01
C GLY L 337 47.71 52.13 9.68
N ARG L 338 46.94 52.93 10.40
CA ARG L 338 46.97 54.37 10.25
C ARG L 338 47.86 54.99 11.33
N ASP L 339 48.47 56.11 10.99
CA ASP L 339 49.37 56.77 11.92
C ASP L 339 48.59 57.29 13.12
N ILE L 340 49.00 56.89 14.31
CA ILE L 340 48.43 57.46 15.53
C ILE L 340 48.84 58.93 15.60
N ASN L 341 47.85 59.81 15.59
CA ASN L 341 48.11 61.25 15.56
C ASN L 341 48.02 61.84 16.96
N ILE L 342 48.94 61.41 17.83
CA ILE L 342 48.92 61.88 19.20
C ILE L 342 49.31 63.35 19.26
N SER L 343 48.56 64.14 20.02
CA SER L 343 48.88 65.55 20.24
C SER L 343 48.21 65.97 21.55
N GLY L 344 49.00 66.04 22.61
CA GLY L 344 48.50 66.34 23.93
C GLY L 344 48.77 67.77 24.35
N THR L 345 48.99 67.97 25.65
CA THR L 345 49.27 69.28 26.20
C THR L 345 50.66 69.40 26.80
N ASN L 346 51.16 68.37 27.48
CA ASN L 346 52.49 68.37 28.09
C ASN L 346 53.11 67.03 27.72
N LEU L 347 53.79 66.99 26.58
CA LEU L 347 54.19 65.72 25.97
C LEU L 347 55.64 65.37 26.19
N SER L 348 56.49 66.32 26.59
CA SER L 348 57.89 65.98 26.81
C SER L 348 58.09 65.05 27.98
N ALA L 349 57.03 64.70 28.70
CA ALA L 349 57.17 63.78 29.82
C ALA L 349 57.11 62.32 29.37
N ILE L 350 56.41 62.03 28.28
CA ILE L 350 56.32 60.68 27.76
C ILE L 350 57.26 60.47 26.59
N GLY L 351 58.11 61.44 26.28
CA GLY L 351 59.05 61.29 25.19
C GLY L 351 58.41 61.35 23.82
N MET L 352 57.33 62.10 23.67
CA MET L 352 56.71 62.31 22.37
C MET L 352 56.46 63.79 22.12
N GLY L 353 57.28 64.65 22.72
CA GLY L 353 57.14 66.08 22.53
C GLY L 353 57.52 66.51 21.13
N THR L 354 57.49 67.81 20.91
CA THR L 354 57.87 68.37 19.62
C THR L 354 59.36 68.37 19.41
N THR L 355 60.14 67.70 20.27
CA THR L 355 61.58 67.63 20.13
C THR L 355 62.10 66.22 20.35
N ASP L 356 61.22 65.22 20.39
CA ASP L 356 61.59 63.85 20.69
C ASP L 356 61.57 63.02 19.41
N MET L 357 62.55 62.14 19.28
CA MET L 357 62.67 61.28 18.11
C MET L 357 61.95 59.98 18.39
N ILE L 358 60.74 59.84 17.85
CA ILE L 358 59.96 58.64 18.04
C ILE L 358 60.09 57.76 16.78
N SER L 359 59.70 56.51 16.90
CA SER L 359 59.70 55.58 15.78
C SER L 359 58.30 55.03 15.59
N GLN L 360 57.98 54.67 14.35
CA GLN L 360 56.65 54.16 14.04
C GLN L 360 56.72 53.43 12.71
N SER L 361 55.97 52.33 12.60
CA SER L 361 55.99 51.53 11.38
C SER L 361 54.80 50.58 11.40
N SER L 362 54.39 50.17 10.21
CA SER L 362 53.31 49.22 10.02
C SER L 362 53.86 47.88 9.58
N VAL L 363 53.31 46.80 10.12
CA VAL L 363 53.84 45.46 9.91
C VAL L 363 52.73 44.55 9.42
N SER L 364 53.04 43.71 8.43
CA SER L 364 52.11 42.73 7.90
C SER L 364 52.51 41.35 8.40
N LEU L 365 51.66 40.35 8.11
CA LEU L 365 51.99 38.98 8.49
C LEU L 365 53.30 38.52 7.84
N ARG L 366 53.40 38.71 6.52
CA ARG L 366 54.63 38.33 5.84
C ARG L 366 55.82 39.08 6.41
N GLU L 367 55.70 40.40 6.56
CA GLU L 367 56.78 41.19 7.12
C GLU L 367 57.19 40.68 8.49
N SER L 368 56.25 40.16 9.27
CA SER L 368 56.60 39.53 10.53
C SER L 368 57.29 38.20 10.34
N LYS L 369 56.93 37.48 9.28
CA LYS L 369 57.49 36.15 9.04
C LYS L 369 59.00 36.17 8.80
N GLY L 370 59.56 37.32 8.47
CA GLY L 370 60.97 37.43 8.15
C GLY L 370 61.79 37.98 9.30
N GLN L 371 62.99 38.44 8.96
CA GLN L 371 63.89 39.00 9.95
C GLN L 371 63.48 40.44 10.27
N ILE L 372 63.26 40.72 11.55
CA ILE L 372 62.76 42.03 11.96
C ILE L 372 63.87 43.06 11.79
N SER L 373 63.61 44.09 10.99
CA SER L 373 64.60 45.11 10.72
C SER L 373 64.89 45.91 11.99
N ALA L 374 65.97 46.68 11.94
CA ALA L 374 66.44 47.38 13.13
C ALA L 374 65.52 48.53 13.52
N THR L 375 64.75 49.06 12.57
CA THR L 375 63.82 50.13 12.90
C THR L 375 62.47 49.56 13.31
N ASN L 376 61.99 48.55 12.59
CA ASN L 376 60.77 47.88 12.99
C ASN L 376 60.90 47.32 14.39
N ALA L 377 62.10 46.86 14.76
CA ALA L 377 62.31 46.32 16.09
C ALA L 377 62.08 47.38 17.15
N ASP L 378 62.73 48.52 17.02
CA ASP L 378 62.55 49.61 17.98
C ASP L 378 61.10 50.05 18.03
N ALA L 379 60.41 50.03 16.89
CA ALA L 379 58.99 50.34 16.92
C ALA L 379 58.20 49.31 17.71
N MET L 380 58.47 48.03 17.50
CA MET L 380 57.77 46.98 18.24
C MET L 380 57.92 47.19 19.74
N GLY L 381 59.15 47.48 20.19
CA GLY L 381 59.33 47.68 21.61
C GLY L 381 60.55 47.00 22.17
N PHE L 382 61.35 46.41 21.29
CA PHE L 382 62.65 45.90 21.65
C PHE L 382 63.52 47.05 22.17
N ASN L 383 64.68 46.69 22.74
CA ASN L 383 65.79 47.61 22.97
C ASN L 383 65.35 48.97 23.51
N SER L 384 64.89 49.01 24.76
CA SER L 384 64.35 50.23 25.35
C SER L 384 65.14 51.48 24.98
N TYR L 385 66.43 51.53 25.31
CA TYR L 385 67.14 52.80 25.20
C TYR L 385 67.44 53.19 23.76
N LYS L 386 66.40 53.36 22.95
CA LYS L 386 66.49 53.97 21.61
C LYS L 386 67.49 53.21 20.73
N GLY L 387 67.13 51.96 20.45
CA GLY L 387 68.01 51.08 19.73
C GLY L 387 69.05 50.44 20.63
N GLY L 388 69.31 49.17 20.38
CA GLY L 388 70.16 48.39 21.25
C GLY L 388 71.64 48.65 21.13
N GLY L 389 72.03 49.70 20.42
CA GLY L 389 73.45 49.94 20.23
C GLY L 389 74.03 50.83 21.29
N LYS L 390 74.46 52.02 20.90
CA LYS L 390 75.04 52.96 21.85
C LYS L 390 73.96 53.88 22.38
N PHE L 391 74.21 54.43 23.56
CA PHE L 391 73.34 55.46 24.10
C PHE L 391 73.59 56.77 23.37
N VAL L 392 72.55 57.61 23.32
CA VAL L 392 72.55 58.79 22.47
C VAL L 392 72.25 60.02 23.32
N PHE L 393 73.18 60.97 23.35
CA PHE L 393 72.95 62.25 23.98
C PHE L 393 72.59 63.30 22.93
N THR L 394 72.47 64.55 23.37
CA THR L 394 72.46 65.72 22.50
C THR L 394 73.33 66.81 23.11
N GLN L 395 74.43 66.42 23.73
CA GLN L 395 75.22 67.35 24.53
C GLN L 395 75.96 68.33 23.63
N ASN L 396 76.77 69.20 24.24
CA ASN L 396 77.40 70.31 23.54
C ASN L 396 78.91 70.14 23.49
N VAL L 397 79.39 68.94 23.18
CA VAL L 397 80.80 68.62 23.26
C VAL L 397 81.29 68.13 21.90
N SER L 398 82.51 68.52 21.55
CA SER L 398 83.12 68.08 20.29
C SER L 398 83.40 66.58 20.33
N SER L 399 83.99 66.10 21.42
CA SER L 399 84.43 64.71 21.47
C SER L 399 84.45 64.23 22.92
N ILE L 400 84.61 62.91 23.07
CA ILE L 400 84.70 62.31 24.40
C ILE L 400 85.83 62.92 25.20
N SER L 401 86.93 63.25 24.52
CA SER L 401 88.08 63.84 25.20
C SER L 401 87.69 65.06 26.02
N ALA L 402 86.69 65.81 25.55
CA ALA L 402 86.20 66.97 26.28
C ALA L 402 84.94 66.67 27.08
N PHE L 403 84.15 65.70 26.66
CA PHE L 403 82.97 65.32 27.44
C PHE L 403 83.38 64.77 28.80
N MET L 404 84.55 64.16 28.88
CA MET L 404 85.07 63.72 30.17
C MET L 404 85.61 64.89 30.97
N SER L 405 86.37 65.79 30.32
CA SER L 405 86.94 66.92 31.03
C SER L 405 85.87 67.87 31.56
N ALA L 406 84.70 67.89 30.93
CA ALA L 406 83.65 68.82 31.31
C ALA L 406 83.14 68.52 32.71
N GLN L 407 82.32 69.43 33.22
CA GLN L 407 81.76 69.29 34.56
C GLN L 407 80.63 68.28 34.56
N GLY L 408 80.06 68.05 35.74
CA GLY L 408 78.94 67.12 35.88
C GLY L 408 79.28 65.65 35.81
N SER L 409 79.91 65.21 34.72
CA SER L 409 80.29 63.82 34.60
C SER L 409 81.32 63.45 35.66
N GLY L 410 81.46 62.15 35.90
CA GLY L 410 82.35 61.68 36.93
C GLY L 410 83.78 61.53 36.48
N PHE L 411 84.16 62.19 35.39
CA PHE L 411 85.49 62.04 34.80
C PHE L 411 86.33 63.29 34.97
N SER L 412 85.94 64.21 35.84
CA SER L 412 86.68 65.45 36.00
C SER L 412 88.07 65.17 36.55
N ARG L 413 88.90 66.21 36.58
CA ARG L 413 90.26 66.07 37.07
C ARG L 413 90.29 65.63 38.52
N GLY L 414 89.29 66.01 39.31
CA GLY L 414 89.27 65.60 40.70
C GLY L 414 89.04 64.11 40.87
N SER L 415 88.03 63.58 40.18
CA SER L 415 87.73 62.16 40.27
C SER L 415 88.88 61.34 39.71
N GLY L 416 88.97 60.10 40.19
CA GLY L 416 90.04 59.22 39.74
C GLY L 416 89.85 58.66 38.35
N PHE L 417 88.65 58.75 37.80
CA PHE L 417 88.36 58.18 36.48
C PHE L 417 88.59 59.19 35.36
N SER L 418 89.75 59.80 35.34
CA SER L 418 90.08 60.73 34.27
C SER L 418 90.94 60.03 33.22
N VAL L 419 90.98 60.61 32.02
CA VAL L 419 91.77 60.01 30.96
C VAL L 419 93.23 59.98 31.38
N GLY L 420 93.89 58.87 31.10
CA GLY L 420 95.25 58.68 31.55
C GLY L 420 95.38 58.28 33.00
N SER L 421 94.53 57.38 33.49
CA SER L 421 94.55 56.98 34.90
C SER L 421 94.45 55.47 35.06
N GLY L 422 94.74 54.71 34.01
CA GLY L 422 94.71 53.26 34.12
C GLY L 422 93.32 52.66 34.13
N LYS L 423 92.30 53.48 34.40
CA LYS L 423 90.94 52.96 34.40
C LYS L 423 90.49 52.59 33.00
N ASN L 424 90.91 53.36 31.99
CA ASN L 424 90.58 53.08 30.60
C ASN L 424 89.09 53.03 30.36
N LEU L 425 88.38 54.06 30.84
CA LEU L 425 86.95 54.16 30.58
C LEU L 425 86.66 54.83 29.25
N SER L 426 87.65 55.48 28.63
CA SER L 426 87.45 55.97 27.27
C SER L 426 87.17 54.83 26.32
N VAL L 427 87.82 53.68 26.53
CA VAL L 427 87.54 52.50 25.73
C VAL L 427 86.07 52.12 25.84
N GLY L 428 85.56 52.10 27.07
CA GLY L 428 84.17 51.74 27.27
C GLY L 428 83.22 52.74 26.65
N LEU L 429 83.50 54.03 26.82
CA LEU L 429 82.62 55.04 26.23
C LEU L 429 82.61 54.97 24.71
N SER L 430 83.77 54.73 24.10
CA SER L 430 83.84 54.62 22.65
C SER L 430 82.92 53.53 22.12
N GLN L 431 82.62 52.52 22.95
CA GLN L 431 81.68 51.47 22.61
C GLN L 431 80.48 51.63 23.52
N GLY L 432 79.55 52.50 23.13
CA GLY L 432 78.35 52.65 23.92
C GLY L 432 77.89 54.09 24.11
N ILE L 433 78.65 55.05 23.58
CA ILE L 433 78.27 56.45 23.67
C ILE L 433 78.36 57.05 22.28
N GLN L 434 77.26 57.68 21.83
CA GLN L 434 77.25 58.41 20.57
C GLN L 434 76.66 59.78 20.83
N ILE L 435 77.51 60.79 20.92
CA ILE L 435 77.10 62.14 21.28
C ILE L 435 76.71 62.89 20.01
N ILE L 436 75.66 63.69 20.10
CA ILE L 436 75.20 64.52 19.00
C ILE L 436 75.55 65.96 19.30
N SER L 437 76.37 66.57 18.45
CA SER L 437 76.90 67.90 18.71
C SER L 437 75.77 68.92 18.86
N SER L 438 74.99 69.12 17.79
CA SER L 438 73.93 70.12 17.80
C SER L 438 72.66 69.45 17.31
N ALA L 439 71.60 69.51 18.11
CA ALA L 439 70.35 68.86 17.74
C ALA L 439 69.72 69.48 16.51
N ALA L 440 70.14 70.68 16.14
CA ALA L 440 69.60 71.29 14.92
C ALA L 440 70.11 70.58 13.67
N SER L 441 71.38 70.21 13.66
CA SER L 441 72.01 69.59 12.50
C SER L 441 72.62 68.26 12.95
N MET L 442 71.87 67.17 12.78
CA MET L 442 72.36 65.83 13.08
C MET L 442 72.01 64.91 11.91
N SER L 443 72.89 64.84 10.93
CA SER L 443 72.78 63.87 9.85
C SER L 443 73.77 62.73 9.99
N ASN L 444 74.64 62.78 10.99
CA ASN L 444 75.63 61.74 11.20
C ASN L 444 75.12 60.63 12.11
N THR L 445 73.90 60.73 12.62
CA THR L 445 73.36 59.70 13.50
C THR L 445 71.99 59.25 13.03
N TYR L 446 71.27 60.11 12.32
CA TYR L 446 69.99 59.77 11.75
C TYR L 446 70.03 59.97 10.24
N VAL L 447 69.05 59.39 9.55
CA VAL L 447 68.91 59.60 8.12
C VAL L 447 68.08 60.86 7.86
N VAL L 448 68.75 62.00 7.73
CA VAL L 448 68.07 63.27 7.60
C VAL L 448 68.60 63.97 6.35
N SER L 449 69.28 63.22 5.48
CA SER L 449 69.83 63.80 4.28
C SER L 449 68.71 64.40 3.42
N ALA L 450 69.10 65.35 2.56
CA ALA L 450 68.12 66.13 1.83
C ALA L 450 67.25 65.25 0.93
N GLY L 451 67.83 64.21 0.33
CA GLY L 451 67.06 63.36 -0.55
C GLY L 451 65.93 62.64 0.15
N SER L 452 66.13 62.26 1.41
CA SER L 452 65.11 61.54 2.16
C SER L 452 63.90 62.43 2.39
N GLY L 453 62.83 61.82 2.87
CA GLY L 453 61.61 62.55 3.17
C GLY L 453 61.61 63.10 4.58
N PHE L 454 62.77 63.12 5.22
CA PHE L 454 62.89 63.54 6.61
C PHE L 454 63.80 64.76 6.77
N SER L 455 63.92 65.58 5.74
CA SER L 455 64.73 66.78 5.84
C SER L 455 64.21 67.68 6.96
N SER L 456 65.14 68.24 7.73
CA SER L 456 64.77 69.14 8.81
C SER L 456 63.98 70.33 8.27
N GLY L 457 62.89 70.66 8.96
CA GLY L 457 62.03 71.72 8.50
C GLY L 457 61.02 71.32 7.44
N SER L 458 61.06 70.08 6.97
CA SER L 458 60.12 69.59 5.97
C SER L 458 59.10 68.63 6.57
N GLY L 459 58.84 68.74 7.87
CA GLY L 459 57.96 67.80 8.53
C GLY L 459 58.60 66.43 8.65
N ASN L 460 58.02 65.58 9.48
CA ASN L 460 58.47 64.21 9.71
C ASN L 460 59.87 64.13 10.28
N SER L 461 60.48 65.27 10.62
CA SER L 461 61.87 65.28 11.07
C SER L 461 62.06 64.57 12.40
N GLN L 462 60.99 64.15 13.06
CA GLN L 462 61.11 63.43 14.32
C GLN L 462 60.81 61.95 14.18
N PHE L 463 60.75 61.44 12.95
CA PHE L 463 60.54 60.02 12.72
C PHE L 463 61.70 59.38 11.98
N ALA L 464 62.78 60.11 11.70
CA ALA L 464 63.87 59.57 10.90
C ALA L 464 64.52 58.40 11.61
N ALA L 465 65.03 57.47 10.81
CA ALA L 465 65.60 56.24 11.35
C ALA L 465 67.04 56.47 11.80
N LEU L 466 67.43 55.72 12.83
CA LEU L 466 68.80 55.77 13.31
C LEU L 466 69.75 55.21 12.27
N LYS L 467 71.01 55.61 12.35
CA LYS L 467 72.01 55.18 11.38
C LYS L 467 72.78 53.96 11.90
N THR L 468 72.89 52.96 11.04
CA THR L 468 73.46 51.68 11.47
C THR L 468 74.94 51.78 11.78
N THR L 469 75.67 52.65 11.08
CA THR L 469 77.09 52.80 11.39
C THR L 469 77.30 53.69 12.60
N ALA L 470 76.46 54.72 12.75
CA ALA L 470 76.54 55.60 13.91
C ALA L 470 76.28 54.82 15.20
N ALA L 471 75.08 54.26 15.32
CA ALA L 471 74.79 53.35 16.42
C ALA L 471 75.33 51.97 16.06
N ASN L 472 74.92 50.95 16.79
CA ASN L 472 75.24 49.57 16.45
C ASN L 472 73.97 48.74 16.33
N THR L 473 72.95 49.32 15.70
CA THR L 473 71.67 48.63 15.57
C THR L 473 71.83 47.39 14.71
N THR L 474 71.34 46.27 15.21
CA THR L 474 71.34 45.01 14.49
C THR L 474 69.92 44.48 14.45
N ASP L 475 69.65 43.66 13.43
CA ASP L 475 68.34 43.05 13.32
C ASP L 475 68.13 42.05 14.45
N GLU L 476 66.88 41.69 14.68
CA GLU L 476 66.52 40.67 15.65
C GLU L 476 66.17 39.38 14.93
N THR L 477 66.06 38.31 15.70
CA THR L 477 65.67 37.04 15.11
C THR L 477 64.28 37.15 14.49
N ALA L 478 63.93 36.17 13.67
CA ALA L 478 62.79 36.30 12.77
C ALA L 478 61.51 35.95 13.51
N GLY L 479 60.63 36.94 13.64
CA GLY L 479 59.26 36.66 14.05
C GLY L 479 59.17 36.24 15.49
N VAL L 480 58.40 35.18 15.73
CA VAL L 480 58.00 34.75 17.06
C VAL L 480 59.19 34.15 17.81
N THR L 481 60.35 34.09 17.16
CA THR L 481 61.53 33.50 17.78
C THR L 481 62.10 34.35 18.91
N THR L 482 61.40 35.42 19.28
CA THR L 482 61.79 36.26 20.39
C THR L 482 60.55 36.73 21.14
N LEU L 483 60.74 37.10 22.40
CA LEU L 483 59.60 37.31 23.29
C LEU L 483 58.71 38.45 22.81
N LYS L 484 59.23 39.68 22.84
CA LYS L 484 58.42 40.80 22.39
C LYS L 484 58.02 40.63 20.92
N GLY L 485 58.84 39.95 20.14
CA GLY L 485 58.41 39.56 18.80
C GLY L 485 57.18 38.66 18.82
N ALA L 486 57.12 37.74 19.78
CA ALA L 486 55.94 36.90 19.92
C ALA L 486 54.73 37.73 20.28
N MET L 487 54.90 38.66 21.22
CA MET L 487 53.78 39.50 21.61
C MET L 487 53.38 40.47 20.51
N ALA L 488 54.24 40.69 19.52
CA ALA L 488 53.84 41.49 18.36
C ALA L 488 53.09 40.63 17.35
N VAL L 489 53.58 39.42 17.11
CA VAL L 489 52.86 38.49 16.23
C VAL L 489 51.46 38.24 16.77
N MET L 490 51.31 38.27 18.09
CA MET L 490 49.97 38.12 18.68
C MET L 490 49.04 39.21 18.19
N ASP L 491 49.49 40.47 18.24
CA ASP L 491 48.64 41.57 17.77
C ASP L 491 48.38 41.47 16.28
N ILE L 492 49.39 41.07 15.51
CA ILE L 492 49.19 40.97 14.07
C ILE L 492 48.15 39.93 13.74
N ALA L 493 48.12 38.82 14.48
CA ALA L 493 47.09 37.81 14.27
C ALA L 493 45.73 38.32 14.71
N GLU L 494 45.68 38.99 15.86
CA GLU L 494 44.41 39.53 16.34
C GLU L 494 43.84 40.54 15.35
N THR L 495 44.70 41.20 14.58
CA THR L 495 44.22 42.15 13.59
C THR L 495 43.79 41.44 12.32
N ALA L 496 44.56 40.43 11.89
CA ALA L 496 44.19 39.69 10.68
C ALA L 496 42.84 39.03 10.85
N ILE L 497 42.54 38.53 12.06
CA ILE L 497 41.24 37.92 12.30
C ILE L 497 40.12 38.93 12.04
N THR L 498 40.29 40.15 12.54
CA THR L 498 39.27 41.17 12.33
C THR L 498 39.13 41.51 10.86
N ASN L 499 40.26 41.62 10.14
CA ASN L 499 40.20 41.90 8.71
C ASN L 499 39.38 40.84 7.99
N LEU L 500 39.65 39.57 8.28
CA LEU L 500 38.95 38.51 7.57
C LEU L 500 37.48 38.47 7.97
N ASP L 501 37.15 38.75 9.23
CA ASP L 501 35.75 38.84 9.61
C ASP L 501 35.03 39.93 8.82
N GLN L 502 35.68 41.08 8.66
CA GLN L 502 35.05 42.16 7.90
C GLN L 502 34.79 41.74 6.46
N ILE L 503 35.78 41.12 5.82
CA ILE L 503 35.61 40.70 4.43
C ILE L 503 34.48 39.67 4.32
N ARG L 504 34.48 38.69 5.22
CA ARG L 504 33.45 37.66 5.18
C ARG L 504 32.07 38.24 5.43
N ALA L 505 31.96 39.24 6.30
CA ALA L 505 30.67 39.90 6.51
C ALA L 505 30.20 40.62 5.26
N ASP L 506 31.13 41.22 4.51
CA ASP L 506 30.73 41.83 3.25
C ASP L 506 30.17 40.79 2.29
N ILE L 507 30.86 39.66 2.17
CA ILE L 507 30.35 38.56 1.35
C ILE L 507 28.95 38.15 1.79
N ALA L 508 28.75 38.05 3.11
CA ALA L 508 27.45 37.61 3.61
C ALA L 508 26.35 38.60 3.26
N SER L 509 26.63 39.90 3.38
CA SER L 509 25.64 40.90 3.01
C SER L 509 25.24 40.78 1.55
N ILE L 510 26.23 40.66 0.66
CA ILE L 510 25.92 40.48 -0.76
C ILE L 510 25.06 39.25 -0.96
N GLN L 511 25.38 38.16 -0.25
CA GLN L 511 24.64 36.92 -0.43
C GLN L 511 23.19 37.06 -0.01
N ASN L 512 22.93 37.72 1.12
CA ASN L 512 21.55 37.91 1.54
C ASN L 512 20.77 38.77 0.54
N GLN L 513 21.41 39.82 0.01
CA GLN L 513 20.73 40.62 -0.99
C GLN L 513 20.38 39.78 -2.22
N VAL L 514 21.31 38.95 -2.67
CA VAL L 514 21.04 38.09 -3.82
C VAL L 514 19.87 37.17 -3.53
N THR L 515 19.80 36.62 -2.32
CA THR L 515 18.71 35.71 -1.98
C THR L 515 17.37 36.40 -2.05
N SER L 516 17.28 37.61 -1.49
CA SER L 516 16.01 38.33 -1.55
C SER L 516 15.63 38.64 -3.00
N THR L 517 16.60 39.06 -3.82
CA THR L 517 16.30 39.29 -5.22
C THR L 517 15.74 38.05 -5.88
N ILE L 518 16.34 36.89 -5.59
CA ILE L 518 15.90 35.66 -6.24
C ILE L 518 14.47 35.32 -5.84
N ASN L 519 14.13 35.47 -4.56
CA ASN L 519 12.75 35.20 -4.16
C ASN L 519 11.77 36.11 -4.89
N ASN L 520 12.06 37.42 -4.92
CA ASN L 520 11.13 38.33 -5.56
C ASN L 520 10.99 38.03 -7.05
N ILE L 521 12.10 37.73 -7.72
CA ILE L 521 12.02 37.42 -9.15
C ILE L 521 11.24 36.14 -9.38
N THR L 522 11.42 35.15 -8.51
CA THR L 522 10.71 33.88 -8.69
C THR L 522 9.21 34.11 -8.61
N VAL L 523 8.77 35.01 -7.74
CA VAL L 523 7.33 35.28 -7.65
C VAL L 523 6.87 36.08 -8.88
N THR L 524 7.60 37.14 -9.20
CA THR L 524 7.19 38.02 -10.28
C THR L 524 7.16 37.29 -11.62
N GLN L 525 8.02 36.29 -11.80
CA GLN L 525 8.01 35.55 -13.06
C GLN L 525 6.72 34.76 -13.21
N VAL L 526 6.25 34.13 -12.13
CA VAL L 526 4.98 33.42 -12.20
C VAL L 526 3.85 34.38 -12.51
N ASN L 527 3.85 35.54 -11.87
CA ASN L 527 2.78 36.50 -12.14
C ASN L 527 2.80 36.97 -13.59
N VAL L 528 3.99 37.24 -14.13
CA VAL L 528 4.09 37.68 -15.52
C VAL L 528 3.63 36.58 -16.46
N LYS L 529 4.04 35.35 -16.20
CA LYS L 529 3.65 34.25 -17.07
C LYS L 529 2.14 34.05 -17.08
N ALA L 530 1.50 34.18 -15.91
CA ALA L 530 0.05 34.05 -15.88
C ALA L 530 -0.63 35.21 -16.61
N ALA L 531 -0.13 36.44 -16.42
CA ALA L 531 -0.72 37.58 -17.11
C ALA L 531 -0.56 37.47 -18.62
N GLU L 532 0.53 36.84 -19.07
CA GLU L 532 0.69 36.60 -20.51
C GLU L 532 -0.26 35.54 -21.00
N SER L 533 -0.35 34.42 -20.27
CA SER L 533 -1.32 33.39 -20.62
C SER L 533 -2.72 33.95 -20.75
N GLN L 534 -3.07 34.91 -19.91
CA GLN L 534 -4.41 35.49 -19.98
C GLN L 534 -4.67 36.12 -21.33
N ILE L 535 -3.64 36.61 -22.00
CA ILE L 535 -3.82 37.28 -23.28
C ILE L 535 -3.68 36.31 -24.44
N ARG L 536 -2.70 35.42 -24.38
CA ARG L 536 -2.32 34.67 -25.57
C ARG L 536 -3.13 33.40 -25.75
N ASP L 537 -3.30 32.60 -24.72
CA ASP L 537 -3.88 31.28 -24.92
C ASP L 537 -5.40 31.35 -25.00
N VAL L 538 -5.98 30.23 -25.40
CA VAL L 538 -7.42 30.10 -25.59
C VAL L 538 -7.95 29.11 -24.57
N ASP L 539 -9.16 29.38 -24.08
CA ASP L 539 -9.83 28.53 -23.12
C ASP L 539 -10.69 27.52 -23.85
N PHE L 540 -10.33 26.24 -23.72
CA PHE L 540 -11.03 25.19 -24.44
C PHE L 540 -12.50 25.12 -24.08
N ALA L 541 -12.89 25.60 -22.89
CA ALA L 541 -14.30 25.67 -22.53
C ALA L 541 -15.10 26.38 -23.62
N SER L 542 -14.74 27.62 -23.90
CA SER L 542 -15.44 28.38 -24.94
C SER L 542 -15.05 27.93 -26.34
N GLU L 543 -13.81 27.45 -26.51
CA GLU L 543 -13.39 27.12 -27.86
C GLU L 543 -14.12 25.90 -28.40
N SER L 544 -14.32 24.88 -27.59
CA SER L 544 -15.08 23.72 -28.04
C SER L 544 -16.53 24.06 -28.30
N ALA L 545 -17.10 24.97 -27.52
CA ALA L 545 -18.46 25.45 -27.81
C ALA L 545 -18.51 26.10 -29.18
N ASN L 546 -17.59 27.03 -29.45
CA ASN L 546 -17.55 27.67 -30.76
C ASN L 546 -17.41 26.64 -31.86
N TYR L 547 -16.52 25.66 -31.68
CA TYR L 547 -16.28 24.68 -32.73
C TYR L 547 -17.52 23.85 -33.01
N SER L 548 -18.15 23.31 -31.96
CA SER L 548 -19.32 22.49 -32.16
C SER L 548 -20.46 23.29 -32.77
N LYS L 549 -20.64 24.53 -32.33
CA LYS L 549 -21.67 25.38 -32.90
C LYS L 549 -21.43 25.61 -34.39
N ALA L 550 -20.20 25.97 -34.76
CA ALA L 550 -19.89 26.18 -36.15
C ALA L 550 -20.02 24.90 -36.97
N ASN L 551 -19.78 23.75 -36.36
CA ASN L 551 -19.93 22.49 -37.10
C ASN L 551 -21.39 22.21 -37.41
N ILE L 552 -22.26 22.38 -36.41
CA ILE L 552 -23.69 22.21 -36.66
C ILE L 552 -24.16 23.21 -37.71
N LEU L 553 -23.69 24.45 -37.63
CA LEU L 553 -24.04 25.44 -38.64
C LEU L 553 -23.56 25.02 -40.02
N ALA L 554 -22.40 24.38 -40.11
CA ALA L 554 -21.92 23.90 -41.40
C ALA L 554 -22.83 22.83 -41.96
N GLN L 555 -23.28 21.90 -41.13
CA GLN L 555 -24.22 20.89 -41.60
C GLN L 555 -25.50 21.54 -42.11
N SER L 556 -26.05 22.47 -41.35
CA SER L 556 -27.28 23.14 -41.77
C SER L 556 -27.08 23.91 -43.07
N GLY L 557 -25.96 24.62 -43.20
CA GLY L 557 -25.72 25.35 -44.42
C GLY L 557 -25.56 24.45 -45.62
N SER L 558 -24.93 23.30 -45.44
CA SER L 558 -24.82 22.34 -46.53
C SER L 558 -26.19 21.83 -46.96
N TYR L 559 -27.06 21.52 -46.01
CA TYR L 559 -28.42 21.13 -46.37
C TYR L 559 -29.13 22.25 -47.12
N ALA L 560 -28.95 23.49 -46.68
CA ALA L 560 -29.59 24.60 -47.34
C ALA L 560 -29.09 24.76 -48.77
N MET L 561 -27.79 24.56 -48.99
CA MET L 561 -27.25 24.65 -50.35
C MET L 561 -27.82 23.55 -51.23
N ALA L 562 -27.91 22.32 -50.71
CA ALA L 562 -28.50 21.25 -51.51
C ALA L 562 -29.93 21.58 -51.89
N GLN L 563 -30.73 22.04 -50.94
CA GLN L 563 -32.10 22.39 -51.25
C GLN L 563 -32.18 23.55 -52.24
N ALA L 564 -31.26 24.50 -52.14
CA ALA L 564 -31.27 25.62 -53.08
C ALA L 564 -30.98 25.14 -54.49
N ASN L 565 -30.01 24.24 -54.64
CA ASN L 565 -29.72 23.71 -55.96
C ASN L 565 -30.91 22.92 -56.51
N SER L 566 -31.62 22.21 -55.64
CA SER L 566 -32.75 21.40 -56.09
C SER L 566 -34.04 22.19 -56.27
N SER L 567 -34.08 23.44 -55.80
CA SER L 567 -35.33 24.19 -55.79
C SER L 567 -35.90 24.51 -57.17
N GLN L 568 -35.17 24.28 -58.25
CA GLN L 568 -35.63 24.66 -59.57
C GLN L 568 -36.14 23.48 -60.39
N GLN L 569 -36.20 22.29 -59.81
CA GLN L 569 -36.70 21.14 -60.54
C GLN L 569 -38.14 21.31 -60.97
N ASN L 570 -38.91 22.13 -60.27
CA ASN L 570 -40.35 22.20 -60.51
C ASN L 570 -40.67 22.82 -61.86
N VAL L 571 -39.72 23.52 -62.48
CA VAL L 571 -40.01 24.15 -63.76
C VAL L 571 -40.29 23.12 -64.84
N LEU L 572 -39.64 21.96 -64.76
CA LEU L 572 -39.82 20.94 -65.78
C LEU L 572 -41.27 20.49 -65.90
N ARG L 573 -42.05 20.61 -64.82
CA ARG L 573 -43.45 20.22 -64.89
C ARG L 573 -44.22 21.14 -65.84
N LEU L 574 -43.77 22.38 -66.01
CA LEU L 574 -44.37 23.24 -67.01
C LEU L 574 -44.04 22.76 -68.41
N LEU L 575 -42.77 22.41 -68.64
CA LEU L 575 -42.32 22.12 -70.00
C LEU L 575 -42.85 20.79 -70.50
N GLN L 576 -42.83 19.77 -69.64
CA GLN L 576 -43.24 18.43 -70.05
C GLN L 576 -44.67 18.40 -70.62
N PHE M 3 -52.20 21.83 -121.99
CA PHE M 3 -53.57 21.35 -121.89
C PHE M 3 -53.71 20.12 -122.77
N ARG M 4 -52.63 19.80 -123.48
CA ARG M 4 -52.55 18.59 -124.28
C ARG M 4 -52.22 17.41 -123.38
N ILE M 5 -53.00 16.35 -123.49
CA ILE M 5 -52.84 15.19 -122.64
C ILE M 5 -52.05 14.14 -123.41
N ASN M 6 -51.67 13.07 -122.71
CA ASN M 6 -50.81 11.94 -123.04
C ASN M 6 -49.33 12.25 -122.85
N THR M 7 -48.96 13.46 -122.47
CA THR M 7 -47.57 13.74 -122.11
C THR M 7 -47.51 14.66 -120.90
N ASN M 8 -48.25 14.30 -119.85
CA ASN M 8 -48.30 15.09 -118.62
C ASN M 8 -46.91 15.49 -118.16
N VAL M 9 -46.64 16.79 -118.11
CA VAL M 9 -45.31 17.27 -117.74
C VAL M 9 -45.23 17.60 -116.25
N ALA M 10 -46.31 18.10 -115.67
CA ALA M 10 -46.32 18.33 -114.23
C ALA M 10 -46.05 17.05 -113.47
N ALA M 11 -46.56 15.93 -113.99
CA ALA M 11 -46.31 14.64 -113.35
C ALA M 11 -44.83 14.33 -113.32
N LEU M 12 -44.15 14.46 -114.47
CA LEU M 12 -42.73 14.13 -114.52
C LEU M 12 -41.91 15.08 -113.65
N ASN M 13 -42.26 16.37 -113.66
CA ASN M 13 -41.54 17.33 -112.83
C ASN M 13 -41.69 16.99 -111.36
N ALA M 14 -42.92 16.78 -110.91
CA ALA M 14 -43.15 16.45 -109.51
C ALA M 14 -42.48 15.13 -109.13
N LYS M 15 -42.47 14.15 -110.04
CA LYS M 15 -41.82 12.89 -109.73
C LYS M 15 -40.33 13.07 -109.58
N ALA M 16 -39.70 13.86 -110.45
CA ALA M 16 -38.28 14.15 -110.32
C ALA M 16 -37.98 14.78 -108.97
N ASN M 17 -38.74 15.80 -108.60
CA ASN M 17 -38.49 16.49 -107.34
C ASN M 17 -38.68 15.55 -106.15
N SER M 18 -39.75 14.77 -106.16
CA SER M 18 -40.01 13.89 -105.03
C SER M 18 -38.97 12.79 -104.91
N ASP M 19 -38.45 12.30 -106.04
CA ASP M 19 -37.38 11.30 -105.97
C ASP M 19 -36.11 11.91 -105.42
N LEU M 20 -35.77 13.12 -105.87
CA LEU M 20 -34.62 13.82 -105.30
C LEU M 20 -34.78 14.00 -103.80
N ASN M 21 -36.02 14.18 -103.33
CA ASN M 21 -36.25 14.32 -101.90
C ASN M 21 -36.11 12.99 -101.18
N ALA M 22 -36.72 11.94 -101.71
CA ALA M 22 -36.67 10.63 -101.07
C ALA M 22 -35.24 10.16 -100.93
N LYS M 23 -34.36 10.50 -101.88
CA LYS M 23 -32.95 10.18 -101.72
C LYS M 23 -32.39 10.77 -100.44
N SER M 24 -32.65 12.05 -100.19
CA SER M 24 -32.14 12.71 -99.00
C SER M 24 -32.78 12.17 -97.73
N LEU M 25 -34.08 11.86 -97.79
CA LEU M 25 -34.73 11.26 -96.65
C LEU M 25 -34.07 9.93 -96.28
N ASP M 26 -33.80 9.10 -97.28
CA ASP M 26 -33.14 7.82 -97.05
C ASP M 26 -31.76 8.04 -96.45
N ALA M 27 -31.00 8.99 -96.98
CA ALA M 27 -29.67 9.23 -96.46
C ALA M 27 -29.72 9.65 -94.99
N SER M 28 -30.60 10.59 -94.65
CA SER M 28 -30.70 11.06 -93.28
C SER M 28 -31.15 9.94 -92.35
N LEU M 29 -32.07 9.09 -92.80
CA LEU M 29 -32.50 7.97 -91.98
C LEU M 29 -31.38 6.96 -91.76
N SER M 30 -30.57 6.70 -92.79
CA SER M 30 -29.45 5.78 -92.62
C SER M 30 -28.43 6.34 -91.64
N ARG M 31 -28.19 7.64 -91.69
CA ARG M 31 -27.30 8.25 -90.71
C ARG M 31 -27.88 8.15 -89.31
N LEU M 32 -29.17 8.45 -89.17
CA LEU M 32 -29.83 8.32 -87.87
C LEU M 32 -29.74 6.90 -87.33
N SER M 33 -29.79 5.90 -88.19
CA SER M 33 -29.67 4.51 -87.75
C SER M 33 -28.25 4.17 -87.33
N SER M 34 -27.30 4.34 -88.25
CA SER M 34 -25.94 3.88 -87.98
C SER M 34 -25.26 4.67 -86.87
N GLY M 35 -25.59 5.95 -86.75
CA GLY M 35 -24.94 6.80 -85.78
C GLY M 35 -23.66 7.44 -86.25
N LEU M 36 -23.37 7.40 -87.54
CA LEU M 36 -22.17 7.99 -88.10
C LEU M 36 -22.52 8.96 -89.21
N ARG M 37 -21.80 10.06 -89.28
CA ARG M 37 -22.01 11.03 -90.35
C ARG M 37 -21.47 10.56 -91.68
N ILE M 38 -20.48 9.68 -91.69
CA ILE M 38 -19.91 9.13 -92.91
C ILE M 38 -20.03 7.62 -92.84
N ASN M 39 -20.95 7.07 -93.64
CA ASN M 39 -21.17 5.63 -93.69
C ASN M 39 -20.47 5.00 -94.89
N SER M 40 -20.78 5.48 -96.09
CA SER M 40 -20.25 4.89 -97.31
C SER M 40 -18.96 5.55 -97.77
N ALA M 41 -18.45 6.52 -97.03
CA ALA M 41 -17.24 7.25 -97.38
C ALA M 41 -17.34 7.88 -98.77
N ALA M 42 -18.55 8.01 -99.30
CA ALA M 42 -18.80 8.69 -100.56
C ALA M 42 -19.26 10.12 -100.35
N ASP M 43 -19.54 10.51 -99.11
CA ASP M 43 -19.91 11.87 -98.79
C ASP M 43 -18.76 12.68 -98.21
N ASP M 44 -17.68 12.03 -97.80
CA ASP M 44 -16.49 12.75 -97.34
C ASP M 44 -15.29 11.82 -97.48
N ALA M 45 -14.42 12.10 -98.45
CA ALA M 45 -13.26 11.26 -98.67
C ALA M 45 -12.16 11.56 -97.66
N SER M 46 -11.71 12.81 -97.61
CA SER M 46 -10.65 13.16 -96.69
C SER M 46 -11.11 13.09 -95.24
N GLY M 47 -12.38 13.37 -94.99
CA GLY M 47 -12.91 13.14 -93.66
C GLY M 47 -12.75 11.70 -93.24
N MET M 48 -13.08 10.76 -94.13
CA MET M 48 -12.90 9.35 -93.82
C MET M 48 -11.43 9.01 -93.64
N ALA M 49 -10.56 9.60 -94.46
CA ALA M 49 -9.14 9.31 -94.33
C ALA M 49 -8.60 9.75 -92.97
N ILE M 50 -8.90 10.99 -92.59
CA ILE M 50 -8.43 11.49 -91.30
C ILE M 50 -9.06 10.69 -90.16
N ALA M 51 -10.33 10.32 -90.30
CA ALA M 51 -11.00 9.59 -89.24
C ALA M 51 -10.40 8.20 -89.07
N ASP M 52 -10.04 7.55 -90.18
CA ASP M 52 -9.39 6.25 -90.06
C ASP M 52 -7.98 6.36 -89.50
N SER M 53 -7.24 7.41 -89.87
CA SER M 53 -5.94 7.61 -89.25
C SER M 53 -6.08 7.81 -87.75
N LEU M 54 -7.05 8.61 -87.33
CA LEU M 54 -7.22 8.88 -85.91
C LEU M 54 -7.71 7.65 -85.17
N ARG M 55 -8.56 6.84 -85.80
CA ARG M 55 -9.01 5.60 -85.16
C ARG M 55 -7.85 4.63 -85.01
N SER M 56 -7.01 4.51 -86.04
CA SER M 56 -5.82 3.69 -85.92
C SER M 56 -4.92 4.16 -84.79
N GLN M 57 -4.73 5.48 -84.68
CA GLN M 57 -3.89 6.01 -83.60
C GLN M 57 -4.51 5.75 -82.24
N ALA M 58 -5.83 5.89 -82.12
CA ALA M 58 -6.47 5.65 -80.84
C ALA M 58 -6.35 4.19 -80.43
N ASN M 59 -6.52 3.27 -81.38
CA ASN M 59 -6.36 1.85 -81.05
C ASN M 59 -4.92 1.52 -80.67
N THR M 60 -3.96 2.06 -81.42
CA THR M 60 -2.57 1.83 -81.09
C THR M 60 -2.23 2.35 -79.71
N LEU M 61 -2.74 3.52 -79.35
CA LEU M 61 -2.48 4.05 -78.02
C LEU M 61 -3.18 3.23 -76.94
N GLY M 62 -4.39 2.74 -77.23
CA GLY M 62 -5.08 1.91 -76.26
C GLY M 62 -4.34 0.62 -75.99
N GLN M 63 -3.65 0.10 -77.00
CA GLN M 63 -2.82 -1.08 -76.78
C GLN M 63 -1.50 -0.72 -76.10
N ALA M 64 -0.96 0.46 -76.40
CA ALA M 64 0.26 0.90 -75.75
C ALA M 64 0.06 1.08 -74.26
N ILE M 65 -1.15 1.49 -73.84
CA ILE M 65 -1.41 1.60 -72.41
C ILE M 65 -1.26 0.24 -71.74
N SER M 66 -1.77 -0.81 -72.38
CA SER M 66 -1.64 -2.14 -71.80
C SER M 66 -0.20 -2.60 -71.81
N ASN M 67 0.55 -2.26 -72.86
CA ASN M 67 1.98 -2.55 -72.86
C ASN M 67 2.68 -1.91 -71.67
N GLY M 68 2.37 -0.65 -71.40
CA GLY M 68 2.96 0.02 -70.27
C GLY M 68 2.57 -0.62 -68.94
N ASN M 69 1.31 -1.02 -68.82
CA ASN M 69 0.87 -1.66 -67.59
C ASN M 69 1.61 -2.99 -67.37
N ASP M 70 1.82 -3.75 -68.45
CA ASP M 70 2.57 -4.99 -68.31
C ASP M 70 4.02 -4.72 -67.91
N ALA M 71 4.65 -3.70 -68.49
CA ALA M 71 5.99 -3.34 -68.07
C ALA M 71 6.02 -2.96 -66.59
N LEU M 72 5.01 -2.24 -66.12
CA LEU M 72 4.95 -1.91 -64.70
C LEU M 72 4.85 -3.15 -63.85
N GLY M 73 4.01 -4.10 -64.25
CA GLY M 73 3.92 -5.35 -63.52
C GLY M 73 5.26 -6.05 -63.41
N ILE M 74 5.96 -6.16 -64.53
CA ILE M 74 7.25 -6.85 -64.52
C ILE M 74 8.25 -6.14 -63.61
N LEU M 75 8.34 -4.82 -63.73
CA LEU M 75 9.33 -4.10 -62.93
C LEU M 75 9.00 -4.16 -61.44
N GLN M 76 7.72 -4.03 -61.08
CA GLN M 76 7.35 -4.14 -59.68
C GLN M 76 7.69 -5.51 -59.13
N THR M 77 7.40 -6.56 -59.90
CA THR M 77 7.76 -7.91 -59.47
C THR M 77 9.26 -8.00 -59.19
N ALA M 78 10.07 -7.51 -60.12
CA ALA M 78 11.52 -7.60 -59.95
C ALA M 78 11.97 -6.87 -58.69
N ASP M 79 11.47 -5.65 -58.47
CA ASP M 79 11.96 -4.85 -57.35
C ASP M 79 11.54 -5.47 -56.02
N LYS M 80 10.24 -5.78 -55.88
CA LYS M 80 9.78 -6.37 -54.63
C LYS M 80 10.41 -7.73 -54.38
N ALA M 81 10.88 -8.41 -55.43
CA ALA M 81 11.67 -9.61 -55.20
C ALA M 81 13.05 -9.28 -54.67
N MET M 82 13.70 -8.27 -55.24
CA MET M 82 15.07 -7.94 -54.86
C MET M 82 15.17 -7.44 -53.43
N ASP M 83 14.08 -6.92 -52.89
CA ASP M 83 14.09 -6.46 -51.49
C ASP M 83 14.58 -7.55 -50.55
N GLU M 84 14.13 -8.79 -50.76
CA GLU M 84 14.51 -9.86 -49.84
C GLU M 84 15.99 -10.16 -49.92
N GLN M 85 16.58 -10.06 -51.11
CA GLN M 85 18.02 -10.22 -51.21
C GLN M 85 18.73 -9.13 -50.44
N LEU M 86 18.21 -7.91 -50.48
CA LEU M 86 18.80 -6.86 -49.66
C LEU M 86 18.81 -7.25 -48.18
N LYS M 87 17.68 -7.72 -47.67
CA LYS M 87 17.62 -8.11 -46.27
C LYS M 87 18.56 -9.27 -45.95
N ILE M 88 18.67 -10.24 -46.87
CA ILE M 88 19.55 -11.37 -46.65
C ILE M 88 21.00 -10.93 -46.57
N LEU M 89 21.40 -9.99 -47.44
CA LEU M 89 22.76 -9.48 -47.37
C LEU M 89 23.01 -8.77 -46.05
N ASP M 90 22.03 -7.99 -45.58
CA ASP M 90 22.16 -7.39 -44.27
C ASP M 90 22.44 -8.45 -43.21
N THR M 91 21.68 -9.54 -43.25
CA THR M 91 21.87 -10.60 -42.25
C THR M 91 23.25 -11.23 -42.37
N ILE M 92 23.73 -11.43 -43.61
CA ILE M 92 25.05 -12.01 -43.80
C ILE M 92 26.11 -11.13 -43.16
N LYS M 93 26.01 -9.82 -43.38
CA LYS M 93 26.99 -8.90 -42.80
C LYS M 93 26.92 -8.92 -41.29
N THR M 94 25.71 -8.98 -40.73
CA THR M 94 25.58 -9.06 -39.29
C THR M 94 26.24 -10.32 -38.75
N LYS M 95 26.06 -11.44 -39.42
CA LYS M 95 26.66 -12.69 -38.95
C LYS M 95 28.18 -12.65 -39.06
N ALA M 96 28.69 -12.05 -40.13
CA ALA M 96 30.14 -11.91 -40.24
C ALA M 96 30.69 -11.06 -39.11
N THR M 97 29.99 -9.97 -38.77
CA THR M 97 30.41 -9.17 -37.62
C THR M 97 30.36 -9.97 -36.34
N GLN M 98 29.33 -10.82 -36.19
CA GLN M 98 29.22 -11.64 -34.99
C GLN M 98 30.37 -12.64 -34.89
N ALA M 99 30.82 -13.16 -36.02
CA ALA M 99 31.92 -14.10 -36.02
C ALA M 99 33.28 -13.42 -35.92
N ALA M 100 33.34 -12.11 -36.18
CA ALA M 100 34.59 -11.38 -36.13
C ALA M 100 35.09 -11.13 -34.71
N GLN M 101 34.36 -11.54 -33.69
CA GLN M 101 34.86 -11.46 -32.33
C GLN M 101 35.70 -12.69 -32.04
N ASP M 102 36.59 -12.58 -31.05
CA ASP M 102 37.45 -13.70 -30.71
C ASP M 102 37.11 -14.31 -29.36
N GLY M 103 35.83 -14.29 -29.00
CA GLY M 103 35.30 -15.15 -27.97
C GLY M 103 34.67 -16.41 -28.52
N GLN M 104 34.77 -16.64 -29.82
CA GLN M 104 34.13 -17.75 -30.49
C GLN M 104 35.19 -18.69 -31.02
N SER M 105 35.00 -19.99 -30.81
CA SER M 105 35.94 -20.97 -31.30
C SER M 105 35.65 -21.29 -32.76
N LEU M 106 36.51 -22.13 -33.34
CA LEU M 106 36.32 -22.53 -34.73
C LEU M 106 35.02 -23.29 -34.90
N LYS M 107 34.59 -24.03 -33.87
CA LYS M 107 33.37 -24.82 -33.99
C LYS M 107 32.14 -23.94 -34.08
N THR M 108 32.20 -22.73 -33.51
CA THR M 108 31.05 -21.83 -33.62
C THR M 108 31.17 -20.96 -34.87
N ARG M 109 32.38 -20.53 -35.21
CA ARG M 109 32.58 -19.87 -36.50
C ARG M 109 32.08 -20.77 -37.63
N THR M 110 32.23 -22.08 -37.46
CA THR M 110 31.75 -23.01 -38.47
C THR M 110 30.24 -22.98 -38.58
N MET M 111 29.54 -22.83 -37.46
CA MET M 111 28.10 -22.69 -37.52
C MET M 111 27.71 -21.40 -38.22
N LEU M 112 28.43 -20.31 -37.95
CA LEU M 112 28.22 -19.07 -38.69
C LEU M 112 28.35 -19.30 -40.19
N GLN M 113 29.42 -19.97 -40.60
CA GLN M 113 29.66 -20.18 -42.01
C GLN M 113 28.61 -21.08 -42.63
N ALA M 114 28.19 -22.11 -41.91
CA ALA M 114 27.14 -22.97 -42.41
C ALA M 114 25.83 -22.21 -42.59
N ASP M 115 25.56 -21.26 -41.71
CA ASP M 115 24.36 -20.43 -41.88
C ASP M 115 24.49 -19.53 -43.10
N ILE M 116 25.65 -18.90 -43.27
CA ILE M 116 25.87 -18.02 -44.42
C ILE M 116 25.73 -18.80 -45.71
N ASN M 117 26.17 -20.06 -45.70
CA ASN M 117 26.04 -20.90 -46.89
C ASN M 117 24.58 -21.03 -47.30
N LYS M 118 23.71 -21.39 -46.37
CA LYS M 118 22.30 -21.57 -46.69
C LYS M 118 21.67 -20.25 -47.12
N LEU M 119 22.04 -19.15 -46.45
CA LEU M 119 21.47 -17.87 -46.83
C LEU M 119 21.87 -17.49 -48.26
N MET M 120 23.13 -17.71 -48.62
CA MET M 120 23.58 -17.40 -49.97
C MET M 120 22.93 -18.33 -50.98
N GLU M 121 22.71 -19.59 -50.61
CA GLU M 121 21.93 -20.49 -51.45
C GLU M 121 20.55 -19.93 -51.71
N GLU M 122 19.92 -19.37 -50.67
CA GLU M 122 18.61 -18.76 -50.86
C GLU M 122 18.68 -17.56 -51.79
N LEU M 123 19.72 -16.74 -51.65
CA LEU M 123 19.89 -15.59 -52.53
C LEU M 123 19.95 -16.04 -53.98
N ASP M 124 20.82 -17.00 -54.27
CA ASP M 124 20.87 -17.58 -55.61
C ASP M 124 19.52 -18.13 -56.04
N ASN M 125 18.79 -18.74 -55.13
CA ASN M 125 17.49 -19.29 -55.48
C ASN M 125 16.53 -18.19 -55.93
N ILE M 126 16.49 -17.10 -55.19
CA ILE M 126 15.62 -15.98 -55.58
C ILE M 126 16.03 -15.45 -56.94
N ALA M 127 17.33 -15.23 -57.14
CA ALA M 127 17.80 -14.67 -58.40
C ALA M 127 17.45 -15.56 -59.57
N ASN M 128 17.69 -16.86 -59.45
CA ASN M 128 17.41 -17.80 -60.52
C ASN M 128 15.94 -18.18 -60.61
N THR M 129 15.13 -17.75 -59.67
CA THR M 129 13.74 -18.16 -59.71
C THR M 129 12.79 -17.08 -60.19
N THR M 130 12.95 -15.83 -59.74
CA THR M 130 11.99 -14.79 -60.09
C THR M 130 11.85 -14.67 -61.60
N SER M 131 10.66 -14.94 -62.11
CA SER M 131 10.41 -14.94 -63.54
C SER M 131 8.95 -14.60 -63.80
N PHE M 132 8.69 -14.00 -64.96
CA PHE M 132 7.32 -13.61 -65.30
C PHE M 132 6.52 -14.75 -65.89
N ASN M 133 6.89 -15.21 -67.08
CA ASN M 133 6.30 -16.40 -67.69
C ASN M 133 7.39 -17.18 -68.40
N GLY M 134 8.53 -17.34 -67.74
CA GLY M 134 9.72 -17.90 -68.32
C GLY M 134 10.83 -16.90 -68.48
N LYS M 135 10.50 -15.64 -68.69
CA LYS M 135 11.49 -14.58 -68.81
C LYS M 135 12.12 -14.36 -67.45
N GLN M 136 13.30 -14.93 -67.25
CA GLN M 136 14.01 -14.78 -65.98
C GLN M 136 14.45 -13.34 -65.80
N LEU M 137 13.91 -12.68 -64.77
CA LEU M 137 14.20 -11.27 -64.57
C LEU M 137 15.56 -11.06 -63.91
N LEU M 138 15.73 -11.59 -62.71
CA LEU M 138 16.90 -11.29 -61.90
C LEU M 138 18.03 -12.30 -62.11
N SER M 139 18.44 -12.51 -63.35
CA SER M 139 19.51 -13.45 -63.62
C SER M 139 20.59 -12.83 -64.48
N GLY M 140 20.20 -11.90 -65.34
CA GLY M 140 21.12 -11.27 -66.28
C GLY M 140 20.71 -11.35 -67.72
N ASN M 141 19.71 -12.16 -68.06
CA ASN M 141 19.23 -12.26 -69.44
C ASN M 141 18.02 -11.37 -69.68
N PHE M 142 17.91 -10.27 -68.96
CA PHE M 142 16.84 -9.29 -69.17
C PHE M 142 17.41 -7.97 -69.65
N THR M 143 18.37 -8.04 -70.56
CA THR M 143 19.05 -6.86 -71.08
C THR M 143 18.41 -6.42 -72.40
N ASN M 144 18.24 -5.11 -72.54
CA ASN M 144 17.76 -4.50 -73.79
C ASN M 144 16.41 -5.07 -74.20
N GLN M 145 15.47 -5.07 -73.26
CA GLN M 145 14.09 -5.43 -73.55
C GLN M 145 13.30 -4.16 -73.86
N GLU M 146 12.47 -4.23 -74.89
CA GLU M 146 11.68 -3.08 -75.33
C GLU M 146 10.23 -3.21 -74.91
N PHE M 147 9.50 -2.10 -75.00
CA PHE M 147 8.06 -2.08 -74.78
C PHE M 147 7.50 -0.96 -75.64
N GLN M 148 6.94 -1.31 -76.78
CA GLN M 148 6.36 -0.31 -77.67
C GLN M 148 5.22 0.40 -76.98
N ILE M 149 5.36 1.73 -76.80
CA ILE M 149 4.36 2.53 -76.12
C ILE M 149 3.98 3.76 -76.93
N GLY M 150 4.11 3.69 -78.25
CA GLY M 150 3.89 4.85 -79.09
C GLY M 150 2.89 4.57 -80.19
N ALA M 151 2.31 5.66 -80.70
CA ALA M 151 1.37 5.54 -81.80
C ALA M 151 2.05 5.07 -83.08
N SER M 152 3.26 5.55 -83.33
CA SER M 152 4.03 5.15 -84.49
C SER M 152 4.88 3.93 -84.13
N SER M 153 5.84 3.58 -84.98
CA SER M 153 6.47 2.27 -84.87
C SER M 153 7.37 2.14 -83.65
N ASN M 154 8.39 2.98 -83.53
CA ASN M 154 9.52 2.68 -82.66
C ASN M 154 9.61 3.62 -81.45
N GLN M 155 8.49 3.99 -80.84
CA GLN M 155 8.55 4.64 -79.54
C GLN M 155 8.54 3.58 -78.45
N THR M 156 9.64 3.45 -77.71
CA THR M 156 9.73 2.35 -76.77
C THR M 156 10.64 2.74 -75.61
N VAL M 157 10.38 2.13 -74.46
CA VAL M 157 11.27 2.18 -73.31
C VAL M 157 12.13 0.93 -73.33
N LYS M 158 13.26 0.99 -72.64
CA LYS M 158 14.22 -0.11 -72.65
C LYS M 158 14.64 -0.42 -71.21
N ALA M 159 14.45 -1.67 -70.81
CA ALA M 159 14.75 -2.12 -69.45
C ALA M 159 15.84 -3.17 -69.51
N THR M 160 16.90 -2.97 -68.73
CA THR M 160 18.11 -3.80 -68.77
C THR M 160 18.54 -4.17 -67.36
N ILE M 161 17.61 -4.70 -66.56
CA ILE M 161 17.91 -5.14 -65.21
C ILE M 161 19.19 -5.97 -65.19
N GLY M 162 20.12 -5.60 -64.32
CA GLY M 162 21.40 -6.27 -64.25
C GLY M 162 21.29 -7.66 -63.65
N ALA M 163 22.45 -8.32 -63.56
CA ALA M 163 22.52 -9.66 -63.01
C ALA M 163 22.80 -9.59 -61.52
N THR M 164 22.14 -10.47 -60.76
CA THR M 164 22.14 -10.38 -59.31
C THR M 164 22.32 -11.74 -58.65
N GLN M 165 23.09 -12.63 -59.25
CA GLN M 165 23.43 -13.87 -58.59
C GLN M 165 24.35 -13.59 -57.39
N SER M 166 24.72 -14.65 -56.68
CA SER M 166 25.65 -14.49 -55.58
C SER M 166 27.10 -14.55 -56.02
N SER M 167 27.36 -14.71 -57.32
CA SER M 167 28.70 -14.78 -57.85
C SER M 167 29.06 -13.57 -58.67
N LYS M 168 28.21 -12.54 -58.70
CA LYS M 168 28.45 -11.36 -59.50
C LYS M 168 28.26 -10.06 -58.76
N ILE M 169 27.88 -10.09 -57.49
CA ILE M 169 27.53 -8.85 -56.80
C ILE M 169 28.69 -8.36 -55.96
N GLY M 170 29.10 -9.13 -54.97
CA GLY M 170 30.10 -8.64 -54.04
C GLY M 170 31.51 -8.90 -54.51
N VAL M 171 32.13 -7.90 -55.12
CA VAL M 171 33.48 -8.02 -55.68
C VAL M 171 34.30 -6.88 -55.10
N THR M 172 35.04 -7.15 -54.03
CA THR M 172 35.94 -6.17 -53.47
C THR M 172 37.34 -6.38 -54.02
N ARG M 173 38.18 -5.36 -53.89
CA ARG M 173 39.54 -5.39 -54.41
C ARG M 173 40.50 -5.23 -53.24
N PHE M 174 41.28 -6.28 -52.98
CA PHE M 174 42.28 -6.25 -51.92
C PHE M 174 43.66 -6.06 -52.53
N GLU M 175 44.51 -5.29 -51.85
CA GLU M 175 45.91 -5.16 -52.21
C GLU M 175 46.71 -5.21 -50.91
N THR M 176 47.99 -5.55 -51.04
CA THR M 176 48.86 -5.63 -49.87
C THR M 176 50.31 -5.63 -50.33
N GLY M 177 51.12 -4.76 -49.74
CA GLY M 177 52.50 -4.64 -50.13
C GLY M 177 53.42 -5.53 -49.33
N ALA M 178 54.68 -5.59 -49.78
CA ALA M 178 55.68 -6.39 -49.09
C ALA M 178 55.99 -5.79 -47.73
N GLN M 179 56.74 -6.55 -46.93
CA GLN M 179 57.10 -6.08 -45.61
C GLN M 179 58.14 -4.97 -45.73
N SER M 180 57.78 -3.78 -45.28
CA SER M 180 58.63 -2.60 -45.48
C SER M 180 59.70 -2.54 -44.42
N PHE M 181 60.97 -2.61 -44.84
CA PHE M 181 62.09 -2.50 -43.93
C PHE M 181 62.74 -1.12 -43.96
N THR M 182 62.31 -0.23 -44.83
CA THR M 182 62.92 1.08 -44.98
C THR M 182 62.00 2.14 -44.40
N SER M 183 62.60 3.23 -43.94
CA SER M 183 61.89 4.36 -43.38
C SER M 183 61.89 5.50 -44.40
N GLY M 184 61.36 6.65 -43.99
CA GLY M 184 61.35 7.81 -44.84
C GLY M 184 59.98 8.40 -45.04
N VAL M 185 59.92 9.68 -45.41
CA VAL M 185 58.65 10.35 -45.62
C VAL M 185 58.03 9.85 -46.91
N VAL M 186 56.72 9.61 -46.90
CA VAL M 186 56.01 9.02 -48.02
C VAL M 186 54.78 9.86 -48.34
N GLY M 187 54.49 10.00 -49.64
CA GLY M 187 53.26 10.62 -50.07
C GLY M 187 52.57 9.81 -51.14
N LEU M 188 51.40 9.27 -50.84
CA LEU M 188 50.68 8.47 -51.82
C LEU M 188 50.06 9.36 -52.88
N THR M 189 49.65 8.73 -53.97
CA THR M 189 48.87 9.43 -55.00
C THR M 189 48.08 8.35 -55.74
N ILE M 190 46.80 8.21 -55.40
CA ILE M 190 45.94 7.27 -56.11
C ILE M 190 45.60 7.84 -57.47
N LYS M 191 45.90 7.08 -58.52
CA LYS M 191 45.64 7.52 -59.88
C LYS M 191 44.19 7.22 -60.25
N ASN M 192 43.58 8.14 -60.98
CA ASN M 192 42.22 7.97 -61.48
C ASN M 192 41.24 7.67 -60.36
N TYR M 193 41.31 8.46 -59.28
CA TYR M 193 40.49 8.17 -58.12
C TYR M 193 39.01 8.34 -58.40
N ASN M 194 38.65 9.14 -59.41
CA ASN M 194 37.24 9.38 -59.70
C ASN M 194 36.91 9.39 -61.18
N GLY M 195 37.83 8.98 -62.05
CA GLY M 195 37.57 8.93 -63.47
C GLY M 195 38.07 10.14 -64.23
N ILE M 196 38.57 11.17 -63.55
CA ILE M 196 39.02 12.37 -64.23
C ILE M 196 40.45 12.71 -63.85
N GLU M 197 40.71 12.86 -62.55
CA GLU M 197 41.97 13.39 -62.06
C GLU M 197 42.55 12.47 -61.00
N ASP M 198 43.66 12.89 -60.41
CA ASP M 198 44.38 12.09 -59.44
C ASP M 198 43.92 12.43 -58.03
N PHE M 199 44.64 11.94 -57.03
CA PHE M 199 44.34 12.27 -55.63
C PHE M 199 45.62 12.10 -54.84
N LYS M 200 46.22 13.20 -54.40
CA LYS M 200 47.48 13.18 -53.70
C LYS M 200 47.26 13.40 -52.21
N PHE M 201 47.55 12.38 -51.41
CA PHE M 201 47.55 12.55 -49.96
C PHE M 201 48.71 13.44 -49.54
N ASP M 202 48.66 13.92 -48.31
CA ASP M 202 49.76 14.69 -47.78
C ASP M 202 50.86 13.76 -47.28
N ASN M 203 52.08 14.28 -47.22
CA ASN M 203 53.20 13.48 -46.80
C ASN M 203 53.02 12.97 -45.39
N VAL M 204 53.57 11.79 -45.10
CA VAL M 204 53.41 11.13 -43.81
C VAL M 204 54.74 10.54 -43.40
N VAL M 205 55.21 10.91 -42.21
CA VAL M 205 56.47 10.40 -41.68
C VAL M 205 56.27 8.93 -41.31
N ILE M 206 57.35 8.20 -41.08
CA ILE M 206 57.23 6.76 -40.91
C ILE M 206 57.87 6.24 -39.62
N SER M 207 59.08 6.70 -39.30
CA SER M 207 60.04 5.80 -38.67
C SER M 207 59.60 5.13 -37.38
N THR M 208 59.63 5.82 -36.24
CA THR M 208 59.38 5.11 -34.99
C THR M 208 58.63 5.92 -33.94
N SER M 209 58.24 7.17 -34.20
CA SER M 209 57.70 8.01 -33.15
C SER M 209 56.19 7.81 -33.05
N VAL M 210 55.56 8.60 -32.19
CA VAL M 210 54.13 8.39 -31.92
C VAL M 210 53.30 8.78 -33.13
N GLY M 211 53.58 9.93 -33.73
CA GLY M 211 52.81 10.37 -34.87
C GLY M 211 53.39 9.89 -36.19
N THR M 212 53.94 8.68 -36.19
CA THR M 212 54.58 8.13 -37.38
C THR M 212 54.10 6.70 -37.56
N GLY M 213 54.51 6.07 -38.66
CA GLY M 213 54.25 4.66 -38.86
C GLY M 213 53.06 4.39 -39.75
N LEU M 214 52.88 3.09 -40.01
CA LEU M 214 51.78 2.68 -40.87
C LEU M 214 50.44 3.03 -40.25
N GLY M 215 50.36 3.15 -38.92
CA GLY M 215 49.15 3.66 -38.32
C GLY M 215 48.90 5.12 -38.66
N ALA M 216 49.95 5.92 -38.65
CA ALA M 216 49.81 7.33 -39.05
C ALA M 216 49.44 7.44 -40.51
N LEU M 217 49.85 6.48 -41.34
CA LEU M 217 49.42 6.50 -42.73
C LEU M 217 47.99 6.00 -42.89
N ALA M 218 47.60 4.99 -42.13
CA ALA M 218 46.26 4.45 -42.25
C ALA M 218 45.22 5.45 -41.79
N GLU M 219 45.54 6.23 -40.75
CA GLU M 219 44.63 7.32 -40.36
C GLU M 219 44.36 8.25 -41.52
N GLU M 220 45.44 8.71 -42.18
CA GLU M 220 45.28 9.66 -43.28
C GLU M 220 44.51 9.04 -44.43
N ILE M 221 44.77 7.78 -44.75
CA ILE M 221 44.09 7.16 -45.89
C ILE M 221 42.62 6.96 -45.58
N ASN M 222 42.31 6.50 -44.36
CA ASN M 222 40.92 6.26 -44.00
C ASN M 222 40.13 7.54 -43.86
N LYS M 223 40.80 8.64 -43.51
CA LYS M 223 40.09 9.90 -43.38
C LYS M 223 39.37 10.28 -44.67
N SER M 224 40.07 10.17 -45.79
CA SER M 224 39.48 10.48 -47.09
C SER M 224 38.94 9.21 -47.75
N ALA M 225 38.10 8.50 -47.01
CA ALA M 225 37.56 7.24 -47.51
C ALA M 225 36.40 7.43 -48.46
N ASP M 226 35.49 8.36 -48.18
CA ASP M 226 34.28 8.49 -48.98
C ASP M 226 34.55 9.03 -50.38
N LYS M 227 35.71 9.64 -50.60
CA LYS M 227 36.00 10.21 -51.90
C LYS M 227 36.79 9.28 -52.80
N THR M 228 37.60 8.38 -52.22
CA THR M 228 38.39 7.46 -53.02
C THR M 228 37.81 6.05 -53.06
N GLY M 229 37.12 5.62 -52.02
CA GLY M 229 36.67 4.25 -51.95
C GLY M 229 37.76 3.29 -51.57
N VAL M 230 38.79 3.75 -50.86
CA VAL M 230 39.95 2.95 -50.52
C VAL M 230 40.16 3.06 -49.03
N ARG M 231 39.79 2.02 -48.28
CA ARG M 231 40.05 1.96 -46.86
C ARG M 231 41.30 1.14 -46.59
N ALA M 232 42.09 1.58 -45.63
CA ALA M 232 43.38 0.98 -45.36
C ALA M 232 43.47 0.52 -43.91
N THR M 233 44.42 -0.38 -43.67
CA THR M 233 44.71 -0.88 -42.34
C THR M 233 46.20 -1.21 -42.30
N TYR M 234 46.63 -1.93 -41.28
CA TYR M 234 48.04 -2.23 -41.13
C TYR M 234 48.22 -3.48 -40.30
N ASP M 235 49.45 -3.99 -40.29
CA ASP M 235 49.81 -5.14 -39.48
C ASP M 235 51.31 -5.12 -39.27
N VAL M 236 51.75 -4.78 -38.07
CA VAL M 236 53.16 -4.56 -37.77
C VAL M 236 53.58 -5.61 -36.75
N LYS M 237 54.14 -6.72 -37.23
CA LYS M 237 54.67 -7.75 -36.35
C LYS M 237 56.07 -8.11 -36.83
N THR M 238 56.82 -8.78 -35.96
CA THR M 238 58.13 -9.31 -36.29
C THR M 238 58.24 -10.67 -35.62
N THR M 239 58.00 -11.73 -36.40
CA THR M 239 57.95 -13.09 -35.89
C THR M 239 59.19 -13.84 -36.37
N GLY M 240 59.92 -14.40 -35.42
CA GLY M 240 61.12 -15.16 -35.74
C GLY M 240 60.80 -16.46 -36.45
N VAL M 241 61.87 -17.23 -36.67
CA VAL M 241 61.77 -18.58 -37.22
C VAL M 241 62.50 -19.51 -36.28
N TYR M 242 62.44 -20.81 -36.57
CA TYR M 242 63.10 -21.83 -35.76
C TYR M 242 62.83 -21.55 -34.28
N ALA M 243 61.61 -21.85 -33.85
CA ALA M 243 60.87 -21.09 -32.84
C ALA M 243 61.72 -20.41 -31.78
N ILE M 244 62.54 -21.14 -31.03
CA ILE M 244 63.37 -20.49 -30.03
C ILE M 244 64.45 -21.42 -29.51
N LYS M 245 65.58 -20.85 -29.10
CA LYS M 245 66.67 -21.62 -28.50
C LYS M 245 67.18 -20.89 -27.27
N GLU M 246 68.28 -21.36 -26.69
CA GLU M 246 68.89 -20.70 -25.56
C GLU M 246 70.00 -19.78 -26.03
N GLY M 247 70.00 -18.55 -25.52
CA GLY M 247 70.99 -17.57 -25.91
C GLY M 247 70.86 -16.34 -25.05
N THR M 248 71.60 -15.30 -25.45
CA THR M 248 71.64 -14.07 -24.67
C THR M 248 71.76 -12.88 -25.61
N THR M 249 71.34 -11.73 -25.12
CA THR M 249 71.38 -10.49 -25.89
C THR M 249 72.63 -9.70 -25.55
N SER M 250 73.01 -8.81 -26.47
CA SER M 250 74.17 -7.98 -26.24
C SER M 250 73.92 -7.02 -25.09
N GLN M 251 75.02 -6.49 -24.53
CA GLN M 251 74.91 -5.61 -23.38
C GLN M 251 74.10 -4.36 -23.69
N ASP M 252 74.06 -3.97 -24.96
CA ASP M 252 73.38 -2.75 -25.40
C ASP M 252 72.22 -3.07 -26.31
N PHE M 253 71.51 -4.15 -26.01
CA PHE M 253 70.32 -4.50 -26.78
C PHE M 253 69.24 -3.46 -26.51
N ALA M 254 68.83 -2.76 -27.57
CA ALA M 254 67.86 -1.69 -27.43
C ALA M 254 66.81 -1.84 -28.52
N ILE M 255 65.60 -1.38 -28.23
CA ILE M 255 64.47 -1.52 -29.15
C ILE M 255 63.73 -0.20 -29.22
N ASN M 256 63.46 0.27 -30.44
CA ASN M 256 62.79 1.54 -30.69
C ASN M 256 63.46 2.70 -29.96
N GLY M 257 64.76 2.61 -29.71
CA GLY M 257 65.52 3.70 -29.15
C GLY M 257 65.72 3.66 -27.65
N VAL M 258 65.13 2.70 -26.95
CA VAL M 258 65.30 2.58 -25.50
C VAL M 258 66.06 1.29 -25.21
N THR M 259 67.03 1.37 -24.30
CA THR M 259 67.96 0.29 -24.04
C THR M 259 67.40 -0.65 -22.97
N ILE M 260 67.51 -1.95 -23.21
CA ILE M 260 67.02 -2.94 -22.27
C ILE M 260 68.18 -3.55 -21.50
N GLY M 261 69.10 -4.18 -22.22
CA GLY M 261 70.29 -4.75 -21.62
C GLY M 261 70.37 -6.25 -21.85
N LYS M 262 71.35 -6.87 -21.19
CA LYS M 262 71.61 -8.29 -21.38
C LYS M 262 70.56 -9.14 -20.69
N ILE M 263 70.04 -10.14 -21.40
CA ILE M 263 69.05 -11.05 -20.87
C ILE M 263 69.45 -12.47 -21.28
N GLU M 264 69.57 -13.37 -20.31
CA GLU M 264 69.86 -14.76 -20.59
C GLU M 264 68.57 -15.56 -20.54
N TYR M 265 68.21 -16.18 -21.67
CA TYR M 265 66.99 -16.95 -21.78
C TYR M 265 67.29 -18.40 -22.10
N LYS M 266 66.48 -19.30 -21.56
CA LYS M 266 66.72 -20.72 -21.65
C LYS M 266 66.28 -21.25 -23.01
N ASP M 267 66.24 -22.57 -23.17
CA ASP M 267 65.97 -23.20 -24.46
C ASP M 267 64.62 -22.77 -25.02
N GLY M 268 63.54 -23.16 -24.35
CA GLY M 268 62.22 -22.84 -24.83
C GLY M 268 61.71 -21.55 -24.23
N ASP M 269 62.62 -20.76 -23.66
CA ASP M 269 62.27 -19.58 -22.90
C ASP M 269 61.38 -19.94 -21.71
N GLY M 270 61.80 -20.98 -20.98
CA GLY M 270 61.06 -21.39 -19.80
C GLY M 270 60.94 -20.30 -18.77
N ASN M 271 61.95 -19.43 -18.66
CA ASN M 271 61.90 -18.36 -17.69
C ASN M 271 60.81 -17.35 -18.02
N GLY M 272 60.49 -17.18 -19.29
CA GLY M 272 59.67 -16.04 -19.67
C GLY M 272 60.35 -14.72 -19.42
N SER M 273 61.64 -14.74 -19.10
CA SER M 273 62.36 -13.52 -18.76
C SER M 273 62.50 -12.61 -19.96
N LEU M 274 62.72 -13.18 -21.15
CA LEU M 274 62.81 -12.37 -22.35
C LEU M 274 61.52 -11.60 -22.59
N ILE M 275 60.39 -12.30 -22.57
CA ILE M 275 59.11 -11.64 -22.79
C ILE M 275 58.85 -10.61 -21.71
N SER M 276 59.16 -10.94 -20.46
CA SER M 276 58.93 -9.99 -19.37
C SER M 276 59.78 -8.74 -19.52
N ALA M 277 61.05 -8.90 -19.88
CA ALA M 277 61.94 -7.75 -19.97
C ALA M 277 61.63 -6.90 -21.19
N ILE M 278 61.11 -7.50 -22.26
CA ILE M 278 60.71 -6.68 -23.40
C ILE M 278 59.39 -5.98 -23.10
N ASN M 279 58.50 -6.63 -22.34
CA ASN M 279 57.20 -6.04 -22.07
C ASN M 279 57.28 -4.97 -20.99
N ALA M 280 58.28 -5.01 -20.12
CA ALA M 280 58.36 -4.03 -19.04
C ALA M 280 58.49 -2.59 -19.54
N VAL M 281 58.67 -2.38 -20.84
CA VAL M 281 58.80 -1.04 -21.39
C VAL M 281 57.86 -0.88 -22.58
N LYS M 282 56.75 -1.64 -22.57
CA LYS M 282 55.90 -1.70 -23.74
C LYS M 282 55.21 -0.37 -24.02
N ASP M 283 54.86 0.38 -22.98
CA ASP M 283 54.18 1.64 -23.19
C ASP M 283 55.13 2.80 -23.46
N THR M 284 56.44 2.54 -23.47
CA THR M 284 57.39 3.53 -23.95
C THR M 284 57.88 3.21 -25.35
N THR M 285 58.04 1.92 -25.66
CA THR M 285 58.46 1.55 -27.01
C THR M 285 57.28 1.56 -27.98
N GLY M 286 56.23 0.83 -27.64
CA GLY M 286 55.16 0.56 -28.57
C GLY M 286 55.10 -0.86 -29.04
N VAL M 287 55.98 -1.73 -28.54
CA VAL M 287 56.02 -3.14 -28.92
C VAL M 287 55.51 -3.97 -27.75
N GLN M 288 54.92 -5.11 -28.06
CA GLN M 288 54.39 -6.02 -27.05
C GLN M 288 54.89 -7.41 -27.37
N ALA M 289 55.88 -7.88 -26.60
CA ALA M 289 56.44 -9.18 -26.84
C ALA M 289 55.44 -10.27 -26.47
N SER M 290 55.51 -11.38 -27.20
CA SER M 290 54.61 -12.49 -26.96
C SER M 290 55.27 -13.76 -27.45
N LYS M 291 54.79 -14.89 -26.95
CA LYS M 291 55.30 -16.20 -27.36
C LYS M 291 54.23 -16.90 -28.16
N ASP M 292 54.53 -17.21 -29.41
CA ASP M 292 53.58 -17.87 -30.29
C ASP M 292 53.33 -19.30 -29.81
N GLU M 293 52.30 -19.93 -30.39
CA GLU M 293 51.96 -21.29 -30.02
C GLU M 293 53.12 -22.24 -30.31
N ASN M 294 53.62 -22.20 -31.55
CA ASN M 294 54.75 -23.05 -31.95
C ASN M 294 56.04 -22.73 -31.21
N GLY M 295 56.04 -21.73 -30.33
CA GLY M 295 57.22 -21.37 -29.59
C GLY M 295 57.98 -20.19 -30.14
N LYS M 296 57.61 -19.69 -31.33
CA LYS M 296 58.32 -18.59 -31.93
C LYS M 296 58.14 -17.33 -31.10
N LEU M 297 59.05 -16.38 -31.31
CA LEU M 297 59.01 -15.10 -30.62
C LEU M 297 58.32 -14.07 -31.49
N VAL M 298 57.22 -13.51 -30.99
CA VAL M 298 56.42 -12.54 -31.73
C VAL M 298 56.59 -11.19 -31.08
N LEU M 299 56.92 -10.18 -31.90
CA LEU M 299 57.02 -8.80 -31.47
C LEU M 299 56.02 -7.99 -32.27
N THR M 300 54.96 -7.54 -31.62
CA THR M 300 53.88 -6.83 -32.29
C THR M 300 53.80 -5.39 -31.77
N SER M 301 53.36 -4.50 -32.65
CA SER M 301 53.19 -3.10 -32.32
C SER M 301 51.73 -2.74 -32.58
N ALA M 302 51.02 -2.38 -31.51
CA ALA M 302 49.58 -2.17 -31.62
C ALA M 302 49.25 -1.01 -32.56
N ASP M 303 49.78 0.17 -32.26
CA ASP M 303 49.47 1.38 -33.01
C ASP M 303 50.37 1.57 -34.23
N GLY M 304 50.97 0.50 -34.74
CA GLY M 304 51.76 0.56 -35.95
C GLY M 304 52.86 1.60 -35.95
N ARG M 305 53.88 1.41 -35.11
CA ARG M 305 54.98 2.35 -35.04
C ARG M 305 56.25 1.84 -35.69
N GLY M 306 56.34 0.54 -35.99
CA GLY M 306 57.55 0.03 -36.60
C GLY M 306 58.56 -0.39 -35.55
N ILE M 307 58.98 -1.64 -35.60
CA ILE M 307 59.92 -2.19 -34.64
C ILE M 307 61.32 -2.05 -35.20
N LYS M 308 62.22 -1.50 -34.39
CA LYS M 308 63.62 -1.33 -34.80
C LYS M 308 64.50 -1.64 -33.59
N ILE M 309 65.14 -2.80 -33.63
CA ILE M 309 66.05 -3.21 -32.58
C ILE M 309 67.47 -2.92 -33.04
N THR M 310 68.29 -2.38 -32.14
CA THR M 310 69.63 -1.92 -32.49
C THR M 310 70.70 -2.93 -32.10
N GLY M 311 70.77 -3.27 -30.82
CA GLY M 311 71.79 -4.18 -30.35
C GLY M 311 71.57 -5.59 -30.87
N ASP M 312 72.47 -6.48 -30.47
CA ASP M 312 72.39 -7.88 -30.83
C ASP M 312 71.32 -8.53 -29.96
N ILE M 313 70.14 -8.76 -30.52
CA ILE M 313 69.09 -9.45 -29.78
C ILE M 313 69.52 -10.87 -29.45
N GLY M 314 70.47 -11.41 -30.19
CA GLY M 314 70.94 -12.75 -29.94
C GLY M 314 70.27 -13.77 -30.83
N VAL M 315 71.00 -14.24 -31.83
CA VAL M 315 70.51 -15.35 -32.64
C VAL M 315 70.24 -16.53 -31.73
N GLY M 316 69.06 -17.13 -31.87
CA GLY M 316 68.60 -18.10 -30.90
C GLY M 316 67.19 -17.74 -30.52
N SER M 317 66.91 -16.44 -30.49
CA SER M 317 65.54 -15.96 -30.41
C SER M 317 64.80 -16.15 -31.72
N GLY M 318 65.53 -16.23 -32.83
CA GLY M 318 64.92 -16.47 -34.12
C GLY M 318 64.74 -15.26 -34.99
N ILE M 319 65.11 -14.08 -34.52
CA ILE M 319 64.95 -12.85 -35.27
C ILE M 319 66.26 -12.61 -36.02
N LEU M 320 66.23 -12.85 -37.33
CA LEU M 320 67.43 -12.72 -38.14
C LEU M 320 67.84 -11.26 -38.27
N ALA M 321 69.10 -11.04 -38.65
CA ALA M 321 69.60 -9.69 -38.86
C ALA M 321 68.93 -9.00 -40.03
N ASN M 322 68.11 -9.70 -40.81
CA ASN M 322 67.34 -9.09 -41.87
C ASN M 322 65.96 -8.64 -41.42
N GLN M 323 65.69 -8.67 -40.11
CA GLN M 323 64.41 -8.25 -39.56
C GLN M 323 64.54 -7.17 -38.51
N LYS M 324 65.76 -6.77 -38.16
CA LYS M 324 65.95 -5.81 -37.08
C LYS M 324 65.34 -4.45 -37.40
N GLU M 325 64.91 -4.24 -38.63
CA GLU M 325 64.34 -2.95 -39.06
C GLU M 325 63.02 -3.24 -39.75
N ASN M 326 61.94 -3.30 -38.99
CA ASN M 326 60.63 -3.65 -39.51
C ASN M 326 59.65 -2.52 -39.29
N TYR M 327 58.87 -2.22 -40.32
CA TYR M 327 57.82 -1.21 -40.22
C TYR M 327 56.46 -1.74 -40.62
N GLY M 328 56.30 -3.06 -40.75
CA GLY M 328 55.00 -3.63 -41.01
C GLY M 328 54.57 -3.48 -42.45
N ARG M 329 53.31 -3.87 -42.70
CA ARG M 329 52.74 -3.83 -44.03
C ARG M 329 51.53 -2.93 -44.08
N LEU M 330 51.11 -2.60 -45.30
CA LEU M 330 49.89 -1.88 -45.56
C LEU M 330 48.90 -2.80 -46.26
N SER M 331 47.62 -2.49 -46.12
CA SER M 331 46.57 -3.31 -46.72
C SER M 331 45.43 -2.39 -47.13
N LEU M 332 45.29 -2.16 -48.43
CA LEU M 332 44.18 -1.37 -48.93
C LEU M 332 43.02 -2.28 -49.33
N VAL M 333 41.82 -1.76 -49.21
CA VAL M 333 40.61 -2.50 -49.59
C VAL M 333 39.66 -1.59 -50.33
N LYS M 334 39.65 -1.68 -51.66
CA LYS M 334 38.62 -0.99 -52.42
C LYS M 334 37.31 -1.73 -52.29
N ASN M 335 36.26 -1.23 -52.91
CA ASN M 335 34.97 -1.92 -52.88
C ASN M 335 34.30 -1.87 -54.24
N ASP M 336 35.08 -1.97 -55.32
CA ASP M 336 34.47 -2.04 -56.64
C ASP M 336 35.10 -3.07 -57.57
N GLY M 337 36.28 -3.59 -57.29
CA GLY M 337 36.83 -4.67 -58.08
C GLY M 337 37.83 -4.27 -59.15
N ARG M 338 38.16 -2.99 -59.27
CA ARG M 338 39.19 -2.55 -60.20
C ARG M 338 40.48 -2.28 -59.45
N ASP M 339 41.60 -2.40 -60.17
CA ASP M 339 42.90 -2.29 -59.54
C ASP M 339 43.08 -0.92 -58.91
N ILE M 340 43.64 -0.90 -57.71
CA ILE M 340 44.04 0.35 -57.08
C ILE M 340 45.37 0.76 -57.69
N ASN M 341 45.36 1.80 -58.51
CA ASN M 341 46.55 2.20 -59.27
C ASN M 341 47.32 3.26 -58.49
N ILE M 342 48.08 2.79 -57.53
CA ILE M 342 48.86 3.68 -56.68
C ILE M 342 50.15 4.06 -57.37
N SER M 343 50.52 5.34 -57.26
CA SER M 343 51.81 5.82 -57.76
C SER M 343 52.17 7.04 -56.92
N GLY M 344 53.02 6.84 -55.92
CA GLY M 344 53.38 7.88 -54.99
C GLY M 344 54.66 8.59 -55.37
N THR M 345 55.35 9.08 -54.35
CA THR M 345 56.62 9.77 -54.54
C THR M 345 57.80 9.03 -53.92
N ASN M 346 57.66 8.56 -52.69
CA ASN M 346 58.70 7.83 -51.98
C ASN M 346 58.05 6.56 -51.46
N LEU M 347 57.98 5.55 -52.32
CA LEU M 347 57.09 4.42 -52.09
C LEU M 347 57.77 3.20 -51.50
N SER M 348 59.09 3.09 -51.58
CA SER M 348 59.74 1.95 -50.97
C SER M 348 59.67 1.98 -49.46
N ALA M 349 58.99 2.95 -48.87
CA ALA M 349 58.88 3.02 -47.43
C ALA M 349 57.68 2.24 -46.92
N ILE M 350 56.65 2.07 -47.74
CA ILE M 350 55.48 1.29 -47.35
C ILE M 350 55.49 -0.08 -48.01
N GLY M 351 56.62 -0.49 -48.59
CA GLY M 351 56.70 -1.79 -49.21
C GLY M 351 55.93 -1.93 -50.50
N MET M 352 55.49 -0.82 -51.08
CA MET M 352 54.83 -0.85 -52.39
C MET M 352 55.67 -0.11 -53.43
N GLY M 353 56.98 -0.07 -53.23
CA GLY M 353 57.86 0.60 -54.15
C GLY M 353 57.95 -0.11 -55.47
N THR M 354 58.77 0.47 -56.36
CA THR M 354 58.92 -0.07 -57.71
C THR M 354 59.80 -1.31 -57.75
N THR M 355 60.16 -1.88 -56.60
CA THR M 355 60.96 -3.09 -56.54
C THR M 355 60.45 -4.06 -55.48
N ASP M 356 59.20 -3.92 -55.07
CA ASP M 356 58.62 -4.76 -54.04
C ASP M 356 57.52 -5.64 -54.63
N MET M 357 57.39 -6.85 -54.11
CA MET M 357 56.41 -7.82 -54.58
C MET M 357 55.14 -7.65 -53.75
N ILE M 358 54.13 -7.04 -54.35
CA ILE M 358 52.86 -6.86 -53.68
C ILE M 358 51.88 -7.91 -54.20
N SER M 359 50.86 -8.19 -53.42
CA SER M 359 49.80 -9.11 -53.82
C SER M 359 48.50 -8.35 -53.94
N GLN M 360 47.70 -8.71 -54.95
CA GLN M 360 46.42 -8.08 -55.17
C GLN M 360 45.50 -9.06 -55.86
N SER M 361 44.24 -9.05 -55.47
CA SER M 361 43.23 -9.91 -56.09
C SER M 361 41.86 -9.43 -55.68
N SER M 362 40.86 -9.80 -56.46
CA SER M 362 39.48 -9.41 -56.22
C SER M 362 38.65 -10.67 -55.99
N VAL M 363 37.88 -10.67 -54.91
CA VAL M 363 37.15 -11.85 -54.46
C VAL M 363 35.66 -11.62 -54.63
N SER M 364 34.97 -12.59 -55.21
CA SER M 364 33.53 -12.52 -55.36
C SER M 364 32.85 -13.02 -54.09
N LEU M 365 31.56 -12.69 -53.96
CA LEU M 365 30.82 -13.12 -52.79
C LEU M 365 30.75 -14.64 -52.70
N ARG M 366 30.49 -15.29 -53.82
CA ARG M 366 30.48 -16.75 -53.83
C ARG M 366 31.87 -17.30 -53.55
N GLU M 367 32.89 -16.70 -54.15
CA GLU M 367 34.25 -17.14 -53.87
C GLU M 367 34.60 -17.02 -52.40
N SER M 368 33.98 -16.08 -51.67
CA SER M 368 34.23 -15.98 -50.25
C SER M 368 33.73 -17.19 -49.48
N LYS M 369 32.91 -18.02 -50.10
CA LYS M 369 32.28 -19.12 -49.39
C LYS M 369 33.17 -20.34 -49.27
N GLY M 370 34.09 -20.53 -50.22
CA GLY M 370 34.94 -21.70 -50.24
C GLY M 370 36.24 -21.50 -49.50
N GLN M 371 37.17 -22.42 -49.76
CA GLN M 371 38.48 -22.38 -49.10
C GLN M 371 39.31 -21.25 -49.70
N ILE M 372 39.77 -20.34 -48.85
CA ILE M 372 40.52 -19.18 -49.31
C ILE M 372 41.87 -19.65 -49.86
N SER M 373 42.13 -19.32 -51.13
CA SER M 373 43.37 -19.70 -51.76
C SER M 373 44.56 -19.07 -51.02
N ALA M 374 45.76 -19.55 -51.35
CA ALA M 374 46.94 -19.11 -50.63
C ALA M 374 47.37 -17.71 -51.04
N THR M 375 46.93 -17.24 -52.20
CA THR M 375 47.25 -15.89 -52.63
C THR M 375 46.17 -14.91 -52.21
N ASN M 376 44.91 -15.31 -52.36
CA ASN M 376 43.82 -14.51 -51.80
C ASN M 376 44.01 -14.33 -50.31
N ALA M 377 44.54 -15.34 -49.63
CA ALA M 377 44.79 -15.22 -48.20
C ALA M 377 45.81 -14.12 -47.92
N ASP M 378 46.87 -14.07 -48.70
CA ASP M 378 47.87 -13.02 -48.50
C ASP M 378 47.28 -11.65 -48.82
N ALA M 379 46.44 -11.57 -49.84
CA ALA M 379 45.86 -10.29 -50.21
C ALA M 379 44.86 -9.80 -49.17
N MET M 380 44.12 -10.69 -48.53
CA MET M 380 43.15 -10.27 -47.52
C MET M 380 43.83 -9.49 -46.41
N GLY M 381 44.92 -10.04 -45.88
CA GLY M 381 45.54 -9.45 -44.71
C GLY M 381 46.00 -10.49 -43.71
N PHE M 382 45.86 -11.77 -44.07
CA PHE M 382 46.43 -12.84 -43.28
C PHE M 382 47.95 -12.74 -43.30
N ASN M 383 48.60 -13.62 -42.52
CA ASN M 383 49.99 -14.01 -42.71
C ASN M 383 50.90 -12.84 -43.04
N SER M 384 51.13 -11.96 -42.06
CA SER M 384 51.87 -10.73 -42.30
C SER M 384 53.11 -10.93 -43.17
N TYR M 385 54.07 -11.71 -42.71
CA TYR M 385 55.38 -11.75 -43.35
C TYR M 385 55.34 -12.53 -44.67
N LYS M 386 54.58 -11.99 -45.63
CA LYS M 386 54.65 -12.38 -47.04
C LYS M 386 54.40 -13.89 -47.21
N GLY M 387 53.19 -14.29 -46.85
CA GLY M 387 52.85 -15.70 -46.88
C GLY M 387 53.32 -16.36 -45.61
N GLY M 388 52.46 -17.14 -44.97
CA GLY M 388 52.77 -17.67 -43.67
C GLY M 388 53.78 -18.78 -43.61
N GLY M 389 54.44 -19.09 -44.73
CA GLY M 389 55.40 -20.19 -44.73
C GLY M 389 56.77 -19.73 -44.32
N LYS M 390 57.77 -19.99 -45.17
CA LYS M 390 59.12 -19.57 -44.86
C LYS M 390 59.26 -18.07 -45.01
N PHE M 391 60.35 -17.54 -44.48
CA PHE M 391 60.71 -16.14 -44.68
C PHE M 391 61.57 -16.01 -45.92
N VAL M 392 61.37 -14.94 -46.67
CA VAL M 392 61.95 -14.76 -47.99
C VAL M 392 62.91 -13.57 -47.96
N PHE M 393 64.18 -13.81 -48.25
CA PHE M 393 65.18 -12.77 -48.36
C PHE M 393 65.35 -12.36 -49.82
N THR M 394 66.31 -11.48 -50.07
CA THR M 394 66.83 -11.22 -51.41
C THR M 394 68.35 -11.15 -51.39
N GLN M 395 68.99 -11.89 -50.50
CA GLN M 395 70.43 -11.80 -50.34
C GLN M 395 71.13 -12.43 -51.54
N ASN M 396 72.45 -12.50 -51.50
CA ASN M 396 73.24 -12.97 -52.64
C ASN M 396 74.15 -14.11 -52.24
N VAL M 397 73.57 -15.10 -51.57
CA VAL M 397 74.31 -16.22 -51.02
C VAL M 397 73.89 -17.50 -51.74
N SER M 398 74.85 -18.39 -51.96
CA SER M 398 74.57 -19.63 -52.68
C SER M 398 73.70 -20.57 -51.84
N SER M 399 73.97 -20.64 -50.54
CA SER M 399 73.27 -21.60 -49.69
C SER M 399 73.35 -21.14 -48.24
N ILE M 400 72.52 -21.79 -47.41
CA ILE M 400 72.45 -21.46 -45.99
C ILE M 400 73.80 -21.57 -45.32
N SER M 401 74.62 -22.53 -45.78
CA SER M 401 75.95 -22.69 -45.18
C SER M 401 76.78 -21.43 -45.35
N ALA M 402 76.85 -20.89 -46.57
CA ALA M 402 77.57 -19.65 -46.78
C ALA M 402 76.86 -18.46 -46.17
N PHE M 403 75.53 -18.52 -46.02
CA PHE M 403 74.81 -17.44 -45.37
C PHE M 403 75.15 -17.37 -43.89
N MET M 404 75.45 -18.51 -43.29
CA MET M 404 75.93 -18.53 -41.91
C MET M 404 77.38 -18.12 -41.84
N SER M 405 78.21 -18.62 -42.76
CA SER M 405 79.63 -18.26 -42.76
C SER M 405 79.82 -16.76 -42.95
N ALA M 406 78.93 -16.10 -43.69
CA ALA M 406 79.13 -14.71 -44.06
C ALA M 406 79.07 -13.80 -42.84
N GLN M 407 79.47 -12.55 -43.06
CA GLN M 407 79.50 -11.55 -42.00
C GLN M 407 78.07 -11.10 -41.69
N GLY M 408 77.92 -10.32 -40.63
CA GLY M 408 76.62 -9.79 -40.25
C GLY M 408 75.71 -10.75 -39.52
N SER M 409 75.51 -11.95 -40.03
CA SER M 409 74.71 -12.93 -39.34
C SER M 409 75.38 -13.32 -38.03
N GLY M 410 74.58 -13.86 -37.11
CA GLY M 410 75.10 -14.22 -35.82
C GLY M 410 75.76 -15.59 -35.78
N PHE M 411 76.06 -16.13 -36.96
CA PHE M 411 76.59 -17.48 -37.07
C PHE M 411 78.05 -17.52 -37.49
N SER M 412 78.77 -16.39 -37.37
CA SER M 412 80.14 -16.36 -37.83
C SER M 412 81.01 -17.34 -37.05
N ARG M 413 82.19 -17.61 -37.59
CA ARG M 413 83.09 -18.57 -36.97
C ARG M 413 83.46 -18.15 -35.55
N GLY M 414 83.51 -16.85 -35.29
CA GLY M 414 83.80 -16.39 -33.94
C GLY M 414 82.64 -16.63 -32.99
N SER M 415 81.42 -16.45 -33.47
CA SER M 415 80.24 -16.62 -32.63
C SER M 415 80.10 -18.07 -32.19
N GLY M 416 79.16 -18.29 -31.27
CA GLY M 416 78.97 -19.63 -30.73
C GLY M 416 78.20 -20.57 -31.63
N PHE M 417 77.28 -20.03 -32.44
CA PHE M 417 76.41 -20.87 -33.25
C PHE M 417 76.99 -21.11 -34.64
N SER M 418 78.22 -21.58 -34.72
CA SER M 418 78.78 -21.92 -36.01
C SER M 418 78.21 -23.26 -36.48
N VAL M 419 78.29 -23.49 -37.79
CA VAL M 419 77.79 -24.75 -38.34
C VAL M 419 78.55 -25.91 -37.72
N GLY M 420 77.82 -26.89 -37.24
CA GLY M 420 78.44 -28.02 -36.55
C GLY M 420 78.92 -27.69 -35.15
N SER M 421 78.05 -27.17 -34.30
CA SER M 421 78.43 -26.77 -32.95
C SER M 421 77.37 -27.15 -31.92
N GLY M 422 76.65 -28.24 -32.18
CA GLY M 422 75.65 -28.73 -31.25
C GLY M 422 74.36 -27.94 -31.20
N LYS M 423 74.38 -26.67 -31.60
CA LYS M 423 73.15 -25.89 -31.61
C LYS M 423 72.18 -26.39 -32.67
N ASN M 424 72.69 -26.84 -33.81
CA ASN M 424 71.88 -27.41 -34.88
C ASN M 424 70.84 -26.41 -35.37
N LEU M 425 71.28 -25.20 -35.66
CA LEU M 425 70.37 -24.19 -36.21
C LEU M 425 70.27 -24.30 -37.72
N SER M 426 71.10 -25.14 -38.35
CA SER M 426 70.98 -25.31 -39.80
C SER M 426 69.62 -25.87 -40.18
N VAL M 427 69.11 -26.83 -39.41
CA VAL M 427 67.80 -27.39 -39.69
C VAL M 427 66.71 -26.35 -39.45
N GLY M 428 66.87 -25.56 -38.39
CA GLY M 428 65.89 -24.52 -38.11
C GLY M 428 65.82 -23.48 -39.22
N LEU M 429 66.98 -23.15 -39.80
CA LEU M 429 66.99 -22.23 -40.93
C LEU M 429 66.40 -22.88 -42.17
N SER M 430 66.77 -24.13 -42.45
CA SER M 430 66.21 -24.84 -43.58
C SER M 430 64.69 -24.90 -43.51
N GLN M 431 64.15 -24.98 -42.31
CA GLN M 431 62.70 -24.93 -42.08
C GLN M 431 62.33 -23.51 -41.68
N GLY M 432 62.24 -22.62 -42.67
CA GLY M 432 61.81 -21.27 -42.39
C GLY M 432 62.61 -20.16 -43.04
N ILE M 433 63.52 -20.52 -43.94
CA ILE M 433 64.29 -19.54 -44.69
C ILE M 433 64.31 -19.96 -46.15
N GLN M 434 64.07 -19.01 -47.05
CA GLN M 434 64.19 -19.21 -48.49
C GLN M 434 64.89 -18.00 -49.07
N ILE M 435 66.16 -18.16 -49.41
CA ILE M 435 66.98 -17.04 -49.88
C ILE M 435 66.94 -17.00 -51.40
N ILE M 436 66.43 -15.90 -51.95
CA ILE M 436 66.46 -15.68 -53.39
C ILE M 436 67.84 -15.18 -53.76
N SER M 437 68.53 -15.93 -54.62
CA SER M 437 69.93 -15.64 -54.92
C SER M 437 70.10 -14.28 -55.59
N SER M 438 69.40 -14.05 -56.69
CA SER M 438 69.53 -12.82 -57.44
C SER M 438 68.15 -12.32 -57.82
N ALA M 439 67.81 -11.11 -57.36
CA ALA M 439 66.49 -10.56 -57.59
C ALA M 439 66.18 -10.39 -59.07
N ALA M 440 67.21 -10.33 -59.92
CA ALA M 440 66.95 -10.19 -61.36
C ALA M 440 66.29 -11.42 -61.94
N SER M 441 66.62 -12.60 -61.43
CA SER M 441 66.07 -13.86 -61.93
C SER M 441 65.66 -14.72 -60.75
N MET M 442 64.36 -14.80 -60.49
CA MET M 442 63.82 -15.66 -59.43
C MET M 442 62.62 -16.39 -59.99
N SER M 443 62.86 -17.54 -60.61
CA SER M 443 61.79 -18.42 -61.04
C SER M 443 61.61 -19.60 -60.09
N ASN M 444 62.40 -19.68 -59.04
CA ASN M 444 62.30 -20.75 -58.05
C ASN M 444 61.53 -20.35 -56.81
N THR M 445 61.01 -19.12 -56.76
CA THR M 445 60.22 -18.70 -55.60
C THR M 445 58.89 -18.12 -56.03
N TYR M 446 58.86 -17.51 -57.20
CA TYR M 446 57.64 -16.92 -57.74
C TYR M 446 57.32 -17.56 -59.08
N VAL M 447 56.02 -17.65 -59.37
CA VAL M 447 55.60 -18.15 -60.68
C VAL M 447 55.73 -17.02 -61.69
N VAL M 448 56.90 -16.95 -62.33
CA VAL M 448 57.26 -15.80 -63.14
C VAL M 448 57.79 -16.29 -64.48
N SER M 449 57.52 -17.55 -64.82
CA SER M 449 58.06 -18.16 -66.03
C SER M 449 57.54 -17.49 -67.30
N ALA M 450 58.03 -17.93 -68.45
CA ALA M 450 57.75 -17.23 -69.70
C ALA M 450 56.26 -17.25 -70.04
N GLY M 451 55.62 -18.41 -69.92
CA GLY M 451 54.22 -18.51 -70.27
C GLY M 451 53.31 -17.71 -69.36
N SER M 452 53.69 -17.60 -68.09
CA SER M 452 52.91 -16.81 -67.15
C SER M 452 52.84 -15.35 -67.61
N GLY M 453 51.76 -14.69 -67.25
CA GLY M 453 51.58 -13.31 -67.62
C GLY M 453 52.45 -12.33 -66.86
N PHE M 454 53.42 -12.81 -66.07
CA PHE M 454 54.21 -11.95 -65.21
C PHE M 454 55.70 -12.01 -65.54
N SER M 455 56.06 -12.46 -66.73
CA SER M 455 57.45 -12.53 -67.15
C SER M 455 58.16 -11.21 -66.87
N SER M 456 59.37 -11.31 -66.31
CA SER M 456 60.17 -10.13 -66.02
C SER M 456 60.37 -9.31 -67.29
N GLY M 457 60.26 -7.99 -67.15
CA GLY M 457 60.36 -7.11 -68.29
C GLY M 457 59.12 -7.05 -69.16
N SER M 458 58.07 -7.78 -68.80
CA SER M 458 56.81 -7.76 -69.53
C SER M 458 55.69 -7.11 -68.70
N GLY M 459 56.07 -6.22 -67.78
CA GLY M 459 55.09 -5.64 -66.88
C GLY M 459 54.58 -6.67 -65.90
N ASN M 460 53.89 -6.20 -64.86
CA ASN M 460 53.27 -7.04 -63.84
C ASN M 460 54.27 -7.93 -63.12
N SER M 461 55.57 -7.66 -63.26
CA SER M 461 56.56 -8.53 -62.63
C SER M 461 56.53 -8.47 -61.12
N GLN M 462 55.90 -7.45 -60.53
CA GLN M 462 55.85 -7.31 -59.09
C GLN M 462 54.55 -7.82 -58.49
N PHE M 463 53.74 -8.53 -59.27
CA PHE M 463 52.51 -9.11 -58.77
C PHE M 463 52.51 -10.63 -58.83
N ALA M 464 53.63 -11.26 -59.17
CA ALA M 464 53.66 -12.69 -59.37
C ALA M 464 53.38 -13.43 -58.07
N ALA M 465 52.69 -14.55 -58.19
CA ALA M 465 52.33 -15.35 -57.02
C ALA M 465 53.53 -16.11 -56.49
N LEU M 466 53.51 -16.36 -55.19
CA LEU M 466 54.55 -17.16 -54.56
C LEU M 466 54.40 -18.62 -54.98
N LYS M 467 55.45 -19.40 -54.74
CA LYS M 467 55.46 -20.80 -55.14
C LYS M 467 55.26 -21.69 -53.92
N THR M 468 54.32 -22.63 -54.01
CA THR M 468 53.92 -23.44 -52.88
C THR M 468 55.02 -24.41 -52.46
N THR M 469 55.86 -24.86 -53.39
CA THR M 469 56.94 -25.75 -52.99
C THR M 469 58.10 -24.97 -52.41
N ALA M 470 58.39 -23.79 -52.96
CA ALA M 470 59.44 -22.94 -52.40
C ALA M 470 59.10 -22.52 -50.99
N ALA M 471 58.02 -21.76 -50.83
CA ALA M 471 57.52 -21.41 -49.51
C ALA M 471 56.70 -22.59 -48.98
N ASN M 472 55.93 -22.36 -47.92
CA ASN M 472 54.99 -23.35 -47.43
C ASN M 472 53.59 -22.75 -47.34
N THR M 473 53.25 -21.90 -48.30
CA THR M 473 51.95 -21.25 -48.30
C THR M 473 50.84 -22.28 -48.38
N THR M 474 50.03 -22.37 -47.34
CA THR M 474 48.90 -23.26 -47.29
C THR M 474 47.62 -22.44 -47.25
N ASP M 475 46.53 -23.05 -47.68
CA ASP M 475 45.26 -22.34 -47.72
C ASP M 475 44.79 -22.04 -46.29
N GLU M 476 43.75 -21.23 -46.21
CA GLU M 476 43.12 -20.90 -44.94
C GLU M 476 41.74 -21.55 -44.86
N THR M 477 41.25 -21.67 -43.63
CA THR M 477 39.95 -22.28 -43.44
C THR M 477 38.86 -21.44 -44.11
N ALA M 478 37.87 -22.13 -44.66
CA ALA M 478 36.96 -21.56 -45.64
C ALA M 478 36.12 -20.46 -45.03
N GLY M 479 36.31 -19.24 -45.50
CA GLY M 479 35.34 -18.17 -45.26
C GLY M 479 35.46 -17.59 -43.87
N VAL M 480 34.30 -17.34 -43.25
CA VAL M 480 34.23 -16.59 -42.01
C VAL M 480 34.83 -17.35 -40.83
N THR M 481 35.24 -18.59 -41.02
CA THR M 481 35.74 -19.40 -39.92
C THR M 481 37.07 -18.92 -39.37
N THR M 482 37.60 -17.80 -39.85
CA THR M 482 38.80 -17.20 -39.31
C THR M 482 38.60 -15.70 -39.18
N LEU M 483 39.36 -15.09 -38.28
CA LEU M 483 39.16 -13.69 -37.93
C LEU M 483 39.24 -12.80 -39.17
N LYS M 484 40.38 -12.82 -39.85
CA LYS M 484 40.53 -12.01 -41.05
C LYS M 484 39.52 -12.40 -42.11
N GLY M 485 39.13 -13.68 -42.16
CA GLY M 485 38.07 -14.08 -43.06
C GLY M 485 36.78 -13.35 -42.78
N ALA M 486 36.44 -13.20 -41.50
CA ALA M 486 35.24 -12.45 -41.13
C ALA M 486 35.38 -10.99 -41.52
N MET M 487 36.54 -10.40 -41.23
CA MET M 487 36.71 -8.98 -41.53
C MET M 487 36.78 -8.72 -43.02
N ALA M 488 36.99 -9.75 -43.84
CA ALA M 488 36.90 -9.57 -45.28
C ALA M 488 35.47 -9.80 -45.77
N VAL M 489 34.78 -10.78 -45.20
CA VAL M 489 33.40 -11.02 -45.58
C VAL M 489 32.54 -9.81 -45.25
N MET M 490 32.90 -9.06 -44.20
CA MET M 490 32.19 -7.83 -43.91
C MET M 490 32.25 -6.86 -45.09
N ASP M 491 33.44 -6.64 -45.64
CA ASP M 491 33.58 -5.76 -46.79
C ASP M 491 32.86 -6.31 -48.02
N ILE M 492 32.94 -7.62 -48.23
CA ILE M 492 32.26 -8.19 -49.40
C ILE M 492 30.75 -8.00 -49.28
N ALA M 493 30.21 -8.12 -48.06
CA ALA M 493 28.78 -7.92 -47.87
C ALA M 493 28.41 -6.46 -48.09
N GLU M 494 29.24 -5.53 -47.59
CA GLU M 494 28.97 -4.12 -47.84
C GLU M 494 28.95 -3.82 -49.33
N THR M 495 29.91 -4.37 -50.07
CA THR M 495 29.96 -4.15 -51.50
C THR M 495 28.74 -4.74 -52.20
N ALA M 496 28.34 -5.94 -51.79
CA ALA M 496 27.16 -6.54 -52.40
C ALA M 496 25.92 -5.71 -52.15
N ILE M 497 25.79 -5.16 -50.93
CA ILE M 497 24.67 -4.28 -50.61
C ILE M 497 24.67 -3.09 -51.57
N THR M 498 25.84 -2.48 -51.75
CA THR M 498 25.95 -1.36 -52.68
C THR M 498 25.50 -1.75 -54.09
N ASN M 499 25.96 -2.91 -54.57
CA ASN M 499 25.62 -3.31 -55.93
C ASN M 499 24.13 -3.52 -56.10
N LEU M 500 23.50 -4.24 -55.17
CA LEU M 500 22.07 -4.43 -55.30
C LEU M 500 21.31 -3.12 -55.16
N ASP M 501 21.81 -2.19 -54.36
CA ASP M 501 21.17 -0.87 -54.29
C ASP M 501 21.22 -0.19 -55.64
N GLN M 502 22.37 -0.25 -56.32
CA GLN M 502 22.46 0.38 -57.63
C GLN M 502 21.50 -0.26 -58.62
N ILE M 503 21.41 -1.59 -58.61
CA ILE M 503 20.53 -2.27 -59.56
C ILE M 503 19.07 -1.92 -59.30
N ARG M 504 18.67 -1.95 -58.03
CA ARG M 504 17.29 -1.60 -57.68
C ARG M 504 16.98 -0.14 -58.03
N ALA M 505 17.96 0.74 -57.88
CA ALA M 505 17.74 2.13 -58.26
C ALA M 505 17.56 2.26 -59.76
N ASP M 506 18.28 1.47 -60.56
CA ASP M 506 18.03 1.47 -62.00
C ASP M 506 16.62 1.01 -62.31
N ILE M 507 16.17 -0.06 -61.65
CA ILE M 507 14.80 -0.52 -61.86
C ILE M 507 13.80 0.59 -61.56
N ALA M 508 13.98 1.28 -60.44
CA ALA M 508 13.05 2.35 -60.07
C ALA M 508 13.09 3.50 -61.07
N SER M 509 14.30 3.83 -61.55
CA SER M 509 14.42 4.90 -62.53
C SER M 509 13.66 4.57 -63.80
N ILE M 510 13.65 3.31 -64.20
CA ILE M 510 12.86 2.92 -65.37
C ILE M 510 11.38 3.00 -65.05
N GLN M 511 10.99 2.53 -63.86
CA GLN M 511 9.57 2.45 -63.52
C GLN M 511 8.92 3.82 -63.49
N ASN M 512 9.60 4.83 -62.96
CA ASN M 512 9.01 6.17 -62.93
C ASN M 512 8.74 6.69 -64.34
N GLN M 513 9.69 6.47 -65.25
CA GLN M 513 9.49 6.90 -66.63
C GLN M 513 8.30 6.18 -67.26
N VAL M 514 8.17 4.87 -67.00
CA VAL M 514 7.04 4.14 -67.54
C VAL M 514 5.74 4.73 -67.03
N THR M 515 5.68 5.08 -65.74
CA THR M 515 4.47 5.66 -65.18
C THR M 515 4.11 6.98 -65.88
N SER M 516 5.10 7.86 -66.06
CA SER M 516 4.82 9.13 -66.70
C SER M 516 4.34 8.93 -68.14
N THR M 517 4.97 8.02 -68.87
CA THR M 517 4.51 7.70 -70.21
C THR M 517 3.05 7.27 -70.19
N ILE M 518 2.68 6.42 -69.25
CA ILE M 518 1.32 5.90 -69.20
C ILE M 518 0.32 7.03 -68.97
N ASN M 519 0.64 7.93 -68.05
CA ASN M 519 -0.27 9.05 -67.81
C ASN M 519 -0.46 9.89 -69.07
N ASN M 520 0.64 10.30 -69.70
CA ASN M 520 0.52 11.15 -70.87
C ASN M 520 -0.21 10.43 -72.00
N ILE M 521 0.03 9.14 -72.16
CA ILE M 521 -0.61 8.37 -73.23
C ILE M 521 -2.11 8.28 -72.99
N THR M 522 -2.52 8.08 -71.73
CA THR M 522 -3.95 8.08 -71.43
C THR M 522 -4.60 9.38 -71.86
N VAL M 523 -4.01 10.50 -71.46
CA VAL M 523 -4.62 11.78 -71.82
C VAL M 523 -4.66 11.97 -73.33
N THR M 524 -3.57 11.62 -74.01
CA THR M 524 -3.51 11.79 -75.45
C THR M 524 -4.54 10.91 -76.14
N GLN M 525 -4.77 9.70 -75.62
CA GLN M 525 -5.77 8.83 -76.23
C GLN M 525 -7.16 9.41 -76.09
N VAL M 526 -7.47 9.96 -74.92
CA VAL M 526 -8.77 10.59 -74.74
C VAL M 526 -8.96 11.70 -75.77
N ASN M 527 -7.95 12.56 -75.91
CA ASN M 527 -8.08 13.68 -76.84
C ASN M 527 -8.20 13.21 -78.28
N VAL M 528 -7.43 12.19 -78.66
CA VAL M 528 -7.51 11.67 -80.03
C VAL M 528 -8.88 11.08 -80.30
N LYS M 529 -9.43 10.35 -79.34
CA LYS M 529 -10.75 9.78 -79.52
C LYS M 529 -11.80 10.86 -79.68
N ALA M 530 -11.71 11.92 -78.89
CA ALA M 530 -12.69 13.01 -79.04
C ALA M 530 -12.55 13.71 -80.39
N ALA M 531 -11.31 13.94 -80.82
CA ALA M 531 -11.11 14.60 -82.11
C ALA M 531 -11.59 13.73 -83.26
N GLU M 532 -11.48 12.41 -83.13
CA GLU M 532 -12.05 11.52 -84.12
C GLU M 532 -13.56 11.60 -84.12
N SER M 533 -14.17 11.56 -82.94
CA SER M 533 -15.62 11.66 -82.84
C SER M 533 -16.13 12.92 -83.51
N GLN M 534 -15.40 14.02 -83.36
CA GLN M 534 -15.81 15.26 -84.03
C GLN M 534 -15.95 15.07 -85.54
N ILE M 535 -15.09 14.25 -86.14
CA ILE M 535 -15.10 14.09 -87.58
C ILE M 535 -16.10 13.03 -88.03
N ARG M 536 -16.24 11.94 -87.28
CA ARG M 536 -16.97 10.78 -87.75
C ARG M 536 -18.45 10.79 -87.38
N ASP M 537 -18.75 10.90 -86.10
CA ASP M 537 -20.12 10.66 -85.67
C ASP M 537 -21.03 11.83 -86.00
N VAL M 538 -22.33 11.55 -85.97
CA VAL M 538 -23.35 12.54 -86.30
C VAL M 538 -23.98 13.03 -85.02
N ASP M 539 -24.45 14.28 -85.03
CA ASP M 539 -25.12 14.88 -83.89
C ASP M 539 -26.63 14.78 -84.07
N PHE M 540 -27.27 14.01 -83.21
CA PHE M 540 -28.70 13.78 -83.34
C PHE M 540 -29.52 15.06 -83.28
N ALA M 541 -28.98 16.11 -82.65
CA ALA M 541 -29.65 17.40 -82.66
C ALA M 541 -30.00 17.83 -84.08
N SER M 542 -28.99 18.00 -84.92
CA SER M 542 -29.22 18.38 -86.30
C SER M 542 -29.80 17.24 -87.13
N GLU M 543 -29.48 16.00 -86.78
CA GLU M 543 -29.93 14.89 -87.62
C GLU M 543 -31.43 14.70 -87.55
N SER M 544 -32.01 14.76 -86.35
CA SER M 544 -33.45 14.61 -86.24
C SER M 544 -34.18 15.77 -86.90
N ALA M 545 -33.60 16.96 -86.87
CA ALA M 545 -34.20 18.09 -87.59
C ALA M 545 -34.21 17.82 -89.09
N ASN M 546 -33.06 17.41 -89.64
CA ASN M 546 -33.00 17.07 -91.05
C ASN M 546 -34.03 16.00 -91.40
N TYR M 547 -34.16 14.99 -90.55
CA TYR M 547 -35.06 13.88 -90.87
C TYR M 547 -36.51 14.33 -90.85
N SER M 548 -36.92 15.09 -89.83
CA SER M 548 -38.29 15.55 -89.77
C SER M 548 -38.61 16.47 -90.94
N LYS M 549 -37.67 17.36 -91.28
CA LYS M 549 -37.87 18.24 -92.42
C LYS M 549 -38.06 17.44 -93.70
N ALA M 550 -37.20 16.46 -93.94
CA ALA M 550 -37.32 15.62 -95.11
C ALA M 550 -38.62 14.85 -95.12
N ASN M 551 -39.11 14.42 -93.96
CA ASN M 551 -40.36 13.68 -93.92
C ASN M 551 -41.54 14.56 -94.30
N ILE M 552 -41.60 15.76 -93.75
CA ILE M 552 -42.67 16.69 -94.13
C ILE M 552 -42.59 17.01 -95.62
N LEU M 553 -41.38 17.23 -96.12
CA LEU M 553 -41.22 17.48 -97.55
C LEU M 553 -41.69 16.30 -98.38
N ALA M 554 -41.47 15.07 -97.88
CA ALA M 554 -41.94 13.90 -98.61
C ALA M 554 -43.45 13.86 -98.68
N GLN M 555 -44.12 14.17 -97.57
CA GLN M 555 -45.58 14.23 -97.59
C GLN M 555 -46.07 15.28 -98.57
N SER M 556 -45.45 16.46 -98.56
CA SER M 556 -45.83 17.51 -99.50
C SER M 556 -45.64 17.06 -100.94
N GLY M 557 -44.49 16.47 -101.25
CA GLY M 557 -44.24 16.02 -102.61
C GLY M 557 -45.19 14.95 -103.06
N SER M 558 -45.58 14.06 -102.15
CA SER M 558 -46.59 13.06 -102.51
C SER M 558 -47.92 13.70 -102.81
N TYR M 559 -48.33 14.70 -102.02
CA TYR M 559 -49.55 15.42 -102.35
C TYR M 559 -49.43 16.10 -103.71
N ALA M 560 -48.27 16.66 -104.02
CA ALA M 560 -48.08 17.33 -105.29
C ALA M 560 -48.20 16.37 -106.45
N MET M 561 -47.61 15.18 -106.31
CA MET M 561 -47.75 14.18 -107.36
C MET M 561 -49.20 13.74 -107.52
N ALA M 562 -49.89 13.53 -106.39
CA ALA M 562 -51.29 13.11 -106.46
C ALA M 562 -52.14 14.16 -107.17
N GLN M 563 -51.82 15.43 -106.98
CA GLN M 563 -52.58 16.46 -107.68
C GLN M 563 -52.17 16.59 -109.14
N ALA M 564 -50.89 16.40 -109.43
CA ALA M 564 -50.43 16.52 -110.80
C ALA M 564 -51.03 15.44 -111.68
N ASN M 565 -51.15 14.22 -111.15
CA ASN M 565 -51.75 13.16 -111.95
C ASN M 565 -53.21 13.46 -112.27
N SER M 566 -53.91 14.12 -111.35
CA SER M 566 -55.32 14.41 -111.52
C SER M 566 -55.58 15.72 -112.25
N SER M 567 -54.56 16.54 -112.46
CA SER M 567 -54.75 17.85 -113.07
C SER M 567 -55.23 17.79 -114.51
N GLN M 568 -55.50 16.63 -115.07
CA GLN M 568 -55.94 16.52 -116.45
C GLN M 568 -57.36 15.98 -116.57
N GLN M 569 -58.10 15.90 -115.49
CA GLN M 569 -59.46 15.40 -115.56
C GLN M 569 -60.39 16.34 -116.31
N ASN M 570 -59.99 17.59 -116.50
CA ASN M 570 -60.91 18.59 -117.04
C ASN M 570 -61.17 18.41 -118.52
N VAL M 571 -60.28 17.75 -119.25
CA VAL M 571 -60.49 17.58 -120.68
C VAL M 571 -61.73 16.76 -120.95
N LEU M 572 -62.14 15.93 -120.01
CA LEU M 572 -63.36 15.17 -120.19
C LEU M 572 -64.58 16.06 -120.30
N ARG M 573 -64.57 17.22 -119.63
CA ARG M 573 -65.69 18.15 -119.77
C ARG M 573 -65.76 18.71 -121.18
N LEU M 574 -64.61 18.94 -121.81
CA LEU M 574 -64.61 19.31 -123.21
C LEU M 574 -65.15 18.19 -124.07
N LEU M 575 -64.66 16.97 -123.85
CA LEU M 575 -64.95 15.88 -124.76
C LEU M 575 -66.41 15.48 -124.71
N GLN M 576 -66.95 15.29 -123.51
CA GLN M 576 -68.34 14.84 -123.37
C GLN M 576 -69.33 15.78 -124.05
N PHE N 3 -56.97 18.46 -43.92
CA PHE N 3 -56.37 17.93 -45.14
C PHE N 3 -56.05 19.09 -46.06
N ARG N 4 -56.41 20.29 -45.62
CA ARG N 4 -56.08 21.52 -46.31
C ARG N 4 -54.65 21.92 -45.97
N ILE N 5 -53.86 22.18 -47.00
CA ILE N 5 -52.47 22.53 -46.81
C ILE N 5 -52.33 24.05 -46.85
N ASN N 6 -51.14 24.53 -46.52
CA ASN N 6 -50.66 25.90 -46.31
C ASN N 6 -50.98 26.43 -44.93
N THR N 7 -51.66 25.67 -44.07
CA THR N 7 -51.81 26.04 -42.67
C THR N 7 -51.65 24.80 -41.79
N ASN N 8 -50.57 24.06 -41.99
CA ASN N 8 -50.29 22.88 -41.18
C ASN N 8 -50.43 23.18 -39.70
N VAL N 9 -51.38 22.52 -39.04
CA VAL N 9 -51.67 22.81 -37.64
C VAL N 9 -50.94 21.84 -36.71
N ALA N 10 -50.80 20.57 -37.13
CA ALA N 10 -50.01 19.65 -36.35
C ALA N 10 -48.58 20.12 -36.20
N ALA N 11 -48.05 20.81 -37.21
CA ALA N 11 -46.71 21.38 -37.10
C ALA N 11 -46.64 22.41 -35.99
N LEU N 12 -47.61 23.33 -35.95
CA LEU N 12 -47.58 24.36 -34.91
C LEU N 12 -47.75 23.75 -33.53
N ASN N 13 -48.64 22.77 -33.40
CA ASN N 13 -48.84 22.13 -32.11
C ASN N 13 -47.57 21.44 -31.64
N ALA N 14 -46.96 20.64 -32.51
CA ALA N 14 -45.71 19.96 -32.15
C ALA N 14 -44.63 20.96 -31.82
N LYS N 15 -44.55 22.07 -32.55
CA LYS N 15 -43.53 23.07 -32.27
C LYS N 15 -43.74 23.68 -30.90
N ALA N 16 -44.99 23.99 -30.54
CA ALA N 16 -45.25 24.57 -29.22
C ALA N 16 -44.83 23.61 -28.12
N ASN N 17 -45.25 22.35 -28.23
CA ASN N 17 -44.89 21.38 -27.19
C ASN N 17 -43.39 21.20 -27.08
N SER N 18 -42.71 21.07 -28.22
CA SER N 18 -41.28 20.86 -28.20
C SER N 18 -40.55 22.08 -27.64
N ASP N 19 -41.05 23.27 -27.91
CA ASP N 19 -40.41 24.47 -27.37
C ASP N 19 -40.55 24.53 -25.86
N LEU N 20 -41.74 24.21 -25.35
CA LEU N 20 -41.90 24.14 -23.90
C LEU N 20 -40.92 23.13 -23.30
N ASN N 21 -40.79 21.97 -23.93
CA ASN N 21 -39.90 20.95 -23.37
C ASN N 21 -38.45 21.39 -23.45
N ALA N 22 -38.07 22.11 -24.51
CA ALA N 22 -36.71 22.62 -24.60
C ALA N 22 -36.44 23.63 -23.51
N LYS N 23 -37.42 24.48 -23.19
CA LYS N 23 -37.29 25.37 -22.05
C LYS N 23 -37.01 24.59 -20.77
N SER N 24 -37.78 23.53 -20.53
CA SER N 24 -37.57 22.74 -19.32
C SER N 24 -36.20 22.08 -19.30
N LEU N 25 -35.77 21.55 -20.44
CA LEU N 25 -34.46 20.92 -20.52
C LEU N 25 -33.35 21.92 -20.24
N ASP N 26 -33.46 23.12 -20.80
CA ASP N 26 -32.46 24.16 -20.55
C ASP N 26 -32.41 24.51 -19.08
N ALA N 27 -33.57 24.64 -18.44
CA ALA N 27 -33.59 24.95 -17.01
C ALA N 27 -32.89 23.87 -16.20
N SER N 28 -33.22 22.60 -16.48
CA SER N 28 -32.59 21.51 -15.73
C SER N 28 -31.09 21.47 -15.97
N LEU N 29 -30.65 21.75 -17.19
CA LEU N 29 -29.23 21.74 -17.48
C LEU N 29 -28.50 22.88 -16.77
N SER N 30 -29.10 24.06 -16.70
CA SER N 30 -28.49 25.15 -15.97
C SER N 30 -28.38 24.82 -14.49
N ARG N 31 -29.41 24.19 -13.94
CA ARG N 31 -29.33 23.75 -12.55
C ARG N 31 -28.19 22.75 -12.37
N LEU N 32 -28.11 21.76 -13.25
CA LEU N 32 -27.05 20.76 -13.17
C LEU N 32 -25.67 21.39 -13.26
N SER N 33 -25.53 22.44 -14.06
CA SER N 33 -24.23 23.10 -14.20
C SER N 33 -23.88 23.90 -12.95
N SER N 34 -24.73 24.86 -12.59
CA SER N 34 -24.40 25.76 -11.48
C SER N 34 -24.32 25.02 -10.16
N GLY N 35 -25.13 23.99 -9.97
CA GLY N 35 -25.15 23.28 -8.70
C GLY N 35 -26.12 23.82 -7.69
N LEU N 36 -27.00 24.73 -8.07
CA LEU N 36 -27.96 25.34 -7.16
C LEU N 36 -29.37 25.12 -7.67
N ARG N 37 -30.31 24.95 -6.74
CA ARG N 37 -31.70 24.77 -7.12
C ARG N 37 -32.38 26.08 -7.45
N ILE N 38 -31.88 27.19 -6.96
CA ILE N 38 -32.43 28.52 -7.25
C ILE N 38 -31.29 29.38 -7.76
N ASN N 39 -31.19 29.53 -9.08
CA ASN N 39 -30.16 30.36 -9.68
C ASN N 39 -30.66 31.78 -9.88
N SER N 40 -31.75 31.94 -10.64
CA SER N 40 -32.21 33.25 -11.06
C SER N 40 -33.15 33.89 -10.05
N ALA N 41 -33.43 33.24 -8.93
CA ALA N 41 -34.35 33.74 -7.91
C ALA N 41 -35.71 34.08 -8.49
N ALA N 42 -36.04 33.51 -9.64
CA ALA N 42 -37.36 33.65 -10.24
C ALA N 42 -38.19 32.39 -10.10
N ASP N 43 -37.59 31.29 -9.66
CA ASP N 43 -38.30 30.05 -9.40
C ASP N 43 -38.67 29.88 -7.94
N ASP N 44 -38.07 30.66 -7.04
CA ASP N 44 -38.46 30.63 -5.63
C ASP N 44 -38.03 31.94 -4.99
N ALA N 45 -38.99 32.77 -4.61
CA ALA N 45 -38.67 34.07 -4.03
C ALA N 45 -38.39 33.97 -2.54
N SER N 46 -39.33 33.42 -1.78
CA SER N 46 -39.15 33.31 -0.33
C SER N 46 -38.04 32.33 -0.01
N GLY N 47 -37.91 31.27 -0.80
CA GLY N 47 -36.78 30.38 -0.63
C GLY N 47 -35.47 31.12 -0.75
N MET N 48 -35.35 31.98 -1.77
CA MET N 48 -34.16 32.79 -1.92
C MET N 48 -33.97 33.73 -0.76
N ALA N 49 -35.05 34.31 -0.24
CA ALA N 49 -34.93 35.24 0.87
C ALA N 49 -34.41 34.53 2.12
N ILE N 50 -34.96 33.36 2.44
CA ILE N 50 -34.51 32.62 3.60
C ILE N 50 -33.08 32.14 3.40
N ALA N 51 -32.75 31.71 2.19
CA ALA N 51 -31.40 31.24 1.93
C ALA N 51 -30.39 32.36 2.08
N ASP N 52 -30.74 33.57 1.63
CA ASP N 52 -29.84 34.70 1.81
C ASP N 52 -29.73 35.11 3.26
N SER N 53 -30.82 35.08 4.02
CA SER N 53 -30.70 35.35 5.45
C SER N 53 -29.80 34.34 6.14
N LEU N 54 -29.95 33.05 5.80
CA LEU N 54 -29.14 32.03 6.44
C LEU N 54 -27.70 32.11 6.00
N ARG N 55 -27.44 32.50 4.75
CA ARG N 55 -26.06 32.69 4.31
C ARG N 55 -25.41 33.85 5.03
N SER N 56 -26.14 34.96 5.17
CA SER N 56 -25.64 36.08 5.96
C SER N 56 -25.32 35.64 7.38
N GLN N 57 -26.22 34.87 8.00
CA GLN N 57 -25.98 34.43 9.37
C GLN N 57 -24.82 33.46 9.47
N ALA N 58 -24.64 32.58 8.49
CA ALA N 58 -23.52 31.66 8.53
C ALA N 58 -22.20 32.40 8.38
N ASN N 59 -22.13 33.38 7.47
CA ASN N 59 -20.92 34.17 7.36
C ASN N 59 -20.64 34.96 8.62
N THR N 60 -21.69 35.52 9.23
CA THR N 60 -21.49 36.29 10.45
C THR N 60 -20.97 35.42 11.58
N LEU N 61 -21.51 34.20 11.69
CA LEU N 61 -21.01 33.30 12.73
C LEU N 61 -19.60 32.84 12.42
N GLY N 62 -19.28 32.63 11.15
CA GLY N 62 -17.92 32.25 10.79
C GLY N 62 -16.92 33.33 11.15
N GLN N 63 -17.29 34.59 10.99
CA GLN N 63 -16.41 35.67 11.41
C GLN N 63 -16.39 35.82 12.92
N ALA N 64 -17.52 35.55 13.58
CA ALA N 64 -17.56 35.62 15.03
C ALA N 64 -16.64 34.58 15.66
N ILE N 65 -16.49 33.42 15.02
CA ILE N 65 -15.54 32.43 15.51
C ILE N 65 -14.14 33.02 15.55
N SER N 66 -13.76 33.74 14.51
CA SER N 66 -12.42 34.32 14.47
C SER N 66 -12.28 35.44 15.49
N ASN N 67 -13.33 36.24 15.67
CA ASN N 67 -13.30 37.25 16.73
C ASN N 67 -13.07 36.60 18.09
N GLY N 68 -13.78 35.50 18.35
CA GLY N 68 -13.60 34.80 19.62
C GLY N 68 -12.22 34.22 19.78
N ASN N 69 -11.65 33.68 18.69
CA ASN N 69 -10.31 33.15 18.77
C ASN N 69 -9.28 34.25 19.05
N ASP N 70 -9.48 35.44 18.46
CA ASP N 70 -8.57 36.54 18.74
C ASP N 70 -8.68 36.99 20.19
N ALA N 71 -9.91 37.04 20.72
CA ALA N 71 -10.07 37.37 22.13
C ALA N 71 -9.40 36.33 23.01
N LEU N 72 -9.52 35.05 22.64
CA LEU N 72 -8.83 34.00 23.37
C LEU N 72 -7.33 34.22 23.36
N GLY N 73 -6.77 34.55 22.20
CA GLY N 73 -5.34 34.81 22.13
C GLY N 73 -4.91 35.95 23.03
N ILE N 74 -5.65 37.06 22.99
CA ILE N 74 -5.29 38.20 23.83
C ILE N 74 -5.34 37.82 25.30
N LEU N 75 -6.41 37.17 25.73
CA LEU N 75 -6.56 36.82 27.14
C LEU N 75 -5.47 35.86 27.58
N GLN N 76 -5.14 34.87 26.75
CA GLN N 76 -4.07 33.94 27.09
C GLN N 76 -2.75 34.68 27.22
N THR N 77 -2.47 35.61 26.31
CA THR N 77 -1.24 36.39 26.40
C THR N 77 -1.15 37.11 27.73
N ALA N 78 -2.21 37.83 28.11
CA ALA N 78 -2.19 38.55 29.38
C ALA N 78 -2.00 37.61 30.55
N ASP N 79 -2.75 36.51 30.58
CA ASP N 79 -2.70 35.61 31.71
C ASP N 79 -1.31 35.01 31.87
N LYS N 80 -0.79 34.40 30.81
CA LYS N 80 0.55 33.83 30.87
C LYS N 80 1.61 34.89 31.16
N ALA N 81 1.35 36.15 30.83
CA ALA N 81 2.31 37.20 31.17
C ALA N 81 2.32 37.47 32.66
N MET N 82 1.16 37.36 33.32
CA MET N 82 1.10 37.69 34.75
C MET N 82 1.88 36.73 35.64
N ASP N 83 2.26 35.57 35.11
CA ASP N 83 2.92 34.55 35.95
C ASP N 83 4.25 35.05 36.47
N GLU N 84 5.02 35.74 35.64
CA GLU N 84 6.31 36.23 36.09
C GLU N 84 6.14 37.31 37.14
N GLN N 85 5.09 38.13 37.04
CA GLN N 85 4.83 39.09 38.10
C GLN N 85 4.52 38.38 39.41
N LEU N 86 3.74 37.30 39.36
CA LEU N 86 3.46 36.57 40.59
C LEU N 86 4.74 36.02 41.21
N LYS N 87 5.58 35.38 40.41
CA LYS N 87 6.82 34.83 40.96
C LYS N 87 7.73 35.93 41.49
N ILE N 88 7.73 37.09 40.84
CA ILE N 88 8.55 38.20 41.29
C ILE N 88 8.08 38.69 42.65
N LEU N 89 6.76 38.83 42.81
CA LEU N 89 6.24 39.24 44.12
C LEU N 89 6.60 38.22 45.18
N ASP N 90 6.54 36.94 44.85
CA ASP N 90 6.96 35.91 45.80
C ASP N 90 8.40 36.13 46.22
N THR N 91 9.28 36.39 45.24
CA THR N 91 10.69 36.60 45.57
C THR N 91 10.87 37.84 46.44
N ILE N 92 10.09 38.89 46.18
CA ILE N 92 10.18 40.11 46.97
C ILE N 92 9.81 39.83 48.42
N LYS N 93 8.73 39.09 48.61
CA LYS N 93 8.32 38.76 49.98
C LYS N 93 9.37 37.90 50.66
N THR N 94 9.98 36.97 49.94
CA THR N 94 11.03 36.15 50.53
C THR N 94 12.22 37.00 50.94
N LYS N 95 12.60 37.97 50.10
CA LYS N 95 13.72 38.83 50.45
C LYS N 95 13.41 39.70 51.65
N ALA N 96 12.17 40.19 51.74
CA ALA N 96 11.77 40.94 52.92
C ALA N 96 11.88 40.08 54.17
N THR N 97 11.42 38.83 54.09
CA THR N 97 11.58 37.93 55.22
C THR N 97 13.04 37.75 55.57
N GLN N 98 13.90 37.61 54.56
CA GLN N 98 15.33 37.46 54.80
C GLN N 98 15.95 38.68 55.46
N ALA N 99 15.44 39.86 55.17
CA ALA N 99 15.93 41.08 55.79
C ALA N 99 15.32 41.33 57.16
N ALA N 100 14.23 40.65 57.49
CA ALA N 100 13.55 40.86 58.76
C ALA N 100 14.24 40.20 59.94
N GLN N 101 15.43 39.63 59.77
CA GLN N 101 16.19 39.13 60.89
C GLN N 101 17.20 40.17 61.35
N ASP N 102 17.67 40.02 62.57
CA ASP N 102 18.65 40.95 63.11
C ASP N 102 20.07 40.40 63.06
N GLY N 103 20.30 39.35 62.29
CA GLY N 103 21.66 38.95 62.02
C GLY N 103 22.28 39.70 60.86
N GLN N 104 21.64 40.77 60.41
CA GLN N 104 21.99 41.46 59.18
C GLN N 104 22.16 42.94 59.47
N SER N 105 23.27 43.51 59.01
CA SER N 105 23.54 44.92 59.25
C SER N 105 22.85 45.77 58.18
N LEU N 106 22.95 47.09 58.36
CA LEU N 106 22.30 48.01 57.43
C LEU N 106 22.85 47.84 56.02
N LYS N 107 24.11 47.43 55.89
CA LYS N 107 24.70 47.23 54.58
C LYS N 107 24.03 46.08 53.83
N THR N 108 23.89 44.94 54.49
CA THR N 108 23.24 43.81 53.84
C THR N 108 21.77 44.12 53.59
N ARG N 109 21.10 44.79 54.53
CA ARG N 109 19.73 45.22 54.25
C ARG N 109 19.68 46.12 53.02
N THR N 110 20.69 46.96 52.84
CA THR N 110 20.73 47.85 51.70
C THR N 110 20.91 47.06 50.41
N MET N 111 21.73 46.01 50.43
CA MET N 111 21.81 45.13 49.26
C MET N 111 20.46 44.52 48.95
N LEU N 112 19.77 44.04 49.99
CA LEU N 112 18.43 43.46 49.81
C LEU N 112 17.49 44.47 49.15
N GLN N 113 17.50 45.70 49.65
CA GLN N 113 16.60 46.72 49.13
C GLN N 113 16.95 47.07 47.69
N ALA N 114 18.24 47.18 47.39
CA ALA N 114 18.65 47.46 46.02
C ALA N 114 18.20 46.37 45.08
N ASP N 115 18.18 45.12 45.55
CA ASP N 115 17.70 44.03 44.71
C ASP N 115 16.19 44.14 44.51
N ILE N 116 15.46 44.40 45.59
CA ILE N 116 14.01 44.54 45.49
C ILE N 116 13.64 45.67 44.53
N ASN N 117 14.46 46.73 44.51
CA ASN N 117 14.21 47.82 43.58
C ASN N 117 14.24 47.34 42.14
N LYS N 118 15.25 46.55 41.78
CA LYS N 118 15.34 46.05 40.42
C LYS N 118 14.17 45.11 40.10
N LEU N 119 13.81 44.26 41.06
CA LEU N 119 12.70 43.34 40.82
C LEU N 119 11.41 44.11 40.57
N MET N 120 11.14 45.12 41.39
CA MET N 120 9.94 45.93 41.19
C MET N 120 9.98 46.68 39.88
N GLU N 121 11.17 47.17 39.49
CA GLU N 121 11.30 47.80 38.19
C GLU N 121 10.95 46.84 37.08
N GLU N 122 11.35 45.57 37.22
CA GLU N 122 10.98 44.58 36.21
C GLU N 122 9.48 44.34 36.20
N LEU N 123 8.85 44.34 37.37
CA LEU N 123 7.39 44.21 37.42
C LEU N 123 6.73 45.32 36.60
N ASP N 124 7.13 46.56 36.87
CA ASP N 124 6.64 47.68 36.07
C ASP N 124 6.92 47.49 34.59
N ASN N 125 8.09 46.93 34.27
CA ASN N 125 8.44 46.75 32.87
C ASN N 125 7.49 45.78 32.19
N ILE N 126 7.20 44.66 32.85
CA ILE N 126 6.24 43.71 32.27
C ILE N 126 4.89 44.36 32.11
N ALA N 127 4.43 45.07 33.14
CA ALA N 127 3.11 45.71 33.09
C ALA N 127 3.00 46.67 31.91
N ASN N 128 3.98 47.57 31.76
CA ASN N 128 3.95 48.56 30.70
C ASN N 128 4.49 48.02 29.39
N THR N 129 4.86 46.77 29.33
CA THR N 129 5.40 46.21 28.09
C THR N 129 4.44 45.28 27.38
N THR N 130 3.77 44.39 28.09
CA THR N 130 2.90 43.43 27.41
C THR N 130 1.82 44.15 26.61
N SER N 131 1.73 43.83 25.32
CA SER N 131 0.78 44.48 24.44
C SER N 131 0.54 43.60 23.22
N PHE N 132 -0.66 43.72 22.65
CA PHE N 132 -1.01 42.86 21.51
C PHE N 132 -0.50 43.43 20.20
N ASN N 133 -1.04 44.56 19.77
CA ASN N 133 -0.56 45.27 18.59
C ASN N 133 -0.58 46.77 18.86
N GLY N 134 -0.11 47.16 20.03
CA GLY N 134 -0.20 48.51 20.51
C GLY N 134 -1.11 48.66 21.70
N LYS N 135 -2.17 47.86 21.76
CA LYS N 135 -3.08 47.87 22.90
C LYS N 135 -2.33 47.32 24.11
N GLN N 136 -1.94 48.20 25.03
CA GLN N 136 -1.32 47.75 26.26
C GLN N 136 -2.34 47.02 27.10
N LEU N 137 -2.04 45.76 27.43
CA LEU N 137 -3.02 44.93 28.13
C LEU N 137 -3.00 45.18 29.63
N LEU N 138 -1.87 44.93 30.27
CA LEU N 138 -1.78 45.00 31.73
C LEU N 138 -1.30 46.38 32.19
N SER N 139 -2.04 47.41 31.81
CA SER N 139 -1.66 48.76 32.18
C SER N 139 -2.83 49.51 32.81
N GLY N 140 -4.04 49.22 32.36
CA GLY N 140 -5.24 49.88 32.84
C GLY N 140 -6.14 50.42 31.75
N ASN N 141 -5.62 50.60 30.53
CA ASN N 141 -6.45 51.05 29.41
C ASN N 141 -7.05 49.91 28.62
N PHE N 142 -7.33 48.78 29.26
CA PHE N 142 -8.05 47.68 28.64
C PHE N 142 -9.40 47.48 29.32
N THR N 143 -10.08 48.58 29.61
CA THR N 143 -11.38 48.54 30.27
C THR N 143 -12.50 48.61 29.25
N ASN N 144 -13.51 47.77 29.45
CA ASN N 144 -14.73 47.77 28.64
C ASN N 144 -14.41 47.63 27.16
N GLN N 145 -13.75 46.53 26.82
CA GLN N 145 -13.46 46.18 25.44
C GLN N 145 -14.36 45.02 25.03
N GLU N 146 -14.93 45.11 23.84
CA GLU N 146 -15.93 44.17 23.37
C GLU N 146 -15.36 43.25 22.31
N PHE N 147 -16.10 42.18 22.04
CA PHE N 147 -15.76 41.24 20.97
C PHE N 147 -17.07 40.70 20.43
N GLN N 148 -17.57 41.30 19.36
CA GLN N 148 -18.83 40.85 18.77
C GLN N 148 -18.74 39.39 18.35
N ILE N 149 -19.56 38.55 18.96
CA ILE N 149 -19.54 37.11 18.71
C ILE N 149 -20.93 36.57 18.41
N GLY N 150 -21.80 37.38 17.82
CA GLY N 150 -23.15 36.95 17.55
C GLY N 150 -23.54 37.21 16.11
N ALA N 151 -24.62 36.54 15.70
CA ALA N 151 -25.13 36.75 14.35
C ALA N 151 -25.72 38.15 14.19
N SER N 152 -26.38 38.66 15.23
CA SER N 152 -27.00 39.97 15.18
C SER N 152 -26.00 41.01 15.67
N SER N 153 -26.50 42.21 15.95
CA SER N 153 -25.63 43.37 16.10
C SER N 153 -24.83 43.36 17.39
N ASN N 154 -25.49 43.23 18.53
CA ASN N 154 -24.85 43.57 19.80
C ASN N 154 -24.77 42.38 20.74
N GLN N 155 -24.34 41.23 20.24
CA GLN N 155 -23.92 40.14 21.09
C GLN N 155 -22.41 40.23 21.28
N THR N 156 -21.96 40.26 22.53
CA THR N 156 -20.54 40.47 22.75
C THR N 156 -20.15 40.07 24.15
N VAL N 157 -18.88 39.72 24.32
CA VAL N 157 -18.28 39.53 25.62
C VAL N 157 -17.44 40.77 25.91
N LYS N 158 -17.21 41.03 27.19
CA LYS N 158 -16.54 42.25 27.62
C LYS N 158 -15.38 41.91 28.54
N ALA N 159 -14.20 42.44 28.23
CA ALA N 159 -12.99 42.21 29.00
C ALA N 159 -12.56 43.50 29.65
N THR N 160 -12.23 43.45 30.94
CA THR N 160 -11.90 44.64 31.71
C THR N 160 -10.69 44.37 32.60
N ILE N 161 -9.62 43.86 32.00
CA ILE N 161 -8.38 43.58 32.73
C ILE N 161 -7.93 44.80 33.52
N GLY N 162 -7.81 44.65 34.84
CA GLY N 162 -7.44 45.75 35.70
C GLY N 162 -5.98 46.13 35.54
N ALA N 163 -5.60 47.22 36.22
CA ALA N 163 -4.25 47.74 36.15
C ALA N 163 -3.34 47.00 37.12
N THR N 164 -2.06 46.90 36.76
CA THR N 164 -1.15 46.08 37.55
C THR N 164 0.24 46.70 37.69
N GLN N 165 0.36 48.01 37.55
CA GLN N 165 1.66 48.63 37.79
C GLN N 165 2.01 48.54 39.26
N SER N 166 3.31 48.65 39.55
CA SER N 166 3.77 48.51 40.93
C SER N 166 3.25 49.60 41.83
N SER N 167 2.78 50.70 41.28
CA SER N 167 2.24 51.81 42.07
C SER N 167 0.77 51.66 42.37
N LYS N 168 0.15 50.55 41.95
CA LYS N 168 -1.29 50.40 42.07
C LYS N 168 -1.73 49.08 42.67
N ILE N 169 -0.83 48.13 42.90
CA ILE N 169 -1.29 46.82 43.33
C ILE N 169 -1.26 46.67 44.84
N GLY N 170 -0.09 46.75 45.46
CA GLY N 170 -0.02 46.43 46.87
C GLY N 170 -0.23 47.65 47.73
N VAL N 171 -1.45 47.85 48.19
CA VAL N 171 -1.80 49.02 48.98
C VAL N 171 -2.51 48.53 50.23
N THR N 172 -1.76 48.38 51.31
CA THR N 172 -2.31 47.96 52.58
C THR N 172 -2.76 49.17 53.39
N ARG N 173 -3.29 48.90 54.58
CA ARG N 173 -3.78 49.94 55.46
C ARG N 173 -3.20 49.70 56.85
N PHE N 174 -2.52 50.70 57.38
CA PHE N 174 -1.96 50.64 58.72
C PHE N 174 -2.71 51.60 59.63
N GLU N 175 -2.72 51.27 60.92
CA GLU N 175 -3.25 52.14 61.95
C GLU N 175 -2.41 51.95 63.19
N THR N 176 -2.44 52.94 64.08
CA THR N 176 -1.72 52.83 65.35
C THR N 176 -2.29 53.83 66.33
N GLY N 177 -2.73 53.34 67.48
CA GLY N 177 -3.31 54.22 68.47
C GLY N 177 -2.27 54.94 69.28
N ALA N 178 -2.72 55.93 70.04
CA ALA N 178 -1.84 56.65 70.93
C ALA N 178 -1.41 55.74 72.08
N GLN N 179 -0.34 56.12 72.74
CA GLN N 179 0.17 55.35 73.86
C GLN N 179 -0.83 55.41 75.00
N SER N 180 -1.26 54.25 75.47
CA SER N 180 -2.32 54.15 76.47
C SER N 180 -1.74 54.21 77.87
N PHE N 181 -2.27 55.10 78.69
CA PHE N 181 -1.87 55.21 80.09
C PHE N 181 -2.95 54.76 81.05
N THR N 182 -4.08 54.26 80.55
CA THR N 182 -5.18 53.85 81.39
C THR N 182 -5.38 52.34 81.30
N SER N 183 -6.17 51.82 82.23
CA SER N 183 -6.48 50.40 82.29
C SER N 183 -7.99 50.22 82.10
N GLY N 184 -8.45 48.98 82.26
CA GLY N 184 -9.86 48.71 82.16
C GLY N 184 -10.19 47.62 81.17
N VAL N 185 -11.41 47.08 81.25
CA VAL N 185 -11.83 46.05 80.32
C VAL N 185 -12.27 46.70 79.03
N VAL N 186 -11.90 46.09 77.90
CA VAL N 186 -12.13 46.67 76.59
C VAL N 186 -12.72 45.62 75.66
N GLY N 187 -13.72 46.01 74.89
CA GLY N 187 -14.25 45.17 73.85
C GLY N 187 -14.36 45.91 72.54
N LEU N 188 -13.60 45.48 71.53
CA LEU N 188 -13.63 46.17 70.26
C LEU N 188 -14.92 45.87 69.52
N THR N 189 -15.13 46.62 68.44
CA THR N 189 -16.19 46.30 67.49
C THR N 189 -15.78 46.92 66.16
N ILE N 190 -15.25 46.12 65.26
CA ILE N 190 -14.94 46.60 63.92
C ILE N 190 -16.23 46.67 63.12
N LYS N 191 -16.60 47.86 62.70
CA LYS N 191 -17.86 48.07 62.02
C LYS N 191 -17.70 47.78 60.53
N ASN N 192 -18.81 47.37 59.91
CA ASN N 192 -18.85 47.04 58.49
C ASN N 192 -17.70 46.13 58.11
N TYR N 193 -17.51 45.07 58.90
CA TYR N 193 -16.36 44.21 58.69
C TYR N 193 -16.45 43.43 57.39
N ASN N 194 -17.64 43.23 56.85
CA ASN N 194 -17.79 42.49 55.60
C ASN N 194 -18.78 43.11 54.64
N GLY N 195 -19.23 44.33 54.87
CA GLY N 195 -20.16 44.99 53.97
C GLY N 195 -21.60 44.92 54.39
N ILE N 196 -21.91 44.19 55.45
CA ILE N 196 -23.30 44.02 55.86
C ILE N 196 -23.48 44.42 57.33
N GLU N 197 -22.66 43.85 58.21
CA GLU N 197 -22.86 43.96 59.64
C GLU N 197 -21.53 44.25 60.33
N ASP N 198 -21.57 44.24 61.66
CA ASP N 198 -20.41 44.51 62.47
C ASP N 198 -19.73 43.21 62.88
N PHE N 199 -18.65 43.33 63.65
CA PHE N 199 -17.96 42.15 64.17
C PHE N 199 -17.41 42.50 65.54
N LYS N 200 -18.16 42.19 66.59
CA LYS N 200 -17.76 42.49 67.94
C LYS N 200 -16.83 41.41 68.47
N PHE N 201 -15.73 41.83 69.07
CA PHE N 201 -14.84 40.92 69.77
C PHE N 201 -15.34 40.70 71.18
N ASP N 202 -14.65 39.83 71.91
CA ASP N 202 -14.95 39.64 73.31
C ASP N 202 -14.25 40.69 74.16
N ASN N 203 -14.70 40.84 75.39
CA ASN N 203 -14.06 41.77 76.30
C ASN N 203 -12.67 41.26 76.69
N VAL N 204 -11.75 42.19 76.91
CA VAL N 204 -10.36 41.86 77.23
C VAL N 204 -9.91 42.74 78.39
N VAL N 205 -9.34 42.12 79.41
CA VAL N 205 -8.78 42.86 80.54
C VAL N 205 -7.42 43.40 80.09
N ILE N 206 -6.86 44.33 80.84
CA ILE N 206 -5.64 45.00 80.41
C ILE N 206 -4.52 44.93 81.45
N SER N 207 -4.85 45.16 82.72
CA SER N 207 -3.93 45.89 83.58
C SER N 207 -2.52 45.32 83.70
N THR N 208 -2.31 44.28 84.50
CA THR N 208 -0.92 43.84 84.73
C THR N 208 -0.75 42.35 84.91
N SER N 209 -1.80 41.54 84.85
CA SER N 209 -1.65 40.13 85.15
C SER N 209 -1.11 39.39 83.94
N VAL N 210 -0.94 38.08 84.08
CA VAL N 210 -0.39 37.28 82.99
C VAL N 210 -1.32 37.33 81.77
N GLY N 211 -2.57 36.95 81.95
CA GLY N 211 -3.50 36.92 80.84
C GLY N 211 -4.19 38.24 80.60
N THR N 212 -3.44 39.34 80.62
CA THR N 212 -4.00 40.66 80.41
C THR N 212 -3.09 41.43 79.47
N GLY N 213 -3.54 42.59 79.04
CA GLY N 213 -2.70 43.51 78.31
C GLY N 213 -2.90 43.49 76.81
N LEU N 214 -2.10 44.32 76.15
CA LEU N 214 -2.15 44.40 74.70
C LEU N 214 -1.75 43.09 74.07
N GLY N 215 -0.98 42.26 74.76
CA GLY N 215 -0.71 40.92 74.25
C GLY N 215 -1.96 40.07 74.16
N ALA N 216 -2.78 40.08 75.22
CA ALA N 216 -4.05 39.37 75.16
C ALA N 216 -4.96 39.95 74.10
N LEU N 217 -5.00 41.29 73.99
CA LEU N 217 -5.84 41.89 72.96
C LEU N 217 -5.37 41.48 71.56
N ALA N 218 -4.07 41.44 71.33
CA ALA N 218 -3.55 41.06 70.03
C ALA N 218 -3.85 39.60 69.73
N GLU N 219 -3.74 38.73 70.74
CA GLU N 219 -4.16 37.35 70.55
C GLU N 219 -5.61 37.28 70.11
N GLU N 220 -6.49 37.97 70.83
CA GLU N 220 -7.91 37.91 70.52
C GLU N 220 -8.21 38.45 69.13
N ILE N 221 -7.51 39.49 68.71
CA ILE N 221 -7.77 40.07 67.40
C ILE N 221 -7.21 39.18 66.30
N ASN N 222 -5.99 38.68 66.47
CA ASN N 222 -5.37 37.84 65.46
C ASN N 222 -6.08 36.50 65.30
N LYS N 223 -6.76 36.02 66.35
CA LYS N 223 -7.52 34.78 66.22
C LYS N 223 -8.53 34.88 65.10
N SER N 224 -9.29 35.97 65.06
CA SER N 224 -10.29 36.18 64.02
C SER N 224 -9.71 36.98 62.85
N ALA N 225 -8.58 36.52 62.33
CA ALA N 225 -7.91 37.25 61.27
C ALA N 225 -8.51 37.01 59.90
N ASP N 226 -8.86 35.78 59.56
CA ASP N 226 -9.31 35.47 58.21
C ASP N 226 -10.67 36.07 57.89
N LYS N 227 -11.49 36.36 58.88
CA LYS N 227 -12.82 36.89 58.61
C LYS N 227 -12.86 38.41 58.57
N THR N 228 -11.94 39.08 59.26
CA THR N 228 -11.94 40.54 59.29
C THR N 228 -10.85 41.16 58.45
N GLY N 229 -9.81 40.40 58.10
CA GLY N 229 -8.70 40.98 57.38
C GLY N 229 -7.80 41.84 58.21
N VAL N 230 -8.02 41.91 59.52
CA VAL N 230 -7.32 42.84 60.39
C VAL N 230 -6.48 42.04 61.37
N ARG N 231 -5.17 42.06 61.18
CA ARG N 231 -4.24 41.50 62.15
C ARG N 231 -3.72 42.63 63.04
N ALA N 232 -3.05 42.25 64.12
CA ALA N 232 -2.61 43.24 65.09
C ALA N 232 -1.33 42.80 65.77
N THR N 233 -0.59 43.77 66.29
CA THR N 233 0.61 43.56 67.07
C THR N 233 0.71 44.68 68.08
N TYR N 234 1.83 44.75 68.81
CA TYR N 234 1.95 45.70 69.89
C TYR N 234 3.40 46.11 70.08
N ASP N 235 3.60 47.13 70.91
CA ASP N 235 4.93 47.60 71.24
C ASP N 235 4.84 48.27 72.61
N VAL N 236 5.27 47.57 73.64
CA VAL N 236 5.05 48.00 75.03
C VAL N 236 6.42 48.33 75.62
N LYS N 237 6.80 49.60 75.53
CA LYS N 237 8.04 50.09 76.10
C LYS N 237 7.76 51.35 76.90
N THR N 238 8.69 51.67 77.80
CA THR N 238 8.68 52.93 78.54
C THR N 238 10.11 53.43 78.57
N THR N 239 10.42 54.38 77.70
CA THR N 239 11.77 54.90 77.54
C THR N 239 11.84 56.33 78.04
N GLY N 240 12.90 56.64 78.78
CA GLY N 240 13.05 57.96 79.35
C GLY N 240 13.46 58.99 78.31
N VAL N 241 13.82 60.16 78.83
CA VAL N 241 14.40 61.24 78.04
C VAL N 241 15.63 61.73 78.80
N TYR N 242 16.38 62.63 78.16
CA TYR N 242 17.56 63.22 78.78
C TYR N 242 18.42 62.11 79.40
N ALA N 243 19.10 61.37 78.54
CA ALA N 243 19.33 59.94 78.71
C ALA N 243 19.43 59.43 80.13
N ILE N 244 20.36 59.95 80.95
CA ILE N 244 20.45 59.46 82.31
C ILE N 244 21.33 60.36 83.16
N LYS N 245 20.98 60.50 84.44
CA LYS N 245 21.80 61.23 85.40
C LYS N 245 21.95 60.40 86.68
N GLU N 246 22.49 61.00 87.73
CA GLU N 246 22.71 60.30 88.98
C GLU N 246 21.54 60.53 89.93
N GLY N 247 21.06 59.47 90.55
CA GLY N 247 19.96 59.58 91.48
C GLY N 247 19.71 58.24 92.14
N THR N 248 18.69 58.21 92.99
CA THR N 248 18.30 57.01 93.71
C THR N 248 16.81 56.80 93.61
N THR N 249 16.39 55.54 93.72
CA THR N 249 14.98 55.22 93.77
C THR N 249 14.46 55.35 95.19
N SER N 250 13.15 55.28 95.33
CA SER N 250 12.54 55.36 96.65
C SER N 250 12.74 54.07 97.40
N GLN N 251 12.53 54.14 98.72
CA GLN N 251 12.66 52.96 99.57
C GLN N 251 11.58 51.92 99.29
N ASP N 252 10.53 52.30 98.57
CA ASP N 252 9.43 51.41 98.24
C ASP N 252 9.19 51.39 96.73
N PHE N 253 10.27 51.49 95.96
CA PHE N 253 10.16 51.46 94.51
C PHE N 253 9.74 50.07 94.06
N ALA N 254 8.60 49.98 93.39
CA ALA N 254 8.09 48.71 92.91
C ALA N 254 7.77 48.83 91.42
N ILE N 255 7.51 47.70 90.80
CA ILE N 255 7.19 47.65 89.38
C ILE N 255 6.27 46.47 89.13
N ASN N 256 5.10 46.73 88.57
CA ASN N 256 4.09 45.72 88.27
C ASN N 256 3.63 44.96 89.49
N GLY N 257 3.81 45.52 90.69
CA GLY N 257 3.29 44.93 91.90
C GLY N 257 4.30 44.22 92.77
N VAL N 258 5.57 44.18 92.39
CA VAL N 258 6.61 43.58 93.21
C VAL N 258 7.61 44.65 93.59
N THR N 259 7.99 44.68 94.86
CA THR N 259 8.80 45.75 95.42
C THR N 259 10.28 45.48 95.17
N ILE N 260 11.01 46.51 94.75
CA ILE N 260 12.43 46.37 94.45
C ILE N 260 13.25 46.99 95.56
N GLY N 261 13.04 48.27 95.83
CA GLY N 261 13.71 48.95 96.91
C GLY N 261 14.66 50.02 96.41
N LYS N 262 15.37 50.62 97.37
CA LYS N 262 16.26 51.72 97.07
C LYS N 262 17.49 51.24 96.30
N ILE N 263 17.86 52.00 95.27
CA ILE N 263 19.04 51.72 94.46
C ILE N 263 19.71 53.05 94.16
N GLU N 264 21.01 53.15 94.41
CA GLU N 264 21.78 54.33 94.03
C GLU N 264 22.52 54.05 92.74
N TYR N 265 22.15 54.76 91.67
CA TYR N 265 22.78 54.56 90.37
C TYR N 265 23.67 55.75 90.04
N LYS N 266 24.72 55.47 89.27
CA LYS N 266 25.72 56.48 88.94
C LYS N 266 25.21 57.37 87.82
N ASP N 267 26.09 58.18 87.24
CA ASP N 267 25.70 59.13 86.20
C ASP N 267 25.15 58.42 84.97
N GLY N 268 26.00 57.66 84.29
CA GLY N 268 25.55 56.95 83.11
C GLY N 268 25.13 55.55 83.46
N ASP N 269 24.77 55.36 84.73
CA ASP N 269 24.52 54.03 85.29
C ASP N 269 25.74 53.13 85.06
N GLY N 270 26.93 53.69 85.29
CA GLY N 270 28.15 52.92 85.12
C GLY N 270 28.16 51.66 85.95
N ASN N 271 27.50 51.67 87.09
CA ASN N 271 27.40 50.46 87.89
C ASN N 271 26.58 49.40 87.19
N GLY N 272 25.63 49.81 86.34
CA GLY N 272 24.64 48.86 85.86
C GLY N 272 23.77 48.31 86.96
N SER N 273 23.82 48.91 88.15
CA SER N 273 23.07 48.40 89.29
C SER N 273 21.57 48.57 89.08
N LEU N 274 21.15 49.68 88.52
CA LEU N 274 19.72 49.88 88.24
C LEU N 274 19.19 48.81 87.32
N ILE N 275 19.89 48.57 86.21
CA ILE N 275 19.45 47.56 85.26
C ILE N 275 19.48 46.18 85.89
N SER N 276 20.53 45.86 86.63
CA SER N 276 20.62 44.55 87.26
C SER N 276 19.49 44.33 88.25
N ALA N 277 19.17 45.35 89.05
CA ALA N 277 18.12 45.20 90.04
C ALA N 277 16.75 45.06 89.38
N ILE N 278 16.47 45.86 88.36
CA ILE N 278 15.18 45.74 87.70
C ILE N 278 15.07 44.41 86.96
N ASN N 279 16.19 43.88 86.48
CA ASN N 279 16.17 42.64 85.73
C ASN N 279 16.17 41.41 86.62
N ALA N 280 16.57 41.54 87.89
CA ALA N 280 16.52 40.40 88.79
C ALA N 280 15.12 39.83 88.95
N VAL N 281 14.08 40.54 88.51
CA VAL N 281 12.71 40.06 88.62
C VAL N 281 12.03 40.10 87.27
N LYS N 282 12.82 39.93 86.20
CA LYS N 282 12.27 40.01 84.85
C LYS N 282 11.22 38.92 84.62
N ASP N 283 11.46 37.72 85.13
CA ASP N 283 10.55 36.61 84.91
C ASP N 283 9.36 36.61 85.85
N THR N 284 9.37 37.48 86.87
CA THR N 284 8.20 37.63 87.72
C THR N 284 7.32 38.78 87.26
N THR N 285 7.93 39.87 86.78
CA THR N 285 7.14 41.01 86.33
C THR N 285 6.71 40.89 84.88
N GLY N 286 7.62 40.46 84.01
CA GLY N 286 7.42 40.59 82.59
C GLY N 286 8.08 41.81 81.99
N VAL N 287 8.96 42.46 82.74
CA VAL N 287 9.59 43.71 82.33
C VAL N 287 11.08 43.48 82.24
N GLN N 288 11.66 43.76 81.08
CA GLN N 288 13.08 43.55 80.82
C GLN N 288 13.74 44.92 80.69
N ALA N 289 14.47 45.33 81.72
CA ALA N 289 15.16 46.61 81.67
C ALA N 289 16.38 46.53 80.78
N SER N 290 16.67 47.62 80.10
CA SER N 290 17.81 47.68 79.20
C SER N 290 18.32 49.10 79.16
N LYS N 291 19.44 49.29 78.47
CA LYS N 291 20.04 50.59 78.30
C LYS N 291 20.17 50.90 76.83
N ASP N 292 19.58 52.00 76.40
CA ASP N 292 19.64 52.41 75.01
C ASP N 292 21.08 52.74 74.63
N GLU N 293 21.30 52.94 73.32
CA GLU N 293 22.64 53.30 72.87
C GLU N 293 22.98 54.73 73.25
N ASN N 294 21.99 55.61 73.25
CA ASN N 294 22.21 57.00 73.65
C ASN N 294 22.28 57.16 75.16
N GLY N 295 22.25 56.07 75.92
CA GLY N 295 22.29 56.15 77.36
C GLY N 295 20.96 56.22 78.05
N LYS N 296 19.86 56.31 77.29
CA LYS N 296 18.55 56.35 77.91
C LYS N 296 18.23 55.01 78.56
N LEU N 297 17.24 55.02 79.44
CA LEU N 297 16.78 53.84 80.14
C LEU N 297 15.50 53.34 79.51
N VAL N 298 15.44 52.06 79.20
CA VAL N 298 14.33 51.47 78.46
C VAL N 298 13.79 50.29 79.24
N LEU N 299 12.48 50.28 79.47
CA LEU N 299 11.79 49.17 80.12
C LEU N 299 10.81 48.57 79.13
N THR N 300 11.11 47.37 78.66
CA THR N 300 10.28 46.71 77.67
C THR N 300 9.60 45.49 78.27
N SER N 301 8.48 45.12 77.69
CA SER N 301 7.72 43.96 78.12
C SER N 301 7.47 43.07 76.91
N ALA N 302 7.74 41.77 77.07
CA ALA N 302 7.61 40.85 75.95
C ALA N 302 6.16 40.61 75.61
N ASP N 303 5.38 40.08 76.54
CA ASP N 303 4.00 39.71 76.29
C ASP N 303 3.02 40.85 76.52
N GLY N 304 3.49 42.09 76.55
CA GLY N 304 2.62 43.23 76.65
C GLY N 304 1.76 43.27 77.89
N ARG N 305 2.35 43.00 79.05
CA ARG N 305 1.60 43.03 80.29
C ARG N 305 1.34 44.44 80.80
N GLY N 306 2.05 45.43 80.30
CA GLY N 306 1.84 46.78 80.76
C GLY N 306 2.72 47.11 81.96
N ILE N 307 3.55 48.11 81.83
CA ILE N 307 4.49 48.49 82.88
C ILE N 307 3.82 49.49 83.80
N LYS N 308 3.89 49.25 85.10
CA LYS N 308 3.33 50.15 86.10
C LYS N 308 4.29 50.20 87.28
N ILE N 309 5.01 51.30 87.42
CA ILE N 309 5.88 51.52 88.57
C ILE N 309 5.11 52.33 89.60
N THR N 310 5.14 51.88 90.84
CA THR N 310 4.35 52.48 91.90
C THR N 310 5.14 53.49 92.71
N GLY N 311 6.26 53.08 93.29
CA GLY N 311 7.07 53.96 94.09
C GLY N 311 7.71 55.06 93.26
N ASP N 312 8.64 55.76 93.90
CA ASP N 312 9.39 56.82 93.23
C ASP N 312 10.63 56.20 92.60
N ILE N 313 10.64 56.09 91.28
CA ILE N 313 11.83 55.59 90.59
C ILE N 313 13.00 56.53 90.78
N GLY N 314 12.75 57.80 91.02
CA GLY N 314 13.81 58.76 91.17
C GLY N 314 14.11 59.41 89.85
N VAL N 315 13.69 60.67 89.68
CA VAL N 315 13.96 61.36 88.43
C VAL N 315 15.46 61.54 88.28
N GLY N 316 15.95 61.45 87.06
CA GLY N 316 17.36 61.30 86.84
C GLY N 316 17.58 60.03 86.06
N SER N 317 16.62 59.13 86.15
CA SER N 317 16.54 58.02 85.22
C SER N 317 15.88 58.41 83.92
N GLY N 318 15.23 59.56 83.87
CA GLY N 318 14.59 60.03 82.67
C GLY N 318 13.13 59.68 82.53
N ILE N 319 12.58 58.92 83.47
CA ILE N 319 11.18 58.48 83.40
C ILE N 319 10.36 59.49 84.19
N LEU N 320 9.66 60.36 83.48
CA LEU N 320 8.83 61.37 84.11
C LEU N 320 7.68 60.72 84.86
N ALA N 321 7.02 61.52 85.70
CA ALA N 321 5.88 61.02 86.46
C ALA N 321 4.64 60.85 85.62
N ASN N 322 4.73 61.05 84.30
CA ASN N 322 3.60 60.83 83.41
C ASN N 322 3.70 59.53 82.63
N GLN N 323 4.74 58.74 82.86
CA GLN N 323 4.94 57.49 82.15
C GLN N 323 4.80 56.27 83.05
N LYS N 324 4.50 56.45 84.33
CA LYS N 324 4.48 55.32 85.25
C LYS N 324 3.42 54.30 84.86
N GLU N 325 2.24 54.77 84.48
CA GLU N 325 1.15 53.88 84.05
C GLU N 325 1.23 53.77 82.54
N ASN N 326 1.91 52.74 82.06
CA ASN N 326 2.09 52.52 80.63
C ASN N 326 1.56 51.15 80.25
N TYR N 327 0.87 51.10 79.10
CA TYR N 327 0.37 49.83 78.58
C TYR N 327 0.67 49.65 77.11
N GLY N 328 1.60 50.42 76.55
CA GLY N 328 1.99 50.23 75.17
C GLY N 328 0.89 50.62 74.20
N ARG N 329 1.13 50.32 72.93
CA ARG N 329 0.23 50.69 71.86
C ARG N 329 -0.31 49.45 71.15
N LEU N 330 -1.27 49.69 70.27
CA LEU N 330 -1.79 48.67 69.38
C LEU N 330 -1.47 49.05 67.94
N SER N 331 -1.30 48.05 67.09
CA SER N 331 -0.95 48.29 65.69
C SER N 331 -1.80 47.37 64.82
N LEU N 332 -2.95 47.85 64.41
CA LEU N 332 -3.77 47.13 63.45
C LEU N 332 -3.18 47.26 62.06
N VAL N 333 -3.36 46.22 61.25
CA VAL N 333 -2.87 46.20 59.88
C VAL N 333 -3.91 45.45 59.05
N LYS N 334 -4.56 46.15 58.13
CA LYS N 334 -5.45 45.51 57.18
C LYS N 334 -4.66 45.20 55.91
N ASN N 335 -5.35 44.67 54.89
CA ASN N 335 -4.67 44.40 53.63
C ASN N 335 -5.56 44.76 52.45
N ASP N 336 -6.30 45.86 52.56
CA ASP N 336 -7.04 46.35 51.39
C ASP N 336 -6.99 47.85 51.19
N GLY N 337 -6.60 48.65 52.17
CA GLY N 337 -6.46 50.07 51.96
C GLY N 337 -7.64 50.93 52.33
N ARG N 338 -8.60 50.40 53.06
CA ARG N 338 -9.73 51.19 53.56
C ARG N 338 -9.63 51.32 55.07
N ASP N 339 -10.18 52.42 55.60
CA ASP N 339 -10.06 52.70 57.02
C ASP N 339 -10.67 51.58 57.85
N ILE N 340 -9.98 51.21 58.92
CA ILE N 340 -10.54 50.27 59.89
C ILE N 340 -11.46 51.05 60.80
N ASN N 341 -12.77 50.93 60.58
CA ASN N 341 -13.75 51.75 61.28
C ASN N 341 -14.01 51.13 62.65
N ILE N 342 -13.09 51.39 63.56
CA ILE N 342 -13.16 50.79 64.90
C ILE N 342 -14.07 51.62 65.79
N SER N 343 -15.02 50.96 66.45
CA SER N 343 -15.89 51.64 67.42
C SER N 343 -16.25 50.62 68.50
N GLY N 344 -15.48 50.63 69.57
CA GLY N 344 -15.66 49.70 70.66
C GLY N 344 -16.56 50.24 71.75
N THR N 345 -16.37 49.72 72.96
CA THR N 345 -17.15 50.13 74.12
C THR N 345 -16.35 50.99 75.09
N ASN N 346 -15.15 50.54 75.47
CA ASN N 346 -14.29 51.27 76.40
C ASN N 346 -12.93 51.33 75.72
N LEU N 347 -12.73 52.35 74.87
CA LEU N 347 -11.58 52.38 73.99
C LEU N 347 -10.39 53.15 74.55
N SER N 348 -10.61 54.04 75.52
CA SER N 348 -9.49 54.79 76.07
C SER N 348 -8.43 53.88 76.68
N ALA N 349 -8.79 52.62 76.95
CA ALA N 349 -7.83 51.70 77.54
C ALA N 349 -6.74 51.31 76.56
N ILE N 350 -7.07 51.15 75.28
CA ILE N 350 -6.09 50.74 74.29
C ILE N 350 -5.50 51.92 73.52
N GLY N 351 -5.89 53.14 73.88
CA GLY N 351 -5.37 54.30 73.20
C GLY N 351 -6.07 54.60 71.88
N MET N 352 -7.38 54.38 71.82
CA MET N 352 -8.13 54.74 70.62
C MET N 352 -9.46 55.39 70.97
N GLY N 353 -9.60 55.94 72.15
CA GLY N 353 -10.82 56.59 72.56
C GLY N 353 -11.07 57.86 71.76
N THR N 354 -12.19 58.51 72.10
CA THR N 354 -12.58 59.73 71.39
C THR N 354 -11.68 60.91 71.69
N THR N 355 -10.70 60.76 72.58
CA THR N 355 -9.76 61.83 72.89
C THR N 355 -8.32 61.38 72.65
N ASP N 356 -8.13 60.41 71.77
CA ASP N 356 -6.82 59.85 71.48
C ASP N 356 -6.39 60.29 70.09
N MET N 357 -5.11 60.59 69.93
CA MET N 357 -4.57 61.09 68.67
C MET N 357 -3.86 59.94 67.96
N ILE N 358 -4.57 59.26 67.09
CA ILE N 358 -4.05 58.08 66.41
C ILE N 358 -3.61 58.48 65.01
N SER N 359 -2.84 57.60 64.36
CA SER N 359 -2.39 57.82 63.00
C SER N 359 -2.82 56.64 62.15
N GLN N 360 -2.89 56.87 60.84
CA GLN N 360 -3.29 55.85 59.89
C GLN N 360 -2.91 56.32 58.49
N SER N 361 -2.64 55.37 57.61
CA SER N 361 -2.23 55.69 56.25
C SER N 361 -2.25 54.42 55.41
N SER N 362 -2.20 54.60 54.10
CA SER N 362 -2.17 53.50 53.15
C SER N 362 -0.87 53.59 52.36
N VAL N 363 -0.14 52.49 52.30
CA VAL N 363 1.18 52.47 51.68
C VAL N 363 1.15 51.56 50.47
N SER N 364 1.51 52.11 49.32
CA SER N 364 1.59 51.32 48.10
C SER N 364 2.96 50.66 48.00
N LEU N 365 3.10 49.74 47.04
CA LEU N 365 4.36 49.04 46.87
C LEU N 365 5.46 49.99 46.42
N ARG N 366 5.21 50.74 45.35
CA ARG N 366 6.18 51.73 44.90
C ARG N 366 6.44 52.76 45.98
N GLU N 367 5.42 53.13 46.74
CA GLU N 367 5.62 54.05 47.85
C GLU N 367 6.60 53.49 48.86
N SER N 368 6.44 52.22 49.23
CA SER N 368 7.36 51.60 50.16
C SER N 368 8.76 51.47 49.58
N LYS N 369 8.89 51.43 48.25
CA LYS N 369 10.20 51.35 47.63
C LYS N 369 11.09 52.54 48.00
N GLY N 370 10.51 53.65 48.42
CA GLY N 370 11.25 54.87 48.70
C GLY N 370 11.43 55.12 50.18
N GLN N 371 11.77 56.36 50.50
CA GLN N 371 12.05 56.75 51.88
C GLN N 371 10.75 56.97 52.64
N ILE N 372 10.66 56.38 53.83
CA ILE N 372 9.42 56.38 54.59
C ILE N 372 9.22 57.75 55.23
N SER N 373 8.08 58.37 54.94
CA SER N 373 7.75 59.65 55.54
C SER N 373 7.63 59.51 57.05
N ALA N 374 7.67 60.66 57.74
CA ALA N 374 7.67 60.64 59.20
C ALA N 374 6.32 60.21 59.76
N THR N 375 5.25 60.33 58.98
CA THR N 375 3.93 59.93 59.46
C THR N 375 3.68 58.46 59.20
N ASN N 376 3.95 58.00 57.98
CA ASN N 376 3.89 56.58 57.70
C ASN N 376 4.81 55.82 58.63
N ALA N 377 5.94 56.42 59.01
CA ALA N 377 6.84 55.78 59.95
C ALA N 377 6.14 55.46 61.26
N ASP N 378 5.35 56.41 61.76
CA ASP N 378 4.62 56.17 63.00
C ASP N 378 3.50 55.17 62.77
N ALA N 379 2.83 55.25 61.62
CA ALA N 379 1.71 54.35 61.37
C ALA N 379 2.17 52.90 61.26
N MET N 380 3.33 52.64 60.66
CA MET N 380 3.78 51.27 60.47
C MET N 380 3.97 50.56 61.80
N GLY N 381 4.52 51.25 62.79
CA GLY N 381 4.81 50.62 64.06
C GLY N 381 6.18 50.96 64.61
N PHE N 382 6.89 51.86 63.93
CA PHE N 382 8.13 52.37 64.47
C PHE N 382 7.84 53.21 65.71
N ASN N 383 8.92 53.65 66.38
CA ASN N 383 8.88 54.78 67.30
C ASN N 383 7.67 54.78 68.22
N SER N 384 7.61 53.82 69.16
CA SER N 384 6.44 53.63 69.99
C SER N 384 5.84 54.94 70.48
N TYR N 385 6.58 55.72 71.26
CA TYR N 385 5.99 56.85 71.97
C TYR N 385 5.67 58.02 71.04
N LYS N 386 4.79 57.75 70.08
CA LYS N 386 4.17 58.77 69.24
C LYS N 386 5.23 59.63 68.53
N GLY N 387 5.98 58.96 67.66
CA GLY N 387 7.04 59.62 66.93
C GLY N 387 8.31 59.72 67.76
N GLY N 388 9.42 59.33 67.13
CA GLY N 388 10.67 59.19 67.84
C GLY N 388 11.26 60.46 68.37
N GLY N 389 10.58 61.59 68.23
CA GLY N 389 11.12 62.85 68.70
C GLY N 389 10.92 63.05 70.18
N LYS N 390 10.44 64.24 70.55
CA LYS N 390 10.21 64.52 71.96
C LYS N 390 8.99 63.76 72.46
N PHE N 391 8.87 63.69 73.77
CA PHE N 391 7.66 63.16 74.39
C PHE N 391 6.61 64.26 74.44
N VAL N 392 5.34 63.86 74.34
CA VAL N 392 4.24 64.81 74.16
C VAL N 392 3.27 64.65 75.32
N PHE N 393 3.00 65.75 76.03
CA PHE N 393 2.06 65.78 77.13
C PHE N 393 0.73 66.36 76.69
N THR N 394 -0.19 66.47 77.64
CA THR N 394 -1.38 67.30 77.51
C THR N 394 -1.61 68.11 78.78
N GLN N 395 -0.55 68.44 79.48
CA GLN N 395 -0.64 69.08 80.80
C GLN N 395 -1.11 70.53 80.63
N ASN N 396 -1.13 71.28 81.74
CA ASN N 396 -1.69 72.62 81.71
C ASN N 396 -0.69 73.63 82.24
N VAL N 397 0.54 73.57 81.73
CA VAL N 397 1.63 74.42 82.22
C VAL N 397 2.11 75.31 81.09
N SER N 398 2.43 76.55 81.44
CA SER N 398 2.94 77.50 80.45
C SER N 398 4.32 77.07 79.95
N SER N 399 5.24 76.80 80.87
CA SER N 399 6.62 76.53 80.48
C SER N 399 7.21 75.46 81.39
N ILE N 400 8.32 74.88 80.93
CA ILE N 400 9.03 73.87 81.70
C ILE N 400 9.40 74.39 83.08
N SER N 401 9.64 75.70 83.20
CA SER N 401 9.92 76.29 84.50
C SER N 401 8.80 75.98 85.50
N ALA N 402 7.58 76.34 85.16
CA ALA N 402 6.44 76.05 86.02
C ALA N 402 6.13 74.56 86.08
N PHE N 403 6.47 73.82 85.02
CA PHE N 403 6.30 72.37 85.07
C PHE N 403 7.14 71.77 86.20
N MET N 404 8.39 72.21 86.32
CA MET N 404 9.24 71.74 87.41
C MET N 404 8.76 72.30 88.75
N SER N 405 8.36 73.58 88.77
CA SER N 405 7.88 74.17 90.02
C SER N 405 6.67 73.43 90.57
N ALA N 406 5.80 72.93 89.70
CA ALA N 406 4.55 72.33 90.12
C ALA N 406 4.79 71.04 90.88
N GLN N 407 3.70 70.49 91.42
CA GLN N 407 3.76 69.28 92.23
C GLN N 407 3.93 68.05 91.34
N GLY N 408 3.88 66.88 91.97
CA GLY N 408 3.93 65.63 91.24
C GLY N 408 5.31 65.29 90.70
N SER N 409 5.85 66.16 89.85
CA SER N 409 7.16 65.91 89.28
C SER N 409 8.23 65.90 90.38
N GLY N 410 9.36 65.30 90.06
CA GLY N 410 10.43 65.19 91.03
C GLY N 410 11.35 66.40 91.03
N PHE N 411 10.85 67.54 90.56
CA PHE N 411 11.66 68.76 90.50
C PHE N 411 11.14 69.85 91.42
N SER N 412 10.41 69.49 92.47
CA SER N 412 9.83 70.50 93.35
C SER N 412 10.95 71.18 94.16
N ARG N 413 10.54 72.13 95.00
CA ARG N 413 11.52 72.87 95.79
C ARG N 413 12.25 71.95 96.76
N GLY N 414 11.54 71.03 97.39
CA GLY N 414 12.17 70.12 98.33
C GLY N 414 13.09 69.12 97.66
N SER N 415 12.72 68.67 96.47
CA SER N 415 13.53 67.68 95.77
C SER N 415 14.91 68.25 95.44
N GLY N 416 15.85 67.34 95.20
CA GLY N 416 17.21 67.77 94.92
C GLY N 416 17.39 68.39 93.55
N PHE N 417 16.64 67.92 92.57
CA PHE N 417 16.80 68.38 91.19
C PHE N 417 15.92 69.58 90.87
N SER N 418 16.00 70.62 91.69
CA SER N 418 15.26 71.83 91.38
C SER N 418 16.01 72.66 90.35
N VAL N 419 15.29 73.58 89.71
CA VAL N 419 15.92 74.46 88.74
C VAL N 419 16.94 75.33 89.46
N GLY N 420 18.18 75.28 88.99
CA GLY N 420 19.26 75.98 89.66
C GLY N 420 19.95 75.17 90.74
N SER N 421 20.05 73.86 90.58
CA SER N 421 20.68 73.00 91.57
C SER N 421 21.86 72.23 91.01
N GLY N 422 22.50 72.75 89.95
CA GLY N 422 23.66 72.12 89.38
C GLY N 422 23.39 70.89 88.56
N LYS N 423 22.26 70.22 88.76
CA LYS N 423 21.95 69.03 87.97
C LYS N 423 21.70 69.37 86.51
N ASN N 424 21.17 70.56 86.24
CA ASN N 424 20.95 71.05 84.88
C ASN N 424 20.06 70.12 84.07
N LEU N 425 18.91 69.75 84.65
CA LEU N 425 17.95 68.96 83.92
C LEU N 425 17.02 69.81 83.07
N SER N 426 17.07 71.13 83.22
CA SER N 426 16.25 72.00 82.38
C SER N 426 16.58 71.82 80.91
N VAL N 427 17.87 71.74 80.58
CA VAL N 427 18.26 71.53 79.18
C VAL N 427 17.84 70.15 78.72
N GLY N 428 17.98 69.15 79.59
CA GLY N 428 17.56 67.81 79.23
C GLY N 428 16.09 67.73 78.90
N LEU N 429 15.26 68.44 79.66
CA LEU N 429 13.84 68.47 79.34
C LEU N 429 13.55 69.29 78.09
N SER N 430 14.20 70.45 77.95
CA SER N 430 14.00 71.27 76.76
C SER N 430 14.38 70.52 75.50
N GLN N 431 15.28 69.55 75.59
CA GLN N 431 15.60 68.65 74.49
C GLN N 431 14.93 67.30 74.79
N GLY N 432 13.65 67.18 74.47
CA GLY N 432 12.98 65.91 74.65
C GLY N 432 11.62 65.95 75.31
N ILE N 433 11.10 67.15 75.57
CA ILE N 433 9.78 67.30 76.15
C ILE N 433 9.05 68.41 75.43
N GLN N 434 7.84 68.13 74.94
CA GLN N 434 6.99 69.12 74.31
C GLN N 434 5.62 69.05 74.98
N ILE N 435 5.26 70.09 75.72
CA ILE N 435 4.03 70.11 76.49
C ILE N 435 2.95 70.84 75.71
N ILE N 436 1.77 70.24 75.64
CA ILE N 436 0.62 70.85 74.99
C ILE N 436 -0.25 71.52 76.05
N SER N 437 -0.45 72.83 75.91
CA SER N 437 -1.09 73.61 76.96
C SER N 437 -2.53 73.16 77.20
N SER N 438 -3.32 73.04 76.14
CA SER N 438 -4.72 72.68 76.28
C SER N 438 -5.15 71.89 75.06
N ALA N 439 -5.68 70.68 75.29
CA ALA N 439 -6.06 69.82 74.19
C ALA N 439 -7.13 70.45 73.30
N ALA N 440 -7.82 71.47 73.78
CA ALA N 440 -8.83 72.12 72.97
C ALA N 440 -8.20 72.85 71.78
N SER N 441 -7.06 73.49 72.01
CA SER N 441 -6.40 74.29 70.97
C SER N 441 -4.92 73.92 70.96
N MET N 442 -4.53 72.99 70.09
CA MET N 442 -3.13 72.64 69.89
C MET N 442 -2.84 72.74 68.39
N SER N 443 -2.54 73.96 67.95
CA SER N 443 -2.10 74.18 66.58
C SER N 443 -0.59 74.31 66.48
N ASN N 444 0.11 74.23 67.60
CA ASN N 444 1.56 74.38 67.63
C ASN N 444 2.29 73.05 67.63
N THR N 445 1.57 71.93 67.72
CA THR N 445 2.21 70.63 67.75
C THR N 445 1.66 69.72 66.65
N TYR N 446 0.38 69.83 66.36
CA TYR N 446 -0.23 69.09 65.27
C TYR N 446 -0.66 70.05 64.17
N VAL N 447 -0.62 69.56 62.94
CA VAL N 447 -1.06 70.38 61.81
C VAL N 447 -2.58 70.35 61.76
N VAL N 448 -3.21 71.32 62.40
CA VAL N 448 -4.64 71.30 62.64
C VAL N 448 -5.26 72.63 62.21
N SER N 449 -4.49 73.41 61.45
CA SER N 449 -4.96 74.73 61.06
C SER N 449 -6.20 74.63 60.17
N ALA N 450 -6.84 75.79 59.97
CA ALA N 450 -8.16 75.81 59.35
C ALA N 450 -8.14 75.28 57.92
N GLY N 451 -7.05 75.52 57.20
CA GLY N 451 -6.98 75.06 55.83
C GLY N 451 -6.96 73.56 55.69
N SER N 452 -6.35 72.87 56.64
CA SER N 452 -6.26 71.42 56.60
C SER N 452 -7.64 70.80 56.76
N GLY N 453 -7.73 69.50 56.47
CA GLY N 453 -8.98 68.79 56.62
C GLY N 453 -9.12 68.18 58.00
N PHE N 454 -8.31 68.67 58.94
CA PHE N 454 -8.29 68.14 60.30
C PHE N 454 -8.70 69.18 61.32
N SER N 455 -9.34 70.26 60.89
CA SER N 455 -9.74 71.33 61.79
C SER N 455 -10.61 70.80 62.92
N SER N 456 -10.34 71.28 64.14
CA SER N 456 -11.10 70.85 65.30
C SER N 456 -12.59 71.14 65.09
N GLY N 457 -13.42 70.20 65.49
CA GLY N 457 -14.85 70.33 65.31
C GLY N 457 -15.34 70.09 63.90
N SER N 458 -14.58 69.37 63.08
CA SER N 458 -14.99 69.06 61.72
C SER N 458 -14.62 67.64 61.33
N GLY N 459 -14.61 66.73 62.30
CA GLY N 459 -14.19 65.38 62.04
C GLY N 459 -12.70 65.29 61.77
N ASN N 460 -12.13 64.10 61.89
CA ASN N 460 -10.71 63.84 61.67
C ASN N 460 -9.82 64.64 62.60
N SER N 461 -10.38 65.25 63.64
CA SER N 461 -9.57 66.02 64.57
C SER N 461 -8.63 65.15 65.39
N GLN N 462 -8.67 63.83 65.20
CA GLN N 462 -7.82 62.91 65.95
C GLN N 462 -6.89 62.13 65.03
N PHE N 463 -6.74 62.56 63.78
CA PHE N 463 -5.81 61.94 62.85
C PHE N 463 -4.77 62.93 62.34
N ALA N 464 -4.75 64.14 62.90
CA ALA N 464 -3.86 65.17 62.39
C ALA N 464 -2.41 64.76 62.57
N ALA N 465 -1.58 65.15 61.61
CA ALA N 465 -0.17 64.78 61.65
C ALA N 465 0.58 65.66 62.63
N LEU N 466 1.69 65.14 63.12
CA LEU N 466 2.49 65.86 64.10
C LEU N 466 3.42 66.84 63.39
N LYS N 467 3.77 67.92 64.09
CA LYS N 467 4.58 68.97 63.48
C LYS N 467 6.06 68.70 63.70
N THR N 468 6.83 68.83 62.63
CA THR N 468 8.24 68.45 62.65
C THR N 468 9.10 69.45 63.40
N THR N 469 8.70 70.72 63.45
CA THR N 469 9.48 71.68 64.23
C THR N 469 9.17 71.55 65.71
N ALA N 470 7.91 71.26 66.04
CA ALA N 470 7.53 71.07 67.44
C ALA N 470 8.18 69.81 67.99
N ALA N 471 7.91 68.66 67.39
CA ALA N 471 8.59 67.43 67.73
C ALA N 471 9.93 67.41 67.01
N ASN N 472 10.58 66.25 66.96
CA ASN N 472 11.79 66.09 66.18
C ASN N 472 11.70 64.86 65.30
N THR N 473 10.51 64.64 64.72
CA THR N 473 10.30 63.48 63.87
C THR N 473 11.20 63.52 62.65
N THR N 474 11.93 62.44 62.43
CA THR N 474 12.77 62.29 61.25
C THR N 474 12.41 61.01 60.52
N ASP N 475 12.51 61.07 59.19
CA ASP N 475 12.16 59.94 58.36
C ASP N 475 13.03 58.73 58.69
N GLU N 476 12.57 57.56 58.30
CA GLU N 476 13.30 56.32 58.47
C GLU N 476 13.91 55.89 57.14
N THR N 477 14.97 55.10 57.24
CA THR N 477 15.69 54.67 56.04
C THR N 477 14.77 53.90 55.11
N ALA N 478 15.01 54.04 53.83
CA ALA N 478 14.04 53.71 52.78
C ALA N 478 13.78 52.22 52.75
N GLY N 479 12.57 51.83 53.14
CA GLY N 479 12.08 50.50 52.79
C GLY N 479 12.58 49.42 53.73
N VAL N 480 13.05 48.33 53.16
CA VAL N 480 13.35 47.11 53.89
C VAL N 480 14.67 47.24 54.63
N THR N 481 15.31 48.41 54.52
CA THR N 481 16.59 48.62 55.19
C THR N 481 16.46 48.74 56.70
N THR N 482 15.26 48.54 57.24
CA THR N 482 15.06 48.55 58.68
C THR N 482 14.10 47.43 59.06
N LEU N 483 14.12 47.05 60.33
CA LEU N 483 13.39 45.87 60.76
C LEU N 483 11.89 46.02 60.54
N LYS N 484 11.27 47.00 61.21
CA LYS N 484 9.84 47.20 61.05
C LYS N 484 9.48 47.51 59.61
N GLY N 485 10.36 48.21 58.89
CA GLY N 485 10.15 48.39 57.47
C GLY N 485 10.08 47.07 56.72
N ALA N 486 10.93 46.10 57.11
CA ALA N 486 10.88 44.80 56.48
C ALA N 486 9.56 44.10 56.78
N MET N 487 9.14 44.13 58.05
CA MET N 487 7.90 43.46 58.41
C MET N 487 6.68 44.17 57.82
N ALA N 488 6.84 45.41 57.37
CA ALA N 488 5.74 46.05 56.66
C ALA N 488 5.77 45.71 55.17
N VAL N 489 6.96 45.67 54.58
CA VAL N 489 7.09 45.28 53.18
C VAL N 489 6.58 43.87 52.98
N MET N 490 6.71 43.02 53.99
CA MET N 490 6.14 41.68 53.90
C MET N 490 4.64 41.73 53.65
N ASP N 491 3.92 42.54 54.41
CA ASP N 491 2.48 42.63 54.23
C ASP N 491 2.11 43.30 52.92
N ILE N 492 2.88 44.30 52.51
CA ILE N 492 2.60 44.92 51.23
C ILE N 492 2.75 43.91 50.10
N ALA N 493 3.76 43.04 50.19
CA ALA N 493 3.96 42.03 49.17
C ALA N 493 2.83 41.01 49.18
N GLU N 494 2.39 40.60 50.38
CA GLU N 494 1.27 39.67 50.45
C GLU N 494 0.01 40.27 49.85
N THR N 495 -0.27 41.54 50.13
CA THR N 495 -1.43 42.20 49.55
C THR N 495 -1.32 42.28 48.04
N ALA N 496 -0.12 42.56 47.54
CA ALA N 496 0.08 42.61 46.09
C ALA N 496 -0.19 41.24 45.47
N ILE N 497 0.29 40.17 46.11
CA ILE N 497 0.01 38.83 45.62
C ILE N 497 -1.49 38.60 45.53
N THR N 498 -2.21 38.97 46.58
CA THR N 498 -3.66 38.78 46.57
C THR N 498 -4.33 39.55 45.45
N ASN N 499 -3.91 40.79 45.23
CA ASN N 499 -4.52 41.61 44.18
C ASN N 499 -4.28 40.98 42.81
N LEU N 500 -3.05 40.55 42.54
CA LEU N 500 -2.78 39.95 41.24
C LEU N 500 -3.54 38.64 41.07
N ASP N 501 -3.71 37.89 42.15
CA ASP N 501 -4.51 36.67 42.06
C ASP N 501 -5.95 37.00 41.66
N GLN N 502 -6.51 38.05 42.25
CA GLN N 502 -7.86 38.45 41.91
C GLN N 502 -7.97 38.82 40.43
N ILE N 503 -7.03 39.62 39.94
CA ILE N 503 -7.11 40.06 38.55
C ILE N 503 -6.96 38.87 37.60
N ARG N 504 -6.04 37.97 37.90
CA ARG N 504 -5.85 36.80 37.07
C ARG N 504 -7.09 35.92 37.07
N ALA N 505 -7.78 35.82 38.22
CA ALA N 505 -9.03 35.08 38.24
C ALA N 505 -10.09 35.72 37.36
N ASP N 506 -10.13 37.06 37.30
CA ASP N 506 -11.05 37.70 36.38
C ASP N 506 -10.74 37.36 34.93
N ILE N 507 -9.46 37.40 34.56
CA ILE N 507 -9.07 37.00 33.21
C ILE N 507 -9.53 35.58 32.92
N ALA N 508 -9.32 34.66 33.86
CA ALA N 508 -9.72 33.27 33.66
C ALA N 508 -11.23 33.14 33.46
N SER N 509 -12.01 33.89 34.25
CA SER N 509 -13.45 33.89 34.07
C SER N 509 -13.81 34.24 32.64
N ILE N 510 -13.30 35.37 32.15
CA ILE N 510 -13.64 35.79 30.79
C ILE N 510 -13.20 34.74 29.78
N GLN N 511 -12.05 34.11 30.02
CA GLN N 511 -11.52 33.14 29.06
C GLN N 511 -12.44 31.93 28.95
N ASN N 512 -12.89 31.39 30.08
CA ASN N 512 -13.81 30.26 30.03
C ASN N 512 -15.12 30.64 29.35
N GLN N 513 -15.64 31.83 29.63
CA GLN N 513 -16.85 32.26 28.95
C GLN N 513 -16.65 32.28 27.44
N VAL N 514 -15.53 32.83 26.98
CA VAL N 514 -15.27 32.91 25.55
C VAL N 514 -15.17 31.50 24.95
N THR N 515 -14.55 30.57 25.67
CA THR N 515 -14.43 29.22 25.16
C THR N 515 -15.80 28.58 24.94
N SER N 516 -16.69 28.71 25.92
CA SER N 516 -18.03 28.15 25.76
C SER N 516 -18.76 28.81 24.60
N THR N 517 -18.66 30.14 24.47
CA THR N 517 -19.28 30.82 23.35
C THR N 517 -18.79 30.24 22.03
N ILE N 518 -17.48 30.00 21.93
CA ILE N 518 -16.91 29.55 20.67
C ILE N 518 -17.41 28.17 20.31
N ASN N 519 -17.47 27.27 21.29
CA ASN N 519 -17.99 25.94 21.01
C ASN N 519 -19.43 25.99 20.51
N ASN N 520 -20.29 26.72 21.23
CA ASN N 520 -21.68 26.78 20.80
C ASN N 520 -21.82 27.43 19.43
N ILE N 521 -21.00 28.45 19.15
CA ILE N 521 -21.09 29.13 17.86
C ILE N 521 -20.68 28.20 16.74
N THR N 522 -19.64 27.39 16.95
CA THR N 522 -19.24 26.44 15.92
C THR N 522 -20.38 25.48 15.60
N VAL N 523 -20.99 24.89 16.64
CA VAL N 523 -22.06 23.95 16.37
C VAL N 523 -23.22 24.63 15.65
N THR N 524 -23.61 25.82 16.12
CA THR N 524 -24.72 26.52 15.51
C THR N 524 -24.43 26.86 14.05
N GLN N 525 -23.18 27.22 13.74
CA GLN N 525 -22.85 27.55 12.36
C GLN N 525 -22.96 26.32 11.47
N VAL N 526 -22.50 25.17 11.96
CA VAL N 526 -22.63 23.95 11.16
C VAL N 526 -24.10 23.69 10.85
N ASN N 527 -24.95 23.78 11.87
CA ASN N 527 -26.36 23.51 11.64
C ASN N 527 -26.99 24.53 10.71
N VAL N 528 -26.58 25.79 10.80
CA VAL N 528 -27.13 26.82 9.94
C VAL N 528 -26.74 26.57 8.49
N LYS N 529 -25.47 26.20 8.27
CA LYS N 529 -25.03 25.89 6.92
C LYS N 529 -25.81 24.72 6.34
N ALA N 530 -26.06 23.68 7.15
CA ALA N 530 -26.84 22.56 6.66
C ALA N 530 -28.26 22.98 6.31
N ALA N 531 -28.88 23.78 7.17
CA ALA N 531 -30.24 24.21 6.92
C ALA N 531 -30.34 25.09 5.68
N GLU N 532 -29.29 25.86 5.38
CA GLU N 532 -29.30 26.67 4.17
C GLU N 532 -29.07 25.80 2.94
N SER N 533 -28.19 24.82 3.05
CA SER N 533 -28.00 23.88 1.95
C SER N 533 -29.29 23.17 1.59
N GLN N 534 -30.11 22.85 2.60
CA GLN N 534 -31.40 22.21 2.31
C GLN N 534 -32.26 23.08 1.41
N ILE N 535 -32.13 24.40 1.51
CA ILE N 535 -33.00 25.29 0.75
C ILE N 535 -32.43 25.65 -0.61
N ARG N 536 -31.11 25.83 -0.69
CA ARG N 536 -30.51 26.42 -1.87
C ARG N 536 -30.00 25.41 -2.88
N ASP N 537 -29.24 24.41 -2.46
CA ASP N 537 -28.57 23.55 -3.42
C ASP N 537 -29.52 22.50 -3.98
N VAL N 538 -29.15 21.97 -5.14
CA VAL N 538 -29.92 20.96 -5.83
C VAL N 538 -29.30 19.61 -5.55
N ASP N 539 -30.12 18.56 -5.61
CA ASP N 539 -29.66 17.20 -5.41
C ASP N 539 -29.51 16.52 -6.75
N PHE N 540 -28.27 16.15 -7.09
CA PHE N 540 -28.03 15.55 -8.39
C PHE N 540 -28.80 14.27 -8.59
N ALA N 541 -29.20 13.59 -7.51
CA ALA N 541 -30.03 12.40 -7.61
C ALA N 541 -31.26 12.67 -8.48
N SER N 542 -32.09 13.62 -8.08
CA SER N 542 -33.27 13.95 -8.86
C SER N 542 -32.96 14.84 -10.05
N GLU N 543 -31.88 15.61 -9.97
CA GLU N 543 -31.58 16.52 -11.08
C GLU N 543 -31.20 15.76 -12.34
N SER N 544 -30.37 14.73 -12.22
CA SER N 544 -30.02 13.95 -13.39
C SER N 544 -31.20 13.18 -13.94
N ALA N 545 -32.12 12.74 -13.07
CA ALA N 545 -33.34 12.13 -13.55
C ALA N 545 -34.16 13.10 -14.39
N ASN N 546 -34.37 14.32 -13.87
CA ASN N 546 -35.08 15.34 -14.64
C ASN N 546 -34.39 15.60 -15.96
N TYR N 547 -33.06 15.69 -15.96
CA TYR N 547 -32.34 16.01 -17.19
C TYR N 547 -32.51 14.91 -18.22
N SER N 548 -32.27 13.66 -17.83
CA SER N 548 -32.37 12.58 -18.80
C SER N 548 -33.80 12.43 -19.31
N LYS N 549 -34.78 12.60 -18.44
CA LYS N 549 -36.17 12.52 -18.87
C LYS N 549 -36.47 13.60 -19.90
N ALA N 550 -36.08 14.84 -19.61
CA ALA N 550 -36.28 15.92 -20.56
C ALA N 550 -35.55 15.69 -21.86
N ASN N 551 -34.39 15.04 -21.82
CA ASN N 551 -33.65 14.78 -23.05
C ASN N 551 -34.38 13.77 -23.93
N ILE N 552 -34.84 12.68 -23.34
CA ILE N 552 -35.62 11.71 -24.10
C ILE N 552 -36.88 12.36 -24.66
N LEU N 553 -37.54 13.20 -23.86
CA LEU N 553 -38.70 13.92 -24.34
C LEU N 553 -38.34 14.83 -25.51
N ALA N 554 -37.16 15.44 -25.48
CA ALA N 554 -36.75 16.29 -26.59
C ALA N 554 -36.57 15.49 -27.87
N GLN N 555 -35.96 14.31 -27.77
CA GLN N 555 -35.81 13.47 -28.94
C GLN N 555 -37.17 13.07 -29.50
N SER N 556 -38.09 12.67 -28.62
CA SER N 556 -39.43 12.29 -29.07
C SER N 556 -40.14 13.47 -29.73
N GLY N 557 -40.04 14.65 -29.13
CA GLY N 557 -40.68 15.82 -29.71
C GLY N 557 -40.10 16.19 -31.06
N SER N 558 -38.79 16.02 -31.22
CA SER N 558 -38.19 16.29 -32.52
C SER N 558 -38.68 15.32 -33.57
N TYR N 559 -38.78 14.03 -33.24
CA TYR N 559 -39.36 13.08 -34.19
C TYR N 559 -40.79 13.46 -34.53
N ALA N 560 -41.57 13.89 -33.53
CA ALA N 560 -42.94 14.29 -33.79
C ALA N 560 -43.01 15.48 -34.73
N MET N 561 -42.11 16.46 -34.55
CA MET N 561 -42.11 17.61 -35.44
C MET N 561 -41.75 17.21 -36.86
N ALA N 562 -40.76 16.33 -37.02
CA ALA N 562 -40.41 15.86 -38.35
C ALA N 562 -41.60 15.19 -39.02
N GLN N 563 -42.26 14.28 -38.31
CA GLN N 563 -43.42 13.62 -38.90
C GLN N 563 -44.54 14.61 -39.18
N ALA N 564 -44.71 15.63 -38.34
CA ALA N 564 -45.75 16.62 -38.60
C ALA N 564 -45.47 17.37 -39.90
N ASN N 565 -44.22 17.81 -40.09
CA ASN N 565 -43.87 18.47 -41.34
C ASN N 565 -44.09 17.56 -42.53
N SER N 566 -43.79 16.27 -42.38
CA SER N 566 -43.92 15.35 -43.50
C SER N 566 -45.34 14.89 -43.74
N SER N 567 -46.26 15.13 -42.82
CA SER N 567 -47.60 14.54 -42.89
C SER N 567 -48.44 15.02 -44.07
N GLN N 568 -48.00 16.01 -44.82
CA GLN N 568 -48.81 16.56 -45.89
C GLN N 568 -48.33 16.16 -47.28
N GLN N 569 -47.39 15.23 -47.38
CA GLN N 569 -46.93 14.80 -48.69
C GLN N 569 -48.03 14.09 -49.47
N ASN N 570 -48.99 13.48 -48.78
CA ASN N 570 -49.96 12.64 -49.46
C ASN N 570 -50.91 13.42 -50.35
N VAL N 571 -50.95 14.75 -50.23
CA VAL N 571 -51.83 15.53 -51.08
C VAL N 571 -51.35 15.47 -52.52
N LEU N 572 -50.06 15.34 -52.74
CA LEU N 572 -49.53 15.34 -54.09
C LEU N 572 -50.06 14.18 -54.92
N ARG N 573 -50.42 13.07 -54.27
CA ARG N 573 -50.96 11.95 -55.02
C ARG N 573 -52.31 12.28 -55.63
N LEU N 574 -53.05 13.19 -55.01
CA LEU N 574 -54.29 13.68 -55.62
C LEU N 574 -53.99 14.43 -56.91
N LEU N 575 -53.01 15.32 -56.86
CA LEU N 575 -52.80 16.26 -57.97
C LEU N 575 -52.12 15.58 -59.14
N GLN N 576 -51.09 14.77 -58.87
CA GLN N 576 -50.32 14.15 -59.94
C GLN N 576 -51.17 13.37 -60.92
N PHE O 3 -60.31 -5.16 -125.45
CA PHE O 3 -61.52 -4.36 -125.44
C PHE O 3 -62.75 -5.26 -125.40
N ARG O 4 -62.53 -6.56 -125.57
CA ARG O 4 -63.59 -7.54 -125.52
C ARG O 4 -63.91 -7.85 -124.06
N ILE O 5 -65.20 -7.86 -123.73
CA ILE O 5 -65.64 -8.08 -122.38
C ILE O 5 -66.15 -9.50 -122.25
N ASN O 6 -66.49 -9.89 -121.03
CA ASN O 6 -66.92 -11.20 -120.52
C ASN O 6 -65.75 -12.13 -120.25
N THR O 7 -64.52 -11.74 -120.55
CA THR O 7 -63.35 -12.53 -120.16
C THR O 7 -62.23 -11.61 -119.67
N ASN O 8 -62.56 -10.71 -118.75
CA ASN O 8 -61.59 -9.78 -118.19
C ASN O 8 -60.31 -10.49 -117.76
N VAL O 9 -59.19 -10.14 -118.40
CA VAL O 9 -57.93 -10.81 -118.12
C VAL O 9 -57.12 -10.05 -117.08
N ALA O 10 -57.21 -8.71 -117.09
CA ALA O 10 -56.55 -7.94 -116.07
C ALA O 10 -57.05 -8.31 -114.68
N ALA O 11 -58.34 -8.60 -114.56
CA ALA O 11 -58.89 -9.02 -113.27
C ALA O 11 -58.26 -10.33 -112.82
N LEU O 12 -58.16 -11.30 -113.71
CA LEU O 12 -57.58 -12.59 -113.33
C LEU O 12 -56.12 -12.43 -112.94
N ASN O 13 -55.37 -11.65 -113.71
CA ASN O 13 -53.96 -11.46 -113.39
C ASN O 13 -53.79 -10.78 -112.04
N ALA O 14 -54.55 -9.71 -111.79
CA ALA O 14 -54.45 -9.01 -110.52
C ALA O 14 -54.87 -9.91 -109.36
N LYS O 15 -55.89 -10.73 -109.56
CA LYS O 15 -56.31 -11.64 -108.49
C LYS O 15 -55.23 -12.66 -108.19
N ALA O 16 -54.58 -13.19 -109.22
CA ALA O 16 -53.49 -14.13 -108.99
C ALA O 16 -52.38 -13.48 -108.18
N ASN O 17 -51.97 -12.27 -108.58
CA ASN O 17 -50.90 -11.59 -107.86
C ASN O 17 -51.29 -11.32 -106.41
N SER O 18 -52.50 -10.81 -106.20
CA SER O 18 -52.92 -10.45 -104.85
C SER O 18 -53.02 -11.69 -103.96
N ASP O 19 -53.46 -12.82 -104.52
CA ASP O 19 -53.52 -14.04 -103.71
C ASP O 19 -52.12 -14.53 -103.36
N LEU O 20 -51.20 -14.50 -104.33
CA LEU O 20 -49.82 -14.87 -104.03
C LEU O 20 -49.24 -13.98 -102.97
N ASN O 21 -49.69 -12.73 -102.90
CA ASN O 21 -49.25 -11.85 -101.81
C ASN O 21 -49.86 -12.24 -100.48
N ALA O 22 -51.19 -12.38 -100.45
CA ALA O 22 -51.87 -12.72 -99.21
C ALA O 22 -51.30 -13.98 -98.59
N LYS O 23 -50.83 -14.92 -99.41
CA LYS O 23 -50.18 -16.11 -98.86
C LYS O 23 -48.98 -15.73 -97.99
N SER O 24 -48.09 -14.89 -98.52
CA SER O 24 -46.90 -14.51 -97.78
C SER O 24 -47.24 -13.63 -96.59
N LEU O 25 -48.26 -12.77 -96.72
CA LEU O 25 -48.70 -11.97 -95.59
C LEU O 25 -49.17 -12.87 -94.45
N ASP O 26 -49.97 -13.88 -94.78
CA ASP O 26 -50.45 -14.83 -93.77
C ASP O 26 -49.27 -15.53 -93.11
N ALA O 27 -48.32 -16.02 -93.92
CA ALA O 27 -47.17 -16.72 -93.34
C ALA O 27 -46.39 -15.81 -92.39
N SER O 28 -46.14 -14.58 -92.81
CA SER O 28 -45.42 -13.64 -91.97
C SER O 28 -46.17 -13.36 -90.67
N LEU O 29 -47.49 -13.22 -90.75
CA LEU O 29 -48.26 -12.99 -89.54
C LEU O 29 -48.21 -14.18 -88.61
N SER O 30 -48.25 -15.39 -89.16
CA SER O 30 -48.15 -16.58 -88.32
C SER O 30 -46.80 -16.63 -87.61
N ARG O 31 -45.73 -16.30 -88.33
CA ARG O 31 -44.43 -16.25 -87.69
C ARG O 31 -44.39 -15.21 -86.59
N LEU O 32 -44.92 -14.02 -86.86
CA LEU O 32 -44.95 -12.96 -85.87
C LEU O 32 -45.71 -13.38 -84.63
N SER O 33 -46.79 -14.14 -84.80
CA SER O 33 -47.56 -14.61 -83.66
C SER O 33 -46.82 -15.67 -82.87
N SER O 34 -46.47 -16.77 -83.52
CA SER O 34 -45.90 -17.90 -82.80
C SER O 34 -44.54 -17.59 -82.21
N GLY O 35 -43.77 -16.72 -82.87
CA GLY O 35 -42.44 -16.42 -82.40
C GLY O 35 -41.35 -17.33 -82.93
N LEU O 36 -41.70 -18.31 -83.74
CA LEU O 36 -40.74 -19.24 -84.32
C LEU O 36 -40.62 -19.00 -85.82
N ARG O 37 -39.41 -19.17 -86.35
CA ARG O 37 -39.20 -19.00 -87.78
C ARG O 37 -39.64 -20.20 -88.59
N ILE O 38 -39.58 -21.40 -88.02
CA ILE O 38 -40.03 -22.61 -88.68
C ILE O 38 -41.17 -23.19 -87.85
N ASN O 39 -42.39 -23.00 -88.33
CA ASN O 39 -43.59 -23.46 -87.63
C ASN O 39 -44.10 -24.79 -88.16
N SER O 40 -44.35 -24.87 -89.46
CA SER O 40 -44.95 -26.04 -90.06
C SER O 40 -43.92 -27.08 -90.48
N ALA O 41 -42.64 -26.83 -90.26
CA ALA O 41 -41.55 -27.70 -90.69
C ALA O 41 -41.59 -27.96 -92.19
N ALA O 42 -42.34 -27.17 -92.94
CA ALA O 42 -42.37 -27.26 -94.40
C ALA O 42 -41.54 -26.19 -95.07
N ASP O 43 -40.97 -25.26 -94.28
CA ASP O 43 -40.12 -24.23 -94.82
C ASP O 43 -38.64 -24.53 -94.65
N ASP O 44 -38.27 -25.36 -93.68
CA ASP O 44 -36.88 -25.78 -93.53
C ASP O 44 -36.86 -27.15 -92.84
N ALA O 45 -36.75 -28.20 -93.65
CA ALA O 45 -36.75 -29.56 -93.12
C ALA O 45 -35.46 -29.89 -92.40
N SER O 46 -34.32 -29.63 -93.05
CA SER O 46 -33.03 -29.90 -92.41
C SER O 46 -32.83 -29.02 -91.19
N GLY O 47 -33.25 -27.77 -91.27
CA GLY O 47 -33.23 -26.91 -90.10
C GLY O 47 -34.08 -27.45 -88.98
N MET O 48 -35.27 -27.96 -89.30
CA MET O 48 -36.11 -28.56 -88.27
C MET O 48 -35.41 -29.76 -87.63
N ALA O 49 -34.76 -30.60 -88.43
CA ALA O 49 -34.08 -31.76 -87.87
C ALA O 49 -32.95 -31.34 -86.94
N ILE O 50 -32.13 -30.38 -87.36
CA ILE O 50 -31.03 -29.94 -86.52
C ILE O 50 -31.57 -29.31 -85.23
N ALA O 51 -32.62 -28.49 -85.35
CA ALA O 51 -33.16 -27.82 -84.19
C ALA O 51 -33.77 -28.81 -83.22
N ASP O 52 -34.39 -29.87 -83.73
CA ASP O 52 -34.94 -30.87 -82.84
C ASP O 52 -33.85 -31.66 -82.14
N SER O 53 -32.79 -32.01 -82.86
CA SER O 53 -31.67 -32.66 -82.19
C SER O 53 -31.07 -31.77 -81.11
N LEU O 54 -30.94 -30.47 -81.38
CA LEU O 54 -30.38 -29.55 -80.40
C LEU O 54 -31.30 -29.35 -79.21
N ARG O 55 -32.61 -29.30 -79.44
CA ARG O 55 -33.54 -29.19 -78.32
C ARG O 55 -33.50 -30.44 -77.46
N SER O 56 -33.43 -31.61 -78.07
CA SER O 56 -33.26 -32.85 -77.32
C SER O 56 -32.01 -32.79 -76.47
N GLN O 57 -30.88 -32.38 -77.06
CA GLN O 57 -29.64 -32.32 -76.30
C GLN O 57 -29.72 -31.29 -75.17
N ALA O 58 -30.38 -30.16 -75.41
CA ALA O 58 -30.49 -29.14 -74.37
C ALA O 58 -31.31 -29.65 -73.20
N ASN O 59 -32.45 -30.29 -73.47
CA ASN O 59 -33.25 -30.85 -72.39
C ASN O 59 -32.48 -31.94 -71.65
N THR O 60 -31.73 -32.76 -72.39
CA THR O 60 -30.97 -33.82 -71.74
C THR O 60 -29.90 -33.25 -70.82
N LEU O 61 -29.21 -32.20 -71.25
CA LEU O 61 -28.23 -31.57 -70.38
C LEU O 61 -28.88 -30.89 -69.19
N GLY O 62 -30.07 -30.31 -69.40
CA GLY O 62 -30.78 -29.69 -68.30
C GLY O 62 -31.18 -30.71 -67.24
N GLN O 63 -31.47 -31.93 -67.66
CA GLN O 63 -31.74 -32.98 -66.67
C GLN O 63 -30.45 -33.54 -66.08
N ALA O 64 -29.37 -33.56 -66.86
CA ALA O 64 -28.09 -34.01 -66.34
C ALA O 64 -27.61 -33.10 -65.23
N ILE O 65 -27.91 -31.81 -65.31
CA ILE O 65 -27.52 -30.90 -64.23
C ILE O 65 -28.21 -31.31 -62.93
N SER O 66 -29.49 -31.68 -62.99
CA SER O 66 -30.17 -32.11 -61.79
C SER O 66 -29.64 -33.44 -61.28
N ASN O 67 -29.29 -34.36 -62.19
CA ASN O 67 -28.64 -35.59 -61.76
C ASN O 67 -27.35 -35.30 -61.01
N GLY O 68 -26.56 -34.38 -61.53
CA GLY O 68 -25.31 -34.03 -60.86
C GLY O 68 -25.55 -33.39 -59.50
N ASN O 69 -26.56 -32.52 -59.41
CA ASN O 69 -26.86 -31.91 -58.12
C ASN O 69 -27.31 -32.95 -57.10
N ASP O 70 -28.07 -33.95 -57.54
CA ASP O 70 -28.47 -35.00 -56.62
C ASP O 70 -27.27 -35.82 -56.17
N ALA O 71 -26.36 -36.13 -57.08
CA ALA O 71 -25.15 -36.83 -56.68
C ALA O 71 -24.34 -36.01 -55.69
N LEU O 72 -24.26 -34.70 -55.90
CA LEU O 72 -23.56 -33.83 -54.95
C LEU O 72 -24.20 -33.91 -53.58
N GLY O 73 -25.54 -33.84 -53.53
CA GLY O 73 -26.23 -33.95 -52.25
C GLY O 73 -25.91 -35.24 -51.52
N ILE O 74 -25.98 -36.36 -52.24
CA ILE O 74 -25.72 -37.65 -51.62
C ILE O 74 -24.29 -37.71 -51.07
N LEU O 75 -23.31 -37.30 -51.88
CA LEU O 75 -21.92 -37.40 -51.44
C LEU O 75 -21.64 -36.49 -50.26
N GLN O 76 -22.20 -35.28 -50.28
CA GLN O 76 -22.01 -34.37 -49.15
C GLN O 76 -22.61 -34.96 -47.88
N THR O 77 -23.81 -35.53 -47.97
CA THR O 77 -24.39 -36.19 -46.81
C THR O 77 -23.46 -37.26 -46.26
N ALA O 78 -22.94 -38.10 -47.15
CA ALA O 78 -22.08 -39.20 -46.69
C ALA O 78 -20.83 -38.67 -45.99
N ASP O 79 -20.19 -37.65 -46.56
CA ASP O 79 -18.94 -37.17 -45.98
C ASP O 79 -19.19 -36.51 -44.63
N LYS O 80 -20.14 -35.56 -44.59
CA LYS O 80 -20.46 -34.90 -43.33
C LYS O 80 -20.95 -35.89 -42.29
N ALA O 81 -21.44 -37.05 -42.70
CA ALA O 81 -21.74 -38.09 -41.73
C ALA O 81 -20.49 -38.80 -41.23
N MET O 82 -19.53 -39.09 -42.11
CA MET O 82 -18.31 -39.75 -41.68
C MET O 82 -17.48 -38.91 -40.73
N ASP O 83 -17.67 -37.59 -40.77
CA ASP O 83 -16.95 -36.71 -39.84
C ASP O 83 -17.07 -37.18 -38.40
N GLU O 84 -18.30 -37.47 -37.96
CA GLU O 84 -18.50 -37.87 -36.58
C GLU O 84 -17.87 -39.22 -36.28
N GLN O 85 -17.84 -40.14 -37.24
CA GLN O 85 -17.12 -41.38 -37.02
C GLN O 85 -15.64 -41.12 -36.77
N LEU O 86 -15.06 -40.18 -37.52
CA LEU O 86 -13.67 -39.82 -37.28
C LEU O 86 -13.47 -39.32 -35.85
N LYS O 87 -14.33 -38.41 -35.42
CA LYS O 87 -14.18 -37.87 -34.07
C LYS O 87 -14.35 -38.95 -33.01
N ILE O 88 -15.28 -39.88 -33.21
CA ILE O 88 -15.49 -40.95 -32.25
C ILE O 88 -14.27 -41.85 -32.18
N LEU O 89 -13.65 -42.14 -33.32
CA LEU O 89 -12.45 -42.97 -33.30
C LEU O 89 -11.33 -42.28 -32.55
N ASP O 90 -11.20 -40.96 -32.75
CA ASP O 90 -10.24 -40.21 -31.96
C ASP O 90 -10.49 -40.40 -30.47
N THR O 91 -11.75 -40.26 -30.05
CA THR O 91 -12.07 -40.42 -28.64
C THR O 91 -11.74 -41.81 -28.14
N ILE O 92 -12.01 -42.84 -28.95
CA ILE O 92 -11.71 -44.21 -28.54
C ILE O 92 -10.23 -44.38 -28.31
N LYS O 93 -9.41 -43.87 -29.24
CA LYS O 93 -7.97 -44.01 -29.08
C LYS O 93 -7.48 -43.26 -27.84
N THR O 94 -8.04 -42.08 -27.59
CA THR O 94 -7.65 -41.35 -26.39
C THR O 94 -8.01 -42.11 -25.13
N LYS O 95 -9.16 -42.78 -25.11
CA LYS O 95 -9.54 -43.55 -23.94
C LYS O 95 -8.63 -44.74 -23.75
N ALA O 96 -8.29 -45.43 -24.84
CA ALA O 96 -7.33 -46.53 -24.74
C ALA O 96 -6.02 -46.04 -24.16
N THR O 97 -5.55 -44.87 -24.59
CA THR O 97 -4.33 -44.31 -24.01
C THR O 97 -4.51 -44.03 -22.53
N GLN O 98 -5.64 -43.45 -22.14
CA GLN O 98 -5.89 -43.14 -20.74
C GLN O 98 -5.88 -44.39 -19.88
N ALA O 99 -6.34 -45.51 -20.43
CA ALA O 99 -6.38 -46.75 -19.68
C ALA O 99 -5.09 -47.55 -19.79
N ALA O 100 -4.20 -47.19 -20.70
CA ALA O 100 -2.95 -47.90 -20.87
C ALA O 100 -1.91 -47.55 -19.81
N GLN O 101 -2.31 -46.90 -18.72
CA GLN O 101 -1.41 -46.64 -17.62
C GLN O 101 -1.70 -47.64 -16.50
N ASP O 102 -0.67 -47.94 -15.71
CA ASP O 102 -0.84 -48.88 -14.62
C ASP O 102 -1.15 -48.19 -13.30
N GLY O 103 -1.69 -46.98 -13.34
CA GLY O 103 -2.25 -46.36 -12.17
C GLY O 103 -3.72 -46.65 -11.99
N GLN O 104 -4.36 -47.29 -12.97
CA GLN O 104 -5.77 -47.59 -12.93
C GLN O 104 -5.97 -49.08 -12.67
N SER O 105 -6.98 -49.40 -11.88
CA SER O 105 -7.26 -50.79 -11.55
C SER O 105 -8.22 -51.38 -12.57
N LEU O 106 -8.50 -52.67 -12.41
CA LEU O 106 -9.38 -53.37 -13.34
C LEU O 106 -10.77 -52.74 -13.38
N LYS O 107 -11.22 -52.18 -12.27
CA LYS O 107 -12.54 -51.57 -12.24
C LYS O 107 -12.60 -50.33 -13.13
N THR O 108 -11.62 -49.44 -12.99
CA THR O 108 -11.60 -48.25 -13.82
C THR O 108 -11.37 -48.61 -15.29
N ARG O 109 -10.51 -49.59 -15.56
CA ARG O 109 -10.40 -50.05 -16.94
C ARG O 109 -11.73 -50.58 -17.45
N THR O 110 -12.50 -51.24 -16.58
CA THR O 110 -13.81 -51.73 -16.99
C THR O 110 -14.74 -50.59 -17.32
N MET O 111 -14.65 -49.48 -16.58
CA MET O 111 -15.42 -48.29 -16.95
C MET O 111 -15.01 -47.79 -18.33
N LEU O 112 -13.70 -47.73 -18.59
CA LEU O 112 -13.21 -47.36 -19.91
C LEU O 112 -13.83 -48.23 -20.99
N GLN O 113 -13.77 -49.55 -20.79
CA GLN O 113 -14.28 -50.46 -21.80
C GLN O 113 -15.79 -50.32 -21.97
N ALA O 114 -16.51 -50.10 -20.88
CA ALA O 114 -17.93 -49.87 -20.98
C ALA O 114 -18.23 -48.64 -21.82
N ASP O 115 -17.45 -47.58 -21.66
CA ASP O 115 -17.68 -46.38 -22.45
C ASP O 115 -17.34 -46.62 -23.92
N ILE O 116 -16.23 -47.30 -24.18
CA ILE O 116 -15.84 -47.60 -25.55
C ILE O 116 -16.90 -48.45 -26.24
N ASN O 117 -17.55 -49.33 -25.49
CA ASN O 117 -18.62 -50.15 -26.08
C ASN O 117 -19.74 -49.27 -26.61
N LYS O 118 -20.19 -48.30 -25.82
CA LYS O 118 -21.26 -47.43 -26.28
C LYS O 118 -20.82 -46.56 -27.44
N LEU O 119 -19.58 -46.08 -27.40
CA LEU O 119 -19.10 -45.27 -28.51
C LEU O 119 -19.06 -46.07 -29.81
N MET O 120 -18.60 -47.32 -29.73
CA MET O 120 -18.54 -48.15 -30.93
C MET O 120 -19.94 -48.52 -31.40
N GLU O 121 -20.87 -48.73 -30.47
CA GLU O 121 -22.27 -48.91 -30.83
C GLU O 121 -22.79 -47.71 -31.60
N GLU O 122 -22.42 -46.51 -31.18
CA GLU O 122 -22.84 -45.31 -31.89
C GLU O 122 -22.21 -45.26 -33.28
N LEU O 123 -20.95 -45.66 -33.40
CA LEU O 123 -20.32 -45.70 -34.71
C LEU O 123 -21.07 -46.64 -35.64
N ASP O 124 -21.42 -47.83 -35.16
CA ASP O 124 -22.25 -48.73 -35.95
C ASP O 124 -23.58 -48.11 -36.30
N ASN O 125 -24.15 -47.32 -35.39
CA ASN O 125 -25.42 -46.66 -35.68
C ASN O 125 -25.28 -45.67 -36.82
N ILE O 126 -24.21 -44.87 -36.81
CA ILE O 126 -23.99 -43.92 -37.89
C ILE O 126 -23.75 -44.66 -39.19
N ALA O 127 -23.10 -45.82 -39.13
CA ALA O 127 -22.86 -46.59 -40.34
C ALA O 127 -24.17 -47.11 -40.93
N ASN O 128 -25.00 -47.71 -40.10
CA ASN O 128 -26.24 -48.36 -40.57
C ASN O 128 -27.42 -47.41 -40.62
N THR O 129 -27.23 -46.14 -40.36
CA THR O 129 -28.38 -45.25 -40.37
C THR O 129 -28.41 -44.29 -41.55
N THR O 130 -27.28 -43.66 -41.88
CA THR O 130 -27.27 -42.63 -42.91
C THR O 130 -27.79 -43.19 -44.23
N SER O 131 -28.86 -42.58 -44.74
CA SER O 131 -29.49 -43.04 -45.96
C SER O 131 -30.15 -41.87 -46.66
N PHE O 132 -30.23 -41.94 -47.99
CA PHE O 132 -30.83 -40.85 -48.75
C PHE O 132 -32.35 -40.98 -48.78
N ASN O 133 -32.86 -42.02 -49.44
CA ASN O 133 -34.28 -42.33 -49.42
C ASN O 133 -34.46 -43.83 -49.33
N GLY O 134 -33.70 -44.45 -48.43
CA GLY O 134 -33.62 -45.88 -48.30
C GLY O 134 -32.27 -46.44 -48.71
N LYS O 135 -31.62 -45.80 -49.69
CA LYS O 135 -30.29 -46.21 -50.11
C LYS O 135 -29.30 -45.92 -48.99
N GLN O 136 -28.86 -46.98 -48.31
CA GLN O 136 -27.82 -46.81 -47.30
C GLN O 136 -26.52 -46.41 -47.95
N LEU O 137 -25.87 -45.38 -47.42
CA LEU O 137 -24.64 -44.87 -48.00
C LEU O 137 -23.41 -45.48 -47.33
N LEU O 138 -23.28 -45.29 -46.03
CA LEU O 138 -22.11 -45.74 -45.28
C LEU O 138 -22.30 -47.13 -44.71
N SER O 139 -22.68 -48.08 -45.56
CA SER O 139 -22.95 -49.42 -45.07
C SER O 139 -22.18 -50.47 -45.85
N GLY O 140 -21.95 -50.20 -47.13
CA GLY O 140 -21.27 -51.14 -48.00
C GLY O 140 -22.09 -51.62 -49.17
N ASN O 141 -23.36 -51.21 -49.29
CA ASN O 141 -24.18 -51.56 -50.43
C ASN O 141 -24.39 -50.38 -51.37
N PHE O 142 -23.44 -49.46 -51.40
CA PHE O 142 -23.50 -48.31 -52.30
C PHE O 142 -22.35 -48.40 -53.29
N THR O 143 -22.12 -49.60 -53.83
CA THR O 143 -21.02 -49.84 -54.75
C THR O 143 -21.51 -49.87 -56.18
N ASN O 144 -20.79 -49.17 -57.06
CA ASN O 144 -21.08 -49.14 -58.50
C ASN O 144 -22.45 -48.54 -58.78
N GLN O 145 -22.66 -47.33 -58.30
CA GLN O 145 -23.86 -46.56 -58.60
C GLN O 145 -23.51 -45.48 -59.61
N GLU O 146 -24.35 -45.31 -60.62
CA GLU O 146 -24.08 -44.40 -61.72
C GLU O 146 -24.93 -43.13 -61.61
N PHE O 147 -24.55 -42.13 -62.40
CA PHE O 147 -25.28 -40.87 -62.47
C PHE O 147 -25.12 -40.34 -63.90
N GLN O 148 -26.10 -40.65 -64.74
CA GLN O 148 -26.06 -40.18 -66.13
C GLN O 148 -25.97 -38.67 -66.17
N ILE O 149 -24.86 -38.16 -66.71
CA ILE O 149 -24.62 -36.71 -66.77
C ILE O 149 -24.21 -36.28 -68.17
N GLY O 150 -24.66 -36.99 -69.19
CA GLY O 150 -24.27 -36.67 -70.54
C GLY O 150 -25.47 -36.57 -71.47
N ALA O 151 -25.21 -36.01 -72.65
CA ALA O 151 -26.26 -35.90 -73.65
C ALA O 151 -26.59 -37.25 -74.27
N SER O 152 -25.58 -38.07 -74.51
CA SER O 152 -25.76 -39.34 -75.18
C SER O 152 -25.97 -40.44 -74.14
N SER O 153 -25.88 -41.70 -74.55
CA SER O 153 -26.34 -42.81 -73.73
C SER O 153 -25.59 -42.95 -72.41
N ASN O 154 -24.30 -43.24 -72.45
CA ASN O 154 -23.61 -43.76 -71.26
C ASN O 154 -22.49 -42.85 -70.80
N GLN O 155 -22.74 -41.55 -70.73
CA GLN O 155 -21.84 -40.68 -69.99
C GLN O 155 -22.28 -40.66 -68.54
N THR O 156 -21.40 -41.07 -67.64
CA THR O 156 -21.80 -41.19 -66.25
C THR O 156 -20.59 -41.24 -65.34
N VAL O 157 -20.83 -40.89 -64.08
CA VAL O 157 -19.83 -41.04 -63.03
C VAL O 157 -20.20 -42.26 -62.20
N LYS O 158 -19.30 -42.66 -61.31
CA LYS O 158 -19.51 -43.86 -60.51
C LYS O 158 -19.04 -43.60 -59.08
N ALA O 159 -19.84 -44.07 -58.12
CA ALA O 159 -19.54 -43.90 -56.71
C ALA O 159 -19.58 -45.27 -56.04
N THR O 160 -18.54 -45.59 -55.28
CA THR O 160 -18.40 -46.89 -54.65
C THR O 160 -17.97 -46.74 -53.19
N ILE O 161 -18.68 -45.89 -52.45
CA ILE O 161 -18.37 -45.66 -51.04
C ILE O 161 -18.26 -46.98 -50.30
N GLY O 162 -17.11 -47.24 -49.71
CA GLY O 162 -16.86 -48.51 -49.05
C GLY O 162 -17.67 -48.67 -47.78
N ALA O 163 -17.52 -49.84 -47.18
CA ALA O 163 -18.22 -50.17 -45.95
C ALA O 163 -17.47 -49.61 -44.75
N THR O 164 -18.20 -49.14 -43.75
CA THR O 164 -17.58 -48.45 -42.64
C THR O 164 -18.19 -48.83 -41.29
N GLN O 165 -18.73 -50.02 -41.17
CA GLN O 165 -19.15 -50.48 -39.86
C GLN O 165 -17.92 -50.67 -38.97
N SER O 166 -18.17 -50.96 -37.70
CA SER O 166 -17.06 -51.19 -36.79
C SER O 166 -16.55 -52.62 -36.82
N SER O 167 -17.02 -53.44 -37.75
CA SER O 167 -16.48 -54.77 -37.94
C SER O 167 -15.59 -54.88 -39.15
N LYS O 168 -15.43 -53.79 -39.91
CA LYS O 168 -14.67 -53.84 -41.15
C LYS O 168 -13.66 -52.72 -41.30
N ILE O 169 -13.46 -51.87 -40.31
CA ILE O 169 -12.53 -50.76 -40.51
C ILE O 169 -11.18 -51.06 -39.90
N GLY O 170 -11.11 -51.21 -38.59
CA GLY O 170 -9.81 -51.32 -37.96
C GLY O 170 -9.33 -52.73 -37.87
N VAL O 171 -8.50 -53.15 -38.83
CA VAL O 171 -8.03 -54.53 -38.92
C VAL O 171 -6.51 -54.47 -38.94
N THR O 172 -5.88 -54.83 -37.82
CA THR O 172 -4.43 -54.86 -37.72
C THR O 172 -3.93 -56.29 -37.88
N ARG O 173 -2.61 -56.43 -37.88
CA ARG O 173 -1.97 -57.74 -38.04
C ARG O 173 -0.88 -57.87 -36.99
N PHE O 174 -1.03 -58.83 -36.10
CA PHE O 174 -0.05 -59.11 -35.06
C PHE O 174 0.68 -60.39 -35.37
N GLU O 175 2.00 -60.37 -35.22
CA GLU O 175 2.81 -61.58 -35.31
C GLU O 175 3.73 -61.61 -34.09
N THR O 176 4.20 -62.81 -33.76
CA THR O 176 5.09 -62.98 -32.62
C THR O 176 5.81 -64.31 -32.74
N GLY O 177 7.14 -64.26 -32.72
CA GLY O 177 7.92 -65.46 -32.78
C GLY O 177 7.98 -66.17 -31.45
N ALA O 178 8.45 -67.41 -31.48
CA ALA O 178 8.61 -68.16 -30.26
C ALA O 178 9.70 -67.56 -29.40
N GLN O 179 9.85 -68.09 -28.19
CA GLN O 179 10.93 -67.64 -27.33
C GLN O 179 12.26 -68.07 -27.94
N SER O 180 13.22 -67.16 -27.92
CA SER O 180 14.50 -67.35 -28.59
C SER O 180 15.57 -67.72 -27.58
N PHE O 181 16.27 -68.82 -27.82
CA PHE O 181 17.35 -69.24 -26.94
C PHE O 181 18.71 -69.23 -27.62
N THR O 182 18.79 -68.74 -28.86
CA THR O 182 20.03 -68.73 -29.61
C THR O 182 20.41 -67.30 -29.98
N SER O 183 21.71 -67.06 -30.06
CA SER O 183 22.25 -65.77 -30.41
C SER O 183 22.74 -65.80 -31.86
N GLY O 184 23.33 -64.70 -32.29
CA GLY O 184 23.90 -64.64 -33.63
C GLY O 184 23.51 -63.40 -34.41
N VAL O 185 24.36 -63.01 -35.36
CA VAL O 185 24.06 -61.83 -36.17
C VAL O 185 22.87 -62.13 -37.06
N VAL O 186 21.84 -61.30 -36.96
CA VAL O 186 20.58 -61.52 -37.66
C VAL O 186 20.29 -60.33 -38.55
N GLY O 187 19.81 -60.62 -39.76
CA GLY O 187 19.35 -59.58 -40.65
C GLY O 187 18.01 -59.93 -41.27
N LEU O 188 16.99 -59.12 -40.99
CA LEU O 188 15.66 -59.42 -41.50
C LEU O 188 15.56 -59.10 -42.97
N THR O 189 14.43 -59.48 -43.57
CA THR O 189 14.08 -59.03 -44.90
C THR O 189 12.56 -59.16 -45.02
N ILE O 190 11.86 -58.04 -44.87
CA ILE O 190 10.42 -58.04 -45.10
C ILE O 190 10.16 -57.98 -46.58
N LYS O 191 9.69 -59.08 -47.16
CA LYS O 191 9.50 -59.17 -48.58
C LYS O 191 8.23 -58.45 -48.99
N ASN O 192 8.22 -57.94 -50.22
CA ASN O 192 7.04 -57.33 -50.82
C ASN O 192 6.48 -56.23 -49.93
N TYR O 193 7.36 -55.35 -49.45
CA TYR O 193 6.90 -54.37 -48.48
C TYR O 193 6.00 -53.32 -49.11
N ASN O 194 6.05 -53.14 -50.43
CA ASN O 194 5.24 -52.14 -51.09
C ASN O 194 4.63 -52.61 -52.40
N GLY O 195 4.73 -53.88 -52.75
CA GLY O 195 4.17 -54.39 -53.97
C GLY O 195 5.15 -54.53 -55.10
N ILE O 196 6.41 -54.12 -54.91
CA ILE O 196 7.38 -54.11 -55.99
C ILE O 196 8.64 -54.88 -55.60
N GLU O 197 9.28 -54.47 -54.51
CA GLU O 197 10.55 -55.04 -54.12
C GLU O 197 10.54 -55.40 -52.64
N ASP O 198 11.61 -56.07 -52.20
CA ASP O 198 11.76 -56.47 -50.81
C ASP O 198 12.30 -55.29 -50.00
N PHE O 199 12.69 -55.55 -48.76
CA PHE O 199 13.21 -54.50 -47.88
C PHE O 199 14.20 -55.14 -46.92
N LYS O 200 15.48 -54.96 -47.19
CA LYS O 200 16.54 -55.58 -46.39
C LYS O 200 16.95 -54.65 -45.26
N PHE O 201 16.89 -55.15 -44.03
CA PHE O 201 17.35 -54.40 -42.87
C PHE O 201 18.87 -54.53 -42.75
N ASP O 202 19.39 -54.10 -41.62
CA ASP O 202 20.81 -54.20 -41.34
C ASP O 202 21.09 -55.37 -40.40
N ASN O 203 22.29 -55.89 -40.47
CA ASN O 203 22.69 -56.94 -39.55
C ASN O 203 22.74 -56.38 -38.13
N VAL O 204 22.17 -57.13 -37.19
CA VAL O 204 22.02 -56.69 -35.81
C VAL O 204 22.52 -57.78 -34.88
N VAL O 205 23.44 -57.41 -33.99
CA VAL O 205 23.98 -58.35 -33.02
C VAL O 205 22.89 -58.66 -32.00
N ILE O 206 23.08 -59.71 -31.21
CA ILE O 206 22.03 -60.14 -30.28
C ILE O 206 22.52 -60.26 -28.83
N SER O 207 23.66 -60.90 -28.63
CA SER O 207 23.80 -61.75 -27.45
C SER O 207 23.55 -61.07 -26.10
N THR O 208 24.50 -60.28 -25.60
CA THR O 208 24.33 -59.81 -24.23
C THR O 208 24.85 -58.40 -23.96
N SER O 209 25.35 -57.68 -24.96
CA SER O 209 26.00 -56.41 -24.69
C SER O 209 24.99 -55.27 -24.83
N VAL O 210 25.36 -54.11 -24.29
CA VAL O 210 24.42 -52.99 -24.20
C VAL O 210 23.93 -52.58 -25.58
N GLY O 211 24.77 -52.70 -26.60
CA GLY O 211 24.35 -52.32 -27.93
C GLY O 211 23.75 -53.47 -28.70
N THR O 212 23.39 -54.55 -28.01
CA THR O 212 22.84 -55.72 -28.69
C THR O 212 21.47 -56.05 -28.16
N GLY O 213 20.86 -57.12 -28.69
CA GLY O 213 19.63 -57.63 -28.14
C GLY O 213 18.40 -57.27 -28.94
N LEU O 214 17.27 -57.83 -28.47
CA LEU O 214 16.00 -57.55 -29.12
C LEU O 214 15.66 -56.07 -29.07
N GLY O 215 16.17 -55.36 -28.06
CA GLY O 215 15.98 -53.91 -28.05
C GLY O 215 16.73 -53.23 -29.18
N ALA O 216 17.98 -53.63 -29.40
CA ALA O 216 18.74 -53.09 -30.52
C ALA O 216 18.10 -53.45 -31.85
N LEU O 217 17.40 -54.57 -31.93
CA LEU O 217 16.70 -54.90 -33.17
C LEU O 217 15.41 -54.11 -33.31
N ALA O 218 14.66 -53.95 -32.23
CA ALA O 218 13.43 -53.17 -32.28
C ALA O 218 13.72 -51.72 -32.65
N GLU O 219 14.85 -51.18 -32.20
CA GLU O 219 15.26 -49.86 -32.64
C GLU O 219 15.31 -49.79 -34.16
N GLU O 220 16.05 -50.71 -34.77
CA GLU O 220 16.20 -50.69 -36.23
C GLU O 220 14.87 -50.90 -36.93
N ILE O 221 14.02 -51.77 -36.40
CA ILE O 221 12.77 -52.08 -37.07
C ILE O 221 11.81 -50.89 -36.99
N ASN O 222 11.75 -50.24 -35.83
CA ASN O 222 10.87 -49.09 -35.69
C ASN O 222 11.41 -47.86 -36.38
N LYS O 223 12.73 -47.80 -36.61
CA LYS O 223 13.31 -46.62 -37.27
C LYS O 223 12.71 -46.43 -38.65
N SER O 224 12.67 -47.48 -39.45
CA SER O 224 12.09 -47.42 -40.79
C SER O 224 10.64 -47.89 -40.76
N ALA O 225 9.85 -47.27 -39.88
CA ALA O 225 8.44 -47.63 -39.79
C ALA O 225 7.59 -46.97 -40.87
N ASP O 226 7.94 -45.76 -41.28
CA ASP O 226 7.09 -45.02 -42.22
C ASP O 226 7.04 -45.67 -43.60
N LYS O 227 8.04 -46.47 -43.96
CA LYS O 227 8.04 -47.10 -45.28
C LYS O 227 7.48 -48.51 -45.26
N THR O 228 7.66 -49.25 -44.17
CA THR O 228 7.20 -50.63 -44.10
C THR O 228 5.82 -50.78 -43.47
N GLY O 229 5.47 -49.95 -42.50
CA GLY O 229 4.24 -50.12 -41.78
C GLY O 229 4.31 -51.18 -40.71
N VAL O 230 5.51 -51.63 -40.35
CA VAL O 230 5.71 -52.73 -39.42
C VAL O 230 6.50 -52.20 -38.23
N ARG O 231 5.81 -51.92 -37.14
CA ARG O 231 6.47 -51.53 -35.92
C ARG O 231 6.68 -52.74 -35.03
N ALA O 232 7.64 -52.63 -34.11
CA ALA O 232 8.04 -53.78 -33.31
C ALA O 232 8.23 -53.38 -31.86
N THR O 233 8.16 -54.38 -31.00
CA THR O 233 8.47 -54.26 -29.58
C THR O 233 9.04 -55.59 -29.11
N TYR O 234 9.24 -55.73 -27.81
CA TYR O 234 9.89 -56.92 -27.29
C TYR O 234 9.38 -57.22 -25.89
N ASP O 235 9.77 -58.40 -25.40
CA ASP O 235 9.41 -58.82 -24.04
C ASP O 235 10.44 -59.86 -23.61
N VAL O 236 11.32 -59.48 -22.69
CA VAL O 236 12.43 -60.33 -22.27
C VAL O 236 12.23 -60.67 -20.81
N LYS O 237 11.60 -61.80 -20.53
CA LYS O 237 11.41 -62.27 -19.18
C LYS O 237 11.77 -63.75 -19.13
N THR O 238 12.42 -64.15 -18.04
CA THR O 238 12.73 -65.55 -17.79
C THR O 238 12.09 -65.91 -16.46
N THR O 239 10.86 -66.39 -16.52
CA THR O 239 10.09 -66.69 -15.32
C THR O 239 10.04 -68.20 -15.09
N GLY O 240 10.28 -68.60 -13.85
CA GLY O 240 10.29 -70.00 -13.51
C GLY O 240 8.87 -70.58 -13.42
N VAL O 241 8.83 -71.84 -13.00
CA VAL O 241 7.58 -72.53 -12.72
C VAL O 241 7.68 -73.11 -11.32
N TYR O 242 6.59 -73.70 -10.84
CA TYR O 242 6.53 -74.32 -9.52
C TYR O 242 7.13 -73.37 -8.48
N ALA O 243 6.38 -72.33 -8.14
CA ALA O 243 6.89 -71.00 -7.83
C ALA O 243 8.28 -70.94 -7.21
N ILE O 244 8.52 -71.59 -6.08
CA ILE O 244 9.86 -71.57 -5.50
C ILE O 244 10.00 -72.61 -4.40
N LYS O 245 11.21 -73.10 -4.19
CA LYS O 245 11.53 -74.02 -3.11
C LYS O 245 12.84 -73.57 -2.46
N GLU O 246 13.22 -74.26 -1.40
CA GLU O 246 14.44 -73.93 -0.67
C GLU O 246 15.64 -74.58 -1.33
N GLY O 247 16.64 -73.78 -1.67
CA GLY O 247 17.85 -74.29 -2.29
C GLY O 247 18.91 -73.22 -2.32
N THR O 248 20.05 -73.56 -2.91
CA THR O 248 21.19 -72.65 -3.01
C THR O 248 21.72 -72.63 -4.43
N THR O 249 22.49 -71.59 -4.74
CA THR O 249 23.11 -71.46 -6.04
C THR O 249 24.56 -71.96 -5.99
N SER O 250 25.07 -72.32 -7.15
CA SER O 250 26.46 -72.77 -7.23
C SER O 250 27.40 -71.62 -6.91
N GLN O 251 28.64 -71.97 -6.55
CA GLN O 251 29.62 -70.97 -6.15
C GLN O 251 29.92 -69.99 -7.27
N ASP O 252 29.77 -70.41 -8.53
CA ASP O 252 30.07 -69.56 -9.68
C ASP O 252 28.80 -69.16 -10.43
N PHE O 253 27.70 -69.00 -9.72
CA PHE O 253 26.46 -68.55 -10.33
C PHE O 253 26.65 -67.15 -10.88
N ALA O 254 26.66 -67.01 -12.19
CA ALA O 254 26.88 -65.73 -12.84
C ALA O 254 25.77 -65.48 -13.85
N ILE O 255 25.50 -64.20 -14.09
CA ILE O 255 24.45 -63.78 -15.00
C ILE O 255 25.01 -62.69 -15.90
N ASN O 256 24.80 -62.84 -17.21
CA ASN O 256 25.27 -61.89 -18.21
C ASN O 256 26.77 -61.61 -18.09
N GLY O 257 27.54 -62.56 -17.57
CA GLY O 257 28.98 -62.44 -17.54
C GLY O 257 29.59 -61.91 -16.26
N VAL O 258 28.78 -61.46 -15.30
CA VAL O 258 29.26 -60.99 -14.02
C VAL O 258 28.88 -62.01 -12.96
N THR O 259 29.83 -62.36 -12.10
CA THR O 259 29.67 -63.44 -11.14
C THR O 259 28.99 -62.92 -9.87
N ILE O 260 28.08 -63.71 -9.33
CA ILE O 260 27.32 -63.31 -8.15
C ILE O 260 27.75 -64.13 -6.93
N GLY O 261 27.66 -65.45 -7.03
CA GLY O 261 28.15 -66.34 -6.00
C GLY O 261 27.04 -67.16 -5.37
N LYS O 262 27.43 -67.90 -4.35
CA LYS O 262 26.51 -68.79 -3.67
C LYS O 262 25.54 -68.00 -2.81
N ILE O 263 24.24 -68.27 -2.97
CA ILE O 263 23.18 -67.59 -2.23
C ILE O 263 22.23 -68.66 -1.73
N GLU O 264 22.18 -68.85 -0.41
CA GLU O 264 21.23 -69.78 0.17
C GLU O 264 19.89 -69.08 0.37
N TYR O 265 18.90 -69.45 -0.44
CA TYR O 265 17.57 -68.84 -0.36
C TYR O 265 16.62 -69.80 0.34
N LYS O 266 15.69 -69.22 1.11
CA LYS O 266 14.81 -70.00 1.96
C LYS O 266 13.68 -70.62 1.13
N ASP O 267 12.70 -71.20 1.82
CA ASP O 267 11.65 -71.97 1.18
C ASP O 267 10.84 -71.15 0.19
N GLY O 268 10.14 -70.14 0.68
CA GLY O 268 9.37 -69.29 -0.20
C GLY O 268 10.12 -68.03 -0.55
N ASP O 269 11.44 -68.06 -0.39
CA ASP O 269 12.29 -66.88 -0.46
C ASP O 269 11.85 -65.85 0.58
N GLY O 270 11.61 -66.32 1.79
CA GLY O 270 11.20 -65.43 2.86
C GLY O 270 12.24 -64.38 3.20
N ASN O 271 13.50 -64.62 2.81
CA ASN O 271 14.54 -63.64 3.06
C ASN O 271 14.56 -62.56 1.99
N GLY O 272 14.13 -62.88 0.77
CA GLY O 272 14.36 -61.98 -0.32
C GLY O 272 15.82 -61.82 -0.66
N SER O 273 16.69 -62.65 -0.08
CA SER O 273 18.12 -62.54 -0.33
C SER O 273 18.45 -62.85 -1.77
N LEU O 274 17.75 -63.80 -2.38
CA LEU O 274 17.98 -64.10 -3.79
C LEU O 274 17.70 -62.89 -4.67
N ILE O 275 16.52 -62.27 -4.48
CA ILE O 275 16.18 -61.10 -5.27
C ILE O 275 17.16 -59.97 -5.01
N SER O 276 17.51 -59.75 -3.75
CA SER O 276 18.42 -58.66 -3.42
C SER O 276 19.79 -58.88 -4.03
N ALA O 277 20.29 -60.11 -4.02
CA ALA O 277 21.62 -60.38 -4.55
C ALA O 277 21.63 -60.33 -6.07
N ILE O 278 20.54 -60.73 -6.71
CA ILE O 278 20.50 -60.60 -8.17
C ILE O 278 20.32 -59.15 -8.57
N ASN O 279 19.70 -58.34 -7.71
CA ASN O 279 19.46 -56.95 -8.05
C ASN O 279 20.64 -56.05 -7.71
N ALA O 280 21.51 -56.47 -6.80
CA ALA O 280 22.67 -55.66 -6.46
C ALA O 280 23.57 -55.37 -7.67
N VAL O 281 23.36 -56.04 -8.79
CA VAL O 281 24.13 -55.81 -10.00
C VAL O 281 23.17 -55.54 -11.16
N LYS O 282 22.01 -54.96 -10.84
CA LYS O 282 20.98 -54.78 -11.85
C LYS O 282 21.44 -53.87 -12.98
N ASP O 283 22.22 -52.84 -12.66
CA ASP O 283 22.62 -51.89 -13.68
C ASP O 283 23.89 -52.28 -14.41
N THR O 284 24.51 -53.39 -14.02
CA THR O 284 25.59 -53.96 -14.82
C THR O 284 25.09 -55.11 -15.68
N THR O 285 24.12 -55.87 -15.18
CA THR O 285 23.59 -56.98 -15.97
C THR O 285 22.51 -56.52 -16.94
N GLY O 286 21.76 -55.49 -16.58
CA GLY O 286 20.54 -55.19 -17.29
C GLY O 286 19.39 -56.05 -16.91
N VAL O 287 19.51 -56.79 -15.80
CA VAL O 287 18.50 -57.75 -15.36
C VAL O 287 17.97 -57.29 -14.01
N GLN O 288 16.66 -57.13 -13.92
CA GLN O 288 15.99 -56.69 -12.70
C GLN O 288 15.19 -57.87 -12.17
N ALA O 289 15.66 -58.50 -11.09
CA ALA O 289 14.96 -59.63 -10.53
C ALA O 289 13.69 -59.17 -9.82
N SER O 290 12.78 -60.10 -9.61
CA SER O 290 11.52 -59.79 -8.95
C SER O 290 10.92 -61.09 -8.44
N LYS O 291 9.80 -60.96 -7.74
CA LYS O 291 9.05 -62.11 -7.23
C LYS O 291 7.60 -61.97 -7.68
N ASP O 292 7.14 -62.93 -8.46
CA ASP O 292 5.79 -62.87 -9.02
C ASP O 292 4.75 -62.94 -7.90
N GLU O 293 3.49 -62.71 -8.28
CA GLU O 293 2.41 -62.78 -7.30
C GLU O 293 2.28 -64.19 -6.74
N ASN O 294 2.26 -65.18 -7.61
CA ASN O 294 2.14 -66.57 -7.20
C ASN O 294 3.39 -67.10 -6.57
N GLY O 295 4.42 -66.29 -6.31
CA GLY O 295 5.64 -66.77 -5.71
C GLY O 295 6.73 -67.15 -6.68
N LYS O 296 6.47 -67.09 -7.98
CA LYS O 296 7.47 -67.47 -8.96
C LYS O 296 8.60 -66.44 -9.01
N LEU O 297 9.71 -66.83 -9.61
CA LEU O 297 10.85 -65.95 -9.78
C LEU O 297 10.84 -65.39 -11.20
N VAL O 298 10.96 -64.06 -11.31
CA VAL O 298 10.92 -63.38 -12.60
C VAL O 298 12.22 -62.63 -12.80
N LEU O 299 12.83 -62.81 -13.95
CA LEU O 299 14.07 -62.12 -14.32
C LEU O 299 13.81 -61.36 -15.60
N THR O 300 13.51 -60.07 -15.48
CA THR O 300 13.19 -59.25 -16.63
C THR O 300 14.36 -58.36 -16.99
N SER O 301 14.49 -58.07 -18.29
CA SER O 301 15.48 -57.14 -18.80
C SER O 301 14.76 -55.97 -19.43
N ALA O 302 15.08 -54.76 -18.99
CA ALA O 302 14.36 -53.59 -19.46
C ALA O 302 14.67 -53.31 -20.93
N ASP O 303 15.94 -53.07 -21.24
CA ASP O 303 16.34 -52.66 -22.58
C ASP O 303 16.54 -53.83 -23.53
N GLY O 304 16.03 -55.00 -23.22
CA GLY O 304 16.10 -56.13 -24.12
C GLY O 304 17.51 -56.59 -24.43
N ARG O 305 18.22 -57.07 -23.41
CA ARG O 305 19.58 -57.53 -23.59
C ARG O 305 19.72 -59.05 -23.52
N GLY O 306 18.71 -59.75 -23.04
CA GLY O 306 18.78 -61.20 -23.01
C GLY O 306 19.47 -61.71 -21.76
N ILE O 307 18.81 -62.59 -21.04
CA ILE O 307 19.37 -63.15 -19.82
C ILE O 307 20.18 -64.38 -20.19
N LYS O 308 21.36 -64.50 -19.60
CA LYS O 308 22.22 -65.66 -19.81
C LYS O 308 22.90 -65.98 -18.49
N ILE O 309 22.30 -66.89 -17.73
CA ILE O 309 22.89 -67.34 -16.47
C ILE O 309 23.82 -68.50 -16.78
N THR O 310 25.02 -68.48 -16.21
CA THR O 310 26.05 -69.47 -16.52
C THR O 310 26.14 -70.55 -15.46
N GLY O 311 26.37 -70.16 -14.21
CA GLY O 311 26.47 -71.12 -13.13
C GLY O 311 25.15 -71.82 -12.88
N ASP O 312 25.18 -72.71 -11.90
CA ASP O 312 23.98 -73.43 -11.50
C ASP O 312 23.17 -72.53 -10.59
N ILE O 313 22.09 -71.96 -11.12
CA ILE O 313 21.21 -71.13 -10.31
C ILE O 313 20.59 -71.94 -9.18
N GLY O 314 20.55 -73.26 -9.32
CA GLY O 314 20.00 -74.09 -8.28
C GLY O 314 18.55 -74.39 -8.57
N VAL O 315 18.26 -75.62 -9.01
CA VAL O 315 16.87 -76.01 -9.19
C VAL O 315 16.17 -75.92 -7.86
N GLY O 316 14.92 -75.49 -7.88
CA GLY O 316 14.26 -75.10 -6.65
C GLY O 316 13.92 -73.63 -6.73
N SER O 317 14.74 -72.89 -7.48
CA SER O 317 14.37 -71.54 -7.88
C SER O 317 13.35 -71.56 -9.00
N GLY O 318 13.15 -72.70 -9.64
CA GLY O 318 12.14 -72.83 -10.67
C GLY O 318 12.63 -72.57 -12.08
N ILE O 319 13.87 -72.16 -12.26
CA ILE O 319 14.41 -71.86 -13.58
C ILE O 319 15.19 -73.08 -14.02
N LEU O 320 14.61 -73.83 -14.96
CA LEU O 320 15.23 -75.05 -15.44
C LEU O 320 16.41 -74.72 -16.35
N ALA O 321 17.16 -75.77 -16.70
CA ALA O 321 18.33 -75.60 -17.54
C ALA O 321 18.01 -75.20 -18.96
N ASN O 322 16.78 -75.42 -19.43
CA ASN O 322 16.43 -75.05 -20.79
C ASN O 322 16.17 -73.56 -20.95
N GLN O 323 16.06 -72.81 -19.85
CA GLN O 323 15.82 -71.38 -19.90
C GLN O 323 17.04 -70.56 -19.58
N LYS O 324 18.19 -71.20 -19.33
CA LYS O 324 19.36 -70.46 -18.89
C LYS O 324 19.85 -69.47 -19.95
N GLU O 325 19.56 -69.73 -21.21
CA GLU O 325 19.98 -68.87 -22.32
C GLU O 325 18.72 -68.32 -22.98
N ASN O 326 18.32 -67.12 -22.59
CA ASN O 326 17.05 -66.55 -23.01
C ASN O 326 17.24 -65.17 -23.63
N TYR O 327 16.55 -64.93 -24.75
CA TYR O 327 16.59 -63.63 -25.40
C TYR O 327 15.20 -63.07 -25.69
N GLY O 328 14.17 -63.61 -25.04
CA GLY O 328 12.85 -63.02 -25.20
C GLY O 328 12.27 -63.24 -26.58
N ARG O 329 11.26 -62.44 -26.89
CA ARG O 329 10.54 -62.53 -28.14
C ARG O 329 10.44 -61.17 -28.83
N LEU O 330 10.18 -61.23 -30.13
CA LEU O 330 9.88 -60.06 -30.94
C LEU O 330 8.37 -59.99 -31.15
N SER O 331 7.88 -58.80 -31.45
CA SER O 331 6.44 -58.59 -31.63
C SER O 331 6.24 -57.53 -32.71
N LEU O 332 6.04 -57.98 -33.94
CA LEU O 332 5.72 -57.08 -35.03
C LEU O 332 4.22 -56.79 -35.04
N VAL O 333 3.87 -55.60 -35.50
CA VAL O 333 2.48 -55.16 -35.61
C VAL O 333 2.36 -54.32 -36.87
N LYS O 334 1.68 -54.85 -37.88
CA LYS O 334 1.41 -54.07 -39.09
C LYS O 334 0.17 -53.21 -38.84
N ASN O 335 -0.33 -52.56 -39.88
CA ASN O 335 -1.56 -51.80 -39.74
C ASN O 335 -2.43 -51.92 -40.98
N ASP O 336 -2.38 -53.05 -41.67
CA ASP O 336 -3.29 -53.26 -42.78
C ASP O 336 -4.01 -54.59 -42.78
N GLY O 337 -3.45 -55.65 -42.23
CA GLY O 337 -4.14 -56.91 -42.15
C GLY O 337 -3.68 -58.01 -43.08
N ARG O 338 -2.49 -57.91 -43.66
CA ARG O 338 -1.90 -58.98 -44.44
C ARG O 338 -0.74 -59.60 -43.67
N ASP O 339 -0.43 -60.85 -43.98
CA ASP O 339 0.65 -61.53 -43.30
C ASP O 339 1.97 -60.83 -43.59
N ILE O 340 2.70 -60.49 -42.53
CA ILE O 340 4.05 -60.00 -42.71
C ILE O 340 4.92 -61.17 -43.19
N ASN O 341 5.49 -61.02 -44.38
CA ASN O 341 6.23 -62.11 -45.01
C ASN O 341 7.72 -61.96 -44.72
N ILE O 342 8.06 -62.21 -43.46
CA ILE O 342 9.44 -62.05 -43.03
C ILE O 342 10.26 -63.24 -43.51
N SER O 343 11.38 -62.96 -44.16
CA SER O 343 12.31 -64.01 -44.60
C SER O 343 13.73 -63.41 -44.59
N GLY O 344 14.42 -63.58 -43.47
CA GLY O 344 15.73 -63.00 -43.29
C GLY O 344 16.85 -63.90 -43.73
N THR O 345 18.00 -63.77 -43.07
CA THR O 345 19.16 -64.59 -43.34
C THR O 345 19.46 -65.58 -42.22
N ASN O 346 19.47 -65.12 -40.98
CA ASN O 346 19.73 -65.97 -39.81
C ASN O 346 18.62 -65.67 -38.81
N LEU O 347 17.49 -66.35 -38.98
CA LEU O 347 16.28 -65.99 -38.24
C LEU O 347 16.11 -66.73 -36.93
N SER O 348 16.75 -67.89 -36.77
CA SER O 348 16.58 -68.64 -35.53
C SER O 348 17.03 -67.86 -34.31
N ALA O 349 17.83 -66.81 -34.51
CA ALA O 349 18.26 -65.98 -33.40
C ALA O 349 17.08 -65.29 -32.73
N ILE O 350 16.09 -64.86 -33.51
CA ILE O 350 14.95 -64.13 -32.98
C ILE O 350 13.73 -65.03 -32.81
N GLY O 351 13.90 -66.34 -32.99
CA GLY O 351 12.80 -67.24 -32.80
C GLY O 351 11.78 -67.23 -33.92
N MET O 352 12.22 -67.03 -35.16
CA MET O 352 11.33 -67.06 -36.30
C MET O 352 11.92 -67.91 -37.42
N GLY O 353 12.72 -68.91 -37.07
CA GLY O 353 13.31 -69.79 -38.06
C GLY O 353 12.29 -70.75 -38.64
N THR O 354 12.78 -71.59 -39.56
CA THR O 354 11.93 -72.57 -40.19
C THR O 354 11.57 -73.73 -39.27
N THR O 355 11.91 -73.65 -38.00
CA THR O 355 11.58 -74.69 -37.03
C THR O 355 10.97 -74.11 -35.75
N ASP O 356 10.48 -72.88 -35.80
CA ASP O 356 10.00 -72.18 -34.61
C ASP O 356 8.53 -71.85 -34.77
N MET O 357 7.73 -72.27 -33.80
CA MET O 357 6.28 -72.06 -33.83
C MET O 357 5.99 -70.61 -33.50
N ILE O 358 5.41 -69.89 -34.45
CA ILE O 358 5.02 -68.50 -34.26
C ILE O 358 3.51 -68.40 -34.37
N SER O 359 2.98 -67.31 -33.86
CA SER O 359 1.54 -67.07 -33.84
C SER O 359 1.22 -65.74 -34.50
N GLN O 360 0.15 -65.72 -35.29
CA GLN O 360 -0.23 -64.53 -36.03
C GLN O 360 -1.74 -64.52 -36.21
N SER O 361 -2.31 -63.31 -36.26
CA SER O 361 -3.75 -63.17 -36.37
C SER O 361 -4.08 -61.73 -36.73
N SER O 362 -5.33 -61.51 -37.14
CA SER O 362 -5.84 -60.20 -37.50
C SER O 362 -7.04 -59.89 -36.64
N VAL O 363 -7.09 -58.68 -36.09
CA VAL O 363 -8.10 -58.30 -35.10
C VAL O 363 -8.83 -57.06 -35.60
N SER O 364 -10.16 -57.10 -35.53
CA SER O 364 -10.99 -55.95 -35.86
C SER O 364 -11.41 -55.23 -34.59
N LEU O 365 -12.08 -54.09 -34.75
CA LEU O 365 -12.62 -53.38 -33.60
C LEU O 365 -13.59 -54.25 -32.82
N ARG O 366 -14.55 -54.86 -33.52
CA ARG O 366 -15.50 -55.72 -32.82
C ARG O 366 -14.79 -56.89 -32.16
N GLU O 367 -13.86 -57.52 -32.86
CA GLU O 367 -13.11 -58.63 -32.27
C GLU O 367 -12.34 -58.19 -31.04
N SER O 368 -11.92 -56.93 -30.98
CA SER O 368 -11.28 -56.42 -29.77
C SER O 368 -12.29 -56.10 -28.67
N LYS O 369 -13.51 -55.75 -29.05
CA LYS O 369 -14.53 -55.38 -28.07
C LYS O 369 -14.92 -56.54 -27.18
N GLY O 370 -14.68 -57.78 -27.60
CA GLY O 370 -15.05 -58.95 -26.85
C GLY O 370 -13.91 -59.54 -26.06
N GLN O 371 -14.13 -60.74 -25.55
CA GLN O 371 -13.12 -61.43 -24.76
C GLN O 371 -11.99 -61.90 -25.68
N ILE O 372 -10.76 -61.52 -25.35
CA ILE O 372 -9.62 -61.85 -26.20
C ILE O 372 -9.37 -63.36 -26.12
N SER O 373 -9.48 -64.02 -27.27
CA SER O 373 -9.27 -65.47 -27.33
C SER O 373 -7.84 -65.82 -26.92
N ALA O 374 -7.61 -67.11 -26.73
CA ALA O 374 -6.32 -67.56 -26.20
C ALA O 374 -5.21 -67.43 -27.23
N THR O 375 -5.52 -67.67 -28.51
CA THR O 375 -4.50 -67.56 -29.53
C THR O 375 -4.17 -66.11 -29.84
N ASN O 376 -5.20 -65.29 -30.05
CA ASN O 376 -4.98 -63.86 -30.21
C ASN O 376 -4.31 -63.27 -28.99
N ALA O 377 -4.51 -63.86 -27.82
CA ALA O 377 -3.86 -63.35 -26.62
C ALA O 377 -2.34 -63.43 -26.77
N ASP O 378 -1.83 -64.55 -27.26
CA ASP O 378 -0.40 -64.67 -27.48
C ASP O 378 0.04 -63.82 -28.66
N ALA O 379 -0.80 -63.74 -29.70
CA ALA O 379 -0.43 -62.95 -30.86
C ALA O 379 -0.27 -61.47 -30.52
N MET O 380 -1.08 -60.96 -29.58
CA MET O 380 -1.00 -59.54 -29.23
C MET O 380 0.34 -59.21 -28.60
N GLY O 381 0.82 -60.05 -27.70
CA GLY O 381 2.04 -59.74 -26.97
C GLY O 381 1.90 -60.00 -25.49
N PHE O 382 0.81 -60.64 -25.09
CA PHE O 382 0.66 -61.09 -23.72
C PHE O 382 1.63 -62.24 -23.44
N ASN O 383 1.55 -62.76 -22.21
CA ASN O 383 2.03 -64.10 -21.85
C ASN O 383 3.31 -64.48 -22.55
N SER O 384 4.41 -63.78 -22.24
CA SER O 384 5.66 -63.88 -22.99
C SER O 384 6.00 -65.33 -23.36
N TYR O 385 6.19 -66.19 -22.37
CA TYR O 385 6.79 -67.48 -22.66
C TYR O 385 5.83 -68.44 -23.38
N LYS O 386 5.37 -68.05 -24.58
CA LYS O 386 4.64 -68.93 -25.49
C LYS O 386 3.39 -69.50 -24.81
N GLY O 387 2.47 -68.59 -24.51
CA GLY O 387 1.25 -68.93 -23.81
C GLY O 387 1.35 -68.60 -22.33
N GLY O 388 0.31 -68.95 -21.61
CA GLY O 388 0.29 -68.63 -20.20
C GLY O 388 0.42 -69.86 -19.32
N GLY O 389 0.24 -71.03 -19.91
CA GLY O 389 0.20 -72.24 -19.13
C GLY O 389 1.58 -72.82 -18.88
N LYS O 390 1.74 -74.10 -19.21
CA LYS O 390 3.00 -74.77 -18.96
C LYS O 390 4.05 -74.35 -19.98
N PHE O 391 5.31 -74.39 -19.56
CA PHE O 391 6.42 -74.19 -20.48
C PHE O 391 6.53 -75.39 -21.39
N VAL O 392 7.03 -75.16 -22.61
CA VAL O 392 7.00 -76.17 -23.67
C VAL O 392 8.42 -76.46 -24.14
N PHE O 393 8.84 -77.72 -24.02
CA PHE O 393 10.16 -78.15 -24.45
C PHE O 393 10.08 -78.73 -25.86
N THR O 394 11.21 -79.25 -26.34
CA THR O 394 11.25 -80.20 -27.43
C THR O 394 12.25 -81.32 -27.14
N GLN O 395 12.32 -81.76 -25.89
CA GLN O 395 13.36 -82.68 -25.46
C GLN O 395 13.05 -84.10 -25.93
N ASN O 396 13.81 -85.06 -25.44
CA ASN O 396 13.76 -86.43 -25.94
C ASN O 396 13.44 -87.43 -24.85
N VAL O 397 12.40 -87.16 -24.05
CA VAL O 397 12.09 -87.97 -22.88
C VAL O 397 10.64 -88.46 -22.99
N SER O 398 10.42 -89.70 -22.53
CA SER O 398 9.07 -90.25 -22.50
C SER O 398 8.20 -89.51 -21.48
N SER O 399 8.68 -89.41 -20.24
CA SER O 399 7.88 -88.81 -19.18
C SER O 399 8.80 -88.11 -18.19
N ILE O 400 8.20 -87.26 -17.36
CA ILE O 400 8.95 -86.49 -16.37
C ILE O 400 9.77 -87.39 -15.47
N SER O 401 9.27 -88.61 -15.22
CA SER O 401 10.00 -89.57 -14.40
C SER O 401 11.41 -89.79 -14.94
N ALA O 402 11.55 -89.80 -16.26
CA ALA O 402 12.87 -89.92 -16.86
C ALA O 402 13.50 -88.57 -17.16
N PHE O 403 12.69 -87.53 -17.37
CA PHE O 403 13.23 -86.19 -17.57
C PHE O 403 14.03 -85.74 -16.35
N MET O 404 13.66 -86.23 -15.17
CA MET O 404 14.44 -85.91 -13.99
C MET O 404 15.68 -86.79 -13.88
N SER O 405 15.55 -88.08 -14.23
CA SER O 405 16.69 -88.97 -14.14
C SER O 405 17.78 -88.59 -15.14
N ALA O 406 17.41 -87.95 -16.23
CA ALA O 406 18.36 -87.63 -17.28
C ALA O 406 19.42 -86.65 -16.78
N GLN O 407 20.49 -86.52 -17.57
CA GLN O 407 21.58 -85.63 -17.22
C GLN O 407 21.16 -84.18 -17.42
N GLY O 408 22.09 -83.27 -17.16
CA GLY O 408 21.86 -81.86 -17.39
C GLY O 408 20.93 -81.21 -16.38
N SER O 409 19.72 -81.75 -16.24
CA SER O 409 18.77 -81.21 -15.29
C SER O 409 19.30 -81.36 -13.87
N GLY O 410 18.79 -80.52 -12.97
CA GLY O 410 19.28 -80.50 -11.61
C GLY O 410 18.68 -81.57 -10.73
N PHE O 411 18.10 -82.61 -11.35
CA PHE O 411 17.42 -83.66 -10.61
C PHE O 411 18.15 -84.99 -10.66
N SER O 412 19.43 -84.97 -11.04
CA SER O 412 20.16 -86.22 -11.15
C SER O 412 20.27 -86.91 -9.79
N ARG O 413 20.73 -88.16 -9.83
CA ARG O 413 20.81 -88.96 -8.61
C ARG O 413 21.71 -88.30 -7.57
N GLY O 414 22.75 -87.59 -8.00
CA GLY O 414 23.63 -86.93 -7.06
C GLY O 414 22.97 -85.77 -6.35
N SER O 415 22.22 -84.94 -7.09
CA SER O 415 21.57 -83.79 -6.50
C SER O 415 20.53 -84.22 -5.48
N GLY O 416 20.19 -83.30 -4.59
CA GLY O 416 19.21 -83.58 -3.56
C GLY O 416 17.77 -83.60 -4.04
N PHE O 417 17.49 -82.96 -5.16
CA PHE O 417 16.12 -82.82 -5.64
C PHE O 417 15.72 -83.96 -6.56
N SER O 418 15.95 -85.19 -6.11
CA SER O 418 15.57 -86.35 -6.92
C SER O 418 14.15 -86.78 -6.58
N VAL O 419 13.61 -87.68 -7.41
CA VAL O 419 12.27 -88.19 -7.16
C VAL O 419 12.29 -89.00 -5.87
N GLY O 420 11.34 -88.71 -4.98
CA GLY O 420 11.30 -89.37 -3.71
C GLY O 420 12.25 -88.83 -2.67
N SER O 421 12.48 -87.52 -2.65
CA SER O 421 13.41 -86.90 -1.72
C SER O 421 12.74 -85.84 -0.84
N GLY O 422 11.41 -85.90 -0.71
CA GLY O 422 10.68 -84.97 0.11
C GLY O 422 10.47 -83.61 -0.49
N LYS O 423 11.33 -83.17 -1.43
CA LYS O 423 11.10 -81.90 -2.08
C LYS O 423 9.84 -81.93 -2.95
N ASN O 424 9.53 -83.11 -3.50
CA ASN O 424 8.27 -83.32 -4.22
C ASN O 424 8.13 -82.38 -5.40
N LEU O 425 9.22 -82.16 -6.12
CA LEU O 425 9.17 -81.29 -7.29
C LEU O 425 8.52 -81.97 -8.49
N SER O 426 8.23 -83.27 -8.40
CA SER O 426 7.53 -83.92 -9.50
C SER O 426 6.17 -83.30 -9.73
N VAL O 427 5.44 -82.98 -8.65
CA VAL O 427 4.12 -82.38 -8.80
C VAL O 427 4.25 -80.96 -9.35
N GLY O 428 5.30 -80.24 -8.92
CA GLY O 428 5.52 -78.92 -9.45
C GLY O 428 5.79 -78.93 -10.94
N LEU O 429 6.56 -79.90 -11.40
CA LEU O 429 6.81 -80.01 -12.83
C LEU O 429 5.54 -80.42 -13.57
N SER O 430 4.84 -81.45 -13.07
CA SER O 430 3.59 -81.87 -13.70
C SER O 430 2.59 -80.73 -13.80
N GLN O 431 2.63 -79.77 -12.89
CA GLN O 431 1.83 -78.56 -12.97
C GLN O 431 2.73 -77.43 -13.47
N GLY O 432 2.94 -77.37 -14.78
CA GLY O 432 3.72 -76.28 -15.32
C GLY O 432 4.82 -76.66 -16.30
N ILE O 433 4.82 -77.91 -16.76
CA ILE O 433 5.75 -78.36 -17.78
C ILE O 433 5.01 -79.25 -18.76
N GLN O 434 5.21 -79.00 -20.06
CA GLN O 434 4.67 -79.84 -21.11
C GLN O 434 5.80 -80.16 -22.09
N ILE O 435 6.22 -81.42 -22.13
CA ILE O 435 7.35 -81.85 -22.93
C ILE O 435 6.83 -82.41 -24.25
N ILE O 436 7.50 -82.05 -25.34
CA ILE O 436 7.18 -82.57 -26.66
C ILE O 436 8.24 -83.59 -27.04
N SER O 437 7.81 -84.80 -27.38
CA SER O 437 8.75 -85.88 -27.65
C SER O 437 9.63 -85.58 -28.85
N SER O 438 9.01 -85.27 -29.99
CA SER O 438 9.77 -85.02 -31.21
C SER O 438 9.00 -84.02 -32.06
N ALA O 439 9.71 -83.01 -32.58
CA ALA O 439 9.06 -82.00 -33.40
C ALA O 439 8.43 -82.61 -34.65
N ALA O 440 8.94 -83.75 -35.13
CA ALA O 440 8.40 -84.35 -36.33
C ALA O 440 6.95 -84.78 -36.14
N SER O 441 6.58 -85.15 -34.92
CA SER O 441 5.23 -85.60 -34.62
C SER O 441 4.82 -85.02 -33.28
N MET O 442 4.17 -83.87 -33.29
CA MET O 442 3.60 -83.27 -32.09
C MET O 442 2.17 -82.87 -32.40
N SER O 443 1.24 -83.81 -32.23
CA SER O 443 -0.18 -83.53 -32.37
C SER O 443 -0.90 -83.44 -31.05
N ASN O 444 -0.25 -83.77 -29.94
CA ASN O 444 -0.87 -83.71 -28.63
C ASN O 444 -0.66 -82.37 -27.94
N THR O 445 -0.07 -81.39 -28.60
CA THR O 445 0.15 -80.09 -27.99
C THR O 445 -0.32 -78.97 -28.91
N TYR O 446 -0.33 -79.20 -30.21
CA TYR O 446 -0.80 -78.23 -31.18
C TYR O 446 -1.94 -78.82 -31.99
N VAL O 447 -2.80 -77.95 -32.49
CA VAL O 447 -3.85 -78.39 -33.40
C VAL O 447 -3.25 -78.55 -34.78
N VAL O 448 -2.76 -79.75 -35.08
CA VAL O 448 -1.99 -80.00 -36.28
C VAL O 448 -2.52 -81.26 -36.97
N SER O 449 -3.74 -81.66 -36.60
CA SER O 449 -4.31 -82.90 -37.10
C SER O 449 -4.54 -82.86 -38.61
N ALA O 450 -4.97 -83.99 -39.18
CA ALA O 450 -5.05 -84.12 -40.63
C ALA O 450 -6.00 -83.08 -41.24
N GLY O 451 -7.24 -83.04 -40.74
CA GLY O 451 -8.22 -82.15 -41.32
C GLY O 451 -7.91 -80.68 -41.17
N SER O 452 -7.13 -80.31 -40.15
CA SER O 452 -6.78 -78.92 -39.94
C SER O 452 -5.97 -78.39 -41.12
N GLY O 453 -5.99 -77.08 -41.28
CA GLY O 453 -5.21 -76.45 -42.31
C GLY O 453 -3.73 -76.36 -42.01
N PHE O 454 -3.26 -77.00 -40.94
CA PHE O 454 -1.88 -76.89 -40.49
C PHE O 454 -1.17 -78.23 -40.49
N SER O 455 -1.66 -79.20 -41.26
CA SER O 455 -1.03 -80.51 -41.34
C SER O 455 0.46 -80.37 -41.64
N SER O 456 1.26 -81.20 -40.97
CA SER O 456 2.71 -81.15 -41.14
C SER O 456 3.08 -81.40 -42.59
N GLY O 457 4.06 -80.64 -43.09
CA GLY O 457 4.54 -80.80 -44.44
C GLY O 457 3.65 -80.22 -45.51
N SER O 458 2.55 -79.56 -45.14
CA SER O 458 1.63 -78.97 -46.10
C SER O 458 1.57 -77.45 -45.97
N GLY O 459 2.70 -76.82 -45.66
CA GLY O 459 2.71 -75.40 -45.43
C GLY O 459 2.00 -75.02 -44.16
N ASN O 460 2.26 -73.83 -43.64
CA ASN O 460 1.66 -73.31 -42.42
C ASN O 460 1.92 -74.19 -41.21
N SER O 461 2.83 -75.17 -41.32
CA SER O 461 3.09 -76.09 -40.22
C SER O 461 3.66 -75.40 -38.99
N GLN O 462 4.08 -74.14 -39.09
CA GLN O 462 4.68 -73.44 -37.97
C GLN O 462 3.79 -72.35 -37.42
N PHE O 463 2.54 -72.26 -37.87
CA PHE O 463 1.59 -71.30 -37.32
C PHE O 463 0.47 -71.98 -36.54
N ALA O 464 0.54 -73.28 -36.33
CA ALA O 464 -0.54 -74.00 -35.69
C ALA O 464 -0.75 -73.50 -34.27
N ALA O 465 -2.00 -73.53 -33.82
CA ALA O 465 -2.35 -73.00 -32.52
C ALA O 465 -2.06 -74.02 -31.42
N LEU O 466 -1.91 -73.51 -30.20
CA LEU O 466 -1.66 -74.37 -29.06
C LEU O 466 -2.94 -75.06 -28.63
N LYS O 467 -2.81 -76.15 -27.88
CA LYS O 467 -3.95 -76.92 -27.41
C LYS O 467 -4.26 -76.55 -25.97
N THR O 468 -5.54 -76.24 -25.72
CA THR O 468 -5.94 -75.73 -24.42
C THR O 468 -5.83 -76.78 -23.32
N THR O 469 -5.97 -78.07 -23.68
CA THR O 469 -5.82 -79.09 -22.66
C THR O 469 -4.35 -79.45 -22.45
N ALA O 470 -3.56 -79.42 -23.51
CA ALA O 470 -2.12 -79.67 -23.39
C ALA O 470 -1.47 -78.60 -22.53
N ALA O 471 -1.50 -77.35 -22.98
CA ALA O 471 -1.10 -76.22 -22.16
C ALA O 471 -2.25 -75.85 -21.25
N ASN O 472 -2.19 -74.68 -20.64
CA ASN O 472 -3.30 -74.17 -19.86
C ASN O 472 -3.66 -72.76 -20.31
N THR O 473 -3.69 -72.55 -21.62
CA THR O 473 -3.99 -71.24 -22.16
C THR O 473 -5.42 -70.83 -21.83
N THR O 474 -5.56 -69.68 -21.19
CA THR O 474 -6.86 -69.13 -20.85
C THR O 474 -7.01 -67.75 -21.47
N ASP O 475 -8.25 -67.38 -21.77
CA ASP O 475 -8.52 -66.11 -22.41
C ASP O 475 -8.20 -64.96 -21.46
N GLU O 476 -8.00 -63.79 -22.05
CA GLU O 476 -7.75 -62.58 -21.30
C GLU O 476 -9.02 -61.74 -21.23
N THR O 477 -9.11 -60.92 -20.19
CA THR O 477 -10.26 -60.06 -20.00
C THR O 477 -10.44 -59.15 -21.21
N ALA O 478 -11.69 -58.78 -21.46
CA ALA O 478 -12.10 -58.24 -22.76
C ALA O 478 -11.51 -56.85 -22.98
N GLY O 479 -10.73 -56.70 -24.04
CA GLY O 479 -10.43 -55.38 -24.57
C GLY O 479 -9.50 -54.59 -23.68
N VAL O 480 -9.88 -53.34 -23.41
CA VAL O 480 -9.01 -52.40 -22.74
C VAL O 480 -8.74 -52.78 -21.29
N THR O 481 -9.50 -53.75 -20.76
CA THR O 481 -9.40 -54.10 -19.35
C THR O 481 -8.06 -54.70 -18.97
N THR O 482 -7.15 -54.80 -19.93
CA THR O 482 -5.80 -55.27 -19.67
C THR O 482 -4.81 -54.40 -20.43
N LEU O 483 -3.58 -54.32 -19.90
CA LEU O 483 -2.62 -53.35 -20.40
C LEU O 483 -2.27 -53.61 -21.86
N LYS O 484 -1.69 -54.78 -22.14
CA LYS O 484 -1.38 -55.12 -23.52
C LYS O 484 -2.61 -55.03 -24.40
N GLY O 485 -3.77 -55.42 -23.88
CA GLY O 485 -5.01 -55.21 -24.61
C GLY O 485 -5.26 -53.75 -24.91
N ALA O 486 -4.95 -52.88 -23.96
CA ALA O 486 -5.15 -51.45 -24.18
C ALA O 486 -4.26 -50.95 -25.31
N MET O 487 -3.01 -51.40 -25.35
CA MET O 487 -2.11 -50.94 -26.40
C MET O 487 -2.54 -51.50 -27.75
N ALA O 488 -2.95 -52.76 -27.80
CA ALA O 488 -3.46 -53.31 -29.04
C ALA O 488 -4.69 -52.55 -29.53
N VAL O 489 -5.56 -52.14 -28.60
CA VAL O 489 -6.73 -51.37 -28.99
C VAL O 489 -6.32 -50.00 -29.50
N MET O 490 -5.27 -49.41 -28.92
CA MET O 490 -4.74 -48.16 -29.46
C MET O 490 -4.31 -48.32 -30.91
N ASP O 491 -3.57 -49.39 -31.21
CA ASP O 491 -3.14 -49.63 -32.58
C ASP O 491 -4.33 -49.85 -33.51
N ILE O 492 -5.32 -50.63 -33.06
CA ILE O 492 -6.50 -50.87 -33.89
C ILE O 492 -7.24 -49.57 -34.17
N ALA O 493 -7.29 -48.67 -33.18
CA ALA O 493 -7.95 -47.39 -33.39
C ALA O 493 -7.19 -46.55 -34.41
N GLU O 494 -5.86 -46.55 -34.33
CA GLU O 494 -5.07 -45.84 -35.33
C GLU O 494 -5.36 -46.36 -36.73
N THR O 495 -5.38 -47.69 -36.88
CA THR O 495 -5.67 -48.28 -38.17
C THR O 495 -7.07 -47.90 -38.66
N ALA O 496 -8.04 -47.89 -37.76
CA ALA O 496 -9.40 -47.53 -38.15
C ALA O 496 -9.48 -46.09 -38.63
N ILE O 497 -8.80 -45.18 -37.92
CA ILE O 497 -8.72 -43.80 -38.37
C ILE O 497 -8.16 -43.73 -39.78
N THR O 498 -7.09 -44.48 -40.03
CA THR O 498 -6.50 -44.50 -41.36
C THR O 498 -7.53 -44.94 -42.41
N ASN O 499 -8.23 -46.04 -42.15
CA ASN O 499 -9.18 -46.56 -43.14
C ASN O 499 -10.28 -45.56 -43.42
N LEU O 500 -10.81 -44.93 -42.38
CA LEU O 500 -11.90 -43.98 -42.59
C LEU O 500 -11.41 -42.75 -43.34
N ASP O 501 -10.18 -42.32 -43.07
CA ASP O 501 -9.61 -41.21 -43.84
C ASP O 501 -9.54 -41.57 -45.32
N GLN O 502 -9.11 -42.79 -45.62
CA GLN O 502 -9.03 -43.21 -47.02
C GLN O 502 -10.40 -43.17 -47.69
N ILE O 503 -11.42 -43.72 -47.02
CA ILE O 503 -12.75 -43.74 -47.62
C ILE O 503 -13.26 -42.33 -47.85
N ARG O 504 -13.06 -41.45 -46.87
CA ARG O 504 -13.48 -40.07 -47.03
C ARG O 504 -12.76 -39.38 -48.17
N ALA O 505 -11.47 -39.68 -48.35
CA ALA O 505 -10.76 -39.11 -49.49
C ALA O 505 -11.34 -39.58 -50.80
N ASP O 506 -11.77 -40.83 -50.88
CA ASP O 506 -12.42 -41.31 -52.10
C ASP O 506 -13.70 -40.54 -52.38
N ILE O 507 -14.53 -40.36 -51.35
CA ILE O 507 -15.75 -39.57 -51.51
C ILE O 507 -15.41 -38.17 -52.02
N ALA O 508 -14.37 -37.55 -51.46
CA ALA O 508 -14.00 -36.20 -51.87
C ALA O 508 -13.58 -36.16 -53.33
N SER O 509 -12.83 -37.17 -53.77
CA SER O 509 -12.43 -37.22 -55.17
C SER O 509 -13.63 -37.27 -56.09
N ILE O 510 -14.57 -38.17 -55.80
CA ILE O 510 -15.77 -38.24 -56.63
C ILE O 510 -16.50 -36.91 -56.63
N GLN O 511 -16.55 -36.24 -55.48
CA GLN O 511 -17.30 -34.99 -55.39
C GLN O 511 -16.68 -33.91 -56.25
N ASN O 512 -15.35 -33.78 -56.22
CA ASN O 512 -14.69 -32.80 -57.07
C ASN O 512 -14.93 -33.09 -58.54
N GLN O 513 -14.87 -34.37 -58.93
CA GLN O 513 -15.15 -34.71 -60.32
C GLN O 513 -16.55 -34.28 -60.72
N VAL O 514 -17.54 -34.57 -59.87
CA VAL O 514 -18.92 -34.22 -60.19
C VAL O 514 -19.06 -32.70 -60.33
N THR O 515 -18.39 -31.95 -59.46
CA THR O 515 -18.50 -30.49 -59.53
C THR O 515 -17.95 -29.96 -60.85
N SER O 516 -16.77 -30.42 -61.25
CA SER O 516 -16.23 -29.99 -62.54
C SER O 516 -17.17 -30.33 -63.68
N THR O 517 -17.74 -31.55 -63.66
CA THR O 517 -18.65 -31.94 -64.72
C THR O 517 -19.87 -31.02 -64.75
N ILE O 518 -20.37 -30.65 -63.58
CA ILE O 518 -21.56 -29.81 -63.52
C ILE O 518 -21.29 -28.45 -64.13
N ASN O 519 -20.14 -27.86 -63.80
CA ASN O 519 -19.79 -26.57 -64.40
C ASN O 519 -19.74 -26.67 -65.92
N ASN O 520 -19.04 -27.69 -66.43
CA ASN O 520 -18.93 -27.80 -67.88
C ASN O 520 -20.29 -28.02 -68.53
N ILE O 521 -21.15 -28.83 -67.90
CA ILE O 521 -22.46 -29.11 -68.47
C ILE O 521 -23.30 -27.85 -68.51
N THR O 522 -23.24 -27.03 -67.45
CA THR O 522 -23.98 -25.78 -67.45
C THR O 522 -23.58 -24.91 -68.63
N VAL O 523 -22.27 -24.70 -68.80
CA VAL O 523 -21.82 -23.82 -69.88
C VAL O 523 -22.21 -24.38 -71.24
N THR O 524 -22.02 -25.69 -71.43
CA THR O 524 -22.34 -26.30 -72.71
C THR O 524 -23.84 -26.23 -73.00
N GLN O 525 -24.67 -26.35 -71.96
CA GLN O 525 -26.11 -26.26 -72.18
C GLN O 525 -26.49 -24.86 -72.62
N VAL O 526 -25.89 -23.84 -72.00
CA VAL O 526 -26.18 -22.47 -72.43
C VAL O 526 -25.82 -22.29 -73.90
N ASN O 527 -24.64 -22.76 -74.29
CA ASN O 527 -24.22 -22.58 -75.67
C ASN O 527 -25.11 -23.35 -76.64
N VAL O 528 -25.51 -24.57 -76.27
CA VAL O 528 -26.38 -25.37 -77.13
C VAL O 528 -27.73 -24.69 -77.31
N LYS O 529 -28.28 -24.16 -76.22
CA LYS O 529 -29.56 -23.48 -76.31
C LYS O 529 -29.48 -22.25 -77.20
N ALA O 530 -28.37 -21.50 -77.11
CA ALA O 530 -28.20 -20.36 -77.99
C ALA O 530 -28.09 -20.79 -79.45
N ALA O 531 -27.34 -21.86 -79.72
CA ALA O 531 -27.19 -22.33 -81.08
C ALA O 531 -28.50 -22.84 -81.64
N GLU O 532 -29.36 -23.39 -80.79
CA GLU O 532 -30.69 -23.78 -81.25
C GLU O 532 -31.55 -22.57 -81.56
N SER O 533 -31.53 -21.57 -80.68
CA SER O 533 -32.25 -20.33 -80.95
C SER O 533 -31.84 -19.72 -82.27
N GLN O 534 -30.55 -19.78 -82.59
CA GLN O 534 -30.08 -19.19 -83.84
C GLN O 534 -30.72 -19.84 -85.07
N ILE O 535 -31.25 -21.05 -84.93
CA ILE O 535 -31.79 -21.79 -86.06
C ILE O 535 -33.31 -21.71 -86.08
N ARG O 536 -33.92 -21.79 -84.90
CA ARG O 536 -35.37 -21.96 -84.83
C ARG O 536 -36.14 -20.66 -84.74
N ASP O 537 -35.79 -19.78 -83.81
CA ASP O 537 -36.62 -18.62 -83.56
C ASP O 537 -36.44 -17.56 -84.64
N VAL O 538 -37.41 -16.66 -84.70
CA VAL O 538 -37.44 -15.59 -85.69
C VAL O 538 -37.00 -14.30 -85.03
N ASP O 539 -36.42 -13.41 -85.82
CA ASP O 539 -35.98 -12.10 -85.36
C ASP O 539 -37.04 -11.06 -85.73
N PHE O 540 -37.66 -10.47 -84.72
CA PHE O 540 -38.71 -9.50 -84.98
C PHE O 540 -38.22 -8.30 -85.76
N ALA O 541 -36.92 -7.98 -85.68
CA ALA O 541 -36.35 -6.91 -86.49
C ALA O 541 -36.75 -7.05 -87.95
N SER O 542 -36.37 -8.17 -88.57
CA SER O 542 -36.72 -8.42 -89.96
C SER O 542 -38.15 -8.87 -90.13
N GLU O 543 -38.74 -9.51 -89.11
CA GLU O 543 -40.10 -10.01 -89.26
C GLU O 543 -41.11 -8.87 -89.39
N SER O 544 -40.98 -7.83 -88.58
CA SER O 544 -41.88 -6.70 -88.69
C SER O 544 -41.69 -5.97 -90.01
N ALA O 545 -40.47 -5.90 -90.53
CA ALA O 545 -40.26 -5.32 -91.85
C ALA O 545 -41.00 -6.11 -92.91
N ASN O 546 -40.83 -7.44 -92.91
CA ASN O 546 -41.54 -8.27 -93.86
C ASN O 546 -43.05 -8.09 -93.75
N TYR O 547 -43.57 -8.03 -92.52
CA TYR O 547 -45.01 -7.92 -92.35
C TYR O 547 -45.53 -6.59 -92.87
N SER O 548 -44.87 -5.49 -92.51
CA SER O 548 -45.33 -4.19 -92.99
C SER O 548 -45.24 -4.10 -94.51
N LYS O 549 -44.17 -4.63 -95.08
CA LYS O 549 -44.03 -4.61 -96.54
C LYS O 549 -45.15 -5.38 -97.20
N ALA O 550 -45.43 -6.58 -96.71
CA ALA O 550 -46.53 -7.37 -97.25
C ALA O 550 -47.87 -6.70 -97.08
N ASN O 551 -48.06 -5.97 -95.97
CA ASN O 551 -49.32 -5.28 -95.76
C ASN O 551 -49.52 -4.15 -96.76
N ILE O 552 -48.48 -3.34 -96.99
CA ILE O 552 -48.59 -2.28 -97.98
C ILE O 552 -48.82 -2.87 -99.36
N LEU O 553 -48.12 -3.96 -99.68
CA LEU O 553 -48.36 -4.64 -100.94
C LEU O 553 -49.79 -5.13 -101.05
N ALA O 554 -50.38 -5.59 -99.94
CA ALA O 554 -51.77 -6.04 -99.98
C ALA O 554 -52.71 -4.89 -100.29
N GLN O 555 -52.48 -3.73 -99.68
CA GLN O 555 -53.32 -2.57 -100.00
C GLN O 555 -53.19 -2.19 -101.47
N SER O 556 -51.97 -2.16 -101.98
CA SER O 556 -51.75 -1.83 -103.38
C SER O 556 -52.45 -2.83 -104.30
N GLY O 557 -52.32 -4.12 -103.99
CA GLY O 557 -52.94 -5.13 -104.82
C GLY O 557 -54.45 -5.06 -104.80
N SER O 558 -55.02 -4.73 -103.65
CA SER O 558 -56.47 -4.53 -103.58
C SER O 558 -56.90 -3.37 -104.45
N TYR O 559 -56.19 -2.26 -104.40
CA TYR O 559 -56.53 -1.15 -105.29
C TYR O 559 -56.40 -1.55 -106.76
N ALA O 560 -55.38 -2.34 -107.08
CA ALA O 560 -55.21 -2.77 -108.47
C ALA O 560 -56.35 -3.66 -108.92
N MET O 561 -56.81 -4.56 -108.04
CA MET O 561 -57.93 -5.41 -108.40
C MET O 561 -59.21 -4.59 -108.60
N ALA O 562 -59.44 -3.61 -107.72
CA ALA O 562 -60.60 -2.76 -107.91
C ALA O 562 -60.57 -2.05 -109.25
N GLN O 563 -59.42 -1.45 -109.59
CA GLN O 563 -59.31 -0.78 -110.88
C GLN O 563 -59.46 -1.77 -112.04
N ALA O 564 -58.96 -2.99 -111.89
CA ALA O 564 -59.10 -3.98 -112.95
C ALA O 564 -60.57 -4.30 -113.18
N ASN O 565 -61.33 -4.52 -112.12
CA ASN O 565 -62.76 -4.77 -112.28
C ASN O 565 -63.45 -3.58 -112.94
N SER O 566 -63.06 -2.36 -112.56
CA SER O 566 -63.71 -1.18 -113.10
C SER O 566 -63.25 -0.81 -114.50
N SER O 567 -62.19 -1.43 -115.01
CA SER O 567 -61.58 -1.00 -116.27
C SER O 567 -62.41 -1.30 -117.50
N GLN O 568 -63.63 -1.78 -117.38
CA GLN O 568 -64.45 -2.11 -118.55
C GLN O 568 -65.70 -1.28 -118.67
N GLN O 569 -65.90 -0.29 -117.81
CA GLN O 569 -67.07 0.57 -117.94
C GLN O 569 -67.05 1.35 -119.24
N ASN O 570 -65.88 1.61 -119.81
CA ASN O 570 -65.81 2.46 -120.99
C ASN O 570 -66.46 1.85 -122.21
N VAL O 571 -66.78 0.56 -122.17
CA VAL O 571 -67.44 -0.05 -123.33
C VAL O 571 -68.85 0.46 -123.48
N LEU O 572 -69.54 0.73 -122.36
CA LEU O 572 -70.92 1.17 -122.42
C LEU O 572 -71.09 2.46 -123.20
N ARG O 573 -70.06 3.29 -123.28
CA ARG O 573 -70.17 4.51 -124.06
C ARG O 573 -70.29 4.21 -125.55
N LEU O 574 -69.73 3.10 -126.00
CA LEU O 574 -69.94 2.68 -127.38
C LEU O 574 -71.39 2.30 -127.62
N LEU O 575 -71.98 1.54 -126.70
CA LEU O 575 -73.30 0.99 -126.93
C LEU O 575 -74.38 2.06 -126.80
N GLN O 576 -74.32 2.86 -125.75
CA GLN O 576 -75.35 3.86 -125.49
C GLN O 576 -75.56 4.81 -126.66
N PHE P 3 -53.63 -10.02 -43.40
CA PHE P 3 -53.09 -9.16 -44.45
C PHE P 3 -54.01 -7.96 -44.59
N ARG P 4 -55.02 -7.92 -43.71
CA ARG P 4 -55.94 -6.79 -43.64
C ARG P 4 -55.42 -5.77 -42.66
N ILE P 5 -55.32 -4.52 -43.11
CA ILE P 5 -54.76 -3.46 -42.31
C ILE P 5 -55.88 -2.72 -41.61
N ASN P 6 -55.50 -1.82 -40.70
CA ASN P 6 -56.28 -1.02 -39.76
C ASN P 6 -56.66 -1.78 -38.49
N THR P 7 -56.32 -3.05 -38.36
CA THR P 7 -56.46 -3.75 -37.09
C THR P 7 -55.26 -4.65 -36.85
N ASN P 8 -54.06 -4.08 -36.98
CA ASN P 8 -52.82 -4.81 -36.76
C ASN P 8 -52.86 -5.60 -35.46
N VAL P 9 -52.77 -6.93 -35.55
CA VAL P 9 -52.87 -7.77 -34.38
C VAL P 9 -51.50 -8.10 -33.80
N ALA P 10 -50.50 -8.26 -34.66
CA ALA P 10 -49.15 -8.51 -34.17
C ALA P 10 -48.65 -7.36 -33.31
N ALA P 11 -49.08 -6.14 -33.62
CA ALA P 11 -48.67 -4.99 -32.81
C ALA P 11 -49.23 -5.10 -31.40
N LEU P 12 -50.53 -5.41 -31.28
CA LEU P 12 -51.13 -5.55 -29.96
C LEU P 12 -50.51 -6.70 -29.19
N ASN P 13 -50.26 -7.82 -29.86
CA ASN P 13 -49.64 -8.95 -29.19
C ASN P 13 -48.26 -8.60 -28.65
N ALA P 14 -47.41 -8.02 -29.50
CA ALA P 14 -46.08 -7.62 -29.08
C ALA P 14 -46.12 -6.58 -27.97
N LYS P 15 -47.08 -5.65 -28.02
CA LYS P 15 -47.18 -4.66 -26.97
C LYS P 15 -47.56 -5.30 -25.64
N ALA P 16 -48.51 -6.24 -25.65
CA ALA P 16 -48.87 -6.92 -24.42
C ALA P 16 -47.67 -7.65 -23.83
N ASN P 17 -46.94 -8.38 -24.67
CA ASN P 17 -45.78 -9.11 -24.17
C ASN P 17 -44.72 -8.17 -23.61
N SER P 18 -44.44 -7.08 -24.33
CA SER P 18 -43.40 -6.16 -23.87
C SER P 18 -43.79 -5.48 -22.57
N ASP P 19 -45.08 -5.19 -22.38
CA ASP P 19 -45.49 -4.57 -21.14
C ASP P 19 -45.39 -5.55 -19.98
N LEU P 20 -45.80 -6.81 -20.22
CA LEU P 20 -45.61 -7.84 -19.21
C LEU P 20 -44.14 -7.98 -18.84
N ASN P 21 -43.25 -7.74 -19.80
CA ASN P 21 -41.83 -7.77 -19.49
C ASN P 21 -41.41 -6.57 -18.66
N ALA P 22 -41.75 -5.36 -19.10
CA ALA P 22 -41.36 -4.16 -18.40
C ALA P 22 -41.83 -4.18 -16.95
N LYS P 23 -42.95 -4.84 -16.67
CA LYS P 23 -43.38 -4.98 -15.29
C LYS P 23 -42.32 -5.68 -14.44
N SER P 24 -41.83 -6.84 -14.89
CA SER P 24 -40.82 -7.56 -14.13
C SER P 24 -39.48 -6.85 -14.13
N LEU P 25 -39.14 -6.16 -15.22
CA LEU P 25 -37.93 -5.36 -15.22
C LEU P 25 -37.97 -4.32 -14.13
N ASP P 26 -39.07 -3.58 -14.04
CA ASP P 26 -39.23 -2.57 -13.01
C ASP P 26 -39.17 -3.20 -11.62
N ALA P 27 -39.81 -4.36 -11.45
CA ALA P 27 -39.76 -5.02 -10.15
C ALA P 27 -38.34 -5.34 -9.74
N SER P 28 -37.57 -5.98 -10.63
CA SER P 28 -36.20 -6.35 -10.30
C SER P 28 -35.35 -5.11 -10.05
N LEU P 29 -35.59 -4.03 -10.79
CA LEU P 29 -34.83 -2.82 -10.56
C LEU P 29 -35.13 -2.22 -9.20
N SER P 30 -36.39 -2.21 -8.79
CA SER P 30 -36.74 -1.73 -7.46
C SER P 30 -36.12 -2.59 -6.39
N ARG P 31 -36.02 -3.90 -6.63
CA ARG P 31 -35.36 -4.76 -5.66
C ARG P 31 -33.87 -4.43 -5.56
N LEU P 32 -33.20 -4.26 -6.69
CA LEU P 32 -31.81 -3.83 -6.66
C LEU P 32 -31.64 -2.53 -5.89
N SER P 33 -32.54 -1.58 -6.10
CA SER P 33 -32.43 -0.29 -5.43
C SER P 33 -32.60 -0.44 -3.91
N SER P 34 -33.76 -0.94 -3.48
CA SER P 34 -34.06 -0.97 -2.05
C SER P 34 -33.12 -1.92 -1.31
N GLY P 35 -32.90 -3.11 -1.84
CA GLY P 35 -32.10 -4.09 -1.17
C GLY P 35 -32.89 -5.13 -0.40
N LEU P 36 -34.21 -5.15 -0.53
CA LEU P 36 -35.07 -6.08 0.15
C LEU P 36 -35.86 -6.90 -0.86
N ARG P 37 -35.96 -8.21 -0.60
CA ARG P 37 -36.72 -9.07 -1.49
C ARG P 37 -38.21 -8.78 -1.43
N ILE P 38 -38.71 -8.23 -0.33
CA ILE P 38 -40.12 -7.90 -0.19
C ILE P 38 -40.22 -6.42 0.18
N ASN P 39 -40.59 -5.60 -0.79
CA ASN P 39 -40.77 -4.17 -0.57
C ASN P 39 -42.21 -3.83 -0.22
N SER P 40 -43.14 -4.14 -1.12
CA SER P 40 -44.53 -3.73 -0.97
C SER P 40 -45.37 -4.74 -0.22
N ALA P 41 -44.77 -5.81 0.30
CA ALA P 41 -45.49 -6.85 1.02
C ALA P 41 -46.64 -7.44 0.23
N ALA P 42 -46.67 -7.19 -1.07
CA ALA P 42 -47.66 -7.77 -1.97
C ALA P 42 -47.12 -8.99 -2.70
N ASP P 43 -45.86 -9.34 -2.49
CA ASP P 43 -45.26 -10.51 -3.10
C ASP P 43 -45.03 -11.64 -2.10
N ASP P 44 -45.09 -11.37 -0.80
CA ASP P 44 -45.04 -12.45 0.18
C ASP P 44 -45.71 -11.96 1.46
N ALA P 45 -46.98 -12.35 1.66
CA ALA P 45 -47.72 -11.90 2.84
C ALA P 45 -47.16 -12.54 4.10
N SER P 46 -47.16 -13.87 4.17
CA SER P 46 -46.65 -14.54 5.35
C SER P 46 -45.16 -14.32 5.51
N GLY P 47 -44.43 -14.19 4.40
CA GLY P 47 -43.03 -13.81 4.49
C GLY P 47 -42.87 -12.49 5.22
N MET P 48 -43.66 -11.48 4.85
CA MET P 48 -43.61 -10.20 5.55
C MET P 48 -44.00 -10.37 7.01
N ALA P 49 -45.00 -11.20 7.29
CA ALA P 49 -45.43 -11.39 8.68
C ALA P 49 -44.31 -11.96 9.53
N ILE P 50 -43.69 -13.04 9.07
CA ILE P 50 -42.59 -13.66 9.82
C ILE P 50 -41.42 -12.69 9.92
N ALA P 51 -41.13 -11.97 8.84
CA ALA P 51 -40.00 -11.05 8.87
C ALA P 51 -40.23 -9.94 9.88
N ASP P 52 -41.44 -9.41 9.96
CA ASP P 52 -41.74 -8.38 10.95
C ASP P 52 -41.73 -8.93 12.36
N SER P 53 -42.22 -10.15 12.58
CA SER P 53 -42.10 -10.73 13.92
C SER P 53 -40.65 -10.90 14.33
N LEU P 54 -39.81 -11.37 13.42
CA LEU P 54 -38.40 -11.58 13.76
C LEU P 54 -37.68 -10.26 13.93
N ARG P 55 -38.07 -9.24 13.17
CA ARG P 55 -37.46 -7.92 13.36
C ARG P 55 -37.83 -7.33 14.70
N SER P 56 -39.10 -7.46 15.09
CA SER P 56 -39.51 -7.02 16.41
C SER P 56 -38.77 -7.75 17.50
N GLN P 57 -38.61 -9.07 17.35
CA GLN P 57 -37.88 -9.84 18.35
C GLN P 57 -36.41 -9.47 18.41
N ALA P 58 -35.77 -9.22 17.27
CA ALA P 58 -34.38 -8.80 17.28
C ALA P 58 -34.21 -7.44 17.95
N ASN P 59 -35.11 -6.51 17.67
CA ASN P 59 -35.03 -5.21 18.32
C ASN P 59 -35.24 -5.33 19.82
N THR P 60 -36.22 -6.15 20.24
CA THR P 60 -36.45 -6.34 21.67
C THR P 60 -35.25 -6.96 22.34
N LEU P 61 -34.60 -7.92 21.70
CA LEU P 61 -33.41 -8.51 22.29
C LEU P 61 -32.26 -7.51 22.35
N GLY P 62 -32.13 -6.68 21.31
CA GLY P 62 -31.09 -5.67 21.33
C GLY P 62 -31.29 -4.64 22.42
N GLN P 63 -32.54 -4.38 22.80
CA GLN P 63 -32.78 -3.50 23.93
C GLN P 63 -32.61 -4.22 25.26
N ALA P 64 -32.95 -5.50 25.31
CA ALA P 64 -32.74 -6.27 26.51
C ALA P 64 -31.27 -6.39 26.86
N ILE P 65 -30.40 -6.40 25.86
CA ILE P 65 -28.97 -6.40 26.14
C ILE P 65 -28.57 -5.15 26.90
N SER P 66 -29.10 -3.99 26.49
CA SER P 66 -28.79 -2.76 27.20
C SER P 66 -29.36 -2.77 28.60
N ASN P 67 -30.57 -3.31 28.77
CA ASN P 67 -31.11 -3.44 30.11
C ASN P 67 -30.23 -4.31 31.00
N GLY P 68 -29.74 -5.41 30.46
CA GLY P 68 -28.83 -6.26 31.22
C GLY P 68 -27.54 -5.55 31.57
N ASN P 69 -27.00 -4.77 30.64
CA ASN P 69 -25.78 -4.03 30.93
C ASN P 69 -26.00 -3.00 32.04
N ASP P 70 -27.16 -2.36 32.04
CA ASP P 70 -27.45 -1.42 33.12
C ASP P 70 -27.59 -2.13 34.46
N ALA P 71 -28.24 -3.28 34.47
CA ALA P 71 -28.30 -4.07 35.71
C ALA P 71 -26.91 -4.45 36.18
N LEU P 72 -26.05 -4.83 35.25
CA LEU P 72 -24.67 -5.16 35.60
C LEU P 72 -23.97 -3.98 36.24
N GLY P 73 -24.11 -2.80 35.65
CA GLY P 73 -23.49 -1.62 36.21
C GLY P 73 -23.96 -1.34 37.62
N ILE P 74 -25.27 -1.41 37.84
CA ILE P 74 -25.82 -1.14 39.17
C ILE P 74 -25.27 -2.13 40.18
N LEU P 75 -25.26 -3.42 39.83
CA LEU P 75 -24.80 -4.42 40.79
C LEU P 75 -23.31 -4.26 41.09
N GLN P 76 -22.50 -3.96 40.07
CA GLN P 76 -21.08 -3.76 40.32
C GLN P 76 -20.85 -2.57 41.23
N THR P 77 -21.58 -1.47 41.00
CA THR P 77 -21.48 -0.32 41.89
C THR P 77 -21.78 -0.71 43.33
N ALA P 78 -22.89 -1.45 43.53
CA ALA P 78 -23.28 -1.85 44.88
C ALA P 78 -22.18 -2.67 45.54
N ASP P 79 -21.63 -3.65 44.83
CA ASP P 79 -20.65 -4.54 45.45
C ASP P 79 -19.37 -3.80 45.80
N LYS P 80 -18.81 -3.08 44.82
CA LYS P 80 -17.59 -2.33 45.09
C LYS P 80 -17.81 -1.28 46.17
N ALA P 81 -19.06 -0.85 46.40
CA ALA P 81 -19.31 0.03 47.53
C ALA P 81 -19.32 -0.74 48.85
N MET P 82 -19.87 -1.95 48.87
CA MET P 82 -19.89 -2.73 50.10
C MET P 82 -18.50 -3.12 50.56
N ASP P 83 -17.54 -3.19 49.63
CA ASP P 83 -16.17 -3.57 50.00
C ASP P 83 -15.63 -2.69 51.12
N GLU P 84 -15.80 -1.37 51.01
CA GLU P 84 -15.25 -0.48 52.02
C GLU P 84 -15.95 -0.64 53.36
N GLN P 85 -17.24 -0.95 53.38
CA GLN P 85 -17.90 -1.24 54.64
C GLN P 85 -17.30 -2.47 55.28
N LEU P 86 -16.98 -3.49 54.48
CA LEU P 86 -16.33 -4.66 55.03
C LEU P 86 -15.01 -4.29 55.70
N LYS P 87 -14.20 -3.49 55.02
CA LYS P 87 -12.93 -3.09 55.62
C LYS P 87 -13.13 -2.28 56.90
N ILE P 88 -14.12 -1.39 56.91
CA ILE P 88 -14.39 -0.59 58.09
C ILE P 88 -14.76 -1.48 59.27
N LEU P 89 -15.62 -2.47 59.02
CA LEU P 89 -16.00 -3.38 60.09
C LEU P 89 -14.81 -4.15 60.62
N ASP P 90 -13.92 -4.57 59.73
CA ASP P 90 -12.68 -5.21 60.19
C ASP P 90 -11.93 -4.29 61.14
N THR P 91 -11.78 -3.02 60.75
CA THR P 91 -11.07 -2.08 61.60
C THR P 91 -11.75 -1.90 62.95
N ILE P 92 -13.08 -1.87 62.96
CA ILE P 92 -13.82 -1.70 64.20
C ILE P 92 -13.56 -2.88 65.13
N LYS P 93 -13.58 -4.09 64.58
CA LYS P 93 -13.30 -5.26 65.41
C LYS P 93 -11.89 -5.22 65.95
N THR P 94 -10.93 -4.80 65.13
CA THR P 94 -9.55 -4.70 65.60
C THR P 94 -9.42 -3.69 66.73
N LYS P 95 -10.13 -2.56 66.62
CA LYS P 95 -10.04 -1.56 67.68
C LYS P 95 -10.70 -2.05 68.96
N ALA P 96 -11.80 -2.78 68.85
CA ALA P 96 -12.40 -3.37 70.04
C ALA P 96 -11.43 -4.34 70.70
N THR P 97 -10.74 -5.14 69.89
CA THR P 97 -9.74 -6.05 70.44
C THR P 97 -8.62 -5.28 71.13
N GLN P 98 -8.24 -4.14 70.56
CA GLN P 98 -7.19 -3.34 71.18
C GLN P 98 -7.64 -2.76 72.51
N ALA P 99 -8.91 -2.38 72.60
CA ALA P 99 -9.44 -1.82 73.85
C ALA P 99 -9.73 -2.89 74.88
N ALA P 100 -9.85 -4.15 74.48
CA ALA P 100 -10.18 -5.22 75.41
C ALA P 100 -9.02 -5.68 76.26
N GLN P 101 -7.93 -4.93 76.31
CA GLN P 101 -6.86 -5.23 77.25
C GLN P 101 -7.01 -4.35 78.49
N ASP P 102 -6.44 -4.82 79.59
CA ASP P 102 -6.46 -4.04 80.82
C ASP P 102 -5.14 -3.32 81.08
N GLY P 103 -4.43 -2.93 80.04
CA GLY P 103 -3.28 -2.07 80.21
C GLY P 103 -3.64 -0.66 79.77
N GLN P 104 -4.93 -0.39 79.67
CA GLN P 104 -5.45 0.87 79.16
C GLN P 104 -6.44 1.44 80.15
N SER P 105 -6.47 2.77 80.26
CA SER P 105 -7.38 3.42 81.18
C SER P 105 -8.65 3.84 80.45
N LEU P 106 -9.60 4.39 81.22
CA LEU P 106 -10.87 4.79 80.63
C LEU P 106 -10.69 5.89 79.59
N LYS P 107 -9.67 6.73 79.74
CA LYS P 107 -9.45 7.79 78.76
C LYS P 107 -9.01 7.22 77.42
N THR P 108 -8.08 6.28 77.42
CA THR P 108 -7.67 5.66 76.17
C THR P 108 -8.80 4.84 75.57
N ARG P 109 -9.57 4.15 76.41
CA ARG P 109 -10.75 3.46 75.89
C ARG P 109 -11.71 4.46 75.24
N THR P 110 -11.81 5.65 75.83
CA THR P 110 -12.68 6.67 75.26
C THR P 110 -12.18 7.16 73.93
N MET P 111 -10.86 7.24 73.76
CA MET P 111 -10.32 7.57 72.43
C MET P 111 -10.66 6.48 71.42
N LEU P 112 -10.52 5.22 71.82
CA LEU P 112 -10.93 4.12 70.97
C LEU P 112 -12.39 4.25 70.55
N GLN P 113 -13.25 4.55 71.52
CA GLN P 113 -14.68 4.68 71.23
C GLN P 113 -14.95 5.88 70.33
N ALA P 114 -14.24 6.98 70.53
CA ALA P 114 -14.36 8.12 69.63
C ALA P 114 -14.08 7.71 68.21
N ASP P 115 -12.98 6.98 67.99
CA ASP P 115 -12.63 6.59 66.63
C ASP P 115 -13.68 5.64 66.06
N ILE P 116 -14.17 4.71 66.88
CA ILE P 116 -15.18 3.77 66.42
C ILE P 116 -16.45 4.51 66.01
N ASN P 117 -16.79 5.57 66.73
CA ASN P 117 -17.97 6.36 66.38
C ASN P 117 -17.85 6.93 64.98
N LYS P 118 -16.70 7.52 64.66
CA LYS P 118 -16.51 8.08 63.33
C LYS P 118 -16.54 6.99 62.27
N LEU P 119 -15.90 5.85 62.56
CA LEU P 119 -15.90 4.77 61.57
C LEU P 119 -17.31 4.30 61.28
N MET P 120 -18.12 4.10 62.31
CA MET P 120 -19.49 3.65 62.11
C MET P 120 -20.32 4.72 61.42
N GLU P 121 -20.07 5.99 61.73
CA GLU P 121 -20.74 7.07 61.02
C GLU P 121 -20.42 7.01 59.54
N GLU P 122 -19.18 6.70 59.20
CA GLU P 122 -18.80 6.59 57.80
C GLU P 122 -19.47 5.40 57.14
N LEU P 123 -19.56 4.28 57.85
CA LEU P 123 -20.29 3.14 57.33
C LEU P 123 -21.72 3.53 56.96
N ASP P 124 -22.42 4.16 57.91
CA ASP P 124 -23.77 4.61 57.64
C ASP P 124 -23.81 5.60 56.49
N ASN P 125 -22.78 6.44 56.37
CA ASN P 125 -22.75 7.40 55.28
C ASN P 125 -22.65 6.71 53.93
N ILE P 126 -21.80 5.70 53.82
CA ILE P 126 -21.72 4.92 52.59
C ILE P 126 -23.07 4.31 52.27
N ALA P 127 -23.71 3.72 53.28
CA ALA P 127 -25.00 3.07 53.07
C ALA P 127 -26.04 4.05 52.54
N ASN P 128 -26.15 5.22 53.16
CA ASN P 128 -27.12 6.22 52.76
C ASN P 128 -26.66 7.04 51.56
N THR P 129 -25.46 6.84 51.09
CA THR P 129 -24.97 7.66 50.00
C THR P 129 -24.94 6.96 48.66
N THR P 130 -24.48 5.71 48.61
CA THR P 130 -24.36 5.04 47.31
C THR P 130 -25.71 5.00 46.61
N SER P 131 -25.74 5.46 45.37
CA SER P 131 -26.98 5.54 44.61
C SER P 131 -26.66 5.68 43.13
N PHE P 132 -27.59 5.19 42.28
CA PHE P 132 -27.35 5.25 40.84
C PHE P 132 -27.72 6.61 40.27
N ASN P 133 -29.00 6.95 40.28
CA ASN P 133 -29.45 8.29 39.88
C ASN P 133 -30.58 8.72 40.81
N GLY P 134 -30.38 8.50 42.11
CA GLY P 134 -31.42 8.69 43.11
C GLY P 134 -31.84 7.38 43.75
N LYS P 135 -31.89 6.30 42.97
CA LYS P 135 -32.21 4.99 43.51
C LYS P 135 -31.12 4.58 44.49
N GLN P 136 -31.45 4.58 45.78
CA GLN P 136 -30.47 4.19 46.79
C GLN P 136 -30.24 2.69 46.72
N LEU P 137 -28.99 2.29 46.51
CA LEU P 137 -28.70 0.87 46.39
C LEU P 137 -28.62 0.19 47.74
N LEU P 138 -27.67 0.63 48.58
CA LEU P 138 -27.39 -0.05 49.85
C LEU P 138 -28.09 0.65 51.01
N SER P 139 -29.41 0.73 50.94
CA SER P 139 -30.16 1.38 51.99
C SER P 139 -31.30 0.51 52.49
N GLY P 140 -31.84 -0.32 51.61
CA GLY P 140 -32.96 -1.18 51.93
C GLY P 140 -34.18 -0.98 51.08
N ASN P 141 -34.27 0.10 50.31
CA ASN P 141 -35.41 0.34 49.43
C ASN P 141 -35.12 -0.06 48.00
N PHE P 142 -34.29 -1.07 47.79
CA PHE P 142 -33.99 -1.60 46.48
C PHE P 142 -34.51 -3.03 46.35
N THR P 143 -35.69 -3.27 46.92
CA THR P 143 -36.25 -4.61 46.95
C THR P 143 -37.18 -4.83 45.76
N ASN P 144 -37.12 -6.04 45.20
CA ASN P 144 -38.05 -6.48 44.16
C ASN P 144 -37.99 -5.55 42.94
N GLN P 145 -36.80 -5.37 42.40
CA GLN P 145 -36.62 -4.60 41.19
C GLN P 145 -36.39 -5.52 40.01
N GLU P 146 -37.07 -5.24 38.91
CA GLU P 146 -37.03 -6.08 37.72
C GLU P 146 -36.16 -5.47 36.65
N PHE P 147 -35.78 -6.30 35.68
CA PHE P 147 -34.98 -5.87 34.54
C PHE P 147 -35.41 -6.72 33.35
N GLN P 148 -36.30 -6.20 32.52
CA GLN P 148 -36.77 -6.94 31.36
C GLN P 148 -35.61 -7.35 30.48
N ILE P 149 -35.39 -8.66 30.34
CA ILE P 149 -34.31 -9.20 29.54
C ILE P 149 -34.80 -10.24 28.55
N GLY P 150 -36.05 -10.13 28.11
CA GLY P 150 -36.64 -11.14 27.26
C GLY P 150 -37.38 -10.54 26.08
N ALA P 151 -37.52 -11.35 25.04
CA ALA P 151 -38.25 -10.91 23.86
C ALA P 151 -39.74 -10.76 24.13
N SER P 152 -40.30 -11.61 24.98
CA SER P 152 -41.72 -11.57 25.29
C SER P 152 -41.93 -10.69 26.53
N SER P 153 -43.11 -10.79 27.14
CA SER P 153 -43.54 -9.79 28.12
C SER P 153 -42.72 -9.82 29.40
N ASN P 154 -42.77 -10.92 30.15
CA ASN P 154 -42.35 -10.88 31.54
C ASN P 154 -41.17 -11.80 31.80
N GLN P 155 -40.18 -11.79 30.93
CA GLN P 155 -38.89 -12.38 31.26
C GLN P 155 -38.05 -11.33 31.96
N THR P 156 -37.60 -11.63 33.17
CA THR P 156 -36.91 -10.61 33.94
C THR P 156 -36.12 -11.24 35.07
N VAL P 157 -35.08 -10.54 35.49
CA VAL P 157 -34.34 -10.88 36.68
C VAL P 157 -34.81 -9.99 37.82
N LYS P 158 -34.43 -10.33 39.04
CA LYS P 158 -34.89 -9.58 40.20
C LYS P 158 -33.74 -9.34 41.15
N ALA P 159 -33.74 -8.16 41.78
CA ALA P 159 -32.68 -7.76 42.71
C ALA P 159 -33.30 -7.28 44.00
N THR P 160 -32.79 -7.77 45.13
CA THR P 160 -33.33 -7.46 46.44
C THR P 160 -32.22 -7.15 47.43
N ILE P 161 -31.29 -6.28 47.04
CA ILE P 161 -30.18 -5.90 47.91
C ILE P 161 -30.70 -5.49 49.27
N GLY P 162 -30.28 -6.20 50.32
CA GLY P 162 -30.76 -5.95 51.65
C GLY P 162 -30.26 -4.61 52.20
N ALA P 163 -30.74 -4.30 53.39
CA ALA P 163 -30.37 -3.06 54.06
C ALA P 163 -29.05 -3.24 54.79
N THR P 164 -28.24 -2.18 54.81
CA THR P 164 -26.90 -2.27 55.39
C THR P 164 -26.50 -1.03 56.17
N GLN P 165 -27.46 -0.34 56.77
CA GLN P 165 -27.11 0.78 57.62
C GLN P 165 -26.40 0.29 58.87
N SER P 166 -26.01 1.23 59.72
CA SER P 166 -25.31 0.88 60.95
C SER P 166 -26.25 0.49 62.07
N SER P 167 -27.56 0.47 61.82
CA SER P 167 -28.53 0.07 62.81
C SER P 167 -29.21 -1.25 62.46
N LYS P 168 -28.86 -1.86 61.33
CA LYS P 168 -29.56 -3.04 60.86
C LYS P 168 -28.64 -4.18 60.45
N ILE P 169 -27.37 -4.17 60.85
CA ILE P 169 -26.49 -5.25 60.43
C ILE P 169 -26.05 -6.10 61.61
N GLY P 170 -25.33 -5.53 62.55
CA GLY P 170 -24.74 -6.35 63.58
C GLY P 170 -25.67 -6.55 64.74
N VAL P 171 -26.39 -7.66 64.75
CA VAL P 171 -27.38 -7.96 65.79
C VAL P 171 -26.98 -9.28 66.41
N THR P 172 -26.48 -9.24 67.64
CA THR P 172 -26.18 -10.46 68.36
C THR P 172 -27.33 -10.80 69.31
N ARG P 173 -27.16 -11.88 70.06
CA ARG P 173 -28.16 -12.31 71.03
C ARG P 173 -27.44 -12.79 72.28
N PHE P 174 -27.72 -12.15 73.40
CA PHE P 174 -27.11 -12.49 74.67
C PHE P 174 -28.14 -13.11 75.60
N GLU P 175 -27.67 -14.02 76.45
CA GLU P 175 -28.48 -14.59 77.51
C GLU P 175 -27.60 -14.76 78.74
N THR P 176 -28.24 -14.87 79.90
CA THR P 176 -27.51 -15.09 81.14
C THR P 176 -28.48 -15.56 82.20
N GLY P 177 -28.17 -16.69 82.83
CA GLY P 177 -29.03 -17.20 83.88
C GLY P 177 -28.68 -16.64 85.24
N ALA P 178 -29.66 -16.70 86.14
CA ALA P 178 -29.45 -16.22 87.49
C ALA P 178 -28.35 -17.02 88.18
N GLN P 179 -27.67 -16.37 89.11
CA GLN P 179 -26.58 -17.01 89.83
C GLN P 179 -27.05 -18.32 90.45
N SER P 180 -26.22 -19.36 90.33
CA SER P 180 -26.61 -20.71 90.66
C SER P 180 -26.01 -21.13 91.99
N PHE P 181 -26.86 -21.56 92.92
CA PHE P 181 -26.41 -22.03 94.23
C PHE P 181 -26.64 -23.52 94.41
N THR P 182 -26.91 -24.26 93.34
CA THR P 182 -27.14 -25.69 93.41
C THR P 182 -26.16 -26.42 92.50
N SER P 183 -26.07 -27.72 92.72
CA SER P 183 -25.19 -28.59 91.95
C SER P 183 -25.99 -29.70 91.31
N GLY P 184 -25.30 -30.57 90.58
CA GLY P 184 -25.93 -31.73 89.97
C GLY P 184 -25.55 -31.91 88.51
N VAL P 185 -25.61 -33.15 88.06
CA VAL P 185 -25.32 -33.46 86.66
C VAL P 185 -26.36 -32.79 85.77
N VAL P 186 -25.91 -32.13 84.72
CA VAL P 186 -26.77 -31.35 83.85
C VAL P 186 -26.45 -31.66 82.40
N GLY P 187 -27.50 -31.82 81.60
CA GLY P 187 -27.35 -31.94 80.17
C GLY P 187 -28.20 -30.93 79.43
N LEU P 188 -27.55 -29.98 78.76
CA LEU P 188 -28.29 -28.99 77.99
C LEU P 188 -28.95 -29.63 76.79
N THR P 189 -29.84 -28.86 76.16
CA THR P 189 -30.41 -29.26 74.88
C THR P 189 -30.95 -28.00 74.21
N ILE P 190 -30.27 -27.55 73.17
CA ILE P 190 -30.77 -26.44 72.38
C ILE P 190 -31.79 -26.97 71.39
N LYS P 191 -32.98 -26.42 71.43
CA LYS P 191 -34.05 -26.85 70.54
C LYS P 191 -33.98 -26.05 69.25
N ASN P 192 -34.29 -26.71 68.14
CA ASN P 192 -34.27 -26.09 66.83
C ASN P 192 -32.97 -25.36 66.57
N TYR P 193 -31.87 -26.11 66.66
CA TYR P 193 -30.56 -25.51 66.46
C TYR P 193 -30.28 -25.22 65.00
N ASN P 194 -30.92 -25.95 64.08
CA ASN P 194 -30.68 -25.76 62.65
C ASN P 194 -31.97 -25.67 61.85
N GLY P 195 -33.11 -25.46 62.50
CA GLY P 195 -34.38 -25.35 61.81
C GLY P 195 -35.06 -26.67 61.55
N ILE P 196 -34.47 -27.79 61.96
CA ILE P 196 -35.05 -29.09 61.72
C ILE P 196 -35.19 -29.87 63.02
N GLU P 197 -34.08 -30.03 63.74
CA GLU P 197 -34.02 -30.91 64.89
C GLU P 197 -33.29 -30.23 66.04
N ASP P 198 -33.15 -30.95 67.14
CA ASP P 198 -32.59 -30.42 68.37
C ASP P 198 -31.08 -30.65 68.38
N PHE P 199 -30.44 -30.40 69.52
CA PHE P 199 -29.01 -30.63 69.68
C PHE P 199 -28.74 -30.89 71.15
N LYS P 200 -28.49 -32.14 71.50
CA LYS P 200 -28.30 -32.53 72.90
C LYS P 200 -26.81 -32.62 73.20
N PHE P 201 -26.38 -31.85 74.20
CA PHE P 201 -25.01 -31.92 74.67
C PHE P 201 -24.82 -33.14 75.56
N ASP P 202 -23.68 -33.21 76.21
CA ASP P 202 -23.40 -34.31 77.12
C ASP P 202 -23.67 -33.89 78.56
N ASN P 203 -24.01 -34.88 79.38
CA ASN P 203 -24.14 -34.62 80.80
C ASN P 203 -22.82 -34.12 81.36
N VAL P 204 -22.90 -33.15 82.26
CA VAL P 204 -21.72 -32.47 82.78
C VAL P 204 -21.83 -32.36 84.29
N VAL P 205 -20.82 -32.87 85.01
CA VAL P 205 -20.79 -32.68 86.44
C VAL P 205 -20.52 -31.21 86.76
N ILE P 206 -20.82 -30.82 88.00
CA ILE P 206 -20.76 -29.40 88.34
C ILE P 206 -19.89 -29.11 89.57
N SER P 207 -20.04 -29.89 90.63
CA SER P 207 -19.89 -29.32 91.96
C SER P 207 -18.57 -28.60 92.25
N THR P 208 -17.48 -29.32 92.51
CA THR P 208 -16.26 -28.62 92.91
C THR P 208 -14.97 -29.24 92.40
N SER P 209 -15.01 -30.34 91.65
CA SER P 209 -13.77 -30.99 91.27
C SER P 209 -13.13 -30.26 90.11
N VAL P 210 -11.90 -30.65 89.78
CA VAL P 210 -11.14 -29.95 88.75
C VAL P 210 -11.85 -30.02 87.41
N GLY P 211 -12.27 -31.21 87.01
CA GLY P 211 -12.94 -31.37 85.74
C GLY P 211 -14.44 -31.17 85.84
N THR P 212 -14.88 -30.25 86.69
CA THR P 212 -16.29 -29.98 86.86
C THR P 212 -16.57 -28.48 86.83
N GLY P 213 -17.84 -28.11 86.81
CA GLY P 213 -18.22 -26.72 86.96
C GLY P 213 -18.57 -26.03 85.66
N LEU P 214 -18.89 -24.75 85.81
CA LEU P 214 -19.21 -23.92 84.66
C LEU P 214 -18.06 -23.85 83.67
N GLY P 215 -16.82 -24.04 84.12
CA GLY P 215 -15.73 -24.14 83.18
C GLY P 215 -15.86 -25.34 82.26
N ALA P 216 -16.17 -26.50 82.84
CA ALA P 216 -16.38 -27.69 82.02
C ALA P 216 -17.58 -27.53 81.12
N LEU P 217 -18.65 -26.92 81.60
CA LEU P 217 -19.80 -26.71 80.73
C LEU P 217 -19.50 -25.74 79.59
N ALA P 218 -18.74 -24.68 79.87
CA ALA P 218 -18.37 -23.75 78.81
C ALA P 218 -17.47 -24.42 77.79
N GLU P 219 -16.57 -25.29 78.24
CA GLU P 219 -15.80 -26.09 77.30
C GLU P 219 -16.72 -26.92 76.41
N GLU P 220 -17.63 -27.66 77.03
CA GLU P 220 -18.49 -28.55 76.26
C GLU P 220 -19.39 -27.79 75.31
N ILE P 221 -19.68 -26.53 75.61
CA ILE P 221 -20.54 -25.74 74.73
C ILE P 221 -19.73 -25.13 73.60
N ASN P 222 -18.57 -24.55 73.92
CA ASN P 222 -17.76 -23.92 72.90
C ASN P 222 -17.14 -24.93 71.95
N LYS P 223 -17.01 -26.19 72.35
CA LYS P 223 -16.50 -27.20 71.44
C LYS P 223 -17.36 -27.29 70.19
N SER P 224 -18.68 -27.36 70.36
CA SER P 224 -19.60 -27.44 69.23
C SER P 224 -20.13 -26.06 68.89
N ALA P 225 -19.20 -25.15 68.61
CA ALA P 225 -19.58 -23.77 68.33
C ALA P 225 -20.03 -23.55 66.89
N ASP P 226 -19.39 -24.20 65.92
CA ASP P 226 -19.69 -23.94 64.52
C ASP P 226 -20.99 -24.55 64.06
N LYS P 227 -21.51 -25.55 64.77
CA LYS P 227 -22.76 -26.17 64.35
C LYS P 227 -23.97 -25.54 65.01
N THR P 228 -23.81 -24.96 66.19
CA THR P 228 -24.92 -24.35 66.90
C THR P 228 -24.94 -22.83 66.83
N GLY P 229 -23.79 -22.21 66.62
CA GLY P 229 -23.74 -20.77 66.63
C GLY P 229 -23.81 -20.15 68.00
N VAL P 230 -23.63 -20.94 69.05
CA VAL P 230 -23.80 -20.50 70.42
C VAL P 230 -22.49 -20.74 71.16
N ARG P 231 -21.80 -19.66 71.48
CA ARG P 231 -20.63 -19.74 72.35
C ARG P 231 -21.01 -19.32 73.76
N ALA P 232 -20.13 -19.60 74.71
CA ALA P 232 -20.47 -19.33 76.10
C ALA P 232 -19.21 -19.02 76.90
N THR P 233 -19.42 -18.35 78.02
CA THR P 233 -18.37 -18.05 78.97
C THR P 233 -18.95 -18.24 80.37
N TYR P 234 -18.24 -17.74 81.38
CA TYR P 234 -18.70 -17.89 82.74
C TYR P 234 -18.12 -16.78 83.60
N ASP P 235 -18.66 -16.65 84.81
CA ASP P 235 -18.16 -15.67 85.77
C ASP P 235 -18.53 -16.19 87.16
N VAL P 236 -17.55 -16.67 87.90
CA VAL P 236 -17.80 -17.36 89.16
C VAL P 236 -17.14 -16.52 90.25
N LYS P 237 -17.90 -15.64 90.87
CA LYS P 237 -17.42 -14.85 91.99
C LYS P 237 -18.44 -14.90 93.11
N THR P 238 -17.94 -14.71 94.33
CA THR P 238 -18.78 -14.54 95.51
C THR P 238 -18.29 -13.28 96.20
N THR P 239 -18.98 -12.18 95.99
CA THR P 239 -18.60 -10.89 96.54
C THR P 239 -19.60 -10.49 97.61
N GLY P 240 -19.09 -10.12 98.78
CA GLY P 240 -19.94 -9.75 99.89
C GLY P 240 -20.62 -8.42 99.67
N VAL P 241 -21.28 -7.95 100.73
CA VAL P 241 -21.88 -6.63 100.80
C VAL P 241 -21.41 -5.99 102.11
N TYR P 242 -21.84 -4.75 102.33
CA TYR P 242 -21.50 -4.02 103.56
C TYR P 242 -20.02 -4.20 103.89
N ALA P 243 -19.21 -3.54 103.06
CA ALA P 243 -17.93 -4.08 102.60
C ALA P 243 -17.21 -5.01 103.56
N ILE P 244 -16.93 -4.57 104.79
CA ILE P 244 -16.24 -5.45 105.72
C ILE P 244 -16.30 -4.89 107.13
N LYS P 245 -16.20 -5.77 108.13
CA LYS P 245 -16.20 -5.38 109.54
C LYS P 245 -15.18 -6.25 110.24
N GLU P 246 -15.24 -6.27 111.57
CA GLU P 246 -14.34 -7.07 112.38
C GLU P 246 -15.03 -8.34 112.82
N GLY P 247 -14.32 -9.46 112.74
CA GLY P 247 -14.88 -10.74 113.12
C GLY P 247 -13.87 -11.84 112.88
N THR P 248 -14.27 -13.06 113.25
CA THR P 248 -13.42 -14.23 113.11
C THR P 248 -14.18 -15.33 112.39
N THR P 249 -13.43 -16.25 111.82
CA THR P 249 -14.01 -17.42 111.18
C THR P 249 -14.08 -18.56 112.17
N SER P 250 -15.02 -19.47 111.95
CA SER P 250 -15.16 -20.61 112.84
C SER P 250 -13.92 -21.49 112.76
N GLN P 251 -13.71 -22.27 113.83
CA GLN P 251 -12.52 -23.11 113.91
C GLN P 251 -12.44 -24.08 112.75
N ASP P 252 -13.57 -24.45 112.17
CA ASP P 252 -13.64 -25.39 111.07
C ASP P 252 -14.04 -24.70 109.77
N PHE P 253 -13.60 -23.46 109.58
CA PHE P 253 -13.87 -22.74 108.34
C PHE P 253 -13.11 -23.39 107.20
N ALA P 254 -13.86 -23.92 106.23
CA ALA P 254 -13.26 -24.64 105.11
C ALA P 254 -13.91 -24.19 103.82
N ILE P 255 -13.16 -24.29 102.73
CA ILE P 255 -13.62 -23.85 101.42
C ILE P 255 -13.26 -24.92 100.39
N ASN P 256 -14.24 -25.30 99.59
CA ASN P 256 -14.10 -26.29 98.52
C ASN P 256 -13.59 -27.63 99.01
N GLY P 257 -13.63 -27.90 100.31
CA GLY P 257 -13.25 -29.19 100.84
C GLY P 257 -12.01 -29.20 101.70
N VAL P 258 -11.23 -28.12 101.72
CA VAL P 258 -10.01 -28.05 102.50
C VAL P 258 -10.21 -27.06 103.64
N THR P 259 -9.78 -27.44 104.84
CA THR P 259 -10.01 -26.63 106.03
C THR P 259 -8.92 -25.58 106.18
N ILE P 260 -9.32 -24.35 106.47
CA ILE P 260 -8.38 -23.24 106.67
C ILE P 260 -8.16 -22.97 108.14
N GLY P 261 -9.21 -22.76 108.90
CA GLY P 261 -9.11 -22.56 110.33
C GLY P 261 -9.65 -21.21 110.76
N LYS P 262 -9.36 -20.86 112.01
CA LYS P 262 -9.85 -19.61 112.58
C LYS P 262 -8.93 -18.46 112.21
N ILE P 263 -9.51 -17.40 111.67
CA ILE P 263 -8.75 -16.23 111.23
C ILE P 263 -9.39 -14.96 111.76
N GLU P 264 -8.81 -14.37 112.78
CA GLU P 264 -9.30 -13.09 113.30
C GLU P 264 -8.81 -11.96 112.40
N TYR P 265 -9.74 -11.17 111.88
CA TYR P 265 -9.41 -10.09 110.97
C TYR P 265 -9.93 -8.76 111.53
N LYS P 266 -9.23 -7.68 111.19
CA LYS P 266 -9.53 -6.36 111.73
C LYS P 266 -10.71 -5.76 110.97
N ASP P 267 -10.98 -4.48 111.22
CA ASP P 267 -12.15 -3.82 110.66
C ASP P 267 -12.13 -3.80 109.14
N GLY P 268 -11.18 -3.10 108.55
CA GLY P 268 -11.10 -3.03 107.11
C GLY P 268 -10.23 -4.14 106.56
N ASP P 269 -10.04 -5.18 107.37
CA ASP P 269 -9.07 -6.23 107.07
C ASP P 269 -7.69 -5.63 106.86
N GLY P 270 -7.32 -4.70 107.75
CA GLY P 270 -6.03 -4.05 107.63
C GLY P 270 -4.86 -5.01 107.67
N ASN P 271 -5.03 -6.13 108.38
CA ASN P 271 -3.98 -7.15 108.40
C ASN P 271 -3.81 -7.79 107.03
N GLY P 272 -4.87 -7.82 106.23
CA GLY P 272 -4.83 -8.65 105.04
C GLY P 272 -4.74 -10.12 105.33
N SER P 273 -5.00 -10.51 106.57
CA SER P 273 -4.90 -11.91 106.97
C SER P 273 -6.01 -12.74 106.37
N LEU P 274 -7.23 -12.21 106.32
CA LEU P 274 -8.33 -12.97 105.73
C LEU P 274 -8.07 -13.27 104.27
N ILE P 275 -7.36 -12.38 103.58
CA ILE P 275 -7.05 -12.62 102.18
C ILE P 275 -5.86 -13.56 102.05
N SER P 276 -4.83 -13.34 102.85
CA SER P 276 -3.62 -14.14 102.72
C SER P 276 -3.87 -15.59 103.11
N ALA P 277 -4.64 -15.83 104.17
CA ALA P 277 -4.86 -17.19 104.63
C ALA P 277 -5.76 -17.96 103.68
N ILE P 278 -6.54 -17.26 102.86
CA ILE P 278 -7.30 -17.96 101.82
C ILE P 278 -6.43 -18.21 100.61
N ASN P 279 -5.66 -17.22 100.19
CA ASN P 279 -4.78 -17.41 99.05
C ASN P 279 -3.68 -18.42 99.32
N ALA P 280 -3.38 -18.72 100.58
CA ALA P 280 -2.37 -19.72 100.88
C ALA P 280 -2.77 -21.12 100.43
N VAL P 281 -4.02 -21.34 100.04
CA VAL P 281 -4.47 -22.66 99.60
C VAL P 281 -5.16 -22.55 98.25
N LYS P 282 -4.91 -21.46 97.52
CA LYS P 282 -5.56 -21.26 96.24
C LYS P 282 -5.20 -22.36 95.24
N ASP P 283 -4.01 -22.92 95.37
CA ASP P 283 -3.56 -23.95 94.43
C ASP P 283 -4.33 -25.25 94.59
N THR P 284 -4.95 -25.46 95.75
CA THR P 284 -5.77 -26.64 95.97
C THR P 284 -7.25 -26.33 95.81
N THR P 285 -7.69 -25.16 96.26
CA THR P 285 -9.10 -24.80 96.17
C THR P 285 -9.48 -24.46 94.74
N GLY P 286 -8.79 -23.48 94.15
CA GLY P 286 -9.23 -22.89 92.91
C GLY P 286 -9.86 -21.54 93.09
N VAL P 287 -9.91 -21.02 94.31
CA VAL P 287 -10.47 -19.70 94.60
C VAL P 287 -9.33 -18.75 94.87
N GLN P 288 -9.54 -17.48 94.55
CA GLN P 288 -8.53 -16.44 94.74
C GLN P 288 -9.19 -15.28 95.46
N ALA P 289 -8.87 -15.10 96.73
CA ALA P 289 -9.47 -14.02 97.50
C ALA P 289 -8.86 -12.69 97.11
N SER P 290 -9.66 -11.63 97.24
CA SER P 290 -9.22 -10.29 96.88
C SER P 290 -10.09 -9.29 97.61
N LYS P 291 -9.60 -8.05 97.66
CA LYS P 291 -10.30 -6.96 98.32
C LYS P 291 -10.72 -5.94 97.27
N ASP P 292 -12.01 -5.65 97.24
CA ASP P 292 -12.57 -4.77 96.22
C ASP P 292 -12.11 -3.34 96.46
N GLU P 293 -12.42 -2.46 95.49
CA GLU P 293 -12.09 -1.06 95.65
C GLU P 293 -12.83 -0.45 96.83
N ASN P 294 -14.11 -0.78 96.97
CA ASN P 294 -14.93 -0.26 98.05
C ASN P 294 -14.71 -0.99 99.37
N GLY P 295 -13.71 -1.85 99.46
CA GLY P 295 -13.44 -2.59 100.67
C GLY P 295 -14.17 -3.89 100.80
N LYS P 296 -14.95 -4.29 99.81
CA LYS P 296 -15.69 -5.54 99.89
C LYS P 296 -14.73 -6.73 99.72
N LEU P 297 -15.21 -7.91 100.11
CA LEU P 297 -14.44 -9.14 99.99
C LEU P 297 -14.92 -9.89 98.77
N VAL P 298 -13.98 -10.37 97.96
CA VAL P 298 -14.29 -11.03 96.69
C VAL P 298 -13.58 -12.37 96.65
N LEU P 299 -14.34 -13.43 96.38
CA LEU P 299 -13.80 -14.78 96.21
C LEU P 299 -14.08 -15.20 94.78
N THR P 300 -13.08 -15.15 93.93
CA THR P 300 -13.23 -15.51 92.53
C THR P 300 -12.58 -16.84 92.24
N SER P 301 -13.12 -17.54 91.25
CA SER P 301 -12.59 -18.81 90.79
C SER P 301 -12.25 -18.69 89.31
N ALA P 302 -10.98 -18.91 88.97
CA ALA P 302 -10.53 -18.68 87.60
C ALA P 302 -11.16 -19.69 86.65
N ASP P 303 -10.93 -20.98 86.89
CA ASP P 303 -11.39 -22.03 86.00
C ASP P 303 -12.83 -22.47 86.27
N GLY P 304 -13.62 -21.66 86.94
CA GLY P 304 -15.01 -21.95 87.17
C GLY P 304 -15.30 -23.26 87.87
N ARG P 305 -14.68 -23.46 89.03
CA ARG P 305 -14.91 -24.67 89.81
C ARG P 305 -16.06 -24.54 90.80
N GLY P 306 -16.53 -23.33 91.07
CA GLY P 306 -17.60 -23.15 92.02
C GLY P 306 -17.10 -23.00 93.43
N ILE P 307 -17.42 -21.88 94.07
CA ILE P 307 -16.98 -21.61 95.42
C ILE P 307 -18.01 -22.17 96.40
N LYS P 308 -17.54 -22.89 97.41
CA LYS P 308 -18.43 -23.44 98.42
C LYS P 308 -17.68 -23.46 99.74
N ILE P 309 -18.19 -22.75 100.73
CA ILE P 309 -17.59 -22.70 102.05
C ILE P 309 -18.49 -23.46 103.02
N THR P 310 -17.88 -24.19 103.95
CA THR P 310 -18.63 -25.04 104.87
C THR P 310 -18.77 -24.39 106.24
N GLY P 311 -17.65 -24.08 106.89
CA GLY P 311 -17.69 -23.54 108.23
C GLY P 311 -18.27 -22.15 108.26
N ASP P 312 -18.47 -21.65 109.48
CA ASP P 312 -18.96 -20.30 109.68
C ASP P 312 -17.84 -19.34 109.30
N ILE P 313 -17.93 -18.78 108.09
CA ILE P 313 -16.92 -17.81 107.65
C ILE P 313 -16.89 -16.61 108.58
N GLY P 314 -17.98 -16.36 109.29
CA GLY P 314 -18.03 -15.23 110.19
C GLY P 314 -18.67 -14.07 109.50
N VAL P 315 -19.92 -13.76 109.86
CA VAL P 315 -20.57 -12.61 109.27
C VAL P 315 -19.85 -11.37 109.75
N GLY P 316 -19.81 -10.34 108.91
CA GLY P 316 -18.92 -9.23 109.16
C GLY P 316 -17.88 -9.21 108.06
N SER P 317 -17.65 -10.38 107.48
CA SER P 317 -16.87 -10.48 106.25
C SER P 317 -17.72 -10.20 105.02
N GLY P 318 -19.02 -10.00 105.19
CA GLY P 318 -19.86 -9.59 104.09
C GLY P 318 -20.56 -10.71 103.35
N ILE P 319 -20.16 -11.96 103.57
CA ILE P 319 -20.71 -13.08 102.83
C ILE P 319 -21.85 -13.68 103.63
N LEU P 320 -23.07 -13.51 103.13
CA LEU P 320 -24.24 -14.00 103.84
C LEU P 320 -24.31 -15.52 103.77
N ALA P 321 -25.17 -16.09 104.62
CA ALA P 321 -25.35 -17.54 104.63
C ALA P 321 -26.03 -18.06 103.38
N ASN P 322 -26.53 -17.18 102.51
CA ASN P 322 -27.13 -17.63 101.26
C ASN P 322 -26.13 -17.70 100.12
N GLN P 323 -24.91 -17.22 100.32
CA GLN P 323 -23.88 -17.27 99.30
C GLN P 323 -22.83 -18.34 99.56
N LYS P 324 -22.99 -19.12 100.64
CA LYS P 324 -21.96 -20.09 100.98
C LYS P 324 -21.83 -21.19 99.93
N GLU P 325 -22.83 -21.33 99.05
CA GLU P 325 -22.81 -22.32 97.98
C GLU P 325 -22.99 -21.56 96.67
N ASN P 326 -21.93 -21.46 95.88
CA ASN P 326 -21.94 -20.65 94.68
C ASN P 326 -21.35 -21.41 93.50
N TYR P 327 -21.89 -21.16 92.32
CA TYR P 327 -21.33 -21.72 91.09
C TYR P 327 -21.31 -20.72 89.95
N GLY P 328 -21.42 -19.43 90.22
CA GLY P 328 -21.37 -18.44 89.15
C GLY P 328 -22.55 -18.55 88.22
N ARG P 329 -22.41 -17.89 87.07
CA ARG P 329 -23.44 -17.86 86.06
C ARG P 329 -22.88 -18.35 84.73
N LEU P 330 -23.80 -18.57 83.80
CA LEU P 330 -23.48 -18.85 82.41
C LEU P 330 -23.82 -17.63 81.57
N SER P 331 -23.21 -17.56 80.39
CA SER P 331 -23.48 -16.44 79.48
C SER P 331 -23.35 -16.96 78.06
N LEU P 332 -24.46 -17.37 77.47
CA LEU P 332 -24.46 -17.74 76.07
C LEU P 332 -24.41 -16.50 75.20
N VAL P 333 -23.87 -16.66 73.99
CA VAL P 333 -23.76 -15.58 73.02
C VAL P 333 -23.97 -16.18 71.65
N LYS P 334 -25.02 -15.73 70.96
CA LYS P 334 -25.26 -16.17 69.60
C LYS P 334 -24.77 -15.11 68.64
N ASN P 335 -24.98 -15.30 67.34
CA ASN P 335 -24.65 -14.29 66.35
C ASN P 335 -25.76 -14.21 65.32
N ASP P 336 -27.01 -14.35 65.76
CA ASP P 336 -28.15 -14.34 64.85
C ASP P 336 -29.27 -13.40 65.27
N GLY P 337 -29.44 -13.11 66.55
CA GLY P 337 -30.52 -12.23 66.95
C GLY P 337 -31.82 -12.92 67.28
N ARG P 338 -31.90 -14.24 67.16
CA ARG P 338 -33.07 -14.99 67.56
C ARG P 338 -32.82 -15.63 68.92
N ASP P 339 -33.91 -15.89 69.63
CA ASP P 339 -33.79 -16.37 71.00
C ASP P 339 -33.19 -17.77 71.04
N ILE P 340 -32.32 -18.01 72.02
CA ILE P 340 -31.84 -19.35 72.28
C ILE P 340 -32.90 -20.10 73.09
N ASN P 341 -33.44 -21.16 72.51
CA ASN P 341 -34.54 -21.90 73.12
C ASN P 341 -34.03 -23.06 73.96
N ILE P 342 -33.21 -22.74 74.95
CA ILE P 342 -32.60 -23.76 75.79
C ILE P 342 -33.66 -24.49 76.59
N SER P 343 -33.63 -25.83 76.51
CA SER P 343 -34.50 -26.66 77.35
C SER P 343 -33.77 -27.99 77.57
N GLY P 344 -33.05 -28.06 78.68
CA GLY P 344 -32.23 -29.21 79.00
C GLY P 344 -32.98 -30.27 79.78
N THR P 345 -32.26 -30.94 80.67
CA THR P 345 -32.83 -32.00 81.51
C THR P 345 -32.80 -31.65 82.99
N ASN P 346 -31.67 -31.17 83.51
CA ASN P 346 -31.52 -30.82 84.92
C ASN P 346 -30.94 -29.41 84.95
N LEU P 347 -31.80 -28.40 84.82
CA LEU P 347 -31.36 -27.06 84.48
C LEU P 347 -31.22 -26.13 85.67
N SER P 348 -31.80 -26.45 86.81
CA SER P 348 -31.67 -25.56 87.95
C SER P 348 -30.25 -25.50 88.50
N ALA P 349 -29.31 -26.20 87.87
CA ALA P 349 -27.93 -26.18 88.33
C ALA P 349 -27.13 -25.08 87.66
N ILE P 350 -27.42 -24.79 86.40
CA ILE P 350 -26.70 -23.73 85.69
C ILE P 350 -27.46 -22.43 85.86
N GLY P 351 -28.51 -22.45 86.69
CA GLY P 351 -29.28 -21.25 86.93
C GLY P 351 -30.18 -20.86 85.79
N MET P 352 -30.75 -21.82 85.07
CA MET P 352 -31.70 -21.54 84.01
C MET P 352 -32.90 -22.46 84.09
N GLY P 353 -33.20 -22.98 85.27
CA GLY P 353 -34.35 -23.84 85.46
C GLY P 353 -35.65 -23.09 85.28
N THR P 354 -36.75 -23.82 85.51
CA THR P 354 -38.07 -23.26 85.33
C THR P 354 -38.44 -22.25 86.41
N THR P 355 -37.52 -21.92 87.32
CA THR P 355 -37.79 -20.98 88.40
C THR P 355 -36.63 -20.01 88.60
N ASP P 356 -35.93 -19.68 87.53
CA ASP P 356 -34.76 -18.81 87.61
C ASP P 356 -34.97 -17.62 86.68
N MET P 357 -34.90 -16.42 87.23
CA MET P 357 -35.03 -15.20 86.45
C MET P 357 -33.76 -14.99 85.65
N ILE P 358 -33.86 -15.13 84.32
CA ILE P 358 -32.72 -14.91 83.45
C ILE P 358 -32.99 -13.69 82.59
N SER P 359 -31.92 -13.16 82.00
CA SER P 359 -32.00 -11.98 81.15
C SER P 359 -31.54 -12.33 79.74
N GLN P 360 -32.14 -11.66 78.76
CA GLN P 360 -31.78 -11.89 77.36
C GLN P 360 -32.18 -10.67 76.56
N SER P 361 -31.38 -10.36 75.55
CA SER P 361 -31.63 -9.18 74.73
C SER P 361 -30.75 -9.21 73.50
N SER P 362 -31.19 -8.52 72.45
CA SER P 362 -30.44 -8.39 71.21
C SER P 362 -29.89 -6.98 71.09
N VAL P 363 -28.66 -6.86 70.61
CA VAL P 363 -27.96 -5.58 70.55
C VAL P 363 -27.48 -5.34 69.13
N SER P 364 -27.65 -4.11 68.65
CA SER P 364 -27.17 -3.70 67.34
C SER P 364 -25.92 -2.86 67.49
N LEU P 365 -25.30 -2.51 66.36
CA LEU P 365 -24.15 -1.62 66.41
C LEU P 365 -24.50 -0.28 67.02
N ARG P 366 -25.55 0.37 66.53
CA ARG P 366 -25.94 1.66 67.08
C ARG P 366 -26.31 1.53 68.55
N GLU P 367 -26.95 0.43 68.92
CA GLU P 367 -27.28 0.24 70.33
C GLU P 367 -26.03 0.06 71.18
N SER P 368 -24.97 -0.50 70.60
CA SER P 368 -23.71 -0.60 71.34
C SER P 368 -22.98 0.73 71.39
N LYS P 369 -23.18 1.58 70.40
CA LYS P 369 -22.44 2.84 70.33
C LYS P 369 -22.79 3.78 71.47
N GLY P 370 -23.97 3.64 72.06
CA GLY P 370 -24.42 4.51 73.11
C GLY P 370 -24.21 3.93 74.49
N GLN P 371 -24.96 4.46 75.44
CA GLN P 371 -24.85 4.02 76.83
C GLN P 371 -25.61 2.72 77.03
N ILE P 372 -25.00 1.78 77.74
CA ILE P 372 -25.58 0.44 77.89
C ILE P 372 -26.63 0.48 78.98
N SER P 373 -27.85 0.05 78.65
CA SER P 373 -28.93 0.05 79.61
C SER P 373 -28.64 -0.94 80.74
N ALA P 374 -29.32 -0.73 81.86
CA ALA P 374 -29.05 -1.54 83.05
C ALA P 374 -29.37 -3.01 82.81
N THR P 375 -30.37 -3.30 81.98
CA THR P 375 -30.74 -4.67 81.71
C THR P 375 -29.82 -5.28 80.66
N ASN P 376 -29.55 -4.54 79.59
CA ASN P 376 -28.63 -5.02 78.58
C ASN P 376 -27.25 -5.29 79.16
N ALA P 377 -26.87 -4.57 80.21
CA ALA P 377 -25.59 -4.84 80.84
C ALA P 377 -25.55 -6.23 81.44
N ASP P 378 -26.55 -6.55 82.27
CA ASP P 378 -26.62 -7.88 82.84
C ASP P 378 -26.69 -8.94 81.75
N ALA P 379 -27.43 -8.66 80.68
CA ALA P 379 -27.49 -9.62 79.58
C ALA P 379 -26.12 -9.84 78.95
N MET P 380 -25.35 -8.77 78.76
CA MET P 380 -24.01 -8.93 78.20
C MET P 380 -23.13 -9.77 79.11
N GLY P 381 -23.10 -9.44 80.40
CA GLY P 381 -22.27 -10.21 81.31
C GLY P 381 -21.53 -9.40 82.35
N PHE P 382 -21.77 -8.10 82.41
CA PHE P 382 -21.28 -7.32 83.54
C PHE P 382 -21.97 -7.79 84.82
N ASN P 383 -21.56 -7.19 85.94
CA ASN P 383 -22.27 -7.28 87.21
C ASN P 383 -22.75 -8.70 87.53
N SER P 384 -21.82 -9.60 87.81
CA SER P 384 -22.13 -11.01 87.98
C SER P 384 -23.40 -11.26 88.78
N TYR P 385 -23.43 -10.85 90.04
CA TYR P 385 -24.52 -11.28 90.90
C TYR P 385 -25.84 -10.57 90.60
N LYS P 386 -26.37 -10.78 89.40
CA LYS P 386 -27.73 -10.39 89.03
C LYS P 386 -27.96 -8.89 89.25
N GLY P 387 -27.22 -8.11 88.49
CA GLY P 387 -27.34 -6.67 88.64
C GLY P 387 -26.45 -6.14 89.73
N GLY P 388 -25.62 -5.18 89.36
CA GLY P 388 -24.57 -4.70 90.25
C GLY P 388 -25.02 -3.93 91.45
N GLY P 389 -26.32 -3.86 91.72
CA GLY P 389 -26.78 -3.11 92.87
C GLY P 389 -26.85 -3.97 94.11
N LYS P 390 -28.02 -4.04 94.73
CA LYS P 390 -28.18 -4.87 95.90
C LYS P 390 -28.18 -6.35 95.51
N PHE P 391 -28.07 -7.20 96.52
CA PHE P 391 -28.20 -8.64 96.32
C PHE P 391 -29.66 -9.02 96.53
N VAL P 392 -30.11 -10.02 95.77
CA VAL P 392 -31.53 -10.36 95.69
C VAL P 392 -31.73 -11.77 96.23
N PHE P 393 -32.53 -11.89 97.29
CA PHE P 393 -32.90 -13.17 97.87
C PHE P 393 -34.23 -13.63 97.31
N THR P 394 -34.74 -14.75 97.85
CA THR P 394 -36.12 -15.16 97.66
C THR P 394 -36.72 -15.66 98.97
N GLN P 395 -36.21 -15.19 100.10
CA GLN P 395 -36.56 -15.75 101.40
C GLN P 395 -37.99 -15.36 101.77
N ASN P 396 -38.41 -15.71 102.98
CA ASN P 396 -39.80 -15.52 103.39
C ASN P 396 -39.89 -14.64 104.62
N VAL P 397 -39.19 -13.52 104.62
CA VAL P 397 -39.07 -12.68 105.80
C VAL P 397 -39.70 -11.31 105.51
N SER P 398 -40.39 -10.77 106.51
CA SER P 398 -41.06 -9.48 106.36
C SER P 398 -40.05 -8.36 106.18
N SER P 399 -39.10 -8.24 107.10
CA SER P 399 -38.15 -7.14 107.10
C SER P 399 -36.76 -7.63 107.47
N ILE P 400 -35.78 -6.73 107.30
CA ILE P 400 -34.41 -7.04 107.67
C ILE P 400 -34.30 -7.32 109.17
N SER P 401 -35.15 -6.71 109.97
CA SER P 401 -35.17 -6.98 111.40
C SER P 401 -35.39 -8.47 111.67
N ALA P 402 -36.42 -9.04 111.05
CA ALA P 402 -36.68 -10.45 111.22
C ALA P 402 -35.68 -11.33 110.47
N PHE P 403 -35.11 -10.83 109.37
CA PHE P 403 -34.05 -11.57 108.71
C PHE P 403 -32.81 -11.70 109.60
N MET P 404 -32.59 -10.71 110.46
CA MET P 404 -31.51 -10.79 111.42
C MET P 404 -31.88 -11.65 112.61
N SER P 405 -33.13 -11.53 113.09
CA SER P 405 -33.56 -12.32 114.25
C SER P 405 -33.61 -13.81 113.92
N ALA P 406 -33.90 -14.16 112.67
CA ALA P 406 -34.15 -15.55 112.32
C ALA P 406 -32.88 -16.40 112.47
N GLN P 407 -33.04 -17.70 112.25
CA GLN P 407 -31.95 -18.64 112.37
C GLN P 407 -31.04 -18.57 111.14
N GLY P 408 -30.08 -19.47 111.08
CA GLY P 408 -29.22 -19.59 109.92
C GLY P 408 -28.16 -18.51 109.80
N SER P 409 -28.59 -17.24 109.83
CA SER P 409 -27.66 -16.15 109.71
C SER P 409 -26.77 -16.07 110.94
N GLY P 410 -25.80 -15.17 110.90
CA GLY P 410 -24.93 -14.96 112.03
C GLY P 410 -25.40 -13.81 112.88
N PHE P 411 -26.70 -13.51 112.79
CA PHE P 411 -27.30 -12.34 113.40
C PHE P 411 -28.19 -12.67 114.59
N SER P 412 -28.18 -13.93 115.03
CA SER P 412 -29.11 -14.34 116.07
C SER P 412 -28.74 -13.68 117.41
N ARG P 413 -29.63 -13.84 118.38
CA ARG P 413 -29.42 -13.23 119.69
C ARG P 413 -28.14 -13.75 120.34
N GLY P 414 -27.82 -15.03 120.15
CA GLY P 414 -26.60 -15.56 120.73
C GLY P 414 -25.36 -14.95 120.11
N SER P 415 -25.37 -14.73 118.80
CA SER P 415 -24.23 -14.13 118.12
C SER P 415 -24.02 -12.70 118.60
N GLY P 416 -22.82 -12.18 118.36
CA GLY P 416 -22.50 -10.83 118.79
C GLY P 416 -23.08 -9.74 117.93
N PHE P 417 -23.41 -10.06 116.68
CA PHE P 417 -23.93 -9.06 115.74
C PHE P 417 -25.46 -9.00 115.76
N SER P 418 -26.04 -8.86 116.93
CA SER P 418 -27.49 -8.74 117.02
C SER P 418 -27.91 -7.30 116.77
N VAL P 419 -29.21 -7.12 116.51
CA VAL P 419 -29.72 -5.78 116.29
C VAL P 419 -29.49 -4.95 117.54
N GLY P 420 -28.82 -3.80 117.37
CA GLY P 420 -28.54 -2.95 118.49
C GLY P 420 -27.37 -3.40 119.34
N SER P 421 -26.38 -4.05 118.74
CA SER P 421 -25.22 -4.55 119.46
C SER P 421 -23.96 -3.76 119.11
N GLY P 422 -24.12 -2.53 118.65
CA GLY P 422 -22.99 -1.67 118.36
C GLY P 422 -22.31 -1.90 117.02
N LYS P 423 -22.49 -3.08 116.43
CA LYS P 423 -21.88 -3.32 115.12
C LYS P 423 -22.56 -2.52 114.02
N ASN P 424 -23.85 -2.24 114.18
CA ASN P 424 -24.61 -1.42 113.24
C ASN P 424 -24.56 -2.00 111.83
N LEU P 425 -24.78 -3.31 111.73
CA LEU P 425 -24.80 -3.97 110.43
C LEU P 425 -26.15 -3.86 109.75
N SER P 426 -27.19 -3.42 110.46
CA SER P 426 -28.46 -3.14 109.79
C SER P 426 -28.28 -2.07 108.73
N VAL P 427 -27.44 -1.07 109.00
CA VAL P 427 -27.12 -0.06 108.00
C VAL P 427 -26.59 -0.72 106.74
N GLY P 428 -25.57 -1.57 106.89
CA GLY P 428 -24.99 -2.21 105.73
C GLY P 428 -25.98 -3.08 104.97
N LEU P 429 -26.79 -3.85 105.70
CA LEU P 429 -27.78 -4.68 105.03
C LEU P 429 -28.78 -3.85 104.25
N SER P 430 -29.22 -2.72 104.82
CA SER P 430 -30.15 -1.83 104.13
C SER P 430 -29.60 -1.35 102.80
N GLN P 431 -28.28 -1.38 102.61
CA GLN P 431 -27.64 -1.07 101.35
C GLN P 431 -26.99 -2.35 100.84
N GLY P 432 -27.77 -3.19 100.17
CA GLY P 432 -27.19 -4.39 99.61
C GLY P 432 -28.03 -5.64 99.79
N ILE P 433 -29.16 -5.53 100.48
CA ILE P 433 -30.05 -6.67 100.65
C ILE P 433 -31.44 -6.28 100.17
N GLN P 434 -32.03 -7.08 99.29
CA GLN P 434 -33.41 -6.88 98.84
C GLN P 434 -34.10 -8.24 98.89
N ILE P 435 -34.91 -8.45 99.93
CA ILE P 435 -35.53 -9.75 100.16
C ILE P 435 -36.91 -9.77 99.52
N ILE P 436 -37.07 -10.64 98.53
CA ILE P 436 -38.38 -10.83 97.91
C ILE P 436 -39.22 -11.70 98.83
N SER P 437 -40.34 -11.15 99.31
CA SER P 437 -41.14 -11.85 100.33
C SER P 437 -41.61 -13.22 99.84
N SER P 438 -42.27 -13.26 98.70
CA SER P 438 -42.80 -14.51 98.17
C SER P 438 -42.51 -14.60 96.69
N ALA P 439 -41.89 -15.69 96.27
CA ALA P 439 -41.48 -15.83 94.88
C ALA P 439 -42.67 -15.88 93.93
N ALA P 440 -43.88 -16.06 94.44
CA ALA P 440 -45.04 -16.08 93.56
C ALA P 440 -45.47 -14.67 93.19
N SER P 441 -45.49 -13.75 94.15
CA SER P 441 -45.93 -12.38 93.93
C SER P 441 -44.74 -11.46 94.17
N MET P 442 -44.05 -11.07 93.10
CA MET P 442 -42.91 -10.16 93.17
C MET P 442 -43.15 -9.05 92.15
N SER P 443 -43.89 -8.02 92.56
CA SER P 443 -44.10 -6.85 91.73
C SER P 443 -43.32 -5.64 92.22
N ASN P 444 -42.62 -5.75 93.35
CA ASN P 444 -41.82 -4.66 93.88
C ASN P 444 -40.34 -4.80 93.57
N THR P 445 -39.94 -5.84 92.85
CA THR P 445 -38.53 -6.00 92.52
C THR P 445 -38.35 -6.21 91.02
N TYR P 446 -39.34 -6.83 90.36
CA TYR P 446 -39.30 -7.01 88.92
C TYR P 446 -40.51 -6.33 88.30
N VAL P 447 -40.37 -5.95 87.03
CA VAL P 447 -41.47 -5.34 86.31
C VAL P 447 -42.42 -6.42 85.80
N VAL P 448 -43.43 -6.73 86.60
CA VAL P 448 -44.32 -7.86 86.32
C VAL P 448 -45.75 -7.36 86.35
N SER P 449 -45.94 -6.05 86.24
CA SER P 449 -47.29 -5.49 86.29
C SER P 449 -48.13 -6.03 85.13
N ALA P 450 -49.44 -5.91 85.28
CA ALA P 450 -50.36 -6.47 84.31
C ALA P 450 -50.17 -5.87 82.94
N GLY P 451 -49.92 -4.56 82.86
CA GLY P 451 -49.74 -3.92 81.58
C GLY P 451 -48.57 -4.47 80.78
N SER P 452 -47.49 -4.83 81.47
CA SER P 452 -46.34 -5.41 80.79
C SER P 452 -46.70 -6.78 80.21
N GLY P 453 -45.81 -7.31 79.38
CA GLY P 453 -46.02 -8.60 78.79
C GLY P 453 -45.44 -9.72 79.63
N PHE P 454 -45.11 -9.41 80.88
CA PHE P 454 -44.43 -10.37 81.76
C PHE P 454 -45.28 -10.77 82.96
N SER P 455 -46.60 -10.58 82.87
CA SER P 455 -47.49 -10.99 83.95
C SER P 455 -47.32 -12.48 84.23
N SER P 456 -47.26 -12.82 85.52
CA SER P 456 -47.13 -14.21 85.92
C SER P 456 -48.25 -15.05 85.34
N GLY P 457 -47.93 -16.27 84.92
CA GLY P 457 -48.89 -17.13 84.29
C GLY P 457 -49.21 -16.80 82.85
N SER P 458 -48.43 -15.93 82.23
CA SER P 458 -48.60 -15.58 80.82
C SER P 458 -47.34 -15.86 80.01
N GLY P 459 -46.49 -16.76 80.48
CA GLY P 459 -45.20 -16.96 79.87
C GLY P 459 -44.30 -15.76 80.08
N ASN P 460 -43.02 -15.90 79.76
CA ASN P 460 -42.03 -14.84 79.86
C ASN P 460 -41.84 -14.34 81.29
N SER P 461 -42.42 -15.02 82.28
CA SER P 461 -42.30 -14.57 83.66
C SER P 461 -40.86 -14.63 84.15
N GLN P 462 -40.04 -15.49 83.57
CA GLN P 462 -38.65 -15.65 84.01
C GLN P 462 -37.70 -14.75 83.25
N PHE P 463 -38.22 -13.77 82.52
CA PHE P 463 -37.39 -12.81 81.79
C PHE P 463 -37.65 -11.38 82.19
N ALA P 464 -38.50 -11.14 83.19
CA ALA P 464 -38.86 -9.78 83.55
C ALA P 464 -37.64 -9.01 84.04
N ALA P 465 -37.64 -7.71 83.78
CA ALA P 465 -36.52 -6.87 84.12
C ALA P 465 -36.56 -6.46 85.59
N LEU P 466 -35.38 -6.32 86.18
CA LEU P 466 -35.28 -5.85 87.54
C LEU P 466 -35.73 -4.39 87.63
N LYS P 467 -36.00 -3.94 88.83
CA LYS P 467 -36.50 -2.58 89.05
C LYS P 467 -35.40 -1.69 89.61
N THR P 468 -35.28 -0.49 89.05
CA THR P 468 -34.18 0.39 89.38
C THR P 468 -34.33 0.98 90.79
N THR P 469 -35.56 1.09 91.29
CA THR P 469 -35.71 1.56 92.66
C THR P 469 -35.54 0.43 93.66
N ALA P 470 -35.96 -0.78 93.29
CA ALA P 470 -35.74 -1.95 94.14
C ALA P 470 -34.26 -2.22 94.32
N ALA P 471 -33.57 -2.53 93.22
CA ALA P 471 -32.12 -2.67 93.24
C ALA P 471 -31.51 -1.29 93.05
N ASN P 472 -30.22 -1.23 92.75
CA ASN P 472 -29.58 0.02 92.42
C ASN P 472 -28.84 -0.09 91.09
N THR P 473 -29.43 -0.83 90.16
CA THR P 473 -28.80 -1.03 88.86
C THR P 473 -28.66 0.30 88.13
N THR P 474 -27.43 0.60 87.72
CA THR P 474 -27.13 1.79 86.96
C THR P 474 -26.52 1.40 85.62
N ASP P 475 -26.71 2.27 84.63
CA ASP P 475 -26.15 2.03 83.32
C ASP P 475 -24.63 1.95 83.39
N GLU P 476 -24.06 1.31 82.38
CA GLU P 476 -22.60 1.18 82.28
C GLU P 476 -22.07 2.21 81.30
N THR P 477 -20.76 2.42 81.35
CA THR P 477 -20.13 3.40 80.49
C THR P 477 -20.31 2.99 79.03
N ALA P 478 -20.51 3.98 78.17
CA ALA P 478 -21.05 3.76 76.83
C ALA P 478 -20.04 3.02 75.97
N GLY P 479 -20.41 1.82 75.54
CA GLY P 479 -19.69 1.12 74.49
C GLY P 479 -18.41 0.42 74.90
N VAL P 480 -17.39 0.55 74.06
CA VAL P 480 -16.12 -0.16 74.20
C VAL P 480 -15.32 0.45 75.34
N THR P 481 -15.87 1.46 76.00
CA THR P 481 -15.20 2.15 77.08
C THR P 481 -15.07 1.29 78.33
N THR P 482 -15.51 0.04 78.26
CA THR P 482 -15.36 -0.90 79.35
C THR P 482 -15.00 -2.27 78.78
N LEU P 483 -14.48 -3.13 79.66
CA LEU P 483 -13.91 -4.40 79.21
C LEU P 483 -14.97 -5.32 78.62
N LYS P 484 -15.95 -5.71 79.44
CA LYS P 484 -17.03 -6.56 78.94
C LYS P 484 -17.74 -5.89 77.77
N GLY P 485 -17.86 -4.57 77.81
CA GLY P 485 -18.38 -3.86 76.66
C GLY P 485 -17.50 -4.05 75.45
N ALA P 486 -16.19 -4.05 75.63
CA ALA P 486 -15.28 -4.25 74.51
C ALA P 486 -15.50 -5.61 73.86
N MET P 487 -15.60 -6.66 74.69
CA MET P 487 -15.79 -7.99 74.10
C MET P 487 -17.16 -8.13 73.47
N ALA P 488 -18.19 -7.55 74.08
CA ALA P 488 -19.50 -7.56 73.46
C ALA P 488 -19.50 -6.82 72.13
N VAL P 489 -18.68 -5.78 72.00
CA VAL P 489 -18.56 -5.09 70.72
C VAL P 489 -17.81 -5.96 69.72
N MET P 490 -16.82 -6.72 70.18
CA MET P 490 -16.15 -7.66 69.30
C MET P 490 -17.13 -8.64 68.69
N ASP P 491 -18.03 -9.18 69.51
CA ASP P 491 -19.03 -10.12 68.99
C ASP P 491 -19.92 -9.47 67.96
N ILE P 492 -20.39 -8.24 68.24
CA ILE P 492 -21.28 -7.55 67.31
C ILE P 492 -20.57 -7.24 66.02
N ALA P 493 -19.28 -6.92 66.07
CA ALA P 493 -18.53 -6.67 64.85
C ALA P 493 -18.41 -7.94 64.02
N GLU P 494 -18.16 -9.07 64.68
CA GLU P 494 -18.11 -10.34 63.94
C GLU P 494 -19.45 -10.63 63.27
N THR P 495 -20.55 -10.41 64.00
CA THR P 495 -21.86 -10.63 63.42
C THR P 495 -22.11 -9.72 62.22
N ALA P 496 -21.71 -8.46 62.34
CA ALA P 496 -21.91 -7.52 61.24
C ALA P 496 -21.11 -7.92 60.01
N ILE P 497 -19.87 -8.38 60.22
CA ILE P 497 -19.08 -8.88 59.10
C ILE P 497 -19.79 -10.04 58.43
N THR P 498 -20.32 -10.96 59.22
CA THR P 498 -21.09 -12.07 58.67
C THR P 498 -22.24 -11.59 57.80
N ASN P 499 -23.04 -10.66 58.32
CA ASN P 499 -24.22 -10.21 57.61
C ASN P 499 -23.86 -9.52 56.30
N LEU P 500 -22.82 -8.68 56.33
CA LEU P 500 -22.43 -8.00 55.10
C LEU P 500 -21.88 -8.98 54.09
N ASP P 501 -21.14 -9.99 54.54
CA ASP P 501 -20.70 -11.03 53.62
C ASP P 501 -21.88 -11.70 52.96
N GLN P 502 -22.92 -12.02 53.73
CA GLN P 502 -24.11 -12.65 53.17
C GLN P 502 -24.75 -11.77 52.10
N ILE P 503 -24.91 -10.47 52.38
CA ILE P 503 -25.57 -9.60 51.41
C ILE P 503 -24.73 -9.46 50.15
N ARG P 504 -23.42 -9.31 50.30
CA ARG P 504 -22.57 -9.22 49.13
C ARG P 504 -22.62 -10.50 48.31
N ALA P 505 -22.72 -11.65 48.97
CA ALA P 505 -22.87 -12.90 48.25
C ALA P 505 -24.16 -12.94 47.45
N ASP P 506 -25.24 -12.38 48.01
CA ASP P 506 -26.48 -12.32 47.25
C ASP P 506 -26.32 -11.44 46.00
N ILE P 507 -25.66 -10.30 46.16
CA ILE P 507 -25.41 -9.44 45.00
C ILE P 507 -24.66 -10.20 43.92
N ALA P 508 -23.60 -10.92 44.31
CA ALA P 508 -22.82 -11.66 43.33
C ALA P 508 -23.64 -12.76 42.67
N SER P 509 -24.50 -13.42 43.45
CA SER P 509 -25.33 -14.47 42.89
C SER P 509 -26.26 -13.92 41.81
N ILE P 510 -26.78 -12.72 42.01
CA ILE P 510 -27.60 -12.12 40.96
C ILE P 510 -26.74 -11.73 39.77
N GLN P 511 -25.54 -11.21 40.02
CA GLN P 511 -24.70 -10.70 38.95
C GLN P 511 -24.32 -11.81 37.97
N ASN P 512 -23.95 -12.98 38.49
CA ASN P 512 -23.58 -14.07 37.58
C ASN P 512 -24.74 -14.48 36.68
N GLN P 513 -25.95 -14.54 37.24
CA GLN P 513 -27.11 -14.87 36.42
C GLN P 513 -27.32 -13.83 35.33
N VAL P 514 -27.19 -12.55 35.68
CA VAL P 514 -27.34 -11.51 34.66
C VAL P 514 -26.33 -11.70 33.55
N THR P 515 -25.09 -12.03 33.91
CA THR P 515 -24.06 -12.22 32.90
C THR P 515 -24.40 -13.37 31.95
N SER P 516 -24.86 -14.50 32.51
CA SER P 516 -25.23 -15.61 31.65
C SER P 516 -26.38 -15.26 30.73
N THR P 517 -27.39 -14.56 31.26
CA THR P 517 -28.48 -14.09 30.41
C THR P 517 -27.96 -13.25 29.27
N ILE P 518 -27.01 -12.36 29.57
CA ILE P 518 -26.52 -11.44 28.54
C ILE P 518 -25.80 -12.21 27.45
N ASN P 519 -24.98 -13.20 27.81
CA ASN P 519 -24.32 -14.01 26.79
C ASN P 519 -25.34 -14.71 25.90
N ASN P 520 -26.31 -15.38 26.51
CA ASN P 520 -27.28 -16.13 25.71
C ASN P 520 -28.06 -15.20 24.79
N ILE P 521 -28.45 -14.03 25.29
CA ILE P 521 -29.20 -13.10 24.46
C ILE P 521 -28.34 -12.58 23.32
N THR P 522 -27.05 -12.33 23.60
CA THR P 522 -26.17 -11.83 22.56
C THR P 522 -26.06 -12.83 21.41
N VAL P 523 -26.04 -14.12 21.72
CA VAL P 523 -25.97 -15.11 20.66
C VAL P 523 -27.31 -15.22 19.93
N THR P 524 -28.40 -15.32 20.71
CA THR P 524 -29.71 -15.49 20.09
C THR P 524 -30.09 -14.32 19.21
N GLN P 525 -29.61 -13.11 19.54
CA GLN P 525 -29.91 -11.97 18.70
C GLN P 525 -29.30 -12.11 17.32
N VAL P 526 -28.05 -12.56 17.26
CA VAL P 526 -27.40 -12.75 15.96
C VAL P 526 -28.13 -13.82 15.18
N ASN P 527 -28.51 -14.91 15.84
CA ASN P 527 -29.22 -15.96 15.12
C ASN P 527 -30.55 -15.47 14.57
N VAL P 528 -31.29 -14.71 15.38
CA VAL P 528 -32.57 -14.18 14.94
C VAL P 528 -32.39 -13.22 13.77
N LYS P 529 -31.38 -12.36 13.86
CA LYS P 529 -31.15 -11.40 12.80
C LYS P 529 -30.80 -12.10 11.49
N ALA P 530 -29.99 -13.16 11.55
CA ALA P 530 -29.69 -13.91 10.34
C ALA P 530 -30.93 -14.61 9.79
N ALA P 531 -31.75 -15.18 10.66
CA ALA P 531 -32.96 -15.84 10.20
C ALA P 531 -33.92 -14.85 9.55
N GLU P 532 -33.95 -13.61 10.04
CA GLU P 532 -34.77 -12.58 9.42
C GLU P 532 -34.20 -12.19 8.06
N SER P 533 -32.88 -11.98 7.99
CA SER P 533 -32.24 -11.65 6.74
C SER P 533 -32.52 -12.69 5.68
N GLN P 534 -32.54 -13.96 6.06
CA GLN P 534 -32.81 -15.02 5.09
C GLN P 534 -34.16 -14.85 4.43
N ILE P 535 -35.12 -14.24 5.12
CA ILE P 535 -36.46 -14.09 4.58
C ILE P 535 -36.65 -12.77 3.87
N ARG P 536 -36.05 -11.70 4.37
CA ARG P 536 -36.39 -10.36 3.92
C ARG P 536 -35.49 -9.86 2.78
N ASP P 537 -34.19 -10.04 2.88
CA ASP P 537 -33.31 -9.38 1.93
C ASP P 537 -33.15 -10.20 0.66
N VAL P 538 -32.59 -9.55 -0.35
CA VAL P 538 -32.42 -10.12 -1.68
C VAL P 538 -30.94 -10.42 -1.90
N ASP P 539 -30.67 -11.52 -2.60
CA ASP P 539 -29.31 -11.93 -2.90
C ASP P 539 -28.94 -11.35 -4.27
N PHE P 540 -27.99 -10.41 -4.27
CA PHE P 540 -27.62 -9.73 -5.50
C PHE P 540 -27.12 -10.70 -6.57
N ALA P 541 -26.59 -11.85 -6.18
CA ALA P 541 -26.18 -12.86 -7.16
C ALA P 541 -27.32 -13.16 -8.12
N SER P 542 -28.45 -13.62 -7.61
CA SER P 542 -29.59 -13.91 -8.46
C SER P 542 -30.30 -12.65 -8.93
N GLU P 543 -30.25 -11.57 -8.15
CA GLU P 543 -30.98 -10.38 -8.54
C GLU P 543 -30.40 -9.73 -9.79
N SER P 544 -29.08 -9.60 -9.85
CA SER P 544 -28.46 -9.04 -11.04
C SER P 544 -28.67 -9.93 -12.26
N ALA P 545 -28.70 -11.24 -12.07
CA ALA P 545 -29.02 -12.13 -13.18
C ALA P 545 -30.42 -11.88 -13.70
N ASN P 546 -31.41 -11.83 -12.79
CA ASN P 546 -32.78 -11.51 -13.20
C ASN P 546 -32.83 -10.19 -13.93
N TYR P 547 -32.11 -9.19 -13.43
CA TYR P 547 -32.19 -7.86 -14.02
C TYR P 547 -31.62 -7.85 -15.43
N SER P 548 -30.43 -8.41 -15.61
CA SER P 548 -29.81 -8.42 -16.93
C SER P 548 -30.65 -9.23 -17.91
N LYS P 549 -31.21 -10.35 -17.45
CA LYS P 549 -32.08 -11.15 -18.30
C LYS P 549 -33.28 -10.32 -18.76
N ALA P 550 -33.95 -9.66 -17.82
CA ALA P 550 -35.09 -8.82 -18.17
C ALA P 550 -34.69 -7.69 -19.09
N ASN P 551 -33.49 -7.15 -18.95
CA ASN P 551 -33.07 -6.05 -19.82
C ASN P 551 -32.86 -6.51 -21.25
N ILE P 552 -32.18 -7.65 -21.43
CA ILE P 552 -32.01 -8.18 -22.78
C ILE P 552 -33.37 -8.52 -23.38
N LEU P 553 -34.27 -9.10 -22.58
CA LEU P 553 -35.60 -9.37 -23.07
C LEU P 553 -36.32 -8.10 -23.47
N ALA P 554 -36.10 -7.00 -22.74
CA ALA P 554 -36.75 -5.74 -23.08
C ALA P 554 -36.26 -5.23 -24.42
N GLN P 555 -34.95 -5.31 -24.66
CA GLN P 555 -34.42 -4.91 -25.96
C GLN P 555 -35.02 -5.76 -27.07
N SER P 556 -35.09 -7.07 -26.87
CA SER P 556 -35.67 -7.95 -27.88
C SER P 556 -37.13 -7.61 -28.14
N GLY P 557 -37.90 -7.38 -27.08
CA GLY P 557 -39.31 -7.06 -27.26
C GLY P 557 -39.51 -5.73 -27.95
N SER P 558 -38.66 -4.75 -27.67
CA SER P 558 -38.73 -3.48 -28.40
C SER P 558 -38.45 -3.68 -29.88
N TYR P 559 -37.46 -4.51 -30.23
CA TYR P 559 -37.24 -4.81 -31.63
C TYR P 559 -38.46 -5.49 -32.25
N ALA P 560 -39.06 -6.43 -31.51
CA ALA P 560 -40.23 -7.13 -32.04
C ALA P 560 -41.37 -6.16 -32.31
N MET P 561 -41.59 -5.20 -31.41
CA MET P 561 -42.64 -4.21 -31.64
C MET P 561 -42.31 -3.33 -32.83
N ALA P 562 -41.05 -2.90 -32.95
CA ALA P 562 -40.66 -2.06 -34.07
C ALA P 562 -40.91 -2.78 -35.39
N GLN P 563 -40.70 -4.09 -35.42
CA GLN P 563 -40.94 -4.83 -36.65
C GLN P 563 -42.43 -5.09 -36.86
N ALA P 564 -43.18 -5.30 -35.79
CA ALA P 564 -44.61 -5.55 -35.93
C ALA P 564 -45.32 -4.33 -36.48
N ASN P 565 -44.92 -3.14 -36.06
CA ASN P 565 -45.55 -1.93 -36.56
C ASN P 565 -45.31 -1.76 -38.06
N SER P 566 -44.16 -2.24 -38.55
CA SER P 566 -43.79 -2.07 -39.94
C SER P 566 -44.19 -3.24 -40.82
N SER P 567 -44.63 -4.35 -40.23
CA SER P 567 -44.94 -5.54 -41.02
C SER P 567 -46.07 -5.34 -42.03
N GLN P 568 -46.68 -4.17 -42.10
CA GLN P 568 -47.78 -3.92 -43.00
C GLN P 568 -47.41 -3.03 -44.19
N GLN P 569 -46.16 -2.59 -44.29
CA GLN P 569 -45.77 -1.74 -45.40
C GLN P 569 -45.93 -2.41 -46.75
N ASN P 570 -45.94 -3.75 -46.77
CA ASN P 570 -45.97 -4.45 -48.05
C ASN P 570 -47.31 -4.32 -48.76
N VAL P 571 -48.34 -3.84 -48.08
CA VAL P 571 -49.64 -3.71 -48.75
C VAL P 571 -49.60 -2.61 -49.79
N LEU P 572 -48.84 -1.54 -49.55
CA LEU P 572 -48.79 -0.43 -50.48
C LEU P 572 -48.35 -0.85 -51.87
N ARG P 573 -47.59 -1.94 -51.99
CA ARG P 573 -47.17 -2.39 -53.31
C ARG P 573 -48.36 -2.87 -54.12
N LEU P 574 -49.40 -3.38 -53.46
CA LEU P 574 -50.62 -3.74 -54.18
C LEU P 574 -51.30 -2.51 -54.74
N LEU P 575 -51.41 -1.45 -53.92
CA LEU P 575 -52.21 -0.30 -54.31
C LEU P 575 -51.50 0.53 -55.37
N GLN P 576 -50.22 0.80 -55.17
CA GLN P 576 -49.47 1.66 -56.08
C GLN P 576 -49.55 1.19 -57.52
N PHE Q 3 -85.96 -12.26 -114.80
CA PHE Q 3 -85.94 -10.94 -115.43
C PHE Q 3 -87.32 -10.32 -115.27
N ARG Q 4 -88.21 -11.10 -114.66
CA ARG Q 4 -89.54 -10.61 -114.31
C ARG Q 4 -89.47 -9.81 -113.03
N ILE Q 5 -90.03 -8.61 -113.06
CA ILE Q 5 -89.99 -7.72 -111.92
C ILE Q 5 -91.30 -7.85 -111.16
N ASN Q 6 -91.34 -7.22 -109.99
CA ASN Q 6 -92.37 -7.21 -108.94
C ASN Q 6 -92.29 -8.41 -108.02
N THR Q 7 -91.37 -9.35 -108.23
CA THR Q 7 -91.13 -10.41 -107.26
C THR Q 7 -89.63 -10.66 -107.13
N ASN Q 8 -88.87 -9.59 -106.93
CA ASN Q 8 -87.41 -9.69 -106.79
C ASN Q 8 -87.03 -10.79 -105.81
N VAL Q 9 -86.32 -11.80 -106.31
CA VAL Q 9 -85.96 -12.95 -105.47
C VAL Q 9 -84.59 -12.78 -104.85
N ALA Q 10 -83.66 -12.19 -105.59
CA ALA Q 10 -82.34 -11.93 -105.03
C ALA Q 10 -82.43 -11.02 -103.82
N ALA Q 11 -83.37 -10.08 -103.82
CA ALA Q 11 -83.56 -9.22 -102.66
C ALA Q 11 -83.94 -10.03 -101.43
N LEU Q 12 -84.92 -10.94 -101.57
CA LEU Q 12 -85.36 -11.75 -100.45
C LEU Q 12 -84.23 -12.66 -99.96
N ASN Q 13 -83.49 -13.23 -100.89
CA ASN Q 13 -82.39 -14.11 -100.51
C ASN Q 13 -81.33 -13.36 -99.72
N ALA Q 14 -80.88 -12.23 -100.26
CA ALA Q 14 -79.88 -11.42 -99.55
C ALA Q 14 -80.41 -10.95 -98.21
N LYS Q 15 -81.70 -10.63 -98.13
CA LYS Q 15 -82.26 -10.17 -96.86
C LYS Q 15 -82.23 -11.29 -95.83
N ALA Q 16 -82.60 -12.51 -96.22
CA ALA Q 16 -82.56 -13.62 -95.28
C ALA Q 16 -81.13 -13.84 -94.77
N ASN Q 17 -80.16 -13.87 -95.69
CA ASN Q 17 -78.78 -14.10 -95.27
C ASN Q 17 -78.28 -13.00 -94.33
N SER Q 18 -78.55 -11.74 -94.69
CA SER Q 18 -78.07 -10.64 -93.85
C SER Q 18 -78.77 -10.63 -92.50
N ASP Q 19 -80.03 -11.05 -92.45
CA ASP Q 19 -80.72 -11.10 -91.17
C ASP Q 19 -80.13 -12.17 -90.27
N LEU Q 20 -79.82 -13.34 -90.84
CA LEU Q 20 -79.12 -14.35 -90.06
C LEU Q 20 -77.80 -13.82 -89.53
N ASN Q 21 -77.05 -13.13 -90.37
CA ASN Q 21 -75.76 -12.61 -89.92
C ASN Q 21 -75.93 -11.54 -88.85
N ALA Q 22 -76.98 -10.73 -88.95
CA ALA Q 22 -77.24 -9.74 -87.92
C ALA Q 22 -77.58 -10.40 -86.59
N LYS Q 23 -78.35 -11.48 -86.63
CA LYS Q 23 -78.57 -12.26 -85.42
C LYS Q 23 -77.25 -12.72 -84.80
N SER Q 24 -76.36 -13.27 -85.61
CA SER Q 24 -75.06 -13.69 -85.11
C SER Q 24 -74.25 -12.55 -84.53
N LEU Q 25 -74.22 -11.41 -85.22
CA LEU Q 25 -73.50 -10.24 -84.73
C LEU Q 25 -74.04 -9.78 -83.39
N ASP Q 26 -75.37 -9.74 -83.25
CA ASP Q 26 -75.98 -9.31 -82.00
C ASP Q 26 -75.60 -10.25 -80.87
N ALA Q 27 -75.66 -11.56 -81.12
CA ALA Q 27 -75.28 -12.51 -80.07
C ALA Q 27 -73.83 -12.31 -79.65
N SER Q 28 -72.92 -12.17 -80.63
CA SER Q 28 -71.52 -11.98 -80.30
C SER Q 28 -71.30 -10.70 -79.51
N LEU Q 29 -72.00 -9.63 -79.87
CA LEU Q 29 -71.86 -8.37 -79.16
C LEU Q 29 -72.37 -8.47 -77.73
N SER Q 30 -73.47 -9.20 -77.52
CA SER Q 30 -73.98 -9.38 -76.17
C SER Q 30 -73.00 -10.15 -75.31
N ARG Q 31 -72.38 -11.19 -75.89
CA ARG Q 31 -71.35 -11.91 -75.16
C ARG Q 31 -70.17 -11.01 -74.84
N LEU Q 32 -69.72 -10.22 -75.81
CA LEU Q 32 -68.63 -9.28 -75.58
C LEU Q 32 -68.96 -8.29 -74.48
N SER Q 33 -70.21 -7.87 -74.38
CA SER Q 33 -70.60 -6.91 -73.35
C SER Q 33 -70.63 -7.55 -71.98
N SER Q 34 -71.45 -8.59 -71.81
CA SER Q 34 -71.64 -9.17 -70.48
C SER Q 34 -70.38 -9.84 -69.98
N GLY Q 35 -69.56 -10.41 -70.86
CA GLY Q 35 -68.40 -11.13 -70.43
C GLY Q 35 -68.65 -12.56 -70.06
N LEU Q 36 -69.75 -13.15 -70.52
CA LEU Q 36 -70.10 -14.53 -70.22
C LEU Q 36 -70.43 -15.26 -71.51
N ARG Q 37 -70.04 -16.53 -71.58
CA ARG Q 37 -70.34 -17.34 -72.76
C ARG Q 37 -71.75 -17.87 -72.75
N ILE Q 38 -72.40 -17.93 -71.60
CA ILE Q 38 -73.77 -18.41 -71.48
C ILE Q 38 -74.57 -17.34 -70.76
N ASN Q 39 -75.20 -16.45 -71.52
CA ASN Q 39 -76.02 -15.40 -70.95
C ASN Q 39 -77.45 -15.87 -70.72
N SER Q 40 -78.12 -16.27 -71.80
CA SER Q 40 -79.53 -16.63 -71.75
C SER Q 40 -79.76 -18.09 -71.38
N ALA Q 41 -78.71 -18.87 -71.18
CA ALA Q 41 -78.79 -20.29 -70.88
C ALA Q 41 -79.57 -21.07 -71.93
N ALA Q 42 -79.80 -20.47 -73.10
CA ALA Q 42 -80.42 -21.16 -74.22
C ALA Q 42 -79.41 -21.75 -75.18
N ASP Q 43 -78.12 -21.47 -74.97
CA ASP Q 43 -77.07 -22.00 -75.82
C ASP Q 43 -76.32 -23.17 -75.19
N ASP Q 44 -76.41 -23.34 -73.87
CA ASP Q 44 -75.81 -24.51 -73.23
C ASP Q 44 -76.57 -24.83 -71.95
N ALA Q 45 -77.51 -25.76 -72.04
CA ALA Q 45 -78.33 -26.09 -70.88
C ALA Q 45 -77.53 -26.88 -69.84
N SER Q 46 -76.89 -27.96 -70.26
CA SER Q 46 -76.08 -28.74 -69.33
C SER Q 46 -74.90 -27.93 -68.82
N GLY Q 47 -74.31 -27.11 -69.68
CA GLY Q 47 -73.27 -26.21 -69.23
C GLY Q 47 -73.76 -25.26 -68.16
N MET Q 48 -74.96 -24.71 -68.34
CA MET Q 48 -75.52 -23.84 -67.32
C MET Q 48 -75.76 -24.60 -66.01
N ALA Q 49 -76.25 -25.83 -66.11
CA ALA Q 49 -76.49 -26.60 -64.89
C ALA Q 49 -75.20 -26.86 -64.13
N ILE Q 50 -74.16 -27.29 -64.83
CA ILE Q 50 -72.88 -27.54 -64.18
C ILE Q 50 -72.32 -26.24 -63.61
N ALA Q 51 -72.42 -25.15 -64.37
CA ALA Q 51 -71.85 -23.89 -63.91
C ALA Q 51 -72.57 -23.39 -62.67
N ASP Q 52 -73.89 -23.55 -62.60
CA ASP Q 52 -74.61 -23.14 -61.42
C ASP Q 52 -74.30 -24.02 -60.22
N SER Q 53 -74.16 -25.33 -60.43
CA SER Q 53 -73.73 -26.18 -59.33
C SER Q 53 -72.37 -25.78 -58.81
N LEU Q 54 -71.43 -25.49 -59.71
CA LEU Q 54 -70.08 -25.13 -59.28
C LEU Q 54 -70.06 -23.76 -58.62
N ARG Q 55 -70.91 -22.83 -59.08
CA ARG Q 55 -70.98 -21.52 -58.44
C ARG Q 55 -71.55 -21.64 -57.03
N SER Q 56 -72.61 -22.43 -56.87
CA SER Q 56 -73.13 -22.71 -55.54
C SER Q 56 -72.06 -23.30 -54.65
N GLN Q 57 -71.29 -24.27 -55.17
CA GLN Q 57 -70.24 -24.88 -54.36
C GLN Q 57 -69.14 -23.88 -54.01
N ALA Q 58 -68.80 -23.00 -54.93
CA ALA Q 58 -67.77 -22.00 -54.66
C ALA Q 58 -68.21 -21.06 -53.56
N ASN Q 59 -69.46 -20.57 -53.63
CA ASN Q 59 -69.94 -19.69 -52.58
C ASN Q 59 -70.04 -20.41 -51.24
N THR Q 60 -70.47 -21.67 -51.25
CA THR Q 60 -70.57 -22.43 -50.02
C THR Q 60 -69.19 -22.60 -49.38
N LEU Q 61 -68.18 -22.91 -50.20
CA LEU Q 61 -66.83 -23.03 -49.65
C LEU Q 61 -66.30 -21.69 -49.17
N GLY Q 62 -66.63 -20.61 -49.87
CA GLY Q 62 -66.21 -19.30 -49.43
C GLY Q 62 -66.80 -18.91 -48.10
N GLN Q 63 -68.00 -19.39 -47.81
CA GLN Q 63 -68.57 -19.15 -46.49
C GLN Q 63 -68.03 -20.13 -45.45
N ALA Q 64 -67.71 -21.35 -45.87
CA ALA Q 64 -67.12 -22.31 -44.95
C ALA Q 64 -65.76 -21.84 -44.46
N ILE Q 65 -65.01 -21.13 -45.30
CA ILE Q 65 -63.75 -20.56 -44.85
C ILE Q 65 -63.98 -19.60 -43.69
N SER Q 66 -65.00 -18.75 -43.80
CA SER Q 66 -65.27 -17.80 -42.73
C SER Q 66 -65.76 -18.51 -41.47
N ASN Q 67 -66.56 -19.56 -41.64
CA ASN Q 67 -66.97 -20.35 -40.48
C ASN Q 67 -65.76 -20.96 -39.78
N GLY Q 68 -64.81 -21.49 -40.55
CA GLY Q 68 -63.61 -22.02 -39.96
C GLY Q 68 -62.79 -20.97 -39.25
N ASN Q 69 -62.72 -19.77 -39.82
CA ASN Q 69 -61.99 -18.70 -39.17
C ASN Q 69 -62.66 -18.29 -37.86
N ASP Q 70 -63.99 -18.28 -37.82
CA ASP Q 70 -64.67 -17.96 -36.57
C ASP Q 70 -64.43 -19.05 -35.51
N ALA Q 71 -64.44 -20.31 -35.92
CA ALA Q 71 -64.09 -21.37 -34.99
C ALA Q 71 -62.66 -21.23 -34.49
N LEU Q 72 -61.73 -20.85 -35.36
CA LEU Q 72 -60.37 -20.56 -34.92
C LEU Q 72 -60.35 -19.46 -33.89
N GLY Q 73 -61.12 -18.40 -34.10
CA GLY Q 73 -61.16 -17.32 -33.13
C GLY Q 73 -61.66 -17.76 -31.77
N ILE Q 74 -62.78 -18.50 -31.76
CA ILE Q 74 -63.33 -18.97 -30.49
C ILE Q 74 -62.34 -19.87 -29.77
N LEU Q 75 -61.74 -20.80 -30.50
CA LEU Q 75 -60.82 -21.74 -29.87
C LEU Q 75 -59.58 -21.03 -29.35
N GLN Q 76 -59.03 -20.08 -30.12
CA GLN Q 76 -57.86 -19.35 -29.65
C GLN Q 76 -58.20 -18.55 -28.40
N THR Q 77 -59.38 -17.92 -28.36
CA THR Q 77 -59.76 -17.18 -27.18
C THR Q 77 -59.77 -18.07 -25.95
N ALA Q 78 -60.50 -19.18 -26.01
CA ALA Q 78 -60.56 -20.09 -24.87
C ALA Q 78 -59.16 -20.60 -24.50
N ASP Q 79 -58.37 -20.95 -25.50
CA ASP Q 79 -57.05 -21.52 -25.25
C ASP Q 79 -56.16 -20.54 -24.52
N LYS Q 80 -55.96 -19.35 -25.09
CA LYS Q 80 -55.16 -18.33 -24.43
C LYS Q 80 -55.75 -17.90 -23.10
N ALA Q 81 -57.05 -18.10 -22.89
CA ALA Q 81 -57.62 -17.76 -21.59
C ALA Q 81 -57.26 -18.76 -20.52
N MET Q 82 -57.11 -20.03 -20.89
CA MET Q 82 -56.76 -21.04 -19.88
C MET Q 82 -55.37 -20.83 -19.27
N ASP Q 83 -54.53 -20.03 -19.91
CA ASP Q 83 -53.15 -19.86 -19.45
C ASP Q 83 -53.11 -19.26 -18.05
N GLU Q 84 -53.93 -18.24 -17.81
CA GLU Q 84 -53.92 -17.63 -16.49
C GLU Q 84 -54.40 -18.60 -15.42
N GLN Q 85 -55.34 -19.47 -15.76
CA GLN Q 85 -55.74 -20.50 -14.81
C GLN Q 85 -54.57 -21.42 -14.49
N LEU Q 86 -53.81 -21.81 -15.51
CA LEU Q 86 -52.63 -22.64 -15.25
C LEU Q 86 -51.67 -21.95 -14.29
N LYS Q 87 -51.38 -20.67 -14.54
CA LYS Q 87 -50.44 -19.95 -13.69
C LYS Q 87 -50.96 -19.82 -12.27
N ILE Q 88 -52.27 -19.58 -12.12
CA ILE Q 88 -52.85 -19.45 -10.80
C ILE Q 88 -52.76 -20.75 -10.04
N LEU Q 89 -53.01 -21.87 -10.72
CA LEU Q 89 -52.87 -23.16 -10.05
C LEU Q 89 -51.44 -23.40 -9.62
N ASP Q 90 -50.48 -23.03 -10.46
CA ASP Q 90 -49.08 -23.12 -10.06
C ASP Q 90 -48.84 -22.34 -8.78
N THR Q 91 -49.35 -21.10 -8.73
CA THR Q 91 -49.14 -20.28 -7.53
C THR Q 91 -49.80 -20.91 -6.31
N ILE Q 92 -50.97 -21.51 -6.48
CA ILE Q 92 -51.63 -22.17 -5.37
C ILE Q 92 -50.76 -23.30 -4.83
N LYS Q 93 -50.21 -24.10 -5.73
CA LYS Q 93 -49.36 -25.21 -5.28
C LYS Q 93 -48.12 -24.68 -4.56
N THR Q 94 -47.54 -23.59 -5.07
CA THR Q 94 -46.37 -23.01 -4.43
C THR Q 94 -46.71 -22.52 -3.03
N LYS Q 95 -47.86 -21.89 -2.87
CA LYS Q 95 -48.24 -21.40 -1.55
C LYS Q 95 -48.53 -22.56 -0.59
N ALA Q 96 -49.14 -23.63 -1.09
CA ALA Q 96 -49.35 -24.79 -0.24
C ALA Q 96 -48.02 -25.36 0.22
N THR Q 97 -47.04 -25.43 -0.68
CA THR Q 97 -45.71 -25.88 -0.27
C THR Q 97 -45.11 -24.94 0.76
N GLN Q 98 -45.31 -23.64 0.59
CA GLN Q 98 -44.80 -22.67 1.56
C GLN Q 98 -45.40 -22.88 2.93
N ALA Q 99 -46.69 -23.21 2.98
CA ALA Q 99 -47.38 -23.44 4.24
C ALA Q 99 -47.07 -24.80 4.85
N ALA Q 100 -46.62 -25.75 4.05
CA ALA Q 100 -46.33 -27.09 4.53
C ALA Q 100 -45.07 -27.16 5.38
N GLN Q 101 -44.47 -26.03 5.74
CA GLN Q 101 -43.38 -26.02 6.68
C GLN Q 101 -43.91 -25.79 8.09
N ASP Q 102 -43.10 -26.12 9.08
CA ASP Q 102 -43.52 -25.99 10.47
C ASP Q 102 -42.73 -24.90 11.20
N GLY Q 103 -42.19 -23.93 10.47
CA GLY Q 103 -41.74 -22.70 11.08
C GLY Q 103 -42.80 -21.62 11.07
N GLN Q 104 -44.02 -21.95 10.69
CA GLN Q 104 -45.09 -20.97 10.52
C GLN Q 104 -46.21 -21.27 11.50
N SER Q 105 -46.83 -20.23 12.01
CA SER Q 105 -47.91 -20.39 12.96
C SER Q 105 -49.25 -20.40 12.24
N LEU Q 106 -50.32 -20.61 13.02
CA LEU Q 106 -51.65 -20.69 12.43
C LEU Q 106 -52.04 -19.37 11.77
N LYS Q 107 -51.55 -18.24 12.29
CA LYS Q 107 -51.91 -16.96 11.69
C LYS Q 107 -51.31 -16.80 10.30
N THR Q 108 -50.03 -17.15 10.14
CA THR Q 108 -49.42 -17.07 8.82
C THR Q 108 -50.04 -18.09 7.88
N ARG Q 109 -50.31 -19.30 8.36
CA ARG Q 109 -51.05 -20.24 7.52
C ARG Q 109 -52.39 -19.67 7.10
N THR Q 110 -53.03 -18.92 7.98
CA THR Q 110 -54.33 -18.34 7.65
C THR Q 110 -54.19 -17.26 6.59
N MET Q 111 -53.10 -16.50 6.63
CA MET Q 111 -52.83 -15.58 5.54
C MET Q 111 -52.67 -16.33 4.22
N LEU Q 112 -51.92 -17.43 4.23
CA LEU Q 112 -51.82 -18.28 3.05
C LEU Q 112 -53.20 -18.70 2.56
N GLN Q 113 -54.06 -19.14 3.47
CA GLN Q 113 -55.36 -19.66 3.08
C GLN Q 113 -56.23 -18.56 2.49
N ALA Q 114 -56.19 -17.36 3.08
CA ALA Q 114 -56.96 -16.26 2.51
C ALA Q 114 -56.47 -15.92 1.12
N ASP Q 115 -55.16 -15.93 0.91
CA ASP Q 115 -54.63 -15.61 -0.41
C ASP Q 115 -55.06 -16.66 -1.43
N ILE Q 116 -55.02 -17.93 -1.04
CA ILE Q 116 -55.48 -18.99 -1.94
C ILE Q 116 -56.96 -18.83 -2.21
N ASN Q 117 -57.74 -18.39 -1.23
CA ASN Q 117 -59.16 -18.14 -1.45
C ASN Q 117 -59.35 -17.10 -2.54
N LYS Q 118 -58.62 -15.98 -2.44
CA LYS Q 118 -58.76 -14.94 -3.45
C LYS Q 118 -58.37 -15.45 -4.83
N LEU Q 119 -57.27 -16.21 -4.89
CA LEU Q 119 -56.80 -16.71 -6.18
C LEU Q 119 -57.82 -17.66 -6.80
N MET Q 120 -58.37 -18.56 -6.00
CA MET Q 120 -59.37 -19.49 -6.52
C MET Q 120 -60.64 -18.76 -6.94
N GLU Q 121 -61.03 -17.73 -6.19
CA GLU Q 121 -62.13 -16.86 -6.62
C GLU Q 121 -61.85 -16.31 -8.00
N GLU Q 122 -60.61 -15.86 -8.23
CA GLU Q 122 -60.26 -15.34 -9.55
C GLU Q 122 -60.34 -16.42 -10.61
N LEU Q 123 -59.94 -17.65 -10.27
CA LEU Q 123 -60.01 -18.74 -11.25
C LEU Q 123 -61.45 -18.98 -11.69
N ASP Q 124 -62.36 -19.08 -10.72
CA ASP Q 124 -63.77 -19.18 -11.07
C ASP Q 124 -64.23 -17.98 -11.86
N ASN Q 125 -63.70 -16.79 -11.56
CA ASN Q 125 -64.09 -15.61 -12.31
C ASN Q 125 -63.73 -15.75 -13.78
N ILE Q 126 -62.51 -16.20 -14.06
CA ILE Q 126 -62.11 -16.43 -15.46
C ILE Q 126 -63.04 -17.46 -16.10
N ALA Q 127 -63.28 -18.56 -15.39
CA ALA Q 127 -64.09 -19.64 -15.96
C ALA Q 127 -65.48 -19.16 -16.33
N ASN Q 128 -66.14 -18.45 -15.43
CA ASN Q 128 -67.48 -17.94 -15.68
C ASN Q 128 -67.49 -16.65 -16.49
N THR Q 129 -66.34 -16.11 -16.81
CA THR Q 129 -66.33 -14.85 -17.54
C THR Q 129 -66.01 -15.00 -19.01
N THR Q 130 -65.00 -15.78 -19.37
CA THR Q 130 -64.59 -15.87 -20.77
C THR Q 130 -65.77 -16.31 -21.64
N SER Q 131 -66.16 -15.47 -22.58
CA SER Q 131 -67.31 -15.76 -23.44
C SER Q 131 -67.18 -14.97 -24.73
N PHE Q 132 -67.74 -15.53 -25.80
CA PHE Q 132 -67.59 -14.92 -27.12
C PHE Q 132 -68.62 -13.80 -27.34
N ASN Q 133 -69.89 -14.15 -27.40
CA ASN Q 133 -70.96 -13.16 -27.45
C ASN Q 133 -72.13 -13.65 -26.60
N GLY Q 134 -71.80 -14.13 -25.40
CA GLY Q 134 -72.74 -14.78 -24.53
C GLY Q 134 -72.47 -16.26 -24.36
N LYS Q 135 -71.91 -16.88 -25.39
CA LYS Q 135 -71.58 -18.31 -25.34
C LYS Q 135 -70.40 -18.50 -24.41
N GLN Q 136 -70.67 -18.91 -23.17
CA GLN Q 136 -69.61 -19.14 -22.20
C GLN Q 136 -68.77 -20.33 -22.66
N LEU Q 137 -67.47 -20.08 -22.87
CA LEU Q 137 -66.60 -21.15 -23.35
C LEU Q 137 -66.13 -22.04 -22.20
N LEU Q 138 -65.41 -21.46 -21.24
CA LEU Q 138 -64.77 -22.23 -20.18
C LEU Q 138 -65.68 -22.40 -18.98
N SER Q 139 -66.89 -22.89 -19.19
CA SER Q 139 -67.81 -23.05 -18.07
C SER Q 139 -68.39 -24.46 -18.05
N GLY Q 140 -68.57 -25.05 -19.22
CA GLY Q 140 -69.13 -26.38 -19.33
C GLY Q 140 -70.37 -26.45 -20.21
N ASN Q 141 -70.83 -25.35 -20.77
CA ASN Q 141 -71.97 -25.36 -21.68
C ASN Q 141 -71.55 -25.14 -23.13
N PHE Q 142 -70.35 -25.55 -23.49
CA PHE Q 142 -69.84 -25.46 -24.84
C PHE Q 142 -69.58 -26.85 -25.41
N THR Q 143 -70.51 -27.77 -25.16
CA THR Q 143 -70.34 -29.16 -25.53
C THR Q 143 -71.10 -29.48 -26.81
N ASN Q 144 -70.46 -30.28 -27.68
CA ASN Q 144 -71.09 -30.79 -28.90
C ASN Q 144 -71.56 -29.66 -29.80
N GLN Q 145 -70.65 -28.73 -30.09
CA GLN Q 145 -70.94 -27.63 -30.99
C GLN Q 145 -70.30 -27.86 -32.33
N GLU Q 146 -71.05 -27.59 -33.39
CA GLU Q 146 -70.61 -27.84 -34.76
C GLU Q 146 -70.16 -26.56 -35.44
N PHE Q 147 -69.45 -26.72 -36.55
CA PHE Q 147 -69.04 -25.59 -37.39
C PHE Q 147 -69.03 -26.10 -38.83
N GLN Q 148 -70.12 -25.87 -39.53
CA GLN Q 148 -70.24 -26.32 -40.92
C GLN Q 148 -69.09 -25.79 -41.76
N ILE Q 149 -68.27 -26.69 -42.29
CA ILE Q 149 -67.11 -26.31 -43.09
C ILE Q 149 -67.07 -27.08 -44.41
N GLY Q 150 -68.23 -27.48 -44.92
CA GLY Q 150 -68.25 -28.32 -46.09
C GLY Q 150 -69.16 -27.76 -47.18
N ALA Q 151 -68.95 -28.25 -48.40
CA ALA Q 151 -69.78 -27.83 -49.51
C ALA Q 151 -71.18 -28.41 -49.41
N SER Q 152 -71.30 -29.64 -48.90
CA SER Q 152 -72.60 -30.28 -48.74
C SER Q 152 -73.11 -29.98 -47.33
N SER Q 153 -74.15 -30.70 -46.90
CA SER Q 153 -74.88 -30.31 -45.69
C SER Q 153 -74.09 -30.54 -44.42
N ASN Q 154 -73.74 -31.79 -44.12
CA ASN Q 154 -73.37 -32.17 -42.77
C ASN Q 154 -71.87 -32.44 -42.60
N GLN Q 155 -71.02 -31.68 -43.28
CA GLN Q 155 -69.60 -31.71 -42.99
C GLN Q 155 -69.28 -30.68 -41.92
N THR Q 156 -68.62 -31.11 -40.85
CA THR Q 156 -68.46 -30.20 -39.73
C THR Q 156 -67.39 -30.72 -38.78
N VAL Q 157 -66.95 -29.83 -37.89
CA VAL Q 157 -66.11 -30.19 -36.78
C VAL Q 157 -66.96 -30.17 -35.51
N LYS Q 158 -66.38 -30.61 -34.40
CA LYS Q 158 -67.11 -30.65 -33.14
C LYS Q 158 -66.20 -30.21 -32.01
N ALA Q 159 -66.69 -29.29 -31.18
CA ALA Q 159 -65.94 -28.74 -30.07
C ALA Q 159 -66.67 -29.03 -28.77
N THR Q 160 -65.94 -29.57 -27.79
CA THR Q 160 -66.53 -30.02 -26.53
C THR Q 160 -65.66 -29.56 -25.36
N ILE Q 161 -65.32 -28.28 -25.32
CA ILE Q 161 -64.49 -27.76 -24.24
C ILE Q 161 -65.11 -28.14 -22.89
N GLY Q 162 -64.35 -28.87 -22.09
CA GLY Q 162 -64.83 -29.31 -20.80
C GLY Q 162 -64.98 -28.15 -19.84
N ALA Q 163 -65.58 -28.45 -18.69
CA ALA Q 163 -65.82 -27.45 -17.66
C ALA Q 163 -64.56 -27.27 -16.83
N THR Q 164 -64.34 -26.03 -16.37
CA THR Q 164 -63.09 -25.72 -15.69
C THR Q 164 -63.30 -24.81 -14.49
N GLN Q 165 -64.49 -24.82 -13.88
CA GLN Q 165 -64.64 -24.12 -12.63
C GLN Q 165 -63.75 -24.74 -11.56
N SER Q 166 -63.56 -24.01 -10.47
CA SER Q 166 -62.73 -24.52 -9.40
C SER Q 166 -63.41 -25.58 -8.56
N SER Q 167 -64.63 -25.97 -8.91
CA SER Q 167 -65.35 -27.03 -8.21
C SER Q 167 -65.37 -28.33 -8.99
N LYS Q 168 -64.74 -28.37 -10.17
CA LYS Q 168 -64.81 -29.55 -11.01
C LYS Q 168 -63.46 -30.00 -11.55
N ILE Q 169 -62.36 -29.41 -11.12
CA ILE Q 169 -61.08 -29.77 -11.72
C ILE Q 169 -60.28 -30.68 -10.79
N GLY Q 170 -59.90 -30.17 -9.63
CA GLY Q 170 -59.00 -30.93 -8.79
C GLY Q 170 -59.74 -31.87 -7.85
N VAL Q 171 -59.86 -33.13 -8.23
CA VAL Q 171 -60.60 -34.12 -7.45
C VAL Q 171 -59.64 -35.29 -7.22
N THR Q 172 -58.92 -35.25 -6.11
CA THR Q 172 -58.07 -36.36 -5.75
C THR Q 172 -58.86 -37.40 -4.96
N ARG Q 173 -58.32 -38.60 -4.88
CA ARG Q 173 -58.94 -39.69 -4.16
C ARG Q 173 -58.04 -40.10 -3.01
N PHE Q 174 -58.59 -40.13 -1.81
CA PHE Q 174 -57.85 -40.55 -0.63
C PHE Q 174 -58.38 -41.87 -0.11
N GLU Q 175 -57.50 -42.62 0.55
CA GLU Q 175 -57.87 -43.84 1.25
C GLU Q 175 -56.99 -43.93 2.48
N THR Q 176 -57.41 -44.75 3.43
CA THR Q 176 -56.61 -44.97 4.63
C THR Q 176 -57.13 -46.19 5.36
N GLY Q 177 -56.25 -47.14 5.64
CA GLY Q 177 -56.64 -48.30 6.39
C GLY Q 177 -56.65 -48.03 7.87
N ALA Q 178 -57.38 -48.88 8.59
CA ALA Q 178 -57.40 -48.78 10.04
C ALA Q 178 -56.04 -49.09 10.62
N GLN Q 179 -55.89 -48.86 11.92
CA GLN Q 179 -54.62 -49.13 12.58
C GLN Q 179 -54.37 -50.63 12.60
N SER Q 180 -53.21 -51.04 12.13
CA SER Q 180 -52.89 -52.45 11.94
C SER Q 180 -52.09 -52.95 13.13
N PHE Q 181 -52.69 -53.85 13.91
CA PHE Q 181 -52.03 -54.44 15.06
C PHE Q 181 -51.45 -55.83 14.77
N THR Q 182 -51.40 -56.24 13.52
CA THR Q 182 -50.93 -57.57 13.17
C THR Q 182 -49.86 -57.48 12.08
N SER Q 183 -48.96 -58.46 12.09
CA SER Q 183 -47.84 -58.51 11.15
C SER Q 183 -48.08 -59.61 10.12
N GLY Q 184 -47.13 -59.76 9.21
CA GLY Q 184 -47.21 -60.79 8.19
C GLY Q 184 -46.79 -60.28 6.82
N VAL Q 185 -46.28 -61.21 6.01
CA VAL Q 185 -45.82 -60.86 4.66
C VAL Q 185 -47.02 -60.51 3.80
N VAL Q 186 -47.08 -59.26 3.36
CA VAL Q 186 -48.22 -58.74 2.60
C VAL Q 186 -47.81 -58.55 1.16
N GLY Q 187 -48.71 -58.92 0.25
CA GLY Q 187 -48.53 -58.62 -1.16
C GLY Q 187 -49.75 -57.94 -1.73
N LEU Q 188 -49.57 -56.72 -2.23
CA LEU Q 188 -50.70 -55.98 -2.74
C LEU Q 188 -51.04 -56.41 -4.17
N THR Q 189 -52.19 -55.94 -4.63
CA THR Q 189 -52.55 -56.05 -6.04
C THR Q 189 -53.61 -54.98 -6.31
N ILE Q 190 -53.24 -53.93 -7.01
CA ILE Q 190 -54.20 -52.91 -7.40
C ILE Q 190 -54.97 -53.40 -8.62
N LYS Q 191 -56.28 -53.56 -8.47
CA LYS Q 191 -57.11 -54.07 -9.54
C LYS Q 191 -57.33 -52.98 -10.58
N ASN Q 192 -57.25 -53.35 -11.85
CA ASN Q 192 -57.57 -52.46 -12.96
C ASN Q 192 -56.77 -51.16 -12.88
N TYR Q 193 -55.45 -51.30 -12.82
CA TYR Q 193 -54.63 -50.11 -12.65
C TYR Q 193 -54.61 -49.25 -13.90
N ASN Q 194 -54.93 -49.82 -15.06
CA ASN Q 194 -54.88 -49.07 -16.31
C ASN Q 194 -56.05 -49.33 -17.25
N GLY Q 195 -57.04 -50.12 -16.85
CA GLY Q 195 -58.18 -50.39 -17.70
C GLY Q 195 -58.19 -51.76 -18.33
N ILE Q 196 -57.11 -52.51 -18.23
CA ILE Q 196 -57.06 -53.83 -18.85
C ILE Q 196 -56.69 -54.90 -17.82
N GLU Q 197 -55.53 -54.77 -17.20
CA GLU Q 197 -54.99 -55.80 -16.33
C GLU Q 197 -54.79 -55.25 -14.93
N ASP Q 198 -54.18 -56.07 -14.07
CA ASP Q 198 -53.95 -55.74 -12.68
C ASP Q 198 -52.53 -55.27 -12.47
N PHE Q 199 -52.16 -55.03 -11.20
CA PHE Q 199 -50.80 -54.58 -10.87
C PHE Q 199 -50.46 -55.16 -9.50
N LYS Q 200 -49.67 -56.23 -9.49
CA LYS Q 200 -49.30 -56.91 -8.26
C LYS Q 200 -47.89 -56.52 -7.86
N PHE Q 201 -47.76 -55.99 -6.64
CA PHE Q 201 -46.46 -55.59 -6.14
C PHE Q 201 -45.68 -56.80 -5.67
N ASP Q 202 -44.56 -56.55 -5.00
CA ASP Q 202 -43.79 -57.63 -4.43
C ASP Q 202 -44.23 -57.89 -2.99
N ASN Q 203 -43.90 -59.06 -2.49
CA ASN Q 203 -44.15 -59.35 -1.09
C ASN Q 203 -43.22 -58.51 -0.23
N VAL Q 204 -43.79 -57.88 0.80
CA VAL Q 204 -43.05 -56.97 1.68
C VAL Q 204 -43.25 -57.42 3.11
N VAL Q 205 -42.13 -57.64 3.82
CA VAL Q 205 -42.18 -58.05 5.22
C VAL Q 205 -42.67 -56.87 6.03
N ILE Q 206 -43.06 -57.12 7.28
CA ILE Q 206 -43.72 -56.08 8.07
C ILE Q 206 -43.05 -55.83 9.41
N SER Q 207 -42.69 -56.89 10.13
CA SER Q 207 -42.79 -56.84 11.59
C SER Q 207 -42.04 -55.71 12.28
N THR Q 208 -40.72 -55.83 12.46
CA THR Q 208 -40.04 -54.83 13.26
C THR Q 208 -38.62 -54.52 12.83
N SER Q 209 -38.11 -55.11 11.76
CA SER Q 209 -36.70 -54.98 11.45
C SER Q 209 -36.46 -53.70 10.66
N VAL Q 210 -35.26 -53.55 10.11
CA VAL Q 210 -34.89 -52.31 9.44
C VAL Q 210 -35.63 -52.18 8.12
N GLY Q 211 -35.43 -53.12 7.21
CA GLY Q 211 -36.08 -53.05 5.93
C GLY Q 211 -37.47 -53.67 5.95
N THR Q 212 -38.23 -53.38 6.99
CA THR Q 212 -39.58 -53.92 7.11
C THR Q 212 -40.57 -52.84 7.49
N GLY Q 213 -41.86 -53.14 7.39
CA GLY Q 213 -42.88 -52.26 7.91
C GLY Q 213 -43.53 -51.38 6.89
N LEU Q 214 -44.34 -50.46 7.41
CA LEU Q 214 -45.08 -49.55 6.56
C LEU Q 214 -44.15 -48.67 5.75
N GLY Q 215 -42.95 -48.37 6.27
CA GLY Q 215 -41.99 -47.64 5.47
C GLY Q 215 -41.51 -48.43 4.26
N ALA Q 216 -41.23 -49.71 4.45
CA ALA Q 216 -40.85 -50.56 3.32
C ALA Q 216 -41.98 -50.63 2.30
N LEU Q 217 -43.22 -50.78 2.76
CA LEU Q 217 -44.32 -50.82 1.82
C LEU Q 217 -44.52 -49.49 1.11
N ALA Q 218 -44.31 -48.37 1.80
CA ALA Q 218 -44.43 -47.07 1.17
C ALA Q 218 -43.37 -46.89 0.10
N GLU Q 219 -42.14 -47.31 0.37
CA GLU Q 219 -41.12 -47.31 -0.68
C GLU Q 219 -41.56 -48.14 -1.87
N GLU Q 220 -42.01 -49.38 -1.61
CA GLU Q 220 -42.33 -50.28 -2.70
C GLU Q 220 -43.52 -49.78 -3.51
N ILE Q 221 -44.38 -48.99 -2.90
CA ILE Q 221 -45.52 -48.44 -3.65
C ILE Q 221 -45.11 -47.21 -4.43
N ASN Q 222 -44.46 -46.25 -3.76
CA ASN Q 222 -44.08 -45.02 -4.42
C ASN Q 222 -43.08 -45.24 -5.54
N LYS Q 223 -42.35 -46.36 -5.52
CA LYS Q 223 -41.44 -46.65 -6.63
C LYS Q 223 -42.20 -46.76 -7.94
N SER Q 224 -43.31 -47.48 -7.93
CA SER Q 224 -44.14 -47.64 -9.13
C SER Q 224 -45.28 -46.64 -9.12
N ALA Q 225 -44.92 -45.37 -9.05
CA ALA Q 225 -45.91 -44.32 -8.94
C ALA Q 225 -46.49 -43.88 -10.27
N ASP Q 226 -45.69 -43.82 -11.31
CA ASP Q 226 -46.15 -43.27 -12.59
C ASP Q 226 -47.05 -44.22 -13.35
N LYS Q 227 -46.95 -45.52 -13.10
CA LYS Q 227 -47.79 -46.47 -13.83
C LYS Q 227 -49.13 -46.70 -13.16
N THR Q 228 -49.21 -46.56 -11.84
CA THR Q 228 -50.45 -46.77 -11.12
C THR Q 228 -51.18 -45.47 -10.81
N GLY Q 229 -50.47 -44.38 -10.61
CA GLY Q 229 -51.10 -43.16 -10.15
C GLY Q 229 -51.50 -43.21 -8.69
N VAL Q 230 -50.85 -44.04 -7.90
CA VAL Q 230 -51.22 -44.27 -6.51
C VAL Q 230 -49.96 -44.13 -5.67
N ARG Q 231 -49.79 -42.99 -5.02
CA ARG Q 231 -48.70 -42.79 -4.08
C ARG Q 231 -49.16 -43.19 -2.69
N ALA Q 232 -48.20 -43.38 -1.79
CA ALA Q 232 -48.50 -43.87 -0.47
C ALA Q 232 -47.56 -43.26 0.56
N THR Q 233 -48.11 -43.01 1.74
CA THR Q 233 -47.35 -42.55 2.89
C THR Q 233 -47.83 -43.31 4.12
N TYR Q 234 -47.06 -43.20 5.20
CA TYR Q 234 -47.34 -43.98 6.40
C TYR Q 234 -47.42 -43.06 7.60
N ASP Q 235 -47.89 -43.62 8.71
CA ASP Q 235 -47.99 -42.87 9.95
C ASP Q 235 -48.02 -43.88 11.08
N VAL Q 236 -46.92 -43.97 11.84
CA VAL Q 236 -46.75 -45.02 12.83
C VAL Q 236 -46.56 -44.34 14.19
N LYS Q 237 -47.65 -44.18 14.93
CA LYS Q 237 -47.59 -43.65 16.29
C LYS Q 237 -48.40 -44.56 17.20
N THR Q 238 -48.08 -44.50 18.49
CA THR Q 238 -48.84 -45.21 19.52
C THR Q 238 -49.01 -44.22 20.67
N THR Q 239 -50.12 -43.48 20.65
CA THR Q 239 -50.38 -42.45 21.64
C THR Q 239 -51.40 -42.96 22.66
N GLY Q 240 -51.14 -42.69 23.92
CA GLY Q 240 -52.00 -43.17 24.98
C GLY Q 240 -53.23 -42.29 25.17
N VAL Q 241 -54.10 -42.73 26.07
CA VAL Q 241 -55.26 -41.97 26.50
C VAL Q 241 -55.10 -41.70 27.99
N TYR Q 242 -56.02 -40.92 28.54
CA TYR Q 242 -56.02 -40.59 29.97
C TYR Q 242 -54.61 -40.15 30.40
N ALA Q 243 -54.27 -38.95 29.95
CA ALA Q 243 -52.93 -38.57 29.53
C ALA Q 243 -51.79 -39.27 30.25
N ILE Q 244 -51.71 -39.19 31.57
CA ILE Q 244 -50.63 -39.90 32.26
C ILE Q 244 -50.89 -39.93 33.76
N LYS Q 245 -50.35 -40.94 34.44
CA LYS Q 245 -50.44 -41.05 35.88
C LYS Q 245 -49.11 -41.52 36.45
N GLU Q 246 -49.10 -41.93 37.71
CA GLU Q 246 -47.90 -42.42 38.36
C GLU Q 246 -47.90 -43.94 38.37
N GLY Q 247 -46.78 -44.54 38.01
CA GLY Q 247 -46.68 -45.99 37.96
C GLY Q 247 -45.30 -46.40 37.51
N THR Q 248 -45.10 -47.71 37.46
CA THR Q 248 -43.81 -48.27 37.10
C THR Q 248 -43.98 -49.29 35.98
N THR Q 249 -42.89 -49.55 35.27
CA THR Q 249 -42.86 -50.57 34.24
C THR Q 249 -42.31 -51.86 34.81
N SER Q 250 -42.67 -52.97 34.17
CA SER Q 250 -42.20 -54.27 34.64
C SER Q 250 -40.69 -54.37 34.49
N GLN Q 251 -40.11 -55.25 35.30
CA GLN Q 251 -38.65 -55.40 35.32
C GLN Q 251 -38.08 -55.73 33.96
N ASP Q 252 -38.88 -56.30 33.07
CA ASP Q 252 -38.44 -56.72 31.75
C ASP Q 252 -39.20 -55.97 30.66
N PHE Q 253 -39.53 -54.71 30.93
CA PHE Q 253 -40.18 -53.89 29.93
C PHE Q 253 -39.24 -53.69 28.75
N ALA Q 254 -39.65 -54.16 27.58
CA ALA Q 254 -38.83 -54.10 26.38
C ALA Q 254 -39.66 -53.53 25.24
N ILE Q 255 -38.96 -53.04 24.22
CA ILE Q 255 -39.61 -52.40 23.08
C ILE Q 255 -38.83 -52.76 21.82
N ASN Q 256 -39.54 -53.23 20.80
CA ASN Q 256 -38.96 -53.65 19.53
C ASN Q 256 -37.86 -54.70 19.69
N GLY Q 257 -37.82 -55.40 20.83
CA GLY Q 257 -36.86 -56.47 21.02
C GLY Q 257 -35.69 -56.15 21.92
N VAL Q 258 -35.55 -54.92 22.39
CA VAL Q 258 -34.48 -54.53 23.30
C VAL Q 258 -35.08 -54.19 24.65
N THR Q 259 -34.48 -54.70 25.71
CA THR Q 259 -35.02 -54.57 27.06
C THR Q 259 -34.58 -53.25 27.68
N ILE Q 260 -35.53 -52.52 28.25
CA ILE Q 260 -35.24 -51.23 28.87
C ILE Q 260 -35.07 -51.40 30.37
N GLY Q 261 -36.08 -51.94 31.03
CA GLY Q 261 -36.03 -52.20 32.45
C GLY Q 261 -37.06 -51.41 33.22
N LYS Q 262 -37.02 -51.58 34.54
CA LYS Q 262 -38.01 -50.96 35.41
C LYS Q 262 -37.75 -49.47 35.53
N ILE Q 263 -38.79 -48.67 35.34
CA ILE Q 263 -38.72 -47.22 35.41
C ILE Q 263 -39.86 -46.73 36.29
N GLU Q 264 -39.53 -45.94 37.31
CA GLU Q 264 -40.56 -45.31 38.14
C GLU Q 264 -40.75 -43.87 37.67
N TYR Q 265 -41.94 -43.55 37.20
CA TYR Q 265 -42.23 -42.22 36.70
C TYR Q 265 -43.30 -41.57 37.56
N LYS Q 266 -43.20 -40.25 37.69
CA LYS Q 266 -44.03 -39.51 38.62
C LYS Q 266 -45.43 -39.31 38.04
N ASP Q 267 -46.21 -38.46 38.69
CA ASP Q 267 -47.62 -38.32 38.34
C ASP Q 267 -47.80 -37.83 36.90
N GLY Q 268 -47.33 -36.62 36.62
CA GLY Q 268 -47.44 -36.10 35.27
C GLY Q 268 -46.17 -36.30 34.49
N ASP Q 269 -45.37 -37.28 34.91
CA ASP Q 269 -44.03 -37.51 34.37
C ASP Q 269 -43.15 -36.28 34.56
N GLY Q 270 -43.23 -35.68 35.74
CA GLY Q 270 -42.38 -34.53 36.04
C GLY Q 270 -40.91 -34.84 35.89
N ASN Q 271 -40.52 -36.08 36.18
CA ASN Q 271 -39.12 -36.45 36.03
C ASN Q 271 -38.69 -36.46 34.57
N GLY Q 272 -39.61 -36.77 33.65
CA GLY Q 272 -39.22 -37.00 32.28
C GLY Q 272 -38.40 -38.25 32.10
N SER Q 273 -38.34 -39.10 33.12
CA SER Q 273 -37.56 -40.33 33.07
C SER Q 273 -38.18 -41.35 32.13
N LEU Q 274 -39.50 -41.45 32.11
CA LEU Q 274 -40.14 -42.38 31.19
C LEU Q 274 -39.83 -42.04 29.74
N ILE Q 275 -39.59 -40.76 29.45
CA ILE Q 275 -39.23 -40.37 28.10
C ILE Q 275 -37.75 -40.57 27.86
N SER Q 276 -36.92 -40.19 28.85
CA SER Q 276 -35.48 -40.28 28.67
C SER Q 276 -35.02 -41.71 28.53
N ALA Q 277 -35.55 -42.62 29.34
CA ALA Q 277 -35.12 -44.01 29.27
C ALA Q 277 -35.46 -44.62 27.92
N ILE Q 278 -36.63 -44.30 27.37
CA ILE Q 278 -36.97 -44.84 26.06
C ILE Q 278 -36.11 -44.21 24.98
N ASN Q 279 -35.91 -42.89 25.05
CA ASN Q 279 -35.10 -42.23 24.03
C ASN Q 279 -33.63 -42.59 24.12
N ALA Q 280 -33.19 -43.19 25.22
CA ALA Q 280 -31.80 -43.63 25.30
C ALA Q 280 -31.45 -44.68 24.27
N VAL Q 281 -32.45 -45.33 23.66
CA VAL Q 281 -32.21 -46.39 22.68
C VAL Q 281 -32.99 -46.07 21.40
N LYS Q 282 -33.16 -44.78 21.11
CA LYS Q 282 -33.99 -44.40 19.97
C LYS Q 282 -33.39 -44.86 18.66
N ASP Q 283 -32.07 -44.78 18.50
CA ASP Q 283 -31.47 -45.15 17.24
C ASP Q 283 -31.27 -46.66 17.10
N THR Q 284 -31.56 -47.42 18.14
CA THR Q 284 -31.56 -48.87 18.03
C THR Q 284 -32.95 -49.43 17.81
N THR Q 285 -33.96 -48.88 18.50
CA THR Q 285 -35.31 -49.38 18.28
C THR Q 285 -35.95 -48.76 17.05
N GLY Q 286 -35.76 -47.47 16.84
CA GLY Q 286 -36.53 -46.73 15.87
C GLY Q 286 -37.74 -46.05 16.44
N VAL Q 287 -37.86 -46.00 17.77
CA VAL Q 287 -39.00 -45.41 18.45
C VAL Q 287 -38.53 -44.18 19.19
N GLN Q 288 -39.11 -43.03 18.88
CA GLN Q 288 -38.75 -41.76 19.50
C GLN Q 288 -39.87 -41.36 20.45
N ALA Q 289 -39.66 -41.62 21.74
CA ALA Q 289 -40.69 -41.27 22.71
C ALA Q 289 -40.82 -39.77 22.86
N SER Q 290 -42.04 -39.31 23.12
CA SER Q 290 -42.30 -37.89 23.24
C SER Q 290 -43.53 -37.71 24.12
N LYS Q 291 -43.65 -36.51 24.67
CA LYS Q 291 -44.76 -36.16 25.55
C LYS Q 291 -45.67 -35.19 24.83
N ASP Q 292 -46.93 -35.57 24.68
CA ASP Q 292 -47.89 -34.76 23.94
C ASP Q 292 -48.16 -33.47 24.70
N GLU Q 293 -48.99 -32.61 24.09
CA GLU Q 293 -49.29 -31.33 24.71
C GLU Q 293 -50.24 -31.49 25.89
N ASN Q 294 -51.27 -32.30 25.74
CA ASN Q 294 -52.20 -32.54 26.83
C ASN Q 294 -51.65 -33.48 27.86
N GLY Q 295 -50.37 -33.83 27.81
CA GLY Q 295 -49.79 -34.74 28.79
C GLY Q 295 -49.77 -36.19 28.39
N LYS Q 296 -50.37 -36.53 27.25
CA LYS Q 296 -50.40 -37.92 26.82
C LYS Q 296 -49.00 -38.39 26.44
N LEU Q 297 -48.82 -39.71 26.42
CA LEU Q 297 -47.57 -40.32 26.02
C LEU Q 297 -47.65 -40.69 24.55
N VAL Q 298 -46.59 -40.38 23.80
CA VAL Q 298 -46.56 -40.60 22.36
C VAL Q 298 -45.28 -41.35 22.01
N LEU Q 299 -45.44 -42.50 21.35
CA LEU Q 299 -44.32 -43.29 20.86
C LEU Q 299 -44.40 -43.30 19.34
N THR Q 300 -43.56 -42.51 18.69
CA THR Q 300 -43.57 -42.41 17.25
C THR Q 300 -42.39 -43.15 16.65
N SER Q 301 -42.55 -43.58 15.41
CA SER Q 301 -41.51 -44.27 14.67
C SER Q 301 -41.24 -43.48 13.39
N ALA Q 302 -39.99 -43.11 13.18
CA ALA Q 302 -39.66 -42.23 12.06
C ALA Q 302 -39.80 -42.96 10.73
N ASP Q 303 -39.03 -44.02 10.52
CA ASP Q 303 -39.03 -44.75 9.28
C ASP Q 303 -40.07 -45.88 9.25
N GLY Q 304 -41.08 -45.80 10.10
CA GLY Q 304 -42.17 -46.75 10.07
C GLY Q 304 -41.77 -48.20 10.21
N ARG Q 305 -41.25 -48.57 11.37
CA ARG Q 305 -40.91 -49.97 11.65
C ARG Q 305 -41.98 -50.69 12.45
N GLY Q 306 -42.94 -49.98 13.01
CA GLY Q 306 -43.92 -50.62 13.85
C GLY Q 306 -43.42 -50.76 15.27
N ILE Q 307 -44.21 -50.29 16.22
CA ILE Q 307 -43.84 -50.35 17.63
C ILE Q 307 -44.44 -51.61 18.25
N LYS Q 308 -43.60 -52.42 18.88
CA LYS Q 308 -44.07 -53.59 19.60
C LYS Q 308 -43.33 -53.65 20.92
N ILE Q 309 -44.07 -53.55 22.02
CA ILE Q 309 -43.51 -53.63 23.36
C ILE Q 309 -43.95 -54.95 23.97
N THR Q 310 -43.04 -55.60 24.71
CA THR Q 310 -43.28 -56.94 25.22
C THR Q 310 -43.62 -56.95 26.70
N GLY Q 311 -42.79 -56.33 27.53
CA GLY Q 311 -43.06 -56.27 28.94
C GLY Q 311 -44.27 -55.40 29.25
N ASP Q 312 -44.51 -55.24 30.55
CA ASP Q 312 -45.60 -54.39 31.01
C ASP Q 312 -45.11 -52.96 31.09
N ILE Q 313 -45.53 -52.13 30.13
CA ILE Q 313 -45.16 -50.72 30.17
C ILE Q 313 -45.74 -50.02 31.38
N GLY Q 314 -46.75 -50.63 32.00
CA GLY Q 314 -47.34 -50.06 33.19
C GLY Q 314 -48.57 -49.25 32.86
N VAL Q 315 -49.74 -49.81 33.17
CA VAL Q 315 -50.97 -49.03 33.06
C VAL Q 315 -50.85 -47.82 33.97
N GLY Q 316 -51.40 -46.70 33.52
CA GLY Q 316 -51.12 -45.41 34.13
C GLY Q 316 -50.20 -44.55 33.29
N SER Q 317 -49.53 -45.14 32.31
CA SER Q 317 -48.84 -44.37 31.29
C SER Q 317 -49.72 -44.05 30.11
N GLY Q 318 -50.89 -44.68 30.01
CA GLY Q 318 -51.83 -44.38 28.97
C GLY Q 318 -51.93 -45.40 27.86
N ILE Q 319 -51.01 -46.35 27.79
CA ILE Q 319 -50.97 -47.31 26.70
C ILE Q 319 -51.60 -48.60 27.20
N LEU Q 320 -52.70 -48.99 26.56
CA LEU Q 320 -53.42 -50.18 26.97
C LEU Q 320 -52.80 -51.43 26.34
N ALA Q 321 -53.19 -52.58 26.89
CA ALA Q 321 -52.68 -53.85 26.38
C ALA Q 321 -53.09 -54.08 24.93
N ASN Q 322 -54.11 -53.39 24.45
CA ASN Q 322 -54.54 -53.54 23.07
C ASN Q 322 -53.73 -52.70 22.08
N GLN Q 323 -52.76 -51.94 22.58
CA GLN Q 323 -51.91 -51.13 21.73
C GLN Q 323 -50.45 -51.57 21.75
N LYS Q 324 -50.11 -52.57 22.55
CA LYS Q 324 -48.71 -52.95 22.69
C LYS Q 324 -48.11 -53.42 21.37
N GLU Q 325 -48.94 -53.86 20.43
CA GLU Q 325 -48.49 -54.36 19.14
C GLU Q 325 -49.07 -53.46 18.06
N ASN Q 326 -48.28 -52.50 17.60
CA ASN Q 326 -48.74 -51.51 16.64
C ASN Q 326 -47.83 -51.50 15.42
N TYR Q 327 -48.45 -51.28 14.24
CA TYR Q 327 -47.68 -51.11 13.03
C TYR Q 327 -48.16 -49.92 12.21
N GLY Q 328 -48.90 -48.99 12.79
CA GLY Q 328 -49.24 -47.78 12.09
C GLY Q 328 -50.32 -47.97 11.03
N ARG Q 329 -50.44 -46.95 10.18
CA ARG Q 329 -51.43 -46.94 9.12
C ARG Q 329 -50.78 -46.69 7.77
N LEU Q 330 -51.52 -47.03 6.73
CA LEU Q 330 -51.17 -46.70 5.36
C LEU Q 330 -52.10 -45.61 4.86
N SER Q 331 -51.66 -44.88 3.85
CA SER Q 331 -52.45 -43.78 3.31
C SER Q 331 -52.12 -43.65 1.82
N LEU Q 332 -53.07 -44.03 0.98
CA LEU Q 332 -52.90 -43.89 -0.45
C LEU Q 332 -53.51 -42.57 -0.93
N VAL Q 333 -52.95 -42.04 -2.01
CA VAL Q 333 -53.49 -40.84 -2.63
C VAL Q 333 -53.46 -41.00 -4.14
N LYS Q 334 -54.61 -41.33 -4.73
CA LYS Q 334 -54.72 -41.33 -6.17
C LYS Q 334 -54.96 -39.90 -6.63
N ASN Q 335 -55.04 -39.69 -7.94
CA ASN Q 335 -55.24 -38.33 -8.45
C ASN Q 335 -56.22 -38.32 -9.60
N ASP Q 336 -57.27 -39.13 -9.54
CA ASP Q 336 -58.32 -39.03 -10.53
C ASP Q 336 -59.73 -39.09 -9.98
N GLY Q 337 -59.95 -39.53 -8.75
CA GLY Q 337 -61.29 -39.58 -8.19
C GLY Q 337 -62.00 -40.90 -8.31
N ARG Q 338 -61.36 -41.94 -8.80
CA ARG Q 338 -61.91 -43.28 -8.78
C ARG Q 338 -61.41 -44.03 -7.55
N ASP Q 339 -62.23 -44.94 -7.03
CA ASP Q 339 -61.83 -45.68 -5.85
C ASP Q 339 -60.68 -46.61 -6.17
N ILE Q 340 -59.61 -46.51 -5.38
CA ILE Q 340 -58.53 -47.47 -5.50
C ILE Q 340 -59.06 -48.84 -5.12
N ASN Q 341 -59.02 -49.77 -6.05
CA ASN Q 341 -59.60 -51.10 -5.85
C ASN Q 341 -58.48 -52.05 -5.44
N ILE Q 342 -58.08 -51.93 -4.20
CA ILE Q 342 -57.00 -52.76 -3.66
C ILE Q 342 -57.53 -54.14 -3.33
N SER Q 343 -56.78 -55.18 -3.70
CA SER Q 343 -57.11 -56.56 -3.35
C SER Q 343 -55.83 -57.37 -3.37
N GLY Q 344 -55.27 -57.61 -2.19
CA GLY Q 344 -53.99 -58.29 -2.07
C GLY Q 344 -54.15 -59.75 -1.74
N THR Q 345 -53.14 -60.30 -1.06
CA THR Q 345 -53.15 -61.69 -0.63
C THR Q 345 -53.21 -61.87 0.88
N ASN Q 346 -52.46 -61.07 1.64
CA ASN Q 346 -52.45 -61.13 3.09
C ASN Q 346 -52.61 -59.68 3.56
N LEU Q 347 -53.86 -59.24 3.67
CA LEU Q 347 -54.16 -57.82 3.76
C LEU Q 347 -54.41 -57.33 5.18
N SER Q 348 -54.61 -58.21 6.14
CA SER Q 348 -54.80 -57.73 7.50
C SER Q 348 -53.55 -57.09 8.08
N ALA Q 349 -52.39 -57.28 7.44
CA ALA Q 349 -51.16 -56.73 7.98
C ALA Q 349 -51.11 -55.22 7.81
N ILE Q 350 -51.59 -54.71 6.68
CA ILE Q 350 -51.57 -53.28 6.42
C ILE Q 350 -52.85 -52.61 6.86
N GLY Q 351 -53.72 -53.31 7.57
CA GLY Q 351 -54.95 -52.71 8.05
C GLY Q 351 -55.95 -52.39 6.97
N MET Q 352 -55.99 -53.18 5.91
CA MET Q 352 -56.99 -53.04 4.87
C MET Q 352 -57.61 -54.38 4.52
N GLY Q 353 -57.66 -55.29 5.48
CA GLY Q 353 -58.21 -56.60 5.26
C GLY Q 353 -59.71 -56.57 5.08
N THR Q 354 -60.29 -57.76 5.09
CA THR Q 354 -61.74 -57.89 4.90
C THR Q 354 -62.53 -57.52 6.16
N THR Q 355 -61.87 -57.39 7.30
CA THR Q 355 -62.53 -57.01 8.54
C THR Q 355 -62.11 -55.65 9.04
N ASP Q 356 -61.30 -54.93 8.27
CA ASP Q 356 -60.75 -53.65 8.68
C ASP Q 356 -61.66 -52.53 8.17
N MET Q 357 -61.90 -51.54 9.03
CA MET Q 357 -62.78 -50.43 8.71
C MET Q 357 -61.92 -49.29 8.18
N ILE Q 358 -61.86 -49.14 6.86
CA ILE Q 358 -61.06 -48.13 6.24
C ILE Q 358 -61.93 -46.93 5.90
N SER Q 359 -61.30 -45.80 5.61
CA SER Q 359 -62.00 -44.57 5.23
C SER Q 359 -61.47 -44.09 3.89
N GLN Q 360 -62.37 -43.61 3.04
CA GLN Q 360 -61.99 -43.14 1.72
C GLN Q 360 -62.98 -42.07 1.29
N SER Q 361 -62.46 -41.02 0.65
CA SER Q 361 -63.30 -39.93 0.17
C SER Q 361 -62.50 -39.09 -0.81
N SER Q 362 -63.18 -38.64 -1.86
CA SER Q 362 -62.57 -37.80 -2.88
C SER Q 362 -62.88 -36.34 -2.56
N VAL Q 363 -61.88 -35.49 -2.66
CA VAL Q 363 -61.97 -34.10 -2.25
C VAL Q 363 -61.77 -33.22 -3.47
N SER Q 364 -62.63 -32.21 -3.63
CA SER Q 364 -62.52 -31.29 -4.75
C SER Q 364 -61.73 -30.06 -4.33
N LEU Q 365 -61.31 -29.28 -5.33
CA LEU Q 365 -60.50 -28.09 -5.04
C LEU Q 365 -61.26 -27.11 -4.17
N ARG Q 366 -62.53 -26.84 -4.51
CA ARG Q 366 -63.35 -26.01 -3.65
C ARG Q 366 -63.53 -26.63 -2.28
N GLU Q 367 -63.90 -27.91 -2.24
CA GLU Q 367 -64.07 -28.59 -0.96
C GLU Q 367 -62.83 -28.48 -0.08
N SER Q 368 -61.66 -28.26 -0.67
CA SER Q 368 -60.47 -28.02 0.13
C SER Q 368 -60.46 -26.64 0.77
N LYS Q 369 -61.35 -25.73 0.33
CA LYS Q 369 -61.31 -24.36 0.79
C LYS Q 369 -62.03 -24.15 2.11
N GLY Q 370 -62.93 -25.05 2.50
CA GLY Q 370 -63.72 -24.90 3.70
C GLY Q 370 -63.20 -25.72 4.85
N GLN Q 371 -64.02 -25.84 5.89
CA GLN Q 371 -63.66 -26.62 7.06
C GLN Q 371 -63.72 -28.10 6.73
N ILE Q 372 -62.63 -28.81 6.96
CA ILE Q 372 -62.54 -30.22 6.61
C ILE Q 372 -63.38 -31.03 7.57
N SER Q 373 -64.34 -31.78 7.05
CA SER Q 373 -65.14 -32.66 7.89
C SER Q 373 -64.26 -33.75 8.50
N ALA Q 374 -64.81 -34.44 9.49
CA ALA Q 374 -64.04 -35.44 10.22
C ALA Q 374 -63.70 -36.64 9.35
N THR Q 375 -64.67 -37.13 8.58
CA THR Q 375 -64.39 -38.26 7.70
C THR Q 375 -63.38 -37.88 6.63
N ASN Q 376 -63.56 -36.72 6.01
CA ASN Q 376 -62.60 -36.26 5.03
C ASN Q 376 -61.21 -36.12 5.64
N ALA Q 377 -61.13 -35.68 6.89
CA ALA Q 377 -59.83 -35.56 7.53
C ALA Q 377 -59.19 -36.92 7.75
N ASP Q 378 -59.95 -37.86 8.29
CA ASP Q 378 -59.43 -39.20 8.50
C ASP Q 378 -58.96 -39.83 7.20
N ALA Q 379 -59.60 -39.46 6.08
CA ALA Q 379 -59.10 -39.92 4.80
C ALA Q 379 -57.84 -39.18 4.38
N MET Q 380 -57.77 -37.86 4.62
CA MET Q 380 -56.59 -37.10 4.24
C MET Q 380 -55.34 -37.65 4.92
N GLY Q 381 -55.43 -37.98 6.20
CA GLY Q 381 -54.27 -38.50 6.88
C GLY Q 381 -54.00 -37.92 8.25
N PHE Q 382 -54.94 -37.15 8.77
CA PHE Q 382 -54.83 -36.66 10.14
C PHE Q 382 -55.07 -37.81 11.12
N ASN Q 383 -55.12 -37.47 12.40
CA ASN Q 383 -55.69 -38.28 13.48
C ASN Q 383 -55.40 -39.77 13.31
N SER Q 384 -54.13 -40.14 13.41
CA SER Q 384 -53.68 -41.51 13.16
C SER Q 384 -54.60 -42.56 13.77
N TYR Q 385 -54.78 -42.54 15.09
CA TYR Q 385 -55.48 -43.65 15.75
C TYR Q 385 -56.99 -43.60 15.48
N LYS Q 386 -57.33 -43.73 14.20
CA LYS Q 386 -58.71 -43.96 13.74
C LYS Q 386 -59.67 -42.93 14.33
N GLY Q 387 -59.45 -41.69 13.93
CA GLY Q 387 -60.20 -40.57 14.47
C GLY Q 387 -59.42 -39.82 15.53
N GLY Q 388 -60.00 -38.72 15.98
CA GLY Q 388 -59.29 -37.88 16.92
C GLY Q 388 -59.78 -38.01 18.34
N GLY Q 389 -60.92 -38.65 18.51
CA GLY Q 389 -61.52 -38.70 19.84
C GLY Q 389 -61.10 -39.91 20.63
N LYS Q 390 -62.06 -40.77 20.95
CA LYS Q 390 -61.76 -41.93 21.76
C LYS Q 390 -61.11 -43.02 20.90
N PHE Q 391 -60.36 -43.90 21.56
CA PHE Q 391 -59.87 -45.09 20.90
C PHE Q 391 -61.01 -46.09 20.74
N VAL Q 392 -60.97 -46.85 19.65
CA VAL Q 392 -62.08 -47.73 19.27
C VAL Q 392 -61.62 -49.16 19.39
N PHE Q 393 -62.37 -49.96 20.15
CA PHE Q 393 -62.07 -51.36 20.39
C PHE Q 393 -63.06 -52.26 19.67
N THR Q 394 -62.85 -53.58 19.81
CA THR Q 394 -63.83 -54.58 19.41
C THR Q 394 -63.93 -55.68 20.45
N GLN Q 395 -63.66 -55.37 21.71
CA GLN Q 395 -63.54 -56.39 22.74
C GLN Q 395 -64.92 -56.96 23.09
N ASN Q 396 -64.97 -57.84 24.09
CA ASN Q 396 -66.16 -58.61 24.39
C ASN Q 396 -66.71 -58.29 25.78
N VAL Q 397 -66.82 -57.00 26.10
CA VAL Q 397 -67.15 -56.57 27.44
C VAL Q 397 -68.38 -55.68 27.40
N SER Q 398 -69.24 -55.82 28.41
CA SER Q 398 -70.46 -55.01 28.50
C SER Q 398 -70.10 -53.55 28.79
N SER Q 399 -69.21 -53.31 29.75
CA SER Q 399 -68.93 -51.94 30.16
C SER Q 399 -67.52 -51.85 30.73
N ILE Q 400 -67.05 -50.60 30.86
CA ILE Q 400 -65.70 -50.33 31.37
C ILE Q 400 -65.45 -51.02 32.70
N SER Q 401 -66.51 -51.20 33.49
CA SER Q 401 -66.38 -51.94 34.75
C SER Q 401 -65.81 -53.34 34.51
N ALA Q 402 -66.51 -54.14 33.72
CA ALA Q 402 -66.04 -55.48 33.42
C ALA Q 402 -64.78 -55.48 32.58
N PHE Q 403 -64.53 -54.41 31.84
CA PHE Q 403 -63.29 -54.32 31.07
C PHE Q 403 -62.09 -54.17 31.98
N MET Q 404 -62.21 -53.35 33.02
CA MET Q 404 -61.16 -53.26 34.03
C MET Q 404 -61.05 -54.57 34.81
N SER Q 405 -62.20 -55.15 35.18
CA SER Q 405 -62.17 -56.37 35.98
C SER Q 405 -61.58 -57.55 35.22
N ALA Q 406 -61.66 -57.53 33.89
CA ALA Q 406 -61.27 -58.68 33.10
C ALA Q 406 -59.78 -58.95 33.20
N GLN Q 407 -59.40 -60.14 32.78
CA GLN Q 407 -58.00 -60.56 32.79
C GLN Q 407 -57.25 -59.89 31.64
N GLY Q 408 -55.93 -59.86 31.75
CA GLY Q 408 -55.11 -59.29 30.69
C GLY Q 408 -54.82 -57.82 30.80
N SER Q 409 -55.82 -57.03 31.15
CA SER Q 409 -55.63 -55.60 31.33
C SER Q 409 -54.78 -55.34 32.58
N GLY Q 410 -54.53 -54.08 32.84
CA GLY Q 410 -53.73 -53.72 34.00
C GLY Q 410 -54.57 -53.25 35.17
N PHE Q 411 -55.86 -53.60 35.16
CA PHE Q 411 -56.78 -53.16 36.21
C PHE Q 411 -57.34 -54.30 37.02
N SER Q 412 -56.75 -55.49 36.96
CA SER Q 412 -57.28 -56.62 37.71
C SER Q 412 -57.15 -56.36 39.20
N ARG Q 413 -57.74 -57.25 40.00
CA ARG Q 413 -57.76 -57.07 41.44
C ARG Q 413 -56.35 -57.04 42.03
N GLY Q 414 -55.43 -57.82 41.47
CA GLY Q 414 -54.06 -57.80 41.96
C GLY Q 414 -53.38 -56.46 41.71
N SER Q 415 -53.54 -55.92 40.51
CA SER Q 415 -52.94 -54.63 40.19
C SER Q 415 -53.53 -53.55 41.07
N GLY Q 416 -52.72 -52.51 41.33
CA GLY Q 416 -53.15 -51.44 42.21
C GLY Q 416 -54.20 -50.53 41.59
N PHE Q 417 -54.37 -50.57 40.27
CA PHE Q 417 -55.31 -49.69 39.59
C PHE Q 417 -56.67 -50.33 39.41
N SER Q 418 -57.27 -50.83 40.49
CA SER Q 418 -58.60 -51.39 40.38
C SER Q 418 -59.65 -50.30 40.61
N VAL Q 419 -60.92 -50.68 40.44
CA VAL Q 419 -62.00 -49.74 40.67
C VAL Q 419 -62.08 -49.41 42.15
N GLY Q 420 -62.18 -48.13 42.46
CA GLY Q 420 -62.19 -47.71 43.85
C GLY Q 420 -60.83 -47.84 44.53
N SER Q 421 -59.75 -47.56 43.80
CA SER Q 421 -58.40 -47.71 44.33
C SER Q 421 -57.69 -46.38 44.49
N GLY Q 422 -58.44 -45.27 44.45
CA GLY Q 422 -57.85 -43.95 44.58
C GLY Q 422 -57.25 -43.39 43.33
N LYS Q 423 -56.80 -44.23 42.39
CA LYS Q 423 -56.23 -43.71 41.16
C LYS Q 423 -57.27 -43.01 40.30
N ASN Q 424 -58.51 -43.49 40.32
CA ASN Q 424 -59.61 -42.91 39.55
C ASN Q 424 -59.28 -42.89 38.06
N LEU Q 425 -59.06 -44.08 37.51
CA LEU Q 425 -58.82 -44.21 36.08
C LEU Q 425 -60.08 -44.47 35.29
N SER Q 426 -61.19 -44.81 35.97
CA SER Q 426 -62.45 -44.94 35.28
C SER Q 426 -62.81 -43.65 34.56
N VAL Q 427 -62.49 -42.51 35.15
CA VAL Q 427 -62.75 -41.22 34.51
C VAL Q 427 -62.01 -41.16 33.18
N GLY Q 428 -60.70 -41.39 33.21
CA GLY Q 428 -59.91 -41.29 32.00
C GLY Q 428 -60.35 -42.28 30.93
N LEU Q 429 -60.70 -43.50 31.35
CA LEU Q 429 -61.15 -44.48 30.38
C LEU Q 429 -62.47 -44.06 29.75
N SER Q 430 -63.44 -43.66 30.56
CA SER Q 430 -64.71 -43.18 30.02
C SER Q 430 -64.51 -42.01 29.09
N GLN Q 431 -63.51 -41.17 29.34
CA GLN Q 431 -63.17 -40.06 28.46
C GLN Q 431 -61.99 -40.48 27.58
N GLY Q 432 -62.27 -41.30 26.57
CA GLY Q 432 -61.22 -41.69 25.65
C GLY Q 432 -61.17 -43.15 25.28
N ILE Q 433 -62.18 -43.93 25.63
CA ILE Q 433 -62.26 -45.34 25.24
C ILE Q 433 -63.68 -45.63 24.77
N GLN Q 434 -63.80 -46.27 23.61
CA GLN Q 434 -65.09 -46.72 23.08
C GLN Q 434 -64.95 -48.18 22.70
N ILE Q 435 -65.58 -49.06 23.47
CA ILE Q 435 -65.48 -50.50 23.24
C ILE Q 435 -66.70 -50.95 22.45
N ILE Q 436 -66.48 -51.46 21.26
CA ILE Q 436 -67.55 -52.04 20.46
C ILE Q 436 -67.81 -53.46 20.93
N SER Q 437 -69.04 -53.74 21.35
CA SER Q 437 -69.37 -55.03 21.94
C SER Q 437 -69.11 -56.17 20.95
N SER Q 438 -69.83 -56.18 19.84
CA SER Q 438 -69.68 -57.26 18.87
C SER Q 438 -69.60 -56.65 17.48
N ALA Q 439 -68.53 -57.01 16.75
CA ALA Q 439 -68.34 -56.45 15.41
C ALA Q 439 -69.46 -56.81 14.45
N ALA Q 440 -70.27 -57.82 14.79
CA ALA Q 440 -71.38 -58.19 13.92
C ALA Q 440 -72.43 -57.09 13.85
N SER Q 441 -72.83 -56.56 15.02
CA SER Q 441 -73.87 -55.54 15.11
C SER Q 441 -73.30 -54.36 15.88
N MET Q 442 -72.76 -53.37 15.16
CA MET Q 442 -72.25 -52.14 15.75
C MET Q 442 -72.88 -50.96 15.04
N SER Q 443 -74.07 -50.56 15.49
CA SER Q 443 -74.72 -49.37 14.99
C SER Q 443 -74.63 -48.21 15.98
N ASN Q 444 -74.12 -48.44 17.18
CA ASN Q 444 -73.97 -47.40 18.18
C ASN Q 444 -72.69 -46.61 18.02
N THR Q 445 -71.83 -46.98 17.06
CA THR Q 445 -70.58 -46.26 16.84
C THR Q 445 -70.33 -45.91 15.38
N TYR Q 446 -71.04 -46.50 14.43
CA TYR Q 446 -70.89 -46.17 13.03
C TYR Q 446 -72.26 -45.90 12.41
N VAL Q 447 -72.28 -45.08 11.36
CA VAL Q 447 -73.51 -44.87 10.63
C VAL Q 447 -73.69 -46.04 9.67
N VAL Q 448 -74.36 -47.08 10.14
CA VAL Q 448 -74.45 -48.34 9.42
C VAL Q 448 -75.89 -48.80 9.41
N SER Q 449 -76.82 -47.90 9.72
CA SER Q 449 -78.22 -48.24 9.82
C SER Q 449 -78.78 -48.63 8.46
N ALA Q 450 -80.05 -49.03 8.45
CA ALA Q 450 -80.65 -49.60 7.24
C ALA Q 450 -80.77 -48.57 6.13
N GLY Q 451 -80.96 -47.31 6.49
CA GLY Q 451 -81.14 -46.29 5.46
C GLY Q 451 -79.87 -46.06 4.65
N SER Q 452 -78.74 -45.96 5.33
CA SER Q 452 -77.47 -45.71 4.65
C SER Q 452 -77.14 -46.86 3.71
N GLY Q 453 -76.25 -46.58 2.77
CA GLY Q 453 -75.82 -47.60 1.83
C GLY Q 453 -74.73 -48.47 2.40
N PHE Q 454 -74.66 -48.56 3.72
CA PHE Q 454 -73.60 -49.29 4.40
C PHE Q 454 -74.12 -50.43 5.26
N SER Q 455 -75.39 -50.79 5.11
CA SER Q 455 -75.97 -51.90 5.88
C SER Q 455 -75.12 -53.14 5.76
N SER Q 456 -74.96 -53.85 6.89
CA SER Q 456 -74.19 -55.08 6.89
C SER Q 456 -74.77 -56.08 5.91
N GLY Q 457 -73.90 -56.73 5.15
CA GLY Q 457 -74.32 -57.66 4.13
C GLY Q 457 -74.76 -57.01 2.84
N SER Q 458 -74.63 -55.69 2.71
CA SER Q 458 -74.95 -54.98 1.47
C SER Q 458 -73.70 -54.43 0.80
N GLY Q 459 -72.54 -54.98 1.10
CA GLY Q 459 -71.29 -54.39 0.69
C GLY Q 459 -71.08 -53.05 1.36
N ASN Q 460 -69.90 -52.50 1.16
CA ASN Q 460 -69.52 -51.18 1.66
C ASN Q 460 -69.50 -51.08 3.17
N SER Q 461 -69.77 -52.17 3.88
CA SER Q 461 -69.87 -52.13 5.33
C SER Q 461 -68.54 -51.84 6.00
N GLN Q 462 -67.44 -51.82 5.26
CA GLN Q 462 -66.14 -51.47 5.80
C GLN Q 462 -65.72 -50.05 5.45
N PHE Q 463 -66.67 -49.24 4.99
CA PHE Q 463 -66.41 -47.83 4.72
C PHE Q 463 -67.29 -46.91 5.53
N ALA Q 464 -68.15 -47.44 6.40
CA ALA Q 464 -69.12 -46.63 7.12
C ALA Q 464 -68.42 -45.60 7.98
N ALA Q 465 -69.00 -44.41 8.05
CA ALA Q 465 -68.37 -43.31 8.76
C ALA Q 465 -68.55 -43.47 10.27
N LEU Q 466 -67.51 -43.08 11.00
CA LEU Q 466 -67.56 -43.11 12.45
C LEU Q 466 -68.61 -42.11 12.94
N LYS Q 467 -69.08 -42.32 14.16
CA LYS Q 467 -70.18 -41.52 14.71
C LYS Q 467 -69.65 -40.46 15.68
N THR Q 468 -70.19 -39.25 15.55
CA THR Q 468 -69.63 -38.11 16.27
C THR Q 468 -69.94 -38.16 17.76
N THR Q 469 -71.07 -38.75 18.15
CA THR Q 469 -71.33 -38.85 19.58
C THR Q 469 -70.61 -40.05 20.20
N ALA Q 470 -70.43 -41.11 19.42
CA ALA Q 470 -69.68 -42.28 19.87
C ALA Q 470 -68.22 -41.90 20.12
N ALA Q 471 -67.54 -41.46 19.09
CA ALA Q 471 -66.20 -40.91 19.23
C ALA Q 471 -66.33 -39.44 19.62
N ASN Q 472 -65.25 -38.70 19.53
CA ASN Q 472 -65.28 -37.25 19.69
C ASN Q 472 -64.68 -36.57 18.47
N THR Q 473 -65.00 -37.11 17.29
CA THR Q 473 -64.46 -36.58 16.05
C THR Q 473 -64.92 -35.15 15.84
N THR Q 474 -63.95 -34.24 15.68
CA THR Q 474 -64.25 -32.85 15.39
C THR Q 474 -63.56 -32.47 14.09
N ASP Q 475 -64.11 -31.45 13.43
CA ASP Q 475 -63.55 -30.99 12.18
C ASP Q 475 -62.16 -30.40 12.41
N GLU Q 476 -61.42 -30.24 11.31
CA GLU Q 476 -60.10 -29.65 11.37
C GLU Q 476 -60.16 -28.23 10.83
N THR Q 477 -59.09 -27.48 11.08
CA THR Q 477 -59.05 -26.09 10.62
C THR Q 477 -59.05 -26.08 9.10
N ALA Q 478 -59.64 -25.02 8.53
CA ALA Q 478 -60.06 -25.03 7.14
C ALA Q 478 -58.85 -24.96 6.21
N GLY Q 479 -58.59 -26.05 5.51
CA GLY Q 479 -57.71 -26.01 4.34
C GLY Q 479 -56.25 -26.07 4.71
N VAL Q 480 -55.46 -25.22 4.05
CA VAL Q 480 -54.00 -25.23 4.15
C VAL Q 480 -53.56 -24.74 5.51
N THR Q 481 -54.52 -24.37 6.36
CA THR Q 481 -54.21 -23.87 7.69
C THR Q 481 -53.65 -24.93 8.62
N THR Q 482 -53.38 -26.13 8.12
CA THR Q 482 -52.75 -27.18 8.89
C THR Q 482 -51.80 -27.97 7.99
N LEU Q 483 -50.88 -28.69 8.62
CA LEU Q 483 -49.81 -29.35 7.88
C LEU Q 483 -50.35 -30.37 6.90
N LYS Q 484 -51.00 -31.42 7.40
CA LYS Q 484 -51.56 -32.43 6.52
C LYS Q 484 -52.55 -31.81 5.53
N GLY Q 485 -53.28 -30.80 5.96
CA GLY Q 485 -54.12 -30.08 5.01
C GLY Q 485 -53.31 -29.39 3.94
N ALA Q 486 -52.14 -28.86 4.29
CA ALA Q 486 -51.28 -28.23 3.29
C ALA Q 486 -50.85 -29.24 2.25
N MET Q 487 -50.45 -30.44 2.69
CA MET Q 487 -50.01 -31.44 1.72
C MET Q 487 -51.18 -31.95 0.89
N ALA Q 488 -52.37 -32.07 1.49
CA ALA Q 488 -53.54 -32.44 0.71
C ALA Q 488 -53.83 -31.40 -0.37
N VAL Q 489 -53.71 -30.12 -0.02
CA VAL Q 489 -53.95 -29.08 -1.02
C VAL Q 489 -52.87 -29.13 -2.09
N MET Q 490 -51.65 -29.50 -1.72
CA MET Q 490 -50.62 -29.70 -2.73
C MET Q 490 -51.02 -30.77 -3.74
N ASP Q 491 -51.51 -31.90 -3.24
CA ASP Q 491 -51.98 -32.96 -4.14
C ASP Q 491 -53.11 -32.47 -5.04
N ILE Q 492 -54.07 -31.75 -4.46
CA ILE Q 492 -55.21 -31.30 -5.25
C ILE Q 492 -54.78 -30.29 -6.30
N ALA Q 493 -53.77 -29.47 -6.00
CA ALA Q 493 -53.26 -28.55 -6.99
C ALA Q 493 -52.57 -29.29 -8.13
N GLU Q 494 -51.81 -30.33 -7.80
CA GLU Q 494 -51.20 -31.13 -8.85
C GLU Q 494 -52.26 -31.73 -9.77
N THR Q 495 -53.32 -32.28 -9.17
CA THR Q 495 -54.39 -32.87 -9.97
C THR Q 495 -55.09 -31.82 -10.82
N ALA Q 496 -55.32 -30.62 -10.28
CA ALA Q 496 -55.97 -29.58 -11.04
C ALA Q 496 -55.11 -29.16 -12.24
N ILE Q 497 -53.81 -29.06 -12.02
CA ILE Q 497 -52.90 -28.76 -13.12
C ILE Q 497 -53.03 -29.82 -14.21
N THR Q 498 -53.02 -31.08 -13.81
CA THR Q 498 -53.19 -32.17 -14.77
C THR Q 498 -54.48 -32.02 -15.57
N ASN Q 499 -55.59 -31.74 -14.88
CA ASN Q 499 -56.88 -31.65 -15.56
C ASN Q 499 -56.89 -30.51 -16.57
N LEU Q 500 -56.39 -29.34 -16.18
CA LEU Q 500 -56.39 -28.22 -17.10
C LEU Q 500 -55.48 -28.49 -18.28
N ASP Q 501 -54.36 -29.16 -18.05
CA ASP Q 501 -53.49 -29.53 -19.16
C ASP Q 501 -54.23 -30.43 -20.14
N GLN Q 502 -54.98 -31.40 -19.63
CA GLN Q 502 -55.73 -32.29 -20.52
C GLN Q 502 -56.74 -31.49 -21.35
N ILE Q 503 -57.48 -30.59 -20.70
CA ILE Q 503 -58.50 -29.84 -21.42
C ILE Q 503 -57.87 -28.96 -22.50
N ARG Q 504 -56.78 -28.29 -22.15
CA ARG Q 504 -56.11 -27.44 -23.13
C ARG Q 504 -55.56 -28.24 -24.29
N ALA Q 505 -55.07 -29.45 -24.02
CA ALA Q 505 -54.63 -30.32 -25.10
C ALA Q 505 -55.78 -30.71 -26.01
N ASP Q 506 -56.96 -30.92 -25.45
CA ASP Q 506 -58.14 -31.19 -26.29
C ASP Q 506 -58.44 -30.01 -27.19
N ILE Q 507 -58.41 -28.80 -26.63
CA ILE Q 507 -58.66 -27.61 -27.44
C ILE Q 507 -57.66 -27.53 -28.59
N ALA Q 508 -56.39 -27.75 -28.29
CA ALA Q 508 -55.36 -27.66 -29.34
C ALA Q 508 -55.56 -28.74 -30.41
N SER Q 509 -55.93 -29.95 -29.98
CA SER Q 509 -56.16 -31.01 -30.95
C SER Q 509 -57.31 -30.69 -31.87
N ILE Q 510 -58.29 -29.92 -31.39
CA ILE Q 510 -59.35 -29.46 -32.30
C ILE Q 510 -58.81 -28.39 -33.23
N GLN Q 511 -58.01 -27.47 -32.69
CA GLN Q 511 -57.58 -26.30 -33.46
C GLN Q 511 -56.72 -26.70 -34.65
N ASN Q 512 -55.84 -27.68 -34.46
CA ASN Q 512 -55.00 -28.11 -35.58
C ASN Q 512 -55.84 -28.68 -36.72
N GLN Q 513 -56.84 -29.48 -36.40
CA GLN Q 513 -57.71 -30.03 -37.43
C GLN Q 513 -58.47 -28.92 -38.15
N VAL Q 514 -58.93 -27.92 -37.40
CA VAL Q 514 -59.62 -26.81 -38.05
C VAL Q 514 -58.69 -26.10 -39.03
N THR Q 515 -57.43 -25.91 -38.63
CA THR Q 515 -56.48 -25.24 -39.51
C THR Q 515 -56.26 -26.03 -40.80
N SER Q 516 -56.10 -27.35 -40.68
CA SER Q 516 -55.92 -28.15 -41.88
C SER Q 516 -57.14 -28.08 -42.79
N THR Q 517 -58.34 -28.16 -42.20
CA THR Q 517 -59.56 -28.00 -43.01
C THR Q 517 -59.54 -26.69 -43.76
N ILE Q 518 -59.14 -25.60 -43.08
CA ILE Q 518 -59.16 -24.30 -43.71
C ILE Q 518 -58.20 -24.25 -44.89
N ASN Q 519 -57.00 -24.81 -44.73
CA ASN Q 519 -56.06 -24.84 -45.85
C ASN Q 519 -56.65 -25.60 -47.04
N ASN Q 520 -57.17 -26.80 -46.80
CA ASN Q 520 -57.68 -27.59 -47.90
C ASN Q 520 -58.85 -26.91 -48.59
N ILE Q 521 -59.73 -26.28 -47.82
CA ILE Q 521 -60.86 -25.59 -48.42
C ILE Q 521 -60.39 -24.39 -49.22
N THR Q 522 -59.38 -23.68 -48.72
CA THR Q 522 -58.86 -22.52 -49.44
C THR Q 522 -58.33 -22.92 -50.81
N VAL Q 523 -57.72 -24.09 -50.89
CA VAL Q 523 -57.22 -24.53 -52.20
C VAL Q 523 -58.35 -25.03 -53.08
N THR Q 524 -59.26 -25.82 -52.51
CA THR Q 524 -60.36 -26.38 -53.30
C THR Q 524 -61.24 -25.29 -53.87
N GLN Q 525 -61.42 -24.19 -53.13
CA GLN Q 525 -62.26 -23.12 -53.65
C GLN Q 525 -61.66 -22.49 -54.89
N VAL Q 526 -60.34 -22.27 -54.89
CA VAL Q 526 -59.69 -21.73 -56.07
C VAL Q 526 -59.87 -22.67 -57.25
N ASN Q 527 -59.65 -23.97 -57.02
CA ASN Q 527 -59.78 -24.91 -58.13
C ASN Q 527 -61.20 -24.94 -58.67
N VAL Q 528 -62.20 -24.89 -57.80
CA VAL Q 528 -63.59 -24.89 -58.25
C VAL Q 528 -63.90 -23.62 -59.01
N LYS Q 529 -63.42 -22.48 -58.50
CA LYS Q 529 -63.71 -21.22 -59.14
C LYS Q 529 -63.04 -21.11 -60.51
N ALA Q 530 -61.95 -21.85 -60.72
CA ALA Q 530 -61.35 -21.87 -62.04
C ALA Q 530 -62.07 -22.83 -62.97
N ALA Q 531 -62.46 -23.99 -62.47
CA ALA Q 531 -63.20 -24.93 -63.29
C ALA Q 531 -64.58 -24.40 -63.68
N GLU Q 532 -65.13 -23.49 -62.89
CA GLU Q 532 -66.38 -22.84 -63.26
C GLU Q 532 -66.16 -21.82 -64.37
N SER Q 533 -65.09 -21.03 -64.24
CA SER Q 533 -64.74 -20.09 -65.29
C SER Q 533 -64.53 -20.79 -66.62
N GLN Q 534 -63.91 -21.96 -66.60
CA GLN Q 534 -63.71 -22.71 -67.84
C GLN Q 534 -65.01 -22.99 -68.56
N ILE Q 535 -66.14 -22.97 -67.86
CA ILE Q 535 -67.42 -23.29 -68.46
C ILE Q 535 -68.23 -22.04 -68.78
N ARG Q 536 -68.19 -21.05 -67.89
CA ARG Q 536 -69.13 -19.94 -67.95
C ARG Q 536 -68.62 -18.76 -68.75
N ASP Q 537 -67.39 -18.32 -68.53
CA ASP Q 537 -66.97 -17.07 -69.11
C ASP Q 537 -66.50 -17.24 -70.55
N VAL Q 538 -66.44 -16.13 -71.27
CA VAL Q 538 -66.00 -16.10 -72.65
C VAL Q 538 -64.57 -15.59 -72.69
N ASP Q 539 -63.82 -16.07 -73.68
CA ASP Q 539 -62.45 -15.65 -73.90
C ASP Q 539 -62.42 -14.57 -74.96
N PHE Q 540 -62.06 -13.35 -74.55
CA PHE Q 540 -62.08 -12.22 -75.47
C PHE Q 540 -61.19 -12.44 -76.67
N ALA Q 541 -60.17 -13.28 -76.55
CA ALA Q 541 -59.34 -13.64 -77.70
C ALA Q 541 -60.19 -14.08 -78.87
N SER Q 542 -60.97 -15.14 -78.70
CA SER Q 542 -61.82 -15.63 -79.77
C SER Q 542 -63.06 -14.79 -79.96
N GLU Q 543 -63.53 -14.15 -78.89
CA GLU Q 543 -64.77 -13.38 -79.01
C GLU Q 543 -64.59 -12.17 -79.90
N SER Q 544 -63.49 -11.44 -79.75
CA SER Q 544 -63.25 -10.30 -80.62
C SER Q 544 -63.05 -10.72 -82.07
N ALA Q 545 -62.43 -11.87 -82.30
CA ALA Q 545 -62.33 -12.39 -83.65
C ALA Q 545 -63.70 -12.65 -84.25
N ASN Q 546 -64.56 -13.37 -83.51
CA ASN Q 546 -65.91 -13.60 -83.99
C ASN Q 546 -66.63 -12.30 -84.28
N TYR Q 547 -66.48 -11.31 -83.39
CA TYR Q 547 -67.22 -10.07 -83.56
C TYR Q 547 -66.75 -9.31 -84.80
N SER Q 548 -65.44 -9.17 -84.98
CA SER Q 548 -64.94 -8.46 -86.15
C SER Q 548 -65.33 -9.18 -87.43
N LYS Q 549 -65.26 -10.51 -87.42
CA LYS Q 549 -65.67 -11.28 -88.60
C LYS Q 549 -67.13 -11.03 -88.93
N ALA Q 550 -68.01 -11.12 -87.93
CA ALA Q 550 -69.41 -10.86 -88.16
C ALA Q 550 -69.68 -9.44 -88.60
N ASN Q 551 -68.88 -8.48 -88.14
CA ASN Q 551 -69.08 -7.09 -88.56
C ASN Q 551 -68.72 -6.89 -90.03
N ILE Q 552 -67.59 -7.44 -90.45
CA ILE Q 552 -67.24 -7.35 -91.86
C ILE Q 552 -68.27 -8.07 -92.72
N LEU Q 553 -68.75 -9.22 -92.25
CA LEU Q 553 -69.80 -9.92 -92.97
C LEU Q 553 -71.06 -9.07 -93.07
N ALA Q 554 -71.38 -8.32 -92.01
CA ALA Q 554 -72.55 -7.46 -92.05
C ALA Q 554 -72.40 -6.37 -93.11
N GLN Q 555 -71.21 -5.77 -93.18
CA GLN Q 555 -70.98 -4.77 -94.22
C GLN Q 555 -71.13 -5.37 -95.61
N SER Q 556 -70.53 -6.54 -95.83
CA SER Q 556 -70.64 -7.18 -97.14
C SER Q 556 -72.09 -7.51 -97.48
N GLY Q 557 -72.84 -8.03 -96.50
CA GLY Q 557 -74.22 -8.36 -96.76
C GLY Q 557 -75.07 -7.14 -97.06
N SER Q 558 -74.77 -6.03 -96.39
CA SER Q 558 -75.48 -4.78 -96.70
C SER Q 558 -75.19 -4.33 -98.11
N TYR Q 559 -73.93 -4.43 -98.55
CA TYR Q 559 -73.63 -4.10 -99.95
C TYR Q 559 -74.38 -5.03 -100.90
N ALA Q 560 -74.44 -6.32 -100.56
CA ALA Q 560 -75.14 -7.27 -101.42
C ALA Q 560 -76.61 -6.93 -101.55
N MET Q 561 -77.26 -6.58 -100.44
CA MET Q 561 -78.67 -6.18 -100.51
C MET Q 561 -78.84 -4.90 -101.31
N ALA Q 562 -77.94 -3.94 -101.12
CA ALA Q 562 -78.03 -2.69 -101.87
C ALA Q 562 -77.97 -2.95 -103.36
N GLN Q 563 -77.09 -3.86 -103.78
CA GLN Q 563 -76.99 -4.18 -105.21
C GLN Q 563 -78.18 -5.00 -105.67
N ALA Q 564 -78.69 -5.88 -104.81
CA ALA Q 564 -79.80 -6.73 -105.22
C ALA Q 564 -81.06 -5.91 -105.48
N ASN Q 565 -81.30 -4.90 -104.66
CA ASN Q 565 -82.47 -4.04 -104.89
C ASN Q 565 -82.37 -3.32 -106.21
N SER Q 566 -81.17 -2.91 -106.60
CA SER Q 566 -80.95 -2.15 -107.81
C SER Q 566 -80.80 -3.03 -109.05
N SER Q 567 -80.65 -4.34 -108.88
CA SER Q 567 -80.41 -5.23 -110.00
C SER Q 567 -81.53 -5.25 -111.03
N GLN Q 568 -82.62 -4.53 -110.82
CA GLN Q 568 -83.75 -4.56 -111.75
C GLN Q 568 -83.88 -3.29 -112.57
N GLN Q 569 -82.98 -2.31 -112.40
CA GLN Q 569 -83.09 -1.07 -113.14
C GLN Q 569 -82.98 -1.28 -114.65
N ASN Q 570 -82.28 -2.33 -115.08
CA ASN Q 570 -82.01 -2.50 -116.50
C ASN Q 570 -83.27 -2.79 -117.31
N VAL Q 571 -84.37 -3.13 -116.65
CA VAL Q 571 -85.61 -3.39 -117.39
C VAL Q 571 -86.12 -2.11 -118.03
N LEU Q 572 -85.91 -0.97 -117.39
CA LEU Q 572 -86.44 0.28 -117.92
C LEU Q 572 -85.89 0.60 -119.30
N ARG Q 573 -84.71 0.10 -119.62
CA ARG Q 573 -84.16 0.34 -120.96
C ARG Q 573 -84.98 -0.34 -122.03
N LEU Q 574 -85.65 -1.45 -121.69
CA LEU Q 574 -86.56 -2.08 -122.64
C LEU Q 574 -87.77 -1.20 -122.89
N LEU Q 575 -88.33 -0.62 -121.83
CA LEU Q 575 -89.60 0.07 -121.95
C LEU Q 575 -89.44 1.45 -122.58
N GLN Q 576 -88.42 2.20 -122.15
CA GLN Q 576 -88.21 3.56 -122.64
C GLN Q 576 -88.15 3.64 -124.16
N PHE R 3 -29.42 -19.89 -54.94
CA PHE R 3 -30.09 -18.63 -55.22
C PHE R 3 -31.57 -18.74 -54.95
N ARG R 4 -32.01 -19.95 -54.61
CA ARG R 4 -33.41 -20.20 -54.28
C ARG R 4 -33.65 -19.85 -52.83
N ILE R 5 -34.67 -19.05 -52.58
CA ILE R 5 -35.00 -18.62 -51.24
C ILE R 5 -36.12 -19.51 -50.72
N ASN R 6 -36.44 -19.33 -49.44
CA ASN R 6 -37.36 -20.09 -48.57
C ASN R 6 -36.72 -21.35 -47.99
N THR R 7 -35.49 -21.67 -48.34
CA THR R 7 -34.77 -22.74 -47.67
C THR R 7 -33.31 -22.34 -47.48
N ASN R 8 -33.08 -21.16 -46.90
CA ASN R 8 -31.74 -20.67 -46.64
C ASN R 8 -30.89 -21.74 -45.95
N VAL R 9 -29.82 -22.18 -46.60
CA VAL R 9 -28.98 -23.26 -46.08
C VAL R 9 -27.79 -22.71 -45.30
N ALA R 10 -27.26 -21.57 -45.73
CA ALA R 10 -26.18 -20.96 -44.98
C ALA R 10 -26.62 -20.60 -43.57
N ALA R 11 -27.90 -20.23 -43.42
CA ALA R 11 -28.42 -19.92 -42.09
C ALA R 11 -28.38 -21.16 -41.20
N LEU R 12 -28.83 -22.30 -41.72
CA LEU R 12 -28.86 -23.51 -40.92
C LEU R 12 -27.46 -23.99 -40.59
N ASN R 13 -26.55 -23.91 -41.55
CA ASN R 13 -25.17 -24.31 -41.30
C ASN R 13 -24.54 -23.42 -40.21
N ALA R 14 -24.68 -22.11 -40.35
CA ALA R 14 -24.13 -21.21 -39.35
C ALA R 14 -24.76 -21.43 -37.99
N LYS R 15 -26.07 -21.71 -37.94
CA LYS R 15 -26.71 -21.96 -36.66
C LYS R 15 -26.18 -23.21 -36.01
N ALA R 16 -26.00 -24.28 -36.79
CA ALA R 16 -25.44 -25.51 -36.23
C ALA R 16 -24.06 -25.25 -35.65
N ASN R 17 -23.19 -24.58 -36.40
CA ASN R 17 -21.85 -24.32 -35.90
C ASN R 17 -21.86 -23.45 -34.65
N SER R 18 -22.68 -22.41 -34.66
CA SER R 18 -22.72 -21.50 -33.53
C SER R 18 -23.24 -22.18 -32.28
N ASP R 19 -24.22 -23.07 -32.43
CA ASP R 19 -24.72 -23.80 -31.27
C ASP R 19 -23.66 -24.76 -30.75
N LEU R 20 -22.98 -25.46 -31.66
CA LEU R 20 -21.91 -26.36 -31.24
C LEU R 20 -20.83 -25.61 -30.50
N ASN R 21 -20.61 -24.33 -30.83
CA ASN R 21 -19.60 -23.57 -30.11
C ASN R 21 -20.13 -23.06 -28.77
N ALA R 22 -21.39 -22.63 -28.73
CA ALA R 22 -21.98 -22.17 -27.48
C ALA R 22 -21.99 -23.28 -26.45
N LYS R 23 -22.13 -24.53 -26.88
CA LYS R 23 -22.04 -25.64 -25.94
C LYS R 23 -20.69 -25.63 -25.22
N SER R 24 -19.59 -25.53 -25.97
CA SER R 24 -18.27 -25.54 -25.34
C SER R 24 -18.01 -24.27 -24.53
N LEU R 25 -18.54 -23.13 -24.98
CA LEU R 25 -18.41 -21.93 -24.17
C LEU R 25 -19.07 -22.11 -22.82
N ASP R 26 -20.30 -22.64 -22.82
CA ASP R 26 -21.00 -22.89 -21.56
C ASP R 26 -20.22 -23.87 -20.69
N ALA R 27 -19.69 -24.93 -21.29
CA ALA R 27 -18.92 -25.90 -20.51
C ALA R 27 -17.72 -25.25 -19.85
N SER R 28 -16.95 -24.48 -20.62
CA SER R 28 -15.77 -23.83 -20.07
C SER R 28 -16.15 -22.83 -18.98
N LEU R 29 -17.26 -22.12 -19.15
CA LEU R 29 -17.68 -21.18 -18.13
C LEU R 29 -18.09 -21.90 -16.85
N SER R 30 -18.78 -23.04 -16.97
CA SER R 30 -19.15 -23.80 -15.78
C SER R 30 -17.91 -24.31 -15.06
N ARG R 31 -16.91 -24.75 -15.82
CA ARG R 31 -15.66 -25.17 -15.18
C ARG R 31 -15.00 -24.01 -14.48
N LEU R 32 -14.94 -22.85 -15.13
CA LEU R 32 -14.35 -21.67 -14.51
C LEU R 32 -15.07 -21.28 -13.23
N SER R 33 -16.39 -21.48 -13.18
CA SER R 33 -17.15 -21.15 -11.99
C SER R 33 -16.89 -22.14 -10.87
N SER R 34 -17.15 -23.43 -11.13
CA SER R 34 -17.08 -24.41 -10.05
C SER R 34 -15.66 -24.66 -9.58
N GLY R 35 -14.67 -24.44 -10.43
CA GLY R 35 -13.30 -24.69 -10.06
C GLY R 35 -12.84 -26.11 -10.24
N LEU R 36 -13.70 -27.00 -10.71
CA LEU R 36 -13.36 -28.39 -10.92
C LEU R 36 -13.34 -28.71 -12.41
N ARG R 37 -12.47 -29.63 -12.81
CA ARG R 37 -12.40 -30.01 -14.22
C ARG R 37 -13.41 -31.10 -14.58
N ILE R 38 -13.90 -31.84 -13.60
CA ILE R 38 -14.91 -32.87 -13.83
C ILE R 38 -16.08 -32.55 -12.92
N ASN R 39 -17.11 -31.93 -13.49
CA ASN R 39 -18.29 -31.51 -12.75
C ASN R 39 -19.41 -32.54 -12.85
N SER R 40 -19.87 -32.80 -14.06
CA SER R 40 -21.01 -33.68 -14.29
C SER R 40 -20.64 -35.15 -14.28
N ALA R 41 -19.35 -35.47 -14.17
CA ALA R 41 -18.87 -36.85 -14.23
C ALA R 41 -19.26 -37.55 -15.52
N ALA R 42 -19.67 -36.78 -16.52
CA ALA R 42 -19.97 -37.29 -17.85
C ALA R 42 -18.85 -37.04 -18.83
N ASP R 43 -17.74 -36.47 -18.38
CA ASP R 43 -16.60 -36.20 -19.23
C ASP R 43 -15.39 -37.06 -18.89
N ASP R 44 -15.32 -37.63 -17.69
CA ASP R 44 -14.23 -38.55 -17.35
C ASP R 44 -14.73 -39.51 -16.29
N ALA R 45 -15.16 -40.70 -16.71
CA ALA R 45 -15.70 -41.69 -15.78
C ALA R 45 -14.62 -42.23 -14.85
N SER R 46 -13.54 -42.76 -15.41
CA SER R 46 -12.47 -43.29 -14.58
C SER R 46 -11.79 -42.18 -13.79
N GLY R 47 -11.72 -40.98 -14.37
CA GLY R 47 -11.24 -39.86 -13.60
C GLY R 47 -12.07 -39.62 -12.36
N MET R 48 -13.39 -39.63 -12.51
CA MET R 48 -14.28 -39.47 -11.37
C MET R 48 -14.06 -40.60 -10.36
N ALA R 49 -13.92 -41.82 -10.84
CA ALA R 49 -13.77 -42.95 -9.93
C ALA R 49 -12.48 -42.85 -9.12
N ILE R 50 -11.36 -42.61 -9.79
CA ILE R 50 -10.09 -42.51 -9.10
C ILE R 50 -10.09 -41.31 -8.16
N ALA R 51 -10.70 -40.20 -8.58
CA ALA R 51 -10.74 -39.02 -7.73
C ALA R 51 -11.58 -39.26 -6.50
N ASP R 52 -12.70 -39.98 -6.64
CA ASP R 52 -13.52 -40.27 -5.48
C ASP R 52 -12.81 -41.22 -4.53
N SER R 53 -12.11 -42.22 -5.07
CA SER R 53 -11.33 -43.10 -4.20
C SER R 53 -10.26 -42.32 -3.45
N LEU R 54 -9.56 -41.41 -4.15
CA LEU R 54 -8.51 -40.65 -3.49
C LEU R 54 -9.08 -39.69 -2.46
N ARG R 55 -10.24 -39.10 -2.74
CA ARG R 55 -10.87 -38.23 -1.75
C ARG R 55 -11.29 -39.02 -0.51
N SER R 56 -11.86 -40.20 -0.71
CA SER R 56 -12.19 -41.05 0.43
C SER R 56 -10.95 -41.38 1.24
N GLN R 57 -9.86 -41.74 0.57
CA GLN R 57 -8.64 -42.09 1.31
C GLN R 57 -8.07 -40.88 2.03
N ALA R 58 -8.11 -39.70 1.42
CA ALA R 58 -7.59 -38.52 2.08
C ALA R 58 -8.40 -38.16 3.30
N ASN R 59 -9.73 -38.25 3.21
CA ASN R 59 -10.56 -37.99 4.39
C ASN R 59 -10.33 -39.02 5.47
N THR R 60 -10.18 -40.29 5.09
CA THR R 60 -9.93 -41.33 6.08
C THR R 60 -8.61 -41.09 6.79
N LEU R 61 -7.58 -40.70 6.05
CA LEU R 61 -6.29 -40.42 6.70
C LEU R 61 -6.38 -39.17 7.57
N GLY R 62 -7.15 -38.18 7.14
CA GLY R 62 -7.34 -37.00 7.96
C GLY R 62 -8.01 -37.31 9.28
N GLN R 63 -8.96 -38.25 9.28
CA GLN R 63 -9.57 -38.66 10.54
C GLN R 63 -8.65 -39.58 11.34
N ALA R 64 -7.83 -40.38 10.66
CA ALA R 64 -6.89 -41.22 11.37
C ALA R 64 -5.85 -40.39 12.10
N ILE R 65 -5.50 -39.23 11.56
CA ILE R 65 -4.59 -38.34 12.28
C ILE R 65 -5.19 -37.94 13.63
N SER R 66 -6.48 -37.62 13.64
CA SER R 66 -7.12 -37.27 14.90
C SER R 66 -7.19 -38.47 15.84
N ASN R 67 -7.44 -39.66 15.30
CA ASN R 67 -7.41 -40.85 16.14
C ASN R 67 -6.04 -41.04 16.78
N GLY R 68 -4.98 -40.82 16.01
CA GLY R 68 -3.64 -40.94 16.56
C GLY R 68 -3.36 -39.90 17.62
N ASN R 69 -3.82 -38.67 17.41
CA ASN R 69 -3.64 -37.64 18.42
C ASN R 69 -4.38 -37.98 19.70
N ASP R 70 -5.58 -38.55 19.59
CA ASP R 70 -6.30 -38.97 20.80
C ASP R 70 -5.57 -40.10 21.51
N ALA R 71 -5.01 -41.04 20.75
CA ALA R 71 -4.20 -42.09 21.36
C ALA R 71 -3.01 -41.50 22.11
N LEU R 72 -2.34 -40.52 21.51
CA LEU R 72 -1.24 -39.86 22.20
C LEU R 72 -1.73 -39.19 23.47
N GLY R 73 -2.88 -38.54 23.43
CA GLY R 73 -3.40 -37.90 24.63
C GLY R 73 -3.62 -38.88 25.75
N ILE R 74 -4.28 -40.00 25.45
CA ILE R 74 -4.55 -41.00 26.47
C ILE R 74 -3.26 -41.56 27.04
N LEU R 75 -2.32 -41.93 26.16
CA LEU R 75 -1.10 -42.55 26.63
C LEU R 75 -0.25 -41.57 27.43
N GLN R 76 -0.20 -40.31 27.03
CA GLN R 76 0.53 -39.32 27.79
C GLN R 76 -0.09 -39.10 29.17
N THR R 77 -1.42 -39.06 29.22
CA THR R 77 -2.09 -38.96 30.51
C THR R 77 -1.64 -40.08 31.44
N ALA R 78 -1.76 -41.33 30.96
CA ALA R 78 -1.40 -42.46 31.80
C ALA R 78 0.07 -42.40 32.22
N ASP R 79 0.95 -42.10 31.27
CA ASP R 79 2.39 -42.08 31.56
C ASP R 79 2.71 -41.04 32.61
N LYS R 80 2.33 -39.79 32.37
CA LYS R 80 2.59 -38.74 33.34
C LYS R 80 1.91 -39.00 34.68
N ALA R 81 0.86 -39.83 34.70
CA ALA R 81 0.27 -40.19 35.99
C ALA R 81 1.09 -41.24 36.73
N MET R 82 1.80 -42.10 36.01
CA MET R 82 2.59 -43.13 36.69
C MET R 82 3.72 -42.54 37.54
N ASP R 83 4.11 -41.30 37.26
CA ASP R 83 5.28 -40.73 37.91
C ASP R 83 5.08 -40.59 39.42
N GLU R 84 3.88 -40.17 39.84
CA GLU R 84 3.64 -40.03 41.25
C GLU R 84 3.63 -41.36 41.96
N GLN R 85 3.14 -42.41 41.31
CA GLN R 85 3.24 -43.74 41.90
C GLN R 85 4.68 -44.15 42.07
N LEU R 86 5.53 -43.83 41.09
CA LEU R 86 6.95 -44.14 41.23
C LEU R 86 7.56 -43.43 42.43
N LYS R 87 7.27 -42.14 42.57
CA LYS R 87 7.83 -41.39 43.70
C LYS R 87 7.29 -41.91 45.03
N ILE R 88 6.03 -42.30 45.07
CA ILE R 88 5.46 -42.82 46.31
C ILE R 88 6.13 -44.14 46.68
N LEU R 89 6.38 -45.00 45.70
CA LEU R 89 7.08 -46.24 46.00
C LEU R 89 8.48 -45.97 46.51
N ASP R 90 9.17 -45.00 45.91
CA ASP R 90 10.49 -44.64 46.41
C ASP R 90 10.41 -44.22 47.87
N THR R 91 9.42 -43.39 48.21
CA THR R 91 9.27 -42.93 49.58
C THR R 91 8.97 -44.10 50.51
N ILE R 92 8.15 -45.04 50.06
CA ILE R 92 7.85 -46.22 50.88
C ILE R 92 9.12 -46.98 51.20
N LYS R 93 9.96 -47.20 50.18
CA LYS R 93 11.21 -47.91 50.40
C LYS R 93 12.10 -47.16 51.37
N THR R 94 12.17 -45.83 51.23
CA THR R 94 13.00 -45.05 52.13
C THR R 94 12.49 -45.14 53.57
N LYS R 95 11.17 -45.13 53.76
CA LYS R 95 10.63 -45.23 55.11
C LYS R 95 10.88 -46.60 55.70
N ALA R 96 10.74 -47.65 54.90
CA ALA R 96 11.06 -48.99 55.39
C ALA R 96 12.51 -49.07 55.81
N THR R 97 13.41 -48.48 55.03
CA THR R 97 14.82 -48.46 55.42
C THR R 97 15.01 -47.69 56.71
N GLN R 98 14.29 -46.57 56.87
CA GLN R 98 14.41 -45.78 58.09
C GLN R 98 13.95 -46.57 59.31
N ALA R 99 12.92 -47.38 59.16
CA ALA R 99 12.42 -48.17 60.27
C ALA R 99 13.18 -49.46 60.47
N ALA R 100 14.02 -49.84 59.52
CA ALA R 100 14.82 -51.06 59.63
C ALA R 100 16.04 -50.89 60.53
N GLN R 101 16.11 -49.82 61.31
CA GLN R 101 17.16 -49.67 62.31
C GLN R 101 16.60 -50.01 63.67
N ASP R 102 17.46 -50.48 64.55
CA ASP R 102 17.02 -50.90 65.87
C ASP R 102 17.35 -49.87 66.95
N GLY R 103 17.43 -48.60 66.57
CA GLY R 103 17.43 -47.53 67.54
C GLY R 103 16.05 -46.93 67.64
N GLN R 104 15.07 -47.65 67.10
CA GLN R 104 13.69 -47.18 67.02
C GLN R 104 12.80 -48.17 67.75
N SER R 105 11.83 -47.65 68.50
CA SER R 105 10.96 -48.52 69.26
C SER R 105 9.72 -48.87 68.44
N LEU R 106 8.86 -49.69 69.06
CA LEU R 106 7.64 -50.13 68.39
C LEU R 106 6.73 -48.96 68.07
N LYS R 107 6.69 -47.94 68.93
CA LYS R 107 5.84 -46.79 68.65
C LYS R 107 6.31 -46.03 67.42
N THR R 108 7.61 -45.84 67.29
CA THR R 108 8.12 -45.13 66.12
C THR R 108 7.91 -45.96 64.85
N ARG R 109 8.21 -47.26 64.92
CA ARG R 109 7.88 -48.11 63.77
C ARG R 109 6.40 -48.06 63.44
N THR R 110 5.55 -47.90 64.45
CA THR R 110 4.12 -47.83 64.22
C THR R 110 3.76 -46.54 63.49
N MET R 111 4.40 -45.44 63.86
CA MET R 111 4.21 -44.20 63.09
C MET R 111 4.63 -44.39 61.64
N LEU R 112 5.77 -45.04 61.42
CA LEU R 112 6.22 -45.32 60.05
C LEU R 112 5.17 -46.12 59.29
N GLN R 113 4.62 -47.16 59.92
CA GLN R 113 3.63 -47.99 59.25
C GLN R 113 2.35 -47.21 58.97
N ALA R 114 1.92 -46.38 59.91
CA ALA R 114 0.73 -45.58 59.68
C ALA R 114 0.93 -44.60 58.55
N ASP R 115 2.17 -44.16 58.34
CA ASP R 115 2.43 -43.27 57.20
C ASP R 115 2.41 -44.05 55.90
N ILE R 116 3.06 -45.22 55.88
CA ILE R 116 3.07 -46.04 54.68
C ILE R 116 1.66 -46.42 54.28
N ASN R 117 0.78 -46.62 55.25
CA ASN R 117 -0.61 -46.93 54.95
C ASN R 117 -1.25 -45.84 54.09
N LYS R 118 -1.10 -44.58 54.51
CA LYS R 118 -1.69 -43.48 53.77
C LYS R 118 -1.04 -43.34 52.40
N LEU R 119 0.27 -43.55 52.31
CA LEU R 119 0.94 -43.44 51.02
C LEU R 119 0.41 -44.50 50.04
N MET R 120 0.26 -45.73 50.52
CA MET R 120 -0.27 -46.78 49.66
C MET R 120 -1.74 -46.53 49.31
N GLU R 121 -2.49 -45.95 50.24
CA GLU R 121 -3.86 -45.52 49.94
C GLU R 121 -3.85 -44.52 48.79
N GLU R 122 -2.89 -43.60 48.79
CA GLU R 122 -2.79 -42.64 47.70
C GLU R 122 -2.45 -43.34 46.39
N LEU R 123 -1.54 -44.30 46.43
CA LEU R 123 -1.21 -45.06 45.23
C LEU R 123 -2.46 -45.70 44.64
N ASP R 124 -3.23 -46.39 45.49
CA ASP R 124 -4.49 -46.97 45.05
C ASP R 124 -5.44 -45.92 44.49
N ASN R 125 -5.48 -44.74 45.11
CA ASN R 125 -6.37 -43.70 44.63
C ASN R 125 -5.98 -43.24 43.24
N ILE R 126 -4.68 -43.05 42.99
CA ILE R 126 -4.22 -42.69 41.66
C ILE R 126 -4.64 -43.74 40.65
N ALA R 127 -4.37 -45.02 40.98
CA ALA R 127 -4.71 -46.11 40.07
C ALA R 127 -6.19 -46.11 39.73
N ASN R 128 -7.05 -46.19 40.74
CA ASN R 128 -8.49 -46.23 40.54
C ASN R 128 -9.07 -44.89 40.10
N THR R 129 -8.27 -43.84 40.02
CA THR R 129 -8.79 -42.53 39.66
C THR R 129 -8.52 -42.14 38.23
N THR R 130 -7.28 -42.24 37.76
CA THR R 130 -6.95 -41.72 36.43
C THR R 130 -7.87 -42.30 35.37
N SER R 131 -8.49 -41.43 34.59
CA SER R 131 -9.48 -41.85 33.59
C SER R 131 -9.64 -40.77 32.54
N PHE R 132 -9.94 -41.20 31.32
CA PHE R 132 -10.09 -40.24 30.22
C PHE R 132 -11.49 -39.62 30.19
N ASN R 133 -12.50 -40.43 29.89
CA ASN R 133 -13.89 -40.00 29.98
C ASN R 133 -14.74 -41.13 30.53
N GLY R 134 -14.23 -41.76 31.59
CA GLY R 134 -14.81 -42.96 32.16
C GLY R 134 -13.95 -44.18 31.94
N LYS R 135 -13.16 -44.20 30.87
CA LYS R 135 -12.24 -45.30 30.62
C LYS R 135 -11.13 -45.22 31.64
N GLN R 136 -11.22 -46.04 32.68
CA GLN R 136 -10.15 -46.11 33.66
C GLN R 136 -8.88 -46.63 33.00
N LEU R 137 -7.82 -45.85 33.07
CA LEU R 137 -6.58 -46.21 32.37
C LEU R 137 -5.72 -47.12 33.23
N LEU R 138 -5.34 -46.65 34.41
CA LEU R 138 -4.37 -47.36 35.25
C LEU R 138 -5.07 -48.22 36.29
N SER R 139 -5.90 -49.15 35.81
CA SER R 139 -6.61 -50.02 36.73
C SER R 139 -6.54 -51.48 36.29
N GLY R 140 -6.30 -51.71 35.01
CA GLY R 140 -6.21 -53.06 34.47
C GLY R 140 -7.33 -53.41 33.52
N ASN R 141 -8.18 -52.45 33.16
CA ASN R 141 -9.26 -52.68 32.20
C ASN R 141 -9.06 -51.89 30.92
N PHE R 142 -7.83 -51.56 30.58
CA PHE R 142 -7.49 -50.88 29.34
C PHE R 142 -6.68 -51.79 28.43
N THR R 143 -7.12 -53.04 28.32
CA THR R 143 -6.39 -54.06 27.60
C THR R 143 -6.97 -54.25 26.20
N ASN R 144 -6.09 -54.41 25.23
CA ASN R 144 -6.48 -54.70 23.85
C ASN R 144 -7.42 -53.62 23.30
N GLN R 145 -6.98 -52.37 23.38
CA GLN R 145 -7.74 -51.26 22.84
C GLN R 145 -7.10 -50.80 21.53
N GLU R 146 -7.94 -50.59 20.53
CA GLU R 146 -7.49 -50.28 19.18
C GLU R 146 -7.62 -48.79 18.89
N PHE R 147 -6.94 -48.36 17.83
CA PHE R 147 -6.99 -46.98 17.38
C PHE R 147 -6.77 -47.00 15.86
N GLN R 148 -7.86 -46.93 15.12
CA GLN R 148 -7.78 -47.01 13.67
C GLN R 148 -6.93 -45.87 13.12
N ILE R 149 -5.82 -46.22 12.48
CA ILE R 149 -4.90 -45.23 11.93
C ILE R 149 -4.56 -45.54 10.47
N GLY R 150 -5.49 -46.15 9.74
CA GLY R 150 -5.22 -46.57 8.39
C GLY R 150 -6.32 -46.16 7.43
N ALA R 151 -5.94 -46.03 6.17
CA ALA R 151 -6.90 -45.70 5.13
C ALA R 151 -7.87 -46.85 4.88
N SER R 152 -7.42 -48.08 5.04
CA SER R 152 -8.24 -49.25 4.81
C SER R 152 -8.91 -49.66 6.13
N SER R 153 -9.45 -50.89 6.18
CA SER R 153 -10.36 -51.26 7.24
C SER R 153 -9.66 -51.45 8.57
N ASN R 154 -8.74 -52.40 8.66
CA ASN R 154 -8.27 -52.90 9.94
C ASN R 154 -6.80 -52.60 10.21
N GLN R 155 -6.37 -51.39 9.90
CA GLN R 155 -5.10 -50.92 10.43
C GLN R 155 -5.32 -50.30 11.79
N THR R 156 -4.45 -50.63 12.74
CA THR R 156 -4.67 -50.16 14.10
C THR R 156 -3.44 -50.38 14.94
N VAL R 157 -3.35 -49.63 16.02
CA VAL R 157 -2.39 -49.87 17.08
C VAL R 157 -3.14 -50.36 18.31
N LYS R 158 -2.44 -51.04 19.20
CA LYS R 158 -3.08 -51.70 20.33
C LYS R 158 -2.37 -51.32 21.62
N ALA R 159 -3.15 -50.95 22.63
CA ALA R 159 -2.63 -50.54 23.93
C ALA R 159 -3.15 -51.50 24.98
N THR R 160 -2.25 -52.00 25.82
CA THR R 160 -2.60 -53.01 26.81
C THR R 160 -1.96 -52.65 28.15
N ILE R 161 -2.16 -51.42 28.60
CA ILE R 161 -1.62 -50.94 29.87
C ILE R 161 -1.99 -51.90 30.99
N GLY R 162 -0.99 -52.43 31.68
CA GLY R 162 -1.22 -53.37 32.75
C GLY R 162 -1.89 -52.72 33.95
N ALA R 163 -2.14 -53.54 34.97
CA ALA R 163 -2.78 -53.09 36.19
C ALA R 163 -1.74 -52.55 37.16
N THR R 164 -2.12 -51.53 37.92
CA THR R 164 -1.17 -50.86 38.80
C THR R 164 -1.77 -50.55 40.17
N GLN R 165 -2.72 -51.35 40.63
CA GLN R 165 -3.17 -51.22 42.00
C GLN R 165 -2.04 -51.57 42.96
N SER R 166 -2.29 -51.40 44.25
CA SER R 166 -1.28 -51.77 45.22
C SER R 166 -1.37 -53.21 45.63
N SER R 167 -2.38 -53.94 45.16
CA SER R 167 -2.51 -55.35 45.44
C SER R 167 -1.94 -56.23 44.34
N LYS R 168 -1.42 -55.62 43.27
CA LYS R 168 -0.99 -56.37 42.11
C LYS R 168 0.39 -56.02 41.59
N ILE R 169 1.12 -55.09 42.22
CA ILE R 169 2.38 -54.67 41.62
C ILE R 169 3.56 -55.38 42.27
N GLY R 170 3.80 -55.13 43.55
CA GLY R 170 4.99 -55.67 44.16
C GLY R 170 4.71 -56.97 44.86
N VAL R 171 4.98 -58.09 44.19
CA VAL R 171 4.67 -59.42 44.70
C VAL R 171 5.94 -60.25 44.62
N THR R 172 6.69 -60.29 45.71
CA THR R 172 7.95 -61.01 45.74
C THR R 172 7.70 -62.47 46.12
N ARG R 173 8.79 -63.23 46.21
CA ARG R 173 8.73 -64.67 46.51
C ARG R 173 9.78 -64.99 47.55
N PHE R 174 9.33 -65.35 48.74
CA PHE R 174 10.24 -65.74 49.81
C PHE R 174 10.30 -67.26 49.93
N GLU R 175 11.43 -67.75 50.41
CA GLU R 175 11.61 -69.17 50.71
C GLU R 175 12.50 -69.28 51.92
N THR R 176 12.44 -70.44 52.59
CA THR R 176 13.24 -70.67 53.78
C THR R 176 13.23 -72.16 54.10
N GLY R 177 14.42 -72.72 54.32
CA GLY R 177 14.54 -74.13 54.58
C GLY R 177 14.55 -74.47 56.05
N ALA R 178 14.43 -75.76 56.33
CA ALA R 178 14.45 -76.23 57.69
C ALA R 178 15.80 -76.00 58.33
N GLN R 179 15.87 -76.18 59.64
CA GLN R 179 17.11 -75.99 60.37
C GLN R 179 18.06 -77.14 60.05
N SER R 180 19.21 -76.81 59.47
CA SER R 180 20.12 -77.83 58.97
C SER R 180 21.06 -78.28 60.08
N PHE R 181 20.92 -79.53 60.48
CA PHE R 181 21.80 -80.12 61.49
C PHE R 181 22.95 -80.91 60.89
N THR R 182 22.99 -81.08 59.57
CA THR R 182 24.01 -81.89 58.92
C THR R 182 24.97 -80.99 58.14
N SER R 183 26.20 -81.47 58.02
CA SER R 183 27.26 -80.77 57.30
C SER R 183 27.53 -81.46 55.97
N GLY R 184 28.54 -80.97 55.28
CA GLY R 184 28.94 -81.56 54.01
C GLY R 184 29.04 -80.56 52.89
N VAL R 185 29.78 -80.91 51.84
CA VAL R 185 29.92 -80.01 50.70
C VAL R 185 28.61 -79.97 49.93
N VAL R 186 28.20 -78.77 49.53
CA VAL R 186 26.90 -78.55 48.91
C VAL R 186 27.09 -77.76 47.62
N GLY R 187 26.37 -78.16 46.59
CA GLY R 187 26.31 -77.37 45.37
C GLY R 187 24.88 -77.16 44.92
N LEU R 188 24.43 -75.91 44.89
CA LEU R 188 23.07 -75.64 44.49
C LEU R 188 22.93 -75.75 42.98
N THR R 189 21.68 -75.73 42.51
CA THR R 189 21.41 -75.61 41.09
C THR R 189 19.99 -75.05 40.94
N ILE R 190 19.91 -73.77 40.64
CA ILE R 190 18.63 -73.16 40.32
C ILE R 190 18.26 -73.53 38.89
N LYS R 191 17.05 -74.03 38.72
CA LYS R 191 16.59 -74.50 37.42
C LYS R 191 15.73 -73.44 36.76
N ASN R 192 15.80 -73.40 35.42
CA ASN R 192 15.04 -72.44 34.63
C ASN R 192 15.30 -71.01 35.10
N TYR R 193 16.54 -70.73 35.47
CA TYR R 193 16.88 -69.42 36.03
C TYR R 193 16.63 -68.30 35.03
N ASN R 194 16.58 -68.60 33.74
CA ASN R 194 16.36 -67.55 32.75
C ASN R 194 15.39 -67.94 31.66
N GLY R 195 14.70 -69.08 31.77
CA GLY R 195 13.74 -69.52 30.79
C GLY R 195 14.28 -70.54 29.82
N ILE R 196 15.59 -70.77 29.79
CA ILE R 196 16.16 -71.70 28.83
C ILE R 196 16.96 -72.80 29.54
N GLU R 197 18.01 -72.41 30.26
CA GLU R 197 18.94 -73.36 30.84
C GLU R 197 18.95 -73.23 32.35
N ASP R 198 19.76 -74.06 32.99
CA ASP R 198 19.90 -74.06 34.43
C ASP R 198 21.00 -73.10 34.86
N PHE R 199 21.26 -73.06 36.16
CA PHE R 199 22.34 -72.23 36.69
C PHE R 199 22.92 -72.95 37.90
N LYS R 200 24.16 -73.42 37.78
CA LYS R 200 24.80 -74.19 38.82
C LYS R 200 25.84 -73.33 39.53
N PHE R 201 25.80 -73.34 40.85
CA PHE R 201 26.81 -72.64 41.63
C PHE R 201 28.02 -73.54 41.83
N ASP R 202 29.02 -73.02 42.53
CA ASP R 202 30.16 -73.85 42.88
C ASP R 202 29.92 -74.52 44.23
N ASN R 203 30.60 -75.63 44.45
CA ASN R 203 30.47 -76.34 45.71
C ASN R 203 31.00 -75.49 46.85
N VAL R 204 30.29 -75.50 47.98
CA VAL R 204 30.63 -74.68 49.13
C VAL R 204 30.71 -75.57 50.36
N VAL R 205 31.81 -75.44 51.10
CA VAL R 205 31.99 -76.21 52.34
C VAL R 205 31.05 -75.64 53.38
N ILE R 206 30.83 -76.37 54.47
CA ILE R 206 29.84 -75.95 55.45
C ILE R 206 30.37 -75.87 56.87
N SER R 207 31.11 -76.89 57.31
CA SER R 207 30.98 -77.33 58.70
C SER R 207 31.22 -76.25 59.75
N THR R 208 32.46 -75.91 60.05
CA THR R 208 32.67 -74.95 61.14
C THR R 208 33.85 -74.01 60.94
N SER R 209 34.59 -74.09 59.84
CA SER R 209 35.78 -73.27 59.70
C SER R 209 35.40 -71.86 59.26
N VAL R 210 36.40 -70.99 59.19
CA VAL R 210 36.14 -69.57 58.94
C VAL R 210 35.47 -69.39 57.58
N GLY R 211 36.03 -69.97 56.53
CA GLY R 211 35.48 -69.79 55.22
C GLY R 211 34.45 -70.82 54.83
N THR R 212 33.69 -71.30 55.82
CA THR R 212 32.63 -72.26 55.55
C THR R 212 31.32 -71.78 56.14
N GLY R 213 30.24 -72.50 55.86
CA GLY R 213 28.97 -72.21 56.48
C GLY R 213 27.99 -71.48 55.60
N LEU R 214 26.82 -71.25 56.17
CA LEU R 214 25.77 -70.56 55.45
C LEU R 214 26.20 -69.14 55.09
N GLY R 215 27.15 -68.56 55.82
CA GLY R 215 27.69 -67.29 55.40
C GLY R 215 28.43 -67.38 54.08
N ALA R 216 29.27 -68.38 53.93
CA ALA R 216 29.96 -68.59 52.65
C ALA R 216 28.96 -68.88 51.54
N LEU R 217 27.94 -69.70 51.83
CA LEU R 217 26.95 -69.98 50.80
C LEU R 217 26.17 -68.74 50.41
N ALA R 218 25.85 -67.88 51.38
CA ALA R 218 25.14 -66.64 51.07
C ALA R 218 26.01 -65.71 50.24
N GLU R 219 27.30 -65.63 50.55
CA GLU R 219 28.22 -64.89 49.69
C GLU R 219 28.15 -65.42 48.27
N GLU R 220 28.30 -66.74 48.11
CA GLU R 220 28.35 -67.31 46.77
C GLU R 220 27.04 -67.10 46.01
N ILE R 221 25.91 -67.07 46.72
CA ILE R 221 24.64 -66.88 46.04
C ILE R 221 24.44 -65.42 45.67
N ASN R 222 24.69 -64.50 46.60
CA ASN R 222 24.49 -63.09 46.32
C ASN R 222 25.48 -62.57 45.29
N LYS R 223 26.64 -63.22 45.14
CA LYS R 223 27.57 -62.80 44.09
C LYS R 223 26.90 -62.83 42.72
N SER R 224 26.20 -63.92 42.42
CA SER R 224 25.49 -64.06 41.15
C SER R 224 24.03 -63.68 41.31
N ALA R 225 23.79 -62.46 41.78
CA ALA R 225 22.43 -62.01 42.01
C ALA R 225 21.79 -61.37 40.79
N ASP R 226 22.54 -60.62 40.00
CA ASP R 226 21.95 -59.90 38.89
C ASP R 226 21.46 -60.81 37.78
N LYS R 227 22.02 -62.02 37.68
CA LYS R 227 21.65 -62.91 36.59
C LYS R 227 20.59 -63.92 36.96
N THR R 228 20.46 -64.24 38.25
CA THR R 228 19.43 -65.17 38.69
C THR R 228 18.22 -64.49 39.30
N GLY R 229 18.41 -63.36 39.98
CA GLY R 229 17.31 -62.73 40.68
C GLY R 229 17.00 -63.36 42.01
N VAL R 230 17.99 -64.00 42.64
CA VAL R 230 17.78 -64.73 43.87
C VAL R 230 18.87 -64.27 44.84
N ARG R 231 18.54 -63.32 45.71
CA ARG R 231 19.44 -62.96 46.79
C ARG R 231 19.36 -64.02 47.88
N ALA R 232 20.14 -63.83 48.94
CA ALA R 232 20.16 -64.82 50.00
C ALA R 232 20.66 -64.19 51.29
N THR R 233 20.29 -64.81 52.40
CA THR R 233 20.74 -64.41 53.72
C THR R 233 20.71 -65.65 54.61
N TYR R 234 20.93 -65.46 55.91
CA TYR R 234 21.02 -66.59 56.81
C TYR R 234 20.66 -66.14 58.21
N ASP R 235 20.51 -67.12 59.10
CA ASP R 235 20.26 -66.84 60.52
C ASP R 235 20.67 -68.08 61.28
N VAL R 236 21.73 -67.99 62.06
CA VAL R 236 22.35 -69.14 62.70
C VAL R 236 22.27 -68.94 64.21
N LYS R 237 21.26 -69.54 64.84
CA LYS R 237 21.13 -69.47 66.29
C LYS R 237 20.74 -70.84 66.82
N THR R 238 21.18 -71.13 68.04
CA THR R 238 20.78 -72.32 68.76
C THR R 238 20.23 -71.84 70.10
N THR R 239 18.94 -71.53 70.13
CA THR R 239 18.28 -71.04 71.34
C THR R 239 17.61 -72.18 72.07
N GLY R 240 17.74 -72.18 73.38
CA GLY R 240 17.19 -73.24 74.19
C GLY R 240 15.70 -73.12 74.40
N VAL R 241 15.15 -74.10 75.12
CA VAL R 241 13.77 -74.08 75.57
C VAL R 241 13.79 -74.25 77.08
N TYR R 242 12.60 -74.10 77.70
CA TYR R 242 12.48 -74.21 79.15
C TYR R 242 13.55 -73.34 79.81
N ALA R 243 13.33 -72.02 79.78
CA ALA R 243 14.37 -71.00 79.67
C ALA R 243 15.71 -71.34 80.30
N ILE R 244 15.77 -71.62 81.60
CA ILE R 244 17.06 -71.98 82.20
C ILE R 244 16.85 -72.52 83.61
N LYS R 245 17.73 -73.43 84.02
CA LYS R 245 17.74 -73.95 85.38
C LYS R 245 19.17 -74.01 85.91
N GLU R 246 19.34 -74.62 87.08
CA GLU R 246 20.66 -74.74 87.70
C GLU R 246 21.31 -76.05 87.27
N GLY R 247 22.54 -75.97 86.77
CA GLY R 247 23.25 -77.16 86.33
C GLY R 247 24.69 -76.81 86.04
N THR R 248 25.43 -77.83 85.61
CA THR R 248 26.85 -77.69 85.30
C THR R 248 27.17 -78.32 83.96
N THR R 249 28.21 -77.82 83.32
CA THR R 249 28.70 -78.38 82.08
C THR R 249 29.77 -79.42 82.38
N SER R 250 29.92 -80.37 81.46
CA SER R 250 30.90 -81.43 81.64
C SER R 250 32.32 -80.88 81.52
N GLN R 251 33.26 -81.61 82.10
CA GLN R 251 34.65 -81.18 82.10
C GLN R 251 35.21 -81.03 80.70
N ASP R 252 34.63 -81.72 79.72
CA ASP R 252 35.09 -81.67 78.34
C ASP R 252 34.11 -80.91 77.45
N PHE R 253 33.38 -79.95 78.02
CA PHE R 253 32.46 -79.14 77.24
C PHE R 253 33.25 -78.24 76.31
N ALA R 254 33.03 -78.40 75.01
CA ALA R 254 33.71 -77.60 74.00
C ALA R 254 32.70 -77.14 72.98
N ILE R 255 33.06 -76.08 72.25
CA ILE R 255 32.17 -75.49 71.25
C ILE R 255 33.01 -75.10 70.04
N ASN R 256 32.55 -75.53 68.86
CA ASN R 256 33.24 -75.27 67.59
C ASN R 256 34.68 -75.77 67.60
N GLY R 257 35.02 -76.68 68.50
CA GLY R 257 36.32 -77.31 68.50
C GLY R 257 37.28 -76.84 69.58
N VAL R 258 36.97 -75.77 70.30
CA VAL R 258 37.83 -75.27 71.37
C VAL R 258 37.22 -75.66 72.71
N THR R 259 38.04 -76.19 73.60
CA THR R 259 37.57 -76.72 74.86
C THR R 259 37.38 -75.61 75.88
N ILE R 260 36.22 -75.60 76.53
CA ILE R 260 35.88 -74.54 77.48
C ILE R 260 36.12 -75.02 78.90
N GLY R 261 35.45 -76.10 79.29
CA GLY R 261 35.61 -76.66 80.61
C GLY R 261 34.32 -76.63 81.40
N LYS R 262 34.42 -77.02 82.66
CA LYS R 262 33.26 -77.15 83.52
C LYS R 262 32.84 -75.80 84.08
N ILE R 263 31.54 -75.50 83.99
CA ILE R 263 30.99 -74.23 84.47
C ILE R 263 29.74 -74.55 85.28
N GLU R 264 29.67 -74.05 86.50
CA GLU R 264 28.48 -74.18 87.33
C GLU R 264 27.68 -72.89 87.28
N TYR R 265 26.41 -72.99 86.89
CA TYR R 265 25.55 -71.83 86.77
C TYR R 265 24.34 -71.99 87.68
N LYS R 266 23.82 -70.85 88.13
CA LYS R 266 22.72 -70.83 89.07
C LYS R 266 21.39 -70.95 88.31
N ASP R 267 20.28 -70.72 89.01
CA ASP R 267 18.96 -70.97 88.43
C ASP R 267 18.70 -70.10 87.20
N GLY R 268 18.61 -68.79 87.39
CA GLY R 268 18.35 -67.91 86.27
C GLY R 268 19.63 -67.45 85.63
N ASP R 269 20.70 -68.20 85.85
CA ASP R 269 22.06 -67.78 85.47
C ASP R 269 22.38 -66.43 86.10
N GLY R 270 22.07 -66.29 87.39
CA GLY R 270 22.30 -65.04 88.08
C GLY R 270 23.74 -64.62 88.10
N ASN R 271 24.66 -65.58 88.04
CA ASN R 271 26.08 -65.24 88.00
C ASN R 271 26.48 -64.65 86.66
N GLY R 272 25.77 -64.99 85.60
CA GLY R 272 26.26 -64.64 84.28
C GLY R 272 27.54 -65.36 83.93
N SER R 273 27.93 -66.35 84.71
CA SER R 273 29.20 -67.04 84.51
C SER R 273 29.19 -67.86 83.23
N LEU R 274 28.06 -68.51 82.93
CA LEU R 274 27.97 -69.28 81.69
C LEU R 274 28.14 -68.37 80.48
N ILE R 275 27.42 -67.26 80.45
CA ILE R 275 27.52 -66.33 79.32
C ILE R 275 28.94 -65.78 79.21
N SER R 276 29.52 -65.37 80.34
CA SER R 276 30.86 -64.82 80.30
C SER R 276 31.89 -65.83 79.84
N ALA R 277 31.76 -67.09 80.27
CA ALA R 277 32.71 -68.11 79.87
C ALA R 277 32.58 -68.45 78.39
N ILE R 278 31.36 -68.57 77.88
CA ILE R 278 31.22 -68.86 76.46
C ILE R 278 31.68 -67.67 75.63
N ASN R 279 31.52 -66.46 76.15
CA ASN R 279 31.92 -65.28 75.39
C ASN R 279 33.41 -64.99 75.47
N ALA R 280 34.10 -65.54 76.47
CA ALA R 280 35.55 -65.34 76.56
C ALA R 280 36.29 -65.86 75.33
N VAL R 281 35.64 -66.63 74.47
CA VAL R 281 36.27 -67.15 73.27
C VAL R 281 35.43 -66.82 72.04
N LYS R 282 34.71 -65.69 72.10
CA LYS R 282 33.79 -65.37 71.01
C LYS R 282 34.52 -65.16 69.70
N ASP R 283 35.68 -64.50 69.72
CA ASP R 283 36.40 -64.20 68.50
C ASP R 283 37.28 -65.35 68.05
N THR R 284 37.29 -66.47 68.76
CA THR R 284 37.93 -67.69 68.30
C THR R 284 36.93 -68.71 67.77
N THR R 285 35.81 -68.89 68.48
CA THR R 285 34.77 -69.80 68.00
C THR R 285 33.95 -69.16 66.89
N GLY R 286 33.35 -68.01 67.17
CA GLY R 286 32.38 -67.43 66.27
C GLY R 286 30.99 -67.36 66.85
N VAL R 287 30.80 -67.75 68.10
CA VAL R 287 29.50 -67.72 68.76
C VAL R 287 29.50 -66.57 69.74
N GLN R 288 28.31 -66.02 69.98
CA GLN R 288 28.14 -64.89 70.88
C GLN R 288 27.03 -65.27 71.86
N ALA R 289 27.42 -65.81 73.01
CA ALA R 289 26.43 -66.24 73.99
C ALA R 289 25.75 -65.03 74.60
N SER R 290 24.42 -65.10 74.67
CA SER R 290 23.65 -64.03 75.28
C SER R 290 22.42 -64.66 75.92
N LYS R 291 21.68 -63.84 76.65
CA LYS R 291 20.54 -64.31 77.43
C LYS R 291 19.27 -63.65 76.90
N ASP R 292 18.32 -64.47 76.47
CA ASP R 292 17.05 -63.95 75.98
C ASP R 292 16.32 -63.24 77.10
N GLU R 293 15.27 -62.50 76.73
CA GLU R 293 14.52 -61.76 77.74
C GLU R 293 13.69 -62.70 78.61
N ASN R 294 13.17 -63.78 78.03
CA ASN R 294 12.42 -64.76 78.79
C ASN R 294 13.29 -65.64 79.66
N GLY R 295 14.59 -65.37 79.74
CA GLY R 295 15.50 -66.21 80.49
C GLY R 295 16.14 -67.32 79.70
N LYS R 296 15.70 -67.55 78.46
CA LYS R 296 16.29 -68.60 77.66
C LYS R 296 17.72 -68.25 77.27
N LEU R 297 18.48 -69.27 76.88
CA LEU R 297 19.86 -69.11 76.46
C LEU R 297 19.95 -69.19 74.94
N VAL R 298 20.51 -68.16 74.33
CA VAL R 298 20.63 -68.07 72.88
C VAL R 298 22.11 -68.07 72.51
N LEU R 299 22.47 -68.86 71.51
CA LEU R 299 23.84 -68.94 70.99
C LEU R 299 23.78 -68.55 69.53
N THR R 300 24.30 -67.38 69.20
CA THR R 300 24.23 -66.85 67.84
C THR R 300 25.62 -66.74 67.24
N SER R 301 25.70 -66.88 65.92
CA SER R 301 26.94 -66.76 65.18
C SER R 301 26.76 -65.72 64.10
N ALA R 302 27.59 -64.68 64.12
CA ALA R 302 27.40 -63.55 63.22
C ALA R 302 27.63 -63.95 61.76
N ASP R 303 28.84 -64.38 61.44
CA ASP R 303 29.20 -64.72 60.07
C ASP R 303 28.75 -66.12 59.65
N GLY R 304 27.91 -66.77 60.45
CA GLY R 304 27.36 -68.06 60.06
C GLY R 304 28.38 -69.16 59.84
N ARG R 305 29.13 -69.50 60.89
CA ARG R 305 30.07 -70.59 60.82
C ARG R 305 29.49 -71.92 61.28
N GLY R 306 28.29 -71.92 61.85
CA GLY R 306 27.72 -73.15 62.37
C GLY R 306 28.14 -73.42 63.79
N ILE R 307 27.18 -73.64 64.68
CA ILE R 307 27.46 -73.90 66.08
C ILE R 307 27.45 -75.41 66.30
N LYS R 308 28.50 -75.92 66.94
CA LYS R 308 28.59 -77.35 67.21
C LYS R 308 29.28 -77.52 68.56
N ILE R 309 28.51 -77.84 69.58
CA ILE R 309 29.06 -78.13 70.89
C ILE R 309 29.30 -79.63 70.99
N THR R 310 30.41 -80.01 71.60
CA THR R 310 30.82 -81.41 71.67
C THR R 310 30.51 -82.04 73.02
N GLY R 311 31.05 -81.48 74.10
CA GLY R 311 30.86 -82.05 75.41
C GLY R 311 29.43 -81.88 75.89
N ASP R 312 29.20 -82.37 77.10
CA ASP R 312 27.89 -82.25 77.74
C ASP R 312 27.70 -80.82 78.21
N ILE R 313 26.87 -80.06 77.50
CA ILE R 313 26.61 -78.68 77.90
C ILE R 313 25.88 -78.63 79.23
N GLY R 314 25.24 -79.71 79.62
CA GLY R 314 24.49 -79.73 80.86
C GLY R 314 23.03 -79.42 80.58
N VAL R 315 22.20 -80.46 80.64
CA VAL R 315 20.77 -80.25 80.41
C VAL R 315 20.21 -79.49 81.59
N GLY R 316 19.65 -78.32 81.32
CA GLY R 316 19.34 -77.36 82.36
C GLY R 316 19.67 -75.99 81.83
N SER R 317 20.54 -75.96 80.83
CA SER R 317 20.72 -74.76 80.02
C SER R 317 19.66 -74.64 78.94
N GLY R 318 18.87 -75.68 78.73
CA GLY R 318 17.80 -75.64 77.77
C GLY R 318 18.16 -76.09 76.38
N ILE R 319 19.41 -76.46 76.13
CA ILE R 319 19.86 -76.84 74.80
C ILE R 319 19.87 -78.37 74.76
N LEU R 320 18.89 -78.94 74.08
CA LEU R 320 18.72 -80.38 74.04
C LEU R 320 19.82 -81.02 73.20
N ALA R 321 19.92 -82.35 73.31
CA ALA R 321 20.90 -83.08 72.52
C ALA R 321 20.58 -83.07 71.03
N ASN R 322 19.39 -82.66 70.64
CA ASN R 322 19.05 -82.55 69.23
C ASN R 322 19.45 -81.21 68.63
N GLN R 323 20.16 -80.37 69.37
CA GLN R 323 20.62 -79.09 68.87
C GLN R 323 22.13 -78.93 68.96
N LYS R 324 22.83 -79.93 69.48
CA LYS R 324 24.28 -79.79 69.67
C LYS R 324 25.00 -79.61 68.35
N GLU R 325 24.36 -79.93 67.23
CA GLU R 325 24.96 -79.85 65.91
C GLU R 325 24.06 -78.97 65.05
N ASN R 326 24.41 -77.69 64.94
CA ASN R 326 23.55 -76.71 64.29
C ASN R 326 24.32 -75.97 63.20
N TYR R 327 23.62 -75.64 62.13
CA TYR R 327 24.22 -74.84 61.06
C TYR R 327 23.29 -73.72 60.58
N GLY R 328 22.17 -73.51 61.24
CA GLY R 328 21.30 -72.39 60.89
C GLY R 328 20.50 -72.64 59.63
N ARG R 329 19.70 -71.64 59.28
CA ARG R 329 18.81 -71.71 58.12
C ARG R 329 19.38 -70.91 56.96
N LEU R 330 18.71 -71.03 55.83
CA LEU R 330 18.95 -70.21 54.66
C LEU R 330 17.64 -69.54 54.25
N SER R 331 17.75 -68.35 53.68
CA SER R 331 16.57 -67.59 53.29
C SER R 331 16.83 -66.95 51.93
N LEU R 332 16.11 -67.40 50.91
CA LEU R 332 16.21 -66.80 49.60
C LEU R 332 15.06 -65.82 49.39
N VAL R 333 15.31 -64.81 48.57
CA VAL R 333 14.28 -63.82 48.24
C VAL R 333 14.35 -63.52 46.76
N LYS R 334 13.46 -64.13 45.99
CA LYS R 334 13.31 -63.74 44.59
C LYS R 334 12.34 -62.57 44.50
N ASN R 335 12.47 -61.79 43.43
CA ASN R 335 11.64 -60.62 43.23
C ASN R 335 10.75 -60.79 42.02
N ASP R 336 10.16 -61.97 41.86
CA ASP R 336 9.34 -62.26 40.70
C ASP R 336 8.00 -62.90 41.01
N GLY R 337 7.85 -63.57 42.15
CA GLY R 337 6.59 -64.22 42.46
C GLY R 337 6.45 -65.64 41.96
N ARG R 338 7.46 -66.17 41.28
CA ARG R 338 7.46 -67.56 40.83
C ARG R 338 8.30 -68.39 41.78
N ASP R 339 7.92 -69.66 41.93
CA ASP R 339 8.62 -70.54 42.86
C ASP R 339 10.08 -70.69 42.44
N ILE R 340 10.97 -70.76 43.42
CA ILE R 340 12.36 -71.05 43.13
C ILE R 340 12.53 -72.55 43.07
N ASN R 341 12.97 -73.05 41.91
CA ASN R 341 13.09 -74.48 41.68
C ASN R 341 14.52 -74.94 41.94
N ILE R 342 14.93 -74.82 43.19
CA ILE R 342 16.27 -75.24 43.58
C ILE R 342 16.32 -76.76 43.65
N SER R 343 17.29 -77.34 42.94
CA SER R 343 17.53 -78.78 43.01
C SER R 343 19.03 -79.00 42.82
N GLY R 344 19.75 -79.07 43.92
CA GLY R 344 21.20 -79.19 43.90
C GLY R 344 21.68 -80.61 43.85
N THR R 345 22.84 -80.85 44.45
CA THR R 345 23.46 -82.16 44.50
C THR R 345 23.46 -82.76 45.91
N ASN R 346 23.85 -81.99 46.91
CA ASN R 346 23.89 -82.45 48.30
C ASN R 346 23.15 -81.38 49.10
N LEU R 347 21.83 -81.51 49.18
CA LEU R 347 21.01 -80.41 49.66
C LEU R 347 20.70 -80.49 51.14
N SER R 348 20.70 -81.67 51.74
CA SER R 348 20.37 -81.77 53.16
C SER R 348 21.34 -81.00 54.04
N ALA R 349 22.45 -80.51 53.50
CA ALA R 349 23.36 -79.71 54.29
C ALA R 349 22.79 -78.34 54.60
N ILE R 350 21.87 -77.85 53.77
CA ILE R 350 21.25 -76.56 53.97
C ILE R 350 19.79 -76.68 54.39
N GLY R 351 19.34 -77.88 54.71
CA GLY R 351 17.95 -78.06 55.10
C GLY R 351 16.98 -77.84 53.98
N MET R 352 17.33 -78.25 52.76
CA MET R 352 16.43 -78.20 51.63
C MET R 352 16.45 -79.50 50.85
N GLY R 353 16.81 -80.59 51.52
CA GLY R 353 16.83 -81.88 50.88
C GLY R 353 15.44 -82.41 50.60
N THR R 354 15.39 -83.64 50.13
CA THR R 354 14.11 -84.27 49.82
C THR R 354 13.36 -84.74 51.06
N THR R 355 13.81 -84.36 52.26
CA THR R 355 13.15 -84.74 53.49
C THR R 355 13.10 -83.58 54.48
N ASP R 356 13.14 -82.35 53.98
CA ASP R 356 13.14 -81.15 54.80
C ASP R 356 11.85 -80.39 54.59
N MET R 357 11.28 -79.87 55.68
CA MET R 357 10.02 -79.13 55.64
C MET R 357 10.35 -77.66 55.47
N ILE R 358 10.27 -77.17 54.23
CA ILE R 358 10.57 -75.79 53.95
C ILE R 358 9.26 -75.01 53.81
N SER R 359 9.37 -73.68 53.79
CA SER R 359 8.21 -72.83 53.63
C SER R 359 8.48 -71.79 52.55
N GLN R 360 7.45 -71.49 51.77
CA GLN R 360 7.57 -70.52 50.69
C GLN R 360 6.25 -69.78 50.56
N SER R 361 6.31 -68.54 50.07
CA SER R 361 5.12 -67.71 49.99
C SER R 361 5.40 -66.51 49.09
N SER R 362 4.32 -65.87 48.65
CA SER R 362 4.40 -64.68 47.81
C SER R 362 3.55 -63.60 48.42
N VAL R 363 4.14 -62.43 48.66
CA VAL R 363 3.51 -61.35 49.41
C VAL R 363 3.44 -60.11 48.55
N SER R 364 2.29 -59.45 48.53
CA SER R 364 2.11 -58.21 47.80
C SER R 364 2.18 -57.03 48.78
N LEU R 365 2.12 -55.81 48.24
CA LEU R 365 2.14 -54.63 49.11
C LEU R 365 0.97 -54.65 50.09
N ARG R 366 -0.24 -54.88 49.58
CA ARG R 366 -1.40 -54.95 50.47
C ARG R 366 -1.21 -56.07 51.48
N GLU R 367 -0.86 -57.27 51.01
CA GLU R 367 -0.62 -58.39 51.92
C GLU R 367 0.42 -58.09 52.97
N SER R 368 1.31 -57.12 52.72
CA SER R 368 2.25 -56.70 53.74
C SER R 368 1.68 -55.62 54.65
N LYS R 369 0.74 -54.82 54.12
CA LYS R 369 0.19 -53.72 54.89
C LYS R 369 -0.55 -54.18 56.14
N GLY R 370 -0.94 -55.44 56.22
CA GLY R 370 -1.68 -55.97 57.34
C GLY R 370 -0.83 -56.86 58.23
N GLN R 371 -1.52 -57.62 59.07
CA GLN R 371 -0.85 -58.48 60.03
C GLN R 371 -0.23 -59.67 59.31
N ILE R 372 1.06 -59.91 59.57
CA ILE R 372 1.77 -60.99 58.90
C ILE R 372 1.31 -62.33 59.44
N SER R 373 0.77 -63.17 58.57
CA SER R 373 0.28 -64.48 58.98
C SER R 373 1.40 -65.31 59.58
N ALA R 374 1.02 -66.41 60.23
CA ALA R 374 2.00 -67.21 60.96
C ALA R 374 2.94 -67.95 60.02
N THR R 375 2.47 -68.28 58.82
CA THR R 375 3.32 -68.99 57.86
C THR R 375 4.17 -68.00 57.07
N ASN R 376 3.55 -66.90 56.63
CA ASN R 376 4.31 -65.84 56.00
C ASN R 376 5.42 -65.34 56.92
N ALA R 377 5.20 -65.39 58.23
CA ALA R 377 6.23 -64.99 59.17
C ALA R 377 7.47 -65.87 59.02
N ASP R 378 7.29 -67.18 59.00
CA ASP R 378 8.43 -68.07 58.84
C ASP R 378 9.05 -67.90 57.45
N ALA R 379 8.23 -67.64 56.44
CA ALA R 379 8.76 -67.46 55.10
C ALA R 379 9.66 -66.23 55.01
N MET R 380 9.28 -65.14 55.69
CA MET R 380 10.06 -63.91 55.59
C MET R 380 11.47 -64.10 56.13
N GLY R 381 11.61 -64.86 57.21
CA GLY R 381 12.91 -65.01 57.84
C GLY R 381 12.87 -64.81 59.34
N PHE R 382 11.67 -64.70 59.90
CA PHE R 382 11.52 -64.65 61.34
C PHE R 382 11.84 -66.00 61.96
N ASN R 383 11.78 -66.06 63.29
CA ASN R 383 11.62 -67.30 64.05
C ASN R 383 12.50 -68.44 63.53
N SER R 384 13.81 -68.32 63.71
CA SER R 384 14.76 -69.30 63.18
C SER R 384 14.30 -70.75 63.34
N TYR R 385 14.06 -71.19 64.57
CA TYR R 385 13.81 -72.60 64.82
C TYR R 385 12.39 -73.00 64.39
N LYS R 386 12.13 -72.87 63.09
CA LYS R 386 10.94 -73.42 62.45
C LYS R 386 9.66 -72.96 63.14
N GLY R 387 9.44 -71.66 63.09
CA GLY R 387 8.28 -71.12 63.80
C GLY R 387 8.57 -70.89 65.26
N GLY R 388 8.20 -69.71 65.73
CA GLY R 388 8.56 -69.30 67.06
C GLY R 388 7.93 -70.07 68.19
N GLY R 389 7.16 -71.10 67.90
CA GLY R 389 6.50 -71.85 68.95
C GLY R 389 7.41 -72.88 69.60
N LYS R 390 6.88 -74.06 69.85
CA LYS R 390 7.68 -75.12 70.42
C LYS R 390 8.73 -75.59 69.42
N PHE R 391 9.67 -76.37 69.90
CA PHE R 391 10.70 -76.97 69.05
C PHE R 391 10.20 -78.30 68.52
N VAL R 392 10.48 -78.57 67.24
CA VAL R 392 9.90 -79.70 66.53
C VAL R 392 10.97 -80.75 66.30
N PHE R 393 10.70 -81.98 66.74
CA PHE R 393 11.58 -83.11 66.55
C PHE R 393 11.08 -84.00 65.41
N THR R 394 11.83 -85.08 65.17
CA THR R 394 11.31 -86.21 64.40
C THR R 394 11.65 -87.53 65.07
N GLN R 395 11.90 -87.52 66.38
CA GLN R 395 12.34 -88.72 67.09
C GLN R 395 11.19 -89.72 67.17
N ASN R 396 11.43 -90.84 67.83
CA ASN R 396 10.52 -91.99 67.72
C ASN R 396 10.01 -92.45 69.08
N VAL R 397 9.54 -91.51 69.89
CA VAL R 397 9.09 -91.81 71.25
C VAL R 397 7.60 -91.55 71.35
N SER R 398 6.91 -92.40 72.11
CA SER R 398 5.48 -92.23 72.31
C SER R 398 5.17 -90.92 73.02
N SER R 399 5.87 -90.65 74.13
CA SER R 399 5.61 -89.47 74.92
C SER R 399 6.89 -88.96 75.56
N ILE R 400 6.81 -87.73 76.10
CA ILE R 400 7.94 -87.12 76.78
C ILE R 400 8.39 -87.97 77.95
N SER R 401 7.47 -88.71 78.57
CA SER R 401 7.82 -89.57 79.69
C SER R 401 8.92 -90.55 79.31
N ALA R 402 8.83 -91.11 78.10
CA ALA R 402 9.87 -92.03 77.63
C ALA R 402 10.98 -91.30 76.89
N PHE R 403 10.70 -90.14 76.32
CA PHE R 403 11.76 -89.35 75.69
C PHE R 403 12.80 -88.94 76.72
N MET R 404 12.38 -88.74 77.96
CA MET R 404 13.34 -88.45 79.02
C MET R 404 14.08 -89.70 79.45
N SER R 405 13.37 -90.83 79.54
CA SER R 405 13.99 -92.06 80.02
C SER R 405 15.01 -92.62 79.05
N ALA R 406 14.79 -92.43 77.75
CA ALA R 406 15.64 -93.05 76.75
C ALA R 406 17.07 -92.52 76.83
N GLN R 407 17.96 -93.21 76.13
CA GLN R 407 19.37 -92.87 76.13
C GLN R 407 19.60 -91.55 75.41
N GLY R 408 20.84 -91.10 75.40
CA GLY R 408 21.21 -89.89 74.67
C GLY R 408 20.87 -88.58 75.35
N SER R 409 19.65 -88.48 75.90
CA SER R 409 19.24 -87.26 76.57
C SER R 409 19.99 -87.10 77.88
N GLY R 410 19.64 -86.05 78.61
CA GLY R 410 20.27 -85.80 79.90
C GLY R 410 19.38 -86.15 81.07
N PHE R 411 18.31 -86.89 80.80
CA PHE R 411 17.32 -87.23 81.83
C PHE R 411 17.32 -88.72 82.16
N SER R 412 18.41 -89.43 81.87
CA SER R 412 18.47 -90.84 82.20
C SER R 412 18.41 -91.05 83.70
N ARG R 413 18.23 -92.31 84.10
CA ARG R 413 18.08 -92.63 85.51
C ARG R 413 19.31 -92.20 86.30
N GLY R 414 20.50 -92.33 85.72
CA GLY R 414 21.71 -91.92 86.42
C GLY R 414 21.78 -90.42 86.63
N SER R 415 21.49 -89.65 85.59
CA SER R 415 21.54 -88.19 85.71
C SER R 415 20.52 -87.71 86.73
N GLY R 416 20.76 -86.49 87.23
CA GLY R 416 19.92 -85.96 88.29
C GLY R 416 18.56 -85.46 87.83
N PHE R 417 18.41 -85.15 86.56
CA PHE R 417 17.16 -84.58 86.06
C PHE R 417 16.21 -85.63 85.54
N SER R 418 15.92 -86.65 86.33
CA SER R 418 14.93 -87.64 85.93
C SER R 418 13.53 -87.17 86.31
N VAL R 419 12.53 -87.83 85.74
CA VAL R 419 11.15 -87.50 86.08
C VAL R 419 10.92 -87.80 87.55
N GLY R 420 10.34 -86.84 88.26
CA GLY R 420 10.18 -86.99 89.69
C GLY R 420 11.45 -86.83 90.48
N SER R 421 12.32 -85.91 90.10
CA SER R 421 13.59 -85.69 90.78
C SER R 421 13.74 -84.26 91.28
N GLY R 422 12.63 -83.56 91.51
CA GLY R 422 12.68 -82.23 92.07
C GLY R 422 12.93 -81.11 91.08
N LYS R 423 13.65 -81.35 89.99
CA LYS R 423 13.90 -80.29 89.03
C LYS R 423 12.62 -79.88 88.29
N ASN R 424 11.72 -80.83 88.08
CA ASN R 424 10.42 -80.57 87.44
C ASN R 424 10.60 -79.99 86.04
N LEU R 425 11.45 -80.64 85.25
CA LEU R 425 11.66 -80.20 83.87
C LEU R 425 10.60 -80.74 82.92
N SER R 426 9.74 -81.64 83.38
CA SER R 426 8.66 -82.11 82.53
C SER R 426 7.74 -80.97 82.12
N VAL R 427 7.53 -80.01 83.02
CA VAL R 427 6.72 -78.85 82.68
C VAL R 427 7.37 -78.07 81.55
N GLY R 428 8.67 -77.78 81.68
CA GLY R 428 9.36 -77.04 80.64
C GLY R 428 9.34 -77.75 79.31
N LEU R 429 9.52 -79.07 79.33
CA LEU R 429 9.49 -79.81 78.08
C LEU R 429 8.09 -79.79 77.46
N SER R 430 7.05 -80.02 78.26
CA SER R 430 5.69 -79.92 77.74
C SER R 430 5.42 -78.56 77.14
N GLN R 431 5.98 -77.51 77.72
CA GLN R 431 5.85 -76.16 77.21
C GLN R 431 7.08 -75.83 76.37
N GLY R 432 7.14 -76.37 75.16
CA GLY R 432 8.23 -76.03 74.27
C GLY R 432 8.88 -77.18 73.54
N ILE R 433 8.30 -78.37 73.60
CA ILE R 433 8.76 -79.51 72.83
C ILE R 433 7.56 -80.16 72.16
N GLN R 434 7.63 -80.32 70.84
CA GLN R 434 6.61 -81.04 70.09
C GLN R 434 7.31 -82.16 69.31
N ILE R 435 7.20 -83.38 69.81
CA ILE R 435 7.83 -84.53 69.20
C ILE R 435 6.91 -85.11 68.13
N ILE R 436 7.46 -85.38 66.95
CA ILE R 436 6.73 -86.04 65.89
C ILE R 436 7.11 -87.51 65.88
N SER R 437 6.13 -88.39 66.08
CA SER R 437 6.41 -89.81 66.27
C SER R 437 7.11 -90.40 65.06
N SER R 438 6.46 -90.39 63.90
CA SER R 438 7.02 -90.99 62.69
C SER R 438 6.88 -90.00 61.56
N ALA R 439 7.96 -89.81 60.80
CA ALA R 439 7.96 -88.82 59.73
C ALA R 439 6.94 -89.15 58.65
N ALA R 440 6.68 -90.43 58.40
CA ALA R 440 5.78 -90.78 57.31
C ALA R 440 4.33 -90.42 57.62
N SER R 441 3.92 -90.54 58.87
CA SER R 441 2.54 -90.28 59.28
C SER R 441 2.57 -89.19 60.36
N MET R 442 2.54 -87.93 59.93
CA MET R 442 2.49 -86.79 60.85
C MET R 442 1.41 -85.83 60.35
N SER R 443 0.18 -86.05 60.79
CA SER R 443 -0.92 -85.13 60.51
C SER R 443 -1.32 -84.32 61.73
N ASN R 444 -0.67 -84.55 62.86
CA ASN R 444 -0.97 -83.82 64.09
C ASN R 444 -0.04 -82.63 64.32
N THR R 445 0.85 -82.34 63.38
CA THR R 445 1.74 -81.20 63.53
C THR R 445 1.76 -80.33 62.29
N TYR R 446 1.48 -80.93 61.14
CA TYR R 446 1.41 -80.21 59.88
C TYR R 446 0.03 -80.40 59.27
N VAL R 447 -0.45 -79.39 58.55
CA VAL R 447 -1.70 -79.51 57.84
C VAL R 447 -1.45 -80.30 56.56
N VAL R 448 -1.61 -81.62 56.65
CA VAL R 448 -1.18 -82.51 55.58
C VAL R 448 -2.31 -83.49 55.28
N SER R 449 -3.51 -83.19 55.76
CA SER R 449 -4.64 -84.08 55.58
C SER R 449 -5.01 -84.21 54.10
N ALA R 450 -5.92 -85.15 53.83
CA ALA R 450 -6.24 -85.48 52.44
C ALA R 450 -6.91 -84.32 51.73
N GLY R 451 -7.70 -83.53 52.45
CA GLY R 451 -8.39 -82.41 51.82
C GLY R 451 -7.46 -81.39 51.21
N SER R 452 -6.36 -81.09 51.90
CA SER R 452 -5.39 -80.13 51.39
C SER R 452 -4.70 -80.68 50.15
N GLY R 453 -3.86 -79.85 49.55
CA GLY R 453 -3.09 -80.26 48.40
C GLY R 453 -1.68 -80.67 48.77
N PHE R 454 -1.50 -81.09 50.02
CA PHE R 454 -0.18 -81.46 50.53
C PHE R 454 -0.11 -82.91 50.99
N SER R 455 -1.08 -83.74 50.61
CA SER R 455 -1.10 -85.13 51.04
C SER R 455 0.21 -85.82 50.68
N SER R 456 0.68 -86.67 51.61
CA SER R 456 1.91 -87.41 51.36
C SER R 456 1.77 -88.29 50.14
N GLY R 457 2.77 -88.22 49.26
CA GLY R 457 2.72 -88.93 48.01
C GLY R 457 2.01 -88.21 46.88
N SER R 458 1.46 -87.02 47.16
CA SER R 458 0.82 -86.20 46.14
C SER R 458 1.67 -85.01 45.75
N GLY R 459 2.98 -85.07 46.01
CA GLY R 459 3.83 -83.93 45.79
C GLY R 459 3.54 -82.81 46.78
N ASN R 460 4.44 -81.84 46.87
CA ASN R 460 4.29 -80.69 47.76
C ASN R 460 4.22 -81.08 49.22
N SER R 461 4.50 -82.33 49.57
CA SER R 461 4.41 -82.76 50.95
C SER R 461 5.46 -82.10 51.83
N GLN R 462 6.46 -81.44 51.25
CA GLN R 462 7.49 -80.76 52.02
C GLN R 462 7.27 -79.26 52.10
N PHE R 463 6.13 -78.77 51.61
CA PHE R 463 5.78 -77.37 51.74
C PHE R 463 4.60 -77.16 52.67
N ALA R 464 4.14 -78.22 53.34
CA ALA R 464 2.95 -78.11 54.17
C ALA R 464 3.17 -77.14 55.31
N ALA R 465 2.08 -76.54 55.77
CA ALA R 465 2.14 -75.53 56.82
C ALA R 465 2.06 -76.18 58.19
N LEU R 466 2.70 -75.53 59.16
CA LEU R 466 2.66 -76.01 60.53
C LEU R 466 1.26 -75.82 61.11
N LYS R 467 1.01 -76.50 62.23
CA LYS R 467 -0.30 -76.45 62.87
C LYS R 467 -0.25 -75.60 64.13
N THR R 468 -1.23 -74.71 64.25
CA THR R 468 -1.20 -73.71 65.31
C THR R 468 -1.49 -74.30 66.68
N THR R 469 -2.25 -75.40 66.75
CA THR R 469 -2.49 -76.01 68.05
C THR R 469 -1.30 -76.87 68.46
N ALA R 470 -0.69 -77.57 67.51
CA ALA R 470 0.50 -78.36 67.80
C ALA R 470 1.64 -77.47 68.25
N ALA R 471 2.08 -76.56 67.38
CA ALA R 471 3.07 -75.56 67.75
C ALA R 471 2.37 -74.42 68.47
N ASN R 472 3.06 -73.30 68.62
CA ASN R 472 2.43 -72.10 69.17
C ASN R 472 2.72 -70.92 68.26
N THR R 473 2.59 -71.13 66.96
CA THR R 473 2.88 -70.08 66.00
C THR R 473 1.83 -68.98 66.10
N THR R 474 2.29 -67.78 66.44
CA THR R 474 1.42 -66.61 66.49
C THR R 474 1.90 -65.59 65.49
N ASP R 475 0.98 -64.79 64.98
CA ASP R 475 1.30 -63.82 63.95
C ASP R 475 2.24 -62.76 64.50
N GLU R 476 2.74 -61.93 63.59
CA GLU R 476 3.61 -60.82 63.94
C GLU R 476 2.92 -59.50 63.65
N THR R 477 3.41 -58.44 64.28
CA THR R 477 2.85 -57.12 64.08
C THR R 477 2.93 -56.73 62.61
N ALA R 478 2.05 -55.82 62.21
CA ALA R 478 1.77 -55.58 60.79
C ALA R 478 2.93 -54.88 60.12
N GLY R 479 3.48 -55.50 59.09
CA GLY R 479 4.35 -54.80 58.16
C GLY R 479 5.64 -54.34 58.80
N VAL R 480 5.99 -53.09 58.55
CA VAL R 480 7.28 -52.54 58.94
C VAL R 480 7.42 -52.39 60.45
N THR R 481 6.39 -52.71 61.23
CA THR R 481 6.43 -52.53 62.67
C THR R 481 7.42 -53.46 63.36
N THR R 482 8.16 -54.24 62.59
CA THR R 482 9.20 -55.11 63.13
C THR R 482 10.39 -55.11 62.18
N LEU R 483 11.54 -55.54 62.70
CA LEU R 483 12.78 -55.44 61.94
C LEU R 483 12.70 -56.25 60.65
N LYS R 484 12.51 -57.56 60.77
CA LYS R 484 12.43 -58.39 59.58
C LYS R 484 11.26 -57.97 58.70
N GLY R 485 10.16 -57.52 59.30
CA GLY R 485 9.09 -56.95 58.51
C GLY R 485 9.58 -55.78 57.67
N ALA R 486 10.40 -54.91 58.25
CA ALA R 486 10.93 -53.78 57.51
C ALA R 486 11.79 -54.24 56.36
N MET R 487 12.69 -55.19 56.63
CA MET R 487 13.60 -55.62 55.58
C MET R 487 12.87 -56.40 54.49
N ALA R 488 11.71 -56.97 54.79
CA ALA R 488 10.91 -57.59 53.74
C ALA R 488 10.15 -56.55 52.94
N VAL R 489 9.60 -55.54 53.62
CA VAL R 489 8.91 -54.46 52.91
C VAL R 489 9.87 -53.75 51.98
N MET R 490 11.15 -53.70 52.34
CA MET R 490 12.14 -53.08 51.46
C MET R 490 12.18 -53.80 50.11
N ASP R 491 12.29 -55.12 50.12
CA ASP R 491 12.30 -55.87 48.86
C ASP R 491 10.97 -55.77 48.14
N ILE R 492 9.87 -55.76 48.88
CA ILE R 492 8.57 -55.62 48.20
C ILE R 492 8.48 -54.29 47.48
N ALA R 493 9.01 -53.23 48.08
CA ALA R 493 9.00 -51.93 47.42
C ALA R 493 9.92 -51.92 46.20
N GLU R 494 11.08 -52.57 46.31
CA GLU R 494 11.96 -52.65 45.15
C GLU R 494 11.28 -53.37 44.00
N THR R 495 10.62 -54.49 44.30
CA THR R 495 9.89 -55.24 43.27
C THR R 495 8.78 -54.40 42.67
N ALA R 496 8.08 -53.62 43.48
CA ALA R 496 7.01 -52.78 42.96
C ALA R 496 7.56 -51.72 42.02
N ILE R 497 8.68 -51.09 42.40
CA ILE R 497 9.34 -50.13 41.52
C ILE R 497 9.66 -50.78 40.19
N THR R 498 10.21 -52.00 40.24
CA THR R 498 10.52 -52.72 39.00
C THR R 498 9.28 -52.91 38.13
N ASN R 499 8.19 -53.39 38.72
CA ASN R 499 6.98 -53.65 37.95
C ASN R 499 6.45 -52.38 37.29
N LEU R 500 6.43 -51.29 38.04
CA LEU R 500 5.92 -50.05 37.49
C LEU R 500 6.83 -49.54 36.37
N ASP R 501 8.14 -49.74 36.51
CA ASP R 501 9.06 -49.36 35.45
C ASP R 501 8.77 -50.13 34.17
N GLN R 502 8.52 -51.43 34.30
CA GLN R 502 8.20 -52.23 33.12
C GLN R 502 6.92 -51.73 32.45
N ILE R 503 5.88 -51.47 33.25
CA ILE R 503 4.62 -51.02 32.68
C ILE R 503 4.80 -49.69 31.95
N ARG R 504 5.51 -48.76 32.59
CA ARG R 504 5.73 -47.46 31.97
C ARG R 504 6.55 -47.58 30.70
N ALA R 505 7.51 -48.50 30.66
CA ALA R 505 8.26 -48.70 29.43
C ALA R 505 7.37 -49.23 28.31
N ASP R 506 6.42 -50.09 28.63
CA ASP R 506 5.48 -50.54 27.61
C ASP R 506 4.67 -49.38 27.05
N ILE R 507 4.14 -48.54 27.95
CA ILE R 507 3.42 -47.35 27.50
C ILE R 507 4.29 -46.50 26.58
N ALA R 508 5.55 -46.31 26.95
CA ALA R 508 6.43 -45.48 26.15
C ALA R 508 6.65 -46.06 24.76
N SER R 509 6.85 -47.38 24.68
CA SER R 509 7.01 -48.00 23.38
C SER R 509 5.80 -47.75 22.49
N ILE R 510 4.60 -47.96 23.04
CA ILE R 510 3.40 -47.72 22.25
C ILE R 510 3.34 -46.27 21.79
N GLN R 511 3.73 -45.34 22.67
CA GLN R 511 3.65 -43.93 22.32
C GLN R 511 4.58 -43.58 21.16
N ASN R 512 5.81 -44.06 21.20
CA ASN R 512 6.73 -43.81 20.10
C ASN R 512 6.20 -44.41 18.80
N GLN R 513 5.63 -45.60 18.86
CA GLN R 513 5.04 -46.19 17.67
C GLN R 513 3.96 -45.29 17.08
N VAL R 514 3.07 -44.79 17.94
CA VAL R 514 1.99 -43.94 17.46
C VAL R 514 2.54 -42.67 16.83
N THR R 515 3.60 -42.12 17.42
CA THR R 515 4.20 -40.90 16.86
C THR R 515 4.70 -41.14 15.45
N SER R 516 5.43 -42.23 15.25
CA SER R 516 5.91 -42.54 13.90
C SER R 516 4.75 -42.72 12.92
N THR R 517 3.71 -43.44 13.35
CA THR R 517 2.54 -43.60 12.50
C THR R 517 1.98 -42.25 12.08
N ILE R 518 1.87 -41.32 13.03
CA ILE R 518 1.25 -40.04 12.75
C ILE R 518 2.06 -39.25 11.74
N ASN R 519 3.39 -39.24 11.91
CA ASN R 519 4.22 -38.54 10.93
C ASN R 519 4.01 -39.11 9.53
N ASN R 520 4.10 -40.43 9.40
CA ASN R 520 3.95 -41.02 8.08
C ASN R 520 2.57 -40.75 7.50
N ILE R 521 1.54 -40.77 8.33
CA ILE R 521 0.18 -40.56 7.85
C ILE R 521 0.01 -39.12 7.37
N THR R 522 0.59 -38.17 8.07
CA THR R 522 0.52 -36.78 7.63
C THR R 522 1.12 -36.61 6.25
N VAL R 523 2.33 -37.13 6.06
CA VAL R 523 2.97 -36.97 4.76
C VAL R 523 2.16 -37.67 3.67
N THR R 524 1.69 -38.89 3.95
CA THR R 524 0.92 -39.61 2.95
C THR R 524 -0.37 -38.89 2.60
N GLN R 525 -1.00 -38.24 3.59
CA GLN R 525 -2.23 -37.52 3.30
C GLN R 525 -1.96 -36.33 2.41
N VAL R 526 -0.86 -35.62 2.64
CA VAL R 526 -0.54 -34.50 1.77
C VAL R 526 -0.35 -34.99 0.34
N ASN R 527 0.40 -36.09 0.17
CA ASN R 527 0.65 -36.58 -1.18
C ASN R 527 -0.63 -37.06 -1.85
N VAL R 528 -1.52 -37.70 -1.10
CA VAL R 528 -2.79 -38.15 -1.66
C VAL R 528 -3.63 -36.95 -2.09
N LYS R 529 -3.65 -35.90 -1.27
CA LYS R 529 -4.43 -34.73 -1.64
C LYS R 529 -3.88 -34.09 -2.92
N ALA R 530 -2.56 -34.03 -3.07
CA ALA R 530 -2.01 -33.48 -4.29
C ALA R 530 -2.34 -34.34 -5.50
N ALA R 531 -2.24 -35.66 -5.34
CA ALA R 531 -2.55 -36.55 -6.46
C ALA R 531 -4.02 -36.48 -6.84
N GLU R 532 -4.90 -36.22 -5.88
CA GLU R 532 -6.30 -35.99 -6.20
C GLU R 532 -6.50 -34.68 -6.93
N SER R 533 -5.84 -33.61 -6.46
CA SER R 533 -5.93 -32.33 -7.14
C SER R 533 -5.52 -32.43 -8.59
N GLN R 534 -4.48 -33.22 -8.87
CA GLN R 534 -4.03 -33.37 -10.25
C GLN R 534 -5.13 -33.93 -11.14
N ILE R 535 -6.05 -34.72 -10.56
CA ILE R 535 -7.07 -35.38 -11.37
C ILE R 535 -8.35 -34.56 -11.43
N ARG R 536 -8.72 -33.87 -10.36
CA ARG R 536 -10.04 -33.28 -10.24
C ARG R 536 -10.07 -31.81 -10.66
N ASP R 537 -9.24 -30.97 -10.05
CA ASP R 537 -9.40 -29.54 -10.22
C ASP R 537 -8.90 -29.07 -11.58
N VAL R 538 -9.36 -27.90 -11.98
CA VAL R 538 -9.05 -27.30 -13.26
C VAL R 538 -7.91 -26.31 -13.07
N ASP R 539 -7.11 -26.13 -14.12
CA ASP R 539 -6.00 -25.19 -14.13
C ASP R 539 -6.45 -23.92 -14.83
N PHE R 540 -6.62 -22.85 -14.07
CA PHE R 540 -7.13 -21.60 -14.63
C PHE R 540 -6.27 -21.07 -15.76
N ALA R 541 -4.99 -21.40 -15.78
CA ALA R 541 -4.13 -21.01 -16.89
C ALA R 541 -4.75 -21.39 -18.23
N SER R 542 -4.94 -22.69 -18.45
CA SER R 542 -5.55 -23.15 -19.69
C SER R 542 -7.04 -22.91 -19.74
N GLU R 543 -7.71 -22.86 -18.60
CA GLU R 543 -9.16 -22.68 -18.62
C GLU R 543 -9.55 -21.30 -19.13
N SER R 544 -8.86 -20.26 -18.67
CA SER R 544 -9.16 -18.92 -19.17
C SER R 544 -8.81 -18.77 -20.64
N ALA R 545 -7.77 -19.46 -21.11
CA ALA R 545 -7.48 -19.46 -22.53
C ALA R 545 -8.62 -20.08 -23.32
N ASN R 546 -9.08 -21.25 -22.90
CA ASN R 546 -10.23 -21.88 -23.53
C ASN R 546 -11.42 -20.94 -23.55
N TYR R 547 -11.69 -20.30 -22.42
CA TYR R 547 -12.89 -19.46 -22.33
C TYR R 547 -12.81 -18.28 -23.27
N SER R 548 -11.68 -17.57 -23.26
CA SER R 548 -11.54 -16.41 -24.13
C SER R 548 -11.61 -16.81 -25.60
N LYS R 549 -10.97 -17.93 -25.94
CA LYS R 549 -11.02 -18.42 -27.32
C LYS R 549 -12.46 -18.70 -27.73
N ALA R 550 -13.20 -19.43 -26.90
CA ALA R 550 -14.59 -19.73 -27.21
C ALA R 550 -15.44 -18.47 -27.28
N ASN R 551 -15.12 -17.44 -26.49
CA ASN R 551 -15.90 -16.22 -26.54
C ASN R 551 -15.69 -15.47 -27.86
N ILE R 552 -14.43 -15.35 -28.28
CA ILE R 552 -14.18 -14.73 -29.58
C ILE R 552 -14.83 -15.53 -30.69
N LEU R 553 -14.74 -16.85 -30.62
CA LEU R 553 -15.42 -17.68 -31.61
C LEU R 553 -16.93 -17.44 -31.59
N ALA R 554 -17.51 -17.22 -30.42
CA ALA R 554 -18.94 -16.97 -30.35
C ALA R 554 -19.30 -15.66 -31.04
N GLN R 555 -18.50 -14.62 -30.83
CA GLN R 555 -18.76 -13.36 -31.52
C GLN R 555 -18.66 -13.53 -33.03
N SER R 556 -17.62 -14.21 -33.49
CA SER R 556 -17.46 -14.44 -34.92
C SER R 556 -18.64 -15.23 -35.49
N GLY R 557 -19.07 -16.27 -34.77
CA GLY R 557 -20.19 -17.06 -35.25
C GLY R 557 -21.48 -16.28 -35.30
N SER R 558 -21.69 -15.39 -34.32
CA SER R 558 -22.87 -14.53 -34.36
C SER R 558 -22.85 -13.62 -35.58
N TYR R 559 -21.70 -13.02 -35.89
CA TYR R 559 -21.61 -12.20 -37.10
C TYR R 559 -21.87 -13.04 -38.34
N ALA R 560 -21.36 -14.26 -38.38
CA ALA R 560 -21.58 -15.11 -39.54
C ALA R 560 -23.05 -15.45 -39.69
N MET R 561 -23.76 -15.69 -38.59
CA MET R 561 -25.18 -15.97 -38.68
C MET R 561 -25.95 -14.76 -39.19
N ALA R 562 -25.60 -13.57 -38.69
CA ALA R 562 -26.26 -12.37 -39.18
C ALA R 562 -26.08 -12.21 -40.69
N GLN R 563 -24.84 -12.35 -41.15
CA GLN R 563 -24.60 -12.24 -42.58
C GLN R 563 -25.31 -13.33 -43.37
N ALA R 564 -25.39 -14.53 -42.82
CA ALA R 564 -26.10 -15.60 -43.52
C ALA R 564 -27.56 -15.26 -43.69
N ASN R 565 -28.21 -14.79 -42.63
CA ASN R 565 -29.61 -14.41 -42.73
C ASN R 565 -29.80 -13.29 -43.73
N SER R 566 -28.85 -12.35 -43.78
CA SER R 566 -28.98 -11.22 -44.69
C SER R 566 -28.59 -11.55 -46.12
N SER R 567 -27.97 -12.70 -46.37
CA SER R 567 -27.39 -13.00 -47.68
C SER R 567 -28.40 -13.10 -48.81
N GLN R 568 -29.70 -13.07 -48.54
CA GLN R 568 -30.69 -13.27 -49.59
C GLN R 568 -31.42 -12.00 -49.98
N GLN R 569 -30.99 -10.84 -49.49
CA GLN R 569 -31.64 -9.60 -49.89
C GLN R 569 -31.48 -9.31 -51.36
N ASN R 570 -30.45 -9.88 -52.01
CA ASN R 570 -30.17 -9.51 -53.39
C ASN R 570 -31.21 -10.04 -54.37
N VAL R 571 -32.03 -11.00 -53.95
CA VAL R 571 -33.04 -11.53 -54.87
C VAL R 571 -34.08 -10.48 -55.20
N LEU R 572 -34.32 -9.55 -54.27
CA LEU R 572 -35.34 -8.54 -54.51
C LEU R 572 -35.02 -7.67 -55.71
N ARG R 573 -33.73 -7.49 -56.01
CA ARG R 573 -33.37 -6.69 -57.17
C ARG R 573 -33.84 -7.33 -58.46
N LEU R 574 -33.87 -8.67 -58.51
CA LEU R 574 -34.44 -9.34 -59.66
C LEU R 574 -35.93 -9.05 -59.78
N LEU R 575 -36.64 -9.13 -58.67
CA LEU R 575 -38.11 -9.05 -58.72
C LEU R 575 -38.57 -7.64 -59.03
N GLN R 576 -38.08 -6.66 -58.29
CA GLN R 576 -38.54 -5.28 -58.44
C GLN R 576 -38.41 -4.76 -59.86
N PHE S 3 -102.31 9.77 -107.39
CA PHE S 3 -101.71 10.11 -108.67
C PHE S 3 -102.06 11.55 -109.05
N ARG S 4 -102.87 12.18 -108.21
CA ARG S 4 -103.24 13.58 -108.41
C ARG S 4 -102.20 14.46 -107.76
N ILE S 5 -101.66 15.40 -108.53
CA ILE S 5 -100.62 16.27 -108.06
C ILE S 5 -101.24 17.59 -107.62
N ASN S 6 -100.42 18.45 -107.03
CA ASN S 6 -100.69 19.74 -106.38
C ASN S 6 -101.19 19.59 -104.95
N THR S 7 -101.39 18.37 -104.45
CA THR S 7 -101.67 18.16 -103.04
C THR S 7 -100.93 16.94 -102.52
N ASN S 8 -99.63 16.87 -102.79
CA ASN S 8 -98.79 15.76 -102.34
C ASN S 8 -99.02 15.46 -100.87
N VAL S 9 -99.51 14.26 -100.57
CA VAL S 9 -99.82 13.89 -99.19
C VAL S 9 -98.67 13.15 -98.53
N ALA S 10 -97.95 12.34 -99.30
CA ALA S 10 -96.79 11.66 -98.75
C ALA S 10 -95.76 12.66 -98.25
N ALA S 11 -95.63 13.81 -98.92
CA ALA S 11 -94.71 14.84 -98.47
C ALA S 11 -95.11 15.36 -97.10
N LEU S 12 -96.40 15.67 -96.92
CA LEU S 12 -96.86 16.18 -95.63
C LEU S 12 -96.66 15.15 -94.53
N ASN S 13 -96.99 13.89 -94.82
CA ASN S 13 -96.82 12.84 -93.83
C ASN S 13 -95.37 12.70 -93.42
N ALA S 14 -94.47 12.59 -94.40
CA ALA S 14 -93.06 12.48 -94.11
C ALA S 14 -92.56 13.69 -93.34
N LYS S 15 -93.06 14.88 -93.67
CA LYS S 15 -92.61 16.07 -92.96
C LYS S 15 -93.04 16.05 -91.50
N ALA S 16 -94.28 15.63 -91.24
CA ALA S 16 -94.73 15.54 -89.86
C ALA S 16 -93.86 14.57 -89.08
N ASN S 17 -93.61 13.38 -89.62
CA ASN S 17 -92.79 12.40 -88.92
C ASN S 17 -91.38 12.94 -88.67
N SER S 18 -90.77 13.52 -89.69
CA SER S 18 -89.40 14.00 -89.55
C SER S 18 -89.31 15.15 -88.57
N ASP S 19 -90.34 16.02 -88.53
CA ASP S 19 -90.33 17.11 -87.59
C ASP S 19 -90.44 16.61 -86.16
N LEU S 20 -91.30 15.62 -85.93
CA LEU S 20 -91.37 15.02 -84.60
C LEU S 20 -90.02 14.44 -84.19
N ASN S 21 -89.37 13.73 -85.11
CA ASN S 21 -88.08 13.14 -84.76
C ASN S 21 -87.02 14.21 -84.53
N ALA S 22 -87.08 15.31 -85.26
CA ALA S 22 -86.14 16.41 -85.02
C ALA S 22 -86.36 17.02 -83.65
N LYS S 23 -87.62 17.16 -83.24
CA LYS S 23 -87.90 17.61 -81.88
C LYS S 23 -87.25 16.69 -80.85
N SER S 24 -87.40 15.38 -81.05
CA SER S 24 -86.82 14.43 -80.10
C SER S 24 -85.30 14.51 -80.09
N LEU S 25 -84.68 14.65 -81.27
CA LEU S 25 -83.23 14.76 -81.34
C LEU S 25 -82.75 16.02 -80.64
N ASP S 26 -83.46 17.13 -80.82
CA ASP S 26 -83.09 18.38 -80.16
C ASP S 26 -83.15 18.20 -78.64
N ALA S 27 -84.23 17.58 -78.15
CA ALA S 27 -84.34 17.37 -76.71
C ALA S 27 -83.18 16.52 -76.20
N SER S 28 -82.88 15.42 -76.88
CA SER S 28 -81.79 14.56 -76.44
C SER S 28 -80.46 15.28 -76.46
N LEU S 29 -80.22 16.11 -77.48
CA LEU S 29 -78.97 16.86 -77.53
C LEU S 29 -78.87 17.88 -76.43
N SER S 30 -79.98 18.53 -76.07
CA SER S 30 -79.96 19.49 -74.97
C SER S 30 -79.65 18.78 -73.66
N ARG S 31 -80.22 17.59 -73.46
CA ARG S 31 -79.88 16.82 -72.28
C ARG S 31 -78.40 16.46 -72.26
N LEU S 32 -77.88 15.98 -73.39
CA LEU S 32 -76.47 15.63 -73.48
C LEU S 32 -75.57 16.82 -73.19
N SER S 33 -75.98 18.02 -73.60
CA SER S 33 -75.18 19.21 -73.35
C SER S 33 -75.22 19.61 -71.88
N SER S 34 -76.42 19.86 -71.35
CA SER S 34 -76.53 20.38 -69.99
C SER S 34 -76.05 19.37 -68.96
N GLY S 35 -76.19 18.08 -69.24
CA GLY S 35 -75.83 17.06 -68.29
C GLY S 35 -76.90 16.73 -67.28
N LEU S 36 -78.13 17.22 -67.48
CA LEU S 36 -79.23 16.99 -66.55
C LEU S 36 -80.39 16.34 -67.28
N ARG S 37 -81.07 15.42 -66.60
CA ARG S 37 -82.23 14.76 -67.19
C ARG S 37 -83.46 15.65 -67.20
N ILE S 38 -83.54 16.63 -66.31
CA ILE S 38 -84.67 17.54 -66.24
C ILE S 38 -84.12 18.97 -66.33
N ASN S 39 -84.19 19.54 -67.53
CA ASN S 39 -83.72 20.90 -67.75
C ASN S 39 -84.84 21.92 -67.58
N SER S 40 -85.90 21.80 -68.37
CA SER S 40 -86.94 22.80 -68.40
C SER S 40 -88.06 22.52 -67.41
N ALA S 41 -87.94 21.48 -66.58
CA ALA S 41 -88.93 21.10 -65.59
C ALA S 41 -90.31 20.87 -66.19
N ALA S 42 -90.40 20.75 -67.51
CA ALA S 42 -91.63 20.40 -68.18
C ALA S 42 -91.72 18.92 -68.49
N ASP S 43 -90.68 18.15 -68.17
CA ASP S 43 -90.67 16.72 -68.38
C ASP S 43 -90.88 15.93 -67.09
N ASP S 44 -90.66 16.54 -65.93
CA ASP S 44 -90.94 15.86 -64.67
C ASP S 44 -91.19 16.90 -63.59
N ALA S 45 -92.48 17.15 -63.30
CA ALA S 45 -92.83 18.16 -62.32
C ALA S 45 -92.51 17.70 -60.90
N SER S 46 -93.07 16.57 -60.50
CA SER S 46 -92.77 16.03 -59.17
C SER S 46 -91.30 15.70 -59.03
N GLY S 47 -90.66 15.26 -60.12
CA GLY S 47 -89.23 15.05 -60.07
C GLY S 47 -88.47 16.33 -59.77
N MET S 48 -88.84 17.41 -60.44
CA MET S 48 -88.19 18.69 -60.15
C MET S 48 -88.44 19.10 -58.71
N ALA S 49 -89.65 18.85 -58.20
CA ALA S 49 -89.96 19.24 -56.83
C ALA S 49 -89.10 18.49 -55.83
N ILE S 50 -89.05 17.16 -55.96
CA ILE S 50 -88.23 16.36 -55.04
C ILE S 50 -86.77 16.72 -55.17
N ALA S 51 -86.31 16.95 -56.41
CA ALA S 51 -84.90 17.25 -56.61
C ALA S 51 -84.54 18.59 -55.99
N ASP S 52 -85.41 19.59 -56.11
CA ASP S 52 -85.14 20.87 -55.49
C ASP S 52 -85.18 20.78 -53.97
N SER S 53 -86.10 20.01 -53.41
CA SER S 53 -86.09 19.81 -51.96
C SER S 53 -84.80 19.15 -51.50
N LEU S 54 -84.34 18.12 -52.21
CA LEU S 54 -83.11 17.44 -51.82
C LEU S 54 -81.90 18.34 -52.00
N ARG S 55 -81.89 19.18 -53.04
CA ARG S 55 -80.79 20.12 -53.21
C ARG S 55 -80.76 21.14 -52.09
N SER S 56 -81.91 21.67 -51.71
CA SER S 56 -81.96 22.57 -50.57
C SER S 56 -81.45 21.90 -49.31
N GLN S 57 -81.86 20.66 -49.06
CA GLN S 57 -81.41 19.98 -47.85
C GLN S 57 -79.92 19.70 -47.90
N ALA S 58 -79.38 19.33 -49.05
CA ALA S 58 -77.95 19.07 -49.17
C ALA S 58 -77.15 20.34 -48.92
N ASN S 59 -77.59 21.47 -49.49
CA ASN S 59 -76.89 22.72 -49.24
C ASN S 59 -76.96 23.11 -47.77
N THR S 60 -78.13 22.94 -47.16
CA THR S 60 -78.28 23.29 -45.75
C THR S 60 -77.35 22.44 -44.89
N LEU S 61 -77.25 21.15 -45.17
CA LEU S 61 -76.36 20.30 -44.40
C LEU S 61 -74.91 20.66 -44.65
N GLY S 62 -74.57 21.00 -45.89
CA GLY S 62 -73.20 21.40 -46.18
C GLY S 62 -72.80 22.67 -45.46
N GLN S 63 -73.75 23.56 -45.21
CA GLN S 63 -73.45 24.74 -44.41
C GLN S 63 -73.46 24.43 -42.92
N ALA S 64 -74.32 23.52 -42.49
CA ALA S 64 -74.33 23.12 -41.09
C ALA S 64 -73.03 22.45 -40.69
N ILE S 65 -72.37 21.78 -41.63
CA ILE S 65 -71.06 21.21 -41.33
C ILE S 65 -70.08 22.31 -40.93
N SER S 66 -70.07 23.40 -41.69
CA SER S 66 -69.19 24.50 -41.33
C SER S 66 -69.61 25.15 -40.02
N ASN S 67 -70.90 25.23 -39.75
CA ASN S 67 -71.35 25.73 -38.46
C ASN S 67 -70.80 24.87 -37.32
N GLY S 68 -70.89 23.55 -37.47
CA GLY S 68 -70.35 22.67 -36.45
C GLY S 68 -68.85 22.81 -36.30
N ASN S 69 -68.13 22.99 -37.41
CA ASN S 69 -66.69 23.17 -37.31
C ASN S 69 -66.33 24.47 -36.61
N ASP S 70 -67.09 25.53 -36.82
CA ASP S 70 -66.85 26.77 -36.09
C ASP S 70 -67.11 26.58 -34.60
N ALA S 71 -68.18 25.88 -34.25
CA ALA S 71 -68.42 25.57 -32.84
C ALA S 71 -67.28 24.77 -32.25
N LEU S 72 -66.74 23.81 -33.01
CA LEU S 72 -65.59 23.04 -32.56
C LEU S 72 -64.41 23.96 -32.28
N GLY S 73 -64.12 24.87 -33.20
CA GLY S 73 -63.02 25.79 -32.99
C GLY S 73 -63.17 26.61 -31.72
N ILE S 74 -64.37 27.16 -31.52
CA ILE S 74 -64.62 27.97 -30.33
C ILE S 74 -64.42 27.15 -29.07
N LEU S 75 -64.99 25.95 -29.02
CA LEU S 75 -64.90 25.14 -27.80
C LEU S 75 -63.46 24.72 -27.53
N GLN S 76 -62.72 24.35 -28.57
CA GLN S 76 -61.32 23.97 -28.37
C GLN S 76 -60.52 25.15 -27.84
N THR S 77 -60.74 26.34 -28.39
CA THR S 77 -60.08 27.53 -27.89
C THR S 77 -60.35 27.70 -26.40
N ALA S 78 -61.62 27.62 -26.01
CA ALA S 78 -61.97 27.82 -24.61
C ALA S 78 -61.27 26.80 -23.71
N ASP S 79 -61.27 25.54 -24.10
CA ASP S 79 -60.71 24.51 -23.22
C ASP S 79 -59.19 24.66 -23.09
N LYS S 80 -58.50 24.75 -24.23
CA LYS S 80 -57.06 24.94 -24.19
C LYS S 80 -56.67 26.23 -23.48
N ALA S 81 -57.59 27.19 -23.38
CA ALA S 81 -57.33 28.33 -22.51
C ALA S 81 -57.49 27.99 -21.05
N MET S 82 -58.52 27.20 -20.70
CA MET S 82 -58.73 26.86 -19.29
C MET S 82 -57.56 26.07 -18.72
N ASP S 83 -56.81 25.38 -19.58
CA ASP S 83 -55.66 24.61 -19.10
C ASP S 83 -54.72 25.45 -18.25
N GLU S 84 -54.38 26.65 -18.74
CA GLU S 84 -53.42 27.47 -18.01
C GLU S 84 -53.97 27.95 -16.69
N GLN S 85 -55.27 28.26 -16.62
CA GLN S 85 -55.85 28.62 -15.34
C GLN S 85 -55.76 27.47 -14.35
N LEU S 86 -55.95 26.24 -14.83
CA LEU S 86 -55.78 25.11 -13.93
C LEU S 86 -54.37 25.04 -13.38
N LYS S 87 -53.37 25.19 -14.25
CA LYS S 87 -51.99 25.14 -13.76
C LYS S 87 -51.70 26.28 -12.79
N ILE S 88 -52.25 27.46 -13.04
CA ILE S 88 -52.01 28.59 -12.16
C ILE S 88 -52.62 28.35 -10.79
N LEU S 89 -53.82 27.80 -10.75
CA LEU S 89 -54.43 27.50 -9.46
C LEU S 89 -53.60 26.47 -8.71
N ASP S 90 -53.09 25.47 -9.42
CA ASP S 90 -52.17 24.53 -8.79
C ASP S 90 -51.01 25.26 -8.14
N THR S 91 -50.39 26.18 -8.88
CA THR S 91 -49.26 26.93 -8.32
C THR S 91 -49.66 27.72 -7.10
N ILE S 92 -50.84 28.34 -7.13
CA ILE S 92 -51.31 29.12 -5.98
C ILE S 92 -51.42 28.24 -4.75
N LYS S 93 -52.03 27.06 -4.92
CA LYS S 93 -52.17 26.16 -3.77
C LYS S 93 -50.81 25.72 -3.26
N THR S 94 -49.86 25.46 -4.17
CA THR S 94 -48.53 25.06 -3.73
C THR S 94 -47.86 26.17 -2.93
N LYS S 95 -48.03 27.43 -3.36
CA LYS S 95 -47.42 28.53 -2.62
C LYS S 95 -48.06 28.70 -1.26
N ALA S 96 -49.38 28.54 -1.18
CA ALA S 96 -50.04 28.62 0.12
C ALA S 96 -49.52 27.53 1.04
N THR S 97 -49.33 26.32 0.52
CA THR S 97 -48.72 25.26 1.33
C THR S 97 -47.32 25.64 1.78
N GLN S 98 -46.55 26.27 0.90
CA GLN S 98 -45.20 26.68 1.25
C GLN S 98 -45.19 27.74 2.34
N ALA S 99 -46.21 28.59 2.39
CA ALA S 99 -46.29 29.63 3.40
C ALA S 99 -46.97 29.18 4.67
N ALA S 100 -47.64 28.03 4.66
CA ALA S 100 -48.33 27.53 5.84
C ALA S 100 -47.39 26.90 6.86
N GLN S 101 -46.08 27.07 6.72
CA GLN S 101 -45.14 26.59 7.71
C GLN S 101 -44.73 27.75 8.60
N ASP S 102 -44.19 27.43 9.78
CA ASP S 102 -43.79 28.46 10.72
C ASP S 102 -42.29 28.71 10.72
N GLY S 103 -41.58 28.28 9.70
CA GLY S 103 -40.20 28.70 9.54
C GLY S 103 -40.06 29.98 8.76
N GLN S 104 -41.17 30.62 8.42
CA GLN S 104 -41.18 31.77 7.53
C GLN S 104 -41.76 32.97 8.28
N SER S 105 -41.05 34.09 8.21
CA SER S 105 -41.52 35.29 8.88
C SER S 105 -42.60 35.99 8.06
N LEU S 106 -43.20 37.01 8.66
CA LEU S 106 -44.20 37.80 7.97
C LEU S 106 -43.63 38.41 6.70
N LYS S 107 -42.34 38.75 6.71
CA LYS S 107 -41.72 39.32 5.54
C LYS S 107 -41.81 38.37 4.34
N THR S 108 -41.44 37.11 4.54
CA THR S 108 -41.45 36.17 3.42
C THR S 108 -42.86 35.76 3.06
N ARG S 109 -43.73 35.58 4.07
CA ARG S 109 -45.13 35.36 3.77
C ARG S 109 -45.68 36.47 2.89
N THR S 110 -45.19 37.70 3.09
CA THR S 110 -45.62 38.81 2.27
C THR S 110 -45.15 38.65 0.83
N MET S 111 -43.96 38.09 0.63
CA MET S 111 -43.54 37.78 -0.74
C MET S 111 -44.44 36.75 -1.38
N LEU S 112 -44.80 35.70 -0.62
CA LEU S 112 -45.75 34.72 -1.13
C LEU S 112 -47.04 35.39 -1.56
N GLN S 113 -47.59 36.25 -0.71
CA GLN S 113 -48.86 36.88 -1.02
C GLN S 113 -48.74 37.82 -2.20
N ALA S 114 -47.63 38.55 -2.29
CA ALA S 114 -47.45 39.46 -3.43
C ALA S 114 -47.29 38.69 -4.72
N ASP S 115 -46.81 37.45 -4.67
CA ASP S 115 -46.73 36.66 -5.88
C ASP S 115 -48.08 36.07 -6.25
N ILE S 116 -48.83 35.61 -5.25
CA ILE S 116 -50.17 35.10 -5.50
C ILE S 116 -51.05 36.19 -6.09
N ASN S 117 -50.84 37.44 -5.66
CA ASN S 117 -51.59 38.54 -6.26
C ASN S 117 -51.37 38.62 -7.76
N LYS S 118 -50.12 38.52 -8.19
CA LYS S 118 -49.82 38.59 -9.62
C LYS S 118 -50.40 37.39 -10.36
N LEU S 119 -50.29 36.21 -9.78
CA LEU S 119 -50.81 35.03 -10.46
C LEU S 119 -52.33 35.12 -10.62
N MET S 120 -53.01 35.62 -9.59
CA MET S 120 -54.46 35.78 -9.68
C MET S 120 -54.83 36.85 -10.68
N GLU S 121 -54.05 37.94 -10.72
CA GLU S 121 -54.21 38.95 -11.77
C GLU S 121 -54.12 38.32 -13.15
N GLU S 122 -53.17 37.41 -13.33
CA GLU S 122 -53.01 36.78 -14.64
C GLU S 122 -54.18 35.88 -14.97
N LEU S 123 -54.64 35.11 -13.98
CA LEU S 123 -55.82 34.27 -14.19
C LEU S 123 -57.01 35.11 -14.64
N ASP S 124 -57.25 36.22 -13.95
CA ASP S 124 -58.32 37.12 -14.35
C ASP S 124 -58.09 37.68 -15.75
N ASN S 125 -56.84 37.96 -16.09
CA ASN S 125 -56.54 38.47 -17.43
C ASN S 125 -56.88 37.43 -18.50
N ILE S 126 -56.55 36.17 -18.26
CA ILE S 126 -56.93 35.12 -19.20
C ILE S 126 -58.43 35.06 -19.34
N ALA S 127 -59.15 35.08 -18.21
CA ALA S 127 -60.61 35.02 -18.25
C ALA S 127 -61.19 36.15 -19.09
N ASN S 128 -60.74 37.37 -18.85
CA ASN S 128 -61.26 38.54 -19.55
C ASN S 128 -60.66 38.72 -20.93
N THR S 129 -59.69 37.92 -21.30
CA THR S 129 -59.03 38.12 -22.58
C THR S 129 -59.41 37.10 -23.65
N THR S 130 -59.55 35.83 -23.28
CA THR S 130 -59.82 34.82 -24.31
C THR S 130 -61.13 35.11 -25.02
N SER S 131 -61.06 35.39 -26.33
CA SER S 131 -62.24 35.77 -27.09
C SER S 131 -62.06 35.34 -28.53
N PHE S 132 -63.18 35.05 -29.19
CA PHE S 132 -63.11 34.54 -30.57
C PHE S 132 -62.99 35.68 -31.58
N ASN S 133 -64.04 36.49 -31.70
CA ASN S 133 -64.00 37.67 -32.55
C ASN S 133 -64.72 38.82 -31.85
N GLY S 134 -64.43 38.98 -30.57
CA GLY S 134 -65.14 39.88 -29.69
C GLY S 134 -66.00 39.16 -28.68
N LYS S 135 -66.49 37.98 -29.03
CA LYS S 135 -67.28 37.17 -28.11
C LYS S 135 -66.36 36.63 -27.03
N GLN S 136 -66.39 37.25 -25.86
CA GLN S 136 -65.60 36.75 -24.74
C GLN S 136 -66.14 35.39 -24.31
N LEU S 137 -65.28 34.37 -24.34
CA LEU S 137 -65.72 33.02 -24.02
C LEU S 137 -65.74 32.78 -22.51
N LEU S 138 -64.58 32.87 -21.87
CA LEU S 138 -64.43 32.49 -20.47
C LEU S 138 -64.65 33.67 -19.53
N SER S 139 -65.79 34.35 -19.67
CA SER S 139 -66.06 35.49 -18.80
C SER S 139 -67.41 35.35 -18.10
N GLY S 140 -68.38 34.76 -18.79
CA GLY S 140 -69.71 34.59 -18.26
C GLY S 140 -70.81 35.04 -19.18
N ASN S 141 -70.50 35.70 -20.30
CA ASN S 141 -71.51 36.13 -21.26
C ASN S 141 -71.58 35.21 -22.47
N PHE S 142 -71.27 33.93 -22.28
CA PHE S 142 -71.38 32.96 -23.35
C PHE S 142 -72.42 31.91 -22.97
N THR S 143 -73.56 32.37 -22.45
CA THR S 143 -74.62 31.47 -22.01
C THR S 143 -75.70 31.37 -23.07
N ASN S 144 -76.14 30.15 -23.33
CA ASN S 144 -77.25 29.86 -24.24
C ASN S 144 -76.95 30.35 -25.65
N GLN S 145 -75.81 29.93 -26.19
CA GLN S 145 -75.49 30.19 -27.59
C GLN S 145 -75.85 28.98 -28.42
N GLU S 146 -76.25 29.23 -29.66
CA GLU S 146 -76.77 28.19 -30.54
C GLU S 146 -75.86 27.99 -31.74
N PHE S 147 -76.02 26.85 -32.40
CA PHE S 147 -75.30 26.55 -33.62
C PHE S 147 -76.20 25.66 -34.47
N GLN S 148 -76.91 26.26 -35.42
CA GLN S 148 -77.82 25.49 -36.26
C GLN S 148 -77.06 24.43 -37.03
N ILE S 149 -77.42 23.17 -36.82
CA ILE S 149 -76.74 22.05 -37.45
C ILE S 149 -77.72 21.10 -38.12
N GLY S 150 -78.87 21.61 -38.59
CA GLY S 150 -79.89 20.76 -39.12
C GLY S 150 -80.45 21.28 -40.42
N ALA S 151 -81.10 20.36 -41.15
CA ALA S 151 -81.73 20.73 -42.42
C ALA S 151 -82.94 21.62 -42.19
N SER S 152 -83.72 21.33 -41.16
CA SER S 152 -84.92 22.11 -40.87
C SER S 152 -84.55 23.26 -39.95
N SER S 153 -85.55 23.90 -39.33
CA SER S 153 -85.33 25.19 -38.69
C SER S 153 -84.44 25.08 -37.46
N ASN S 154 -84.86 24.34 -36.45
CA ASN S 154 -84.31 24.50 -35.12
C ASN S 154 -83.56 23.26 -34.61
N GLN S 155 -82.86 22.54 -35.48
CA GLN S 155 -81.91 21.55 -34.99
C GLN S 155 -80.63 22.26 -34.59
N THR S 156 -80.34 22.33 -33.30
CA THR S 156 -79.22 23.13 -32.85
C THR S 156 -78.66 22.57 -31.55
N VAL S 157 -77.42 22.96 -31.26
CA VAL S 157 -76.77 22.63 -30.01
C VAL S 157 -76.76 23.88 -29.15
N LYS S 158 -76.37 23.72 -27.89
CA LYS S 158 -76.36 24.83 -26.95
C LYS S 158 -75.12 24.75 -26.08
N ALA S 159 -74.37 25.85 -26.03
CA ALA S 159 -73.15 25.94 -25.24
C ALA S 159 -73.32 27.08 -24.23
N THR S 160 -73.05 26.78 -22.96
CA THR S 160 -73.29 27.73 -21.87
C THR S 160 -72.08 27.78 -20.94
N ILE S 161 -70.89 27.96 -21.51
CA ILE S 161 -69.65 28.01 -20.74
C ILE S 161 -69.79 28.93 -19.55
N GLY S 162 -69.51 28.41 -18.36
CA GLY S 162 -69.65 29.17 -17.13
C GLY S 162 -68.66 30.31 -17.06
N ALA S 163 -68.74 31.06 -15.96
CA ALA S 163 -67.88 32.19 -15.70
C ALA S 163 -66.71 31.78 -14.82
N THR S 164 -65.51 32.22 -15.17
CA THR S 164 -64.30 31.71 -14.54
C THR S 164 -63.35 32.81 -14.11
N GLN S 165 -63.88 34.00 -13.79
CA GLN S 165 -63.01 35.02 -13.23
C GLN S 165 -62.54 34.61 -11.85
N SER S 166 -61.54 35.33 -11.35
CA SER S 166 -60.99 35.01 -10.05
C SER S 166 -61.89 35.42 -8.91
N SER S 167 -62.98 36.13 -9.18
CA SER S 167 -63.93 36.53 -8.17
C SER S 167 -65.15 35.63 -8.12
N LYS S 168 -65.20 34.59 -8.94
CA LYS S 168 -66.38 33.76 -9.04
C LYS S 168 -66.08 32.26 -8.96
N ILE S 169 -64.86 31.85 -8.65
CA ILE S 169 -64.55 30.44 -8.70
C ILE S 169 -64.37 29.85 -7.31
N GLY S 170 -63.42 30.34 -6.54
CA GLY S 170 -63.12 29.69 -5.28
C GLY S 170 -63.98 30.22 -4.16
N VAL S 171 -65.07 29.53 -3.87
CA VAL S 171 -66.02 29.95 -2.84
C VAL S 171 -66.16 28.78 -1.88
N THR S 172 -65.42 28.82 -0.77
CA THR S 172 -65.64 27.84 0.28
C THR S 172 -66.64 28.37 1.28
N ARG S 173 -67.00 27.53 2.24
CA ARG S 173 -67.94 27.89 3.30
C ARG S 173 -67.32 27.53 4.63
N PHE S 174 -67.18 28.53 5.50
CA PHE S 174 -66.63 28.32 6.83
C PHE S 174 -67.73 28.44 7.87
N GLU S 175 -67.58 27.69 8.96
CA GLU S 175 -68.46 27.80 10.11
C GLU S 175 -67.63 27.58 11.37
N THR S 176 -68.09 28.13 12.48
CA THR S 176 -67.35 28.00 13.73
C THR S 176 -68.29 28.25 14.90
N GLY S 177 -68.36 27.30 15.81
CA GLY S 177 -69.23 27.44 16.96
C GLY S 177 -68.59 28.25 18.06
N ALA S 178 -69.43 28.66 19.02
CA ALA S 178 -68.93 29.35 20.19
C ALA S 178 -68.10 28.40 21.04
N GLN S 179 -67.32 28.98 21.94
CA GLN S 179 -66.48 28.17 22.83
C GLN S 179 -67.38 27.36 23.75
N SER S 180 -67.20 26.05 23.73
CA SER S 180 -68.09 25.13 24.43
C SER S 180 -67.57 24.85 25.82
N PHE S 181 -68.31 25.29 26.84
CA PHE S 181 -67.95 25.02 28.22
C PHE S 181 -68.67 23.80 28.80
N THR S 182 -69.69 23.30 28.13
CA THR S 182 -70.43 22.14 28.60
C THR S 182 -69.81 20.86 28.05
N SER S 183 -70.27 19.73 28.55
CA SER S 183 -69.78 18.43 28.13
C SER S 183 -70.98 17.52 27.86
N GLY S 184 -70.69 16.26 27.54
CA GLY S 184 -71.74 15.30 27.31
C GLY S 184 -71.68 14.65 25.96
N VAL S 185 -72.37 13.52 25.80
CA VAL S 185 -72.36 12.81 24.54
C VAL S 185 -73.10 13.63 23.49
N VAL S 186 -72.55 13.68 22.28
CA VAL S 186 -73.07 14.51 21.21
C VAL S 186 -73.23 13.66 19.96
N GLY S 187 -74.36 13.83 19.27
CA GLY S 187 -74.56 13.19 17.99
C GLY S 187 -74.86 14.20 16.90
N LEU S 188 -73.93 14.35 15.97
CA LEU S 188 -74.13 15.25 14.84
C LEU S 188 -75.21 14.71 13.91
N THR S 189 -75.75 15.62 13.10
CA THR S 189 -76.58 15.21 11.97
C THR S 189 -76.59 16.39 10.99
N ILE S 190 -75.91 16.22 9.87
CA ILE S 190 -75.99 17.19 8.79
C ILE S 190 -77.27 16.92 8.00
N LYS S 191 -78.04 17.96 7.76
CA LYS S 191 -79.31 17.83 7.06
C LYS S 191 -79.14 18.20 5.60
N ASN S 192 -79.77 17.43 4.73
CA ASN S 192 -79.67 17.59 3.28
C ASN S 192 -78.21 17.65 2.86
N TYR S 193 -77.51 16.55 3.10
CA TYR S 193 -76.09 16.50 2.75
C TYR S 193 -75.86 16.21 1.28
N ASN S 194 -76.82 15.59 0.60
CA ASN S 194 -76.65 15.22 -0.79
C ASN S 194 -77.83 15.57 -1.68
N GLY S 195 -78.81 16.29 -1.16
CA GLY S 195 -79.97 16.69 -1.93
C GLY S 195 -81.21 15.88 -1.68
N ILE S 196 -81.08 14.72 -1.04
CA ILE S 196 -82.23 13.85 -0.82
C ILE S 196 -82.44 13.59 0.66
N GLU S 197 -81.46 12.97 1.30
CA GLU S 197 -81.60 12.51 2.68
C GLU S 197 -80.60 13.22 3.58
N ASP S 198 -80.69 12.93 4.87
CA ASP S 198 -79.81 13.52 5.86
C ASP S 198 -78.54 12.69 5.98
N PHE S 199 -77.69 13.03 6.95
CA PHE S 199 -76.48 12.25 7.21
C PHE S 199 -76.19 12.36 8.70
N LYS S 200 -76.42 11.28 9.43
CA LYS S 200 -76.22 11.28 10.87
C LYS S 200 -74.90 10.59 11.21
N PHE S 201 -74.12 11.23 12.06
CA PHE S 201 -72.92 10.61 12.58
C PHE S 201 -73.30 9.76 13.79
N ASP S 202 -72.30 9.16 14.41
CA ASP S 202 -72.56 8.43 15.64
C ASP S 202 -72.19 9.27 16.85
N ASN S 203 -72.69 8.86 18.01
CA ASN S 203 -72.46 9.61 19.23
C ASN S 203 -70.98 9.62 19.56
N VAL S 204 -70.51 10.76 20.10
CA VAL S 204 -69.11 10.94 20.44
C VAL S 204 -69.02 11.55 21.83
N VAL S 205 -68.24 10.90 22.70
CA VAL S 205 -68.03 11.44 24.04
C VAL S 205 -67.16 12.69 23.95
N ILE S 206 -67.15 13.47 25.02
CA ILE S 206 -66.46 14.76 24.98
C ILE S 206 -65.42 14.93 26.09
N SER S 207 -65.78 14.60 27.33
CA SER S 207 -65.32 15.41 28.45
C SER S 207 -63.81 15.61 28.57
N THR S 208 -63.07 14.62 29.08
CA THR S 208 -61.65 14.86 29.32
C THR S 208 -60.75 13.65 29.08
N SER S 209 -61.28 12.51 28.66
CA SER S 209 -60.46 11.31 28.59
C SER S 209 -59.68 11.29 27.28
N VAL S 210 -58.92 10.22 27.07
CA VAL S 210 -58.06 10.15 25.90
C VAL S 210 -58.89 10.12 24.62
N GLY S 211 -59.72 9.10 24.47
CA GLY S 211 -60.50 8.96 23.25
C GLY S 211 -61.74 9.82 23.24
N THR S 212 -61.67 11.00 23.84
CA THR S 212 -62.82 11.89 23.90
C THR S 212 -62.45 13.29 23.46
N GLY S 213 -63.45 14.13 23.21
CA GLY S 213 -63.21 15.52 22.94
C GLY S 213 -63.35 15.93 21.49
N LEU S 214 -63.01 17.19 21.25
CA LEU S 214 -63.11 17.72 19.90
C LEU S 214 -62.16 17.01 18.95
N GLY S 215 -61.08 16.42 19.46
CA GLY S 215 -60.25 15.59 18.62
C GLY S 215 -61.00 14.37 18.10
N ALA S 216 -61.72 13.69 18.99
CA ALA S 216 -62.54 12.57 18.58
C ALA S 216 -63.61 13.00 17.59
N LEU S 217 -64.25 14.15 17.85
CA LEU S 217 -65.27 14.60 16.91
C LEU S 217 -64.68 14.98 15.57
N ALA S 218 -63.49 15.58 15.55
CA ALA S 218 -62.84 15.91 14.29
C ALA S 218 -62.49 14.65 13.52
N GLU S 219 -62.00 13.63 14.21
CA GLU S 219 -61.78 12.34 13.55
C GLU S 219 -63.07 11.82 12.92
N GLU S 220 -64.14 11.79 13.71
CA GLU S 220 -65.39 11.20 13.22
C GLU S 220 -65.98 12.00 12.08
N ILE S 221 -65.69 13.30 12.01
CA ILE S 221 -66.24 14.11 10.92
C ILE S 221 -65.37 13.99 9.68
N ASN S 222 -64.05 14.12 9.85
CA ASN S 222 -63.15 14.06 8.70
C ASN S 222 -63.13 12.68 8.07
N LYS S 223 -63.46 11.63 8.82
CA LYS S 223 -63.49 10.29 8.23
C LYS S 223 -64.46 10.23 7.07
N SER S 224 -65.67 10.74 7.26
CA SER S 224 -66.69 10.74 6.21
C SER S 224 -66.70 12.08 5.47
N ALA S 225 -65.55 12.43 4.91
CA ALA S 225 -65.44 13.69 4.20
C ALA S 225 -65.82 13.59 2.73
N ASP S 226 -65.50 12.48 2.08
CA ASP S 226 -65.76 12.37 0.64
C ASP S 226 -67.24 12.38 0.31
N LYS S 227 -68.10 12.05 1.27
CA LYS S 227 -69.53 11.95 1.00
C LYS S 227 -70.31 13.17 1.47
N THR S 228 -69.79 13.93 2.42
CA THR S 228 -70.50 15.10 2.90
C THR S 228 -69.88 16.40 2.42
N GLY S 229 -68.59 16.42 2.12
CA GLY S 229 -67.94 17.65 1.73
C GLY S 229 -67.53 18.53 2.89
N VAL S 230 -67.72 18.06 4.11
CA VAL S 230 -67.51 18.87 5.31
C VAL S 230 -66.34 18.29 6.08
N ARG S 231 -65.23 19.01 6.10
CA ARG S 231 -64.09 18.66 6.93
C ARG S 231 -64.12 19.50 8.20
N ALA S 232 -63.30 19.11 9.16
CA ALA S 232 -63.35 19.75 10.47
C ALA S 232 -61.97 19.80 11.10
N THR S 233 -61.79 20.79 11.98
CA THR S 233 -60.60 20.92 12.80
C THR S 233 -61.04 21.46 14.16
N TYR S 234 -60.08 21.87 14.97
CA TYR S 234 -60.40 22.34 16.31
C TYR S 234 -59.30 23.26 16.81
N ASP S 235 -59.60 23.92 17.93
CA ASP S 235 -58.62 24.81 18.56
C ASP S 235 -59.00 24.90 20.04
N VAL S 236 -58.27 24.17 20.88
CA VAL S 236 -58.61 24.03 22.29
C VAL S 236 -57.57 24.80 23.09
N LYS S 237 -57.92 26.01 23.51
CA LYS S 237 -57.05 26.82 24.35
C LYS S 237 -57.89 27.47 25.44
N THR S 238 -57.23 27.83 26.53
CA THR S 238 -57.83 28.59 27.61
C THR S 238 -56.83 29.67 27.99
N THR S 239 -56.92 30.81 27.32
CA THR S 239 -55.99 31.92 27.53
C THR S 239 -56.61 32.95 28.45
N GLY S 240 -55.84 33.41 29.42
CA GLY S 240 -56.32 34.39 30.35
C GLY S 240 -56.41 35.79 29.76
N VAL S 241 -56.75 36.74 30.62
CA VAL S 241 -56.76 38.16 30.31
C VAL S 241 -55.92 38.86 31.37
N TYR S 242 -55.74 40.17 31.21
CA TYR S 242 -54.99 40.98 32.17
C TYR S 242 -53.68 40.27 32.55
N ALA S 243 -52.76 40.29 31.59
CA ALA S 243 -51.85 39.19 31.30
C ALA S 243 -51.44 38.34 32.49
N ILE S 244 -50.82 38.92 33.51
CA ILE S 244 -50.51 38.10 34.69
C ILE S 244 -50.07 38.99 35.85
N LYS S 245 -50.42 38.59 37.07
CA LYS S 245 -49.95 39.26 38.28
C LYS S 245 -49.44 38.21 39.26
N GLU S 246 -49.14 38.63 40.49
CA GLU S 246 -48.60 37.72 41.49
C GLU S 246 -49.72 37.10 42.30
N GLY S 247 -49.67 35.78 42.46
CA GLY S 247 -50.68 35.07 43.23
C GLY S 247 -50.23 33.66 43.49
N THR S 248 -51.13 32.88 44.10
CA THR S 248 -50.86 31.49 44.42
C THR S 248 -52.06 30.64 44.04
N THR S 249 -51.80 29.35 43.83
CA THR S 249 -52.86 28.39 43.58
C THR S 249 -53.31 27.75 44.89
N SER S 250 -54.51 27.19 44.87
CA SER S 250 -55.01 26.52 46.05
C SER S 250 -54.33 25.16 46.23
N GLN S 251 -54.36 24.68 47.46
CA GLN S 251 -53.66 23.44 47.80
C GLN S 251 -54.20 22.24 47.03
N ASP S 252 -55.40 22.35 46.45
CA ASP S 252 -56.03 21.26 45.73
C ASP S 252 -56.15 21.57 44.24
N PHE S 253 -55.27 22.41 43.73
CA PHE S 253 -55.25 22.73 42.30
C PHE S 253 -55.02 21.48 41.48
N ALA S 254 -55.99 21.12 40.66
CA ALA S 254 -55.89 19.96 39.78
C ALA S 254 -56.42 20.33 38.41
N ILE S 255 -55.95 19.60 37.41
CA ILE S 255 -56.31 19.86 36.01
C ILE S 255 -56.52 18.53 35.31
N ASN S 256 -57.70 18.36 34.70
CA ASN S 256 -58.09 17.10 34.06
C ASN S 256 -58.00 15.91 35.01
N GLY S 257 -58.06 16.14 36.32
CA GLY S 257 -58.13 15.06 37.28
C GLY S 257 -56.84 14.72 37.97
N VAL S 258 -55.73 15.39 37.67
CA VAL S 258 -54.46 15.16 38.34
C VAL S 258 -54.13 16.40 39.17
N THR S 259 -53.77 16.18 40.43
CA THR S 259 -53.57 17.27 41.36
C THR S 259 -52.16 17.81 41.26
N ILE S 260 -52.04 19.14 41.19
CA ILE S 260 -50.74 19.78 41.05
C ILE S 260 -50.26 20.28 42.40
N GLY S 261 -51.02 21.16 43.02
CA GLY S 261 -50.70 21.67 44.35
C GLY S 261 -50.50 23.17 44.35
N LYS S 262 -50.04 23.68 45.49
CA LYS S 262 -49.88 25.11 45.68
C LYS S 262 -48.59 25.58 45.03
N ILE S 263 -48.69 26.62 44.21
CA ILE S 263 -47.55 27.20 43.51
C ILE S 263 -47.61 28.70 43.70
N GLU S 264 -46.57 29.27 44.31
CA GLU S 264 -46.48 30.72 44.46
C GLU S 264 -45.72 31.30 43.26
N TYR S 265 -46.41 32.05 42.42
CA TYR S 265 -45.82 32.62 41.22
C TYR S 265 -45.70 34.13 41.37
N LYS S 266 -44.72 34.69 40.67
CA LYS S 266 -44.39 36.10 40.81
C LYS S 266 -45.18 36.94 39.83
N ASP S 267 -44.86 38.24 39.77
CA ASP S 267 -45.67 39.20 39.03
C ASP S 267 -45.81 38.79 37.56
N GLY S 268 -44.72 38.80 36.82
CA GLY S 268 -44.79 38.45 35.42
C GLY S 268 -44.49 36.98 35.23
N ASP S 269 -44.61 36.21 36.31
CA ASP S 269 -44.17 34.82 36.35
C ASP S 269 -42.68 34.73 36.02
N GLY S 270 -41.90 35.60 36.66
CA GLY S 270 -40.46 35.60 36.43
C GLY S 270 -39.81 34.28 36.76
N ASN S 271 -40.35 33.55 37.74
CA ASN S 271 -39.81 32.25 38.06
C ASN S 271 -40.09 31.23 36.96
N GLY S 272 -41.15 31.44 36.18
CA GLY S 272 -41.60 30.39 35.30
C GLY S 272 -42.05 29.15 36.02
N SER S 273 -42.23 29.24 37.34
CA SER S 273 -42.58 28.08 38.14
C SER S 273 -43.96 27.57 37.80
N LEU S 274 -44.91 28.47 37.57
CA LEU S 274 -46.26 28.04 37.20
C LEU S 274 -46.24 27.24 35.89
N ILE S 275 -45.56 27.77 34.88
CA ILE S 275 -45.48 27.08 33.60
C ILE S 275 -44.79 25.73 33.75
N SER S 276 -43.65 25.71 34.45
CA SER S 276 -42.92 24.46 34.61
C SER S 276 -43.72 23.44 35.38
N ALA S 277 -44.43 23.86 36.42
CA ALA S 277 -45.22 22.92 37.20
C ALA S 277 -46.38 22.37 36.38
N ILE S 278 -47.10 23.22 35.67
CA ILE S 278 -48.22 22.74 34.86
C ILE S 278 -47.71 21.82 33.75
N ASN S 279 -46.50 22.08 33.26
CA ASN S 279 -45.95 21.24 32.20
C ASN S 279 -45.37 19.94 32.73
N ALA S 280 -45.05 19.85 34.01
CA ALA S 280 -44.50 18.62 34.57
C ALA S 280 -45.41 17.41 34.34
N VAL S 281 -46.69 17.63 34.03
CA VAL S 281 -47.63 16.54 33.82
C VAL S 281 -48.32 16.71 32.48
N LYS S 282 -47.61 17.32 31.52
CA LYS S 282 -48.21 17.59 30.22
C LYS S 282 -48.63 16.32 29.51
N ASP S 283 -47.85 15.26 29.62
CA ASP S 283 -48.16 14.02 28.93
C ASP S 283 -49.11 13.12 29.70
N THR S 284 -49.54 13.53 30.89
CA THR S 284 -50.61 12.83 31.58
C THR S 284 -51.94 13.55 31.43
N THR S 285 -51.93 14.88 31.41
CA THR S 285 -53.17 15.61 31.21
C THR S 285 -53.52 15.81 29.75
N GLY S 286 -52.54 16.18 28.93
CA GLY S 286 -52.82 16.65 27.59
C GLY S 286 -52.87 18.15 27.50
N VAL S 287 -52.28 18.87 28.44
CA VAL S 287 -52.33 20.31 28.51
C VAL S 287 -50.91 20.85 28.52
N GLN S 288 -50.58 21.66 27.51
CA GLN S 288 -49.25 22.22 27.34
C GLN S 288 -49.32 23.69 27.72
N ALA S 289 -48.96 24.01 28.97
CA ALA S 289 -48.98 25.39 29.39
C ALA S 289 -47.88 26.18 28.68
N SER S 290 -48.08 27.47 28.58
CA SER S 290 -47.14 28.34 27.88
C SER S 290 -47.35 29.76 28.38
N LYS S 291 -46.56 30.68 27.85
CA LYS S 291 -46.65 32.09 28.19
C LYS S 291 -46.74 32.91 26.92
N ASP S 292 -47.83 33.66 26.77
CA ASP S 292 -48.04 34.45 25.57
C ASP S 292 -47.03 35.59 25.50
N GLU S 293 -47.03 36.28 24.37
CA GLU S 293 -46.08 37.37 24.15
C GLU S 293 -46.43 38.56 25.03
N ASN S 294 -47.71 38.90 25.13
CA ASN S 294 -48.15 39.98 25.99
C ASN S 294 -48.08 39.64 27.47
N GLY S 295 -47.56 38.46 27.82
CA GLY S 295 -47.47 38.06 29.20
C GLY S 295 -48.64 37.24 29.70
N LYS S 296 -49.64 37.00 28.87
CA LYS S 296 -50.80 36.22 29.30
C LYS S 296 -50.42 34.77 29.51
N LEU S 297 -51.33 34.02 30.12
CA LEU S 297 -51.15 32.60 30.40
C LEU S 297 -52.00 31.79 29.44
N VAL S 298 -51.38 30.84 28.75
CA VAL S 298 -52.05 30.05 27.72
C VAL S 298 -51.97 28.59 28.11
N LEU S 299 -53.11 27.89 28.03
CA LEU S 299 -53.18 26.46 28.26
C LEU S 299 -53.79 25.83 27.02
N THR S 300 -52.99 25.13 26.24
CA THR S 300 -53.45 24.50 25.03
C THR S 300 -53.46 22.99 25.17
N SER S 301 -54.24 22.33 24.32
CA SER S 301 -54.33 20.89 24.28
C SER S 301 -54.17 20.44 22.84
N ALA S 302 -53.18 19.58 22.60
CA ALA S 302 -52.86 19.17 21.23
C ALA S 302 -53.99 18.34 20.63
N ASP S 303 -54.29 17.19 21.25
CA ASP S 303 -55.31 16.29 20.75
C ASP S 303 -56.73 16.67 21.19
N GLY S 304 -56.92 17.89 21.66
CA GLY S 304 -58.25 18.38 21.98
C GLY S 304 -59.00 17.59 23.03
N ARG S 305 -58.38 17.36 24.18
CA ARG S 305 -59.06 16.68 25.27
C ARG S 305 -59.94 17.59 26.10
N GLY S 306 -59.73 18.90 26.02
CA GLY S 306 -60.54 19.82 26.79
C GLY S 306 -59.97 20.07 28.16
N ILE S 307 -59.66 21.33 28.46
CA ILE S 307 -59.04 21.67 29.72
C ILE S 307 -60.14 21.86 30.77
N LYS S 308 -59.94 21.26 31.94
CA LYS S 308 -60.85 21.43 33.06
C LYS S 308 -60.03 21.51 34.33
N ILE S 309 -59.88 22.70 34.88
CA ILE S 309 -59.19 22.86 36.15
C ILE S 309 -60.22 22.82 37.25
N THR S 310 -59.87 22.19 38.38
CA THR S 310 -60.82 21.96 39.45
C THR S 310 -60.57 22.88 40.64
N GLY S 311 -59.36 22.87 41.18
CA GLY S 311 -59.04 23.72 42.30
C GLY S 311 -59.00 25.18 41.92
N ASP S 312 -58.61 26.01 42.87
CA ASP S 312 -58.48 27.44 42.64
C ASP S 312 -57.13 27.70 41.98
N ILE S 313 -57.12 27.97 40.68
CA ILE S 313 -55.88 28.31 40.00
C ILE S 313 -55.31 29.60 40.55
N GLY S 314 -56.13 30.43 41.18
CA GLY S 314 -55.64 31.65 41.76
C GLY S 314 -55.81 32.80 40.79
N VAL S 315 -56.80 33.67 41.05
CA VAL S 315 -56.97 34.84 40.22
C VAL S 315 -55.74 35.70 40.37
N GLY S 316 -55.37 36.39 39.29
CA GLY S 316 -54.07 37.04 39.27
C GLY S 316 -53.21 36.34 38.23
N SER S 317 -53.69 35.18 37.79
CA SER S 317 -53.11 34.50 36.66
C SER S 317 -53.85 34.79 35.37
N GLY S 318 -55.04 35.38 35.45
CA GLY S 318 -55.78 35.78 34.29
C GLY S 318 -56.93 34.88 33.91
N ILE S 319 -57.08 33.73 34.55
CA ILE S 319 -58.10 32.76 34.17
C ILE S 319 -59.29 32.95 35.11
N LEU S 320 -60.36 33.53 34.59
CA LEU S 320 -61.54 33.78 35.38
C LEU S 320 -62.22 32.46 35.73
N ALA S 321 -63.15 32.54 36.68
CA ALA S 321 -63.89 31.35 37.09
C ALA S 321 -64.90 30.89 36.05
N ASN S 322 -64.93 31.52 34.89
CA ASN S 322 -65.82 31.11 33.82
C ASN S 322 -65.12 30.26 32.77
N GLN S 323 -63.80 30.20 32.77
CA GLN S 323 -63.04 29.41 31.82
C GLN S 323 -62.54 28.10 32.41
N LYS S 324 -62.83 27.83 33.69
CA LYS S 324 -62.27 26.65 34.33
C LYS S 324 -62.71 25.37 33.64
N GLU S 325 -63.84 25.39 32.96
CA GLU S 325 -64.38 24.21 32.29
C GLU S 325 -64.45 24.52 30.79
N ASN S 326 -63.37 24.24 30.08
CA ASN S 326 -63.25 24.59 28.67
C ASN S 326 -63.19 23.33 27.81
N TYR S 327 -63.70 23.44 26.59
CA TYR S 327 -63.59 22.36 25.63
C TYR S 327 -63.29 22.86 24.21
N GLY S 328 -62.70 24.04 24.06
CA GLY S 328 -62.36 24.51 22.73
C GLY S 328 -63.58 24.79 21.88
N ARG S 329 -63.33 24.94 20.58
CA ARG S 329 -64.39 25.23 19.63
C ARG S 329 -64.12 24.51 18.33
N LEU S 330 -65.20 24.14 17.63
CA LEU S 330 -65.12 23.41 16.39
C LEU S 330 -65.01 24.37 15.22
N SER S 331 -64.57 23.83 14.07
CA SER S 331 -64.44 24.63 12.85
C SER S 331 -64.73 23.73 11.66
N LEU S 332 -65.94 23.83 11.13
CA LEU S 332 -66.30 23.09 9.94
C LEU S 332 -65.90 23.88 8.70
N VAL S 333 -65.65 23.15 7.60
CA VAL S 333 -65.27 23.76 6.34
C VAL S 333 -65.85 22.95 5.19
N LYS S 334 -66.72 23.57 4.41
CA LYS S 334 -67.23 22.95 3.19
C LYS S 334 -66.36 23.37 2.02
N ASN S 335 -66.78 23.06 0.80
CA ASN S 335 -66.04 23.53 -0.37
C ASN S 335 -67.00 23.92 -1.49
N ASP S 336 -68.19 24.40 -1.15
CA ASP S 336 -69.08 24.91 -2.19
C ASP S 336 -69.81 26.20 -1.84
N GLY S 337 -69.87 26.61 -0.58
CA GLY S 337 -70.48 27.87 -0.26
C GLY S 337 -71.97 27.86 0.02
N ARG S 338 -72.48 26.82 0.66
CA ARG S 338 -73.86 26.77 1.13
C ARG S 338 -73.86 26.48 2.62
N ASP S 339 -74.75 27.14 3.35
CA ASP S 339 -74.75 27.04 4.80
C ASP S 339 -74.86 25.60 5.25
N ILE S 340 -73.83 25.10 5.92
CA ILE S 340 -73.89 23.77 6.52
C ILE S 340 -75.04 23.76 7.51
N ASN S 341 -76.02 22.91 7.26
CA ASN S 341 -77.27 22.90 8.02
C ASN S 341 -77.19 21.90 9.17
N ILE S 342 -76.20 22.10 10.04
CA ILE S 342 -76.02 21.22 11.18
C ILE S 342 -77.27 21.24 12.06
N SER S 343 -77.76 20.05 12.39
CA SER S 343 -78.84 19.92 13.38
C SER S 343 -78.72 18.54 14.00
N GLY S 344 -78.10 18.47 15.16
CA GLY S 344 -77.85 17.22 15.84
C GLY S 344 -78.88 16.92 16.91
N THR S 345 -78.45 16.15 17.91
CA THR S 345 -79.29 15.81 19.05
C THR S 345 -78.91 16.57 20.31
N ASN S 346 -77.63 16.60 20.66
CA ASN S 346 -77.14 17.29 21.84
C ASN S 346 -75.98 18.16 21.38
N LEU S 347 -76.30 19.36 20.89
CA LEU S 347 -75.30 20.19 20.24
C LEU S 347 -74.67 21.20 21.18
N SER S 348 -75.30 21.51 22.32
CA SER S 348 -74.74 22.49 23.22
C SER S 348 -73.39 22.07 23.79
N ALA S 349 -72.95 20.85 23.52
CA ALA S 349 -71.65 20.41 24.00
C ALA S 349 -70.53 20.81 23.06
N ILE S 350 -70.84 21.04 21.78
CA ILE S 350 -69.83 21.46 20.82
C ILE S 350 -69.90 22.96 20.55
N GLY S 351 -70.67 23.70 21.34
CA GLY S 351 -70.76 25.12 21.14
C GLY S 351 -71.59 25.55 19.96
N MET S 352 -72.36 24.62 19.38
CA MET S 352 -73.22 24.95 18.25
C MET S 352 -74.68 24.72 18.60
N GLY S 353 -75.02 24.85 19.87
CA GLY S 353 -76.38 24.63 20.32
C GLY S 353 -77.33 25.71 19.82
N THR S 354 -78.57 25.63 20.32
CA THR S 354 -79.59 26.58 19.90
C THR S 354 -79.39 27.95 20.52
N THR S 355 -78.59 28.07 21.58
CA THR S 355 -78.38 29.34 22.26
C THR S 355 -76.95 29.83 22.12
N ASP S 356 -76.16 29.25 21.23
CA ASP S 356 -74.75 29.56 21.11
C ASP S 356 -74.51 30.37 19.84
N MET S 357 -73.75 31.44 19.98
CA MET S 357 -73.47 32.36 18.88
C MET S 357 -72.36 31.79 18.02
N ILE S 358 -72.67 31.46 16.77
CA ILE S 358 -71.69 30.94 15.84
C ILE S 358 -71.46 31.96 14.74
N SER S 359 -70.42 31.73 13.95
CA SER S 359 -70.11 32.58 12.81
C SER S 359 -69.98 31.73 11.56
N GLN S 360 -70.19 32.36 10.40
CA GLN S 360 -70.14 31.65 9.13
C GLN S 360 -70.08 32.66 8.01
N SER S 361 -69.35 32.31 6.95
CA SER S 361 -69.19 33.20 5.81
C SER S 361 -68.54 32.44 4.67
N SER S 362 -68.95 32.78 3.46
CA SER S 362 -68.37 32.22 2.25
C SER S 362 -67.39 33.22 1.67
N VAL S 363 -66.20 32.76 1.32
CA VAL S 363 -65.09 33.61 0.93
C VAL S 363 -64.68 33.28 -0.49
N SER S 364 -64.59 34.30 -1.34
CA SER S 364 -64.17 34.10 -2.71
C SER S 364 -62.65 34.16 -2.80
N LEU S 365 -62.13 33.73 -3.95
CA LEU S 365 -60.68 33.74 -4.16
C LEU S 365 -60.15 35.16 -4.08
N ARG S 366 -60.83 36.12 -4.71
CA ARG S 366 -60.44 37.51 -4.56
C ARG S 366 -60.57 37.97 -3.12
N GLU S 367 -61.73 37.69 -2.50
CA GLU S 367 -61.93 38.08 -1.12
C GLU S 367 -60.85 37.55 -0.20
N SER S 368 -60.14 36.51 -0.61
CA SER S 368 -59.00 36.04 0.16
C SER S 368 -57.75 36.87 -0.09
N LYS S 369 -57.74 37.70 -1.14
CA LYS S 369 -56.55 38.42 -1.51
C LYS S 369 -56.34 39.70 -0.70
N GLY S 370 -57.43 40.28 -0.19
CA GLY S 370 -57.35 41.52 0.56
C GLY S 370 -57.25 41.27 2.05
N GLN S 371 -57.55 42.31 2.82
CA GLN S 371 -57.48 42.24 4.27
C GLN S 371 -58.66 41.45 4.80
N ILE S 372 -58.37 40.45 5.63
CA ILE S 372 -59.41 39.59 6.19
C ILE S 372 -60.12 40.36 7.30
N SER S 373 -61.41 40.65 7.10
CA SER S 373 -62.18 41.32 8.13
C SER S 373 -62.26 40.46 9.38
N ALA S 374 -62.75 41.07 10.47
CA ALA S 374 -62.81 40.35 11.74
C ALA S 374 -63.90 39.29 11.73
N THR S 375 -65.07 39.64 11.19
CA THR S 375 -66.16 38.67 11.09
C THR S 375 -65.74 37.49 10.21
N ASN S 376 -65.00 37.77 9.15
CA ASN S 376 -64.54 36.70 8.28
C ASN S 376 -63.48 35.86 8.97
N ALA S 377 -62.54 36.50 9.67
CA ALA S 377 -61.45 35.76 10.30
C ALA S 377 -61.97 34.84 11.39
N ASP S 378 -62.95 35.30 12.15
CA ASP S 378 -63.50 34.45 13.19
C ASP S 378 -64.03 33.15 12.61
N ALA S 379 -64.76 33.24 11.50
CA ALA S 379 -65.19 32.03 10.80
C ALA S 379 -64.01 31.24 10.27
N MET S 380 -63.00 31.92 9.73
CA MET S 380 -61.81 31.24 9.24
C MET S 380 -61.24 30.30 10.28
N GLY S 381 -61.18 30.75 11.52
CA GLY S 381 -60.69 29.89 12.58
C GLY S 381 -59.55 30.46 13.39
N PHE S 382 -59.35 31.77 13.32
CA PHE S 382 -58.42 32.43 14.23
C PHE S 382 -59.06 32.53 15.62
N ASN S 383 -58.38 33.27 16.50
CA ASN S 383 -58.97 33.81 17.72
C ASN S 383 -59.85 32.82 18.46
N SER S 384 -59.23 31.78 19.04
CA SER S 384 -59.95 30.71 19.72
C SER S 384 -61.11 31.19 20.59
N TYR S 385 -60.94 32.31 21.29
CA TYR S 385 -61.99 32.77 22.21
C TYR S 385 -62.86 33.87 21.59
N LYS S 386 -63.63 33.49 20.58
CA LYS S 386 -64.72 34.30 20.03
C LYS S 386 -64.26 35.72 19.70
N GLY S 387 -63.34 35.80 18.76
CA GLY S 387 -62.76 37.07 18.39
C GLY S 387 -61.67 37.50 19.35
N GLY S 388 -60.57 37.97 18.78
CA GLY S 388 -59.38 38.27 19.53
C GLY S 388 -59.46 39.46 20.46
N GLY S 389 -60.64 40.01 20.68
CA GLY S 389 -60.75 41.18 21.53
C GLY S 389 -60.89 40.81 22.98
N LYS S 390 -61.92 41.33 23.64
CA LYS S 390 -62.16 40.99 25.03
C LYS S 390 -62.92 39.67 25.12
N PHE S 391 -62.87 39.06 26.29
CA PHE S 391 -63.66 37.88 26.56
C PHE S 391 -65.10 38.29 26.84
N VAL S 392 -66.05 37.45 26.44
CA VAL S 392 -67.46 37.77 26.49
C VAL S 392 -68.17 36.80 27.43
N PHE S 393 -68.91 37.35 28.40
CA PHE S 393 -69.71 36.57 29.32
C PHE S 393 -71.18 36.64 28.92
N THR S 394 -72.04 36.02 29.75
CA THR S 394 -73.47 36.26 29.73
C THR S 394 -74.03 36.37 31.14
N GLN S 395 -73.21 36.84 32.08
CA GLN S 395 -73.54 36.77 33.49
C GLN S 395 -74.62 37.80 33.84
N ASN S 396 -74.91 37.93 35.13
CA ASN S 396 -76.06 38.71 35.59
C ASN S 396 -75.63 39.90 36.44
N VAL S 397 -74.67 40.67 35.96
CA VAL S 397 -74.07 41.75 36.74
C VAL S 397 -74.20 43.06 35.97
N SER S 398 -74.52 44.13 36.69
CA SER S 398 -74.59 45.45 36.08
C SER S 398 -73.21 45.95 35.66
N SER S 399 -72.24 45.88 36.56
CA SER S 399 -70.94 46.46 36.30
C SER S 399 -69.84 45.62 36.94
N ILE S 400 -68.64 45.75 36.38
CA ILE S 400 -67.44 45.05 36.84
C ILE S 400 -67.28 45.18 38.35
N SER S 401 -67.70 46.31 38.91
CA SER S 401 -67.69 46.48 40.35
C SER S 401 -68.48 45.38 41.05
N ALA S 402 -69.74 45.21 40.65
CA ALA S 402 -70.55 44.16 41.26
C ALA S 402 -70.07 42.77 40.85
N PHE S 403 -69.47 42.64 39.67
CA PHE S 403 -68.93 41.35 39.26
C PHE S 403 -67.80 40.92 40.18
N MET S 404 -66.97 41.86 40.61
CA MET S 404 -65.91 41.56 41.55
C MET S 404 -66.47 41.34 42.95
N SER S 405 -67.44 42.16 43.36
CA SER S 405 -68.01 42.00 44.69
C SER S 405 -68.77 40.70 44.85
N ALA S 406 -69.27 40.14 43.74
CA ALA S 406 -70.18 39.02 43.82
C ALA S 406 -69.47 37.75 44.27
N GLN S 407 -70.26 36.75 44.60
CA GLN S 407 -69.76 35.46 45.04
C GLN S 407 -69.21 34.68 43.84
N GLY S 408 -68.41 33.66 44.12
CA GLY S 408 -67.88 32.81 43.08
C GLY S 408 -66.58 33.28 42.49
N SER S 409 -66.53 34.54 42.05
CA SER S 409 -65.31 35.09 41.50
C SER S 409 -64.25 35.18 42.59
N GLY S 410 -63.00 35.35 42.16
CA GLY S 410 -61.90 35.38 43.09
C GLY S 410 -61.64 36.75 43.68
N PHE S 411 -62.57 37.67 43.47
CA PHE S 411 -62.40 39.05 43.92
C PHE S 411 -63.27 39.39 45.13
N SER S 412 -63.78 38.39 45.84
CA SER S 412 -64.66 38.67 46.97
C SER S 412 -63.91 39.44 48.05
N ARG S 413 -64.67 39.98 49.00
CA ARG S 413 -64.08 40.74 50.09
C ARG S 413 -63.08 39.91 50.88
N GLY S 414 -63.34 38.61 51.01
CA GLY S 414 -62.41 37.77 51.76
C GLY S 414 -61.07 37.64 51.05
N SER S 415 -61.09 37.39 49.74
CA SER S 415 -59.86 37.24 48.99
C SER S 415 -59.06 38.55 49.01
N GLY S 416 -57.76 38.41 48.78
CA GLY S 416 -56.90 39.58 48.76
C GLY S 416 -57.11 40.48 47.57
N PHE S 417 -57.67 39.96 46.50
CA PHE S 417 -57.82 40.72 45.25
C PHE S 417 -59.13 41.48 45.20
N SER S 418 -59.45 42.22 46.25
CA SER S 418 -60.66 43.00 46.25
C SER S 418 -60.43 44.33 45.54
N VAL S 419 -61.53 44.98 45.17
CA VAL S 419 -61.43 46.30 44.57
C VAL S 419 -60.91 47.28 45.61
N GLY S 420 -59.91 48.07 45.22
CA GLY S 420 -59.29 48.99 46.16
C GLY S 420 -58.33 48.33 47.11
N SER S 421 -57.68 47.24 46.71
CA SER S 421 -56.75 46.51 47.57
C SER S 421 -55.32 46.55 47.02
N GLY S 422 -55.00 47.56 46.23
CA GLY S 422 -53.66 47.74 45.72
C GLY S 422 -53.28 46.86 44.55
N LYS S 423 -54.00 45.76 44.32
CA LYS S 423 -53.68 44.92 43.17
C LYS S 423 -54.05 45.60 41.86
N ASN S 424 -55.08 46.43 41.87
CA ASN S 424 -55.49 47.20 40.69
C ASN S 424 -55.83 46.29 39.51
N LEU S 425 -56.69 45.30 39.77
CA LEU S 425 -57.14 44.43 38.69
C LEU S 425 -58.39 44.96 38.00
N SER S 426 -58.98 46.03 38.51
CA SER S 426 -60.14 46.61 37.84
C SER S 426 -59.79 47.07 36.43
N VAL S 427 -58.63 47.70 36.26
CA VAL S 427 -58.21 48.13 34.93
C VAL S 427 -57.94 46.92 34.04
N GLY S 428 -57.36 45.87 34.62
CA GLY S 428 -57.12 44.67 33.85
C GLY S 428 -58.40 44.07 33.31
N LEU S 429 -59.41 43.97 34.17
CA LEU S 429 -60.70 43.44 33.72
C LEU S 429 -61.36 44.38 32.72
N SER S 430 -61.31 45.69 32.96
CA SER S 430 -61.87 46.64 32.00
C SER S 430 -61.22 46.48 30.63
N GLN S 431 -59.96 46.10 30.59
CA GLN S 431 -59.26 45.81 29.35
C GLN S 431 -59.24 44.30 29.15
N GLY S 432 -60.37 43.75 28.70
CA GLY S 432 -60.40 42.33 28.38
C GLY S 432 -61.62 41.57 28.83
N ILE S 433 -62.60 42.26 29.41
CA ILE S 433 -63.85 41.63 29.82
C ILE S 433 -65.01 42.44 29.27
N GLN S 434 -65.99 41.77 28.69
CA GLN S 434 -67.22 42.41 28.22
C GLN S 434 -68.39 41.54 28.68
N ILE S 435 -69.04 41.95 29.75
CA ILE S 435 -70.15 41.19 30.33
C ILE S 435 -71.43 41.58 29.63
N ILE S 436 -72.15 40.59 29.11
CA ILE S 436 -73.47 40.81 28.56
C ILE S 436 -74.50 40.64 29.67
N SER S 437 -75.30 41.68 29.89
CA SER S 437 -76.24 41.67 31.01
C SER S 437 -77.26 40.54 30.88
N SER S 438 -78.08 40.58 29.83
CA SER S 438 -79.14 39.59 29.64
C SER S 438 -79.08 39.08 28.22
N ALA S 439 -78.96 37.76 28.07
CA ALA S 439 -78.84 37.17 26.74
C ALA S 439 -80.08 37.41 25.90
N ALA S 440 -81.22 37.74 26.51
CA ALA S 440 -82.42 38.01 25.74
C ALA S 440 -82.32 39.32 24.99
N SER S 441 -81.69 40.33 25.59
CA SER S 441 -81.61 41.67 25.02
C SER S 441 -80.16 42.13 25.07
N MET S 442 -79.43 41.89 23.99
CA MET S 442 -78.03 42.31 23.89
C MET S 442 -77.80 42.93 22.51
N SER S 443 -78.07 44.23 22.42
CA SER S 443 -77.73 45.00 21.24
C SER S 443 -76.43 45.78 21.40
N ASN S 444 -75.84 45.75 22.58
CA ASN S 444 -74.63 46.50 22.88
C ASN S 444 -73.37 45.70 22.60
N THR S 445 -73.47 44.47 22.12
CA THR S 445 -72.30 43.67 21.83
C THR S 445 -72.36 43.06 20.45
N TYR S 446 -73.56 42.83 19.94
CA TYR S 446 -73.75 42.27 18.61
C TYR S 446 -74.58 43.22 17.77
N VAL S 447 -74.35 43.19 16.47
CA VAL S 447 -75.16 43.98 15.56
C VAL S 447 -76.48 43.25 15.33
N VAL S 448 -77.47 43.55 16.17
CA VAL S 448 -78.69 42.75 16.22
C VAL S 448 -79.89 43.69 16.20
N SER S 449 -79.66 44.95 15.82
CA SER S 449 -80.72 45.94 15.84
C SER S 449 -81.79 45.60 14.80
N ALA S 450 -82.86 46.40 14.80
CA ALA S 450 -84.02 46.09 13.99
C ALA S 450 -83.72 46.17 12.50
N GLY S 451 -82.81 47.07 12.11
CA GLY S 451 -82.52 47.22 10.69
C GLY S 451 -81.88 46.00 10.09
N SER S 452 -80.93 45.39 10.79
CA SER S 452 -80.27 44.20 10.30
C SER S 452 -81.26 43.05 10.17
N GLY S 453 -80.82 41.99 9.52
CA GLY S 453 -81.66 40.82 9.36
C GLY S 453 -81.44 39.80 10.47
N PHE S 454 -81.00 40.28 11.63
CA PHE S 454 -80.66 39.42 12.74
C PHE S 454 -81.51 39.70 13.99
N SER S 455 -82.61 40.42 13.82
CA SER S 455 -83.47 40.76 14.94
C SER S 455 -83.87 39.51 15.72
N SER S 456 -83.85 39.61 17.04
CA SER S 456 -84.22 38.49 17.88
C SER S 456 -85.64 38.03 17.57
N GLY S 457 -85.82 36.72 17.47
CA GLY S 457 -87.11 36.17 17.11
C GLY S 457 -87.46 36.31 15.65
N SER S 458 -86.53 36.73 14.80
CA SER S 458 -86.74 36.85 13.36
C SER S 458 -85.87 35.88 12.59
N GLY S 459 -85.48 34.77 13.20
CA GLY S 459 -84.55 33.85 12.59
C GLY S 459 -83.16 34.45 12.51
N ASN S 460 -82.15 33.60 12.32
CA ASN S 460 -80.76 34.02 12.22
C ASN S 460 -80.27 34.76 13.45
N SER S 461 -81.03 34.74 14.54
CA SER S 461 -80.68 35.49 15.74
C SER S 461 -79.43 34.97 16.42
N GLN S 462 -78.76 33.97 15.86
CA GLN S 462 -77.54 33.42 16.46
C GLN S 462 -76.35 33.50 15.52
N PHE S 463 -76.44 34.28 14.45
CA PHE S 463 -75.32 34.48 13.55
C PHE S 463 -74.86 35.93 13.50
N ALA S 464 -75.39 36.79 14.36
CA ALA S 464 -75.07 38.21 14.28
C ALA S 464 -73.60 38.46 14.54
N ALA S 465 -73.08 39.51 13.89
CA ALA S 465 -71.66 39.83 13.98
C ALA S 465 -71.37 40.57 15.28
N LEU S 466 -70.25 40.23 15.91
CA LEU S 466 -69.82 40.92 17.11
C LEU S 466 -69.50 42.37 16.77
N LYS S 467 -69.62 43.24 17.78
CA LYS S 467 -69.44 44.67 17.57
C LYS S 467 -68.04 45.11 17.95
N THR S 468 -67.44 45.94 17.10
CA THR S 468 -66.03 46.26 17.21
C THR S 468 -65.75 47.30 18.28
N THR S 469 -66.76 48.07 18.70
CA THR S 469 -66.53 48.98 19.81
C THR S 469 -66.74 48.26 21.15
N ALA S 470 -67.70 47.33 21.20
CA ALA S 470 -67.86 46.51 22.39
C ALA S 470 -66.63 45.65 22.63
N ALA S 471 -66.33 44.76 21.68
CA ALA S 471 -65.09 43.99 21.73
C ALA S 471 -63.97 44.86 21.18
N ASN S 472 -62.83 44.25 20.88
CA ASN S 472 -61.74 44.95 20.21
C ASN S 472 -61.31 44.17 18.98
N THR S 473 -62.28 43.64 18.25
CA THR S 473 -61.98 42.85 17.08
C THR S 473 -61.30 43.70 16.01
N THR S 474 -60.12 43.27 15.58
CA THR S 474 -59.39 43.96 14.52
C THR S 474 -59.17 42.98 13.38
N ASP S 475 -58.99 43.54 12.18
CA ASP S 475 -58.78 42.72 11.01
C ASP S 475 -57.44 41.99 11.09
N GLU S 476 -57.27 41.02 10.21
CA GLU S 476 -56.04 40.25 10.12
C GLU S 476 -55.30 40.61 8.83
N THR S 477 -54.01 40.32 8.82
CA THR S 477 -53.21 40.66 7.67
C THR S 477 -53.66 39.84 6.47
N ALA S 478 -53.40 40.37 5.27
CA ALA S 478 -54.11 39.98 4.07
C ALA S 478 -53.75 38.57 3.63
N GLY S 479 -54.59 37.60 3.99
CA GLY S 479 -54.52 36.27 3.41
C GLY S 479 -53.31 35.44 3.80
N VAL S 480 -52.58 34.97 2.79
CA VAL S 480 -51.49 34.01 2.96
C VAL S 480 -50.45 34.49 3.96
N THR S 481 -50.40 35.80 4.24
CA THR S 481 -49.40 36.37 5.11
C THR S 481 -49.56 35.99 6.58
N THR S 482 -50.49 35.08 6.87
CA THR S 482 -50.63 34.55 8.21
C THR S 482 -50.96 33.06 8.13
N LEU S 483 -50.71 32.36 9.24
CA LEU S 483 -50.78 30.90 9.23
C LEU S 483 -52.17 30.42 8.84
N LYS S 484 -53.18 30.73 9.67
CA LYS S 484 -54.54 30.33 9.34
C LYS S 484 -55.00 30.93 8.02
N GLY S 485 -54.52 32.12 7.68
CA GLY S 485 -54.79 32.64 6.35
C GLY S 485 -54.29 31.71 5.27
N ALA S 486 -53.08 31.18 5.44
CA ALA S 486 -52.55 30.24 4.45
C ALA S 486 -53.40 28.97 4.41
N MET S 487 -53.74 28.44 5.57
CA MET S 487 -54.49 27.19 5.60
C MET S 487 -55.91 27.37 5.09
N ALA S 488 -56.40 28.61 5.02
CA ALA S 488 -57.69 28.83 4.38
C ALA S 488 -57.54 29.04 2.88
N VAL S 489 -56.49 29.75 2.47
CA VAL S 489 -56.22 29.93 1.05
C VAL S 489 -56.01 28.59 0.38
N MET S 490 -55.47 27.61 1.12
CA MET S 490 -55.31 26.27 0.56
C MET S 490 -56.65 25.69 0.15
N ASP S 491 -57.65 25.75 1.03
CA ASP S 491 -58.96 25.21 0.71
C ASP S 491 -59.64 26.02 -0.39
N ILE S 492 -59.44 27.34 -0.38
CA ILE S 492 -60.03 28.14 -1.43
C ILE S 492 -59.45 27.77 -2.78
N ALA S 493 -58.16 27.49 -2.84
CA ALA S 493 -57.55 27.05 -4.09
C ALA S 493 -58.07 25.70 -4.52
N GLU S 494 -58.24 24.78 -3.56
CA GLU S 494 -58.78 23.47 -3.89
C GLU S 494 -60.19 23.58 -4.48
N THR S 495 -61.03 24.41 -3.85
CA THR S 495 -62.38 24.62 -4.37
C THR S 495 -62.34 25.25 -5.75
N ALA S 496 -61.43 26.19 -5.98
CA ALA S 496 -61.31 26.78 -7.31
C ALA S 496 -60.95 25.73 -8.34
N ILE S 497 -60.01 24.85 -8.00
CA ILE S 497 -59.64 23.78 -8.91
C ILE S 497 -60.85 22.92 -9.24
N THR S 498 -61.64 22.57 -8.23
CA THR S 498 -62.83 21.76 -8.47
C THR S 498 -63.79 22.46 -9.43
N ASN S 499 -64.06 23.74 -9.19
CA ASN S 499 -65.00 24.46 -10.03
C ASN S 499 -64.51 24.52 -11.47
N LEU S 500 -63.22 24.80 -11.67
CA LEU S 500 -62.72 24.88 -13.04
C LEU S 500 -62.76 23.53 -13.72
N ASP S 501 -62.48 22.45 -12.99
CA ASP S 501 -62.59 21.12 -13.56
C ASP S 501 -64.02 20.86 -14.03
N GLN S 502 -65.00 21.27 -13.22
CA GLN S 502 -66.39 21.08 -13.61
C GLN S 502 -66.71 21.82 -14.91
N ILE S 503 -66.31 23.09 -14.99
CA ILE S 503 -66.62 23.88 -16.18
C ILE S 503 -65.94 23.27 -17.41
N ARG S 504 -64.71 22.81 -17.24
CA ARG S 504 -64.01 22.19 -18.36
C ARG S 504 -64.68 20.90 -18.80
N ALA S 505 -65.22 20.13 -17.85
CA ALA S 505 -65.95 18.93 -18.22
C ALA S 505 -67.21 19.27 -19.00
N ASP S 506 -67.89 20.35 -18.64
CA ASP S 506 -69.04 20.78 -19.45
C ASP S 506 -68.64 21.12 -20.87
N ILE S 507 -67.55 21.87 -21.03
CA ILE S 507 -67.05 22.18 -22.37
C ILE S 507 -66.77 20.89 -23.14
N ALA S 508 -66.13 19.92 -22.47
CA ALA S 508 -65.78 18.67 -23.14
C ALA S 508 -67.01 17.91 -23.61
N SER S 509 -68.05 17.86 -22.77
CA SER S 509 -69.25 17.15 -23.17
C SER S 509 -69.89 17.80 -24.39
N ILE S 510 -69.99 19.13 -24.39
CA ILE S 510 -70.55 19.81 -25.56
C ILE S 510 -69.72 19.50 -26.80
N GLN S 511 -68.40 19.46 -26.64
CA GLN S 511 -67.53 19.24 -27.79
C GLN S 511 -67.73 17.83 -28.37
N ASN S 512 -67.83 16.82 -27.51
CA ASN S 512 -68.07 15.47 -28.01
C ASN S 512 -69.41 15.37 -28.74
N GLN S 513 -70.45 16.02 -28.18
CA GLN S 513 -71.72 16.02 -28.89
C GLN S 513 -71.59 16.64 -30.27
N VAL S 514 -70.89 17.77 -30.37
CA VAL S 514 -70.72 18.42 -31.65
C VAL S 514 -70.00 17.51 -32.63
N THR S 515 -68.98 16.80 -32.15
CA THR S 515 -68.24 15.89 -33.03
C THR S 515 -69.15 14.80 -33.60
N SER S 516 -69.96 14.18 -32.74
CA SER S 516 -70.86 13.15 -33.24
C SER S 516 -71.84 13.72 -34.25
N THR S 517 -72.41 14.89 -33.96
CA THR S 517 -73.31 15.51 -34.93
C THR S 517 -72.63 15.71 -36.27
N ILE S 518 -71.37 16.18 -36.24
CA ILE S 518 -70.67 16.47 -37.49
C ILE S 518 -70.46 15.21 -38.30
N ASN S 519 -70.08 14.12 -37.64
CA ASN S 519 -69.90 12.87 -38.38
C ASN S 519 -71.21 12.43 -39.03
N ASN S 520 -72.29 12.42 -38.26
CA ASN S 520 -73.56 11.97 -38.83
C ASN S 520 -74.00 12.85 -39.99
N ILE S 521 -73.81 14.16 -39.86
CA ILE S 521 -74.22 15.07 -40.93
C ILE S 521 -73.36 14.85 -42.17
N THR S 522 -72.06 14.62 -41.98
CA THR S 522 -71.18 14.37 -43.11
C THR S 522 -71.63 13.17 -43.90
N VAL S 523 -72.08 12.12 -43.21
CA VAL S 523 -72.55 10.95 -43.95
C VAL S 523 -73.90 11.21 -44.60
N THR S 524 -74.83 11.82 -43.87
CA THR S 524 -76.16 12.05 -44.41
C THR S 524 -76.13 12.95 -45.63
N GLN S 525 -75.19 13.90 -45.66
CA GLN S 525 -75.13 14.80 -46.82
C GLN S 525 -74.71 14.05 -48.07
N VAL S 526 -73.76 13.14 -47.95
CA VAL S 526 -73.36 12.34 -49.10
C VAL S 526 -74.53 11.51 -49.59
N ASN S 527 -75.25 10.86 -48.66
CA ASN S 527 -76.38 10.05 -49.10
C ASN S 527 -77.45 10.89 -49.77
N VAL S 528 -77.72 12.08 -49.25
CA VAL S 528 -78.74 12.94 -49.84
C VAL S 528 -78.31 13.41 -51.22
N LYS S 529 -77.02 13.75 -51.36
CA LYS S 529 -76.53 14.19 -52.66
C LYS S 529 -76.64 13.08 -53.70
N ALA S 530 -76.33 11.85 -53.31
CA ALA S 530 -76.48 10.74 -54.26
C ALA S 530 -77.95 10.51 -54.61
N ALA S 531 -78.83 10.61 -53.62
CA ALA S 531 -80.26 10.44 -53.89
C ALA S 531 -80.77 11.51 -54.83
N GLU S 532 -80.26 12.72 -54.72
CA GLU S 532 -80.64 13.78 -55.64
C GLU S 532 -80.09 13.50 -57.04
N SER S 533 -78.83 13.11 -57.12
CA SER S 533 -78.24 12.77 -58.42
C SER S 533 -79.04 11.70 -59.13
N GLN S 534 -79.57 10.73 -58.38
CA GLN S 534 -80.38 9.69 -59.01
C GLN S 534 -81.59 10.27 -59.71
N ILE S 535 -82.10 11.41 -59.25
CA ILE S 535 -83.31 11.98 -59.81
C ILE S 535 -83.02 12.98 -60.91
N ARG S 536 -81.98 13.78 -60.74
CA ARG S 536 -81.78 14.94 -61.61
C ARG S 536 -80.87 14.67 -62.80
N ASP S 537 -79.71 14.07 -62.58
CA ASP S 537 -78.72 13.99 -63.64
C ASP S 537 -79.03 12.86 -64.62
N VAL S 538 -78.59 13.03 -65.85
CA VAL S 538 -78.80 12.05 -66.92
C VAL S 538 -77.60 11.12 -66.96
N ASP S 539 -77.86 9.88 -67.38
CA ASP S 539 -76.82 8.88 -67.53
C ASP S 539 -76.40 8.79 -68.99
N PHE S 540 -75.16 9.17 -69.26
CA PHE S 540 -74.68 9.21 -70.64
C PHE S 540 -74.74 7.86 -71.32
N ALA S 541 -74.70 6.76 -70.56
CA ALA S 541 -74.87 5.44 -71.14
C ALA S 541 -76.12 5.39 -72.01
N SER S 542 -77.28 5.71 -71.43
CA SER S 542 -78.52 5.69 -72.19
C SER S 542 -78.67 6.94 -73.07
N GLU S 543 -78.09 8.06 -72.65
CA GLU S 543 -78.30 9.29 -73.39
C GLU S 543 -77.63 9.24 -74.76
N SER S 544 -76.40 8.73 -74.84
CA SER S 544 -75.73 8.62 -76.12
C SER S 544 -76.42 7.63 -77.04
N ALA S 545 -76.99 6.56 -76.48
CA ALA S 545 -77.80 5.65 -77.28
C ALA S 545 -79.00 6.37 -77.88
N ASN S 546 -79.76 7.08 -77.03
CA ASN S 546 -80.90 7.84 -77.53
C ASN S 546 -80.47 8.82 -78.63
N TYR S 547 -79.36 9.51 -78.42
CA TYR S 547 -78.93 10.52 -79.38
C TYR S 547 -78.57 9.90 -80.71
N SER S 548 -77.73 8.86 -80.69
CA SER S 548 -77.33 8.23 -81.94
C SER S 548 -78.52 7.63 -82.67
N LYS S 549 -79.44 7.02 -81.92
CA LYS S 549 -80.64 6.48 -82.53
C LYS S 549 -81.45 7.56 -83.21
N ALA S 550 -81.69 8.68 -82.51
CA ALA S 550 -82.43 9.78 -83.11
C ALA S 550 -81.70 10.36 -84.32
N ASN S 551 -80.37 10.34 -84.32
CA ASN S 551 -79.63 10.87 -85.46
C ASN S 551 -79.80 10.00 -86.69
N ILE S 552 -79.69 8.68 -86.52
CA ILE S 552 -79.91 7.78 -87.65
C ILE S 552 -81.35 7.90 -88.14
N LEU S 553 -82.29 8.04 -87.22
CA LEU S 553 -83.68 8.25 -87.63
C LEU S 553 -83.83 9.55 -88.40
N ALA S 554 -83.08 10.60 -88.03
CA ALA S 554 -83.16 11.86 -88.76
C ALA S 554 -82.65 11.69 -90.18
N GLN S 555 -81.55 10.97 -90.36
CA GLN S 555 -81.05 10.71 -91.71
C GLN S 555 -82.07 9.95 -92.53
N SER S 556 -82.66 8.90 -91.95
CA SER S 556 -83.67 8.12 -92.66
C SER S 556 -84.86 8.99 -93.03
N GLY S 557 -85.34 9.82 -92.11
CA GLY S 557 -86.49 10.66 -92.40
C GLY S 557 -86.19 11.69 -93.48
N SER S 558 -84.97 12.22 -93.47
CA SER S 558 -84.60 13.16 -94.52
C SER S 558 -84.60 12.48 -95.89
N TYR S 559 -84.08 11.25 -95.95
CA TYR S 559 -84.17 10.51 -97.21
C TYR S 559 -85.61 10.26 -97.62
N ALA S 560 -86.47 9.95 -96.64
CA ALA S 560 -87.87 9.71 -96.96
C ALA S 560 -88.53 10.95 -97.53
N MET S 561 -88.26 12.11 -96.96
CA MET S 561 -88.82 13.34 -97.51
C MET S 561 -88.28 13.63 -98.90
N ALA S 562 -86.98 13.43 -99.10
CA ALA S 562 -86.39 13.67 -100.41
C ALA S 562 -87.04 12.78 -101.46
N GLN S 563 -87.38 11.55 -101.09
CA GLN S 563 -88.04 10.67 -102.05
C GLN S 563 -89.50 11.06 -102.24
N ALA S 564 -90.16 11.49 -101.17
CA ALA S 564 -91.57 11.83 -101.27
C ALA S 564 -91.78 13.04 -102.18
N ASN S 565 -90.88 14.02 -102.10
CA ASN S 565 -91.00 15.19 -102.97
C ASN S 565 -90.91 14.79 -104.44
N SER S 566 -90.06 13.82 -104.76
CA SER S 566 -89.83 13.40 -106.13
C SER S 566 -90.81 12.32 -106.59
N SER S 567 -91.60 11.76 -105.69
CA SER S 567 -92.51 10.67 -106.06
C SER S 567 -93.52 11.05 -107.13
N GLN S 568 -93.61 12.31 -107.53
CA GLN S 568 -94.61 12.73 -108.50
C GLN S 568 -94.03 13.02 -109.87
N GLN S 569 -92.73 12.81 -110.08
CA GLN S 569 -92.15 13.10 -111.38
C GLN S 569 -92.74 12.24 -112.49
N ASN S 570 -93.26 11.06 -112.16
CA ASN S 570 -93.70 10.14 -113.19
C ASN S 570 -94.93 10.63 -113.93
N VAL S 571 -95.64 11.62 -113.38
CA VAL S 571 -96.82 12.13 -114.07
C VAL S 571 -96.43 12.80 -115.37
N LEU S 572 -95.27 13.43 -115.43
CA LEU S 572 -94.86 14.14 -116.64
C LEU S 572 -94.77 13.21 -117.84
N ARG S 573 -94.55 11.92 -117.64
CA ARG S 573 -94.48 11.00 -118.77
C ARG S 573 -95.84 10.87 -119.45
N LEU S 574 -96.92 11.04 -118.69
CA LEU S 574 -98.24 11.08 -119.31
C LEU S 574 -98.39 12.29 -120.21
N LEU S 575 -97.94 13.45 -119.75
CA LEU S 575 -98.19 14.69 -120.47
C LEU S 575 -97.32 14.80 -121.70
N GLN S 576 -96.02 14.54 -121.55
CA GLN S 576 -95.08 14.70 -122.66
C GLN S 576 -95.50 13.94 -123.91
N PHE T 3 -9.37 -0.38 -60.28
CA PHE T 3 -10.78 -0.09 -60.07
C PHE T 3 -11.58 -1.29 -60.51
N ARG T 4 -10.87 -2.30 -60.99
CA ARG T 4 -11.46 -3.58 -61.34
C ARG T 4 -11.61 -4.42 -60.08
N ILE T 5 -12.81 -4.96 -59.89
CA ILE T 5 -13.10 -5.74 -58.71
C ILE T 5 -12.95 -7.22 -59.05
N ASN T 6 -13.01 -8.06 -58.02
CA ASN T 6 -12.82 -9.51 -57.96
C ASN T 6 -11.34 -9.91 -57.87
N THR T 7 -10.41 -8.97 -57.91
CA THR T 7 -9.01 -9.28 -57.64
C THR T 7 -8.38 -8.19 -56.79
N ASN T 8 -9.05 -7.82 -55.70
CA ASN T 8 -8.55 -6.80 -54.79
C ASN T 8 -7.09 -7.01 -54.43
N VAL T 9 -6.24 -6.07 -54.81
CA VAL T 9 -4.81 -6.20 -54.57
C VAL T 9 -4.39 -5.55 -53.25
N ALA T 10 -5.04 -4.44 -52.90
CA ALA T 10 -4.74 -3.81 -51.62
C ALA T 10 -5.03 -4.75 -50.46
N ALA T 11 -6.05 -5.59 -50.60
CA ALA T 11 -6.36 -6.55 -49.55
C ALA T 11 -5.22 -7.55 -49.37
N LEU T 12 -4.72 -8.11 -50.47
CA LEU T 12 -3.62 -9.06 -50.39
C LEU T 12 -2.38 -8.40 -49.81
N ASN T 13 -2.08 -7.18 -50.24
CA ASN T 13 -0.90 -6.49 -49.73
C ASN T 13 -1.00 -6.25 -48.23
N ALA T 14 -2.12 -5.68 -47.78
CA ALA T 14 -2.31 -5.46 -46.37
C ALA T 14 -2.28 -6.75 -45.57
N LYS T 15 -2.84 -7.83 -46.13
CA LYS T 15 -2.83 -9.10 -45.42
C LYS T 15 -1.40 -9.61 -45.25
N ALA T 16 -0.58 -9.52 -46.30
CA ALA T 16 0.80 -9.96 -46.17
C ALA T 16 1.54 -9.17 -45.11
N ASN T 17 1.40 -7.84 -45.15
CA ASN T 17 2.09 -7.01 -44.17
C ASN T 17 1.65 -7.32 -42.75
N SER T 18 0.34 -7.41 -42.53
CA SER T 18 -0.17 -7.68 -41.20
C SER T 18 0.24 -9.07 -40.72
N ASP T 19 0.36 -10.03 -41.64
CA ASP T 19 0.79 -11.36 -41.25
C ASP T 19 2.23 -11.35 -40.78
N LEU T 20 3.10 -10.66 -41.53
CA LEU T 20 4.49 -10.53 -41.09
C LEU T 20 4.55 -9.87 -39.72
N ASN T 21 3.74 -8.84 -39.49
CA ASN T 21 3.75 -8.18 -38.20
C ASN T 21 3.24 -9.08 -37.09
N ALA T 22 2.23 -9.90 -37.38
CA ALA T 22 1.74 -10.84 -36.38
C ALA T 22 2.82 -11.87 -36.03
N LYS T 23 3.60 -12.29 -37.01
CA LYS T 23 4.73 -13.17 -36.73
C LYS T 23 5.70 -12.50 -35.76
N SER T 24 6.03 -11.24 -36.03
CA SER T 24 6.95 -10.54 -35.13
C SER T 24 6.36 -10.39 -33.73
N LEU T 25 5.06 -10.08 -33.63
CA LEU T 25 4.42 -9.94 -32.34
C LEU T 25 4.42 -11.24 -31.57
N ASP T 26 4.14 -12.35 -32.24
CA ASP T 26 4.15 -13.65 -31.59
C ASP T 26 5.53 -13.97 -31.07
N ALA T 27 6.56 -13.72 -31.87
CA ALA T 27 7.93 -13.98 -31.41
C ALA T 27 8.25 -13.16 -30.17
N SER T 28 7.91 -11.86 -30.21
CA SER T 28 8.20 -11.00 -29.06
C SER T 28 7.45 -11.46 -27.82
N LEU T 29 6.21 -11.89 -27.98
CA LEU T 29 5.44 -12.36 -26.83
C LEU T 29 6.02 -13.65 -26.27
N SER T 30 6.48 -14.56 -27.12
CA SER T 30 7.10 -15.78 -26.62
C SER T 30 8.37 -15.49 -25.84
N ARG T 31 9.18 -14.54 -26.34
CA ARG T 31 10.34 -14.13 -25.57
C ARG T 31 9.94 -13.54 -24.23
N LEU T 32 8.95 -12.64 -24.24
CA LEU T 32 8.48 -12.02 -23.00
C LEU T 32 7.98 -13.05 -22.01
N SER T 33 7.39 -14.15 -22.49
CA SER T 33 6.89 -15.19 -21.61
C SER T 33 8.02 -16.03 -21.04
N SER T 34 8.80 -16.65 -21.91
CA SER T 34 9.81 -17.60 -21.46
C SER T 34 10.93 -16.93 -20.68
N GLY T 35 11.24 -15.68 -21.00
CA GLY T 35 12.32 -14.99 -20.34
C GLY T 35 13.68 -15.22 -20.93
N LEU T 36 13.76 -15.76 -22.14
CA LEU T 36 15.01 -16.04 -22.81
C LEU T 36 15.02 -15.38 -24.18
N ARG T 37 16.19 -14.88 -24.58
CA ARG T 37 16.32 -14.28 -25.91
C ARG T 37 16.41 -15.33 -27.01
N ILE T 38 16.89 -16.53 -26.69
CA ILE T 38 17.00 -17.61 -27.65
C ILE T 38 16.18 -18.77 -27.13
N ASN T 39 14.98 -18.94 -27.68
CA ASN T 39 14.09 -20.02 -27.30
C ASN T 39 14.18 -21.20 -28.24
N SER T 40 13.92 -20.99 -29.52
CA SER T 40 13.88 -22.05 -30.50
C SER T 40 15.25 -22.39 -31.05
N ALA T 41 16.29 -21.69 -30.63
CA ALA T 41 17.65 -21.87 -31.12
C ALA T 41 17.77 -21.67 -32.62
N ALA T 42 16.72 -21.16 -33.27
CA ALA T 42 16.74 -20.87 -34.69
C ALA T 42 16.99 -19.39 -34.97
N ASP T 43 16.99 -18.56 -33.94
CA ASP T 43 17.32 -17.15 -34.09
C ASP T 43 18.80 -16.88 -33.85
N ASP T 44 19.51 -17.77 -33.16
CA ASP T 44 20.95 -17.61 -32.97
C ASP T 44 21.54 -18.98 -32.69
N ALA T 45 22.28 -19.51 -33.66
CA ALA T 45 22.84 -20.86 -33.51
C ALA T 45 24.11 -20.84 -32.67
N SER T 46 25.08 -20.03 -33.05
CA SER T 46 26.33 -20.01 -32.29
C SER T 46 26.14 -19.38 -30.92
N GLY T 47 25.23 -18.42 -30.79
CA GLY T 47 24.87 -17.93 -29.48
C GLY T 47 24.37 -19.04 -28.59
N MET T 48 23.50 -19.90 -29.13
CA MET T 48 23.01 -21.04 -28.37
C MET T 48 24.15 -21.99 -28.02
N ALA T 49 25.08 -22.20 -28.95
CA ALA T 49 26.19 -23.11 -28.68
C ALA T 49 27.06 -22.59 -27.53
N ILE T 50 27.44 -21.31 -27.59
CA ILE T 50 28.25 -20.74 -26.52
C ILE T 50 27.48 -20.75 -25.21
N ALA T 51 26.19 -20.42 -25.25
CA ALA T 51 25.40 -20.40 -24.03
C ALA T 51 25.29 -21.78 -23.41
N ASP T 52 25.15 -22.82 -24.23
CA ASP T 52 25.08 -24.17 -23.69
C ASP T 52 26.43 -24.61 -23.13
N SER T 53 27.54 -24.26 -23.79
CA SER T 53 28.83 -24.58 -23.21
C SER T 53 29.03 -23.88 -21.88
N LEU T 54 28.63 -22.61 -21.79
CA LEU T 54 28.80 -21.88 -20.55
C LEU T 54 27.89 -22.41 -19.46
N ARG T 55 26.67 -22.83 -19.81
CA ARG T 55 25.79 -23.43 -18.82
C ARG T 55 26.35 -24.74 -18.31
N SER T 56 26.89 -25.56 -19.21
CA SER T 56 27.56 -26.79 -18.80
C SER T 56 28.71 -26.49 -17.84
N GLN T 57 29.54 -25.51 -18.18
CA GLN T 57 30.67 -25.18 -17.34
C GLN T 57 30.22 -24.65 -15.99
N ALA T 58 29.14 -23.87 -15.96
CA ALA T 58 28.65 -23.32 -14.69
C ALA T 58 28.11 -24.43 -13.80
N ASN T 59 27.35 -25.36 -14.36
CA ASN T 59 26.87 -26.48 -13.56
C ASN T 59 28.03 -27.33 -13.06
N THR T 60 29.03 -27.57 -13.92
CA THR T 60 30.17 -28.37 -13.49
C THR T 60 30.92 -27.70 -12.35
N LEU T 61 31.07 -26.37 -12.42
CA LEU T 61 31.75 -25.68 -11.33
C LEU T 61 30.91 -25.68 -10.07
N GLY T 62 29.60 -25.56 -10.21
CA GLY T 62 28.73 -25.63 -9.05
C GLY T 62 28.78 -26.99 -8.38
N GLN T 63 29.09 -28.03 -9.14
CA GLN T 63 29.29 -29.35 -8.54
C GLN T 63 30.68 -29.49 -7.96
N ALA T 64 31.68 -28.88 -8.60
CA ALA T 64 33.04 -28.93 -8.08
C ALA T 64 33.13 -28.24 -6.73
N ILE T 65 32.31 -27.21 -6.51
CA ILE T 65 32.30 -26.57 -5.19
C ILE T 65 31.91 -27.58 -4.12
N SER T 66 30.87 -28.38 -4.39
CA SER T 66 30.46 -29.38 -3.41
C SER T 66 31.51 -30.46 -3.25
N ASN T 67 32.16 -30.85 -4.34
CA ASN T 67 33.27 -31.80 -4.21
C ASN T 67 34.35 -31.27 -3.28
N GLY T 68 34.73 -30.01 -3.47
CA GLY T 68 35.75 -29.43 -2.62
C GLY T 68 35.31 -29.32 -1.18
N ASN T 69 34.03 -29.01 -0.95
CA ASN T 69 33.54 -28.93 0.42
C ASN T 69 33.55 -30.30 1.09
N ASP T 70 33.23 -31.36 0.35
CA ASP T 70 33.33 -32.69 0.92
C ASP T 70 34.77 -33.07 1.24
N ALA T 71 35.71 -32.70 0.37
CA ALA T 71 37.12 -32.93 0.68
C ALA T 71 37.53 -32.16 1.94
N LEU T 72 37.05 -30.93 2.08
CA LEU T 72 37.31 -30.16 3.30
C LEU T 72 36.80 -30.89 4.52
N GLY T 73 35.58 -31.42 4.45
CA GLY T 73 35.03 -32.14 5.58
C GLY T 73 35.88 -33.33 5.96
N ILE T 74 36.25 -34.14 4.98
CA ILE T 74 37.05 -35.33 5.26
C ILE T 74 38.37 -34.95 5.90
N LEU T 75 39.04 -33.93 5.36
CA LEU T 75 40.34 -33.56 5.90
C LEU T 75 40.24 -33.00 7.31
N GLN T 76 39.24 -32.16 7.57
CA GLN T 76 39.06 -31.64 8.92
C GLN T 76 38.80 -32.77 9.90
N THR T 77 37.97 -33.73 9.50
CA THR T 77 37.74 -34.91 10.35
C THR T 77 39.05 -35.58 10.70
N ALA T 78 39.87 -35.87 9.68
CA ALA T 78 41.13 -36.55 9.93
C ALA T 78 42.02 -35.77 10.89
N ASP T 79 42.13 -34.46 10.71
CA ASP T 79 43.04 -33.68 11.55
C ASP T 79 42.55 -33.62 12.99
N LYS T 80 41.29 -33.23 13.18
CA LYS T 80 40.73 -33.19 14.52
C LYS T 80 40.75 -34.56 15.18
N ALA T 81 40.83 -35.63 14.40
CA ALA T 81 41.01 -36.94 14.99
C ALA T 81 42.45 -37.20 15.42
N MET T 82 43.42 -36.75 14.62
CA MET T 82 44.82 -36.93 15.00
C MET T 82 45.21 -36.14 16.23
N ASP T 83 44.44 -35.10 16.56
CA ASP T 83 44.74 -34.32 17.76
C ASP T 83 44.85 -35.20 19.00
N GLU T 84 43.87 -36.09 19.20
CA GLU T 84 43.89 -36.90 20.41
C GLU T 84 45.04 -37.90 20.41
N GLN T 85 45.44 -38.37 19.24
CA GLN T 85 46.63 -39.22 19.17
C GLN T 85 47.86 -38.46 19.63
N LEU T 86 47.98 -37.20 19.21
CA LEU T 86 49.10 -36.39 19.69
C LEU T 86 49.08 -36.28 21.21
N LYS T 87 47.92 -36.01 21.79
CA LYS T 87 47.87 -35.88 23.24
C LYS T 87 48.19 -37.20 23.95
N ILE T 88 47.73 -38.32 23.39
CA ILE T 88 48.02 -39.62 23.99
C ILE T 88 49.52 -39.90 23.96
N LEU T 89 50.17 -39.57 22.85
CA LEU T 89 51.61 -39.78 22.77
C LEU T 89 52.34 -38.91 23.79
N ASP T 90 51.90 -37.68 23.96
CA ASP T 90 52.45 -36.84 25.02
C ASP T 90 52.36 -37.55 26.36
N THR T 91 51.17 -38.07 26.68
CA THR T 91 50.99 -38.73 27.97
C THR T 91 51.90 -39.95 28.10
N ILE T 92 52.07 -40.70 27.01
CA ILE T 92 52.93 -41.87 27.05
C ILE T 92 54.36 -41.46 27.40
N LYS T 93 54.86 -40.42 26.73
CA LYS T 93 56.23 -39.97 27.00
C LYS T 93 56.37 -39.48 28.43
N THR T 94 55.35 -38.78 28.93
CA THR T 94 55.43 -38.31 30.32
C THR T 94 55.46 -39.47 31.30
N LYS T 95 54.69 -40.53 31.03
CA LYS T 95 54.71 -41.68 31.93
C LYS T 95 56.04 -42.42 31.86
N ALA T 96 56.61 -42.53 30.67
CA ALA T 96 57.93 -43.13 30.55
C ALA T 96 58.95 -42.34 31.36
N THR T 97 58.89 -41.01 31.28
CA THR T 97 59.78 -40.19 32.09
C THR T 97 59.53 -40.42 33.58
N GLN T 98 58.27 -40.58 33.97
CA GLN T 98 57.95 -40.81 35.36
C GLN T 98 58.54 -42.12 35.86
N ALA T 99 58.52 -43.15 35.04
CA ALA T 99 59.01 -44.46 35.43
C ALA T 99 60.51 -44.61 35.20
N ALA T 100 61.15 -43.64 34.55
CA ALA T 100 62.59 -43.69 34.34
C ALA T 100 63.38 -43.27 35.56
N GLN T 101 62.78 -43.25 36.74
CA GLN T 101 63.49 -42.97 37.97
C GLN T 101 63.71 -44.27 38.73
N ASP T 102 64.54 -44.19 39.78
CA ASP T 102 64.84 -45.36 40.59
C ASP T 102 64.29 -45.26 42.00
N GLY T 103 63.33 -44.38 42.23
CA GLY T 103 62.60 -44.38 43.47
C GLY T 103 61.34 -45.20 43.32
N GLN T 104 61.33 -46.08 42.32
CA GLN T 104 60.16 -46.86 41.97
C GLN T 104 60.57 -48.31 41.79
N SER T 105 59.73 -49.22 42.28
CA SER T 105 60.04 -50.64 42.15
C SER T 105 59.50 -51.18 40.82
N LEU T 106 59.84 -52.44 40.56
CA LEU T 106 59.34 -53.09 39.35
C LEU T 106 57.82 -53.16 39.35
N LYS T 107 57.20 -53.20 40.53
CA LYS T 107 55.74 -53.29 40.59
C LYS T 107 55.09 -52.00 40.11
N THR T 108 55.56 -50.86 40.61
CA THR T 108 55.01 -49.59 40.13
C THR T 108 55.37 -49.36 38.67
N ARG T 109 56.58 -49.74 38.27
CA ARG T 109 56.91 -49.70 36.84
C ARG T 109 55.92 -50.52 36.03
N THR T 110 55.49 -51.66 36.58
CA THR T 110 54.56 -52.52 35.87
C THR T 110 53.18 -51.88 35.79
N MET T 111 52.77 -51.17 36.84
CA MET T 111 51.54 -50.38 36.74
C MET T 111 51.65 -49.36 35.61
N LEU T 112 52.78 -48.67 35.53
CA LEU T 112 53.01 -47.72 34.44
C LEU T 112 52.88 -48.39 33.10
N GLN T 113 53.52 -49.54 32.93
CA GLN T 113 53.50 -50.24 31.65
C GLN T 113 52.10 -50.71 31.30
N ALA T 114 51.36 -51.21 32.29
CA ALA T 114 49.98 -51.62 32.04
C ALA T 114 49.15 -50.44 31.57
N ASP T 115 49.37 -49.26 32.15
CA ASP T 115 48.62 -48.09 31.71
C ASP T 115 49.00 -47.71 30.29
N ILE T 116 50.29 -47.74 29.98
CA ILE T 116 50.75 -47.41 28.63
C ILE T 116 50.14 -48.36 27.62
N ASN T 117 49.99 -49.64 28.00
CA ASN T 117 49.36 -50.60 27.11
C ASN T 117 47.98 -50.13 26.69
N LYS T 118 47.14 -49.75 27.66
CA LYS T 118 45.79 -49.32 27.35
C LYS T 118 45.80 -48.05 26.53
N LEU T 119 46.70 -47.12 26.85
CA LEU T 119 46.75 -45.87 26.11
C LEU T 119 47.08 -46.12 24.64
N MET T 120 48.09 -46.96 24.40
CA MET T 120 48.47 -47.28 23.03
C MET T 120 47.36 -48.06 22.32
N GLU T 121 46.66 -48.92 23.04
CA GLU T 121 45.51 -49.60 22.47
C GLU T 121 44.46 -48.59 22.02
N GLU T 122 44.26 -47.55 22.81
CA GLU T 122 43.31 -46.50 22.43
C GLU T 122 43.78 -45.76 21.18
N LEU T 123 45.07 -45.42 21.12
CA LEU T 123 45.60 -44.77 19.94
C LEU T 123 45.33 -45.60 18.70
N ASP T 124 45.65 -46.89 18.78
CA ASP T 124 45.38 -47.79 17.67
C ASP T 124 43.90 -47.85 17.34
N ASN T 125 43.04 -47.79 18.35
CA ASN T 125 41.61 -47.81 18.09
C ASN T 125 41.17 -46.58 17.33
N ILE T 126 41.67 -45.40 17.73
CA ILE T 126 41.37 -44.18 16.99
C ILE T 126 41.78 -44.32 15.54
N ALA T 127 43.00 -44.79 15.32
CA ALA T 127 43.51 -44.94 13.96
C ALA T 127 42.62 -45.86 13.14
N ASN T 128 42.37 -47.07 13.63
CA ASN T 128 41.55 -48.04 12.92
C ASN T 128 40.08 -47.67 12.88
N THR T 129 39.66 -46.66 13.60
CA THR T 129 38.24 -46.35 13.69
C THR T 129 37.82 -45.16 12.84
N THR T 130 38.57 -44.06 12.87
CA THR T 130 38.12 -42.85 12.19
C THR T 130 37.83 -43.13 10.73
N SER T 131 36.59 -42.91 10.31
CA SER T 131 36.15 -43.22 8.96
C SER T 131 35.05 -42.26 8.54
N PHE T 132 35.00 -41.94 7.25
CA PHE T 132 34.01 -41.00 6.75
C PHE T 132 32.66 -41.66 6.53
N ASN T 133 32.59 -42.56 5.54
CA ASN T 133 31.38 -43.36 5.34
C ASN T 133 31.78 -44.79 4.99
N GLY T 134 32.74 -45.31 5.74
CA GLY T 134 33.39 -46.57 5.45
C GLY T 134 34.81 -46.41 4.99
N LYS T 135 35.12 -45.31 4.31
CA LYS T 135 36.47 -45.02 3.89
C LYS T 135 37.33 -44.73 5.12
N GLN T 136 38.19 -45.68 5.48
CA GLN T 136 39.08 -45.47 6.62
C GLN T 136 40.11 -44.41 6.29
N LEU T 137 40.21 -43.39 7.15
CA LEU T 137 41.13 -42.30 6.89
C LEU T 137 42.50 -42.60 7.47
N LEU T 138 42.57 -42.81 8.77
CA LEU T 138 43.84 -42.90 9.49
C LEU T 138 44.28 -44.35 9.66
N SER T 139 44.40 -45.06 8.54
CA SER T 139 44.84 -46.45 8.62
C SER T 139 45.97 -46.72 7.65
N GLY T 140 45.98 -46.00 6.53
CA GLY T 140 46.97 -46.19 5.49
C GLY T 140 46.39 -46.52 4.13
N ASN T 141 45.08 -46.73 4.03
CA ASN T 141 44.43 -47.01 2.76
C ASN T 141 43.70 -45.80 2.20
N PHE T 142 44.22 -44.60 2.46
CA PHE T 142 43.67 -43.37 1.90
C PHE T 142 44.71 -42.70 1.01
N THR T 143 45.36 -43.49 0.17
CA THR T 143 46.46 -42.99 -0.65
C THR T 143 45.98 -42.73 -2.07
N ASN T 144 46.42 -41.61 -2.63
CA ASN T 144 46.13 -41.24 -4.02
C ASN T 144 44.63 -41.14 -4.28
N GLN T 145 43.94 -40.39 -3.43
CA GLN T 145 42.53 -40.13 -3.61
C GLN T 145 42.35 -38.78 -4.29
N GLU T 146 41.56 -38.77 -5.36
CA GLU T 146 41.35 -37.59 -6.17
C GLU T 146 40.05 -36.89 -5.77
N PHE T 147 39.91 -35.64 -6.21
CA PHE T 147 38.71 -34.85 -5.94
C PHE T 147 38.54 -33.89 -7.11
N GLN T 148 37.68 -34.24 -8.05
CA GLN T 148 37.47 -33.39 -9.21
C GLN T 148 37.00 -32.01 -8.79
N ILE T 149 37.80 -30.99 -9.09
CA ILE T 149 37.49 -29.61 -8.75
C ILE T 149 37.64 -28.70 -9.96
N GLY T 150 37.42 -29.24 -11.16
CA GLY T 150 37.66 -28.48 -12.36
C GLY T 150 36.46 -28.49 -13.29
N ALA T 151 36.47 -27.53 -14.22
CA ALA T 151 35.42 -27.47 -15.23
C ALA T 151 35.60 -28.57 -16.27
N SER T 152 36.83 -28.85 -16.64
CA SER T 152 37.13 -29.91 -17.59
C SER T 152 37.37 -31.21 -16.84
N SER T 153 37.93 -32.21 -17.49
CA SER T 153 37.90 -33.56 -16.95
C SER T 153 38.82 -33.71 -15.74
N ASN T 154 40.12 -33.49 -15.91
CA ASN T 154 41.10 -34.03 -14.99
C ASN T 154 41.80 -32.96 -14.15
N GLN T 155 41.06 -31.96 -13.68
CA GLN T 155 41.57 -31.06 -12.66
C GLN T 155 41.19 -31.61 -11.30
N THR T 156 42.18 -31.95 -10.48
CA THR T 156 41.86 -32.58 -9.21
C THR T 156 42.97 -32.37 -8.21
N VAL T 157 42.57 -32.20 -6.95
CA VAL T 157 43.49 -32.22 -5.83
C VAL T 157 43.61 -33.65 -5.33
N LYS T 158 44.76 -33.99 -4.75
CA LYS T 158 45.07 -35.37 -4.40
C LYS T 158 45.51 -35.47 -2.96
N ALA T 159 44.82 -36.28 -2.17
CA ALA T 159 45.11 -36.44 -0.75
C ALA T 159 45.66 -37.84 -0.51
N THR T 160 46.74 -37.92 0.26
CA THR T 160 47.45 -39.17 0.47
C THR T 160 47.81 -39.31 1.95
N ILE T 161 46.82 -39.15 2.82
CA ILE T 161 47.01 -39.26 4.27
C ILE T 161 47.77 -40.53 4.62
N GLY T 162 48.88 -40.37 5.34
CA GLY T 162 49.71 -41.50 5.71
C GLY T 162 49.05 -42.39 6.74
N ALA T 163 49.80 -43.41 7.14
CA ALA T 163 49.32 -44.38 8.13
C ALA T 163 49.78 -43.99 9.51
N THR T 164 48.90 -44.18 10.50
CA THR T 164 49.16 -43.69 11.85
C THR T 164 48.87 -44.73 12.92
N GLN T 165 48.90 -46.01 12.59
CA GLN T 165 48.70 -47.04 13.59
C GLN T 165 49.87 -47.06 14.57
N SER T 166 49.64 -47.64 15.73
CA SER T 166 50.67 -47.71 16.75
C SER T 166 51.81 -48.63 16.39
N SER T 167 51.65 -49.44 15.34
CA SER T 167 52.69 -50.34 14.90
C SER T 167 53.53 -49.76 13.76
N LYS T 168 53.28 -48.50 13.39
CA LYS T 168 53.94 -47.94 12.21
C LYS T 168 54.41 -46.50 12.39
N ILE T 169 54.47 -45.97 13.60
CA ILE T 169 54.83 -44.55 13.71
C ILE T 169 56.22 -44.39 14.33
N GLY T 170 56.39 -44.81 15.57
CA GLY T 170 57.64 -44.52 16.24
C GLY T 170 58.66 -45.59 16.01
N VAL T 171 59.55 -45.37 15.04
CA VAL T 171 60.56 -46.36 14.66
C VAL T 171 61.91 -45.68 14.81
N THR T 172 62.52 -45.85 15.97
CA THR T 172 63.85 -45.30 16.18
C THR T 172 64.91 -46.32 15.84
N ARG T 173 66.09 -45.83 15.48
CA ARG T 173 67.23 -46.67 15.15
C ARG T 173 68.19 -46.64 16.33
N PHE T 174 68.62 -47.82 16.77
CA PHE T 174 69.61 -47.95 17.82
C PHE T 174 70.88 -48.59 17.27
N GLU T 175 72.01 -48.20 17.83
CA GLU T 175 73.29 -48.82 17.52
C GLU T 175 74.13 -48.84 18.79
N THR T 176 74.97 -49.85 18.92
CA THR T 176 75.85 -49.95 20.07
C THR T 176 77.09 -50.75 19.70
N GLY T 177 78.26 -50.13 19.83
CA GLY T 177 79.49 -50.79 19.47
C GLY T 177 79.98 -51.73 20.54
N ALA T 178 80.97 -52.53 20.17
CA ALA T 178 81.56 -53.46 21.11
C ALA T 178 82.36 -52.71 22.17
N GLN T 179 82.67 -53.41 23.25
CA GLN T 179 83.45 -52.82 24.33
C GLN T 179 84.86 -52.53 23.85
N SER T 180 85.31 -51.29 24.00
CA SER T 180 86.54 -50.84 23.39
C SER T 180 87.68 -50.91 24.41
N PHE T 181 88.61 -51.82 24.19
CA PHE T 181 89.78 -51.97 25.05
C PHE T 181 90.99 -51.20 24.56
N THR T 182 90.85 -50.37 23.54
CA THR T 182 91.97 -49.63 22.97
C THR T 182 91.77 -48.14 23.14
N SER T 183 92.87 -47.40 23.05
CA SER T 183 92.87 -45.96 23.21
C SER T 183 93.24 -45.30 21.88
N GLY T 184 93.38 -43.98 21.91
CA GLY T 184 93.80 -43.27 20.72
C GLY T 184 92.84 -42.17 20.31
N VAL T 185 93.31 -41.24 19.49
CA VAL T 185 92.50 -40.12 19.06
C VAL T 185 91.57 -40.58 17.95
N VAL T 186 90.28 -40.26 18.08
CA VAL T 186 89.25 -40.73 17.16
C VAL T 186 88.52 -39.54 16.57
N GLY T 187 88.26 -39.59 15.28
CA GLY T 187 87.38 -38.64 14.64
C GLY T 187 86.28 -39.35 13.86
N LEU T 188 85.04 -39.20 14.29
CA LEU T 188 83.94 -39.83 13.58
C LEU T 188 83.68 -39.14 12.26
N THR T 189 82.84 -39.76 11.44
CA THR T 189 82.31 -39.10 10.25
C THR T 189 81.01 -39.81 9.88
N ILE T 190 79.90 -39.19 10.22
CA ILE T 190 78.60 -39.69 9.78
C ILE T 190 78.42 -39.35 8.32
N LYS T 191 78.00 -40.33 7.52
CA LYS T 191 77.84 -40.15 6.09
C LYS T 191 76.38 -39.90 5.75
N ASN T 192 76.18 -39.06 4.73
CA ASN T 192 74.84 -38.79 4.22
C ASN T 192 73.92 -38.23 5.30
N TYR T 193 74.48 -37.40 6.19
CA TYR T 193 73.71 -36.97 7.34
C TYR T 193 72.49 -36.14 6.92
N ASN T 194 72.57 -35.48 5.77
CA ASN T 194 71.49 -34.61 5.31
C ASN T 194 71.02 -34.91 3.89
N GLY T 195 71.48 -36.00 3.29
CA GLY T 195 71.06 -36.38 1.96
C GLY T 195 72.01 -35.97 0.87
N ILE T 196 73.02 -35.15 1.16
CA ILE T 196 73.93 -34.67 0.13
C ILE T 196 75.37 -34.96 0.52
N GLU T 197 75.79 -34.49 1.69
CA GLU T 197 77.19 -34.57 2.10
C GLU T 197 77.32 -35.34 3.40
N ASP T 198 78.56 -35.42 3.89
CA ASP T 198 78.87 -36.15 5.11
C ASP T 198 78.91 -35.17 6.29
N PHE T 199 79.32 -35.66 7.45
CA PHE T 199 79.44 -34.82 8.63
C PHE T 199 80.65 -35.29 9.43
N LYS T 200 81.72 -34.51 9.39
CA LYS T 200 82.95 -34.85 10.09
C LYS T 200 82.97 -34.15 11.44
N PHE T 201 83.21 -34.91 12.50
CA PHE T 201 83.32 -34.37 13.83
C PHE T 201 84.75 -33.89 14.08
N ASP T 202 85.04 -33.55 15.32
CA ASP T 202 86.40 -33.18 15.69
C ASP T 202 87.13 -34.39 16.25
N ASN T 203 88.45 -34.36 16.15
CA ASN T 203 89.25 -35.39 16.78
C ASN T 203 89.11 -35.30 18.29
N VAL T 204 88.82 -36.43 18.92
CA VAL T 204 88.59 -36.49 20.37
C VAL T 204 89.56 -37.49 20.97
N VAL T 205 90.26 -37.08 22.02
CA VAL T 205 91.19 -37.97 22.73
C VAL T 205 90.34 -38.93 23.54
N ILE T 206 90.96 -40.00 24.03
CA ILE T 206 90.20 -41.04 24.73
C ILE T 206 90.75 -41.36 26.11
N SER T 207 92.06 -41.49 26.23
CA SER T 207 92.60 -42.51 27.12
C SER T 207 92.11 -42.47 28.57
N THR T 208 92.63 -41.59 29.41
CA THR T 208 92.24 -41.65 30.81
C THR T 208 92.15 -40.32 31.52
N SER T 209 92.37 -39.20 30.85
CA SER T 209 92.44 -37.92 31.53
C SER T 209 91.04 -37.36 31.72
N VAL T 210 90.95 -36.10 32.13
CA VAL T 210 89.66 -35.51 32.47
C VAL T 210 88.88 -35.20 31.21
N GLY T 211 89.42 -34.37 30.33
CA GLY T 211 88.73 -34.01 29.11
C GLY T 211 88.86 -35.05 28.03
N THR T 212 88.89 -36.32 28.42
CA THR T 212 89.03 -37.41 27.47
C THR T 212 87.97 -38.46 27.70
N GLY T 213 87.88 -39.43 26.81
CA GLY T 213 87.04 -40.59 27.03
C GLY T 213 85.72 -40.54 26.31
N LEU T 214 84.97 -41.63 26.47
CA LEU T 214 83.64 -41.72 25.87
C LEU T 214 82.74 -40.60 26.35
N GLY T 215 82.99 -40.06 27.54
CA GLY T 215 82.23 -38.89 27.96
C GLY T 215 82.49 -37.68 27.09
N ALA T 216 83.76 -37.42 26.77
CA ALA T 216 84.07 -36.35 25.84
C ALA T 216 83.46 -36.61 24.47
N LEU T 217 83.55 -37.85 24.00
CA LEU T 217 82.95 -38.16 22.70
C LEU T 217 81.44 -37.96 22.72
N ALA T 218 80.79 -38.33 23.81
CA ALA T 218 79.34 -38.16 23.89
C ALA T 218 78.97 -36.69 23.92
N GLU T 219 79.72 -35.87 24.65
CA GLU T 219 79.50 -34.43 24.59
C GLU T 219 79.62 -33.93 23.15
N GLU T 220 80.70 -34.32 22.47
CA GLU T 220 80.93 -33.82 21.12
C GLU T 220 79.82 -34.25 20.17
N ILE T 221 79.30 -35.46 20.35
CA ILE T 221 78.24 -35.94 19.47
C ILE T 221 76.93 -35.24 19.78
N ASN T 222 76.54 -35.21 21.05
CA ASN T 222 75.27 -34.62 21.43
C ASN T 222 75.21 -33.13 21.17
N LYS T 223 76.36 -32.46 21.10
CA LYS T 223 76.35 -31.03 20.80
C LYS T 223 75.71 -30.77 19.45
N SER T 224 76.10 -31.51 18.42
CA SER T 224 75.55 -31.35 17.08
C SER T 224 74.38 -32.32 16.86
N ALA T 225 73.43 -32.29 17.78
CA ALA T 225 72.32 -33.22 17.73
C ALA T 225 71.26 -32.83 16.71
N ASP T 226 70.96 -31.55 16.57
CA ASP T 226 69.86 -31.13 15.71
C ASP T 226 70.17 -31.25 14.23
N LYS T 227 71.44 -31.19 13.85
CA LYS T 227 71.78 -31.25 12.43
C LYS T 227 71.94 -32.67 11.93
N THR T 228 72.37 -33.60 12.78
CA THR T 228 72.55 -34.98 12.38
C THR T 228 71.37 -35.87 12.74
N GLY T 229 70.72 -35.62 13.88
CA GLY T 229 69.67 -36.50 14.34
C GLY T 229 70.18 -37.66 15.16
N VAL T 230 71.43 -37.65 15.57
CA VAL T 230 72.07 -38.78 16.23
C VAL T 230 72.52 -38.31 17.61
N ARG T 231 71.75 -38.65 18.64
CA ARG T 231 72.17 -38.43 20.01
C ARG T 231 72.93 -39.65 20.51
N ALA T 232 73.85 -39.43 21.44
CA ALA T 232 74.69 -40.52 21.91
C ALA T 232 74.78 -40.50 23.43
N THR T 233 75.09 -41.66 23.98
CA THR T 233 75.35 -41.82 25.41
C THR T 233 76.51 -42.79 25.55
N TYR T 234 76.78 -43.23 26.78
CA TYR T 234 77.92 -44.09 27.02
C TYR T 234 77.65 -44.96 28.25
N ASP T 235 78.56 -45.89 28.48
CA ASP T 235 78.49 -46.77 29.64
C ASP T 235 79.88 -47.35 29.84
N VAL T 236 80.52 -47.03 30.95
CA VAL T 236 81.89 -47.43 31.21
C VAL T 236 81.89 -48.21 32.53
N LYS T 237 81.84 -49.52 32.44
CA LYS T 237 81.94 -50.39 33.60
C LYS T 237 82.93 -51.51 33.30
N THR T 238 83.48 -52.08 34.36
CA THR T 238 84.37 -53.24 34.25
C THR T 238 83.97 -54.21 35.36
N THR T 239 83.06 -55.12 35.03
CA THR T 239 82.56 -56.08 36.00
C THR T 239 83.18 -57.44 35.78
N GLY T 240 83.54 -58.10 36.87
CA GLY T 240 84.17 -59.39 36.80
C GLY T 240 83.18 -60.51 36.54
N VAL T 241 83.67 -61.74 36.73
CA VAL T 241 82.86 -62.94 36.68
C VAL T 241 83.21 -63.77 37.91
N TYR T 242 82.58 -64.94 38.03
CA TYR T 242 82.87 -65.88 39.12
C TYR T 242 82.95 -65.13 40.45
N ALA T 243 81.77 -64.69 40.89
CA ALA T 243 81.58 -63.39 41.53
C ALA T 243 82.76 -62.88 42.34
N ILE T 244 83.25 -63.63 43.34
CA ILE T 244 84.43 -63.17 44.06
C ILE T 244 85.00 -64.30 44.91
N LYS T 245 86.32 -64.30 45.10
CA LYS T 245 86.99 -65.24 45.98
C LYS T 245 87.99 -64.51 46.87
N GLU T 246 88.81 -65.25 47.59
CA GLU T 246 89.84 -64.65 48.44
C GLU T 246 91.13 -64.48 47.65
N GLY T 247 91.76 -63.33 47.82
CA GLY T 247 93.00 -63.05 47.12
C GLY T 247 93.57 -61.72 47.55
N THR T 248 94.67 -61.34 46.91
CA THR T 248 95.36 -60.12 47.25
C THR T 248 95.87 -59.45 45.98
N THR T 249 96.03 -58.13 46.05
CA THR T 249 96.54 -57.35 44.94
C THR T 249 98.05 -57.22 45.03
N SER T 250 98.66 -56.94 43.89
CA SER T 250 100.11 -56.74 43.87
C SER T 250 100.48 -55.48 44.62
N GLN T 251 101.75 -55.43 45.04
CA GLN T 251 102.24 -54.28 45.80
C GLN T 251 102.15 -52.98 45.01
N ASP T 252 102.02 -53.08 43.69
CA ASP T 252 101.95 -51.91 42.81
C ASP T 252 100.62 -51.87 42.07
N PHE T 253 99.55 -52.28 42.74
CA PHE T 253 98.21 -52.19 42.17
C PHE T 253 97.82 -50.72 42.01
N ALA T 254 97.71 -50.28 40.76
CA ALA T 254 97.36 -48.89 40.45
C ALA T 254 96.22 -48.87 39.45
N ILE T 255 95.51 -47.74 39.42
CA ILE T 255 94.36 -47.57 38.55
C ILE T 255 94.34 -46.14 38.04
N ASN T 256 94.25 -45.98 36.72
CA ASN T 256 94.31 -44.67 36.06
C ASN T 256 95.55 -43.87 36.43
N GLY T 257 96.58 -44.52 36.97
CA GLY T 257 97.83 -43.85 37.24
C GLY T 257 98.09 -43.55 38.70
N VAL T 258 97.20 -43.91 39.61
CA VAL T 258 97.40 -43.71 41.04
C VAL T 258 97.60 -45.07 41.69
N THR T 259 98.68 -45.19 42.46
CA THR T 259 99.03 -46.47 43.06
C THR T 259 98.27 -46.66 44.36
N ILE T 260 97.65 -47.84 44.52
CA ILE T 260 96.84 -48.10 45.70
C ILE T 260 97.62 -48.97 46.68
N GLY T 261 98.04 -50.14 46.25
CA GLY T 261 98.87 -51.00 47.06
C GLY T 261 98.24 -52.34 47.32
N LYS T 262 98.90 -53.14 48.16
CA LYS T 262 98.46 -54.49 48.44
C LYS T 262 97.28 -54.48 49.39
N ILE T 263 96.20 -55.16 49.00
CA ILE T 263 94.97 -55.21 49.78
C ILE T 263 94.56 -56.67 49.88
N GLU T 264 94.58 -57.23 51.09
CA GLU T 264 94.13 -58.59 51.30
C GLU T 264 92.64 -58.58 51.60
N TYR T 265 91.86 -59.26 50.77
CA TYR T 265 90.41 -59.29 50.90
C TYR T 265 89.92 -60.72 51.06
N LYS T 266 88.79 -60.84 51.77
CA LYS T 266 88.24 -62.13 52.17
C LYS T 266 87.55 -62.80 50.99
N ASP T 267 86.83 -63.90 51.27
CA ASP T 267 86.16 -64.66 50.23
C ASP T 267 85.12 -63.81 49.52
N GLY T 268 84.06 -63.43 50.24
CA GLY T 268 82.99 -62.66 49.64
C GLY T 268 83.21 -61.18 49.83
N ASP T 269 84.47 -60.79 50.06
CA ASP T 269 84.81 -59.41 50.41
C ASP T 269 84.08 -58.98 51.68
N GLY T 270 84.00 -59.88 52.65
CA GLY T 270 83.35 -59.57 53.91
C GLY T 270 83.92 -58.35 54.59
N ASN T 271 85.21 -58.10 54.41
CA ASN T 271 85.80 -56.89 54.97
C ASN T 271 85.30 -55.64 54.27
N GLY T 272 84.95 -55.75 52.99
CA GLY T 272 84.72 -54.55 52.21
C GLY T 272 85.95 -53.71 52.05
N SER T 273 87.11 -54.24 52.45
CA SER T 273 88.35 -53.46 52.37
C SER T 273 88.71 -53.15 50.93
N LEU T 274 88.48 -54.11 50.03
CA LEU T 274 88.79 -53.86 48.62
C LEU T 274 87.96 -52.70 48.08
N ILE T 275 86.65 -52.74 48.30
CA ILE T 275 85.78 -51.69 47.79
C ILE T 275 86.16 -50.36 48.42
N SER T 276 86.38 -50.34 49.73
CA SER T 276 86.70 -49.07 50.39
C SER T 276 88.04 -48.53 49.93
N ALA T 277 89.02 -49.39 49.69
CA ALA T 277 90.34 -48.93 49.29
C ALA T 277 90.33 -48.43 47.85
N ILE T 278 89.55 -49.08 46.97
CA ILE T 278 89.43 -48.58 45.62
C ILE T 278 88.64 -47.28 45.60
N ASN T 279 87.71 -47.11 46.54
CA ASN T 279 86.89 -45.92 46.57
C ASN T 279 87.58 -44.74 47.25
N ALA T 280 88.59 -44.99 48.08
CA ALA T 280 89.25 -43.89 48.77
C ALA T 280 89.83 -42.86 47.82
N VAL T 281 90.04 -43.21 46.55
CA VAL T 281 90.60 -42.29 45.57
C VAL T 281 89.62 -42.14 44.41
N LYS T 282 88.32 -42.22 44.71
CA LYS T 282 87.33 -42.18 43.64
C LYS T 282 87.33 -40.85 42.91
N ASP T 283 87.50 -39.75 43.64
CA ASP T 283 87.47 -38.44 43.02
C ASP T 283 88.79 -38.06 42.37
N THR T 284 89.81 -38.90 42.50
CA THR T 284 91.04 -38.71 41.73
C THR T 284 91.07 -39.59 40.49
N THR T 285 90.61 -40.84 40.62
CA THR T 285 90.62 -41.73 39.47
C THR T 285 89.46 -41.44 38.53
N GLY T 286 88.26 -41.27 39.08
CA GLY T 286 87.05 -41.33 38.29
C GLY T 286 86.39 -42.67 38.32
N VAL T 287 86.84 -43.58 39.17
CA VAL T 287 86.35 -44.95 39.22
C VAL T 287 85.74 -45.20 40.59
N GLN T 288 84.45 -45.49 40.61
CA GLN T 288 83.72 -45.76 41.84
C GLN T 288 83.47 -47.26 41.90
N ALA T 289 84.10 -47.93 42.86
CA ALA T 289 83.95 -49.37 42.99
C ALA T 289 82.72 -49.70 43.84
N SER T 290 82.15 -50.86 43.58
CA SER T 290 80.97 -51.30 44.31
C SER T 290 80.80 -52.80 44.10
N LYS T 291 80.03 -53.41 44.99
CA LYS T 291 79.81 -54.85 44.98
C LYS T 291 78.46 -55.15 44.38
N ASP T 292 78.45 -55.98 43.34
CA ASP T 292 77.19 -56.32 42.68
C ASP T 292 76.33 -57.18 43.60
N GLU T 293 75.07 -57.35 43.20
CA GLU T 293 74.13 -58.10 44.03
C GLU T 293 74.51 -59.58 44.10
N ASN T 294 75.01 -60.15 43.00
CA ASN T 294 75.45 -61.53 43.02
C ASN T 294 76.85 -61.70 43.59
N GLY T 295 77.46 -60.66 44.12
CA GLY T 295 78.78 -60.74 44.70
C GLY T 295 79.90 -60.39 43.76
N LYS T 296 79.61 -60.01 42.52
CA LYS T 296 80.67 -59.66 41.60
C LYS T 296 81.26 -58.29 41.95
N LEU T 297 82.47 -58.05 41.48
CA LEU T 297 83.15 -56.77 41.65
C LEU T 297 82.83 -55.91 40.45
N VAL T 298 82.48 -54.65 40.69
CA VAL T 298 82.06 -53.72 39.65
C VAL T 298 82.79 -52.41 39.83
N LEU T 299 83.46 -51.96 38.76
CA LEU T 299 84.15 -50.68 38.74
C LEU T 299 83.49 -49.82 37.67
N THR T 300 82.74 -48.81 38.11
CA THR T 300 82.05 -47.92 37.20
C THR T 300 82.72 -46.55 37.19
N SER T 301 82.59 -45.87 36.07
CA SER T 301 83.14 -44.53 35.89
C SER T 301 82.01 -43.61 35.48
N ALA T 302 81.76 -42.56 36.27
CA ALA T 302 80.62 -41.70 36.02
C ALA T 302 80.79 -40.92 34.73
N ASP T 303 81.85 -40.13 34.63
CA ASP T 303 82.05 -39.26 33.48
C ASP T 303 82.74 -39.95 32.31
N GLY T 304 82.74 -41.28 32.27
CA GLY T 304 83.28 -42.00 31.14
C GLY T 304 84.73 -41.69 30.83
N ARG T 305 85.64 -42.07 31.72
CA ARG T 305 87.05 -41.80 31.51
C ARG T 305 87.86 -43.03 31.13
N GLY T 306 87.29 -44.22 31.26
CA GLY T 306 88.03 -45.42 30.91
C GLY T 306 88.85 -45.91 32.08
N ILE T 307 88.68 -47.17 32.44
CA ILE T 307 89.41 -47.77 33.54
C ILE T 307 90.65 -48.46 32.98
N LYS T 308 91.79 -48.22 33.62
CA LYS T 308 93.06 -48.84 33.21
C LYS T 308 93.77 -49.31 34.46
N ILE T 309 93.66 -50.60 34.75
CA ILE T 309 94.36 -51.20 35.87
C ILE T 309 95.74 -51.62 35.41
N THR T 310 96.77 -51.23 36.16
CA THR T 310 98.15 -51.50 35.78
C THR T 310 98.73 -52.70 36.53
N GLY T 311 98.74 -52.64 37.86
CA GLY T 311 99.28 -53.72 38.65
C GLY T 311 98.39 -54.95 38.58
N ASP T 312 98.82 -55.98 39.30
CA ASP T 312 98.05 -57.21 39.39
C ASP T 312 96.92 -57.01 40.38
N ILE T 313 95.71 -56.83 39.88
CA ILE T 313 94.56 -56.71 40.77
C ILE T 313 94.37 -57.98 41.58
N GLY T 314 94.90 -59.10 41.11
CA GLY T 314 94.75 -60.34 41.81
C GLY T 314 93.56 -61.11 41.27
N VAL T 315 93.83 -62.16 40.49
CA VAL T 315 92.75 -63.02 40.06
C VAL T 315 92.11 -63.64 41.28
N GLY T 316 90.83 -63.94 41.19
CA GLY T 316 90.00 -64.21 42.35
C GLY T 316 89.22 -63.00 42.79
N SER T 317 89.56 -61.82 42.28
CA SER T 317 88.70 -60.65 42.38
C SER T 317 87.68 -60.61 41.27
N GLY T 318 87.75 -61.53 40.31
CA GLY T 318 86.77 -61.63 39.26
C GLY T 318 87.18 -61.00 37.95
N ILE T 319 88.13 -60.08 37.95
CA ILE T 319 88.48 -59.31 36.77
C ILE T 319 89.63 -60.03 36.06
N LEU T 320 89.36 -60.48 34.84
CA LEU T 320 90.38 -61.16 34.07
C LEU T 320 91.41 -60.16 33.55
N ALA T 321 92.52 -60.69 33.04
CA ALA T 321 93.56 -59.84 32.49
C ALA T 321 93.10 -59.08 31.26
N ASN T 322 92.20 -59.66 30.46
CA ASN T 322 91.73 -59.00 29.25
C ASN T 322 90.89 -57.76 29.54
N GLN T 323 90.48 -57.55 30.79
CA GLN T 323 89.64 -56.42 31.14
C GLN T 323 90.42 -55.26 31.76
N LYS T 324 91.71 -55.44 32.00
CA LYS T 324 92.48 -54.42 32.71
C LYS T 324 92.51 -53.10 31.93
N GLU T 325 92.17 -53.13 30.66
CA GLU T 325 92.23 -51.95 29.80
C GLU T 325 90.84 -51.75 29.20
N ASN T 326 90.03 -50.92 29.85
CA ASN T 326 88.63 -50.75 29.47
C ASN T 326 88.34 -49.29 29.16
N TYR T 327 87.41 -49.08 28.22
CA TYR T 327 86.95 -47.73 27.90
C TYR T 327 85.45 -47.66 27.65
N GLY T 328 84.69 -48.69 27.98
CA GLY T 328 83.25 -48.60 27.85
C GLY T 328 82.78 -48.74 26.40
N ARG T 329 81.51 -48.45 26.21
CA ARG T 329 80.87 -48.52 24.90
C ARG T 329 80.15 -47.22 24.60
N LEU T 330 80.03 -46.95 23.30
CA LEU T 330 79.23 -45.84 22.81
C LEU T 330 77.87 -46.36 22.38
N SER T 331 76.85 -45.50 22.47
CA SER T 331 75.49 -45.89 22.12
C SER T 331 74.85 -44.74 21.34
N LEU T 332 74.95 -44.81 20.01
CA LEU T 332 74.26 -43.86 19.16
C LEU T 332 72.79 -44.19 19.09
N VAL T 333 71.96 -43.17 18.95
CA VAL T 333 70.51 -43.31 18.86
C VAL T 333 70.01 -42.29 17.84
N LYS T 334 69.58 -42.75 16.68
CA LYS T 334 68.90 -41.90 15.73
C LYS T 334 67.41 -41.91 16.05
N ASN T 335 66.61 -41.23 15.25
CA ASN T 335 65.17 -41.22 15.48
C ASN T 335 64.40 -41.32 14.17
N ASP T 336 64.90 -42.12 13.22
CA ASP T 336 64.12 -42.35 12.00
C ASP T 336 64.10 -43.80 11.52
N GLY T 337 64.98 -44.66 11.98
CA GLY T 337 64.96 -46.05 11.58
C GLY T 337 65.86 -46.43 10.42
N ARG T 338 66.76 -45.56 10.00
CA ARG T 338 67.75 -45.89 8.98
C ARG T 338 69.12 -46.05 9.62
N ASP T 339 69.93 -46.93 9.04
CA ASP T 339 71.22 -47.26 9.65
C ASP T 339 72.11 -46.04 9.71
N ILE T 340 72.59 -45.72 10.91
CA ILE T 340 73.64 -44.73 11.05
C ILE T 340 74.89 -45.27 10.37
N ASN T 341 75.33 -44.59 9.31
CA ASN T 341 76.42 -45.09 8.48
C ASN T 341 77.75 -44.46 8.90
N ILE T 342 78.16 -44.79 10.12
CA ILE T 342 79.37 -44.20 10.67
C ILE T 342 80.59 -44.77 9.96
N SER T 343 81.50 -43.89 9.53
CA SER T 343 82.78 -44.30 8.96
C SER T 343 83.79 -43.21 9.28
N GLY T 344 84.51 -43.39 10.38
CA GLY T 344 85.47 -42.41 10.85
C GLY T 344 86.87 -42.67 10.36
N THR T 345 87.85 -42.14 11.09
CA THR T 345 89.26 -42.31 10.76
C THR T 345 89.96 -43.32 11.64
N ASN T 346 89.76 -43.28 12.95
CA ASN T 346 90.39 -44.21 13.88
C ASN T 346 89.28 -44.76 14.76
N LEU T 347 88.60 -45.79 14.27
CA LEU T 347 87.36 -46.25 14.89
C LEU T 347 87.55 -47.38 15.88
N SER T 348 88.70 -48.05 15.90
CA SER T 348 88.89 -49.11 16.87
C SER T 348 88.98 -48.60 18.30
N ALA T 349 89.00 -47.28 18.49
CA ALA T 349 89.07 -46.73 19.83
C ALA T 349 87.69 -46.64 20.48
N ILE T 350 86.65 -46.39 19.69
CA ILE T 350 85.30 -46.32 20.24
C ILE T 350 84.60 -47.67 20.20
N GLY T 351 85.24 -48.70 19.67
CA GLY T 351 84.60 -50.00 19.60
C GLY T 351 83.66 -50.15 18.42
N MET T 352 83.96 -49.50 17.30
CA MET T 352 83.17 -49.65 16.09
C MET T 352 84.07 -49.83 14.88
N GLY T 353 85.30 -50.29 15.09
CA GLY T 353 86.23 -50.49 14.00
C GLY T 353 85.78 -51.58 13.05
N THR T 354 86.60 -51.80 12.02
CA THR T 354 86.27 -52.79 11.01
C THR T 354 86.46 -54.22 11.49
N THR T 355 86.71 -54.43 12.78
CA THR T 355 86.89 -55.77 13.32
C THR T 355 86.08 -55.99 14.59
N ASP T 356 85.17 -55.08 14.91
CA ASP T 356 84.37 -55.15 16.13
C ASP T 356 82.93 -55.52 15.80
N MET T 357 82.33 -56.31 16.68
CA MET T 357 80.96 -56.79 16.50
C MET T 357 80.01 -55.81 17.17
N ILE T 358 79.41 -54.93 16.39
CA ILE T 358 78.44 -53.99 16.92
C ILE T 358 77.04 -54.55 16.71
N SER T 359 76.11 -54.09 17.52
CA SER T 359 74.71 -54.49 17.43
C SER T 359 73.87 -53.29 17.06
N GLN T 360 72.88 -53.50 16.19
CA GLN T 360 72.03 -52.42 15.74
C GLN T 360 70.68 -52.99 15.34
N SER T 361 69.62 -52.27 15.68
CA SER T 361 68.27 -52.70 15.33
C SER T 361 67.30 -51.56 15.60
N SER T 362 66.28 -51.46 14.78
CA SER T 362 65.25 -50.44 14.91
C SER T 362 63.98 -51.07 15.46
N VAL T 363 63.43 -50.47 16.51
CA VAL T 363 62.25 -50.99 17.19
C VAL T 363 61.12 -50.00 17.02
N SER T 364 59.89 -50.52 17.01
CA SER T 364 58.72 -49.71 16.77
C SER T 364 58.00 -49.42 18.07
N LEU T 365 57.02 -48.52 18.01
CA LEU T 365 56.25 -48.19 19.21
C LEU T 365 55.53 -49.41 19.75
N ARG T 366 54.93 -50.21 18.86
CA ARG T 366 54.27 -51.42 19.33
C ARG T 366 55.30 -52.44 19.82
N GLU T 367 56.37 -52.66 19.06
CA GLU T 367 57.39 -53.60 19.48
C GLU T 367 57.95 -53.27 20.85
N SER T 368 57.96 -51.99 21.23
CA SER T 368 58.43 -51.64 22.56
C SER T 368 57.51 -52.15 23.66
N LYS T 369 56.27 -52.48 23.32
CA LYS T 369 55.31 -52.91 24.33
C LYS T 369 55.55 -54.33 24.80
N GLY T 370 56.25 -55.14 24.02
CA GLY T 370 56.46 -56.54 24.34
C GLY T 370 57.76 -56.77 25.10
N GLN T 371 58.10 -58.04 25.24
CA GLN T 371 59.32 -58.44 25.92
C GLN T 371 60.52 -58.12 25.03
N ILE T 372 61.44 -57.32 25.54
CA ILE T 372 62.59 -56.88 24.76
C ILE T 372 63.49 -58.08 24.48
N SER T 373 63.63 -58.45 23.22
CA SER T 373 64.45 -59.59 22.86
C SER T 373 65.91 -59.33 23.25
N ALA T 374 66.66 -60.42 23.40
CA ALA T 374 68.03 -60.30 23.86
C ALA T 374 68.91 -59.59 22.85
N THR T 375 68.67 -59.81 21.56
CA THR T 375 69.46 -59.11 20.55
C THR T 375 69.12 -57.62 20.52
N ASN T 376 67.83 -57.29 20.70
CA ASN T 376 67.44 -55.89 20.71
C ASN T 376 67.97 -55.17 21.94
N ALA T 377 68.09 -55.89 23.06
CA ALA T 377 68.50 -55.26 24.30
C ALA T 377 69.89 -54.65 24.19
N ASP T 378 70.80 -55.35 23.51
CA ASP T 378 72.14 -54.82 23.32
C ASP T 378 72.11 -53.47 22.64
N ALA T 379 71.41 -53.38 21.51
CA ALA T 379 71.28 -52.10 20.83
C ALA T 379 70.58 -51.07 21.70
N MET T 380 69.61 -51.49 22.51
CA MET T 380 68.92 -50.54 23.37
C MET T 380 69.89 -49.90 24.35
N GLY T 381 70.75 -50.69 24.95
CA GLY T 381 71.77 -50.11 25.81
C GLY T 381 71.96 -50.78 27.16
N PHE T 382 71.34 -51.94 27.35
CA PHE T 382 71.59 -52.72 28.55
C PHE T 382 72.97 -53.36 28.47
N ASN T 383 73.28 -54.17 29.48
CA ASN T 383 74.34 -55.18 29.44
C ASN T 383 75.62 -54.68 28.78
N SER T 384 76.33 -53.77 29.44
CA SER T 384 77.58 -53.24 28.93
C SER T 384 78.47 -54.30 28.30
N TYR T 385 78.84 -55.33 29.06
CA TYR T 385 79.82 -56.31 28.56
C TYR T 385 79.18 -57.27 27.55
N LYS T 386 78.63 -56.69 26.48
CA LYS T 386 78.23 -57.42 25.28
C LYS T 386 77.25 -58.55 25.61
N GLY T 387 76.09 -58.15 26.11
CA GLY T 387 75.08 -59.09 26.54
C GLY T 387 75.39 -59.64 27.92
N GLY T 388 74.35 -59.69 28.74
CA GLY T 388 74.51 -60.06 30.13
C GLY T 388 74.98 -61.47 30.38
N GLY T 389 75.27 -62.23 29.34
CA GLY T 389 75.70 -63.60 29.53
C GLY T 389 77.16 -63.71 29.89
N LYS T 390 77.86 -64.65 29.28
CA LYS T 390 79.28 -64.79 29.55
C LYS T 390 80.05 -63.68 28.86
N PHE T 391 81.27 -63.45 29.36
CA PHE T 391 82.17 -62.52 28.70
C PHE T 391 82.83 -63.22 27.51
N VAL T 392 83.03 -62.48 26.43
CA VAL T 392 83.44 -63.05 25.15
C VAL T 392 84.83 -62.53 24.80
N PHE T 393 85.78 -63.45 24.62
CA PHE T 393 87.13 -63.11 24.19
C PHE T 393 87.27 -63.27 22.68
N THR T 394 88.50 -63.09 22.21
CA THR T 394 88.93 -63.52 20.88
C THR T 394 90.28 -64.22 20.97
N GLN T 395 90.58 -64.82 22.12
CA GLN T 395 91.88 -65.47 22.33
C GLN T 395 91.99 -66.70 21.43
N ASN T 396 93.12 -67.39 21.48
CA ASN T 396 93.43 -68.47 20.56
C ASN T 396 93.76 -69.74 21.31
N VAL T 397 92.91 -70.10 22.27
CA VAL T 397 93.14 -71.24 23.14
C VAL T 397 92.11 -72.32 22.85
N SER T 398 92.55 -73.57 22.89
CA SER T 398 91.65 -74.70 22.64
C SER T 398 90.57 -74.79 23.72
N SER T 399 90.96 -74.61 24.98
CA SER T 399 90.00 -74.75 26.07
C SER T 399 90.52 -74.04 27.31
N ILE T 400 89.61 -73.88 28.28
CA ILE T 400 89.91 -73.20 29.54
C ILE T 400 91.12 -73.78 30.23
N SER T 401 91.34 -75.09 30.09
CA SER T 401 92.52 -75.72 30.67
C SER T 401 93.80 -75.03 30.19
N ALA T 402 93.99 -74.96 28.88
CA ALA T 402 95.17 -74.29 28.35
C ALA T 402 95.09 -72.78 28.54
N PHE T 403 93.90 -72.20 28.62
CA PHE T 403 93.78 -70.77 28.86
C PHE T 403 94.29 -70.42 30.25
N MET T 404 94.16 -71.33 31.20
CA MET T 404 94.75 -71.15 32.52
C MET T 404 96.22 -71.50 32.54
N SER T 405 96.61 -72.58 31.85
CA SER T 405 98.02 -72.97 31.80
C SER T 405 98.88 -71.89 31.15
N ALA T 406 98.30 -71.10 30.25
CA ALA T 406 99.09 -70.18 29.45
C ALA T 406 99.65 -69.04 30.31
N GLN T 407 100.58 -68.31 29.71
CA GLN T 407 101.23 -67.18 30.37
C GLN T 407 100.27 -66.00 30.45
N GLY T 408 100.64 -65.00 31.24
CA GLY T 408 99.84 -63.78 31.34
C GLY T 408 98.68 -63.81 32.31
N SER T 409 97.85 -64.85 32.25
CA SER T 409 96.74 -64.98 33.18
C SER T 409 97.27 -65.19 34.58
N GLY T 410 96.38 -65.11 35.56
CA GLY T 410 96.78 -65.29 36.94
C GLY T 410 96.66 -66.73 37.38
N PHE T 411 96.57 -67.65 36.42
CA PHE T 411 96.34 -69.06 36.70
C PHE T 411 97.57 -69.91 36.40
N SER T 412 98.73 -69.30 36.23
CA SER T 412 99.91 -70.05 35.85
C SER T 412 100.31 -71.01 36.98
N ARG T 413 101.26 -71.90 36.66
CA ARG T 413 101.70 -72.90 37.63
C ARG T 413 102.25 -72.25 38.89
N GLY T 414 102.96 -71.12 38.73
CA GLY T 414 103.50 -70.45 39.90
C GLY T 414 102.42 -69.90 40.80
N SER T 415 101.42 -69.24 40.22
CA SER T 415 100.33 -68.66 41.00
C SER T 415 99.56 -69.77 41.72
N GLY T 416 99.04 -69.43 42.89
CA GLY T 416 98.31 -70.42 43.68
C GLY T 416 97.02 -70.89 43.04
N PHE T 417 96.51 -70.15 42.07
CA PHE T 417 95.23 -70.48 41.45
C PHE T 417 95.39 -71.38 40.23
N SER T 418 96.09 -72.49 40.38
CA SER T 418 96.25 -73.41 39.27
C SER T 418 95.11 -74.43 39.28
N VAL T 419 94.96 -75.13 38.15
CA VAL T 419 93.89 -76.10 38.03
C VAL T 419 94.15 -77.23 39.04
N GLY T 420 93.14 -77.54 39.83
CA GLY T 420 93.28 -78.53 40.87
C GLY T 420 94.04 -78.07 42.08
N SER T 421 93.94 -76.79 42.43
CA SER T 421 94.66 -76.22 43.57
C SER T 421 93.71 -75.76 44.67
N GLY T 422 92.54 -76.39 44.77
CA GLY T 422 91.60 -76.10 45.82
C GLY T 422 90.73 -74.88 45.61
N LYS T 423 91.21 -73.87 44.88
CA LYS T 423 90.41 -72.67 44.68
C LYS T 423 89.21 -72.94 43.78
N ASN T 424 89.34 -73.88 42.85
CA ASN T 424 88.24 -74.30 41.98
C ASN T 424 87.66 -73.14 41.19
N LEU T 425 88.53 -72.38 40.53
CA LEU T 425 88.07 -71.32 39.65
C LEU T 425 87.72 -71.82 38.26
N SER T 426 87.98 -73.10 37.96
CA SER T 426 87.60 -73.62 36.65
C SER T 426 86.08 -73.59 36.47
N VAL T 427 85.32 -73.89 37.53
CA VAL T 427 83.87 -73.82 37.42
C VAL T 427 83.42 -72.38 37.19
N GLY T 428 84.06 -71.44 37.87
CA GLY T 428 83.71 -70.04 37.68
C GLY T 428 83.97 -69.58 36.26
N LEU T 429 85.11 -69.98 35.70
CA LEU T 429 85.41 -69.63 34.32
C LEU T 429 84.43 -70.29 33.36
N SER T 430 84.14 -71.57 33.56
CA SER T 430 83.17 -72.26 32.71
C SER T 430 81.82 -71.55 32.75
N GLN T 431 81.42 -71.04 33.91
CA GLN T 431 80.18 -70.29 34.07
C GLN T 431 80.51 -68.80 34.01
N GLY T 432 80.75 -68.30 32.81
CA GLY T 432 80.97 -66.87 32.66
C GLY T 432 82.08 -66.46 31.71
N ILE T 433 82.69 -67.42 31.02
CA ILE T 433 83.70 -67.10 30.01
C ILE T 433 83.41 -67.91 28.76
N GLN T 434 83.36 -67.24 27.61
CA GLN T 434 83.19 -67.91 26.33
C GLN T 434 84.31 -67.42 25.41
N ILE T 435 85.30 -68.27 25.18
CA ILE T 435 86.44 -67.91 24.34
C ILE T 435 86.14 -68.29 22.90
N ILE T 436 86.41 -67.37 21.99
CA ILE T 436 86.29 -67.62 20.56
C ILE T 436 87.66 -67.96 20.01
N SER T 437 87.81 -69.18 19.48
CA SER T 437 89.12 -69.69 19.09
C SER T 437 89.79 -68.80 18.05
N SER T 438 89.17 -68.65 16.89
CA SER T 438 89.77 -67.92 15.79
C SER T 438 88.78 -66.89 15.27
N ALA T 439 89.17 -65.62 15.31
CA ALA T 439 88.27 -64.54 14.94
C ALA T 439 87.80 -64.62 13.50
N ALA T 440 88.36 -65.53 12.69
CA ALA T 440 87.88 -65.68 11.32
C ALA T 440 86.74 -66.68 11.25
N SER T 441 86.92 -67.85 11.84
CA SER T 441 85.91 -68.91 11.83
C SER T 441 85.27 -68.96 13.21
N MET T 442 84.11 -68.31 13.35
CA MET T 442 83.35 -68.38 14.61
C MET T 442 81.86 -68.44 14.26
N SER T 443 81.34 -69.66 14.15
CA SER T 443 79.91 -69.90 14.06
C SER T 443 79.36 -70.56 15.31
N ASN T 444 80.21 -70.91 16.25
CA ASN T 444 79.78 -71.52 17.50
C ASN T 444 79.34 -70.48 18.53
N THR T 445 79.51 -69.19 18.26
CA THR T 445 79.11 -68.17 19.22
C THR T 445 78.23 -67.10 18.57
N TYR T 446 78.36 -66.93 17.27
CA TYR T 446 77.56 -65.97 16.53
C TYR T 446 76.79 -66.69 15.44
N VAL T 447 75.59 -66.19 15.14
CA VAL T 447 74.79 -66.76 14.07
C VAL T 447 75.32 -66.23 12.75
N VAL T 448 76.24 -66.98 12.14
CA VAL T 448 76.96 -66.51 10.97
C VAL T 448 76.94 -67.59 9.90
N SER T 449 76.04 -68.57 10.06
CA SER T 449 75.94 -69.66 9.11
C SER T 449 75.58 -69.15 7.72
N ALA T 450 75.77 -70.04 6.74
CA ALA T 450 75.62 -69.64 5.34
C ALA T 450 74.19 -69.22 5.02
N GLY T 451 73.20 -69.88 5.63
CA GLY T 451 71.82 -69.52 5.36
C GLY T 451 71.47 -68.11 5.80
N SER T 452 72.05 -67.66 6.91
CA SER T 452 71.82 -66.31 7.38
C SER T 452 72.37 -65.29 6.38
N GLY T 453 71.92 -64.06 6.53
CA GLY T 453 72.41 -62.98 5.72
C GLY T 453 73.68 -62.34 6.23
N PHE T 454 74.32 -62.94 7.23
CA PHE T 454 75.50 -62.36 7.86
C PHE T 454 76.75 -63.21 7.61
N SER T 455 76.78 -63.96 6.51
CA SER T 455 77.92 -64.81 6.20
C SER T 455 79.21 -64.00 6.15
N SER T 456 80.30 -64.64 6.54
CA SER T 456 81.60 -63.98 6.48
C SER T 456 81.98 -63.71 5.03
N GLY T 457 82.45 -62.50 4.76
CA GLY T 457 82.77 -62.10 3.41
C GLY T 457 81.61 -61.62 2.58
N SER T 458 80.38 -61.63 3.13
CA SER T 458 79.20 -61.14 2.43
C SER T 458 78.75 -59.79 2.96
N GLY T 459 79.61 -59.08 3.68
CA GLY T 459 79.20 -57.87 4.35
C GLY T 459 78.32 -58.21 5.55
N ASN T 460 78.04 -57.20 6.37
CA ASN T 460 77.21 -57.34 7.57
C ASN T 460 77.82 -58.29 8.60
N SER T 461 79.03 -58.79 8.36
CA SER T 461 79.61 -59.76 9.28
C SER T 461 79.87 -59.18 10.65
N GLN T 462 79.97 -57.86 10.78
CA GLN T 462 80.17 -57.22 12.06
C GLN T 462 78.86 -56.83 12.73
N PHE T 463 77.73 -57.32 12.21
CA PHE T 463 76.43 -57.05 12.82
C PHE T 463 75.74 -58.33 13.26
N ALA T 464 76.42 -59.47 13.21
CA ALA T 464 75.78 -60.74 13.50
C ALA T 464 75.30 -60.79 14.94
N ALA T 465 74.32 -61.64 15.19
CA ALA T 465 73.71 -61.77 16.50
C ALA T 465 74.45 -62.79 17.35
N LEU T 466 74.33 -62.64 18.66
CA LEU T 466 74.97 -63.56 19.60
C LEU T 466 74.12 -64.80 19.75
N LYS T 467 74.78 -65.95 19.91
CA LYS T 467 74.08 -67.22 20.02
C LYS T 467 73.72 -67.51 21.47
N THR T 468 72.48 -67.92 21.69
CA THR T 468 71.95 -68.03 23.05
C THR T 468 72.51 -69.25 23.77
N THR T 469 72.81 -70.33 23.05
CA THR T 469 73.42 -71.47 23.73
C THR T 469 74.88 -71.19 24.05
N ALA T 470 75.59 -70.54 23.12
CA ALA T 470 76.99 -70.19 23.32
C ALA T 470 77.16 -69.24 24.50
N ALA T 471 76.57 -68.05 24.38
CA ALA T 471 76.52 -67.13 25.50
C ALA T 471 75.42 -67.57 26.45
N ASN T 472 75.03 -66.72 27.37
CA ASN T 472 73.93 -67.05 28.27
C ASN T 472 72.92 -65.93 28.28
N THR T 473 72.73 -65.30 27.13
CA THR T 473 71.86 -64.14 27.03
C THR T 473 70.41 -64.53 27.28
N THR T 474 69.69 -63.65 27.99
CA THR T 474 68.27 -63.80 28.24
C THR T 474 67.56 -62.53 27.80
N ASP T 475 66.23 -62.57 27.84
CA ASP T 475 65.44 -61.41 27.50
C ASP T 475 65.26 -60.51 28.72
N GLU T 476 64.86 -59.29 28.46
CA GLU T 476 64.59 -58.32 29.51
C GLU T 476 63.09 -58.16 29.71
N THR T 477 62.71 -57.68 30.89
CA THR T 477 61.31 -57.41 31.19
C THR T 477 60.75 -56.41 30.17
N ALA T 478 59.44 -56.49 29.96
CA ALA T 478 58.82 -55.86 28.81
C ALA T 478 58.69 -54.37 29.01
N GLY T 479 59.39 -53.60 28.18
CA GLY T 479 59.10 -52.18 28.07
C GLY T 479 59.57 -51.38 29.26
N VAL T 480 58.73 -50.45 29.70
CA VAL T 480 59.08 -49.49 30.74
C VAL T 480 59.44 -50.15 32.06
N THR T 481 59.10 -51.43 32.25
CA THR T 481 59.29 -52.09 33.53
C THR T 481 60.76 -52.22 33.91
N THR T 482 61.66 -51.71 33.07
CA THR T 482 63.07 -51.61 33.41
C THR T 482 63.55 -50.21 33.07
N LEU T 483 64.69 -49.84 33.65
CA LEU T 483 65.13 -48.44 33.58
C LEU T 483 65.51 -48.06 32.15
N LYS T 484 66.50 -48.72 31.59
CA LYS T 484 66.91 -48.43 30.22
C LYS T 484 65.75 -48.64 29.25
N GLY T 485 64.87 -49.59 29.55
CA GLY T 485 63.66 -49.72 28.75
C GLY T 485 62.82 -48.48 28.76
N ALA T 486 62.67 -47.85 29.93
CA ALA T 486 61.92 -46.60 30.02
C ALA T 486 62.61 -45.51 29.22
N MET T 487 63.93 -45.41 29.36
CA MET T 487 64.63 -44.33 28.66
C MET T 487 64.63 -44.55 27.15
N ALA T 488 64.44 -45.79 26.70
CA ALA T 488 64.29 -46.02 25.27
C ALA T 488 62.87 -45.73 24.81
N VAL T 489 61.88 -46.09 25.64
CA VAL T 489 60.49 -45.77 25.30
C VAL T 489 60.32 -44.27 25.19
N MET T 490 61.08 -43.50 25.96
CA MET T 490 61.02 -42.05 25.82
C MET T 490 61.37 -41.60 24.40
N ASP T 491 62.47 -42.13 23.85
CA ASP T 491 62.86 -41.79 22.50
C ASP T 491 61.83 -42.27 21.49
N ILE T 492 61.28 -43.47 21.70
CA ILE T 492 60.31 -43.97 20.76
C ILE T 492 59.06 -43.10 20.75
N ALA T 493 58.66 -42.60 21.91
CA ALA T 493 57.53 -41.69 21.97
C ALA T 493 57.84 -40.37 21.28
N GLU T 494 59.06 -39.86 21.46
CA GLU T 494 59.44 -38.62 20.77
C GLU T 494 59.40 -38.80 19.26
N THR T 495 59.90 -39.93 18.77
CA THR T 495 59.86 -40.20 17.33
C THR T 495 58.43 -40.32 16.84
N ALA T 496 57.56 -40.98 17.62
CA ALA T 496 56.16 -41.07 17.23
C ALA T 496 55.53 -39.70 17.15
N ILE T 497 55.83 -38.83 18.11
CA ILE T 497 55.31 -37.47 18.09
C ILE T 497 55.72 -36.77 16.81
N THR T 498 57.00 -36.88 16.45
CA THR T 498 57.48 -36.22 15.24
C THR T 498 56.77 -36.76 14.00
N ASN T 499 56.60 -38.08 13.92
CA ASN T 499 55.92 -38.66 12.76
C ASN T 499 54.50 -38.13 12.64
N LEU T 500 53.76 -38.12 13.75
CA LEU T 500 52.37 -37.66 13.67
C LEU T 500 52.31 -36.18 13.33
N ASP T 501 53.26 -35.39 13.83
CA ASP T 501 53.31 -33.98 13.44
C ASP T 501 53.52 -33.84 11.94
N GLN T 502 54.42 -34.64 11.37
CA GLN T 502 54.63 -34.59 9.93
C GLN T 502 53.36 -34.91 9.16
N ILE T 503 52.65 -35.96 9.58
CA ILE T 503 51.45 -36.36 8.84
C ILE T 503 50.37 -35.29 8.95
N ARG T 504 50.19 -34.73 10.15
CA ARG T 504 49.22 -33.66 10.32
C ARG T 504 49.57 -32.44 9.49
N ALA T 505 50.86 -32.14 9.37
CA ALA T 505 51.27 -31.04 8.52
C ALA T 505 50.94 -31.31 7.06
N ASP T 506 51.08 -32.56 6.62
CA ASP T 506 50.67 -32.91 5.26
C ASP T 506 49.18 -32.67 5.06
N ILE T 507 48.36 -33.10 6.01
CA ILE T 507 46.92 -32.89 5.90
C ILE T 507 46.61 -31.40 5.81
N ALA T 508 47.24 -30.59 6.65
CA ALA T 508 46.97 -29.15 6.63
C ALA T 508 47.40 -28.52 5.32
N SER T 509 48.55 -28.95 4.80
CA SER T 509 49.02 -28.42 3.53
C SER T 509 48.04 -28.72 2.41
N ILE T 510 47.40 -29.89 2.45
CA ILE T 510 46.37 -30.18 1.45
C ILE T 510 45.14 -29.30 1.67
N GLN T 511 44.76 -29.12 2.92
CA GLN T 511 43.53 -28.40 3.23
C GLN T 511 43.59 -26.95 2.75
N ASN T 512 44.74 -26.30 2.92
CA ASN T 512 44.84 -24.91 2.48
C ASN T 512 44.69 -24.78 0.97
N GLN T 513 45.30 -25.69 0.21
CA GLN T 513 45.16 -25.66 -1.23
C GLN T 513 43.70 -25.88 -1.64
N VAL T 514 43.02 -26.81 -0.97
CA VAL T 514 41.61 -27.03 -1.27
C VAL T 514 40.81 -25.76 -1.04
N THR T 515 41.11 -25.06 0.06
CA THR T 515 40.39 -23.82 0.35
C THR T 515 40.60 -22.78 -0.74
N SER T 516 41.85 -22.62 -1.19
CA SER T 516 42.10 -21.65 -2.25
C SER T 516 41.36 -22.02 -3.54
N THR T 517 41.38 -23.31 -3.90
CA THR T 517 40.62 -23.76 -5.06
C THR T 517 39.16 -23.39 -4.92
N ILE T 518 38.59 -23.60 -3.73
CA ILE T 518 37.17 -23.36 -3.54
C ILE T 518 36.85 -21.89 -3.70
N ASN T 519 37.70 -21.01 -3.16
CA ASN T 519 37.46 -19.58 -3.35
C ASN T 519 37.48 -19.21 -4.82
N ASN T 520 38.52 -19.65 -5.53
CA ASN T 520 38.63 -19.26 -6.94
C ASN T 520 37.46 -19.81 -7.75
N ILE T 521 37.01 -21.02 -7.43
CA ILE T 521 35.90 -21.60 -8.18
C ILE T 521 34.61 -20.86 -7.87
N THR T 522 34.41 -20.48 -6.61
CA THR T 522 33.21 -19.74 -6.24
C THR T 522 33.13 -18.42 -6.98
N VAL T 523 34.28 -17.80 -7.25
CA VAL T 523 34.26 -16.56 -8.01
C VAL T 523 34.03 -16.83 -9.50
N THR T 524 34.77 -17.78 -10.06
CA THR T 524 34.67 -18.05 -11.48
C THR T 524 33.27 -18.51 -11.87
N GLN T 525 32.58 -19.22 -10.98
CA GLN T 525 31.23 -19.66 -11.29
C GLN T 525 30.30 -18.47 -11.48
N VAL T 526 30.42 -17.47 -10.60
CA VAL T 526 29.59 -16.28 -10.73
C VAL T 526 29.89 -15.57 -12.04
N ASN T 527 31.18 -15.42 -12.35
CA ASN T 527 31.54 -14.74 -13.59
C ASN T 527 30.98 -15.46 -14.81
N VAL T 528 31.09 -16.78 -14.83
CA VAL T 528 30.59 -17.56 -15.95
C VAL T 528 29.07 -17.47 -16.03
N LYS T 529 28.40 -17.53 -14.89
CA LYS T 529 26.95 -17.46 -14.86
C LYS T 529 26.45 -16.10 -15.32
N ALA T 530 27.24 -15.04 -15.15
CA ALA T 530 26.83 -13.75 -15.68
C ALA T 530 27.11 -13.66 -17.18
N ALA T 531 28.26 -14.17 -17.61
CA ALA T 531 28.58 -14.14 -19.03
C ALA T 531 27.60 -14.96 -19.85
N GLU T 532 27.04 -16.01 -19.26
CA GLU T 532 26.04 -16.80 -19.96
C GLU T 532 24.72 -16.06 -20.03
N SER T 533 24.34 -15.37 -18.95
CA SER T 533 23.15 -14.56 -18.96
C SER T 533 23.23 -13.48 -20.03
N GLN T 534 24.42 -12.91 -20.23
CA GLN T 534 24.57 -11.88 -21.24
C GLN T 534 24.20 -12.39 -22.63
N ILE T 535 24.24 -13.70 -22.84
CA ILE T 535 24.00 -14.27 -24.17
C ILE T 535 22.60 -14.83 -24.27
N ARG T 536 22.09 -15.41 -23.17
CA ARG T 536 20.88 -16.19 -23.25
C ARG T 536 19.62 -15.40 -22.92
N ASP T 537 19.62 -14.64 -21.83
CA ASP T 537 18.37 -14.05 -21.38
C ASP T 537 18.06 -12.76 -22.13
N VAL T 538 16.81 -12.34 -22.04
CA VAL T 538 16.33 -11.13 -22.69
C VAL T 538 16.18 -10.05 -21.63
N ASP T 539 16.35 -8.81 -22.05
CA ASP T 539 16.19 -7.66 -21.17
C ASP T 539 14.78 -7.10 -21.36
N PHE T 540 13.97 -7.23 -20.32
CA PHE T 540 12.59 -6.78 -20.41
C PHE T 540 12.49 -5.31 -20.78
N ALA T 541 13.51 -4.51 -20.46
CA ALA T 541 13.54 -3.12 -20.90
C ALA T 541 13.25 -3.00 -22.39
N SER T 542 14.08 -3.63 -23.21
CA SER T 542 13.88 -3.59 -24.65
C SER T 542 12.75 -4.50 -25.12
N GLU T 543 12.50 -5.59 -24.41
CA GLU T 543 11.48 -6.52 -24.87
C GLU T 543 10.09 -5.93 -24.79
N SER T 544 9.78 -5.22 -23.70
CA SER T 544 8.48 -4.60 -23.60
C SER T 544 8.30 -3.49 -24.62
N ALA T 545 9.37 -2.77 -24.95
CA ALA T 545 9.29 -1.79 -26.03
C ALA T 545 8.96 -2.45 -27.36
N ASN T 546 9.68 -3.52 -27.70
CA ASN T 546 9.37 -4.25 -28.93
C ASN T 546 7.92 -4.73 -28.92
N TYR T 547 7.45 -5.24 -27.79
CA TYR T 547 6.10 -5.78 -27.75
C TYR T 547 5.06 -4.69 -27.94
N SER T 548 5.22 -3.56 -27.25
CA SER T 548 4.25 -2.48 -27.41
C SER T 548 4.26 -1.93 -28.83
N LYS T 549 5.45 -1.79 -29.41
CA LYS T 549 5.54 -1.34 -30.79
C LYS T 549 4.80 -2.27 -31.72
N ALA T 550 5.06 -3.57 -31.61
CA ALA T 550 4.38 -4.54 -32.44
C ALA T 550 2.88 -4.56 -32.21
N ASN T 551 2.43 -4.29 -30.99
CA ASN T 551 1.00 -4.27 -30.73
C ASN T 551 0.32 -3.09 -31.41
N ILE T 552 0.91 -1.90 -31.31
CA ILE T 552 0.33 -0.75 -32.00
C ILE T 552 0.36 -0.97 -33.50
N LEU T 553 1.44 -1.57 -34.01
CA LEU T 553 1.47 -1.89 -35.44
C LEU T 553 0.39 -2.89 -35.81
N ALA T 554 0.09 -3.83 -34.92
CA ALA T 554 -0.97 -4.79 -35.21
C ALA T 554 -2.32 -4.10 -35.32
N GLN T 555 -2.60 -3.18 -34.41
CA GLN T 555 -3.85 -2.43 -34.49
C GLN T 555 -3.92 -1.63 -35.80
N SER T 556 -2.82 -0.96 -36.16
CA SER T 556 -2.80 -0.18 -37.39
C SER T 556 -3.01 -1.07 -38.61
N GLY T 557 -2.33 -2.21 -38.65
CA GLY T 557 -2.48 -3.11 -39.79
C GLY T 557 -3.86 -3.69 -39.90
N SER T 558 -4.50 -4.00 -38.77
CA SER T 558 -5.87 -4.47 -38.82
C SER T 558 -6.80 -3.40 -39.35
N TYR T 559 -6.61 -2.15 -38.93
CA TYR T 559 -7.42 -1.08 -39.50
C TYR T 559 -7.19 -0.95 -41.00
N ALA T 560 -5.93 -1.09 -41.44
CA ALA T 560 -5.63 -0.96 -42.86
C ALA T 560 -6.30 -2.07 -43.67
N MET T 561 -6.31 -3.29 -43.14
CA MET T 561 -7.00 -4.38 -43.83
C MET T 561 -8.50 -4.14 -43.87
N ALA T 562 -9.07 -3.68 -42.75
CA ALA T 562 -10.51 -3.42 -42.74
C ALA T 562 -10.88 -2.36 -43.76
N GLN T 563 -10.02 -1.36 -43.96
CA GLN T 563 -10.31 -0.34 -44.96
C GLN T 563 -10.08 -0.87 -46.37
N ALA T 564 -9.07 -1.73 -46.54
CA ALA T 564 -8.77 -2.24 -47.87
C ALA T 564 -9.91 -3.11 -48.38
N ASN T 565 -10.50 -3.92 -47.51
CA ASN T 565 -11.63 -4.76 -47.92
C ASN T 565 -12.80 -3.90 -48.39
N SER T 566 -12.98 -2.74 -47.79
CA SER T 566 -14.10 -1.87 -48.11
C SER T 566 -13.81 -0.89 -49.24
N SER T 567 -12.55 -0.74 -49.63
CA SER T 567 -12.18 0.26 -50.61
C SER T 567 -12.84 0.09 -51.98
N GLN T 568 -13.64 -0.96 -52.17
CA GLN T 568 -14.25 -1.21 -53.47
C GLN T 568 -15.75 -0.97 -53.48
N GLN T 569 -16.34 -0.54 -52.37
CA GLN T 569 -17.78 -0.31 -52.32
C GLN T 569 -18.22 0.76 -53.30
N ASN T 570 -17.31 1.62 -53.75
CA ASN T 570 -17.71 2.74 -54.59
C ASN T 570 -18.13 2.30 -55.98
N VAL T 571 -17.80 1.09 -56.40
CA VAL T 571 -18.17 0.64 -57.73
C VAL T 571 -19.68 0.51 -57.84
N LEU T 572 -20.35 0.15 -56.75
CA LEU T 572 -21.81 -0.03 -56.80
C LEU T 572 -22.51 1.23 -57.26
N ARG T 573 -21.93 2.40 -56.99
CA ARG T 573 -22.57 3.64 -57.43
C ARG T 573 -22.59 3.74 -58.95
N LEU T 574 -21.60 3.15 -59.62
CA LEU T 574 -21.63 3.09 -61.07
C LEU T 574 -22.79 2.23 -61.56
N LEU T 575 -22.93 1.03 -61.00
CA LEU T 575 -23.88 0.06 -61.51
C LEU T 575 -25.31 0.48 -61.23
N GLN T 576 -25.58 0.92 -60.00
CA GLN T 576 -26.95 1.26 -59.61
C GLN T 576 -27.58 2.31 -60.53
N PHE U 3 -93.55 35.55 -116.11
CA PHE U 3 -93.40 34.53 -117.13
C PHE U 3 -92.78 35.18 -118.37
N ARG U 4 -92.51 36.48 -118.24
CA ARG U 4 -91.81 37.23 -119.27
C ARG U 4 -90.32 37.12 -119.06
N ILE U 5 -89.61 36.74 -120.12
CA ILE U 5 -88.20 36.50 -120.04
C ILE U 5 -87.45 37.74 -120.49
N ASN U 6 -86.13 37.73 -120.31
CA ASN U 6 -85.13 38.78 -120.51
C ASN U 6 -85.04 39.74 -119.33
N THR U 7 -85.87 39.60 -118.31
CA THR U 7 -85.71 40.39 -117.09
C THR U 7 -85.97 39.52 -115.87
N ASN U 8 -85.32 38.35 -115.81
CA ASN U 8 -85.47 37.44 -114.69
C ASN U 8 -85.34 38.16 -113.35
N VAL U 9 -86.40 38.16 -112.56
CA VAL U 9 -86.41 38.89 -111.30
C VAL U 9 -86.01 38.00 -110.14
N ALA U 10 -86.44 36.73 -110.17
CA ALA U 10 -86.01 35.80 -109.14
C ALA U 10 -84.51 35.65 -109.09
N ALA U 11 -83.84 35.72 -110.24
CA ALA U 11 -82.38 35.65 -110.25
C ALA U 11 -81.78 36.83 -109.49
N LEU U 12 -82.26 38.05 -109.76
CA LEU U 12 -81.72 39.21 -109.08
C LEU U 12 -81.98 39.15 -107.59
N ASN U 13 -83.19 38.74 -107.20
CA ASN U 13 -83.51 38.65 -105.78
C ASN U 13 -82.61 37.64 -105.08
N ALA U 14 -82.47 36.45 -105.67
CA ALA U 14 -81.62 35.43 -105.07
C ALA U 14 -80.17 35.86 -105.00
N LYS U 15 -79.69 36.58 -106.02
CA LYS U 15 -78.31 37.05 -105.99
C LYS U 15 -78.11 38.07 -104.90
N ALA U 16 -79.06 38.98 -104.72
CA ALA U 16 -78.97 39.94 -103.62
C ALA U 16 -78.88 39.23 -102.28
N ASN U 17 -79.77 38.28 -102.06
CA ASN U 17 -79.76 37.55 -100.79
C ASN U 17 -78.44 36.81 -100.58
N SER U 18 -77.97 36.12 -101.62
CA SER U 18 -76.75 35.32 -101.46
C SER U 18 -75.54 36.20 -101.22
N ASP U 19 -75.49 37.38 -101.85
CA ASP U 19 -74.36 38.27 -101.59
C ASP U 19 -74.41 38.83 -100.19
N LEU U 20 -75.61 39.21 -99.72
CA LEU U 20 -75.75 39.65 -98.34
C LEU U 20 -75.31 38.56 -97.37
N ASN U 21 -75.49 37.30 -97.76
CA ASN U 21 -75.03 36.20 -96.92
C ASN U 21 -73.52 36.06 -96.95
N ALA U 22 -72.94 36.06 -98.16
CA ALA U 22 -71.50 35.91 -98.30
C ALA U 22 -70.75 36.99 -97.54
N LYS U 23 -71.33 38.18 -97.42
CA LYS U 23 -70.71 39.22 -96.62
C LYS U 23 -70.52 38.77 -95.18
N SER U 24 -71.57 38.23 -94.56
CA SER U 24 -71.47 37.78 -93.18
C SER U 24 -70.61 36.54 -93.04
N LEU U 25 -70.63 35.65 -94.04
CA LEU U 25 -69.73 34.51 -94.02
C LEU U 25 -68.28 34.98 -93.99
N ASP U 26 -67.93 35.94 -94.84
CA ASP U 26 -66.57 36.45 -94.87
C ASP U 26 -66.21 37.12 -93.55
N ALA U 27 -67.15 37.88 -92.98
CA ALA U 27 -66.87 38.53 -91.70
C ALA U 27 -66.58 37.50 -90.61
N SER U 28 -67.43 36.49 -90.49
CA SER U 28 -67.23 35.46 -89.48
C SER U 28 -65.93 34.71 -89.72
N LEU U 29 -65.57 34.46 -90.97
CA LEU U 29 -64.31 33.77 -91.24
C LEU U 29 -63.12 34.62 -90.85
N SER U 30 -63.17 35.94 -91.10
CA SER U 30 -62.08 36.81 -90.72
C SER U 30 -61.94 36.85 -89.20
N ARG U 31 -63.07 36.86 -88.48
CA ARG U 31 -62.99 36.81 -87.02
C ARG U 31 -62.38 35.50 -86.55
N LEU U 32 -62.84 34.39 -87.13
CA LEU U 32 -62.29 33.08 -86.78
C LEU U 32 -60.80 33.01 -87.04
N SER U 33 -60.32 33.70 -88.07
CA SER U 33 -58.90 33.69 -88.39
C SER U 33 -58.10 34.55 -87.42
N SER U 34 -58.44 35.84 -87.32
CA SER U 34 -57.62 36.76 -86.54
C SER U 34 -57.71 36.45 -85.05
N GLY U 35 -58.89 36.07 -84.56
CA GLY U 35 -59.05 35.82 -83.15
C GLY U 35 -59.62 36.96 -82.36
N LEU U 36 -60.08 38.02 -83.01
CA LEU U 36 -60.61 39.19 -82.34
C LEU U 36 -62.03 39.46 -82.81
N ARG U 37 -62.87 39.91 -81.88
CA ARG U 37 -64.24 40.26 -82.23
C ARG U 37 -64.34 41.60 -82.93
N ILE U 38 -63.35 42.47 -82.77
CA ILE U 38 -63.30 43.76 -83.45
C ILE U 38 -61.97 43.85 -84.17
N ASN U 39 -61.99 43.61 -85.48
CA ASN U 39 -60.78 43.68 -86.29
C ASN U 39 -60.63 45.07 -86.92
N SER U 40 -61.62 45.48 -87.70
CA SER U 40 -61.54 46.71 -88.45
C SER U 40 -62.02 47.92 -87.67
N ALA U 41 -62.46 47.74 -86.43
CA ALA U 41 -63.00 48.80 -85.58
C ALA U 41 -64.17 49.53 -86.23
N ALA U 42 -64.76 48.95 -87.28
CA ALA U 42 -65.94 49.48 -87.90
C ALA U 42 -67.21 48.83 -87.41
N ASP U 43 -67.10 47.73 -86.68
CA ASP U 43 -68.24 47.06 -86.08
C ASP U 43 -68.49 47.49 -84.65
N ASP U 44 -67.53 48.13 -84.00
CA ASP U 44 -67.74 48.66 -82.65
C ASP U 44 -66.72 49.76 -82.41
N ALA U 45 -67.19 51.00 -82.32
CA ALA U 45 -66.28 52.13 -82.14
C ALA U 45 -65.99 52.37 -80.67
N SER U 46 -67.04 52.49 -79.85
CA SER U 46 -66.83 52.76 -78.43
C SER U 46 -66.15 51.58 -77.75
N GLY U 47 -66.54 50.35 -78.12
CA GLY U 47 -65.84 49.19 -77.61
C GLY U 47 -64.38 49.20 -77.98
N MET U 48 -64.05 49.62 -79.20
CA MET U 48 -62.65 49.69 -79.60
C MET U 48 -61.92 50.73 -78.78
N ALA U 49 -62.55 51.87 -78.51
CA ALA U 49 -61.89 52.90 -77.72
C ALA U 49 -61.61 52.41 -76.30
N ILE U 50 -62.60 51.75 -75.68
CA ILE U 50 -62.40 51.21 -74.34
C ILE U 50 -61.31 50.15 -74.36
N ALA U 51 -61.32 49.28 -75.36
CA ALA U 51 -60.33 48.23 -75.43
C ALA U 51 -58.93 48.80 -75.63
N ASP U 52 -58.79 49.86 -76.42
CA ASP U 52 -57.49 50.48 -76.58
C ASP U 52 -57.01 51.16 -75.30
N SER U 53 -57.91 51.83 -74.58
CA SER U 53 -57.50 52.39 -73.29
C SER U 53 -57.07 51.30 -72.33
N LEU U 54 -57.80 50.18 -72.29
CA LEU U 54 -57.44 49.10 -71.39
C LEU U 54 -56.13 48.46 -71.79
N ARG U 55 -55.87 48.32 -73.08
CA ARG U 55 -54.61 47.77 -73.54
C ARG U 55 -53.45 48.67 -73.17
N SER U 56 -53.62 49.98 -73.38
CA SER U 56 -52.59 50.93 -72.96
C SER U 56 -52.33 50.83 -71.47
N GLN U 57 -53.39 50.76 -70.67
CA GLN U 57 -53.20 50.67 -69.22
C GLN U 57 -52.53 49.37 -68.81
N ALA U 58 -52.89 48.27 -69.46
CA ALA U 58 -52.28 46.98 -69.12
C ALA U 58 -50.80 46.97 -69.45
N ASN U 59 -50.42 47.53 -70.61
CA ASN U 59 -49.01 47.63 -70.95
C ASN U 59 -48.27 48.53 -69.97
N THR U 60 -48.88 49.66 -69.61
CA THR U 60 -48.25 50.57 -68.66
C THR U 60 -48.01 49.86 -67.33
N LEU U 61 -48.97 49.07 -66.88
CA LEU U 61 -48.78 48.37 -65.61
C LEU U 61 -47.74 47.27 -65.73
N GLY U 62 -47.72 46.57 -66.87
CA GLY U 62 -46.70 45.56 -67.08
C GLY U 62 -45.30 46.14 -67.09
N GLN U 63 -45.17 47.41 -67.47
CA GLN U 63 -43.88 48.08 -67.36
C GLN U 63 -43.63 48.62 -65.96
N ALA U 64 -44.68 49.05 -65.26
CA ALA U 64 -44.52 49.51 -63.89
C ALA U 64 -44.04 48.40 -62.99
N ILE U 65 -44.43 47.16 -63.27
CA ILE U 65 -43.91 46.04 -62.49
C ILE U 65 -42.40 45.95 -62.62
N SER U 66 -41.89 46.14 -63.84
CA SER U 66 -40.45 46.07 -64.03
C SER U 66 -39.75 47.23 -63.35
N ASN U 67 -40.35 48.43 -63.41
CA ASN U 67 -39.79 49.56 -62.66
C ASN U 67 -39.71 49.25 -61.18
N GLY U 68 -40.77 48.65 -60.62
CA GLY U 68 -40.76 48.30 -59.22
C GLY U 68 -39.68 47.28 -58.90
N ASN U 69 -39.50 46.29 -59.79
CA ASN U 69 -38.46 45.30 -59.55
C ASN U 69 -37.07 45.92 -59.59
N ASP U 70 -36.85 46.88 -60.48
CA ASP U 70 -35.55 47.56 -60.50
C ASP U 70 -35.32 48.35 -59.21
N ALA U 71 -36.35 49.06 -58.74
CA ALA U 71 -36.21 49.77 -57.47
C ALA U 71 -35.94 48.80 -56.33
N LEU U 72 -36.57 47.63 -56.35
CA LEU U 72 -36.29 46.62 -55.35
C LEU U 72 -34.83 46.19 -55.39
N GLY U 73 -34.30 45.93 -56.58
CA GLY U 73 -32.91 45.56 -56.69
C GLY U 73 -31.97 46.62 -56.13
N ILE U 74 -32.24 47.88 -56.46
CA ILE U 74 -31.38 48.96 -55.98
C ILE U 74 -31.41 49.04 -54.45
N LEU U 75 -32.60 48.98 -53.87
CA LEU U 75 -32.69 49.11 -52.42
C LEU U 75 -32.06 47.92 -51.71
N GLN U 76 -32.25 46.71 -52.23
CA GLN U 76 -31.63 45.54 -51.61
C GLN U 76 -30.11 45.66 -51.67
N THR U 77 -29.57 46.08 -52.81
CA THR U 77 -28.13 46.28 -52.91
C THR U 77 -27.65 47.26 -51.84
N ALA U 78 -28.33 48.40 -51.73
CA ALA U 78 -27.92 49.41 -50.76
C ALA U 78 -27.91 48.85 -49.35
N ASP U 79 -28.96 48.12 -48.97
CA ASP U 79 -29.04 47.63 -47.59
C ASP U 79 -27.97 46.58 -47.29
N LYS U 80 -27.85 45.59 -48.16
CA LYS U 80 -26.83 44.57 -47.96
C LYS U 80 -25.44 45.19 -47.97
N ALA U 81 -25.27 46.35 -48.61
CA ALA U 81 -24.01 47.06 -48.48
C ALA U 81 -23.87 47.70 -47.10
N MET U 82 -24.92 48.31 -46.58
CA MET U 82 -24.84 48.97 -45.28
C MET U 82 -24.47 47.97 -44.18
N ASP U 83 -24.83 46.70 -44.38
CA ASP U 83 -24.56 45.70 -43.35
C ASP U 83 -23.09 45.68 -42.95
N GLU U 84 -22.18 45.71 -43.92
CA GLU U 84 -20.77 45.62 -43.59
C GLU U 84 -20.27 46.86 -42.87
N GLN U 85 -20.82 48.03 -43.20
CA GLN U 85 -20.46 49.23 -42.46
C GLN U 85 -20.89 49.13 -41.01
N LEU U 86 -22.06 48.55 -40.77
CA LEU U 86 -22.48 48.34 -39.39
C LEU U 86 -21.49 47.44 -38.64
N LYS U 87 -21.09 46.34 -39.27
CA LYS U 87 -20.15 45.46 -38.59
C LYS U 87 -18.81 46.14 -38.35
N ILE U 88 -18.36 46.95 -39.31
CA ILE U 88 -17.07 47.64 -39.15
C ILE U 88 -17.14 48.63 -38.01
N LEU U 89 -18.25 49.36 -37.89
CA LEU U 89 -18.37 50.30 -36.78
C LEU U 89 -18.40 49.58 -35.45
N ASP U 90 -19.07 48.44 -35.39
CA ASP U 90 -19.01 47.62 -34.18
C ASP U 90 -17.56 47.30 -33.83
N THR U 91 -16.78 46.86 -34.82
CA THR U 91 -15.38 46.53 -34.57
C THR U 91 -14.60 47.74 -34.08
N ILE U 92 -14.85 48.92 -34.66
CA ILE U 92 -14.16 50.13 -34.25
C ILE U 92 -14.43 50.42 -32.78
N LYS U 93 -15.70 50.33 -32.39
CA LYS U 93 -16.05 50.59 -30.99
C LYS U 93 -15.40 49.57 -30.07
N THR U 94 -15.34 48.31 -30.49
CA THR U 94 -14.69 47.30 -29.66
C THR U 94 -13.21 47.61 -29.49
N LYS U 95 -12.55 48.06 -30.55
CA LYS U 95 -11.13 48.39 -30.44
C LYS U 95 -10.91 49.59 -29.55
N ALA U 96 -11.80 50.57 -29.64
CA ALA U 96 -11.69 51.71 -28.73
C ALA U 96 -11.84 51.28 -27.29
N THR U 97 -12.80 50.39 -27.02
CA THR U 97 -12.93 49.84 -25.67
C THR U 97 -11.68 49.11 -25.25
N GLN U 98 -11.03 48.40 -26.17
CA GLN U 98 -9.81 47.70 -25.83
C GLN U 98 -8.69 48.66 -25.49
N ALA U 99 -8.60 49.78 -26.19
CA ALA U 99 -7.55 50.75 -25.94
C ALA U 99 -7.84 51.68 -24.78
N ALA U 100 -9.07 51.70 -24.29
CA ALA U 100 -9.44 52.56 -23.17
C ALA U 100 -8.97 52.03 -21.83
N GLN U 101 -8.11 51.03 -21.80
CA GLN U 101 -7.57 50.53 -20.54
C GLN U 101 -6.15 51.06 -20.35
N ASP U 102 -5.71 51.09 -19.10
CA ASP U 102 -4.40 51.62 -18.78
C ASP U 102 -3.36 50.53 -18.56
N GLY U 103 -3.61 49.32 -19.03
CA GLY U 103 -2.56 48.34 -19.11
C GLY U 103 -1.78 48.43 -20.40
N GLN U 104 -2.09 49.43 -21.23
CA GLN U 104 -1.53 49.57 -22.56
C GLN U 104 -0.72 50.86 -22.63
N SER U 105 0.34 50.85 -23.44
CA SER U 105 1.17 52.02 -23.60
C SER U 105 0.81 52.76 -24.88
N LEU U 106 1.48 53.88 -25.12
CA LEU U 106 1.20 54.68 -26.29
C LEU U 106 1.46 53.89 -27.57
N LYS U 107 2.41 52.97 -27.55
CA LYS U 107 2.74 52.20 -28.75
C LYS U 107 1.60 51.26 -29.13
N THR U 108 1.08 50.52 -28.16
CA THR U 108 -0.05 49.65 -28.45
C THR U 108 -1.29 50.46 -28.83
N ARG U 109 -1.55 51.57 -28.14
CA ARG U 109 -2.65 52.43 -28.55
C ARG U 109 -2.44 52.91 -29.98
N THR U 110 -1.19 53.15 -30.37
CA THR U 110 -0.90 53.59 -31.72
C THR U 110 -1.21 52.49 -32.73
N MET U 111 -0.92 51.24 -32.37
CA MET U 111 -1.36 50.13 -33.21
C MET U 111 -2.88 50.12 -33.36
N LEU U 112 -3.60 50.34 -32.26
CA LEU U 112 -5.06 50.44 -32.35
C LEU U 112 -5.48 51.52 -33.32
N GLN U 113 -4.89 52.71 -33.19
CA GLN U 113 -5.29 53.82 -34.04
C GLN U 113 -4.97 53.54 -35.50
N ALA U 114 -3.82 52.91 -35.76
CA ALA U 114 -3.49 52.56 -37.13
C ALA U 114 -4.48 51.56 -37.70
N ASP U 115 -4.96 50.64 -36.88
CA ASP U 115 -5.96 49.69 -37.36
C ASP U 115 -7.27 50.39 -37.67
N ILE U 116 -7.70 51.27 -36.76
CA ILE U 116 -8.95 52.00 -36.96
C ILE U 116 -8.87 52.85 -38.21
N ASN U 117 -7.70 53.39 -38.51
CA ASN U 117 -7.53 54.16 -39.74
C ASN U 117 -7.88 53.33 -40.96
N LYS U 118 -7.32 52.13 -41.07
CA LYS U 118 -7.61 51.27 -42.21
C LYS U 118 -9.08 50.87 -42.24
N LEU U 119 -9.66 50.57 -41.08
CA LEU U 119 -11.06 50.16 -41.05
C LEU U 119 -11.97 51.29 -41.52
N MET U 120 -11.73 52.51 -41.05
CA MET U 120 -12.53 53.65 -41.48
C MET U 120 -12.32 53.94 -42.96
N GLU U 121 -11.08 53.77 -43.44
CA GLU U 121 -10.84 53.89 -44.87
C GLU U 121 -11.69 52.90 -45.65
N GLU U 122 -11.80 51.67 -45.14
CA GLU U 122 -12.66 50.69 -45.78
C GLU U 122 -14.11 51.13 -45.77
N LEU U 123 -14.56 51.68 -44.63
CA LEU U 123 -15.94 52.13 -44.53
C LEU U 123 -16.25 53.16 -45.61
N ASP U 124 -15.44 54.21 -45.69
CA ASP U 124 -15.70 55.23 -46.70
C ASP U 124 -15.50 54.68 -48.10
N ASN U 125 -14.65 53.67 -48.27
CA ASN U 125 -14.51 53.03 -49.57
C ASN U 125 -15.81 52.35 -49.98
N ILE U 126 -16.44 51.63 -49.04
CA ILE U 126 -17.74 51.04 -49.32
C ILE U 126 -18.73 52.12 -49.70
N ALA U 127 -18.75 53.21 -48.94
CA ALA U 127 -19.69 54.29 -49.20
C ALA U 127 -19.52 54.86 -50.60
N ASN U 128 -18.28 55.16 -50.98
CA ASN U 128 -17.99 55.73 -52.29
C ASN U 128 -17.96 54.72 -53.40
N THR U 129 -18.09 53.43 -53.09
CA THR U 129 -18.03 52.39 -54.10
C THR U 129 -19.40 51.86 -54.50
N THR U 130 -20.26 51.52 -53.55
CA THR U 130 -21.51 50.85 -53.89
C THR U 130 -22.34 51.67 -54.88
N SER U 131 -22.50 51.14 -56.09
CA SER U 131 -23.19 51.87 -57.15
C SER U 131 -23.89 50.89 -58.07
N PHE U 132 -25.00 51.33 -58.65
CA PHE U 132 -25.80 50.43 -59.50
C PHE U 132 -25.23 50.33 -60.91
N ASN U 133 -25.30 51.41 -61.67
CA ASN U 133 -24.67 51.47 -62.98
C ASN U 133 -24.04 52.85 -63.18
N GLY U 134 -23.36 53.33 -62.14
CA GLY U 134 -22.85 54.69 -62.08
C GLY U 134 -23.56 55.53 -61.03
N LYS U 135 -24.84 55.24 -60.78
CA LYS U 135 -25.58 55.92 -59.74
C LYS U 135 -25.01 55.51 -58.38
N GLN U 136 -24.28 56.41 -57.75
CA GLN U 136 -23.74 56.12 -56.43
C GLN U 136 -24.86 56.10 -55.41
N LEU U 137 -25.05 54.97 -54.75
CA LEU U 137 -26.15 54.83 -53.80
C LEU U 137 -25.78 55.43 -52.45
N LEU U 138 -24.75 54.90 -51.82
CA LEU U 138 -24.41 55.26 -50.44
C LEU U 138 -23.41 56.40 -50.38
N SER U 139 -23.71 57.51 -51.03
CA SER U 139 -22.78 58.64 -51.02
C SER U 139 -23.48 59.92 -50.60
N GLY U 140 -24.76 60.05 -50.92
CA GLY U 140 -25.53 61.23 -50.59
C GLY U 140 -26.15 61.92 -51.78
N ASN U 141 -25.96 61.42 -53.00
CA ASN U 141 -26.55 62.01 -54.18
C ASN U 141 -27.65 61.15 -54.76
N PHE U 142 -28.23 60.28 -53.95
CA PHE U 142 -29.38 59.47 -54.33
C PHE U 142 -30.65 60.04 -53.74
N THR U 143 -30.73 61.36 -53.68
CA THR U 143 -31.84 62.05 -53.03
C THR U 143 -32.94 62.34 -54.04
N ASN U 144 -34.19 62.17 -53.59
CA ASN U 144 -35.37 62.56 -54.36
C ASN U 144 -35.43 61.86 -55.71
N GLN U 145 -35.11 60.58 -55.71
CA GLN U 145 -35.25 59.78 -56.91
C GLN U 145 -36.66 59.22 -56.99
N GLU U 146 -37.10 58.92 -58.21
CA GLU U 146 -38.47 58.53 -58.46
C GLU U 146 -38.52 57.19 -59.19
N PHE U 147 -39.67 56.54 -59.14
CA PHE U 147 -39.88 55.29 -59.85
C PHE U 147 -41.36 55.24 -60.25
N GLN U 148 -41.62 55.50 -61.52
CA GLN U 148 -42.99 55.43 -62.02
C GLN U 148 -43.56 54.03 -61.82
N ILE U 149 -44.63 53.92 -61.06
CA ILE U 149 -45.24 52.62 -60.75
C ILE U 149 -46.73 52.63 -60.97
N GLY U 150 -47.23 53.53 -61.82
CA GLY U 150 -48.66 53.68 -61.99
C GLY U 150 -49.06 53.75 -63.45
N ALA U 151 -50.37 53.64 -63.68
CA ALA U 151 -50.88 53.67 -65.03
C ALA U 151 -50.88 55.08 -65.62
N SER U 152 -51.15 56.09 -64.80
CA SER U 152 -51.20 57.46 -65.25
C SER U 152 -49.82 58.10 -65.05
N SER U 153 -49.74 59.42 -65.15
CA SER U 153 -48.46 60.10 -65.29
C SER U 153 -47.62 60.04 -64.02
N ASN U 154 -48.13 60.49 -62.89
CA ASN U 154 -47.29 60.80 -61.76
C ASN U 154 -47.62 59.96 -60.54
N GLN U 155 -47.86 58.67 -60.72
CA GLN U 155 -47.78 57.74 -59.61
C GLN U 155 -46.34 57.29 -59.47
N THR U 156 -45.84 57.26 -58.24
CA THR U 156 -44.41 57.04 -58.05
C THR U 156 -44.10 56.80 -56.59
N VAL U 157 -42.94 56.20 -56.35
CA VAL U 157 -42.35 56.15 -55.04
C VAL U 157 -41.17 57.13 -55.03
N LYS U 158 -40.61 57.39 -53.85
CA LYS U 158 -39.54 58.36 -53.72
C LYS U 158 -38.51 57.85 -52.73
N ALA U 159 -37.30 57.58 -53.20
CA ALA U 159 -36.22 57.07 -52.39
C ALA U 159 -35.15 58.15 -52.22
N THR U 160 -34.74 58.39 -50.99
CA THR U 160 -33.79 59.45 -50.65
C THR U 160 -32.74 58.94 -49.68
N ILE U 161 -32.10 57.81 -50.03
CA ILE U 161 -31.04 57.25 -49.19
C ILE U 161 -30.04 58.34 -48.82
N GLY U 162 -29.80 58.49 -47.52
CA GLY U 162 -28.94 59.55 -47.03
C GLY U 162 -27.47 59.25 -47.25
N ALA U 163 -26.64 60.20 -46.83
CA ALA U 163 -25.19 60.10 -47.00
C ALA U 163 -24.59 59.32 -45.85
N THR U 164 -23.58 58.51 -46.16
CA THR U 164 -23.04 57.59 -45.17
C THR U 164 -21.52 57.50 -45.22
N GLN U 165 -20.84 58.57 -45.61
CA GLN U 165 -19.38 58.57 -45.57
C GLN U 165 -18.90 58.53 -44.13
N SER U 166 -17.59 58.42 -43.97
CA SER U 166 -16.98 58.43 -42.65
C SER U 166 -16.82 59.83 -42.10
N SER U 167 -17.19 60.86 -42.86
CA SER U 167 -17.09 62.24 -42.42
C SER U 167 -18.45 62.85 -42.11
N LYS U 168 -19.51 62.06 -42.15
CA LYS U 168 -20.85 62.59 -41.99
C LYS U 168 -21.75 61.77 -41.08
N ILE U 169 -21.27 60.69 -40.47
CA ILE U 169 -22.17 59.83 -39.73
C ILE U 169 -22.09 60.07 -38.23
N GLY U 170 -20.94 59.83 -37.62
CA GLY U 170 -20.89 59.91 -36.18
C GLY U 170 -20.49 61.28 -35.69
N VAL U 171 -21.47 62.11 -35.35
CA VAL U 171 -21.23 63.50 -34.96
C VAL U 171 -21.79 63.66 -33.56
N THR U 172 -20.95 63.47 -32.55
CA THR U 172 -21.38 63.71 -31.18
C THR U 172 -21.14 65.17 -30.80
N ARG U 173 -21.81 65.60 -29.74
CA ARG U 173 -21.66 66.94 -29.20
C ARG U 173 -21.04 66.84 -27.82
N PHE U 174 -20.07 67.72 -27.55
CA PHE U 174 -19.41 67.76 -26.25
C PHE U 174 -19.59 69.14 -25.65
N GLU U 175 -19.66 69.17 -24.32
CA GLU U 175 -19.72 70.43 -23.58
C GLU U 175 -18.96 70.24 -22.28
N THR U 176 -18.37 71.33 -21.79
CA THR U 176 -17.58 71.26 -20.57
C THR U 176 -17.57 72.64 -19.92
N GLY U 177 -17.97 72.70 -18.67
CA GLY U 177 -18.00 73.95 -17.96
C GLY U 177 -16.68 74.29 -17.32
N ALA U 178 -16.54 75.57 -16.95
CA ALA U 178 -15.33 76.00 -16.29
C ALA U 178 -15.23 75.39 -14.90
N GLN U 179 -14.04 75.46 -14.32
CA GLN U 179 -13.81 74.91 -13.00
C GLN U 179 -14.56 75.76 -11.98
N SER U 180 -15.46 75.15 -11.24
CA SER U 180 -16.35 75.89 -10.33
C SER U 180 -15.77 75.89 -8.93
N PHE U 181 -15.45 77.08 -8.42
CA PHE U 181 -14.93 77.23 -7.08
C PHE U 181 -16.01 77.61 -6.08
N THR U 182 -17.27 77.46 -6.44
CA THR U 182 -18.39 77.83 -5.57
C THR U 182 -19.19 76.60 -5.19
N SER U 183 -20.19 76.80 -4.34
CA SER U 183 -21.08 75.74 -3.88
C SER U 183 -22.52 76.19 -4.05
N GLY U 184 -23.44 75.38 -3.53
CA GLY U 184 -24.84 75.75 -3.55
C GLY U 184 -25.75 74.72 -4.17
N VAL U 185 -27.03 74.78 -3.84
CA VAL U 185 -28.00 73.86 -4.41
C VAL U 185 -28.28 74.27 -5.85
N VAL U 186 -28.22 73.29 -6.75
CA VAL U 186 -28.35 73.54 -8.19
C VAL U 186 -29.39 72.62 -8.77
N GLY U 187 -30.22 73.16 -9.66
CA GLY U 187 -31.15 72.37 -10.41
C GLY U 187 -31.08 72.67 -11.89
N LEU U 188 -30.66 71.69 -12.69
CA LEU U 188 -30.50 71.91 -14.11
C LEU U 188 -31.84 71.92 -14.81
N THR U 189 -31.83 72.37 -16.06
CA THR U 189 -33.03 72.33 -16.90
C THR U 189 -32.57 72.35 -18.35
N ILE U 190 -32.60 71.19 -18.99
CA ILE U 190 -32.30 71.14 -20.43
C ILE U 190 -33.52 71.62 -21.19
N LYS U 191 -33.36 72.72 -21.92
CA LYS U 191 -34.46 73.32 -22.65
C LYS U 191 -34.64 72.61 -23.97
N ASN U 192 -35.89 72.33 -24.32
CA ASN U 192 -36.25 71.67 -25.57
C ASN U 192 -35.50 70.34 -25.71
N TYR U 193 -35.80 69.43 -24.81
CA TYR U 193 -35.16 68.12 -24.82
C TYR U 193 -35.80 67.15 -25.79
N ASN U 194 -37.00 67.44 -26.28
CA ASN U 194 -37.66 66.55 -27.23
C ASN U 194 -38.36 67.28 -28.36
N GLY U 195 -38.10 68.57 -28.55
CA GLY U 195 -38.75 69.34 -29.59
C GLY U 195 -40.03 70.01 -29.16
N ILE U 196 -40.52 69.74 -27.96
CA ILE U 196 -41.79 70.30 -27.52
C ILE U 196 -41.62 71.05 -26.20
N GLU U 197 -41.18 70.35 -25.16
CA GLU U 197 -41.16 70.89 -23.81
C GLU U 197 -39.76 70.76 -23.21
N ASP U 198 -39.60 71.29 -22.00
CA ASP U 198 -38.33 71.31 -21.32
C ASP U 198 -38.15 70.02 -20.52
N PHE U 199 -37.10 69.96 -19.70
CA PHE U 199 -36.86 68.79 -18.85
C PHE U 199 -36.08 69.27 -17.63
N LYS U 200 -36.76 69.39 -16.50
CA LYS U 200 -36.16 69.87 -15.27
C LYS U 200 -35.72 68.70 -14.40
N PHE U 201 -34.48 68.74 -13.96
CA PHE U 201 -33.95 67.75 -13.03
C PHE U 201 -34.38 68.10 -11.61
N ASP U 202 -33.78 67.43 -10.65
CA ASP U 202 -34.03 67.71 -9.25
C ASP U 202 -32.93 68.57 -8.68
N ASN U 203 -33.23 69.25 -7.58
CA ASN U 203 -32.21 70.03 -6.90
C ASN U 203 -31.19 69.11 -6.27
N VAL U 204 -29.91 69.39 -6.54
CA VAL U 204 -28.81 68.56 -6.06
C VAL U 204 -27.86 69.42 -5.25
N VAL U 205 -27.45 68.91 -4.09
CA VAL U 205 -26.50 69.61 -3.22
C VAL U 205 -25.12 69.46 -3.82
N ILE U 206 -24.15 70.24 -3.35
CA ILE U 206 -22.83 70.23 -3.94
C ILE U 206 -21.72 69.99 -2.92
N SER U 207 -21.76 70.67 -1.78
CA SER U 207 -20.53 71.17 -1.20
C SER U 207 -19.45 70.12 -0.92
N THR U 208 -19.56 69.36 0.16
CA THR U 208 -18.44 68.46 0.49
C THR U 208 -18.84 67.15 1.14
N SER U 209 -20.12 66.85 1.30
CA SER U 209 -20.52 65.69 2.07
C SER U 209 -20.55 64.46 1.16
N VAL U 210 -21.05 63.34 1.68
CA VAL U 210 -21.02 62.10 0.93
C VAL U 210 -21.93 62.18 -0.28
N GLY U 211 -23.22 62.40 -0.05
CA GLY U 211 -24.17 62.44 -1.14
C GLY U 211 -24.27 63.79 -1.80
N THR U 212 -23.12 64.47 -1.93
CA THR U 212 -23.10 65.78 -2.57
C THR U 212 -22.03 65.82 -3.65
N GLY U 213 -22.03 66.87 -4.46
CA GLY U 213 -20.97 67.09 -5.40
C GLY U 213 -21.30 66.71 -6.83
N LEU U 214 -20.30 66.93 -7.68
CA LEU U 214 -20.45 66.59 -9.09
C LEU U 214 -20.70 65.11 -9.30
N GLY U 215 -20.28 64.26 -8.37
CA GLY U 215 -20.66 62.86 -8.45
C GLY U 215 -22.16 62.65 -8.34
N ALA U 216 -22.78 63.31 -7.36
CA ALA U 216 -24.23 63.24 -7.23
C ALA U 216 -24.92 63.83 -8.44
N LEU U 217 -24.41 64.95 -8.95
CA LEU U 217 -25.05 65.54 -10.12
C LEU U 217 -24.92 64.63 -11.34
N ALA U 218 -23.77 63.99 -11.50
CA ALA U 218 -23.58 63.08 -12.63
C ALA U 218 -24.49 61.87 -12.51
N GLU U 219 -24.66 61.36 -11.29
CA GLU U 219 -25.63 60.29 -11.08
C GLU U 219 -27.02 60.73 -11.51
N GLU U 220 -27.45 61.90 -11.04
CA GLU U 220 -28.80 62.37 -11.34
C GLU U 220 -28.98 62.58 -12.84
N ILE U 221 -27.93 62.98 -13.53
CA ILE U 221 -28.05 63.23 -14.97
C ILE U 221 -28.07 61.90 -15.73
N ASN U 222 -27.09 61.05 -15.47
CA ASN U 222 -27.00 59.78 -16.17
C ASN U 222 -28.18 58.87 -15.88
N LYS U 223 -28.88 59.07 -14.76
CA LYS U 223 -30.05 58.26 -14.48
C LYS U 223 -31.11 58.43 -15.56
N SER U 224 -31.44 59.67 -15.90
CA SER U 224 -32.42 59.96 -16.94
C SER U 224 -31.73 60.17 -18.29
N ALA U 225 -30.93 59.18 -18.68
CA ALA U 225 -30.13 59.30 -19.88
C ALA U 225 -30.91 59.00 -21.16
N ASP U 226 -31.80 58.02 -21.15
CA ASP U 226 -32.45 57.59 -22.37
C ASP U 226 -33.48 58.59 -22.88
N LYS U 227 -34.01 59.44 -22.01
CA LYS U 227 -35.03 60.37 -22.43
C LYS U 227 -34.47 61.69 -22.94
N THR U 228 -33.31 62.10 -22.46
CA THR U 228 -32.70 63.35 -22.90
C THR U 228 -31.59 63.14 -23.91
N GLY U 229 -30.79 62.09 -23.76
CA GLY U 229 -29.65 61.90 -24.63
C GLY U 229 -28.43 62.66 -24.20
N VAL U 230 -28.31 62.95 -22.90
CA VAL U 230 -27.23 63.77 -22.38
C VAL U 230 -26.61 63.00 -21.22
N ARG U 231 -25.53 62.28 -21.50
CA ARG U 231 -24.78 61.59 -20.46
C ARG U 231 -23.67 62.50 -19.95
N ALA U 232 -23.46 62.49 -18.64
CA ALA U 232 -22.51 63.39 -18.01
C ALA U 232 -21.47 62.61 -17.23
N THR U 233 -20.36 63.29 -16.94
CA THR U 233 -19.29 62.76 -16.12
C THR U 233 -18.58 63.95 -15.48
N TYR U 234 -17.59 63.66 -14.65
CA TYR U 234 -16.94 64.72 -13.89
C TYR U 234 -15.44 64.48 -13.85
N ASP U 235 -14.73 65.47 -13.31
CA ASP U 235 -13.29 65.34 -13.09
C ASP U 235 -12.93 66.38 -12.02
N VAL U 236 -12.56 65.92 -10.84
CA VAL U 236 -12.33 66.80 -9.70
C VAL U 236 -10.87 66.63 -9.28
N LYS U 237 -10.04 67.61 -9.63
CA LYS U 237 -8.63 67.60 -9.24
C LYS U 237 -8.21 69.03 -8.92
N THR U 238 -7.17 69.15 -8.10
CA THR U 238 -6.53 70.44 -7.83
C THR U 238 -5.03 70.24 -8.06
N THR U 239 -4.54 70.73 -9.18
CA THR U 239 -3.13 70.56 -9.55
C THR U 239 -2.38 71.86 -9.32
N GLY U 240 -1.26 71.77 -8.63
CA GLY U 240 -0.45 72.94 -8.38
C GLY U 240 0.29 73.40 -9.63
N VAL U 241 1.19 74.34 -9.41
CA VAL U 241 2.12 74.84 -10.42
C VAL U 241 3.48 75.02 -9.76
N TYR U 242 4.49 75.32 -10.57
CA TYR U 242 5.86 75.48 -10.08
C TYR U 242 6.22 74.33 -9.14
N ALA U 243 6.37 73.16 -9.75
CA ALA U 243 5.90 71.89 -9.20
C ALA U 243 5.87 71.82 -7.68
N ILE U 244 7.00 72.03 -6.99
CA ILE U 244 6.96 72.04 -5.53
C ILE U 244 8.26 72.58 -4.95
N LYS U 245 8.15 73.30 -3.84
CA LYS U 245 9.29 73.80 -3.09
C LYS U 245 9.14 73.41 -1.63
N GLU U 246 10.13 73.76 -0.82
CA GLU U 246 10.13 73.42 0.60
C GLU U 246 9.30 74.41 1.39
N GLY U 247 8.44 73.90 2.27
CA GLY U 247 7.60 74.75 3.08
C GLY U 247 6.82 73.90 4.07
N THR U 248 6.03 74.58 4.89
CA THR U 248 5.24 73.92 5.92
C THR U 248 3.78 74.35 5.80
N THR U 249 2.89 73.49 6.28
CA THR U 249 1.48 73.82 6.36
C THR U 249 1.20 74.52 7.68
N SER U 250 0.11 75.28 7.71
CA SER U 250 -0.28 75.94 8.94
C SER U 250 -0.67 74.90 9.99
N GLN U 251 -0.61 75.32 11.25
CA GLN U 251 -0.93 74.42 12.34
C GLN U 251 -2.35 73.86 12.20
N ASP U 252 -3.24 74.61 11.58
CA ASP U 252 -4.64 74.22 11.42
C ASP U 252 -4.95 73.91 9.95
N PHE U 253 -4.02 73.30 9.25
CA PHE U 253 -4.24 72.88 7.87
C PHE U 253 -5.25 71.75 7.87
N ALA U 254 -6.45 72.01 7.34
CA ALA U 254 -7.52 71.04 7.34
C ALA U 254 -8.16 70.99 5.96
N ILE U 255 -8.55 69.79 5.54
CA ILE U 255 -9.09 69.58 4.20
C ILE U 255 -10.42 68.84 4.33
N ASN U 256 -11.44 69.34 3.63
CA ASN U 256 -12.79 68.77 3.66
C ASN U 256 -13.34 68.65 5.08
N GLY U 257 -12.88 69.49 6.00
CA GLY U 257 -13.46 69.56 7.32
C GLY U 257 -12.78 68.73 8.38
N VAL U 258 -11.69 68.03 8.06
CA VAL U 258 -10.92 67.27 9.03
C VAL U 258 -9.53 67.89 9.14
N THR U 259 -9.08 68.11 10.37
CA THR U 259 -7.81 68.79 10.59
C THR U 259 -6.65 67.81 10.46
N ILE U 260 -5.64 68.21 9.69
CA ILE U 260 -4.48 67.36 9.46
C ILE U 260 -3.34 67.78 10.37
N GLY U 261 -2.92 69.03 10.27
CA GLY U 261 -1.87 69.55 11.12
C GLY U 261 -0.70 70.07 10.33
N LYS U 262 0.39 70.33 11.03
CA LYS U 262 1.58 70.91 10.42
C LYS U 262 2.45 69.83 9.82
N ILE U 263 2.90 70.05 8.59
CA ILE U 263 3.73 69.10 7.85
C ILE U 263 4.86 69.88 7.20
N GLU U 264 6.09 69.53 7.53
CA GLU U 264 7.26 70.14 6.91
C GLU U 264 7.73 69.27 5.75
N TYR U 265 7.59 69.78 4.53
CA TYR U 265 7.94 69.03 3.34
C TYR U 265 9.19 69.63 2.70
N LYS U 266 9.99 68.75 2.11
CA LYS U 266 11.28 69.15 1.53
C LYS U 266 11.06 69.78 0.16
N ASP U 267 12.15 69.98 -0.57
CA ASP U 267 12.07 70.68 -1.86
C ASP U 267 11.18 69.93 -2.84
N GLY U 268 11.59 68.74 -3.23
CA GLY U 268 10.80 67.97 -4.18
C GLY U 268 9.88 67.00 -3.48
N ASP U 269 9.58 67.27 -2.21
CA ASP U 269 8.84 66.35 -1.36
C ASP U 269 9.57 65.01 -1.25
N GLY U 270 10.89 65.08 -1.11
CA GLY U 270 11.68 63.86 -1.02
C GLY U 270 11.23 62.95 0.11
N ASN U 271 10.74 63.55 1.20
CA ASN U 271 10.22 62.73 2.29
C ASN U 271 8.92 62.03 1.90
N GLY U 272 8.17 62.60 0.97
CA GLY U 272 6.83 62.10 0.73
C GLY U 272 5.92 62.27 1.92
N SER U 273 6.35 63.05 2.91
CA SER U 273 5.55 63.24 4.12
C SER U 273 4.24 63.94 3.80
N LEU U 274 4.26 64.92 2.90
CA LEU U 274 3.04 65.61 2.53
C LEU U 274 2.02 64.66 1.94
N ILE U 275 2.43 63.88 0.93
CA ILE U 275 1.50 62.96 0.28
C ILE U 275 1.01 61.91 1.27
N SER U 276 1.92 61.33 2.05
CA SER U 276 1.51 60.31 3.01
C SER U 276 0.57 60.85 4.07
N ALA U 277 0.81 62.06 4.56
CA ALA U 277 -0.07 62.64 5.56
C ALA U 277 -1.44 62.92 4.99
N ILE U 278 -1.51 63.52 3.80
CA ILE U 278 -2.81 63.81 3.22
C ILE U 278 -3.56 62.52 2.91
N ASN U 279 -2.83 61.48 2.54
CA ASN U 279 -3.49 60.21 2.22
C ASN U 279 -3.87 59.42 3.46
N ALA U 280 -3.28 59.72 4.61
CA ALA U 280 -3.65 59.00 5.83
C ALA U 280 -5.11 59.18 6.21
N VAL U 281 -5.81 60.14 5.61
CA VAL U 281 -7.20 60.40 5.98
C VAL U 281 -8.10 60.39 4.76
N LYS U 282 -7.65 59.76 3.68
CA LYS U 282 -8.45 59.70 2.47
C LYS U 282 -9.76 58.97 2.69
N ASP U 283 -9.82 58.03 3.63
CA ASP U 283 -11.04 57.30 3.89
C ASP U 283 -12.11 58.17 4.52
N THR U 284 -11.73 59.25 5.18
CA THR U 284 -12.68 60.19 5.75
C THR U 284 -12.98 61.34 4.80
N THR U 285 -11.95 61.87 4.15
CA THR U 285 -12.17 63.02 3.26
C THR U 285 -12.74 62.58 1.92
N GLY U 286 -12.01 61.73 1.20
CA GLY U 286 -12.33 61.45 -0.18
C GLY U 286 -11.36 62.03 -1.17
N VAL U 287 -10.20 62.49 -0.72
CA VAL U 287 -9.19 63.06 -1.60
C VAL U 287 -7.95 62.18 -1.52
N GLN U 288 -7.49 61.73 -2.68
CA GLN U 288 -6.30 60.88 -2.78
C GLN U 288 -5.17 61.77 -3.28
N ALA U 289 -4.26 62.13 -2.39
CA ALA U 289 -3.14 62.97 -2.79
C ALA U 289 -2.15 62.16 -3.61
N SER U 290 -1.43 62.85 -4.48
CA SER U 290 -0.49 62.19 -5.38
C SER U 290 0.56 63.20 -5.80
N LYS U 291 1.58 62.70 -6.48
CA LYS U 291 2.65 63.53 -7.00
C LYS U 291 2.71 63.35 -8.51
N ASP U 292 2.50 64.44 -9.24
CA ASP U 292 2.50 64.38 -10.69
C ASP U 292 3.89 63.99 -11.21
N GLU U 293 3.96 63.73 -12.51
CA GLU U 293 5.21 63.32 -13.11
C GLU U 293 6.25 64.44 -13.07
N ASN U 294 5.83 65.67 -13.36
CA ASN U 294 6.71 66.83 -13.30
C ASN U 294 6.94 67.32 -11.89
N GLY U 295 6.52 66.57 -10.87
CA GLY U 295 6.70 66.97 -9.50
C GLY U 295 5.57 67.78 -8.90
N LYS U 296 4.53 68.07 -9.67
CA LYS U 296 3.44 68.88 -9.16
C LYS U 296 2.61 68.09 -8.16
N LEU U 297 1.91 68.80 -7.29
CA LEU U 297 1.04 68.21 -6.29
C LEU U 297 -0.36 68.08 -6.87
N VAL U 298 -0.97 66.90 -6.70
CA VAL U 298 -2.28 66.62 -7.25
C VAL U 298 -3.19 66.12 -6.13
N LEU U 299 -4.37 66.73 -6.01
CA LEU U 299 -5.38 66.33 -5.04
C LEU U 299 -6.63 65.93 -5.82
N THR U 300 -6.76 64.65 -6.10
CA THR U 300 -7.90 64.15 -6.84
C THR U 300 -8.94 63.58 -5.89
N SER U 301 -10.17 63.53 -6.37
CA SER U 301 -11.30 62.98 -5.62
C SER U 301 -12.04 61.99 -6.50
N ALA U 302 -12.28 60.80 -5.96
CA ALA U 302 -12.88 59.74 -6.77
C ALA U 302 -14.35 60.04 -7.05
N ASP U 303 -15.16 60.17 -6.01
CA ASP U 303 -16.60 60.36 -6.15
C ASP U 303 -16.99 61.84 -6.27
N GLY U 304 -16.06 62.70 -6.64
CA GLY U 304 -16.36 64.10 -6.87
C GLY U 304 -17.07 64.80 -5.75
N ARG U 305 -16.45 64.85 -4.57
CA ARG U 305 -17.02 65.57 -3.44
C ARG U 305 -16.54 67.01 -3.36
N GLY U 306 -15.47 67.37 -4.06
CA GLY U 306 -15.00 68.73 -4.02
C GLY U 306 -14.01 68.96 -2.91
N ILE U 307 -12.83 69.44 -3.25
CA ILE U 307 -11.79 69.71 -2.27
C ILE U 307 -12.00 71.10 -1.71
N LYS U 308 -11.84 71.23 -0.40
CA LYS U 308 -11.92 72.55 0.24
C LYS U 308 -10.96 72.53 1.43
N ILE U 309 -9.75 72.99 1.21
CA ILE U 309 -8.78 73.12 2.27
C ILE U 309 -9.02 74.43 3.00
N THR U 310 -8.98 74.39 4.33
CA THR U 310 -9.34 75.54 5.14
C THR U 310 -8.10 76.29 5.63
N GLY U 311 -7.20 75.61 6.32
CA GLY U 311 -5.99 76.24 6.79
C GLY U 311 -5.07 76.61 5.65
N ASP U 312 -3.88 77.09 6.02
CA ASP U 312 -2.87 77.42 5.04
C ASP U 312 -2.13 76.15 4.65
N ILE U 313 -2.36 75.68 3.41
CA ILE U 313 -1.61 74.52 2.92
C ILE U 313 -0.14 74.84 2.87
N GLY U 314 0.22 76.12 2.81
CA GLY U 314 1.61 76.50 2.75
C GLY U 314 1.99 76.68 1.30
N VAL U 315 2.10 77.93 0.86
CA VAL U 315 2.51 78.17 -0.52
C VAL U 315 3.95 77.71 -0.67
N GLY U 316 4.27 77.18 -1.83
CA GLY U 316 5.52 76.50 -1.98
C GLY U 316 5.24 75.05 -2.31
N SER U 317 3.98 74.65 -2.09
CA SER U 317 3.49 73.38 -2.59
C SER U 317 2.87 73.51 -3.97
N GLY U 318 2.54 74.73 -4.38
CA GLY U 318 2.03 74.97 -5.71
C GLY U 318 0.55 75.29 -5.78
N ILE U 319 -0.18 75.12 -4.70
CA ILE U 319 -1.63 75.35 -4.70
C ILE U 319 -1.86 76.81 -4.31
N LEU U 320 -2.30 77.60 -5.28
CA LEU U 320 -2.56 79.01 -5.02
C LEU U 320 -3.76 79.17 -4.08
N ALA U 321 -3.90 80.37 -3.53
CA ALA U 321 -5.01 80.67 -2.64
C ALA U 321 -6.34 80.77 -3.37
N ASN U 322 -6.34 80.70 -4.70
CA ASN U 322 -7.58 80.71 -5.47
C ASN U 322 -8.10 79.32 -5.77
N GLN U 323 -7.37 78.28 -5.39
CA GLN U 323 -7.77 76.90 -5.67
C GLN U 323 -8.22 76.15 -4.44
N LYS U 324 -8.23 76.79 -3.27
CA LYS U 324 -8.60 76.09 -2.05
C LYS U 324 -10.02 75.53 -2.15
N GLU U 325 -10.94 76.30 -2.70
CA GLU U 325 -12.31 75.84 -2.94
C GLU U 325 -12.37 75.30 -4.37
N ASN U 326 -12.44 73.98 -4.51
CA ASN U 326 -12.45 73.35 -5.81
C ASN U 326 -13.54 72.29 -5.88
N TYR U 327 -14.24 72.24 -7.01
CA TYR U 327 -15.33 71.30 -7.18
C TYR U 327 -15.28 70.60 -8.54
N GLY U 328 -14.19 70.69 -9.27
CA GLY U 328 -14.08 70.02 -10.54
C GLY U 328 -15.06 70.58 -11.56
N ARG U 329 -15.14 69.89 -12.69
CA ARG U 329 -15.99 70.30 -13.79
C ARG U 329 -17.00 69.22 -14.13
N LEU U 330 -18.04 69.64 -14.82
CA LEU U 330 -19.01 68.74 -15.43
C LEU U 330 -18.62 68.50 -16.88
N SER U 331 -19.16 67.44 -17.46
CA SER U 331 -18.86 67.13 -18.86
C SER U 331 -20.07 66.43 -19.47
N LEU U 332 -20.93 67.21 -20.12
CA LEU U 332 -22.05 66.64 -20.82
C LEU U 332 -21.60 66.13 -22.19
N VAL U 333 -22.26 65.08 -22.66
CA VAL U 333 -21.98 64.48 -23.96
C VAL U 333 -23.32 64.08 -24.58
N LYS U 334 -23.79 64.85 -25.56
CA LYS U 334 -24.95 64.43 -26.31
C LYS U 334 -24.50 63.45 -27.40
N ASN U 335 -25.44 63.00 -28.23
CA ASN U 335 -25.07 62.10 -29.32
C ASN U 335 -25.83 62.43 -30.58
N ASP U 336 -26.08 63.72 -30.85
CA ASP U 336 -26.69 64.09 -32.11
C ASP U 336 -26.08 65.29 -32.81
N GLY U 337 -25.26 66.09 -32.15
CA GLY U 337 -24.62 67.21 -32.82
C GLY U 337 -25.29 68.55 -32.68
N ARG U 338 -26.41 68.63 -31.96
CA ARG U 338 -27.02 69.91 -31.63
C ARG U 338 -26.43 70.44 -30.34
N ASP U 339 -26.58 71.75 -30.14
CA ASP U 339 -26.10 72.36 -28.91
C ASP U 339 -26.97 71.95 -27.75
N ILE U 340 -26.34 71.51 -26.66
CA ILE U 340 -27.06 71.27 -25.42
C ILE U 340 -27.41 72.64 -24.84
N ASN U 341 -28.71 72.93 -24.74
CA ASN U 341 -29.18 74.23 -24.29
C ASN U 341 -29.55 74.11 -22.81
N ILE U 342 -28.55 74.32 -21.96
CA ILE U 342 -28.74 74.18 -20.52
C ILE U 342 -29.07 75.54 -19.93
N SER U 343 -30.15 75.60 -19.14
CA SER U 343 -30.52 76.83 -18.44
C SER U 343 -31.18 76.41 -17.12
N GLY U 344 -30.37 76.37 -16.07
CA GLY U 344 -30.83 75.95 -14.76
C GLY U 344 -31.29 77.11 -13.90
N THR U 345 -31.18 76.92 -12.60
CA THR U 345 -31.58 77.93 -11.62
C THR U 345 -30.40 78.58 -10.92
N ASN U 346 -29.48 77.77 -10.39
CA ASN U 346 -28.30 78.25 -9.69
C ASN U 346 -27.11 77.55 -10.32
N LEU U 347 -26.60 78.11 -11.42
CA LEU U 347 -25.68 77.39 -12.29
C LEU U 347 -24.21 77.64 -11.96
N SER U 348 -23.89 78.69 -11.21
CA SER U 348 -22.48 78.95 -10.91
C SER U 348 -21.84 77.83 -10.12
N ALA U 349 -22.64 76.97 -9.50
CA ALA U 349 -22.05 75.89 -8.70
C ALA U 349 -21.42 74.82 -9.58
N ILE U 350 -21.97 74.59 -10.77
CA ILE U 350 -21.41 73.60 -11.69
C ILE U 350 -20.45 74.23 -12.69
N GLY U 351 -20.24 75.53 -12.63
CA GLY U 351 -19.33 76.18 -13.56
C GLY U 351 -19.92 76.41 -14.93
N MET U 352 -21.23 76.61 -15.02
CA MET U 352 -21.88 76.91 -16.28
C MET U 352 -22.82 78.09 -16.13
N GLY U 353 -22.53 78.99 -15.19
CA GLY U 353 -23.37 80.13 -14.96
C GLY U 353 -23.27 81.15 -16.08
N THR U 354 -23.96 82.28 -15.87
CA THR U 354 -23.99 83.33 -16.87
C THR U 354 -22.69 84.12 -16.94
N THR U 355 -21.64 83.67 -16.26
CA THR U 355 -20.34 84.35 -16.28
C THR U 355 -19.19 83.36 -16.39
N ASP U 356 -19.47 82.10 -16.70
CA ASP U 356 -18.45 81.07 -16.77
C ASP U 356 -18.10 80.79 -18.23
N MET U 357 -16.81 80.60 -18.50
CA MET U 357 -16.33 80.36 -19.85
C MET U 357 -16.33 78.85 -20.10
N ILE U 358 -17.40 78.35 -20.70
CA ILE U 358 -17.51 76.94 -21.02
C ILE U 358 -17.08 76.73 -22.46
N SER U 359 -16.76 75.49 -22.79
CA SER U 359 -16.35 75.11 -24.13
C SER U 359 -17.30 74.08 -24.70
N GLN U 360 -17.39 74.02 -26.02
CA GLN U 360 -18.27 73.06 -26.67
C GLN U 360 -17.85 72.91 -28.12
N SER U 361 -18.05 71.70 -28.66
CA SER U 361 -17.77 71.43 -30.06
C SER U 361 -18.32 70.05 -30.40
N SER U 362 -18.57 69.84 -31.70
CA SER U 362 -19.03 68.56 -32.21
C SER U 362 -17.94 67.95 -33.08
N VAL U 363 -17.80 66.63 -33.01
CA VAL U 363 -16.70 65.92 -33.66
C VAL U 363 -17.25 64.76 -34.46
N SER U 364 -16.69 64.54 -35.64
CA SER U 364 -17.07 63.43 -36.50
C SER U 364 -16.05 62.30 -36.38
N LEU U 365 -16.36 61.16 -37.02
CA LEU U 365 -15.39 60.06 -37.06
C LEU U 365 -14.11 60.49 -37.75
N ARG U 366 -14.24 60.99 -38.98
CA ARG U 366 -13.06 61.42 -39.72
C ARG U 366 -12.28 62.47 -38.94
N GLU U 367 -12.99 63.38 -38.28
CA GLU U 367 -12.31 64.38 -37.48
C GLU U 367 -11.55 63.77 -36.31
N SER U 368 -12.14 62.78 -35.65
CA SER U 368 -11.45 62.10 -34.55
C SER U 368 -10.25 61.32 -35.05
N LYS U 369 -10.28 60.88 -36.30
CA LYS U 369 -9.18 60.08 -36.84
C LYS U 369 -7.86 60.85 -36.85
N GLY U 370 -7.88 62.16 -36.65
CA GLY U 370 -6.69 62.98 -36.70
C GLY U 370 -6.28 63.50 -35.34
N GLN U 371 -5.48 64.56 -35.36
CA GLN U 371 -4.94 65.14 -34.14
C GLN U 371 -5.96 66.05 -33.49
N ILE U 372 -6.23 65.82 -32.21
CA ILE U 372 -7.26 66.56 -31.50
C ILE U 372 -6.74 67.96 -31.19
N SER U 373 -7.42 68.98 -31.71
CA SER U 373 -7.05 70.35 -31.42
C SER U 373 -7.21 70.64 -29.93
N ALA U 374 -6.67 71.79 -29.51
CA ALA U 374 -6.69 72.11 -28.09
C ALA U 374 -8.09 72.41 -27.60
N THR U 375 -8.87 73.17 -28.37
CA THR U 375 -10.24 73.49 -27.97
C THR U 375 -11.09 72.23 -27.95
N ASN U 376 -11.04 71.45 -29.03
CA ASN U 376 -11.77 70.19 -29.06
C ASN U 376 -11.37 69.30 -27.89
N ALA U 377 -10.09 69.29 -27.53
CA ALA U 377 -9.64 68.45 -26.43
C ALA U 377 -10.23 68.91 -25.11
N ASP U 378 -10.14 70.21 -24.82
CA ASP U 378 -10.75 70.75 -23.61
C ASP U 378 -12.23 70.38 -23.56
N ALA U 379 -12.90 70.44 -24.69
CA ALA U 379 -14.30 70.01 -24.73
C ALA U 379 -14.43 68.53 -24.38
N MET U 380 -13.63 67.67 -25.02
CA MET U 380 -13.71 66.24 -24.78
C MET U 380 -13.61 65.92 -23.30
N GLY U 381 -12.68 66.55 -22.60
CA GLY U 381 -12.56 66.28 -21.19
C GLY U 381 -11.13 66.15 -20.71
N PHE U 382 -10.19 66.31 -21.62
CA PHE U 382 -8.78 66.44 -21.25
C PHE U 382 -8.60 67.66 -20.36
N ASN U 383 -7.41 67.78 -19.77
CA ASN U 383 -6.94 69.01 -19.14
C ASN U 383 -7.99 69.68 -18.26
N SER U 384 -8.30 69.07 -17.11
CA SER U 384 -9.31 69.59 -16.21
C SER U 384 -9.24 71.11 -16.05
N TYR U 385 -8.12 71.64 -15.56
CA TYR U 385 -8.05 73.04 -15.17
C TYR U 385 -7.98 73.98 -16.38
N LYS U 386 -9.02 73.89 -17.22
CA LYS U 386 -9.27 74.85 -18.30
C LYS U 386 -8.05 74.98 -19.23
N GLY U 387 -7.75 73.87 -19.90
CA GLY U 387 -6.61 73.85 -20.79
C GLY U 387 -5.34 73.53 -20.03
N GLY U 388 -4.57 72.58 -20.51
CA GLY U 388 -3.44 72.07 -19.77
C GLY U 388 -2.28 73.01 -19.60
N GLY U 389 -2.43 74.29 -19.93
CA GLY U 389 -1.34 75.23 -19.82
C GLY U 389 -1.29 75.91 -18.48
N LYS U 390 -1.44 77.22 -18.47
CA LYS U 390 -1.39 77.98 -17.24
C LYS U 390 -2.78 78.01 -16.59
N PHE U 391 -2.80 78.37 -15.31
CA PHE U 391 -4.04 78.59 -14.60
C PHE U 391 -4.48 80.03 -14.82
N VAL U 392 -5.79 80.26 -14.80
CA VAL U 392 -6.39 81.53 -15.21
C VAL U 392 -7.25 82.06 -14.09
N PHE U 393 -6.89 83.23 -13.56
CA PHE U 393 -7.74 83.93 -12.62
C PHE U 393 -8.58 84.97 -13.36
N THR U 394 -9.31 85.78 -12.60
CA THR U 394 -9.87 87.04 -13.07
C THR U 394 -9.67 88.11 -12.02
N GLN U 395 -8.47 88.13 -11.43
CA GLN U 395 -8.20 88.97 -10.27
C GLN U 395 -7.94 90.41 -10.74
N ASN U 396 -7.49 91.27 -9.84
CA ASN U 396 -7.44 92.71 -10.12
C ASN U 396 -6.04 93.26 -9.98
N VAL U 397 -5.07 92.64 -10.63
CA VAL U 397 -3.67 93.02 -10.49
C VAL U 397 -3.10 93.36 -11.86
N SER U 398 -2.29 94.41 -11.91
CA SER U 398 -1.57 94.76 -13.14
C SER U 398 -0.58 93.67 -13.51
N SER U 399 0.24 93.23 -12.55
CA SER U 399 1.30 92.28 -12.84
C SER U 399 1.60 91.44 -11.61
N ILE U 400 2.26 90.31 -11.85
CA ILE U 400 2.65 89.41 -10.78
C ILE U 400 3.43 90.13 -9.69
N SER U 401 4.22 91.14 -10.07
CA SER U 401 4.98 91.91 -9.11
C SER U 401 4.07 92.44 -8.00
N ALA U 402 2.86 92.86 -8.37
CA ALA U 402 1.90 93.32 -7.38
C ALA U 402 0.99 92.21 -6.88
N PHE U 403 0.76 91.17 -7.68
CA PHE U 403 -0.06 90.06 -7.23
C PHE U 403 0.58 89.37 -6.03
N MET U 404 1.91 89.28 -6.02
CA MET U 404 2.58 88.70 -4.86
C MET U 404 2.49 89.63 -3.65
N SER U 405 2.71 90.93 -3.87
CA SER U 405 2.67 91.89 -2.76
C SER U 405 1.27 91.97 -2.14
N ALA U 406 0.24 91.74 -2.93
CA ALA U 406 -1.13 91.95 -2.47
C ALA U 406 -1.45 91.03 -1.30
N GLN U 407 -2.45 91.44 -0.53
CA GLN U 407 -2.88 90.70 0.65
C GLN U 407 -3.63 89.44 0.23
N GLY U 408 -3.74 88.50 1.16
CA GLY U 408 -4.45 87.26 0.89
C GLY U 408 -3.63 86.11 0.36
N SER U 409 -2.70 86.38 -0.55
CA SER U 409 -1.82 85.34 -1.06
C SER U 409 -0.85 84.91 0.03
N GLY U 410 0.01 83.97 -0.32
CA GLY U 410 1.09 83.55 0.57
C GLY U 410 2.40 84.26 0.32
N PHE U 411 2.38 85.36 -0.43
CA PHE U 411 3.59 85.98 -0.94
C PHE U 411 3.86 87.35 -0.32
N SER U 412 3.16 87.70 0.75
CA SER U 412 3.25 89.04 1.30
C SER U 412 4.63 89.28 1.89
N ARG U 413 4.87 90.54 2.25
CA ARG U 413 6.16 90.93 2.82
C ARG U 413 6.48 90.15 4.08
N GLY U 414 5.46 89.88 4.91
CA GLY U 414 5.69 89.12 6.12
C GLY U 414 6.12 87.69 5.83
N SER U 415 5.44 87.04 4.89
CA SER U 415 5.75 85.66 4.56
C SER U 415 7.17 85.54 4.03
N GLY U 416 7.72 84.33 4.12
CA GLY U 416 9.09 84.11 3.68
C GLY U 416 9.29 84.20 2.20
N PHE U 417 8.24 83.96 1.41
CA PHE U 417 8.36 83.93 -0.05
C PHE U 417 8.05 85.28 -0.68
N SER U 418 8.72 86.34 -0.22
CA SER U 418 8.61 87.62 -0.90
C SER U 418 9.56 87.65 -2.08
N VAL U 419 9.20 88.44 -3.10
CA VAL U 419 10.05 88.53 -4.28
C VAL U 419 11.42 89.04 -3.87
N GLY U 420 12.46 88.32 -4.29
CA GLY U 420 13.80 88.64 -3.87
C GLY U 420 14.21 88.00 -2.56
N SER U 421 13.84 86.75 -2.31
CA SER U 421 14.14 86.08 -1.07
C SER U 421 14.76 84.70 -1.31
N GLY U 422 15.38 84.50 -2.46
CA GLY U 422 16.08 83.25 -2.73
C GLY U 422 15.17 82.12 -3.19
N LYS U 423 13.92 82.11 -2.73
CA LYS U 423 13.01 81.07 -3.16
C LYS U 423 12.75 81.11 -4.66
N ASN U 424 12.69 82.31 -5.23
CA ASN U 424 12.54 82.50 -6.66
C ASN U 424 11.26 81.83 -7.18
N LEU U 425 10.13 82.32 -6.70
CA LEU U 425 8.85 81.81 -7.19
C LEU U 425 8.23 82.69 -8.26
N SER U 426 8.82 83.86 -8.54
CA SER U 426 8.35 84.64 -9.66
C SER U 426 8.50 83.88 -10.97
N VAL U 427 9.64 83.21 -11.15
CA VAL U 427 9.86 82.42 -12.35
C VAL U 427 8.87 81.26 -12.41
N GLY U 428 8.56 80.68 -11.25
CA GLY U 428 7.58 79.60 -11.22
C GLY U 428 6.21 80.07 -11.66
N LEU U 429 5.76 81.21 -11.12
CA LEU U 429 4.45 81.73 -11.48
C LEU U 429 4.42 82.15 -12.94
N SER U 430 5.52 82.71 -13.46
CA SER U 430 5.55 83.15 -14.85
C SER U 430 5.21 82.01 -15.80
N GLN U 431 5.57 80.79 -15.45
CA GLN U 431 5.18 79.59 -16.19
C GLN U 431 4.10 78.90 -15.38
N GLY U 432 2.85 79.31 -15.58
CA GLY U 432 1.75 78.64 -14.91
C GLY U 432 0.63 79.54 -14.45
N ILE U 433 0.83 80.86 -14.49
CA ILE U 433 -0.20 81.79 -14.05
C ILE U 433 -0.47 82.78 -15.17
N GLN U 434 -1.74 82.98 -15.50
CA GLN U 434 -2.17 84.00 -16.45
C GLN U 434 -3.34 84.75 -15.83
N ILE U 435 -3.08 85.94 -15.29
CA ILE U 435 -4.09 86.71 -14.60
C ILE U 435 -4.83 87.58 -15.60
N ILE U 436 -6.14 87.39 -15.69
CA ILE U 436 -6.99 88.26 -16.50
C ILE U 436 -7.29 89.50 -15.68
N SER U 437 -6.93 90.67 -16.22
CA SER U 437 -7.03 91.91 -15.45
C SER U 437 -8.48 92.25 -15.13
N SER U 438 -9.35 92.28 -16.14
CA SER U 438 -10.74 92.66 -15.93
C SER U 438 -11.61 91.77 -16.80
N ALA U 439 -12.59 91.12 -16.16
CA ALA U 439 -13.45 90.20 -16.87
C ALA U 439 -14.26 90.88 -17.96
N ALA U 440 -14.43 92.19 -17.88
CA ALA U 440 -15.19 92.91 -18.90
C ALA U 440 -14.42 92.94 -20.23
N SER U 441 -13.10 93.09 -20.16
CA SER U 441 -12.26 93.24 -21.35
C SER U 441 -11.14 92.21 -21.25
N MET U 442 -11.37 91.01 -21.79
CA MET U 442 -10.37 89.96 -21.83
C MET U 442 -10.15 89.58 -23.30
N SER U 443 -9.30 90.34 -23.99
CA SER U 443 -8.97 90.03 -25.36
C SER U 443 -7.58 89.43 -25.52
N ASN U 444 -6.73 89.54 -24.50
CA ASN U 444 -5.38 89.02 -24.57
C ASN U 444 -5.28 87.59 -24.06
N THR U 445 -6.40 86.95 -23.75
CA THR U 445 -6.38 85.57 -23.28
C THR U 445 -7.36 84.71 -24.05
N TYR U 446 -8.40 85.31 -24.59
CA TYR U 446 -9.40 84.62 -25.38
C TYR U 446 -9.52 85.27 -26.74
N VAL U 447 -9.86 84.46 -27.75
CA VAL U 447 -10.12 85.01 -29.07
C VAL U 447 -11.54 85.57 -29.07
N VAL U 448 -11.64 86.86 -28.76
CA VAL U 448 -12.93 87.49 -28.51
C VAL U 448 -13.00 88.80 -29.28
N SER U 449 -12.06 89.00 -30.20
CA SER U 449 -11.94 90.27 -30.89
C SER U 449 -13.18 90.55 -31.76
N ALA U 450 -13.24 91.77 -32.27
CA ALA U 450 -14.42 92.21 -33.00
C ALA U 450 -14.63 91.40 -34.28
N GLY U 451 -13.55 90.99 -34.93
CA GLY U 451 -13.69 90.26 -36.17
C GLY U 451 -14.39 88.93 -35.99
N SER U 452 -14.08 88.23 -34.91
CA SER U 452 -14.67 86.93 -34.65
C SER U 452 -16.17 87.06 -34.39
N GLY U 453 -16.83 85.91 -34.24
CA GLY U 453 -18.24 85.90 -33.95
C GLY U 453 -18.51 85.74 -32.47
N PHE U 454 -17.48 86.00 -31.65
CA PHE U 454 -17.58 85.83 -30.21
C PHE U 454 -17.41 87.15 -29.47
N SER U 455 -17.62 88.27 -30.14
CA SER U 455 -17.42 89.57 -29.52
C SER U 455 -18.33 89.74 -28.32
N SER U 456 -17.85 90.49 -27.32
CA SER U 456 -18.64 90.73 -26.12
C SER U 456 -19.92 91.48 -26.47
N GLY U 457 -20.97 91.23 -25.69
CA GLY U 457 -22.26 91.85 -25.91
C GLY U 457 -23.00 91.34 -27.12
N SER U 458 -22.38 90.52 -27.96
CA SER U 458 -23.03 89.96 -29.14
C SER U 458 -23.42 88.50 -28.94
N GLY U 459 -23.66 88.09 -27.70
CA GLY U 459 -23.94 86.70 -27.41
C GLY U 459 -22.71 85.84 -27.64
N ASN U 460 -22.77 84.59 -27.20
CA ASN U 460 -21.72 83.60 -27.40
C ASN U 460 -20.41 83.98 -26.72
N SER U 461 -20.39 85.07 -25.96
CA SER U 461 -19.14 85.54 -25.36
C SER U 461 -18.62 84.63 -24.27
N GLN U 462 -19.35 83.59 -23.91
CA GLN U 462 -18.89 82.63 -22.92
C GLN U 462 -18.39 81.34 -23.55
N PHE U 463 -18.28 81.30 -24.88
CA PHE U 463 -17.77 80.13 -25.57
C PHE U 463 -16.48 80.42 -26.32
N ALA U 464 -15.90 81.60 -26.15
CA ALA U 464 -14.72 81.97 -26.92
C ALA U 464 -13.56 81.06 -26.59
N ALA U 465 -12.77 80.73 -27.61
CA ALA U 465 -11.65 79.82 -27.45
C ALA U 465 -10.50 80.51 -26.73
N LEU U 466 -9.69 79.71 -26.04
CA LEU U 466 -8.51 80.22 -25.37
C LEU U 466 -7.47 80.63 -26.42
N LYS U 467 -6.44 81.32 -25.96
CA LYS U 467 -5.38 81.80 -26.84
C LYS U 467 -4.10 81.01 -26.59
N THR U 468 -3.50 80.50 -27.67
CA THR U 468 -2.36 79.61 -27.54
C THR U 468 -1.11 80.35 -27.09
N THR U 469 -0.98 81.63 -27.39
CA THR U 469 0.18 82.36 -26.89
C THR U 469 0.00 82.73 -25.42
N ALA U 470 -1.22 83.14 -25.05
CA ALA U 470 -1.50 83.49 -23.66
C ALA U 470 -1.33 82.28 -22.76
N ALA U 471 -2.14 81.25 -22.96
CA ALA U 471 -1.97 79.99 -22.26
C ALA U 471 -0.89 79.18 -22.97
N ASN U 472 -0.78 77.91 -22.65
CA ASN U 472 0.13 77.02 -23.35
C ASN U 472 -0.60 75.78 -23.84
N THR U 473 -1.78 75.98 -24.39
CA THR U 473 -2.58 74.86 -24.87
C THR U 473 -1.88 74.18 -26.05
N THR U 474 -1.63 72.89 -25.91
CA THR U 474 -1.06 72.08 -26.97
C THR U 474 -2.00 70.95 -27.30
N ASP U 475 -1.96 70.51 -28.56
CA ASP U 475 -2.84 69.45 -29.01
C ASP U 475 -2.53 68.14 -28.30
N GLU U 476 -3.44 67.20 -28.45
CA GLU U 476 -3.26 65.86 -27.90
C GLU U 476 -2.97 64.89 -29.04
N THR U 477 -2.29 63.80 -28.70
CA THR U 477 -1.98 62.78 -29.68
C THR U 477 -3.25 62.31 -30.38
N ALA U 478 -3.10 61.93 -31.64
CA ALA U 478 -4.22 61.79 -32.55
C ALA U 478 -5.08 60.59 -32.15
N GLY U 479 -6.34 60.85 -31.84
CA GLY U 479 -7.35 59.81 -31.73
C GLY U 479 -7.30 58.97 -30.48
N VAL U 480 -7.49 57.67 -30.64
CA VAL U 480 -7.58 56.73 -29.53
C VAL U 480 -6.26 56.59 -28.79
N THR U 481 -5.19 57.20 -29.28
CA THR U 481 -3.87 57.06 -28.67
C THR U 481 -3.79 57.62 -27.27
N THR U 482 -4.88 58.16 -26.74
CA THR U 482 -4.93 58.65 -25.37
C THR U 482 -6.22 58.17 -24.71
N LEU U 483 -6.21 58.14 -23.38
CA LEU U 483 -7.29 57.50 -22.64
C LEU U 483 -8.63 58.18 -22.91
N LYS U 484 -8.76 59.45 -22.51
CA LYS U 484 -10.00 60.16 -22.75
C LYS U 484 -10.32 60.23 -24.23
N GLY U 485 -9.30 60.22 -25.08
CA GLY U 485 -9.54 60.12 -26.50
C GLY U 485 -10.23 58.82 -26.87
N ALA U 486 -9.79 57.71 -26.25
CA ALA U 486 -10.45 56.44 -26.48
C ALA U 486 -11.90 56.49 -26.02
N MET U 487 -12.13 57.09 -24.85
CA MET U 487 -13.48 57.14 -24.32
C MET U 487 -14.37 58.05 -25.14
N ALA U 488 -13.79 59.00 -25.87
CA ALA U 488 -14.58 59.82 -26.77
C ALA U 488 -14.86 59.09 -28.07
N VAL U 489 -13.87 58.37 -28.60
CA VAL U 489 -14.09 57.59 -29.82
C VAL U 489 -15.15 56.53 -29.57
N MET U 490 -15.23 56.03 -28.34
CA MET U 490 -16.29 55.08 -28.01
C MET U 490 -17.67 55.68 -28.28
N ASP U 491 -17.91 56.90 -27.80
CA ASP U 491 -19.20 57.54 -28.03
C ASP U 491 -19.39 57.90 -29.49
N ILE U 492 -18.34 58.31 -30.18
CA ILE U 492 -18.49 58.65 -31.59
C ILE U 492 -18.91 57.42 -32.39
N ALA U 493 -18.35 56.25 -32.05
CA ALA U 493 -18.78 55.03 -32.72
C ALA U 493 -20.20 54.65 -32.32
N GLU U 494 -20.55 54.81 -31.04
CA GLU U 494 -21.90 54.52 -30.59
C GLU U 494 -22.92 55.40 -31.30
N THR U 495 -22.50 56.59 -31.73
CA THR U 495 -23.41 57.47 -32.46
C THR U 495 -23.47 57.12 -33.94
N ALA U 496 -22.31 56.78 -34.53
CA ALA U 496 -22.30 56.37 -35.93
C ALA U 496 -23.17 55.13 -36.14
N ILE U 497 -23.14 54.20 -35.19
CA ILE U 497 -23.99 53.03 -35.27
C ILE U 497 -25.45 53.45 -35.37
N THR U 498 -25.88 54.36 -34.51
CA THR U 498 -27.25 54.85 -34.52
C THR U 498 -27.59 55.48 -35.86
N ASN U 499 -26.70 56.33 -36.38
CA ASN U 499 -26.98 56.98 -37.66
C ASN U 499 -27.20 55.97 -38.76
N LEU U 500 -26.31 54.98 -38.86
CA LEU U 500 -26.46 54.00 -39.92
C LEU U 500 -27.71 53.16 -39.72
N ASP U 501 -28.06 52.85 -38.47
CA ASP U 501 -29.30 52.13 -38.22
C ASP U 501 -30.49 52.92 -38.73
N GLN U 502 -30.51 54.22 -38.49
CA GLN U 502 -31.62 55.04 -38.96
C GLN U 502 -31.71 55.04 -40.48
N ILE U 503 -30.58 55.23 -41.15
CA ILE U 503 -30.60 55.24 -42.61
C ILE U 503 -31.07 53.90 -43.16
N ARG U 504 -30.60 52.81 -42.55
CA ARG U 504 -31.00 51.48 -43.00
C ARG U 504 -32.49 51.25 -42.78
N ALA U 505 -33.04 51.74 -41.67
CA ALA U 505 -34.47 51.61 -41.45
C ALA U 505 -35.26 52.39 -42.48
N ASP U 506 -34.76 53.54 -42.91
CA ASP U 506 -35.43 54.28 -43.98
C ASP U 506 -35.44 53.48 -45.28
N ILE U 507 -34.29 52.91 -45.64
CA ILE U 507 -34.24 52.04 -46.82
C ILE U 507 -35.25 50.92 -46.71
N ALA U 508 -35.34 50.30 -45.54
CA ALA U 508 -36.26 49.18 -45.36
C ALA U 508 -37.71 49.62 -45.53
N SER U 509 -38.06 50.78 -44.99
CA SER U 509 -39.42 51.28 -45.16
C SER U 509 -39.76 51.46 -46.63
N ILE U 510 -38.87 52.11 -47.39
CA ILE U 510 -39.14 52.28 -48.81
C ILE U 510 -39.29 50.93 -49.50
N GLN U 511 -38.47 49.96 -49.10
CA GLN U 511 -38.51 48.65 -49.74
C GLN U 511 -39.84 47.96 -49.50
N ASN U 512 -40.34 48.01 -48.26
CA ASN U 512 -41.64 47.39 -47.99
C ASN U 512 -42.75 48.07 -48.75
N GLN U 513 -42.71 49.40 -48.87
CA GLN U 513 -43.72 50.09 -49.67
C GLN U 513 -43.69 49.61 -51.11
N VAL U 514 -42.49 49.50 -51.68
CA VAL U 514 -42.37 49.05 -53.06
C VAL U 514 -42.92 47.64 -53.21
N THR U 515 -42.64 46.76 -52.24
CA THR U 515 -43.16 45.40 -52.30
C THR U 515 -44.68 45.38 -52.33
N SER U 516 -45.31 46.19 -51.48
CA SER U 516 -46.77 46.23 -51.49
C SER U 516 -47.30 46.75 -52.81
N THR U 517 -46.70 47.82 -53.34
CA THR U 517 -47.12 48.34 -54.63
C THR U 517 -47.08 47.25 -55.69
N ILE U 518 -45.99 46.49 -55.72
CA ILE U 518 -45.84 45.46 -56.75
C ILE U 518 -46.87 44.37 -56.57
N ASN U 519 -47.11 43.95 -55.32
CA ASN U 519 -48.11 42.91 -55.10
C ASN U 519 -49.49 43.36 -55.54
N ASN U 520 -49.78 44.65 -55.46
CA ASN U 520 -51.08 45.11 -55.91
C ASN U 520 -51.15 45.26 -57.42
N ILE U 521 -50.08 45.77 -58.03
CA ILE U 521 -50.09 45.96 -59.48
C ILE U 521 -50.17 44.62 -60.20
N THR U 522 -49.53 43.59 -59.63
CA THR U 522 -49.54 42.29 -60.28
C THR U 522 -50.97 41.75 -60.44
N VAL U 523 -51.87 42.19 -59.56
CA VAL U 523 -53.25 41.71 -59.63
C VAL U 523 -54.09 42.66 -60.47
N THR U 524 -53.89 43.97 -60.30
CA THR U 524 -54.63 44.92 -61.11
C THR U 524 -54.37 44.70 -62.59
N GLN U 525 -53.14 44.32 -62.95
CA GLN U 525 -52.84 44.07 -64.36
C GLN U 525 -53.62 42.89 -64.89
N VAL U 526 -53.73 41.82 -64.09
CA VAL U 526 -54.47 40.65 -64.52
C VAL U 526 -55.93 41.00 -64.73
N ASN U 527 -56.50 41.75 -63.79
CA ASN U 527 -57.91 42.10 -63.92
C ASN U 527 -58.14 42.99 -65.13
N VAL U 528 -57.25 43.93 -65.39
CA VAL U 528 -57.37 44.77 -66.57
C VAL U 528 -57.27 43.92 -67.83
N LYS U 529 -56.33 42.98 -67.85
CA LYS U 529 -56.12 42.16 -69.04
C LYS U 529 -57.32 41.26 -69.30
N ALA U 530 -58.03 40.85 -68.26
CA ALA U 530 -59.22 40.05 -68.48
C ALA U 530 -60.40 40.91 -68.93
N ALA U 531 -60.55 42.09 -68.33
CA ALA U 531 -61.63 42.98 -68.75
C ALA U 531 -61.45 43.44 -70.18
N GLU U 532 -60.20 43.53 -70.64
CA GLU U 532 -59.96 43.85 -72.04
C GLU U 532 -60.35 42.69 -72.95
N SER U 533 -59.98 41.47 -72.57
CA SER U 533 -60.37 40.30 -73.35
C SER U 533 -61.87 40.20 -73.48
N GLN U 534 -62.60 40.54 -72.41
CA GLN U 534 -64.06 40.49 -72.49
C GLN U 534 -64.60 41.37 -73.60
N ILE U 535 -63.86 42.41 -73.98
CA ILE U 535 -64.36 43.36 -74.97
C ILE U 535 -63.81 43.06 -76.36
N ARG U 536 -62.57 42.61 -76.46
CA ARG U 536 -61.88 42.56 -77.75
C ARG U 536 -61.97 41.18 -78.41
N ASP U 537 -61.61 40.12 -77.70
CA ASP U 537 -61.48 38.84 -78.35
C ASP U 537 -62.82 38.17 -78.58
N VAL U 538 -62.83 37.19 -79.47
CA VAL U 538 -64.02 36.47 -79.86
C VAL U 538 -64.02 35.11 -79.19
N ASP U 539 -65.21 34.58 -78.91
CA ASP U 539 -65.35 33.28 -78.28
C ASP U 539 -65.67 32.25 -79.36
N PHE U 540 -64.76 31.30 -79.54
CA PHE U 540 -64.90 30.36 -80.64
C PHE U 540 -66.15 29.50 -80.54
N ALA U 541 -66.69 29.30 -79.33
CA ALA U 541 -67.95 28.58 -79.20
C ALA U 541 -69.01 29.17 -80.10
N SER U 542 -69.31 30.46 -79.91
CA SER U 542 -70.30 31.12 -80.75
C SER U 542 -69.78 31.43 -82.14
N GLU U 543 -68.47 31.65 -82.29
CA GLU U 543 -67.97 32.01 -83.60
C GLU U 543 -68.08 30.86 -84.59
N SER U 544 -67.70 29.65 -84.18
CA SER U 544 -67.83 28.50 -85.06
C SER U 544 -69.28 28.21 -85.38
N ALA U 545 -70.18 28.46 -84.44
CA ALA U 545 -71.61 28.31 -84.73
C ALA U 545 -72.04 29.28 -85.81
N ASN U 546 -71.70 30.56 -85.66
CA ASN U 546 -72.02 31.54 -86.70
C ASN U 546 -71.44 31.13 -88.04
N TYR U 547 -70.20 30.65 -88.05
CA TYR U 547 -69.55 30.33 -89.30
C TYR U 547 -70.22 29.16 -90.00
N SER U 548 -70.48 28.08 -89.26
CA SER U 548 -71.12 26.92 -89.87
C SER U 548 -72.52 27.26 -90.35
N LYS U 549 -73.25 28.07 -89.58
CA LYS U 549 -74.58 28.48 -89.99
C LYS U 549 -74.52 29.25 -91.30
N ALA U 550 -73.62 30.22 -91.38
CA ALA U 550 -73.47 30.99 -92.62
C ALA U 550 -73.03 30.12 -93.78
N ASN U 551 -72.23 29.08 -93.52
CA ASN U 551 -71.80 28.20 -94.59
C ASN U 551 -72.95 27.39 -95.15
N ILE U 552 -73.77 26.81 -94.27
CA ILE U 552 -74.95 26.08 -94.75
C ILE U 552 -75.88 27.02 -95.50
N LEU U 553 -76.06 28.24 -94.98
CA LEU U 553 -76.88 29.20 -95.70
C LEU U 553 -76.30 29.52 -97.06
N ALA U 554 -74.97 29.56 -97.18
CA ALA U 554 -74.37 29.82 -98.47
C ALA U 554 -74.66 28.71 -99.46
N GLN U 555 -74.56 27.47 -99.01
CA GLN U 555 -74.91 26.35 -99.88
C GLN U 555 -76.37 26.44 -100.32
N SER U 556 -77.27 26.72 -99.39
CA SER U 556 -78.69 26.83 -99.74
C SER U 556 -78.92 27.96 -100.74
N GLY U 557 -78.30 29.11 -100.52
CA GLY U 557 -78.49 30.23 -101.43
C GLY U 557 -77.93 29.95 -102.81
N SER U 558 -76.81 29.23 -102.88
CA SER U 558 -76.28 28.84 -104.18
C SER U 558 -77.24 27.93 -104.92
N TYR U 559 -77.83 26.96 -104.20
CA TYR U 559 -78.84 26.13 -104.85
C TYR U 559 -80.03 26.96 -105.31
N ALA U 560 -80.44 27.95 -104.51
CA ALA U 560 -81.57 28.79 -104.90
C ALA U 560 -81.27 29.57 -106.16
N MET U 561 -80.05 30.12 -106.27
CA MET U 561 -79.68 30.84 -107.48
C MET U 561 -79.63 29.90 -108.69
N ALA U 562 -79.08 28.71 -108.49
CA ALA U 562 -79.03 27.75 -109.59
C ALA U 562 -80.43 27.42 -110.10
N GLN U 563 -81.38 27.27 -109.19
CA GLN U 563 -82.75 27.00 -109.62
C GLN U 563 -83.39 28.23 -110.25
N ALA U 564 -83.07 29.41 -109.74
CA ALA U 564 -83.69 30.63 -110.26
C ALA U 564 -83.27 30.88 -111.69
N ASN U 565 -82.00 30.66 -112.01
CA ASN U 565 -81.54 30.87 -113.38
C ASN U 565 -82.23 29.92 -114.34
N SER U 566 -82.56 28.72 -113.90
CA SER U 566 -83.18 27.72 -114.74
C SER U 566 -84.70 27.79 -114.75
N SER U 567 -85.31 28.58 -113.87
CA SER U 567 -86.75 28.61 -113.77
C SER U 567 -87.45 29.10 -115.02
N GLN U 568 -86.71 29.49 -116.06
CA GLN U 568 -87.32 30.01 -117.28
C GLN U 568 -87.23 29.07 -118.46
N GLN U 569 -86.71 27.86 -118.26
CA GLN U 569 -86.55 26.93 -119.38
C GLN U 569 -87.88 26.48 -119.99
N ASN U 570 -89.01 26.78 -119.34
CA ASN U 570 -90.28 26.25 -119.80
C ASN U 570 -90.84 26.98 -121.00
N VAL U 571 -90.47 28.25 -121.20
CA VAL U 571 -91.01 29.01 -122.31
C VAL U 571 -90.66 28.36 -123.64
N LEU U 572 -89.56 27.63 -123.69
CA LEU U 572 -89.21 26.92 -124.90
C LEU U 572 -90.28 25.90 -125.28
N ARG U 573 -90.98 25.35 -124.29
CA ARG U 573 -92.04 24.40 -124.60
C ARG U 573 -93.19 25.07 -125.32
N LEU U 574 -93.46 26.33 -125.01
CA LEU U 574 -94.45 27.08 -125.77
C LEU U 574 -93.92 27.42 -127.16
N LEU U 575 -92.66 27.85 -127.22
CA LEU U 575 -92.12 28.37 -128.48
C LEU U 575 -92.00 27.28 -129.53
N GLN U 576 -91.48 26.12 -129.14
CA GLN U 576 -91.27 25.03 -130.09
C GLN U 576 -92.55 24.62 -130.80
N PHE V 3 -13.68 25.27 -48.73
CA PHE V 3 -14.76 24.33 -48.96
C PHE V 3 -14.39 23.50 -50.19
N ARG V 4 -13.21 23.78 -50.72
CA ARG V 4 -12.65 23.05 -51.84
C ARG V 4 -11.80 21.89 -51.32
N ILE V 5 -12.09 20.69 -51.82
CA ILE V 5 -11.43 19.50 -51.35
C ILE V 5 -10.29 19.16 -52.29
N ASN V 6 -9.49 18.16 -51.91
CA ASN V 6 -8.23 17.66 -52.46
C ASN V 6 -7.04 18.50 -52.03
N THR V 7 -7.24 19.57 -51.28
CA THR V 7 -6.15 20.36 -50.75
C THR V 7 -6.42 20.79 -49.32
N ASN V 8 -6.87 19.84 -48.48
CA ASN V 8 -7.29 20.17 -47.12
C ASN V 8 -6.20 20.94 -46.40
N VAL V 9 -6.49 22.20 -46.06
CA VAL V 9 -5.51 23.05 -45.40
C VAL V 9 -5.58 22.93 -43.89
N ALA V 10 -6.79 22.79 -43.36
CA ALA V 10 -6.94 22.64 -41.91
C ALA V 10 -6.22 21.41 -41.40
N ALA V 11 -5.96 20.44 -42.27
CA ALA V 11 -5.18 19.29 -41.86
C ALA V 11 -3.71 19.64 -41.78
N LEU V 12 -3.15 20.23 -42.84
CA LEU V 12 -1.74 20.58 -42.86
C LEU V 12 -1.41 21.53 -41.72
N ASN V 13 -2.29 22.49 -41.45
CA ASN V 13 -2.05 23.42 -40.35
C ASN V 13 -2.11 22.71 -39.01
N ALA V 14 -3.10 21.86 -38.82
CA ALA V 14 -3.22 21.13 -37.55
C ALA V 14 -2.13 20.10 -37.39
N LYS V 15 -1.51 19.67 -38.49
CA LYS V 15 -0.44 18.69 -38.39
C LYS V 15 0.87 19.35 -37.96
N ALA V 16 1.15 20.54 -38.48
CA ALA V 16 2.37 21.23 -38.09
C ALA V 16 2.36 21.57 -36.61
N ASN V 17 1.23 22.03 -36.09
CA ASN V 17 1.15 22.38 -34.68
C ASN V 17 1.33 21.16 -33.79
N SER V 18 0.79 20.02 -34.20
CA SER V 18 0.94 18.81 -33.40
C SER V 18 2.37 18.30 -33.44
N ASP V 19 2.99 18.30 -34.62
CA ASP V 19 4.36 17.82 -34.73
C ASP V 19 5.31 18.71 -33.94
N LEU V 20 5.09 20.02 -33.97
CA LEU V 20 5.90 20.92 -33.17
C LEU V 20 5.78 20.61 -31.69
N ASN V 21 4.69 19.98 -31.28
CA ASN V 21 4.52 19.64 -29.88
C ASN V 21 5.17 18.30 -29.55
N ALA V 22 4.98 17.30 -30.41
CA ALA V 22 5.64 16.02 -30.19
C ALA V 22 7.14 16.18 -30.10
N LYS V 23 7.69 17.22 -30.72
CA LYS V 23 9.10 17.52 -30.55
C LYS V 23 9.39 17.98 -29.12
N SER V 24 8.42 18.63 -28.49
CA SER V 24 8.60 19.10 -27.12
C SER V 24 8.30 18.02 -26.10
N LEU V 25 7.27 17.22 -26.34
CA LEU V 25 6.98 16.10 -25.45
C LEU V 25 8.15 15.13 -25.43
N ASP V 26 8.73 14.84 -26.59
CA ASP V 26 9.87 13.93 -26.64
C ASP V 26 11.04 14.50 -25.87
N ALA V 27 11.45 15.73 -26.20
CA ALA V 27 12.57 16.35 -25.51
C ALA V 27 12.33 16.41 -24.01
N SER V 28 11.10 16.71 -23.60
CA SER V 28 10.79 16.73 -22.18
C SER V 28 10.90 15.34 -21.56
N LEU V 29 10.72 14.30 -22.37
CA LEU V 29 10.82 12.95 -21.83
C LEU V 29 12.27 12.50 -21.73
N SER V 30 13.14 13.00 -22.60
CA SER V 30 14.55 12.64 -22.50
C SER V 30 15.17 13.20 -21.24
N ARG V 31 14.77 14.41 -20.85
CA ARG V 31 15.26 14.96 -19.59
C ARG V 31 14.71 14.22 -18.40
N LEU V 32 13.47 13.77 -18.49
CA LEU V 32 12.87 13.02 -17.39
C LEU V 32 13.56 11.68 -17.19
N SER V 33 14.10 11.11 -18.26
CA SER V 33 14.76 9.82 -18.18
C SER V 33 16.19 9.94 -17.68
N SER V 34 17.03 10.65 -18.43
CA SER V 34 18.45 10.73 -18.09
C SER V 34 18.65 11.42 -16.75
N GLY V 35 17.88 12.48 -16.48
CA GLY V 35 18.04 13.22 -15.26
C GLY V 35 18.91 14.46 -15.39
N LEU V 36 19.24 14.88 -16.61
CA LEU V 36 20.04 16.06 -16.83
C LEU V 36 19.24 17.08 -17.64
N ARG V 37 19.52 18.36 -17.41
CA ARG V 37 18.84 19.39 -18.17
C ARG V 37 19.52 19.66 -19.50
N ILE V 38 20.80 19.38 -19.61
CA ILE V 38 21.55 19.55 -20.87
C ILE V 38 22.02 18.17 -21.29
N ASN V 39 21.21 17.50 -22.10
CA ASN V 39 21.54 16.16 -22.57
C ASN V 39 22.42 16.21 -23.81
N SER V 40 21.97 16.93 -24.84
CA SER V 40 22.62 16.94 -26.13
C SER V 40 23.58 18.10 -26.31
N ALA V 41 23.72 18.96 -25.32
CA ALA V 41 24.58 20.15 -25.40
C ALA V 41 24.22 21.05 -26.56
N ALA V 42 23.01 20.89 -27.10
CA ALA V 42 22.49 21.79 -28.12
C ALA V 42 21.42 22.71 -27.59
N ASP V 43 20.97 22.51 -26.36
CA ASP V 43 20.01 23.41 -25.73
C ASP V 43 20.68 24.48 -24.88
N ASP V 44 21.95 24.29 -24.51
CA ASP V 44 22.69 25.32 -23.78
C ASP V 44 24.17 25.12 -24.07
N ALA V 45 24.75 26.03 -24.83
CA ALA V 45 26.15 25.88 -25.22
C ALA V 45 27.08 26.18 -24.06
N SER V 46 27.02 27.41 -23.53
CA SER V 46 27.93 27.78 -22.45
C SER V 46 27.64 27.01 -21.18
N GLY V 47 26.39 26.66 -20.92
CA GLY V 47 26.09 25.81 -19.78
C GLY V 47 26.87 24.51 -19.80
N MET V 48 27.05 23.95 -21.00
CA MET V 48 27.90 22.78 -21.12
C MET V 48 29.36 23.13 -20.87
N ALA V 49 29.78 24.31 -21.33
CA ALA V 49 31.18 24.69 -21.17
C ALA V 49 31.54 24.89 -19.71
N ILE V 50 30.64 25.49 -18.93
CA ILE V 50 30.91 25.69 -17.52
C ILE V 50 30.82 24.37 -16.77
N ALA V 51 29.71 23.65 -16.96
CA ALA V 51 29.50 22.40 -16.23
C ALA V 51 30.64 21.43 -16.48
N ASP V 52 31.13 21.35 -17.72
CA ASP V 52 32.26 20.46 -17.99
C ASP V 52 33.54 20.99 -17.36
N SER V 53 33.61 22.29 -17.10
CA SER V 53 34.76 22.84 -16.38
C SER V 53 34.64 22.57 -14.89
N LEU V 54 33.43 22.63 -14.35
CA LEU V 54 33.24 22.32 -12.93
C LEU V 54 33.30 20.82 -12.69
N ARG V 55 32.75 20.02 -13.59
CA ARG V 55 32.78 18.58 -13.42
C ARG V 55 34.22 18.06 -13.36
N SER V 56 35.12 18.72 -14.07
CA SER V 56 36.53 18.34 -13.96
C SER V 56 37.12 18.84 -12.65
N GLN V 57 36.85 20.09 -12.29
CA GLN V 57 37.39 20.62 -11.05
C GLN V 57 36.84 19.88 -9.83
N ALA V 58 35.64 19.34 -9.93
CA ALA V 58 35.13 18.52 -8.84
C ALA V 58 35.81 17.15 -8.82
N ASN V 59 36.05 16.59 -10.00
CA ASN V 59 36.76 15.30 -10.06
C ASN V 59 38.20 15.46 -9.62
N THR V 60 38.87 16.54 -10.03
CA THR V 60 40.25 16.75 -9.64
C THR V 60 40.37 16.88 -8.13
N LEU V 61 39.64 17.82 -7.54
CA LEU V 61 39.69 17.98 -6.09
C LEU V 61 39.32 16.70 -5.38
N GLY V 62 38.35 15.95 -5.93
CA GLY V 62 38.04 14.66 -5.36
C GLY V 62 39.22 13.72 -5.37
N GLN V 63 40.07 13.82 -6.39
CA GLN V 63 41.29 13.02 -6.42
C GLN V 63 42.39 13.65 -5.59
N ALA V 64 42.44 14.98 -5.54
CA ALA V 64 43.47 15.64 -4.74
C ALA V 64 43.33 15.31 -3.28
N ILE V 65 42.10 15.06 -2.81
CA ILE V 65 41.91 14.65 -1.42
C ILE V 65 42.64 13.34 -1.16
N SER V 66 42.60 12.43 -2.12
CA SER V 66 43.30 11.16 -1.95
C SER V 66 44.81 11.38 -1.87
N ASN V 67 45.33 12.33 -2.65
CA ASN V 67 46.76 12.64 -2.56
C ASN V 67 47.11 13.20 -1.19
N GLY V 68 46.20 13.98 -0.60
CA GLY V 68 46.42 14.43 0.76
C GLY V 68 46.33 13.31 1.76
N ASN V 69 45.24 12.54 1.71
CA ASN V 69 45.07 11.42 2.63
C ASN V 69 46.16 10.39 2.47
N ASP V 70 46.86 10.40 1.34
CA ASP V 70 48.02 9.53 1.18
C ASP V 70 49.28 10.21 1.66
N ALA V 71 49.35 11.54 1.53
CA ALA V 71 50.48 12.28 2.08
C ALA V 71 50.43 12.28 3.60
N LEU V 72 49.28 11.95 4.19
CA LEU V 72 49.21 11.82 5.63
C LEU V 72 49.78 10.49 6.09
N GLY V 73 49.44 9.41 5.38
CA GLY V 73 49.99 8.12 5.73
C GLY V 73 51.50 8.10 5.69
N ILE V 74 52.09 8.71 4.66
CA ILE V 74 53.54 8.74 4.54
C ILE V 74 54.16 9.57 5.67
N LEU V 75 53.45 10.60 6.12
CA LEU V 75 54.03 11.46 7.15
C LEU V 75 53.82 10.88 8.54
N GLN V 76 52.64 10.32 8.82
CA GLN V 76 52.42 9.69 10.11
C GLN V 76 53.34 8.50 10.31
N THR V 77 53.51 7.68 9.27
CA THR V 77 54.42 6.55 9.36
C THR V 77 55.82 7.01 9.69
N ALA V 78 56.28 8.06 9.01
CA ALA V 78 57.63 8.57 9.27
C ALA V 78 57.73 9.14 10.67
N ASP V 79 56.64 9.69 11.20
CA ASP V 79 56.69 10.30 12.52
C ASP V 79 56.73 9.24 13.61
N LYS V 80 55.70 8.38 13.68
CA LYS V 80 55.64 7.36 14.71
C LYS V 80 56.84 6.44 14.69
N ALA V 81 57.55 6.35 13.56
CA ALA V 81 58.78 5.57 13.52
C ALA V 81 59.92 6.28 14.22
N MET V 82 59.96 7.61 14.15
CA MET V 82 60.98 8.36 14.88
C MET V 82 60.82 8.24 16.37
N ASP V 83 59.63 7.86 16.83
CA ASP V 83 59.37 7.79 18.28
C ASP V 83 60.32 6.83 18.95
N GLU V 84 60.62 5.69 18.31
CA GLU V 84 61.48 4.72 18.94
C GLU V 84 62.92 5.19 19.00
N GLN V 85 63.38 5.91 17.99
CA GLN V 85 64.75 6.40 18.01
C GLN V 85 64.97 7.38 19.15
N LEU V 86 63.95 8.17 19.48
CA LEU V 86 64.08 9.08 20.60
C LEU V 86 64.19 8.33 21.92
N LYS V 87 63.47 7.21 22.04
CA LYS V 87 63.57 6.42 23.26
C LYS V 87 64.87 5.64 23.31
N ILE V 88 65.51 5.43 22.16
CA ILE V 88 66.80 4.75 22.16
C ILE V 88 67.89 5.70 22.61
N LEU V 89 67.98 6.88 21.98
CA LEU V 89 68.98 7.86 22.37
C LEU V 89 68.86 8.21 23.84
N ASP V 90 67.64 8.21 24.37
CA ASP V 90 67.47 8.41 25.80
C ASP V 90 68.22 7.35 26.58
N THR V 91 68.15 6.10 26.13
CA THR V 91 68.82 5.02 26.85
C THR V 91 70.33 5.18 26.77
N ILE V 92 70.86 5.51 25.58
CA ILE V 92 72.29 5.68 25.42
C ILE V 92 72.81 6.74 26.40
N LYS V 93 72.13 7.89 26.45
CA LYS V 93 72.56 8.93 27.37
C LYS V 93 72.48 8.48 28.81
N THR V 94 71.51 7.63 29.14
CA THR V 94 71.45 7.08 30.49
C THR V 94 72.59 6.10 30.74
N LYS V 95 72.86 5.22 29.78
CA LYS V 95 73.95 4.27 29.94
C LYS V 95 75.29 4.99 30.03
N ALA V 96 75.51 5.98 29.17
CA ALA V 96 76.74 6.76 29.26
C ALA V 96 76.90 7.37 30.64
N THR V 97 75.79 7.81 31.24
CA THR V 97 75.86 8.30 32.61
C THR V 97 76.22 7.18 33.58
N GLN V 98 75.73 5.97 33.32
CA GLN V 98 76.02 4.84 34.18
C GLN V 98 77.51 4.49 34.15
N ALA V 99 78.20 4.83 33.07
CA ALA V 99 79.61 4.52 32.93
C ALA V 99 80.51 5.67 33.35
N ALA V 100 79.96 6.84 33.63
CA ALA V 100 80.75 7.98 34.05
C ALA V 100 81.05 7.97 35.53
N GLN V 101 80.74 6.88 36.23
CA GLN V 101 81.13 6.73 37.62
C GLN V 101 82.39 5.89 37.69
N ASP V 102 83.25 6.21 38.66
CA ASP V 102 84.50 5.48 38.81
C ASP V 102 84.38 4.31 39.76
N GLY V 103 83.19 3.74 39.92
CA GLY V 103 83.05 2.51 40.67
C GLY V 103 82.96 1.33 39.73
N GLN V 104 83.34 1.55 38.47
CA GLN V 104 83.23 0.53 37.44
C GLN V 104 84.57 0.36 36.76
N SER V 105 85.05 -0.87 36.73
CA SER V 105 86.30 -1.17 36.05
C SER V 105 86.10 -1.10 34.53
N LEU V 106 87.21 -1.21 33.81
CA LEU V 106 87.15 -1.19 32.35
C LEU V 106 86.33 -2.35 31.82
N LYS V 107 86.30 -3.46 32.56
CA LYS V 107 85.56 -4.63 32.11
C LYS V 107 84.06 -4.35 32.09
N THR V 108 83.53 -3.77 33.16
CA THR V 108 82.08 -3.54 33.21
C THR V 108 81.68 -2.42 32.26
N ARG V 109 82.51 -1.40 32.10
CA ARG V 109 82.21 -0.39 31.09
C ARG V 109 82.09 -1.01 29.71
N THR V 110 82.92 -2.01 29.43
CA THR V 110 82.89 -2.65 28.13
C THR V 110 81.53 -3.28 27.87
N MET V 111 80.87 -3.79 28.90
CA MET V 111 79.51 -4.28 28.73
C MET V 111 78.56 -3.15 28.36
N LEU V 112 78.79 -1.96 28.91
CA LEU V 112 77.99 -0.81 28.52
C LEU V 112 78.19 -0.49 27.06
N GLN V 113 79.44 -0.33 26.64
CA GLN V 113 79.72 -0.04 25.24
C GLN V 113 79.26 -1.18 24.35
N ALA V 114 79.37 -2.42 24.82
CA ALA V 114 78.85 -3.54 24.05
C ALA V 114 77.37 -3.38 23.78
N ASP V 115 76.64 -2.76 24.70
CA ASP V 115 75.20 -2.61 24.54
C ASP V 115 74.89 -1.48 23.58
N ILE V 116 75.52 -0.32 23.76
CA ILE V 116 75.25 0.83 22.91
C ILE V 116 75.48 0.47 21.45
N ASN V 117 76.49 -0.34 21.17
CA ASN V 117 76.72 -0.79 19.80
C ASN V 117 75.51 -1.49 19.24
N LYS V 118 74.85 -2.34 20.04
CA LYS V 118 73.65 -3.01 19.57
C LYS V 118 72.50 -2.02 19.42
N LEU V 119 72.32 -1.14 20.40
CA LEU V 119 71.25 -0.15 20.32
C LEU V 119 71.45 0.76 19.11
N MET V 120 72.67 1.29 18.95
CA MET V 120 72.94 2.12 17.78
C MET V 120 72.81 1.33 16.49
N GLU V 121 73.12 0.03 16.54
CA GLU V 121 72.84 -0.84 15.40
C GLU V 121 71.35 -0.89 15.11
N GLU V 122 70.53 -0.72 16.13
CA GLU V 122 69.09 -0.72 15.93
C GLU V 122 68.61 0.61 15.38
N LEU V 123 69.16 1.72 15.89
CA LEU V 123 68.73 3.04 15.46
C LEU V 123 68.80 3.17 13.94
N ASP V 124 70.00 3.04 13.38
CA ASP V 124 70.14 3.16 11.94
C ASP V 124 69.49 2.00 11.21
N ASN V 125 69.12 0.94 11.93
CA ASN V 125 68.31 -0.08 11.30
C ASN V 125 66.90 0.41 11.06
N ILE V 126 66.38 1.26 11.94
CA ILE V 126 65.07 1.87 11.72
C ILE V 126 65.14 2.86 10.57
N ALA V 127 66.21 3.64 10.52
CA ALA V 127 66.37 4.62 9.46
C ALA V 127 66.35 3.96 8.09
N ASN V 128 67.02 2.82 7.96
CA ASN V 128 67.13 2.12 6.68
C ASN V 128 66.00 1.15 6.43
N THR V 129 64.93 1.22 7.21
CA THR V 129 63.88 0.22 7.05
C THR V 129 62.51 0.83 6.77
N THR V 130 62.17 1.94 7.42
CA THR V 130 60.87 2.54 7.21
C THR V 130 60.72 2.94 5.76
N SER V 131 59.63 2.50 5.13
CA SER V 131 59.40 2.77 3.72
C SER V 131 57.93 2.59 3.40
N PHE V 132 57.46 3.32 2.40
CA PHE V 132 56.07 3.18 1.98
C PHE V 132 55.92 2.01 1.00
N ASN V 133 56.50 2.13 -0.18
CA ASN V 133 56.54 1.04 -1.14
C ASN V 133 57.91 1.00 -1.80
N GLY V 134 58.95 1.10 -0.98
CA GLY V 134 60.31 1.22 -1.44
C GLY V 134 60.90 2.59 -1.17
N LYS V 135 60.06 3.62 -1.11
CA LYS V 135 60.50 4.97 -0.82
C LYS V 135 60.98 5.01 0.63
N GLN V 136 62.29 5.05 0.84
CA GLN V 136 62.83 5.16 2.18
C GLN V 136 62.45 6.51 2.76
N LEU V 137 61.78 6.50 3.91
CA LEU V 137 61.33 7.75 4.51
C LEU V 137 62.44 8.40 5.33
N LEU V 138 62.90 7.70 6.37
CA LEU V 138 63.87 8.28 7.30
C LEU V 138 65.30 7.88 6.91
N SER V 139 65.69 8.24 5.70
CA SER V 139 67.01 7.84 5.24
C SER V 139 67.81 9.02 4.71
N GLY V 140 67.13 10.00 4.13
CA GLY V 140 67.80 11.12 3.50
C GLY V 140 67.49 11.27 2.02
N ASN V 141 66.71 10.37 1.42
CA ASN V 141 66.34 10.46 0.03
C ASN V 141 64.87 10.80 -0.16
N PHE V 142 64.28 11.51 0.80
CA PHE V 142 62.90 11.97 0.72
C PHE V 142 62.86 13.48 0.69
N THR V 143 63.74 14.07 -0.11
CA THR V 143 63.90 15.53 -0.17
C THR V 143 63.21 16.08 -1.40
N ASN V 144 62.44 17.15 -1.21
CA ASN V 144 61.79 17.88 -2.29
C ASN V 144 60.80 16.99 -3.04
N GLN V 145 59.86 16.43 -2.31
CA GLN V 145 58.79 15.65 -2.89
C GLN V 145 57.50 16.47 -2.89
N GLU V 146 56.73 16.33 -3.96
CA GLU V 146 55.50 17.09 -4.13
C GLU V 146 54.28 16.22 -3.84
N PHE V 147 53.14 16.88 -3.65
CA PHE V 147 51.86 16.21 -3.46
C PHE V 147 50.79 17.14 -4.02
N GLN V 148 50.42 16.92 -5.27
CA GLN V 148 49.42 17.76 -5.92
C GLN V 148 48.11 17.72 -5.14
N ILE V 149 47.69 18.88 -4.62
CA ILE V 149 46.47 18.98 -3.84
C ILE V 149 45.59 20.11 -4.35
N GLY V 150 45.68 20.45 -5.63
CA GLY V 150 44.94 21.57 -6.16
C GLY V 150 44.27 21.23 -7.47
N ALA V 151 43.27 22.04 -7.82
CA ALA V 151 42.55 21.84 -9.07
C ALA V 151 43.43 22.13 -10.27
N SER V 152 44.28 23.14 -10.18
CA SER V 152 45.12 23.55 -11.28
C SER V 152 46.45 22.79 -11.20
N SER V 153 47.45 23.23 -11.96
CA SER V 153 48.54 22.34 -12.34
C SER V 153 49.69 22.29 -11.34
N ASN V 154 49.86 23.28 -10.48
CA ASN V 154 51.06 23.24 -9.65
C ASN V 154 50.79 23.64 -8.21
N GLN V 155 49.60 23.35 -7.70
CA GLN V 155 49.37 23.47 -6.26
C GLN V 155 49.85 22.19 -5.59
N THR V 156 50.74 22.32 -4.62
CA THR V 156 51.32 21.13 -4.01
C THR V 156 52.02 21.50 -2.72
N VAL V 157 52.10 20.53 -1.82
CA VAL V 157 52.89 20.66 -0.62
C VAL V 157 54.22 19.96 -0.86
N LYS V 158 55.18 20.20 0.03
CA LYS V 158 56.52 19.64 -0.14
C LYS V 158 56.98 19.02 1.17
N ALA V 159 57.77 17.95 1.06
CA ALA V 159 58.25 17.22 2.23
C ALA V 159 59.73 16.92 2.06
N THR V 160 60.51 17.22 3.08
CA THR V 160 61.97 17.13 3.02
C THR V 160 62.53 16.48 4.27
N ILE V 161 61.99 15.33 4.65
CA ILE V 161 62.45 14.64 5.85
C ILE V 161 63.95 14.45 5.79
N GLY V 162 64.65 15.04 6.75
CA GLY V 162 66.10 14.97 6.80
C GLY V 162 66.59 13.55 7.06
N ALA V 163 67.91 13.42 7.04
CA ALA V 163 68.54 12.12 7.26
C ALA V 163 68.72 11.88 8.74
N THR V 164 68.57 10.62 9.15
CA THR V 164 68.57 10.30 10.57
C THR V 164 69.34 9.03 10.89
N GLN V 165 70.33 8.68 10.07
CA GLN V 165 71.16 7.53 10.38
C GLN V 165 72.02 7.82 11.60
N SER V 166 72.77 6.83 12.03
CA SER V 166 73.62 6.98 13.20
C SER V 166 74.91 7.71 12.89
N SER V 167 75.17 8.04 11.64
CA SER V 167 76.38 8.73 11.24
C SER V 167 76.15 10.18 10.90
N LYS V 168 74.92 10.68 11.06
CA LYS V 168 74.59 12.02 10.61
C LYS V 168 73.80 12.84 11.61
N ILE V 169 73.58 12.35 12.83
CA ILE V 169 72.71 13.09 13.73
C ILE V 169 73.52 13.79 14.83
N GLY V 170 74.20 13.03 15.67
CA GLY V 170 74.84 13.65 16.80
C GLY V 170 76.25 14.10 16.47
N VAL V 171 76.42 15.36 16.10
CA VAL V 171 77.71 15.87 15.65
C VAL V 171 78.03 17.08 16.53
N THR V 172 78.74 16.83 17.62
CA THR V 172 79.15 17.92 18.50
C THR V 172 80.47 18.50 18.03
N ARG V 173 80.90 19.57 18.71
CA ARG V 173 82.14 20.24 18.38
C ARG V 173 82.92 20.49 19.67
N PHE V 174 84.12 19.96 19.76
CA PHE V 174 84.99 20.15 20.91
C PHE V 174 86.13 21.09 20.53
N GLU V 175 86.62 21.81 21.53
CA GLU V 175 87.80 22.64 21.37
C GLU V 175 88.60 22.57 22.67
N THR V 176 89.91 22.79 22.58
CA THR V 176 90.74 22.78 23.77
C THR V 176 92.03 23.52 23.47
N GLY V 177 92.39 24.47 24.34
CA GLY V 177 93.57 25.26 24.14
C GLY V 177 94.80 24.65 24.77
N ALA V 178 95.95 25.19 24.40
CA ALA V 178 97.21 24.72 24.94
C ALA V 178 97.27 24.99 26.44
N GLN V 179 98.25 24.38 27.10
CA GLN V 179 98.38 24.55 28.53
C GLN V 179 98.85 25.96 28.83
N SER V 180 98.02 26.73 29.54
CA SER V 180 98.26 28.14 29.76
C SER V 180 99.22 28.33 30.92
N PHE V 181 100.40 28.86 30.64
CA PHE V 181 101.39 29.14 31.68
C PHE V 181 101.39 30.59 32.13
N THR V 182 100.63 31.46 31.48
CA THR V 182 100.62 32.88 31.77
C THR V 182 99.31 33.29 32.44
N SER V 183 99.38 34.38 33.18
CA SER V 183 98.23 34.90 33.92
C SER V 183 97.75 36.19 33.25
N GLY V 184 96.77 36.84 33.88
CA GLY V 184 96.27 38.10 33.38
C GLY V 184 94.76 38.14 33.23
N VAL V 185 94.18 39.33 33.29
CA VAL V 185 92.73 39.45 33.17
C VAL V 185 92.32 39.19 31.74
N VAL V 186 91.30 38.35 31.56
CA VAL V 186 90.90 37.85 30.25
C VAL V 186 89.42 38.12 30.05
N GLY V 187 89.06 38.51 28.82
CA GLY V 187 87.66 38.59 28.44
C GLY V 187 87.41 37.95 27.10
N LEU V 188 86.59 36.90 27.06
CA LEU V 188 86.32 36.22 25.82
C LEU V 188 85.35 37.01 24.96
N THR V 189 85.18 36.56 23.72
CA THR V 189 84.15 37.10 22.83
C THR V 189 83.86 36.02 21.79
N ILE V 190 82.76 35.31 21.95
CA ILE V 190 82.33 34.33 20.98
C ILE V 190 81.65 35.05 19.83
N LYS V 191 82.37 35.21 18.72
CA LYS V 191 81.87 35.98 17.60
C LYS V 191 80.74 35.22 16.91
N ASN V 192 79.75 35.98 16.43
CA ASN V 192 78.64 35.41 15.67
C ASN V 192 77.99 34.26 16.42
N TYR V 193 77.62 34.54 17.67
CA TYR V 193 77.05 33.48 18.51
C TYR V 193 75.64 33.11 18.09
N ASN V 194 74.94 33.98 17.37
CA ASN V 194 73.58 33.70 16.97
C ASN V 194 73.27 34.05 15.52
N GLY V 195 74.28 34.40 14.73
CA GLY V 195 74.08 34.71 13.33
C GLY V 195 74.01 36.18 13.00
N ILE V 196 73.94 37.05 14.01
CA ILE V 196 73.83 38.48 13.75
C ILE V 196 74.95 39.24 14.44
N GLU V 197 75.07 39.07 15.75
CA GLU V 197 75.98 39.86 16.55
C GLU V 197 76.89 38.96 17.37
N ASP V 198 77.81 39.59 18.10
CA ASP V 198 78.82 38.89 18.88
C ASP V 198 78.27 38.56 20.27
N PHE V 199 79.16 38.13 21.17
CA PHE V 199 78.79 37.83 22.54
C PHE V 199 80.03 37.99 23.39
N LYS V 200 80.05 39.03 24.23
CA LYS V 200 81.20 39.34 25.05
C LYS V 200 80.92 38.97 26.50
N PHE V 201 81.80 38.16 27.08
CA PHE V 201 81.71 37.85 28.49
C PHE V 201 82.32 38.98 29.31
N ASP V 202 82.50 38.73 30.61
CA ASP V 202 83.12 39.72 31.46
C ASP V 202 84.60 39.41 31.65
N ASN V 203 85.33 40.41 32.11
CA ASN V 203 86.74 40.19 32.43
C ASN V 203 86.84 39.27 33.63
N VAL V 204 87.75 38.29 33.55
CA VAL V 204 87.92 37.28 34.59
C VAL V 204 89.38 37.23 35.00
N VAL V 205 89.64 37.35 36.30
CA VAL V 205 90.99 37.26 36.82
C VAL V 205 91.41 35.81 36.75
N ILE V 206 92.71 35.55 36.88
CA ILE V 206 93.21 34.19 36.69
C ILE V 206 94.03 33.68 37.86
N SER V 207 94.93 34.50 38.39
CA SER V 207 96.21 33.97 38.87
C SER V 207 96.11 32.85 39.91
N THR V 208 95.83 33.16 41.17
CA THR V 208 95.88 32.10 42.17
C THR V 208 94.86 32.23 43.29
N SER V 209 93.98 33.23 43.29
CA SER V 209 93.12 33.46 44.43
C SER V 209 91.89 32.56 44.35
N VAL V 210 91.00 32.69 45.32
CA VAL V 210 89.88 31.77 45.43
C VAL V 210 88.92 31.95 44.26
N GLY V 211 88.57 33.19 43.94
CA GLY V 211 87.65 33.45 42.86
C GLY V 211 88.34 33.69 41.54
N THR V 212 89.48 33.05 41.32
CA THR V 212 90.25 33.22 40.11
C THR V 212 90.49 31.85 39.48
N GLY V 213 91.25 31.84 38.39
CA GLY V 213 91.57 30.60 37.71
C GLY V 213 90.53 30.21 36.68
N LEU V 214 90.84 29.12 35.97
CA LEU V 214 89.93 28.63 34.95
C LEU V 214 88.61 28.19 35.54
N GLY V 215 88.58 27.81 36.82
CA GLY V 215 87.32 27.48 37.44
C GLY V 215 86.39 28.68 37.54
N ALA V 216 86.95 29.87 37.70
CA ALA V 216 86.14 31.07 37.65
C ALA V 216 85.62 31.34 36.25
N LEU V 217 86.48 31.16 35.24
CA LEU V 217 86.06 31.37 33.87
C LEU V 217 85.03 30.34 33.43
N ALA V 218 85.16 29.10 33.93
CA ALA V 218 84.20 28.07 33.56
C ALA V 218 82.80 28.41 34.04
N GLU V 219 82.69 29.11 35.17
CA GLU V 219 81.38 29.54 35.64
C GLU V 219 80.77 30.53 34.67
N GLU V 220 81.54 31.54 34.27
CA GLU V 220 81.00 32.57 33.40
C GLU V 220 80.53 32.00 32.07
N ILE V 221 81.29 31.06 31.50
CA ILE V 221 80.91 30.48 30.22
C ILE V 221 79.70 29.58 30.38
N ASN V 222 79.74 28.68 31.36
CA ASN V 222 78.64 27.76 31.56
C ASN V 222 77.36 28.47 31.98
N LYS V 223 77.47 29.66 32.55
CA LYS V 223 76.27 30.39 32.96
C LYS V 223 75.43 30.77 31.77
N SER V 224 76.04 31.31 30.73
CA SER V 224 75.34 31.69 29.51
C SER V 224 75.38 30.57 28.48
N ALA V 225 74.99 29.37 28.89
CA ALA V 225 74.98 28.23 27.98
C ALA V 225 73.71 28.17 27.15
N ASP V 226 72.63 28.80 27.61
CA ASP V 226 71.37 28.75 26.87
C ASP V 226 71.36 29.68 25.66
N LYS V 227 72.14 30.75 25.68
CA LYS V 227 72.16 31.69 24.57
C LYS V 227 73.28 31.43 23.58
N THR V 228 74.44 30.97 24.04
CA THR V 228 75.55 30.68 23.15
C THR V 228 75.66 29.20 22.79
N GLY V 229 75.14 28.32 23.63
CA GLY V 229 75.28 26.91 23.37
C GLY V 229 76.69 26.40 23.51
N VAL V 230 77.51 27.07 24.33
CA VAL V 230 78.92 26.75 24.46
C VAL V 230 79.18 26.50 25.94
N ARG V 231 79.16 25.24 26.35
CA ARG V 231 79.53 24.92 27.72
C ARG V 231 81.05 24.96 27.85
N ALA V 232 81.53 24.67 29.05
CA ALA V 232 82.96 24.66 29.28
C ALA V 232 83.29 23.88 30.54
N THR V 233 84.53 23.41 30.61
CA THR V 233 85.06 22.72 31.77
C THR V 233 86.51 23.13 31.92
N TYR V 234 87.26 22.42 32.74
CA TYR V 234 88.66 22.76 32.95
C TYR V 234 89.41 21.54 33.43
N ASP V 235 90.74 21.64 33.41
CA ASP V 235 91.60 20.56 33.88
C ASP V 235 92.94 21.18 34.25
N VAL V 236 93.22 21.26 35.54
CA VAL V 236 94.41 21.92 36.05
C VAL V 236 95.26 20.88 36.75
N LYS V 237 96.30 20.40 36.08
CA LYS V 237 97.24 19.45 36.66
C LYS V 237 98.65 19.83 36.23
N THR V 238 99.63 19.34 36.99
CA THR V 238 101.04 19.48 36.65
C THR V 238 101.71 18.14 36.93
N THR V 239 101.97 17.38 35.87
CA THR V 239 102.50 16.03 35.98
C THR V 239 103.95 16.01 35.51
N GLY V 240 104.84 15.49 36.36
CA GLY V 240 106.23 15.40 36.00
C GLY V 240 106.48 14.36 34.93
N VAL V 241 107.76 14.03 34.76
CA VAL V 241 108.23 12.99 33.87
C VAL V 241 109.34 12.22 34.59
N TYR V 242 109.84 11.16 33.96
CA TYR V 242 110.90 10.34 34.52
C TYR V 242 110.62 10.05 36.00
N ALA V 243 109.62 9.20 36.20
CA ALA V 243 108.63 9.35 37.26
C ALA V 243 109.11 10.05 38.51
N ILE V 244 110.17 9.56 39.16
CA ILE V 244 110.66 10.26 40.34
C ILE V 244 112.02 9.71 40.75
N LYS V 245 112.86 10.57 41.33
CA LYS V 245 114.16 10.14 41.86
C LYS V 245 114.39 10.76 43.23
N GLU V 246 115.59 10.57 43.78
CA GLU V 246 115.93 11.11 45.09
C GLU V 246 116.36 12.56 44.96
N GLY V 247 115.89 13.40 45.87
CA GLY V 247 116.26 14.81 45.86
C GLY V 247 115.57 15.53 46.99
N THR V 248 115.92 16.81 47.14
CA THR V 248 115.36 17.65 48.18
C THR V 248 114.83 18.93 47.58
N THR V 249 113.87 19.54 48.28
CA THR V 249 113.31 20.81 47.85
C THR V 249 114.11 21.95 48.45
N SER V 250 113.92 23.14 47.87
CA SER V 250 114.61 24.32 48.36
C SER V 250 114.15 24.65 49.78
N GLN V 251 114.99 25.39 50.49
CA GLN V 251 114.64 25.80 51.85
C GLN V 251 113.40 26.68 51.87
N ASP V 252 113.02 27.25 50.73
CA ASP V 252 111.88 28.13 50.63
C ASP V 252 110.91 27.64 49.55
N PHE V 253 110.83 26.33 49.36
CA PHE V 253 109.91 25.77 48.38
C PHE V 253 108.48 26.11 48.78
N ALA V 254 107.83 26.97 48.00
CA ALA V 254 106.49 27.44 48.31
C ALA V 254 105.58 27.19 47.12
N ILE V 255 104.29 27.12 47.37
CA ILE V 255 103.30 26.80 46.35
C ILE V 255 102.06 27.65 46.57
N ASN V 256 101.66 28.39 45.53
CA ASN V 256 100.51 29.28 45.58
C ASN V 256 100.64 30.33 46.69
N GLY V 257 101.86 30.65 47.08
CA GLY V 257 102.09 31.74 48.02
C GLY V 257 102.34 31.33 49.45
N VAL V 258 102.10 30.08 49.82
CA VAL V 258 102.36 29.59 51.16
C VAL V 258 103.63 28.75 51.13
N THR V 259 104.49 28.94 52.12
CA THR V 259 105.81 28.34 52.14
C THR V 259 105.75 26.97 52.80
N ILE V 260 106.46 25.99 52.21
CA ILE V 260 106.40 24.63 52.69
C ILE V 260 107.71 24.25 53.36
N GLY V 261 108.81 24.37 52.64
CA GLY V 261 110.13 24.17 53.21
C GLY V 261 110.85 23.00 52.61
N LYS V 262 112.01 22.69 53.20
CA LYS V 262 112.86 21.63 52.68
C LYS V 262 112.29 20.27 53.00
N ILE V 263 112.27 19.38 52.01
CA ILE V 263 111.71 18.04 52.14
C ILE V 263 112.64 17.09 51.40
N GLU V 264 113.27 16.17 52.14
CA GLU V 264 114.13 15.16 51.53
C GLU V 264 113.29 13.93 51.21
N TYR V 265 113.21 13.58 49.93
CA TYR V 265 112.41 12.45 49.50
C TYR V 265 113.29 11.39 48.86
N LYS V 266 112.89 10.13 49.04
CA LYS V 266 113.67 8.99 48.57
C LYS V 266 113.48 8.83 47.07
N ASP V 267 113.96 7.70 46.53
CA ASP V 267 113.93 7.49 45.09
C ASP V 267 112.50 7.49 44.55
N GLY V 268 111.71 6.50 44.96
CA GLY V 268 110.35 6.41 44.48
C GLY V 268 109.40 7.15 45.40
N ASP V 269 109.94 8.09 46.18
CA ASP V 269 109.20 8.74 47.25
C ASP V 269 108.62 7.68 48.19
N GLY V 270 109.45 6.68 48.51
CA GLY V 270 109.02 5.63 49.40
C GLY V 270 108.56 6.13 50.75
N ASN V 271 109.19 7.19 51.25
CA ASN V 271 108.72 7.81 52.47
C ASN V 271 107.31 8.36 52.33
N GLY V 272 106.87 8.64 51.11
CA GLY V 272 105.60 9.31 50.92
C GLY V 272 105.52 10.66 51.57
N SER V 273 106.67 11.25 51.94
CA SER V 273 106.65 12.54 52.60
C SER V 273 106.37 13.67 51.63
N LEU V 274 106.95 13.61 50.43
CA LEU V 274 106.74 14.67 49.45
C LEU V 274 105.26 14.93 49.20
N ILE V 275 104.43 13.90 49.34
CA ILE V 275 103.00 14.09 49.16
C ILE V 275 102.35 14.59 50.44
N SER V 276 102.63 13.92 51.55
CA SER V 276 102.00 14.30 52.81
C SER V 276 102.50 15.66 53.30
N ALA V 277 103.70 16.06 52.89
CA ALA V 277 104.19 17.38 53.29
C ALA V 277 103.54 18.48 52.46
N ILE V 278 103.11 18.15 51.24
CA ILE V 278 102.34 19.12 50.46
C ILE V 278 100.88 19.09 50.89
N ASN V 279 100.29 17.91 50.97
CA ASN V 279 98.89 17.77 51.34
C ASN V 279 98.57 18.34 52.71
N ALA V 280 99.58 18.68 53.51
CA ALA V 280 99.31 19.33 54.78
C ALA V 280 98.73 20.72 54.62
N VAL V 281 98.76 21.28 53.42
CA VAL V 281 98.21 22.61 53.16
C VAL V 281 97.24 22.54 51.99
N LYS V 282 96.71 21.34 51.72
CA LYS V 282 95.87 21.14 50.55
C LYS V 282 94.67 22.07 50.54
N ASP V 283 94.21 22.49 51.72
CA ASP V 283 93.01 23.32 51.79
C ASP V 283 93.33 24.80 51.91
N THR V 284 94.59 25.18 51.99
CA THR V 284 94.97 26.59 51.93
C THR V 284 95.37 26.99 50.52
N THR V 285 95.91 26.05 49.75
CA THR V 285 96.33 26.31 48.38
C THR V 285 95.30 25.85 47.37
N GLY V 286 94.66 24.72 47.64
CA GLY V 286 93.83 24.09 46.64
C GLY V 286 94.57 23.14 45.73
N VAL V 287 95.72 22.64 46.16
CA VAL V 287 96.57 21.78 45.33
C VAL V 287 96.64 20.43 46.02
N GLN V 288 95.96 19.44 45.45
CA GLN V 288 95.91 18.09 45.98
C GLN V 288 97.03 17.29 45.35
N ALA V 289 98.11 17.10 46.10
CA ALA V 289 99.21 16.30 45.58
C ALA V 289 98.80 14.83 45.52
N SER V 290 99.55 14.06 44.75
CA SER V 290 99.26 12.64 44.58
C SER V 290 100.48 11.97 43.95
N LYS V 291 100.40 10.66 43.82
CA LYS V 291 101.44 9.88 43.16
C LYS V 291 100.79 9.06 42.06
N ASP V 292 101.27 9.23 40.83
CA ASP V 292 100.68 8.55 39.70
C ASP V 292 100.88 7.04 39.82
N GLU V 293 100.22 6.31 38.93
CA GLU V 293 100.35 4.86 38.93
C GLU V 293 101.73 4.43 38.44
N ASN V 294 102.31 5.18 37.51
CA ASN V 294 103.64 4.89 37.00
C ASN V 294 104.75 5.46 37.87
N GLY V 295 104.43 5.93 39.07
CA GLY V 295 105.41 6.54 39.95
C GLY V 295 105.58 8.03 39.76
N LYS V 296 104.98 8.61 38.73
CA LYS V 296 105.12 10.04 38.48
C LYS V 296 104.45 10.84 39.59
N LEU V 297 104.78 12.13 39.65
CA LEU V 297 104.21 13.05 40.63
C LEU V 297 103.14 13.90 39.96
N VAL V 298 102.00 14.03 40.61
CA VAL V 298 100.86 14.75 40.06
C VAL V 298 100.38 15.76 41.09
N LEU V 299 100.22 17.02 40.67
CA LEU V 299 99.72 18.10 41.50
C LEU V 299 98.43 18.61 40.87
N THR V 300 97.31 18.04 41.28
CA THR V 300 96.03 18.47 40.74
C THR V 300 95.46 19.62 41.55
N SER V 301 94.47 20.28 40.97
CA SER V 301 93.77 21.39 41.62
C SER V 301 92.28 21.21 41.38
N ALA V 302 91.52 21.09 42.46
CA ALA V 302 90.10 20.77 42.34
C ALA V 302 89.34 21.92 41.68
N ASP V 303 89.34 23.09 42.31
CA ASP V 303 88.52 24.21 41.86
C ASP V 303 89.23 25.08 40.84
N GLY V 304 90.25 24.57 40.16
CA GLY V 304 90.89 25.31 39.09
C GLY V 304 91.47 26.65 39.51
N ARG V 305 92.52 26.63 40.33
CA ARG V 305 93.14 27.86 40.81
C ARG V 305 94.49 28.14 40.20
N GLY V 306 95.12 27.17 39.54
CA GLY V 306 96.41 27.40 38.95
C GLY V 306 97.53 27.12 39.94
N ILE V 307 98.42 26.21 39.59
CA ILE V 307 99.54 25.87 40.45
C ILE V 307 100.71 26.76 40.09
N LYS V 308 101.32 27.38 41.10
CA LYS V 308 102.49 28.23 40.88
C LYS V 308 103.46 27.98 42.03
N ILE V 309 104.42 27.13 41.80
CA ILE V 309 105.48 26.88 42.77
C ILE V 309 106.56 27.93 42.58
N THR V 310 107.03 28.51 43.68
CA THR V 310 107.99 29.61 43.61
C THR V 310 109.41 29.14 43.89
N GLY V 311 109.65 28.54 45.04
CA GLY V 311 110.95 28.01 45.36
C GLY V 311 111.34 26.88 44.43
N ASP V 312 112.51 26.32 44.69
CA ASP V 312 113.01 25.18 43.92
C ASP V 312 112.40 23.91 44.47
N ILE V 313 111.45 23.34 43.73
CA ILE V 313 110.90 22.05 44.12
C ILE V 313 111.97 20.98 44.10
N GLY V 314 113.03 21.20 43.33
CA GLY V 314 114.12 20.25 43.28
C GLY V 314 113.92 19.29 42.12
N VAL V 315 114.69 19.48 41.06
CA VAL V 315 114.62 18.56 39.93
C VAL V 315 114.99 17.18 40.43
N GLY V 316 114.40 16.15 39.84
CA GLY V 316 114.38 14.82 40.40
C GLY V 316 113.01 14.43 40.90
N SER V 317 112.20 15.41 41.26
CA SER V 317 110.77 15.19 41.40
C SER V 317 110.06 15.15 40.06
N GLY V 318 110.77 15.46 38.98
CA GLY V 318 110.24 15.35 37.65
C GLY V 318 109.53 16.58 37.12
N ILE V 319 109.37 17.61 37.95
CA ILE V 319 108.68 18.82 37.53
C ILE V 319 109.73 19.79 37.00
N LEU V 320 109.67 20.05 35.70
CA LEU V 320 110.63 20.93 35.07
C LEU V 320 110.36 22.38 35.43
N ALA V 321 111.39 23.22 35.28
CA ALA V 321 111.23 24.64 35.54
C ALA V 321 110.24 25.29 34.59
N ASN V 322 109.97 24.66 33.45
CA ASN V 322 108.98 25.19 32.52
C ASN V 322 107.55 24.91 32.95
N GLN V 323 107.35 24.13 34.01
CA GLN V 323 106.02 23.79 34.50
C GLN V 323 105.66 24.50 35.78
N LYS V 324 106.55 25.35 36.32
CA LYS V 324 106.29 25.94 37.63
C LYS V 324 105.06 26.84 37.60
N GLU V 325 104.83 27.52 36.48
CA GLU V 325 103.67 28.41 36.33
C GLU V 325 102.65 27.70 35.46
N ASN V 326 101.70 27.03 36.10
CA ASN V 326 100.68 26.27 35.40
C ASN V 326 99.30 26.77 35.78
N TYR V 327 98.45 26.98 34.76
CA TYR V 327 97.07 27.36 34.98
C TYR V 327 96.10 26.42 34.28
N GLY V 328 96.56 25.24 33.88
CA GLY V 328 95.67 24.25 33.34
C GLY V 328 95.16 24.58 31.94
N ARG V 329 94.16 23.81 31.53
CA ARG V 329 93.59 23.89 30.20
C ARG V 329 92.11 24.27 30.28
N LEU V 330 91.59 24.78 29.18
CA LEU V 330 90.17 25.03 29.01
C LEU V 330 89.63 24.17 27.89
N SER V 331 88.39 23.73 28.03
CA SER V 331 87.79 22.83 27.05
C SER V 331 86.34 23.25 26.81
N LEU V 332 86.13 24.06 25.78
CA LEU V 332 84.78 24.40 25.37
C LEU V 332 84.14 23.23 24.62
N VAL V 333 82.81 23.20 24.65
CA VAL V 333 82.05 22.18 23.94
C VAL V 333 80.78 22.79 23.38
N LYS V 334 80.67 22.86 22.06
CA LYS V 334 79.43 23.27 21.42
C LYS V 334 78.57 22.03 21.21
N ASN V 335 77.40 22.20 20.59
CA ASN V 335 76.54 21.07 20.32
C ASN V 335 75.91 21.18 18.94
N ASP V 336 76.64 21.71 17.97
CA ASP V 336 76.14 21.71 16.60
C ASP V 336 77.17 21.34 15.54
N GLY V 337 78.46 21.35 15.83
CA GLY V 337 79.44 20.96 14.84
C GLY V 337 80.00 22.06 13.98
N ARG V 338 80.09 23.29 14.48
CA ARG V 338 80.69 24.39 13.76
C ARG V 338 81.77 25.02 14.63
N ASP V 339 82.81 25.54 13.97
CA ASP V 339 83.96 26.05 14.70
C ASP V 339 83.57 27.22 15.58
N ILE V 340 83.85 27.09 16.88
CA ILE V 340 83.72 28.22 17.78
C ILE V 340 84.76 29.26 17.42
N ASN V 341 84.31 30.44 17.00
CA ASN V 341 85.20 31.47 16.50
C ASN V 341 85.54 32.45 17.62
N ILE V 342 86.31 31.94 18.58
CA ILE V 342 86.66 32.75 19.75
C ILE V 342 87.67 33.82 19.37
N SER V 343 87.40 35.05 19.79
CA SER V 343 88.34 36.16 19.58
C SER V 343 88.17 37.13 20.74
N GLY V 344 88.97 36.96 21.78
CA GLY V 344 88.86 37.76 22.98
C GLY V 344 89.74 38.98 22.96
N THR V 345 90.11 39.45 24.15
CA THR V 345 90.98 40.61 24.31
C THR V 345 92.37 40.22 24.78
N ASN V 346 92.47 39.39 25.82
CA ASN V 346 93.75 38.93 26.36
C ASN V 346 93.64 37.41 26.47
N LEU V 347 93.92 36.73 25.36
CA LEU V 347 93.61 35.30 25.26
C LEU V 347 94.74 34.40 25.72
N SER V 348 95.98 34.87 25.69
CA SER V 348 97.09 34.00 26.10
C SER V 348 96.97 33.55 27.54
N ALA V 349 96.13 34.19 28.34
CA ALA V 349 95.95 33.76 29.71
C ALA V 349 95.26 32.41 29.79
N ILE V 350 94.32 32.14 28.88
CA ILE V 350 93.65 30.85 28.85
C ILE V 350 94.28 29.89 27.85
N GLY V 351 95.35 30.29 27.18
CA GLY V 351 96.00 29.42 26.23
C GLY V 351 95.25 29.24 24.95
N MET V 352 94.74 30.32 24.36
CA MET V 352 94.13 30.25 23.04
C MET V 352 94.52 31.48 22.21
N GLY V 353 95.63 32.10 22.53
CA GLY V 353 96.07 33.28 21.82
C GLY V 353 96.54 32.97 20.42
N THR V 354 97.09 33.99 19.77
CA THR V 354 97.59 33.84 18.41
C THR V 354 98.92 33.09 18.34
N THR V 355 99.36 32.49 19.44
CA THR V 355 100.58 31.70 19.46
C THR V 355 100.38 30.35 20.14
N ASP V 356 99.13 29.96 20.38
CA ASP V 356 98.80 28.74 21.10
C ASP V 356 98.33 27.68 20.11
N MET V 357 98.77 26.45 20.33
CA MET V 357 98.42 25.33 19.47
C MET V 357 97.21 24.64 20.07
N ILE V 358 96.02 25.02 19.62
CA ILE V 358 94.79 24.44 20.13
C ILE V 358 94.34 23.33 19.20
N SER V 359 93.48 22.46 19.71
CA SER V 359 92.92 21.37 18.92
C SER V 359 91.40 21.44 18.92
N GLN V 360 90.79 20.92 17.87
CA GLN V 360 89.34 20.98 17.72
C GLN V 360 88.92 19.95 16.69
N SER V 361 87.70 19.46 16.84
CA SER V 361 87.16 18.45 15.93
C SER V 361 85.68 18.27 16.21
N SER V 362 85.01 17.59 15.29
CA SER V 362 83.59 17.29 15.39
C SER V 362 83.39 15.78 15.32
N VAL V 363 82.65 15.22 16.27
CA VAL V 363 82.51 13.78 16.42
C VAL V 363 81.05 13.41 16.22
N SER V 364 80.81 12.34 15.47
CA SER V 364 79.48 11.78 15.28
C SER V 364 79.28 10.60 16.22
N LEU V 365 78.07 10.04 16.22
CA LEU V 365 77.83 8.85 17.01
C LEU V 365 78.74 7.70 16.58
N ARG V 366 78.62 7.29 15.31
CA ARG V 366 79.46 6.20 14.82
C ARG V 366 80.93 6.49 15.08
N GLU V 367 81.35 7.73 14.94
CA GLU V 367 82.74 8.07 15.25
C GLU V 367 83.04 7.84 16.72
N SER V 368 82.03 7.93 17.59
CA SER V 368 82.22 7.61 18.99
C SER V 368 82.12 6.12 19.26
N LYS V 369 81.49 5.37 18.36
CA LYS V 369 81.31 3.94 18.58
C LYS V 369 82.61 3.16 18.47
N GLY V 370 83.63 3.74 17.84
CA GLY V 370 84.88 3.07 17.60
C GLY V 370 86.01 3.63 18.43
N GLN V 371 87.23 3.25 18.07
CA GLN V 371 88.41 3.65 18.82
C GLN V 371 88.66 5.14 18.62
N ILE V 372 88.79 5.86 19.73
CA ILE V 372 88.97 7.31 19.66
C ILE V 372 90.36 7.62 19.11
N SER V 373 90.40 8.39 18.03
CA SER V 373 91.66 8.79 17.44
C SER V 373 92.52 9.55 18.45
N ALA V 374 93.81 9.64 18.15
CA ALA V 374 94.72 10.32 19.06
C ALA V 374 94.56 11.82 18.99
N THR V 375 94.15 12.36 17.84
CA THR V 375 93.93 13.79 17.73
C THR V 375 92.62 14.18 18.39
N ASN V 376 91.55 13.40 18.15
CA ASN V 376 90.27 13.69 18.78
C ASN V 376 90.36 13.54 20.28
N ALA V 377 91.06 12.50 20.76
CA ALA V 377 91.11 12.24 22.19
C ALA V 377 91.64 13.44 22.95
N ASP V 378 92.49 14.24 22.33
CA ASP V 378 92.96 15.44 22.98
C ASP V 378 91.91 16.53 22.97
N ALA V 379 91.25 16.73 21.84
CA ALA V 379 90.18 17.71 21.77
C ALA V 379 89.01 17.33 22.66
N MET V 380 88.79 16.03 22.88
CA MET V 380 87.72 15.62 23.78
C MET V 380 87.94 16.17 25.19
N GLY V 381 89.19 16.17 25.65
CA GLY V 381 89.48 16.67 26.97
C GLY V 381 90.36 15.74 27.77
N PHE V 382 90.91 14.71 27.14
CA PHE V 382 91.82 13.82 27.84
C PHE V 382 93.18 14.51 27.99
N ASN V 383 94.11 13.83 28.65
CA ASN V 383 95.54 14.10 28.57
C ASN V 383 95.86 15.59 28.64
N SER V 384 95.68 16.20 29.81
CA SER V 384 95.85 17.63 29.99
C SER V 384 97.04 18.21 29.22
N TYR V 385 98.24 17.71 29.48
CA TYR V 385 99.45 18.35 28.95
C TYR V 385 99.65 18.03 27.47
N LYS V 386 98.67 18.43 26.65
CA LYS V 386 98.79 18.47 25.19
C LYS V 386 99.18 17.10 24.63
N GLY V 387 98.27 16.15 24.82
CA GLY V 387 98.50 14.80 24.39
C GLY V 387 99.33 14.02 25.40
N GLY V 388 98.91 12.79 25.66
CA GLY V 388 99.51 12.02 26.73
C GLY V 388 100.92 11.56 26.50
N GLY V 389 101.58 12.03 25.44
CA GLY V 389 102.93 11.60 25.17
C GLY V 389 103.96 12.38 25.95
N LYS V 390 105.01 12.81 25.28
CA LYS V 390 106.02 13.61 25.94
C LYS V 390 105.48 15.02 26.22
N PHE V 391 106.25 15.77 26.98
CA PHE V 391 105.96 17.18 27.19
C PHE V 391 106.65 18.00 26.11
N VAL V 392 105.98 19.05 25.64
CA VAL V 392 106.41 19.80 24.47
C VAL V 392 106.80 21.20 24.90
N PHE V 393 108.04 21.58 24.62
CA PHE V 393 108.54 22.91 24.89
C PHE V 393 108.51 23.76 23.63
N THR V 394 109.02 24.99 23.75
CA THR V 394 109.33 25.84 22.59
C THR V 394 110.67 26.52 22.79
N GLN V 395 111.54 25.94 23.59
CA GLN V 395 112.79 26.59 23.99
C GLN V 395 113.75 26.62 22.80
N ASN V 396 114.98 27.07 23.04
CA ASN V 396 115.90 27.31 21.93
C ASN V 396 117.18 26.52 22.09
N VAL V 397 117.07 25.23 22.35
CA VAL V 397 118.21 24.36 22.58
C VAL V 397 118.39 23.43 21.38
N SER V 398 119.64 23.25 20.96
CA SER V 398 119.92 22.32 19.87
C SER V 398 119.58 20.90 20.26
N SER V 399 119.91 20.50 21.49
CA SER V 399 119.65 19.16 21.95
C SER V 399 119.74 19.12 23.48
N ILE V 400 119.10 18.09 24.04
CA ILE V 400 119.02 17.91 25.49
C ILE V 400 120.35 18.11 26.18
N SER V 401 121.44 17.72 25.52
CA SER V 401 122.78 17.87 26.11
C SER V 401 123.02 19.30 26.54
N ALA V 402 122.54 20.27 25.76
CA ALA V 402 122.66 21.66 26.13
C ALA V 402 121.48 22.14 26.96
N PHE V 403 120.34 21.46 26.89
CA PHE V 403 119.20 21.81 27.73
C PHE V 403 119.53 21.62 29.20
N MET V 404 120.54 20.81 29.50
CA MET V 404 120.96 20.62 30.88
C MET V 404 122.09 21.56 31.26
N SER V 405 123.04 21.79 30.35
CA SER V 405 124.13 22.72 30.63
C SER V 405 123.62 24.14 30.80
N ALA V 406 122.46 24.45 30.21
CA ALA V 406 121.96 25.82 30.18
C ALA V 406 121.61 26.29 31.59
N GLN V 407 121.53 27.61 31.74
CA GLN V 407 121.19 28.24 33.00
C GLN V 407 119.69 28.12 33.26
N GLY V 408 119.30 28.30 34.51
CA GLY V 408 117.89 28.33 34.87
C GLY V 408 117.32 26.98 35.26
N SER V 409 117.75 25.92 34.58
CA SER V 409 117.27 24.59 34.90
C SER V 409 117.88 24.12 36.21
N GLY V 410 117.55 22.89 36.58
CA GLY V 410 118.15 22.24 37.73
C GLY V 410 119.31 21.34 37.40
N PHE V 411 119.82 21.42 36.17
CA PHE V 411 120.81 20.48 35.66
C PHE V 411 122.18 21.13 35.45
N SER V 412 122.39 22.32 36.00
CA SER V 412 123.65 23.02 35.80
C SER V 412 124.80 22.22 36.40
N ARG V 413 126.02 22.60 35.99
CA ARG V 413 127.21 21.94 36.52
C ARG V 413 127.31 22.07 38.03
N GLY V 414 126.79 23.16 38.59
CA GLY V 414 126.81 23.31 40.03
C GLY V 414 125.92 22.31 40.73
N SER V 415 124.72 22.10 40.19
CA SER V 415 123.79 21.15 40.80
C SER V 415 124.35 19.73 40.71
N GLY V 416 123.78 18.85 41.52
CA GLY V 416 124.23 17.48 41.54
C GLY V 416 123.81 16.66 40.34
N PHE V 417 122.73 17.06 39.68
CA PHE V 417 122.17 16.28 38.58
C PHE V 417 122.71 16.72 37.22
N SER V 418 124.03 16.78 37.08
CA SER V 418 124.62 17.08 35.79
C SER V 418 124.73 15.81 34.96
N VAL V 419 125.00 15.99 33.67
CA VAL V 419 125.16 14.84 32.79
C VAL V 419 126.41 14.06 33.21
N GLY V 420 126.27 12.75 33.30
CA GLY V 420 127.38 11.92 33.75
C GLY V 420 127.66 12.01 35.23
N SER V 421 126.64 12.17 36.05
CA SER V 421 126.80 12.31 37.49
C SER V 421 126.16 11.17 38.26
N GLY V 422 125.90 10.04 37.61
CA GLY V 422 125.33 8.88 38.26
C GLY V 422 123.84 8.93 38.46
N LYS V 423 123.23 10.12 38.52
CA LYS V 423 121.78 10.19 38.66
C LYS V 423 121.08 9.65 37.42
N ASN V 424 121.72 9.78 36.25
CA ASN V 424 121.20 9.23 35.00
C ASN V 424 119.80 9.73 34.70
N LEU V 425 119.62 11.05 34.74
CA LEU V 425 118.36 11.65 34.34
C LEU V 425 118.28 11.89 32.84
N SER V 426 119.42 11.88 32.14
CA SER V 426 119.39 12.14 30.72
C SER V 426 118.54 11.12 29.97
N VAL V 427 118.52 9.87 30.44
CA VAL V 427 117.65 8.88 29.83
C VAL V 427 116.19 9.21 30.10
N GLY V 428 115.89 9.68 31.31
CA GLY V 428 114.52 10.02 31.65
C GLY V 428 113.96 11.13 30.77
N LEU V 429 114.77 12.15 30.50
CA LEU V 429 114.32 13.22 29.63
C LEU V 429 114.08 12.72 28.21
N SER V 430 114.92 11.81 27.74
CA SER V 430 114.74 11.24 26.41
C SER V 430 113.37 10.58 26.25
N GLN V 431 112.74 10.21 27.35
CA GLN V 431 111.39 9.65 27.35
C GLN V 431 110.49 10.63 28.10
N GLY V 432 109.96 11.61 27.39
CA GLY V 432 109.04 12.55 28.01
C GLY V 432 109.35 14.01 27.78
N ILE V 433 110.24 14.31 26.84
CA ILE V 433 110.60 15.68 26.52
C ILE V 433 110.73 15.81 25.01
N GLN V 434 110.14 16.87 24.45
CA GLN V 434 110.26 17.18 23.03
C GLN V 434 110.44 18.69 22.90
N ILE V 435 111.68 19.12 22.72
CA ILE V 435 112.00 20.54 22.65
C ILE V 435 111.92 20.98 21.20
N ILE V 436 110.99 21.90 20.91
CA ILE V 436 110.88 22.48 19.58
C ILE V 436 111.92 23.58 19.44
N SER V 437 112.83 23.43 18.46
CA SER V 437 113.94 24.34 18.32
C SER V 437 113.48 25.79 18.17
N SER V 438 112.74 26.07 17.10
CA SER V 438 112.28 27.41 16.81
C SER V 438 110.82 27.35 16.43
N ALA V 439 110.00 28.17 17.09
CA ALA V 439 108.56 28.12 16.84
C ALA V 439 108.20 28.52 15.43
N ALA V 440 109.05 29.31 14.77
CA ALA V 440 108.74 29.71 13.40
C ALA V 440 108.75 28.53 12.44
N SER V 441 109.56 27.50 12.74
CA SER V 441 109.67 26.31 11.90
C SER V 441 109.58 25.10 12.82
N MET V 442 108.38 24.54 12.95
CA MET V 442 108.16 23.32 13.72
C MET V 442 107.45 22.32 12.81
N SER V 443 108.22 21.59 12.01
CA SER V 443 107.68 20.56 11.15
C SER V 443 108.03 19.16 11.63
N ASN V 444 108.85 19.05 12.67
CA ASN V 444 109.24 17.76 13.21
C ASN V 444 108.37 17.31 14.37
N THR V 445 107.40 18.13 14.78
CA THR V 445 106.53 17.74 15.89
C THR V 445 105.06 17.82 15.49
N TYR V 446 104.73 18.76 14.60
CA TYR V 446 103.37 18.90 14.11
C TYR V 446 103.31 18.57 12.63
N VAL V 447 102.14 18.14 12.18
CA VAL V 447 101.94 17.91 10.75
C VAL V 447 101.63 19.24 10.11
N VAL V 448 102.66 19.92 9.63
CA VAL V 448 102.51 21.29 9.14
C VAL V 448 103.17 21.41 7.77
N SER V 449 103.43 20.27 7.13
CA SER V 449 104.14 20.25 5.86
C SER V 449 103.35 20.95 4.76
N ALA V 450 103.97 21.08 3.57
CA ALA V 450 103.39 21.90 2.53
C ALA V 450 102.06 21.34 2.04
N GLY V 451 101.98 20.03 1.84
CA GLY V 451 100.76 19.43 1.33
C GLY V 451 99.58 19.59 2.27
N SER V 452 99.84 19.60 3.58
CA SER V 452 98.78 19.77 4.55
C SER V 452 98.11 21.13 4.39
N GLY V 453 96.89 21.23 4.89
CA GLY V 453 96.16 22.48 4.83
C GLY V 453 96.48 23.37 6.01
N PHE V 454 97.59 23.08 6.69
CA PHE V 454 97.97 23.80 7.90
C PHE V 454 99.31 24.50 7.75
N SER V 455 99.73 24.76 6.51
CA SER V 455 101.02 25.41 6.26
C SER V 455 101.11 26.74 7.01
N SER V 456 102.31 27.06 7.47
CA SER V 456 102.53 28.32 8.14
C SER V 456 102.22 29.49 7.22
N GLY V 457 101.67 30.55 7.78
CA GLY V 457 101.31 31.71 7.01
C GLY V 457 100.13 31.52 6.09
N SER V 458 99.45 30.38 6.16
CA SER V 458 98.27 30.12 5.33
C SER V 458 97.00 29.98 6.15
N GLY V 459 96.98 30.53 7.36
CA GLY V 459 95.86 30.31 8.25
C GLY V 459 95.84 28.89 8.76
N ASN V 460 95.07 28.64 9.82
CA ASN V 460 94.93 27.33 10.45
C ASN V 460 96.24 26.81 11.03
N SER V 461 97.30 27.62 11.01
CA SER V 461 98.60 27.14 11.49
C SER V 461 98.60 26.85 12.98
N GLN V 462 97.55 27.19 13.71
CA GLN V 462 97.48 26.93 15.14
C GLN V 462 96.54 25.78 15.46
N PHE V 463 96.13 25.00 14.46
CA PHE V 463 95.30 23.83 14.69
C PHE V 463 95.97 22.55 14.23
N ALA V 464 97.20 22.62 13.73
CA ALA V 464 97.85 21.44 13.18
C ALA V 464 97.97 20.35 14.23
N ALA V 465 97.91 19.10 13.76
CA ALA V 465 97.90 17.96 14.66
C ALA V 465 99.32 17.56 15.04
N LEU V 466 99.43 16.91 16.19
CA LEU V 466 100.72 16.45 16.67
C LEU V 466 101.14 15.21 15.90
N LYS V 467 102.44 14.94 15.88
CA LYS V 467 102.99 13.80 15.16
C LYS V 467 103.24 12.65 16.12
N THR V 468 102.70 11.48 15.78
CA THR V 468 102.73 10.35 16.70
C THR V 468 104.13 9.80 16.91
N THR V 469 105.10 10.15 16.08
CA THR V 469 106.47 9.71 16.33
C THR V 469 107.24 10.70 17.18
N ALA V 470 106.99 12.00 17.01
CA ALA V 470 107.63 13.00 17.84
C ALA V 470 107.23 12.82 19.30
N ALA V 471 105.94 12.98 19.58
CA ALA V 471 105.40 12.62 20.88
C ALA V 471 105.05 11.13 20.85
N ASN V 472 104.32 10.66 21.85
CA ASN V 472 103.88 9.27 21.90
C ASN V 472 102.37 9.19 22.03
N THR V 473 101.67 10.00 21.24
CA THR V 473 100.22 10.02 21.32
C THR V 473 99.64 8.71 20.81
N THR V 474 99.00 7.96 21.71
CA THR V 474 98.34 6.72 21.36
C THR V 474 96.84 6.91 21.45
N ASP V 475 96.12 6.06 20.73
CA ASP V 475 94.67 6.11 20.76
C ASP V 475 94.15 5.73 22.14
N GLU V 476 92.87 5.99 22.36
CA GLU V 476 92.22 5.66 23.61
C GLU V 476 91.17 4.59 23.39
N THR V 477 90.77 3.94 24.47
CA THR V 477 89.84 2.84 24.39
C THR V 477 88.51 3.33 23.83
N ALA V 478 87.87 2.47 23.04
CA ALA V 478 86.77 2.87 22.16
C ALA V 478 85.59 3.36 22.98
N GLY V 479 85.20 4.61 22.76
CA GLY V 479 83.94 5.13 23.25
C GLY V 479 83.83 5.22 24.76
N VAL V 480 82.65 4.86 25.27
CA VAL V 480 82.31 5.04 26.67
C VAL V 480 83.17 4.22 27.61
N THR V 481 84.06 3.38 27.08
CA THR V 481 84.89 2.52 27.91
C THR V 481 85.93 3.29 28.71
N THR V 482 85.95 4.61 28.66
CA THR V 482 86.84 5.42 29.48
C THR V 482 86.06 6.55 30.10
N LEU V 483 86.51 7.02 31.27
CA LEU V 483 85.72 7.97 32.04
C LEU V 483 85.53 9.26 31.27
N LYS V 484 86.62 9.98 30.98
CA LYS V 484 86.51 11.24 30.26
C LYS V 484 85.88 11.05 28.89
N GLY V 485 85.99 9.86 28.32
CA GLY V 485 85.29 9.58 27.08
C GLY V 485 83.81 9.31 27.30
N ALA V 486 83.45 8.78 28.47
CA ALA V 486 82.04 8.55 28.76
C ALA V 486 81.26 9.84 28.78
N MET V 487 81.82 10.88 29.41
CA MET V 487 81.14 12.16 29.43
C MET V 487 81.06 12.77 28.05
N ALA V 488 82.05 12.49 27.19
CA ALA V 488 81.97 12.97 25.82
C ALA V 488 80.76 12.39 25.10
N VAL V 489 80.48 11.11 25.31
CA VAL V 489 79.31 10.51 24.69
C VAL V 489 78.03 11.09 25.25
N MET V 490 78.08 11.62 26.48
CA MET V 490 76.88 12.17 27.08
C MET V 490 76.41 13.41 26.34
N ASP V 491 77.33 14.17 25.77
CA ASP V 491 76.93 15.31 24.93
C ASP V 491 76.43 14.84 23.57
N ILE V 492 77.21 13.97 22.92
CA ILE V 492 76.85 13.50 21.59
C ILE V 492 75.47 12.86 21.60
N ALA V 493 75.04 12.35 22.76
CA ALA V 493 73.66 11.90 22.89
C ALA V 493 72.72 13.07 23.14
N GLU V 494 73.11 13.99 24.03
CA GLU V 494 72.30 15.18 24.26
C GLU V 494 72.14 15.99 22.98
N THR V 495 73.13 15.93 22.09
CA THR V 495 72.99 16.59 20.79
C THR V 495 72.13 15.76 19.86
N ALA V 496 72.32 14.45 19.83
CA ALA V 496 71.53 13.59 18.95
C ALA V 496 70.05 13.77 19.20
N ILE V 497 69.65 13.86 20.46
CA ILE V 497 68.23 14.03 20.77
C ILE V 497 67.70 15.30 20.14
N THR V 498 68.48 16.38 20.22
CA THR V 498 68.05 17.65 19.64
C THR V 498 67.90 17.54 18.13
N ASN V 499 68.87 16.90 17.47
CA ASN V 499 68.84 16.81 16.02
C ASN V 499 67.61 16.06 15.53
N LEU V 500 67.14 15.09 16.31
CA LEU V 500 65.95 14.35 15.90
C LEU V 500 64.69 15.15 16.15
N ASP V 501 64.62 15.85 17.28
CA ASP V 501 63.47 16.71 17.54
C ASP V 501 63.32 17.76 16.46
N GLN V 502 64.40 18.49 16.17
CA GLN V 502 64.36 19.48 15.10
C GLN V 502 63.93 18.86 13.78
N ILE V 503 64.25 17.59 13.56
CA ILE V 503 63.78 16.90 12.37
C ILE V 503 62.33 16.47 12.54
N ARG V 504 62.02 15.81 13.65
CA ARG V 504 60.66 15.31 13.86
C ARG V 504 59.66 16.44 13.94
N ALA V 505 60.10 17.63 14.37
CA ALA V 505 59.18 18.76 14.39
C ALA V 505 58.96 19.33 12.99
N ASP V 506 59.81 18.94 12.03
CA ASP V 506 59.59 19.37 10.66
C ASP V 506 58.53 18.52 9.98
N ILE V 507 58.49 17.22 10.29
CA ILE V 507 57.42 16.38 9.81
C ILE V 507 56.08 16.87 10.35
N ALA V 508 56.05 17.21 11.63
CA ALA V 508 54.81 17.68 12.23
C ALA V 508 54.34 18.97 11.60
N SER V 509 55.26 19.87 11.26
CA SER V 509 54.87 21.13 10.67
C SER V 509 54.23 20.93 9.30
N ILE V 510 54.72 19.96 8.53
CA ILE V 510 54.10 19.67 7.25
C ILE V 510 52.74 19.01 7.46
N GLN V 511 52.63 18.15 8.48
CA GLN V 511 51.40 17.41 8.69
C GLN V 511 50.25 18.34 9.04
N ASN V 512 50.49 19.29 9.94
CA ASN V 512 49.43 20.25 10.27
C ASN V 512 49.06 21.11 9.10
N GLN V 513 49.96 21.28 8.13
CA GLN V 513 49.62 22.03 6.94
C GLN V 513 48.69 21.24 6.04
N VAL V 514 49.05 19.99 5.75
CA VAL V 514 48.23 19.16 4.87
C VAL V 514 46.81 19.05 5.42
N THR V 515 46.69 18.73 6.70
CA THR V 515 45.38 18.57 7.32
C THR V 515 44.50 19.80 7.09
N SER V 516 45.11 20.98 7.13
CA SER V 516 44.34 22.21 6.90
C SER V 516 43.83 22.27 5.47
N THR V 517 44.64 21.83 4.50
CA THR V 517 44.19 21.84 3.12
C THR V 517 43.02 20.87 2.92
N ILE V 518 43.16 19.65 3.45
CA ILE V 518 42.13 18.63 3.25
C ILE V 518 40.80 19.10 3.81
N ASN V 519 40.83 19.80 4.95
CA ASN V 519 39.59 20.33 5.50
C ASN V 519 39.03 21.43 4.61
N ASN V 520 39.86 22.02 3.76
CA ASN V 520 39.37 23.06 2.86
C ASN V 520 38.88 22.47 1.54
N ILE V 521 39.63 21.53 0.98
CA ILE V 521 39.23 20.91 -0.28
C ILE V 521 37.92 20.14 -0.09
N THR V 522 37.82 19.38 0.99
CA THR V 522 36.60 18.61 1.25
C THR V 522 35.38 19.52 1.27
N VAL V 523 35.55 20.76 1.72
CA VAL V 523 34.45 21.71 1.69
C VAL V 523 34.31 22.31 0.30
N THR V 524 35.41 22.79 -0.26
CA THR V 524 35.37 23.42 -1.58
C THR V 524 34.83 22.47 -2.64
N GLN V 525 35.05 21.17 -2.48
CA GLN V 525 34.55 20.23 -3.47
C GLN V 525 33.03 20.20 -3.48
N VAL V 526 32.40 20.24 -2.30
CA VAL V 526 30.95 20.18 -2.23
C VAL V 526 30.33 21.39 -2.91
N ASN V 527 30.82 22.58 -2.58
CA ASN V 527 30.27 23.79 -3.17
C ASN V 527 30.45 23.80 -4.69
N VAL V 528 31.48 23.14 -5.19
CA VAL V 528 31.63 23.00 -6.63
C VAL V 528 30.66 21.96 -7.16
N LYS V 529 30.61 20.80 -6.50
CA LYS V 529 29.71 19.74 -6.94
C LYS V 529 28.25 20.17 -6.89
N ALA V 530 27.94 21.20 -6.11
CA ALA V 530 26.58 21.72 -6.09
C ALA V 530 26.38 22.78 -7.16
N ALA V 531 27.36 23.66 -7.32
CA ALA V 531 27.27 24.69 -8.35
C ALA V 531 27.23 24.08 -9.74
N GLU V 532 27.88 22.94 -9.93
CA GLU V 532 27.73 22.21 -11.19
C GLU V 532 26.34 21.63 -11.33
N SER V 533 25.78 21.12 -10.24
CA SER V 533 24.44 20.56 -10.29
C SER V 533 23.40 21.57 -10.69
N GLN V 534 23.60 22.83 -10.32
CA GLN V 534 22.62 23.86 -10.65
C GLN V 534 22.53 24.08 -12.15
N ILE V 535 23.60 23.83 -12.88
CA ILE V 535 23.63 24.12 -14.30
C ILE V 535 23.24 22.92 -15.14
N ARG V 536 23.52 21.70 -14.66
CA ARG V 536 23.39 20.51 -15.47
C ARG V 536 22.13 19.71 -15.17
N ASP V 537 21.85 19.43 -13.90
CA ASP V 537 20.74 18.54 -13.61
C ASP V 537 19.40 19.26 -13.69
N VAL V 538 18.36 18.48 -13.92
CA VAL V 538 17.00 18.98 -14.05
C VAL V 538 16.26 18.71 -12.76
N ASP V 539 15.31 19.57 -12.44
CA ASP V 539 14.49 19.44 -11.24
C ASP V 539 13.14 18.84 -11.61
N PHE V 540 12.86 17.65 -11.07
CA PHE V 540 11.64 16.94 -11.44
C PHE V 540 10.39 17.68 -11.03
N ALA V 541 10.50 18.72 -10.20
CA ALA V 541 9.35 19.57 -9.93
C ALA V 541 8.86 20.23 -11.20
N SER V 542 9.70 21.08 -11.80
CA SER V 542 9.32 21.78 -13.02
C SER V 542 9.39 20.90 -14.24
N GLU V 543 10.02 19.73 -14.14
CA GLU V 543 10.12 18.86 -15.30
C GLU V 543 8.84 18.05 -15.48
N SER V 544 8.37 17.42 -14.41
CA SER V 544 7.12 16.68 -14.52
C SER V 544 5.93 17.59 -14.76
N ALA V 545 6.10 18.90 -14.63
CA ALA V 545 5.05 19.83 -15.01
C ALA V 545 5.04 20.04 -16.52
N ASN V 546 6.22 20.22 -17.11
CA ASN V 546 6.30 20.37 -18.56
C ASN V 546 5.80 19.13 -19.27
N TYR V 547 6.20 17.95 -18.79
CA TYR V 547 5.80 16.71 -19.44
C TYR V 547 4.29 16.53 -19.37
N SER V 548 3.74 16.50 -18.15
CA SER V 548 2.31 16.29 -17.99
C SER V 548 1.50 17.32 -18.76
N LYS V 549 2.01 18.55 -18.83
CA LYS V 549 1.32 19.58 -19.60
C LYS V 549 1.40 19.28 -21.09
N ALA V 550 2.61 19.06 -21.60
CA ALA V 550 2.77 18.76 -23.02
C ALA V 550 2.14 17.43 -23.39
N ASN V 551 1.88 16.56 -22.42
CA ASN V 551 1.24 15.29 -22.74
C ASN V 551 -0.25 15.49 -22.97
N ILE V 552 -0.85 16.50 -22.32
CA ILE V 552 -2.25 16.79 -22.56
C ILE V 552 -2.43 17.48 -23.90
N LEU V 553 -1.53 18.40 -24.23
CA LEU V 553 -1.57 19.03 -25.55
C LEU V 553 -1.50 18.00 -26.66
N ALA V 554 -0.76 16.91 -26.45
CA ALA V 554 -0.70 15.86 -27.46
C ALA V 554 -2.06 15.23 -27.69
N GLN V 555 -2.83 15.03 -26.62
CA GLN V 555 -4.17 14.49 -26.77
C GLN V 555 -5.09 15.50 -27.45
N SER V 556 -5.06 16.75 -26.98
CA SER V 556 -5.85 17.80 -27.62
C SER V 556 -5.41 18.01 -29.06
N GLY V 557 -4.10 18.03 -29.30
CA GLY V 557 -3.62 18.21 -30.66
C GLY V 557 -4.01 17.06 -31.57
N SER V 558 -4.05 15.84 -31.03
CA SER V 558 -4.44 14.70 -31.84
C SER V 558 -5.94 14.71 -32.13
N TYR V 559 -6.72 15.35 -31.27
CA TYR V 559 -8.15 15.44 -31.52
C TYR V 559 -8.46 16.46 -32.61
N ALA V 560 -7.63 17.50 -32.74
CA ALA V 560 -7.85 18.47 -33.79
C ALA V 560 -7.55 17.88 -35.16
N MET V 561 -6.50 17.07 -35.26
CA MET V 561 -6.18 16.44 -36.54
C MET V 561 -7.28 15.47 -36.95
N ALA V 562 -7.82 14.72 -36.00
CA ALA V 562 -8.89 13.80 -36.32
C ALA V 562 -10.12 14.54 -36.81
N GLN V 563 -10.41 15.70 -36.22
CA GLN V 563 -11.55 16.49 -36.68
C GLN V 563 -11.22 17.23 -37.96
N ALA V 564 -9.96 17.56 -38.19
CA ALA V 564 -9.59 18.28 -39.41
C ALA V 564 -9.84 17.44 -40.65
N ASN V 565 -9.47 16.15 -40.60
CA ASN V 565 -9.68 15.28 -41.74
C ASN V 565 -11.15 15.07 -42.02
N SER V 566 -11.95 14.92 -40.97
CA SER V 566 -13.37 14.70 -41.10
C SER V 566 -14.15 15.99 -41.36
N SER V 567 -13.48 17.09 -41.64
CA SER V 567 -14.18 18.36 -41.81
C SER V 567 -14.71 18.55 -43.22
N GLN V 568 -14.42 17.64 -44.14
CA GLN V 568 -14.87 17.76 -45.51
C GLN V 568 -15.95 16.77 -45.87
N GLN V 569 -16.41 15.96 -44.92
CA GLN V 569 -17.49 15.03 -45.21
C GLN V 569 -18.75 15.74 -45.68
N ASN V 570 -18.97 16.98 -45.24
CA ASN V 570 -20.19 17.68 -45.60
C ASN V 570 -20.27 18.01 -47.09
N VAL V 571 -19.17 17.92 -47.82
CA VAL V 571 -19.24 18.18 -49.25
C VAL V 571 -20.05 17.09 -49.94
N LEU V 572 -19.98 15.86 -49.44
CA LEU V 572 -20.71 14.77 -50.07
C LEU V 572 -22.21 14.99 -50.09
N ARG V 573 -22.73 15.82 -49.19
CA ARG V 573 -24.17 16.07 -49.20
C ARG V 573 -24.58 16.89 -50.41
N LEU V 574 -23.67 17.68 -50.96
CA LEU V 574 -23.98 18.40 -52.19
C LEU V 574 -24.11 17.45 -53.37
N LEU V 575 -23.20 16.49 -53.47
CA LEU V 575 -23.10 15.69 -54.68
C LEU V 575 -24.26 14.74 -54.82
N GLN V 576 -24.61 14.03 -53.76
CA GLN V 576 -25.69 13.04 -53.82
C GLN V 576 -27.01 13.67 -54.23
C9 P8E W . 59.38 43.95 -30.86
C8 P8E W . 59.33 44.07 -29.34
C7 P8E W . 60.74 43.94 -28.78
C6 P8E W . 60.73 44.32 -27.32
C5 P8E W . 61.72 45.47 -27.13
C4 P8E W . 61.74 45.87 -25.70
C3 P8E W . 60.43 46.36 -25.29
C2 P8E W . 59.32 45.36 -25.57
C1 P8E W . 58.02 46.14 -25.50
N5 P8E W . 61.27 46.62 -27.95
N7 P8E W . 61.18 42.56 -28.91
O6 P8E W . 59.40 44.74 -26.93
O1A P8E W . 57.23 45.97 -24.53
O1B P8E W . 57.74 46.95 -26.42
O4 P8E W . 62.73 46.94 -25.53
O8 P8E W . 58.82 45.33 -28.99
C9 P8E X . 73.88 43.34 -17.79
C8 P8E X . 73.74 42.68 -16.43
C7 P8E X . 73.21 43.70 -15.42
C6 P8E X . 71.80 43.35 -15.03
C5 P8E X . 71.36 44.27 -13.92
C4 P8E X . 69.94 44.05 -13.55
C3 P8E X . 69.05 44.18 -14.71
C2 P8E X . 69.50 43.36 -15.90
C1 P8E X . 68.72 43.87 -17.11
N5 P8E X . 71.51 45.68 -14.37
N7 P8E X . 74.06 43.70 -14.23
O6 P8E X . 70.96 43.50 -16.21
O1A P8E X . 69.31 44.05 -18.20
O1B P8E X . 67.50 44.11 -17.02
O4 P8E X . 69.56 45.08 -12.58
O8 P8E X . 72.83 41.61 -16.54
C9 P8E Y . 82.01 38.17 -23.73
C8 P8E Y . 81.79 37.53 -22.37
C7 P8E Y . 81.00 38.47 -21.47
C6 P8E Y . 80.41 37.70 -20.32
C5 P8E Y . 79.58 38.64 -19.47
C4 P8E Y . 78.87 37.95 -18.35
C3 P8E Y . 78.92 36.49 -18.43
C2 P8E Y . 78.74 35.96 -19.85
C1 P8E Y . 77.29 36.15 -20.27
N5 P8E Y . 78.56 39.27 -20.36
N7 P8E Y . 81.88 39.51 -20.95
O6 P8E Y . 79.61 36.61 -20.87
O1A P8E Y . 76.37 36.00 -19.43
O1B P8E Y . 77.02 36.47 -21.45
O4 P8E Y . 77.47 38.39 -18.34
O8 P8E Y . 81.08 36.33 -22.53
C9 P8E Z . 97.20 30.87 -23.55
C8 P8E Z . 95.99 30.97 -24.48
C7 P8E Z . 96.09 29.89 -25.56
C6 P8E Z . 94.69 29.47 -25.95
C5 P8E Z . 94.67 29.08 -27.43
C4 P8E Z . 93.31 28.65 -27.88
C3 P8E Z . 92.39 28.32 -26.79
C2 P8E Z . 93.07 27.63 -25.61
C1 P8E Z . 93.47 26.21 -26.00
N5 P8E Z . 95.61 27.96 -27.66
N7 P8E Z . 96.79 30.44 -26.72
O6 P8E Z . 94.29 28.35 -25.10
O1A P8E Z . 94.42 25.64 -25.41
O1B P8E Z . 92.85 25.60 -26.91
O4 P8E Z . 93.46 27.48 -28.74
O8 P8E Z . 94.82 30.80 -23.75
C9 P8E AA . 98.31 22.64 -15.47
C8 P8E AA . 99.32 23.63 -16.04
C7 P8E AA . 99.32 23.52 -17.56
C6 P8E AA . 98.30 24.47 -18.12
C5 P8E AA . 98.71 24.88 -19.53
C4 P8E AA . 97.74 25.83 -20.15
C3 P8E AA . 96.44 25.89 -19.48
C2 P8E AA . 95.97 24.54 -18.95
C1 P8E AA . 95.60 23.65 -20.14
N5 P8E AA . 98.77 23.66 -20.37
N7 P8E AA . 100.64 23.90 -18.05
O6 P8E AA . 96.99 23.82 -18.12
O1A P8E AA . 95.77 22.41 -20.07
O1B P8E AA . 95.14 24.19 -21.18
O4 P8E AA . 97.53 25.44 -21.55
O8 P8E AA . 98.95 24.93 -15.67
C9 P8E BA . 98.89 30.81 -19.68
C8 P8E BA . 98.18 30.77 -18.33
C7 P8E BA . 98.75 29.62 -17.50
C6 P8E BA . 98.37 29.77 -16.04
C5 P8E BA . 99.63 30.12 -15.25
C4 P8E BA . 99.35 30.42 -13.80
C3 P8E BA . 97.95 30.67 -13.51
C2 P8E BA . 97.22 31.43 -14.60
C1 P8E BA . 97.82 32.83 -14.73
N5 P8E BA . 100.28 31.31 -15.86
N7 P8E BA . 98.21 28.36 -17.99
O6 P8E BA . 97.32 30.77 -15.95
O1A P8E BA . 98.15 33.49 -13.71
O1B P8E BA . 98.00 33.33 -15.88
O4 P8E BA . 100.14 31.59 -13.41
O8 P8E BA . 98.38 31.98 -17.66
C9 P8E CA . 96.92 36.38 -7.07
C8 P8E CA . 96.69 35.03 -6.41
C7 P8E CA . 95.74 35.18 -5.23
C6 P8E CA . 95.15 33.83 -4.92
C5 P8E CA . 94.90 33.72 -3.42
C4 P8E CA . 94.39 32.35 -3.11
C3 P8E CA . 93.14 32.09 -3.81
C2 P8E CA . 93.18 32.40 -5.30
C1 P8E CA . 91.71 32.57 -5.72
N5 P8E CA . 93.87 34.72 -3.03
N7 P8E CA . 96.48 35.68 -4.09
O6 P8E CA . 93.93 33.65 -5.66
O1A P8E CA . 90.82 32.49 -4.83
O1B P8E CA . 91.40 32.82 -6.91
O4 P8E CA . 94.14 32.26 -1.67
O8 P8E CA . 96.10 34.16 -7.35
C9 P8E DA . 99.80 27.01 -10.39
C8 P8E DA . 99.86 25.49 -10.47
C7 P8E DA . 100.99 24.97 -9.59
C6 P8E DA . 100.42 23.88 -8.70
C5 P8E DA . 101.55 23.27 -7.89
C4 P8E DA . 101.06 22.61 -6.63
C3 P8E DA . 99.63 22.28 -6.66
C2 P8E DA . 98.74 23.48 -6.96
C1 P8E DA . 98.43 24.16 -5.64
N5 P8E DA . 102.51 24.33 -7.51
N7 P8E DA . 102.05 24.43 -10.41
O6 P8E DA . 99.40 24.47 -7.86
O1A P8E DA . 97.94 23.51 -4.69
O1B P8E DA . 98.67 25.39 -5.50
O4 P8E DA . 101.32 23.50 -5.51
O8 P8E DA . 98.64 24.97 -10.03
C9 P8E EA . 94.81 20.00 -17.88
C8 P8E EA . 93.91 19.19 -16.97
C7 P8E EA . 94.64 17.93 -16.53
C6 P8E EA . 93.74 17.18 -15.58
C5 P8E EA . 94.19 15.73 -15.50
C4 P8E EA . 93.42 14.98 -14.48
C3 P8E EA . 93.53 15.61 -13.17
C2 P8E EA . 93.11 17.06 -13.19
C1 P8E EA . 93.52 17.67 -11.86
N5 P8E EA . 95.63 15.71 -15.13
N7 P8E EA . 94.93 17.11 -17.69
O6 P8E EA . 93.78 17.84 -14.28
O1A P8E EA . 94.74 17.88 -11.64
O1B P8E EA . 92.67 17.94 -10.98
O4 P8E EA . 93.97 13.62 -14.40
O8 P8E EA . 93.59 19.94 -15.83
C9 P8E FA . 91.86 16.31 -19.69
C8 P8E FA . 91.05 17.53 -20.11
C7 P8E FA . 90.29 17.22 -21.40
C6 P8E FA . 88.82 17.15 -21.12
C5 P8E FA . 88.13 16.55 -22.34
C4 P8E FA . 86.69 16.27 -22.08
C3 P8E FA . 86.51 15.42 -20.90
C2 P8E FA . 87.18 16.00 -19.67
C1 P8E FA . 87.17 14.91 -18.61
N5 P8E FA . 88.83 15.29 -22.69
N7 P8E FA . 90.55 18.26 -22.38
O6 P8E FA . 88.61 16.36 -19.92
O1A P8E FA . 88.22 14.64 -17.97
O1B P8E FA . 86.12 14.26 -18.39
O4 P8E FA . 86.14 15.58 -23.24
O8 P8E FA . 90.14 17.85 -19.09
C9 P8E GA . 90.44 35.00 -26.56
C8 P8E GA . 88.96 34.71 -26.81
C7 P8E GA . 88.81 34.05 -28.18
C6 P8E GA . 87.63 33.12 -28.15
C5 P8E GA . 87.31 32.67 -29.57
C4 P8E GA . 86.26 31.61 -29.60
C3 P8E GA . 86.56 30.49 -28.71
C2 P8E GA . 86.89 30.95 -27.30
C1 P8E GA . 87.36 29.75 -26.49
N5 P8E GA . 88.55 32.13 -30.18
N7 P8E GA . 88.60 35.07 -29.20
O6 P8E GA . 87.95 31.99 -27.29
O1A P8E GA . 87.95 29.93 -25.40
O1B P8E GA . 87.18 28.58 -26.93
O4 P8E GA . 86.15 31.10 -30.96
O8 P8E GA . 88.48 33.86 -25.82
C9 P8E HA . 85.50 31.84 -37.78
C8 P8E HA . 84.59 32.25 -36.63
C7 P8E HA . 85.40 33.02 -35.59
C6 P8E HA . 84.50 33.84 -34.70
C5 P8E HA . 84.45 35.29 -35.15
C4 P8E HA . 83.58 36.13 -34.28
C3 P8E HA . 82.65 35.37 -33.45
C2 P8E HA . 82.13 34.09 -34.11
C1 P8E HA . 81.14 34.45 -35.21
N5 P8E HA . 83.89 35.36 -36.54
N7 P8E HA . 86.11 32.06 -34.77
O6 P8E HA . 83.18 33.21 -34.70
O1A P8E HA . 79.91 34.56 -34.96
O1B P8E HA . 81.56 34.63 -36.39
O4 P8E HA . 82.80 37.05 -35.13
O8 P8E HA . 83.56 33.05 -37.14
C9 P8E IA . 80.35 24.01 -38.57
C8 P8E IA . 80.46 24.61 -37.18
C7 P8E IA . 81.70 25.49 -37.10
C6 P8E IA . 81.79 26.07 -35.72
C5 P8E IA . 83.22 26.47 -35.45
C4 P8E IA . 83.35 27.10 -34.10
C3 P8E IA . 82.46 28.25 -33.97
C2 P8E IA . 81.02 27.93 -34.32
C1 P8E IA . 80.27 29.24 -34.44
N5 P8E IA . 83.63 27.45 -36.48
N7 P8E IA . 82.88 24.69 -37.39
O6 P8E IA . 80.90 27.21 -35.63
O1A P8E IA . 80.10 29.96 -33.42
O1B P8E IA . 79.81 29.61 -35.56
O4 P8E IA . 84.73 27.56 -33.93
O8 P8E IA . 79.33 25.39 -36.91
C9 P8E JA . 77.23 21.14 -42.76
C8 P8E JA . 76.47 22.21 -41.97
C7 P8E JA . 75.09 21.67 -41.64
C6 P8E JA . 74.35 22.71 -40.82
C5 P8E JA . 72.88 22.34 -40.82
C4 P8E JA . 72.11 23.19 -39.87
C3 P8E JA . 72.66 23.11 -38.52
C2 P8E JA . 74.12 23.48 -38.49
C1 P8E JA . 74.65 23.13 -37.10
N5 P8E JA . 72.74 20.92 -40.41
N7 P8E JA . 74.36 21.42 -42.88
O6 P8E JA . 74.92 22.71 -39.49
O1A P8E JA . 75.84 22.72 -36.97
O1B P8E JA . 73.91 23.23 -36.10
O4 P8E JA . 70.72 22.72 -39.84
O8 P8E JA . 77.16 22.48 -40.78
C9 P8E KA . 77.39 32.48 -39.49
C8 P8E KA . 75.96 33.01 -39.47
C7 P8E KA . 75.91 34.33 -40.23
C6 P8E KA . 74.49 34.86 -40.18
C5 P8E KA . 74.13 35.40 -41.55
C4 P8E KA . 72.73 35.91 -41.61
C3 P8E KA . 71.91 35.52 -40.46
C2 P8E KA . 72.16 34.09 -39.99
C1 P8E KA . 71.62 33.15 -41.06
N5 P8E KA . 74.27 34.29 -42.54
N7 P8E KA . 76.81 35.30 -39.62
O6 P8E KA . 73.60 33.79 -39.77
O1A P8E KA . 72.41 32.40 -41.68
O1B P8E KA . 70.39 33.14 -41.34
O4 P8E KA . 72.09 35.42 -42.85
O8 P8E KA . 75.11 32.10 -40.08
C9 P8E LA . 75.15 38.03 -28.08
C8 P8E LA . 74.60 37.14 -29.18
C7 P8E LA . 73.59 36.16 -28.57
C6 P8E LA . 72.18 36.38 -29.07
C5 P8E LA . 71.44 37.52 -28.37
C4 P8E LA . 70.02 37.58 -28.82
C3 P8E LA . 69.69 36.67 -29.91
C2 P8E LA . 70.75 36.60 -31.01
C1 P8E LA . 70.55 37.77 -31.96
N5 P8E LA . 72.03 38.84 -28.73
N7 P8E LA . 73.98 34.82 -28.96
O6 P8E LA . 72.16 36.61 -30.50
O1A P8E LA . 70.78 38.94 -31.55
O1B P8E LA . 70.17 37.57 -33.14
O4 P8E LA . 69.76 38.95 -29.25
O8 P8E LA . 73.98 37.91 -30.16
C9 P8E MA . 84.62 16.57 -28.46
C8 P8E MA . 83.30 17.26 -28.14
C7 P8E MA . 82.87 18.09 -29.35
C6 P8E MA . 81.56 18.79 -29.02
C5 P8E MA . 81.05 19.50 -30.25
C4 P8E MA . 79.56 19.59 -30.24
C3 P8E MA . 78.94 18.27 -30.30
C2 P8E MA . 79.58 17.27 -29.37
C1 P8E MA . 80.21 16.15 -30.21
N5 P8E MA . 81.48 18.77 -31.47
N7 P8E MA . 83.88 19.09 -29.64
O6 P8E MA . 80.63 17.83 -28.45
O1A P8E MA . 81.09 15.41 -29.72
O1B P8E MA . 79.82 15.97 -31.39
O4 P8E MA . 79.13 20.36 -31.42
O8 P8E MA . 82.31 16.30 -27.89
C9 P8E NA . -1.91 77.93 19.47
C8 P8E NA . -1.80 77.13 20.76
C7 P8E NA . -0.63 77.66 21.59
C6 P8E NA . -0.77 77.19 23.01
C5 P8E NA . -1.08 78.39 23.90
C4 P8E NA . -1.21 77.95 25.32
C3 P8E NA . -2.29 76.98 25.45
C2 P8E NA . -2.16 75.80 24.50
C1 P8E NA . -3.50 75.11 24.45
N5 P8E NA . -2.37 78.98 23.47
N7 P8E NA . 0.61 77.14 21.04
O6 P8E NA . -1.83 76.20 23.09
O1A P8E NA . -3.70 74.04 25.08
O1B P8E NA . -4.42 75.62 23.77
O4 P8E NA . -1.51 79.11 26.14
O8 P8E NA . -2.98 77.27 21.50
C9 P8E OA . 9.66 80.50 34.34
C8 P8E OA . 10.28 79.71 35.49
C7 P8E OA . 9.19 79.36 36.50
C6 P8E OA . 8.71 77.95 36.25
C5 P8E OA . 7.99 77.44 37.48
C4 P8E OA . 7.45 76.08 37.24
C3 P8E OA . 6.56 76.05 36.09
C2 P8E OA . 7.21 76.63 34.84
C1 P8E OA . 6.12 76.85 33.81
N5 P8E OA . 6.87 78.36 37.80
N7 P8E OA . 9.73 79.46 37.85
O6 P8E OA . 7.83 77.96 35.10
O1A P8E OA . 5.91 78.00 33.34
O1B P8E OA . 5.40 75.89 33.41
O4 P8E OA . 6.68 75.67 38.43
O8 P8E OA . 10.84 78.53 34.98
C9 P8E PA . 17.12 87.92 30.24
C8 P8E PA . 17.79 87.03 31.28
C7 P8E PA . 16.73 86.21 31.99
C6 P8E PA . 17.33 84.89 32.41
C5 P8E PA . 16.34 84.13 33.26
C4 P8E PA . 16.85 82.80 33.70
C3 P8E PA . 18.05 82.35 32.97
C2 P8E PA . 18.03 82.71 31.49
C1 P8E PA . 17.00 81.83 30.79
N5 P8E PA . 15.09 83.93 32.48
N7 P8E PA . 16.26 86.92 33.18
O6 P8E PA . 17.69 84.14 31.21
O1A P8E PA . 16.98 80.59 31.03
O1B P8E PA . 16.18 82.34 30.00
O4 P8E PA . 15.79 81.80 33.51
O8 P8E PA . 18.69 86.18 30.65
C9 P8E QA . 31.49 95.90 32.71
C8 P8E QA . 30.73 95.42 31.48
C7 P8E QA . 31.60 95.57 30.24
C6 P8E QA . 31.13 94.58 29.18
C5 P8E QA . 31.15 95.24 27.80
C4 P8E QA . 30.64 94.31 26.74
C3 P8E QA . 30.64 92.90 27.13
C2 P8E QA . 31.81 92.51 28.03
C1 P8E QA . 33.09 92.52 27.21
N5 P8E QA . 32.55 95.60 27.45
N7 P8E QA . 31.48 96.94 29.75
O6 P8E QA . 31.99 93.40 29.22
O1A P8E QA . 34.19 92.76 27.77
O1B P8E QA . 33.06 92.30 25.97
O4 P8E QA . 31.48 94.47 25.55
O8 P8E QA . 30.37 94.08 31.64
C9 P8E RA . 40.67 88.82 35.87
C8 P8E RA . 40.33 90.27 36.17
C7 P8E RA . 40.17 91.02 34.85
C6 P8E RA . 38.71 90.94 34.43
C5 P8E RA . 38.35 92.18 33.63
C4 P8E RA . 36.92 92.16 33.20
C3 P8E RA . 36.29 90.85 33.29
C2 P8E RA . 37.20 89.70 32.93
C1 P8E RA . 37.46 89.73 31.43
N5 P8E RA . 39.20 92.23 32.41
N7 P8E RA . 40.55 92.41 35.05
O6 P8E RA . 38.52 89.72 33.65
O1A P8E RA . 38.51 89.20 30.97
O1B P8E RA . 36.64 90.27 30.65
O4 P8E RA . 36.85 92.62 31.80
O8 P8E RA . 39.13 90.32 36.88
C9 P8E SA . 32.97 94.53 36.12
C8 P8E SA . 33.22 93.36 37.06
C7 P8E SA . 34.69 93.34 37.46
C6 P8E SA . 34.89 92.42 38.64
C5 P8E SA . 35.19 93.27 39.88
C4 P8E SA . 35.32 92.46 41.14
C3 P8E SA . 34.73 91.12 41.05
C2 P8E SA . 33.49 91.04 40.18
C1 P8E SA . 32.35 91.83 40.82
N5 P8E SA . 34.10 94.27 40.06
N7 P8E SA . 35.48 92.84 36.34
O6 P8E SA . 33.70 91.58 38.79
O1A P8E SA . 32.34 92.02 42.06
O1B P8E SA . 31.43 92.30 40.10
O4 P8E SA . 34.65 93.19 42.23
O8 P8E SA . 32.43 93.50 38.20
C9 P8E TA . 30.81 89.14 48.58
C8 P8E TA . 31.73 88.00 48.15
C7 P8E TA . 31.35 86.72 48.90
C6 P8E TA . 32.06 85.56 48.26
C5 P8E TA . 32.31 84.49 49.30
C4 P8E TA . 33.03 83.35 48.68
C3 P8E TA . 32.28 82.77 47.58
C2 P8E TA . 31.77 83.78 46.57
C1 P8E TA . 30.63 83.09 45.83
N5 P8E TA . 31.00 84.00 49.80
N7 P8E TA . 31.76 86.85 50.29
O6 P8E TA . 31.24 85.05 47.17
O1A P8E TA . 30.30 81.93 46.17
O1B P8E TA . 30.03 83.67 44.88
O4 P8E TA . 33.24 82.31 49.70
O8 P8E TA . 31.59 87.78 46.78
C9 P8E UA . 38.87 88.44 42.65
C8 P8E UA . 40.19 88.67 41.93
C7 P8E UA . 41.36 88.48 42.91
C6 P8E UA . 42.03 87.18 42.61
C5 P8E UA . 43.27 87.09 43.47
C4 P8E UA . 43.93 85.74 43.48
C3 P8E UA . 43.15 84.70 42.81
C2 P8E UA . 41.65 84.76 43.09
C1 P8E UA . 41.40 84.37 44.52
N5 P8E UA . 42.93 87.46 44.86
N7 P8E UA . 42.31 89.57 42.73
O6 P8E UA . 41.06 86.12 42.88
O1A P8E UA . 42.03 83.39 45.03
O1B P8E UA . 40.59 85.01 45.22
O4 P8E UA . 44.16 85.35 44.88
O8 P8E UA . 40.32 87.75 40.89
C9 P8E VA . 40.10 86.43 31.16
C8 P8E VA . 40.41 84.98 31.45
C7 P8E VA . 41.92 84.80 31.50
C6 P8E VA . 42.23 83.32 31.51
C5 P8E VA . 43.62 83.11 30.97
C4 P8E VA . 44.00 81.67 31.04
C3 P8E VA . 43.91 81.15 32.41
C2 P8E VA . 42.57 81.43 33.08
C1 P8E VA . 42.79 81.24 34.57
N5 P8E VA . 44.58 83.88 31.81
N7 P8E VA . 42.52 85.42 30.34
O6 P8E VA . 42.09 82.83 32.88
O1A P8E VA . 43.55 82.03 35.18
O1B P8E VA . 42.23 80.30 35.19
O4 P8E VA . 45.39 81.53 30.59
O8 P8E VA . 39.87 84.61 32.69
C9 P8E WA . 41.15 83.72 27.22
C8 P8E WA . 39.68 84.00 26.98
C7 P8E WA . 39.37 83.81 25.49
C6 P8E WA . 38.51 82.58 25.31
C5 P8E WA . 38.20 82.44 23.83
C4 P8E WA . 37.54 81.13 23.52
C3 P8E WA . 38.31 80.00 24.02
C2 P8E WA . 38.66 80.11 25.49
C1 P8E WA . 39.76 79.09 25.76
N5 P8E WA . 39.46 82.54 23.06
N7 P8E WA . 38.65 84.98 24.98
O6 P8E WA . 39.26 81.44 25.84
O1A P8E WA . 40.65 79.32 26.61
O1B P8E WA . 39.77 78.00 25.12
O4 P8E WA . 37.41 81.01 22.08
O8 P8E WA . 38.90 83.12 27.74
C9 P8E XA . 23.88 94.75 29.14
C8 P8E XA . 23.38 93.52 28.41
C7 P8E XA . 23.78 93.61 26.94
C6 P8E XA . 23.70 92.23 26.33
C5 P8E XA . 23.78 92.39 24.82
C4 P8E XA . 23.87 91.06 24.16
C3 P8E XA . 25.06 90.35 24.60
C2 P8E XA . 25.11 90.19 26.11
C1 P8E XA . 26.53 89.78 26.48
N5 P8E XA . 25.01 93.15 24.50
N7 P8E XA . 22.87 94.51 26.25
O6 P8E XA . 24.80 91.45 26.86
O1A P8E XA . 26.92 89.92 27.67
O1B P8E XA . 27.30 89.32 25.60
O4 P8E XA . 23.94 91.24 22.71
O8 P8E XA . 23.96 92.38 28.97
C9 P8E YA . 22.04 95.20 17.27
C8 P8E YA . 20.86 94.59 18.01
C7 P8E YA . 20.85 95.11 19.44
C6 P8E YA . 19.98 94.23 20.31
C5 P8E YA . 18.61 94.86 20.49
C4 P8E YA . 17.72 94.06 21.39
C3 P8E YA . 18.12 92.66 21.53
C2 P8E YA . 18.78 92.07 20.28
C1 P8E YA . 17.74 91.87 19.19
N5 P8E YA . 17.93 94.97 19.16
N7 P8E YA . 22.21 95.10 19.96
O6 P8E YA . 19.90 92.90 19.72
O1A P8E YA . 17.00 90.84 19.19
O1B P8E YA . 17.60 92.75 18.30
O4 P8E YA . 16.35 94.11 20.86
O8 P8E YA . 19.67 94.95 17.37
C9 P8E ZA . 24.85 89.35 11.16
C8 P8E ZA . 24.83 88.81 12.59
C7 P8E ZA . 24.90 89.97 13.56
C6 P8E ZA . 24.63 89.45 14.95
C5 P8E ZA . 25.19 90.44 15.96
C4 P8E ZA . 24.92 89.97 17.34
C3 P8E ZA . 23.49 89.81 17.57
C2 P8E ZA . 22.80 88.97 16.52
C1 P8E ZA . 21.31 89.24 16.64
N5 P8E ZA . 24.51 91.74 15.75
N7 P8E ZA . 26.22 90.57 13.51
O6 P8E ZA . 23.20 89.30 15.11
O1A P8E ZA . 20.77 89.24 17.78
O1B P8E ZA . 20.62 89.48 15.62
O4 P8E ZA . 25.44 90.96 18.29
O8 P8E ZA . 23.65 88.09 12.81
C9 P8E AB . 24.74 86.03 5.87
C8 P8E AB . 23.30 86.47 6.08
C7 P8E AB . 22.38 85.36 5.59
C6 P8E AB . 21.45 84.92 6.69
C5 P8E AB . 20.76 83.65 6.25
C4 P8E AB . 19.85 83.13 7.31
C3 P8E AB . 20.57 82.91 8.56
C2 P8E AB . 21.37 84.11 9.01
C1 P8E AB . 22.30 83.67 10.13
N5 P8E AB . 21.80 82.63 5.99
N7 P8E AB . 21.59 85.86 4.48
O6 P8E AB . 22.21 84.70 7.91
O1A P8E AB . 23.36 84.29 10.36
O1B P8E AB . 22.00 82.66 10.83
O4 P8E AB . 19.27 81.87 6.86
O8 P8E AB . 23.09 86.70 7.45
C9 P8E BB . 16.25 90.73 12.68
C8 P8E BB . 14.94 90.45 13.40
C7 P8E BB . 13.78 91.07 12.61
C6 P8E BB . 12.57 90.17 12.72
C5 P8E BB . 11.45 90.79 11.89
C4 P8E BB . 10.21 89.95 11.89
C3 P8E BB . 10.43 88.60 12.38
C2 P8E BB . 11.75 87.98 11.94
C1 P8E BB . 11.70 87.75 10.44
N5 P8E BB . 11.92 90.92 10.48
N7 P8E BB . 13.46 92.37 13.18
O6 P8E BB . 12.93 88.85 12.25
O1A P8E BB . 12.56 88.29 9.70
O1B P8E BB . 10.79 87.03 9.95
O4 P8E BB . 9.69 89.90 10.52
O8 P8E BB . 14.75 89.07 13.49
C9 P8E CB . 12.29 85.55 24.53
C8 P8E CB . 12.54 85.31 23.05
C7 P8E CB . 12.85 83.82 22.83
C6 P8E CB . 11.80 83.12 22.01
C5 P8E CB . 10.56 82.71 22.79
C4 P8E CB . 9.64 81.87 21.96
C3 P8E CB . 10.03 81.82 20.54
C2 P8E CB . 10.48 83.15 19.97
C1 P8E CB . 9.23 83.99 19.74
N5 P8E CB . 9.76 83.91 23.17
N7 P8E CB . 14.11 83.74 22.10
O6 P8E CB . 11.43 83.91 20.84
O1A P8E CB . 8.80 84.70 20.68
O1B P8E CB . 8.65 83.97 18.64
O4 P8E CB . 8.30 82.43 22.07
O8 P8E CB . 11.39 85.67 22.32
C9 P8E DB . 34.57 83.64 18.27
C8 P8E DB . 33.36 82.72 18.10
C7 P8E DB . 32.32 83.44 17.25
C6 P8E DB . 31.04 82.62 17.24
C5 P8E DB . 30.06 83.27 16.29
C4 P8E DB . 29.17 82.25 15.65
C3 P8E DB . 29.92 81.33 14.82
C2 P8E DB . 31.16 80.76 15.52
C1 P8E DB . 32.39 81.15 14.71
N5 P8E DB . 30.80 83.97 15.21
N7 P8E DB . 32.05 84.75 17.82
O6 P8E DB . 31.34 81.23 16.94
O1A P8E DB . 33.51 81.19 15.27
O1B P8E DB . 32.29 81.43 13.48
O4 P8E DB . 28.19 82.95 14.80
O8 P8E DB . 33.76 81.55 17.46
C9 P8E EB . 54.09 -41.28 -42.10
C8 P8E EB . 54.60 -40.55 -40.87
C7 P8E EB . 55.21 -41.57 -39.90
C6 P8E EB . 56.00 -40.82 -38.85
C5 P8E EB . 57.46 -41.16 -39.01
C4 P8E EB . 58.26 -40.41 -38.01
C3 P8E EB . 58.17 -38.98 -38.26
C2 P8E EB . 56.74 -38.46 -38.37
C1 P8E EB . 56.80 -37.25 -39.28
N5 P8E EB . 57.89 -40.74 -40.38
N7 P8E EB . 54.15 -42.33 -39.26
O6 P8E EB . 55.75 -39.39 -39.00
O1A P8E EB . 56.72 -36.10 -38.80
O1B P8E EB . 56.92 -37.43 -40.52
O4 P8E EB . 59.66 -40.83 -38.09
O8 P8E EB . 55.59 -39.63 -41.24
C9 P8E FB . 65.43 -47.28 -28.01
C8 P8E FB . 65.94 -46.87 -26.64
C7 P8E FB . 66.84 -45.64 -26.78
C6 P8E FB . 66.02 -44.40 -26.48
C5 P8E FB . 66.96 -43.26 -26.12
C4 P8E FB . 66.20 -41.99 -25.91
C3 P8E FB . 65.40 -41.65 -27.08
C2 P8E FB . 64.51 -42.78 -27.53
C1 P8E FB . 63.96 -42.44 -28.92
N5 P8E FB . 67.93 -43.06 -27.22
N7 P8E FB . 67.95 -45.73 -25.83
O6 P8E FB . 65.23 -44.09 -27.66
O1A P8E FB . 63.38 -41.35 -29.13
O1B P8E FB . 64.10 -43.27 -29.86
O4 P8E FB . 67.17 -40.93 -25.67
O8 P8E FB . 64.86 -46.55 -25.82
C9 P8E GB . 65.35 -57.97 -28.93
C8 P8E GB . 65.56 -57.61 -27.46
C7 P8E GB . 65.80 -56.11 -27.33
C6 P8E GB . 65.33 -55.64 -25.99
C5 P8E GB . 65.65 -54.16 -25.85
C4 P8E GB . 65.15 -53.57 -24.58
C3 P8E GB . 64.18 -54.41 -23.86
C2 P8E GB . 63.23 -55.15 -24.79
C1 P8E GB . 62.29 -54.14 -25.43
N5 P8E GB . 65.01 -53.44 -26.99
N7 P8E GB . 67.23 -55.83 -27.46
O6 P8E GB . 63.91 -55.91 -25.88
O1A P8E GB . 61.80 -53.22 -24.74
O1B P8E GB . 62.00 -54.26 -26.66
O4 P8E GB . 64.54 -52.28 -24.89
O8 P8E GB . 64.42 -57.95 -26.74
C9 P8E HB . 69.58 -72.90 -22.03
C8 P8E HB . 68.55 -72.59 -23.11
C7 P8E HB . 67.40 -73.60 -23.02
C6 P8E HB . 66.11 -72.92 -23.40
C5 P8E HB . 65.31 -73.76 -24.40
C4 P8E HB . 64.10 -73.04 -24.87
C3 P8E HB . 63.68 -71.93 -24.00
C2 P8E HB . 63.93 -72.19 -22.51
C1 P8E HB . 62.94 -73.25 -22.03
N5 P8E HB . 64.87 -75.02 -23.74
N7 P8E HB . 67.69 -74.70 -23.94
O6 P8E HB . 65.33 -72.65 -22.21
O1A P8E HB . 63.27 -74.05 -21.12
O1B P8E HB . 61.79 -73.33 -22.54
O4 P8E HB . 62.99 -74.00 -24.95
O8 P8E HB . 68.05 -71.31 -22.92
C9 P8E IB . 66.85 -73.87 -10.51
C8 P8E IB . 67.97 -74.62 -11.22
C7 P8E IB . 67.38 -75.45 -12.35
C6 P8E IB . 67.36 -74.61 -13.60
C5 P8E IB . 67.45 -75.51 -14.82
C4 P8E IB . 67.50 -74.73 -16.09
C3 P8E IB . 67.07 -73.33 -15.95
C2 P8E IB . 65.93 -73.15 -14.96
C1 P8E IB . 64.66 -73.71 -15.57
N5 P8E IB . 66.25 -76.38 -14.85
N7 P8E IB . 68.21 -76.62 -12.56
O6 P8E IB . 66.15 -73.82 -13.64
O1A P8E IB . 63.84 -74.35 -14.86
O1B P8E IB . 64.43 -73.55 -16.81
O4 P8E IB . 66.64 -75.39 -17.07
O8 P8E IB . 68.87 -73.69 -11.75
C9 P8E JB . 71.65 -72.02 -18.56
C8 P8E JB . 71.49 -71.15 -17.31
C7 P8E JB . 71.68 -72.02 -16.07
C6 P8E JB . 72.17 -71.19 -14.92
C5 P8E JB . 73.66 -71.46 -14.68
C4 P8E JB . 74.21 -70.66 -13.54
C3 P8E JB . 73.40 -69.52 -13.15
C2 P8E JB . 72.69 -68.84 -14.32
C1 P8E JB . 73.73 -68.18 -15.21
N5 P8E JB . 74.42 -71.12 -15.91
N7 P8E JB . 70.39 -72.61 -15.70
O6 P8E JB . 71.90 -69.78 -15.18
O1A P8E JB . 74.40 -67.21 -14.77
O1B P8E JB . 73.92 -68.61 -16.37
O4 P8E JB . 75.56 -70.18 -13.92
O8 P8E JB . 72.43 -70.13 -17.33
C9 P8E KB . 78.73 -63.64 -11.70
C8 P8E KB . 77.75 -63.57 -10.53
C7 P8E KB . 77.90 -62.23 -9.83
C6 P8E KB . 76.77 -62.08 -8.84
C5 P8E KB . 77.21 -61.19 -7.70
C4 P8E KB . 76.11 -61.09 -6.70
C3 P8E KB . 74.88 -60.57 -7.28
C2 P8E KB . 74.47 -61.23 -8.58
C1 P8E KB . 73.52 -60.24 -9.26
N5 P8E KB . 77.47 -59.82 -8.23
N7 P8E KB . 79.17 -62.21 -9.12
O6 P8E KB . 75.60 -61.53 -9.52
O1A P8E KB . 72.98 -59.35 -8.56
O1B P8E KB . 73.28 -60.31 -10.49
O4 P8E KB . 76.54 -60.20 -5.62
O8 P8E KB . 76.44 -63.70 -11.02
C9 P8E LB . 72.53 -70.86 -8.62
C8 P8E LB . 71.49 -71.39 -7.64
C7 P8E LB . 72.19 -72.08 -6.48
C6 P8E LB . 71.43 -71.78 -5.21
C5 P8E LB . 72.07 -72.52 -4.04
C4 P8E LB . 71.87 -71.81 -2.74
C3 P8E LB . 70.66 -70.98 -2.71
C2 P8E LB . 70.66 -69.91 -3.79
C1 P8E LB . 71.32 -68.67 -3.23
N5 P8E LB . 73.53 -72.64 -4.28
N7 P8E LB . 72.20 -73.52 -6.69
O6 P8E LB . 71.42 -70.34 -5.01
O1A P8E LB . 70.78 -68.02 -2.30
O1B P8E LB . 72.44 -68.30 -3.68
O4 P8E LB . 73.04 -70.97 -2.49
O8 P8E LB . 70.73 -70.33 -7.16
C9 P8E MB . 62.00 -73.50 -11.90
C8 P8E MB . 61.27 -72.69 -10.83
C7 P8E MB . 60.93 -73.59 -9.65
C6 P8E MB . 60.15 -72.76 -8.66
C5 P8E MB . 59.21 -73.66 -7.88
C4 P8E MB . 58.45 -72.84 -6.90
C3 P8E MB . 59.34 -72.14 -5.98
C2 P8E MB . 60.40 -71.33 -6.68
C1 P8E MB . 61.45 -70.98 -5.64
N5 P8E MB . 60.02 -74.65 -7.14
N7 P8E MB . 60.12 -74.71 -10.12
O6 P8E MB . 61.08 -72.08 -7.79
O1A P8E MB . 62.02 -71.90 -5.00
O1B P8E MB . 61.75 -69.77 -5.41
O4 P8E MB . 57.58 -73.73 -6.13
O8 P8E MB . 62.09 -71.65 -10.40
C9 P8E NB . 56.68 -73.71 -12.02
C8 P8E NB . 56.90 -72.70 -13.15
C7 P8E NB . 55.68 -72.68 -14.07
C6 P8E NB . 54.96 -71.36 -13.96
C5 P8E NB . 53.58 -71.53 -14.56
C4 P8E NB . 52.70 -70.36 -14.28
C3 P8E NB . 52.60 -70.10 -12.86
C2 P8E NB . 53.96 -69.90 -12.20
C1 P8E NB . 53.73 -70.03 -10.69
N5 P8E NB . 52.96 -72.75 -13.99
N7 P8E NB . 56.11 -72.89 -15.44
O6 P8E NB . 54.93 -71.00 -12.55
O1A P8E NB . 54.59 -70.60 -9.98
O1B P8E NB . 52.67 -69.59 -10.18
O4 P8E NB . 51.36 -70.65 -14.79
O8 P8E NB . 57.09 -71.42 -12.58
C9 P8E OB . 67.33 -67.38 -27.78
C8 P8E OB . 65.99 -66.65 -27.72
C7 P8E OB . 65.01 -67.31 -28.68
C6 P8E OB . 63.64 -66.74 -28.44
C5 P8E OB . 62.69 -67.32 -29.48
C4 P8E OB . 61.29 -66.88 -29.23
C3 P8E OB . 60.85 -67.17 -27.87
C2 P8E OB . 61.81 -66.69 -26.80
C1 P8E OB . 61.41 -67.37 -25.49
N5 P8E OB . 62.75 -68.80 -29.39
N7 P8E OB . 65.41 -67.03 -30.05
O6 P8E OB . 63.23 -67.07 -27.10
O1A P8E OB . 62.26 -67.50 -24.58
O1B P8E OB . 60.23 -67.77 -25.33
O4 P8E OB . 60.41 -67.58 -30.17
O8 P8E OB . 65.49 -66.73 -26.42
C9 P8E PB . 58.33 -70.14 -36.40
C8 P8E PB . 58.30 -68.84 -35.60
C7 P8E PB . 59.69 -68.60 -35.01
C6 P8E PB . 59.99 -67.12 -34.91
C5 P8E PB . 60.84 -66.68 -36.10
C4 P8E PB . 61.23 -65.24 -36.00
C3 P8E PB . 60.41 -64.47 -35.05
C2 P8E PB . 58.95 -64.90 -34.98
C1 P8E PB . 58.23 -64.47 -36.25
N5 P8E PB . 60.04 -66.84 -37.35
N7 P8E PB . 59.72 -69.17 -33.67
O6 P8E PB . 58.75 -66.38 -34.82
O1A P8E PB . 57.66 -63.35 -36.31
O1B P8E PB . 58.22 -65.24 -37.26
O4 P8E PB . 61.11 -64.63 -37.33
O8 P8E PB . 57.94 -67.78 -36.44
C9 P8E QB . 49.64 -68.82 -34.52
C8 P8E QB . 50.12 -68.80 -33.07
C7 P8E QB . 51.35 -69.70 -32.93
C6 P8E QB . 52.37 -68.98 -32.07
C5 P8E QB . 53.60 -69.87 -31.92
C4 P8E QB . 54.63 -69.17 -31.12
C3 P8E QB . 55.01 -67.90 -31.73
C2 P8E QB . 53.83 -67.00 -32.04
C1 P8E QB . 54.32 -65.94 -33.00
N5 P8E QB . 54.14 -70.13 -33.28
N7 P8E QB . 50.99 -70.96 -32.30
O6 P8E QB . 52.70 -67.72 -32.71
O1A P8E QB . 55.14 -65.06 -32.62
O1B P8E QB . 53.91 -65.93 -34.20
O4 P8E QB . 55.81 -70.03 -31.03
O8 P8E QB . 50.45 -67.50 -32.71
C9 P8E RB . 43.58 -70.37 -35.40
C8 P8E RB . 44.21 -69.08 -35.92
C7 P8E RB . 43.18 -67.96 -35.85
C6 P8E RB . 43.89 -66.63 -35.82
C5 P8E RB . 42.86 -65.54 -35.98
C4 P8E RB . 43.51 -64.21 -35.89
C3 P8E RB . 44.17 -64.03 -34.60
C2 P8E RB . 45.13 -65.17 -34.26
C1 P8E RB . 45.42 -65.08 -32.77
N5 P8E RB . 41.88 -65.66 -34.88
N7 P8E RB . 42.35 -68.02 -37.06
O6 P8E RB . 44.58 -66.53 -34.53
O1A P8E RB . 46.08 -65.98 -32.20
O1B P8E RB . 44.99 -64.11 -32.10
O4 P8E RB . 42.48 -63.18 -36.03
O8 P8E RB . 45.30 -68.74 -35.10
C9 P8E SB . 52.82 -64.68 -39.55
C8 P8E SB . 52.53 -63.23 -39.92
C7 P8E SB . 53.17 -62.91 -41.27
C6 P8E SB . 52.78 -61.51 -41.68
C5 P8E SB . 52.47 -61.52 -43.16
C4 P8E SB . 52.07 -60.17 -43.67
C3 P8E SB . 51.72 -59.22 -42.60
C2 P8E SB . 50.95 -59.86 -41.45
C1 P8E SB . 49.57 -60.24 -41.96
N5 P8E SB . 51.35 -62.45 -43.41
N7 P8E SB . 54.61 -63.01 -41.17
O6 P8E SB . 51.63 -61.08 -40.89
O1A P8E SB . 49.13 -61.41 -41.80
O1B P8E SB . 48.87 -59.39 -42.56
O4 P8E SB . 50.93 -60.32 -44.57
O8 P8E SB . 51.14 -63.05 -40.02
C9 P8E TB . 59.63 -55.37 -33.60
C8 P8E TB . 58.22 -55.63 -34.12
C7 P8E TB . 57.22 -54.78 -33.33
C6 P8E TB . 56.60 -53.67 -34.15
C5 P8E TB . 57.53 -52.47 -34.35
C4 P8E TB . 56.75 -51.35 -34.95
C3 P8E TB . 56.11 -51.75 -36.20
C2 P8E TB . 55.34 -53.05 -36.11
C1 P8E TB . 55.02 -53.49 -37.53
N5 P8E TB . 58.60 -52.79 -35.33
N7 P8E TB . 56.15 -55.67 -32.88
O6 P8E TB . 56.12 -54.15 -35.43
O1A P8E TB . 55.35 -54.64 -37.92
O1B P8E TB . 54.43 -52.71 -38.31
O4 P8E TB . 57.68 -50.26 -35.26
O8 P8E TB . 58.15 -55.30 -35.48
C9 P8E UB . 50.44 -71.51 -20.74
C8 P8E UB . 50.12 -70.06 -21.10
C7 P8E UB . 49.89 -69.95 -22.60
C6 P8E UB . 49.66 -68.51 -22.98
C5 P8E UB . 49.28 -68.43 -24.44
C4 P8E UB . 48.38 -67.28 -24.70
C3 P8E UB . 47.11 -67.44 -24.01
C2 P8E UB . 47.26 -67.84 -22.56
C1 P8E UB . 46.61 -69.19 -22.34
N5 P8E UB . 48.57 -69.68 -24.83
N7 P8E UB . 51.06 -70.45 -23.31
O6 P8E UB . 48.69 -67.90 -22.08
O1A P8E UB . 46.91 -69.87 -21.32
O1B P8E UB . 45.78 -69.64 -23.17
O4 P8E UB . 48.11 -67.19 -26.14
O8 P8E UB . 48.98 -69.65 -20.43
C9 P8E VB . -56.27 20.04 54.91
C8 P8E VB . -55.14 19.26 55.58
C7 P8E VB . -54.54 20.10 56.71
C6 P8E VB . -53.77 19.20 57.64
C5 P8E VB . -54.49 19.13 58.98
C4 P8E VB . -53.77 18.20 59.89
C3 P8E VB . -53.71 16.86 59.33
C2 P8E VB . -53.08 16.85 57.94
C1 P8E VB . -53.44 15.51 57.32
N5 P8E VB . -55.86 18.58 58.74
N7 P8E VB . -53.64 21.09 56.14
O6 P8E VB . -53.65 17.90 57.03
O1A P8E VB . -52.56 14.62 57.16
O1B P8E VB . -54.63 15.31 56.96
O4 P8E VB . -54.49 18.16 61.17
O8 P8E VB . -55.64 18.07 56.11
C9 P8E WB . -48.07 22.08 72.29
C8 P8E WB . -46.83 21.53 72.99
C7 P8E WB . -47.08 20.08 73.38
C6 P8E WB . -46.32 19.18 72.43
C5 P8E WB . -46.20 17.80 73.02
C4 P8E WB . -45.50 16.87 72.08
C3 P8E WB . -46.16 16.83 70.78
C2 P8E WB . -46.38 18.21 70.18
C1 P8E WB . -47.35 18.06 69.01
N5 P8E WB . -47.56 17.28 73.29
N7 P8E WB . -46.63 19.84 74.74
O6 P8E WB . -47.01 19.16 71.15
O1A P8E WB . -47.05 17.34 68.02
O1B P8E WB . -48.46 18.63 69.05
O4 P8E WB . -45.54 15.53 72.67
O8 P8E WB . -45.74 21.61 72.13
C9 P8E XB . -50.35 32.62 74.91
C8 P8E XB . -48.96 32.28 75.45
C7 P8E XB . -48.72 30.78 75.33
C6 P8E XB . -47.23 30.53 75.19
C5 P8E XB . -47.00 29.04 75.34
C4 P8E XB . -45.57 28.65 75.14
C3 P8E XB . -44.75 29.69 74.51
C2 P8E XB . -45.49 30.48 73.45
C1 P8E XB . -45.72 29.61 72.23
N5 P8E XB . -47.82 28.33 74.32
N7 P8E XB . -49.20 30.10 76.52
O6 P8E XB . -46.81 31.04 73.90
O1A P8E XB . -44.92 28.68 71.96
O1B P8E XB . -46.71 29.83 71.49
O4 P8E XB . -45.53 27.45 74.30
O8 P8E XB . -48.00 32.97 74.70
C9 P8E YB . -47.30 44.60 85.63
C8 P8E YB . -47.93 44.80 84.26
C7 P8E YB . -47.57 46.20 83.73
C6 P8E YB . -47.52 46.15 82.22
C5 P8E YB . -48.10 47.44 81.63
C4 P8E YB . -48.11 47.40 80.14
C3 P8E YB . -47.23 46.40 79.55
C2 P8E YB . -45.93 46.19 80.32
C1 P8E YB . -45.06 47.43 80.15
N5 P8E YB . -47.27 48.59 82.07
N7 P8E YB . -48.59 47.14 84.18
O6 P8E YB . -46.14 45.94 81.79
O1A P8E YB . -44.37 47.85 81.12
O1B P8E YB . -45.03 48.03 79.05
O4 P8E YB . -47.72 48.73 79.64
O8 P8E YB . -47.45 43.83 83.37
C9 P8E ZB . -35.88 47.25 88.18
C8 P8E ZB . -37.18 47.45 88.97
C7 P8E ZB . -38.14 48.28 88.14
C6 P8E ZB . -38.95 47.35 87.27
C5 P8E ZB . -40.32 47.96 87.00
C4 P8E ZB . -41.18 47.08 86.15
C3 P8E ZB . -40.44 46.03 85.44
C2 P8E ZB . -39.06 46.47 84.97
C1 P8E ZB . -39.22 47.46 83.82
N5 P8E ZB . -40.13 49.25 86.29
N7 P8E ZB . -39.05 48.98 89.05
O6 P8E ZB . -38.23 47.14 86.02
O1A P8E ZB . -38.32 48.30 83.59
O1B P8E ZB . -40.25 47.42 83.10
O4 P8E ZB . -41.86 47.91 85.16
O8 P8E ZB . -37.75 46.19 89.23
C9 P8E AC . -44.59 43.93 88.50
C8 P8E AC . -43.39 42.99 88.64
C7 P8E AC . -42.26 43.74 89.33
C6 P8E AC . -41.28 42.76 89.95
C5 P8E AC . -41.42 42.81 91.47
C4 P8E AC . -40.55 41.81 92.17
C3 P8E AC . -40.05 40.74 91.30
C2 P8E AC . -41.02 40.31 90.23
C1 P8E AC . -42.24 39.64 90.87
N5 P8E AC . -42.83 42.55 91.83
N7 P8E AC . -41.55 44.55 88.34
O6 P8E AC . -41.52 41.44 89.38
O1A P8E AC . -42.10 38.95 91.91
O1B P8E AC . -43.38 39.80 90.36
O4 P8E AC . -41.33 41.22 93.26
O8 P8E AC . -43.76 41.88 89.40
C9 P8E BC . -39.54 32.89 95.16
C8 P8E BC . -38.14 33.35 94.76
C7 P8E BC . -37.23 32.15 94.61
C6 P8E BC . -36.01 32.57 93.81
C5 P8E BC . -34.83 31.70 94.20
C4 P8E BC . -33.63 32.13 93.43
C3 P8E BC . -33.84 32.02 91.99
C2 P8E BC . -35.14 32.63 91.49
C1 P8E BC . -35.45 31.90 90.18
N5 P8E BC . -35.15 30.29 93.85
N7 P8E BC . -36.82 31.69 95.94
O6 P8E BC . -36.32 32.45 92.40
O1A P8E BC . -34.74 30.92 89.85
O1B P8E BC . -36.41 32.26 89.44
O4 P8E BC . -32.51 31.27 93.80
O8 P8E BC . -38.20 34.02 93.53
C9 P8E CC . -35.34 42.22 92.82
C8 P8E CC . -34.71 43.61 92.90
C7 P8E CC . -33.81 43.70 94.13
C6 P8E CC . -32.38 43.74 93.66
C5 P8E CC . -31.49 43.91 94.88
C4 P8E CC . -30.03 43.79 94.57
C3 P8E CC . -29.75 43.36 93.19
C2 P8E CC . -30.66 42.24 92.70
C1 P8E CC . -30.27 40.96 93.43
N5 P8E CC . -31.85 42.86 95.87
N7 P8E CC . -34.10 44.91 94.88
O6 P8E CC . -32.11 42.51 92.93
O1A P8E CC . -29.08 40.59 93.45
O1B P8E CC . -31.16 40.29 94.00
O4 P8E CC . -29.41 42.85 95.50
O8 P8E CC . -33.95 43.84 91.76
C9 P8E DC . -35.12 48.47 82.92
C8 P8E DC . -33.78 47.79 82.67
C7 P8E DC . -32.66 48.72 83.08
C6 P8E DC . -31.37 48.15 82.57
C5 P8E DC . -30.37 49.27 82.37
C4 P8E DC . -29.07 48.73 81.89
C3 P8E DC . -28.52 47.78 82.86
C2 P8E DC . -29.49 46.67 83.21
C1 P8E DC . -28.94 45.98 84.44
N5 P8E DC . -30.16 49.95 83.67
N7 P8E DC . -32.89 50.05 82.51
O6 P8E DC . -30.87 47.18 83.54
O1A P8E DC . -28.91 46.60 85.53
O1B P8E DC . -28.53 44.79 84.38
O4 P8E DC . -28.13 49.84 81.71
O8 P8E DC . -33.69 46.62 83.41
C9 P8E EC . -33.32 50.36 78.35
C8 P8E EC . -34.24 49.20 78.00
C7 P8E EC . -34.84 49.45 76.62
C6 P8E EC . -34.28 48.44 75.63
C5 P8E EC . -34.55 48.98 74.23
C4 P8E EC . -33.84 48.19 73.19
C3 P8E EC . -32.41 48.04 73.46
C2 P8E EC . -32.14 47.51 74.85
C1 P8E EC . -30.65 47.71 75.11
N5 P8E EC . -34.10 50.40 74.16
N7 P8E EC . -36.29 49.29 76.69
O6 P8E EC . -32.87 48.28 75.90
O1A P8E EC . -30.23 47.89 76.28
O1B P8E EC . -29.85 47.73 74.14
O4 P8E EC . -33.99 48.87 71.90
O8 P8E EC . -33.51 48.01 78.00
C9 P8E FC . -51.27 40.74 79.99
C8 P8E FC . -50.69 40.37 78.64
C7 P8E FC . -51.11 41.41 77.61
C6 P8E FC . -50.29 41.21 76.36
C5 P8E FC . -50.99 41.91 75.21
C4 P8E FC . -50.17 41.86 73.97
C3 P8E FC . -48.83 42.39 74.16
C2 P8E FC . -48.11 41.78 75.36
C1 P8E FC . -46.89 42.65 75.65
N5 P8E FC . -51.19 43.34 75.58
N7 P8E FC . -52.52 41.26 77.30
O6 P8E FC . -48.96 41.76 76.59
O1A P8E FC . -46.31 42.54 76.76
O1B P8E FC . -46.47 43.46 74.79
O4 P8E FC . -50.83 42.65 72.93
O8 P8E FC . -49.29 40.34 78.72
C9 P8E GC . -56.28 46.02 69.25
C8 P8E GC . -55.33 44.84 69.15
C7 P8E GC . -55.09 44.29 70.55
C6 P8E GC . -54.94 42.79 70.55
C5 P8E GC . -56.26 42.10 70.86
C4 P8E GC . -56.10 40.61 70.96
C3 P8E GC . -54.86 40.12 70.38
C2 P8E GC . -54.41 40.86 69.12
C1 P8E GC . -55.31 40.47 67.95
N5 P8E GC . -57.23 42.36 69.76
N7 P8E GC . -53.84 44.86 71.06
O6 P8E GC . -54.43 42.35 69.26
O1A P8E GC . -54.94 39.59 67.14
O1B P8E GC . -56.42 41.05 67.80
O4 P8E GC . -57.23 39.97 70.28
O8 P8E GC . -55.92 43.85 68.34
C9 P8E HC . -49.76 49.30 62.77
C8 P8E HC . -49.47 48.01 63.54
C7 P8E HC . -50.26 48.04 64.85
C6 P8E HC . -49.71 46.96 65.74
C5 P8E HC . -50.08 47.30 67.18
C4 P8E HC . -49.66 46.23 68.12
C3 P8E HC . -50.19 44.92 67.73
C2 P8E HC . -49.93 44.57 66.28
C1 P8E HC . -50.84 43.40 65.95
N5 P8E HC . -51.56 47.44 67.26
N7 P8E HC . -50.12 49.34 65.48
O6 P8E HC . -50.26 45.69 65.34
O1A P8E HC . -50.69 42.31 66.53
O1B P8E HC . -51.77 43.56 65.11
O4 P8E HC . -50.16 46.55 69.45
O8 P8E HC . -49.88 46.91 62.78
C9 P8E IC . -48.92 50.30 57.98
C8 P8E IC . -50.16 49.60 57.47
C7 P8E IC . -49.90 49.05 56.06
C6 P8E IC . -49.80 47.54 56.12
C5 P8E IC . -49.21 47.06 54.81
C4 P8E IC . -48.93 45.60 54.86
C3 P8E IC . -48.06 45.25 55.98
C2 P8E IC . -48.61 45.74 57.30
C1 P8E IC . -47.51 45.57 58.35
N5 P8E IC . -47.93 47.78 54.58
N7 P8E IC . -50.99 49.42 55.17
O6 P8E IC . -48.97 47.19 57.26
O1A P8E IC . -47.36 46.42 59.25
O1B P8E IC . -46.73 44.58 58.29
O4 P8E IC . -48.27 45.22 53.61
O8 P8E IC . -50.51 48.56 58.33
C9 P8E JC . -55.71 42.63 61.62
C8 P8E JC . -56.40 41.27 61.72
C7 P8E JC . -57.68 41.29 60.88
C6 P8E JC . -57.82 39.97 60.19
C5 P8E JC . -59.22 39.85 59.62
C4 P8E JC . -59.44 38.58 58.86
C3 P8E JC . -58.20 37.85 58.59
C2 P8E JC . -57.02 38.73 58.21
C1 P8E JC . -57.28 39.29 56.81
N5 P8E JC . -59.46 40.99 58.70
N7 P8E JC . -58.82 41.50 61.76
O6 P8E JC . -56.80 39.87 59.15
O1A P8E JC . -57.83 40.42 56.70
O1B P8E JC . -56.99 38.63 55.79
O4 P8E JC . -60.09 38.90 57.60
O8 P8E JC . -55.54 40.29 61.21
C9 P8E KC . -51.76 31.73 67.36
C8 P8E KC . -51.96 32.46 66.04
C7 P8E KC . -50.78 32.11 65.11
C6 P8E KC . -51.19 31.24 63.93
C5 P8E KC . -51.42 29.78 64.28
C4 P8E KC . -51.55 29.00 63.02
C3 P8E KC . -52.63 29.52 62.18
C2 P8E KC . -52.52 31.03 61.97
C1 P8E KC . -53.79 31.48 61.27
N5 P8E KC . -52.69 29.62 65.02
N7 P8E KC . -50.26 33.36 64.58
O6 P8E KC . -52.35 31.77 63.25
O1A P8E KC . -54.41 32.50 61.69
O1B P8E KC . -54.24 30.84 60.28
O4 P8E KC . -51.88 27.61 63.36
O8 P8E KC . -53.16 32.07 65.45
C9 P8E LC . -38.69 50.39 68.76
C8 P8E LC . -38.69 49.07 68.00
C7 P8E LC . -40.02 48.90 67.26
C6 P8E LC . -39.95 47.63 66.44
C5 P8E LC . -41.19 47.54 65.57
C4 P8E LC . -40.94 46.73 64.35
C3 P8E LC . -39.92 47.31 63.49
C2 P8E LC . -38.74 47.91 64.24
C1 P8E LC . -38.75 49.42 64.04
N5 P8E LC . -41.62 48.91 65.17
N7 P8E LC . -41.11 48.79 68.22
O6 P8E LC . -38.69 47.59 65.70
O1A P8E LC . -38.30 50.17 64.93
O1B P8E LC . -39.21 49.90 62.98
O4 P8E LC . -42.19 46.63 63.59
O8 P8E LC . -37.66 49.08 67.06
C9 P8E MC . -15.25 -78.28 -5.84
C8 P8E MC . -13.96 -77.87 -5.15
C7 P8E MC . -13.95 -78.46 -3.73
C6 P8E MC . -12.55 -78.42 -3.19
C5 P8E MC . -12.03 -79.84 -3.03
C4 P8E MC . -10.65 -79.81 -2.49
C3 P8E MC . -9.76 -79.11 -3.41
C2 P8E MC . -10.26 -77.71 -3.71
C1 P8E MC . -9.45 -77.20 -4.89
N5 P8E MC . -11.99 -80.46 -4.38
N7 P8E MC . -14.83 -77.66 -2.87
O6 P8E MC . -11.70 -77.66 -4.10
O1A P8E MC . -8.30 -76.73 -4.72
O1B P8E MC . -9.95 -77.24 -6.05
O4 P8E MC . -10.18 -81.19 -2.31
O8 P8E MC . -12.86 -78.36 -5.84
C9 P8E NC . -6.88 -84.34 10.94
C8 P8E NC . -6.14 -83.40 11.89
C7 P8E NC . -4.67 -83.37 11.49
C6 P8E NC . -4.35 -82.01 10.92
C5 P8E NC . -2.87 -81.97 10.56
C4 P8E NC . -2.54 -80.74 9.80
C3 P8E NC . -3.33 -80.65 8.59
C2 P8E NC . -4.82 -80.69 8.86
C1 P8E NC . -5.50 -80.96 7.53
N5 P8E NC . -2.56 -83.15 9.70
N7 P8E NC . -3.83 -83.61 12.66
O6 P8E NC . -5.23 -81.80 9.77
O1A P8E NC . -6.33 -81.90 7.43
O1B P8E NC . -5.24 -80.26 6.52
O4 P8E NC . -1.13 -80.79 9.43
O8 P8E NC . -6.69 -82.12 11.80
C9 P8E OC . -16.11 -88.45 16.14
C8 P8E OC . -15.23 -87.66 17.09
C7 P8E OC . -13.96 -87.21 16.36
C6 P8E OC . -13.35 -86.07 17.11
C5 P8E OC . -12.00 -85.76 16.49
C4 P8E OC . -11.33 -84.57 17.11
C3 P8E OC . -12.19 -83.81 18.03
C2 P8E OC . -13.63 -83.65 17.53
C1 P8E OC . -13.64 -82.66 16.39
N5 P8E OC . -12.20 -85.48 15.05
N7 P8E OC . -13.01 -88.32 16.33
O6 P8E OC . -14.24 -84.93 17.04
O1A P8E OC . -13.19 -81.49 16.58
O1B P8E OC . -14.09 -82.99 15.27
O4 P8E OC . -10.88 -83.68 16.04
O8 P8E OC . -15.92 -86.53 17.53
C9 P8E PC . -22.24 -94.64 30.45
C8 P8E PC . -22.86 -94.03 29.19
C7 P8E PC . -24.31 -93.63 29.47
C6 P8E PC . -24.64 -92.37 28.70
C5 P8E PC . -26.10 -92.40 28.28
C4 P8E PC . -26.49 -91.18 27.51
C3 P8E PC . -25.56 -90.06 27.67
C2 P8E PC . -24.94 -89.95 29.05
C1 P8E PC . -26.03 -89.52 30.05
N5 P8E PC . -26.96 -92.49 29.49
N7 P8E PC . -25.18 -94.72 29.05
O6 P8E PC . -24.31 -91.22 29.53
O1A P8E PC . -25.96 -89.93 31.24
O1B P8E PC . -26.98 -88.81 29.67
O4 P8E PC . -27.82 -90.74 27.96
O8 P8E PC . -22.13 -92.91 28.80
C9 P8E QC . -21.80 -88.27 40.56
C8 P8E QC . -21.05 -89.44 39.95
C7 P8E QC . -21.97 -90.15 38.96
C6 P8E QC . -21.48 -89.90 37.55
C5 P8E QC . -22.36 -90.69 36.60
C4 P8E QC . -22.01 -90.45 35.16
C3 P8E QC . -21.19 -89.26 34.93
C2 P8E QC . -21.53 -88.10 35.85
C1 P8E QC . -22.91 -87.58 35.49
N5 P8E QC . -23.77 -90.29 36.82
N7 P8E QC . -21.97 -91.58 39.22
O6 P8E QC . -21.52 -88.47 37.30
O1A P8E QC . -23.63 -87.06 36.38
O1B P8E QC . -23.33 -87.67 34.31
O4 P8E QC . -23.24 -90.32 34.39
O8 P8E QC . -19.91 -88.97 39.29
C9 P8E RC . -19.34 -94.41 33.95
C8 P8E RC . -18.08 -93.59 34.22
C7 P8E RC . -18.11 -93.07 35.65
C6 P8E RC . -16.78 -92.47 36.04
C5 P8E RC . -16.07 -93.41 37.01
C4 P8E RC . -14.67 -92.99 37.35
C3 P8E RC . -14.10 -92.00 36.42
C2 P8E RC . -14.54 -92.18 34.99
C1 P8E RC . -14.01 -93.49 34.41
N5 P8E RC . -16.01 -94.78 36.42
N7 P8E RC . -19.13 -92.04 35.76
O6 P8E RC . -16.03 -92.20 34.82
O1A P8E RC . -13.05 -94.09 34.96
O1B P8E RC . -14.55 -94.00 33.40
O4 P8E RC . -13.81 -94.17 37.35
O8 P8E RC . -16.96 -94.40 34.04
C9 P8E SC . -5.35 -93.13 35.61
C8 P8E SC . -5.74 -91.89 36.42
C7 P8E SC . -4.52 -90.97 36.53
C6 P8E SC . -5.01 -89.61 36.98
C5 P8E SC . -3.87 -88.89 37.68
C4 P8E SC . -4.33 -87.55 38.15
C3 P8E SC . -4.84 -86.73 37.07
C2 P8E SC . -5.82 -87.43 36.14
C1 P8E SC . -5.79 -86.65 34.84
N5 P8E SC . -2.77 -88.70 36.70
N7 P8E SC . -3.59 -91.51 37.50
O6 P8E SC . -5.48 -88.86 35.83
O1A P8E SC . -5.14 -85.57 34.79
O1B P8E SC . -6.38 -87.07 33.80
O4 P8E SC . -3.20 -86.86 38.76
O8 P8E SC . -6.77 -91.20 35.78
C9 P8E TC . -13.38 -89.68 40.82
C8 P8E TC . -14.60 -89.33 41.66
C7 P8E TC . -14.30 -89.58 43.13
C6 P8E TC . -14.22 -88.24 43.85
C5 P8E TC . -14.06 -88.49 45.35
C4 P8E TC . -13.46 -87.33 46.06
C3 P8E TC . -13.56 -86.07 45.32
C2 P8E TC . -12.96 -86.14 43.92
C1 P8E TC . -11.48 -85.81 44.03
N5 P8E TC . -13.17 -89.67 45.55
N7 P8E TC . -15.36 -90.38 43.72
O6 P8E TC . -13.10 -87.50 43.31
O1A P8E TC . -11.11 -84.69 44.47
O1B P8E TC . -10.62 -86.66 43.70
O4 P8E TC . -12.05 -87.62 46.30
O8 P8E TC . -14.90 -87.97 41.47
C9 P8E UC . -23.53 -84.16 38.08
C8 P8E UC . -22.89 -82.80 38.34
C7 P8E UC . -23.21 -82.35 39.75
C6 P8E UC . -22.59 -81.00 39.98
C5 P8E UC . -23.34 -80.28 41.08
C4 P8E UC . -22.71 -78.97 41.37
C3 P8E UC . -21.30 -79.13 41.74
C2 P8E UC . -20.51 -79.92 40.72
C1 P8E UC . -19.19 -80.27 41.37
N5 P8E UC . -23.29 -81.12 42.30
N7 P8E UC . -24.66 -82.25 39.91
O6 P8E UC . -21.19 -81.19 40.31
O1A P8E UC . -19.10 -81.30 42.10
O1B P8E UC . -18.17 -79.53 41.21
O4 P8E UC . -23.41 -78.33 42.48
O8 P8E UC . -21.51 -82.88 38.20
C9 P8E VC . -25.98 -80.34 37.09
C8 P8E VC . -25.65 -80.60 35.63
C7 P8E VC . -26.85 -80.25 34.77
C6 P8E VC . -26.50 -79.08 33.88
C5 P8E VC . -27.78 -78.61 33.20
C4 P8E VC . -27.57 -77.34 32.44
C3 P8E VC . -27.01 -76.29 33.28
C2 P8E VC . -25.75 -76.74 34.00
C1 P8E VC . -25.46 -75.68 35.06
N5 P8E VC . -28.82 -78.39 34.23
N7 P8E VC . -27.23 -81.39 33.94
O6 P8E VC . -25.92 -78.05 34.70
O1A P8E VC . -25.31 -76.02 36.26
O1B P8E VC . -25.36 -74.47 34.73
O4 P8E VC . -28.86 -76.89 31.91
O8 P8E VC . -24.55 -79.82 35.26
C9 P8E WC . -21.32 -93.50 22.81
C8 P8E WC . -21.32 -92.34 21.81
C7 P8E WC . -22.70 -92.24 21.18
C6 P8E WC . -23.00 -90.80 20.88
C5 P8E WC . -24.37 -90.72 20.20
C4 P8E WC . -24.80 -89.31 20.02
C3 P8E WC . -24.80 -88.57 21.27
C2 P8E WC . -23.46 -88.65 21.98
C1 P8E WC . -23.60 -88.05 23.37
N5 P8E WC . -25.36 -91.42 21.06
N7 P8E WC . -22.73 -93.01 19.93
O6 P8E WC . -22.99 -90.06 22.13
O1A P8E WC . -22.72 -88.28 24.24
O1B P8E WC . -24.60 -87.33 23.65
O4 P8E WC . -26.16 -89.30 19.47
O8 P8E WC . -21.02 -91.16 22.47
C9 P8E XC . -31.62 -91.21 15.53
C8 P8E XC . -30.28 -90.74 15.02
C7 P8E XC . -29.20 -91.70 15.50
C6 P8E XC . -27.84 -91.20 15.07
C5 P8E XC . -27.35 -91.99 13.86
C4 P8E XC . -26.03 -91.52 13.33
C3 P8E XC . -25.67 -90.16 13.77
C2 P8E XC . -26.84 -89.22 13.94
C1 P8E XC . -27.43 -88.88 12.57
N5 P8E XC . -28.35 -91.88 12.76
N7 P8E XC . -29.24 -91.76 16.95
O6 P8E XC . -27.94 -89.77 14.80
O1A P8E XC . -26.94 -87.93 11.90
O1B P8E XC . -28.41 -89.53 12.13
O4 P8E XC . -26.09 -91.55 11.87
O8 P8E XC . -30.27 -90.73 13.62
C9 P8E YC . -35.82 -82.76 17.19
C8 P8E YC . -34.35 -82.83 16.79
C7 P8E YC . -33.90 -84.30 16.78
C6 P8E YC . -32.44 -84.35 17.15
C5 P8E YC . -32.14 -85.64 17.88
C4 P8E YC . -30.70 -85.69 18.24
C3 P8E YC . -29.86 -85.64 17.06
C2 P8E YC . -30.18 -84.45 16.17
C1 P8E YC . -29.53 -84.70 14.81
N5 P8E YC . -32.44 -86.77 16.97
N7 P8E YC . -34.68 -85.05 17.76
O6 P8E YC . -31.65 -84.25 15.93
O1A P8E YC . -28.28 -84.79 14.73
O1B P8E YC . -30.25 -84.85 13.80
O4 P8E YC . -30.45 -86.95 18.95
O8 P8E YC . -34.17 -82.29 15.50
C9 P8E ZC . -38.51 -79.91 14.35
C8 P8E ZC . -38.65 -80.09 12.85
C7 P8E ZC . -38.68 -78.72 12.17
C6 P8E ZC . -37.39 -78.49 11.43
C5 P8E ZC . -37.49 -77.14 10.74
C4 P8E ZC . -36.18 -76.72 10.19
C3 P8E ZC . -35.16 -76.66 11.23
C2 P8E ZC . -35.00 -78.00 11.92
C1 P8E ZC . -34.13 -77.76 13.15
N5 P8E ZC . -37.94 -76.13 11.74
N7 P8E ZC . -39.79 -78.67 11.23
O6 P8E ZC . -36.31 -78.54 12.41
O1A P8E ZC . -34.40 -78.35 14.23
O1B P8E ZC . -33.16 -76.98 13.10
O4 P8E ZC . -36.33 -75.38 9.61
O8 P8E ZC . -37.55 -80.81 12.37
C9 P8E AD . -32.42 -85.81 7.88
C8 P8E AD . -31.06 -86.33 7.42
C7 P8E AD . -31.17 -86.85 5.99
C6 P8E AD . -30.40 -85.94 5.07
C5 P8E AD . -30.81 -86.22 3.64
C4 P8E AD . -30.11 -85.33 2.65
C3 P8E AD . -29.42 -84.20 3.28
C2 P8E AD . -30.19 -83.57 4.44
C1 P8E AD . -31.38 -82.82 3.86
N5 P8E AD . -32.28 -86.01 3.50
N7 P8E AD . -30.62 -88.19 5.92
O6 P8E AD . -30.67 -84.56 5.45
O1A P8E AD . -32.49 -82.87 4.44
O1B P8E AD . -31.25 -82.15 2.81
O4 P8E AD . -31.10 -84.82 1.70
O8 P8E AD . -30.14 -85.29 7.47
C9 P8E BD . -18.70 -84.64 9.82
C8 P8E BD . -19.90 -84.16 9.00
C7 P8E BD . -20.18 -82.70 9.34
C6 P8E BD . -20.27 -81.83 8.11
C5 P8E BD . -18.92 -81.20 7.77
C4 P8E BD . -18.44 -81.62 6.41
C3 P8E BD . -19.42 -81.28 5.39
C2 P8E BD . -20.80 -81.82 5.74
C1 P8E BD . -21.24 -82.74 4.62
N5 P8E BD . -17.90 -81.60 8.79
N7 P8E BD . -21.45 -82.62 10.05
O6 P8E BD . -20.78 -82.61 7.00
O1A P8E BD . -20.79 -83.91 4.58
O1B P8E BD . -22.02 -82.34 3.73
O4 P8E BD . -18.24 -83.07 6.40
O8 P8E BD . -19.60 -84.30 7.64
C9 P8E CD . -31.60 -78.33 27.51
C8 P8E CD . -30.93 -77.67 26.30
C7 P8E CD . -31.53 -78.24 25.02
C6 P8E CD . -30.82 -77.66 23.81
C5 P8E CD . -31.49 -78.14 22.54
C4 P8E CD . -31.49 -77.09 21.49
C3 P8E CD . -32.24 -75.92 21.91
C2 P8E CD . -31.79 -75.38 23.26
C1 P8E CD . -33.01 -75.26 24.16
N5 P8E CD . -32.89 -78.52 22.82
N7 P8E CD . -31.35 -79.69 25.01
O6 P8E CD . -30.74 -76.20 23.95
O1A P8E CD . -32.86 -75.26 25.40
O1B P8E CD . -34.16 -75.15 23.66
O4 P8E CD . -32.14 -77.64 20.29
O8 P8E CD . -31.16 -76.30 26.34
C9 P8E DD . -36.17 -62.20 38.86
C8 P8E DD . -34.75 -62.27 39.39
C7 P8E DD . -34.80 -62.58 40.90
C6 P8E DD . -33.42 -62.98 41.36
C5 P8E DD . -33.46 -64.43 41.82
C4 P8E DD . -32.12 -64.85 42.29
C3 P8E DD . -31.15 -64.76 41.20
C2 P8E DD . -31.12 -63.40 40.55
C1 P8E DD . -30.41 -63.57 39.21
N5 P8E DD . -33.85 -65.27 40.66
N7 P8E DD . -35.23 -61.40 41.63
O6 P8E DD . -32.48 -62.83 40.26
O1A P8E DD . -29.16 -63.49 39.16
O1B P8E DD . -31.09 -63.80 38.18
O4 P8E DD . -32.20 -66.24 42.75
O8 P8E DD . -34.06 -63.29 38.75
C9 P8E ED . -29.42 -65.91 56.66
C8 P8E ED . -28.16 -65.47 57.37
C7 P8E ED . -26.98 -66.31 56.89
C6 P8E ED . -26.16 -65.47 55.93
C5 P8E ED . -24.80 -66.12 55.76
C4 P8E ED . -23.99 -65.40 54.74
C3 P8E ED . -24.69 -65.33 53.46
C2 P8E ED . -26.08 -64.73 53.59
C1 P8E ED . -26.81 -64.98 52.28
N5 P8E ED . -24.99 -67.52 55.30
N7 P8E ED . -26.15 -66.70 58.02
O6 P8E ED . -26.88 -65.39 54.67
O1A P8E ED . -27.97 -65.45 52.29
O1B P8E ED . -26.25 -64.71 51.18
O4 P8E ED . -22.74 -66.13 54.54
O8 P8E ED . -27.93 -64.12 57.11
C9 P8E FD . -38.74 -63.56 62.88
C8 P8E FD . -37.41 -63.21 63.56
C7 P8E FD . -36.26 -63.63 62.65
C6 P8E FD . -35.05 -62.81 63.00
C5 P8E FD . -33.84 -63.42 62.32
C4 P8E FD . -32.59 -62.66 62.60
C3 P8E FD . -32.81 -61.33 63.16
C2 P8E FD . -34.02 -60.61 62.59
C1 P8E FD . -33.70 -60.20 61.17
N5 P8E FD . -34.07 -63.43 60.85
N7 P8E FD . -35.97 -65.04 62.86
O6 P8E FD . -35.26 -61.44 62.56
O1A P8E FD . -32.77 -59.39 60.93
O1B P8E FD . -34.38 -60.67 60.22
O4 P8E FD . -31.85 -62.53 61.34
O8 P8E FD . -37.36 -61.83 63.76
C9 P8E GD . -45.25 -62.14 78.12
C8 P8E GD . -45.40 -61.54 76.73
C7 P8E GD . -46.57 -60.55 76.72
C6 P8E GD . -46.39 -59.58 75.57
C5 P8E GD . -47.75 -59.11 75.09
C4 P8E GD . -47.66 -58.14 73.96
C3 P8E GD . -46.33 -57.54 73.81
C2 P8E GD . -45.61 -57.28 75.13
C1 P8E GD . -46.32 -56.15 75.88
N5 P8E GD . -48.45 -58.43 76.23
N7 P8E GD . -47.82 -61.28 76.56
O6 P8E GD . -45.54 -58.49 76.02
O1A P8E GD . -46.28 -56.12 77.13
O1B P8E GD . -46.95 -55.26 75.25
O4 P8E GD . -48.64 -57.07 74.18
O8 P8E GD . -44.23 -60.87 76.37
C9 P8E HD . -39.75 -53.98 85.55
C8 P8E HD . -39.97 -55.49 85.46
C7 P8E HD . -41.33 -55.76 84.83
C6 P8E HD . -41.14 -56.22 83.40
C5 P8E HD . -42.45 -56.82 82.91
C4 P8E HD . -42.39 -57.24 81.47
C3 P8E HD . -41.22 -56.73 80.75
C2 P8E HD . -40.85 -55.30 81.13
C1 P8E HD . -41.88 -54.33 80.57
N5 P8E HD . -43.52 -55.80 83.06
N7 P8E HD . -42.02 -56.79 85.58
O6 P8E HD . -40.73 -55.07 82.61
O1A P8E HD . -42.07 -53.22 81.13
O1B P8E HD . -42.56 -54.65 79.56
O4 P8E HD . -43.59 -56.76 80.79
O8 P8E HD . -38.97 -56.04 84.66
C9 P8E ID . -41.95 -62.44 81.30
C8 P8E ID . -40.53 -61.94 81.48
C7 P8E ID . -40.24 -61.76 82.97
C6 P8E ID . -38.75 -61.62 83.20
C5 P8E ID . -38.27 -62.83 83.99
C4 P8E ID . -36.78 -62.87 84.18
C3 P8E ID . -36.04 -62.03 83.24
C2 P8E ID . -36.67 -61.92 81.87
C1 P8E ID . -36.61 -63.25 81.14
N5 P8E ID . -38.69 -64.06 83.29
N7 P8E ID . -40.91 -60.55 83.43
O6 P8E ID . -38.10 -61.46 81.90
O1A P8E ID . -35.53 -63.67 80.67
O1B P8E ID . -37.66 -63.94 81.03
O4 P8E ID . -36.34 -64.27 84.03
O8 P8E ID . -39.64 -62.87 80.94
C9 P8E JD . -29.22 -66.90 83.32
C8 P8E JD . -28.73 -65.47 83.56
C7 P8E JD . -27.26 -65.37 83.16
C6 P8E JD . -26.87 -63.92 83.10
C5 P8E JD . -25.39 -63.77 83.40
C4 P8E JD . -25.03 -62.33 83.40
C3 P8E JD . -25.30 -61.71 82.10
C2 P8E JD . -26.68 -61.99 81.54
C1 P8E JD . -26.54 -61.81 80.03
N5 P8E JD . -24.62 -64.47 82.36
N7 P8E JD . -26.45 -66.06 84.16
O6 P8E JD . -27.18 -63.39 81.79
O1A P8E JD . -25.40 -61.60 79.55
O1B P8E JD . -27.53 -61.86 79.26
O4 P8E JD . -23.59 -62.20 83.67
O8 P8E JD . -29.47 -64.58 82.78
C9 P8E KD . -33.93 -58.83 86.81
C8 P8E KD . -34.60 -57.76 87.68
C7 P8E KD . -33.96 -57.76 89.07
C6 P8E KD . -33.17 -56.48 89.22
C5 P8E KD . -32.84 -56.27 90.70
C4 P8E KD . -31.81 -55.20 90.91
C3 P8E KD . -31.45 -54.46 89.70
C2 P8E KD . -31.10 -55.36 88.52
C1 P8E KD . -29.66 -55.81 88.68
N5 P8E KD . -32.34 -57.54 91.27
N7 P8E KD . -35.00 -57.83 90.08
O6 P8E KD . -31.97 -56.58 88.41
O1A P8E KD . -28.81 -55.03 89.18
O1B P8E KD . -29.30 -56.96 88.31
O4 P8E KD . -30.61 -55.82 91.48
O8 P8E KD . -34.41 -56.51 87.09
C9 P8E LD . -39.53 -51.36 82.10
C8 P8E LD . -39.25 -49.93 81.66
C7 P8E LD . -39.40 -49.00 82.86
C6 P8E LD . -38.41 -47.88 82.71
C5 P8E LD . -38.85 -46.73 83.59
C4 P8E LD . -37.84 -45.63 83.58
C3 P8E LD . -36.52 -46.10 83.97
C2 P8E LD . -36.04 -47.30 83.17
C1 P8E LD . -34.88 -47.89 83.96
N5 P8E LD . -38.99 -47.23 84.99
N7 P8E LD . -40.76 -48.47 82.88
O6 P8E LD . -37.09 -48.37 83.06
O1A P8E LD . -35.12 -48.51 85.03
O1B P8E LD . -33.69 -47.76 83.56
O4 P8E LD . -38.27 -44.61 84.53
O8 P8E LD . -37.93 -49.85 81.19
C9 P8E MD . -40.89 -46.55 79.72
C8 P8E MD . -41.44 -47.33 78.53
C7 P8E MD . -42.29 -46.41 77.66
C6 P8E MD . -41.51 -45.99 76.43
C5 P8E MD . -42.46 -45.28 75.49
C4 P8E MD . -41.76 -44.60 74.36
C3 P8E MD . -40.69 -43.72 74.82
C2 P8E MD . -39.71 -44.45 75.73
C1 P8E MD . -38.82 -43.37 76.33
N5 P8E MD . -43.23 -44.26 76.27
N7 P8E MD . -43.50 -47.10 77.23
O6 P8E MD . -40.41 -45.13 76.86
O1A P8E MD . -38.63 -43.34 77.57
O1B P8E MD . -38.27 -42.51 75.59
O4 P8E MD . -42.74 -43.80 73.63
O8 P8E MD . -40.38 -47.85 77.78
C9 P8E ND . -44.33 -63.41 70.37
C8 P8E ND . -44.08 -62.66 69.07
C7 P8E ND . -45.38 -62.00 68.61
C6 P8E ND . -45.04 -60.77 67.80
C5 P8E ND . -46.28 -60.34 67.04
C4 P8E ND . -46.01 -59.10 66.27
C3 P8E ND . -45.58 -58.02 67.15
C2 P8E ND . -44.43 -58.40 68.05
C1 P8E ND . -44.35 -57.35 69.17
N5 P8E ND . -47.35 -60.05 68.02
N7 P8E ND . -46.14 -62.93 67.78
O6 P8E ND . -44.58 -59.74 68.71
O1A P8E ND . -43.73 -57.62 70.23
O1B P8E ND . -44.90 -56.24 69.01
O4 P8E ND . -47.24 -58.68 65.60
O8 P8E ND . -43.12 -61.68 69.28
C9 P8E OD . -53.54 -59.02 62.84
C8 P8E OD . -52.07 -59.05 62.41
C7 P8E OD . -51.36 -60.19 63.15
C6 P8E OD . -50.16 -60.66 62.37
C5 P8E OD . -50.50 -61.95 61.63
C4 P8E OD . -49.33 -62.49 60.86
C3 P8E OD . -48.28 -61.50 60.63
C2 P8E OD . -48.78 -60.09 60.41
C1 P8E OD . -49.47 -59.98 59.05
N5 P8E OD . -51.60 -61.69 60.66
N7 P8E OD . -50.91 -59.71 64.45
O6 P8E OD . -49.74 -59.62 61.46
O1A P8E OD . -48.83 -59.60 58.04
O1B P8E OD . -50.69 -60.27 58.95
O4 P8E OD . -49.82 -62.97 59.56
O8 P8E OD . -52.00 -59.27 61.03
C9 P8E PD . -53.25 -50.10 59.73
C8 P8E PD . -52.05 -50.53 60.56
C7 P8E PD . -52.42 -51.75 61.40
C6 P8E PD . -51.13 -52.40 61.85
C5 P8E PD . -51.42 -53.31 63.03
C4 P8E PD . -50.18 -54.02 63.45
C3 P8E PD . -49.54 -54.75 62.36
C2 P8E PD . -49.35 -53.91 61.11
C1 P8E PD . -49.05 -54.87 59.97
N5 P8E PD . -52.43 -54.31 62.63
N7 P8E PD . -53.19 -51.34 62.57
O6 P8E PD . -50.59 -53.15 60.73
O1A P8E PD . -48.03 -55.61 60.03
O1B P8E PD . -49.81 -54.92 58.98
O4 P8E PD . -50.52 -54.96 64.51
O8 P8E PD . -50.99 -50.88 59.72
C9 P8E QD . -55.98 -46.07 56.96
C8 P8E QD . -55.34 -47.03 55.95
C7 P8E QD . -54.63 -46.20 54.87
C6 P8E QD . -53.45 -46.99 54.36
C5 P8E QD . -52.85 -46.23 53.21
C4 P8E QD . -51.64 -46.94 52.70
C3 P8E QD . -50.64 -47.09 53.74
C2 P8E QD . -51.20 -47.75 55.00
C1 P8E QD . -50.18 -47.53 56.12
N5 P8E QD . -52.44 -44.89 53.69
N7 P8E QD . -55.54 -45.92 53.79
O6 P8E QD . -52.50 -47.15 55.44
O1A P8E QD . -50.54 -47.56 57.32
O1B P8E QD . -48.98 -47.32 55.83
O4 P8E QD . -51.06 -46.14 51.62
O8 P8E QD . -54.42 -47.84 56.60
C9 P8E RD . -52.78 -57.00 54.47
C8 P8E RD . -51.84 -57.87 53.63
C7 P8E RD . -52.59 -58.41 52.42
C6 P8E RD . -51.68 -58.37 51.22
C5 P8E RD . -52.45 -58.85 50.00
C4 P8E RD . -51.64 -58.83 48.76
C3 P8E RD . -50.38 -58.07 48.89
C2 P8E RD . -50.52 -56.80 49.72
C1 P8E RD . -51.34 -55.81 48.92
N5 P8E RD . -53.61 -57.94 49.80
N7 P8E RD . -53.00 -59.77 52.66
O6 P8E RD . -51.18 -57.02 51.04
O1A P8E RD . -52.20 -55.09 49.49
O1B P8E RD . -51.17 -55.71 47.67
O4 P8E RD . -52.43 -58.23 47.68
O8 P8E RD . -50.76 -57.10 53.20
C9 P8E SD . -40.21 -61.36 55.66
C8 P8E SD . -41.12 -60.37 54.96
C7 P8E SD . -40.31 -59.14 54.56
C6 P8E SD . -40.21 -58.96 53.06
C5 P8E SD . -39.17 -59.87 52.41
C4 P8E SD . -38.96 -59.49 50.98
C3 P8E SD . -40.01 -58.62 50.44
C2 P8E SD . -41.42 -58.94 50.95
C1 P8E SD . -41.89 -60.22 50.26
N5 P8E SD . -39.62 -61.28 52.39
N7 P8E SD . -41.00 -57.97 55.09
O6 P8E SD . -41.50 -59.13 52.43
O1A P8E SD . -41.57 -61.33 50.74
O1B P8E SD . -42.58 -60.14 49.22
O4 P8E SD . -38.91 -60.71 50.19
O8 P8E SD . -41.67 -60.97 53.82
C9 P8E TD . -46.68 -44.93 69.85
C8 P8E TD . -45.87 -44.92 68.55
C7 P8E TD . -46.74 -45.47 67.42
C6 P8E TD . -45.89 -45.67 66.19
C5 P8E TD . -46.77 -46.07 65.02
C4 P8E TD . -46.20 -45.59 63.73
C3 P8E TD . -46.18 -44.14 63.66
C2 P8E TD . -45.61 -43.50 64.92
C1 P8E TD . -46.69 -42.64 65.56
N5 P8E TD . -48.12 -45.47 65.19
N7 P8E TD . -47.32 -46.74 67.82
O6 P8E TD . -45.09 -44.46 65.94
O1A P8E TD . -46.56 -42.26 66.75
O1B P8E TD . -47.71 -42.31 64.90
O4 P8E TD . -47.03 -46.10 62.64
O8 P8E TD . -45.49 -43.62 68.26
C9 P8E UD . -70.73 -23.55 31.09
C8 P8E UD . -69.29 -23.82 31.52
C7 P8E UD . -69.11 -23.40 32.98
C6 P8E UD . -68.12 -24.30 33.67
C5 P8E UD . -68.85 -25.28 34.59
C4 P8E UD . -67.88 -26.17 35.28
C3 P8E UD . -67.06 -26.90 34.32
C2 P8E UD . -66.38 -25.98 33.32
C1 P8E UD . -65.78 -26.84 32.22
N5 P8E UD . -69.74 -26.13 33.76
N7 P8E UD . -68.63 -22.04 33.04
O6 P8E UD . -67.32 -25.01 32.68
O1A P8E UD . -64.77 -27.55 32.45
O1B P8E UD . -66.32 -26.86 31.08
O4 P8E UD . -68.62 -27.13 36.08
O8 P8E UD . -69.03 -25.19 31.39
C9 P8E VD . -64.23 -23.91 49.45
C8 P8E VD . -62.80 -23.87 49.95
C7 P8E VD . -62.21 -25.28 49.92
C6 P8E VD . -61.24 -25.36 48.76
C5 P8E VD . -60.40 -26.60 48.89
C4 P8E VD . -59.44 -26.70 47.76
C3 P8E VD . -60.13 -26.68 46.47
C2 P8E VD . -61.13 -25.54 46.33
C1 P8E VD . -62.05 -25.90 45.16
N5 P8E VD . -61.30 -27.79 48.84
N7 P8E VD . -61.51 -25.55 51.16
O6 P8E VD . -62.00 -25.36 47.53
O1A P8E VD . -61.56 -26.44 44.13
O1B P8E VD . -63.28 -25.66 45.22
O4 P8E VD . -58.70 -27.95 47.87
O8 P8E VD . -62.04 -23.02 49.14
C9 P8E WD . -70.70 -16.79 54.35
C8 P8E WD . -69.31 -16.74 54.98
C7 P8E WD . -68.47 -17.88 54.41
C6 P8E WD . -67.01 -17.51 54.51
C5 P8E WD . -66.19 -18.68 54.00
C4 P8E WD . -64.72 -18.39 53.98
C3 P8E WD . -64.39 -16.97 54.15
C2 P8E WD . -65.35 -16.03 53.43
C1 P8E WD . -65.15 -16.17 51.93
N5 P8E WD . -66.63 -19.00 52.63
N7 P8E WD . -68.70 -19.10 55.19
O6 P8E WD . -66.80 -16.31 53.72
O1A P8E WD . -63.99 -16.11 51.44
O1B P8E WD . -66.15 -16.35 51.19
O4 P8E WD . -64.19 -18.87 52.70
O8 P8E WD . -68.71 -15.53 54.67
C9 P8E XD . -73.66 -8.52 68.54
C8 P8E XD . -74.01 -8.29 67.07
C7 P8E XD . -74.65 -6.91 66.92
C6 P8E XD . -74.44 -6.43 65.49
C5 P8E XD . -75.64 -5.61 65.04
C4 P8E XD . -75.50 -5.13 63.62
C3 P8E XD . -74.13 -5.22 63.10
C2 P8E XD . -73.06 -4.91 64.13
C1 P8E XD . -73.11 -3.41 64.46
N5 P8E XD . -75.79 -4.42 65.93
N7 P8E XD . -76.07 -7.02 67.21
O6 P8E XD . -73.20 -5.67 65.41
O1A P8E XD . -72.79 -3.01 65.60
O1B P8E XD . -73.46 -2.59 63.57
O4 P8E XD . -75.94 -3.73 63.57
O8 P8E XD . -72.84 -8.35 66.30
C9 P8E YD . -64.23 -2.38 72.61
C8 P8E YD . -65.32 -3.02 73.46
C7 P8E YD . -66.66 -2.35 73.14
C6 P8E YD . -67.35 -3.19 72.10
C5 P8E YD . -68.85 -2.95 72.20
C4 P8E YD . -69.62 -3.76 71.20
C3 P8E YD . -68.79 -4.32 70.12
C2 P8E YD . -67.68 -3.39 69.66
C1 P8E YD . -68.32 -2.24 68.90
N5 P8E YD . -69.13 -1.51 71.95
N7 P8E YD . -67.46 -2.30 74.35
O6 P8E YD . -66.86 -2.81 70.78
O1A P8E YD . -68.07 -1.06 69.24
O1B P8E YD . -69.10 -2.48 67.94
O4 P8E YD . -70.66 -2.91 70.62
O8 P8E YD . -65.39 -4.38 73.18
C9 P8E ZD . -70.59 -8.91 71.60
C8 P8E ZD . -69.10 -9.21 71.45
C7 P8E ZD . -68.32 -8.39 72.48
C6 P8E ZD . -67.04 -9.09 72.89
C5 P8E ZD . -67.22 -9.72 74.26
C4 P8E ZD . -66.00 -10.46 74.72
C3 P8E ZD . -65.06 -10.78 73.64
C2 P8E ZD . -65.71 -11.09 72.31
C1 P8E ZD . -66.46 -12.42 72.43
N5 P8E ZD . -68.35 -10.69 74.22
N7 P8E ZD . -67.98 -7.10 71.89
O6 P8E ZD . -66.70 -10.06 71.86
O1A P8E ZD . -65.82 -13.50 72.50
O1B P8E ZD . -67.71 -12.42 72.46
O4 P8E ZD . -66.43 -11.71 75.36
O8 P8E ZD . -68.88 -10.57 71.66
C9 P8E AE . -60.91 -18.07 75.19
C8 P8E AE . -59.87 -16.96 75.06
C7 P8E AE . -58.56 -17.54 74.58
C6 P8E AE . -57.69 -16.41 74.07
C5 P8E AE . -56.23 -16.73 74.32
C4 P8E AE . -55.41 -15.56 73.90
C3 P8E AE . -55.60 -15.22 72.50
C2 P8E AE . -57.05 -15.21 72.01
C1 P8E AE . -56.98 -15.53 70.52
N5 P8E AE . -55.85 -17.91 73.51
N7 P8E AE . -57.89 -18.20 75.69
O6 P8E AE . -57.94 -16.22 72.66
O1A P8E AE . -55.86 -15.79 70.00
O1B P8E AE . -58.02 -15.55 69.82
O4 P8E AE . -53.99 -15.90 74.10
O8 P8E AE . -60.31 -16.02 74.12
C9 P8E BE . -62.56 -7.61 77.19
C8 P8E BE . -61.85 -6.29 76.93
C7 P8E BE . -60.94 -5.98 78.12
C6 P8E BE . -59.75 -5.21 77.64
C5 P8E BE . -58.84 -4.93 78.82
C4 P8E BE . -57.54 -4.29 78.44
C3 P8E BE . -57.25 -4.33 77.01
C2 P8E BE . -57.68 -5.61 76.33
C1 P8E BE . -56.78 -6.74 76.80
N5 P8E BE . -58.56 -6.22 79.51
N7 P8E BE . -61.68 -5.20 79.10
O6 P8E BE . -59.10 -6.01 76.61
O1A P8E BE . -55.55 -6.54 76.98
O1B P8E BE . -57.27 -7.87 77.03
O4 P8E BE . -56.46 -4.97 79.16
O8 P8E BE . -61.08 -6.41 75.78
C9 P8E CE . -64.18 0.76 68.98
C8 P8E CE . -62.95 1.26 68.25
C7 P8E CE . -62.26 2.32 69.11
C6 P8E CE . -60.84 2.45 68.61
C5 P8E CE . -60.33 3.83 68.97
C4 P8E CE . -58.91 3.97 68.53
C3 P8E CE . -58.06 2.95 69.14
C2 P8E CE . -58.58 1.55 68.90
C1 P8E CE . -57.79 0.60 69.79
N5 P8E CE . -60.37 3.99 70.44
N7 P8E CE . -62.96 3.59 68.96
O6 P8E CE . -60.04 1.40 69.21
O1A P8E CE . -57.87 0.74 71.04
O1B P8E CE . -57.06 -0.30 69.30
O4 P8E CE . -58.42 5.29 68.93
O8 P8E CE . -62.05 0.21 68.05
C9 P8E DE . -63.86 4.13 65.17
C8 P8E DE . -64.49 3.16 64.16
C7 P8E DE . -64.96 3.96 62.94
C6 P8E DE . -64.10 3.60 61.75
C5 P8E DE . -64.61 4.40 60.56
C4 P8E DE . -63.67 4.31 59.40
C3 P8E DE . -62.30 4.67 59.75
C2 P8E DE . -61.78 3.87 60.94
C1 P8E DE . -60.51 4.56 61.39
N5 P8E DE . -64.74 5.82 60.97
N7 P8E DE . -66.35 3.62 62.65
O6 P8E DE . -62.72 3.90 62.10
O1A P8E DE . -60.25 4.66 62.62
O1B P8E DE . -59.71 5.03 60.54
O4 P8E DE . -64.14 5.23 58.36
O8 P8E DE . -63.54 2.22 63.78
C9 P8E EE . -74.72 -12.12 61.40
C8 P8E EE . -74.27 -11.64 60.03
C7 P8E EE . -75.44 -10.93 59.34
C6 P8E EE . -74.90 -10.12 58.18
C5 P8E EE . -76.06 -9.43 57.50
C4 P8E EE . -75.58 -8.51 56.42
C3 P8E EE . -74.62 -7.53 56.92
C2 P8E EE . -73.47 -8.19 57.66
C1 P8E EE . -72.71 -7.09 58.38
N5 P8E EE . -76.80 -8.64 58.51
N7 P8E EE . -76.39 -11.90 58.84
O6 P8E EE . -73.93 -9.16 58.70
O1A P8E EE . -72.08 -7.35 59.45
O1B P8E EE . -72.69 -5.92 57.92
O4 P8E EE . -76.73 -7.79 55.88
O8 P8E EE . -73.20 -10.76 60.17
C9 P8E FE . -82.24 -6.23 52.21
C8 P8E FE . -81.04 -7.10 51.84
C7 P8E FE . -80.61 -7.90 53.07
C6 P8E FE . -79.70 -9.03 52.66
C5 P8E FE . -80.47 -10.35 52.62
C4 P8E FE . -79.60 -11.51 52.24
C3 P8E FE . -78.32 -11.12 51.62
C2 P8E FE . -78.42 -9.87 50.75
C1 P8E FE . -79.15 -10.20 49.45
N5 P8E FE . -81.54 -10.25 51.59
N7 P8E FE . -79.90 -7.01 53.97
O6 P8E FE . -79.09 -8.70 51.38
O1A P8E FE . -78.51 -10.53 48.42
O1B P8E FE . -80.41 -10.15 49.43
O4 P8E FE . -80.33 -12.36 51.29
O8 P8E FE . -81.40 -7.97 50.80
C9 P8E GE . -78.96 1.09 48.17
C8 P8E GE . -77.84 0.13 48.56
C7 P8E GE . -78.37 -0.86 49.59
C6 P8E GE . -77.25 -1.78 50.01
C5 P8E GE . -77.51 -2.28 51.41
C4 P8E GE . -76.43 -3.19 51.85
C3 P8E GE . -76.29 -4.32 50.93
C2 P8E GE . -76.15 -3.90 49.48
C1 P8E GE . -76.35 -5.15 48.63
N5 P8E GE . -78.79 -3.02 51.40
N7 P8E GE . -78.86 -0.13 50.75
O6 P8E GE . -77.17 -2.88 49.07
O1A P8E GE . -75.70 -6.19 48.88
O1B P8E GE . -77.18 -5.13 47.69
O4 P8E GE . -76.74 -3.69 53.18
O8 P8E GE . -77.40 -0.58 47.43
C9 P8E HE . -79.26 4.69 42.90
C8 P8E HE . -79.09 3.23 42.46
C7 P8E HE . -78.34 3.22 41.12
C6 P8E HE . -77.73 1.86 40.91
C5 P8E HE . -77.02 1.88 39.57
C4 P8E HE . -76.27 0.61 39.34
C3 P8E HE . -75.32 0.34 40.41
C2 P8E HE . -76.00 0.34 41.77
C1 P8E HE . -74.89 0.30 42.83
N5 P8E HE . -76.05 3.00 39.58
N7 P8E HE . -79.27 3.49 40.05
O6 P8E HE . -76.81 1.58 42.00
O1A P8E HE . -75.08 0.82 43.95
O1B P8E HE . -73.80 -0.24 42.56
O4 P8E HE . -75.54 0.73 38.08
O8 P8E HE . -78.35 2.55 43.42
C9 P8E IE . -81.21 -7.37 44.39
C8 P8E IE . -80.68 -8.18 43.21
C7 P8E IE . -81.76 -9.17 42.74
C6 P8E IE . -81.27 -9.87 41.49
C5 P8E IE . -82.47 -10.01 40.56
C4 P8E IE . -82.11 -10.50 39.19
C3 P8E IE . -80.69 -10.43 38.87
C2 P8E IE . -79.98 -9.22 39.46
C1 P8E IE . -80.51 -7.96 38.79
N5 P8E IE . -83.13 -8.69 40.43
N7 P8E IE . -82.02 -10.14 43.78
O6 P8E IE . -80.18 -9.08 40.94
O1A P8E IE . -80.84 -6.98 39.49
O1B P8E IE . -80.62 -7.92 37.54
O4 P8E IE . -82.85 -9.69 38.21
O8 P8E IE . -80.37 -7.31 42.16
C9 P8E JE . -71.77 -15.78 46.62
C8 P8E JE . -72.31 -14.83 45.55
C7 P8E JE . -71.17 -14.41 44.63
C6 P8E JE . -71.20 -15.03 43.24
C5 P8E JE . -70.94 -16.53 43.18
C4 P8E JE . -70.79 -16.95 41.77
C3 P8E JE . -71.95 -16.57 40.97
C2 P8E JE . -72.30 -15.11 41.12
C1 P8E JE . -73.61 -14.85 40.37
N5 P8E JE . -72.10 -17.30 43.71
N7 P8E JE . -71.23 -12.97 44.49
O6 P8E JE . -72.45 -14.70 42.54
O1A P8E JE . -74.64 -14.49 41.00
O1B P8E JE . -73.65 -15.02 39.12
O4 P8E JE . -70.67 -18.41 41.74
O8 P8E JE . -73.32 -15.46 44.81
C9 P8E KE . -68.69 4.68 55.29
C8 P8E KE . -68.27 3.90 54.05
C7 P8E KE . -69.47 3.71 53.13
C6 P8E KE . -69.08 2.84 51.96
C5 P8E KE . -70.26 2.79 50.99
C4 P8E KE . -69.78 2.62 49.58
C3 P8E KE . -69.00 3.77 49.15
C2 P8E KE . -67.93 4.16 50.15
C1 P8E KE . -68.20 5.59 50.62
N5 P8E KE . -71.04 4.05 51.09
N7 P8E KE . -70.55 3.07 53.88
O6 P8E KE . -67.84 3.29 51.37
O1A P8E KE . -67.65 6.03 51.66
O1B P8E KE . -68.99 6.33 49.97
O4 P8E KE . -70.96 2.52 48.71
O8 P8E KE . -67.28 4.61 53.37
C9 P8E LE . 37.82 -73.77 -6.43
C8 P8E LE . 38.62 -73.11 -5.31
C7 P8E LE . 38.54 -73.96 -4.04
C6 P8E LE . 39.60 -73.51 -3.07
C5 P8E LE . 40.68 -74.57 -2.96
C4 P8E LE . 41.76 -74.11 -2.05
C3 P8E LE . 42.36 -72.88 -2.54
C2 P8E LE . 41.32 -71.79 -2.71
C1 P8E LE . 41.95 -70.61 -3.43
N5 P8E LE . 41.26 -74.81 -4.30
N7 P8E LE . 37.22 -73.79 -3.43
O6 P8E LE . 40.16 -72.25 -3.55
O1A P8E LE . 43.17 -70.36 -3.27
O1B P8E LE . 41.25 -69.89 -4.20
O4 P8E LE . 42.80 -75.15 -1.97
O8 P8E LE . 39.97 -72.99 -5.70
C9 P8E ME . 46.67 -80.11 9.87
C8 P8E ME . 47.38 -79.52 11.08
C7 P8E ME . 48.75 -78.99 10.66
C6 P8E ME . 48.68 -77.49 10.57
C5 P8E ME . 50.11 -76.95 10.50
C4 P8E ME . 50.12 -75.47 10.30
C3 P8E ME . 49.35 -75.08 9.13
C2 P8E ME . 47.94 -75.64 9.11
C1 P8E ME . 47.39 -75.45 7.71
N5 P8E ME . 50.79 -77.59 9.35
N7 P8E ME . 49.75 -79.37 11.65
O6 P8E ME . 47.92 -77.11 9.39
O1A P8E ME . 47.18 -74.29 7.26
O1B P8E ME . 47.14 -76.45 6.99
O4 P8E ME . 51.52 -75.07 10.09
O8 P8E ME . 46.61 -78.48 11.60
C9 P8E NE . 41.40 -89.42 12.43
C8 P8E NE . 41.89 -88.75 13.71
C7 P8E NE . 42.84 -87.60 13.34
C6 P8E NE . 42.86 -86.62 14.48
C5 P8E NE . 43.91 -85.56 14.15
C4 P8E NE . 43.97 -84.46 15.16
C3 P8E NE . 42.83 -84.42 16.08
C2 P8E NE . 41.50 -84.76 15.41
C1 P8E NE . 41.10 -83.64 14.47
N5 P8E NE . 43.60 -84.97 12.83
N7 P8E NE . 44.17 -88.12 13.12
O6 P8E NE . 41.54 -86.04 14.62
O1A P8E NE . 41.16 -82.45 14.88
O1B P8E NE . 40.73 -83.91 13.31
O4 P8E NE . 44.05 -83.19 14.44
O8 P8E NE . 40.80 -88.24 14.42
C9 P8E OE . 39.47 -101.61 23.44
C8 P8E OE . 38.43 -100.98 22.52
C7 P8E OE . 37.04 -101.44 22.93
C6 P8E OE . 36.03 -100.42 22.45
C5 P8E OE . 34.79 -101.10 21.88
C4 P8E OE . 33.82 -100.11 21.32
C3 P8E OE . 34.05 -98.74 21.78
C2 P8E OE . 34.51 -98.64 23.22
C1 P8E OE . 33.36 -99.03 24.14
N5 P8E OE . 34.12 -101.85 22.97
N7 P8E OE . 36.77 -102.74 22.33
O6 P8E OE . 35.70 -99.52 23.53
O1A P8E OE . 33.59 -99.63 25.23
O1B P8E OE . 32.17 -98.76 23.81
O4 P8E OE . 32.46 -100.52 21.70
O8 P8E OE . 38.51 -99.60 22.62
C9 P8E PE . 37.78 -98.20 35.01
C8 P8E PE . 38.45 -99.44 34.46
C7 P8E PE . 37.53 -100.13 33.45
C6 P8E PE . 37.73 -99.50 32.10
C5 P8E PE . 37.43 -100.53 31.02
C4 P8E PE . 37.61 -99.98 29.64
C3 P8E PE . 37.70 -98.52 29.59
C2 P8E PE . 36.78 -97.81 30.57
C1 P8E PE . 35.35 -97.97 30.09
N5 P8E PE . 36.01 -100.96 31.16
N7 P8E PE . 37.85 -101.53 33.39
O6 P8E PE . 36.87 -98.33 31.97
O1A P8E PE . 34.41 -98.05 30.93
O1B P8E PE . 35.11 -98.03 28.86
O4 P8E PE . 36.48 -100.41 28.81
O8 P8E PE . 39.64 -99.10 33.82
C9 P8E QE . 42.08 -101.07 27.07
C8 P8E QE . 42.52 -99.84 27.86
C7 P8E QE . 42.32 -100.12 29.35
C6 P8E QE . 43.28 -99.30 30.18
C5 P8E QE . 44.39 -100.21 30.71
C4 P8E QE . 45.41 -99.47 31.52
C3 P8E QE . 45.38 -98.02 31.32
C2 P8E QE . 45.04 -97.60 29.90
C1 P8E QE . 46.19 -98.01 28.98
N5 P8E QE . 45.08 -100.86 29.57
N7 P8E QE . 40.96 -99.76 29.72
O6 P8E QE . 43.78 -98.20 29.38
O1A P8E QE . 47.37 -97.71 29.27
O1B P8E QE . 45.92 -98.65 27.93
O4 P8E QE . 46.74 -99.98 31.17
O8 P8E QE . 43.86 -99.58 27.60
C9 P8E RE . 53.66 -94.83 31.15
C8 P8E RE . 52.79 -94.13 32.18
C7 P8E RE . 53.49 -92.86 32.66
C6 P8E RE . 52.48 -92.02 33.40
C5 P8E RE . 53.22 -90.99 34.23
C4 P8E RE . 52.23 -90.17 34.99
C3 P8E RE . 51.31 -89.47 34.10
C2 P8E RE . 50.70 -90.34 33.01
C1 P8E RE . 50.35 -89.37 31.89
N5 P8E RE . 53.99 -90.11 33.33
N7 P8E RE . 54.59 -93.21 33.55
O6 P8E RE . 51.60 -91.38 32.43
O1A P8E RE . 50.43 -88.14 32.10
O1B P8E RE . 50.01 -89.79 30.75
O4 P8E RE . 52.97 -89.16 35.76
O8 P8E RE . 51.56 -93.78 31.61
C9 P8E SE . 45.23 -97.48 36.11
C8 P8E SE . 43.96 -97.54 36.96
C7 P8E SE . 44.33 -97.99 38.38
C6 P8E SE . 43.76 -96.98 39.35
C5 P8E SE . 44.13 -97.40 40.76
C4 P8E SE . 43.86 -96.35 41.79
C3 P8E SE . 43.24 -95.14 41.24
C2 P8E SE . 43.92 -94.61 39.99
C1 P8E SE . 45.19 -93.87 40.41
N5 P8E SE . 45.56 -97.75 40.79
N7 P8E SE . 43.74 -99.29 38.66
O6 P8E SE . 44.30 -95.68 39.02
O1A P8E SE . 45.13 -93.01 41.30
O1B P8E SE . 46.28 -94.15 39.85
O4 P8E SE . 45.13 -96.00 42.43
O8 P8E SE . 43.38 -96.28 37.00
C9 P8E TE . 33.27 -95.75 33.66
C8 P8E TE . 33.35 -94.42 34.40
C7 P8E TE . 32.89 -94.61 35.83
C6 P8E TE . 32.77 -93.26 36.47
C5 P8E TE . 31.76 -93.32 37.61
C4 P8E TE . 31.68 -92.01 38.31
C3 P8E TE . 32.98 -91.60 38.81
C2 P8E TE . 34.04 -91.57 37.73
C1 P8E TE . 35.39 -91.42 38.43
N5 P8E TE . 32.20 -94.36 38.58
N7 P8E TE . 31.61 -95.30 35.84
O6 P8E TE . 34.08 -92.85 36.94
O1A P8E TE . 35.92 -92.40 38.99
O1B P8E TE . 35.96 -90.29 38.47
O4 P8E TE . 30.76 -92.13 39.44
O8 P8E TE . 34.66 -93.96 34.39
C9 P8E UE . 28.87 -93.35 33.53
C8 P8E UE . 29.37 -93.09 32.11
C7 P8E UE . 28.16 -92.81 31.20
C6 P8E UE . 28.18 -91.35 30.79
C5 P8E UE . 26.85 -91.06 30.11
C4 P8E UE . 26.62 -89.60 29.93
C3 P8E UE . 26.77 -88.87 31.18
C2 P8E UE . 28.12 -89.09 31.82
C1 P8E UE . 28.02 -88.54 33.24
N5 P8E UE . 25.76 -91.62 30.94
N7 P8E UE . 28.24 -93.65 30.02
O6 P8E UE . 28.42 -90.55 31.97
O1A P8E UE . 28.54 -89.16 34.20
O1B P8E UE . 27.42 -87.45 33.45
O4 P8E UE . 25.27 -89.40 29.42
O8 P8E UE . 30.23 -91.99 32.12
C9 P8E VE . 39.29 -97.95 16.45
C8 P8E VE . 38.53 -96.66 16.14
C7 P8E VE . 37.17 -97.02 15.54
C6 P8E VE . 36.29 -95.80 15.59
C5 P8E VE . 35.01 -96.11 14.83
C4 P8E VE . 34.05 -94.98 14.92
C3 P8E VE . 33.73 -94.66 16.31
C2 P8E VE . 34.96 -94.44 17.17
C1 P8E VE . 34.51 -94.55 18.63
N5 P8E VE . 34.38 -97.32 15.43
N7 P8E VE . 37.34 -97.45 14.16
O6 P8E VE . 36.02 -95.48 16.98
O1A P8E VE . 35.35 -94.81 19.53
O1B P8E VE . 33.30 -94.37 18.93
O4 P8E VE . 32.81 -95.36 14.23
O8 P8E VE . 38.34 -95.94 17.32
C9 P8E WE . 28.50 -98.15 9.70
C8 P8E WE . 29.49 -97.04 9.38
C7 P8E WE . 30.88 -97.45 9.88
C6 P8E WE . 31.88 -96.34 9.66
C5 P8E WE . 32.68 -96.60 8.39
C4 P8E WE . 33.70 -95.54 8.15
C3 P8E WE . 33.47 -94.30 8.89
C2 P8E WE . 32.01 -93.95 9.08
C1 P8E WE . 31.40 -93.49 7.77
N5 P8E WE . 31.76 -96.61 7.21
N7 P8E WE . 30.79 -97.74 11.31
O6 P8E WE . 31.17 -95.08 9.62
O1A P8E WE . 31.36 -92.27 7.47
O1B P8E WE . 30.92 -94.35 6.97
O4 P8E WE . 33.73 -95.24 6.71
O8 P8E WE . 29.54 -96.84 8.01
C9 P8E XE . 21.61 -93.94 11.32
C8 P8E XE . 22.74 -93.22 12.06
C7 P8E XE . 23.84 -94.23 12.37
C6 P8E XE . 25.09 -93.49 12.76
C5 P8E XE . 26.05 -94.49 13.38
C4 P8E XE . 27.38 -93.87 13.67
C3 P8E XE . 27.95 -93.24 12.49
C2 P8E XE . 26.99 -92.25 11.85
C1 P8E XE . 27.60 -91.81 10.53
N5 P8E XE . 26.24 -95.59 12.41
N7 P8E XE . 23.42 -95.09 13.46
O6 P8E XE . 25.65 -92.84 11.58
O1A P8E XE . 28.80 -91.44 10.47
O1B P8E XE . 26.89 -91.81 9.50
O4 P8E XE . 28.29 -94.89 14.16
O8 P8E XE . 23.26 -92.20 11.27
C9 P8E YE . 15.93 -90.79 10.10
C8 P8E YE . 16.78 -90.47 8.87
C7 P8E YE . 16.50 -89.04 8.45
C6 P8E YE . 17.81 -88.32 8.17
C5 P8E YE . 17.47 -86.91 7.74
C4 P8E YE . 18.71 -86.09 7.57
C3 P8E YE . 19.54 -86.11 8.77
C2 P8E YE . 19.83 -87.51 9.25
C1 P8E YE . 20.47 -87.41 10.63
N5 P8E YE . 16.64 -86.29 8.79
N7 P8E YE . 15.69 -89.03 7.23
O6 P8E YE . 18.59 -88.33 9.39
O1A P8E YE . 20.44 -88.39 11.42
O1B P8E YE . 21.03 -86.34 10.99
O4 P8E YE . 18.31 -84.71 7.29
O8 P8E YE . 18.14 -90.62 9.19
C9 P8E ZE . 25.82 -91.95 4.27
C8 P8E ZE . 26.97 -91.34 3.49
C7 P8E ZE . 26.76 -91.58 2.00
C6 P8E ZE . 27.06 -90.32 1.25
C5 P8E ZE . 26.78 -90.54 -0.23
C4 P8E ZE . 26.98 -89.32 -1.06
C3 P8E ZE . 27.15 -88.10 -0.26
C2 P8E ZE . 26.23 -88.02 0.95
C1 P8E ZE . 24.81 -87.77 0.45
N5 P8E ZE . 25.37 -90.98 -0.38
N7 P8E ZE . 27.66 -92.63 1.55
O6 P8E ZE . 26.24 -89.25 1.80
O1A P8E ZE . 23.85 -88.38 0.97
O1B P8E ZE . 24.61 -86.96 -0.49
O4 P8E ZE . 25.82 -89.16 -1.94
O8 P8E ZE . 27.01 -89.96 3.73
C9 P8E AF . 36.93 -85.78 7.16
C8 P8E AF . 35.51 -85.55 6.62
C7 P8E AF . 35.05 -84.15 7.00
C6 P8E AF . 34.96 -83.17 5.84
C5 P8E AF . 36.31 -82.72 5.29
C4 P8E AF . 36.11 -81.62 4.30
C3 P8E AF . 35.18 -82.01 3.25
C2 P8E AF . 33.88 -82.56 3.81
C1 P8E AF . 33.03 -83.05 2.63
N5 P8E AF . 37.00 -83.82 4.55
N7 P8E AF . 33.71 -84.28 7.58
O6 P8E AF . 34.11 -83.68 4.77
O1A P8E AF . 32.68 -84.26 2.55
O1B P8E AF . 32.68 -82.23 1.74
O4 P8E AF . 37.40 -81.34 3.67
O8 P8E AF . 35.51 -85.70 5.23
C9 P8E BF . 23.67 -91.44 24.43
C8 P8E BF . 23.63 -90.18 23.56
C7 P8E BF . 23.37 -90.57 22.10
C6 P8E BF . 23.81 -89.46 21.19
C5 P8E BF . 23.39 -89.78 19.76
C4 P8E BF . 23.11 -88.54 18.99
C3 P8E BF . 21.99 -87.80 19.54
C2 P8E BF . 22.07 -87.64 21.05
C1 P8E BF . 20.87 -88.34 21.67
N5 P8E BF . 22.16 -90.62 19.80
N7 P8E BF . 24.12 -91.78 21.79
O6 P8E BF . 23.32 -88.18 21.68
O1A P8E BF . 20.87 -88.63 22.89
O1B P8E BF . 19.88 -88.61 20.95
O4 P8E BF . 22.76 -88.93 17.62
O8 P8E BF . 22.59 -89.36 24.01
C9 P8E CF . -50.71 60.18 20.87
C8 P8E CF . -50.18 59.18 21.88
C7 P8E CF . -49.20 59.89 22.83
C6 P8E CF . -49.06 59.08 24.10
C5 P8E CF . -49.76 59.82 25.24
C4 P8E CF . -49.67 59.03 26.50
C3 P8E CF . -50.22 57.69 26.33
C2 P8E CF . -49.57 56.97 25.17
C1 P8E CF . -50.29 55.65 24.95
N5 P8E CF . -51.20 59.98 24.89
N7 P8E CF . -47.91 59.97 22.18
O6 P8E CF . -49.62 57.76 23.90
O1A P8E CF . -50.25 54.75 25.82
O1B P8E CF . -50.94 55.48 23.89
O4 P8E CF . -50.43 59.74 27.55
O8 P8E CF . -51.24 58.65 22.63
C9 P8E DF . -41.10 63.50 38.27
C8 P8E DF . -40.21 62.27 38.21
C7 P8E DF . -40.79 61.18 39.11
C6 P8E DF . -40.60 59.85 38.43
C5 P8E DF . -41.02 58.74 39.38
C4 P8E DF . -40.87 57.42 38.72
C3 P8E DF . -41.67 57.34 37.49
C2 P8E DF . -41.42 58.50 36.54
C1 P8E DF . -42.57 58.51 35.55
N5 P8E DF . -42.46 58.93 39.73
N7 P8E DF . -40.08 61.17 40.38
O6 P8E DF . -41.40 59.83 37.21
O1A P8E DF . -43.26 59.56 35.40
O1B P8E DF . -42.85 57.49 34.89
O4 P8E DF . -41.35 56.39 39.65
O8 P8E DF . -40.16 61.79 36.90
C9 P8E EF . -38.17 73.38 36.60
C8 P8E EF . -37.05 72.77 37.44
C7 P8E EF . -37.47 71.37 37.88
C6 P8E EF . -36.28 70.44 37.77
C5 P8E EF . -36.74 69.04 38.13
C4 P8E EF . -35.67 68.01 37.95
C3 P8E EF . -34.53 68.46 37.14
C2 P8E EF . -34.93 69.37 35.99
C1 P8E EF . -35.67 68.58 34.94
N5 P8E EF . -37.90 68.68 37.28
N7 P8E EF . -37.90 71.41 39.27
O6 P8E EF . -35.78 70.53 36.40
O1A P8E EF . -35.28 67.42 34.62
O1B P8E EF . -36.69 69.08 34.40
O4 P8E EF . -36.27 66.84 37.29
O8 P8E EF . -35.89 72.70 36.66
C9 P8E FF . -29.13 86.53 42.56
C8 P8E FF . -29.39 85.90 41.19
C7 P8E FF . -28.87 86.84 40.09
C6 P8E FF . -28.76 86.07 38.80
C5 P8E FF . -28.91 87.03 37.63
C4 P8E FF . -28.78 86.34 36.30
C3 P8E FF . -28.18 85.01 36.38
C2 P8E FF . -27.08 84.89 37.42
C1 P8E FF . -25.87 85.70 36.96
N5 P8E FF . -27.87 88.09 37.73
N7 P8E FF . -29.82 87.93 39.93
O6 P8E FF . -27.49 85.38 38.79
O1A P8E FF . -25.14 86.29 37.80
O1B P8E FF . -25.59 85.80 35.73
O4 P8E FF . -27.96 87.18 35.42
O8 P8E FF . -28.71 84.68 41.09
C9 P8E GF . -17.67 83.15 45.07
C8 P8E GF . -18.50 84.25 45.72
C7 P8E GF . -19.01 85.21 44.64
C6 P8E GF . -20.22 84.60 43.98
C5 P8E GF . -21.19 85.70 43.59
C4 P8E GF . -22.44 85.14 42.96
C3 P8E GF . -22.30 83.77 42.48
C2 P8E GF . -20.93 83.46 41.91
C1 P8E GF . -20.75 84.21 40.59
N5 P8E GF . -20.53 86.61 42.61
N7 P8E GF . -19.35 86.47 45.27
O6 P8E GF . -19.79 83.84 42.82
O1A P8E GF . -19.61 84.60 40.25
O1B P8E GF . -21.75 84.43 39.86
O4 P8E GF . -22.81 86.00 41.83
O8 P8E GF . -19.59 83.67 46.36
C9 P8E HF . -26.33 85.21 46.54
C8 P8E HF . -25.80 83.78 46.67
C7 P8E HF . -24.34 83.85 47.14
C6 P8E HF . -23.99 82.62 47.96
C5 P8E HF . -23.88 83.02 49.43
C4 P8E HF . -23.60 81.87 50.35
C3 P8E HF . -23.85 80.56 49.75
C2 P8E HF . -25.03 80.53 48.78
C1 P8E HF . -26.32 80.79 49.57
N5 P8E HF . -25.15 83.65 49.85
N7 P8E HF . -23.48 83.91 45.97
O6 P8E HF . -24.95 81.56 47.70
O1A P8E HF . -26.48 80.31 50.72
O1B P8E HF . -27.22 81.51 49.06
O4 P8E HF . -24.44 82.01 51.54
O8 P8E HF . -26.58 83.10 47.61
C9 P8E IF . -26.17 75.23 55.63
C8 P8E IF . -24.88 74.74 55.01
C7 P8E IF . -24.55 73.36 55.56
C6 P8E IF . -23.29 72.86 54.87
C5 P8E IF . -22.65 71.81 55.77
C4 P8E IF . -21.40 71.30 55.13
C3 P8E IF . -21.65 70.75 53.82
C2 P8E IF . -22.48 71.64 52.91
C1 P8E IF . -23.00 70.74 51.80
N5 P8E IF . -23.59 70.69 55.94
N7 P8E IF . -24.32 73.45 57.00
O6 P8E IF . -23.64 72.29 53.58
O1A P8E IF . -22.39 69.67 51.56
O1B P8E IF . -24.01 71.06 51.13
O4 P8E IF . -20.84 70.26 55.99
O8 P8E IF . -25.02 74.66 53.62
C9 P8E JF . -19.00 80.68 51.22
C8 P8E JF . -17.72 81.18 50.59
C7 P8E JF . -16.61 81.29 51.64
C6 P8E JF . -15.37 80.61 51.10
C5 P8E JF . -14.26 80.79 52.11
C4 P8E JF . -13.03 79.99 51.82
C3 P8E JF . -13.22 78.96 50.78
C2 P8E JF . -14.56 78.28 50.83
C1 P8E JF . -14.64 77.42 52.08
N5 P8E JF . -14.76 80.40 53.46
N7 P8E JF . -16.32 82.67 51.93
O6 P8E JF . -15.72 79.23 50.84
O1A P8E JF . -13.69 76.66 52.40
O1B P8E JF . -15.67 77.48 52.81
O4 P8E JF . -12.59 79.33 53.06
O8 P8E JF . -17.33 80.29 49.59
C9 P8E KF . -16.81 83.00 39.30
C8 P8E KF . -16.06 81.70 39.59
C7 P8E KF . -14.59 82.02 39.85
C6 P8E KF . -13.77 80.79 39.50
C5 P8E KF . -12.45 81.22 38.91
C4 P8E KF . -11.67 80.00 38.54
C3 P8E KF . -11.39 79.21 39.73
C2 P8E KF . -12.64 78.84 40.51
C1 P8E KF . -12.16 78.40 41.88
N5 P8E KF . -11.68 81.97 39.93
N7 P8E KF . -14.19 83.14 39.02
O6 P8E KF . -13.58 80.00 40.70
O1A P8E KF . -11.30 79.10 42.48
O1B P8E KF . -12.60 77.35 42.41
O4 P8E KF . -10.42 80.41 37.92
O8 P8E KF . -16.59 81.09 40.73
C9 P8E LF . -14.68 82.12 35.03
C8 P8E LF . -16.13 81.72 34.85
C7 P8E LF . -16.53 81.89 33.39
C6 P8E LF . -16.77 80.53 32.76
C5 P8E LF . -16.91 80.74 31.26
C4 P8E LF . -16.95 79.43 30.55
C3 P8E LF . -15.78 78.61 30.84
C2 P8E LF . -15.55 78.40 32.33
C1 P8E LF . -14.12 77.93 32.48
N5 P8E LF . -15.74 81.52 30.79
N7 P8E LF . -17.75 82.68 33.30
O6 P8E LF . -15.66 79.67 33.12
O1A P8E LF . -13.43 78.31 33.46
O1B P8E LF . -13.63 77.14 31.63
O4 P8E LF . -16.97 79.69 29.10
O8 P8E LF . -16.29 80.38 35.23
C9 P8E MF . -35.37 82.00 38.50
C8 P8E MF . -34.41 81.37 37.51
C7 P8E MF . -34.31 82.26 36.27
C6 P8E MF . -33.93 81.39 35.09
C5 P8E MF . -34.39 82.08 33.82
C4 P8E MF . -34.02 81.25 32.64
C3 P8E MF . -32.56 81.06 32.56
C2 P8E MF . -31.94 80.56 33.86
C1 P8E MF . -30.46 80.90 33.79
N5 P8E MF . -33.70 83.39 33.72
N7 P8E MF . -35.60 82.87 36.01
O6 P8E MF . -32.48 81.22 35.09
O1A P8E MF . -29.77 80.94 34.84
O1B P8E MF . -29.92 81.15 32.67
O4 P8E MF . -34.45 81.96 31.43
O8 P8E MF . -33.14 81.27 38.10
C9 P8E NF . -37.33 86.18 26.91
C8 P8E NF . -37.92 84.83 27.28
C7 P8E NF . -38.08 84.75 28.80
C6 P8E NF . -38.56 83.38 29.19
C5 P8E NF . -40.06 83.40 29.47
C4 P8E NF . -40.59 82.05 29.86
C3 P8E NF . -39.70 80.94 29.50
C2 P8E NF . -38.93 81.15 28.20
C1 P8E NF . -39.88 81.05 27.01
N5 P8E NF . -40.79 83.84 28.25
N7 P8E NF . -36.78 84.98 29.41
O6 P8E NF . -38.20 82.45 28.12
O1A P8E NF . -40.08 79.94 26.45
O1B P8E NF . -40.45 82.08 26.59
O4 P8E NF . -41.88 81.84 29.20
O8 P8E NF . -39.17 84.69 26.68
C9 P8E OF . -32.90 84.45 19.72
C8 P8E OF . -32.18 83.76 20.86
C7 P8E OF . -32.56 84.43 22.17
C6 P8E OF . -32.41 83.42 23.28
C5 P8E OF . -32.23 84.16 24.59
C4 P8E OF . -32.14 83.21 25.75
C3 P8E OF . -33.30 82.33 25.81
C2 P8E OF . -33.59 81.64 24.48
C1 P8E OF . -34.97 81.04 24.61
N5 P8E OF . -33.42 85.04 24.80
N7 P8E OF . -31.67 85.55 22.41
O6 P8E OF . -33.60 82.57 23.32
O1A P8E OF . -35.26 80.33 25.62
O1B P8E OF . -35.84 81.24 23.73
O4 P8E OF . -32.10 83.99 26.98
O8 P8E OF . -32.54 82.41 20.90
C9 P8E PF . -31.28 83.90 14.29
C8 P8E PF . -32.65 83.25 14.40
C7 P8E PF . -32.71 82.06 13.46
C6 P8E PF . -33.38 80.89 14.14
C5 P8E PF . -33.44 79.74 13.15
C4 P8E PF . -33.98 78.52 13.80
C3 P8E PF . -33.21 78.13 14.97
C2 P8E PF . -33.06 79.27 15.97
C1 P8E PF . -32.02 78.84 16.99
N5 P8E PF . -32.05 79.44 12.70
N7 P8E PF . -33.48 82.42 12.28
O6 P8E PF . -32.60 80.54 15.33
O1A P8E PF . -31.45 79.69 17.71
O1B P8E PF . -31.72 77.63 17.11
O4 P8E PF . -33.95 77.43 12.83
O8 P8E PF . -32.84 82.81 15.73
C9 P8E QF . -41.64 81.26 21.90
C8 P8E QF . -41.96 80.12 20.93
C7 P8E QF . -43.43 80.19 20.54
C6 P8E QF . -43.82 78.88 19.89
C5 P8E QF . -44.97 79.16 18.93
C4 P8E QF . -45.38 77.96 18.15
C3 P8E QF . -44.45 76.83 18.28
C2 P8E QF . -42.99 77.22 18.27
C1 P8E QF . -42.64 77.65 16.85
N5 P8E QF . -44.54 80.22 17.98
N7 P8E QF . -44.23 80.40 21.73
O6 P8E QF . -42.65 78.34 19.20
O1A P8E QF . -41.93 78.67 16.65
O1B P8E QF . -43.08 76.98 15.88
O4 P8E QF . -45.50 78.34 16.74
O8 P8E QF . -41.18 80.27 19.78
C9 P8E RF . -40.87 71.43 29.48
C8 P8E RF . -40.80 71.78 28.00
C7 P8E RF . -39.98 70.69 27.29
C6 P8E RF . -40.81 69.86 26.33
C5 P8E RF . -41.63 68.78 27.03
C4 P8E RF . -42.23 67.89 26.00
C3 P8E RF . -43.05 68.64 25.05
C2 P8E RF . -42.30 69.82 24.45
C1 P8E RF . -43.28 70.63 23.62
N5 P8E RF . -42.77 69.37 27.76
N7 P8E RF . -38.94 71.36 26.53
O6 P8E RF . -41.67 70.68 25.49
O1A P8E RF . -43.33 71.88 23.73
O1B P8E RF . -44.06 70.04 22.82
O4 P8E RF . -43.09 66.92 26.67
O8 P8E RF . -42.10 71.81 27.48
C9 P8E SF . -21.05 81.73 25.88
C8 P8E SF . -21.68 80.46 25.33
C7 P8E SF . -22.96 80.83 24.57
C6 P8E SF . -23.69 79.56 24.19
C5 P8E SF . -24.85 79.92 23.28
C4 P8E SF . -25.17 78.80 22.35
C3 P8E SF . -24.06 78.56 21.43
C2 P8E SF . -22.70 78.52 22.11
C1 P8E SF . -21.86 79.67 21.59
N5 P8E SF . -24.50 81.13 22.49
N7 P8E SF . -23.82 81.65 25.42
O6 P8E SF . -22.75 78.60 23.61
O1A P8E SF . -20.84 80.04 22.22
O1B P8E SF . -22.18 80.25 20.51
O4 P8E SF . -26.33 79.17 21.56
O8 P8E SF . -20.79 79.84 24.47
C9 P8E TF . 81.75 -1.79 -21.73
C8 P8E TF . 81.92 -1.18 -20.35
C7 P8E TF . 83.00 -1.95 -19.59
C6 P8E TF . 83.34 -1.20 -18.33
C5 P8E TF . 84.79 -0.77 -18.39
C4 P8E TF . 85.15 -0.03 -17.15
C3 P8E TF . 84.32 1.16 -17.01
C2 P8E TF . 82.84 0.83 -17.05
C1 P8E TF . 82.10 2.16 -17.23
N5 P8E TF . 84.95 0.14 -19.55
N7 P8E TF . 82.52 -3.28 -19.26
O6 P8E TF . 82.47 -0.05 -18.19
O1A P8E TF . 81.08 2.41 -16.55
O1B P8E TF . 82.53 2.99 -18.07
O4 P8E TF . 86.56 0.36 -17.22
O8 P8E TF . 82.31 0.16 -20.46
C9 P8E UF . 95.86 -5.17 -8.49
C8 P8E UF . 95.58 -5.26 -7.00
C7 P8E UF . 95.62 -3.85 -6.40
C6 P8E UF . 94.22 -3.45 -6.00
C5 P8E UF . 94.32 -2.15 -5.21
C4 P8E UF . 92.96 -1.61 -4.91
C3 P8E UF . 92.19 -1.42 -6.13
C2 P8E UF . 92.09 -2.68 -6.96
C1 P8E UF . 91.52 -2.29 -8.32
N5 P8E UF . 95.05 -1.15 -6.03
N7 P8E UF . 96.49 -3.84 -5.23
O6 P8E UF . 93.42 -3.32 -7.19
O1A P8E UF . 92.04 -2.74 -9.37
O1B P8E UF . 90.55 -1.50 -8.40
O4 P8E UF . 93.10 -0.31 -4.23
O8 P8E UF . 94.32 -5.81 -6.79
C9 P8E VF . 99.64 -15.23 -12.75
C8 P8E VF . 99.72 -15.17 -11.23
C7 P8E VF . 99.28 -13.78 -10.76
C6 P8E VF . 98.73 -13.90 -9.35
C5 P8E VF . 98.68 -12.50 -8.77
C4 P8E VF . 98.05 -12.48 -7.41
C3 P8E VF . 97.46 -13.76 -6.99
C2 P8E VF . 96.70 -14.46 -8.10
C1 P8E VF . 95.39 -13.73 -8.33
N5 P8E VF . 97.86 -11.65 -9.66
N7 P8E VF . 100.42 -12.88 -10.76
O6 P8E VF . 97.43 -14.52 -9.41
O1A P8E VF . 94.71 -13.34 -7.33
O1B P8E VF . 94.98 -13.52 -9.49
O4 P8E VF . 97.02 -11.44 -7.39
O8 P8E VF . 98.88 -16.14 -10.68
C9 P8E WF . 110.06 -27.46 -9.34
C8 P8E WF . 108.99 -27.31 -10.40
C7 P8E WF . 108.58 -28.69 -10.92
C6 P8E WF . 107.09 -28.68 -11.25
C5 P8E WF . 106.83 -29.50 -12.51
C4 P8E WF . 105.39 -29.46 -12.92
C3 P8E WF . 104.49 -29.03 -11.84
C2 P8E WF . 104.91 -29.48 -10.45
C1 P8E WF . 104.67 -30.98 -10.34
N5 P8E WF . 107.20 -30.92 -12.25
N7 P8E WF . 109.36 -29.00 -12.11
O6 P8E WF . 106.34 -29.19 -10.12
O1A P8E WF . 105.39 -31.68 -9.58
O1B P8E WF . 103.76 -31.53 -11.02
O4 P8E WF . 104.99 -30.80 -13.35
O8 P8E WF . 107.87 -26.66 -9.87
C9 P8E XF . 108.49 -34.60 -0.10
C8 P8E XF . 109.52 -33.58 -0.56
C7 P8E XF . 109.62 -33.62 -2.09
C6 P8E XF . 108.94 -32.40 -2.68
C5 P8E XF . 109.14 -32.44 -4.18
C4 P8E XF . 108.40 -31.36 -4.91
C3 P8E XF . 107.35 -30.71 -4.11
C2 P8E XF . 106.62 -31.67 -3.19
C1 P8E XF . 105.80 -32.66 -4.02
N5 P8E XF . 108.69 -33.76 -4.68
N7 P8E XF . 111.02 -33.61 -2.48
O6 P8E XF . 107.54 -32.46 -2.29
O1A P8E XF . 105.67 -33.84 -3.62
O1B P8E XF . 105.27 -32.28 -5.09
O4 P8E XF . 107.78 -31.94 -6.10
O8 P8E XF . 109.12 -32.31 -0.16
C9 P8E YF . 111.57 -27.68 -5.79
C8 P8E YF . 111.18 -27.10 -4.44
C7 P8E YF . 111.41 -28.15 -3.35
C6 P8E YF . 111.59 -27.48 -2.00
C5 P8E YF . 113.06 -27.59 -1.59
C4 P8E YF . 113.35 -26.88 -0.30
C3 P8E YF . 112.32 -25.93 0.12
C2 P8E YF . 111.64 -25.20 -1.03
C1 P8E YF . 112.65 -24.28 -1.72
N5 P8E YF . 113.91 -26.99 -2.66
N7 P8E YF . 110.25 -29.03 -3.28
O6 P8E YF . 111.09 -26.12 -2.09
O1A P8E YF . 113.67 -23.88 -1.10
O1B P8E YF . 112.47 -23.92 -2.91
O4 P8E YF . 114.62 -26.16 -0.43
O8 P8E YF . 111.98 -25.98 -4.19
C9 P8E ZF . 114.57 -18.83 4.38
C8 P8E ZF . 113.88 -19.66 5.45
C7 P8E ZF . 113.27 -18.73 6.49
C6 P8E ZF . 112.11 -19.45 7.14
C5 P8E ZF . 111.91 -18.94 8.55
C4 P8E ZF . 110.80 -19.69 9.19
C3 P8E ZF . 109.56 -19.54 8.46
C2 P8E ZF . 109.66 -19.76 6.96
C1 P8E ZF . 108.49 -18.99 6.36
N5 P8E ZF . 111.55 -17.50 8.48
N7 P8E ZF . 114.27 -18.41 7.50
O6 P8E ZF . 110.93 -19.24 6.34
O1A P8E ZF . 107.63 -18.48 7.13
O1B P8E ZF . 108.37 -18.85 5.11
O4 P8E ZF . 110.61 -19.16 10.55
O8 P8E ZF . 112.86 -20.42 4.88
C9 P8E AG . 112.15 -28.55 4.11
C8 P8E AG . 111.52 -29.84 4.62
C7 P8E AG . 112.50 -30.56 5.54
C6 P8E AG . 111.73 -31.12 6.72
C5 P8E AG . 112.68 -31.87 7.62
C4 P8E AG . 112.19 -31.99 9.03
C3 P8E AG . 110.75 -31.74 9.17
C2 P8E AG . 110.31 -30.40 8.61
C1 P8E AG . 110.52 -29.34 9.68
N5 P8E AG . 113.98 -31.15 7.64
N7 P8E AG . 113.14 -31.66 4.85
O6 P8E AG . 111.09 -30.00 7.40
O1A P8E AG . 109.92 -29.43 10.77
O1B P8E AG . 111.33 -28.40 9.46
O4 P8E AG . 112.94 -31.04 9.86
O8 P8E AG . 110.36 -29.54 5.33
C9 P8E BG . 104.21 -34.15 -0.53
C8 P8E BG . 102.88 -34.54 0.11
C7 P8E BG . 103.02 -35.90 0.78
C6 P8E BG . 101.99 -35.96 1.89
C5 P8E BG . 101.92 -37.38 2.41
C4 P8E BG . 101.03 -37.48 3.60
C3 P8E BG . 101.42 -36.55 4.66
C2 P8E BG . 101.57 -35.13 4.17
C1 P8E BG . 102.32 -34.36 5.25
N5 P8E BG . 103.28 -37.82 2.79
N7 P8E BG . 102.77 -36.96 -0.18
O6 P8E BG . 102.39 -35.03 2.92
O1A P8E BG . 101.80 -34.19 6.38
O1B P8E BG . 103.46 -33.89 5.00
O4 P8E BG . 101.12 -38.84 4.12
O8 P8E BG . 102.55 -33.60 1.10
C9 P8E CG . 99.19 -37.17 -1.52
C8 P8E CG . 99.03 -35.95 -2.42
C7 P8E CG . 97.93 -36.21 -3.45
C6 P8E CG . 96.72 -35.36 -3.13
C5 P8E CG . 95.56 -35.85 -3.98
C4 P8E CG . 94.28 -35.20 -3.59
C3 P8E CG . 94.00 -35.39 -2.17
C2 P8E CG . 95.13 -34.92 -1.28
C1 P8E CG . 94.86 -35.48 0.11
N5 P8E CG . 95.43 -37.32 -3.79
N7 P8E CG . 98.42 -35.88 -4.78
O6 P8E CG . 96.46 -35.46 -1.70
O1A P8E CG . 95.80 -35.95 0.79
O1B P8E CG . 93.69 -35.49 0.57
O4 P8E CG . 93.19 -35.83 -4.36
O8 P8E CG . 98.69 -34.84 -1.64
C9 P8E DG . 105.66 -22.19 -14.05
C8 P8E DG . 104.14 -22.17 -13.91
C7 P8E DG . 103.52 -23.00 -15.03
C6 P8E DG . 102.06 -23.20 -14.73
C5 P8E DG . 101.40 -23.81 -15.95
C4 P8E DG . 99.98 -24.15 -15.68
C3 P8E DG . 99.83 -25.03 -14.51
C2 P8E DG . 100.52 -24.44 -13.29
C1 P8E DG . 100.51 -25.49 -12.19
N5 P8E DG . 102.13 -25.06 -16.32
N7 P8E DG . 103.67 -22.29 -16.29
O6 P8E DG . 101.94 -24.07 -13.57
O1A P8E DG . 101.28 -25.36 -11.20
O1B P8E DG . 99.73 -26.47 -12.26
O4 P8E DG . 99.43 -24.84 -16.85
O8 P8E DG . 103.79 -22.72 -12.68
C9 P8E EG . 98.18 -26.45 -23.18
C8 P8E EG . 97.98 -25.11 -22.47
C7 P8E EG . 99.32 -24.42 -22.32
C6 P8E EG . 99.12 -23.04 -21.72
C5 P8E EG . 99.33 -22.00 -22.81
C4 P8E EG . 99.08 -20.60 -22.33
C3 P8E EG . 98.32 -20.53 -21.08
C2 P8E EG . 97.26 -21.61 -20.94
C1 P8E EG . 96.13 -21.37 -21.93
N5 P8E EG . 98.39 -22.26 -23.93
N7 P8E EG . 100.15 -25.21 -21.42
O6 P8E EG . 97.79 -22.99 -21.14
O1A P8E EG . 95.21 -20.57 -21.68
O1B P8E EG . 96.13 -22.01 -23.03
O4 P8E EG . 98.36 -19.86 -23.38
O8 P8E EG . 97.13 -24.30 -23.24
C9 P8E FG . 89.83 -29.26 -22.11
C8 P8E FG . 90.60 -29.55 -20.83
C7 P8E FG . 92.09 -29.52 -21.13
C6 P8E FG . 92.78 -28.74 -20.03
C5 P8E FG . 94.27 -29.08 -20.07
C4 P8E FG . 95.01 -28.28 -19.05
C3 P8E FG . 94.79 -26.84 -19.23
C2 P8E FG . 93.32 -26.47 -19.28
C1 P8E FG . 93.24 -25.03 -19.77
N5 P8E FG . 94.79 -28.75 -21.42
N7 P8E FG . 92.62 -30.88 -21.16
O6 P8E FG . 92.56 -27.32 -20.25
O1A P8E FG . 93.64 -24.11 -19.02
O1B P8E FG . 92.80 -24.78 -20.92
O4 P8E FG . 96.44 -28.56 -19.20
O8 P8E FG . 90.30 -28.57 -19.89
C9 P8E GG . 85.59 -32.27 -23.52
C8 P8E GG . 85.76 -31.09 -24.48
C7 P8E GG . 84.39 -30.48 -24.79
C6 P8E GG . 84.21 -29.19 -24.03
C5 P8E GG . 82.71 -29.06 -23.74
C4 P8E GG . 82.43 -27.88 -22.87
C3 P8E GG . 83.19 -27.96 -21.62
C2 P8E GG . 84.68 -28.10 -21.87
C1 P8E GG . 85.34 -28.41 -20.54
N5 P8E GG . 82.27 -30.29 -23.05
N7 P8E GG . 84.30 -30.22 -26.21
O6 P8E GG . 84.98 -29.22 -22.80
O1A P8E GG . 85.01 -27.79 -19.49
O1B P8E GG . 86.23 -29.31 -20.48
O4 P8E GG . 81.01 -27.88 -22.54
O8 P8E GG . 86.60 -30.13 -23.90
C9 P8E HG . 91.93 -21.92 -26.24
C8 P8E HG . 90.91 -20.80 -26.09
C7 P8E HG . 90.86 -19.99 -27.38
C6 P8E HG . 89.68 -19.04 -27.34
C5 P8E HG . 89.19 -18.86 -28.77
C4 P8E HG . 87.96 -18.02 -28.85
C3 P8E HG . 87.31 -17.77 -27.56
C2 P8E HG . 87.31 -18.98 -26.63
C1 P8E HG . 86.38 -20.02 -27.22
N5 P8E HG . 88.89 -20.19 -29.34
N7 P8E HG . 92.09 -19.22 -27.52
O6 P8E HG . 88.67 -19.59 -26.45
O1A P8E HG . 86.71 -21.23 -27.24
O1B P8E HG . 85.27 -19.67 -27.70
O4 P8E HG . 87.01 -18.67 -29.76
O8 P8E HG . 89.65 -21.35 -25.84
C9 P8E IG . 93.15 -13.95 -16.65
C8 P8E IG . 92.01 -14.54 -17.49
C7 P8E IG . 90.71 -14.48 -16.69
C6 P8E IG . 89.71 -13.48 -17.24
C5 P8E IG . 90.05 -12.03 -16.96
C4 P8E IG . 88.90 -11.18 -17.33
C3 P8E IG . 88.54 -11.36 -18.72
C2 P8E IG . 88.34 -12.82 -19.09
C1 P8E IG . 88.20 -12.86 -20.61
N5 P8E IG . 91.20 -11.58 -17.80
N7 P8E IG . 90.11 -15.80 -16.72
O6 P8E IG . 89.48 -13.68 -18.67
O1A P8E IG . 89.03 -13.53 -21.29
O1B P8E IG . 87.28 -12.24 -21.18
O4 P8E IG . 89.29 -9.77 -17.14
O8 P8E IG . 91.88 -13.83 -18.68
C9 P8E JG . 92.61 -35.11 -10.14
C8 P8E JG . 91.50 -34.06 -10.15
C7 P8E JG . 91.20 -33.66 -11.59
C6 P8E JG . 90.32 -32.42 -11.58
C5 P8E JG . 89.89 -32.12 -13.01
C4 P8E JG . 88.54 -31.47 -13.05
C3 P8E JG . 87.51 -32.37 -12.54
C2 P8E JG . 87.89 -33.05 -11.24
C1 P8E JG . 87.93 -34.56 -11.46
N5 P8E JG . 89.82 -33.39 -13.78
N7 P8E JG . 92.45 -33.35 -12.27
O6 P8E JG . 89.21 -32.60 -10.66
O1A P8E JG . 88.54 -35.29 -10.64
O1B P8E JG . 87.36 -35.06 -12.46
O4 P8E JG . 88.23 -31.15 -14.44
O8 P8E JG . 90.35 -34.61 -9.57
C9 P8E KG . 18.06 75.41 -28.96
C8 P8E KG . 17.97 74.95 -27.52
C7 P8E KG . 19.35 75.02 -26.88
C6 P8E KG . 19.22 74.89 -25.38
C5 P8E KG . 19.56 76.24 -24.74
C4 P8E KG . 19.45 76.10 -23.26
C3 P8E KG . 18.08 75.77 -22.88
C2 P8E KG . 17.56 74.55 -23.58
C1 P8E KG . 16.04 74.59 -23.46
N5 P8E KG . 18.56 77.24 -25.19
N7 P8E KG . 20.17 73.91 -27.37
O6 P8E KG . 17.85 74.51 -25.05
O1A P8E KG . 15.40 73.60 -23.02
O1B P8E KG . 15.43 75.64 -23.80
O4 P8E KG . 19.84 77.37 -22.64
O8 P8E KG . 17.09 75.77 -26.80
C9 P8E LG . 31.48 77.37 -14.51
C8 P8E LG . 31.71 76.13 -13.67
C7 P8E LG . 30.91 76.23 -12.38
C6 P8E LG . 29.83 75.18 -12.39
C5 P8E LG . 28.94 75.38 -11.17
C4 P8E LG . 27.79 74.42 -11.20
C3 P8E LG . 27.00 74.58 -12.41
C2 P8E LG . 27.83 74.49 -13.68
C1 P8E LG . 26.97 75.06 -14.80
N5 P8E LG . 28.38 76.76 -11.21
N7 P8E LG . 31.79 76.03 -11.24
O6 P8E LG . 29.09 75.30 -13.63
O1A P8E LG . 27.48 75.85 -15.63
O1B P8E LG . 25.76 74.75 -14.89
O4 P8E LG . 26.94 74.69 -10.05
O8 P8E LG . 31.28 75.01 -14.40
C9 P8E MG . 40.60 78.18 -21.31
C8 P8E MG . 40.99 77.34 -20.11
C7 P8E MG . 39.80 77.27 -19.13
C6 P8E MG . 39.92 76.00 -18.32
C5 P8E MG . 38.76 75.98 -17.33
C4 P8E MG . 38.70 74.72 -16.53
C3 P8E MG . 39.55 73.65 -17.04
C2 P8E MG . 39.57 73.56 -18.56
C1 P8E MG . 38.21 73.11 -19.06
N5 P8E MG . 37.49 76.11 -18.09
N7 P8E MG . 39.82 78.42 -18.24
O6 P8E MG . 39.89 74.87 -19.23
O1A P8E MG . 37.64 72.13 -18.52
O1B P8E MG . 37.66 73.72 -20.01
O4 P8E MG . 37.31 74.26 -16.48
O8 P8E MG . 41.31 76.05 -20.52
C9 P8E NG . 57.48 79.11 -21.15
C8 P8E NG . 56.45 78.59 -22.16
C7 P8E NG . 57.17 78.13 -23.43
C6 P8E NG . 56.20 77.28 -24.22
C5 P8E NG . 56.51 77.41 -25.71
C4 P8E NG . 55.59 76.59 -26.55
C3 P8E NG . 54.85 75.57 -25.81
C2 P8E NG . 55.66 74.92 -24.69
C1 P8E NG . 56.75 74.04 -25.32
N5 P8E NG . 57.91 76.95 -25.96
N7 P8E NG . 57.58 79.29 -24.20
O6 P8E NG . 56.30 75.90 -23.77
O1A P8E NG . 57.85 73.90 -24.73
O1B P8E NG . 56.55 73.48 -26.43
O4 P8E NG . 56.37 75.95 -27.62
O8 P8E NG . 55.75 77.52 -21.62
C9 P8E OG . 63.09 69.93 -15.83
C8 P8E OG . 63.36 71.43 -15.97
C7 P8E OG . 63.38 71.80 -17.45
C6 P8E OG . 62.01 72.28 -17.85
C5 P8E OG . 62.15 73.18 -19.08
C4 P8E OG . 60.82 73.71 -19.52
C3 P8E OG . 59.67 72.98 -18.98
C2 P8E OG . 59.90 71.48 -18.85
C1 P8E OG . 59.95 70.87 -20.25
N5 P8E OG . 62.74 72.38 -20.17
N7 P8E OG . 64.35 72.85 -17.67
O6 P8E OG . 61.16 71.13 -18.13
O1A P8E OG . 60.66 69.86 -20.46
O1B P8E OG . 59.29 71.38 -21.17
O4 P8E OG . 60.76 73.63 -20.99
O8 P8E OG . 62.35 72.15 -15.33
C9 P8E PG . 59.09 78.51 -17.34
C8 P8E PG . 58.65 77.55 -16.25
C7 P8E PG . 59.83 76.67 -15.84
C6 P8E PG . 59.66 76.16 -14.43
C5 P8E PG . 60.66 76.87 -13.52
C4 P8E PG . 60.53 76.51 -12.07
C3 P8E PG . 59.26 75.85 -11.74
C2 P8E PG . 58.06 76.38 -12.53
C1 P8E PG . 57.79 77.83 -12.12
N5 P8E PG . 60.47 78.34 -13.66
N7 P8E PG . 59.92 75.53 -16.74
O6 P8E PG . 58.27 76.35 -14.01
O1A P8E PG . 58.12 78.24 -10.99
O1B P8E PG . 57.25 78.61 -12.95
O4 P8E PG . 60.67 77.73 -11.28
O8 P8E PG . 58.22 78.29 -15.14
C9 P8E QG . 55.70 77.98 -4.59
C8 P8E QG . 56.04 76.52 -4.33
C7 P8E QG . 55.39 76.09 -3.01
C6 P8E QG . 55.43 74.58 -2.94
C5 P8E QG . 55.13 74.16 -1.51
C4 P8E QG . 55.16 72.68 -1.40
C3 P8E QG . 54.23 72.04 -2.32
C2 P8E QG . 54.30 72.54 -3.74
C1 P8E QG . 52.98 72.13 -4.39
N5 P8E QG . 53.77 74.63 -1.14
N7 P8E QG . 56.14 76.65 -1.89
O6 P8E QG . 54.45 74.04 -3.86
O1A P8E QG . 52.38 71.14 -3.94
O1B P8E QG . 52.49 72.78 -5.35
O4 P8E QG . 54.79 72.30 -0.03
O8 P8E QG . 55.53 75.72 -5.36
C9 P8E RG . 62.12 72.38 -9.47
C8 P8E RG . 63.34 71.69 -10.07
C7 P8E RG . 64.36 71.40 -8.97
C6 P8E RG . 64.27 69.94 -8.61
C5 P8E RG . 65.50 69.54 -7.80
C4 P8E RG . 65.36 68.20 -7.17
C3 P8E RG . 64.18 67.45 -7.60
C2 P8E RG . 62.89 68.25 -7.50
C1 P8E RG . 62.38 68.16 -6.07
N5 P8E RG . 65.71 70.56 -6.74
N7 P8E RG . 65.70 71.69 -9.45
O6 P8E RG . 63.05 69.70 -7.86
O1A P8E RG . 62.50 67.08 -5.44
O1B P8E RG . 61.86 69.16 -5.51
O4 P8E RG . 65.31 68.38 -5.71
O8 P8E RG . 62.95 70.48 -10.65
C9 P8E SG . 61.39 66.92 -19.33
C8 P8E SG . 60.92 65.49 -19.09
C7 P8E SG . 62.14 64.58 -18.93
C6 P8E SG . 61.65 63.30 -18.32
C5 P8E SG . 62.66 62.20 -18.59
C4 P8E SG . 62.27 60.95 -17.88
C3 P8E SG . 62.13 61.17 -16.45
C2 P8E SG . 61.14 62.27 -16.13
C1 P8E SG . 61.29 62.60 -14.65
N5 P8E SG . 63.99 62.64 -18.07
N7 P8E SG . 62.74 64.33 -20.23
O6 P8E SG . 61.42 63.53 -16.90
O1A P8E SG . 62.25 63.34 -14.28
O1B P8E SG . 60.49 62.15 -13.80
O4 P8E SG . 63.31 59.93 -18.09
O8 P8E SG . 60.17 65.43 -17.92
C9 P8E TG . 59.79 63.14 -21.87
C8 P8E TG . 58.79 64.03 -22.56
C7 P8E TG . 58.46 63.46 -23.95
C6 P8E TG . 57.14 62.74 -23.91
C5 P8E TG . 56.74 62.41 -25.33
C4 P8E TG . 55.54 61.52 -25.38
C3 P8E TG . 55.70 60.32 -24.59
C2 P8E TG . 56.12 60.61 -23.15
C1 P8E TG . 56.55 59.30 -22.54
N5 P8E TG . 57.88 61.71 -25.99
N7 P8E TG . 58.37 64.55 -24.91
O6 P8E TG . 57.29 61.54 -23.09
O1A P8E TG . 57.64 59.22 -21.91
O1B P8E TG . 55.83 58.27 -22.68
O4 P8E TG . 55.32 61.12 -26.78
O8 P8E TG . 57.62 64.10 -21.80
C9 P8E UG . 49.81 80.68 -23.79
C8 P8E UG . 48.81 79.59 -24.17
C7 P8E UG . 48.82 79.39 -25.68
C6 P8E UG . 48.15 78.09 -26.00
C5 P8E UG . 48.15 77.90 -27.51
C4 P8E UG . 47.55 76.58 -27.86
C3 P8E UG . 48.28 75.48 -27.23
C2 P8E UG . 48.49 75.64 -25.74
C1 P8E UG . 49.66 74.75 -25.36
N5 P8E UG . 49.56 77.92 -27.98
N7 P8E UG . 48.10 80.49 -26.32
O6 P8E UG . 48.88 77.03 -25.32
O1A P8E UG . 50.24 74.93 -24.26
O1B P8E UG . 50.05 73.84 -26.15
O4 P8E UG . 47.64 76.42 -29.31
O8 P8E UG . 49.17 78.39 -23.54
C9 P8E VG . 46.45 78.62 -36.00
C8 P8E VG . 45.36 78.64 -34.94
C7 P8E VG . 45.91 79.35 -33.69
C6 P8E VG . 44.91 79.25 -32.57
C5 P8E VG . 44.12 80.56 -32.45
C4 P8E VG . 43.11 80.53 -31.35
C3 P8E VG . 42.77 79.17 -30.89
C2 P8E VG . 42.78 78.12 -31.99
C1 P8E VG . 41.60 78.33 -32.93
N5 P8E VG . 43.40 80.82 -33.73
N7 P8E VG . 47.14 78.69 -33.29
O6 P8E VG . 44.04 78.11 -32.81
O1A P8E VG . 40.48 77.82 -32.67
O1B P8E VG . 41.75 79.03 -33.96
O4 P8E VG . 41.89 81.18 -31.82
O8 P8E VG . 44.24 79.33 -35.40
C9 P8E WG . 46.82 70.59 -39.72
C8 P8E WG . 46.41 70.61 -38.25
C7 P8E WG . 46.78 71.95 -37.65
C6 P8E WG . 46.44 71.91 -36.18
C5 P8E WG . 47.46 72.71 -35.39
C4 P8E WG . 47.15 72.67 -33.94
C3 P8E WG . 45.80 73.16 -33.67
C2 P8E WG . 44.75 72.51 -34.53
C1 P8E WG . 43.47 73.34 -34.39
N5 P8E WG . 47.41 74.12 -35.84
N7 P8E WG . 48.21 72.17 -37.83
O6 P8E WG . 45.11 72.46 -35.98
O1A P8E WG . 43.08 73.68 -33.24
O1B P8E WG . 42.82 73.67 -35.40
O4 P8E WG . 48.10 73.51 -33.22
O8 P8E WG . 45.02 70.42 -38.15
C9 P8E XG . 44.42 67.41 -42.72
C8 P8E XG . 43.25 68.01 -43.49
C7 P8E XG . 42.19 66.92 -43.73
C6 P8E XG . 41.03 67.15 -42.79
C5 P8E XG . 40.01 66.05 -43.03
C4 P8E XG . 38.91 66.13 -42.02
C3 P8E XG . 39.43 66.04 -40.66
C2 P8E XG . 40.47 67.10 -40.38
C1 P8E XG . 41.16 66.72 -39.08
N5 P8E XG . 40.70 64.74 -42.88
N7 P8E XG . 41.74 66.98 -45.10
O6 P8E XG . 41.54 67.16 -41.44
O1A P8E XG . 42.38 66.95 -38.91
O1B P8E XG . 40.50 66.17 -38.17
O4 P8E XG . 38.00 65.01 -42.25
O8 P8E XG . 42.69 69.03 -42.73
C9 P8E YG . 39.13 76.66 -38.74
C8 P8E YG . 37.67 76.31 -38.52
C7 P8E YG . 36.89 77.57 -38.16
C6 P8E YG . 35.42 77.31 -38.30
C5 P8E YG . 34.89 78.13 -39.48
C4 P8E YG . 33.46 77.87 -39.80
C3 P8E YG . 32.91 76.67 -39.15
C2 P8E YG . 33.90 75.51 -39.07
C1 P8E YG . 34.16 74.99 -40.48
N5 P8E YG . 35.70 77.80 -40.69
N7 P8E YG . 37.19 77.94 -36.79
O6 P8E YG . 35.20 75.88 -38.46
O1A P8E YG . 35.30 75.16 -40.98
O1B P8E YG . 33.25 74.42 -41.12
O4 P8E YG . 33.32 77.74 -41.25
O8 P8E YG . 37.12 75.76 -39.69
C9 P8E ZG . 35.28 75.94 -26.40
C8 P8E ZG . 34.92 75.38 -27.77
C7 P8E ZG . 34.22 74.04 -27.58
C6 P8E ZG . 32.75 74.05 -27.94
C5 P8E ZG . 31.86 74.72 -26.90
C4 P8E ZG . 30.43 74.47 -27.24
C3 P8E ZG . 30.12 74.91 -28.59
C2 P8E ZG . 31.09 74.38 -29.63
C1 P8E ZG . 30.79 75.07 -30.95
N5 P8E ZG . 32.03 76.21 -26.95
N7 P8E ZG . 34.89 73.08 -28.45
O6 P8E ZG . 32.52 74.63 -29.24
O1A P8E ZG . 31.69 75.72 -31.54
O1B P8E ZG . 29.65 74.98 -31.45
O4 P8E ZG . 29.60 75.22 -26.32
O8 P8E ZG . 34.06 76.28 -28.43
C9 P8E AH . 53.38 63.14 -31.52
C8 P8E AH . 51.92 62.94 -31.20
C7 P8E AH . 51.06 63.80 -32.14
C6 P8E AH . 49.61 63.60 -31.77
C5 P8E AH . 48.74 64.31 -32.79
C4 P8E AH . 47.41 63.65 -32.88
C3 P8E AH . 47.53 62.31 -33.43
C2 P8E AH . 48.65 61.50 -32.79
C1 P8E AH . 49.65 61.13 -33.86
N5 P8E AH . 49.39 64.27 -34.12
N7 P8E AH . 51.42 65.20 -31.97
O6 P8E AH . 49.34 62.17 -31.64
O1A P8E AH . 50.86 60.92 -33.54
O1B P8E AH . 49.29 61.03 -35.05
O4 P8E AH . 46.55 64.44 -33.77
O8 P8E AH . 51.57 61.60 -31.39
C9 P8E BH . 48.52 69.94 13.80
C8 P8E BH . 48.57 69.46 15.24
C7 P8E BH . 49.93 69.84 15.85
C6 P8E BH . 49.83 69.82 17.36
C5 P8E BH . 49.88 71.25 17.87
C4 P8E BH . 49.80 71.26 19.36
C3 P8E BH . 48.59 70.60 19.83
C2 P8E BH . 48.37 69.23 19.23
C1 P8E BH . 46.92 68.87 19.51
N5 P8E BH . 48.71 71.99 17.35
N7 P8E BH . 50.93 68.89 15.42
O6 P8E BH . 48.58 69.19 17.76
O1A P8E BH . 46.51 68.81 20.69
O1B P8E BH . 46.14 68.66 18.55
O4 P8E BH . 49.79 72.65 19.81
O8 P8E BH . 47.56 70.07 15.97
C9 P8E CH . 62.12 71.16 27.34
C8 P8E CH . 62.42 70.28 28.55
C7 P8E CH . 61.62 70.78 29.75
C6 P8E CH . 60.50 69.81 30.02
C5 P8E CH . 59.78 70.23 31.29
C4 P8E CH . 58.58 69.39 31.54
C3 P8E CH . 57.67 69.40 30.40
C2 P8E CH . 58.34 69.04 29.10
C1 P8E CH . 57.41 69.41 27.96
N5 P8E CH . 59.34 71.64 31.13
N7 P8E CH . 62.49 70.86 30.92
O6 P8E CH . 59.61 69.80 28.87
O1A P8E CH . 57.76 70.24 27.10
O1B P8E CH . 56.26 68.90 27.89
O4 P8E CH . 57.89 69.91 32.71
O8 P8E CH . 62.05 68.96 28.26
C9 P8E DH . 71.26 72.38 21.37
C8 P8E DH . 71.63 71.57 22.62
C7 P8E DH . 70.41 71.52 23.56
C6 P8E DH . 70.49 70.24 24.37
C5 P8E DH . 69.32 70.23 25.34
C4 P8E DH . 69.26 68.98 26.16
C3 P8E DH . 70.12 67.91 25.66
C2 P8E DH . 70.15 67.81 24.14
C1 P8E DH . 68.81 67.30 23.64
N5 P8E DH . 68.07 70.36 24.56
N7 P8E DH . 70.43 72.66 24.45
O6 P8E DH . 70.46 69.11 23.46
O1A P8E DH . 68.26 66.32 24.19
O1B P8E DH . 68.25 67.89 22.68
O4 P8E DH . 67.87 68.52 26.17
O8 P8E DH . 71.98 70.28 22.25
C9 P8E EH . 88.30 72.88 21.44
C8 P8E EH . 87.22 72.56 20.41
C7 P8E EH . 87.88 71.99 19.15
C6 P8E EH . 86.86 71.14 18.42
C5 P8E EH . 87.12 71.21 16.93
C4 P8E EH . 86.13 70.39 16.15
C3 P8E EH . 85.40 69.42 16.94
C2 P8E EH . 86.23 68.77 18.05
C1 P8E EH . 87.28 67.86 17.42
N5 P8E EH . 88.47 70.69 16.64
N7 P8E EH . 88.30 73.09 18.31
O6 P8E EH . 86.93 69.77 18.92
O1A P8E EH . 88.42 67.77 17.92
O1B P8E EH . 87.00 67.21 16.37
O4 P8E EH . 86.85 69.70 15.06
O8 P8E EH . 86.35 71.60 20.94
C9 P8E FH . 93.43 63.33 26.60
C8 P8E FH . 93.84 64.80 26.72
C7 P8E FH . 94.01 65.38 25.32
C6 P8E FH . 92.73 66.08 24.92
C5 P8E FH . 93.06 67.09 23.83
C4 P8E FH . 91.85 67.84 23.38
C3 P8E FH . 90.59 67.20 23.75
C2 P8E FH . 90.63 65.68 23.71
C1 P8E FH . 90.71 65.25 22.25
N5 P8E FH . 93.64 66.37 22.67
N7 P8E FH . 95.10 66.36 25.35
O6 P8E FH . 91.78 65.08 24.44
O1A P8E FH . 91.64 64.51 21.87
O1B P8E FH . 89.85 65.66 21.43
O4 P8E FH . 91.90 67.97 21.92
O8 P8E FH . 92.83 65.51 27.40
C9 P8E GH . 89.67 72.42 25.51
C8 P8E GH . 89.22 71.47 26.61
C7 P8E GH . 90.42 70.62 27.04
C6 P8E GH . 90.27 70.17 28.48
C5 P8E GH . 91.24 70.97 29.35
C4 P8E GH . 91.14 70.63 30.81
C3 P8E GH . 89.90 69.91 31.15
C2 P8E GH . 88.68 70.36 30.37
C1 P8E GH . 88.35 71.80 30.74
N5 P8E GH . 90.97 72.42 29.18
N7 P8E GH . 90.49 69.43 26.19
O6 P8E GH . 88.89 70.31 28.88
O1A P8E GH . 88.59 72.23 31.89
O1B P8E GH . 87.86 72.57 29.87
O4 P8E GH . 91.20 71.88 31.58
O8 P8E GH . 88.76 72.22 27.70
C9 P8E HH . 86.40 72.23 38.39
C8 P8E HH . 86.73 70.74 38.53
C7 P8E HH . 86.09 70.20 39.81
C6 P8E HH . 86.09 68.70 39.73
C5 P8E HH . 85.77 68.16 41.10
C4 P8E HH . 85.69 66.68 41.07
C3 P8E HH . 84.66 66.23 40.14
C2 P8E HH . 84.79 66.82 38.74
C1 P8E HH . 83.42 66.64 38.10
N5 P8E HH . 84.44 68.70 41.53
N7 P8E HH . 86.86 70.64 40.96
O6 P8E HH . 85.10 68.30 38.74
O1A P8E HH . 82.67 65.72 38.51
O1B P8E HH . 83.03 67.39 37.17
O4 P8E HH . 85.34 66.18 42.41
O8 P8E HH . 86.21 70.04 37.44
C9 P8E IH . 92.92 66.60 32.97
C8 P8E IH . 93.50 65.21 32.74
C7 P8E IH . 94.75 65.04 33.61
C6 P8E IH . 94.79 63.61 34.09
C5 P8E IH . 96.07 63.38 34.89
C4 P8E IH . 95.92 62.26 35.87
C3 P8E IH . 94.89 61.29 35.50
C2 P8E IH . 93.52 61.93 35.32
C1 P8E IH . 92.80 61.90 36.66
N5 P8E IH . 96.39 64.62 35.64
N7 P8E IH . 95.94 65.32 32.81
O6 P8E IH . 93.61 63.36 34.88
O1A P8E IH . 92.55 60.79 37.21
O1B P8E IH . 92.48 62.97 37.23
O4 P8E IH . 95.59 62.82 37.18
O8 P8E IH . 92.56 64.25 33.13
C9 P8E JH . 91.24 60.85 23.48
C8 P8E JH . 90.88 59.54 24.15
C7 P8E JH . 92.10 58.62 24.16
C6 P8E JH . 91.69 57.27 24.69
C5 P8E JH . 92.76 56.27 24.32
C4 P8E JH . 92.51 54.94 24.94
C3 P8E JH . 92.37 55.05 26.39
C2 P8E JH . 91.31 56.05 26.80
C1 P8E JH . 91.49 56.27 28.30
N5 P8E JH . 94.07 56.78 24.80
N7 P8E JH . 92.62 58.48 22.81
O6 P8E JH . 91.50 57.38 26.13
O1A P8E JH . 92.56 56.75 28.73
O1B P8E JH . 90.57 55.96 29.11
O4 P8E JH . 93.65 54.07 24.65
O8 P8E JH . 90.48 59.79 25.47
C9 P8E KH . 90.47 56.77 20.03
C8 P8E KH . 89.20 57.59 19.87
C7 P8E KH . 88.56 57.28 18.51
C6 P8E KH . 87.28 56.51 18.73
C5 P8E KH . 86.84 55.97 17.37
C4 P8E KH . 85.74 54.96 17.50
C3 P8E KH . 86.09 53.89 18.41
C2 P8E KH . 86.49 54.40 19.79
C1 P8E KH . 87.13 53.23 20.51
N5 P8E KH . 88.01 55.34 16.71
N7 P8E KH . 88.28 58.51 17.80
O6 P8E KH . 87.54 55.47 19.70
O1A P8E KH . 88.14 53.42 21.25
O1B P8E KH . 86.67 52.08 20.38
O4 P8E KH . 85.49 54.38 16.18
O8 P8E KH . 88.31 57.29 20.90
C9 P8E LH . 80.11 74.48 19.07
C8 P8E LH . 79.29 73.30 18.60
C7 P8E LH . 79.52 73.10 17.09
C6 P8E LH . 78.85 71.82 16.66
C5 P8E LH . 78.76 71.81 15.15
C4 P8E LH . 78.25 70.50 14.64
C3 P8E LH . 79.08 69.40 15.10
C2 P8E LH . 79.22 69.37 16.61
C1 P8E LH . 80.33 68.38 16.93
N5 P8E LH . 80.12 72.02 14.59
N7 P8E LH . 78.96 74.21 16.36
O6 P8E LH . 79.64 70.69 17.17
O1A P8E LH . 81.04 68.54 17.95
O1B P8E LH . 80.54 67.39 16.17
O4 P8E LH . 78.27 70.52 13.18
O8 P8E LH . 79.70 72.15 19.28
C9 P8E MH . 77.53 72.22 6.71
C8 P8E MH . 76.33 72.40 7.64
C7 P8E MH . 76.81 73.01 8.95
C6 P8E MH . 75.69 73.04 9.96
C5 P8E MH . 75.03 74.42 9.99
C4 P8E MH . 73.97 74.51 11.04
C3 P8E MH . 73.52 73.21 11.54
C2 P8E MH . 73.48 72.12 10.48
C1 P8E MH . 72.32 72.39 9.52
N5 P8E MH . 74.39 74.68 8.68
N7 P8E MH . 77.90 72.21 9.48
O6 P8E MH . 74.73 72.00 9.67
O1A P8E MH . 71.18 71.91 9.75
O1B P8E MH . 72.52 73.10 8.50
O4 P8E MH . 72.83 75.24 10.49
O8 P8E MH . 75.40 73.24 7.03
C9 P8E NH . 77.42 63.99 3.39
C8 P8E NH . 76.88 64.18 4.79
C7 P8E NH . 77.15 65.62 5.24
C6 P8E NH . 76.84 65.73 6.71
C5 P8E NH . 77.80 66.71 7.36
C4 P8E NH . 77.53 66.80 8.82
C3 P8E NH . 76.16 67.24 9.06
C2 P8E NH . 75.12 66.40 8.32
C1 P8E NH . 73.82 67.17 8.37
N5 P8E NH . 77.58 68.05 6.75
N7 P8E NH . 78.55 65.94 4.99
O6 P8E NH . 75.47 66.17 6.88
O1A P8E NH . 73.30 67.47 9.48
O1B P8E NH . 73.25 67.52 7.30
O4 P8E NH . 78.43 67.78 9.41
O8 P8E NH . 75.51 63.94 4.82
C9 P8E OH . 74.49 61.46 -1.86
C8 P8E OH . 73.37 61.92 -0.92
C7 P8E OH . 72.23 60.89 -0.99
C6 P8E OH . 71.27 61.18 0.13
C5 P8E OH . 70.01 60.34 -0.10
C4 P8E OH . 69.05 60.52 1.02
C3 P8E OH . 69.66 60.18 2.30
C2 P8E OH . 70.95 60.93 2.55
C1 P8E OH . 71.64 60.32 3.76
N5 P8E OH . 70.42 58.92 -0.15
N7 P8E OH . 71.54 61.00 -2.25
O6 P8E OH . 71.89 60.85 1.39
O1A P8E OH . 72.89 60.25 3.80
O1B P8E OH . 70.95 59.88 4.72
O4 P8E OH . 67.90 59.65 0.79
O8 P8E OH . 73.85 61.98 0.39
C9 P8E PH . 70.14 70.91 4.00
C8 P8E PH . 68.68 70.54 4.19
C7 P8E PH . 67.81 71.76 3.89
C6 P8E PH . 66.37 71.42 4.19
C5 P8E PH . 65.49 72.33 3.34
C4 P8E PH . 64.04 72.03 3.48
C3 P8E PH . 63.76 70.73 4.12
C2 P8E PH . 64.73 69.63 3.72
C1 P8E PH . 64.50 69.28 2.25
N5 P8E PH . 65.87 72.17 1.91
N7 P8E PH . 68.24 72.87 4.72
O6 P8E PH . 66.17 70.01 3.91
O1A P8E PH . 65.36 69.61 1.40
O1B P8E PH . 63.45 68.68 1.90
O4 P8E PH . 63.42 72.03 2.14
O8 P8E PH . 68.33 69.52 3.30
C9 P8E QH . 65.80 70.07 16.57
C8 P8E QH . 65.54 69.67 15.11
C7 P8E QH . 64.86 68.30 15.08
C6 P8E QH . 63.38 68.32 14.73
C5 P8E QH . 62.47 69.00 15.74
C4 P8E QH . 61.05 68.69 15.39
C3 P8E QH . 60.74 69.10 14.03
C2 P8E QH . 61.74 68.58 13.01
C1 P8E QH . 61.44 69.24 11.68
N5 P8E QH . 62.60 70.47 15.67
N7 P8E QH . 65.55 67.51 14.08
O6 P8E QH . 63.16 68.88 13.40
O1A P8E QH . 62.34 69.83 11.04
O1B P8E QH . 60.27 69.19 11.21
O4 P8E QH . 60.19 69.45 16.30
O8 P8E QH . 64.72 70.64 14.50
C9 P8E RH . 83.43 57.29 11.63
C8 P8E RH . 81.97 56.88 11.73
C7 P8E RH . 81.17 57.67 10.70
C6 P8E RH . 79.69 57.52 11.00
C5 P8E RH . 78.90 58.18 9.88
C4 P8E RH . 77.57 57.52 9.69
C3 P8E RH . 77.73 56.14 9.26
C2 P8E RH . 78.78 55.37 10.05
C1 P8E RH . 79.90 54.97 9.10
N5 P8E RH . 79.67 58.08 8.61
N7 P8E RH . 81.53 59.07 10.78
O6 P8E RH . 79.35 56.12 11.21
O1A P8E RH . 81.02 54.65 9.57
O1B P8E RH . 79.70 54.96 7.86
O4 P8E RH . 76.83 58.24 8.67
O8 P8E RH . 81.85 55.51 11.45
C9 P8E SH . 52.51 4.70 -65.15
C8 P8E SH . 52.70 5.28 -63.75
C7 P8E SH . 53.88 4.57 -63.08
C6 P8E SH . 54.37 5.41 -61.92
C5 P8E SH . 55.72 6.03 -62.28
C4 P8E SH . 56.21 6.89 -61.17
C3 P8E SH . 55.24 7.92 -60.82
C2 P8E SH . 53.87 7.33 -60.52
C1 P8E SH . 52.89 8.48 -60.37
N5 P8E SH . 55.56 6.87 -63.50
N7 P8E SH . 53.44 3.29 -62.58
O6 P8E SH . 53.39 6.43 -61.62
O1A P8E SH . 52.95 9.24 -59.36
O1B P8E SH . 52.00 8.67 -61.25
O4 P8E SH . 57.45 7.55 -61.61
O8 P8E SH . 52.97 6.64 -63.85
C9 P8E TH . 65.99 0.78 -52.22
C8 P8E TH . 66.20 0.89 -50.71
C7 P8E TH . 66.41 2.35 -50.33
C6 P8E TH . 65.12 2.93 -49.81
C5 P8E TH . 65.44 4.21 -49.06
C4 P8E TH . 64.19 4.90 -48.60
C3 P8E TH . 63.25 5.11 -49.69
C2 P8E TH . 62.98 3.87 -50.52
C1 P8E TH . 62.29 4.32 -51.80
N5 P8E TH . 66.17 5.14 -49.96
N7 P8E TH . 67.43 2.44 -49.30
O6 P8E TH . 64.24 3.18 -50.93
O1A P8E TH . 62.83 4.10 -52.92
O1B P8E TH . 61.19 4.93 -51.75
O4 P8E TH . 64.59 6.20 -48.06
O8 P8E TH . 65.05 0.40 -50.06
C9 P8E UH . 70.99 -8.59 -56.12
C8 P8E UH . 70.95 -8.41 -54.60
C7 P8E UH . 70.36 -7.03 -54.28
C6 P8E UH . 69.78 -7.07 -52.88
C5 P8E UH . 69.55 -5.64 -52.42
C4 P8E UH . 68.92 -5.57 -51.07
C3 P8E UH . 68.39 -6.84 -50.58
C2 P8E UH . 67.73 -7.67 -51.67
C1 P8E UH . 66.41 -7.02 -52.05
N5 P8E UH . 68.66 -4.97 -53.40
N7 P8E UH . 71.42 -6.03 -54.33
O6 P8E UH . 68.54 -7.82 -52.91
O1A P8E UH . 65.55 -6.78 -51.17
O1B P8E UH . 66.19 -6.73 -53.26
O4 P8E UH . 67.84 -4.58 -51.12
O8 P8E UH . 70.13 -9.41 -54.04
C9 P8E VH . 81.74 -20.63 -53.54
C8 P8E VH . 80.58 -20.48 -54.53
C7 P8E VH . 80.10 -21.88 -54.95
C6 P8E VH . 78.61 -21.81 -55.24
C5 P8E VH . 78.29 -22.60 -56.51
C4 P8E VH . 76.84 -22.48 -56.87
C3 P8E VH . 75.98 -22.05 -55.77
C2 P8E VH . 76.42 -22.56 -54.40
C1 P8E VH . 76.12 -24.06 -54.33
N5 P8E VH . 78.58 -24.04 -56.29
N7 P8E VH . 80.84 -22.27 -56.14
O6 P8E VH . 77.87 -22.33 -54.10
O1A P8E VH . 76.86 -24.81 -53.65
O1B P8E VH . 75.15 -24.54 -54.96
O4 P8E VH . 76.37 -23.79 -57.35
O8 P8E VH . 79.52 -19.80 -53.91
C9 P8E WH . 80.81 -27.34 -44.00
C8 P8E WH . 81.72 -26.48 -44.87
C7 P8E WH . 81.31 -26.62 -46.33
C6 P8E WH . 80.45 -25.44 -46.72
C5 P8E WH . 80.43 -25.37 -48.24
C4 P8E WH . 79.54 -24.27 -48.76
C3 P8E WH . 78.62 -23.74 -47.76
C2 P8E WH . 78.06 -24.79 -46.81
C1 P8E WH . 77.15 -25.74 -47.58
N5 P8E WH . 79.91 -26.67 -48.75
N7 P8E WH . 82.50 -26.63 -47.17
O6 P8E WH . 79.14 -25.62 -46.14
O1A P8E WH . 77.03 -26.93 -47.21
O1B P8E WH . 76.53 -25.33 -48.60
O4 P8E WH . 78.76 -24.78 -49.89
O8 P8E WH . 81.59 -25.15 -44.47
C9 P8E XH . 83.76 -20.58 -49.67
C8 P8E XH . 82.98 -20.08 -48.46
C7 P8E XH . 82.94 -21.18 -47.40
C6 P8E XH . 83.00 -20.59 -45.99
C5 P8E XH . 84.40 -20.76 -45.43
C4 P8E XH . 84.55 -20.15 -44.06
C3 P8E XH . 83.46 -19.24 -43.69
C2 P8E XH . 82.94 -18.40 -44.84
C1 P8E XH . 84.06 -17.46 -45.31
N5 P8E XH . 85.38 -20.10 -46.33
N7 P8E XH . 81.71 -21.94 -47.54
O6 P8E XH . 82.53 -19.22 -46.03
O1A P8E XH . 84.89 -17.00 -44.49
O1B P8E XH . 84.14 -17.16 -46.52
O4 P8E XH . 85.83 -19.42 -43.99
O8 P8E XH . 83.60 -18.94 -47.95
C9 P8E YH . 85.86 -11.91 -39.42
C8 P8E YH . 84.95 -12.77 -38.55
C7 P8E YH . 84.39 -11.91 -37.41
C6 P8E YH . 83.27 -12.68 -36.77
C5 P8E YH . 83.10 -12.22 -35.33
C4 P8E YH . 82.01 -13.01 -34.68
C3 P8E YH . 80.74 -12.84 -35.38
C2 P8E YH . 80.83 -13.07 -36.89
C1 P8E YH . 79.59 -12.40 -37.47
N5 P8E YH . 82.72 -10.79 -35.32
N7 P8E YH . 85.44 -11.66 -36.44
O6 P8E YH . 82.05 -12.47 -37.53
O1A P8E YH . 78.77 -11.84 -36.69
O1B P8E YH . 79.38 -12.38 -38.71
O4 P8E YH . 81.84 -12.53 -33.31
O8 P8E YH . 83.88 -13.25 -39.32
C9 P8E ZH . 83.45 -21.61 -40.09
C8 P8E ZH . 83.00 -22.93 -39.50
C7 P8E ZH . 84.07 -23.47 -38.56
C6 P8E ZH . 83.39 -24.22 -37.44
C5 P8E ZH . 84.46 -24.96 -36.64
C4 P8E ZH . 83.95 -25.45 -35.33
C3 P8E ZH . 82.49 -25.31 -35.15
C2 P8E ZH . 81.98 -23.91 -35.47
C1 P8E ZH . 82.18 -23.05 -34.23
N5 P8E ZH . 85.58 -24.01 -36.37
N7 P8E ZH . 84.96 -24.38 -39.29
O6 P8E ZH . 82.67 -23.27 -36.62
O1A P8E ZH . 81.50 -23.29 -33.19
O1B P8E ZH . 83.01 -22.12 -34.23
O4 P8E ZH . 84.63 -24.73 -34.25
O8 P8E ZH . 81.82 -22.75 -38.77
C9 P8E AI . 75.89 -27.15 -44.11
C8 P8E AI . 74.51 -27.71 -43.81
C7 P8E AI . 74.66 -29.08 -43.12
C6 P8E AI . 73.60 -29.17 -42.04
C5 P8E AI . 73.51 -30.61 -41.59
C4 P8E AI . 72.61 -30.74 -40.40
C3 P8E AI . 73.06 -29.90 -39.30
C2 P8E AI . 73.21 -28.44 -39.70
C1 P8E AI . 73.99 -27.76 -38.59
N5 P8E AI . 74.86 -31.08 -41.23
N7 P8E AI . 74.46 -30.13 -44.10
O6 P8E AI . 73.98 -28.26 -40.97
O1A P8E AI . 75.24 -27.84 -38.59
O1B P8E AI . 73.40 -27.12 -37.67
O4 P8E AI . 72.63 -32.14 -39.96
O8 P8E AI . 73.86 -26.84 -42.93
C9 P8E BI . 70.81 -30.41 -45.34
C8 P8E BI . 70.63 -29.21 -46.28
C7 P8E BI . 69.57 -29.56 -47.34
C6 P8E BI . 68.33 -28.73 -47.11
C5 P8E BI . 67.25 -29.25 -48.03
C4 P8E BI . 65.93 -28.60 -47.74
C3 P8E BI . 65.54 -28.77 -46.34
C2 P8E BI . 66.61 -28.30 -45.37
C1 P8E BI . 66.23 -28.88 -44.01
N5 P8E BI . 67.11 -30.71 -47.83
N7 P8E BI . 70.11 -29.27 -48.66
O6 P8E BI . 67.97 -28.85 -45.71
O1A P8E BI . 67.11 -29.39 -43.28
O1B P8E BI . 65.04 -28.84 -43.63
O4 P8E BI . 64.91 -29.23 -48.59
O8 P8E BI . 70.21 -28.10 -45.54
C9 P8E CI . 77.14 -15.08 -57.75
C8 P8E CI . 75.65 -15.25 -57.49
C7 P8E CI . 75.03 -16.03 -58.66
C6 P8E CI . 73.56 -16.20 -58.39
C5 P8E CI . 72.88 -16.65 -59.67
C4 P8E CI . 71.43 -16.90 -59.45
C3 P8E CI . 71.20 -17.87 -58.38
C2 P8E CI . 71.96 -17.56 -57.10
C1 P8E CI . 71.95 -18.82 -56.24
N5 P8E CI . 73.53 -17.91 -60.12
N7 P8E CI . 75.22 -15.29 -59.89
O6 P8E CI . 73.39 -17.18 -57.34
O1A P8E CI . 72.77 -18.93 -55.29
O1B P8E CI . 71.14 -19.75 -56.49
O4 P8E CI . 70.86 -17.44 -60.69
O8 P8E CI . 75.46 -15.95 -56.30
C9 P8E DI . 69.66 -19.27 -67.16
C8 P8E DI . 69.28 -18.12 -66.25
C7 P8E DI . 70.56 -17.45 -65.75
C6 P8E DI . 70.24 -16.07 -65.20
C5 P8E DI . 70.67 -15.01 -66.20
C4 P8E DI . 70.40 -13.62 -65.70
C3 P8E DI . 69.43 -13.57 -64.59
C2 P8E DI . 68.33 -14.61 -64.69
C1 P8E DI . 67.39 -14.26 -65.84
N5 P8E DI . 69.93 -15.20 -67.46
N7 P8E DI . 71.15 -18.26 -64.69
O6 P8E DI . 68.82 -16.00 -64.90
O1A P8E DI . 66.43 -13.46 -65.67
O1B P8E DI . 67.59 -14.76 -66.98
O4 P8E DI . 69.89 -12.82 -66.82
O8 P8E DI . 68.51 -17.19 -66.95
C9 P8E EI . 61.72 -23.17 -66.18
C8 P8E EI . 62.37 -22.84 -64.84
C7 P8E EI . 63.89 -22.82 -65.00
C6 P8E EI . 64.46 -21.99 -63.88
C5 P8E EI . 65.97 -22.17 -63.85
C4 P8E EI . 66.58 -21.30 -62.80
C3 P8E EI . 66.21 -19.90 -62.96
C2 P8E EI . 64.72 -19.70 -63.09
C1 P8E EI . 64.48 -18.26 -63.54
N5 P8E EI . 66.52 -21.77 -65.17
N7 P8E EI . 64.42 -24.18 -64.92
O6 P8E EI . 64.11 -20.60 -64.12
O1A P8E EI . 64.68 -17.31 -62.73
O1B P8E EI . 64.10 -18.02 -64.72
O4 P8E EI . 68.04 -21.42 -62.88
O8 P8E EI . 61.95 -21.59 -64.41
C9 P8E FI . 57.02 -25.91 -67.43
C8 P8E FI . 56.91 -24.74 -68.41
C7 P8E FI . 55.50 -24.15 -68.31
C6 P8E FI . 55.59 -22.72 -67.86
C5 P8E FI . 54.19 -22.18 -67.67
C4 P8E FI . 54.22 -20.80 -67.14
C3 P8E FI . 54.92 -20.74 -65.87
C2 P8E FI . 56.31 -21.34 -65.94
C1 P8E FI . 56.78 -21.54 -64.50
N5 P8E FI . 53.51 -23.04 -66.66
N7 P8E FI . 54.85 -24.21 -69.61
O6 P8E FI . 56.34 -22.67 -66.62
O1A P8E FI . 57.73 -22.34 -64.26
O1B P8E FI . 56.23 -20.92 -63.56
O4 P8E FI . 52.85 -20.33 -66.96
O8 P8E FI . 57.86 -23.77 -68.09
C9 P8E GI . 62.50 -15.94 -69.82
C8 P8E GI . 61.64 -14.67 -69.80
C7 P8E GI . 62.19 -13.67 -70.81
C6 P8E GI . 61.26 -12.48 -70.87
C5 P8E GI . 61.03 -12.15 -72.34
C4 P8E GI . 60.07 -11.01 -72.52
C3 P8E GI . 59.34 -10.66 -71.31
C2 P8E GI . 58.90 -11.87 -70.49
C1 P8E GI . 57.83 -12.60 -71.28
N5 P8E GI . 60.48 -13.34 -73.02
N7 P8E GI . 63.51 -13.22 -70.38
O6 P8E GI . 60.02 -12.83 -70.19
O1A P8E GI . 58.04 -13.77 -71.68
O1B P8E GI . 56.74 -12.02 -71.54
O4 P8E GI . 59.13 -11.36 -73.59
O8 P8E GI . 60.33 -14.99 -70.15
C9 P8E HI . 64.24 -6.94 -60.27
C8 P8E HI . 63.18 -7.51 -61.19
C7 P8E HI . 61.85 -7.55 -60.44
C6 P8E HI . 60.81 -6.58 -60.97
C5 P8E HI . 61.07 -5.11 -60.62
C4 P8E HI . 59.88 -4.30 -60.98
C3 P8E HI . 59.53 -4.47 -62.39
C2 P8E HI . 59.41 -5.93 -62.79
C1 P8E HI . 59.19 -6.01 -64.29
N5 P8E HI . 62.20 -4.58 -61.43
N7 P8E HI . 61.31 -8.89 -60.56
O6 P8E HI . 60.63 -6.71 -62.41
O1A P8E HI . 60.00 -6.63 -65.02
O1B P8E HI . 58.19 -5.45 -64.80
O4 P8E HI . 60.16 -2.90 -60.73
O8 P8E HI . 63.06 -6.73 -62.34
C9 P8E II . 64.23 -28.39 -54.21
C8 P8E II . 62.98 -27.53 -54.19
C7 P8E II . 62.69 -27.03 -55.60
C6 P8E II . 61.83 -25.78 -55.52
C5 P8E II . 61.41 -25.35 -56.92
C4 P8E II . 60.09 -24.70 -56.89
C3 P8E II . 59.04 -25.64 -56.50
C2 P8E II . 59.39 -26.39 -55.24
C1 P8E II . 59.43 -27.89 -55.54
N5 P8E II . 61.34 -26.55 -57.79
N7 P8E II . 63.92 -26.71 -56.29
O6 P8E II . 60.70 -26.00 -54.61
O1A P8E II . 59.97 -28.69 -54.73
O1B P8E II . 58.91 -28.32 -56.61
O4 P8E II . 59.78 -24.21 -58.24
O8 P8E II . 61.90 -28.28 -53.72
C9 P8E JI . -20.40 56.72 64.00
C8 P8E JI . -19.79 55.75 65.01
C7 P8E JI . -19.04 56.55 66.07
C6 P8E JI . -18.85 55.70 67.31
C5 P8E JI . -19.71 56.24 68.43
C4 P8E JI . -19.55 55.41 69.66
C3 P8E JI . -19.92 54.02 69.38
C2 P8E JI . -19.14 53.45 68.21
C1 P8E JI . -19.78 52.11 67.85
N5 P8E JI . -21.13 56.19 68.02
N7 P8E JI . -17.73 56.92 65.55
O6 P8E JI . -19.19 54.32 67.00
O1A P8E JI . -19.64 51.12 68.61
O1B P8E JI . -20.45 52.00 66.80
O4 P8E JI . -20.44 55.93 70.70
O8 P8E JI . -20.80 55.01 65.63
C9 P8E KI . -10.66 60.13 81.48
C8 P8E KI . -9.73 58.94 81.58
C7 P8E KI . -10.45 57.80 82.30
C6 P8E KI . -10.27 56.53 81.49
C5 P8E KI . -10.65 55.35 82.36
C4 P8E KI . -10.61 54.08 81.57
C3 P8E KI . -11.44 54.16 80.37
C2 P8E KI . -11.14 55.38 79.51
C1 P8E KI . -12.26 55.50 78.50
N5 P8E KI . -12.04 55.55 82.85
N7 P8E KI . -9.87 57.62 83.63
O6 P8E KI . -11.11 56.64 80.31
O1A P8E KI . -12.75 56.63 78.24
O1B P8E KI . -12.71 54.48 77.92
O4 P8E KI . -11.13 53.00 82.41
O8 P8E KI . -9.35 58.53 80.30
C9 P8E LI . -7.00 70.49 79.63
C8 P8E LI . -5.92 69.46 79.96
C7 P8E LI . -6.56 68.27 80.67
C6 P8E LI . -5.57 67.14 80.68
C5 P8E LI . -6.27 65.89 81.21
C4 P8E LI . -5.43 64.66 81.12
C3 P8E LI . -4.14 64.87 80.45
C2 P8E LI . -4.24 65.71 79.18
C1 P8E LI . -4.89 64.86 78.10
N5 P8E LI . -7.50 65.69 80.42
N7 P8E LI . -6.89 68.63 82.05
O6 P8E LI . -5.09 66.93 79.34
O1A P8E LI . -4.47 63.71 77.86
O1B P8E LI . -5.86 65.33 77.44
O4 P8E LI . -6.20 63.64 80.41
O8 P8E LI . -5.32 69.02 78.78
C9 P8E MI . 1.68 82.41 85.46
C8 P8E MI . 1.33 82.10 84.01
C7 P8E MI . 2.09 83.05 83.08
C6 P8E MI . 2.16 82.43 81.70
C5 P8E MI . 2.02 83.51 80.64
C4 P8E MI . 2.03 82.94 79.25
C3 P8E MI . 2.55 81.57 79.18
C2 P8E MI . 3.71 81.30 80.14
C1 P8E MI . 4.94 82.06 79.65
N5 P8E MI . 3.15 84.46 80.74
N7 P8E MI . 1.38 84.33 83.02
O6 P8E MI . 3.42 81.71 81.56
O1A P8E MI . 5.74 82.55 80.48
O1B P8E MI . 5.15 82.19 78.41
O4 P8E MI . 2.83 83.80 78.39
O8 P8E MI . 1.68 80.79 83.71
C9 P8E NI . 13.48 79.43 87.77
C8 P8E NI . 12.61 80.51 88.41
C7 P8E NI . 12.09 81.46 87.34
C6 P8E NI . 10.83 80.87 86.74
C5 P8E NI . 9.89 81.98 86.31
C4 P8E NI . 8.62 81.44 85.73
C3 P8E NI . 8.69 80.03 85.35
C2 P8E NI . 10.04 79.62 84.77
C1 P8E NI . 10.19 80.28 83.40
N5 P8E NI . 10.56 82.81 85.28
N7 P8E NI . 11.79 82.75 87.94
O6 P8E NI . 11.21 80.03 85.60
O1A P8E NI . 11.30 80.76 83.06
O1B P8E NI . 9.19 80.39 82.64
O4 P8E NI . 8.27 82.23 84.55
O8 P8E NI . 11.52 79.92 89.06
C9 P8E OI . 4.53 81.63 89.03
C8 P8E OI . 5.04 80.24 89.36
C7 P8E OI . 6.50 80.33 89.80
C6 P8E OI . 6.89 79.12 90.64
C5 P8E OI . 7.05 79.57 92.09
C4 P8E OI . 7.33 78.43 93.03
C3 P8E OI . 7.02 77.11 92.48
C2 P8E OI . 5.80 77.09 91.57
C1 P8E OI . 4.55 77.42 92.38
N5 P8E OI . 5.82 80.26 92.53
N7 P8E OI . 7.35 80.39 88.63
O6 P8E OI . 5.89 78.08 90.44
O1A P8E OI . 4.43 77.00 93.55
O1B P8E OI . 3.65 78.14 91.87
O4 P8E OI . 6.53 78.65 94.25
O8 P8E OI . 4.26 79.70 90.38
C9 P8E PI . 5.00 71.75 98.65
C8 P8E PI . 6.26 71.22 97.96
C7 P8E PI . 6.51 69.78 98.41
C6 P8E PI . 7.67 69.24 97.60
C5 P8E PI . 8.36 68.15 98.40
C4 P8E PI . 9.53 67.62 97.63
C3 P8E PI . 9.14 67.13 96.31
C2 P8E PI . 8.26 68.08 95.52
C1 P8E PI . 7.58 67.23 94.44
N5 P8E PI . 7.39 67.05 98.63
N7 P8E PI . 6.83 69.77 99.82
O6 P8E PI . 7.18 68.72 96.34
O1A P8E PI . 7.97 66.05 94.26
O1B P8E PI . 6.63 67.69 93.76
O4 P8E PI . 10.12 66.51 98.38
O8 P8E PI . 6.06 71.22 96.57
C9 P8E QI . 11.88 76.48 93.80
C8 P8E QI . 12.98 77.43 93.34
C7 P8E QI . 14.05 77.53 94.42
C6 P8E QI . 15.31 76.86 93.91
C5 P8E QI . 16.42 77.15 94.90
C4 P8E QI . 17.69 76.42 94.57
C3 P8E QI . 17.54 75.42 93.51
C2 P8E QI . 16.26 74.61 93.60
C1 P8E QI . 16.38 73.65 94.78
N5 P8E QI . 15.98 76.73 96.25
N7 P8E QI . 14.35 78.94 94.68
O6 P8E QI . 15.03 75.44 93.77
O1A P8E QI . 17.44 73.00 94.95
O1B P8E QI . 15.44 73.53 95.60
O4 P8E QI . 18.17 75.75 95.78
O8 P8E QI . 13.54 76.92 92.16
C9 P8E RI . 13.81 78.72 82.89
C8 P8E RI . 14.79 77.70 82.32
C7 P8E RI . 16.21 78.24 82.42
C6 P8E RI . 17.14 77.09 82.15
C5 P8E RI . 18.51 77.65 81.78
C4 P8E RI . 19.49 76.54 81.60
C3 P8E RI . 19.57 75.68 82.77
C2 P8E RI . 18.22 75.17 83.23
C1 P8E RI . 18.43 74.61 84.62
N5 P8E RI . 18.97 78.53 82.88
N7 P8E RI . 16.40 79.29 81.43
O6 P8E RI . 17.20 76.25 83.33
O1A P8E RI . 18.21 75.34 85.62
O1B P8E RI . 18.82 73.43 84.79
O4 P8E RI . 20.80 77.14 81.37
O8 P8E RI . 14.72 76.52 83.07
C9 P8E SI . 16.05 78.09 77.96
C8 P8E SI . 14.63 77.61 77.66
C7 P8E SI . 14.30 77.91 76.20
C6 P8E SI . 14.14 76.61 75.44
C5 P8E SI . 14.11 76.92 73.96
C4 P8E SI . 14.03 75.68 73.15
C3 P8E SI . 15.14 74.77 73.46
C2 P8E SI . 15.26 74.49 74.95
C1 P8E SI . 16.60 73.80 75.17
N5 P8E SI . 15.36 77.64 73.60
N7 P8E SI . 13.04 78.64 76.13
O6 P8E SI . 15.26 75.73 75.77
O1A P8E SI . 17.41 74.24 76.02
O1B P8E SI . 16.90 72.77 74.49
O4 P8E SI . 14.10 76.02 71.72
O8 P8E SI . 14.57 76.23 77.89
C9 P8E TI . -4.16 78.88 81.35
C8 P8E TI . -3.69 77.99 80.20
C7 P8E TI . -3.65 78.80 78.91
C6 P8E TI . -3.20 77.92 77.78
C5 P8E TI . -3.52 78.61 76.48
C4 P8E TI . -3.06 77.81 75.32
C3 P8E TI . -1.63 77.55 75.39
C2 P8E TI . -1.16 76.99 76.71
C1 P8E TI . 0.35 77.21 76.80
N5 P8E TI . -2.81 79.92 76.46
N7 P8E TI . -4.98 79.31 78.62
O6 P8E TI . -1.77 77.68 77.90
O1A P8E TI . 0.90 77.34 77.91
O1B P8E TI . 1.03 77.28 75.73
O4 P8E TI . -3.35 78.55 74.09
O8 P8E TI . -2.41 77.50 80.50
C9 P8E UI . -6.42 82.59 69.55
C8 P8E UI . -7.08 81.27 69.93
C7 P8E UI . -7.10 81.16 71.45
C6 P8E UI . -7.56 79.78 71.86
C5 P8E UI . -9.05 79.79 72.21
C4 P8E UI . -9.53 78.45 72.66
C3 P8E UI . -8.62 77.35 72.31
C2 P8E UI . -7.92 77.51 70.97
C1 P8E UI . -8.92 77.32 69.83
N5 P8E UI . -9.85 80.18 71.01
N7 P8E UI . -5.74 81.35 71.94
O6 P8E UI . -7.26 78.85 70.79
O1A P8E UI . -9.07 76.19 69.31
O1B P8E UI . -9.57 78.31 69.41
O4 P8E UI . -10.83 78.19 72.04
O8 P8E UI . -8.38 81.24 69.44
C9 P8E VI . -1.80 80.75 62.73
C8 P8E VI . -1.36 79.83 63.86
C7 P8E VI . -1.66 80.50 65.19
C6 P8E VI . -1.66 79.46 66.27
C5 P8E VI . -1.50 80.15 67.61
C4 P8E VI . -1.59 79.18 68.74
C3 P8E VI . -2.84 78.42 68.69
C2 P8E VI . -3.05 77.76 67.35
C1 P8E VI . -4.48 77.23 67.32
N5 P8E VI . -2.59 81.15 67.75
N7 P8E VI . -0.63 81.49 65.47
O6 P8E VI . -2.90 78.71 66.20
O1A P8E VI . -4.89 76.49 68.25
O1B P8E VI . -5.25 77.54 66.37
O4 P8E VI . -1.55 79.93 70.00
O8 P8E VI . -2.05 78.62 63.79
C9 P8E WI . 0.15 79.01 56.57
C8 P8E WI . -1.35 79.21 56.68
C7 P8E WI . -2.07 78.16 55.84
C6 P8E WI . -2.72 77.13 56.72
C5 P8E WI . -2.95 75.88 55.89
C4 P8E WI . -3.50 74.77 56.72
C3 P8E WI . -2.63 74.48 57.86
C2 P8E WI . -2.36 75.71 58.69
C1 P8E WI . -1.28 75.35 59.71
N5 P8E WI . -1.63 75.46 55.35
N7 P8E WI . -3.09 78.80 55.02
O6 P8E WI . -1.87 76.85 57.87
O1A P8E WI . -0.72 76.24 60.39
O1B P8E WI . -0.95 74.14 59.85
O4 P8E WI . -3.58 73.58 55.88
O8 P8E WI . -1.75 79.10 58.02
C9 P8E XI . -10.19 77.89 64.18
C8 P8E XI . -10.81 76.60 63.69
C7 P8E XI . -12.27 76.85 63.29
C6 P8E XI . -12.86 75.55 62.79
C5 P8E XI . -14.07 75.87 61.92
C4 P8E XI . -14.72 74.62 61.42
C3 P8E XI . -13.89 73.43 61.56
C2 P8E XI . -12.41 73.66 61.28
C1 P8E XI . -12.25 73.92 59.78
N5 P8E XI . -13.62 76.68 60.76
N7 P8E XI . -13.01 77.30 64.46
O6 P8E XI . -11.85 74.83 62.04
O1A P8E XI . -11.48 74.82 59.37
O1B P8E XI . -12.90 73.21 58.97
O4 P8E XI . -15.06 74.82 60.00
O8 P8E XI . -10.12 76.14 62.57
C9 P8E YI . -10.28 67.81 72.50
C8 P8E YI . -10.30 68.20 71.03
C7 P8E YI . -9.43 67.23 70.24
C6 P8E YI . -10.22 66.45 69.22
C5 P8E YI . -10.92 65.23 69.82
C4 P8E YI . -11.53 64.42 68.72
C3 P8E YI . -12.48 65.22 67.96
C2 P8E YI . -11.88 66.53 67.47
C1 P8E YI . -13.02 67.38 66.92
N5 P8E YI . -12.05 65.66 70.68
N7 P8E YI . -8.43 68.00 69.53
O6 P8E YI . -11.19 67.29 68.55
O1A P8E YI . -13.42 68.36 67.59
O1B P8E YI . -13.55 67.11 65.82
O4 P8E YI . -12.25 63.29 69.31
O8 P8E YI . -11.61 68.18 70.55
C9 P8E ZI . 9.80 77.95 68.68
C8 P8E ZI . 9.16 76.66 68.19
C7 P8E ZI . 7.88 77.00 67.40
C6 P8E ZI . 7.17 75.72 67.05
C5 P8E ZI . 5.98 76.04 66.16
C4 P8E ZI . 5.71 74.93 65.19
C3 P8E ZI . 6.82 74.78 64.27
C2 P8E ZI . 8.16 74.69 64.97
C1 P8E ZI . 9.05 75.82 64.46
N5 P8E ZI . 6.26 77.27 65.39
N7 P8E ZI . 7.02 77.83 68.22
O6 P8E ZI . 8.10 74.75 66.46
O1A P8E ZI . 10.07 76.15 65.12
O1B P8E ZI . 8.77 76.41 63.39
O4 P8E ZI . 4.50 75.24 64.43
O8 P8E ZI . 10.05 75.98 67.36
C9 P8E AJ . 9.91 -68.39 -50.56
C8 P8E AJ . 10.72 -67.76 -49.43
C7 P8E AJ . 11.04 -68.83 -48.39
C6 P8E AJ . 12.12 -68.32 -47.47
C5 P8E AJ . 13.37 -69.14 -47.67
C4 P8E AJ . 14.43 -68.64 -46.77
C3 P8E AJ . 14.81 -67.28 -47.16
C2 P8E AJ . 13.64 -66.32 -47.30
C1 P8E AJ . 14.05 -65.34 -48.39
N5 P8E AJ . 13.82 -68.98 -49.08
N7 P8E AJ . 9.84 -69.11 -47.61
O6 P8E AJ . 12.34 -66.91 -47.76
O1A P8E AJ . 14.36 -64.15 -48.09
O1B P8E AJ . 14.09 -65.74 -49.58
O4 P8E AJ . 15.60 -69.51 -46.86
O8 P8E AJ . 11.93 -67.26 -49.94
C9 P8E BJ . 20.22 -75.13 -35.03
C8 P8E BJ . 20.36 -74.24 -33.81
C7 P8E BJ . 21.61 -73.38 -33.96
C6 P8E BJ . 21.18 -71.94 -34.07
C5 P8E BJ . 22.41 -71.06 -34.16
C4 P8E BJ . 22.03 -69.64 -34.39
C3 P8E BJ . 21.25 -69.50 -35.60
C2 P8E BJ . 20.03 -70.41 -35.63
C1 P8E BJ . 19.53 -70.45 -37.08
N5 P8E BJ . 23.25 -71.51 -35.30
N7 P8E BJ . 22.46 -73.55 -32.78
O6 P8E BJ . 20.35 -71.82 -35.25
O1A P8E BJ . 19.21 -71.54 -37.60
O1B P8E BJ . 19.47 -69.39 -37.76
O4 P8E BJ . 23.25 -68.84 -34.52
O8 P8E BJ . 19.23 -73.42 -33.69
C9 P8E CJ . 14.13 -84.03 -32.18
C8 P8E CJ . 14.46 -83.20 -30.95
C7 P8E CJ . 15.51 -82.15 -31.32
C6 P8E CJ . 15.48 -81.07 -30.27
C5 P8E CJ . 16.51 -80.01 -30.64
C4 P8E CJ . 16.51 -78.86 -29.69
C3 P8E CJ . 15.38 -78.85 -28.76
C2 P8E CJ . 14.06 -79.26 -29.38
C1 P8E CJ . 13.58 -78.15 -30.30
N5 P8E CJ . 16.20 -79.52 -32.01
N7 P8E CJ . 16.82 -82.77 -31.33
O6 P8E CJ . 14.15 -80.51 -30.21
O1A P8E CJ . 13.49 -76.98 -29.86
O1B P8E CJ . 13.26 -78.41 -31.49
O4 P8E CJ . 16.49 -77.62 -30.48
O8 P8E CJ . 13.30 -82.54 -30.52
C9 P8E DJ . 12.24 -96.51 -21.42
C8 P8E DJ . 11.24 -96.02 -22.45
C7 P8E DJ . 9.82 -96.46 -22.06
C6 P8E DJ . 8.83 -95.44 -22.60
C5 P8E DJ . 7.60 -96.15 -23.17
C4 P8E DJ . 6.64 -95.17 -23.76
C3 P8E DJ . 6.84 -93.79 -23.33
C2 P8E DJ . 7.29 -93.66 -21.88
C1 P8E DJ . 6.12 -94.05 -20.97
N5 P8E DJ . 6.91 -96.89 -22.08
N7 P8E DJ . 9.58 -97.77 -22.63
O6 P8E DJ . 8.47 -94.51 -21.54
O1A P8E DJ . 6.34 -94.68 -19.90
O1B P8E DJ . 4.94 -93.78 -21.30
O4 P8E DJ . 5.28 -95.59 -23.41
O8 P8E DJ . 11.28 -94.62 -22.51
C9 P8E EJ . 10.65 -93.02 -10.02
C8 P8E EJ . 11.34 -94.29 -10.52
C7 P8E EJ . 10.38 -95.04 -11.44
C6 P8E EJ . 10.56 -94.51 -12.86
C5 P8E EJ . 10.25 -95.62 -13.84
C4 P8E EJ . 10.41 -95.18 -15.26
C3 P8E EJ . 10.49 -93.72 -15.42
C2 P8E EJ . 9.56 -92.96 -14.48
C1 P8E EJ . 8.13 -93.19 -14.93
N5 P8E EJ . 8.83 -96.05 -13.65
N7 P8E EJ . 10.72 -96.46 -11.41
O6 P8E EJ . 9.69 -93.37 -13.05
O1A P8E EJ . 7.23 -93.36 -14.07
O1B P8E EJ . 7.87 -93.23 -16.16
O4 P8E EJ . 9.29 -95.68 -16.05
O8 P8E EJ . 12.49 -93.95 -11.22
C9 P8E FJ . 14.92 -96.23 -17.79
C8 P8E FJ . 15.39 -94.94 -17.11
C7 P8E FJ . 15.10 -95.05 -15.61
C6 P8E FJ . 16.01 -94.12 -14.84
C5 P8E FJ . 17.03 -94.96 -14.06
C4 P8E FJ . 18.03 -94.13 -13.31
C3 P8E FJ . 18.07 -92.73 -13.73
C2 P8E FJ . 17.86 -92.53 -15.23
C1 P8E FJ . 19.04 -93.13 -15.98
N5 P8E FJ . 17.78 -95.82 -15.04
N7 P8E FJ . 13.72 -94.65 -15.37
O6 P8E FJ . 16.61 -93.17 -15.75
O1A P8E FJ . 20.21 -93.00 -15.53
O1B P8E FJ . 18.84 -93.78 -17.04
O4 P8E FJ . 19.36 -94.73 -13.48
O8 P8E FJ . 16.76 -94.80 -17.32
C9 P8E GJ . 26.38 -89.52 -13.71
C8 P8E GJ . 25.51 -88.86 -12.64
C7 P8E GJ . 26.15 -87.54 -12.23
C6 P8E GJ . 25.08 -86.71 -11.56
C5 P8E GJ . 25.73 -85.73 -10.60
C4 P8E GJ . 24.68 -84.92 -9.91
C3 P8E GJ . 23.83 -84.20 -10.86
C2 P8E GJ . 23.29 -85.07 -11.99
C1 P8E GJ . 22.85 -84.10 -13.08
N5 P8E GJ . 26.62 -84.83 -11.37
N7 P8E GJ . 27.23 -87.79 -11.30
O6 P8E GJ . 24.30 -86.01 -12.57
O1A P8E GJ . 22.71 -82.88 -12.79
O1B P8E GJ . 22.63 -84.49 -14.25
O4 P8E GJ . 25.35 -83.94 -9.04
O8 P8E GJ . 24.25 -88.61 -13.16
C9 P8E HJ . 17.64 -92.52 -8.77
C8 P8E HJ . 16.49 -92.21 -7.82
C7 P8E HJ . 16.86 -92.71 -6.42
C6 P8E HJ . 16.41 -91.68 -5.42
C5 P8E HJ . 16.73 -92.19 -4.01
C4 P8E HJ . 16.84 -91.06 -3.02
C3 P8E HJ . 16.18 -89.83 -3.45
C2 P8E HJ . 16.68 -89.33 -4.79
C1 P8E HJ . 17.88 -88.44 -4.54
N5 P8E HJ . 18.01 -92.92 -4.03
N7 P8E HJ . 16.16 -93.97 -6.16
O6 P8E HJ . 17.09 -90.43 -5.70
O1A P8E HJ . 17.80 -87.47 -3.75
O1B P8E HJ . 18.97 -88.70 -5.12
O4 P8E HJ . 18.26 -90.80 -2.79
O8 P8E HJ . 16.31 -90.83 -7.77
C9 P8E IJ . 6.54 -90.67 -11.82
C8 P8E IJ . 6.54 -89.45 -10.91
C7 P8E IJ . 5.87 -89.81 -9.58
C6 P8E IJ . 5.55 -88.54 -8.86
C5 P8E IJ . 4.45 -88.82 -7.85
C4 P8E IJ . 4.16 -87.60 -7.04
C3 P8E IJ . 5.35 -87.13 -6.34
C2 P8E IJ . 6.54 -86.91 -7.26
C1 P8E IJ . 7.76 -86.84 -6.37
N5 P8E IJ . 4.92 -89.89 -6.93
N7 P8E IJ . 4.63 -90.54 -9.85
O6 P8E IJ . 6.76 -88.05 -8.22
O1A P8E IJ . 8.02 -87.79 -5.59
O1B P8E IJ . 8.51 -85.82 -6.37
O4 P8E IJ . 3.14 -87.93 -6.06
O8 P8E IJ . 7.85 -89.05 -10.65
C9 P8E JJ . 1.91 -88.56 -11.47
C8 P8E JJ . 2.25 -88.24 -12.92
C7 P8E JJ . 0.95 -88.11 -13.73
C6 P8E JJ . 0.77 -86.67 -14.14
C5 P8E JJ . -0.63 -86.52 -14.71
C4 P8E JJ . -0.92 -85.10 -15.06
C3 P8E JJ . -0.71 -84.21 -13.92
C2 P8E JJ . 0.63 -84.39 -13.23
C1 P8E JJ . 0.53 -83.70 -11.88
N5 P8E JJ . -1.60 -86.97 -13.70
N7 P8E JJ . 1.04 -88.95 -14.91
O6 P8E JJ . 0.96 -85.82 -12.98
O1A P8E JJ . 0.91 -84.30 -10.85
O1B P8E JJ . 0.04 -82.55 -11.79
O4 P8E JJ . -2.30 -84.99 -15.50
O8 P8E JJ . 2.97 -87.04 -12.96
C9 P8E KJ . 11.93 -92.87 -28.69
C8 P8E KJ . 11.22 -91.56 -29.01
C7 P8E KJ . 9.82 -91.87 -29.55
C6 P8E KJ . 8.98 -90.63 -29.49
C5 P8E KJ . 7.69 -90.88 -30.25
C4 P8E KJ . 6.74 -89.74 -30.11
C3 P8E KJ . 6.47 -89.44 -28.71
C2 P8E KJ . 7.74 -89.22 -27.90
C1 P8E KJ . 7.35 -89.23 -26.42
N5 P8E KJ . 7.06 -92.10 -29.70
N7 P8E KJ . 9.93 -92.33 -30.93
O6 P8E KJ . 8.75 -90.30 -28.10
O1A P8E KJ . 8.24 -89.43 -25.56
O1B P8E KJ . 6.16 -89.03 -26.09
O4 P8E KJ . 5.47 -90.11 -30.76
O8 P8E KJ . 11.08 -90.81 -27.84
C9 P8E LJ . 1.21 -92.98 -35.51
C8 P8E LJ . 2.22 -91.86 -35.68
C7 P8E LJ . 3.59 -92.35 -35.21
C6 P8E LJ . 4.62 -91.26 -35.37
C5 P8E LJ . 5.45 -91.51 -36.63
C4 P8E LJ . 6.48 -90.44 -36.85
C3 P8E LJ . 6.24 -89.20 -36.11
C2 P8E LJ . 4.76 -88.86 -35.95
C1 P8E LJ . 4.17 -88.42 -37.29
N5 P8E LJ . 4.55 -91.52 -37.81
N7 P8E LJ . 3.50 -92.71 -33.81
O6 P8E LJ . 3.93 -89.98 -35.41
O1A P8E LJ . 4.19 -87.22 -37.63
O1B P8E LJ . 3.65 -89.28 -38.04
O4 P8E LJ . 6.52 -90.14 -38.28
O8 P8E LJ . 2.30 -91.48 -37.01
C9 P8E MJ . -6.27 -88.57 -32.83
C8 P8E MJ . -4.90 -87.95 -32.61
C7 P8E MJ . -3.85 -89.06 -32.60
C6 P8E MJ . -2.55 -88.49 -32.08
C5 P8E MJ . -1.71 -89.64 -31.57
C4 P8E MJ . -0.39 -89.16 -31.08
C3 P8E MJ . 0.33 -88.44 -32.12
C2 P8E MJ . -0.49 -87.36 -32.80
C1 P8E MJ . 0.22 -87.01 -34.09
N5 P8E MJ . -1.48 -90.60 -32.69
N7 P8E MJ . -4.30 -90.14 -31.75
O6 P8E MJ . -1.87 -87.80 -33.16
O1A P8E MJ . 1.42 -86.65 -34.07
O1B P8E MJ . -0.40 -87.11 -35.19
O4 P8E MJ . 0.41 -90.31 -30.66
O8 P8E MJ . -4.60 -87.05 -33.64
C9 P8E NJ . -10.47 -87.10 -35.34
C8 P8E NJ . -9.61 -86.15 -36.16
C7 P8E NJ . -10.40 -84.86 -36.41
C6 P8E NJ . -9.41 -83.75 -36.73
C5 P8E NJ . -10.22 -82.48 -36.95
C4 P8E NJ . -9.33 -81.30 -37.09
C3 P8E NJ . -8.46 -81.15 -35.93
C2 P8E NJ . -7.64 -82.41 -35.68
C1 P8E NJ . -6.94 -82.24 -34.33
N5 P8E NJ . -11.11 -82.27 -35.77
N7 P8E NJ . -11.29 -85.03 -37.55
O6 P8E NJ . -8.49 -83.63 -35.60
O1A P8E NJ . -7.00 -83.17 -33.47
O1B P8E NJ . -6.32 -81.18 -34.07
O4 P8E NJ . -10.15 -80.10 -37.20
O8 P8E NJ . -8.44 -85.86 -35.48
C9 P8E OJ . -1.46 -86.71 -40.48
C8 P8E OJ . -0.38 -86.04 -41.32
C7 P8E OJ . -0.60 -86.35 -42.80
C6 P8E OJ . -0.23 -85.14 -43.61
C5 P8E OJ . -0.45 -85.45 -45.08
C4 P8E OJ . -0.13 -84.28 -45.97
C3 P8E OJ . 0.05 -83.03 -45.23
C2 P8E OJ . -0.93 -82.83 -44.09
C1 P8E OJ . -2.30 -82.58 -44.69
N5 P8E OJ . -1.88 -85.81 -45.28
N7 P8E OJ . 0.23 -87.47 -43.18
O6 P8E OJ . -1.03 -84.01 -43.17
O1A P8E OJ . -3.28 -83.32 -44.38
O1B P8E OJ . -2.47 -81.62 -45.50
O4 P8E OJ . -1.23 -84.13 -46.93
O8 P8E OJ . -0.44 -84.66 -41.12
C9 P8E PJ . 9.82 -80.62 -37.58
C8 P8E PJ . 8.35 -80.52 -38.00
C7 P8E PJ . 7.76 -79.23 -37.40
C6 P8E PJ . 7.41 -78.21 -38.45
C5 P8E PJ . 8.61 -77.43 -38.99
C4 P8E PJ . 8.15 -76.28 -39.81
C3 P8E PJ . 6.75 -76.37 -40.24
C2 P8E PJ . 6.28 -77.78 -40.56
C1 P8E PJ . 6.82 -78.18 -41.92
N5 P8E PJ . 9.42 -78.29 -39.89
N7 P8E PJ . 6.53 -79.59 -36.70
O6 P8E PJ . 6.68 -78.81 -39.55
O1A P8E PJ . 8.04 -78.48 -42.05
O1B P8E PJ . 6.05 -78.23 -42.92
O4 P8E PJ . 8.99 -76.22 -41.01
O8 P8E PJ . 8.26 -80.49 -39.39
C9 P8E QJ . -3.97 -86.33 -20.59
C8 P8E QJ . -4.09 -85.00 -21.33
C7 P8E QJ . -4.29 -85.26 -22.82
C6 P8E QJ . -3.90 -84.02 -23.59
C5 P8E QJ . -4.20 -84.22 -25.07
C4 P8E QJ . -4.57 -82.94 -25.73
C3 P8E QJ . -5.80 -82.40 -25.18
C2 P8E QJ . -5.80 -82.35 -23.67
C1 P8E QJ . -6.98 -83.16 -23.16
N5 P8E QJ . -5.32 -85.19 -25.21
N7 P8E QJ . -3.45 -86.37 -23.23
O6 P8E QJ . -4.55 -82.85 -23.01
O1A P8E QJ . -6.96 -83.65 -22.00
O1B P8E QJ . -7.99 -83.34 -23.90
O4 P8E QJ . -4.77 -83.21 -27.16
O8 P8E QJ . -5.19 -84.29 -20.82
C9 P8E RJ . -42.17 -26.48 75.50
C8 P8E RJ . -40.78 -26.93 75.97
C7 P8E RJ . -40.53 -26.39 77.37
C6 P8E RJ . -39.34 -27.13 77.97
C5 P8E RJ . -39.83 -27.96 79.13
C4 P8E RJ . -38.67 -28.68 79.73
C3 P8E RJ . -38.07 -29.59 78.75
C2 P8E RJ . -37.66 -28.85 77.48
C1 P8E RJ . -37.41 -29.92 76.43
N5 P8E RJ . -40.79 -28.97 78.61
N7 P8E RJ . -40.22 -24.98 77.29
O6 P8E RJ . -38.74 -27.95 76.95
O1A P8E RJ . -36.41 -29.82 75.67
O1B P8E RJ . -38.20 -30.89 76.32
O4 P8E RJ . -39.13 -29.46 80.88
O8 P8E RJ . -40.73 -28.33 75.99
C9 P8E SJ . -35.11 -26.21 93.23
C8 P8E SJ . -33.78 -26.40 93.94
C7 P8E SJ . -33.37 -27.87 93.90
C6 P8E SJ . -32.31 -28.06 92.83
C5 P8E SJ . -31.70 -29.44 93.03
C4 P8E SJ . -30.80 -29.79 91.89
C3 P8E SJ . -31.53 -29.76 90.63
C2 P8E SJ . -32.19 -28.42 90.37
C1 P8E SJ . -33.21 -28.62 89.26
N5 P8E SJ . -32.80 -30.44 93.07
N7 P8E SJ . -32.85 -28.27 95.19
O6 P8E SJ . -32.95 -27.89 91.54
O1A P8E SJ . -34.44 -28.56 89.52
O1B P8E SJ . -32.85 -28.86 88.09
O4 P8E SJ . -30.30 -31.14 92.12
O8 P8E SJ . -32.80 -25.62 93.30
C9 P8E TJ . -41.63 -19.40 98.53
C8 P8E TJ . -40.28 -19.24 99.21
C7 P8E TJ . -39.37 -20.40 98.79
C6 P8E TJ . -37.96 -19.89 98.63
C5 P8E TJ . -37.06 -21.06 98.28
C4 P8E TJ . -35.65 -20.65 98.03
C3 P8E TJ . -35.47 -19.21 97.84
C2 P8E TJ . -36.60 -18.56 97.06
C1 P8E TJ . -36.55 -19.01 95.61
N5 P8E TJ . -37.59 -21.71 97.04
N7 P8E TJ . -39.39 -21.43 99.83
O6 P8E TJ . -37.96 -18.87 97.59
O1A P8E TJ . -35.43 -19.20 95.06
O1B P8E TJ . -37.61 -19.17 94.97
O4 P8E TJ . -35.16 -21.35 96.84
O8 P8E TJ . -39.70 -18.03 98.82
C9 P8E UJ . -44.55 -10.68 112.57
C8 P8E UJ . -44.90 -10.52 111.09
C7 P8E UJ . -45.55 -9.17 110.86
C6 P8E UJ . -45.30 -8.74 109.43
C5 P8E UJ . -46.44 -7.83 108.96
C4 P8E UJ . -46.23 -7.33 107.57
C3 P8E UJ . -44.86 -7.52 107.05
C2 P8E UJ . -43.78 -7.30 108.10
C1 P8E UJ . -43.73 -5.82 108.44
N5 P8E UJ . -46.54 -6.67 109.87
N7 P8E UJ . -46.99 -9.30 111.08
O6 P8E UJ . -44.00 -8.07 109.36
O1A P8E UJ . -43.58 -5.45 109.64
O1B P8E UJ . -43.84 -4.95 107.53
O4 P8E UJ . -46.56 -5.90 107.53
O8 P8E UJ . -43.71 -10.59 110.34
C9 P8E VJ . -35.40 -4.23 117.05
C8 P8E VJ . -36.48 -5.20 117.50
C7 P8E VJ . -37.81 -4.80 116.84
C6 P8E VJ . -38.04 -5.67 115.63
C5 P8E VJ . -39.52 -5.68 115.30
C4 P8E VJ . -39.83 -6.51 114.10
C3 P8E VJ . -38.67 -6.81 113.26
C2 P8E VJ . -37.65 -5.69 113.19
C1 P8E VJ . -38.24 -4.54 112.37
N5 P8E VJ . -39.93 -4.28 115.03
N7 P8E VJ . -38.89 -5.01 117.79
O6 P8E VJ . -37.23 -5.15 114.53
O1A P8E VJ . -37.79 -3.37 112.53
O1B P8E VJ . -39.16 -4.76 111.56
O4 P8E VJ . -40.81 -5.80 113.28
O8 P8E VJ . -36.14 -6.50 117.12
C9 P8E WJ . -41.72 -11.50 115.93
C8 P8E WJ . -40.29 -11.75 115.49
C7 P8E WJ . -39.38 -10.72 116.15
C6 P8E WJ . -38.04 -11.31 116.55
C5 P8E WJ . -38.04 -11.62 118.05
C4 P8E WJ . -36.75 -12.23 118.52
C3 P8E WJ . -35.90 -12.74 117.43
C2 P8E WJ . -36.69 -13.36 116.28
C1 P8E WJ . -37.35 -14.63 116.78
N5 P8E WJ . -39.14 -12.57 118.37
N7 P8E WJ . -39.14 -9.63 115.22
O6 P8E WJ . -37.77 -12.49 115.73
O1A P8E WJ . -36.76 -15.37 117.61
O1B P8E WJ . -38.51 -14.93 116.38
O4 P8E WJ . -37.08 -13.34 119.43
O8 P8E WJ . -39.91 -13.04 115.89
C9 P8E XJ . -32.53 -20.25 119.05
C8 P8E XJ . -31.33 -19.31 119.21
C7 P8E XJ . -30.05 -20.06 118.82
C6 P8E XJ . -29.00 -19.04 118.47
C5 P8E XJ . -27.64 -19.58 118.82
C4 P8E XJ . -26.60 -18.54 118.54
C3 P8E XJ . -26.62 -18.12 117.14
C2 P8E XJ . -28.00 -17.79 116.60
C1 P8E XJ . -27.89 -17.89 115.09
N5 P8E XJ . -27.36 -20.76 117.96
N7 P8E XJ . -29.60 -20.85 119.96
O6 P8E XJ . -29.08 -18.73 117.05
O1A P8E XJ . -26.83 -17.50 114.54
O1B P8E XJ . -28.82 -18.36 114.39
O4 P8E XJ . -25.28 -19.10 118.83
O8 P8E XJ . -31.48 -18.21 118.36
C9 P8E YJ . -32.83 -10.31 120.20
C8 P8E YJ . -32.63 -8.84 120.49
C7 P8E YJ . -31.86 -8.68 121.80
C6 P8E YJ . -30.64 -7.84 121.53
C5 P8E YJ . -29.96 -7.54 122.86
C4 P8E YJ . -28.67 -6.80 122.71
C3 P8E YJ . -28.20 -6.72 121.33
C2 P8E YJ . -28.39 -8.00 120.53
C1 P8E YJ . -27.39 -9.04 121.02
N5 P8E YJ . -29.68 -8.85 123.54
N7 P8E YJ . -32.70 -8.02 122.79
O6 P8E YJ . -29.78 -8.57 120.63
O1A P8E YJ . -26.16 -8.75 121.06
O1B P8E YJ . -27.77 -10.18 121.38
O4 P8E YJ . -27.64 -7.47 123.52
O8 P8E YJ . -31.89 -8.28 119.45
C9 P8E ZJ . -34.81 -2.17 112.96
C8 P8E ZJ . -33.63 -1.59 112.18
C7 P8E ZJ . -33.12 -0.35 112.90
C6 P8E ZJ . -31.72 -0.07 112.38
C5 P8E ZJ . -31.36 1.36 112.75
C4 P8E ZJ . -29.96 1.66 112.37
C3 P8E ZJ . -29.03 0.72 112.98
C2 P8E ZJ . -29.37 -0.73 112.71
C1 P8E ZJ . -28.56 -1.56 113.69
N5 P8E ZJ . -31.51 1.52 114.21
N7 P8E ZJ . -33.99 0.78 112.61
O6 P8E ZJ . -30.82 -1.04 112.96
O1A P8E ZJ . -28.74 -1.39 114.93
O1B P8E ZJ . -27.71 -2.39 113.29
O4 P8E ZJ . -29.63 3.01 112.85
O8 P8E ZJ . -32.60 -2.53 112.13
C9 P8E AK . -34.27 2.02 109.05
C8 P8E AK . -34.68 0.84 108.18
C7 P8E AK . -35.40 1.36 106.93
C6 P8E AK . -34.58 1.01 105.71
C5 P8E AK . -35.19 1.74 104.52
C4 P8E AK . -34.30 1.70 103.32
C3 P8E AK . -32.94 2.14 103.60
C2 P8E AK . -32.33 1.36 104.75
C1 P8E AK . -31.03 2.07 105.13
N5 P8E AK . -35.42 3.15 104.89
N7 P8E AK . -36.71 0.75 106.81
O6 P8E AK . -33.20 1.41 105.97
O1A P8E AK . -30.76 2.28 106.34
O1B P8E AK . -30.24 2.46 104.23
O4 P8E AK . -34.87 2.57 102.29
O8 P8E AK . -33.55 0.12 107.81
C9 P8E BK . -46.47 -14.56 105.34
C8 P8E BK . -45.79 -14.09 104.05
C7 P8E BK . -46.77 -13.26 103.24
C6 P8E BK . -46.01 -12.48 102.19
C5 P8E BK . -46.99 -11.61 101.42
C4 P8E BK . -46.28 -10.77 100.42
C3 P8E BK . -45.24 -9.96 101.03
C2 P8E BK . -44.29 -10.75 101.90
C1 P8E BK . -43.51 -9.76 102.75
N5 P8E BK . -47.67 -10.72 102.39
N7 P8E BK . -47.72 -14.13 102.58
O6 P8E BK . -45.00 -11.68 102.84
O1A P8E BK . -42.93 -10.17 103.79
O1B P8E BK . -43.46 -8.56 102.42
O4 P8E BK . -47.24 -9.89 99.77
O8 P8E BK . -44.66 -13.32 104.37
C9 P8E CK . -52.97 -8.26 96.33
C8 P8E CK . -51.87 -9.25 95.95
C7 P8E CK . -51.54 -10.09 97.18
C6 P8E CK . -50.67 -11.27 96.79
C5 P8E CK . -51.49 -12.53 96.68
C4 P8E CK . -50.66 -13.73 96.33
C3 P8E CK . -49.33 -13.38 95.81
C2 P8E CK . -49.32 -12.13 94.93
C1 P8E CK . -49.97 -12.43 93.59
N5 P8E CK . -52.51 -12.37 95.60
N7 P8E CK . -50.79 -9.26 98.12
O6 P8E CK . -50.00 -10.95 95.55
O1A P8E CK . -49.26 -12.72 92.60
O1B P8E CK . -51.22 -12.39 93.48
O4 P8E CK . -51.37 -14.52 95.32
O8 P8E CK . -52.33 -10.08 94.92
C9 P8E DK . -49.45 -1.27 92.21
C8 P8E DK . -48.43 -2.36 92.51
C7 P8E DK . -49.02 -3.31 93.55
C6 P8E DK . -47.96 -4.35 93.91
C5 P8E DK . -48.18 -4.77 95.34
C4 P8E DK . -47.14 -5.77 95.73
C3 P8E DK . -47.20 -6.95 94.87
C2 P8E DK . -47.18 -6.62 93.39
C1 P8E DK . -47.69 -7.86 92.66
N5 P8E DK . -49.52 -5.41 95.44
N7 P8E DK . -49.40 -2.56 94.72
O6 P8E DK . -48.07 -5.47 93.00
O1A P8E DK . -47.17 -8.98 92.90
O1B P8E DK . -48.62 -7.76 91.82
O4 P8E DK . -47.38 -6.18 97.11
O8 P8E DK . -48.12 -3.07 91.34
C9 P8E EK . -50.05 1.77 87.01
C8 P8E EK . -49.99 0.42 86.31
C7 P8E EK . -49.11 0.55 85.06
C6 P8E EK . -48.42 -0.77 84.82
C5 P8E EK . -47.64 -0.66 83.53
C4 P8E EK . -46.83 -1.89 83.31
C3 P8E EK . -45.93 -2.16 84.41
C2 P8E EK . -46.63 -2.19 85.76
C1 P8E EK . -45.57 -2.10 86.85
N5 P8E EK . -46.71 0.50 83.64
N7 P8E EK . -49.95 0.88 83.91
O6 P8E EK . -47.56 -1.03 85.96
O1A P8E EK . -45.84 -1.58 87.95
O1B P8E EK . -44.42 -2.56 86.65
O4 P8E EK . -46.04 -1.71 82.09
O8 P8E EK . -49.43 -0.52 87.17
C9 P8E FK . -52.21 -9.53 88.13
C8 P8E FK . -51.74 -10.31 86.90
C7 P8E FK . -52.57 -11.57 86.74
C6 P8E FK . -52.07 -12.33 85.54
C5 P8E FK . -53.28 -12.71 84.69
C4 P8E FK . -52.90 -13.38 83.40
C3 P8E FK . -51.48 -13.27 83.07
C2 P8E FK . -50.86 -11.92 83.40
C1 P8E FK . -51.47 -10.89 82.47
N5 P8E FK . -54.01 -11.46 84.36
N7 P8E FK . -52.43 -12.40 87.93
O6 P8E FK . -51.12 -11.49 84.81
O1A P8E FK . -52.43 -10.18 82.87
O1B P8E FK . -51.04 -10.75 81.30
O4 P8E FK . -53.70 -12.79 82.32
O8 P8E FK . -51.91 -9.52 85.76
C9 P8E GK . -42.94 -18.50 90.88
C8 P8E GK . -43.47 -17.53 89.82
C7 P8E GK . -42.30 -17.01 89.00
C6 P8E GK . -42.34 -17.48 87.55
C5 P8E GK . -41.88 -18.92 87.35
C4 P8E GK . -41.75 -19.21 85.90
C3 P8E GK . -43.00 -18.95 85.20
C2 P8E GK . -43.54 -17.56 85.48
C1 P8E GK . -44.93 -17.48 84.85
N5 P8E GK . -42.90 -19.88 87.87
N7 P8E GK . -42.38 -15.55 89.00
O6 P8E GK . -43.64 -17.27 86.95
O1A P8E GK . -45.91 -17.11 85.55
O1B P8E GK . -45.09 -17.79 83.64
O4 P8E GK . -41.42 -20.62 85.73
O8 P8E GK . -44.40 -18.19 89.00
C9 P8E HK . -39.36 2.29 99.17
C8 P8E HK . -38.93 1.44 97.98
C7 P8E HK . -40.18 1.09 97.15
C6 P8E HK . -39.79 0.21 95.99
C5 P8E HK . -40.98 0.03 95.07
C4 P8E HK . -40.57 -0.15 93.65
C3 P8E HK . -39.83 0.98 93.12
C2 P8E HK . -38.81 1.55 94.09
C1 P8E HK . -39.25 2.95 94.50
N5 P8E HK . -41.84 1.25 95.16
N7 P8E HK . -41.13 0.39 97.99
O6 P8E HK . -38.59 0.73 95.34
O1A P8E HK . -38.75 3.50 95.52
O1B P8E HK . -40.11 3.56 93.81
O4 P8E HK . -41.78 -0.33 92.83
O8 P8E HK . -38.05 2.16 97.19
C9 P8E IK . -64.11 -58.59 -5.76
C8 P8E IK . -62.65 -58.68 -5.30
C7 P8E IK . -62.61 -58.99 -3.81
C6 P8E IK . -61.25 -59.50 -3.43
C5 P8E IK . -61.32 -60.98 -3.13
C4 P8E IK . -59.98 -61.51 -2.78
C3 P8E IK . -59.01 -61.26 -3.85
C2 P8E IK . -58.96 -59.80 -4.24
C1 P8E IK . -58.13 -59.69 -5.50
N5 P8E IK . -61.81 -61.70 -4.33
N7 P8E IK . -62.89 -57.77 -3.06
O6 P8E IK . -60.32 -59.24 -4.52
O1A P8E IK . -56.89 -59.94 -5.47
O1B P8E IK . -58.67 -59.34 -6.59
O4 P8E IK . -60.09 -62.96 -2.58
O8 P8E IK . -62.01 -59.70 -6.00
C9 P8E JK . -57.43 -62.37 11.88
C8 P8E JK . -56.17 -61.88 12.61
C7 P8E JK . -54.99 -62.76 12.20
C6 P8E JK . -54.08 -61.96 11.31
C5 P8E JK . -52.85 -62.82 11.03
C4 P8E JK . -52.01 -62.23 9.95
C3 P8E JK . -52.78 -62.09 8.72
C2 P8E JK . -54.01 -61.23 8.92
C1 P8E JK . -54.91 -61.43 7.71
N5 P8E JK . -53.31 -64.16 10.59
N7 P8E JK . -54.27 -63.20 13.38
O6 P8E JK . -54.82 -61.60 10.12
O1A P8E JK . -56.10 -61.81 7.87
O1B P8E JK . -54.48 -61.25 6.54
O4 P8E JK . -50.89 -63.15 9.70
O8 P8E JK . -55.94 -60.56 12.24
C9 P8E KK . -66.60 -60.69 18.00
C8 P8E KK . -65.37 -60.35 18.82
C7 P8E KK . -64.12 -60.79 18.08
C6 P8E KK . -62.99 -59.85 18.39
C5 P8E KK . -61.77 -60.30 17.60
C4 P8E KK . -60.60 -59.39 17.75
C3 P8E KK . -60.93 -58.07 18.32
C2 P8E KK . -62.28 -57.54 17.88
C1 P8E KK . -62.20 -57.18 16.40
N5 P8E KK . -62.15 -60.34 16.17
N7 P8E KK . -63.76 -62.14 18.51
O6 P8E KK . -63.40 -58.50 18.06
O1A P8E KK . -61.18 -56.62 15.94
O1B P8E KK . -63.18 -57.46 15.65
O4 P8E KK . -60.00 -59.18 16.43
O8 P8E KK . -65.34 -58.96 19.03
C9 P8E LK . -73.42 -59.30 33.65
C8 P8E LK . -73.73 -58.93 32.20
C7 P8E LK . -74.83 -57.87 32.16
C6 P8E LK . -74.55 -56.90 31.03
C5 P8E LK . -75.87 -56.39 30.46
C4 P8E LK . -75.67 -55.43 29.32
C3 P8E LK . -74.33 -54.87 29.26
C2 P8E LK . -73.70 -54.61 30.62
C1 P8E LK . -74.45 -53.47 31.32
N5 P8E LK . -76.63 -55.69 31.53
N7 P8E LK . -76.11 -58.52 31.95
O6 P8E LK . -73.72 -55.81 31.51
O1A P8E LK . -74.52 -53.46 32.58
O1B P8E LK . -74.97 -52.55 30.64
O4 P8E LK . -76.65 -54.34 29.47
O8 P8E LK . -72.57 -58.44 31.59
C9 P8E MK . -67.64 -51.24 40.81
C8 P8E MK . -67.94 -52.73 40.76
C7 P8E MK . -69.38 -52.95 40.29
C6 P8E MK . -69.36 -53.43 38.85
C5 P8E MK . -70.79 -53.79 38.46
C4 P8E MK . -70.91 -54.22 37.03
C3 P8E MK . -69.76 -53.86 36.21
C2 P8E MK . -69.14 -52.51 36.56
C1 P8E MK . -70.11 -51.39 36.16
N5 P8E MK . -71.64 -52.60 38.67
N7 P8E MK . -70.01 -53.97 41.12
O6 P8E MK . -68.82 -52.37 38.03
O1A P8E MK . -70.09 -50.30 36.79
O1B P8E MK . -70.90 -51.57 35.22
O4 P8E MK . -72.11 -53.57 36.47
O8 P8E MK . -67.06 -53.35 39.86
C9 P8E NK . -69.80 -59.64 36.78
C8 P8E NK . -68.38 -59.11 36.70
C7 P8E NK . -67.98 -58.52 38.06
C6 P8E NK . -66.49 -58.61 38.27
C5 P8E NK . -66.18 -59.76 39.24
C4 P8E NK . -64.72 -59.93 39.48
C3 P8E NK . -63.86 -59.26 38.49
C2 P8E NK . -64.44 -59.27 37.08
C1 P8E NK . -64.42 -60.70 36.55
N5 P8E NK . -66.70 -61.03 38.69
N7 P8E NK . -68.37 -57.11 38.07
O6 P8E NK . -65.83 -58.76 36.99
O1A P8E NK . -63.35 -61.23 36.18
O1B P8E NK . -65.50 -61.35 36.49
O4 P8E NK . -64.40 -61.37 39.48
O8 P8E NK . -67.51 -60.16 36.38
C9 P8E OK . -57.07 -63.97 38.67
C8 P8E OK . -56.72 -62.49 38.63
C7 P8E OK . -55.23 -62.33 38.38
C6 P8E OK . -54.88 -60.86 38.38
C5 P8E OK . -53.43 -60.69 38.78
C4 P8E OK . -53.08 -59.25 38.82
C3 P8E OK . -53.30 -58.61 37.52
C2 P8E OK . -54.65 -58.89 36.90
C1 P8E OK . -54.47 -58.61 35.41
N5 P8E OK . -52.58 -61.37 37.77
N7 P8E OK . -54.49 -63.01 39.44
O6 P8E OK . -55.12 -60.31 37.06
O1A P8E OK . -53.37 -58.21 34.99
O1B P8E OK . -55.43 -58.76 34.60
O4 P8E OK . -51.66 -59.11 39.17
O8 P8E OK . -57.42 -61.88 37.58
C9 P8E PK . -62.52 -56.34 42.42
C8 P8E PK . -62.98 -55.02 43.03
C7 P8E PK . -62.53 -54.96 44.49
C6 P8E PK . -61.70 -53.71 44.68
C5 P8E PK . -61.27 -53.62 46.13
C4 P8E PK . -60.12 -52.68 46.34
C3 P8E PK . -59.80 -51.87 45.17
C2 P8E PK . -59.62 -52.65 43.89
C1 P8E PK . -58.21 -53.23 43.90
N5 P8E PK . -60.87 -54.97 46.60
N7 P8E PK . -63.69 -54.91 45.37
O6 P8E PK . -60.58 -53.80 43.76
O1A P8E PK . -57.22 -52.47 44.12
O1B P8E PK . -58.04 -54.46 43.71
O4 P8E PK . -58.94 -53.47 46.72
O8 P8E PK . -62.39 -53.96 42.33
C9 P8E QK . -68.01 -48.28 38.20
C8 P8E QK . -67.82 -46.95 37.50
C7 P8E QK . -67.84 -45.83 38.54
C6 P8E QK . -66.69 -44.91 38.24
C5 P8E QK . -66.91 -43.59 38.95
C4 P8E QK . -65.73 -42.68 38.76
C3 P8E QK . -64.52 -43.31 39.26
C2 P8E QK . -64.27 -44.65 38.61
C1 P8E QK . -63.11 -45.32 39.32
N5 P8E QK . -67.11 -43.84 40.40
N7 P8E QK . -69.09 -45.10 38.43
O6 P8E QK . -65.46 -45.55 38.70
O1A P8E QK . -63.34 -46.09 40.29
O1B P8E QK . -61.92 -45.11 38.94
O4 P8E QK . -65.96 -41.44 39.51
O8 P8E QK . -66.58 -46.96 36.86
C9 P8E RK . -70.10 -43.78 35.46
C8 P8E RK . -69.78 -44.29 34.06
C7 P8E RK . -70.71 -43.62 33.06
C6 P8E RK . -69.93 -43.13 31.87
C5 P8E RK . -70.86 -42.34 30.97
C4 P8E RK . -70.13 -41.72 29.84
C3 P8E RK . -69.00 -40.90 30.28
C2 P8E RK . -68.08 -41.64 31.23
C1 P8E RK . -67.17 -40.60 31.87
N5 P8E RK . -71.49 -41.26 31.78
N7 P8E RK . -71.71 -44.58 32.60
O6 P8E RK . -68.82 -42.31 32.35
O1A P8E RK . -66.91 -40.64 33.10
O1B P8E RK . -66.67 -39.70 31.15
O4 P8E RK . -71.06 -40.86 29.09
O8 P8E RK . -68.45 -43.97 33.75
C9 P8E SK . -72.76 -60.97 25.37
C8 P8E SK . -72.36 -59.98 24.28
C7 P8E SK . -73.62 -59.36 23.68
C6 P8E SK . -73.24 -58.11 22.92
C5 P8E SK . -74.50 -57.54 22.30
C4 P8E SK . -74.22 -56.22 21.65
C3 P8E SK . -73.72 -55.28 22.64
C2 P8E SK . -72.48 -55.79 23.35
C1 P8E SK . -72.28 -54.91 24.58
N5 P8E SK . -75.49 -57.31 23.38
N7 P8E SK . -74.24 -60.31 22.76
O6 P8E SK . -72.62 -57.20 23.86
O1A P8E SK . -71.57 -55.33 25.53
O1B P8E SK . -72.82 -53.78 24.64
O4 P8E SK . -75.46 -55.70 21.08
O8 P8E SK . -71.58 -58.97 24.84
C9 P8E TK . -82.01 -56.77 17.55
C8 P8E TK . -80.55 -56.68 17.14
C7 P8E TK . -79.71 -57.48 18.16
C6 P8E TK . -78.39 -57.87 17.55
C5 P8E TK . -78.40 -59.31 17.06
C4 P8E TK . -77.09 -59.73 16.48
C3 P8E TK . -76.20 -58.62 16.18
C2 P8E TK . -76.92 -57.39 15.64
C1 P8E TK . -77.44 -57.65 14.23
N5 P8E TK . -79.43 -59.44 16.00
N7 P8E TK . -79.46 -56.63 19.31
O6 P8E TK . -78.08 -56.94 16.48
O1A P8E TK . -76.72 -57.41 13.23
O1B P8E TK . -78.61 -58.11 14.09
O4 P8E TK . -77.34 -60.49 15.25
O8 P8E TK . -80.39 -57.21 15.86
C9 P8E UK . -81.72 -47.39 15.21
C8 P8E UK . -80.50 -47.77 16.03
C7 P8E UK . -80.83 -48.97 16.92
C6 P8E UK . -79.52 -49.58 17.36
C5 P8E UK . -79.78 -50.51 18.53
C4 P8E UK . -78.51 -51.13 18.98
C3 P8E UK . -77.86 -51.87 17.90
C2 P8E UK . -77.70 -51.05 16.63
C1 P8E UK . -77.41 -52.03 15.51
N5 P8E UK . -80.70 -51.58 18.08
N7 P8E UK . -81.60 -48.55 18.07
O6 P8E UK . -78.94 -50.30 16.25
O1A P8E UK . -76.37 -52.74 15.54
O1B P8E UK . -78.21 -52.14 14.55
O4 P8E UK . -78.81 -52.07 20.07
O8 P8E UK . -79.45 -48.12 15.17
C9 P8E VK . -83.27 -43.72 13.09
C8 P8E VK . -83.63 -44.25 11.71
C7 P8E VK . -82.95 -43.39 10.64
C6 P8E VK . -81.78 -44.15 10.07
C5 P8E VK . -81.27 -43.45 8.83
C4 P8E VK . -80.11 -44.18 8.25
C3 P8E VK . -79.04 -44.38 9.24
C2 P8E VK . -79.53 -44.96 10.55
C1 P8E VK . -78.41 -44.80 11.57
N5 P8E VK . -80.85 -42.07 9.22
N7 P8E VK . -83.90 -43.11 9.58
O6 P8E VK . -80.74 -44.24 11.07
O1A P8E VK . -78.64 -44.98 12.80
O1B P8E VK . -77.26 -44.49 11.18
O4 P8E VK . -79.57 -43.39 7.15
O8 P8E VK . -83.17 -45.57 11.59
C9 P8E WK . -80.83 -54.33 9.96
C8 P8E WK . -80.07 -54.28 8.64
C7 P8E WK . -80.17 -55.64 7.96
C6 P8E WK . -79.42 -55.60 6.65
C5 P8E WK . -80.33 -56.16 5.57
C4 P8E WK . -79.71 -56.11 4.21
C3 P8E WK . -78.52 -55.26 4.14
C2 P8E WK . -78.62 -53.99 4.97
C1 P8E WK . -79.66 -53.10 4.31
N5 P8E WK . -81.58 -55.37 5.54
N7 P8E WK . -79.60 -56.66 8.83
O6 P8E WK . -79.02 -54.23 6.38
O1A P8E WK . -80.72 -52.82 4.93
O1B P8E WK . -79.49 -52.66 3.14
O4 P8E WK . -80.73 -55.64 3.26
O8 P8E WK . -80.64 -53.32 7.81
C9 P8E XK . -68.41 -57.85 10.88
C8 P8E XK . -69.35 -57.02 10.01
C7 P8E XK . -68.60 -55.78 9.53
C6 P8E XK . -68.37 -55.77 8.02
C5 P8E XK . -67.22 -56.66 7.59
C4 P8E XK . -66.94 -56.43 6.15
C3 P8E XK . -68.13 -56.67 5.33
C2 P8E XK . -69.35 -55.93 5.83
C1 P8E XK . -70.55 -56.48 5.07
N5 P8E XK . -67.58 -58.09 7.71
N7 P8E XK . -69.39 -54.61 9.89
O6 P8E XK . -69.58 -56.11 7.30
O1A P8E XK . -71.09 -57.55 5.46
O1B P8E XK . -70.98 -55.89 4.04
O4 P8E XK . -65.90 -57.36 5.71
O8 P8E XK . -69.78 -57.78 8.93
C9 P8E YK . -74.92 -42.17 25.47
C8 P8E YK . -74.13 -42.31 24.18
C7 P8E YK . -75.06 -42.80 23.07
C6 P8E YK . -74.28 -42.95 21.78
C5 P8E YK . -75.27 -43.23 20.66
C4 P8E YK . -74.79 -42.70 19.35
C3 P8E YK . -74.66 -41.25 19.37
C2 P8E YK . -74.01 -40.72 20.63
C1 P8E YK . -75.03 -39.88 21.39
N5 P8E YK . -76.57 -42.58 20.97
N7 P8E YK . -75.62 -44.09 23.44
O6 P8E YK . -73.46 -41.76 21.56
O1A P8E YK . -74.82 -39.59 22.60
O1B P8E YK . -76.08 -39.49 20.82
O4 P8E YK . -75.77 -43.06 18.33
O8 P8E YK . -73.60 -41.07 23.82
C9 P8E ZK . 12.31 -83.03 38.95
C8 P8E ZK . 13.59 -82.58 39.64
C7 P8E ZK . 13.62 -83.13 41.07
C6 P8E ZK . 14.97 -82.86 41.67
C5 P8E ZK . 15.62 -84.19 42.02
C4 P8E ZK . 16.98 -83.96 42.57
C3 P8E ZK . 17.83 -83.33 41.56
C2 P8E ZK . 17.23 -82.02 41.04
C1 P8E ZK . 17.94 -81.73 39.74
N5 P8E ZK . 15.73 -84.98 40.77
N7 P8E ZK . 12.59 -82.47 41.85
O6 P8E ZK . 15.77 -82.12 40.71
O1A P8E ZK . 18.46 -80.61 39.54
O1B P8E ZK . 18.00 -82.62 38.86
O4 P8E ZK . 17.57 -85.25 42.94
O8 P8E ZK . 14.70 -83.09 38.95
C9 P8E AL . 20.16 -88.32 55.81
C8 P8E AL . 21.05 -87.49 56.74
C7 P8E AL . 22.50 -87.60 56.27
C6 P8E AL . 22.90 -86.27 55.64
C5 P8E AL . 24.39 -86.28 55.38
C4 P8E AL . 24.79 -85.02 54.69
C3 P8E AL . 24.06 -84.82 53.45
C2 P8E AL . 22.55 -84.89 53.65
C1 P8E AL . 21.91 -85.00 52.27
N5 P8E AL . 24.72 -87.43 54.49
N7 P8E AL . 23.36 -87.88 57.40
O6 P8E AL . 22.13 -86.10 54.42
O1A P8E AL . 21.02 -85.85 52.05
O1B P8E AL . 22.28 -84.24 51.33
O4 P8E AL . 26.23 -85.12 54.38
O8 P8E AL . 20.64 -86.16 56.71
C9 P8E BL . 11.49 -92.60 61.48
C8 P8E BL . 12.34 -91.66 62.31
C7 P8E BL . 13.62 -91.32 61.55
C6 P8E BL . 14.27 -90.13 62.19
C5 P8E BL . 15.55 -89.82 61.43
C4 P8E BL . 16.25 -88.59 61.93
C3 P8E BL . 15.41 -87.74 62.79
C2 P8E BL . 13.96 -87.68 62.37
C1 P8E BL . 13.85 -86.93 61.05
N5 P8E BL . 15.20 -89.62 60.00
N7 P8E BL . 14.53 -92.46 61.59
O6 P8E BL . 13.33 -89.03 62.16
O1A P8E BL . 14.53 -85.88 60.87
O1B P8E BL . 13.09 -87.36 60.15
O4 P8E BL . 16.70 -87.82 60.77
O8 P8E BL . 11.63 -90.48 62.56
C9 P8E CL . 5.40 -98.55 75.41
C8 P8E CL . 4.78 -97.75 74.28
C7 P8E CL . 3.30 -97.51 74.56
C6 P8E CL . 2.84 -96.32 73.76
C5 P8E CL . 1.38 -96.48 73.38
C4 P8E CL . 0.87 -95.32 72.57
C3 P8E CL . 1.73 -94.14 72.63
C2 P8E CL . 2.37 -93.91 73.99
C1 P8E CL . 1.29 -93.46 74.99
N5 P8E CL . 0.56 -96.58 74.61
N7 P8E CL . 2.54 -98.70 74.16
O6 P8E CL . 3.07 -95.12 74.54
O1A P8E CL . 1.41 -93.73 76.20
O1B P8E CL . 0.28 -92.84 74.58
O4 P8E CL . -0.46 -94.96 73.05
O8 P8E CL . 5.42 -96.51 74.18
C9 P8E DL . 6.58 -91.48 85.23
C8 P8E DL . 6.79 -92.97 84.99
C7 P8E DL . 5.61 -93.51 84.19
C6 P8E DL . 5.98 -93.53 82.73
C5 P8E DL . 5.08 -94.53 82.01
C4 P8E DL . 5.35 -94.61 80.54
C3 P8E DL . 6.14 -93.48 80.03
C2 P8E DL . 5.79 -92.15 80.68
C1 P8E DL . 4.39 -91.75 80.25
N5 P8E DL . 3.66 -94.11 82.21
N7 P8E DL . 5.33 -94.87 84.63
O6 P8E DL . 5.84 -92.19 82.18
O1A P8E DL . 3.63 -91.16 81.06
O1B P8E DL . 4.00 -92.00 79.08
O4 P8E DL . 4.09 -94.66 79.83
O8 P8E DL . 7.97 -93.15 84.26
C9 P8E EL . 8.65 -98.39 78.51
C8 P8E EL . 9.66 -97.34 78.94
C7 P8E EL . 9.48 -97.06 80.44
C6 P8E EL . 10.74 -96.45 81.02
C5 P8E EL . 11.42 -97.48 81.91
C4 P8E EL . 12.73 -97.01 82.47
C3 P8E EL . 13.28 -95.84 81.78
C2 P8E EL . 13.03 -95.83 80.28
C1 P8E EL . 13.81 -96.97 79.64
N5 P8E EL . 11.68 -98.73 81.13
N7 P8E EL . 8.38 -96.14 80.63
O6 P8E EL . 11.59 -96.00 79.92
O1A P8E EL . 15.05 -96.88 79.47
O1B P8E EL . 13.20 -98.01 79.28
O4 P8E EL . 13.70 -98.11 82.38
O8 P8E EL . 10.96 -97.79 78.70
C9 P8E FL . 21.78 -97.27 80.72
C8 P8E FL . 21.50 -95.97 81.47
C7 P8E FL . 22.82 -95.21 81.64
C6 P8E FL . 22.50 -93.80 82.08
C5 P8E FL . 23.74 -93.19 82.68
C4 P8E FL . 23.44 -91.81 83.18
C3 P8E FL . 22.93 -90.96 82.11
C2 P8E FL . 21.81 -91.59 81.29
C1 P8E FL . 21.72 -90.77 80.02
N5 P8E FL . 24.79 -93.10 81.63
N7 P8E FL . 23.63 -95.87 82.65
O6 P8E FL . 22.05 -93.03 80.95
O1A P8E FL . 22.07 -89.57 80.05
O1B P8E FL . 21.31 -91.28 78.95
O4 P8E FL . 24.68 -91.22 83.69
O8 P8E FL . 20.63 -95.18 80.72
C9 P8E GL . 13.96 -93.61 86.17
C8 P8E GL . 12.83 -92.95 86.95
C7 P8E GL . 13.03 -93.18 88.44
C6 P8E GL . 13.25 -91.85 89.10
C5 P8E GL . 13.43 -92.04 90.60
C4 P8E GL . 14.27 -90.97 91.21
C3 P8E GL . 14.25 -89.71 90.47
C2 P8E GL . 14.71 -89.86 89.03
C1 P8E GL . 16.21 -89.67 89.00
N5 P8E GL . 14.10 -93.35 90.84
N7 P8E GL . 11.84 -93.81 88.99
O6 P8E GL . 14.41 -91.23 88.49
O1A P8E GL . 16.72 -88.58 89.34
O1B P8E GL . 16.95 -90.62 88.62
O4 P8E GL . 15.66 -91.46 91.27
O8 P8E GL . 12.86 -91.57 86.69
C9 P8E HL . 4.22 -88.10 82.98
C8 P8E HL . 4.60 -86.65 83.14
C7 P8E HL . 4.15 -86.15 84.51
C6 P8E HL . 4.73 -84.77 84.71
C5 P8E HL . 3.92 -84.06 85.78
C4 P8E HL . 4.53 -82.72 86.07
C3 P8E HL . 5.91 -82.87 86.51
C2 P8E HL . 6.76 -83.63 85.51
C1 P8E HL . 8.07 -83.98 86.21
N5 P8E HL . 3.96 -84.88 87.02
N7 P8E HL . 2.70 -86.10 84.55
O6 P8E HL . 6.12 -84.90 85.07
O1A P8E HL . 8.12 -85.03 86.90
O1B P8E HL . 9.08 -83.25 86.11
O4 P8E HL . 3.75 -82.09 87.13
O8 P8E HL . 5.99 -86.50 83.05
C9 P8E IL . 1.55 -83.98 81.98
C8 P8E IL . 1.92 -84.27 80.54
C7 P8E IL . 0.75 -83.90 79.64
C6 P8E IL . 1.13 -82.75 78.74
C5 P8E IL . -0.12 -82.24 78.05
C4 P8E IL . 0.14 -80.99 77.28
C3 P8E IL . 0.73 -79.96 78.12
C2 P8E IL . 1.97 -80.42 78.85
C1 P8E IL . 2.27 -79.38 79.92
N5 P8E IL . -1.15 -81.97 79.09
N7 P8E IL . 0.38 -85.05 78.81
O6 P8E IL . 1.77 -81.73 79.56
O1A P8E IL . 2.48 -79.74 81.12
O1B P8E IL . 2.30 -78.16 79.62
O4 P8E IL . -1.12 -80.50 76.74
O8 P8E IL . 3.04 -83.51 80.19
C9 P8E JL . 6.56 -97.27 67.41
C8 P8E JL . 6.22 -95.82 67.08
C7 P8E JL . 4.77 -95.73 66.63
C6 P8E JL . 4.49 -94.31 66.17
C5 P8E JL . 3.23 -94.32 65.33
C4 P8E JL . 2.84 -92.94 64.92
C3 P8E JL . 2.70 -92.04 66.07
C2 P8E JL . 3.89 -92.08 67.01
C1 P8E JL . 3.45 -91.42 68.32
N5 P8E JL . 2.13 -94.91 66.14
N7 P8E JL . 4.54 -96.64 65.52
O6 P8E JL . 4.33 -93.47 67.34
O1A P8E JL . 4.08 -91.66 69.38
O1B P8E JL . 2.46 -90.65 68.33
O4 P8E JL . 1.55 -93.01 64.24
O8 P8E JL . 6.41 -95.02 68.20
C9 P8E KL . -4.36 -94.59 60.73
C8 P8E KL . -3.01 -94.36 60.05
C7 P8E KL . -2.03 -95.42 60.54
C6 P8E KL . -0.63 -95.05 60.09
C5 P8E KL . -0.22 -95.92 58.91
C4 P8E KL . 1.14 -95.58 58.39
C3 P8E KL . 1.65 -94.29 58.85
C2 P8E KL . 0.58 -93.22 58.96
C1 P8E KL . 0.10 -92.82 57.56
N5 P8E KL . -1.20 -95.72 57.80
N7 P8E KL . -2.07 -95.48 61.98
O6 P8E KL . -0.61 -93.63 59.77
O1A P8E KL . 0.73 -91.97 56.89
O1B P8E KL . -0.93 -93.37 57.09
O4 P8E KL . 1.10 -95.58 56.92
O8 P8E KL . -3.16 -94.48 58.66
C9 P8E LL . -8.39 -86.45 61.93
C8 P8E LL . -6.89 -86.55 61.65
C7 P8E LL . -6.47 -88.02 61.71
C6 P8E LL . -5.01 -88.08 62.09
C5 P8E LL . -4.74 -89.33 62.88
C4 P8E LL . -3.30 -89.40 63.25
C3 P8E LL . -2.46 -89.41 62.06
C2 P8E LL . -2.76 -88.26 61.11
C1 P8E LL . -2.11 -88.61 59.78
N5 P8E LL . -5.07 -90.51 62.04
N7 P8E LL . -7.27 -88.71 62.72
O6 P8E LL . -4.22 -88.05 60.86
O1A P8E LL . -0.86 -88.76 59.69
O1B P8E LL . -2.84 -88.76 58.76
O4 P8E LL . -3.07 -90.64 64.00
O8 P8E LL . -6.61 -86.04 60.38
C9 P8E ML . -12.82 -83.11 57.81
C8 P8E ML . -11.37 -83.19 57.35
C7 P8E ML . -11.02 -81.90 56.62
C6 P8E ML . -9.59 -81.99 56.14
C5 P8E ML . -9.30 -80.73 55.32
C4 P8E ML . -7.86 -80.64 54.95
C3 P8E ML . -6.99 -80.74 56.11
C2 P8E ML . -7.27 -81.97 56.95
C1 P8E ML . -6.50 -81.82 58.25
N5 P8E ML . -9.66 -79.55 56.15
N7 P8E ML . -11.90 -81.73 55.48
O6 P8E ML . -8.73 -82.09 57.29
O1A P8E ML . -6.87 -82.44 59.28
O1B P8E ML . -5.49 -81.06 58.29
O4 P8E ML . -7.65 -79.33 54.32
O8 P8E ML . -10.54 -83.33 58.46
C9 P8E NL . -4.63 -89.93 53.58
C8 P8E NL . -3.40 -90.17 52.71
C7 P8E NL . -3.84 -90.64 51.33
C6 P8E NL . -3.06 -89.87 50.29
C5 P8E NL . -3.44 -90.39 48.90
C4 P8E NL . -2.80 -89.61 47.81
C3 P8E NL . -2.04 -88.44 48.28
C2 P8E NL . -2.79 -87.62 49.33
C1 P8E NL . -3.90 -86.86 48.64
N5 P8E NL . -4.91 -90.30 48.75
N7 P8E NL . -3.57 -92.06 51.17
O6 P8E NL . -3.37 -88.46 50.43
O1A P8E NL . -5.00 -86.68 49.21
O1B P8E NL . -3.71 -86.40 47.48
O4 P8E NL . -3.84 -89.19 46.88
O8 P8E NL . -2.68 -88.99 52.59
C9 P8E OL . 8.35 -88.50 55.16
C8 P8E OL . 7.15 -87.92 54.43
C7 P8E OL . 7.37 -86.42 54.22
C6 P8E OL . 7.60 -86.04 52.77
C5 P8E OL . 8.95 -86.45 52.21
C4 P8E OL . 9.16 -85.82 50.87
C3 P8E OL . 8.05 -86.11 49.96
C2 P8E OL . 6.69 -85.85 50.57
C1 P8E OL . 5.62 -86.39 49.62
N5 P8E OL . 8.99 -87.92 51.96
N7 P8E OL . 6.17 -85.74 54.67
O6 P8E OL . 6.53 -86.50 51.91
O1A P8E OL . 4.86 -87.32 49.99
O1B P8E OL . 5.50 -85.90 48.47
O4 P8E OL . 10.38 -86.38 50.29
O8 P8E OL . 6.97 -88.58 53.22
C9 P8E PL . -4.10 -82.24 72.33
C8 P8E PL . -3.37 -81.53 71.20
C7 P8E PL . -3.91 -82.03 69.85
C6 P8E PL . -3.09 -81.45 68.72
C5 P8E PL . -3.73 -81.83 67.40
C4 P8E PL . -3.53 -80.77 66.38
C3 P8E PL . -4.17 -79.52 66.75
C2 P8E PL . -3.86 -79.10 68.17
C1 P8E PL . -5.18 -79.04 68.95
N5 P8E PL . -5.19 -82.03 67.59
N7 P8E PL . -3.83 -83.48 69.81
O6 P8E PL . -2.92 -80.01 68.91
O1A P8E PL . -5.16 -79.02 70.20
O1B P8E PL . -6.27 -79.01 68.33
O4 P8E PL . -4.13 -81.22 65.11
O8 P8E PL . -3.60 -80.15 71.30
C9 P8E QL . -85.25 23.49 11.51
C8 P8E QL . -84.26 22.49 12.08
C7 P8E QL . -83.86 22.93 13.49
C6 P8E QL . -83.29 21.76 14.26
C5 P8E QL . -84.29 21.31 15.32
C4 P8E QL . -83.73 20.19 16.09
C3 P8E QL . -83.44 19.05 15.23
C2 P8E QL . -82.58 19.41 14.03
C1 P8E QL . -82.76 18.29 13.01
N5 P8E QL . -85.52 20.84 14.64
N7 P8E QL . -82.85 23.98 13.39
O6 P8E QL . -83.01 20.67 13.34
O1A P8E QL . -81.90 17.38 12.92
O1B P8E QL . -83.78 18.28 12.28
O4 P8E QL . -84.71 19.77 17.10
O8 P8E QL . -84.85 21.22 12.15
C9 P8E RL . -78.05 24.47 29.44
C8 P8E RL . -76.61 24.05 29.66
C7 P8E RL . -76.57 22.55 29.94
C6 P8E RL . -75.89 21.85 28.79
C5 P8E RL . -75.63 20.41 29.20
C4 P8E RL . -75.07 19.63 28.05
C3 P8E RL . -75.96 19.69 26.91
C2 P8E RL . -76.28 21.10 26.47
C1 P8E RL . -77.43 21.01 25.48
N5 P8E RL . -76.92 19.79 29.59
N7 P8E RL . -75.82 22.29 31.17
O6 P8E RL . -76.74 21.95 27.62
O1A P8E RL . -78.42 21.78 25.58
O1B P8E RL . -77.40 20.16 24.56
O4 P8E RL . -74.91 18.25 28.46
O8 P8E RL . -75.86 24.35 28.52
C9 P8E SL . -80.17 35.42 31.58
C8 P8E SL . -78.74 34.99 31.93
C7 P8E SL . -78.64 33.46 31.87
C6 P8E SL . -77.19 33.07 31.86
C5 P8E SL . -77.12 31.55 31.75
C4 P8E SL . -75.72 31.03 31.62
C3 P8E SL . -74.73 32.07 31.30
C2 P8E SL . -75.23 33.13 30.35
C1 P8E SL . -75.41 32.51 28.97
N5 P8E SL . -77.88 31.14 30.55
N7 P8E SL . -79.29 32.88 33.04
O6 P8E SL . -76.54 33.73 30.74
O1A P8E SL . -74.47 31.89 28.43
O1B P8E SL . -76.53 32.62 28.38
O4 P8E SL . -75.72 30.01 30.57
O8 P8E SL . -77.84 35.55 31.02
C9 P8E TL . -77.36 47.35 42.37
C8 P8E TL . -77.99 47.49 40.98
C7 P8E TL . -77.70 48.89 40.43
C6 P8E TL . -77.63 48.82 38.92
C5 P8E TL . -78.34 50.02 38.30
C4 P8E TL . -78.38 49.93 36.81
C3 P8E TL . -77.40 48.99 36.25
C2 P8E TL . -76.08 48.93 37.01
C1 P8E TL . -75.32 50.22 36.76
N5 P8E TL . -77.61 51.26 38.67
N7 P8E TL . -78.78 49.77 40.86
O6 P8E TL . -76.25 48.74 38.49
O1A P8E TL . -74.69 50.78 37.70
O1B P8E TL . -75.33 50.76 35.62
O4 P8E TL . -78.11 51.26 36.27
O8 P8E TL . -77.43 46.53 40.12
C9 P8E UL . -66.17 50.12 44.82
C8 P8E UL . -67.51 50.26 45.54
C7 P8E UL . -68.47 51.03 44.65
C6 P8E UL . -69.24 50.05 43.80
C5 P8E UL . -70.61 50.62 43.46
C4 P8E UL . -71.42 49.71 42.61
C3 P8E UL . -70.64 48.67 41.94
C2 P8E UL . -69.26 49.12 41.50
C1 P8E UL . -69.40 50.12 40.36
N5 P8E UL . -70.40 51.90 42.72
N7 P8E UL . -69.41 51.76 45.49
O6 P8E UL . -68.47 49.76 42.61
O1A P8E UL . -68.56 51.04 40.22
O1B P8E UL . -70.38 50.02 39.56
O4 P8E UL . -72.11 50.51 41.58
O8 P8E UL . -68.03 48.99 45.81
C9 P8E VL . -74.84 46.32 45.01
C8 P8E VL . -73.59 45.50 45.30
C7 P8E VL . -72.64 46.34 46.15
C6 P8E VL . -71.58 45.45 46.78
C5 P8E VL . -71.82 45.38 48.28
C4 P8E VL . -70.88 44.45 48.99
C3 P8E VL . -70.17 43.53 48.09
C2 P8E VL . -71.02 43.05 46.93
C1 P8E VL . -72.16 42.19 47.48
N5 P8E VL . -73.21 44.91 48.53
N7 P8E VL . -71.98 47.32 45.30
O6 P8E VL . -71.62 44.15 46.12
O1A P8E VL . -71.92 41.08 48.02
O1B P8E VL . -73.34 42.61 47.39
O4 P8E VL . -71.63 43.68 49.98
O8 P8E VL . -73.93 44.35 46.00
C9 P8E WL . -69.51 35.78 51.53
C8 P8E WL . -68.07 36.16 51.18
C7 P8E WL . -67.22 34.89 51.10
C6 P8E WL . -65.94 35.23 50.40
C5 P8E WL . -64.85 34.29 50.86
C4 P8E WL . -63.56 34.64 50.21
C3 P8E WL . -63.65 34.58 48.76
C2 P8E WL . -64.87 35.28 48.17
C1 P8E WL . -65.08 34.64 46.80
N5 P8E WL . -65.22 32.91 50.47
N7 P8E WL . -66.94 34.42 52.44
O6 P8E WL . -66.13 35.13 48.96
O1A P8E WL . -64.15 33.97 46.29
O1B P8E WL . -66.18 34.76 46.19
O4 P8E WL . -62.53 33.70 50.64
O8 P8E WL . -68.05 36.80 49.93
C9 P8E XL . -65.47 45.05 49.45
C8 P8E XL . -64.84 46.43 49.56
C7 P8E XL . -63.96 46.50 50.80
C6 P8E XL . -62.51 46.54 50.36
C5 P8E XL . -61.65 46.72 51.59
C4 P8E XL . -60.18 46.64 51.29
C3 P8E XL . -59.88 46.17 49.94
C2 P8E XL . -60.77 45.04 49.46
C1 P8E XL . -60.40 43.78 50.23
N5 P8E XL . -62.00 45.67 52.57
N7 P8E XL . -64.27 47.70 51.57
O6 P8E XL . -62.23 45.30 49.65
O1A P8E XL . -59.20 43.41 50.29
O1B P8E XL . -61.29 43.11 50.82
O4 P8E XL . -59.55 45.74 52.27
O8 P8E XL . -64.05 46.68 48.43
C9 P8E YL . -65.34 50.61 40.36
C8 P8E YL . -64.10 50.46 39.51
C7 P8E YL . -63.14 51.61 39.80
C6 P8E YL . -61.78 51.20 39.29
C5 P8E YL . -60.91 52.44 39.24
C4 P8E YL . -59.49 52.09 38.94
C3 P8E YL . -58.96 51.10 39.87
C2 P8E YL . -59.81 49.85 39.94
C1 P8E YL . -59.30 49.06 41.13
N5 P8E YL . -60.96 53.11 40.57
N7 P8E YL . -63.59 52.81 39.12
O6 P8E YL . -61.25 50.17 40.17
O1A P8E YL . -59.45 49.52 42.28
O1B P8E YL . -58.72 47.95 40.98
O4 P8E YL . -58.68 53.31 39.04
O8 P8E YL . -63.45 49.27 39.83
C9 P8E ZL . -63.33 53.37 35.31
C8 P8E ZL . -64.39 52.35 34.90
C7 P8E ZL . -64.90 52.71 33.50
C6 P8E ZL . -64.53 51.60 32.54
C5 P8E ZL . -64.88 52.06 31.14
C4 P8E ZL . -64.30 51.17 30.09
C3 P8E ZL . -62.86 50.98 30.26
C2 P8E ZL . -62.50 50.49 31.64
C1 P8E ZL . -60.98 50.62 31.78
N5 P8E ZL . -64.35 53.44 30.95
N7 P8E ZL . -66.35 52.84 33.53
O6 P8E ZL . -63.11 51.33 32.72
O1A P8E ZL . -60.48 50.99 32.87
O1B P8E ZL . -60.24 50.39 30.79
O4 P8E ZL . -64.52 51.79 28.78
O8 P8E ZL . -63.82 51.07 34.89
C9 P8E AM . -81.05 43.33 36.70
C8 P8E AM . -80.62 42.94 35.30
C7 P8E AM . -81.08 44.01 34.31
C6 P8E AM . -80.32 43.84 33.03
C5 P8E AM . -81.05 44.61 31.94
C4 P8E AM . -80.30 44.52 30.65
C3 P8E AM . -78.95 45.06 30.78
C2 P8E AM . -78.18 44.45 31.95
C1 P8E AM . -76.98 45.36 32.21
N5 P8E AM . -81.13 46.04 32.34
N7 P8E AM . -82.50 43.86 34.06
O6 P8E AM . -78.97 44.37 33.21
O1A P8E AM . -76.39 45.30 33.33
O1B P8E AM . -76.59 46.17 31.34
O4 P8E AM . -81.02 45.33 29.66
O8 P8E AM . -79.22 42.85 35.26
C9 P8E BM . -85.74 48.81 26.07
C8 P8E BM . -85.26 47.36 26.02
C7 P8E BM . -85.44 46.73 27.40
C6 P8E BM . -85.23 45.24 27.34
C5 P8E BM . -86.57 44.51 27.33
C4 P8E BM . -86.42 43.03 27.28
C3 P8E BM . -85.08 42.59 26.85
C2 P8E BM . -84.45 43.49 25.80
C1 P8E BM . -85.17 43.32 24.47
N5 P8E BM . -87.35 44.94 26.14
N7 P8E BM . -84.44 47.31 28.30
O6 P8E BM . -84.44 44.94 26.16
O1A P8E BM . -84.85 42.40 23.67
O1B P8E BM . -86.10 44.11 24.17
O4 P8E BM . -87.40 42.50 26.34
O8 P8E BM . -86.03 46.65 25.09
C9 P8E CM . -80.08 51.12 18.63
C8 P8E CM . -79.72 50.16 19.75
C7 P8E CM . -80.24 50.71 21.09
C6 P8E CM . -79.74 49.80 22.18
C5 P8E CM . -80.22 50.34 23.51
C4 P8E CM . -79.87 49.42 24.63
C3 P8E CM . -80.37 48.07 24.39
C2 P8E CM . -79.97 47.51 23.03
C1 P8E CM . -80.83 46.28 22.80
N5 P8E CM . -81.70 50.49 23.45
N7 P8E CM . -79.74 52.06 21.30
O6 P8E CM . -80.25 48.46 21.92
O1A P8E CM . -80.57 45.21 23.40
O1B P8E CM . -81.80 46.35 22.02
O4 P8E CM . -80.51 49.94 25.85
O8 P8E CM . -80.32 48.93 19.52
C9 P8E DM . -79.23 53.22 14.75
C8 P8E DM . -80.47 52.49 14.24
C7 P8E DM . -80.21 51.97 12.83
C6 P8E DM . -80.07 50.47 12.86
C5 P8E DM . -79.42 50.04 11.55
C4 P8E DM . -79.09 48.59 11.55
C3 P8E DM . -78.24 48.25 12.68
C2 P8E DM . -78.85 48.65 14.00
C1 P8E DM . -77.80 48.47 15.08
N5 P8E DM . -78.17 50.82 11.37
N7 P8E DM . -81.32 52.33 11.97
O6 P8E DM . -79.26 50.09 14.00
O1A P8E DM . -77.63 49.34 15.97
O1B P8E DM . -77.06 47.43 15.08
O4 P8E DM . -78.38 48.28 10.32
O8 P8E DM . -80.74 51.41 15.10
C9 P8E EM . -86.34 45.25 18.81
C8 P8E EM . -86.59 43.83 18.33
C7 P8E EM . -87.99 43.74 17.69
C6 P8E EM . -88.04 42.49 16.84
C5 P8E EM . -89.38 42.45 16.12
C4 P8E EM . -89.51 41.27 15.22
C3 P8E EM . -88.25 40.55 15.03
C2 P8E EM . -87.03 41.45 14.86
C1 P8E EM . -87.13 42.13 13.50
N5 P8E EM . -89.51 43.68 15.29
N7 P8E EM . -88.99 43.64 18.73
O6 P8E EM . -86.93 42.51 15.91
O1A P8E EM . -87.11 43.38 13.43
O1B P8E EM . -87.24 41.43 12.46
O4 P8E EM . -90.01 41.71 13.91
O8 P8E EM . -85.64 43.49 17.37
C9 P8E FM . -81.58 34.33 24.05
C8 P8E FM . -81.73 35.18 22.80
C7 P8E FM . -80.52 34.97 21.89
C6 P8E FM . -80.83 34.21 20.61
C5 P8E FM . -81.08 32.71 20.82
C4 P8E FM . -81.11 32.01 19.50
C3 P8E FM . -81.29 32.91 18.36
C2 P8E FM . -82.21 34.09 18.62
C1 P8E FM . -83.64 33.59 18.60
N5 P8E FM . -82.40 32.47 21.44
N7 P8E FM . -80.01 36.27 21.50
O6 P8E FM . -81.96 34.80 19.92
O1A P8E FM . -84.11 33.02 19.61
O1B P8E FM . -84.34 33.74 17.57
O4 P8E FM . -82.26 31.08 19.53
O8 P8E FM . -82.90 34.83 22.12
C9 P8E GM . -68.75 53.23 25.52
C8 P8E GM . -68.83 51.93 24.73
C7 P8E GM . -70.20 51.82 24.07
C6 P8E GM . -70.25 50.55 23.25
C5 P8E GM . -71.54 50.52 22.45
C4 P8E GM . -71.38 49.73 21.20
C3 P8E GM . -70.40 50.30 20.30
C2 P8E GM . -69.15 50.80 20.99
C1 P8E GM . -69.06 52.31 20.85
N5 P8E GM . -71.92 51.92 22.09
N7 P8E GM . -71.23 51.79 25.09
O6 P8E GM . -69.04 50.44 22.45
O1A P8E GM . -68.43 53.00 21.69
O1B P8E GM . -69.63 52.88 19.88
O4 P8E GM . -72.67 49.68 20.52
O8 P8E GM . -67.84 51.91 23.75
C9 P8E HM . 82.13 -47.54 2.03
C8 P8E HM . 82.71 -46.81 3.24
C7 P8E HM . 83.53 -47.79 4.07
C6 P8E HM . 84.43 -47.01 5.01
C5 P8E HM . 85.87 -47.16 4.56
C4 P8E HM . 86.77 -46.41 5.49
C3 P8E HM . 86.42 -45.00 5.52
C2 P8E HM . 84.95 -44.78 5.85
C1 P8E HM . 84.63 -43.32 5.59
N5 P8E HM . 86.01 -46.57 3.21
N7 P8E HM . 82.64 -48.62 4.85
O6 P8E HM . 84.03 -45.61 5.01
O1A P8E HM . 85.30 -42.43 6.15
O1B P8E HM . 83.70 -43.01 4.80
O4 P8E HM . 88.14 -46.55 5.02
O8 P8E HM . 83.54 -45.77 2.79
C9 P8E IM . 93.91 -53.50 16.35
C8 P8E IM . 94.20 -52.93 17.73
C7 P8E IM . 95.12 -51.71 17.60
C6 P8E IM . 94.31 -50.46 17.82
C5 P8E IM . 95.26 -49.29 18.01
C4 P8E IM . 94.51 -48.01 18.11
C3 P8E IM . 93.65 -47.79 16.95
C2 P8E IM . 92.73 -48.96 16.65
C1 P8E IM . 92.23 -48.78 15.23
N5 P8E IM . 96.18 -49.21 16.85
N7 P8E IM . 96.18 -51.79 18.60
O6 P8E IM . 93.44 -50.28 16.67
O1A P8E IM . 92.38 -49.71 14.39
O1B P8E IM . 91.68 -47.71 14.88
O4 P8E IM . 95.49 -46.91 18.17
O8 P8E IM . 92.99 -52.53 18.31
C9 P8E JM . 93.18 -64.58 15.60
C8 P8E JM . 93.41 -64.11 17.03
C7 P8E JM . 93.81 -62.64 17.02
C6 P8E JM . 93.39 -61.99 18.31
C5 P8E JM . 93.88 -60.56 18.33
C4 P8E JM . 93.49 -59.84 19.59
C3 P8E JM . 92.44 -60.51 20.35
C2 P8E JM . 91.38 -61.19 19.49
C1 P8E JM . 90.54 -60.12 18.81
N5 P8E JM . 93.27 -59.83 17.18
N7 P8E JM . 95.26 -62.53 16.88
O6 P8E JM . 91.95 -62.08 18.42
O1A P8E JM . 90.22 -59.09 19.46
O1B P8E JM . 90.17 -60.28 17.63
O4 P8E JM . 93.05 -58.49 19.23
O8 P8E JM . 92.21 -64.24 17.75
C9 P8E KM . 97.07 -79.47 22.55
C8 P8E KM . 96.05 -78.98 21.52
C7 P8E KM . 94.91 -80.00 21.41
C6 P8E KM . 93.63 -79.28 21.09
C5 P8E KM . 92.79 -80.10 20.12
C4 P8E KM . 91.52 -79.39 19.74
C3 P8E KM . 91.17 -78.29 20.65
C2 P8E KM . 91.50 -78.55 22.10
C1 P8E KM . 90.54 -79.60 22.66
N5 P8E KM . 92.43 -81.40 20.75
N7 P8E KM . 95.24 -80.95 20.36
O6 P8E KM . 92.91 -79.01 22.33
O1A P8E KM . 90.88 -80.32 23.63
O1B P8E KM . 89.40 -79.75 22.15
O4 P8E KM . 90.42 -80.36 19.74
O8 P8E KM . 95.53 -77.75 21.92
C9 P8E LM . 94.49 -80.31 34.08
C8 P8E LM . 95.54 -80.86 33.13
C7 P8E LM . 94.85 -81.49 31.92
C6 P8E LM . 94.73 -80.47 30.82
C5 P8E LM . 94.64 -81.18 29.49
C4 P8E LM . 94.51 -80.24 28.32
C3 P8E LM . 94.08 -78.89 28.71
C2 P8E LM . 93.11 -78.87 29.87
C1 P8E LM . 91.76 -79.46 29.42
N5 P8E LM . 93.44 -82.07 29.51
N7 P8E LM . 95.64 -82.62 31.45
O6 P8E LM . 93.57 -79.63 31.07
O1A P8E LM . 91.01 -80.01 30.27
O1B P8E LM . 91.42 -79.39 28.21
O4 P8E LM . 93.52 -80.78 27.39
O8 P8E LM . 96.36 -79.83 32.69
C9 P8E MM . 99.18 -78.91 26.21
C8 P8E MM . 99.02 -77.77 27.20
C7 P8E MM . 98.89 -78.35 28.61
C6 P8E MM . 99.47 -77.40 29.65
C5 P8E MM . 100.83 -77.94 30.11
C4 P8E MM . 101.50 -77.05 31.10
C3 P8E MM . 100.96 -75.68 31.14
C2 P8E MM . 100.51 -75.16 29.79
C1 P8E MM . 101.73 -75.00 28.87
N5 P8E MM . 101.73 -78.11 28.94
N7 P8E MM . 97.48 -78.55 28.91
O6 P8E MM . 99.54 -76.06 29.08
O1A P8E MM . 102.86 -74.76 29.35
O1B P8E MM . 101.59 -75.14 27.62
O4 P8E MM . 102.94 -76.98 30.78
O8 P8E MM . 100.13 -76.93 27.12
C9 P8E NM . 106.70 -69.74 32.97
C8 P8E NM . 105.55 -69.70 33.97
C7 P8E NM . 105.72 -68.50 34.88
C6 P8E NM . 104.48 -68.36 35.73
C5 P8E NM . 104.80 -67.53 36.95
C4 P8E NM . 103.59 -67.43 37.82
C3 P8E NM . 102.46 -66.85 37.12
C2 P8E NM . 102.20 -67.43 35.73
C1 P8E NM . 101.38 -66.36 35.00
N5 P8E NM . 105.20 -66.17 36.52
N7 P8E NM . 106.88 -68.70 35.74
O6 P8E NM . 103.43 -67.73 34.94
O1A P8E NM . 101.12 -65.28 35.58
O1B P8E NM . 100.97 -66.55 33.82
O4 P8E NM . 103.91 -66.58 38.97
O8 P8E NM . 104.34 -69.58 33.28
C9 P8E OM . 100.25 -76.77 35.58
C8 P8E OM . 99.23 -77.42 36.51
C7 P8E OM . 99.95 -78.16 37.63
C6 P8E OM . 99.16 -77.97 38.90
C5 P8E OM . 99.74 -78.87 39.99
C4 P8E OM . 99.37 -78.41 41.37
C3 P8E OM . 98.24 -77.49 41.40
C2 P8E OM . 98.43 -76.26 40.51
C1 P8E OM . 99.18 -75.21 41.31
N5 P8E OM . 101.23 -78.85 39.88
N7 P8E OM . 100.04 -79.57 37.30
O6 P8E OM . 99.21 -76.57 39.27
O1A P8E OM . 98.72 -74.80 42.40
O1B P8E OM . 100.26 -74.75 40.87
O4 P8E OM . 100.54 -77.78 41.97
O8 P8E OM . 98.43 -76.41 37.07
C9 P8E PM . 88.77 -79.74 32.58
C8 P8E PM . 88.73 -78.78 33.75
C7 P8E PM . 88.56 -79.56 35.05
C6 P8E PM . 87.80 -78.72 36.04
C5 P8E PM . 87.01 -79.63 36.95
C4 P8E PM . 86.26 -78.83 37.95
C3 P8E PM . 87.16 -78.02 38.77
C2 P8E PM . 88.13 -77.18 37.95
C1 P8E PM . 89.25 -76.81 38.91
N5 P8E PM . 87.96 -80.52 37.68
N7 P8E PM . 87.81 -80.79 34.77
O6 P8E PM . 88.74 -77.91 36.80
O1A P8E PM . 89.90 -77.73 39.48
O1B P8E PM . 89.54 -75.61 39.14
O4 P8E PM . 85.54 -79.75 38.84
O8 P8E PM . 89.92 -78.05 33.80
C9 P8E QM . 84.05 -79.65 33.17
C8 P8E QM . 84.57 -78.73 32.08
C7 P8E QM . 83.63 -78.77 30.89
C6 P8E QM . 82.89 -77.46 30.76
C5 P8E QM . 81.65 -77.71 29.90
C4 P8E QM . 80.73 -76.53 29.88
C3 P8E QM . 80.41 -76.04 31.21
C2 P8E QM . 81.62 -75.81 32.09
C1 P8E QM . 81.11 -75.63 33.51
N5 P8E QM . 80.91 -78.88 30.46
N7 P8E QM . 84.39 -79.00 29.66
O6 P8E QM . 82.54 -77.00 32.09
O1A P8E QM . 81.68 -76.22 34.46
O1B P8E QM . 80.11 -74.89 33.72
O4 P8E QM . 79.50 -76.92 29.20
O8 P8E QM . 84.65 -77.41 32.58
C9 P8E RM . 94.98 -73.66 15.99
C8 P8E RM . 93.68 -73.01 16.41
C7 P8E RM . 92.50 -73.85 15.91
C6 P8E RM . 91.22 -73.11 16.16
C5 P8E RM . 90.17 -73.67 15.22
C4 P8E RM . 88.87 -72.99 15.44
C3 P8E RM . 88.41 -73.19 16.80
C2 P8E RM . 89.44 -72.86 17.87
C1 P8E RM . 89.03 -73.61 19.13
N5 P8E RM . 90.00 -75.11 15.49
N7 P8E RM . 92.66 -74.11 14.49
O6 P8E RM . 90.84 -73.31 17.55
O1A P8E RM . 89.84 -73.75 20.09
O1B P8E RM . 87.87 -74.11 19.21
O4 P8E RM . 87.89 -73.58 14.53
O8 P8E RM . 93.63 -72.93 17.81
C9 P8E SM . 85.60 -76.71 8.24
C8 P8E SM . 85.97 -75.27 8.57
C7 P8E SM . 87.46 -75.20 8.90
C6 P8E SM . 87.85 -73.79 9.27
C5 P8E SM . 88.59 -73.16 8.10
C4 P8E SM . 89.04 -71.76 8.40
C3 P8E SM . 88.33 -71.15 9.52
C2 P8E SM . 86.87 -71.56 9.63
C1 P8E SM . 86.09 -70.96 8.46
N5 P8E SM . 87.70 -73.12 6.91
N7 P8E SM . 87.73 -76.08 10.03
O6 P8E SM . 86.66 -73.04 9.63
O1A P8E SM . 85.68 -69.77 8.51
O1B P8E SM . 85.86 -71.66 7.45
O4 P8E SM . 88.83 -70.93 7.20
O8 P8E SM . 85.72 -74.46 7.46
C9 P8E TM . 76.90 -76.60 11.95
C8 P8E TM . 77.83 -75.40 12.11
C7 P8E TM . 79.26 -75.82 11.77
C6 P8E TM . 80.21 -74.96 12.57
C5 P8E TM . 81.50 -75.72 12.77
C4 P8E TM . 82.47 -74.89 13.54
C3 P8E TM . 82.73 -73.61 12.88
C2 P8E TM . 81.45 -72.87 12.55
C1 P8E TM . 81.83 -71.72 11.62
N5 P8E TM . 82.08 -76.01 11.43
N7 P8E TM . 79.45 -77.22 12.11
O6 P8E TM . 80.44 -73.72 11.85
O1A P8E TM . 82.61 -70.82 12.01
O1B P8E TM . 81.38 -71.69 10.44
O4 P8E TM . 83.73 -75.62 13.65
O8 P8E TM . 77.44 -74.37 11.27
C9 P8E UM . 71.52 -75.75 10.32
C8 P8E UM . 71.99 -75.11 9.00
C7 P8E UM . 71.00 -74.00 8.62
C6 P8E UM . 71.67 -72.66 8.74
C5 P8E UM . 70.59 -71.61 8.80
C4 P8E UM . 71.16 -70.25 9.02
C3 P8E UM . 71.97 -70.21 10.24
C2 P8E UM . 73.03 -71.29 10.27
C1 P8E UM . 73.57 -71.34 11.71
N5 P8E UM . 69.69 -71.94 9.94
N7 P8E UM . 70.57 -74.20 7.25
O6 P8E UM . 72.49 -72.64 9.94
O1A P8E UM . 74.05 -72.40 12.16
O1B P8E UM . 73.52 -70.32 12.43
O4 P8E UM . 70.06 -69.30 9.17
O8 P8E UM . 73.27 -74.58 9.17
C9 P8E VM . 81.40 -70.69 4.51
C8 P8E VM . 80.80 -69.31 4.24
C7 P8E VM . 81.21 -68.85 2.84
C6 P8E VM . 80.61 -67.50 2.57
C5 P8E VM . 80.17 -67.49 1.11
C4 P8E VM . 79.47 -66.23 0.72
C3 P8E VM . 79.08 -65.40 1.87
C2 P8E VM . 78.57 -66.19 3.07
C1 P8E VM . 77.23 -66.81 2.68
N5 P8E VM . 79.24 -68.63 0.89
N7 P8E VM . 82.66 -68.77 2.78
O6 P8E VM . 79.50 -67.29 3.48
O1A P8E VM . 76.99 -68.01 2.95
O1B P8E VM . 76.36 -66.11 2.10
O4 P8E VM . 78.27 -66.58 -0.06
O8 P8E VM . 79.40 -69.39 4.30
C9 P8E WM . 87.50 -61.77 10.75
C8 P8E WM . 86.08 -62.00 10.25
C7 P8E WM . 85.12 -61.09 11.02
C6 P8E WM . 84.53 -59.97 10.17
C5 P8E WM . 85.50 -58.81 9.92
C4 P8E WM . 84.78 -57.70 9.28
C3 P8E WM . 84.10 -58.11 8.05
C2 P8E WM . 83.27 -59.37 8.22
C1 P8E WM . 82.82 -59.83 6.85
N5 P8E WM . 86.58 -59.22 8.97
N7 P8E WM . 84.02 -61.91 11.49
O6 P8E WM . 84.02 -60.47 8.91
O1A P8E WM . 83.08 -61.00 6.46
O1B P8E WM . 82.18 -59.04 6.10
O4 P8E WM . 85.76 -56.66 8.92
O8 P8E WM . 86.01 -61.72 8.88
C9 P8E XM . 77.64 -77.49 24.31
C8 P8E XM . 77.50 -76.03 23.91
C7 P8E XM . 77.53 -75.92 22.38
C6 P8E XM . 77.32 -74.48 21.97
C5 P8E XM . 77.19 -74.40 20.46
C4 P8E XM . 76.31 -73.27 20.06
C3 P8E XM . 74.94 -73.44 20.53
C2 P8E XM . 74.87 -73.88 21.98
C1 P8E XM . 74.24 -75.27 22.04
N5 P8E XM . 76.60 -75.67 19.95
N7 P8E XM . 78.82 -76.39 21.89
O6 P8E XM . 76.19 -73.92 22.70
O1A P8E XM . 74.35 -75.97 23.09
O1B P8E XM . 73.61 -75.71 21.05
O4 P8E XM . 76.28 -73.21 18.59
O8 P8E XM . 76.28 -75.54 24.37
C9 P8E YM . -33.10 82.20 -23.32
C8 P8E YM . -32.80 81.34 -22.09
C7 P8E YM . -31.58 81.89 -21.38
C6 P8E YM . -31.58 81.45 -19.94
C5 P8E YM . -31.91 82.65 -19.05
C4 P8E YM . -31.95 82.23 -17.61
C3 P8E YM . -32.89 81.14 -17.40
C2 P8E YM . -32.65 79.96 -18.33
C1 P8E YM . -33.84 79.03 -18.20
N5 P8E YM . -33.25 83.17 -19.42
N7 P8E YM . -30.37 81.39 -22.02
O6 P8E YM . -32.54 80.38 -19.76
O1A P8E YM . -34.04 78.41 -17.12
O1B P8E YM . -34.63 78.89 -19.16
O4 P8E YM . -32.35 83.38 -16.81
O8 P8E YM . -33.90 81.38 -21.23
C9 P8E ZM . -20.78 84.89 -8.52
C8 P8E ZM . -20.21 83.97 -7.44
C7 P8E ZM . -21.25 83.75 -6.35
C6 P8E ZM . -21.84 82.37 -6.49
C5 P8E ZM . -22.69 82.09 -5.28
C4 P8E ZM . -23.46 80.82 -5.42
C3 P8E ZM . -24.27 80.84 -6.62
C2 P8E ZM . -23.47 81.13 -7.88
C1 P8E ZM . -24.47 81.46 -8.98
N5 P8E ZM . -23.67 83.21 -5.10
N7 P8E ZM . -20.62 83.88 -5.04
O6 P8E ZM . -22.60 82.34 -7.73
O1A P8E ZM . -24.40 82.56 -9.59
O1B P8E ZM . -25.37 80.63 -9.30
O4 P8E ZM . -24.35 80.69 -4.26
O8 P8E ZM . -19.87 82.75 -8.02
C9 P8E AN . -13.98 92.31 -12.16
C8 P8E AN . -13.30 91.34 -11.21
C7 P8E AN . -14.36 90.45 -10.55
C6 P8E AN . -13.72 89.14 -10.16
C5 P8E AN . -14.70 88.35 -9.30
C4 P8E AN . -14.23 86.96 -9.02
C3 P8E AN . -12.96 86.61 -9.66
C2 P8E AN . -12.86 87.03 -11.11
C1 P8E AN . -13.68 86.06 -11.96
N5 P8E AN . -16.00 88.28 -10.02
N7 P8E AN . -14.88 91.10 -9.36
O6 P8E AN . -13.37 88.41 -11.38
O1A P8E AN . -13.47 84.82 -11.88
O1B P8E AN . -14.55 86.52 -12.74
O4 P8E AN . -15.27 86.04 -9.46
O8 P8E AN . -12.40 90.53 -11.91
C9 P8E BN . 0.29 100.81 -9.72
C8 P8E BN . -0.41 100.39 -11.01
C7 P8E BN . 0.53 100.62 -12.20
C6 P8E BN . 0.06 99.75 -13.36
C5 P8E BN . 0.33 100.46 -14.68
C4 P8E BN . -0.12 99.66 -15.85
C3 P8E BN . -0.35 98.23 -15.56
C2 P8E BN . 0.62 97.66 -14.54
C1 P8E BN . 2.00 97.54 -15.20
N5 P8E BN . 1.79 100.72 -14.81
N7 P8E BN . 0.48 102.02 -12.58
O6 P8E BN . 0.75 98.46 -13.29
O1A P8E BN . 3.04 97.63 -14.48
O1B P8E BN . 2.10 97.36 -16.43
O4 P8E BN . 0.89 99.75 -16.90
O8 P8E BN . -0.75 99.03 -10.94
C9 P8E CN . 9.84 93.63 -7.01
C8 P8E CN . 9.46 94.98 -6.43
C7 P8E CN . 9.35 96.00 -7.57
C6 P8E CN . 7.91 96.10 -7.99
C5 P8E CN . 7.72 97.41 -8.72
C4 P8E CN . 6.29 97.62 -9.14
C3 P8E CN . 5.49 96.40 -9.12
C2 P8E CN . 6.26 95.16 -9.55
C1 P8E CN . 6.53 95.27 -11.04
N5 P8E CN . 8.58 97.40 -9.93
N7 P8E CN . 9.82 97.29 -7.10
O6 P8E CN . 7.56 94.98 -8.84
O1A P8E CN . 7.70 95.08 -11.47
O1B P8E CN . 5.60 95.55 -11.83
O4 P8E CN . 6.30 98.18 -10.50
O8 P8E CN . 8.23 94.88 -5.78
C9 P8E DN . 2.20 99.36 -6.31
C8 P8E DN . 2.36 98.16 -5.39
C7 P8E DN . 3.82 98.04 -4.97
C6 P8E DN . 3.96 97.09 -3.80
C5 P8E DN . 4.28 97.92 -2.55
C4 P8E DN . 4.36 97.09 -1.30
C3 P8E DN . 3.71 95.78 -1.41
C2 P8E DN . 2.50 95.74 -2.32
C1 P8E DN . 1.35 96.55 -1.70
N5 P8E DN . 3.21 98.94 -2.36
N7 P8E DN . 4.59 97.50 -6.10
O6 P8E DN . 2.75 96.30 -3.70
O1A P8E DN . 1.31 96.76 -0.46
O1B P8E DN . 0.45 97.01 -2.45
O4 P8E DN . 3.72 97.84 -0.21
O8 P8E DN . 1.57 98.34 -4.25
C9 P8E EN . -0.24 93.49 6.16
C8 P8E EN . 0.76 92.43 5.71
C7 P8E EN . 0.43 91.11 6.41
C6 P8E EN . 1.18 90.01 5.69
C5 P8E EN . 1.43 88.87 6.67
C4 P8E EN . 2.16 87.77 5.98
C3 P8E EN . 1.40 87.26 4.85
C2 P8E EN . 0.89 88.33 3.89
C1 P8E EN . -0.27 87.68 3.15
N5 P8E EN . 0.12 88.36 7.14
N7 P8E EN . 0.88 91.18 7.79
O6 P8E EN . 0.39 89.58 4.55
O1A P8E EN . -0.82 86.66 3.64
O1B P8E EN . -0.71 88.17 2.07
O4 P8E EN . 2.38 86.69 6.93
O8 P8E EN . 0.65 92.25 4.33
C9 P8E FN . 7.78 93.61 0.04
C8 P8E FN . 9.13 93.83 -0.64
C7 P8E FN . 10.25 93.70 0.39
C6 P8E FN . 11.03 92.45 0.11
C5 P8E FN . 12.31 92.47 0.93
C4 P8E FN . 13.12 91.22 0.78
C3 P8E FN . 12.41 90.14 0.09
C2 P8E FN . 10.95 90.01 0.49
C1 P8E FN . 10.88 89.43 1.90
N5 P8E FN . 11.93 92.62 2.37
N7 P8E FN . 11.14 94.86 0.30
O6 P8E FN . 10.20 91.30 0.44
O1A P8E FN . 11.64 88.49 2.22
O1B P8E FN . 10.09 89.92 2.74
O4 P8E FN . 13.51 90.76 2.12
O8 P8E FN . 9.30 92.86 -1.62
C9 P8E GN . 9.31 91.49 -10.81
C8 P8E GN . 9.66 90.09 -11.29
C7 P8E GN . 11.17 89.89 -11.21
C6 P8E GN . 11.43 88.42 -11.09
C5 P8E GN . 12.82 88.11 -11.59
C4 P8E GN . 13.14 86.67 -11.41
C3 P8E GN . 13.04 86.28 -10.00
C2 P8E GN . 11.67 86.61 -9.43
C1 P8E GN . 11.74 86.39 -7.93
N5 P8E GN . 13.81 88.91 -10.79
N7 P8E GN . 11.77 90.39 -12.44
O6 P8E GN . 11.26 88.03 -9.69
O1A P8E GN . 12.50 87.10 -7.24
O1B P8E GN . 11.05 85.49 -7.38
O4 P8E GN . 14.51 86.43 -11.87
O8 P8E GN . 9.04 89.14 -10.46
C9 P8E HN . 10.11 89.20 -15.87
C8 P8E HN . 8.59 89.23 -15.93
C7 P8E HN . 8.13 89.00 -17.37
C6 P8E HN . 7.45 87.64 -17.47
C5 P8E HN . 7.28 87.32 -18.94
C4 P8E HN . 6.84 85.91 -19.15
C3 P8E HN . 7.77 84.97 -18.54
C2 P8E HN . 7.96 85.24 -17.06
C1 P8E HN . 9.15 84.43 -16.60
N5 P8E HN . 8.58 87.52 -19.63
N7 P8E HN . 7.20 90.04 -17.77
O6 P8E HN . 8.30 86.68 -16.78
O1A P8E HN . 9.86 84.84 -15.64
O1B P8E HN . 9.44 83.37 -17.20
O4 P8E HN . 6.78 85.63 -20.59
O8 P8E HN . 8.08 88.22 -15.10
C9 P8E IN . -7.31 99.57 -13.14
C8 P8E IN . -7.66 98.29 -13.88
C7 P8E IN . -7.40 98.48 -15.38
C6 P8E IN . -7.42 97.13 -16.05
C5 P8E IN . -7.49 97.34 -17.55
C4 P8E IN . -7.42 96.04 -18.26
C3 P8E IN . -6.17 95.34 -17.96
C2 P8E IN . -5.96 95.19 -16.47
C1 P8E IN . -4.49 94.84 -16.25
N5 P8E IN . -6.30 98.16 -17.94
N7 P8E IN . -8.43 99.34 -15.95
O6 P8E IN . -6.23 96.42 -15.66
O1A P8E IN . -4.02 94.85 -15.09
O1B P8E IN . -3.75 94.55 -17.24
O4 P8E IN . -7.48 96.29 -19.71
O8 P8E IN . -6.87 97.23 -13.40
C9 P8E JN . -9.07 100.01 -25.28
C8 P8E JN . -10.22 99.36 -24.54
C7 P8E JN . -10.19 99.81 -23.08
C6 P8E JN . -11.02 98.87 -22.22
C5 P8E JN . -12.38 99.51 -21.95
C4 P8E JN . -13.23 98.66 -21.07
C3 P8E JN . -12.81 97.25 -21.01
C2 P8E JN . -12.23 96.73 -22.32
C1 P8E JN . -13.34 96.59 -23.36
N5 P8E JN . -13.10 99.69 -23.24
N7 P8E JN . -8.81 99.77 -22.61
O6 P8E JN . -11.15 97.59 -22.90
O1A P8E JN . -14.08 95.57 -23.37
O1B P8E JN . -13.51 97.51 -24.19
O4 P8E JN . -14.62 98.72 -21.55
O8 P8E JN . -11.44 99.77 -25.10
C9 P8E KN . -6.18 93.98 -31.26
C8 P8E KN . -6.12 93.55 -29.80
C7 P8E KN . -6.19 94.79 -28.91
C6 P8E KN . -6.46 94.32 -27.50
C5 P8E KN . -5.94 95.36 -26.52
C4 P8E KN . -6.18 94.90 -25.12
C3 P8E KN . -7.58 94.64 -24.88
C2 P8E KN . -8.24 93.76 -25.92
C1 P8E KN . -9.74 93.93 -25.77
N5 P8E KN . -6.69 96.62 -26.75
N7 P8E KN . -4.95 95.52 -28.97
O6 P8E KN . -7.88 94.13 -27.32
O1A P8E KN . -10.26 93.86 -24.62
O1B P8E KN . -10.47 94.14 -26.77
O4 P8E KN . -5.73 95.95 -24.21
O8 P8E KN . -7.19 92.71 -29.51
C9 P8E LN . -6.12 91.95 -35.98
C8 P8E LN . -7.62 92.15 -36.00
C7 P8E LN . -8.28 90.94 -36.63
C6 P8E LN . -9.27 90.34 -35.66
C5 P8E LN . -9.80 89.04 -36.24
C4 P8E LN . -10.67 88.34 -35.27
C3 P8E LN . -9.98 88.09 -34.01
C2 P8E LN . -9.41 89.36 -33.40
C1 P8E LN . -8.49 88.94 -32.27
N5 P8E LN . -8.63 88.17 -36.56
N7 P8E LN . -8.99 91.32 -37.85
O6 P8E LN . -8.59 90.13 -34.40
O1A P8E LN . -7.58 89.71 -31.87
O1B P8E LN . -8.63 87.81 -31.73
O4 P8E LN . -11.05 87.04 -35.85
O8 P8E LN . -8.08 92.32 -34.70
C9 P8E MN . -15.01 96.15 -28.89
C8 P8E MN . -16.07 95.17 -29.39
C7 P8E MN . -17.42 95.88 -29.46
C6 P8E MN . -18.49 94.85 -29.70
C5 P8E MN . -19.49 95.44 -30.70
C4 P8E MN . -20.60 94.47 -31.02
C3 P8E MN . -20.35 93.12 -30.53
C2 P8E MN . -18.91 92.65 -30.71
C1 P8E MN . -18.69 92.41 -32.19
N5 P8E MN . -18.77 95.73 -31.96
N7 P8E MN . -17.67 96.57 -28.22
O6 P8E MN . -17.90 93.63 -30.20
O1A P8E MN . -17.66 92.87 -32.76
O1B P8E MN . -19.53 91.75 -32.86
O4 P8E MN . -20.80 94.45 -32.46
O8 P8E MN . -15.72 94.71 -30.66
C9 P8E NN . -17.95 89.95 -18.61
C8 P8E NN . -17.99 89.67 -20.11
C7 P8E NN . -17.93 88.16 -20.33
C6 P8E NN . -19.24 87.57 -20.84
C5 P8E NN . -20.33 87.48 -19.77
C4 P8E NN . -21.46 86.68 -20.32
C3 P8E NN . -21.98 87.27 -21.55
C2 P8E NN . -20.88 87.50 -22.57
C1 P8E NN . -21.48 88.25 -23.76
N5 P8E NN . -20.89 88.81 -19.46
N7 P8E NN . -16.91 87.91 -21.34
O6 P8E NN . -19.74 88.27 -22.01
O1A P8E NN . -21.10 89.42 -24.02
O1B P8E NN . -22.37 87.71 -24.45
O4 P8E NN . -22.54 86.66 -19.33
O8 P8E NN . -19.15 90.20 -20.66
C9 P8E ON . 3.99 88.66 -24.68
C8 P8E ON . 2.87 87.66 -24.87
C7 P8E ON . 1.65 88.37 -25.45
C6 P8E ON . 0.42 87.50 -25.25
C5 P8E ON . -0.77 88.13 -25.97
C4 P8E ON . -1.73 87.10 -26.41
C3 P8E ON . -1.16 86.18 -27.39
C2 P8E ON . 0.25 85.72 -27.03
C1 P8E ON . 1.22 86.29 -28.06
N5 P8E ON . -0.28 88.88 -27.15
N7 P8E ON . 1.46 89.64 -24.76
O6 P8E ON . 0.71 86.14 -25.66
O1A P8E ON . 2.44 86.32 -27.83
O1B P8E ON . 0.76 86.72 -29.15
O4 P8E ON . -2.88 87.75 -27.03
O8 P8E ON . 3.28 86.65 -25.76
C9 P8E PN . 89.56 37.70 12.27
C8 P8E PN . 89.35 37.85 13.77
C7 P8E PN . 90.58 37.30 14.49
C6 P8E PN . 90.65 37.87 15.89
C5 P8E PN . 91.81 38.85 15.97
C4 P8E PN . 91.91 39.39 17.36
C3 P8E PN . 90.67 40.09 17.71
C2 P8E PN . 89.45 39.22 17.53
C1 P8E PN . 88.23 40.13 17.61
N5 P8E PN . 91.53 39.99 15.06
N7 P8E PN . 90.47 35.85 14.58
O6 P8E PN . 89.40 38.54 16.21
O1A P8E PN . 87.35 39.93 18.50
O1B P8E PN . 88.11 41.08 16.80
O4 P8E PN . 93.04 40.30 17.44
O8 P8E PN . 89.21 39.21 14.08
C9 P8E QN . 103.38 36.02 25.09
C8 P8E QN . 103.38 35.71 26.58
C7 P8E QN . 103.01 36.97 27.35
C6 P8E QN . 101.61 36.83 27.89
C5 P8E QN . 101.37 37.98 28.85
C4 P8E QN . 99.94 38.12 29.24
C3 P8E QN . 99.07 38.20 28.08
C2 P8E QN . 99.26 37.04 27.11
C1 P8E QN . 98.54 37.43 25.82
N5 P8E QN . 101.79 39.25 28.20
N7 P8E QN . 103.94 37.15 28.47
O6 P8E QN . 100.69 36.83 26.76
O1A P8E QN . 99.19 37.51 24.75
O1B P8E QN . 97.31 37.66 25.83
O4 P8E QN . 99.81 39.37 30.00
O8 P8E QN . 102.44 34.71 26.83
C9 P8E RN . 111.74 31.58 19.39
C8 P8E RN . 111.59 30.98 20.78
C7 P8E RN . 110.79 31.93 21.66
C6 P8E RN . 110.26 31.16 22.85
C5 P8E RN . 109.35 32.07 23.64
C4 P8E RN . 108.70 31.38 24.81
C3 P8E RN . 108.81 29.92 24.77
C2 P8E RN . 108.69 29.33 23.37
C1 P8E RN . 107.26 29.53 22.88
N5 P8E RN . 108.27 32.55 22.73
N7 P8E RN . 111.64 33.01 22.13
O6 P8E RN . 109.59 29.97 22.36
O1A P8E RN . 106.29 29.27 23.64
O1B P8E RN . 107.06 29.93 21.70
O4 P8E RN . 107.29 31.76 24.84
O8 P8E RN . 110.92 29.75 20.67
C9 P8E SN . 126.79 24.11 19.62
C8 P8E SN . 125.58 24.20 18.70
C7 P8E SN . 125.68 23.12 17.62
C6 P8E SN . 124.28 22.65 17.28
C5 P8E SN . 124.20 22.31 15.79
C4 P8E SN . 122.83 21.86 15.39
C3 P8E SN . 121.98 21.49 16.52
C2 P8E SN . 122.72 20.78 17.65
C1 P8E SN . 123.10 19.37 17.20
N5 P8E SN . 125.17 21.22 15.49
N7 P8E SN . 126.33 23.69 16.45
O6 P8E SN . 123.94 21.51 18.11
O1A P8E SN . 124.11 18.81 17.71
O1B P8E SN . 122.42 18.78 16.34
O4 P8E SN . 122.97 20.69 14.51
O8 P8E SN . 124.42 24.01 19.44
C9 P8E TN . 127.94 15.92 27.67
C8 P8E TN . 128.96 16.88 27.06
C7 P8E TN . 128.91 16.77 25.54
C6 P8E TN . 127.78 17.65 25.03
C5 P8E TN . 128.15 18.18 23.66
C4 P8E TN . 127.10 19.09 23.11
C3 P8E TN . 125.81 18.98 23.79
C2 P8E TN . 125.46 17.56 24.22
C1 P8E TN . 125.15 16.73 22.99
N5 P8E TN . 128.31 17.02 22.73
N7 P8E TN . 130.17 17.24 25.00
O6 P8E TN . 126.55 16.89 24.98
O1A P8E TN . 125.36 15.50 22.99
O1B P8E TN . 124.67 17.29 21.96
O4 P8E TN . 126.90 18.77 21.69
O8 P8E TN . 128.64 18.18 27.45
C9 P8E UN . 128.26 24.44 23.61
C8 P8E UN . 127.56 24.24 24.95
C7 P8E UN . 128.01 22.91 25.55
C6 P8E UN . 127.86 22.92 27.06
C5 P8E UN . 129.26 22.97 27.68
C4 P8E UN . 129.23 23.07 29.18
C3 P8E UN . 127.93 23.46 29.72
C2 P8E UN . 127.18 24.47 28.88
C1 P8E UN . 127.96 25.79 28.86
N5 P8E UN . 129.98 24.16 27.15
N7 P8E UN . 127.18 21.84 25.01
O6 P8E UN . 127.01 24.04 27.46
O1A P8E UN . 128.67 26.13 29.85
O1B P8E UN . 127.91 26.53 27.86
O4 P8E UN . 130.24 24.04 29.61
O8 P8E UN . 127.91 25.29 25.82
C9 P8E VN . 126.86 29.67 36.07
C8 P8E VN . 126.48 28.30 36.64
C7 P8E VN . 125.66 28.50 37.91
C6 P8E VN . 125.00 27.18 38.24
C5 P8E VN . 124.68 27.13 39.72
C4 P8E VN . 124.13 25.79 40.07
C3 P8E VN . 122.98 25.42 39.26
C2 P8E VN . 123.02 25.79 37.79
C1 P8E VN . 121.57 26.03 37.41
N5 P8E VN . 123.65 28.17 40.01
N7 P8E VN . 126.53 28.89 39.00
O6 P8E VN . 123.80 27.02 37.45
O1A P8E VN . 120.68 25.93 38.28
O1B P8E VN . 121.24 26.34 36.23
O4 P8E VN . 123.71 25.82 41.48
O8 P8E VN . 125.72 27.59 35.71
C9 P8E WN . 129.40 20.13 32.85
C8 P8E WN . 129.60 18.63 32.73
C7 P8E WN . 130.69 18.17 33.70
C6 P8E WN . 130.12 17.08 34.56
C5 P8E WN . 131.22 16.49 35.43
C4 P8E WN . 130.69 15.74 36.62
C3 P8E WN . 129.25 15.44 36.54
C2 P8E WN . 128.40 16.66 36.28
C1 P8E WN . 128.13 17.35 37.60
N5 P8E WN . 132.09 17.58 35.92
N7 P8E WN . 131.84 17.66 32.96
O6 P8E WN . 129.05 17.65 35.35
O1A P8E WN . 127.62 16.71 38.56
O1B P8E WN . 128.43 18.56 37.75
O4 P8E WN . 130.95 16.52 37.83
O8 P8E WN . 128.41 17.98 33.04
C9 P8E XN . 124.31 13.35 25.54
C8 P8E XN . 123.40 12.46 26.36
C7 P8E XN . 124.12 11.17 26.72
C6 P8E XN . 123.22 10.38 27.65
C5 P8E XN . 123.64 8.92 27.61
C4 P8E XN . 122.85 8.12 28.60
C3 P8E XN . 122.98 8.66 29.95
C2 P8E XN . 122.62 10.13 30.02
C1 P8E XN . 123.09 10.63 31.37
N5 P8E XN . 125.09 8.83 27.96
N7 P8E XN . 124.37 10.40 25.51
O6 P8E XN . 123.32 10.95 28.98
O1A P8E XN . 124.26 11.09 31.50
O1B P8E XN . 122.33 10.60 32.37
O4 P8E XN . 123.36 6.75 28.60
O8 P8E XN . 123.03 13.10 27.54
C9 P8E YN . 121.31 9.50 23.68
C8 P8E YN . 120.48 10.67 23.16
C7 P8E YN . 119.70 10.21 21.92
C6 P8E YN . 118.23 10.18 22.25
C5 P8E YN . 117.49 9.62 21.05
C4 P8E YN . 116.05 9.40 21.35
C3 P8E YN . 115.85 8.55 22.52
C2 P8E YN . 116.61 9.06 23.74
C1 P8E YN . 116.58 7.95 24.77
N5 P8E YN . 118.12 8.33 20.68
N7 P8E YN . 119.93 11.14 20.83
O6 P8E YN . 118.04 9.35 23.45
O1A P8E YN . 117.61 7.68 25.45
O1B P8E YN . 115.53 7.29 24.94
O4 P8E YN . 115.44 8.72 20.20
O8 P8E YN . 119.60 11.08 24.16
C9 P8E ZN . 120.02 28.23 17.01
C8 P8E ZN . 118.59 27.74 16.76
C7 P8E ZN . 118.49 27.20 15.33
C6 P8E ZN . 117.28 26.29 15.25
C5 P8E ZN . 117.02 26.00 13.78
C4 P8E ZN . 115.97 24.94 13.60
C3 P8E ZN . 116.24 23.74 14.38
C2 P8E ZN . 116.51 24.04 15.83
C1 P8E ZN . 117.01 22.75 16.48
N5 P8E ZN . 118.29 25.54 13.15
N7 P8E ZN . 118.33 28.30 14.40
O6 P8E ZN . 117.56 25.09 16.01
O1A P8E ZN . 117.76 22.80 17.49
O1B P8E ZN . 116.68 21.64 16.00
O4 P8E ZN . 115.93 24.58 12.18
O8 P8E ZN . 118.29 26.72 17.66
C9 P8E AO . 115.16 24.54 5.50
C8 P8E AO . 114.27 25.38 6.39
C7 P8E AO . 115.13 26.04 7.46
C6 P8E AO . 114.27 26.81 8.44
C5 P8E AO . 114.28 28.30 8.09
C4 P8E AO . 113.46 29.11 9.06
C3 P8E AO . 112.57 28.30 9.89
C2 P8E AO . 111.94 27.11 9.17
C1 P8E AO . 110.91 27.62 8.16
N5 P8E AO . 113.69 28.50 6.73
N7 P8E AO . 115.84 24.99 8.19
O6 P8E AO . 112.93 26.26 8.43
O1A P8E AO . 109.71 27.75 8.51
O1B P8E AO . 111.27 27.89 7.00
O4 P8E AO . 112.66 30.07 8.29
O8 P8E AO . 113.63 26.37 5.64
C9 P8E BO . 110.38 17.08 4.71
C8 P8E BO . 110.29 17.82 6.04
C7 P8E BO . 111.51 18.72 6.19
C6 P8E BO . 111.50 19.32 7.57
C5 P8E BO . 112.91 19.75 7.92
C4 P8E BO . 112.95 20.39 9.27
C3 P8E BO . 112.05 21.53 9.32
C2 P8E BO . 110.65 21.22 8.87
C1 P8E BO . 109.93 22.54 8.66
N5 P8E BO . 113.37 20.73 6.91
N7 P8E BO . 112.72 17.93 6.00
O6 P8E BO . 110.60 20.45 7.58
O1A P8E BO . 109.87 23.39 9.59
O1B P8E BO . 109.40 22.79 7.54
O4 P8E BO . 114.31 20.83 9.54
O8 P8E BO . 109.13 18.61 6.07
C9 P8E CO . 106.88 14.16 2.62
C8 P8E CO . 106.21 15.28 1.84
C7 P8E CO . 104.70 15.06 1.82
C6 P8E CO . 104.03 16.07 2.71
C5 P8E CO . 102.54 15.83 2.68
C4 P8E CO . 101.83 16.75 3.61
C3 P8E CO . 102.35 16.66 4.98
C2 P8E CO . 103.85 16.80 5.04
C1 P8E CO . 104.30 16.41 6.45
N5 P8E CO . 102.27 14.44 3.09
N7 P8E CO . 104.19 15.21 0.46
O6 P8E CO . 104.56 15.92 4.05
O1A P8E CO . 105.49 16.04 6.65
O1B P8E CO . 103.47 16.45 7.39
O4 P8E CO . 100.41 16.38 3.63
O8 P8E CO . 106.50 16.50 2.45
C9 P8E DO . 107.38 25.81 3.72
C8 P8E DO . 106.08 26.55 4.03
C7 P8E DO . 105.68 27.39 2.82
C6 P8E DO . 104.27 27.87 3.02
C5 P8E DO . 103.80 28.54 1.74
C4 P8E DO . 102.39 29.04 1.84
C3 P8E DO . 101.67 28.51 3.00
C2 P8E DO . 101.96 27.05 3.31
C1 P8E DO . 101.33 26.21 2.22
N5 P8E DO . 103.86 27.55 0.64
N7 P8E DO . 106.57 28.54 2.71
O6 P8E DO . 103.43 26.74 3.37
O1A P8E DO . 101.96 25.24 1.71
O1B P8E DO . 100.16 26.47 1.83
O4 P8E DO . 101.68 28.65 0.62
O8 P8E DO . 105.07 25.63 4.29
C9 P8E EO . 105.01 30.87 15.02
C8 P8E EO . 104.24 30.17 13.90
C7 P8E EO . 103.01 29.49 14.50
C6 P8E EO . 101.70 30.12 14.05
C5 P8E EO . 101.37 31.45 14.73
C4 P8E EO . 99.99 31.88 14.37
C3 P8E EO . 99.76 31.86 12.92
C2 P8E EO . 100.22 30.59 12.24
C1 P8E EO . 100.15 30.81 10.74
N5 P8E EO . 102.27 32.53 14.27
N7 P8E EO . 103.02 28.11 14.03
O6 P8E EO . 101.62 30.24 12.62
O1A P8E EO . 101.17 30.65 10.03
O1B P8E EO . 99.06 31.17 10.21
O4 P8E EO . 99.81 33.26 14.82
O8 P8E EO . 103.86 31.12 12.94
C9 P8E FO . 114.12 10.77 15.40
C8 P8E FO . 112.64 11.16 15.48
C7 P8E FO . 112.19 11.67 14.12
C6 P8E FO . 110.87 12.40 14.27
C5 P8E FO . 110.36 12.77 12.88
C4 P8E FO . 108.87 12.80 12.82
C3 P8E FO . 108.29 11.48 13.09
C2 P8E FO . 108.94 10.77 14.26
C1 P8E FO . 109.64 9.52 13.74
N5 P8E FO . 110.85 11.77 11.89
N7 P8E FO . 113.19 12.60 13.60
O6 P8E FO . 109.93 11.58 15.04
O1A P8E FO . 110.47 8.92 14.47
O1B P8E FO . 109.38 9.09 12.58
O4 P8E FO . 108.46 13.21 11.49
O8 P8E FO . 111.90 10.02 15.80
#